data_7WB4
#
_entry.id   7WB4
#
loop_
_entity.id
_entity.type
_entity.pdbx_description
1 polymer 'outer Nup133'
2 polymer 'Nuclear pore complex protein Nup85'
3 polymer 'MGC154553 protein'
4 polymer 'MGC83926 protein'
5 polymer 'Nucleoporin SEH1-B'
6 polymer 'outer Nup160'
7 polymer 'Nup155-prov protein'
8 polymer 'GATOR complex protein SEC13'
9 polymer 'Nuclear pore complex protein Nup96'
10 polymer 'Nuclear pore complex protein'
11 polymer 'Nuclear pore complex protein Nup93'
12 polymer 'MGC83295 protein'
13 polymer 'Protein ELYS'
#
loop_
_entity_poly.entity_id
_entity_poly.type
_entity_poly.pdbx_seq_one_letter_code
_entity_poly.pdbx_strand_id
1 'polypeptide(L)'
;MFPSPRAQGMGSARRPFNSRLTGGRKALGPGVTASSSPSALYSPVGRRVSASGARSTPSRVYLHPAASETVNYNVQLFGS
SLPVKVMEALSNASADEPMAACIHEGGWAWLACNDRLIIWKISHSSSAKLMVCKELPLPLSDSEWSADLVDICAQTGDPA
AAQSVALMAATPEGSSRYWPNILHEGTYIESYTEFGSSLCAFVTAVKGNSFILSSEKNQLVRLTPDASGKMNQRVLPQGQ
GMLSGIGRRVSTLFGILSPAVESTLCSVLWDKGDCFYTLTDSSINKWDLDDTSESQVLNWDMSRVLREYISDAIWGSESD
YDDIKAGININYLSLNQNCDGLVILSAAWHPGDNPCQIYYTLVTVKDEGYNISDEITVEVTQFNPVFQARGMQLCQLVVP
NFSSQACYLYTQEMIFACSTGTGRSTLPQEKIPFEAQGDNIVGAGSCEGWPVFFIRKSGMLTVVARETASVLPEHMEESL
SSVSKSSRQAVVKDSRPDQIAHDDKTKHLKAAFLRYCRKDILGAQSMVDSLFSDSDMEPDDELDLAVNQISVDLIDDYPA
SDPRWAESVPEEAAGFSNTSLILLHQLEDKMKAHSFFVDFLHQVGLFSRLSTCQTKGMLVATRLLLSEHAEKLSAAIVLK
NHHAKLPVLVNSAIQLALDKRMCTVPQNLTAADVYFREVSQMEIIFECLVDKEEADLESTSIDSVEWANIVVNVNTILKD
MLHVACQYRQSKNSLYKNESGIQEPEHVPWTASSGTAGIRSVVTRQHGIILKVYPQADSGLRTILIEQLAALLNYLLDDY
VTQLKSIDKLANEERYNILEMEYAQKRSELLSPLLILGQYAWASNLAEKYCDFDILVQICEMTDNQSRLQRYMTLFAEQN
FSDFLFRWYLEKGKRGKLLSQPASQHGQLAAFLQAHDHLSWLHELNSQEFEKAHRTLQTLANMETRYFCKKKTLLGLSKL
AALASDFQEDVLQEKVEEIAEQEHFLLHQETLPKKLLEEKQLDLNAMPVLAPFQLIQLYVCEENKRANENDFMKALDLLE
YIGDDSEVDVEELKLEILCKAIKRDEWSATDGKDDPIEATKDSIFVKVLQNLLNKGIELKGYLPKAETLLQSEELNSLKT
NSYFEFSLKANYECYMKMQS
;
J,p,j,P
2 'polypeptide(L)'
;MEELDVDPAETPIPGLGQQNRHIGFSWGPGDLLLYETLYQKQGNSETAARCPFMYLVRSDEDIYSPVLRKLFNESHSIFV
GLQKSAEEASGKSRKAQLVQVSRNYRSVLRACMEEMHTLSESTRETAQKYISQISILSAMELSWNLCEILFIESAPAGPL
LILLLEWVRLHVCEVDNIVQDVLRSEKPTEHEKFWDGVTGYVLQGRMNEARQLLAKEASTSASARSMCRVLDDLLKKMPM
LHTGGTQTLTEFELKWQHWREECERHLQNGTFSSNVHMEAVCRVLLGDEEVLLEKRDLMTTWYHFLVSRLLFKHPTVKPT
ELHFYAQSSLDMFLAGDSCPEPLDNILLAAFEFDIHQVIKEFSIVSSNWWFVAHLTDLLDHCQLFQAHNLYFGANMREFL
LLDYASGLFSHHSLWQLGVDYFDYCPNLGREYLKLHMERIPLSTEKKALKALRICEQRQMTEQVRSICKTMAMQSLCNRR
LGSALSWSIRAKDAAFATLISDRFLKEYCERGNFTDLDLIDNLGSAMLLSDRLTFLGKYREFHRMYSQEQFSEAASLLLS
LMTARIAPCSFWLTLLLDALPLLEQKQVIFSAEQTYELMRCLEDRMAAKLESTSPDEIQKQDSSIDNTKVEMLRLALARN
LARAIVTEGALQE
;
B,b
3 'polypeptide(L)'
;MADKFAAKFVSHKISRTRWRPVSASSLQQPDVFATGSWDNEENKVCVWATSDFGATSLDEEYQGDPKQLCDIKHPGDVMD
MQFLDKERIVTGSSTGTVTIFRHHENNQTLSVNQRWEQAHYHVGSNMRAPCTAIVCSSPEIVSVGEDGRINCFRAESRDV
LRTIDDADSSTMHGVTFLRTTEILTVNSVGQLKLWDLRKQGNDPTQIFSVTGERVPLHCVDRHPNQQHVVATGGQDGMLC
IWDVRHGKMPMSLLNAHEAEMWEVHFHPSNPDHLFTCSEDGSLWHWDASADSEKPTFLLGGRSTFNISRSSIAPPNANQS
LACAWLSTDPTKGQLEITNLLPSSTLSVNSLDVLGQNLVCGTDAEAIYVTRRLFS
;
C,c
4 'polypeptide(L)'
;MKQDSASNATYTVDCEDYVHVVEFNPFDSGEAGSLLAYGGISYVVIASCRFQEEDSTVEGIEFKTLKTFHHGERVVAIAW
SPETRCDALLPLLRFATAAGDKKIRIFTSDFQDKNEYKVIEGHSGYINDLVFCSPEGTDIASVGDDHTCRIWDLDGKQIA
MFILRSPGMSVAWHPEGAFKLMVAEKTGTIRFYDLTTHQAILSLESVQVPLMSADWCVRNTLRIGAVAGNDWIIWEMPRS
SYPQDNKPAHADRARMFRWSKCNENVFATTGYPGKMKSQIAIHHLAHPQPILIGTAPVGSGLSWHRRLPLCVVGGYRKLF
FWLTEM
;
F,f
5 'polypeptide(L)'
;MFVARSIAADHKDLIHDVSFDFHGRRMATCSSDQSVKVWDKSENVNWHCTASWKTHSGSVWRVTWAHPEFGQVLASCSFD
RTAAVWEEIVGESNDKLRGQSHWVKRTTLVDSRTSVTDVKFAPKHMGLMLATCSADGVVRIYEAPDVMNLSQWSLQHEIS
CKLSCSCISWNPSSSRAHSPMIAVGSDDSSPNIMGKVQIYEYNENTRKYAKAETLMSVSDPVHDIAFAPNLGRSFHILAV
ATKDVRIFTMKPLRKELSSSGGVTKFENHTVAQFDNHNSQVWRVSWNITGTVLASSGDDGTVRLWKANYMDNWKCIGVLK
GDGNPVGNSFQGIFGSSIGSASHGLQNSVNGTSTSGRKHS
;
d,D
6 'polypeptide(L)'
;MAAAERHMTPFQAIDWAGSITLPMVQRVGGFTRAIMAASVNLERSYMELIGAERETSRRNFRDLSLRPDVNLVIGGPKYA
DCAGGYCYSESSSLLSATRNRFLHWTSYADTLELVEISLDINLVNNAVRLRILNCSILPGGVHICETPNNIVVLILTNQT
VHRLILPHPSRMYRSEIISDSHIQSIFTDIGKTNFHDPSNTYVIPAIPGRAPNTTASTAWLSSDGEALFALPSISGGILV
IKMPPHDMEGLVTIAELKQSSVMQRLLTGWMPSSIRGDQGPAHLPVSLAVHTLDHDSYLFALCQDHKLRMWSYKDQMCLM
VADMLEYVPVSKDIRQTAGTGHKLRLAFSETLGILYLGVYLHTPKQGQFCVFQLMCAESNRYSLDHISSIFTNQETLIDF
TFTLTSMDIWALWLDDDNQTVVKHINFEENQAGQWNPVFVNPLPEDDLAISDEQEPQEAYLECLFAPGRFTIAAVQKAIQ
ILRKGSGRVLDLSWEELRKDVTLTVENEIQNAVIDYDVSQEEFRQINIENWCKFYTCCLQYQETLSRPLALLVHPDTNMV
CLLRKGFLSFLAPCSLVEHLYLVPAEHLLTVDESVISDDIDAASDIVNLIQCLRMIADYISEDMAYLMESACCHLQSPER
VAEQILEDLIANDIDNIMENIQNKLQDTRNPIRAIGFLLQNMDYETNADMEQPQPNTRLNLSTLYGSITASSVVCQAICK
ISATRFLICRDLLILQHLLLRLGDMALIGAGQLLHSQQELIPRAAQLLLSYYMIRWGSQCLACAVPVDILESNLQHLSVL
ELSDSQVEKRRYTSGIQTIVELFFEDVARKHFPHVFIQSGASQLQEPLNWSDLIKRITNYLLQLLWPSNPNFQFAECLMR
NCQYTQLQEYVRLLLPWCQVNVGSCHFMLAQCYLVAGEGHKALDCFSQAASEVEREDFLEKLIRVEEGESVSPRLQYYNR
VLRLLEDVGLPELVIQLATIAIGEASDDWRSQAALRTRIFKHHLDMGHNNQAYDALTQIPDPSRQLDCLRQLVVVLCERS
QLQDLVEFPYVNLHNEVVGIIESRARAVDLMTHNYYELLYAFHIYRHNYRKAGSVMFEYGMRLGREVRTLRGLQKQVNSY
LACLNCLRLIRPEYAWIVQPVSGAVYERPGASPKRNYDGESSAVPSSSQIEILELRDLEKEYVLAQTRLTLAKHNPSTAA
IAGSSAAEEMVALLVQAGLFDTAISLCQTFKLALTSVFEGLACKCIRLQQGGEAAQAEAWEWLAANQLATVITTKESSAT
DEAWRLMISYLDKYEAKNTLYHHCIINKLLSHGVPLPNWLINRYKAMDAAELLRLYLKYDLLEEAAELVLEYVDALLGKG
HQYFGIQAPLSATSQLVWFPYSAIDHLRQALGENESNQHNQAILSKLQRKMDEYFQKLKKATDDYKKLVQKPLRA
;
E,e
7 'polypeptide(L)'
;MPSATPGAPAASAAMQEALEGAGRIIDRLLQEDRAYPDLSELLNVPVHTCPTISGVSEMDYPLQSPGLLTIPSLPEISAI
RRVPLPPELIEQFGHMQCNCMMGVFPEISRAWLTIDSDIFMWNYEDGGDLAYYDGLSETILSVGLVKPKTGIFQPHIRFL
LVLSTPVDIVILGLSFANLQPGNLNDSISGGMQLLPDPLYSLPTDNTYLLSITSTDNGRIFLSGKDGCLYEVEYQAEAGW
FSQRCRKINHSKSSLSFLVPSVLQFAFSEDDPIVQIAIDNSRNILYTRSEKGVIQVYDLGVDGHGMSRVASVSQNSLVSA
AGNIARTIDRNVFKPIIHISVIEMSESVNCHLLAVTHTGVRFYFSTVPFKQPTARPCMLALVHVRLPPGFSASSNVEKPS
KVHKALYNNGVLLMAASENEDNDMLWCINRDSFPFQKPMMETQVTTQVDGHSWALSAVDEQKADKIVTPLNKDLIPLTDS
PVIIQQHMIPPKRFVLLSAQGSHIFYKLRPVDQLRHLLVSNSGGDGEEIERFFKLHQENQACATCLILACSSAASDREVS
SWAARAFFRYGGEAQLRVQSALHAPSNVGPIFGSPLPVASPIPVGSPMPNPSFLGTPTQGACPPNVSTPAYGVATPAPQP
PAVPGMMGTEIVFSGKHNGICIYFCRIIGNIWDGSVAVENTFQSGNREVTAIDSSVTPQHLESVLKELKGLLEFLDRYSQ
FTAGSLGNPGFGTPANRQQRLVSLGRPDIGSSQQAQQELQRKYHTEAQLAEQFSLQGIHQLVRKMCQALALWKLLCEHQF
SLVVSDLQKELQEQLKITTFKDLVIRDKELTGALTASLISCYIRDNASVDGISYRLQEVCPLLYSTDDAVCSKANELLQR
SRHVPNKQEKERMLRESLKEYQKISQQVDLPNVCAQYRQVRFYEGVVELCLSAAEKKDPQGLGLHFHKNGEPEEDMAGLQ
AFQERLNSYKCITDTLQELVNQSKAAPQSPSVPKKPGPPVLSSDPNMLSNEEAGIHFEQMLKLAQRSADELFNIALFNWL
IQADLTDKLLELNSPFLEPHLVRMAKLDQNKVRYMDLLWRYYEKNRNFSNAARVVAKLADMHSPEISLKQRLEYISRAIL
SAKSSTTMSTLAADGEFLHELEEKLEVARIQLQIQETLTRQYSHHSTVGDAVSQLDSQLMDITKMFGQYADPFRLSECKL
AIIHCAGHSDPILVQTLWQDIIDKELSDSMGNSSVDRMQSLHLKITSLGKIYASTPRYFPLEFLVKYLEQQVCNFSWDAG
FVTYTMQEINVPVPKLLEVYDHLFKARDPWWSRMKKPLHLLESIYILLSGYVQEPSKVPSYERRRFTTLCLDAISCYLVE
LQSMDPAPALLNTVSNFKSLQAKLERLS
;
K
8 'polypeptide(L)'
;MVSVINTVDTSHEDMIHDAQMDYYGIRLATCSSDRSVKIFDVKNGGQILIADLRGHDGPVWQVAWAHPMYGNILASCSYD
RKVIIWKEENGTWEKTYEYTGHDSSVNSVCWAPHDFGLVLACGSSDGAISILTFTGDGPWEVKKISNAHTIGCNAVSWAP
SVIPGSLVDQPSSQKPNYIKRFVSGGCDNLVKIWREEDGQWKEDQKLEAHSDWVRDVAWAPSIGLPTSTIASCSQDGRVY
IWTSDDAATNCWTPKLLHKFNDVVWHVSWSITANILAVSGGDNKVTLWKESVDGQWACISDVNKGQGAVSTVTEGQLNDQ
;
H,h
9 'polypeptide(L)'
;SKYGLQDSDEEDDQLNNAEAKKLKAAPVPPQGKPPPLQQATLPGKVTPPPQSPAVDQLDRVLELDSDMADITQDQDLDSV
AEEQDITEEQEPLSASSHIASSLGINPHALQVMKASLLLEEEDGEMINRFSSFPSSMDPYPDVRSPRLFPSSHAKRTSSM
GLLQSKFASPSISRISETAQGSHSPRILPVTPWSVPAPLAPTFVIPRPAPETHLRTVGTRRQQELVPLEKSVTHGRGSLL
IDMGLFMGRSFRVGWGPNWTLVHNGDKLTERLNAEEDQNMDTIDYGFLPKPTSAKSLTESPFKVHMEKLSLEQKSRELQS
YLMPLEIELKNSSVDRSAQCPHFKPNAGVAAIHDYAGWVRNLSNEAGELEAVVKQWGLTWTLCESLWGQLKELEASLDEP
NEYVRNLERRKAFSHWLAHTAEERIEEEVSLYGPERHVEAVFSFLTGGRISDACRLAQKSGDHRLSLLLSQMVGSQEMRE
LISLQLVDWNKLQVDHYIQEERLRVFCLLSGTPVWRSSDNRSINVCSQLDWKRTLAVHLWYMLPPTATIAQALRLYERAF
QEHEEGEPYACYPLPPYLEDCSISLGDEPSAKFSSLQRDVCVHLLKLYSERQYDLCQLLDPSSVTPDPLDYRLSWHLWMV
LQALNYTHLSEHRQGTLHASYAAQLENVGLWEWAIFVLLHIPHPHIREAGVRELLNRQCVVRESPESLAKENFLIHRLCV
PAQWVHEAKAIRSRRDGDRHKEALYLLKGHQWNPCHKLVTRHLAADAVINENYRYLQSFLGELSNPEHCKHIQDWETAGK
VYLDYIRVIDMLNLIQQDESSGCELEKLHTKVMSLCKWVELIHCYTAKDRLAQSEMAKRVANILRVVLSLQQPPESMSDS
SEPRVPLRLLAPHIGRLPMPEDYALEELRGLTQSYLRELICDS
;
G,g
10 'polypeptide(L)'
;MDMLSPVVREAEVSRAARRQSSNRKNPADESWSNATPTRGPSSRTTGQTLFRQHMTPQTWNSSRPPDVSAILGTVGRSPR
LLQTPGRLANLSMMSNPDDSVWTTTFSPGRTGMYTTLDSPSFTEDITLSAVMLQEEDPGEAATMSMYPDFLKSFLEHPSS
AVFELIEQYEATCNTQITLLKKIVKRVTPGQQKFSKTASILWLLQQEMVTWRLIAALYRDRIQSALEEENMFEIAAPNAS
EKTIVDKLFQRDTLVRQSQLVVDWLESIAKDEVGDFSDNIEYYAKSVYWENTLHTLKQRSMLSLGSSRPLVSELDPDAPI
RQKLPLDDLDREDDIRLLKYLFTLIRAGMTDEAQRLCKRCGQAWRAATLEGWKLYHDANINGGTELQAVEGNPYRCVWKT
CCWRMAEDEQFNKYERAIYATLSGNLKQLLPVCESWEDTVWAHFKVMVDSLVEQEIRASIISFNEANELPREYLEANWTL
DSVFEELQATDKKRVLEENREHYHIIQKFVILADVDGLMDEFSEWLSNGKNLLLGHLLRFMTHLLLFFRTLGLQAKEEVS
VEVLKTYIQRLINEKQIELIAFYVSHLPQELAISQYAVFLENITDPDQRQRCLELAKEAGLDVASITKTVVENTRKKDAG
EFAHHDFAPALDSGTSEEDRAKIDVIDWLVFDPAQRAEALKQSNAIMRKFLASKKHEAAKEVFAKIPQDSIAEIYSQWEE
QAMDSALPAEDDNAIREHLCIRAYLESHEAFNEWFKHINSPPQKPTLVGQASFTEKVAHEHKEKKYEMDFGIWKGHLDAL
TSDVKEKIYNVLLFVDGGWMVDVREDTEEDPERSHQMVLLRRLCLPMMCFLLHTVLHNTKQYKDCLRLADIVSSENQKLY
TVFSKTEMRNLLQKLRESSLMLLDLQLDPLGYEIQS
;
I,i,M
11 'polypeptide(L)'
;MDGEGFGELLQQAEQLAAETEGVTELPHVERNLQEIQQAGERLRSKTMTRTSQESANVKASVLLGSRGLDISHISQRLES
LSAATTFEPLEPVKDTDIQGFLKNEKDNALLSAIEESRKRTFVMAEEYHRESMLVEWEQVKQRVLHTLLASGEDALDFTQ
ESETSYISESGAPGRSSLDNVEMAYARQMYMYNEKVVSGHLQPSLVDLCTEAAERLDDKNVSDLWVMVKQMTDVPLIPAS
DTLKSRCSGQMQMAFVRQALNYLEQSYKNYTLISVFANLQQAQLGGVPGTYNLVRSFLNIRLPTPIPGLQDGEIEGYPVW
ALIYYCMRCGDLMAAQQVVNRAQHQLGDFKNCFQEYIHNKDRRLSPTTENKLRLHYRRAVRASTDPYKRAVYCIIGRCDV
SDNHSEVADKTEDYLWLKLSQVCFEDEANSSPQDRLTLPQFQKQLFEDYGESHFAVNQQPYLYFQVLFLTAQFEAAIAFL
FRLERTRCHAVHVALALFELKLLLKSTGQSAQLLSQEPGEPQGVRRLNFIRLLMLYTRKFEPTDPREALQYFYFLRNEKD
NQGESMFLRCVSELVIESREFDMLLGKLEKDGSRKPGAIDKFTRDTKTIINKVASVAENKGLFEEAAKLYDLAKNPDKVL
ELTNKLLSPVVSQISAPQSNRERLKNMALAIAERYKSQGVSAEKSINSTFYLLLDLITFFDEYHAGHIDLSFDVIERLKL
VPLSQDSVEERVAAFRNFSDEIRHNLSEILLATMNILFTQYKRLKGSGPTTLGRPQRVQEDKDSVLRSQARALITFAGMI
PYRMSGDTNARLVQMEVLMN
;
L,O
12 'polypeptide(L)'
;MAAQLALNSEASLWGPYREIWQTVLSALIKRQPEAVHSLDIVLKKYKPDFISLFKNPPKSAQQHERVQKASTEGIPIKGT
QRTRILEEQLIKEAFILSDLYNIGEIAAVELLLIGEQQQPTFHGLTRGLVAILLYWDGKSCMAESLLHLIQARKGKTFTL
DHSPEVVSMVTRFTDDLMEQGLTNKILTLISQIDVNNEFDKLKKERGLGNKKHRKEVSDLIKECQQSLAHSLYSWSCQTP
LNREDTLLLIGYLEKVTVEGDGSLDKVNLTLLMSLLYCLDVGFLEQGTDDREELMKQASMFMDRQYIAAIHNRLQNTQPW
KSPGMQATVRLAWALALRGISQFSEVLEFSEADEPMAEIAIGGNVFLFLTEAVVGSESFCTDEFFIRRIHKLVTDFPTLM
PMKVKQLRNRAEEDARLIQMSMQMGNEPPASLRRDLEHLLLLIGELYRKDPFHLELALEYWCPTEPLQSTSLMGSFLGVA
HQRPPQRQVLLSKFVRQMSDLLPATLYLPYLKMLRGLASGPQCAHYCFSLLKANGGSSAENLQAAGGSPVSWDHFFHSLM
LYHEHLRRDLPNTDNIHQRHPPLRGITQRELDGLIACLQLTCTIIDWSESARLALCEHAQWMPVVVILGLLQCSIPPLLK
AELLKTLAAFGKSPEIAASLWQSLEYTQILQTVRATGLRQGVGIEVELNEIESRCEEYPLTRAFCQLISTLVESSFPTNL
GAGLRAPGFEPYLQFLRDTVFLRYRTRAYRRAAEKWEVAEAVLDVFYKLLKDYEPQPEDFVDQYVELQGEERVAFKPPGF
SLMHHLLNESPMLELCLSLMEEGVTQLDTYAPFPGKKHLEKAVAYCFMLLNLTLQKENRFMDLLRESHLSMIVTPLEQLL
QGINPRSKKADNVVNIARYLCHGNSNAELAFESAKILCSISCNSKIQEKIVGDFTQDQNVSQKLMVGFVSCLDSEEAEEL
LDSEKEAEDQVKQTNIRYMTKIHILNLLITSLEMKAPNLAMFLLGYELKKPVSTTNLQDSGVLGCPRTCLHSILDILRKG
TDVRAGPVAVWDTPHLAELCYQVIYQLCACADTSGPTMRYLRTSQDFLFSQLQHLPFSVEESEISAMNQMSWLMKTATIE
LRITSLNRQRSHTQRLLHLLLDDMPTRPYSADGEGGMEDESRSLSGFLHFDTTSKVRRKILRILDSIQFSNEIPEPLQLD
FFDRSQIEQVIANCEHKNRRGQTVCNVKLLHRVLVAEVNALQGMAAIGQRPLLMEEINTILQYVVERNKLLQCLHAKRHA
LESWRQLVEIILTACPQDLIPTEHRQLIIRDLLQDLHVKILDDDAAQELMPIVAGAVFTLTAHLSQSVRTELKQPMTASG
LGQSQYVQMLDGSFAAPPGTENISAGFASIGDSSLHMILRNLLEFILKTGGGFQRVRAHLYGSLLYYLQIAQRPDEPDTL
ESAHKSMWERLTAPEDVFSKLQRDNLSIFESYGTALMEVVCRDACDGHDIGRMLALALLDRIVSVDRQQQWLLYLSNSGY
LKVLVDSLAEDDVVLRNLLTPQPPLLKALYIYESKMAFLTRVAKSSQGAIELLRSGVIVRLAQCQVYDMRPETDPHGVFG
MRETPVFIPAPVERYRQILLPALQICQLILTSSTAQHLQAAGQVLQFLVAHSDTIQAILRSQEGSLGSLQELALLTGIIS
KAALPGVLNELDIGLNDGSMMELQGHIGRFQRQCLALLNRFGGSDRLRQLSLQDDSSRLDGVSKKDDMELAMQQICSNVM
EYCQALMIQNSPSFQQTVCLFTPSLKESASRDGTRQDSQVSILPSWRLPSLGVVIHLLKQSANNFFTYYDIHRQSVGKLQ
NVEQLPPDEIKELCQSEMPVGADKISTTQKYGLARRRLVKLINSRAKLLSLCSYIIETCLYILWRHLEYYLLHCTTSDSQ
DPVFSNMTFGNRRFQDTFNTDPNMDPRNLRQNKVSQQDVDTLLREGANSFGESLQKRLLDIESLYCKVRSRHSFIQALVR
RIRGLLRVSRV
;
A
13 'polypeptide(L)'
;MQNLEAQVTGSLVAFPDVTQKALKEDEINLDSVLRGKFSTGRTSLAWLACGPQLEITNSVTGERISAYHFSGLTERPPVV
VAVKEFTWQKKTGLLVGLVEAEGSVLCLYDIGISKVVKAVVLPGSVTAVEPIINHGGASASTQHLHQSLRWFFGVTAVVT
DVGHVLLIDLCLDEVSSNQDELDASDLEVMSVIPTKIPKLREAATRERRHLCLQLAAPTGTTVSCLSYISRTNQLAVGYS
DGYFSLWNMKTLRRDYHVQIEGGRVPVCAVAFQEPENDPRNCCYLWAVQSSESGGDVSLHLLQLAFSDRKCLASGQIMYE
LLEYCEERYSLDLSGSTLSLRGQSNNTKLLGCQTIEKFRVHGEREDGVHEVTSPDTSVSVFSWQVNTYGQGKPSVYLGVF
DINRWYQAQMPDSLRSGQFLRNCSYFAFWSLEAVVNITTQDIIFDILVHERSLSRGIPPSYPPPEQFYYPSTYNFDATCL
LNSGLIHFACTGFQKETLHFLKKSGSSLNEAIPDGYNRCLAAGLLAPKFTDVQASSLSQEEQLQAILAAAVETSSLGLLT
SCIKRWTAEEQPRSAANLRFVLEWTWKKVTLTKQEFDRLCFRLFDGSCNFIDPHTLQSLQQCHLYFSNLTAVLNCFIAQA
KEVTQQGAVDLTNKQSVTRLLTLYASVVLWFCRSGMLPDSSDETVQLTRPFYNYQVIQQYYSDQRKKLERLARGKWDTSS
LMIDGLINQFGDRIQQLWSRDDNGTGKYPPANLHALLDVYLLENADEMSKHAITIYFLLDIMYSFPDKPDSSIESFPTAF
FVPGSLIKLIQGFWLLDHNDYQNSVDCILNPASSRVMSWQHSQIIENLLCHGDSRQALRYLQVMKPVATTSKEVKLHMTV
LLANRSILEAWNLQRLHSSRLNVEELLKHMYEMCQEMGLIEELLKLTFTDFEQGYLHKFLQTTGVQNQELLLVHHLQRAN
YISALQLNQSLKTNHLNDCDRRLRERSGARNAILDQYGKILPRVQRTLASERAKPYSLPSLVWREVARPKPLSTTAKQAA
PGSIITKANFICNVLSKIKEVSTANEKREEYSPYQSMVSEEPTAPPLQDIDVPDAFFGTPINKSRRVSRLLDSVVHPVLM
EPTPLTSSDTDNNQTPHKSPLLKTSSPLHSSLRRIAHMRSFAKASEFSLLETPLVVRKAKALAANTASSGYTSITPQSIL
RSSVRTTPLVSPSVSPGRSLTPPLRPKETKISFMELSFTRHAKAAHSSEGNLLAISPVLRSSPDAVWSVKGKVASFTQNT
PVKKLDEIDASSSGIQEESQDEMEVSKEISNISVRSEQASLEYHDAPTPEDLENDEISGTTNSQPQVNEVHHQMEDGQLT
EKPAELALTEMQEEFIDSEEREIEYISAPLNGPNALECMTAVPDIYLEDASQCILETPEGSSVSVTGEQECVSSAKDSES
VISIHDSDDAHSNLSENDQDSEEIEENNLRVPTTVTRCEEFDLIETKDLEVELEEADSEKTNYKDIYPDATVQLGFTVES
IEQRYTCELADRRETPSETDEIEGEHFETENNFSLVLEGDVTEEEILEPSSSKTDLELTRPPIAHQKLISENRENIENCE
TTEKIPANMSPLVDSDHESKTLETLPSEADLSVAEKVLKGTEEKDVPPEVHSEVVLESKLVGNAMMSLDSSESQEVIISQ
YDNVISIEKLEMTQEKMYGEKTEQINEGQVSPNRDQSTLVKPLTPRRSIRKSSKPADSSTDIIGNITLPTTPKRGLKKAK
ENVDTLKNSISVVPEEELTLGTRRITRKATLTALDNPEPLQIKEPPSGEDLQVQPSTPTRGRRGKVITSDDLKEPPSGED
LQVQPSTPTRGRRGRVITSDDLREPPPGEDLQVQPSTPTRGRRGRVITSDDIKESPSVEDLQVQPSTPTRGRRGKVITSD
DIKEPPSVEDLQVQPSTPTRGRKGKVITSDDIKEPLSGEDLQVQPSTPTRGRKGKVITSDDIKEPLSEEVLQEQPSTPTR
GRRGRVITSDGKGYECVEEKNALPLTPTRITRSKNILEPEKGISQIEPEKGISQIEPDKGLSQIEDTGETEHEVVTPRRG
RRGKRVVNELVKHFERNSSQPNIKADTSPPVSPKKVSLRWTRTRSENQRINATEEQASKIQEDLSDTPRKRYKKSSNKMG
FEETTDTVTEGAIVEDVQESLIISHLGKNPNTSIVRSARKTALPPVTEDHSEQPLLPPESHSKVHSSLAIADEENKTNTR
TRSGNKSSVDVSAITFEFSTPKARTKKTAKGSAVPTELIPSTQYVFSPPSTRTRRATRANVSEAVIEPQLQFQESCEIAE
TEVPEVPASKPRGRPPKHKAKAVTRVLKKPSWSTPPVEIKLISPPESPAVSETNTKTDSTEAKGAEKISVRRTRRRIIAK
PVTRRKMR
;
n,N
#
# COMPACT_ATOMS: atom_id res chain seq x y z
N GLU A 69 119.58 250.31 115.58
CA GLU A 69 118.67 249.68 116.58
C GLU A 69 118.76 250.42 117.91
N THR A 70 118.24 249.84 119.00
CA THR A 70 118.45 250.24 120.37
C THR A 70 119.81 249.71 120.78
N VAL A 71 120.44 250.24 121.84
CA VAL A 71 121.81 249.90 122.19
C VAL A 71 121.87 248.61 123.02
N ASN A 72 121.10 248.55 124.13
CA ASN A 72 121.20 247.48 125.10
C ASN A 72 120.07 246.45 125.06
N TYR A 73 119.08 246.62 124.17
CA TYR A 73 117.85 245.84 124.21
C TYR A 73 117.60 245.19 122.87
N ASN A 74 116.85 244.08 122.79
CA ASN A 74 116.22 243.62 121.58
C ASN A 74 114.78 244.08 121.72
N VAL A 75 114.22 244.71 120.67
CA VAL A 75 112.82 245.08 120.63
C VAL A 75 112.23 244.31 119.47
N GLN A 76 111.45 243.25 119.74
CA GLN A 76 110.99 242.37 118.69
C GLN A 76 109.62 241.83 119.02
N LEU A 77 108.92 241.35 117.96
CA LEU A 77 107.63 240.66 117.98
C LEU A 77 107.50 239.63 119.09
N PHE A 78 106.44 239.81 119.90
CA PHE A 78 106.17 238.97 121.03
C PHE A 78 104.94 238.18 120.70
N GLY A 79 105.06 236.85 120.81
CA GLY A 79 103.98 235.96 120.44
C GLY A 79 103.87 235.75 118.96
N SER A 80 102.82 235.01 118.60
CA SER A 80 102.53 234.65 117.23
C SER A 80 101.80 235.73 116.47
N SER A 81 101.53 235.49 115.17
CA SER A 81 100.76 236.40 114.33
C SER A 81 99.44 236.84 114.90
N LEU A 82 99.16 238.15 114.85
CA LEU A 82 97.97 238.68 115.48
C LEU A 82 96.68 238.16 114.84
N PRO A 83 95.59 237.99 115.56
CA PRO A 83 94.28 237.70 114.97
C PRO A 83 93.89 238.59 113.80
N VAL A 84 93.15 238.06 112.79
CA VAL A 84 92.76 238.78 111.59
C VAL A 84 92.02 240.08 111.87
N LYS A 85 91.08 240.03 112.84
CA LYS A 85 90.31 241.15 113.37
C LYS A 85 91.17 242.28 113.94
N VAL A 86 92.26 241.93 114.68
CA VAL A 86 93.21 242.89 115.22
C VAL A 86 94.02 243.52 114.11
N MET A 87 94.46 242.68 113.11
CA MET A 87 95.18 243.18 111.96
C MET A 87 94.40 244.17 111.11
N GLU A 88 93.09 243.91 110.84
CA GLU A 88 92.19 244.83 110.16
C GLU A 88 91.99 246.13 110.88
N ALA A 89 91.77 246.09 112.20
CA ALA A 89 91.62 247.27 113.01
C ALA A 89 92.86 248.17 112.98
N LEU A 90 94.07 247.59 113.05
CA LEU A 90 95.32 248.31 112.92
C LEU A 90 95.65 248.83 111.53
N SER A 91 95.45 248.01 110.47
CA SER A 91 95.71 248.40 109.10
C SER A 91 94.74 249.45 108.59
N ASN A 92 93.46 249.34 108.98
CA ASN A 92 92.40 250.32 108.77
C ASN A 92 92.53 251.60 109.57
N ALA A 93 92.97 251.53 110.86
CA ALA A 93 93.09 252.68 111.73
C ALA A 93 94.01 253.77 111.20
N SER A 94 93.49 255.01 111.25
CA SER A 94 94.21 256.18 110.81
C SER A 94 94.86 256.80 112.06
N ALA A 95 95.87 257.68 111.91
CA ALA A 95 96.48 258.39 113.01
C ALA A 95 95.54 259.39 113.75
N ASP A 96 94.39 259.78 113.14
CA ASP A 96 93.28 260.47 113.79
C ASP A 96 92.61 259.60 114.86
N GLU A 97 92.47 258.27 114.56
CA GLU A 97 91.82 257.31 115.41
C GLU A 97 92.54 257.10 116.76
N PRO A 98 91.83 257.13 117.88
CA PRO A 98 92.38 256.78 119.18
C PRO A 98 92.15 255.31 119.41
N MET A 99 93.23 254.52 119.47
CA MET A 99 93.13 253.15 119.85
C MET A 99 93.70 253.13 121.24
N ALA A 100 93.22 252.20 122.07
CA ALA A 100 93.77 251.95 123.37
C ALA A 100 93.70 250.45 123.55
N ALA A 101 94.57 249.90 124.39
CA ALA A 101 94.67 248.48 124.57
C ALA A 101 94.91 248.18 126.03
N CYS A 102 94.24 247.14 126.57
CA CYS A 102 94.49 246.64 127.89
C CYS A 102 95.19 245.32 127.71
N ILE A 103 96.47 245.25 128.09
CA ILE A 103 97.27 244.03 128.11
C ILE A 103 97.14 243.55 129.53
N HIS A 104 96.41 242.44 129.71
CA HIS A 104 96.13 241.91 131.03
C HIS A 104 97.17 240.90 131.45
N GLU A 105 97.50 240.88 132.77
CA GLU A 105 98.44 239.96 133.42
C GLU A 105 98.15 238.49 133.23
N GLY A 106 96.86 238.16 132.99
CA GLY A 106 96.40 236.80 132.71
C GLY A 106 96.70 236.30 131.31
N GLY A 107 97.30 237.12 130.43
CA GLY A 107 97.71 236.65 129.09
C GLY A 107 96.69 236.89 128.01
N TRP A 108 95.77 237.83 128.24
CA TRP A 108 94.75 238.23 127.29
C TRP A 108 94.90 239.72 127.01
N ALA A 109 94.64 240.14 125.76
CA ALA A 109 94.76 241.51 125.33
C ALA A 109 93.45 241.97 124.74
N TRP A 110 93.05 243.20 125.12
CA TRP A 110 91.77 243.77 124.78
C TRP A 110 92.04 245.07 124.04
N LEU A 111 91.64 245.15 122.76
CA LEU A 111 91.80 246.34 121.92
C LEU A 111 90.45 247.02 121.86
N ALA A 112 90.39 248.31 122.27
CA ALA A 112 89.21 249.13 122.13
C ALA A 112 89.41 249.92 120.84
N CYS A 113 88.63 249.59 119.79
CA CYS A 113 88.79 250.15 118.47
C CYS A 113 87.42 250.58 117.97
N ASN A 114 87.22 251.89 117.79
CA ASN A 114 85.92 252.46 117.49
C ASN A 114 84.84 252.02 118.49
N ASP A 115 83.72 251.42 118.03
CA ASP A 115 82.62 250.91 118.82
C ASP A 115 82.69 249.41 119.09
N ARG A 116 83.85 248.74 118.84
CA ARG A 116 84.01 247.38 119.33
C ARG A 116 85.27 247.17 120.10
N LEU A 117 85.17 246.09 120.87
CA LEU A 117 86.16 245.59 121.76
C LEU A 117 86.64 244.29 121.12
N ILE A 118 87.95 244.11 120.86
CA ILE A 118 88.46 242.88 120.30
C ILE A 118 89.43 242.28 121.30
N ILE A 119 89.13 241.05 121.71
CA ILE A 119 89.77 240.42 122.82
C ILE A 119 90.29 239.14 122.38
N TRP A 120 91.57 238.92 122.69
CA TRP A 120 92.22 237.76 122.22
C TRP A 120 93.18 237.31 123.27
N LYS A 121 93.43 235.99 123.27
CA LYS A 121 94.47 235.43 124.09
C LYS A 121 95.79 235.71 123.42
N ILE A 122 96.77 236.28 124.15
CA ILE A 122 98.12 236.44 123.67
C ILE A 122 98.70 235.07 123.33
N SER A 123 98.94 234.87 122.03
CA SER A 123 99.27 233.58 121.50
C SER A 123 100.75 233.36 121.57
N HIS A 124 101.23 232.81 122.71
CA HIS A 124 102.63 232.40 122.88
C HIS A 124 102.98 231.25 121.96
N SER A 125 102.00 230.37 121.74
CA SER A 125 102.03 229.30 120.75
C SER A 125 101.27 229.73 119.52
N SER A 126 101.78 229.34 118.34
CA SER A 126 101.28 229.60 117.00
C SER A 126 100.11 228.75 116.57
N SER A 127 99.83 227.67 117.32
CA SER A 127 98.82 226.66 116.97
C SER A 127 97.39 227.19 116.90
N ALA A 128 96.70 226.95 115.77
CA ALA A 128 95.38 227.49 115.49
C ALA A 128 94.24 226.93 116.34
N LYS A 129 94.36 225.71 116.89
CA LYS A 129 93.34 225.18 117.79
C LYS A 129 93.37 225.80 119.19
N LEU A 130 94.46 226.52 119.51
CA LEU A 130 94.62 227.24 120.78
C LEU A 130 94.29 228.72 120.59
N MET A 131 93.96 229.13 119.35
CA MET A 131 93.65 230.49 119.00
C MET A 131 92.29 230.95 119.50
N VAL A 132 92.24 232.04 120.28
CA VAL A 132 90.99 232.63 120.72
C VAL A 132 91.02 234.11 120.42
N CYS A 133 90.03 234.59 119.63
CA CYS A 133 89.76 236.00 119.46
C CYS A 133 88.27 236.23 119.32
N LYS A 134 87.69 237.07 120.19
CA LYS A 134 86.28 237.38 120.23
C LYS A 134 86.12 238.87 120.10
N GLU A 135 84.99 239.30 119.51
CA GLU A 135 84.74 240.70 119.27
C GLU A 135 83.41 241.02 119.93
N LEU A 136 83.37 242.02 120.79
CA LEU A 136 82.20 242.33 121.59
C LEU A 136 81.64 243.69 121.21
N PRO A 137 80.33 243.89 121.29
CA PRO A 137 79.74 245.16 120.91
C PRO A 137 79.64 246.09 122.11
N LEU A 138 80.31 247.26 122.08
CA LEU A 138 80.32 248.16 123.21
C LEU A 138 78.94 248.75 123.52
N PRO A 139 78.55 249.04 124.76
CA PRO A 139 77.43 249.95 125.07
C PRO A 139 77.62 251.34 124.50
N LEU A 140 76.67 251.89 123.69
CA LEU A 140 76.66 253.27 123.19
C LEU A 140 77.12 254.36 124.16
N SER A 141 77.96 255.30 123.68
CA SER A 141 78.47 256.41 124.47
C SER A 141 78.70 257.51 123.46
N ASP A 142 78.65 258.79 123.89
CA ASP A 142 79.03 259.91 123.07
C ASP A 142 80.52 260.19 123.19
N SER A 143 81.17 259.65 124.24
CA SER A 143 82.60 259.78 124.40
C SER A 143 83.26 258.53 123.84
N GLU A 144 84.55 258.60 123.49
CA GLU A 144 85.39 257.49 123.15
C GLU A 144 85.43 256.44 124.25
N TRP A 145 85.29 255.16 123.88
CA TRP A 145 85.50 254.07 124.80
C TRP A 145 86.97 253.94 125.14
N SER A 146 87.31 253.51 126.35
CA SER A 146 88.69 253.45 126.78
C SER A 146 88.97 252.05 127.23
N ALA A 147 90.16 251.50 126.93
CA ALA A 147 90.60 250.20 127.42
C ALA A 147 90.95 250.23 128.92
N ASP A 148 91.08 251.44 129.53
CA ASP A 148 91.15 251.68 130.97
C ASP A 148 89.85 251.34 131.70
N LEU A 149 88.71 251.40 130.98
CA LEU A 149 87.36 251.21 131.51
C LEU A 149 86.89 249.86 131.15
N VAL A 150 87.87 249.01 131.00
CA VAL A 150 87.61 247.75 130.41
C VAL A 150 88.52 246.71 131.07
N ASP A 151 87.95 245.58 131.56
CA ASP A 151 88.71 244.69 132.43
C ASP A 151 88.22 243.22 132.31
N ILE A 152 89.15 242.25 132.54
CA ILE A 152 88.92 240.83 132.41
C ILE A 152 88.87 240.14 133.76
N CYS A 153 87.93 239.21 133.94
CA CYS A 153 87.92 238.39 135.13
C CYS A 153 87.99 236.94 134.73
N ALA A 154 88.85 236.15 135.40
CA ALA A 154 89.04 234.75 135.10
C ALA A 154 88.56 233.91 136.27
N GLN A 155 87.85 232.79 135.98
CA GLN A 155 87.40 231.78 136.92
C GLN A 155 88.54 231.27 137.79
N THR A 156 88.55 231.61 139.10
CA THR A 156 89.58 231.19 140.06
C THR A 156 90.92 231.91 139.78
N GLY A 157 90.92 232.93 138.90
CA GLY A 157 92.16 233.61 138.47
C GLY A 157 92.97 232.86 137.44
N ASP A 158 92.47 231.73 136.90
CA ASP A 158 93.19 230.86 135.98
C ASP A 158 92.73 231.18 134.53
N PRO A 159 93.62 231.53 133.60
CA PRO A 159 93.27 231.78 132.21
C PRO A 159 93.46 230.51 131.41
N ALA A 160 92.29 229.97 131.03
CA ALA A 160 92.10 228.66 130.45
C ALA A 160 90.89 228.74 129.51
N ALA A 161 91.10 229.35 128.33
CA ALA A 161 90.14 229.45 127.24
C ALA A 161 89.01 230.46 127.46
N ALA A 162 88.11 230.58 126.47
CA ALA A 162 86.98 231.45 126.48
C ALA A 162 85.94 231.22 127.59
N GLN A 163 85.59 230.00 128.03
CA GLN A 163 84.63 229.90 129.13
C GLN A 163 85.13 230.48 130.47
N SER A 164 86.45 230.42 130.75
CA SER A 164 87.00 230.93 132.01
C SER A 164 86.93 232.43 132.16
N VAL A 165 86.70 233.15 131.07
CA VAL A 165 86.87 234.58 131.00
C VAL A 165 85.51 235.30 131.00
N ALA A 166 85.29 236.17 132.00
CA ALA A 166 84.21 237.12 132.12
C ALA A 166 84.71 238.54 131.86
N LEU A 167 83.80 239.44 131.46
CA LEU A 167 84.16 240.74 130.97
C LEU A 167 83.27 241.84 131.40
N MET A 168 83.87 242.94 131.85
CA MET A 168 83.10 244.12 132.08
C MET A 168 83.66 245.27 131.29
N ALA A 169 82.76 246.20 130.94
CA ALA A 169 83.08 247.46 130.33
C ALA A 169 82.29 248.54 131.02
N ALA A 170 82.89 249.74 131.13
CA ALA A 170 82.22 250.94 131.58
C ALA A 170 82.40 252.07 130.58
N THR A 171 81.47 253.03 130.57
CA THR A 171 81.56 254.24 129.78
C THR A 171 82.01 255.38 130.71
N PRO A 172 82.51 256.53 130.25
CA PRO A 172 82.78 257.67 131.15
C PRO A 172 81.63 258.21 132.00
N GLU A 173 80.35 258.11 131.56
CA GLU A 173 79.17 258.49 132.33
C GLU A 173 78.72 257.41 133.33
N GLY A 174 79.20 256.15 133.21
CA GLY A 174 78.87 255.13 134.19
C GLY A 174 77.96 254.02 133.73
N SER A 175 77.76 253.82 132.41
CA SER A 175 76.98 252.71 131.90
C SER A 175 77.87 251.49 131.91
N SER A 176 77.35 250.38 132.44
CA SER A 176 78.11 249.17 132.65
C SER A 176 77.51 248.08 131.80
N ARG A 177 78.37 247.28 131.14
CA ARG A 177 77.96 246.11 130.40
C ARG A 177 78.88 244.95 130.78
N TYR A 178 78.27 243.83 131.21
CA TYR A 178 78.94 242.67 131.77
C TYR A 178 78.57 241.40 131.01
N TRP A 179 79.57 240.68 130.48
CA TRP A 179 79.44 239.39 129.85
C TRP A 179 79.91 238.36 130.89
N PRO A 180 79.12 237.40 131.37
CA PRO A 180 79.59 236.35 132.27
C PRO A 180 80.66 235.45 131.66
N ASN A 181 80.62 235.25 130.33
CA ASN A 181 81.52 234.38 129.61
C ASN A 181 81.78 235.03 128.26
N ILE A 182 83.06 235.14 127.83
CA ILE A 182 83.47 235.66 126.51
C ILE A 182 83.15 234.67 125.39
N LEU A 183 82.84 233.40 125.75
CA LEU A 183 82.27 232.42 124.87
C LEU A 183 80.94 232.86 124.29
N HIS A 184 80.07 233.47 125.13
CA HIS A 184 78.76 233.93 124.74
C HIS A 184 78.73 235.44 124.51
N GLU A 185 79.06 235.92 123.30
CA GLU A 185 79.27 237.33 122.99
C GLU A 185 78.00 238.20 122.90
N GLY A 186 76.83 237.55 122.67
CA GLY A 186 75.50 238.16 122.67
C GLY A 186 74.86 238.14 124.03
N THR A 187 75.53 237.53 125.02
CA THR A 187 74.93 237.31 126.34
C THR A 187 75.61 238.20 127.36
N TYR A 188 74.90 239.23 127.79
CA TYR A 188 75.42 240.18 128.73
C TYR A 188 74.27 240.73 129.57
N ILE A 189 74.61 241.43 130.66
CA ILE A 189 73.68 242.16 131.50
C ILE A 189 74.20 243.55 131.62
N GLU A 190 73.33 244.49 132.04
CA GLU A 190 73.64 245.90 132.01
C GLU A 190 73.28 246.55 133.33
N SER A 191 73.90 247.72 133.61
CA SER A 191 73.59 248.51 134.79
C SER A 191 74.08 249.91 134.60
N TYR A 192 73.85 250.79 135.59
CA TYR A 192 74.44 252.12 135.56
C TYR A 192 74.85 252.53 136.96
N THR A 193 75.94 253.32 137.05
CA THR A 193 76.48 253.95 138.25
C THR A 193 76.00 255.38 138.19
N GLU A 194 76.91 256.36 138.25
CA GLU A 194 76.72 257.73 137.82
C GLU A 194 77.97 258.56 138.13
N PHE A 195 78.36 259.43 137.17
CA PHE A 195 79.52 260.29 137.19
C PHE A 195 79.19 261.66 136.63
N GLY A 196 80.07 262.68 136.84
CA GLY A 196 79.94 263.95 136.15
C GLY A 196 80.40 263.75 134.72
N SER A 197 79.96 264.61 133.80
CA SER A 197 80.57 264.73 132.47
C SER A 197 82.02 265.23 132.60
N SER A 198 82.96 264.55 131.92
CA SER A 198 84.41 264.78 131.83
C SER A 198 85.22 263.79 132.64
N LEU A 199 84.58 262.99 133.53
CA LEU A 199 85.27 262.04 134.39
C LEU A 199 86.11 260.98 133.64
N CYS A 200 87.45 261.02 133.83
CA CYS A 200 88.32 259.90 133.49
C CYS A 200 88.24 258.89 134.61
N ALA A 201 87.73 257.70 134.29
CA ALA A 201 87.52 256.64 135.22
C ALA A 201 88.37 255.43 134.82
N PHE A 202 88.59 254.49 135.76
CA PHE A 202 89.23 253.21 135.49
C PHE A 202 88.27 252.13 135.97
N VAL A 203 88.34 250.94 135.33
CA VAL A 203 87.62 249.76 135.77
C VAL A 203 88.66 248.69 136.05
N THR A 204 88.60 248.07 137.23
CA THR A 204 89.63 247.13 137.62
C THR A 204 89.04 245.87 138.17
N ALA A 205 89.36 244.71 137.57
CA ALA A 205 89.03 243.41 138.12
C ALA A 205 89.69 243.14 139.46
N VAL A 206 88.90 242.76 140.48
CA VAL A 206 89.37 242.52 141.85
C VAL A 206 88.84 241.14 142.28
N LYS A 207 89.20 240.67 143.50
CA LYS A 207 88.76 239.36 143.97
C LYS A 207 87.27 239.15 144.14
N GLY A 208 86.87 237.87 143.97
CA GLY A 208 85.50 237.41 144.17
C GLY A 208 84.62 237.58 142.95
N ASN A 209 85.27 237.67 141.77
CA ASN A 209 84.69 237.86 140.46
C ASN A 209 84.05 239.22 140.28
N SER A 210 84.64 240.24 140.94
CA SER A 210 84.08 241.57 141.02
C SER A 210 85.06 242.61 140.58
N PHE A 211 84.58 243.85 140.59
CA PHE A 211 85.20 244.92 139.86
C PHE A 211 85.12 246.16 140.71
N ILE A 212 86.09 247.08 140.56
CA ILE A 212 85.98 248.42 141.14
C ILE A 212 86.01 249.39 140.01
N LEU A 213 84.97 250.25 139.98
CA LEU A 213 84.88 251.37 139.07
C LEU A 213 85.28 252.60 139.85
N SER A 214 86.24 253.37 139.31
CA SER A 214 86.89 254.46 140.02
C SER A 214 86.75 255.78 139.30
N SER A 215 86.14 256.81 139.93
CA SER A 215 85.91 258.10 139.27
C SER A 215 87.12 259.02 139.14
N GLU A 216 87.08 260.08 138.29
CA GLU A 216 88.11 261.14 138.31
C GLU A 216 88.16 261.88 139.63
N LYS A 217 87.01 261.97 140.33
CA LYS A 217 86.91 262.58 141.64
C LYS A 217 87.18 261.55 142.74
N ASN A 218 87.62 260.33 142.39
CA ASN A 218 87.98 259.26 143.32
C ASN A 218 86.82 258.71 144.15
N GLN A 219 85.61 258.70 143.59
CA GLN A 219 84.54 257.86 144.07
C GLN A 219 84.83 256.45 143.60
N LEU A 220 84.94 255.50 144.53
CA LEU A 220 85.25 254.12 144.21
C LEU A 220 84.02 253.29 144.48
N VAL A 221 83.56 252.53 143.47
CA VAL A 221 82.35 251.73 143.56
C VAL A 221 82.69 250.28 143.26
N ARG A 222 82.35 249.36 144.20
CA ARG A 222 82.44 247.93 143.99
C ARG A 222 81.27 247.47 143.12
N LEU A 223 81.52 246.63 142.11
CA LEU A 223 80.51 246.08 141.23
C LEU A 223 80.61 244.56 141.24
N THR A 224 79.53 243.88 141.69
CA THR A 224 79.51 242.44 141.90
C THR A 224 78.36 241.85 141.11
N PRO A 225 78.58 241.16 139.98
CA PRO A 225 77.57 240.35 139.32
C PRO A 225 76.95 239.27 140.20
N ASP A 226 75.61 239.21 140.27
CA ASP A 226 74.89 238.17 140.95
C ASP A 226 74.46 237.15 139.87
N ALA A 227 74.24 235.87 140.25
CA ALA A 227 73.78 234.79 139.39
C ALA A 227 72.38 235.02 138.81
N SER A 228 71.57 235.91 139.44
CA SER A 228 70.29 236.37 138.88
C SER A 228 70.41 237.10 137.55
N GLY A 229 71.55 237.78 137.33
CA GLY A 229 71.80 238.71 136.23
C GLY A 229 71.88 240.15 136.70
N LYS A 230 71.55 240.42 137.98
CA LYS A 230 71.77 241.72 138.61
C LYS A 230 73.23 242.03 138.82
N MET A 231 73.54 243.34 138.89
CA MET A 231 74.84 243.78 139.30
C MET A 231 74.66 244.58 140.57
N ASN A 232 75.13 244.01 141.71
CA ASN A 232 75.15 244.68 142.99
C ASN A 232 76.20 245.78 142.97
N GLN A 233 75.94 246.91 143.66
CA GLN A 233 76.93 247.95 143.73
C GLN A 233 76.90 248.63 145.07
N ARG A 234 78.08 249.06 145.55
CA ARG A 234 78.18 249.87 146.75
C ARG A 234 79.45 250.71 146.67
N VAL A 235 79.43 251.89 147.33
CA VAL A 235 80.58 252.76 147.50
C VAL A 235 81.57 252.15 148.48
N LEU A 236 82.89 252.30 148.23
CA LEU A 236 83.89 251.86 149.20
C LEU A 236 83.83 252.66 150.52
N PRO A 237 84.13 252.10 151.69
CA PRO A 237 84.24 252.87 152.94
C PRO A 237 85.21 254.05 152.81
N GLN A 238 84.75 255.28 153.12
CA GLN A 238 85.53 256.51 152.97
C GLN A 238 85.99 256.79 151.53
N GLY A 239 85.23 256.28 150.54
CA GLY A 239 85.55 256.33 149.13
C GLY A 239 84.42 256.93 148.35
N GLN A 240 83.74 257.92 148.96
CA GLN A 240 82.62 258.66 148.42
C GLN A 240 83.05 259.64 147.33
N GLY A 241 84.37 259.96 147.32
CA GLY A 241 85.09 260.72 146.32
C GLY A 241 85.33 262.13 146.71
N MET A 242 84.26 262.76 147.20
CA MET A 242 84.34 264.08 147.77
C MET A 242 84.65 263.96 149.24
N LEU A 243 83.88 264.73 150.01
CA LEU A 243 83.94 264.76 151.43
C LEU A 243 82.99 263.73 152.10
N SER A 244 83.51 262.86 152.98
CA SER A 244 82.94 261.69 153.67
C SER A 244 82.88 262.02 155.16
N GLY A 245 81.68 262.25 155.75
CA GLY A 245 81.52 262.68 157.16
C GLY A 245 82.01 264.07 157.48
N ILE A 246 82.19 264.86 156.41
CA ILE A 246 82.57 266.25 156.41
C ILE A 246 81.36 266.94 155.88
N GLY A 247 81.23 268.19 156.29
CA GLY A 247 80.18 269.10 155.93
C GLY A 247 80.83 270.25 155.22
N ARG A 248 80.06 271.32 155.06
CA ARG A 248 80.33 272.34 154.08
C ARG A 248 80.92 273.61 154.70
N ARG A 249 82.03 273.50 155.46
CA ARG A 249 82.71 274.62 156.10
C ARG A 249 84.18 274.68 155.70
N VAL A 250 84.95 275.66 156.23
CA VAL A 250 86.38 275.90 155.95
C VAL A 250 87.36 275.24 156.89
N SER A 251 87.12 275.31 158.20
CA SER A 251 87.87 274.62 159.21
C SER A 251 86.81 274.49 160.29
N THR A 252 86.44 273.24 160.67
CA THR A 252 85.45 272.85 161.70
C THR A 252 85.09 271.41 161.43
N LEU A 253 85.01 271.01 160.15
CA LEU A 253 84.65 269.67 159.73
C LEU A 253 85.87 268.91 159.28
N PHE A 254 87.03 269.45 159.61
CA PHE A 254 88.30 268.82 159.45
C PHE A 254 88.33 267.51 160.24
N GLY A 255 88.28 266.38 159.52
CA GLY A 255 88.20 265.07 160.15
C GLY A 255 88.99 264.11 159.35
N ILE A 256 88.32 263.15 158.68
CA ILE A 256 88.99 262.17 157.85
C ILE A 256 89.43 262.75 156.50
N LEU A 257 88.89 263.93 156.18
CA LEU A 257 89.14 264.65 154.96
C LEU A 257 89.03 266.13 155.33
N SER A 258 89.52 267.06 154.47
CA SER A 258 89.61 268.48 154.77
C SER A 258 88.80 269.24 153.74
N PRO A 259 88.20 270.39 154.01
CA PRO A 259 87.45 271.14 152.99
C PRO A 259 88.24 271.61 151.79
N ALA A 260 89.51 272.01 152.00
CA ALA A 260 90.39 272.50 150.96
C ALA A 260 91.15 271.35 150.27
N VAL A 261 90.68 270.09 150.45
CA VAL A 261 91.21 268.90 149.81
C VAL A 261 90.94 268.87 148.31
N GLU A 262 91.95 268.42 147.52
CA GLU A 262 91.73 268.01 146.15
C GLU A 262 91.92 266.50 146.11
N SER A 263 90.84 265.74 145.78
CA SER A 263 90.86 264.27 145.72
C SER A 263 90.81 263.73 144.31
N THR A 264 91.18 264.54 143.30
CA THR A 264 91.32 264.14 141.88
C THR A 264 92.18 262.89 141.76
N LEU A 265 91.74 261.89 140.98
CA LEU A 265 92.35 260.58 140.85
C LEU A 265 93.36 260.49 139.72
N CYS A 266 94.56 259.93 140.02
CA CYS A 266 95.59 259.69 139.03
C CYS A 266 95.64 258.26 138.60
N SER A 267 95.64 257.32 139.57
CA SER A 267 95.64 255.93 139.18
C SER A 267 95.18 255.08 140.31
N VAL A 268 94.98 253.78 140.02
CA VAL A 268 94.57 252.80 140.97
C VAL A 268 95.42 251.57 140.78
N LEU A 269 95.59 250.76 141.83
CA LEU A 269 96.44 249.59 141.80
C LEU A 269 95.73 248.48 142.54
N TRP A 270 95.68 247.28 141.95
CA TRP A 270 95.12 246.08 142.57
C TRP A 270 96.27 245.12 142.81
N ASP A 271 96.58 244.87 144.09
CA ASP A 271 97.79 244.05 144.41
C ASP A 271 97.44 242.59 144.67
N LYS A 272 98.43 241.84 145.19
CA LYS A 272 98.33 240.41 145.55
C LYS A 272 97.49 240.27 146.81
N GLY A 273 96.93 239.08 147.06
CA GLY A 273 96.04 238.97 148.23
C GLY A 273 94.82 239.85 147.98
N ASP A 274 94.56 240.81 148.87
CA ASP A 274 93.36 241.67 148.64
C ASP A 274 93.66 243.14 148.94
N CYS A 275 94.62 243.78 148.25
CA CYS A 275 94.80 245.20 148.52
C CYS A 275 94.60 246.07 147.30
N PHE A 276 93.69 247.05 147.43
CA PHE A 276 93.36 247.98 146.38
C PHE A 276 93.80 249.36 146.85
N TYR A 277 94.60 250.05 146.02
CA TYR A 277 95.16 251.35 146.31
C TYR A 277 94.64 252.34 145.31
N THR A 278 94.47 253.59 145.77
CA THR A 278 94.22 254.73 144.90
C THR A 278 95.28 255.75 145.13
N LEU A 279 95.72 256.37 144.03
CA LEU A 279 96.62 257.49 144.05
C LEU A 279 95.84 258.70 143.57
N THR A 280 95.75 259.74 144.42
CA THR A 280 95.09 260.99 144.11
C THR A 280 96.16 262.07 144.01
N ASP A 281 95.79 263.33 143.72
CA ASP A 281 96.72 264.44 143.60
C ASP A 281 97.39 264.84 144.92
N SER A 282 96.77 264.46 146.06
CA SER A 282 97.31 264.72 147.39
C SER A 282 97.77 263.47 148.14
N SER A 283 97.14 262.30 147.92
CA SER A 283 97.36 261.17 148.81
C SER A 283 97.17 259.80 148.19
N ILE A 284 97.67 258.77 148.92
CA ILE A 284 97.50 257.36 148.62
C ILE A 284 96.52 256.86 149.65
N ASN A 285 95.49 256.12 149.21
CA ASN A 285 94.57 255.43 150.08
C ASN A 285 94.69 253.96 149.72
N LYS A 286 94.49 253.05 150.70
CA LYS A 286 94.53 251.62 150.55
C LYS A 286 93.34 250.99 151.27
N TRP A 287 92.71 249.99 150.62
CA TRP A 287 91.65 249.16 151.13
C TRP A 287 92.15 247.72 151.13
N ASP A 288 91.73 246.93 152.14
CA ASP A 288 91.87 245.48 152.24
C ASP A 288 90.49 244.92 151.85
N LEU A 289 90.42 243.96 150.90
CA LEU A 289 89.17 243.47 150.34
C LEU A 289 88.94 242.06 150.83
N ASP A 290 87.68 241.62 150.78
CA ASP A 290 87.38 240.21 150.63
C ASP A 290 86.57 240.07 149.32
N ASP A 291 85.80 238.98 149.15
CA ASP A 291 84.97 238.73 147.97
C ASP A 291 83.75 239.67 147.84
N THR A 292 83.28 240.35 148.94
CA THR A 292 82.08 241.20 148.90
C THR A 292 82.22 242.54 149.60
N SER A 293 83.33 242.82 150.30
CA SER A 293 83.52 244.06 151.01
C SER A 293 84.94 244.51 151.02
N GLU A 294 85.15 245.67 151.65
CA GLU A 294 86.40 246.35 151.72
C GLU A 294 86.47 246.97 153.08
N SER A 295 87.68 247.06 153.64
CA SER A 295 87.93 247.80 154.86
C SER A 295 89.03 248.81 154.54
N GLN A 296 88.76 250.11 154.81
CA GLN A 296 89.72 251.19 154.65
C GLN A 296 90.90 250.98 155.60
N VAL A 297 92.13 250.92 155.06
CA VAL A 297 93.32 250.66 155.84
C VAL A 297 93.97 251.97 156.26
N LEU A 298 94.19 252.88 155.30
CA LEU A 298 94.83 254.16 155.55
C LEU A 298 94.69 255.12 154.40
N ASN A 299 94.89 256.42 154.70
CA ASN A 299 95.12 257.44 153.72
C ASN A 299 96.41 258.15 154.18
N TRP A 300 97.42 258.25 153.29
CA TRP A 300 98.68 258.92 153.55
C TRP A 300 98.84 260.16 152.71
N ASP A 301 98.96 261.32 153.38
CA ASP A 301 99.33 262.60 152.81
C ASP A 301 100.76 262.52 152.29
N MET A 302 100.93 262.01 151.05
CA MET A 302 102.23 261.78 150.45
C MET A 302 102.80 263.06 149.91
N SER A 303 101.92 264.05 149.69
CA SER A 303 102.33 265.43 149.44
C SER A 303 103.05 266.00 150.64
N ARG A 304 102.58 265.82 151.89
CA ARG A 304 103.37 266.18 153.05
C ARG A 304 104.66 265.39 153.21
N VAL A 305 104.60 264.04 153.06
CA VAL A 305 105.72 263.14 153.27
C VAL A 305 106.86 263.31 152.24
N LEU A 306 106.56 263.33 150.93
CA LEU A 306 107.61 263.13 149.92
C LEU A 306 108.13 264.42 149.30
N ARG A 307 107.48 265.56 149.56
CA ARG A 307 107.72 266.83 148.89
C ARG A 307 109.13 267.33 148.97
N GLU A 308 109.70 267.35 150.19
CA GLU A 308 111.08 267.70 150.47
C GLU A 308 112.01 266.72 149.78
N TYR A 309 111.76 265.40 149.87
CA TYR A 309 112.60 264.37 149.27
C TYR A 309 112.67 264.46 147.75
N ILE A 310 111.53 264.77 147.10
CA ILE A 310 111.49 265.06 145.67
C ILE A 310 112.19 266.35 145.28
N SER A 311 111.93 267.48 145.99
CA SER A 311 112.55 268.75 145.69
C SER A 311 114.04 268.78 145.98
N ASP A 312 114.51 268.19 147.12
CA ASP A 312 115.90 267.96 147.51
C ASP A 312 116.65 267.11 146.47
N ALA A 313 116.04 266.02 145.95
CA ALA A 313 116.71 265.18 144.97
C ALA A 313 116.96 265.84 143.60
N ILE A 314 116.20 266.90 143.28
CA ILE A 314 116.34 267.64 142.04
C ILE A 314 117.13 268.91 142.26
N TRP A 315 116.64 269.85 143.10
CA TRP A 315 117.20 271.18 143.22
C TRP A 315 117.99 271.36 144.52
N GLY A 316 118.18 270.29 145.34
CA GLY A 316 118.74 270.37 146.69
C GLY A 316 120.12 270.97 146.84
N SER A 317 120.94 270.82 145.79
CA SER A 317 122.32 271.27 145.80
C SER A 317 122.50 272.59 145.09
N GLU A 318 121.40 273.20 144.59
CA GLU A 318 121.41 274.55 144.05
C GLU A 318 121.68 275.57 145.16
N SER A 319 122.38 276.67 144.83
CA SER A 319 122.74 277.72 145.77
C SER A 319 121.54 278.40 146.46
N ASP A 320 120.43 278.57 145.72
CA ASP A 320 119.17 279.16 146.07
C ASP A 320 118.08 278.11 146.32
N TYR A 321 118.42 276.85 146.74
CA TYR A 321 117.44 275.79 147.01
C TYR A 321 116.25 276.19 147.91
N ASP A 322 116.49 276.94 148.99
CA ASP A 322 115.44 277.44 149.89
C ASP A 322 114.42 278.34 149.19
N ASP A 323 114.86 279.30 148.34
CA ASP A 323 114.00 280.15 147.55
C ASP A 323 113.24 279.38 146.47
N ILE A 324 113.96 278.47 145.76
CA ILE A 324 113.42 277.61 144.71
C ILE A 324 112.30 276.71 145.23
N LYS A 325 112.51 276.03 146.38
CA LYS A 325 111.67 274.90 146.78
C LYS A 325 110.19 275.20 147.09
N ALA A 326 109.87 276.44 147.53
CA ALA A 326 108.51 276.84 147.83
C ALA A 326 107.67 277.11 146.59
N GLY A 327 108.30 277.25 145.40
CA GLY A 327 107.63 277.39 144.11
C GLY A 327 107.53 276.12 143.30
N ILE A 328 107.97 274.97 143.83
CA ILE A 328 107.97 273.68 143.11
C ILE A 328 106.59 273.08 142.98
N ASN A 329 106.19 272.77 141.74
CA ASN A 329 104.97 272.04 141.46
C ASN A 329 105.33 270.57 141.38
N ILE A 330 104.55 269.70 142.07
CA ILE A 330 104.71 268.24 142.00
C ILE A 330 103.35 267.66 141.64
N ASN A 331 103.31 266.77 140.63
CA ASN A 331 102.12 266.00 140.28
C ASN A 331 102.47 264.52 140.37
N TYR A 332 101.61 263.73 141.04
CA TYR A 332 101.77 262.30 141.21
C TYR A 332 100.96 261.63 140.09
N LEU A 333 101.53 260.70 139.31
CA LEU A 333 100.89 260.27 138.06
C LEU A 333 100.56 258.80 137.99
N SER A 334 101.33 257.94 138.65
CA SER A 334 101.10 256.52 138.52
C SER A 334 101.70 255.82 139.71
N LEU A 335 101.16 254.63 140.01
CA LEU A 335 101.47 253.88 141.19
C LEU A 335 101.54 252.45 140.75
N ASN A 336 102.64 251.80 141.10
CA ASN A 336 102.86 250.41 140.83
C ASN A 336 103.59 249.90 142.06
N GLN A 337 103.95 248.61 142.09
CA GLN A 337 104.72 248.07 143.17
C GLN A 337 105.73 247.07 142.65
N ASN A 338 106.72 246.81 143.49
CA ASN A 338 107.73 245.81 143.28
C ASN A 338 108.08 245.28 144.68
N CYS A 339 109.15 244.48 144.82
CA CYS A 339 109.67 243.93 146.07
C CYS A 339 110.08 244.96 147.11
N ASP A 340 110.63 246.11 146.65
CA ASP A 340 110.99 247.28 147.45
C ASP A 340 109.75 247.96 148.06
N GLY A 341 108.54 247.66 147.53
CA GLY A 341 107.28 248.18 148.02
C GLY A 341 106.57 248.94 146.93
N LEU A 342 105.99 250.10 147.25
CA LEU A 342 105.22 250.89 146.32
C LEU A 342 106.14 251.79 145.53
N VAL A 343 105.89 251.92 144.22
CA VAL A 343 106.68 252.72 143.30
C VAL A 343 105.77 253.78 142.72
N ILE A 344 106.06 255.05 142.97
CA ILE A 344 105.22 256.18 142.57
C ILE A 344 105.97 256.97 141.51
N LEU A 345 105.29 257.26 140.39
CA LEU A 345 105.82 258.12 139.36
C LEU A 345 105.33 259.52 139.63
N SER A 346 106.27 260.47 139.74
CA SER A 346 105.99 261.86 140.06
C SER A 346 106.67 262.77 139.08
N ALA A 347 105.97 263.81 138.60
CA ALA A 347 106.54 264.85 137.77
C ALA A 347 106.69 266.12 138.60
N ALA A 348 107.87 266.77 138.57
CA ALA A 348 108.12 267.98 139.31
C ALA A 348 108.75 269.04 138.42
N TRP A 349 108.39 270.32 138.61
CA TRP A 349 108.96 271.42 137.85
C TRP A 349 108.87 272.71 138.63
N HIS A 350 109.73 273.69 138.28
CA HIS A 350 109.71 275.03 138.84
C HIS A 350 109.49 276.02 137.69
N PRO A 351 108.44 276.86 137.63
CA PRO A 351 108.19 277.77 136.52
C PRO A 351 109.31 278.73 136.18
N GLY A 352 110.02 279.19 137.22
CA GLY A 352 111.05 280.21 137.15
C GLY A 352 112.43 279.69 136.81
N ASP A 353 112.56 278.37 136.72
CA ASP A 353 113.86 277.70 136.41
C ASP A 353 114.41 278.27 135.09
N ASN A 354 115.74 278.47 135.04
CA ASN A 354 116.40 279.03 133.83
C ASN A 354 116.15 278.09 132.64
N PRO A 355 116.21 276.75 132.80
CA PRO A 355 115.44 275.87 131.91
C PRO A 355 114.27 275.28 132.70
N CYS A 356 113.04 275.53 132.21
CA CYS A 356 111.81 275.02 132.88
C CYS A 356 111.54 273.57 132.45
N GLN A 357 112.46 272.66 132.78
CA GLN A 357 112.30 271.26 132.41
C GLN A 357 111.37 270.57 133.41
N ILE A 358 110.76 269.44 133.00
CA ILE A 358 109.96 268.61 133.87
C ILE A 358 110.80 267.44 134.30
N TYR A 359 110.99 267.24 135.60
CA TYR A 359 111.79 266.13 136.11
C TYR A 359 110.83 265.03 136.50
N TYR A 360 111.00 263.82 135.95
CA TYR A 360 110.20 262.66 136.28
C TYR A 360 110.98 261.86 137.29
N THR A 361 110.36 261.50 138.42
CA THR A 361 111.01 260.74 139.47
C THR A 361 110.27 259.47 139.75
N LEU A 362 111.02 258.44 140.15
CA LEU A 362 110.47 257.25 140.73
C LEU A 362 110.78 257.29 142.21
N VAL A 363 109.71 257.24 143.00
CA VAL A 363 109.77 257.29 144.44
C VAL A 363 109.37 255.93 144.97
N THR A 364 110.26 255.25 145.73
CA THR A 364 109.94 253.97 146.34
C THR A 364 109.82 254.10 147.84
N VAL A 365 108.69 253.58 148.39
CA VAL A 365 108.42 253.60 149.80
C VAL A 365 107.90 252.24 150.19
N LYS A 366 108.08 251.86 151.46
CA LYS A 366 107.55 250.62 152.00
C LYS A 366 106.09 250.81 152.42
N ASP A 367 105.21 249.82 152.13
CA ASP A 367 103.88 249.73 152.70
C ASP A 367 104.00 248.66 153.77
N GLU A 368 104.23 249.09 155.04
CA GLU A 368 104.34 248.18 156.15
C GLU A 368 103.42 248.67 157.25
N GLY A 369 102.27 247.99 157.40
CA GLY A 369 101.28 248.36 158.40
C GLY A 369 100.47 249.55 157.95
N TYR A 370 100.21 250.52 158.83
CA TYR A 370 99.37 251.65 158.44
C TYR A 370 100.11 252.96 158.35
N ASN A 371 101.45 252.98 158.40
CA ASN A 371 102.17 254.23 158.48
C ASN A 371 103.31 254.15 157.50
N ILE A 372 103.78 255.32 157.09
CA ILE A 372 104.93 255.46 156.24
C ILE A 372 106.21 255.32 157.06
N SER A 373 107.24 254.68 156.48
CA SER A 373 108.60 254.61 157.03
C SER A 373 109.37 255.87 156.74
N ASP A 374 110.51 256.07 157.42
CA ASP A 374 111.37 257.21 157.27
C ASP A 374 112.22 257.17 155.98
N GLU A 375 112.35 255.94 155.44
CA GLU A 375 113.13 255.58 154.28
C GLU A 375 112.30 255.73 153.00
N ILE A 376 112.61 256.80 152.26
CA ILE A 376 112.06 257.16 150.98
C ILE A 376 113.27 257.19 150.06
N THR A 377 113.23 256.54 148.89
CA THR A 377 114.26 256.75 147.89
C THR A 377 113.62 257.56 146.79
N VAL A 378 114.35 258.56 146.25
CA VAL A 378 113.90 259.29 145.08
C VAL A 378 114.94 259.10 144.03
N GLU A 379 114.52 258.58 142.86
CA GLU A 379 115.36 258.33 141.72
C GLU A 379 114.87 259.20 140.57
N VAL A 380 115.72 260.11 140.07
CA VAL A 380 115.40 261.04 138.99
C VAL A 380 115.76 260.42 137.65
N THR A 381 114.77 260.27 136.76
CA THR A 381 114.93 259.56 135.49
C THR A 381 115.67 260.39 134.45
N GLN A 382 116.06 259.75 133.32
CA GLN A 382 116.54 260.44 132.13
C GLN A 382 115.46 261.23 131.45
N PHE A 383 114.17 260.91 131.70
CA PHE A 383 113.11 261.55 130.97
C PHE A 383 112.93 262.94 131.57
N ASN A 384 113.32 263.95 130.80
CA ASN A 384 113.42 265.30 131.29
C ASN A 384 113.02 266.28 130.19
N PRO A 385 111.82 266.24 129.61
CA PRO A 385 111.42 267.16 128.58
C PRO A 385 111.21 268.58 129.09
N VAL A 386 111.22 269.55 128.17
CA VAL A 386 110.89 270.95 128.40
C VAL A 386 109.47 271.06 128.95
N PHE A 387 109.21 271.94 129.94
CA PHE A 387 107.83 272.24 130.31
C PHE A 387 107.12 272.98 129.16
N GLN A 388 105.92 272.48 128.84
CA GLN A 388 105.06 273.06 127.83
C GLN A 388 103.78 273.49 128.50
N ALA A 389 102.97 272.52 128.92
CA ALA A 389 101.74 272.79 129.60
C ALA A 389 101.48 271.65 130.53
N ARG A 390 100.77 271.91 131.66
CA ARG A 390 100.43 270.91 132.66
C ARG A 390 99.55 269.81 132.12
N GLY A 391 98.64 270.14 131.18
CA GLY A 391 97.80 269.15 130.50
C GLY A 391 98.55 268.21 129.56
N MET A 392 99.82 268.57 129.19
CA MET A 392 100.69 267.79 128.33
C MET A 392 101.67 266.95 129.13
N GLN A 393 101.60 266.99 130.48
CA GLN A 393 102.38 266.11 131.33
C GLN A 393 101.81 264.71 131.42
N LEU A 394 102.07 263.91 130.39
CA LEU A 394 101.53 262.59 130.27
C LEU A 394 102.68 261.62 130.26
N CYS A 395 102.54 260.54 131.05
CA CYS A 395 103.58 259.56 131.28
C CYS A 395 103.02 258.52 132.21
N GLN A 396 103.22 257.25 131.86
CA GLN A 396 102.72 256.13 132.60
C GLN A 396 103.86 255.18 132.93
N LEU A 397 103.57 254.28 133.89
CA LEU A 397 104.55 253.43 134.51
C LEU A 397 104.16 251.96 134.37
N VAL A 398 105.12 251.11 133.96
CA VAL A 398 105.02 249.64 133.95
C VAL A 398 106.20 249.07 134.73
N VAL A 399 105.93 248.05 135.57
CA VAL A 399 106.92 247.31 136.35
C VAL A 399 106.63 245.83 136.07
N PRO A 400 107.34 245.16 135.17
CA PRO A 400 106.97 243.81 134.74
C PRO A 400 107.58 242.81 135.68
N ASN A 401 108.80 243.12 136.17
CA ASN A 401 109.56 242.26 137.02
C ASN A 401 109.50 242.86 138.41
N PHE A 402 108.85 242.14 139.35
CA PHE A 402 108.73 242.50 140.75
C PHE A 402 110.07 242.58 141.52
N SER A 403 111.16 241.90 141.05
CA SER A 403 112.40 241.76 141.83
C SER A 403 113.71 242.27 141.22
N SER A 404 113.76 242.56 139.90
CA SER A 404 114.80 243.43 139.35
C SER A 404 114.27 244.83 139.53
N GLN A 405 115.10 245.82 139.89
CA GLN A 405 114.57 247.11 140.36
C GLN A 405 114.26 248.03 139.15
N ALA A 406 113.59 247.49 138.10
CA ALA A 406 113.47 248.08 136.79
C ALA A 406 112.05 248.48 136.44
N CYS A 407 111.93 249.72 135.93
CA CYS A 407 110.67 250.32 135.64
C CYS A 407 110.71 250.90 134.27
N TYR A 408 109.56 250.96 133.60
CA TYR A 408 109.51 251.39 132.23
C TYR A 408 108.55 252.56 132.22
N LEU A 409 109.06 253.76 131.92
CA LEU A 409 108.22 254.93 131.76
C LEU A 409 107.76 254.96 130.33
N TYR A 410 106.51 255.36 130.09
CA TYR A 410 106.05 255.46 128.75
C TYR A 410 105.12 256.62 128.49
N THR A 411 105.24 257.15 127.27
CA THR A 411 104.29 258.10 126.70
C THR A 411 103.79 257.46 125.43
N GLN A 412 103.31 258.25 124.45
CA GLN A 412 102.84 257.70 123.20
C GLN A 412 103.97 257.50 122.17
N GLU A 413 105.16 258.07 122.36
CA GLU A 413 106.22 258.07 121.35
C GLU A 413 107.50 257.40 121.80
N MET A 414 107.66 257.09 123.10
CA MET A 414 108.88 256.47 123.55
C MET A 414 108.73 255.86 124.92
N ILE A 415 109.63 254.89 125.15
CA ILE A 415 109.74 254.08 126.34
C ILE A 415 111.07 254.43 126.96
N PHE A 416 111.11 254.71 128.28
CA PHE A 416 112.35 254.88 129.00
C PHE A 416 112.49 253.73 129.97
N ALA A 417 113.53 252.90 129.79
CA ALA A 417 113.95 251.89 130.73
C ALA A 417 114.68 252.62 131.83
N CYS A 418 114.16 252.49 133.04
CA CYS A 418 114.59 253.24 134.18
C CYS A 418 114.81 252.29 135.32
N SER A 419 115.46 252.81 136.34
CA SER A 419 115.85 252.09 137.52
C SER A 419 115.03 252.63 138.69
N THR A 420 114.91 251.83 139.76
CA THR A 420 114.34 252.21 141.05
C THR A 420 115.31 251.81 142.13
N GLY A 421 115.01 252.26 143.37
CA GLY A 421 115.67 251.75 144.55
C GLY A 421 117.13 252.09 144.68
N THR A 422 117.97 251.13 145.08
CA THR A 422 119.42 251.29 145.09
C THR A 422 120.04 251.36 143.71
N GLY A 423 119.38 250.68 142.75
CA GLY A 423 119.90 250.51 141.40
C GLY A 423 120.85 249.34 141.23
N ARG A 424 121.03 248.50 142.27
CA ARG A 424 121.95 247.38 142.25
C ARG A 424 121.67 246.27 141.23
N SER A 425 120.40 245.89 141.02
CA SER A 425 120.06 244.84 140.07
C SER A 425 119.41 245.41 138.82
N THR A 426 119.55 246.73 138.59
CA THR A 426 118.86 247.39 137.51
C THR A 426 119.47 247.19 136.18
N LEU A 427 118.60 247.17 135.16
CA LEU A 427 119.02 247.08 133.79
C LEU A 427 119.53 248.44 133.28
N PRO A 428 120.39 248.51 132.25
CA PRO A 428 120.88 249.78 131.70
C PRO A 428 119.83 250.82 131.40
N GLN A 429 120.02 252.09 131.79
CA GLN A 429 119.03 253.10 131.46
C GLN A 429 119.06 253.51 130.00
N GLU A 430 117.92 253.39 129.30
CA GLU A 430 117.86 253.69 127.88
C GLU A 430 116.50 254.16 127.47
N LYS A 431 116.48 255.05 126.47
CA LYS A 431 115.29 255.54 125.82
C LYS A 431 115.10 254.79 124.52
N ILE A 432 113.92 254.19 124.35
CA ILE A 432 113.61 253.38 123.19
C ILE A 432 112.53 254.11 122.39
N PRO A 433 112.77 254.54 121.14
CA PRO A 433 111.84 255.36 120.39
C PRO A 433 110.86 254.52 119.58
N PHE A 434 109.58 254.89 119.62
CA PHE A 434 108.49 254.27 118.89
C PHE A 434 107.70 255.39 118.22
N GLU A 435 108.41 256.47 117.82
CA GLU A 435 107.85 257.69 117.29
C GLU A 435 107.88 257.75 115.76
N ALA A 436 108.62 256.82 115.11
CA ALA A 436 109.01 257.01 113.73
C ALA A 436 108.02 256.47 112.71
N GLN A 437 107.58 257.32 111.75
CA GLN A 437 106.82 256.90 110.56
C GLN A 437 105.36 256.52 110.83
N GLY A 438 104.70 257.33 111.69
CA GLY A 438 103.32 257.16 112.11
C GLY A 438 103.20 256.18 113.23
N ASP A 439 104.34 255.62 113.66
CA ASP A 439 104.43 254.74 114.79
C ASP A 439 104.09 255.39 116.13
N ASN A 440 103.61 254.58 117.09
CA ASN A 440 103.13 255.10 118.34
C ASN A 440 102.98 253.96 119.35
N ILE A 441 103.14 254.25 120.65
CA ILE A 441 102.87 253.37 121.78
C ILE A 441 101.42 253.48 122.17
N VAL A 442 100.63 252.46 121.81
CA VAL A 442 99.21 252.42 122.08
C VAL A 442 98.95 251.88 123.47
N GLY A 443 99.90 251.12 124.04
CA GLY A 443 99.70 250.55 125.35
C GLY A 443 100.87 249.73 125.75
N ALA A 444 100.90 249.30 127.00
CA ALA A 444 102.01 248.56 127.51
C ALA A 444 101.53 247.70 128.65
N GLY A 445 102.29 246.63 128.94
CA GLY A 445 101.98 245.78 130.07
C GLY A 445 103.09 244.81 130.28
N SER A 446 102.73 243.60 130.71
CA SER A 446 103.70 242.56 131.00
C SER A 446 103.04 241.26 130.65
N CYS A 447 103.80 240.30 130.10
CA CYS A 447 103.34 238.93 129.95
C CYS A 447 104.49 238.12 130.49
N GLU A 448 104.26 237.28 131.52
CA GLU A 448 105.25 236.41 132.14
C GLU A 448 106.49 237.15 132.72
N GLY A 449 106.32 238.41 133.19
CA GLY A 449 107.43 239.23 133.67
C GLY A 449 108.24 239.91 132.59
N TRP A 450 107.83 239.80 131.31
CA TRP A 450 108.49 240.41 130.18
C TRP A 450 107.84 241.76 129.89
N PRO A 451 108.53 242.91 129.81
CA PRO A 451 107.93 244.16 129.33
C PRO A 451 107.31 244.07 127.93
N VAL A 452 106.00 244.36 127.80
CA VAL A 452 105.28 244.23 126.54
C VAL A 452 104.82 245.60 126.13
N PHE A 453 105.07 245.98 124.87
CA PHE A 453 104.57 247.19 124.26
C PHE A 453 103.69 246.84 123.11
N PHE A 454 102.58 247.57 122.98
CA PHE A 454 101.70 247.44 121.85
C PHE A 454 101.87 248.68 121.03
N ILE A 455 102.42 248.46 119.82
CA ILE A 455 102.91 249.49 118.97
C ILE A 455 102.08 249.57 117.71
N ARG A 456 101.80 250.79 117.23
CA ARG A 456 100.95 251.04 116.09
C ARG A 456 101.43 250.39 114.79
N LYS A 457 102.75 250.43 114.51
CA LYS A 457 103.33 249.79 113.36
C LYS A 457 103.59 248.28 113.44
N SER A 458 103.86 247.73 114.65
CA SER A 458 104.47 246.43 114.80
C SER A 458 103.75 245.50 115.76
N GLY A 459 102.59 245.90 116.29
CA GLY A 459 101.84 245.06 117.22
C GLY A 459 102.50 244.86 118.56
N MET A 460 102.33 243.67 119.18
CA MET A 460 102.95 243.35 120.43
C MET A 460 104.44 243.14 120.29
N LEU A 461 105.23 243.78 121.14
CA LEU A 461 106.66 243.69 121.06
C LEU A 461 107.19 243.60 122.47
N THR A 462 108.26 242.82 122.70
CA THR A 462 108.89 242.74 124.00
C THR A 462 110.18 243.53 123.97
N VAL A 463 110.61 244.00 125.15
CA VAL A 463 111.89 244.65 125.37
C VAL A 463 112.71 243.78 126.26
N VAL A 464 113.74 243.16 125.69
CA VAL A 464 114.55 242.24 126.43
C VAL A 464 115.98 242.70 126.35
N ALA A 465 116.71 242.67 127.48
CA ALA A 465 118.12 242.96 127.52
C ALA A 465 118.94 242.07 126.59
N ARG A 466 120.03 242.58 126.00
CA ARG A 466 120.87 241.73 125.18
C ARG A 466 121.85 240.86 125.97
N LYS A 505 94.68 234.07 43.84
CA LYS A 505 95.91 234.81 43.37
C LYS A 505 97.14 234.34 44.13
N THR A 506 98.32 234.93 43.83
CA THR A 506 99.59 234.57 44.45
C THR A 506 99.63 234.80 45.95
N LYS A 507 98.91 235.82 46.44
CA LYS A 507 98.74 236.11 47.85
C LYS A 507 98.02 235.01 48.64
N HIS A 508 97.04 234.31 48.02
CA HIS A 508 96.32 233.24 48.67
C HIS A 508 97.11 231.97 48.79
N LEU A 509 97.81 231.59 47.72
CA LEU A 509 98.70 230.45 47.76
C LEU A 509 99.80 230.71 48.78
N LYS A 510 100.37 231.91 48.83
CA LYS A 510 101.38 232.25 49.78
C LYS A 510 100.86 232.49 51.19
N ALA A 511 99.55 232.36 51.44
CA ALA A 511 99.00 232.38 52.77
C ALA A 511 98.70 230.98 53.25
N ALA A 512 98.27 230.08 52.35
CA ALA A 512 98.17 228.69 52.69
C ALA A 512 99.53 228.06 52.92
N PHE A 513 100.56 228.48 52.17
CA PHE A 513 101.88 227.92 52.31
C PHE A 513 102.46 228.32 53.67
N LEU A 514 102.08 229.51 54.19
CA LEU A 514 102.39 229.93 55.54
C LEU A 514 101.52 229.32 56.65
N ARG A 515 100.35 228.75 56.33
CA ARG A 515 99.57 228.01 57.31
C ARG A 515 99.99 226.58 57.39
N TYR A 516 100.51 225.95 56.32
CA TYR A 516 101.19 224.67 56.40
C TYR A 516 102.44 224.81 57.23
N CYS A 517 103.16 225.95 57.19
CA CYS A 517 104.35 226.11 58.02
C CYS A 517 104.07 225.98 59.51
N ARG A 518 102.95 226.54 59.96
CA ARG A 518 102.51 226.41 61.32
C ARG A 518 101.87 225.07 61.67
N LYS A 519 101.40 224.29 60.67
CA LYS A 519 100.72 223.00 60.86
C LYS A 519 101.61 221.90 61.38
N ASP A 520 102.92 221.96 61.11
CA ASP A 520 103.90 221.09 61.70
C ASP A 520 104.02 221.31 63.21
N ILE A 521 103.86 222.57 63.67
CA ILE A 521 104.00 222.93 65.07
C ILE A 521 102.70 222.81 65.86
N LEU A 522 101.60 223.45 65.41
CA LEU A 522 100.32 223.43 66.10
C LEU A 522 99.20 223.64 65.10
N GLY A 523 97.96 223.25 65.46
CA GLY A 523 96.87 223.33 64.50
C GLY A 523 95.91 224.45 64.70
N ALA A 524 95.74 225.00 65.92
CA ALA A 524 94.66 225.93 66.22
C ALA A 524 94.64 227.18 65.35
N GLN A 525 95.78 227.87 65.18
CA GLN A 525 95.88 229.00 64.27
C GLN A 525 95.63 228.63 62.80
N SER A 526 96.11 227.48 62.35
CA SER A 526 95.98 227.13 60.94
C SER A 526 94.58 226.65 60.57
N MET A 527 93.82 226.20 61.58
CA MET A 527 92.42 225.85 61.48
C MET A 527 91.53 227.09 61.46
N VAL A 528 92.01 228.27 61.93
CA VAL A 528 91.22 229.48 61.79
C VAL A 528 91.52 230.19 60.47
N ASP A 529 92.67 229.87 59.84
CA ASP A 529 93.02 230.36 58.52
C ASP A 529 92.55 229.37 57.44
N SER A 530 91.90 228.27 57.85
CA SER A 530 91.06 227.48 56.97
C SER A 530 89.61 227.80 57.17
N LEU A 531 89.20 228.21 58.39
CA LEU A 531 87.87 228.73 58.65
C LEU A 531 87.64 230.11 58.03
N PHE A 532 88.68 230.97 58.02
CA PHE A 532 88.67 232.22 57.25
C PHE A 532 88.76 231.95 55.75
N SER A 533 89.16 230.73 55.35
CA SER A 533 89.10 230.30 53.97
C SER A 533 87.76 229.67 53.64
N ASP A 534 86.75 229.83 54.51
CA ASP A 534 85.34 229.70 54.14
C ASP A 534 84.73 231.12 53.98
N SER A 535 85.60 232.16 53.97
CA SER A 535 85.34 233.46 53.35
C SER A 535 85.86 233.40 51.92
N ASP A 536 85.87 232.20 51.33
CA ASP A 536 86.23 231.91 49.98
C ASP A 536 85.18 232.40 48.96
N MET A 537 85.23 231.82 47.76
CA MET A 537 84.24 232.07 46.74
C MET A 537 83.05 231.12 46.84
N GLU A 538 83.29 229.79 46.93
CA GLU A 538 82.28 228.72 46.92
C GLU A 538 81.49 228.46 45.59
N PRO A 539 81.82 228.85 44.34
CA PRO A 539 81.20 228.22 43.18
C PRO A 539 82.08 227.11 42.65
N ASP A 540 81.64 225.85 42.85
CA ASP A 540 82.29 224.60 42.50
C ASP A 540 83.13 224.55 41.22
N ASP A 541 82.56 225.00 40.08
CA ASP A 541 83.07 224.73 38.75
C ASP A 541 84.41 225.34 38.37
N GLU A 542 84.86 226.43 39.01
CA GLU A 542 86.19 226.94 38.68
C GLU A 542 86.90 227.68 39.80
N LEU A 543 86.20 228.18 40.83
CA LEU A 543 86.87 228.83 41.95
C LEU A 543 87.33 227.84 42.99
N ASP A 544 86.67 226.66 43.07
CA ASP A 544 87.19 225.55 43.83
C ASP A 544 88.30 224.88 43.04
N LEU A 545 88.35 225.16 41.73
CA LEU A 545 89.46 224.82 40.88
C LEU A 545 90.52 225.94 40.89
N ALA A 546 90.31 226.98 41.73
CA ALA A 546 91.26 228.04 41.99
C ALA A 546 91.95 227.92 43.33
N VAL A 547 91.47 227.03 44.22
CA VAL A 547 92.20 226.60 45.40
C VAL A 547 92.81 225.26 45.13
N ASN A 548 92.38 224.62 44.03
CA ASN A 548 93.01 223.46 43.44
C ASN A 548 94.36 223.78 42.85
N GLN A 549 94.43 224.90 42.11
CA GLN A 549 95.65 225.33 41.47
C GLN A 549 96.59 225.95 42.50
N ILE A 550 96.15 225.98 43.76
CA ILE A 550 96.96 226.36 44.92
C ILE A 550 97.54 225.13 45.61
N SER A 551 96.70 224.12 45.89
CA SER A 551 97.16 222.87 46.47
C SER A 551 98.07 222.12 45.53
N VAL A 552 97.79 222.18 44.21
CA VAL A 552 98.69 221.70 43.19
C VAL A 552 100.02 222.48 43.08
N ASP A 553 100.02 223.82 43.21
CA ASP A 553 101.22 224.61 43.09
C ASP A 553 102.17 224.41 44.28
N LEU A 554 101.64 223.98 45.45
CA LEU A 554 102.46 223.60 46.58
C LEU A 554 102.97 222.18 46.56
N ILE A 555 102.22 221.25 45.93
CA ILE A 555 102.72 219.91 45.67
C ILE A 555 103.71 219.91 44.54
N ASP A 556 103.94 221.04 43.84
CA ASP A 556 105.00 221.17 42.87
C ASP A 556 106.21 221.88 43.45
N ASP A 557 106.03 222.63 44.56
CA ASP A 557 107.13 223.23 45.27
C ASP A 557 107.65 222.30 46.36
N TYR A 558 106.89 221.31 46.88
CA TYR A 558 107.44 220.32 47.81
C TYR A 558 108.35 219.25 47.14
N PRO A 559 108.11 218.80 45.88
CA PRO A 559 109.05 218.06 45.04
C PRO A 559 110.16 218.87 44.46
N ALA A 560 110.02 220.20 44.30
CA ALA A 560 111.12 221.03 43.82
C ALA A 560 112.28 221.19 44.80
N SER A 561 113.03 222.32 44.73
CA SER A 561 114.01 222.71 45.73
C SER A 561 113.44 222.87 47.13
N ASP A 562 114.13 223.57 48.07
CA ASP A 562 113.49 224.08 49.28
C ASP A 562 112.12 224.76 49.01
N PRO A 563 111.02 224.20 49.52
CA PRO A 563 109.69 224.66 49.21
C PRO A 563 109.40 226.03 49.81
N ARG A 564 108.73 226.93 49.08
CA ARG A 564 108.48 228.31 49.53
C ARG A 564 107.61 228.51 50.79
N TRP A 565 107.11 227.43 51.44
CA TRP A 565 106.50 227.45 52.76
C TRP A 565 107.51 227.61 53.89
N ALA A 566 108.74 227.09 53.63
CA ALA A 566 109.86 227.14 54.52
C ALA A 566 110.35 228.55 54.74
N GLU A 567 111.02 228.81 55.88
CA GLU A 567 111.66 230.07 56.28
C GLU A 567 111.20 230.37 57.69
N SER A 568 109.90 230.66 57.84
CA SER A 568 109.23 230.96 59.10
C SER A 568 109.30 229.82 60.10
N VAL A 569 109.01 228.60 59.62
CA VAL A 569 109.15 227.39 60.40
C VAL A 569 110.28 226.62 59.77
N PRO A 570 111.34 226.28 60.49
CA PRO A 570 112.48 225.63 59.87
C PRO A 570 112.36 224.15 60.20
N GLU A 571 111.32 223.52 59.64
CA GLU A 571 111.04 222.10 59.74
C GLU A 571 112.00 221.29 58.89
N GLU A 572 111.54 220.18 58.29
CA GLU A 572 112.31 219.35 57.38
C GLU A 572 112.30 219.95 55.96
N ALA A 573 111.68 221.14 55.84
CA ALA A 573 111.65 221.92 54.65
C ALA A 573 112.98 222.58 54.34
N ALA A 574 113.67 223.10 55.38
CA ALA A 574 114.90 223.91 55.35
C ALA A 574 115.78 223.85 54.13
N GLY A 575 116.32 225.03 53.70
CA GLY A 575 117.20 225.19 52.55
C GLY A 575 118.47 224.41 52.64
N PHE A 576 118.35 223.11 52.31
CA PHE A 576 119.52 222.20 52.25
C PHE A 576 120.19 222.41 50.88
N SER A 577 121.52 222.48 50.85
CA SER A 577 122.24 222.74 49.57
C SER A 577 121.99 221.64 48.55
N ASN A 578 121.74 222.05 47.29
CA ASN A 578 121.48 221.15 46.13
C ASN A 578 122.73 220.34 45.77
N THR A 579 123.92 220.91 46.05
CA THR A 579 125.23 220.30 45.71
C THR A 579 125.70 219.35 46.82
N SER A 580 124.90 219.16 47.87
CA SER A 580 125.27 218.27 49.00
C SER A 580 125.52 216.85 48.47
N LEU A 581 126.58 216.21 48.98
CA LEU A 581 126.97 214.83 48.54
C LEU A 581 125.82 213.87 48.90
N ILE A 582 125.23 214.04 50.08
CA ILE A 582 124.10 213.18 50.54
C ILE A 582 122.80 213.75 49.96
N LEU A 583 122.60 213.60 48.65
CA LEU A 583 121.38 214.11 47.97
C LEU A 583 120.20 213.18 48.30
N LEU A 584 120.38 211.87 48.11
CA LEU A 584 119.32 210.90 48.40
C LEU A 584 118.57 211.11 49.72
N HIS A 585 119.27 211.26 50.88
CA HIS A 585 118.62 211.54 52.16
C HIS A 585 117.84 212.84 52.13
N GLN A 586 118.31 213.85 51.36
CA GLN A 586 117.61 215.10 51.20
C GLN A 586 116.29 214.96 50.47
N LEU A 587 116.18 213.99 49.56
CA LEU A 587 114.97 213.73 48.81
C LEU A 587 114.04 212.76 49.51
N GLU A 588 114.54 211.91 50.43
CA GLU A 588 113.73 211.15 51.38
C GLU A 588 112.98 212.06 52.34
N ASP A 589 113.66 213.10 52.87
CA ASP A 589 113.07 214.19 53.63
C ASP A 589 111.95 214.91 52.88
N LYS A 590 112.00 214.95 51.53
CA LYS A 590 110.95 215.59 50.75
C LYS A 590 109.78 214.68 50.43
N MET A 591 109.93 213.35 50.50
CA MET A 591 108.80 212.43 50.44
C MET A 591 108.09 212.38 51.78
N LYS A 592 108.83 212.60 52.88
CA LYS A 592 108.23 212.80 54.19
C LYS A 592 107.54 214.16 54.30
N ALA A 593 108.17 215.24 53.81
CA ALA A 593 107.56 216.56 53.74
C ALA A 593 106.29 216.58 52.89
N HIS A 594 106.27 215.85 51.76
CA HIS A 594 105.07 215.71 50.96
C HIS A 594 104.06 214.75 51.57
N SER A 595 104.46 213.94 52.57
CA SER A 595 103.58 213.04 53.31
C SER A 595 102.88 213.74 54.47
N PHE A 596 103.60 214.55 55.27
CA PHE A 596 102.95 215.39 56.26
C PHE A 596 102.16 216.51 55.61
N PHE A 597 102.53 216.92 54.39
CA PHE A 597 101.72 217.79 53.60
C PHE A 597 100.38 217.19 53.17
N VAL A 598 100.28 215.90 52.83
CA VAL A 598 98.99 215.31 52.47
C VAL A 598 98.11 215.11 53.71
N ASP A 599 98.72 214.82 54.87
CA ASP A 599 98.05 214.74 56.16
C ASP A 599 97.52 216.09 56.67
N PHE A 600 98.24 217.21 56.42
CA PHE A 600 97.84 218.53 56.86
C PHE A 600 96.96 219.22 55.84
N LEU A 601 96.63 218.48 54.77
CA LEU A 601 95.46 218.72 53.97
C LEU A 601 94.30 217.89 54.50
N HIS A 602 94.45 216.56 54.69
CA HIS A 602 93.37 215.67 55.14
C HIS A 602 92.67 216.09 56.42
N GLN A 603 93.43 216.57 57.44
CA GLN A 603 92.83 217.11 58.65
C GLN A 603 92.18 218.47 58.56
N VAL A 604 92.88 219.40 57.90
CA VAL A 604 92.38 220.80 57.74
C VAL A 604 91.34 220.86 56.61
N GLY A 605 90.35 219.97 56.65
CA GLY A 605 89.29 219.95 55.61
C GLY A 605 89.86 219.75 54.22
N LEU A 606 89.50 220.65 53.29
CA LEU A 606 90.03 220.66 51.90
C LEU A 606 89.74 219.32 51.21
N PHE A 607 88.54 218.76 51.43
CA PHE A 607 88.14 217.48 50.80
C PHE A 607 87.31 217.78 49.55
N SER A 608 87.86 218.57 48.63
CA SER A 608 87.19 218.97 47.39
C SER A 608 88.16 219.11 46.23
N ARG A 609 88.05 220.22 45.45
CA ARG A 609 88.92 220.73 44.40
C ARG A 609 89.69 219.78 43.49
N LEU A 610 89.30 219.67 42.18
CA LEU A 610 89.83 218.66 41.28
C LEU A 610 90.02 219.13 39.81
N SER A 611 91.09 219.88 39.44
CA SER A 611 91.35 220.42 38.08
C SER A 611 92.33 219.64 37.22
N THR A 612 92.39 218.29 37.25
CA THR A 612 93.37 217.58 36.44
C THR A 612 93.20 217.72 34.96
N CYS A 613 91.96 217.57 34.50
CA CYS A 613 91.56 217.77 33.13
C CYS A 613 92.40 216.99 32.12
N GLN A 614 93.20 217.70 31.31
CA GLN A 614 94.10 217.13 30.34
C GLN A 614 95.51 217.70 30.49
N THR A 615 96.51 216.82 30.67
CA THR A 615 97.92 217.22 30.79
C THR A 615 98.75 216.25 29.98
N LYS A 616 99.52 216.72 28.99
CA LYS A 616 100.47 215.91 28.21
C LYS A 616 99.89 214.62 27.58
N GLY A 617 98.64 214.69 27.05
CA GLY A 617 97.93 213.55 26.48
C GLY A 617 97.27 212.65 27.49
N MET A 618 97.36 212.98 28.79
CA MET A 618 96.78 212.19 29.83
C MET A 618 95.51 212.87 30.33
N LEU A 619 94.43 212.06 30.46
CA LEU A 619 93.20 212.49 31.06
C LEU A 619 93.16 211.84 32.40
N VAL A 620 92.66 212.58 33.38
CA VAL A 620 92.75 212.22 34.77
C VAL A 620 91.45 212.69 35.38
N ALA A 621 90.78 211.87 36.18
CA ALA A 621 89.51 212.25 36.77
C ALA A 621 89.53 213.43 37.77
N THR A 622 90.54 213.49 38.66
CA THR A 622 90.47 214.34 39.84
C THR A 622 91.87 214.91 40.20
N ARG A 623 92.04 216.20 40.65
CA ARG A 623 93.34 216.79 41.10
C ARG A 623 94.05 215.99 42.11
N LEU A 624 93.32 215.31 42.98
CA LEU A 624 93.88 214.40 43.93
C LEU A 624 94.69 213.24 43.32
N LEU A 625 94.44 212.85 42.04
CA LEU A 625 95.36 212.02 41.29
C LEU A 625 96.72 212.68 41.04
N LEU A 626 96.81 214.02 40.94
CA LEU A 626 98.09 214.73 40.87
C LEU A 626 98.90 214.69 42.14
N SER A 627 98.29 214.57 43.35
CA SER A 627 99.08 214.32 44.56
C SER A 627 99.68 212.93 44.53
N GLU A 628 98.87 211.91 44.22
CA GLU A 628 99.32 210.54 43.99
C GLU A 628 100.37 210.45 42.87
N HIS A 629 100.19 211.17 41.75
CA HIS A 629 101.14 211.25 40.66
C HIS A 629 102.46 211.93 41.02
N ALA A 630 102.46 213.00 41.82
CA ALA A 630 103.68 213.61 42.30
C ALA A 630 104.38 212.76 43.36
N GLU A 631 103.62 212.00 44.19
CA GLU A 631 104.18 210.96 45.06
C GLU A 631 104.83 209.80 44.30
N LYS A 632 104.17 209.24 43.26
CA LYS A 632 104.73 208.12 42.50
C LYS A 632 106.02 208.53 41.80
N LEU A 633 106.08 209.78 41.32
CA LEU A 633 107.25 210.33 40.68
C LEU A 633 108.14 211.03 41.67
N SER A 634 107.92 210.87 42.99
CA SER A 634 108.96 211.12 43.97
C SER A 634 109.49 209.83 44.56
N ALA A 635 108.83 208.69 44.28
CA ALA A 635 109.38 207.37 44.54
C ALA A 635 110.29 206.92 43.40
N ALA A 636 109.98 207.34 42.16
CA ALA A 636 110.80 207.11 41.00
C ALA A 636 112.19 207.73 41.07
N ILE A 637 112.26 208.96 41.61
CA ILE A 637 113.47 209.72 41.83
C ILE A 637 114.40 209.07 42.83
N VAL A 638 113.89 208.58 43.97
CA VAL A 638 114.69 207.93 44.98
C VAL A 638 115.19 206.59 44.50
N LEU A 639 114.44 205.93 43.62
CA LEU A 639 114.88 204.68 43.01
C LEU A 639 116.06 204.85 42.06
N LYS A 640 116.09 205.92 41.24
CA LYS A 640 117.22 206.17 40.35
C LYS A 640 118.30 207.02 40.99
N ASN A 641 118.08 207.47 42.23
CA ASN A 641 119.12 207.99 43.10
C ASN A 641 119.80 206.84 43.85
N HIS A 642 119.05 205.77 44.19
CA HIS A 642 119.60 204.54 44.76
C HIS A 642 120.51 203.82 43.77
N HIS A 643 120.15 203.82 42.48
CA HIS A 643 121.00 203.33 41.43
C HIS A 643 121.79 204.42 40.73
N ALA A 644 123.01 204.71 41.19
CA ALA A 644 123.87 205.68 40.57
C ALA A 644 125.14 205.02 40.07
N LYS A 645 125.32 204.97 38.74
CA LYS A 645 126.50 204.41 38.12
C LYS A 645 126.82 205.24 36.90
N LEU A 646 128.08 205.17 36.42
CA LEU A 646 128.54 205.99 35.32
C LEU A 646 127.69 205.95 34.04
N PRO A 647 127.19 204.84 33.46
CA PRO A 647 126.28 204.89 32.30
C PRO A 647 125.03 205.73 32.53
N VAL A 648 124.32 205.56 33.67
CA VAL A 648 123.09 206.29 33.93
C VAL A 648 123.32 207.78 34.16
N LEU A 649 124.40 208.13 34.89
CA LEU A 649 124.79 209.50 35.11
C LEU A 649 125.28 210.21 33.85
N VAL A 650 125.83 209.46 32.87
CA VAL A 650 126.12 210.02 31.56
C VAL A 650 124.86 210.28 30.75
N ASN A 651 123.92 209.31 30.71
CA ASN A 651 122.63 209.43 30.05
C ASN A 651 121.81 210.58 30.65
N SER A 652 121.88 210.78 31.97
CA SER A 652 121.35 211.97 32.63
C SER A 652 121.95 213.29 32.20
N ALA A 653 123.28 213.44 32.22
CA ALA A 653 123.96 214.67 31.82
C ALA A 653 123.65 215.09 30.39
N ILE A 654 123.51 214.13 29.46
CA ILE A 654 123.02 214.39 28.11
C ILE A 654 121.59 214.90 28.06
N GLN A 655 120.66 214.30 28.81
CA GLN A 655 119.26 214.69 28.91
C GLN A 655 119.09 216.11 29.41
N LEU A 656 119.75 216.45 30.52
CA LEU A 656 119.68 217.74 31.18
C LEU A 656 120.21 218.88 30.31
N ALA A 657 121.32 218.62 29.58
CA ALA A 657 121.91 219.53 28.63
C ALA A 657 121.12 219.73 27.34
N LEU A 658 120.26 218.75 26.97
CA LEU A 658 119.32 218.89 25.89
C LEU A 658 118.12 219.76 26.25
N ASP A 659 117.53 219.59 27.45
CA ASP A 659 116.44 220.42 27.92
C ASP A 659 116.86 221.88 28.12
N LYS A 660 118.04 222.15 28.72
CA LYS A 660 118.58 223.49 28.86
C LYS A 660 120.04 223.47 29.25
N ARG A 661 120.71 224.64 29.34
CA ARG A 661 122.04 224.70 29.90
C ARG A 661 122.07 224.61 31.41
N MET A 662 123.23 224.17 31.95
CA MET A 662 123.43 224.04 33.37
C MET A 662 124.39 225.09 33.86
N THR A 670 123.89 216.54 37.15
CA THR A 670 123.93 217.99 36.96
C THR A 670 122.92 218.78 37.78
N ALA A 671 121.69 218.32 37.98
CA ALA A 671 120.86 218.78 39.07
C ALA A 671 119.79 217.73 39.22
N ALA A 672 118.90 217.81 40.22
CA ALA A 672 117.83 216.85 40.27
C ALA A 672 116.48 217.34 40.73
N ASP A 673 116.40 218.34 41.62
CA ASP A 673 115.16 218.85 42.18
C ASP A 673 114.11 219.27 41.13
N VAL A 674 114.56 219.75 39.96
CA VAL A 674 113.66 220.13 38.89
C VAL A 674 113.40 219.00 37.90
N TYR A 675 114.18 217.91 37.97
CA TYR A 675 114.10 216.75 37.10
C TYR A 675 113.43 215.62 37.86
N PHE A 676 112.72 215.99 38.93
CA PHE A 676 111.93 215.12 39.75
C PHE A 676 110.48 215.48 39.59
N ARG A 677 110.20 216.79 39.62
CA ARG A 677 108.94 217.33 39.12
C ARG A 677 108.74 216.94 37.65
N GLU A 678 109.86 216.84 36.89
CA GLU A 678 109.86 216.27 35.56
C GLU A 678 110.90 215.15 35.36
N VAL A 679 110.78 214.02 36.10
CA VAL A 679 111.61 212.83 35.90
C VAL A 679 111.17 212.00 34.70
N SER A 680 109.94 212.22 34.21
CA SER A 680 109.36 211.52 33.07
C SER A 680 110.15 211.72 31.78
N GLN A 681 110.82 212.87 31.68
CA GLN A 681 111.68 213.22 30.57
C GLN A 681 113.02 212.49 30.61
N MET A 682 113.48 212.03 31.78
CA MET A 682 114.77 211.38 31.94
C MET A 682 114.67 209.89 31.70
N GLU A 683 113.52 209.49 31.14
CA GLU A 683 113.26 208.15 30.72
C GLU A 683 113.11 208.04 29.22
N ILE A 684 112.65 209.12 28.55
CA ILE A 684 112.56 209.16 27.09
C ILE A 684 113.91 209.48 26.50
N ILE A 685 114.86 209.97 27.33
CA ILE A 685 116.19 210.32 26.87
C ILE A 685 117.24 209.31 27.31
N PHE A 686 117.00 208.49 28.36
CA PHE A 686 118.01 207.50 28.76
C PHE A 686 117.73 206.22 27.96
N GLU A 687 116.74 206.33 27.06
CA GLU A 687 116.44 205.43 25.97
C GLU A 687 117.10 205.90 24.68
N CYS A 688 117.04 207.20 24.33
CA CYS A 688 117.77 207.76 23.18
C CYS A 688 119.28 207.71 23.35
N LEU A 689 119.75 207.52 24.59
CA LEU A 689 121.14 207.32 24.91
C LEU A 689 121.46 205.85 25.09
N VAL A 690 120.45 204.96 25.04
CA VAL A 690 120.73 203.53 24.90
C VAL A 690 120.78 203.20 23.43
N ASP A 691 120.10 203.98 22.55
CA ASP A 691 120.10 203.84 21.10
C ASP A 691 121.33 204.41 20.42
N LYS A 692 121.89 205.52 20.93
CA LYS A 692 123.14 206.04 20.42
C LYS A 692 124.34 205.36 21.01
N GLU A 693 124.19 204.79 22.22
CA GLU A 693 125.07 203.75 22.67
C GLU A 693 124.88 202.54 21.81
N GLU A 694 123.66 202.04 21.49
CA GLU A 694 123.38 200.94 20.56
C GLU A 694 123.94 201.04 19.15
N ALA A 695 124.01 202.23 18.55
CA ALA A 695 124.63 202.45 17.26
C ALA A 695 126.13 202.11 17.26
N ASP A 696 126.79 202.31 18.41
CA ASP A 696 128.18 201.97 18.66
C ASP A 696 128.29 200.64 19.45
N LEU A 697 127.18 199.89 19.68
CA LEU A 697 127.19 198.56 20.34
C LEU A 697 127.84 197.49 19.48
N GLU A 698 127.93 197.75 18.15
CA GLU A 698 128.49 196.87 17.14
C GLU A 698 127.89 195.45 17.17
N SER A 699 126.60 195.35 17.54
CA SER A 699 125.87 194.12 17.71
C SER A 699 125.23 193.64 16.43
N THR A 700 126.03 193.63 15.36
CA THR A 700 125.70 193.20 14.00
C THR A 700 125.31 191.73 13.94
N SER A 701 125.99 190.88 14.74
CA SER A 701 125.68 189.47 14.88
C SER A 701 126.26 189.10 16.22
N ILE A 702 126.54 187.81 16.46
CA ILE A 702 127.05 187.21 17.66
C ILE A 702 128.33 187.76 18.31
N ASP A 703 129.06 188.68 17.68
CA ASP A 703 130.34 189.20 18.17
C ASP A 703 130.24 190.00 19.47
N SER A 704 129.34 190.99 19.49
CA SER A 704 129.04 191.86 20.61
C SER A 704 128.41 191.14 21.79
N VAL A 705 128.91 191.38 23.01
CA VAL A 705 128.39 190.75 24.20
C VAL A 705 128.16 191.76 25.30
N GLU A 706 129.22 192.52 25.68
CA GLU A 706 129.26 193.52 26.70
C GLU A 706 128.29 194.62 26.41
N TRP A 707 128.10 194.87 25.13
CA TRP A 707 127.23 195.86 24.61
C TRP A 707 125.75 195.45 24.62
N ALA A 708 125.45 194.14 24.67
CA ALA A 708 124.09 193.66 24.92
C ALA A 708 123.85 193.48 26.42
N ASN A 709 124.86 193.74 27.26
CA ASN A 709 124.69 193.75 28.70
C ASN A 709 124.36 195.15 29.20
N ILE A 710 124.76 196.21 28.49
CA ILE A 710 124.45 197.58 28.86
C ILE A 710 123.03 197.98 28.48
N VAL A 711 122.48 197.37 27.40
CA VAL A 711 121.11 197.60 26.97
C VAL A 711 120.13 196.97 27.96
N VAL A 712 120.56 195.90 28.66
CA VAL A 712 119.79 195.24 29.69
C VAL A 712 119.85 195.96 31.03
N ASN A 713 121.01 196.54 31.40
CA ASN A 713 121.16 197.37 32.61
C ASN A 713 120.24 198.59 32.65
N VAL A 714 119.98 199.22 31.50
CA VAL A 714 118.95 200.26 31.41
C VAL A 714 117.53 199.69 31.51
N ASN A 715 117.26 198.54 30.85
CA ASN A 715 115.98 197.84 30.92
C ASN A 715 115.60 197.44 32.34
N THR A 716 116.56 197.01 33.17
CA THR A 716 116.33 196.72 34.58
C THR A 716 115.94 197.93 35.40
N ILE A 717 116.60 199.09 35.22
CA ILE A 717 116.30 200.33 35.95
C ILE A 717 115.00 201.02 35.56
N LEU A 718 114.67 201.11 34.25
CA LEU A 718 113.37 201.63 33.85
C LEU A 718 112.25 200.74 34.35
N LYS A 719 112.50 199.42 34.41
CA LYS A 719 111.59 198.47 34.97
C LYS A 719 111.33 198.57 36.46
N ASP A 720 112.38 198.61 37.31
CA ASP A 720 112.17 198.70 38.74
C ASP A 720 111.68 200.06 39.18
N MET A 721 111.98 201.12 38.43
CA MET A 721 111.27 202.38 38.50
C MET A 721 109.78 202.30 38.21
N LEU A 722 109.31 201.46 37.28
CA LEU A 722 107.89 201.25 37.16
C LEU A 722 107.32 200.35 38.25
N HIS A 723 108.12 199.42 38.83
CA HIS A 723 107.77 198.64 40.02
C HIS A 723 107.50 199.53 41.24
N VAL A 724 108.31 200.58 41.44
CA VAL A 724 108.18 201.55 42.52
C VAL A 724 106.96 202.44 42.40
N ALA A 725 106.54 202.81 41.18
CA ALA A 725 105.32 203.59 41.02
C ALA A 725 104.09 202.76 41.35
N CYS A 726 104.14 201.44 41.05
CA CYS A 726 103.10 200.48 41.37
C CYS A 726 102.90 200.22 42.84
N GLN A 727 103.98 199.96 43.60
CA GLN A 727 103.87 199.66 45.02
C GLN A 727 103.54 200.88 45.85
N TYR A 728 103.74 202.09 45.31
CA TYR A 728 103.36 203.31 45.98
C TYR A 728 101.91 203.65 45.66
N ARG A 729 101.27 202.84 44.79
CA ARG A 729 99.85 202.88 44.54
C ARG A 729 99.15 201.70 45.17
N GLN A 730 99.90 200.85 45.87
CA GLN A 730 99.36 199.85 46.76
C GLN A 730 99.33 200.41 48.17
N SER A 731 100.25 201.31 48.52
CA SER A 731 100.25 202.06 49.77
C SER A 731 99.30 203.25 49.72
N LYS A 732 98.02 202.99 49.38
CA LYS A 732 96.94 203.95 49.45
C LYS A 732 96.59 204.39 50.88
N ASN A 733 95.61 205.33 51.00
CA ASN A 733 95.12 205.82 52.28
C ASN A 733 93.60 205.77 52.33
N SER A 734 92.94 205.75 51.15
CA SER A 734 91.49 205.62 51.01
C SER A 734 90.97 204.32 51.57
N LEU A 735 89.85 204.37 52.32
CA LEU A 735 89.27 203.19 52.93
C LEU A 735 88.27 202.55 51.97
N TYR A 736 88.11 203.11 50.75
CA TYR A 736 87.29 202.53 49.71
C TYR A 736 88.16 202.14 48.52
N LYS A 737 89.21 202.94 48.21
CA LYS A 737 90.07 202.68 47.07
C LYS A 737 91.23 201.82 47.51
N ASN A 738 91.14 200.50 47.27
CA ASN A 738 92.14 199.53 47.67
C ASN A 738 92.19 199.41 49.20
N GLU A 739 91.18 198.77 49.82
CA GLU A 739 91.06 198.62 51.27
C GLU A 739 92.28 197.94 51.93
N SER A 740 92.89 196.96 51.24
CA SER A 740 94.17 196.36 51.62
C SER A 740 95.30 197.39 51.71
N GLY A 741 96.13 197.34 52.78
CA GLY A 741 97.12 198.39 53.02
C GLY A 741 96.60 199.49 53.91
N ILE A 742 95.33 199.40 54.35
CA ILE A 742 94.67 200.40 55.16
C ILE A 742 94.37 199.81 56.54
N GLN A 743 93.10 199.73 56.94
CA GLN A 743 92.67 199.14 58.20
C GLN A 743 92.28 197.69 57.96
N GLU A 744 92.48 197.21 56.72
CA GLU A 744 92.13 195.90 56.25
C GLU A 744 93.40 195.15 55.86
N PRO A 745 93.44 193.82 55.83
CA PRO A 745 94.64 193.03 55.58
C PRO A 745 95.45 193.38 54.34
N GLU A 746 96.76 193.66 54.47
CA GLU A 746 97.64 194.01 53.36
C GLU A 746 98.33 192.79 52.76
N HIS A 747 97.87 191.58 53.12
CA HIS A 747 98.38 190.30 52.67
C HIS A 747 97.97 189.97 51.23
N VAL A 748 97.01 190.75 50.70
CA VAL A 748 96.49 190.58 49.35
C VAL A 748 96.50 191.96 48.69
N PRO A 749 97.45 192.37 47.87
CA PRO A 749 97.43 193.70 47.28
C PRO A 749 96.36 193.81 46.21
N TRP A 750 95.84 195.03 46.00
CA TRP A 750 94.92 195.29 44.91
C TRP A 750 95.68 195.46 43.62
N THR A 751 94.96 195.47 42.46
CA THR A 751 95.47 195.70 41.11
C THR A 751 96.83 196.38 41.04
N ALA A 752 97.85 195.71 40.48
CA ALA A 752 99.24 196.15 40.64
C ALA A 752 99.62 197.29 39.71
N SER A 753 98.61 197.90 39.09
CA SER A 753 98.67 199.10 38.29
C SER A 753 99.07 200.31 39.10
N SER A 754 99.78 201.24 38.47
CA SER A 754 100.08 202.49 39.11
C SER A 754 98.94 203.49 38.96
N GLY A 755 97.85 203.15 38.25
CA GLY A 755 96.75 204.09 37.94
C GLY A 755 97.23 205.27 37.13
N THR A 756 98.29 205.03 36.34
CA THR A 756 98.83 205.95 35.37
C THR A 756 97.84 206.10 34.24
N ALA A 757 97.82 207.27 33.59
CA ALA A 757 96.80 207.64 32.64
C ALA A 757 97.17 207.36 31.18
N GLY A 758 98.35 206.73 30.97
CA GLY A 758 98.88 206.33 29.67
C GLY A 758 99.42 207.47 28.84
N ILE A 759 100.56 208.03 29.28
CA ILE A 759 101.29 209.13 28.66
C ILE A 759 101.72 208.79 27.24
N ARG A 760 101.69 209.74 26.31
CA ARG A 760 101.98 209.41 24.93
C ARG A 760 103.45 209.54 24.56
N SER A 761 104.30 209.80 25.58
CA SER A 761 105.75 209.76 25.43
C SER A 761 106.35 208.70 26.34
N VAL A 762 105.82 208.53 27.57
CA VAL A 762 106.15 207.43 28.48
C VAL A 762 105.75 206.08 27.88
N VAL A 763 104.56 205.95 27.29
CA VAL A 763 104.16 204.73 26.59
C VAL A 763 104.99 204.45 25.34
N THR A 764 105.31 205.48 24.53
CA THR A 764 106.13 205.34 23.33
C THR A 764 107.53 204.84 23.62
N ARG A 765 108.20 205.31 24.70
CA ARG A 765 109.50 204.75 25.07
C ARG A 765 109.45 203.33 25.59
N GLN A 766 108.27 202.84 26.06
CA GLN A 766 108.10 201.44 26.42
C GLN A 766 107.87 200.54 25.21
N HIS A 767 107.08 201.01 24.23
CA HIS A 767 106.91 200.30 22.95
C HIS A 767 108.12 200.46 22.03
N GLY A 768 109.08 201.35 22.37
CA GLY A 768 110.38 201.40 21.73
C GLY A 768 111.31 200.33 22.25
N ILE A 769 111.39 200.17 23.58
CA ILE A 769 112.32 199.23 24.18
C ILE A 769 111.85 197.80 24.14
N ILE A 770 110.55 197.54 23.89
CA ILE A 770 110.10 196.22 23.46
C ILE A 770 110.68 195.84 22.11
N LEU A 771 110.81 196.78 21.17
CA LEU A 771 111.21 196.44 19.82
C LEU A 771 112.71 196.36 19.76
N LYS A 772 113.37 196.64 20.90
CA LYS A 772 114.66 196.09 21.22
C LYS A 772 114.52 194.67 21.77
N VAL A 773 113.69 193.86 21.07
CA VAL A 773 113.64 192.40 21.07
C VAL A 773 114.46 191.92 19.89
N TYR A 774 114.99 192.88 19.10
CA TYR A 774 116.07 192.69 18.15
C TYR A 774 117.34 192.08 18.79
N PRO A 775 117.83 192.39 20.00
CA PRO A 775 118.88 191.66 20.67
C PRO A 775 118.63 190.19 20.91
N GLN A 776 117.39 189.71 21.19
CA GLN A 776 117.18 188.31 21.54
C GLN A 776 117.36 187.38 20.35
N ALA A 777 117.44 187.96 19.14
CA ALA A 777 117.89 187.29 17.94
C ALA A 777 119.34 186.79 18.01
N ASP A 778 120.25 187.58 18.63
CA ASP A 778 121.67 187.26 18.77
C ASP A 778 122.11 187.46 20.22
N SER A 779 122.03 186.40 21.05
CA SER A 779 122.29 186.51 22.49
C SER A 779 122.32 185.13 23.11
N GLY A 780 123.13 184.93 24.16
CA GLY A 780 123.17 183.66 24.89
C GLY A 780 121.87 183.31 25.58
N LEU A 781 121.52 182.01 25.68
CA LEU A 781 120.20 181.54 26.05
C LEU A 781 119.64 182.08 27.38
N ARG A 782 120.42 182.11 28.46
CA ARG A 782 119.89 182.64 29.71
C ARG A 782 119.61 184.14 29.66
N THR A 783 120.45 184.90 28.93
CA THR A 783 120.30 186.35 28.76
C THR A 783 119.02 186.73 28.04
N ILE A 784 118.65 185.98 26.97
CA ILE A 784 117.41 186.24 26.24
C ILE A 784 116.16 186.01 27.09
N LEU A 785 116.23 185.19 28.13
CA LEU A 785 115.13 184.96 29.04
C LEU A 785 114.97 186.05 30.09
N ILE A 786 116.07 186.58 30.66
CA ILE A 786 116.01 187.62 31.67
C ILE A 786 115.49 188.95 31.15
N GLU A 787 115.84 189.30 29.89
CA GLU A 787 115.28 190.46 29.23
C GLU A 787 113.85 190.22 28.77
N GLN A 788 113.48 188.96 28.50
CA GLN A 788 112.11 188.59 28.19
C GLN A 788 111.18 188.61 29.38
N LEU A 789 111.61 188.09 30.55
CA LEU A 789 110.94 188.27 31.81
C LEU A 789 110.87 189.75 32.18
N ALA A 790 111.94 190.53 31.91
CA ALA A 790 111.91 191.98 32.05
C ALA A 790 110.92 192.73 31.17
N ALA A 791 110.85 192.46 29.85
CA ALA A 791 109.92 193.12 28.96
C ALA A 791 108.50 192.67 29.20
N LEU A 792 108.31 191.43 29.69
CA LEU A 792 107.06 190.99 30.26
C LEU A 792 106.68 191.76 31.52
N LEU A 793 107.59 191.91 32.50
CA LEU A 793 107.35 192.71 33.70
C LEU A 793 106.96 194.16 33.40
N ASN A 794 107.58 194.83 32.41
CA ASN A 794 107.17 196.16 31.98
C ASN A 794 105.80 196.26 31.30
N TYR A 795 105.48 195.34 30.37
CA TYR A 795 104.23 195.38 29.62
C TYR A 795 103.02 195.10 30.48
N LEU A 796 103.25 194.44 31.61
CA LEU A 796 102.24 194.10 32.57
C LEU A 796 102.02 195.24 33.56
N LEU A 797 102.66 196.40 33.31
CA LEU A 797 102.36 197.65 33.98
C LEU A 797 101.63 198.55 33.01
N ASP A 798 101.99 198.55 31.71
CA ASP A 798 101.27 199.29 30.67
C ASP A 798 99.84 198.80 30.45
N ASP A 799 99.60 197.47 30.36
CA ASP A 799 98.26 196.92 30.20
C ASP A 799 97.42 197.11 31.47
N TYR A 800 98.10 197.30 32.61
CA TYR A 800 97.44 197.54 33.88
C TYR A 800 96.97 198.97 34.04
N VAL A 801 97.70 199.95 33.50
CA VAL A 801 97.30 201.34 33.55
C VAL A 801 96.22 201.71 32.56
N THR A 802 96.16 201.02 31.40
CA THR A 802 95.05 201.13 30.46
C THR A 802 93.78 200.52 30.99
N GLN A 803 93.87 199.37 31.71
CA GLN A 803 92.75 198.76 32.40
C GLN A 803 92.17 199.64 33.51
N LEU A 804 93.02 200.25 34.34
CA LEU A 804 92.56 201.14 35.41
C LEU A 804 91.89 202.39 34.86
N LYS A 805 92.44 203.02 33.81
CA LYS A 805 91.80 204.14 33.14
C LYS A 805 90.47 203.82 32.44
N SER A 806 90.34 202.65 31.79
CA SER A 806 89.09 202.24 31.15
C SER A 806 87.96 201.96 32.14
N ILE A 807 88.29 201.38 33.31
CA ILE A 807 87.37 201.14 34.42
C ILE A 807 86.69 202.42 34.91
N ASP A 808 87.43 203.54 34.95
CA ASP A 808 86.94 204.82 35.43
C ASP A 808 85.96 205.54 34.48
N LYS A 809 85.86 205.12 33.21
CA LYS A 809 84.96 205.75 32.26
C LYS A 809 83.47 205.58 32.58
N LEU A 810 82.71 206.68 32.51
CA LEU A 810 81.26 206.64 32.71
C LEU A 810 80.53 206.23 31.43
N ALA A 811 79.23 205.86 31.57
CA ALA A 811 78.41 205.36 30.49
C ALA A 811 78.18 206.30 29.31
N ASN A 812 78.01 207.59 29.53
CA ASN A 812 77.90 208.54 28.43
C ASN A 812 79.29 208.96 27.96
N GLU A 813 79.37 209.32 26.66
CA GLU A 813 80.62 209.50 25.93
C GLU A 813 81.27 208.17 25.58
N GLU A 814 80.47 207.06 25.62
CA GLU A 814 80.89 205.69 25.39
C GLU A 814 81.62 205.46 24.08
N ARG A 815 81.30 206.25 23.02
CA ARG A 815 82.03 206.19 21.78
C ARG A 815 83.53 206.40 21.94
N TYR A 816 83.97 207.30 22.83
CA TYR A 816 85.38 207.44 23.14
C TYR A 816 85.91 206.28 23.97
N ASN A 817 85.08 205.68 24.84
CA ASN A 817 85.45 204.54 25.65
C ASN A 817 85.64 203.26 24.83
N ILE A 818 84.82 203.02 23.79
CA ILE A 818 84.93 201.81 22.97
C ILE A 818 86.04 201.92 21.94
N LEU A 819 86.45 203.15 21.58
CA LEU A 819 87.59 203.39 20.71
C LEU A 819 88.92 203.25 21.46
N GLU A 820 88.99 203.64 22.75
CA GLU A 820 90.15 203.38 23.59
C GLU A 820 90.32 201.88 23.86
N MET A 821 89.21 201.09 23.93
CA MET A 821 89.26 199.63 24.04
C MET A 821 89.91 198.96 22.85
N GLU A 822 89.51 199.30 21.61
CA GLU A 822 90.12 198.80 20.40
C GLU A 822 91.60 199.14 20.32
N TYR A 823 91.99 200.35 20.78
CA TYR A 823 93.39 200.72 20.86
C TYR A 823 94.24 199.88 21.82
N ALA A 824 93.74 199.56 23.03
CA ALA A 824 94.41 198.63 23.92
C ALA A 824 94.38 197.18 23.42
N GLN A 825 93.26 196.75 22.82
CA GLN A 825 93.11 195.41 22.27
C GLN A 825 93.96 195.15 21.05
N LYS A 826 94.31 196.18 20.26
CA LYS A 826 95.25 196.05 19.16
C LYS A 826 96.67 196.24 19.66
N ARG A 827 96.88 196.36 20.98
CA ARG A 827 98.22 196.41 21.54
C ARG A 827 98.50 195.22 22.39
N SER A 828 97.52 194.70 23.14
CA SER A 828 97.65 193.34 23.64
C SER A 828 97.82 192.37 22.48
N GLU A 829 97.09 192.55 21.37
CA GLU A 829 97.38 191.92 20.07
C GLU A 829 98.69 192.30 19.36
N LEU A 830 99.51 193.27 19.81
CA LEU A 830 100.85 193.47 19.24
C LEU A 830 101.91 193.04 20.22
N LEU A 831 101.54 192.89 21.48
CA LEU A 831 102.38 192.35 22.52
C LEU A 831 102.39 190.83 22.41
N SER A 832 101.32 190.25 21.81
CA SER A 832 101.21 188.83 21.53
C SER A 832 102.03 188.35 20.36
N PRO A 833 102.07 188.79 19.07
CA PRO A 833 103.00 188.30 18.07
C PRO A 833 104.45 188.38 18.46
N LEU A 834 104.81 189.40 19.26
CA LEU A 834 106.11 189.54 19.90
C LEU A 834 106.45 188.39 20.84
N LEU A 835 105.48 187.88 21.62
CA LEU A 835 105.69 186.73 22.46
C LEU A 835 105.25 185.40 21.83
N ILE A 836 104.81 185.38 20.55
CA ILE A 836 104.57 184.15 19.76
C ILE A 836 105.90 183.47 19.39
N LEU A 837 106.99 184.24 19.22
CA LEU A 837 108.33 183.68 19.10
C LEU A 837 108.96 183.37 20.47
N GLY A 838 108.58 184.15 21.50
CA GLY A 838 109.08 183.97 22.86
C GLY A 838 108.54 182.74 23.58
N GLN A 839 108.93 182.58 24.86
CA GLN A 839 108.49 181.48 25.69
C GLN A 839 107.04 181.56 26.12
N TYR A 840 106.28 180.45 25.97
CA TYR A 840 104.86 180.45 26.27
C TYR A 840 104.59 180.12 27.73
N ALA A 841 105.66 179.89 28.49
CA ALA A 841 105.63 179.83 29.95
C ALA A 841 105.29 181.19 30.56
N TRP A 842 105.50 182.27 29.78
CA TRP A 842 105.14 183.61 30.15
C TRP A 842 103.79 184.04 29.59
N ALA A 843 103.26 183.28 28.62
CA ALA A 843 101.96 183.51 28.03
C ALA A 843 100.83 183.31 29.02
N SER A 844 100.96 182.29 29.88
CA SER A 844 100.03 182.03 30.97
C SER A 844 99.94 183.21 31.92
N ASN A 845 101.11 183.77 32.30
CA ASN A 845 101.14 185.02 33.02
C ASN A 845 100.62 186.19 32.20
N LEU A 846 101.04 186.53 30.97
CA LEU A 846 100.50 187.67 30.22
C LEU A 846 98.98 187.65 30.03
N ALA A 847 98.42 186.46 29.72
CA ALA A 847 96.99 186.22 29.65
C ALA A 847 96.22 186.53 30.92
N GLU A 848 96.80 186.21 32.10
CA GLU A 848 96.22 186.52 33.39
C GLU A 848 96.44 187.96 33.81
N LYS A 849 97.41 188.65 33.19
CA LYS A 849 97.76 189.99 33.62
C LYS A 849 96.79 191.00 33.04
N TYR A 850 96.62 191.02 31.70
CA TYR A 850 95.41 191.57 31.13
C TYR A 850 94.39 190.46 31.07
N CYS A 851 93.84 190.09 32.28
CA CYS A 851 93.03 188.91 32.58
C CYS A 851 91.76 188.69 31.78
N ASP A 852 92.00 188.47 30.50
CA ASP A 852 91.16 187.93 29.51
C ASP A 852 92.17 187.58 28.44
N PHE A 853 92.35 188.49 27.46
CA PHE A 853 93.26 188.40 26.33
C PHE A 853 93.41 187.00 25.76
N ASP A 854 92.25 186.40 25.52
CA ASP A 854 92.04 185.01 25.30
C ASP A 854 92.61 184.55 23.96
N ILE A 855 92.41 185.36 22.90
CA ILE A 855 92.85 185.13 21.54
C ILE A 855 94.33 184.79 21.38
N LEU A 856 95.24 185.27 22.29
CA LEU A 856 96.64 184.82 22.37
C LEU A 856 96.76 183.48 23.04
N VAL A 857 96.22 183.31 24.26
CA VAL A 857 96.46 182.13 25.07
C VAL A 857 95.84 180.91 24.42
N GLN A 858 94.62 181.09 23.89
CA GLN A 858 93.92 180.12 23.07
C GLN A 858 94.62 179.72 21.77
N ILE A 859 95.48 180.57 21.15
CA ILE A 859 96.23 180.13 19.98
C ILE A 859 97.57 179.55 20.36
N CYS A 860 98.05 179.80 21.59
CA CYS A 860 99.22 179.17 22.19
C CYS A 860 98.92 177.73 22.61
N GLU A 861 97.71 177.48 23.15
CA GLU A 861 97.19 176.17 23.51
C GLU A 861 96.86 175.31 22.29
N MET A 862 96.84 175.95 21.11
CA MET A 862 96.51 175.29 19.87
C MET A 862 97.71 174.99 18.99
N THR A 863 98.82 175.72 19.19
CA THR A 863 100.05 175.44 18.45
C THR A 863 100.81 174.32 19.10
N ASP A 864 100.54 174.06 20.38
CA ASP A 864 101.13 172.97 21.09
C ASP A 864 100.19 171.78 21.20
N ASN A 865 100.59 170.85 22.05
CA ASN A 865 99.92 169.62 22.31
C ASN A 865 99.26 169.72 23.68
N GLN A 866 98.88 170.92 24.11
CA GLN A 866 98.29 171.12 25.42
C GLN A 866 96.84 171.50 25.38
N SER A 867 95.98 170.54 25.05
CA SER A 867 94.58 170.86 25.25
C SER A 867 94.17 170.55 26.69
N ARG A 868 95.06 170.12 27.54
CA ARG A 868 95.05 170.17 28.98
C ARG A 868 95.11 171.59 29.47
N LEU A 869 95.89 172.46 28.79
CA LEU A 869 95.79 173.90 28.99
C LEU A 869 94.48 174.52 28.52
N GLN A 870 93.91 174.24 27.32
CA GLN A 870 92.62 174.84 26.93
C GLN A 870 91.42 174.33 27.75
N ARG A 871 91.55 173.13 28.35
CA ARG A 871 90.66 172.62 29.40
C ARG A 871 90.83 173.35 30.71
N TYR A 872 92.07 173.65 31.12
CA TYR A 872 92.39 174.42 32.31
C TYR A 872 91.99 175.88 32.15
N MET A 873 92.12 176.44 30.93
CA MET A 873 91.58 177.74 30.56
C MET A 873 90.07 177.80 30.65
N THR A 874 89.33 176.79 30.13
CA THR A 874 87.87 176.78 30.23
C THR A 874 87.35 176.40 31.59
N LEU A 875 88.16 175.67 32.40
CA LEU A 875 87.83 175.34 33.78
C LEU A 875 87.75 176.55 34.69
N PHE A 876 88.70 177.47 34.53
CA PHE A 876 88.74 178.68 35.33
C PHE A 876 88.20 179.89 34.55
N ALA A 877 86.98 179.75 34.04
CA ALA A 877 86.35 180.82 33.28
C ALA A 877 84.83 180.65 33.23
N GLU A 878 84.12 181.76 33.45
CA GLU A 878 82.66 181.73 33.43
C GLU A 878 82.13 181.44 32.03
N GLN A 879 81.19 180.50 31.96
CA GLN A 879 80.59 180.08 30.70
C GLN A 879 81.64 179.77 29.63
N ASN A 880 82.62 178.96 30.00
CA ASN A 880 83.69 178.57 29.09
C ASN A 880 83.17 177.69 27.96
N PHE A 881 82.11 176.93 28.24
CA PHE A 881 81.52 176.05 27.25
C PHE A 881 80.83 176.81 26.12
N SER A 882 80.05 177.86 26.42
CA SER A 882 79.37 178.64 25.41
C SER A 882 80.34 179.51 24.65
N ASP A 883 81.45 179.87 25.29
CA ASP A 883 82.57 180.52 24.61
C ASP A 883 83.40 179.60 23.74
N PHE A 884 83.85 178.42 24.21
CA PHE A 884 84.71 177.51 23.44
C PHE A 884 84.07 177.00 22.16
N LEU A 885 82.77 176.70 22.15
CA LEU A 885 82.07 176.36 20.93
C LEU A 885 81.95 177.52 19.94
N PHE A 886 81.64 178.73 20.41
CA PHE A 886 81.58 179.89 19.54
C PHE A 886 82.95 180.37 19.11
N ARG A 887 84.00 180.09 19.90
CA ARG A 887 85.38 180.32 19.53
C ARG A 887 85.86 179.31 18.51
N TRP A 888 85.36 178.06 18.54
CA TRP A 888 85.62 177.04 17.54
C TRP A 888 85.04 177.38 16.17
N TYR A 889 83.75 177.77 16.12
CA TYR A 889 83.06 178.12 14.88
C TYR A 889 83.63 179.37 14.16
N LEU A 890 83.99 180.43 14.90
CA LEU A 890 84.68 181.60 14.35
C LEU A 890 86.03 181.22 13.77
N GLU A 891 86.73 180.29 14.45
CA GLU A 891 87.97 179.74 14.02
C GLU A 891 87.81 178.56 13.09
N LYS A 892 86.77 178.58 12.22
CA LYS A 892 86.54 177.60 11.16
C LYS A 892 87.74 177.43 10.26
N GLY A 893 88.40 176.26 10.38
CA GLY A 893 89.60 175.92 9.65
C GLY A 893 90.87 176.53 10.23
N LYS A 894 90.76 177.20 11.39
CA LYS A 894 91.87 177.89 12.02
C LYS A 894 92.27 177.19 13.30
N ARG A 895 91.31 176.79 14.14
CA ARG A 895 91.53 176.17 15.41
C ARG A 895 90.40 175.19 15.61
N GLY A 896 90.67 174.03 16.24
CA GLY A 896 89.66 173.01 16.46
C GLY A 896 89.64 171.91 15.47
N LYS A 897 90.54 171.98 14.50
CA LYS A 897 90.81 170.90 13.58
C LYS A 897 91.56 169.75 14.23
N LEU A 898 91.14 168.61 13.68
CA LEU A 898 91.51 167.20 13.88
C LEU A 898 92.86 166.94 13.23
N LEU A 899 92.94 167.58 12.06
CA LEU A 899 93.88 167.34 10.99
C LEU A 899 95.10 168.24 11.13
N SER A 900 94.99 169.33 11.91
CA SER A 900 96.12 170.19 12.23
C SER A 900 96.92 169.63 13.38
N GLN A 901 96.21 169.09 14.38
CA GLN A 901 96.80 168.34 15.46
C GLN A 901 97.24 166.97 14.97
N PRO A 902 98.30 166.35 15.47
CA PRO A 902 98.63 164.99 15.13
C PRO A 902 97.76 164.06 15.96
N SER A 904 96.47 161.11 16.87
CA SER A 904 96.72 159.68 16.83
C SER A 904 95.48 158.86 17.16
N GLN A 905 94.74 159.32 18.16
CA GLN A 905 93.54 158.62 18.61
C GLN A 905 92.28 159.50 18.70
N HIS A 906 91.77 159.63 19.92
CA HIS A 906 90.57 160.39 20.25
C HIS A 906 90.64 161.89 19.92
N GLY A 907 91.81 162.49 20.11
CA GLY A 907 91.96 163.91 19.88
C GLY A 907 91.62 164.32 18.46
N GLN A 908 92.02 163.53 17.48
CA GLN A 908 91.70 163.82 16.09
C GLN A 908 90.19 163.81 15.87
N LEU A 909 89.53 162.83 16.48
CA LEU A 909 88.07 162.66 16.41
C LEU A 909 87.34 163.84 17.04
N ALA A 910 87.92 164.35 18.13
CA ALA A 910 87.33 165.46 18.88
C ALA A 910 87.16 166.74 18.06
N ALA A 911 88.11 167.03 17.18
CA ALA A 911 88.04 168.24 16.37
C ALA A 911 86.80 168.24 15.47
N PHE A 912 86.47 167.09 14.90
CA PHE A 912 85.28 166.96 14.05
C PHE A 912 84.02 167.22 14.85
N LEU A 913 83.99 166.73 16.09
CA LEU A 913 82.86 166.87 17.00
C LEU A 913 82.58 168.34 17.34
N GLN A 914 83.64 169.12 17.47
CA GLN A 914 83.53 170.54 17.83
C GLN A 914 82.72 171.35 16.82
N ALA A 915 82.88 171.06 15.54
CA ALA A 915 82.15 171.78 14.51
C ALA A 915 80.64 171.58 14.69
N HIS A 916 79.88 172.64 14.48
CA HIS A 916 78.43 172.59 14.65
C HIS A 916 77.64 172.83 13.35
N SER A 920 78.47 169.90 5.50
CA SER A 920 77.89 169.56 6.78
C SER A 920 77.68 168.08 6.94
N TRP A 921 77.05 167.43 5.94
CA TRP A 921 76.76 166.01 5.99
C TRP A 921 77.99 165.13 6.23
N LEU A 922 79.17 165.55 5.73
CA LEU A 922 80.41 164.86 5.95
C LEU A 922 80.84 164.85 7.41
N HIS A 923 80.81 166.00 8.12
CA HIS A 923 81.20 165.99 9.51
C HIS A 923 80.11 165.40 10.38
N GLU A 924 78.84 165.45 9.93
CA GLU A 924 77.71 164.76 10.54
C GLU A 924 77.76 163.22 10.44
N LEU A 925 78.15 162.61 9.30
CA LEU A 925 78.43 161.17 9.24
C LEU A 925 79.56 160.77 10.18
N ASN A 926 80.65 161.58 10.20
CA ASN A 926 81.79 161.40 11.09
C ASN A 926 81.45 161.47 12.58
N SER A 927 80.54 162.38 12.97
CA SER A 927 80.15 162.58 14.37
C SER A 927 79.11 161.58 14.83
N GLN A 928 78.58 160.78 13.89
CA GLN A 928 77.60 159.73 14.07
C GLN A 928 76.17 160.30 14.12
N GLU A 929 76.02 161.54 13.63
CA GLU A 929 74.79 162.29 13.61
C GLU A 929 74.01 162.05 12.31
N PHE A 930 73.61 160.80 12.09
CA PHE A 930 72.98 160.33 10.86
C PHE A 930 71.67 161.02 10.52
N GLU A 931 70.80 161.25 11.52
CA GLU A 931 69.56 161.99 11.34
C GLU A 931 69.77 163.42 10.84
N LYS A 932 70.78 164.12 11.37
CA LYS A 932 71.20 165.43 10.93
C LYS A 932 71.76 165.43 9.52
N ALA A 933 72.59 164.44 9.17
CA ALA A 933 73.12 164.26 7.83
C ALA A 933 72.03 164.07 6.79
N HIS A 934 71.00 163.25 7.09
CA HIS A 934 69.82 163.09 6.25
C HIS A 934 69.08 164.40 5.95
N ARG A 935 68.87 165.26 6.97
CA ARG A 935 68.21 166.55 6.73
C ARG A 935 68.98 167.46 5.80
N THR A 936 70.31 167.62 5.97
CA THR A 936 71.13 168.42 5.07
C THR A 936 71.31 167.82 3.69
N LEU A 937 71.50 166.49 3.58
CA LEU A 937 71.58 165.80 2.29
C LEU A 937 70.32 165.97 1.46
N GLN A 938 69.12 165.86 2.06
CA GLN A 938 67.88 166.19 1.38
C GLN A 938 67.76 167.65 0.96
N THR A 939 68.15 168.60 1.84
CA THR A 939 68.16 170.03 1.53
C THR A 939 69.05 170.38 0.35
N LEU A 940 70.26 169.82 0.28
CA LEU A 940 71.15 169.94 -0.87
C LEU A 940 70.56 169.32 -2.14
N ALA A 941 69.90 168.15 -2.04
CA ALA A 941 69.22 167.52 -3.15
C ALA A 941 68.10 168.38 -3.76
N ASN A 942 67.36 169.14 -2.93
CA ASN A 942 66.32 170.04 -3.38
C ASN A 942 66.82 171.29 -4.11
N MET A 943 67.89 171.94 -3.62
CA MET A 943 68.48 173.10 -4.26
C MET A 943 69.24 172.75 -5.53
N GLU A 944 69.62 171.47 -5.69
CA GLU A 944 70.32 170.98 -6.85
C GLU A 944 69.54 171.11 -8.14
N THR A 945 70.07 171.91 -9.07
CA THR A 945 69.47 172.17 -10.37
C THR A 945 70.49 172.01 -11.47
N ARG A 946 71.78 172.19 -11.14
CA ARG A 946 72.86 172.22 -12.12
C ARG A 946 73.17 170.87 -12.72
N TYR A 947 73.16 169.80 -11.91
CA TYR A 947 73.54 168.48 -12.37
C TYR A 947 72.56 167.42 -11.95
N PHE A 948 71.92 166.73 -12.92
CA PHE A 948 70.98 165.66 -12.66
C PHE A 948 71.60 164.49 -11.90
N CYS A 949 72.80 164.05 -12.33
CA CYS A 949 73.52 162.94 -11.72
C CYS A 949 73.82 163.18 -10.24
N LYS A 950 74.15 164.43 -9.88
CA LYS A 950 74.38 164.82 -8.50
C LYS A 950 73.12 164.86 -7.65
N LYS A 951 71.99 165.36 -8.19
CA LYS A 951 70.71 165.35 -7.51
C LYS A 951 70.25 163.95 -7.14
N LYS A 952 70.44 163.00 -8.08
CA LYS A 952 70.21 161.59 -7.84
C LYS A 952 71.10 161.00 -6.75
N THR A 953 72.41 161.30 -6.77
CA THR A 953 73.38 160.86 -5.76
C THR A 953 73.07 161.36 -4.37
N LEU A 954 72.75 162.67 -4.20
CA LEU A 954 72.43 163.24 -2.91
C LEU A 954 71.21 162.63 -2.26
N LEU A 955 70.13 162.39 -3.03
CA LEU A 955 68.96 161.68 -2.53
C LEU A 955 69.26 160.26 -2.09
N GLY A 956 70.03 159.49 -2.90
CA GLY A 956 70.54 158.18 -2.51
C GLY A 956 71.29 158.18 -1.20
N LEU A 957 72.24 159.12 -1.04
CA LEU A 957 72.97 159.31 0.21
C LEU A 957 72.09 159.71 1.37
N SER A 958 71.13 160.63 1.16
CA SER A 958 70.14 161.06 2.14
C SER A 958 69.33 159.89 2.66
N LYS A 959 68.80 159.08 1.73
CA LYS A 959 68.07 157.87 2.03
C LYS A 959 68.87 156.83 2.77
N LEU A 960 70.11 156.55 2.34
CA LEU A 960 71.02 155.65 3.07
C LEU A 960 71.37 156.17 4.47
N ALA A 961 71.57 157.49 4.64
CA ALA A 961 71.76 158.11 5.93
C ALA A 961 70.56 157.97 6.87
N ALA A 962 69.32 158.18 6.39
CA ALA A 962 68.10 157.95 7.13
C ALA A 962 67.80 156.50 7.47
N LEU A 963 68.06 155.56 6.54
CA LEU A 963 67.89 154.14 6.79
C LEU A 963 68.89 153.61 7.81
N ALA A 964 70.10 154.20 7.87
CA ALA A 964 71.12 153.81 8.83
C ALA A 964 71.02 154.59 10.13
N SER A 965 70.08 155.56 10.22
CA SER A 965 69.84 156.32 11.43
C SER A 965 68.84 155.66 12.36
N ASP A 966 68.65 156.28 13.52
CA ASP A 966 67.92 155.78 14.65
C ASP A 966 66.52 156.35 14.78
N PHE A 967 65.91 156.77 13.65
CA PHE A 967 64.51 157.15 13.59
C PHE A 967 63.59 156.03 14.08
N GLN A 968 62.52 156.38 14.83
CA GLN A 968 61.46 155.44 15.14
C GLN A 968 60.77 154.97 13.88
N GLU A 969 60.23 153.74 13.85
CA GLU A 969 59.70 153.13 12.64
C GLU A 969 58.66 154.02 11.93
N ASP A 970 57.78 154.70 12.70
CA ASP A 970 56.89 155.74 12.22
C ASP A 970 57.56 156.92 11.50
N VAL A 971 58.59 157.54 12.13
CA VAL A 971 59.36 158.63 11.53
C VAL A 971 60.11 158.14 10.31
N LEU A 972 60.71 156.95 10.38
CA LEU A 972 61.41 156.35 9.26
C LEU A 972 60.52 156.12 8.07
N GLN A 973 59.30 155.60 8.30
CA GLN A 973 58.26 155.47 7.29
C GLN A 973 57.88 156.80 6.65
N GLU A 974 57.68 157.88 7.42
CA GLU A 974 57.46 159.21 6.86
C GLU A 974 58.60 159.72 5.99
N LYS A 975 59.86 159.59 6.45
CA LYS A 975 61.01 159.99 5.67
C LYS A 975 61.10 159.20 4.38
N VAL A 976 60.99 157.86 4.37
CA VAL A 976 61.05 157.07 3.14
C VAL A 976 59.85 157.27 2.21
N GLU A 977 58.68 157.70 2.71
CA GLU A 977 57.53 158.04 1.87
C GLU A 977 57.66 159.38 1.15
N GLU A 978 58.07 160.45 1.87
CA GLU A 978 58.37 161.75 1.29
C GLU A 978 59.53 161.65 0.28
N ILE A 979 60.53 160.80 0.57
CA ILE A 979 61.60 160.44 -0.35
C ILE A 979 61.09 159.69 -1.59
N ALA A 980 60.14 158.75 -1.44
CA ALA A 980 59.59 157.98 -2.54
C ALA A 980 58.93 158.84 -3.60
N GLU A 981 58.28 159.95 -3.19
CA GLU A 981 57.82 161.01 -4.07
C GLU A 981 58.93 161.66 -4.88
N GLN A 982 60.06 162.04 -4.24
CA GLN A 982 61.21 162.60 -4.93
C GLN A 982 61.83 161.64 -5.93
N GLU A 983 61.97 160.34 -5.57
CA GLU A 983 62.38 159.28 -6.47
C GLU A 983 61.38 159.14 -7.63
N HIS A 984 60.05 159.28 -7.38
CA HIS A 984 59.01 159.19 -8.40
C HIS A 984 59.10 160.24 -9.51
N PHE A 985 59.24 161.54 -9.17
CA PHE A 985 59.49 162.60 -10.17
C PHE A 985 60.81 162.44 -10.92
N LEU A 986 61.90 162.10 -10.21
CA LEU A 986 63.20 161.93 -10.83
C LEU A 986 63.19 160.80 -11.84
N LEU A 987 62.51 159.68 -11.51
CA LEU A 987 62.36 158.52 -12.38
C LEU A 987 61.82 158.85 -13.76
N HIS A 988 60.98 159.89 -13.89
CA HIS A 988 60.67 160.43 -15.20
C HIS A 988 61.88 160.90 -15.99
N GLN A 989 62.72 161.84 -15.52
CA GLN A 989 63.94 162.22 -16.25
C GLN A 989 64.93 161.07 -16.46
N GLU A 990 65.00 160.11 -15.50
CA GLU A 990 65.77 158.88 -15.63
C GLU A 990 65.39 157.98 -16.81
N THR A 991 64.08 157.91 -17.15
CA THR A 991 63.58 156.99 -18.18
C THR A 991 63.56 157.58 -19.58
N LEU A 992 64.24 158.75 -19.80
CA LEU A 992 64.29 159.38 -21.10
C LEU A 992 64.88 158.49 -22.22
N PRO A 993 64.24 158.34 -23.39
CA PRO A 993 64.65 157.35 -24.38
C PRO A 993 66.00 157.62 -24.99
N LYS A 994 66.82 156.60 -25.26
CA LYS A 994 68.18 156.78 -25.70
C LYS A 994 68.27 157.10 -27.19
N LYS A 995 67.13 157.16 -27.88
CA LYS A 995 67.09 157.68 -29.24
C LYS A 995 67.12 159.19 -29.25
N LEU A 996 66.31 159.81 -28.39
CA LEU A 996 66.21 161.26 -28.40
C LEU A 996 67.39 161.94 -27.73
N LEU A 997 68.06 161.27 -26.80
CA LEU A 997 69.17 161.89 -26.12
C LEU A 997 70.42 162.00 -26.99
N GLU A 998 70.55 161.16 -28.03
CA GLU A 998 71.61 161.27 -29.02
C GLU A 998 71.21 162.19 -30.16
N GLU A 999 69.91 162.21 -30.55
CA GLU A 999 69.32 163.15 -31.48
C GLU A 999 69.42 164.60 -31.05
N LYS A 1000 69.10 164.89 -29.78
CA LYS A 1000 69.20 166.24 -29.25
C LYS A 1000 70.61 166.52 -28.75
N GLN A 1001 71.54 165.57 -28.99
CA GLN A 1001 72.95 165.69 -28.71
C GLN A 1001 73.24 166.02 -27.25
N LEU A 1002 72.56 165.32 -26.33
CA LEU A 1002 72.60 165.63 -24.92
C LEU A 1002 73.61 164.80 -24.20
N ASP A 1003 74.38 165.42 -23.28
CA ASP A 1003 75.24 164.72 -22.37
C ASP A 1003 74.47 163.74 -21.49
N LEU A 1004 75.02 162.52 -21.31
CA LEU A 1004 74.35 161.46 -20.58
C LEU A 1004 74.05 161.78 -19.12
N ASN A 1005 75.07 162.23 -18.38
CA ASN A 1005 74.93 162.53 -16.97
C ASN A 1005 75.17 163.99 -16.68
N ALA A 1006 75.90 164.70 -17.56
CA ALA A 1006 76.33 166.07 -17.33
C ALA A 1006 75.28 167.08 -17.75
N MET A 1007 73.99 166.72 -17.54
CA MET A 1007 72.86 167.50 -17.99
C MET A 1007 72.09 168.00 -16.77
N PRO A 1008 71.38 169.13 -16.85
CA PRO A 1008 70.74 169.73 -15.69
C PRO A 1008 69.54 168.97 -15.19
N VAL A 1009 69.06 169.34 -14.00
CA VAL A 1009 67.80 168.87 -13.47
C VAL A 1009 66.66 169.52 -14.23
N LEU A 1010 65.97 168.77 -15.09
CA LEU A 1010 64.90 169.29 -15.91
C LEU A 1010 63.61 169.41 -15.13
N ALA A 1011 62.78 170.38 -15.55
CA ALA A 1011 61.51 170.65 -14.92
C ALA A 1011 60.38 169.95 -15.65
N PRO A 1012 59.16 169.76 -15.12
CA PRO A 1012 58.13 168.95 -15.75
C PRO A 1012 57.74 169.46 -17.12
N PHE A 1013 57.68 170.79 -17.33
CA PHE A 1013 57.45 171.38 -18.64
C PHE A 1013 58.47 170.90 -19.66
N GLN A 1014 59.78 171.00 -19.35
CA GLN A 1014 60.78 170.53 -20.28
C GLN A 1014 60.66 169.04 -20.52
N LEU A 1015 60.51 168.21 -19.48
CA LEU A 1015 60.31 166.79 -19.65
C LEU A 1015 59.10 166.43 -20.50
N ILE A 1016 57.91 166.98 -20.19
CA ILE A 1016 56.68 166.78 -20.96
C ILE A 1016 56.90 167.12 -22.43
N GLN A 1017 57.45 168.30 -22.73
CA GLN A 1017 57.75 168.76 -24.06
C GLN A 1017 58.79 167.91 -24.79
N LEU A 1018 59.81 167.43 -24.09
CA LEU A 1018 60.82 166.56 -24.66
C LEU A 1018 60.32 165.13 -24.91
N TYR A 1019 59.41 164.58 -24.06
CA TYR A 1019 58.78 163.29 -24.25
C TYR A 1019 57.96 163.22 -25.53
N VAL A 1020 57.42 164.37 -25.98
CA VAL A 1020 56.49 164.46 -27.08
C VAL A 1020 57.08 165.09 -28.32
N CYS A 1021 58.37 165.50 -28.30
CA CYS A 1021 59.07 166.05 -29.45
C CYS A 1021 59.07 165.10 -30.62
N GLU A 1022 59.01 165.63 -31.86
CA GLU A 1022 59.00 164.93 -33.13
C GLU A 1022 60.18 163.98 -33.23
N GLU A 1023 61.33 164.46 -32.72
CA GLU A 1023 62.58 163.79 -32.44
C GLU A 1023 62.47 162.49 -31.64
N ASN A 1024 61.54 162.40 -30.64
CA ASN A 1024 61.23 161.14 -29.96
C ASN A 1024 60.44 160.23 -30.89
N LYS A 1025 61.15 159.47 -31.74
CA LYS A 1025 60.57 158.70 -32.81
C LYS A 1025 59.75 157.49 -32.40
N ARG A 1026 60.23 156.70 -31.41
CA ARG A 1026 59.60 155.45 -31.03
C ARG A 1026 58.61 155.64 -29.90
N ALA A 1027 58.17 156.89 -29.69
CA ALA A 1027 57.24 157.30 -28.65
C ALA A 1027 55.96 156.48 -28.60
N ASN A 1028 55.82 155.69 -27.52
CA ASN A 1028 54.73 154.75 -27.37
C ASN A 1028 53.80 155.18 -26.26
N GLU A 1029 52.91 154.29 -25.79
CA GLU A 1029 51.93 154.60 -24.78
C GLU A 1029 52.51 155.10 -23.48
N ASN A 1030 53.64 154.53 -23.05
CA ASN A 1030 54.31 154.88 -21.82
C ASN A 1030 54.89 156.27 -21.82
N ASP A 1031 55.44 156.74 -22.95
CA ASP A 1031 56.02 158.07 -23.07
C ASP A 1031 54.96 159.16 -22.92
N PHE A 1032 53.78 158.99 -23.56
CA PHE A 1032 52.66 159.89 -23.37
C PHE A 1032 52.00 159.78 -22.01
N MET A 1033 51.84 158.56 -21.45
CA MET A 1033 51.31 158.37 -20.11
C MET A 1033 52.16 159.10 -19.07
N LYS A 1034 53.48 158.96 -19.15
CA LYS A 1034 54.40 159.69 -18.29
C LYS A 1034 54.47 161.18 -18.58
N ALA A 1035 54.05 161.63 -19.77
CA ALA A 1035 53.95 163.04 -20.09
C ALA A 1035 52.61 163.63 -19.68
N LEU A 1036 51.68 162.78 -19.19
CA LEU A 1036 50.46 163.22 -18.54
C LEU A 1036 50.55 162.99 -17.04
N ASP A 1037 51.49 162.16 -16.55
CA ASP A 1037 51.82 162.05 -15.14
C ASP A 1037 52.58 163.27 -14.64
N LEU A 1038 53.28 164.00 -15.53
CA LEU A 1038 54.15 165.09 -15.12
C LEU A 1038 53.40 166.42 -15.02
N LEU A 1039 52.06 166.39 -15.06
CA LEU A 1039 51.24 167.58 -14.95
C LEU A 1039 50.96 168.00 -13.50
N GLU A 1040 51.21 167.13 -12.50
CA GLU A 1040 50.95 167.48 -11.09
C GLU A 1040 52.20 168.02 -10.42
N TYR A 1041 53.27 168.22 -11.22
CA TYR A 1041 54.56 168.65 -10.74
C TYR A 1041 54.82 170.09 -11.15
N ILE A 1042 53.81 170.76 -11.73
CA ILE A 1042 53.91 172.09 -12.30
C ILE A 1042 54.23 173.28 -11.37
N GLY A 1043 53.28 173.72 -10.50
CA GLY A 1043 53.36 175.04 -9.85
C GLY A 1043 52.73 176.12 -10.69
N ASP A 1044 51.68 176.78 -10.15
CA ASP A 1044 50.92 177.83 -10.83
C ASP A 1044 50.22 177.40 -12.11
N ASP A 1045 49.38 176.36 -11.99
CA ASP A 1045 48.63 175.69 -13.03
C ASP A 1045 47.81 176.60 -13.94
N SER A 1046 47.13 177.62 -13.39
CA SER A 1046 46.39 178.56 -14.21
C SER A 1046 47.25 179.61 -14.91
N GLU A 1047 48.49 179.85 -14.44
CA GLU A 1047 49.45 180.75 -15.07
C GLU A 1047 50.16 180.13 -16.27
N VAL A 1048 50.60 178.88 -16.16
CA VAL A 1048 51.46 178.26 -17.16
C VAL A 1048 50.70 177.47 -18.21
N ASP A 1049 49.35 177.54 -18.18
CA ASP A 1049 48.44 176.82 -19.05
C ASP A 1049 48.40 175.29 -18.93
N VAL A 1050 47.69 174.73 -17.91
CA VAL A 1050 47.51 173.27 -17.81
C VAL A 1050 46.78 172.65 -19.01
N GLU A 1051 45.63 173.22 -19.43
CA GLU A 1051 44.77 172.51 -20.36
C GLU A 1051 45.11 172.74 -21.80
N GLU A 1052 45.97 173.72 -22.08
CA GLU A 1052 46.63 173.87 -23.35
C GLU A 1052 47.58 172.73 -23.68
N LEU A 1053 48.46 172.36 -22.72
CA LEU A 1053 49.37 171.23 -22.84
C LEU A 1053 48.67 169.91 -22.89
N LYS A 1054 47.56 169.78 -22.12
CA LYS A 1054 46.69 168.63 -22.13
C LYS A 1054 46.18 168.35 -23.53
N LEU A 1055 45.87 169.39 -24.32
CA LEU A 1055 45.61 169.25 -25.74
C LEU A 1055 46.80 169.02 -26.62
N GLU A 1056 47.92 169.77 -26.45
CA GLU A 1056 49.11 169.67 -27.31
C GLU A 1056 49.60 168.24 -27.44
N ILE A 1057 49.65 167.54 -26.29
CA ILE A 1057 50.04 166.16 -26.18
C ILE A 1057 49.05 165.19 -26.79
N LEU A 1058 47.73 165.33 -26.54
CA LEU A 1058 46.73 164.42 -27.07
C LEU A 1058 46.56 164.56 -28.58
N CYS A 1059 46.99 165.71 -29.15
CA CYS A 1059 47.05 165.97 -30.57
C CYS A 1059 48.28 165.40 -31.25
N LYS A 1060 49.48 165.48 -30.64
CA LYS A 1060 50.64 164.77 -31.16
C LYS A 1060 50.55 163.26 -30.92
N ALA A 1061 49.73 162.85 -29.94
CA ALA A 1061 49.29 161.49 -29.74
C ALA A 1061 48.42 160.96 -30.87
N ILE A 1062 47.99 161.80 -31.82
CA ILE A 1062 47.22 161.36 -32.98
C ILE A 1062 48.04 161.53 -34.24
N LYS A 1063 48.94 162.53 -34.27
CA LYS A 1063 49.85 162.74 -35.39
C LYS A 1063 50.79 161.57 -35.61
N ARG A 1064 51.28 160.98 -34.50
CA ARG A 1064 52.09 159.77 -34.56
C ARG A 1064 51.33 158.52 -34.90
N ASP A 1065 50.03 158.53 -34.68
CA ASP A 1065 49.20 157.42 -34.99
C ASP A 1065 49.10 157.20 -36.50
N GLU A 1066 48.85 158.28 -37.28
CA GLU A 1066 48.94 158.32 -38.76
C GLU A 1066 47.65 158.09 -39.58
N TRP A 1067 46.49 158.76 -39.31
CA TRP A 1067 45.18 158.25 -39.82
C TRP A 1067 45.05 158.10 -41.29
N SER A 1068 44.86 156.83 -41.70
CA SER A 1068 45.03 156.33 -43.04
C SER A 1068 43.75 155.63 -43.45
N ALA A 1069 43.74 154.99 -44.61
CA ALA A 1069 42.59 154.26 -45.08
C ALA A 1069 43.07 153.10 -45.90
N THR A 1070 42.40 151.95 -45.79
CA THR A 1070 42.78 150.77 -46.53
C THR A 1070 41.57 150.35 -47.28
N ASP A 1071 41.67 150.33 -48.63
CA ASP A 1071 40.61 149.96 -49.56
C ASP A 1071 39.26 150.65 -49.35
N GLY A 1072 39.29 151.98 -49.11
CA GLY A 1072 38.08 152.79 -48.92
C GLY A 1072 37.45 152.68 -47.55
N LYS A 1073 38.13 152.03 -46.60
CA LYS A 1073 37.65 151.85 -45.25
C LYS A 1073 38.57 152.52 -44.25
N ASP A 1074 38.01 153.03 -43.14
CA ASP A 1074 38.73 153.65 -42.06
C ASP A 1074 39.84 152.77 -41.48
N ASP A 1075 41.02 153.35 -41.26
CA ASP A 1075 42.14 152.64 -40.67
C ASP A 1075 42.36 153.24 -39.27
N PRO A 1076 42.07 152.52 -38.17
CA PRO A 1076 42.23 153.07 -36.85
C PRO A 1076 43.68 152.97 -36.44
N ILE A 1077 44.36 154.09 -36.64
CA ILE A 1077 45.72 154.28 -36.24
C ILE A 1077 45.85 154.63 -34.82
N GLU A 1078 44.71 154.97 -34.21
CA GLU A 1078 44.63 155.48 -32.88
C GLU A 1078 44.96 154.47 -31.83
N ALA A 1079 45.58 153.34 -32.19
CA ALA A 1079 46.15 152.30 -31.37
C ALA A 1079 46.93 152.82 -30.15
N THR A 1080 47.69 153.92 -30.27
CA THR A 1080 48.26 154.61 -29.10
C THR A 1080 47.25 155.44 -28.32
N LYS A 1081 46.39 156.24 -28.98
CA LYS A 1081 45.28 156.93 -28.32
C LYS A 1081 44.32 155.98 -27.58
N ASP A 1082 43.96 154.86 -28.23
CA ASP A 1082 43.31 153.69 -27.70
C ASP A 1082 43.99 153.20 -26.45
N SER A 1083 45.26 152.84 -26.56
CA SER A 1083 45.99 152.32 -25.41
C SER A 1083 46.09 153.29 -24.26
N ILE A 1084 46.38 154.59 -24.48
CA ILE A 1084 46.43 155.59 -23.41
C ILE A 1084 45.12 155.73 -22.66
N PHE A 1085 43.96 155.60 -23.33
CA PHE A 1085 42.67 155.68 -22.65
C PHE A 1085 42.32 154.36 -21.95
N VAL A 1086 42.96 153.25 -22.33
CA VAL A 1086 42.95 152.00 -21.58
C VAL A 1086 43.88 152.08 -20.35
N LYS A 1087 44.89 152.97 -20.35
CA LYS A 1087 45.84 153.09 -19.25
C LYS A 1087 45.47 154.12 -18.19
N VAL A 1088 44.54 155.05 -18.46
CA VAL A 1088 44.09 156.03 -17.46
C VAL A 1088 43.31 155.37 -16.32
N LEU A 1089 42.50 154.35 -16.64
CA LEU A 1089 41.67 153.67 -15.68
C LEU A 1089 42.46 152.57 -14.97
N GLN A 1090 42.63 152.68 -13.65
CA GLN A 1090 43.35 151.70 -12.84
C GLN A 1090 42.37 150.79 -12.12
N ASN A 1091 41.16 150.64 -12.70
CA ASN A 1091 40.04 149.94 -12.11
C ASN A 1091 39.63 150.58 -10.77
N LEU A 1092 39.45 151.91 -10.75
CA LEU A 1092 39.24 152.66 -9.52
C LEU A 1092 37.80 152.56 -9.02
N LEU A 1093 36.95 151.82 -9.75
CA LEU A 1093 35.63 151.38 -9.34
C LEU A 1093 35.68 150.55 -8.06
N ASN A 1094 36.67 149.63 -7.95
CA ASN A 1094 36.86 148.82 -6.74
C ASN A 1094 37.85 149.49 -5.80
N LYS A 1095 38.38 150.66 -6.16
CA LYS A 1095 39.23 151.45 -5.27
C LYS A 1095 38.41 152.51 -4.56
N GLY A 1096 37.09 152.60 -4.87
CA GLY A 1096 36.20 153.56 -4.24
C GLY A 1096 36.35 154.97 -4.73
N ILE A 1097 37.00 155.14 -5.91
CA ILE A 1097 37.17 156.42 -6.54
C ILE A 1097 36.03 156.60 -7.53
N GLU A 1098 35.57 157.85 -7.74
CA GLU A 1098 34.60 158.18 -8.75
C GLU A 1098 35.18 158.04 -10.16
N LEU A 1099 35.46 156.80 -10.61
CA LEU A 1099 35.94 156.52 -11.96
C LEU A 1099 34.86 156.78 -13.00
N LYS A 1100 33.60 156.45 -12.64
CA LYS A 1100 32.43 156.77 -13.43
C LYS A 1100 32.29 158.29 -13.61
N GLY A 1101 32.47 158.81 -14.84
CA GLY A 1101 32.47 160.25 -15.08
C GLY A 1101 33.76 160.95 -14.77
N TYR A 1102 34.92 160.31 -14.96
CA TYR A 1102 36.20 160.91 -14.61
C TYR A 1102 37.17 160.98 -15.78
N LEU A 1103 36.66 160.87 -17.02
CA LEU A 1103 37.42 161.27 -18.19
C LEU A 1103 37.01 162.65 -18.72
N PRO A 1104 36.31 163.63 -18.11
CA PRO A 1104 36.15 164.95 -18.72
C PRO A 1104 37.39 165.80 -18.56
N LYS A 1105 38.59 165.18 -18.49
CA LYS A 1105 39.84 165.87 -18.60
C LYS A 1105 40.08 166.29 -20.03
N ALA A 1106 39.92 165.36 -20.98
CA ALA A 1106 40.09 165.60 -22.40
C ALA A 1106 39.02 166.51 -22.98
N GLU A 1107 39.41 167.38 -23.93
CA GLU A 1107 38.46 168.22 -24.65
C GLU A 1107 37.95 167.55 -25.92
N THR A 1108 36.98 168.20 -26.61
CA THR A 1108 36.39 167.64 -27.81
C THR A 1108 36.30 168.67 -28.91
N LEU A 1109 35.38 169.67 -28.85
CA LEU A 1109 35.23 170.66 -29.91
C LEU A 1109 36.50 171.51 -30.04
N LEU A 1110 37.09 171.86 -28.88
CA LEU A 1110 38.40 172.47 -28.74
C LEU A 1110 39.54 171.64 -29.33
N GLN A 1111 39.36 170.30 -29.45
CA GLN A 1111 40.36 169.48 -30.09
C GLN A 1111 40.42 169.66 -31.59
N SER A 1112 39.25 169.73 -32.27
CA SER A 1112 39.24 169.85 -33.71
C SER A 1112 39.71 171.20 -34.20
N GLU A 1113 39.70 172.21 -33.30
CA GLU A 1113 40.42 173.45 -33.48
C GLU A 1113 41.93 173.26 -33.72
N GLU A 1114 42.63 172.51 -32.86
CA GLU A 1114 44.01 172.12 -33.06
C GLU A 1114 44.24 171.19 -34.26
N LEU A 1115 43.32 170.24 -34.51
CA LEU A 1115 43.38 169.39 -35.70
C LEU A 1115 43.32 170.16 -37.01
N ASN A 1116 42.53 171.24 -37.08
CA ASN A 1116 42.52 172.15 -38.21
C ASN A 1116 43.87 172.83 -38.44
N SER A 1117 44.56 173.28 -37.37
CA SER A 1117 45.90 173.85 -37.45
C SER A 1117 46.94 172.91 -38.05
N LEU A 1118 46.86 171.62 -37.72
CA LEU A 1118 47.74 170.60 -38.27
C LEU A 1118 47.38 170.14 -39.67
N LYS A 1119 46.15 170.46 -40.14
CA LYS A 1119 45.61 170.13 -41.45
C LYS A 1119 45.10 168.70 -41.54
N THR A 1120 44.81 168.07 -40.38
CA THR A 1120 44.57 166.64 -40.30
C THR A 1120 43.14 166.27 -39.96
N ASN A 1121 42.25 167.27 -39.86
CA ASN A 1121 40.84 167.08 -39.49
C ASN A 1121 40.12 166.09 -40.40
N SER A 1122 40.28 166.23 -41.73
CA SER A 1122 39.66 165.35 -42.71
C SER A 1122 40.04 163.90 -42.58
N TYR A 1123 41.29 163.59 -42.20
CA TYR A 1123 41.68 162.23 -41.96
C TYR A 1123 41.06 161.64 -40.70
N PHE A 1124 41.24 162.28 -39.54
CA PHE A 1124 41.00 161.55 -38.29
C PHE A 1124 39.62 161.76 -37.66
N GLU A 1125 38.81 162.71 -38.16
CA GLU A 1125 37.57 163.09 -37.48
C GLU A 1125 36.46 162.04 -37.59
N PHE A 1126 36.63 161.06 -38.50
CA PHE A 1126 35.79 159.87 -38.58
C PHE A 1126 35.91 158.96 -37.35
N SER A 1127 37.14 158.64 -36.91
CA SER A 1127 37.32 157.72 -35.77
C SER A 1127 37.61 158.45 -34.49
N LEU A 1128 37.91 159.77 -34.52
CA LEU A 1128 37.98 160.54 -33.29
C LEU A 1128 36.67 160.56 -32.52
N LYS A 1129 35.56 160.89 -33.22
CA LYS A 1129 34.24 160.77 -32.67
C LYS A 1129 33.82 159.33 -32.44
N ALA A 1130 34.10 158.39 -33.37
CA ALA A 1130 33.72 156.99 -33.19
C ALA A 1130 34.27 156.37 -31.91
N ASN A 1131 35.57 156.57 -31.63
CA ASN A 1131 36.20 156.14 -30.41
C ASN A 1131 35.70 156.94 -29.22
N TYR A 1132 35.48 158.28 -29.33
CA TYR A 1132 34.75 159.05 -28.32
C TYR A 1132 33.30 158.65 -28.04
N GLU A 1133 32.72 157.63 -28.71
CA GLU A 1133 31.45 157.06 -28.30
C GLU A 1133 31.63 155.89 -27.35
N CYS A 1134 32.63 155.02 -27.62
CA CYS A 1134 32.98 153.92 -26.74
C CYS A 1134 33.95 154.36 -25.67
N TYR A 1135 34.16 155.68 -25.54
CA TYR A 1135 34.78 156.31 -24.39
C TYR A 1135 33.76 157.00 -23.50
N MET A 1136 32.50 157.10 -23.94
CA MET A 1136 31.40 157.53 -23.09
C MET A 1136 30.68 156.33 -22.50
N LYS A 1137 30.93 155.13 -23.08
CA LYS A 1137 30.47 153.87 -22.51
C LYS A 1137 31.49 153.27 -21.55
N MET A 1138 32.79 153.53 -21.77
CA MET A 1138 33.86 153.11 -20.87
C MET A 1138 33.83 153.86 -19.54
N GLN B 18 29.86 -102.29 -85.17
CA GLN B 18 30.33 -101.99 -86.54
C GLN B 18 31.06 -100.64 -86.54
N GLN B 19 32.35 -100.64 -86.87
CA GLN B 19 33.19 -99.41 -86.92
C GLN B 19 33.15 -98.68 -85.57
N ASN B 20 33.23 -99.43 -84.47
CA ASN B 20 33.21 -98.84 -83.10
C ASN B 20 32.00 -97.93 -82.94
N ARG B 21 30.79 -98.50 -83.07
CA ARG B 21 29.55 -97.72 -82.92
C ARG B 21 28.93 -97.98 -81.56
N HIS B 22 28.44 -96.92 -80.93
CA HIS B 22 27.77 -97.01 -79.63
C HIS B 22 26.37 -97.61 -79.78
N ILE B 23 25.92 -98.39 -78.81
CA ILE B 23 24.58 -98.98 -78.82
C ILE B 23 23.65 -98.10 -77.99
N GLY B 24 22.57 -97.65 -78.60
CA GLY B 24 21.43 -97.07 -77.92
C GLY B 24 20.39 -98.14 -77.62
N PHE B 25 19.68 -97.99 -76.50
CA PHE B 25 18.59 -98.89 -76.14
C PHE B 25 17.39 -98.13 -75.60
N SER B 26 16.20 -98.70 -75.79
CA SER B 26 14.97 -98.20 -75.18
C SER B 26 14.12 -99.38 -74.73
N TRP B 27 13.71 -99.37 -73.47
CA TRP B 27 12.80 -100.36 -72.91
C TRP B 27 11.36 -100.05 -73.34
N GLY B 28 10.73 -101.02 -73.99
CA GLY B 28 9.29 -101.12 -74.15
C GLY B 28 8.63 -101.87 -72.98
N PRO B 29 7.30 -102.10 -73.03
CA PRO B 29 6.56 -102.79 -71.98
C PRO B 29 6.99 -104.25 -71.72
N GLY B 30 7.55 -104.91 -72.74
CA GLY B 30 8.15 -106.25 -72.66
C GLY B 30 9.20 -106.51 -73.74
N ASP B 31 9.53 -105.49 -74.53
CA ASP B 31 10.47 -105.58 -75.63
C ASP B 31 11.64 -104.62 -75.36
N LEU B 32 12.85 -104.97 -75.80
CA LEU B 32 14.02 -104.11 -75.77
C LEU B 32 14.34 -103.66 -77.19
N LEU B 33 14.21 -102.37 -77.46
CA LEU B 33 14.63 -101.78 -78.72
C LEU B 33 16.12 -101.46 -78.65
N LEU B 34 16.89 -101.93 -79.64
CA LEU B 34 18.32 -101.70 -79.77
C LEU B 34 18.64 -101.06 -81.12
N TYR B 35 19.50 -100.05 -81.11
CA TYR B 35 19.88 -99.34 -82.32
C TYR B 35 21.32 -98.84 -82.23
N GLU B 36 21.90 -98.58 -83.39
CA GLU B 36 23.21 -97.97 -83.39
C GLU B 36 22.94 -96.49 -83.21
N THR B 37 23.38 -95.85 -82.09
CA THR B 37 23.26 -94.36 -81.93
C THR B 37 24.04 -93.62 -83.05
N LEU B 38 25.37 -93.62 -82.98
CA LEU B 38 26.18 -93.02 -84.04
C LEU B 38 27.69 -93.19 -83.76
N TYR B 39 28.26 -92.45 -82.79
CA TYR B 39 29.75 -92.45 -82.51
C TYR B 39 30.28 -91.51 -81.36
N GLN B 40 29.39 -90.83 -80.63
CA GLN B 40 29.59 -89.46 -80.10
C GLN B 40 30.81 -88.68 -80.61
N LYS B 41 31.13 -88.76 -81.92
CA LYS B 41 32.37 -88.13 -82.44
C LYS B 41 32.13 -87.02 -83.45
N GLN B 42 30.90 -86.82 -83.94
CA GLN B 42 30.61 -85.86 -85.05
C GLN B 42 30.85 -86.66 -86.36
N GLY B 43 30.57 -86.09 -87.54
CA GLY B 43 30.67 -86.83 -88.80
C GLY B 43 32.10 -87.29 -88.86
N ASN B 44 32.35 -88.59 -88.68
CA ASN B 44 33.72 -89.11 -88.61
C ASN B 44 33.74 -90.59 -89.03
N SER B 45 34.85 -91.31 -88.81
CA SER B 45 34.93 -92.78 -89.06
C SER B 45 34.78 -93.22 -90.54
N GLU B 46 35.89 -93.52 -91.23
CA GLU B 46 35.83 -93.88 -92.66
C GLU B 46 34.85 -95.03 -92.93
N THR B 47 35.08 -96.19 -92.29
CA THR B 47 34.22 -97.37 -92.52
C THR B 47 32.76 -96.92 -92.82
N ALA B 48 32.28 -97.06 -94.07
CA ALA B 48 30.95 -96.53 -94.48
C ALA B 48 29.90 -97.61 -94.79
N ALA B 49 28.62 -97.31 -94.56
CA ALA B 49 27.55 -98.29 -94.77
C ALA B 49 26.17 -97.64 -94.54
N ARG B 50 25.25 -98.39 -93.93
CA ARG B 50 23.91 -97.86 -93.60
C ARG B 50 23.44 -98.59 -92.35
N CYS B 51 22.93 -97.86 -91.35
CA CYS B 51 22.45 -98.52 -90.11
C CYS B 51 20.98 -98.96 -90.27
N PRO B 52 20.66 -99.81 -91.27
CA PRO B 52 19.30 -100.28 -91.46
C PRO B 52 19.12 -101.59 -90.68
N PHE B 53 19.20 -101.52 -89.35
CA PHE B 53 19.07 -102.74 -88.53
C PHE B 53 17.96 -102.56 -87.49
N MET B 54 17.02 -103.51 -87.46
CA MET B 54 15.93 -103.51 -86.46
C MET B 54 16.24 -104.66 -85.51
N TYR B 55 16.39 -104.38 -84.21
CA TYR B 55 16.76 -105.47 -83.27
C TYR B 55 15.80 -105.53 -82.08
N LEU B 56 14.77 -106.36 -82.19
CA LEU B 56 13.86 -106.58 -81.07
C LEU B 56 14.36 -107.81 -80.32
N VAL B 57 14.96 -107.58 -79.17
CA VAL B 57 15.37 -108.65 -78.25
C VAL B 57 14.15 -108.99 -77.41
N ARG B 58 13.75 -110.26 -77.43
CA ARG B 58 12.65 -110.76 -76.61
C ARG B 58 13.19 -111.77 -75.62
N SER B 59 12.70 -111.76 -74.37
CA SER B 59 13.07 -112.82 -73.43
C SER B 59 12.06 -113.94 -73.70
N ASP B 60 12.48 -115.21 -73.64
CA ASP B 60 11.55 -116.39 -73.82
C ASP B 60 11.22 -116.67 -75.31
N GLU B 61 10.88 -117.92 -75.64
CA GLU B 61 10.79 -118.40 -77.05
C GLU B 61 9.77 -119.55 -77.26
N ASP B 62 9.95 -120.68 -76.56
CA ASP B 62 9.09 -121.87 -76.78
C ASP B 62 7.61 -121.65 -76.38
N ILE B 63 7.31 -120.60 -75.62
CA ILE B 63 5.94 -120.34 -75.16
C ILE B 63 4.99 -120.23 -76.37
N TYR B 64 5.49 -119.72 -77.49
CA TYR B 64 4.63 -119.52 -78.70
C TYR B 64 4.01 -120.82 -79.27
N SER B 65 4.61 -121.98 -78.96
CA SER B 65 4.07 -123.27 -79.46
C SER B 65 2.55 -123.37 -79.24
N PRO B 66 1.72 -123.77 -80.22
CA PRO B 66 0.28 -123.90 -79.85
C PRO B 66 -0.03 -124.94 -78.73
N VAL B 67 0.63 -126.10 -78.84
CA VAL B 67 0.37 -127.20 -77.88
C VAL B 67 0.74 -126.79 -76.43
N LEU B 68 1.85 -126.08 -76.27
CA LEU B 68 2.29 -125.67 -74.93
C LEU B 68 1.26 -124.68 -74.35
N ARG B 69 0.72 -123.79 -75.17
CA ARG B 69 -0.36 -122.86 -74.72
C ARG B 69 -1.58 -123.67 -74.24
N LYS B 70 -1.96 -124.69 -75.02
CA LYS B 70 -3.08 -125.56 -74.55
C LYS B 70 -2.76 -126.15 -73.16
N LEU B 71 -1.54 -126.69 -73.03
CA LEU B 71 -1.10 -127.27 -71.74
C LEU B 71 -1.32 -126.25 -70.66
N PHE B 72 -0.82 -125.03 -70.87
CA PHE B 72 -0.91 -123.97 -69.85
C PHE B 72 -2.37 -123.70 -69.48
N ASN B 73 -3.27 -123.51 -70.45
CA ASN B 73 -4.71 -123.33 -70.09
C ASN B 73 -5.29 -124.48 -69.22
N GLU B 74 -5.06 -125.73 -69.67
CA GLU B 74 -5.59 -126.89 -68.91
C GLU B 74 -5.05 -126.88 -67.47
N SER B 75 -3.78 -126.55 -67.33
CA SER B 75 -3.16 -126.60 -65.98
C SER B 75 -3.52 -125.40 -65.13
N HIS B 76 -3.91 -124.28 -65.72
CA HIS B 76 -4.43 -123.15 -64.94
C HIS B 76 -5.71 -123.68 -64.37
N SER B 77 -6.51 -124.35 -65.21
CA SER B 77 -7.72 -124.96 -64.62
C SER B 77 -7.28 -125.82 -63.40
N ILE B 78 -6.27 -126.69 -63.60
CA ILE B 78 -5.84 -127.59 -62.48
C ILE B 78 -5.47 -126.77 -61.22
N PHE B 79 -4.67 -125.73 -61.38
CA PHE B 79 -4.21 -124.89 -60.25
C PHE B 79 -5.39 -124.27 -59.51
N VAL B 80 -6.32 -123.68 -60.26
CA VAL B 80 -7.46 -123.03 -59.59
C VAL B 80 -8.18 -124.09 -58.77
N GLY B 81 -8.42 -125.25 -59.40
CA GLY B 81 -9.09 -126.33 -58.67
C GLY B 81 -8.35 -126.63 -57.35
N LEU B 82 -7.04 -126.87 -57.42
CA LEU B 82 -6.25 -127.17 -56.22
C LEU B 82 -6.39 -126.08 -55.15
N GLN B 83 -6.24 -124.81 -55.53
CA GLN B 83 -6.29 -123.73 -54.54
C GLN B 83 -7.64 -123.80 -53.84
N LYS B 84 -8.71 -123.88 -54.63
CA LYS B 84 -10.06 -123.87 -54.06
C LYS B 84 -10.27 -125.06 -53.10
N SER B 85 -9.76 -126.25 -53.46
CA SER B 85 -9.96 -127.46 -52.62
C SER B 85 -8.97 -127.59 -51.44
N ALA B 86 -7.95 -126.72 -51.38
CA ALA B 86 -6.95 -126.72 -50.27
C ALA B 86 -7.52 -126.46 -48.87
N GLU B 87 -8.77 -126.04 -48.72
CA GLU B 87 -9.44 -125.88 -47.42
C GLU B 87 -10.22 -127.14 -46.97
N GLU B 88 -10.49 -128.11 -47.86
CA GLU B 88 -11.59 -129.08 -47.63
C GLU B 88 -11.15 -130.46 -47.06
N ALA B 89 -9.91 -130.89 -47.27
CA ALA B 89 -9.49 -132.28 -47.01
C ALA B 89 -8.34 -132.42 -45.99
N SER B 90 -8.36 -133.49 -45.19
CA SER B 90 -7.30 -133.75 -44.18
C SER B 90 -6.36 -134.93 -44.52
N GLY B 91 -5.28 -135.09 -43.76
CA GLY B 91 -4.30 -136.19 -43.96
C GLY B 91 -4.32 -137.09 -45.20
N LYS B 92 -4.72 -138.36 -45.05
CA LYS B 92 -4.65 -139.32 -46.18
C LYS B 92 -5.44 -138.86 -47.41
N SER B 93 -6.67 -138.38 -47.20
CA SER B 93 -7.51 -137.99 -48.34
C SER B 93 -6.77 -136.87 -49.08
N ARG B 94 -6.25 -135.90 -48.35
CA ARG B 94 -5.54 -134.78 -48.98
C ARG B 94 -4.31 -135.28 -49.75
N LYS B 95 -3.56 -136.20 -49.15
CA LYS B 95 -2.36 -136.75 -49.81
C LYS B 95 -2.76 -137.39 -51.14
N ALA B 96 -3.85 -138.18 -51.12
CA ALA B 96 -4.29 -138.87 -52.34
C ALA B 96 -4.72 -137.83 -53.39
N GLN B 97 -5.41 -136.78 -52.96
CA GLN B 97 -5.84 -135.72 -53.88
C GLN B 97 -4.61 -135.07 -54.54
N LEU B 98 -3.57 -134.81 -53.76
CA LEU B 98 -2.34 -134.20 -54.31
C LEU B 98 -1.69 -135.17 -55.32
N VAL B 99 -1.64 -136.46 -54.97
CA VAL B 99 -1.08 -137.46 -55.92
C VAL B 99 -1.88 -137.38 -57.23
N GLN B 100 -3.21 -137.31 -57.14
CA GLN B 100 -4.05 -137.28 -58.35
C GLN B 100 -3.80 -136.00 -59.17
N VAL B 101 -3.63 -134.85 -58.50
CA VAL B 101 -3.32 -133.59 -59.21
C VAL B 101 -2.01 -133.79 -59.97
N SER B 102 -1.04 -134.41 -59.30
CA SER B 102 0.27 -134.68 -59.92
C SER B 102 0.07 -135.55 -61.19
N ARG B 103 -0.74 -136.60 -61.06
CA ARG B 103 -1.00 -137.50 -62.20
C ARG B 103 -1.68 -136.73 -63.35
N ASN B 104 -2.60 -135.82 -63.03
CA ASN B 104 -3.29 -135.02 -64.05
C ASN B 104 -2.27 -134.14 -64.80
N TYR B 105 -1.36 -133.50 -64.05
CA TYR B 105 -0.31 -132.71 -64.71
C TYR B 105 0.46 -133.63 -65.68
N ARG B 106 0.84 -134.83 -65.21
CA ARG B 106 1.64 -135.72 -66.08
C ARG B 106 0.84 -136.16 -67.33
N SER B 107 -0.46 -136.36 -67.18
CA SER B 107 -1.33 -136.76 -68.32
C SER B 107 -1.39 -135.61 -69.33
N VAL B 108 -1.49 -134.37 -68.84
CA VAL B 108 -1.46 -133.23 -69.76
C VAL B 108 -0.10 -133.29 -70.52
N LEU B 109 1.00 -133.51 -69.78
CA LEU B 109 2.31 -133.61 -70.45
C LEU B 109 2.25 -134.66 -71.56
N ARG B 110 1.71 -135.84 -71.25
CA ARG B 110 1.59 -136.94 -72.23
C ARG B 110 0.85 -136.48 -73.47
N ALA B 111 -0.35 -135.92 -73.29
CA ALA B 111 -1.17 -135.52 -74.43
C ALA B 111 -0.35 -134.55 -75.29
N CYS B 112 0.30 -133.59 -74.64
CA CYS B 112 1.07 -132.58 -75.40
C CYS B 112 2.18 -133.24 -76.23
N MET B 113 2.96 -134.12 -75.60
CA MET B 113 4.01 -134.84 -76.34
C MET B 113 3.42 -135.60 -77.54
N GLU B 114 2.31 -136.31 -77.33
CA GLU B 114 1.70 -137.09 -78.41
C GLU B 114 1.32 -136.17 -79.59
N GLU B 115 0.72 -135.03 -79.27
CA GLU B 115 0.32 -134.09 -80.32
C GLU B 115 1.56 -133.60 -81.08
N MET B 116 2.60 -133.22 -80.32
CA MET B 116 3.83 -132.72 -80.97
C MET B 116 4.39 -133.81 -81.90
N HIS B 117 4.32 -135.06 -81.47
CA HIS B 117 4.86 -136.17 -82.27
C HIS B 117 4.05 -136.34 -83.57
N THR B 118 2.72 -136.32 -83.50
CA THR B 118 1.95 -136.39 -84.75
C THR B 118 2.36 -135.21 -85.66
N LEU B 119 2.54 -134.03 -85.06
CA LEU B 119 2.89 -132.85 -85.85
C LEU B 119 4.24 -133.08 -86.57
N SER B 120 5.24 -133.59 -85.85
CA SER B 120 6.57 -133.83 -86.44
C SER B 120 6.45 -134.85 -87.56
N GLU B 121 5.64 -135.89 -87.32
CA GLU B 121 5.45 -136.93 -88.34
C GLU B 121 4.90 -136.30 -89.63
N SER B 122 3.87 -135.45 -89.53
CA SER B 122 3.25 -134.91 -90.78
C SER B 122 3.99 -133.70 -91.42
N THR B 123 4.93 -133.08 -90.70
CA THR B 123 5.58 -131.83 -91.13
C THR B 123 7.10 -131.91 -91.01
N ARG B 124 7.80 -132.15 -92.13
CA ARG B 124 9.27 -132.34 -92.16
C ARG B 124 10.08 -131.12 -91.72
N GLU B 125 9.66 -129.91 -92.07
CA GLU B 125 10.45 -128.68 -91.81
C GLU B 125 10.46 -128.30 -90.31
N THR B 126 9.39 -128.58 -89.58
CA THR B 126 9.26 -128.29 -88.14
C THR B 126 9.50 -129.51 -87.26
N ALA B 127 9.67 -130.68 -87.92
CA ALA B 127 9.94 -131.93 -87.23
C ALA B 127 11.27 -131.83 -86.52
N GLN B 128 12.29 -131.17 -87.07
CA GLN B 128 13.54 -131.06 -86.30
C GLN B 128 13.17 -130.37 -84.97
N LYS B 129 12.59 -129.17 -85.09
CA LYS B 129 12.21 -128.42 -83.90
C LYS B 129 11.16 -129.18 -83.09
N TYR B 130 10.26 -129.93 -83.74
CA TYR B 130 9.17 -130.56 -83.01
C TYR B 130 9.77 -131.66 -82.17
N ILE B 131 10.77 -132.37 -82.68
CA ILE B 131 11.42 -133.45 -81.95
C ILE B 131 12.21 -132.81 -80.81
N SER B 132 12.84 -131.65 -81.07
CA SER B 132 13.54 -130.97 -79.99
C SER B 132 12.52 -130.68 -78.87
N GLN B 133 11.31 -130.22 -79.22
CA GLN B 133 10.31 -129.82 -78.21
C GLN B 133 9.69 -131.05 -77.54
N ILE B 134 9.64 -132.18 -78.25
CA ILE B 134 9.07 -133.41 -77.71
C ILE B 134 10.08 -133.82 -76.66
N SER B 135 11.38 -133.69 -76.95
CA SER B 135 12.42 -134.08 -76.01
C SER B 135 12.36 -133.12 -74.82
N ILE B 136 12.02 -131.85 -75.07
CA ILE B 136 11.92 -130.87 -73.97
C ILE B 136 10.77 -131.28 -73.04
N LEU B 137 9.65 -131.72 -73.62
CA LEU B 137 8.49 -132.11 -72.80
C LEU B 137 8.82 -133.42 -72.12
N SER B 138 9.69 -134.23 -72.73
CA SER B 138 10.05 -135.52 -72.17
C SER B 138 10.83 -135.15 -70.93
N ALA B 139 11.74 -134.19 -71.04
CA ALA B 139 12.51 -133.73 -69.90
C ALA B 139 11.52 -133.34 -68.84
N MET B 140 10.55 -132.50 -69.22
CA MET B 140 9.62 -131.99 -68.22
C MET B 140 8.94 -133.15 -67.51
N GLU B 141 8.33 -134.09 -68.22
CA GLU B 141 7.53 -135.16 -67.57
C GLU B 141 8.46 -136.03 -66.75
N LEU B 142 9.62 -136.32 -67.27
CA LEU B 142 10.61 -137.10 -66.53
C LEU B 142 10.83 -136.43 -65.17
N SER B 143 11.30 -135.20 -65.16
CA SER B 143 11.61 -134.59 -63.87
C SER B 143 10.36 -134.52 -62.99
N TRP B 144 9.23 -134.10 -63.56
CA TRP B 144 8.04 -133.88 -62.75
C TRP B 144 7.75 -135.19 -62.06
N ASN B 145 7.65 -136.26 -62.81
CA ASN B 145 7.30 -137.58 -62.27
C ASN B 145 8.31 -138.09 -61.26
N LEU B 146 9.60 -137.97 -61.52
CA LEU B 146 10.56 -138.40 -60.49
C LEU B 146 10.23 -137.67 -59.19
N CYS B 147 10.21 -136.34 -59.26
CA CYS B 147 10.00 -135.57 -58.02
C CYS B 147 8.72 -136.04 -57.37
N GLU B 148 7.64 -136.16 -58.16
CA GLU B 148 6.33 -136.53 -57.66
C GLU B 148 6.57 -137.75 -56.89
N ILE B 149 6.80 -138.87 -57.58
CA ILE B 149 6.91 -140.17 -56.94
C ILE B 149 7.53 -139.87 -55.62
N LEU B 150 8.81 -139.52 -55.65
CA LEU B 150 9.50 -139.40 -54.38
C LEU B 150 8.70 -138.64 -53.32
N PHE B 151 8.80 -137.32 -53.37
CA PHE B 151 8.24 -136.58 -52.23
C PHE B 151 6.80 -136.99 -51.92
N ILE B 152 5.98 -137.05 -52.96
CA ILE B 152 4.52 -137.14 -52.71
C ILE B 152 4.06 -138.48 -52.20
N GLU B 153 4.59 -139.55 -52.79
CA GLU B 153 4.28 -140.94 -52.39
C GLU B 153 5.13 -141.31 -51.16
N SER B 154 6.45 -141.18 -51.29
CA SER B 154 7.41 -141.47 -50.17
C SER B 154 7.23 -142.89 -49.63
N ALA B 155 7.10 -143.88 -50.52
CA ALA B 155 6.80 -145.27 -50.10
C ALA B 155 7.96 -145.86 -49.27
N PRO B 156 7.68 -146.69 -48.26
CA PRO B 156 8.73 -147.31 -47.42
C PRO B 156 9.33 -148.59 -48.04
N ALA B 157 10.38 -149.13 -47.43
CA ALA B 157 11.06 -150.38 -47.86
C ALA B 157 10.03 -151.43 -48.27
N GLY B 158 10.19 -152.01 -49.47
CA GLY B 158 9.18 -152.92 -50.00
C GLY B 158 8.45 -152.33 -51.21
N PRO B 159 7.41 -151.50 -51.03
CA PRO B 159 6.71 -150.83 -52.13
C PRO B 159 7.63 -150.01 -53.05
N LEU B 160 8.70 -149.41 -52.49
CA LEU B 160 9.67 -148.62 -53.25
C LEU B 160 10.20 -149.34 -54.50
N LEU B 161 10.68 -150.58 -54.37
CA LEU B 161 11.23 -151.31 -55.52
C LEU B 161 10.17 -151.64 -56.56
N ILE B 162 8.94 -151.94 -56.14
CA ILE B 162 7.81 -152.19 -57.05
C ILE B 162 7.55 -150.93 -57.90
N LEU B 163 7.55 -149.77 -57.26
CA LEU B 163 7.34 -148.49 -57.93
C LEU B 163 8.51 -148.12 -58.85
N LEU B 164 9.76 -148.44 -58.47
CA LEU B 164 10.93 -148.23 -59.32
C LEU B 164 10.94 -149.16 -60.55
N LEU B 165 10.49 -150.40 -60.41
CA LEU B 165 10.29 -151.31 -61.55
C LEU B 165 9.21 -150.78 -62.50
N GLU B 166 8.11 -150.28 -61.96
CA GLU B 166 7.07 -149.64 -62.75
C GLU B 166 7.58 -148.35 -63.42
N TRP B 167 8.38 -147.55 -62.72
CA TRP B 167 9.03 -146.35 -63.24
C TRP B 167 9.92 -146.65 -64.45
N VAL B 168 10.83 -147.63 -64.34
CA VAL B 168 11.68 -148.05 -65.47
C VAL B 168 10.82 -148.56 -66.63
N ARG B 169 9.81 -149.39 -66.35
CA ARG B 169 8.91 -149.93 -67.38
C ARG B 169 8.15 -148.84 -68.14
N LEU B 170 7.73 -147.77 -67.47
CA LEU B 170 6.98 -146.67 -68.08
C LEU B 170 7.83 -145.77 -68.99
N HIS B 171 9.15 -145.79 -68.80
CA HIS B 171 10.09 -144.86 -69.45
C HIS B 171 11.12 -145.57 -70.35
N VAL B 172 11.28 -146.89 -70.24
CA VAL B 172 12.18 -147.71 -71.08
C VAL B 172 11.36 -148.79 -71.82
N CYS B 173 11.06 -148.53 -73.10
CA CYS B 173 10.16 -149.36 -73.92
C CYS B 173 10.87 -150.30 -74.92
N GLU B 174 12.20 -150.30 -74.96
CA GLU B 174 12.95 -151.00 -76.03
C GLU B 174 12.77 -152.52 -76.03
N VAL B 175 12.70 -153.13 -74.84
CA VAL B 175 12.50 -154.57 -74.68
C VAL B 175 11.20 -155.04 -75.33
N ASP B 176 10.11 -154.27 -75.19
CA ASP B 176 8.83 -154.63 -75.79
C ASP B 176 8.87 -154.56 -77.32
N ASN B 177 9.62 -153.61 -77.89
CA ASN B 177 9.83 -153.52 -79.34
C ASN B 177 10.62 -154.75 -79.85
N ILE B 178 11.71 -155.11 -79.15
CA ILE B 178 12.51 -156.31 -79.47
C ILE B 178 11.62 -157.57 -79.46
N VAL B 179 10.81 -157.74 -78.41
CA VAL B 179 9.94 -158.92 -78.28
C VAL B 179 8.85 -158.93 -79.34
N GLN B 180 8.24 -157.79 -79.67
CA GLN B 180 7.27 -157.71 -80.75
C GLN B 180 7.86 -158.14 -82.10
N ASP B 181 9.07 -157.72 -82.42
CA ASP B 181 9.77 -158.11 -83.65
C ASP B 181 10.07 -159.61 -83.67
N VAL B 182 10.59 -160.16 -82.56
CA VAL B 182 10.80 -161.60 -82.37
C VAL B 182 9.51 -162.39 -82.60
N LEU B 183 8.39 -161.93 -82.04
CA LEU B 183 7.10 -162.60 -82.13
C LEU B 183 6.44 -162.51 -83.51
N ARG B 184 6.79 -161.50 -84.32
CA ARG B 184 6.34 -161.38 -85.71
C ARG B 184 7.08 -162.31 -86.66
N SER B 185 8.24 -162.84 -86.26
CA SER B 185 8.98 -163.81 -87.06
C SER B 185 8.24 -165.16 -87.13
N GLU B 186 8.39 -165.88 -88.25
CA GLU B 186 7.75 -167.19 -88.45
C GLU B 186 8.19 -168.22 -87.40
N LYS B 187 9.43 -168.11 -86.93
CA LYS B 187 10.02 -168.97 -85.92
C LYS B 187 10.70 -168.13 -84.83
N PRO B 188 9.95 -167.70 -83.80
CA PRO B 188 10.46 -166.83 -82.76
C PRO B 188 11.71 -167.36 -82.03
N THR B 189 11.83 -168.68 -81.85
CA THR B 189 12.96 -169.30 -81.14
C THR B 189 14.26 -169.30 -81.93
N GLU B 190 14.20 -169.17 -83.27
CA GLU B 190 15.37 -169.07 -84.14
C GLU B 190 15.77 -167.61 -84.42
N HIS B 191 15.01 -166.64 -83.88
CA HIS B 191 15.28 -165.21 -84.08
C HIS B 191 16.50 -164.75 -83.27
N GLU B 192 17.38 -163.95 -83.88
CA GLU B 192 18.65 -163.49 -83.27
C GLU B 192 18.44 -162.84 -81.89
N LYS B 193 17.42 -162.00 -81.77
CA LYS B 193 17.05 -161.28 -80.54
C LYS B 193 16.13 -162.05 -79.57
N PHE B 194 15.89 -163.34 -79.78
CA PHE B 194 14.97 -164.10 -78.92
C PHE B 194 15.41 -164.09 -77.44
N TRP B 195 16.67 -164.41 -77.20
CA TRP B 195 17.24 -164.44 -75.84
C TRP B 195 17.42 -163.05 -75.24
N ASP B 196 17.59 -162.02 -76.07
CA ASP B 196 17.56 -160.63 -75.64
C ASP B 196 16.18 -160.25 -75.10
N GLY B 197 15.11 -160.69 -75.77
CA GLY B 197 13.75 -160.52 -75.27
C GLY B 197 13.49 -161.22 -73.93
N VAL B 198 13.94 -162.48 -73.80
CA VAL B 198 13.84 -163.24 -72.53
C VAL B 198 14.61 -162.52 -71.42
N THR B 199 15.86 -162.15 -71.69
CA THR B 199 16.75 -161.50 -70.72
C THR B 199 16.23 -160.12 -70.33
N GLY B 200 15.75 -159.33 -71.30
CA GLY B 200 15.15 -158.02 -71.06
C GLY B 200 13.92 -158.09 -70.16
N TYR B 201 13.03 -159.07 -70.36
CA TYR B 201 11.91 -159.28 -69.43
C TYR B 201 12.36 -159.67 -68.02
N VAL B 202 13.38 -160.49 -67.89
CA VAL B 202 13.94 -160.83 -66.57
C VAL B 202 14.55 -159.59 -65.89
N LEU B 203 15.34 -158.80 -66.62
CA LEU B 203 15.94 -157.55 -66.11
C LEU B 203 14.90 -156.54 -65.60
N GLN B 204 13.72 -156.50 -66.23
CA GLN B 204 12.58 -155.66 -65.83
C GLN B 204 11.70 -156.28 -64.73
N GLY B 205 12.02 -157.47 -64.20
CA GLY B 205 11.18 -158.15 -63.22
C GLY B 205 9.91 -158.84 -63.78
N ARG B 206 9.78 -158.92 -65.10
CA ARG B 206 8.61 -159.46 -65.83
C ARG B 206 8.71 -160.97 -66.02
N MET B 207 8.73 -161.69 -64.90
CA MET B 207 8.97 -163.13 -64.87
C MET B 207 7.91 -163.92 -65.66
N ASN B 208 6.65 -163.48 -65.63
CA ASN B 208 5.57 -164.19 -66.32
C ASN B 208 5.73 -164.12 -67.85
N GLU B 209 6.12 -162.98 -68.38
CA GLU B 209 6.34 -162.77 -69.82
C GLU B 209 7.61 -163.48 -70.30
N ALA B 210 8.69 -163.45 -69.50
CA ALA B 210 9.88 -164.26 -69.77
C ALA B 210 9.54 -165.76 -69.85
N ARG B 211 8.69 -166.25 -68.94
CA ARG B 211 8.22 -167.65 -68.94
C ARG B 211 7.39 -168.00 -70.17
N GLN B 212 6.57 -167.09 -70.67
CA GLN B 212 5.82 -167.30 -71.92
C GLN B 212 6.73 -167.45 -73.13
N LEU B 213 7.82 -166.67 -73.21
CA LEU B 213 8.84 -166.84 -74.25
C LEU B 213 9.59 -168.17 -74.08
N LEU B 214 10.00 -168.52 -72.87
CA LEU B 214 10.67 -169.79 -72.58
C LEU B 214 9.82 -171.01 -72.91
N ALA B 215 8.49 -170.93 -72.76
CA ALA B 215 7.59 -172.02 -73.14
C ALA B 215 7.65 -172.33 -74.65
N LYS B 216 7.96 -171.33 -75.50
CA LYS B 216 8.18 -171.55 -76.93
C LYS B 216 9.45 -172.35 -77.17
N GLU B 217 10.53 -172.04 -76.47
CA GLU B 217 11.82 -172.75 -76.60
C GLU B 217 11.75 -174.19 -76.07
N ALA B 218 10.95 -174.43 -75.02
CA ALA B 218 10.71 -175.78 -74.50
C ALA B 218 10.06 -176.74 -75.53
N SER B 219 9.47 -176.19 -76.60
CA SER B 219 8.88 -176.97 -77.69
C SER B 219 9.91 -177.45 -78.72
N THR B 220 11.05 -176.77 -78.85
CA THR B 220 12.06 -176.96 -79.91
C THR B 220 12.84 -178.28 -79.78
N SER B 221 13.28 -178.65 -78.57
CA SER B 221 14.13 -179.83 -78.33
C SER B 221 13.87 -180.49 -76.97
N ALA B 222 14.10 -181.79 -76.85
CA ALA B 222 13.98 -182.53 -75.59
C ALA B 222 15.02 -182.11 -74.53
N SER B 223 16.26 -181.81 -74.92
CA SER B 223 17.31 -181.35 -73.98
C SER B 223 17.04 -179.93 -73.50
N ALA B 224 16.61 -179.04 -74.41
CA ALA B 224 16.16 -177.70 -74.07
C ALA B 224 14.96 -177.77 -73.12
N ARG B 225 14.02 -178.68 -73.34
CA ARG B 225 12.81 -178.84 -72.51
C ARG B 225 13.11 -179.14 -71.04
N SER B 226 14.11 -179.98 -70.72
CA SER B 226 14.46 -180.24 -69.32
C SER B 226 15.05 -179.01 -68.64
N MET B 227 15.95 -178.28 -69.31
CA MET B 227 16.54 -177.06 -68.77
C MET B 227 15.52 -175.91 -68.67
N CYS B 228 14.68 -175.72 -69.71
CA CYS B 228 13.58 -174.76 -69.71
C CYS B 228 12.63 -175.00 -68.53
N ARG B 229 12.35 -176.26 -68.16
CA ARG B 229 11.48 -176.55 -67.00
C ARG B 229 12.11 -176.11 -65.69
N VAL B 230 13.42 -176.31 -65.53
CA VAL B 230 14.13 -175.84 -64.33
C VAL B 230 14.11 -174.31 -64.29
N LEU B 231 14.46 -173.65 -65.40
CA LEU B 231 14.47 -172.19 -65.46
C LEU B 231 13.06 -171.59 -65.29
N ASP B 232 12.03 -172.18 -65.90
CA ASP B 232 10.63 -171.77 -65.70
C ASP B 232 10.21 -171.88 -64.24
N ASP B 233 10.63 -172.94 -63.54
CA ASP B 233 10.33 -173.14 -62.13
C ASP B 233 11.04 -172.10 -61.25
N LEU B 234 12.32 -171.79 -61.52
CA LEU B 234 13.05 -170.73 -60.84
C LEU B 234 12.36 -169.37 -61.02
N LEU B 235 11.97 -169.02 -62.25
CA LEU B 235 11.27 -167.76 -62.54
C LEU B 235 9.87 -167.72 -61.88
N LYS B 236 9.17 -168.85 -61.86
CA LYS B 236 7.84 -168.96 -61.25
C LYS B 236 7.89 -168.83 -59.73
N LYS B 237 8.92 -169.39 -59.09
CA LYS B 237 9.11 -169.38 -57.64
C LYS B 237 9.71 -168.08 -57.12
N MET B 238 10.25 -167.21 -57.99
CA MET B 238 10.88 -165.97 -57.59
C MET B 238 9.95 -165.15 -56.68
N PRO B 239 10.37 -164.84 -55.44
CA PRO B 239 9.57 -164.03 -54.54
C PRO B 239 9.42 -162.60 -55.07
N MET B 240 8.18 -162.13 -55.18
CA MET B 240 7.85 -160.75 -55.52
C MET B 240 7.12 -160.08 -54.36
N LEU B 241 7.46 -158.83 -54.10
CA LEU B 241 6.73 -157.99 -53.14
C LEU B 241 5.38 -157.57 -53.76
N HIS B 242 4.34 -157.53 -52.93
CA HIS B 242 2.99 -157.15 -53.36
C HIS B 242 2.48 -156.00 -52.49
N THR B 243 1.89 -154.97 -53.11
CA THR B 243 1.27 -153.81 -52.46
C THR B 243 -0.06 -154.20 -51.81
N GLY B 244 0.02 -154.90 -50.68
CA GLY B 244 -1.16 -155.36 -49.92
C GLY B 244 -1.00 -156.71 -49.23
N GLY B 245 0.16 -157.36 -49.34
CA GLY B 245 0.44 -158.59 -48.61
C GLY B 245 0.62 -158.37 -47.11
N THR B 246 0.25 -159.35 -46.29
CA THR B 246 0.54 -159.38 -44.85
C THR B 246 1.97 -159.80 -44.53
N GLN B 247 2.78 -160.11 -45.56
CA GLN B 247 4.14 -160.59 -45.41
C GLN B 247 5.06 -159.48 -44.89
N THR B 248 5.85 -159.80 -43.88
CA THR B 248 6.87 -158.89 -43.36
C THR B 248 8.10 -158.86 -44.28
N LEU B 249 8.86 -157.76 -44.29
CA LEU B 249 10.09 -157.67 -45.09
C LEU B 249 11.10 -158.75 -44.72
N THR B 250 11.16 -159.15 -43.45
CA THR B 250 12.04 -160.24 -42.97
C THR B 250 11.62 -161.61 -43.49
N GLU B 251 10.32 -161.92 -43.49
CA GLU B 251 9.80 -163.15 -44.10
C GLU B 251 10.04 -163.19 -45.61
N PHE B 252 9.94 -162.03 -46.28
CA PHE B 252 10.26 -161.91 -47.69
C PHE B 252 11.74 -162.17 -47.94
N GLU B 253 12.64 -161.53 -47.19
CA GLU B 253 14.08 -161.68 -47.31
C GLU B 253 14.51 -163.15 -47.14
N LEU B 254 13.94 -163.88 -46.18
CA LEU B 254 14.22 -165.31 -45.98
C LEU B 254 13.79 -166.17 -47.18
N LYS B 255 12.59 -165.92 -47.73
CA LYS B 255 12.14 -166.65 -48.94
C LYS B 255 13.00 -166.31 -50.14
N TRP B 256 13.42 -165.06 -50.25
CA TRP B 256 14.27 -164.57 -51.34
C TRP B 256 15.67 -165.19 -51.27
N GLN B 257 16.28 -165.25 -50.08
CA GLN B 257 17.56 -165.93 -49.86
C GLN B 257 17.47 -167.42 -50.21
N HIS B 258 16.41 -168.12 -49.76
CA HIS B 258 16.22 -169.52 -50.10
C HIS B 258 16.07 -169.77 -51.61
N TRP B 259 15.30 -168.92 -52.30
CA TRP B 259 15.17 -168.96 -53.75
C TRP B 259 16.52 -168.72 -54.45
N ARG B 260 17.30 -167.74 -53.97
CA ARG B 260 18.63 -167.45 -54.50
C ARG B 260 19.59 -168.63 -54.33
N GLU B 261 19.58 -169.31 -53.18
CA GLU B 261 20.34 -170.54 -52.96
C GLU B 261 19.93 -171.67 -53.92
N GLU B 262 18.65 -171.75 -54.30
CA GLU B 262 18.16 -172.71 -55.31
C GLU B 262 18.72 -172.38 -56.69
N CYS B 263 18.70 -171.11 -57.11
CA CYS B 263 19.34 -170.64 -58.34
C CYS B 263 20.84 -170.97 -58.36
N GLU B 264 21.55 -170.69 -57.27
CA GLU B 264 23.00 -170.90 -57.16
C GLU B 264 23.34 -172.39 -57.25
N ARG B 265 22.57 -173.25 -56.57
CA ARG B 265 22.73 -174.70 -56.62
C ARG B 265 22.58 -175.24 -58.04
N HIS B 266 21.61 -174.74 -58.81
CA HIS B 266 21.42 -175.16 -60.21
C HIS B 266 22.59 -174.74 -61.10
N LEU B 267 23.15 -173.54 -60.87
CA LEU B 267 24.32 -173.06 -61.59
C LEU B 267 25.57 -173.89 -61.25
N GLN B 268 25.84 -174.13 -59.97
CA GLN B 268 26.99 -174.93 -59.50
C GLN B 268 26.92 -176.39 -59.98
N ASN B 269 25.73 -176.97 -60.07
CA ASN B 269 25.52 -178.31 -60.63
C ASN B 269 25.72 -178.39 -62.14
N GLY B 270 26.01 -177.27 -62.82
CA GLY B 270 26.18 -177.22 -64.27
C GLY B 270 24.89 -177.52 -65.04
N THR B 271 23.72 -177.27 -64.43
CA THR B 271 22.40 -177.62 -65.02
C THR B 271 22.20 -176.98 -66.40
N PHE B 272 22.74 -175.78 -66.60
CA PHE B 272 22.60 -174.98 -67.83
C PHE B 272 23.82 -175.00 -68.73
N SER B 273 24.85 -175.79 -68.43
CA SER B 273 26.15 -175.81 -69.13
C SER B 273 26.07 -176.07 -70.64
N SER B 274 24.97 -176.66 -71.12
CA SER B 274 24.73 -176.91 -72.55
C SER B 274 24.04 -175.76 -73.29
N ASN B 275 23.60 -174.72 -72.58
CA ASN B 275 22.95 -173.54 -73.15
C ASN B 275 23.42 -172.25 -72.46
N VAL B 276 24.35 -171.55 -73.12
CA VAL B 276 24.96 -170.29 -72.64
C VAL B 276 23.91 -169.23 -72.30
N HIS B 277 22.81 -169.15 -73.04
CA HIS B 277 21.78 -168.15 -72.78
C HIS B 277 20.97 -168.45 -71.51
N MET B 278 20.62 -169.72 -71.27
CA MET B 278 19.94 -170.12 -70.03
C MET B 278 20.86 -169.94 -68.82
N GLU B 279 22.15 -170.25 -68.98
CA GLU B 279 23.15 -170.00 -67.96
C GLU B 279 23.29 -168.50 -67.64
N ALA B 280 23.34 -167.65 -68.68
CA ALA B 280 23.36 -166.20 -68.52
C ALA B 280 22.11 -165.67 -67.79
N VAL B 281 20.90 -166.15 -68.14
CA VAL B 281 19.67 -165.79 -67.41
C VAL B 281 19.76 -166.21 -65.94
N CYS B 282 20.25 -167.42 -65.65
CA CYS B 282 20.42 -167.87 -64.27
C CYS B 282 21.44 -167.01 -63.50
N ARG B 283 22.53 -166.56 -64.15
CA ARG B 283 23.50 -165.62 -63.54
C ARG B 283 22.89 -164.23 -63.31
N VAL B 284 22.04 -163.75 -64.21
CA VAL B 284 21.23 -162.52 -63.99
C VAL B 284 20.34 -162.67 -62.76
N LEU B 285 19.66 -163.81 -62.58
CA LEU B 285 18.81 -164.05 -61.40
C LEU B 285 19.60 -164.05 -60.08
N LEU B 286 20.90 -164.35 -60.12
CA LEU B 286 21.81 -164.28 -58.97
C LEU B 286 22.37 -162.87 -58.73
N GLY B 287 22.04 -161.91 -59.59
CA GLY B 287 22.57 -160.56 -59.53
C GLY B 287 24.06 -160.47 -59.90
N ASP B 288 24.55 -161.34 -60.78
CA ASP B 288 25.94 -161.31 -61.23
C ASP B 288 26.23 -159.98 -61.99
N GLU B 289 27.05 -159.12 -61.40
CA GLU B 289 27.31 -157.78 -61.93
C GLU B 289 28.03 -157.80 -63.27
N GLU B 290 28.90 -158.78 -63.52
CA GLU B 290 29.60 -158.90 -64.80
C GLU B 290 28.59 -159.18 -65.91
N VAL B 291 27.67 -160.13 -65.68
CA VAL B 291 26.64 -160.49 -66.67
C VAL B 291 25.62 -159.37 -66.84
N LEU B 292 25.25 -158.66 -65.77
CA LEU B 292 24.36 -157.50 -65.89
C LEU B 292 25.01 -156.42 -66.76
N LEU B 293 26.30 -156.14 -66.59
CA LEU B 293 27.06 -155.18 -67.42
C LEU B 293 27.24 -155.65 -68.87
N GLU B 294 27.44 -156.95 -69.11
CA GLU B 294 27.43 -157.53 -70.46
C GLU B 294 26.08 -157.30 -71.18
N LYS B 295 24.98 -157.14 -70.42
CA LYS B 295 23.63 -156.88 -70.93
C LYS B 295 23.23 -155.41 -70.87
N ARG B 296 24.19 -154.49 -70.73
CA ARG B 296 23.95 -153.04 -70.71
C ARG B 296 23.11 -152.54 -71.89
N ASP B 297 23.32 -153.11 -73.08
CA ASP B 297 22.64 -152.69 -74.32
C ASP B 297 21.14 -152.99 -74.29
N LEU B 298 20.68 -153.92 -73.44
CA LEU B 298 19.24 -154.20 -73.25
C LEU B 298 18.60 -153.26 -72.23
N MET B 299 19.41 -152.70 -71.33
CA MET B 299 18.93 -151.80 -70.28
C MET B 299 18.92 -150.35 -70.71
N THR B 300 19.85 -149.99 -71.60
CA THR B 300 20.13 -148.68 -72.22
C THR B 300 20.48 -147.54 -71.28
N THR B 301 20.05 -147.57 -70.03
CA THR B 301 20.32 -146.53 -69.04
C THR B 301 20.86 -147.10 -67.73
N TRP B 302 21.68 -146.29 -67.06
CA TRP B 302 22.26 -146.66 -65.75
C TRP B 302 21.19 -146.84 -64.67
N TYR B 303 20.06 -146.12 -64.77
CA TYR B 303 18.98 -146.23 -63.80
C TYR B 303 18.12 -147.48 -64.01
N HIS B 304 18.01 -148.02 -65.23
CA HIS B 304 17.48 -149.37 -65.43
C HIS B 304 18.42 -150.40 -64.81
N PHE B 305 19.73 -150.29 -65.06
CA PHE B 305 20.74 -151.12 -64.43
C PHE B 305 20.67 -151.08 -62.89
N LEU B 306 20.51 -149.89 -62.30
CA LEU B 306 20.27 -149.71 -60.86
C LEU B 306 19.08 -150.55 -60.40
N VAL B 307 17.92 -150.41 -61.03
CA VAL B 307 16.70 -151.10 -60.60
C VAL B 307 16.84 -152.62 -60.75
N SER B 308 17.48 -153.11 -61.80
CA SER B 308 17.78 -154.54 -61.95
C SER B 308 18.75 -155.03 -60.86
N ARG B 309 19.77 -154.26 -60.49
CA ARG B 309 20.65 -154.59 -59.35
C ARG B 309 19.88 -154.64 -58.04
N LEU B 310 19.00 -153.68 -57.79
CA LEU B 310 18.16 -153.67 -56.60
C LEU B 310 17.25 -154.90 -56.55
N LEU B 311 16.64 -155.29 -57.68
CA LEU B 311 15.78 -156.47 -57.77
C LEU B 311 16.51 -157.78 -57.40
N PHE B 312 17.74 -157.97 -57.86
CA PHE B 312 18.48 -159.22 -57.71
C PHE B 312 19.53 -159.24 -56.60
N LYS B 313 19.83 -158.11 -55.95
CA LYS B 313 20.75 -158.06 -54.80
C LYS B 313 20.16 -157.46 -53.54
N HIS B 314 19.27 -156.46 -53.67
CA HIS B 314 18.81 -155.64 -52.54
C HIS B 314 17.29 -155.38 -52.61
N PRO B 315 16.45 -156.43 -52.61
CA PRO B 315 15.02 -156.27 -52.88
C PRO B 315 14.26 -155.52 -51.78
N THR B 316 14.85 -155.43 -50.57
CA THR B 316 14.30 -154.73 -49.40
C THR B 316 14.99 -153.38 -49.13
N VAL B 317 15.65 -152.79 -50.15
CA VAL B 317 16.38 -151.52 -50.06
C VAL B 317 15.56 -150.42 -49.40
N LYS B 318 16.23 -149.66 -48.53
CA LYS B 318 15.63 -148.49 -47.87
C LYS B 318 15.86 -147.23 -48.69
N PRO B 319 14.92 -146.26 -48.65
CA PRO B 319 15.09 -144.97 -49.31
C PRO B 319 16.45 -144.30 -49.01
N THR B 320 16.90 -144.35 -47.75
CA THR B 320 18.15 -143.74 -47.29
C THR B 320 19.43 -144.34 -47.90
N GLU B 321 19.34 -145.53 -48.48
CA GLU B 321 20.49 -146.24 -49.07
C GLU B 321 20.52 -146.09 -50.60
N LEU B 322 19.45 -145.57 -51.22
CA LEU B 322 19.31 -145.50 -52.68
C LEU B 322 20.44 -144.73 -53.36
N HIS B 323 20.84 -143.58 -52.80
CA HIS B 323 21.92 -142.76 -53.35
C HIS B 323 23.22 -143.55 -53.54
N PHE B 324 23.62 -144.35 -52.55
CA PHE B 324 24.82 -145.16 -52.63
C PHE B 324 24.77 -146.14 -53.81
N TYR B 325 23.65 -146.84 -53.97
CA TYR B 325 23.46 -147.77 -55.10
C TYR B 325 23.35 -147.03 -56.43
N ALA B 326 22.72 -145.86 -56.47
CA ALA B 326 22.57 -145.03 -57.66
C ALA B 326 23.94 -144.56 -58.17
N GLN B 327 24.76 -143.97 -57.29
CA GLN B 327 26.11 -143.53 -57.62
C GLN B 327 26.96 -144.70 -58.11
N SER B 328 26.97 -145.80 -57.36
CA SER B 328 27.69 -147.02 -57.77
C SER B 328 27.23 -147.55 -59.12
N SER B 329 25.93 -147.47 -59.43
CA SER B 329 25.39 -147.96 -60.70
C SER B 329 25.79 -147.05 -61.86
N LEU B 330 25.76 -145.74 -61.65
CA LEU B 330 26.23 -144.76 -62.63
C LEU B 330 27.71 -144.98 -62.94
N ASP B 331 28.56 -145.04 -61.91
CA ASP B 331 30.02 -145.21 -62.06
C ASP B 331 30.36 -146.51 -62.82
N MET B 332 29.68 -147.61 -62.50
CA MET B 332 29.87 -148.90 -63.18
C MET B 332 29.37 -148.88 -64.62
N PHE B 333 28.21 -148.26 -64.87
CA PHE B 333 27.59 -148.23 -66.20
C PHE B 333 28.35 -147.30 -67.16
N LEU B 334 28.89 -146.20 -66.64
CA LEU B 334 29.65 -145.18 -67.37
C LEU B 334 31.16 -145.40 -67.35
N ALA B 335 31.70 -146.53 -66.87
CA ALA B 335 33.13 -146.80 -66.65
C ALA B 335 34.09 -146.70 -67.88
N GLY B 336 33.70 -146.02 -68.97
CA GLY B 336 34.53 -145.62 -70.11
C GLY B 336 34.64 -144.09 -70.29
N ASP B 337 34.77 -143.62 -71.54
CA ASP B 337 34.95 -142.18 -71.88
C ASP B 337 33.63 -141.35 -71.84
N SER B 338 32.54 -141.92 -71.32
CA SER B 338 31.24 -141.25 -71.29
C SER B 338 31.09 -140.38 -70.04
N CYS B 339 30.71 -139.12 -70.22
CA CYS B 339 30.43 -138.19 -69.13
C CYS B 339 28.93 -138.24 -68.75
N PRO B 340 28.57 -138.09 -67.46
CA PRO B 340 27.17 -137.97 -67.06
C PRO B 340 26.45 -136.84 -67.80
N GLU B 341 25.24 -137.12 -68.27
CA GLU B 341 24.38 -136.11 -68.88
C GLU B 341 23.70 -135.25 -67.79
N PRO B 342 23.21 -134.03 -68.11
CA PRO B 342 22.53 -133.20 -67.13
C PRO B 342 21.32 -133.89 -66.45
N LEU B 343 20.65 -134.78 -67.17
CA LEU B 343 19.57 -135.62 -66.62
C LEU B 343 20.08 -136.57 -65.53
N ASP B 344 21.30 -137.09 -65.64
CA ASP B 344 21.88 -137.99 -64.65
C ASP B 344 22.11 -137.27 -63.33
N ASN B 345 22.60 -136.03 -63.39
CA ASN B 345 22.78 -135.18 -62.20
C ASN B 345 21.44 -134.93 -61.47
N ILE B 346 20.38 -134.67 -62.24
CA ILE B 346 19.02 -134.50 -61.72
C ILE B 346 18.54 -135.77 -61.01
N LEU B 347 18.69 -136.94 -61.65
CA LEU B 347 18.23 -138.21 -61.08
C LEU B 347 19.05 -138.59 -59.84
N LEU B 348 20.38 -138.39 -59.86
CA LEU B 348 21.24 -138.60 -58.70
C LEU B 348 20.84 -137.72 -57.52
N ALA B 349 20.60 -136.42 -57.76
CA ALA B 349 20.12 -135.51 -56.72
C ALA B 349 18.78 -135.96 -56.13
N ALA B 350 17.87 -136.48 -56.97
CA ALA B 350 16.61 -137.04 -56.50
C ALA B 350 16.85 -138.29 -55.61
N PHE B 351 17.75 -139.20 -56.00
CA PHE B 351 18.12 -140.36 -55.19
C PHE B 351 18.87 -139.99 -53.90
N GLU B 352 19.57 -138.86 -53.86
CA GLU B 352 20.18 -138.26 -52.66
C GLU B 352 19.16 -137.59 -51.74
N PHE B 353 17.90 -137.45 -52.19
CA PHE B 353 16.85 -136.70 -51.52
C PHE B 353 17.16 -135.19 -51.39
N ASP B 354 18.03 -134.65 -52.24
CA ASP B 354 18.31 -133.22 -52.32
C ASP B 354 17.36 -132.53 -53.31
N ILE B 355 16.20 -132.11 -52.81
CA ILE B 355 15.19 -131.41 -53.59
C ILE B 355 15.72 -130.08 -54.14
N HIS B 356 16.58 -129.38 -53.39
CA HIS B 356 17.13 -128.10 -53.82
C HIS B 356 18.06 -128.28 -55.02
N GLN B 357 18.88 -129.32 -55.00
CA GLN B 357 19.75 -129.65 -56.12
C GLN B 357 18.96 -130.12 -57.35
N VAL B 358 17.89 -130.91 -57.18
CA VAL B 358 16.97 -131.27 -58.29
C VAL B 358 16.40 -130.02 -58.96
N ILE B 359 15.91 -129.06 -58.16
CA ILE B 359 15.35 -127.80 -58.67
C ILE B 359 16.41 -126.96 -59.37
N LYS B 360 17.61 -126.87 -58.79
CA LYS B 360 18.73 -126.11 -59.35
C LYS B 360 19.16 -126.66 -60.71
N GLU B 361 19.41 -127.96 -60.81
CA GLU B 361 19.84 -128.60 -62.06
C GLU B 361 18.78 -128.46 -63.15
N PHE B 362 17.50 -128.66 -62.83
CA PHE B 362 16.42 -128.43 -63.80
C PHE B 362 16.29 -126.97 -64.22
N SER B 363 16.56 -126.02 -63.32
CA SER B 363 16.52 -124.58 -63.66
C SER B 363 17.63 -124.20 -64.64
N ILE B 364 18.75 -124.93 -64.66
CA ILE B 364 19.87 -124.71 -65.58
C ILE B 364 19.58 -125.35 -66.94
N VAL B 365 19.02 -126.58 -66.93
CA VAL B 365 18.78 -127.37 -68.15
C VAL B 365 17.53 -126.92 -68.91
N SER B 366 16.50 -126.50 -68.19
CA SER B 366 15.21 -126.13 -68.79
C SER B 366 15.21 -124.68 -69.23
N SER B 367 14.78 -124.44 -70.48
CA SER B 367 14.45 -123.10 -70.99
C SER B 367 13.29 -122.46 -70.23
N ASN B 368 12.35 -123.27 -69.73
CA ASN B 368 11.12 -122.83 -69.12
C ASN B 368 11.02 -123.25 -67.65
N TRP B 369 10.55 -122.32 -66.82
CA TRP B 369 10.29 -122.50 -65.39
C TRP B 369 9.12 -123.43 -65.06
N TRP B 370 8.38 -123.96 -66.05
CA TRP B 370 7.19 -124.80 -65.84
C TRP B 370 7.44 -125.97 -64.87
N PHE B 371 8.48 -126.77 -65.12
CA PHE B 371 8.76 -127.97 -64.32
C PHE B 371 9.04 -127.59 -62.86
N VAL B 372 9.98 -126.67 -62.65
CA VAL B 372 10.41 -126.27 -61.32
C VAL B 372 9.31 -125.52 -60.56
N ALA B 373 8.50 -124.71 -61.23
CA ALA B 373 7.39 -123.99 -60.61
C ALA B 373 6.30 -124.95 -60.09
N HIS B 374 5.83 -125.88 -60.93
CA HIS B 374 4.75 -126.80 -60.54
C HIS B 374 5.23 -127.91 -59.61
N LEU B 375 6.44 -128.45 -59.81
CA LEU B 375 7.00 -129.45 -58.91
C LEU B 375 7.23 -128.84 -57.52
N THR B 376 7.84 -127.66 -57.45
CA THR B 376 8.07 -126.97 -56.17
C THR B 376 6.76 -126.62 -55.49
N ASP B 377 5.75 -126.13 -56.22
CA ASP B 377 4.43 -125.89 -55.66
C ASP B 377 3.82 -127.16 -55.06
N LEU B 378 3.88 -128.29 -55.76
CA LEU B 378 3.34 -129.55 -55.27
C LEU B 378 4.11 -130.08 -54.05
N LEU B 379 5.44 -129.96 -54.04
CA LEU B 379 6.30 -130.36 -52.92
C LEU B 379 6.13 -129.46 -51.69
N ASP B 380 5.82 -128.17 -51.89
CA ASP B 380 5.45 -127.25 -50.81
C ASP B 380 4.13 -127.66 -50.14
N HIS B 381 3.15 -128.12 -50.93
CA HIS B 381 1.92 -128.72 -50.39
C HIS B 381 2.17 -130.05 -49.66
N CYS B 382 3.28 -130.74 -49.94
CA CYS B 382 3.75 -131.88 -49.16
C CYS B 382 4.48 -131.48 -47.85
N GLN B 383 4.62 -130.18 -47.57
CA GLN B 383 5.21 -129.70 -46.29
C GLN B 383 6.65 -130.20 -46.14
N LEU B 384 7.55 -129.75 -47.04
CA LEU B 384 8.96 -130.17 -47.03
C LEU B 384 9.92 -128.98 -46.84
N PHE B 385 9.72 -127.92 -47.64
CA PHE B 385 10.63 -126.75 -47.59
C PHE B 385 10.46 -126.00 -46.27
N GLN B 386 11.52 -125.36 -45.79
CA GLN B 386 11.41 -124.55 -44.56
C GLN B 386 10.41 -123.42 -44.83
N ALA B 387 9.42 -123.23 -43.95
CA ALA B 387 8.23 -122.41 -44.23
C ALA B 387 8.48 -120.94 -43.88
N HIS B 388 9.29 -120.23 -44.68
CA HIS B 388 9.62 -118.82 -44.42
C HIS B 388 9.71 -117.99 -45.72
N ASN B 389 9.55 -116.66 -45.62
CA ASN B 389 9.64 -115.79 -46.80
C ASN B 389 11.09 -115.72 -47.30
N LEU B 390 11.29 -115.39 -48.58
CA LEU B 390 12.64 -115.36 -49.18
C LEU B 390 13.42 -114.11 -48.67
N TYR B 391 13.44 -113.02 -49.44
CA TYR B 391 14.18 -111.79 -49.06
C TYR B 391 13.35 -110.53 -49.35
N PHE B 392 12.03 -110.65 -49.46
CA PHE B 392 11.17 -109.51 -49.84
C PHE B 392 9.70 -109.70 -49.41
N GLY B 393 9.46 -110.33 -48.26
CA GLY B 393 8.09 -110.56 -47.79
C GLY B 393 7.30 -111.50 -48.68
N ALA B 394 7.96 -112.46 -49.34
CA ALA B 394 7.26 -113.45 -50.18
C ALA B 394 8.07 -114.78 -50.25
N ASN B 395 8.08 -116.17 -50.55
CA ASN B 395 8.72 -117.51 -50.46
C ASN B 395 9.08 -118.05 -51.84
N MET B 396 9.73 -119.20 -51.91
CA MET B 396 10.16 -119.76 -53.20
C MET B 396 8.96 -119.84 -54.17
N ARG B 397 7.79 -120.22 -53.67
CA ARG B 397 6.59 -120.34 -54.53
C ARG B 397 6.15 -118.97 -55.13
N GLU B 398 6.01 -117.93 -54.30
CA GLU B 398 5.51 -116.65 -54.77
C GLU B 398 6.50 -116.01 -55.74
N PHE B 399 7.81 -116.04 -55.46
CA PHE B 399 8.83 -115.55 -56.38
C PHE B 399 8.71 -116.16 -57.78
N LEU B 400 8.69 -117.50 -57.87
CA LEU B 400 8.62 -118.21 -59.15
C LEU B 400 7.29 -117.99 -59.87
N LEU B 401 6.18 -117.89 -59.14
CA LEU B 401 4.88 -117.56 -59.72
C LEU B 401 4.84 -116.13 -60.25
N LEU B 402 5.46 -115.17 -59.56
CA LEU B 402 5.54 -113.78 -60.00
C LEU B 402 6.32 -113.66 -61.31
N ASP B 403 7.47 -114.31 -61.42
CA ASP B 403 8.29 -114.28 -62.64
C ASP B 403 7.61 -114.99 -63.81
N TYR B 404 7.02 -116.17 -63.57
CA TYR B 404 6.25 -116.88 -64.58
C TYR B 404 5.04 -116.05 -65.07
N ALA B 405 4.26 -115.48 -64.16
CA ALA B 405 3.12 -114.63 -64.50
C ALA B 405 3.57 -113.38 -65.27
N SER B 406 4.66 -112.74 -64.86
CA SER B 406 5.25 -111.60 -65.58
C SER B 406 5.65 -111.98 -67.01
N GLY B 407 6.23 -113.17 -67.20
CA GLY B 407 6.51 -113.75 -68.52
C GLY B 407 5.25 -113.86 -69.39
N LEU B 408 4.11 -114.31 -68.84
CA LEU B 408 2.83 -114.38 -69.57
C LEU B 408 2.29 -113.01 -70.01
N PHE B 409 2.57 -111.94 -69.26
CA PHE B 409 2.14 -110.58 -69.59
C PHE B 409 2.83 -110.01 -70.84
N SER B 410 4.02 -110.52 -71.20
CA SER B 410 4.70 -110.15 -72.44
C SER B 410 3.88 -110.52 -73.69
N HIS B 411 3.09 -111.61 -73.60
CA HIS B 411 2.36 -112.14 -74.74
C HIS B 411 0.96 -111.54 -74.91
N HIS B 412 0.62 -111.20 -76.16
CA HIS B 412 -0.58 -110.43 -76.49
C HIS B 412 -1.92 -111.08 -76.08
N SER B 413 -1.98 -112.40 -75.96
CA SER B 413 -3.18 -113.17 -75.58
C SER B 413 -3.12 -113.82 -74.21
N LEU B 414 -1.92 -114.07 -73.66
CA LEU B 414 -1.74 -114.87 -72.44
C LEU B 414 -1.72 -114.02 -71.17
N TRP B 415 -1.55 -112.70 -71.28
CA TRP B 415 -1.57 -111.78 -70.15
C TRP B 415 -2.79 -111.96 -69.22
N GLN B 416 -3.95 -112.39 -69.76
CA GLN B 416 -5.14 -112.67 -68.96
C GLN B 416 -4.94 -113.83 -67.98
N LEU B 417 -4.15 -114.85 -68.36
CA LEU B 417 -3.83 -115.96 -67.48
C LEU B 417 -2.94 -115.49 -66.32
N GLY B 418 -1.95 -114.64 -66.65
CA GLY B 418 -1.03 -114.05 -65.65
C GLY B 418 -1.75 -113.29 -64.54
N VAL B 419 -2.92 -112.70 -64.83
CA VAL B 419 -3.76 -112.02 -63.81
C VAL B 419 -4.14 -112.99 -62.69
N ASP B 420 -4.62 -114.18 -63.04
CA ASP B 420 -5.08 -115.14 -62.04
C ASP B 420 -3.91 -115.70 -61.23
N TYR B 421 -2.73 -115.90 -61.84
CA TYR B 421 -1.53 -116.28 -61.09
C TYR B 421 -1.14 -115.22 -60.05
N PHE B 422 -1.20 -113.94 -60.40
CA PHE B 422 -0.94 -112.85 -59.46
C PHE B 422 -1.95 -112.79 -58.30
N ASP B 423 -3.21 -113.19 -58.50
CA ASP B 423 -4.19 -113.22 -57.41
C ASP B 423 -3.85 -114.25 -56.32
N TYR B 424 -3.07 -115.27 -56.72
CA TYR B 424 -2.63 -116.38 -55.82
C TYR B 424 -2.10 -115.81 -54.50
N CYS B 425 -1.08 -114.93 -54.57
CA CYS B 425 -0.51 -114.32 -53.34
C CYS B 425 -0.90 -112.84 -53.30
N PRO B 426 -1.60 -112.36 -52.25
CA PRO B 426 -2.00 -110.95 -52.19
C PRO B 426 -0.83 -109.97 -52.12
N ASN B 427 0.18 -110.28 -51.30
CA ASN B 427 1.36 -109.39 -51.14
C ASN B 427 2.12 -109.29 -52.47
N LEU B 428 2.30 -110.44 -53.14
CA LEU B 428 3.38 -110.59 -54.15
C LEU B 428 2.80 -110.50 -55.57
N GLY B 429 1.50 -110.19 -55.70
CA GLY B 429 0.90 -110.13 -57.05
C GLY B 429 -0.13 -109.03 -57.21
N ARG B 430 -0.37 -108.22 -56.17
CA ARG B 430 -1.37 -107.15 -56.32
C ARG B 430 -0.79 -105.86 -56.91
N GLU B 431 0.41 -105.46 -56.50
CA GLU B 431 1.05 -104.23 -57.00
C GLU B 431 1.51 -104.42 -58.46
N TYR B 432 2.05 -105.59 -58.79
CA TYR B 432 2.37 -105.95 -60.18
C TYR B 432 1.14 -105.95 -61.07
N LEU B 433 0.03 -106.51 -60.59
CA LEU B 433 -1.24 -106.53 -61.32
C LEU B 433 -1.73 -105.09 -61.59
N LYS B 434 -1.66 -104.18 -60.60
CA LYS B 434 -2.03 -102.76 -60.81
C LYS B 434 -1.19 -102.13 -61.92
N LEU B 435 0.13 -102.28 -61.85
CA LEU B 435 1.06 -101.71 -62.82
C LEU B 435 0.81 -102.22 -64.24
N HIS B 436 0.61 -103.53 -64.39
CA HIS B 436 0.40 -104.15 -65.69
C HIS B 436 -0.98 -103.83 -66.27
N MET B 437 -2.04 -103.78 -65.45
CA MET B 437 -3.39 -103.44 -65.91
C MET B 437 -3.48 -102.03 -66.53
N GLU B 438 -2.71 -101.07 -66.02
CA GLU B 438 -2.65 -99.71 -66.59
C GLU B 438 -1.91 -99.64 -67.93
N ARG B 439 -1.02 -100.60 -68.20
CA ARG B 439 -0.20 -100.65 -69.42
C ARG B 439 -0.84 -101.44 -70.57
N ILE B 440 -1.96 -102.11 -70.33
CA ILE B 440 -2.64 -102.91 -71.36
C ILE B 440 -3.06 -102.00 -72.54
N PRO B 441 -2.66 -102.32 -73.79
CA PRO B 441 -3.15 -101.58 -74.95
C PRO B 441 -4.66 -101.80 -75.16
N LEU B 442 -5.46 -100.78 -74.91
CA LEU B 442 -6.90 -100.77 -75.08
C LEU B 442 -7.27 -100.37 -76.50
N SER B 443 -7.30 -101.34 -77.42
CA SER B 443 -7.65 -101.11 -78.84
C SER B 443 -9.15 -101.18 -79.13
N THR B 444 -9.93 -101.82 -78.26
CA THR B 444 -11.37 -102.04 -78.47
C THR B 444 -12.14 -101.89 -77.16
N GLU B 445 -13.41 -101.46 -77.25
CA GLU B 445 -14.31 -101.37 -76.10
C GLU B 445 -14.51 -102.73 -75.42
N LYS B 446 -14.60 -103.82 -76.20
CA LYS B 446 -14.70 -105.18 -75.66
C LYS B 446 -13.52 -105.53 -74.75
N LYS B 447 -12.29 -105.18 -75.16
CA LYS B 447 -11.08 -105.41 -74.35
C LYS B 447 -11.08 -104.56 -73.09
N ALA B 448 -11.48 -103.29 -73.20
CA ALA B 448 -11.61 -102.39 -72.04
C ALA B 448 -12.65 -102.90 -71.03
N LEU B 449 -13.82 -103.36 -71.48
CA LEU B 449 -14.85 -103.93 -70.60
C LEU B 449 -14.38 -105.19 -69.87
N LYS B 450 -13.58 -106.04 -70.52
CA LYS B 450 -12.96 -107.20 -69.86
C LYS B 450 -11.97 -106.76 -68.78
N ALA B 451 -11.08 -105.82 -69.10
CA ALA B 451 -10.11 -105.29 -68.13
C ALA B 451 -10.81 -104.64 -66.93
N LEU B 452 -11.87 -103.87 -67.17
CA LEU B 452 -12.68 -103.25 -66.10
C LEU B 452 -13.32 -104.29 -65.19
N ARG B 453 -13.90 -105.34 -65.74
CA ARG B 453 -14.49 -106.42 -64.93
C ARG B 453 -13.45 -107.05 -63.99
N ILE B 454 -12.24 -107.29 -64.51
CA ILE B 454 -11.12 -107.84 -63.73
C ILE B 454 -10.73 -106.90 -62.59
N CYS B 455 -10.54 -105.60 -62.90
CA CYS B 455 -10.16 -104.59 -61.88
C CYS B 455 -11.23 -104.42 -60.81
N GLU B 456 -12.50 -104.28 -61.22
CA GLU B 456 -13.59 -104.03 -60.26
C GLU B 456 -13.65 -105.15 -59.22
N GLN B 457 -13.49 -106.40 -59.65
CA GLN B 457 -13.51 -107.53 -58.71
C GLN B 457 -12.36 -107.39 -57.70
N ARG B 458 -11.21 -106.89 -58.14
CA ARG B 458 -10.01 -106.78 -57.28
C ARG B 458 -9.75 -105.37 -56.72
N GLN B 459 -10.75 -104.48 -56.80
CA GLN B 459 -10.74 -103.19 -56.07
C GLN B 459 -9.53 -102.32 -56.46
N MET B 460 -9.47 -101.83 -57.71
CA MET B 460 -8.34 -101.00 -58.20
C MET B 460 -8.88 -99.70 -58.81
N THR B 461 -9.15 -98.67 -58.00
CA THR B 461 -9.79 -97.42 -58.50
C THR B 461 -8.95 -96.55 -59.46
N GLU B 462 -7.70 -96.25 -59.12
CA GLU B 462 -6.88 -95.34 -59.94
C GLU B 462 -6.68 -95.99 -61.31
N GLN B 463 -6.51 -97.31 -61.34
CA GLN B 463 -6.24 -98.02 -62.60
C GLN B 463 -7.49 -97.89 -63.49
N VAL B 464 -8.68 -98.05 -62.90
CA VAL B 464 -9.95 -97.96 -63.64
C VAL B 464 -10.14 -96.53 -64.13
N ARG B 465 -9.75 -95.55 -63.32
CA ARG B 465 -9.91 -94.16 -63.71
C ARG B 465 -9.04 -93.96 -64.95
N SER B 466 -7.80 -94.46 -64.90
CA SER B 466 -6.90 -94.34 -66.05
C SER B 466 -7.61 -94.96 -67.26
N ILE B 467 -8.12 -96.18 -67.13
CA ILE B 467 -8.79 -96.85 -68.26
C ILE B 467 -9.89 -95.95 -68.83
N CYS B 468 -10.81 -95.48 -67.99
CA CYS B 468 -11.95 -94.69 -68.48
C CYS B 468 -11.47 -93.42 -69.17
N LYS B 469 -10.51 -92.72 -68.58
CA LYS B 469 -10.06 -91.43 -69.13
C LYS B 469 -9.43 -91.70 -70.50
N THR B 470 -8.61 -92.74 -70.58
CA THR B 470 -7.96 -93.10 -71.84
C THR B 470 -9.06 -93.34 -72.88
N MET B 471 -10.06 -94.14 -72.54
CA MET B 471 -11.11 -94.48 -73.51
C MET B 471 -11.81 -93.20 -73.97
N ALA B 472 -12.14 -92.32 -73.03
CA ALA B 472 -12.87 -91.08 -73.37
C ALA B 472 -12.03 -90.13 -74.24
N MET B 473 -10.72 -90.07 -74.02
CA MET B 473 -9.83 -89.21 -74.84
C MET B 473 -9.70 -89.82 -76.23
N GLN B 474 -9.69 -91.15 -76.29
CA GLN B 474 -9.64 -91.83 -77.58
C GLN B 474 -10.91 -91.42 -78.30
N SER B 475 -12.04 -91.35 -77.58
CA SER B 475 -13.33 -90.99 -78.19
C SER B 475 -13.32 -89.51 -78.62
N LEU B 476 -12.69 -88.64 -77.86
CA LEU B 476 -12.57 -87.22 -78.23
C LEU B 476 -11.79 -87.15 -79.56
N CYS B 477 -10.75 -87.99 -79.70
CA CYS B 477 -9.98 -88.03 -80.97
C CYS B 477 -10.80 -88.62 -82.13
N ASN B 478 -11.66 -89.61 -81.84
CA ASN B 478 -12.50 -90.27 -82.86
C ASN B 478 -13.75 -89.47 -83.21
N ARG B 479 -13.97 -88.35 -82.49
CA ARG B 479 -15.21 -87.56 -82.68
C ARG B 479 -16.50 -88.26 -82.24
N ARG B 480 -16.42 -89.23 -81.32
CA ARG B 480 -17.58 -89.89 -80.72
C ARG B 480 -17.91 -89.22 -79.39
N LEU B 481 -18.67 -88.12 -79.44
CA LEU B 481 -18.96 -87.32 -78.26
C LEU B 481 -19.80 -88.09 -77.22
N GLY B 482 -20.78 -88.89 -77.64
CA GLY B 482 -21.59 -89.68 -76.71
C GLY B 482 -20.75 -90.69 -75.93
N SER B 483 -19.95 -91.50 -76.63
CA SER B 483 -19.02 -92.44 -75.98
C SER B 483 -18.06 -91.71 -75.04
N ALA B 484 -17.49 -90.58 -75.47
CA ALA B 484 -16.59 -89.79 -74.62
C ALA B 484 -17.27 -89.31 -73.33
N LEU B 485 -18.51 -88.83 -73.43
CA LEU B 485 -19.28 -88.35 -72.28
C LEU B 485 -19.60 -89.50 -71.31
N SER B 486 -20.06 -90.64 -71.83
CA SER B 486 -20.33 -91.83 -71.02
C SER B 486 -19.10 -92.27 -70.21
N TRP B 487 -17.93 -92.33 -70.86
CA TRP B 487 -16.68 -92.65 -70.20
C TRP B 487 -16.24 -91.59 -69.18
N SER B 488 -16.45 -90.30 -69.44
CA SER B 488 -16.14 -89.22 -68.50
C SER B 488 -17.00 -89.28 -67.24
N ILE B 489 -18.28 -89.63 -67.39
CA ILE B 489 -19.22 -89.80 -66.29
C ILE B 489 -18.79 -90.98 -65.42
N ARG B 490 -18.43 -92.10 -66.05
CA ARG B 490 -17.91 -93.27 -65.34
C ARG B 490 -16.59 -92.97 -64.61
N ALA B 491 -15.73 -92.13 -65.19
CA ALA B 491 -14.52 -91.64 -64.53
C ALA B 491 -14.80 -90.68 -63.36
N LYS B 492 -16.03 -90.16 -63.22
CA LYS B 492 -16.41 -89.07 -62.30
C LYS B 492 -15.55 -87.81 -62.50
N ASP B 493 -15.42 -88.35 -63.90
CA ASP B 493 -14.44 -87.28 -64.15
C ASP B 493 -15.17 -85.95 -64.37
N ALA B 494 -15.23 -85.11 -63.33
CA ALA B 494 -15.95 -83.84 -63.42
C ALA B 494 -15.19 -82.87 -64.33
N ALA B 495 -13.86 -82.89 -64.28
CA ALA B 495 -13.05 -82.00 -65.14
C ALA B 495 -13.31 -82.35 -66.61
N PHE B 496 -13.24 -83.64 -66.95
CA PHE B 496 -13.47 -84.09 -68.34
C PHE B 496 -14.95 -83.88 -68.66
N ALA B 497 -15.82 -83.99 -67.65
CA ALA B 497 -17.25 -83.79 -67.88
C ALA B 497 -17.40 -82.37 -68.38
N THR B 498 -16.76 -81.41 -67.69
CA THR B 498 -16.85 -80.00 -68.06
C THR B 498 -16.22 -79.79 -69.43
N LEU B 499 -15.12 -80.48 -69.72
CA LEU B 499 -14.49 -80.38 -71.05
C LEU B 499 -15.50 -80.74 -72.14
N ILE B 500 -16.19 -81.86 -71.96
CA ILE B 500 -17.13 -82.32 -73.01
C ILE B 500 -18.34 -81.40 -73.05
N SER B 501 -18.74 -80.86 -71.90
CA SER B 501 -19.87 -79.92 -71.85
C SER B 501 -19.47 -78.73 -72.70
N ASP B 502 -18.24 -78.25 -72.56
CA ASP B 502 -17.74 -77.09 -73.32
C ASP B 502 -17.61 -77.41 -74.80
N ARG B 503 -17.25 -78.64 -75.17
CA ARG B 503 -17.24 -79.00 -76.61
C ARG B 503 -18.67 -78.93 -77.17
N PHE B 504 -19.64 -79.47 -76.41
CA PHE B 504 -21.04 -79.40 -76.85
C PHE B 504 -21.43 -77.92 -76.94
N LEU B 505 -20.90 -77.06 -76.07
CA LEU B 505 -21.22 -75.63 -76.06
C LEU B 505 -20.62 -74.98 -77.33
N LYS B 506 -19.40 -75.30 -77.69
CA LYS B 506 -18.85 -74.77 -78.94
C LYS B 506 -19.88 -75.17 -80.00
N GLU B 507 -20.25 -76.46 -80.04
CA GLU B 507 -21.16 -76.91 -81.13
C GLU B 507 -22.53 -76.18 -81.16
N TYR B 508 -23.11 -75.88 -80.00
CA TYR B 508 -24.45 -75.22 -79.91
C TYR B 508 -24.35 -73.70 -80.18
N CYS B 509 -23.23 -73.05 -79.81
CA CYS B 509 -22.97 -71.59 -80.14
C CYS B 509 -22.90 -71.25 -81.56
N GLU B 510 -23.05 -72.26 -82.29
CA GLU B 510 -22.71 -72.29 -83.71
C GLU B 510 -23.85 -72.80 -84.61
N ARG B 511 -24.62 -73.81 -84.16
CA ARG B 511 -25.65 -74.49 -84.98
C ARG B 511 -27.09 -74.13 -84.61
N GLY B 512 -27.33 -73.62 -83.41
CA GLY B 512 -28.65 -73.35 -82.84
C GLY B 512 -29.41 -74.58 -82.33
N ASN B 513 -28.81 -75.78 -82.32
CA ASN B 513 -29.43 -77.02 -81.85
C ASN B 513 -28.40 -77.94 -81.17
N PHE B 514 -28.85 -78.73 -80.19
CA PHE B 514 -28.01 -79.78 -79.58
C PHE B 514 -27.95 -81.03 -80.45
N THR B 515 -26.76 -81.62 -80.54
CA THR B 515 -26.55 -83.01 -80.96
C THR B 515 -26.87 -83.94 -79.78
N ASP B 516 -27.37 -85.16 -80.04
CA ASP B 516 -27.65 -86.19 -79.03
C ASP B 516 -28.62 -85.79 -77.88
N LEU B 517 -29.77 -85.19 -78.23
CA LEU B 517 -30.83 -84.69 -77.32
C LEU B 517 -31.24 -85.71 -76.25
N ASP B 518 -31.46 -86.97 -76.65
CA ASP B 518 -31.96 -88.04 -75.79
C ASP B 518 -31.04 -88.34 -74.61
N LEU B 519 -29.71 -88.17 -74.78
CA LEU B 519 -28.77 -88.43 -73.70
C LEU B 519 -28.85 -87.34 -72.62
N ILE B 520 -28.93 -86.08 -73.03
CA ILE B 520 -28.98 -84.94 -72.11
C ILE B 520 -30.29 -84.98 -71.31
N ASP B 521 -31.40 -85.36 -71.97
CA ASP B 521 -32.72 -85.50 -71.34
C ASP B 521 -32.74 -86.59 -70.25
N ASN B 522 -31.85 -87.59 -70.33
CA ASN B 522 -31.77 -88.73 -69.42
C ASN B 522 -30.58 -88.69 -68.43
N LEU B 523 -29.93 -87.54 -68.23
CA LEU B 523 -28.79 -87.42 -67.30
C LEU B 523 -29.16 -87.74 -65.84
N GLY B 524 -30.40 -87.46 -65.41
CA GLY B 524 -30.87 -87.73 -64.05
C GLY B 524 -29.92 -87.14 -62.97
N SER B 525 -29.53 -87.94 -61.99
CA SER B 525 -28.60 -87.53 -60.93
C SER B 525 -27.16 -87.31 -61.41
N ALA B 526 -26.78 -87.84 -62.58
CA ALA B 526 -25.45 -87.64 -63.14
C ALA B 526 -25.19 -86.18 -63.55
N MET B 527 -26.27 -85.40 -63.73
CA MET B 527 -26.19 -83.97 -64.00
C MET B 527 -25.38 -83.21 -62.93
N LEU B 528 -25.44 -83.66 -61.68
CA LEU B 528 -24.74 -83.07 -60.52
C LEU B 528 -23.23 -83.35 -60.49
N LEU B 529 -22.68 -84.08 -61.47
CA LEU B 529 -21.25 -84.38 -61.51
C LEU B 529 -20.40 -83.11 -61.66
N SER B 530 -20.90 -82.11 -62.38
CA SER B 530 -20.26 -80.79 -62.46
C SER B 530 -21.28 -79.68 -62.65
N ASP B 531 -20.90 -78.47 -62.22
CA ASP B 531 -21.77 -77.31 -62.38
C ASP B 531 -22.02 -77.05 -63.86
N ARG B 532 -21.02 -77.23 -64.72
CA ARG B 532 -21.20 -76.94 -66.15
C ARG B 532 -22.21 -77.94 -66.73
N LEU B 533 -22.03 -79.21 -66.41
CA LEU B 533 -22.98 -80.24 -66.87
C LEU B 533 -24.36 -79.91 -66.29
N THR B 534 -24.41 -79.44 -65.04
CA THR B 534 -25.69 -79.11 -64.41
C THR B 534 -26.37 -78.06 -65.27
N PHE B 535 -25.65 -76.99 -65.59
CA PHE B 535 -26.22 -75.92 -66.39
C PHE B 535 -26.74 -76.51 -67.70
N LEU B 536 -25.91 -77.29 -68.40
CA LEU B 536 -26.33 -77.87 -69.69
C LEU B 536 -27.67 -78.60 -69.53
N GLY B 537 -27.75 -79.53 -68.59
CA GLY B 537 -28.98 -80.32 -68.43
C GLY B 537 -30.19 -79.46 -68.08
N LYS B 538 -30.02 -78.49 -67.18
CA LYS B 538 -31.15 -77.63 -66.76
C LYS B 538 -31.63 -76.80 -67.95
N TYR B 539 -30.70 -76.35 -68.78
CA TYR B 539 -31.05 -75.54 -69.95
C TYR B 539 -31.80 -76.41 -70.98
N ARG B 540 -31.37 -77.67 -71.10
CA ARG B 540 -32.10 -78.58 -72.00
C ARG B 540 -33.52 -78.78 -71.45
N GLU B 541 -33.66 -78.86 -70.11
CA GLU B 541 -34.99 -79.00 -69.49
C GLU B 541 -35.83 -77.75 -69.81
N PHE B 542 -35.20 -76.58 -69.78
CA PHE B 542 -35.89 -75.33 -70.13
C PHE B 542 -36.39 -75.38 -71.57
N HIS B 543 -35.55 -75.86 -72.51
CA HIS B 543 -36.00 -76.00 -73.91
C HIS B 543 -37.16 -77.00 -74.01
N ARG B 544 -37.11 -78.08 -73.22
CA ARG B 544 -38.20 -79.07 -73.22
C ARG B 544 -39.49 -78.39 -72.74
N MET B 545 -39.41 -77.57 -71.69
CA MET B 545 -40.60 -76.85 -71.18
C MET B 545 -41.12 -75.91 -72.28
N TYR B 546 -40.21 -75.25 -73.00
CA TYR B 546 -40.61 -74.34 -74.09
C TYR B 546 -41.35 -75.12 -75.20
N SER B 547 -40.89 -76.33 -75.54
CA SER B 547 -41.59 -77.17 -76.57
C SER B 547 -42.96 -77.66 -76.06
N GLN B 548 -43.14 -77.73 -74.74
CA GLN B 548 -44.40 -78.20 -74.13
C GLN B 548 -45.36 -77.03 -73.79
N GLU B 549 -45.05 -75.81 -74.24
CA GLU B 549 -45.82 -74.59 -73.98
C GLU B 549 -45.94 -74.21 -72.49
N GLN B 550 -45.08 -74.81 -71.64
CA GLN B 550 -45.04 -74.49 -70.21
C GLN B 550 -44.21 -73.22 -70.20
N PHE B 551 -44.75 -72.15 -70.77
CA PHE B 551 -43.97 -70.92 -70.96
C PHE B 551 -43.50 -70.31 -69.64
N SER B 552 -44.41 -70.16 -68.68
CA SER B 552 -44.02 -69.60 -67.37
C SER B 552 -42.89 -70.46 -66.78
N GLU B 553 -43.06 -71.77 -66.79
CA GLU B 553 -42.06 -72.67 -66.18
C GLU B 553 -40.71 -72.46 -66.85
N ALA B 554 -40.69 -72.47 -68.19
CA ALA B 554 -39.44 -72.33 -68.93
C ALA B 554 -38.77 -71.02 -68.53
N ALA B 555 -39.53 -69.92 -68.55
CA ALA B 555 -38.94 -68.60 -68.26
C ALA B 555 -38.36 -68.58 -66.83
N SER B 556 -39.09 -69.14 -65.85
CA SER B 556 -38.61 -69.12 -64.46
C SER B 556 -37.34 -69.97 -64.32
N LEU B 557 -37.29 -71.12 -64.98
CA LEU B 557 -36.08 -71.96 -64.93
C LEU B 557 -34.91 -71.15 -65.49
N LEU B 558 -35.13 -70.47 -66.62
CA LEU B 558 -34.05 -69.69 -67.22
C LEU B 558 -33.59 -68.62 -66.20
N LEU B 559 -34.54 -67.93 -65.56
CA LEU B 559 -34.16 -66.84 -64.63
C LEU B 559 -33.35 -67.43 -63.48
N SER B 560 -33.76 -68.58 -62.93
CA SER B 560 -33.06 -69.17 -61.79
C SER B 560 -31.63 -69.53 -62.23
N LEU B 561 -31.49 -70.12 -63.41
CA LEU B 561 -30.15 -70.48 -63.91
C LEU B 561 -29.28 -69.22 -64.00
N MET B 562 -29.83 -68.15 -64.57
CA MET B 562 -29.07 -66.90 -64.73
C MET B 562 -28.64 -66.33 -63.35
N THR B 563 -29.53 -66.39 -62.36
CA THR B 563 -29.22 -65.83 -61.03
C THR B 563 -28.20 -66.71 -60.27
N ALA B 564 -28.24 -68.02 -60.49
CA ALA B 564 -27.30 -68.94 -59.82
C ALA B 564 -25.91 -68.80 -60.44
N ARG B 565 -25.82 -68.21 -61.64
CA ARG B 565 -24.52 -68.00 -62.32
C ARG B 565 -23.84 -69.34 -62.58
N ILE B 566 -24.65 -70.39 -62.76
CA ILE B 566 -24.14 -71.69 -63.21
C ILE B 566 -23.81 -71.47 -64.68
N ALA B 567 -24.61 -70.66 -65.38
CA ALA B 567 -24.36 -70.35 -66.79
C ALA B 567 -22.99 -69.68 -66.96
N PRO B 568 -22.26 -69.99 -68.06
CA PRO B 568 -21.00 -69.27 -68.29
C PRO B 568 -21.32 -67.81 -68.66
N CYS B 569 -20.46 -66.85 -68.33
CA CYS B 569 -20.80 -65.42 -68.41
C CYS B 569 -21.11 -64.99 -69.86
N SER B 570 -21.09 -65.82 -70.95
CA SER B 570 -21.71 -65.45 -72.34
C SER B 570 -23.23 -65.96 -72.55
N PHE B 571 -23.47 -67.06 -71.85
CA PHE B 571 -24.85 -67.56 -71.89
C PHE B 571 -25.68 -66.48 -71.19
N TRP B 572 -25.09 -65.57 -70.42
CA TRP B 572 -25.88 -64.46 -69.84
C TRP B 572 -26.63 -63.78 -71.03
N LEU B 573 -25.95 -63.16 -72.00
CA LEU B 573 -26.63 -62.65 -73.22
C LEU B 573 -27.67 -63.61 -73.73
N THR B 574 -27.21 -64.85 -74.03
CA THR B 574 -28.28 -65.73 -74.64
C THR B 574 -29.62 -65.81 -73.83
N LEU B 575 -29.47 -66.13 -72.55
CA LEU B 575 -30.64 -66.34 -71.68
C LEU B 575 -31.41 -64.99 -71.52
N LEU B 576 -30.70 -63.87 -71.44
CA LEU B 576 -31.32 -62.54 -71.36
C LEU B 576 -32.22 -62.28 -72.58
N LEU B 577 -31.74 -62.57 -73.80
CA LEU B 577 -32.64 -62.42 -75.00
C LEU B 577 -33.91 -63.34 -74.93
N ASP B 578 -33.68 -64.58 -74.46
CA ASP B 578 -34.92 -65.41 -74.27
C ASP B 578 -35.93 -64.66 -73.30
N ALA B 579 -35.39 -64.20 -72.16
CA ALA B 579 -36.25 -63.48 -71.17
C ALA B 579 -36.91 -62.32 -71.93
N LEU B 580 -36.19 -61.60 -72.77
CA LEU B 580 -36.77 -60.58 -73.69
C LEU B 580 -38.13 -61.03 -74.31
N PRO B 581 -38.08 -61.99 -75.34
CA PRO B 581 -39.53 -62.24 -75.71
C PRO B 581 -40.54 -62.72 -74.61
N LEU B 582 -40.01 -63.51 -73.66
CA LEU B 582 -40.94 -63.95 -72.57
C LEU B 582 -41.64 -62.70 -71.93
N LEU B 583 -40.88 -61.70 -71.48
CA LEU B 583 -41.43 -60.45 -70.92
C LEU B 583 -42.39 -59.81 -71.91
N GLU B 584 -41.91 -59.63 -73.14
CA GLU B 584 -42.77 -59.08 -74.21
C GLU B 584 -44.24 -59.64 -74.22
N GLN B 585 -44.49 -60.95 -74.06
CA GLN B 585 -46.02 -61.39 -74.00
C GLN B 585 -47.24 -60.42 -73.42
N LYS B 586 -48.57 -60.48 -73.87
CA LYS B 586 -49.69 -59.60 -73.46
C LYS B 586 -49.98 -59.70 -71.97
N SER B 591 -45.78 -62.08 -59.91
CA SER B 591 -46.18 -61.05 -58.92
C SER B 591 -45.22 -59.85 -59.00
N ALA B 592 -45.48 -58.80 -58.21
CA ALA B 592 -44.63 -57.59 -58.20
C ALA B 592 -43.22 -57.97 -57.76
N GLU B 593 -43.11 -58.83 -56.73
CA GLU B 593 -41.79 -59.27 -56.22
C GLU B 593 -41.06 -60.03 -57.33
N GLN B 594 -41.78 -60.89 -58.06
CA GLN B 594 -41.19 -61.68 -59.17
C GLN B 594 -40.69 -60.72 -60.25
N THR B 595 -41.47 -59.69 -60.56
CA THR B 595 -41.08 -58.68 -61.58
C THR B 595 -39.81 -57.96 -61.13
N TYR B 596 -39.73 -57.62 -59.84
CA TYR B 596 -38.54 -56.92 -59.28
C TYR B 596 -37.32 -57.84 -59.41
N GLU B 597 -37.52 -59.14 -59.13
CA GLU B 597 -36.44 -60.14 -59.22
C GLU B 597 -35.82 -60.08 -60.63
N LEU B 598 -36.66 -60.27 -61.66
CA LEU B 598 -36.18 -60.25 -63.06
C LEU B 598 -35.38 -58.96 -63.32
N MET B 599 -35.86 -57.83 -62.81
CA MET B 599 -35.15 -56.55 -63.00
C MET B 599 -33.76 -56.67 -62.39
N ARG B 600 -33.69 -57.25 -61.19
CA ARG B 600 -32.42 -57.41 -60.49
C ARG B 600 -31.48 -58.28 -61.34
N CYS B 601 -32.01 -59.39 -61.86
CA CYS B 601 -31.18 -60.27 -62.69
C CYS B 601 -30.63 -59.46 -63.88
N LEU B 602 -31.49 -58.70 -64.56
CA LEU B 602 -31.04 -57.92 -65.72
C LEU B 602 -29.91 -56.97 -65.30
N GLU B 603 -30.09 -56.25 -64.19
CA GLU B 603 -29.08 -55.27 -63.74
C GLU B 603 -27.75 -55.97 -63.40
N ASP B 604 -27.83 -57.13 -62.75
CA ASP B 604 -26.61 -57.88 -62.37
C ASP B 604 -25.88 -58.25 -63.66
N ARG B 605 -26.63 -58.77 -64.64
CA ARG B 605 -26.04 -59.14 -65.92
C ARG B 605 -25.33 -57.92 -66.51
N MET B 606 -26.00 -56.77 -66.51
CA MET B 606 -25.41 -55.56 -67.12
C MET B 606 -24.13 -55.12 -66.39
N ALA B 607 -24.11 -55.19 -65.05
CA ALA B 607 -22.90 -54.82 -64.29
C ALA B 607 -21.75 -55.79 -64.62
N ALA B 608 -22.08 -57.08 -64.73
CA ALA B 608 -21.07 -58.07 -65.05
C ALA B 608 -20.49 -57.69 -66.42
N LYS B 609 -21.37 -57.34 -67.36
CA LYS B 609 -20.93 -56.97 -68.72
C LYS B 609 -19.98 -55.78 -68.61
N LEU B 610 -20.38 -54.73 -67.90
CA LEU B 610 -19.54 -53.52 -67.77
C LEU B 610 -18.11 -53.92 -67.34
N GLU B 611 -17.98 -54.92 -66.49
CA GLU B 611 -16.65 -55.35 -65.98
C GLU B 611 -16.02 -56.49 -66.82
N SER B 612 -16.55 -57.72 -66.73
CA SER B 612 -15.95 -58.87 -67.42
C SER B 612 -15.95 -58.77 -68.96
N THR B 613 -17.08 -58.41 -69.57
CA THR B 613 -17.16 -58.37 -71.04
C THR B 613 -16.20 -57.30 -71.57
N SER B 614 -15.39 -57.62 -72.59
CA SER B 614 -14.40 -56.68 -73.12
C SER B 614 -15.10 -55.50 -73.78
N PRO B 615 -14.42 -54.33 -73.90
CA PRO B 615 -15.04 -53.21 -74.62
C PRO B 615 -15.47 -53.60 -76.06
N ASP B 616 -14.69 -54.46 -76.71
CA ASP B 616 -15.01 -54.90 -78.08
C ASP B 616 -16.34 -55.67 -78.06
N GLU B 617 -16.46 -56.63 -77.14
CA GLU B 617 -17.70 -57.45 -77.04
C GLU B 617 -18.85 -56.63 -76.44
N ILE B 618 -18.54 -55.61 -75.65
CA ILE B 618 -19.59 -54.73 -75.09
C ILE B 618 -20.33 -54.09 -76.26
N GLN B 619 -19.59 -53.66 -77.29
CA GLN B 619 -20.20 -53.00 -78.46
C GLN B 619 -20.82 -54.04 -79.41
N LYS B 620 -22.07 -54.41 -79.15
CA LYS B 620 -22.77 -55.41 -80.01
C LYS B 620 -24.18 -54.89 -80.35
N GLN B 621 -24.92 -55.65 -81.16
CA GLN B 621 -26.30 -55.23 -81.55
C GLN B 621 -27.31 -56.15 -80.84
N ASP B 622 -28.18 -55.52 -80.04
CA ASP B 622 -29.27 -56.04 -79.15
C ASP B 622 -29.43 -55.06 -77.97
N SER B 623 -28.48 -54.13 -77.82
CA SER B 623 -28.53 -53.12 -76.73
C SER B 623 -29.90 -52.44 -76.75
N SER B 624 -30.24 -51.78 -77.86
CA SER B 624 -31.54 -51.10 -77.98
C SER B 624 -32.69 -52.10 -77.82
N ILE B 625 -32.53 -53.31 -78.34
CA ILE B 625 -33.56 -54.36 -78.21
C ILE B 625 -33.72 -54.76 -76.75
N ASP B 626 -32.60 -54.86 -76.03
CA ASP B 626 -32.59 -55.14 -74.59
C ASP B 626 -33.28 -54.04 -73.78
N ASN B 627 -33.05 -52.76 -74.12
CA ASN B 627 -33.68 -51.65 -73.43
C ASN B 627 -35.21 -51.65 -73.61
N THR B 628 -35.72 -51.91 -74.81
CA THR B 628 -37.17 -52.02 -75.05
C THR B 628 -37.79 -53.17 -74.25
N LYS B 629 -37.12 -54.32 -74.19
CA LYS B 629 -37.54 -55.46 -73.37
C LYS B 629 -37.60 -55.11 -71.88
N VAL B 630 -36.62 -54.36 -71.38
CA VAL B 630 -36.57 -53.89 -69.99
C VAL B 630 -37.69 -52.90 -69.68
N GLU B 631 -38.01 -51.97 -70.58
CA GLU B 631 -39.14 -51.05 -70.42
C GLU B 631 -40.49 -51.79 -70.36
N MET B 632 -40.68 -52.78 -71.24
CA MET B 632 -41.88 -53.64 -71.20
C MET B 632 -42.01 -54.38 -69.86
N LEU B 633 -40.91 -54.93 -69.35
CA LEU B 633 -40.87 -55.59 -68.04
C LEU B 633 -41.24 -54.63 -66.90
N ARG B 634 -40.68 -53.42 -66.89
CA ARG B 634 -41.00 -52.41 -65.87
C ARG B 634 -42.48 -52.04 -65.88
N LEU B 635 -43.06 -51.88 -67.08
CA LEU B 635 -44.48 -51.56 -67.23
C LEU B 635 -45.37 -52.70 -66.74
N ALA B 636 -45.06 -53.96 -67.11
CA ALA B 636 -45.80 -55.13 -66.68
C ALA B 636 -45.71 -55.34 -65.15
N LEU B 637 -44.52 -55.19 -64.57
CA LEU B 637 -44.31 -55.27 -63.12
C LEU B 637 -45.09 -54.18 -62.37
N ALA B 638 -45.02 -52.93 -62.84
CA ALA B 638 -45.76 -51.82 -62.18
C ALA B 638 -47.25 -52.18 -62.12
N ARG B 639 -47.85 -52.49 -63.28
CA ARG B 639 -49.28 -52.86 -63.37
C ARG B 639 -49.50 -54.16 -62.57
N ASN B 640 -48.56 -55.10 -62.67
CA ASN B 640 -48.66 -56.39 -61.95
C ASN B 640 -48.65 -56.12 -60.44
N LEU B 641 -47.79 -55.21 -59.99
CA LEU B 641 -47.70 -54.85 -58.55
C LEU B 641 -49.03 -54.22 -58.11
N ALA B 642 -49.60 -53.37 -58.96
CA ALA B 642 -50.90 -52.72 -58.64
C ALA B 642 -51.98 -53.81 -58.49
N ARG B 643 -51.96 -54.79 -59.40
CA ARG B 643 -52.95 -55.91 -59.37
C ARG B 643 -52.77 -56.71 -58.08
N ALA B 644 -51.52 -56.95 -57.69
CA ALA B 644 -51.20 -57.71 -56.45
C ALA B 644 -51.74 -56.94 -55.24
N ILE B 645 -51.57 -55.61 -55.24
CA ILE B 645 -52.06 -54.74 -54.14
C ILE B 645 -53.59 -54.84 -54.08
N VAL B 646 -54.24 -54.84 -55.25
CA VAL B 646 -55.72 -54.95 -55.32
C VAL B 646 -56.15 -56.30 -54.72
N THR B 647 -55.42 -57.37 -55.06
CA THR B 647 -55.73 -58.73 -54.54
C THR B 647 -55.57 -58.74 -53.01
N GLU B 648 -54.52 -58.08 -52.51
CA GLU B 648 -54.27 -58.00 -51.05
C GLU B 648 -55.43 -57.26 -50.37
N GLY B 649 -55.90 -56.17 -50.99
CA GLY B 649 -57.01 -55.37 -50.45
C GLY B 649 -58.19 -56.23 -50.04
N LYS C 4 -21.22 -133.30 -70.80
CA LYS C 4 -21.97 -132.99 -72.03
C LYS C 4 -21.14 -132.27 -73.10
N PHE C 5 -20.02 -131.64 -72.74
CA PHE C 5 -19.24 -130.80 -73.64
C PHE C 5 -17.87 -131.42 -73.93
N ALA C 6 -17.51 -131.48 -75.22
CA ALA C 6 -16.14 -131.64 -75.67
C ALA C 6 -15.45 -130.28 -75.67
N ALA C 7 -14.27 -130.18 -75.05
CA ALA C 7 -13.48 -128.96 -75.00
C ALA C 7 -12.24 -129.08 -75.91
N LYS C 8 -12.04 -128.11 -76.79
CA LYS C 8 -10.87 -128.01 -77.66
C LYS C 8 -10.09 -126.74 -77.36
N PHE C 9 -8.87 -126.92 -76.86
CA PHE C 9 -7.94 -125.80 -76.69
C PHE C 9 -7.31 -125.43 -78.02
N VAL C 10 -7.37 -124.14 -78.35
CA VAL C 10 -6.93 -123.50 -79.58
C VAL C 10 -6.14 -122.27 -79.15
N SER C 11 -4.88 -122.13 -79.54
CA SER C 11 -3.92 -121.15 -78.95
C SER C 11 -4.21 -119.66 -79.23
N HIS C 12 -5.48 -119.27 -79.29
CA HIS C 12 -6.03 -117.95 -79.57
C HIS C 12 -7.33 -117.82 -78.77
N LYS C 13 -7.57 -116.67 -78.15
CA LYS C 13 -8.88 -116.35 -77.56
C LYS C 13 -9.95 -116.30 -78.65
N ILE C 14 -11.13 -116.83 -78.35
CA ILE C 14 -12.22 -116.93 -79.33
C ILE C 14 -13.28 -115.87 -79.03
N SER C 15 -13.48 -114.93 -79.94
CA SER C 15 -14.45 -113.84 -79.81
C SER C 15 -15.85 -114.25 -80.28
N ARG C 16 -15.92 -115.09 -81.32
CA ARG C 16 -17.18 -115.48 -81.97
C ARG C 16 -17.18 -116.93 -82.40
N THR C 17 -18.32 -117.58 -82.22
CA THR C 17 -18.59 -118.94 -82.72
C THR C 17 -19.95 -118.97 -83.40
N ARG C 18 -20.06 -119.55 -84.60
CA ARG C 18 -21.34 -119.71 -85.30
C ARG C 18 -21.42 -121.05 -86.02
N TRP C 19 -22.55 -121.73 -85.93
CA TRP C 19 -22.85 -122.91 -86.72
C TRP C 19 -23.11 -122.55 -88.18
N ARG C 20 -22.61 -123.40 -89.09
CA ARG C 20 -22.99 -123.31 -90.50
C ARG C 20 -24.47 -123.68 -90.63
N PRO C 21 -25.29 -122.85 -91.29
CA PRO C 21 -26.71 -123.14 -91.42
C PRO C 21 -26.96 -124.43 -92.20
N VAL C 22 -27.89 -125.23 -91.72
CA VAL C 22 -28.34 -126.46 -92.40
C VAL C 22 -29.61 -126.15 -93.21
N SER C 23 -29.80 -126.82 -94.35
CA SER C 23 -31.04 -126.65 -95.13
C SER C 23 -32.20 -127.24 -94.33
N ALA C 24 -33.34 -126.55 -94.25
CA ALA C 24 -34.52 -127.05 -93.52
C ALA C 24 -35.01 -128.42 -94.00
N SER C 25 -34.69 -128.79 -95.25
CA SER C 25 -35.00 -130.11 -95.82
C SER C 25 -33.99 -131.21 -95.48
N SER C 26 -32.88 -130.87 -94.82
CA SER C 26 -31.84 -131.85 -94.48
C SER C 26 -32.17 -132.52 -93.15
N LEU C 27 -32.13 -133.84 -93.15
CA LEU C 27 -32.16 -134.64 -91.91
C LEU C 27 -30.79 -134.66 -91.21
N GLN C 28 -29.76 -134.07 -91.82
CA GLN C 28 -28.42 -134.05 -91.26
C GLN C 28 -28.34 -133.06 -90.09
N GLN C 29 -27.76 -133.52 -89.00
CA GLN C 29 -27.40 -132.65 -87.88
C GLN C 29 -26.31 -131.67 -88.32
N PRO C 30 -26.32 -130.42 -87.82
CA PRO C 30 -25.20 -129.52 -87.94
C PRO C 30 -23.89 -130.20 -87.52
N ASP C 31 -22.87 -130.04 -88.34
CA ASP C 31 -21.56 -130.68 -88.15
C ASP C 31 -20.39 -129.70 -88.30
N VAL C 32 -20.59 -128.56 -88.96
CA VAL C 32 -19.57 -127.55 -89.23
C VAL C 32 -19.93 -126.23 -88.58
N PHE C 33 -18.92 -125.57 -88.02
CA PHE C 33 -19.03 -124.24 -87.43
C PHE C 33 -17.79 -123.40 -87.79
N ALA C 34 -17.89 -122.09 -87.61
CA ALA C 34 -16.76 -121.17 -87.77
C ALA C 34 -16.44 -120.49 -86.44
N THR C 35 -15.19 -120.04 -86.30
CA THR C 35 -14.73 -119.22 -85.17
C THR C 35 -13.96 -118.01 -85.63
N GLY C 36 -14.09 -116.89 -84.92
CA GLY C 36 -13.23 -115.72 -85.01
C GLY C 36 -12.38 -115.57 -83.76
N SER C 37 -11.12 -115.16 -83.92
CA SER C 37 -10.23 -114.86 -82.79
C SER C 37 -10.08 -113.35 -82.55
N TRP C 38 -9.64 -113.01 -81.35
CA TRP C 38 -9.34 -111.64 -80.93
C TRP C 38 -8.17 -111.58 -79.95
N ASP C 39 -7.65 -110.37 -79.72
CA ASP C 39 -6.61 -110.07 -78.72
C ASP C 39 -5.29 -110.81 -78.96
N ASN C 40 -4.94 -111.01 -80.24
CA ASN C 40 -3.65 -111.56 -80.65
C ASN C 40 -3.02 -110.66 -81.74
N GLU C 41 -1.69 -110.75 -81.90
CA GLU C 41 -0.98 -110.02 -82.97
C GLU C 41 -1.48 -110.40 -84.37
N GLU C 42 -1.78 -111.68 -84.58
CA GLU C 42 -2.40 -112.21 -85.80
C GLU C 42 -3.71 -112.94 -85.47
N ASN C 43 -4.84 -112.35 -85.85
CA ASN C 43 -6.14 -112.99 -85.71
C ASN C 43 -6.55 -113.75 -86.98
N LYS C 44 -7.50 -114.67 -86.84
CA LYS C 44 -7.94 -115.55 -87.91
C LYS C 44 -9.42 -115.89 -87.82
N VAL C 45 -9.97 -116.26 -88.97
CA VAL C 45 -11.25 -116.97 -89.07
C VAL C 45 -10.92 -118.43 -89.37
N CYS C 46 -11.47 -119.35 -88.57
CA CYS C 46 -11.30 -120.79 -88.76
C CYS C 46 -12.65 -121.46 -89.05
N VAL C 47 -12.63 -122.54 -89.83
CA VAL C 47 -13.78 -123.45 -90.02
C VAL C 47 -13.44 -124.80 -89.40
N TRP C 48 -14.40 -125.40 -88.70
CA TRP C 48 -14.23 -126.62 -87.92
C TRP C 48 -15.31 -127.65 -88.29
N ALA C 49 -14.98 -128.93 -88.16
CA ALA C 49 -15.94 -130.03 -88.23
C ALA C 49 -15.98 -130.78 -86.90
N THR C 50 -17.17 -131.21 -86.50
CA THR C 50 -17.39 -132.01 -85.30
C THR C 50 -17.37 -133.50 -85.59
N SER C 51 -17.85 -133.94 -86.76
CA SER C 51 -17.80 -135.36 -87.16
C SER C 51 -16.65 -135.64 -88.12
N ASP C 52 -16.07 -136.83 -87.98
CA ASP C 52 -15.25 -137.39 -89.05
C ASP C 52 -16.16 -137.70 -90.24
N PHE C 53 -15.87 -137.07 -91.39
CA PHE C 53 -16.48 -137.38 -92.67
C PHE C 53 -16.23 -138.87 -92.99
N GLY C 54 -17.11 -139.77 -92.53
CA GLY C 54 -17.00 -141.21 -92.74
C GLY C 54 -17.51 -142.13 -91.62
N ALA C 55 -17.75 -141.65 -90.40
CA ALA C 55 -18.29 -142.49 -89.33
C ALA C 55 -19.81 -142.70 -89.50
N THR C 56 -20.21 -143.88 -89.96
CA THR C 56 -21.60 -144.31 -90.19
C THR C 56 -22.19 -145.11 -89.03
N SER C 57 -21.51 -145.17 -87.87
CA SER C 57 -22.01 -145.82 -86.66
C SER C 57 -22.91 -144.86 -85.87
N LEU C 58 -24.19 -145.19 -85.75
CA LEU C 58 -25.18 -144.46 -84.93
C LEU C 58 -25.01 -144.68 -83.42
N ASP C 59 -24.05 -145.50 -83.00
CA ASP C 59 -23.96 -146.05 -81.63
C ASP C 59 -22.63 -145.77 -80.89
N GLU C 60 -21.74 -144.92 -81.42
CA GLU C 60 -20.50 -144.56 -80.72
C GLU C 60 -20.65 -143.22 -79.99
N GLU C 61 -20.36 -143.23 -78.69
CA GLU C 61 -20.29 -142.03 -77.85
C GLU C 61 -19.41 -140.97 -78.53
N TYR C 62 -19.98 -139.79 -78.75
CA TYR C 62 -19.21 -138.68 -79.29
C TYR C 62 -18.17 -138.22 -78.26
N GLN C 63 -16.96 -138.76 -78.36
CA GLN C 63 -15.74 -138.23 -77.75
C GLN C 63 -14.89 -137.44 -78.76
N GLY C 64 -15.46 -137.09 -79.92
CA GLY C 64 -14.70 -136.48 -81.00
C GLY C 64 -14.35 -135.03 -80.71
N ASP C 65 -13.06 -134.71 -80.58
CA ASP C 65 -12.59 -133.33 -80.59
C ASP C 65 -12.92 -132.67 -81.94
N PRO C 66 -13.42 -131.42 -81.96
CA PRO C 66 -13.59 -130.70 -83.21
C PRO C 66 -12.26 -130.54 -83.95
N LYS C 67 -12.28 -130.77 -85.26
CA LYS C 67 -11.12 -130.71 -86.15
C LYS C 67 -11.16 -129.44 -87.00
N GLN C 68 -10.07 -128.68 -87.01
CA GLN C 68 -9.95 -127.51 -87.89
C GLN C 68 -9.87 -127.98 -89.35
N LEU C 69 -10.77 -127.51 -90.21
CA LEU C 69 -10.77 -127.80 -91.64
C LEU C 69 -9.85 -126.82 -92.38
N CYS C 70 -9.98 -125.53 -92.09
CA CYS C 70 -9.21 -124.48 -92.74
C CYS C 70 -9.23 -123.17 -91.93
N ASP C 71 -8.35 -122.24 -92.28
CA ASP C 71 -8.29 -120.91 -91.70
C ASP C 71 -7.87 -119.84 -92.72
N ILE C 72 -8.06 -118.58 -92.37
CA ILE C 72 -7.56 -117.42 -93.09
C ILE C 72 -7.18 -116.30 -92.11
N LYS C 73 -6.07 -115.60 -92.38
CA LYS C 73 -5.68 -114.42 -91.61
C LYS C 73 -6.74 -113.32 -91.71
N HIS C 74 -7.11 -112.75 -90.57
CA HIS C 74 -8.14 -111.68 -90.53
C HIS C 74 -7.51 -110.40 -89.94
N PRO C 75 -7.38 -109.31 -90.72
CA PRO C 75 -6.78 -108.09 -90.16
C PRO C 75 -7.67 -107.58 -89.01
N GLY C 76 -7.05 -107.17 -87.90
CA GLY C 76 -7.80 -106.68 -86.73
C GLY C 76 -8.34 -107.83 -85.89
N ASP C 77 -9.20 -107.51 -84.91
CA ASP C 77 -9.81 -108.54 -84.03
C ASP C 77 -11.24 -108.83 -84.51
N VAL C 78 -11.55 -110.09 -84.85
CA VAL C 78 -12.88 -110.45 -85.32
C VAL C 78 -13.87 -110.00 -84.25
N MET C 79 -14.48 -108.83 -84.46
CA MET C 79 -15.40 -108.22 -83.48
C MET C 79 -16.78 -108.90 -83.51
N ASP C 80 -17.25 -109.23 -84.71
CA ASP C 80 -18.47 -110.01 -84.89
C ASP C 80 -18.41 -110.88 -86.15
N MET C 81 -19.20 -111.95 -86.17
CA MET C 81 -19.20 -112.93 -87.25
C MET C 81 -20.57 -113.59 -87.39
N GLN C 82 -21.03 -113.74 -88.64
CA GLN C 82 -22.29 -114.39 -88.99
C GLN C 82 -22.12 -115.17 -90.30
N PHE C 83 -22.82 -116.30 -90.43
CA PHE C 83 -22.99 -116.91 -91.76
C PHE C 83 -24.05 -116.12 -92.55
N LEU C 84 -23.71 -115.75 -93.78
CA LEU C 84 -24.68 -115.21 -94.72
C LEU C 84 -25.50 -116.34 -95.37
N ASP C 85 -24.82 -117.44 -95.68
CA ASP C 85 -25.36 -118.69 -96.20
C ASP C 85 -24.37 -119.83 -95.92
N LYS C 86 -24.52 -120.98 -96.57
CA LYS C 86 -23.66 -122.16 -96.33
C LYS C 86 -22.20 -121.98 -96.77
N GLU C 87 -21.94 -121.10 -97.73
CA GLU C 87 -20.62 -120.91 -98.33
C GLU C 87 -19.97 -119.60 -97.89
N ARG C 88 -20.73 -118.65 -97.35
CA ARG C 88 -20.25 -117.30 -97.07
C ARG C 88 -20.35 -116.93 -95.59
N ILE C 89 -19.24 -116.43 -95.06
CA ILE C 89 -19.10 -115.92 -93.70
C ILE C 89 -18.82 -114.42 -93.78
N VAL C 90 -19.56 -113.63 -93.02
CA VAL C 90 -19.35 -112.18 -92.91
C VAL C 90 -18.69 -111.89 -91.57
N THR C 91 -17.71 -110.99 -91.56
CA THR C 91 -17.07 -110.50 -90.34
C THR C 91 -17.08 -108.97 -90.26
N GLY C 92 -17.22 -108.47 -89.03
CA GLY C 92 -16.86 -107.11 -88.64
C GLY C 92 -15.49 -107.09 -87.98
N SER C 93 -14.63 -106.13 -88.36
CA SER C 93 -13.26 -105.99 -87.85
C SER C 93 -13.09 -104.80 -86.92
N SER C 94 -12.13 -104.88 -85.97
CA SER C 94 -11.68 -103.72 -85.19
C SER C 94 -11.06 -102.61 -86.05
N THR C 95 -10.70 -102.93 -87.29
CA THR C 95 -10.27 -101.94 -88.30
C THR C 95 -11.43 -101.21 -88.99
N GLY C 96 -12.68 -101.48 -88.62
CA GLY C 96 -13.87 -100.90 -89.28
C GLY C 96 -14.21 -101.49 -90.64
N THR C 97 -13.51 -102.55 -91.05
CA THR C 97 -13.76 -103.26 -92.30
C THR C 97 -14.86 -104.32 -92.11
N VAL C 98 -15.79 -104.40 -93.06
CA VAL C 98 -16.71 -105.54 -93.19
C VAL C 98 -16.20 -106.44 -94.32
N THR C 99 -16.03 -107.74 -94.07
CA THR C 99 -15.50 -108.70 -95.05
C THR C 99 -16.42 -109.89 -95.25
N ILE C 100 -16.63 -110.28 -96.50
CA ILE C 100 -17.25 -111.56 -96.86
C ILE C 100 -16.13 -112.52 -97.26
N PHE C 101 -16.04 -113.64 -96.54
CA PHE C 101 -15.22 -114.78 -96.89
C PHE C 101 -16.08 -115.85 -97.59
N ARG C 102 -15.51 -116.51 -98.58
CA ARG C 102 -16.08 -117.71 -99.20
C ARG C 102 -15.32 -118.94 -98.77
N HIS C 103 -16.04 -119.92 -98.22
CA HIS C 103 -15.59 -121.25 -97.89
C HIS C 103 -15.76 -122.19 -99.09
N HIS C 104 -14.64 -122.76 -99.55
CA HIS C 104 -14.59 -123.73 -100.63
C HIS C 104 -14.50 -125.14 -100.03
N GLU C 105 -15.64 -125.77 -99.78
CA GLU C 105 -15.72 -127.06 -99.07
C GLU C 105 -14.88 -128.16 -99.75
N ASN C 106 -14.88 -128.23 -101.09
CA ASN C 106 -14.11 -129.23 -101.85
C ASN C 106 -12.61 -129.17 -101.60
N ASN C 107 -12.07 -127.95 -101.40
CA ASN C 107 -10.64 -127.74 -101.24
C ASN C 107 -10.27 -127.44 -99.78
N GLN C 108 -11.27 -127.33 -98.88
CA GLN C 108 -11.13 -126.90 -97.50
C GLN C 108 -10.27 -125.63 -97.41
N THR C 109 -10.72 -124.56 -98.07
CA THR C 109 -10.06 -123.25 -98.00
C THR C 109 -11.05 -122.12 -97.80
N LEU C 110 -10.57 -121.04 -97.18
CA LEU C 110 -11.25 -119.75 -97.16
C LEU C 110 -10.56 -118.79 -98.13
N SER C 111 -11.36 -117.92 -98.75
CA SER C 111 -10.87 -116.85 -99.62
C SER C 111 -11.67 -115.58 -99.37
N VAL C 112 -11.04 -114.42 -99.51
CA VAL C 112 -11.76 -113.13 -99.47
C VAL C 112 -12.63 -113.03 -100.72
N ASN C 113 -13.93 -112.94 -100.54
CA ASN C 113 -14.90 -112.76 -101.62
C ASN C 113 -15.15 -111.28 -101.91
N GLN C 114 -15.41 -110.49 -100.86
CA GLN C 114 -15.60 -109.04 -100.96
C GLN C 114 -15.23 -108.36 -99.64
N ARG C 115 -14.88 -107.07 -99.67
CA ARG C 115 -14.60 -106.25 -98.48
C ARG C 115 -15.06 -104.82 -98.67
N TRP C 116 -15.45 -104.17 -97.57
CA TRP C 116 -15.68 -102.74 -97.48
C TRP C 116 -14.73 -102.15 -96.44
N GLU C 117 -13.56 -101.66 -96.89
CA GLU C 117 -12.47 -101.19 -96.01
C GLU C 117 -12.78 -99.88 -95.27
N GLN C 118 -13.80 -99.15 -95.72
CA GLN C 118 -14.28 -97.92 -95.11
C GLN C 118 -15.76 -98.04 -94.72
N ALA C 119 -16.19 -99.22 -94.24
CA ALA C 119 -17.54 -99.37 -93.72
C ALA C 119 -17.74 -98.49 -92.47
N HIS C 120 -16.79 -98.53 -91.52
CA HIS C 120 -16.85 -97.73 -90.29
C HIS C 120 -15.63 -96.82 -90.12
N TYR C 121 -15.89 -95.53 -89.90
CA TYR C 121 -14.89 -94.49 -89.73
C TYR C 121 -15.50 -93.23 -89.10
N HIS C 122 -14.71 -92.51 -88.31
CA HIS C 122 -15.11 -91.23 -87.75
C HIS C 122 -15.10 -90.13 -88.81
N VAL C 123 -16.26 -89.49 -88.99
CA VAL C 123 -16.42 -88.34 -89.91
C VAL C 123 -15.50 -87.20 -89.45
N GLY C 124 -14.71 -86.65 -90.40
CA GLY C 124 -13.80 -85.54 -90.16
C GLY C 124 -12.34 -85.97 -90.00
N SER C 125 -12.04 -87.01 -89.24
CA SER C 125 -10.67 -87.54 -89.10
C SER C 125 -10.34 -88.63 -90.13
N ASN C 126 -11.37 -89.25 -90.73
CA ASN C 126 -11.24 -90.48 -91.55
C ASN C 126 -10.48 -91.61 -90.83
N MET C 127 -10.44 -91.56 -89.49
CA MET C 127 -9.89 -92.64 -88.68
C MET C 127 -10.88 -93.79 -88.67
N ARG C 128 -10.37 -95.00 -88.88
CA ARG C 128 -11.15 -96.24 -88.80
C ARG C 128 -11.78 -96.37 -87.42
N ALA C 129 -13.04 -96.80 -87.40
CA ALA C 129 -13.79 -97.08 -86.17
C ALA C 129 -14.21 -98.56 -86.19
N PRO C 130 -14.08 -99.30 -85.07
CA PRO C 130 -14.48 -100.71 -85.00
C PRO C 130 -15.92 -100.97 -85.46
N CYS C 131 -16.10 -102.02 -86.26
CA CYS C 131 -17.40 -102.58 -86.60
C CYS C 131 -17.79 -103.56 -85.49
N THR C 132 -18.72 -103.18 -84.63
CA THR C 132 -19.00 -103.87 -83.36
C THR C 132 -19.98 -105.02 -83.50
N ALA C 133 -20.93 -104.94 -84.43
CA ALA C 133 -21.87 -106.03 -84.70
C ALA C 133 -22.37 -106.04 -86.14
N ILE C 134 -22.76 -107.23 -86.59
CA ILE C 134 -23.33 -107.49 -87.90
C ILE C 134 -24.53 -108.43 -87.80
N VAL C 135 -25.47 -108.28 -88.72
CA VAL C 135 -26.56 -109.24 -88.88
C VAL C 135 -26.80 -109.51 -90.36
N CYS C 136 -27.07 -110.77 -90.70
CA CYS C 136 -27.26 -111.23 -92.07
C CYS C 136 -28.69 -111.72 -92.30
N SER C 137 -29.26 -111.35 -93.44
CA SER C 137 -30.50 -111.92 -93.98
C SER C 137 -30.33 -111.99 -95.50
N SER C 138 -29.74 -113.09 -95.98
CA SER C 138 -29.29 -113.21 -97.38
C SER C 138 -30.29 -112.69 -98.40
N PRO C 139 -29.88 -111.78 -99.33
CA PRO C 139 -28.51 -111.33 -99.58
C PRO C 139 -28.09 -110.04 -98.82
N GLU C 140 -28.91 -109.59 -97.87
CA GLU C 140 -28.73 -108.33 -97.15
C GLU C 140 -27.85 -108.51 -95.90
N ILE C 141 -27.01 -107.51 -95.64
CA ILE C 141 -26.10 -107.45 -94.49
C ILE C 141 -26.27 -106.07 -93.86
N VAL C 142 -26.37 -106.03 -92.54
CA VAL C 142 -26.36 -104.77 -91.79
C VAL C 142 -25.18 -104.80 -90.82
N SER C 143 -24.45 -103.70 -90.72
CA SER C 143 -23.40 -103.50 -89.71
C SER C 143 -23.61 -102.25 -88.89
N VAL C 144 -23.12 -102.27 -87.67
CA VAL C 144 -23.06 -101.15 -86.73
C VAL C 144 -21.65 -101.02 -86.16
N GLY C 145 -21.29 -99.83 -85.67
CA GLY C 145 -19.95 -99.57 -85.16
C GLY C 145 -19.87 -98.49 -84.09
N GLU C 146 -18.64 -98.26 -83.60
CA GLU C 146 -18.32 -97.22 -82.62
C GLU C 146 -18.47 -95.80 -83.16
N ASP C 147 -18.53 -95.65 -84.49
CA ASP C 147 -18.82 -94.39 -85.16
C ASP C 147 -20.30 -94.00 -85.15
N GLY C 148 -21.17 -94.82 -84.54
CA GLY C 148 -22.61 -94.53 -84.46
C GLY C 148 -23.35 -94.72 -85.78
N ARG C 149 -22.74 -95.35 -86.79
CA ARG C 149 -23.34 -95.56 -88.11
C ARG C 149 -24.04 -96.90 -88.24
N ILE C 150 -25.09 -96.91 -89.05
CA ILE C 150 -25.74 -98.14 -89.52
C ILE C 150 -25.51 -98.25 -91.03
N ASN C 151 -24.80 -99.29 -91.47
CA ASN C 151 -24.58 -99.56 -92.88
C ASN C 151 -25.43 -100.75 -93.35
N CYS C 152 -26.02 -100.61 -94.54
CA CYS C 152 -26.73 -101.67 -95.23
C CYS C 152 -25.96 -102.03 -96.50
N PHE C 153 -25.63 -103.30 -96.65
CA PHE C 153 -24.95 -103.85 -97.81
C PHE C 153 -25.78 -104.96 -98.44
N ARG C 154 -25.50 -105.21 -99.71
CA ARG C 154 -25.93 -106.43 -100.37
C ARG C 154 -24.69 -107.18 -100.81
N ALA C 155 -24.67 -108.49 -100.59
CA ALA C 155 -23.48 -109.32 -100.78
C ALA C 155 -22.86 -109.21 -102.19
N GLU C 156 -23.68 -109.00 -103.21
CA GLU C 156 -23.24 -108.88 -104.62
C GLU C 156 -22.90 -107.44 -105.04
N SER C 157 -23.20 -106.44 -104.20
CA SER C 157 -22.98 -105.02 -104.48
C SER C 157 -21.64 -104.58 -103.91
N ARG C 158 -20.78 -103.95 -104.71
CA ARG C 158 -19.52 -103.38 -104.20
C ARG C 158 -19.75 -102.11 -103.37
N ASP C 159 -20.81 -101.37 -103.69
CA ASP C 159 -21.14 -100.14 -102.99
C ASP C 159 -22.04 -100.43 -101.79
N VAL C 160 -21.91 -99.61 -100.75
CA VAL C 160 -22.83 -99.57 -99.62
C VAL C 160 -24.19 -99.09 -100.13
N LEU C 161 -25.25 -99.85 -99.90
CA LEU C 161 -26.58 -99.52 -100.42
C LEU C 161 -27.19 -98.32 -99.69
N ARG C 162 -26.96 -98.26 -98.39
CA ARG C 162 -27.45 -97.19 -97.52
C ARG C 162 -26.55 -97.06 -96.29
N THR C 163 -26.25 -95.84 -95.91
CA THR C 163 -25.66 -95.50 -94.62
C THR C 163 -26.62 -94.56 -93.88
N ILE C 164 -26.86 -94.84 -92.61
CA ILE C 164 -27.49 -93.91 -91.68
C ILE C 164 -26.36 -93.31 -90.86
N ASP C 165 -25.89 -92.15 -91.31
CA ASP C 165 -24.88 -91.36 -90.59
C ASP C 165 -25.49 -90.74 -89.33
N ASP C 166 -24.67 -90.64 -88.27
CA ASP C 166 -25.05 -90.08 -86.97
C ASP C 166 -26.34 -90.71 -86.39
N ALA C 167 -26.55 -92.01 -86.64
CA ALA C 167 -27.72 -92.73 -86.13
C ALA C 167 -27.69 -92.77 -84.59
N ASP C 168 -26.51 -92.93 -84.01
CA ASP C 168 -26.32 -92.88 -82.57
C ASP C 168 -25.10 -92.01 -82.21
N SER C 169 -25.23 -91.23 -81.15
CA SER C 169 -24.10 -90.47 -80.59
C SER C 169 -23.23 -91.30 -79.63
N SER C 170 -23.60 -92.56 -79.41
CA SER C 170 -22.90 -93.54 -78.59
C SER C 170 -22.55 -94.78 -79.40
N THR C 171 -21.56 -95.54 -78.93
CA THR C 171 -21.20 -96.81 -79.56
C THR C 171 -22.41 -97.75 -79.56
N MET C 172 -22.72 -98.29 -80.74
CA MET C 172 -23.66 -99.40 -80.87
C MET C 172 -22.90 -100.71 -80.63
N HIS C 173 -23.48 -101.64 -79.89
CA HIS C 173 -22.83 -102.91 -79.54
C HIS C 173 -23.48 -104.13 -80.19
N GLY C 174 -24.76 -104.06 -80.52
CA GLY C 174 -25.52 -105.19 -81.07
C GLY C 174 -26.57 -104.74 -82.07
N VAL C 175 -26.88 -105.62 -83.03
CA VAL C 175 -27.91 -105.41 -84.05
C VAL C 175 -28.62 -106.71 -84.37
N THR C 176 -29.94 -106.68 -84.55
CA THR C 176 -30.72 -107.83 -85.03
C THR C 176 -31.85 -107.39 -85.96
N PHE C 177 -32.28 -108.27 -86.87
CA PHE C 177 -33.46 -108.03 -87.69
C PHE C 177 -34.74 -108.26 -86.88
N LEU C 178 -35.59 -107.25 -86.83
CA LEU C 178 -36.96 -107.39 -86.34
C LEU C 178 -37.85 -108.03 -87.41
N ARG C 179 -37.75 -107.48 -88.62
CA ARG C 179 -38.45 -107.87 -89.85
C ARG C 179 -37.50 -107.62 -91.03
N THR C 180 -37.87 -108.03 -92.24
CA THR C 180 -37.03 -107.89 -93.44
C THR C 180 -36.46 -106.47 -93.67
N THR C 181 -37.19 -105.43 -93.26
CA THR C 181 -36.78 -104.02 -93.47
C THR C 181 -36.63 -103.25 -92.16
N GLU C 182 -36.66 -103.94 -91.03
CA GLU C 182 -36.58 -103.32 -89.72
C GLU C 182 -35.54 -104.02 -88.87
N ILE C 183 -34.73 -103.22 -88.19
CA ILE C 183 -33.68 -103.70 -87.30
C ILE C 183 -33.85 -103.08 -85.93
N LEU C 184 -33.29 -103.76 -84.94
CA LEU C 184 -33.09 -103.25 -83.60
C LEU C 184 -31.60 -103.11 -83.35
N THR C 185 -31.18 -102.02 -82.71
CA THR C 185 -29.82 -101.82 -82.24
C THR C 185 -29.78 -101.56 -80.74
N VAL C 186 -28.67 -101.92 -80.09
CA VAL C 186 -28.39 -101.62 -78.69
C VAL C 186 -27.08 -100.84 -78.54
N ASN C 187 -26.95 -100.00 -77.51
CA ASN C 187 -25.85 -99.05 -77.39
C ASN C 187 -25.29 -98.89 -75.96
N SER C 188 -24.20 -98.13 -75.83
CA SER C 188 -23.50 -97.86 -74.56
C SER C 188 -24.25 -97.00 -73.56
N VAL C 189 -25.48 -96.57 -73.84
CA VAL C 189 -26.30 -95.78 -72.92
C VAL C 189 -27.58 -96.51 -72.50
N GLY C 190 -27.67 -97.81 -72.77
CA GLY C 190 -28.78 -98.66 -72.33
C GLY C 190 -30.05 -98.52 -73.14
N GLN C 191 -29.95 -98.11 -74.40
CA GLN C 191 -31.09 -97.95 -75.28
C GLN C 191 -31.18 -99.09 -76.29
N LEU C 192 -32.40 -99.60 -76.47
CA LEU C 192 -32.79 -100.41 -77.62
C LEU C 192 -33.51 -99.50 -78.61
N LYS C 193 -33.03 -99.41 -79.86
CA LYS C 193 -33.59 -98.52 -80.89
C LYS C 193 -34.13 -99.33 -82.06
N LEU C 194 -35.35 -99.01 -82.49
CA LEU C 194 -35.99 -99.59 -83.67
C LEU C 194 -35.82 -98.70 -84.88
N TRP C 195 -35.40 -99.27 -86.00
CA TRP C 195 -35.13 -98.58 -87.25
C TRP C 195 -35.95 -99.19 -88.39
N ASP C 196 -36.55 -98.35 -89.24
CA ASP C 196 -37.07 -98.78 -90.55
C ASP C 196 -36.06 -98.38 -91.63
N LEU C 197 -35.46 -99.38 -92.26
CA LEU C 197 -34.43 -99.20 -93.29
C LEU C 197 -34.96 -98.60 -94.59
N ARG C 198 -36.27 -98.35 -94.71
CA ARG C 198 -36.88 -97.63 -95.85
C ARG C 198 -37.14 -96.15 -95.56
N LYS C 199 -37.21 -95.77 -94.28
CA LYS C 199 -37.43 -94.38 -93.85
C LYS C 199 -36.24 -93.53 -94.30
N GLN C 200 -36.46 -92.45 -95.06
CA GLN C 200 -35.38 -91.64 -95.63
C GLN C 200 -34.57 -90.82 -94.60
N GLY C 201 -35.10 -90.61 -93.40
CA GLY C 201 -34.40 -89.90 -92.32
C GLY C 201 -33.48 -90.78 -91.49
N ASN C 202 -32.72 -90.14 -90.61
CA ASN C 202 -31.71 -90.78 -89.74
C ASN C 202 -32.19 -90.97 -88.29
N ASP C 203 -33.44 -90.62 -87.97
CA ASP C 203 -33.99 -90.83 -86.64
C ASP C 203 -34.56 -92.24 -86.47
N PRO C 204 -34.36 -92.89 -85.31
CA PRO C 204 -35.02 -94.15 -85.01
C PRO C 204 -36.54 -93.98 -85.01
N THR C 205 -37.25 -95.07 -85.33
CA THR C 205 -38.72 -95.13 -85.27
C THR C 205 -39.20 -95.14 -83.82
N GLN C 206 -38.52 -95.88 -82.96
CA GLN C 206 -38.82 -95.97 -81.52
C GLN C 206 -37.53 -96.15 -80.71
N ILE C 207 -37.55 -95.71 -79.45
CA ILE C 207 -36.46 -95.86 -78.48
C ILE C 207 -37.05 -96.44 -77.20
N PHE C 208 -36.46 -97.54 -76.74
CA PHE C 208 -36.78 -98.24 -75.50
C PHE C 208 -35.57 -98.14 -74.56
N SER C 209 -35.81 -98.10 -73.26
CA SER C 209 -34.75 -98.00 -72.25
C SER C 209 -35.29 -98.36 -70.88
N VAL C 210 -34.46 -98.92 -70.00
CA VAL C 210 -34.79 -99.03 -68.57
C VAL C 210 -34.81 -97.62 -67.96
N THR C 211 -35.83 -97.29 -67.18
CA THR C 211 -36.01 -95.95 -66.61
C THR C 211 -34.96 -95.67 -65.54
N GLY C 212 -34.25 -94.55 -65.68
CA GLY C 212 -33.35 -94.01 -64.64
C GLY C 212 -31.92 -94.55 -64.69
N GLU C 213 -31.69 -95.64 -65.41
CA GLU C 213 -30.38 -96.30 -65.50
C GLU C 213 -29.83 -96.21 -66.93
N ARG C 214 -28.53 -95.96 -67.04
CA ARG C 214 -27.79 -95.90 -68.32
C ARG C 214 -26.71 -96.97 -68.32
N VAL C 215 -27.14 -98.22 -68.15
CA VAL C 215 -26.25 -99.37 -68.22
C VAL C 215 -26.08 -99.78 -69.69
N PRO C 216 -24.85 -99.89 -70.23
CA PRO C 216 -24.62 -100.37 -71.58
C PRO C 216 -25.33 -101.70 -71.88
N LEU C 217 -25.91 -101.81 -73.07
CA LEU C 217 -26.44 -103.05 -73.60
C LEU C 217 -25.46 -103.60 -74.65
N HIS C 218 -25.04 -104.85 -74.52
CA HIS C 218 -24.05 -105.49 -75.39
C HIS C 218 -24.68 -106.36 -76.47
N CYS C 219 -25.78 -107.05 -76.16
CA CYS C 219 -26.40 -108.01 -77.08
C CYS C 219 -27.91 -107.84 -77.20
N VAL C 220 -28.43 -108.30 -78.33
CA VAL C 220 -29.86 -108.30 -78.65
C VAL C 220 -30.19 -109.48 -79.55
N ASP C 221 -31.28 -110.18 -79.24
CA ASP C 221 -31.83 -111.20 -80.12
C ASP C 221 -33.36 -111.17 -80.15
N ARG C 222 -33.92 -111.55 -81.29
CA ARG C 222 -35.36 -111.56 -81.52
C ARG C 222 -35.88 -112.99 -81.43
N HIS C 223 -36.99 -113.17 -80.73
CA HIS C 223 -37.70 -114.42 -80.74
C HIS C 223 -38.07 -114.85 -82.18
N PRO C 224 -37.74 -116.08 -82.62
CA PRO C 224 -37.83 -116.48 -84.03
C PRO C 224 -39.27 -116.41 -84.57
N ASN C 225 -40.25 -116.89 -83.79
CA ASN C 225 -41.67 -116.93 -84.19
C ASN C 225 -42.49 -115.69 -83.79
N GLN C 226 -42.06 -114.93 -82.78
CA GLN C 226 -42.81 -113.79 -82.25
C GLN C 226 -42.02 -112.51 -82.48
N GLN C 227 -42.25 -111.86 -83.63
CA GLN C 227 -41.49 -110.69 -84.08
C GLN C 227 -41.52 -109.48 -83.14
N HIS C 228 -42.33 -109.49 -82.08
CA HIS C 228 -42.40 -108.39 -81.13
C HIS C 228 -41.62 -108.67 -79.83
N VAL C 229 -41.20 -109.92 -79.61
CA VAL C 229 -40.47 -110.34 -78.42
C VAL C 229 -38.98 -110.27 -78.70
N VAL C 230 -38.27 -109.57 -77.84
CA VAL C 230 -36.83 -109.30 -77.97
C VAL C 230 -36.19 -109.51 -76.61
N ALA C 231 -35.00 -110.11 -76.61
CA ALA C 231 -34.14 -110.23 -75.44
C ALA C 231 -32.91 -109.35 -75.61
N THR C 232 -32.43 -108.73 -74.54
CA THR C 232 -31.15 -107.99 -74.53
C THR C 232 -30.34 -108.32 -73.30
N GLY C 233 -29.03 -108.13 -73.40
CA GLY C 233 -28.11 -108.22 -72.27
C GLY C 233 -27.24 -107.00 -72.08
N GLY C 234 -26.92 -106.70 -70.83
CA GLY C 234 -26.17 -105.52 -70.44
C GLY C 234 -24.88 -105.80 -69.68
N GLN C 235 -24.17 -104.71 -69.40
CA GLN C 235 -22.94 -104.67 -68.62
C GLN C 235 -23.15 -105.14 -67.17
N ASP C 236 -24.35 -105.01 -66.65
CA ASP C 236 -24.76 -105.45 -65.31
C ASP C 236 -25.10 -106.94 -65.23
N GLY C 237 -24.98 -107.69 -66.33
CA GLY C 237 -25.35 -109.09 -66.40
C GLY C 237 -26.87 -109.34 -66.40
N MET C 238 -27.70 -108.31 -66.55
CA MET C 238 -29.16 -108.47 -66.54
C MET C 238 -29.68 -108.94 -67.91
N LEU C 239 -30.62 -109.89 -67.89
CA LEU C 239 -31.42 -110.29 -69.05
C LEU C 239 -32.73 -109.49 -69.05
N CYS C 240 -32.93 -108.68 -70.10
CA CYS C 240 -34.15 -107.91 -70.28
C CYS C 240 -35.00 -108.51 -71.40
N ILE C 241 -36.30 -108.72 -71.13
CA ILE C 241 -37.26 -109.14 -72.15
C ILE C 241 -38.19 -107.97 -72.49
N TRP C 242 -38.38 -107.71 -73.78
CA TRP C 242 -39.15 -106.59 -74.30
C TRP C 242 -40.31 -107.09 -75.16
N ASP C 243 -41.48 -106.46 -75.07
CA ASP C 243 -42.49 -106.47 -76.15
C ASP C 243 -42.43 -105.10 -76.83
N VAL C 244 -41.86 -105.03 -78.04
CA VAL C 244 -41.65 -103.76 -78.77
C VAL C 244 -42.96 -103.07 -79.20
N ARG C 245 -44.13 -103.68 -78.93
CA ARG C 245 -45.44 -103.05 -79.13
C ARG C 245 -45.99 -102.44 -77.84
N HIS C 246 -45.46 -102.84 -76.68
CA HIS C 246 -45.96 -102.46 -75.36
C HIS C 246 -44.97 -101.57 -74.62
N GLY C 247 -45.27 -100.27 -74.60
CA GLY C 247 -44.50 -99.30 -73.83
C GLY C 247 -43.07 -99.10 -74.34
N LYS C 248 -42.24 -98.48 -73.51
CA LYS C 248 -40.81 -98.21 -73.78
C LYS C 248 -39.87 -98.89 -72.77
N MET C 249 -40.46 -99.69 -71.88
CA MET C 249 -39.81 -100.37 -70.76
C MET C 249 -39.82 -101.87 -71.03
N PRO C 250 -38.87 -102.63 -70.49
CA PRO C 250 -38.89 -104.09 -70.59
C PRO C 250 -40.11 -104.64 -69.83
N MET C 251 -40.63 -105.77 -70.32
CA MET C 251 -41.69 -106.54 -69.67
C MET C 251 -41.15 -107.31 -68.47
N SER C 252 -39.90 -107.78 -68.56
CA SER C 252 -39.21 -108.52 -67.49
C SER C 252 -37.75 -108.11 -67.40
N LEU C 253 -37.25 -108.02 -66.17
CA LEU C 253 -35.85 -107.82 -65.82
C LEU C 253 -35.42 -109.01 -64.96
N LEU C 254 -34.47 -109.80 -65.45
CA LEU C 254 -34.04 -111.06 -64.83
C LEU C 254 -32.55 -110.96 -64.48
N ASN C 255 -32.21 -111.22 -63.22
CA ASN C 255 -30.82 -111.35 -62.77
C ASN C 255 -30.22 -112.62 -63.38
N ALA C 256 -29.36 -112.46 -64.38
CA ALA C 256 -28.76 -113.56 -65.13
C ALA C 256 -27.30 -113.81 -64.73
N HIS C 257 -26.42 -112.81 -64.81
CA HIS C 257 -24.99 -113.01 -64.60
C HIS C 257 -24.41 -112.07 -63.55
N GLU C 258 -23.20 -112.37 -63.06
CA GLU C 258 -22.48 -111.52 -62.10
C GLU C 258 -21.61 -110.45 -62.79
N ALA C 259 -21.45 -110.53 -64.11
CA ALA C 259 -20.68 -109.61 -64.96
C ALA C 259 -21.33 -109.41 -66.34
N GLU C 260 -20.64 -108.74 -67.27
CA GLU C 260 -21.18 -108.34 -68.57
C GLU C 260 -21.76 -109.53 -69.35
N MET C 261 -22.99 -109.39 -69.88
CA MET C 261 -23.62 -110.41 -70.71
C MET C 261 -23.27 -110.18 -72.19
N TRP C 262 -22.46 -111.06 -72.77
CA TRP C 262 -21.92 -110.90 -74.12
C TRP C 262 -22.89 -111.29 -75.22
N GLU C 263 -23.62 -112.39 -75.07
CA GLU C 263 -24.60 -112.83 -76.06
C GLU C 263 -25.86 -113.39 -75.39
N VAL C 264 -26.98 -113.21 -76.09
CA VAL C 264 -28.28 -113.84 -75.80
C VAL C 264 -28.82 -114.40 -77.10
N HIS C 265 -29.31 -115.64 -77.08
CA HIS C 265 -29.93 -116.27 -78.25
C HIS C 265 -31.15 -117.08 -77.84
N PHE C 266 -32.28 -116.82 -78.49
CA PHE C 266 -33.39 -117.77 -78.48
C PHE C 266 -33.01 -119.01 -79.29
N HIS C 267 -33.48 -120.18 -78.86
CA HIS C 267 -33.32 -121.37 -79.67
C HIS C 267 -34.12 -121.24 -80.98
N PRO C 268 -33.50 -121.39 -82.18
CA PRO C 268 -34.14 -121.05 -83.45
C PRO C 268 -35.43 -121.84 -83.75
N SER C 269 -35.51 -123.09 -83.30
CA SER C 269 -36.66 -123.99 -83.58
C SER C 269 -37.51 -124.34 -82.35
N ASN C 270 -37.05 -123.99 -81.14
CA ASN C 270 -37.74 -124.30 -79.88
C ASN C 270 -37.62 -123.11 -78.92
N PRO C 271 -38.27 -121.98 -79.24
CA PRO C 271 -38.00 -120.70 -78.61
C PRO C 271 -38.49 -120.57 -77.16
N ASP C 272 -39.00 -121.64 -76.57
CA ASP C 272 -39.17 -121.76 -75.12
C ASP C 272 -37.81 -121.94 -74.42
N HIS C 273 -36.75 -122.20 -75.17
CA HIS C 273 -35.37 -122.17 -74.67
C HIS C 273 -34.63 -120.91 -75.13
N LEU C 274 -33.82 -120.35 -74.23
CA LEU C 274 -32.94 -119.22 -74.46
C LEU C 274 -31.58 -119.50 -73.80
N PHE C 275 -30.51 -118.95 -74.39
CA PHE C 275 -29.14 -119.16 -73.93
C PHE C 275 -28.43 -117.82 -73.77
N THR C 276 -27.59 -117.71 -72.75
CA THR C 276 -26.83 -116.50 -72.44
C THR C 276 -25.42 -116.83 -72.00
N CYS C 277 -24.44 -116.02 -72.38
CA CYS C 277 -23.05 -116.16 -71.91
C CYS C 277 -22.48 -114.85 -71.39
N SER C 278 -21.51 -114.93 -70.48
CA SER C 278 -21.00 -113.76 -69.75
C SER C 278 -19.49 -113.76 -69.55
N GLU C 279 -18.97 -112.57 -69.25
CA GLU C 279 -17.62 -112.34 -68.76
C GLU C 279 -17.28 -113.12 -67.49
N ASP C 280 -18.29 -113.42 -66.65
CA ASP C 280 -18.12 -114.23 -65.44
C ASP C 280 -17.75 -115.70 -65.72
N GLY C 281 -17.69 -116.08 -67.00
CA GLY C 281 -17.32 -117.40 -67.48
C GLY C 281 -18.51 -118.36 -67.58
N SER C 282 -19.73 -117.94 -67.24
CA SER C 282 -20.87 -118.83 -67.24
C SER C 282 -21.62 -118.84 -68.59
N LEU C 283 -22.31 -119.97 -68.83
CA LEU C 283 -23.18 -120.19 -69.98
C LEU C 283 -24.49 -120.78 -69.47
N TRP C 284 -25.56 -120.00 -69.48
CA TRP C 284 -26.85 -120.42 -68.91
C TRP C 284 -27.83 -120.83 -70.00
N HIS C 285 -28.55 -121.91 -69.74
CA HIS C 285 -29.73 -122.35 -70.46
C HIS C 285 -30.97 -122.00 -69.64
N TRP C 286 -31.89 -121.27 -70.25
CA TRP C 286 -33.16 -120.84 -69.71
C TRP C 286 -34.27 -121.62 -70.40
N ASP C 287 -35.14 -122.27 -69.63
CA ASP C 287 -36.25 -123.06 -70.12
C ASP C 287 -37.58 -122.53 -69.58
N ALA C 288 -38.40 -122.02 -70.50
CA ALA C 288 -39.73 -121.49 -70.23
C ALA C 288 -40.85 -122.51 -70.49
N SER C 289 -40.53 -123.73 -70.91
CA SER C 289 -41.50 -124.79 -71.21
C SER C 289 -41.98 -125.56 -69.96
N ALA C 290 -41.26 -125.44 -68.84
CA ALA C 290 -41.39 -126.31 -67.66
C ALA C 290 -42.80 -126.36 -67.02
N ASP C 291 -43.69 -125.40 -67.31
CA ASP C 291 -45.07 -125.41 -66.79
C ASP C 291 -46.10 -126.03 -67.76
N SER C 292 -45.75 -126.21 -69.04
CA SER C 292 -46.66 -126.76 -70.05
C SER C 292 -46.83 -128.28 -69.97
N LEU C 321 -51.74 -117.37 -77.62
CA LEU C 321 -50.61 -118.14 -77.13
C LEU C 321 -49.72 -117.15 -76.39
N ALA C 322 -49.85 -117.11 -75.07
CA ALA C 322 -49.15 -116.14 -74.27
C ALA C 322 -47.70 -116.57 -74.31
N CYS C 323 -46.82 -115.70 -74.82
CA CYS C 323 -45.40 -115.97 -74.81
C CYS C 323 -44.96 -116.14 -73.36
N ALA C 324 -44.38 -117.29 -73.00
CA ALA C 324 -43.96 -117.58 -71.64
C ALA C 324 -42.98 -116.50 -71.12
N TRP C 325 -42.13 -115.98 -72.00
CA TRP C 325 -41.18 -114.88 -71.73
C TRP C 325 -41.85 -113.55 -71.36
N LEU C 326 -43.09 -113.33 -71.76
CA LEU C 326 -43.86 -112.11 -71.45
C LEU C 326 -44.76 -112.29 -70.21
N SER C 327 -44.71 -113.44 -69.54
CA SER C 327 -45.49 -113.64 -68.32
C SER C 327 -45.01 -112.67 -67.24
N THR C 328 -45.92 -111.81 -66.78
CA THR C 328 -45.69 -110.89 -65.66
C THR C 328 -46.15 -111.49 -64.33
N ASP C 329 -46.72 -112.69 -64.37
CA ASP C 329 -47.20 -113.40 -63.18
C ASP C 329 -46.09 -114.30 -62.65
N PRO C 330 -45.41 -113.96 -61.54
CA PRO C 330 -44.33 -114.77 -60.99
C PRO C 330 -44.80 -116.16 -60.52
N THR C 331 -46.13 -116.39 -60.43
CA THR C 331 -46.71 -117.69 -60.09
C THR C 331 -47.00 -118.57 -61.31
N LYS C 332 -46.88 -118.03 -62.54
CA LYS C 332 -47.14 -118.74 -63.79
C LYS C 332 -45.93 -118.67 -64.71
N GLY C 333 -45.32 -119.81 -64.96
CA GLY C 333 -44.08 -119.90 -65.75
C GLY C 333 -42.85 -119.88 -64.85
N GLN C 334 -42.58 -121.00 -64.17
CA GLN C 334 -41.29 -121.20 -63.53
C GLN C 334 -40.25 -121.40 -64.63
N LEU C 335 -39.34 -120.43 -64.79
CA LEU C 335 -38.17 -120.59 -65.63
C LEU C 335 -37.20 -121.55 -64.95
N GLU C 336 -36.84 -122.64 -65.62
CA GLU C 336 -35.71 -123.47 -65.18
C GLU C 336 -34.42 -122.92 -65.77
N ILE C 337 -33.39 -122.81 -64.94
CA ILE C 337 -32.12 -122.19 -65.30
C ILE C 337 -30.99 -123.14 -64.94
N THR C 338 -30.14 -123.43 -65.92
CA THR C 338 -29.04 -124.38 -65.76
C THR C 338 -27.74 -123.78 -66.29
N ASN C 339 -26.68 -123.76 -65.48
CA ASN C 339 -25.34 -123.45 -65.97
C ASN C 339 -24.75 -124.69 -66.66
N LEU C 340 -24.40 -124.53 -67.94
CA LEU C 340 -23.99 -125.61 -68.83
C LEU C 340 -22.49 -125.92 -68.76
N LEU C 341 -21.66 -124.95 -68.37
CA LEU C 341 -20.21 -125.11 -68.28
C LEU C 341 -19.75 -125.35 -66.84
N PRO C 342 -18.59 -126.01 -66.64
CA PRO C 342 -18.00 -126.14 -65.31
C PRO C 342 -17.75 -124.76 -64.67
N SER C 343 -17.83 -124.69 -63.34
CA SER C 343 -17.36 -123.53 -62.59
C SER C 343 -15.88 -123.26 -62.89
N SER C 344 -15.49 -121.98 -63.03
CA SER C 344 -14.12 -121.47 -63.25
C SER C 344 -13.59 -121.41 -64.70
N THR C 345 -14.46 -121.37 -65.69
CA THR C 345 -14.10 -120.90 -67.04
C THR C 345 -13.74 -119.40 -67.01
N LEU C 346 -12.82 -118.97 -67.87
CA LEU C 346 -12.69 -117.54 -68.19
C LEU C 346 -13.88 -117.10 -69.05
N SER C 347 -14.00 -115.79 -69.31
CA SER C 347 -15.06 -115.17 -70.11
C SER C 347 -15.53 -116.03 -71.29
N VAL C 348 -16.85 -116.25 -71.38
CA VAL C 348 -17.49 -116.94 -72.51
C VAL C 348 -18.02 -115.88 -73.46
N ASN C 349 -17.23 -115.57 -74.49
CA ASN C 349 -17.44 -114.40 -75.34
C ASN C 349 -18.55 -114.57 -76.39
N SER C 350 -18.89 -115.81 -76.71
CA SER C 350 -19.86 -116.11 -77.76
C SER C 350 -20.43 -117.51 -77.62
N LEU C 351 -21.68 -117.67 -78.02
CA LEU C 351 -22.36 -118.96 -78.11
C LEU C 351 -23.17 -119.03 -79.41
N ASP C 352 -23.42 -120.23 -79.89
CA ASP C 352 -24.42 -120.45 -80.94
C ASP C 352 -25.08 -121.81 -80.78
N VAL C 353 -26.37 -121.87 -81.10
CA VAL C 353 -27.22 -123.03 -80.88
C VAL C 353 -28.00 -123.36 -82.14
N LEU C 354 -27.92 -124.62 -82.57
CA LEU C 354 -28.63 -125.12 -83.74
C LEU C 354 -29.08 -126.56 -83.54
N GLY C 355 -30.39 -126.76 -83.36
CA GLY C 355 -30.98 -128.07 -83.13
C GLY C 355 -30.55 -128.63 -81.77
N GLN C 356 -29.86 -129.76 -81.76
CA GLN C 356 -29.35 -130.38 -80.52
C GLN C 356 -27.91 -129.94 -80.17
N ASN C 357 -27.34 -129.01 -80.95
CA ASN C 357 -25.93 -128.66 -80.87
C ASN C 357 -25.75 -127.26 -80.32
N LEU C 358 -24.76 -127.09 -79.44
CA LEU C 358 -24.32 -125.79 -78.95
C LEU C 358 -22.80 -125.72 -79.06
N VAL C 359 -22.30 -124.58 -79.51
CA VAL C 359 -20.87 -124.24 -79.49
C VAL C 359 -20.68 -122.94 -78.73
N CYS C 360 -19.59 -122.81 -78.00
CA CYS C 360 -19.19 -121.52 -77.41
C CYS C 360 -17.67 -121.36 -77.41
N GLY C 361 -17.22 -120.11 -77.42
CA GLY C 361 -15.81 -119.70 -77.43
C GLY C 361 -15.47 -118.88 -76.20
N THR C 362 -14.24 -119.03 -75.70
CA THR C 362 -13.81 -118.42 -74.43
C THR C 362 -12.45 -117.74 -74.52
N ASP C 363 -12.15 -116.93 -73.50
CA ASP C 363 -10.82 -116.35 -73.25
C ASP C 363 -9.80 -117.35 -72.71
N ALA C 364 -10.25 -118.54 -72.31
CA ALA C 364 -9.38 -119.65 -71.92
C ALA C 364 -8.79 -120.38 -73.13
N GLU C 365 -8.74 -119.72 -74.30
CA GLU C 365 -8.23 -120.32 -75.53
C GLU C 365 -8.96 -121.64 -75.85
N ALA C 366 -10.27 -121.70 -75.58
CA ALA C 366 -11.04 -122.94 -75.66
C ALA C 366 -12.36 -122.76 -76.40
N ILE C 367 -12.69 -123.78 -77.20
CA ILE C 367 -13.98 -123.99 -77.84
C ILE C 367 -14.67 -125.15 -77.14
N TYR C 368 -15.88 -124.94 -76.65
CA TYR C 368 -16.71 -126.02 -76.10
C TYR C 368 -17.82 -126.36 -77.08
N VAL C 369 -18.05 -127.65 -77.30
CA VAL C 369 -19.08 -128.15 -78.21
C VAL C 369 -19.87 -129.25 -77.53
N THR C 370 -21.20 -129.17 -77.60
CA THR C 370 -22.09 -130.29 -77.31
C THR C 370 -22.97 -130.56 -78.52
N ARG C 371 -23.28 -131.84 -78.75
CA ARG C 371 -24.22 -132.29 -79.80
C ARG C 371 -25.49 -132.92 -79.23
N ARG C 372 -25.64 -132.85 -77.91
CA ARG C 372 -26.75 -133.48 -77.18
C ARG C 372 -27.23 -132.56 -76.05
N LEU C 373 -27.67 -131.36 -76.45
CA LEU C 373 -28.06 -130.31 -75.50
C LEU C 373 -29.20 -130.77 -74.56
N PHE C 374 -30.22 -131.40 -75.13
CA PHE C 374 -31.44 -131.80 -74.41
C PHE C 374 -31.47 -133.27 -73.97
N ALA D 9 -75.27 -61.60 -50.77
CA ALA D 9 -76.13 -62.40 -51.62
C ALA D 9 -75.37 -63.65 -52.10
N THR D 10 -76.04 -64.80 -52.13
CA THR D 10 -75.50 -66.07 -52.62
C THR D 10 -75.15 -65.94 -54.10
N TYR D 11 -76.05 -65.35 -54.89
CA TYR D 11 -75.86 -65.05 -56.30
C TYR D 11 -76.22 -63.60 -56.60
N THR D 12 -75.59 -63.02 -57.62
CA THR D 12 -75.89 -61.68 -58.11
C THR D 12 -75.85 -61.67 -59.63
N VAL D 13 -76.85 -61.07 -60.25
CA VAL D 13 -76.95 -60.91 -61.72
C VAL D 13 -77.01 -59.44 -62.04
N ASP D 14 -76.22 -58.98 -63.01
CA ASP D 14 -76.28 -57.60 -63.49
C ASP D 14 -77.48 -57.37 -64.41
N CYS D 15 -78.10 -56.20 -64.28
CA CYS D 15 -79.21 -55.74 -65.11
C CYS D 15 -78.87 -54.43 -65.80
N GLU D 16 -79.57 -54.13 -66.89
CA GLU D 16 -79.31 -52.93 -67.68
C GLU D 16 -79.58 -51.64 -66.87
N ASP D 17 -80.67 -51.61 -66.11
CA ASP D 17 -81.16 -50.47 -65.33
C ASP D 17 -81.70 -50.91 -63.95
N TYR D 18 -82.18 -49.95 -63.17
CA TYR D 18 -82.79 -50.14 -61.86
C TYR D 18 -83.96 -51.12 -61.88
N VAL D 19 -83.96 -52.08 -60.95
CA VAL D 19 -85.05 -53.07 -60.84
C VAL D 19 -86.10 -52.59 -59.83
N HIS D 20 -87.29 -52.23 -60.34
CA HIS D 20 -88.40 -51.72 -59.55
C HIS D 20 -89.33 -52.80 -58.98
N VAL D 21 -89.41 -53.93 -59.68
CA VAL D 21 -90.21 -55.08 -59.29
C VAL D 21 -89.56 -56.32 -59.87
N VAL D 22 -89.67 -57.43 -59.16
CA VAL D 22 -89.18 -58.73 -59.60
C VAL D 22 -90.17 -59.80 -59.11
N GLU D 23 -90.55 -60.72 -59.99
CA GLU D 23 -91.45 -61.82 -59.68
C GLU D 23 -91.02 -63.09 -60.41
N PHE D 24 -90.77 -64.17 -59.66
CA PHE D 24 -90.65 -65.50 -60.24
C PHE D 24 -92.01 -65.95 -60.76
N ASN D 25 -92.01 -66.71 -61.86
CA ASN D 25 -93.21 -67.40 -62.29
C ASN D 25 -93.57 -68.46 -61.23
N PRO D 26 -94.73 -68.36 -60.55
CA PRO D 26 -95.12 -69.34 -59.55
C PRO D 26 -95.67 -70.63 -60.18
N PHE D 27 -95.96 -70.61 -61.48
CA PHE D 27 -96.54 -71.73 -62.22
C PHE D 27 -95.47 -72.60 -62.89
N ASP D 28 -95.85 -73.82 -63.26
CA ASP D 28 -94.98 -74.68 -64.06
C ASP D 28 -95.04 -74.28 -65.53
N SER D 29 -93.92 -73.85 -66.09
CA SER D 29 -93.82 -73.46 -67.50
C SER D 29 -93.38 -74.61 -68.42
N GLY D 30 -93.12 -75.81 -67.88
CA GLY D 30 -92.68 -76.97 -68.67
C GLY D 30 -91.20 -76.93 -69.09
N GLU D 31 -90.46 -75.90 -68.72
CA GLU D 31 -89.00 -75.80 -68.91
C GLU D 31 -88.23 -76.26 -67.65
N ALA D 32 -86.98 -76.68 -67.84
CA ALA D 32 -86.10 -77.03 -66.73
C ALA D 32 -85.72 -75.80 -65.87
N GLY D 33 -85.67 -74.61 -66.47
CA GLY D 33 -85.37 -73.35 -65.79
C GLY D 33 -86.61 -72.68 -65.21
N SER D 34 -86.39 -71.91 -64.15
CA SER D 34 -87.43 -71.09 -63.53
C SER D 34 -87.50 -69.74 -64.23
N LEU D 35 -88.69 -69.39 -64.74
CA LEU D 35 -88.93 -68.07 -65.32
C LEU D 35 -88.95 -66.98 -64.25
N LEU D 36 -88.38 -65.84 -64.58
CA LEU D 36 -88.32 -64.64 -63.77
C LEU D 36 -88.68 -63.42 -64.62
N ALA D 37 -89.52 -62.55 -64.08
CA ALA D 37 -89.85 -61.27 -64.68
C ALA D 37 -89.32 -60.17 -63.78
N TYR D 38 -88.71 -59.14 -64.37
CA TYR D 38 -88.38 -57.94 -63.63
C TYR D 38 -88.67 -56.68 -64.43
N GLY D 39 -89.18 -55.66 -63.74
CA GLY D 39 -89.58 -54.38 -64.32
C GLY D 39 -88.56 -53.30 -64.02
N GLY D 40 -88.10 -52.61 -65.06
CA GLY D 40 -87.23 -51.45 -64.98
C GLY D 40 -87.99 -50.12 -65.03
N ILE D 41 -87.29 -49.05 -65.44
CA ILE D 41 -87.87 -47.71 -65.60
C ILE D 41 -88.83 -47.64 -66.81
N SER D 42 -88.52 -48.36 -67.89
CA SER D 42 -89.28 -48.28 -69.15
C SER D 42 -89.44 -49.63 -69.86
N TYR D 43 -89.07 -50.73 -69.20
CA TYR D 43 -89.07 -52.05 -69.80
C TYR D 43 -89.46 -53.13 -68.80
N VAL D 44 -89.87 -54.29 -69.32
CA VAL D 44 -90.03 -55.54 -68.57
C VAL D 44 -89.16 -56.58 -69.23
N VAL D 45 -88.30 -57.24 -68.46
CA VAL D 45 -87.46 -58.33 -68.92
C VAL D 45 -88.01 -59.64 -68.40
N ILE D 46 -88.12 -60.62 -69.29
CA ILE D 46 -88.40 -62.01 -69.00
C ILE D 46 -87.11 -62.80 -69.18
N ALA D 47 -86.71 -63.53 -68.15
CA ALA D 47 -85.50 -64.31 -68.12
C ALA D 47 -85.77 -65.73 -67.60
N SER D 48 -84.88 -66.66 -67.95
CA SER D 48 -84.79 -67.99 -67.35
C SER D 48 -83.60 -68.01 -66.39
N CYS D 49 -83.83 -68.55 -65.20
CA CYS D 49 -82.82 -68.79 -64.19
C CYS D 49 -82.68 -70.31 -63.96
N ARG D 50 -81.45 -70.81 -63.97
CA ARG D 50 -81.11 -72.16 -63.49
C ARG D 50 -80.02 -72.05 -62.45
N PHE D 51 -80.16 -72.82 -61.38
CA PHE D 51 -79.27 -72.76 -60.24
C PHE D 51 -78.51 -74.07 -60.08
N GLN D 52 -77.30 -74.00 -59.53
CA GLN D 52 -76.47 -75.16 -59.20
C GLN D 52 -77.18 -76.16 -58.29
N GLU D 53 -78.10 -75.69 -57.44
CA GLU D 53 -78.91 -76.54 -56.55
C GLU D 53 -79.98 -77.36 -57.28
N GLU D 54 -80.32 -77.00 -58.54
CA GLU D 54 -81.27 -77.75 -59.38
C GLU D 54 -80.57 -78.66 -60.39
N ASP D 55 -79.42 -78.21 -60.91
CA ASP D 55 -78.64 -78.93 -61.89
C ASP D 55 -77.14 -78.80 -61.58
N SER D 56 -76.49 -79.93 -61.31
CA SER D 56 -75.06 -80.00 -61.00
C SER D 56 -74.15 -79.61 -62.17
N THR D 57 -74.69 -79.47 -63.39
CA THR D 57 -73.96 -78.95 -64.56
C THR D 57 -73.85 -77.43 -64.58
N VAL D 58 -74.65 -76.73 -63.76
CA VAL D 58 -74.61 -75.26 -63.64
C VAL D 58 -73.63 -74.87 -62.52
N GLU D 59 -72.65 -74.02 -62.84
CA GLU D 59 -71.78 -73.41 -61.82
C GLU D 59 -72.42 -72.09 -61.33
N GLY D 60 -72.95 -72.10 -60.11
CA GLY D 60 -73.65 -70.96 -59.52
C GLY D 60 -75.03 -70.69 -60.12
N ILE D 61 -75.15 -69.65 -60.95
CA ILE D 61 -76.41 -69.26 -61.61
C ILE D 61 -76.22 -69.08 -63.13
N GLU D 62 -77.03 -69.78 -63.90
CA GLU D 62 -77.20 -69.54 -65.33
C GLU D 62 -78.41 -68.62 -65.52
N PHE D 63 -78.15 -67.37 -65.89
CA PHE D 63 -79.17 -66.35 -66.14
C PHE D 63 -79.23 -66.00 -67.63
N LYS D 64 -80.37 -66.26 -68.27
CA LYS D 64 -80.59 -65.98 -69.69
C LYS D 64 -81.80 -65.10 -69.90
N THR D 65 -81.59 -63.90 -70.44
CA THR D 65 -82.68 -63.06 -70.93
C THR D 65 -83.37 -63.73 -72.13
N LEU D 66 -84.67 -63.98 -72.02
CA LEU D 66 -85.49 -64.57 -73.08
C LEU D 66 -86.15 -63.49 -73.93
N LYS D 67 -86.71 -62.46 -73.30
CA LYS D 67 -87.42 -61.38 -73.99
C LYS D 67 -87.40 -60.08 -73.19
N THR D 68 -87.33 -58.96 -73.90
CA THR D 68 -87.48 -57.62 -73.32
C THR D 68 -88.66 -56.92 -73.99
N PHE D 69 -89.59 -56.42 -73.19
CA PHE D 69 -90.76 -55.66 -73.63
C PHE D 69 -90.56 -54.19 -73.30
N HIS D 70 -90.67 -53.31 -74.30
CA HIS D 70 -90.74 -51.88 -74.05
C HIS D 70 -92.09 -51.54 -73.41
N HIS D 71 -92.04 -50.91 -72.24
CA HIS D 71 -93.21 -50.52 -71.45
C HIS D 71 -93.48 -49.01 -71.54
N GLY D 72 -92.41 -48.22 -71.55
CA GLY D 72 -92.45 -46.74 -71.61
C GLY D 72 -92.73 -46.07 -70.26
N GLU D 73 -93.13 -46.82 -69.24
CA GLU D 73 -93.44 -46.32 -67.90
C GLU D 73 -92.79 -47.19 -66.82
N ARG D 74 -92.62 -46.60 -65.64
CA ARG D 74 -92.08 -47.32 -64.48
C ARG D 74 -93.07 -48.37 -64.01
N VAL D 75 -92.65 -49.62 -64.06
CA VAL D 75 -93.46 -50.77 -63.63
C VAL D 75 -93.44 -50.88 -62.11
N VAL D 76 -94.62 -51.04 -61.51
CA VAL D 76 -94.78 -51.11 -60.05
C VAL D 76 -95.18 -52.50 -59.56
N ALA D 77 -95.87 -53.27 -60.38
CA ALA D 77 -96.27 -54.65 -60.05
C ALA D 77 -96.33 -55.50 -61.34
N ILE D 78 -96.04 -56.79 -61.19
CA ILE D 78 -96.07 -57.80 -62.26
C ILE D 78 -96.85 -59.01 -61.76
N ALA D 79 -97.74 -59.53 -62.58
CA ALA D 79 -98.49 -60.76 -62.30
C ALA D 79 -98.34 -61.74 -63.45
N TRP D 80 -97.95 -62.97 -63.15
CA TRP D 80 -97.87 -64.06 -64.12
C TRP D 80 -99.25 -64.65 -64.39
N SER D 81 -99.53 -64.98 -65.65
CA SER D 81 -100.72 -65.77 -66.00
C SER D 81 -100.43 -67.27 -65.82
N PRO D 82 -101.37 -68.04 -65.24
CA PRO D 82 -101.30 -69.50 -65.18
C PRO D 82 -101.15 -70.19 -66.55
N GLU D 83 -101.58 -69.55 -67.64
CA GLU D 83 -101.44 -70.09 -69.00
C GLU D 83 -99.99 -70.04 -69.54
N THR D 84 -99.07 -69.40 -68.80
CA THR D 84 -97.68 -69.24 -69.25
C THR D 84 -96.97 -70.58 -69.36
N ARG D 85 -96.54 -70.93 -70.57
CA ARG D 85 -95.85 -72.16 -70.92
C ARG D 85 -94.74 -71.87 -71.93
N CYS D 86 -93.61 -72.53 -71.74
CA CYS D 86 -92.47 -72.48 -72.66
C CYS D 86 -92.35 -73.76 -73.50
N ASP D 87 -93.32 -74.67 -73.45
CA ASP D 87 -93.31 -75.88 -74.28
C ASP D 87 -93.15 -75.53 -75.77
N ALA D 88 -92.27 -76.25 -76.44
CA ALA D 88 -91.90 -76.04 -77.84
C ALA D 88 -93.08 -76.17 -78.81
N LEU D 89 -94.13 -76.92 -78.46
CA LEU D 89 -95.28 -77.13 -79.36
C LEU D 89 -96.19 -75.90 -79.46
N LEU D 90 -96.44 -75.22 -78.35
CA LEU D 90 -97.32 -74.04 -78.28
C LEU D 90 -96.85 -73.07 -77.17
N PRO D 91 -95.67 -72.46 -77.32
CA PRO D 91 -95.16 -71.55 -76.31
C PRO D 91 -96.09 -70.33 -76.21
N LEU D 92 -96.43 -69.97 -74.97
CA LEU D 92 -97.29 -68.84 -74.66
C LEU D 92 -96.76 -68.19 -73.38
N LEU D 93 -96.34 -66.94 -73.50
CA LEU D 93 -96.00 -66.07 -72.41
C LEU D 93 -97.15 -65.10 -72.21
N ARG D 94 -97.75 -65.09 -71.01
CA ARG D 94 -98.73 -64.06 -70.65
C ARG D 94 -98.50 -63.54 -69.24
N PHE D 95 -98.44 -62.23 -69.12
CA PHE D 95 -98.33 -61.57 -67.82
C PHE D 95 -99.00 -60.20 -67.87
N ALA D 96 -99.37 -59.70 -66.71
CA ALA D 96 -99.94 -58.38 -66.53
C ALA D 96 -98.98 -57.51 -65.74
N THR D 97 -99.04 -56.20 -66.01
CA THR D 97 -98.23 -55.22 -65.31
C THR D 97 -99.08 -54.03 -64.93
N ALA D 98 -98.76 -53.41 -63.79
CA ALA D 98 -99.24 -52.09 -63.44
C ALA D 98 -98.07 -51.10 -63.49
N ALA D 99 -98.34 -49.87 -63.88
CA ALA D 99 -97.35 -48.81 -63.97
C ALA D 99 -97.82 -47.49 -63.38
N GLY D 100 -96.88 -46.53 -63.29
CA GLY D 100 -97.12 -45.19 -62.74
C GLY D 100 -98.21 -44.39 -63.47
N ASP D 101 -98.58 -44.77 -64.69
CA ASP D 101 -99.65 -44.13 -65.46
C ASP D 101 -101.07 -44.60 -65.07
N LYS D 102 -101.20 -45.41 -64.00
CA LYS D 102 -102.48 -45.94 -63.47
C LYS D 102 -103.15 -46.97 -64.38
N LYS D 103 -102.43 -47.47 -65.38
CA LYS D 103 -102.95 -48.44 -66.35
C LYS D 103 -102.41 -49.82 -66.05
N ILE D 104 -103.21 -50.82 -66.44
CA ILE D 104 -102.75 -52.21 -66.51
C ILE D 104 -102.39 -52.49 -67.95
N ARG D 105 -101.29 -53.21 -68.17
CA ARG D 105 -100.93 -53.76 -69.49
C ARG D 105 -100.83 -55.26 -69.41
N ILE D 106 -101.57 -55.95 -70.26
CA ILE D 106 -101.46 -57.40 -70.46
C ILE D 106 -100.55 -57.62 -71.65
N PHE D 107 -99.46 -58.35 -71.47
CA PHE D 107 -98.54 -58.74 -72.52
C PHE D 107 -98.80 -60.20 -72.89
N THR D 108 -98.82 -60.48 -74.19
CA THR D 108 -98.88 -61.85 -74.73
C THR D 108 -97.77 -62.03 -75.76
N SER D 109 -97.05 -63.14 -75.69
CA SER D 109 -95.98 -63.46 -76.61
C SER D 109 -95.89 -64.97 -76.88
N ASP D 110 -95.43 -65.35 -78.07
CA ASP D 110 -95.07 -66.73 -78.42
C ASP D 110 -93.57 -67.01 -78.28
N PHE D 111 -92.83 -66.10 -77.62
CA PHE D 111 -91.35 -66.05 -77.57
C PHE D 111 -90.66 -65.91 -78.93
N GLN D 112 -91.42 -65.76 -80.02
CA GLN D 112 -90.92 -65.50 -81.37
C GLN D 112 -91.24 -64.04 -81.73
N ASP D 113 -91.92 -63.84 -82.85
CA ASP D 113 -92.20 -62.51 -83.41
C ASP D 113 -93.52 -61.93 -82.92
N LYS D 114 -94.47 -62.77 -82.49
CA LYS D 114 -95.78 -62.29 -82.07
C LYS D 114 -95.70 -61.74 -80.65
N ASN D 115 -95.71 -60.41 -80.55
CA ASN D 115 -95.68 -59.70 -79.28
C ASN D 115 -96.80 -58.67 -79.28
N GLU D 116 -97.81 -58.92 -78.46
CA GLU D 116 -98.98 -58.07 -78.35
C GLU D 116 -99.10 -57.56 -76.92
N TYR D 117 -99.62 -56.34 -76.79
CA TYR D 117 -100.02 -55.86 -75.49
C TYR D 117 -101.36 -55.14 -75.58
N LYS D 118 -102.13 -55.24 -74.51
CA LYS D 118 -103.42 -54.57 -74.35
C LYS D 118 -103.38 -53.68 -73.14
N VAL D 119 -103.92 -52.47 -73.28
CA VAL D 119 -103.99 -51.48 -72.21
C VAL D 119 -105.40 -51.52 -71.62
N ILE D 120 -105.47 -51.58 -70.29
CA ILE D 120 -106.71 -51.54 -69.52
C ILE D 120 -106.70 -50.26 -68.70
N GLU D 121 -107.76 -49.49 -68.85
CA GLU D 121 -107.96 -48.20 -68.18
C GLU D 121 -109.20 -48.25 -67.29
N GLY D 122 -109.17 -47.49 -66.20
CA GLY D 122 -110.35 -47.27 -65.36
C GLY D 122 -110.03 -46.94 -63.91
N HIS D 123 -108.86 -47.35 -63.41
CA HIS D 123 -108.35 -46.86 -62.12
C HIS D 123 -108.09 -45.35 -62.20
N SER D 124 -108.55 -44.61 -61.19
CA SER D 124 -108.37 -43.14 -61.11
C SER D 124 -107.16 -42.73 -60.27
N GLY D 125 -106.57 -43.68 -59.54
CA GLY D 125 -105.39 -43.54 -58.68
C GLY D 125 -104.29 -44.54 -59.07
N TYR D 126 -103.12 -44.44 -58.43
CA TYR D 126 -102.03 -45.39 -58.67
C TYR D 126 -102.45 -46.80 -58.29
N ILE D 127 -102.11 -47.77 -59.14
CA ILE D 127 -102.30 -49.18 -58.85
C ILE D 127 -101.12 -49.62 -57.99
N ASN D 128 -101.41 -50.24 -56.85
CA ASN D 128 -100.40 -50.69 -55.90
C ASN D 128 -100.03 -52.15 -56.10
N ASP D 129 -100.98 -52.98 -56.51
CA ASP D 129 -100.77 -54.42 -56.71
C ASP D 129 -101.80 -54.99 -57.71
N LEU D 130 -101.45 -56.11 -58.35
CA LEU D 130 -102.35 -56.86 -59.23
C LEU D 130 -101.99 -58.35 -59.27
N VAL D 131 -102.98 -59.21 -59.52
CA VAL D 131 -102.81 -60.66 -59.66
C VAL D 131 -103.78 -61.23 -60.69
N PHE D 132 -103.44 -62.35 -61.32
CA PHE D 132 -104.45 -63.19 -61.98
C PHE D 132 -105.27 -63.90 -60.90
N CYS D 133 -106.59 -63.78 -60.96
CA CYS D 133 -107.53 -64.26 -59.94
C CYS D 133 -108.45 -65.37 -60.45
N SER D 134 -108.01 -66.13 -61.45
CA SER D 134 -108.72 -67.31 -61.96
C SER D 134 -107.71 -68.42 -62.23
N PRO D 135 -108.04 -69.69 -61.93
CA PRO D 135 -107.19 -70.83 -62.29
C PRO D 135 -106.91 -70.89 -63.80
N GLU D 136 -107.90 -70.49 -64.60
CA GLU D 136 -107.81 -70.44 -66.06
C GLU D 136 -107.02 -69.22 -66.58
N GLY D 137 -106.66 -68.25 -65.71
CA GLY D 137 -105.88 -67.08 -66.11
C GLY D 137 -106.63 -66.07 -66.99
N THR D 138 -107.96 -66.03 -66.91
CA THR D 138 -108.86 -65.14 -67.69
C THR D 138 -109.13 -63.81 -67.00
N ASP D 139 -108.98 -63.77 -65.68
CA ASP D 139 -109.37 -62.63 -64.86
C ASP D 139 -108.18 -62.06 -64.09
N ILE D 140 -108.12 -60.73 -64.02
CA ILE D 140 -107.11 -59.98 -63.27
C ILE D 140 -107.80 -59.18 -62.19
N ALA D 141 -107.30 -59.28 -60.96
CA ALA D 141 -107.66 -58.39 -59.87
C ALA D 141 -106.58 -57.32 -59.68
N SER D 142 -106.98 -56.07 -59.47
CA SER D 142 -106.07 -54.95 -59.18
C SER D 142 -106.58 -54.10 -58.04
N VAL D 143 -105.67 -53.50 -57.29
CA VAL D 143 -105.97 -52.61 -56.15
C VAL D 143 -105.13 -51.35 -56.20
N GLY D 144 -105.66 -50.23 -55.71
CA GLY D 144 -104.94 -48.96 -55.78
C GLY D 144 -105.41 -47.86 -54.84
N ASP D 145 -104.80 -46.70 -55.03
CA ASP D 145 -105.02 -45.46 -54.29
C ASP D 145 -106.37 -44.79 -54.61
N ASP D 146 -107.13 -45.30 -55.58
CA ASP D 146 -108.53 -44.90 -55.79
C ASP D 146 -109.53 -45.59 -54.86
N HIS D 147 -109.02 -46.36 -53.88
CA HIS D 147 -109.82 -47.11 -52.91
C HIS D 147 -110.75 -48.12 -53.58
N THR D 148 -110.31 -48.72 -54.69
CA THR D 148 -111.05 -49.78 -55.36
C THR D 148 -110.21 -51.04 -55.50
N CYS D 149 -110.87 -52.19 -55.39
CA CYS D 149 -110.41 -53.44 -55.97
C CYS D 149 -111.25 -53.72 -57.22
N ARG D 150 -110.62 -53.89 -58.37
CA ARG D 150 -111.30 -54.10 -59.66
C ARG D 150 -110.92 -55.43 -60.25
N ILE D 151 -111.90 -56.08 -60.87
CA ILE D 151 -111.72 -57.34 -61.59
C ILE D 151 -111.94 -57.07 -63.07
N TRP D 152 -111.02 -57.54 -63.90
CA TRP D 152 -110.98 -57.32 -65.33
C TRP D 152 -110.92 -58.66 -66.05
N ASP D 153 -111.64 -58.79 -67.17
CA ASP D 153 -111.29 -59.84 -68.14
C ASP D 153 -110.04 -59.44 -68.94
N LEU D 154 -109.50 -60.40 -69.70
CA LEU D 154 -108.41 -60.14 -70.64
C LEU D 154 -108.81 -59.19 -71.78
N ASP D 155 -110.10 -58.95 -71.96
CA ASP D 155 -110.61 -57.97 -72.91
C ASP D 155 -110.60 -56.53 -72.39
N GLY D 156 -110.18 -56.32 -71.14
CA GLY D 156 -110.10 -55.02 -70.50
C GLY D 156 -111.46 -54.50 -70.01
N LYS D 157 -112.50 -55.34 -70.04
CA LYS D 157 -113.79 -54.99 -69.47
C LYS D 157 -113.75 -55.26 -67.97
N GLN D 158 -114.22 -54.29 -67.21
CA GLN D 158 -114.40 -54.44 -65.77
C GLN D 158 -115.59 -55.38 -65.49
N ILE D 159 -115.31 -56.53 -64.88
CA ILE D 159 -116.30 -57.53 -64.49
C ILE D 159 -116.92 -57.15 -63.14
N ALA D 160 -116.09 -56.70 -62.19
CA ALA D 160 -116.53 -56.35 -60.84
C ALA D 160 -115.70 -55.22 -60.24
N MET D 161 -116.25 -54.56 -59.23
CA MET D 161 -115.57 -53.51 -58.47
C MET D 161 -116.03 -53.54 -57.02
N PHE D 162 -115.08 -53.60 -56.10
CA PHE D 162 -115.29 -53.49 -54.67
C PHE D 162 -114.76 -52.15 -54.18
N ILE D 163 -115.61 -51.39 -53.49
CA ILE D 163 -115.21 -50.14 -52.84
C ILE D 163 -114.53 -50.47 -51.51
N LEU D 164 -113.30 -50.00 -51.37
CA LEU D 164 -112.48 -50.15 -50.17
C LEU D 164 -112.66 -48.94 -49.25
N ARG D 165 -112.29 -49.09 -47.97
CA ARG D 165 -112.36 -48.00 -46.99
C ARG D 165 -111.08 -47.17 -46.97
N SER D 166 -109.99 -47.72 -47.48
CA SER D 166 -108.71 -47.02 -47.67
C SER D 166 -107.97 -47.56 -48.91
N PRO D 167 -106.81 -47.01 -49.30
CA PRO D 167 -106.04 -47.52 -50.43
C PRO D 167 -105.78 -49.02 -50.31
N GLY D 168 -106.05 -49.75 -51.39
CA GLY D 168 -105.68 -51.15 -51.47
C GLY D 168 -104.19 -51.28 -51.75
N MET D 169 -103.48 -52.02 -50.89
CA MET D 169 -102.02 -52.11 -50.87
C MET D 169 -101.50 -53.43 -51.41
N SER D 170 -102.24 -54.52 -51.22
CA SER D 170 -101.89 -55.82 -51.78
C SER D 170 -103.11 -56.65 -52.08
N VAL D 171 -103.02 -57.49 -53.10
CA VAL D 171 -104.07 -58.39 -53.53
C VAL D 171 -103.49 -59.76 -53.81
N ALA D 172 -104.18 -60.82 -53.38
CA ALA D 172 -103.72 -62.18 -53.63
C ALA D 172 -104.90 -63.13 -53.83
N TRP D 173 -104.77 -63.99 -54.82
CA TRP D 173 -105.71 -65.08 -55.04
C TRP D 173 -105.47 -66.21 -54.04
N HIS D 174 -106.54 -66.82 -53.55
CA HIS D 174 -106.42 -67.96 -52.66
C HIS D 174 -105.91 -69.19 -53.45
N PRO D 175 -104.88 -69.91 -52.95
CA PRO D 175 -104.18 -70.94 -53.72
C PRO D 175 -105.01 -72.21 -54.02
N GLU D 176 -105.97 -72.57 -53.16
CA GLU D 176 -106.77 -73.81 -53.31
C GLU D 176 -108.28 -73.58 -53.48
N GLY D 177 -108.87 -72.78 -52.58
CA GLY D 177 -110.26 -72.35 -52.61
C GLY D 177 -110.58 -71.47 -53.83
N ALA D 178 -111.53 -71.93 -54.62
CA ALA D 178 -112.08 -71.18 -55.74
C ALA D 178 -112.74 -69.88 -55.25
N PHE D 179 -112.67 -68.84 -56.09
CA PHE D 179 -113.41 -67.58 -55.93
C PHE D 179 -113.00 -66.67 -54.76
N LYS D 180 -111.98 -67.02 -53.97
CA LYS D 180 -111.59 -66.21 -52.81
C LYS D 180 -110.41 -65.28 -53.13
N LEU D 181 -110.69 -63.99 -53.15
CA LEU D 181 -109.68 -62.92 -53.30
C LEU D 181 -109.36 -62.31 -51.94
N MET D 182 -108.09 -62.18 -51.59
CA MET D 182 -107.64 -61.41 -50.43
C MET D 182 -107.24 -60.00 -50.88
N VAL D 183 -107.70 -58.98 -50.15
CA VAL D 183 -107.36 -57.58 -50.36
C VAL D 183 -106.89 -56.97 -49.04
N ALA D 184 -105.66 -56.49 -49.01
CA ALA D 184 -105.07 -55.79 -47.87
C ALA D 184 -105.20 -54.28 -48.07
N GLU D 185 -105.84 -53.60 -47.12
CA GLU D 185 -106.07 -52.16 -47.11
C GLU D 185 -105.03 -51.45 -46.22
N LYS D 186 -104.60 -50.24 -46.62
CA LYS D 186 -103.55 -49.47 -45.93
C LYS D 186 -103.82 -49.24 -44.45
N THR D 187 -105.09 -49.11 -44.05
CA THR D 187 -105.50 -48.89 -42.65
C THR D 187 -105.47 -50.13 -41.77
N GLY D 188 -104.96 -51.27 -42.27
CA GLY D 188 -104.75 -52.47 -41.44
C GLY D 188 -105.77 -53.58 -41.63
N THR D 189 -106.80 -53.34 -42.43
CA THR D 189 -107.84 -54.33 -42.68
C THR D 189 -107.45 -55.24 -43.85
N ILE D 190 -107.51 -56.55 -43.67
CA ILE D 190 -107.45 -57.52 -44.76
C ILE D 190 -108.86 -58.08 -44.96
N ARG D 191 -109.44 -57.93 -46.16
CA ARG D 191 -110.76 -58.46 -46.52
C ARG D 191 -110.63 -59.63 -47.48
N PHE D 192 -111.56 -60.56 -47.36
CA PHE D 192 -111.73 -61.64 -48.32
C PHE D 192 -113.02 -61.45 -49.09
N TYR D 193 -112.95 -61.52 -50.41
CA TYR D 193 -114.09 -61.40 -51.32
C TYR D 193 -114.32 -62.72 -52.03
N ASP D 194 -115.60 -63.09 -52.17
CA ASP D 194 -116.04 -64.13 -53.08
C ASP D 194 -116.37 -63.49 -54.43
N LEU D 195 -115.68 -63.90 -55.50
CA LEU D 195 -115.89 -63.38 -56.84
C LEU D 195 -117.14 -63.94 -57.54
N THR D 196 -117.76 -65.02 -57.02
CA THR D 196 -119.03 -65.55 -57.54
C THR D 196 -120.20 -64.76 -56.99
N THR D 197 -120.21 -64.51 -55.67
CA THR D 197 -121.29 -63.79 -55.00
C THR D 197 -121.05 -62.28 -54.96
N HIS D 198 -119.84 -61.83 -55.29
CA HIS D 198 -119.37 -60.44 -55.18
C HIS D 198 -119.56 -59.85 -53.78
N GLN D 199 -119.32 -60.66 -52.73
CA GLN D 199 -119.49 -60.27 -51.34
C GLN D 199 -118.21 -60.42 -50.53
N ALA D 200 -118.05 -59.56 -49.53
CA ALA D 200 -117.01 -59.73 -48.52
C ALA D 200 -117.42 -60.84 -47.54
N ILE D 201 -116.58 -61.85 -47.37
CA ILE D 201 -116.83 -63.03 -46.54
C ILE D 201 -116.39 -62.76 -45.09
N LEU D 202 -115.25 -62.09 -44.93
CA LEU D 202 -114.55 -61.98 -43.65
C LEU D 202 -113.52 -60.84 -43.72
N SER D 203 -113.14 -60.30 -42.56
CA SER D 203 -111.96 -59.44 -42.42
C SER D 203 -111.03 -59.85 -41.26
N LEU D 204 -109.75 -59.48 -41.39
CA LEU D 204 -108.74 -59.49 -40.34
C LEU D 204 -108.30 -58.05 -40.09
N GLU D 205 -107.84 -57.76 -38.88
CA GLU D 205 -107.32 -56.44 -38.53
C GLU D 205 -105.89 -56.58 -38.01
N SER D 206 -104.99 -55.73 -38.50
CA SER D 206 -103.64 -55.60 -37.99
C SER D 206 -103.60 -54.66 -36.78
N VAL D 207 -102.72 -54.98 -35.82
CA VAL D 207 -102.49 -54.15 -34.64
C VAL D 207 -101.72 -52.86 -34.99
N GLN D 208 -100.87 -52.93 -36.03
CA GLN D 208 -100.10 -51.80 -36.53
C GLN D 208 -100.60 -51.33 -37.90
N VAL D 209 -100.30 -50.07 -38.22
CA VAL D 209 -100.58 -49.42 -39.51
C VAL D 209 -99.37 -48.55 -39.91
N PRO D 210 -99.15 -48.28 -41.20
CA PRO D 210 -99.91 -48.76 -42.35
C PRO D 210 -99.58 -50.23 -42.67
N LEU D 211 -100.58 -50.99 -43.11
CA LEU D 211 -100.40 -52.33 -43.69
C LEU D 211 -99.92 -52.16 -45.13
N MET D 212 -98.77 -52.77 -45.46
CA MET D 212 -98.06 -52.48 -46.71
C MET D 212 -98.08 -53.65 -47.70
N SER D 213 -98.12 -54.89 -47.22
CA SER D 213 -98.13 -56.10 -48.05
C SER D 213 -98.69 -57.26 -47.26
N ALA D 214 -99.44 -58.14 -47.91
CA ALA D 214 -99.92 -59.39 -47.34
C ALA D 214 -99.76 -60.52 -48.37
N ASP D 215 -99.51 -61.75 -47.92
CA ASP D 215 -99.38 -62.92 -48.77
C ASP D 215 -99.98 -64.15 -48.10
N TRP D 216 -100.49 -65.07 -48.90
CA TRP D 216 -100.96 -66.38 -48.44
C TRP D 216 -99.79 -67.35 -48.33
N CYS D 217 -99.81 -68.18 -47.28
CA CYS D 217 -98.92 -69.34 -47.26
C CYS D 217 -99.49 -70.43 -48.17
N VAL D 218 -98.81 -70.69 -49.30
CA VAL D 218 -99.25 -71.69 -50.29
C VAL D 218 -99.25 -73.11 -49.70
N ARG D 219 -98.34 -73.39 -48.77
CA ARG D 219 -98.19 -74.71 -48.12
C ARG D 219 -99.18 -74.94 -46.99
N ASN D 220 -99.76 -73.88 -46.45
CA ASN D 220 -100.74 -73.91 -45.38
C ASN D 220 -101.71 -72.75 -45.56
N THR D 221 -102.79 -73.01 -46.29
CA THR D 221 -103.77 -72.01 -46.74
C THR D 221 -104.56 -71.36 -45.61
N LEU D 222 -104.37 -71.84 -44.38
CA LEU D 222 -104.90 -71.21 -43.18
C LEU D 222 -104.05 -70.04 -42.70
N ARG D 223 -102.78 -69.94 -43.13
CA ARG D 223 -101.86 -68.89 -42.70
C ARG D 223 -101.81 -67.73 -43.69
N ILE D 224 -101.88 -66.53 -43.14
CA ILE D 224 -101.65 -65.28 -43.84
C ILE D 224 -100.54 -64.55 -43.11
N GLY D 225 -99.60 -64.02 -43.89
CA GLY D 225 -98.57 -63.15 -43.35
C GLY D 225 -98.64 -61.78 -43.97
N ALA D 226 -98.26 -60.76 -43.21
CA ALA D 226 -98.23 -59.39 -43.69
C ALA D 226 -97.15 -58.58 -42.99
N VAL D 227 -96.88 -57.39 -43.52
CA VAL D 227 -96.11 -56.36 -42.84
C VAL D 227 -96.96 -55.11 -42.63
N ALA D 228 -96.95 -54.61 -41.40
CA ALA D 228 -97.62 -53.37 -41.05
C ALA D 228 -96.77 -52.56 -40.08
N GLY D 229 -96.62 -51.25 -40.35
CA GLY D 229 -95.68 -50.42 -39.60
C GLY D 229 -94.25 -50.95 -39.73
N ASN D 230 -93.68 -51.42 -38.63
CA ASN D 230 -92.32 -51.98 -38.56
C ASN D 230 -92.31 -53.51 -38.43
N ASP D 231 -93.48 -54.10 -38.23
CA ASP D 231 -93.61 -55.47 -37.76
C ASP D 231 -94.14 -56.37 -38.87
N TRP D 232 -93.79 -57.65 -38.77
CA TRP D 232 -94.47 -58.71 -39.50
C TRP D 232 -95.54 -59.34 -38.60
N ILE D 233 -96.64 -59.72 -39.22
CA ILE D 233 -97.84 -60.20 -38.53
C ILE D 233 -98.32 -61.46 -39.22
N ILE D 234 -98.64 -62.50 -38.43
CA ILE D 234 -99.18 -63.76 -38.93
C ILE D 234 -100.55 -64.03 -38.30
N TRP D 235 -101.50 -64.43 -39.14
CA TRP D 235 -102.81 -64.92 -38.72
C TRP D 235 -102.96 -66.39 -39.11
N GLU D 236 -103.66 -67.17 -38.28
CA GLU D 236 -104.07 -68.54 -38.58
C GLU D 236 -105.60 -68.62 -38.53
N MET D 237 -106.18 -68.88 -39.70
CA MET D 237 -107.62 -68.99 -39.90
C MET D 237 -108.11 -70.45 -39.76
N PRO D 238 -109.37 -70.70 -39.39
CA PRO D 238 -110.36 -69.73 -38.97
C PRO D 238 -110.32 -69.38 -37.48
N ARG D 239 -109.21 -69.69 -36.78
CA ARG D 239 -109.14 -69.68 -35.31
C ARG D 239 -109.45 -68.32 -34.70
N SER D 240 -108.99 -67.23 -35.31
CA SER D 240 -109.12 -65.88 -34.76
C SER D 240 -108.97 -64.80 -35.83
N SER D 241 -109.68 -63.68 -35.66
CA SER D 241 -109.44 -62.45 -36.41
C SER D 241 -108.23 -61.65 -35.88
N TYR D 242 -107.72 -62.01 -34.70
CA TYR D 242 -106.51 -61.43 -34.11
C TYR D 242 -105.25 -62.14 -34.58
N PRO D 243 -104.11 -61.43 -34.70
CA PRO D 243 -102.84 -62.06 -35.02
C PRO D 243 -102.45 -63.16 -34.03
N GLN D 244 -101.91 -64.25 -34.55
CA GLN D 244 -101.28 -65.30 -33.77
C GLN D 244 -99.87 -64.88 -33.33
N ASP D 245 -99.13 -64.28 -34.25
CA ASP D 245 -97.79 -63.75 -34.00
C ASP D 245 -97.69 -62.31 -34.54
N ASN D 246 -96.93 -61.49 -33.82
CA ASN D 246 -96.58 -60.14 -34.21
C ASN D 246 -95.19 -59.84 -33.65
N LYS D 247 -94.19 -59.63 -34.52
CA LYS D 247 -92.81 -59.35 -34.11
C LYS D 247 -92.17 -58.30 -35.02
N PRO D 248 -91.14 -57.59 -34.52
CA PRO D 248 -90.41 -56.61 -35.32
C PRO D 248 -89.78 -57.25 -36.57
N ALA D 249 -89.97 -56.61 -37.72
CA ALA D 249 -89.34 -57.00 -38.99
C ALA D 249 -88.15 -56.08 -39.32
N HIS D 250 -88.36 -54.76 -39.17
CA HIS D 250 -87.39 -53.74 -39.56
C HIS D 250 -87.41 -52.57 -38.58
N ALA D 251 -86.27 -51.89 -38.42
CA ALA D 251 -86.14 -50.73 -37.54
C ALA D 251 -86.93 -49.51 -38.04
N ASP D 252 -87.09 -49.35 -39.35
CA ASP D 252 -87.83 -48.26 -39.98
C ASP D 252 -88.63 -48.78 -41.18
N ARG D 253 -89.94 -48.95 -40.98
CA ARG D 253 -90.98 -49.31 -41.94
C ARG D 253 -90.70 -50.55 -42.78
N ALA D 254 -91.51 -51.57 -42.59
CA ALA D 254 -91.56 -52.73 -43.48
C ALA D 254 -92.37 -52.40 -44.76
N ARG D 255 -91.97 -52.97 -45.90
CA ARG D 255 -92.56 -52.68 -47.22
C ARG D 255 -93.21 -53.90 -47.85
N MET D 256 -92.47 -54.98 -48.03
CA MET D 256 -92.97 -56.19 -48.68
C MET D 256 -92.91 -57.38 -47.72
N PHE D 257 -93.90 -58.25 -47.80
CA PHE D 257 -93.94 -59.55 -47.17
C PHE D 257 -94.21 -60.61 -48.25
N ARG D 258 -93.42 -61.68 -48.27
CA ARG D 258 -93.68 -62.85 -49.12
C ARG D 258 -93.37 -64.15 -48.40
N TRP D 259 -94.30 -65.08 -48.45
CA TRP D 259 -94.11 -66.44 -47.96
C TRP D 259 -93.20 -67.23 -48.89
N SER D 260 -92.32 -68.05 -48.31
CA SER D 260 -91.61 -69.07 -49.06
C SER D 260 -92.60 -70.05 -49.69
N LYS D 261 -92.34 -70.45 -50.94
CA LYS D 261 -93.20 -71.40 -51.66
C LYS D 261 -92.88 -72.85 -51.29
N CYS D 262 -91.73 -73.12 -50.67
CA CYS D 262 -91.30 -74.46 -50.27
C CYS D 262 -91.43 -74.76 -48.77
N ASN D 263 -91.51 -73.75 -47.90
CA ASN D 263 -91.55 -73.93 -46.43
C ASN D 263 -92.59 -73.01 -45.78
N GLU D 264 -93.55 -73.60 -45.06
CA GLU D 264 -94.66 -72.88 -44.39
C GLU D 264 -94.26 -72.08 -43.14
N ASN D 265 -93.00 -72.18 -42.71
CA ASN D 265 -92.47 -71.48 -41.55
C ASN D 265 -91.45 -70.40 -41.94
N VAL D 266 -91.12 -70.27 -43.23
CA VAL D 266 -90.13 -69.31 -43.73
C VAL D 266 -90.80 -68.24 -44.59
N PHE D 267 -90.42 -67.00 -44.35
CA PHE D 267 -90.88 -65.85 -45.14
C PHE D 267 -89.80 -64.77 -45.17
N ALA D 268 -89.89 -63.90 -46.17
CA ALA D 268 -88.99 -62.77 -46.31
C ALA D 268 -89.77 -61.47 -46.18
N THR D 269 -89.10 -60.48 -45.60
CA THR D 269 -89.57 -59.11 -45.53
C THR D 269 -88.51 -58.15 -46.05
N THR D 270 -88.94 -57.00 -46.58
CA THR D 270 -88.05 -55.92 -46.99
C THR D 270 -88.39 -54.63 -46.27
N GLY D 271 -87.37 -53.86 -45.91
CA GLY D 271 -87.52 -52.51 -45.38
C GLY D 271 -87.90 -51.51 -46.47
N TYR D 272 -88.43 -50.36 -46.06
CA TYR D 272 -88.79 -49.28 -46.98
C TYR D 272 -87.53 -48.69 -47.63
N PRO D 273 -87.50 -48.53 -48.97
CA PRO D 273 -86.41 -47.85 -49.66
C PRO D 273 -86.27 -46.41 -49.19
N GLY D 274 -85.07 -46.00 -48.78
CA GLY D 274 -84.85 -44.67 -48.23
C GLY D 274 -83.38 -44.31 -48.09
N LYS D 275 -83.06 -43.46 -47.10
CA LYS D 275 -81.67 -43.04 -46.80
C LYS D 275 -80.82 -44.20 -46.25
N MET D 276 -81.45 -45.18 -45.61
CA MET D 276 -80.79 -46.41 -45.16
C MET D 276 -80.78 -47.42 -46.30
N LYS D 277 -79.76 -48.28 -46.36
CA LYS D 277 -79.77 -49.45 -47.25
C LYS D 277 -81.01 -50.28 -46.95
N SER D 278 -81.80 -50.62 -47.96
CA SER D 278 -82.93 -51.54 -47.79
C SER D 278 -82.40 -52.88 -47.31
N GLN D 279 -82.87 -53.30 -46.14
CA GLN D 279 -82.54 -54.61 -45.59
C GLN D 279 -83.58 -55.62 -46.04
N ILE D 280 -83.11 -56.79 -46.44
CA ILE D 280 -83.95 -57.99 -46.54
C ILE D 280 -83.74 -58.79 -45.26
N ALA D 281 -84.83 -59.22 -44.65
CA ALA D 281 -84.80 -60.11 -43.49
C ALA D 281 -85.59 -61.37 -43.82
N ILE D 282 -84.94 -62.51 -43.66
CA ILE D 282 -85.58 -63.81 -43.80
C ILE D 282 -85.83 -64.34 -42.40
N HIS D 283 -87.07 -64.71 -42.14
CA HIS D 283 -87.55 -65.14 -40.84
C HIS D 283 -87.94 -66.61 -40.90
N HIS D 284 -87.78 -67.28 -39.76
CA HIS D 284 -88.33 -68.60 -39.52
C HIS D 284 -89.19 -68.53 -38.25
N LEU D 285 -90.44 -69.01 -38.29
CA LEU D 285 -91.39 -68.86 -37.17
C LEU D 285 -90.88 -69.41 -35.83
N ALA D 286 -90.08 -70.48 -35.86
CA ALA D 286 -89.48 -71.05 -34.65
C ALA D 286 -88.38 -70.20 -34.01
N HIS D 287 -87.86 -69.18 -34.72
CA HIS D 287 -86.78 -68.32 -34.24
C HIS D 287 -87.32 -66.91 -33.89
N PRO D 288 -86.85 -66.30 -32.79
CA PRO D 288 -87.27 -64.95 -32.42
C PRO D 288 -86.62 -63.85 -33.26
N GLN D 289 -85.48 -64.16 -33.89
CA GLN D 289 -84.72 -63.24 -34.74
C GLN D 289 -84.73 -63.76 -36.19
N PRO D 290 -84.49 -62.88 -37.18
CA PRO D 290 -84.28 -63.31 -38.56
C PRO D 290 -83.14 -64.34 -38.64
N ILE D 291 -83.33 -65.37 -39.46
CA ILE D 291 -82.28 -66.38 -39.73
C ILE D 291 -81.22 -65.83 -40.70
N LEU D 292 -81.60 -64.86 -41.54
CA LEU D 292 -80.69 -64.19 -42.48
C LEU D 292 -81.08 -62.72 -42.58
N ILE D 293 -80.07 -61.85 -42.55
CA ILE D 293 -80.21 -60.42 -42.84
C ILE D 293 -79.28 -60.09 -44.00
N GLY D 294 -79.85 -59.72 -45.14
CA GLY D 294 -79.14 -59.25 -46.32
C GLY D 294 -79.24 -57.74 -46.45
N THR D 295 -78.28 -57.13 -47.16
CA THR D 295 -78.37 -55.70 -47.51
C THR D 295 -78.40 -55.54 -49.02
N ALA D 296 -79.40 -54.80 -49.52
CA ALA D 296 -79.46 -54.34 -50.90
C ALA D 296 -79.43 -52.80 -50.89
N PRO D 297 -78.57 -52.16 -51.70
CA PRO D 297 -78.33 -50.72 -51.60
C PRO D 297 -79.61 -49.90 -51.79
N VAL D 298 -80.47 -50.29 -52.73
CA VAL D 298 -81.80 -49.72 -52.95
C VAL D 298 -82.55 -50.76 -53.75
N GLY D 299 -83.54 -51.45 -53.17
CA GLY D 299 -84.20 -52.56 -53.86
C GLY D 299 -85.70 -52.62 -53.69
N SER D 300 -86.39 -52.97 -54.77
CA SER D 300 -87.85 -53.07 -54.81
C SER D 300 -88.28 -54.32 -55.58
N GLY D 301 -89.35 -54.94 -55.10
CA GLY D 301 -89.73 -56.30 -55.47
C GLY D 301 -89.07 -57.33 -54.54
N LEU D 302 -89.83 -58.35 -54.20
CA LEU D 302 -89.38 -59.51 -53.43
C LEU D 302 -90.19 -60.69 -53.97
N SER D 303 -89.51 -61.76 -54.36
CA SER D 303 -90.18 -62.97 -54.84
C SER D 303 -89.42 -64.21 -54.42
N TRP D 304 -90.13 -65.31 -54.27
CA TRP D 304 -89.57 -66.60 -53.90
C TRP D 304 -89.57 -67.53 -55.11
N HIS D 305 -88.50 -68.28 -55.24
CA HIS D 305 -88.43 -69.36 -56.18
C HIS D 305 -89.48 -70.44 -55.85
N ARG D 306 -90.04 -71.08 -56.87
CA ARG D 306 -91.15 -72.05 -56.71
C ARG D 306 -90.75 -73.28 -55.89
N ARG D 307 -89.55 -73.82 -56.14
CA ARG D 307 -89.07 -75.10 -55.58
C ARG D 307 -87.94 -74.94 -54.54
N LEU D 308 -86.89 -74.21 -54.89
CA LEU D 308 -85.78 -73.92 -53.99
C LEU D 308 -86.14 -72.96 -52.84
N PRO D 309 -85.48 -73.08 -51.68
CA PRO D 309 -85.55 -72.14 -50.57
C PRO D 309 -84.72 -70.89 -50.89
N LEU D 310 -85.07 -70.21 -51.99
CA LEU D 310 -84.32 -69.11 -52.57
C LEU D 310 -85.26 -67.94 -52.86
N CYS D 311 -84.85 -66.75 -52.43
CA CYS D 311 -85.57 -65.51 -52.71
C CYS D 311 -84.73 -64.53 -53.51
N VAL D 312 -85.39 -63.67 -54.28
CA VAL D 312 -84.78 -62.63 -55.10
C VAL D 312 -85.31 -61.25 -54.70
N VAL D 313 -84.42 -60.27 -54.69
CA VAL D 313 -84.75 -58.85 -54.59
C VAL D 313 -84.07 -58.09 -55.71
N GLY D 314 -84.82 -57.19 -56.35
CA GLY D 314 -84.29 -56.25 -57.33
C GLY D 314 -83.54 -55.12 -56.64
N GLY D 315 -82.48 -54.61 -57.25
CA GLY D 315 -81.73 -53.46 -56.74
C GLY D 315 -81.25 -52.50 -57.83
N TYR D 316 -80.26 -51.67 -57.49
CA TYR D 316 -79.62 -50.78 -58.47
C TYR D 316 -78.84 -51.61 -59.50
N ARG D 317 -79.45 -51.79 -60.69
CA ARG D 317 -78.86 -52.50 -61.84
C ARG D 317 -78.43 -53.94 -61.54
N LYS D 318 -79.02 -54.57 -60.53
CA LYS D 318 -78.68 -55.93 -60.08
C LYS D 318 -79.89 -56.65 -59.53
N LEU D 319 -79.93 -57.96 -59.71
CA LEU D 319 -80.76 -58.90 -58.96
C LEU D 319 -79.89 -59.59 -57.91
N PHE D 320 -80.38 -59.66 -56.68
CA PHE D 320 -79.70 -60.32 -55.57
C PHE D 320 -80.50 -61.52 -55.12
N PHE D 321 -79.84 -62.68 -55.04
CA PHE D 321 -80.45 -63.94 -54.64
C PHE D 321 -79.86 -64.41 -53.31
N TRP D 322 -80.72 -64.81 -52.39
CA TRP D 322 -80.32 -65.44 -51.13
C TRP D 322 -80.91 -66.84 -51.07
N LEU D 323 -80.03 -67.82 -50.95
CA LEU D 323 -80.38 -69.18 -50.57
C LEU D 323 -80.46 -69.25 -49.04
N THR D 324 -81.54 -69.82 -48.52
CA THR D 324 -81.68 -70.09 -47.09
C THR D 324 -81.36 -71.56 -46.86
N GLU D 325 -80.39 -71.83 -45.99
CA GLU D 325 -80.18 -73.19 -45.48
C GLU D 325 -81.45 -73.62 -44.74
N MET D 326 -82.03 -74.76 -45.16
CA MET D 326 -83.20 -75.36 -44.49
C MET D 326 -82.75 -76.17 -43.28
N MET E 1 73.00 -58.36 2.17
CA MET E 1 73.61 -58.25 0.82
C MET E 1 73.20 -56.92 0.18
N PHE E 2 74.19 -56.07 -0.14
CA PHE E 2 73.91 -54.75 -0.76
C PHE E 2 74.53 -54.70 -2.16
N VAL E 3 73.74 -54.31 -3.16
CA VAL E 3 74.23 -54.22 -4.57
C VAL E 3 74.23 -52.74 -4.99
N ALA E 4 75.38 -52.27 -5.48
CA ALA E 4 75.52 -50.85 -5.91
C ALA E 4 75.84 -50.78 -7.40
N ARG E 5 75.08 -49.98 -8.15
CA ARG E 5 75.31 -49.80 -9.61
C ARG E 5 75.71 -48.34 -9.88
N SER E 6 76.86 -48.12 -10.52
CA SER E 6 77.35 -46.75 -10.80
C SER E 6 76.39 -46.03 -11.75
N ILE E 7 76.09 -44.76 -11.47
CA ILE E 7 75.17 -43.95 -12.32
C ILE E 7 75.95 -42.70 -12.80
N ALA E 8 75.96 -42.46 -14.10
CA ALA E 8 76.68 -41.30 -14.68
C ALA E 8 76.19 -40.01 -13.99
N ALA E 9 77.09 -39.31 -13.29
CA ALA E 9 76.73 -38.08 -12.60
C ALA E 9 76.79 -36.84 -13.49
N ASP E 10 77.35 -36.99 -14.69
CA ASP E 10 77.48 -35.89 -15.69
C ASP E 10 78.18 -34.69 -15.06
N HIS E 11 78.60 -34.80 -13.81
CA HIS E 11 79.30 -33.67 -13.12
C HIS E 11 80.62 -33.39 -13.84
N LYS E 12 80.93 -32.11 -14.09
CA LYS E 12 82.18 -31.71 -14.78
C LYS E 12 83.23 -31.28 -13.74
N ASP E 13 82.87 -31.31 -12.45
CA ASP E 13 83.83 -30.90 -11.39
C ASP E 13 83.81 -31.92 -10.24
N LEU E 14 84.89 -31.96 -9.47
CA LEU E 14 85.02 -32.91 -8.32
C LEU E 14 83.84 -32.68 -7.36
N ILE E 15 83.06 -33.74 -7.11
CA ILE E 15 81.89 -33.66 -6.22
C ILE E 15 82.41 -33.72 -4.78
N HIS E 16 82.09 -32.70 -3.98
CA HIS E 16 82.58 -32.59 -2.61
C HIS E 16 81.62 -33.16 -1.58
N ASP E 17 80.32 -33.10 -1.85
CA ASP E 17 79.31 -33.52 -0.89
C ASP E 17 78.04 -34.01 -1.55
N VAL E 18 77.33 -34.85 -0.80
CA VAL E 18 75.99 -35.33 -1.11
C VAL E 18 75.15 -35.35 0.16
N SER E 19 73.95 -34.80 0.08
CA SER E 19 73.01 -34.75 1.20
C SER E 19 71.64 -35.23 0.76
N PHE E 20 71.07 -36.18 1.50
CA PHE E 20 69.69 -36.59 1.31
C PHE E 20 68.74 -35.64 2.04
N ASP E 21 67.55 -35.46 1.49
CA ASP E 21 66.45 -34.85 2.23
C ASP E 21 66.00 -35.77 3.37
N PHE E 22 65.18 -35.23 4.27
CA PHE E 22 64.68 -35.96 5.45
C PHE E 22 63.96 -37.28 5.09
N HIS E 23 63.29 -37.33 3.92
CA HIS E 23 62.53 -38.50 3.48
C HIS E 23 63.35 -39.49 2.63
N GLY E 24 64.59 -39.17 2.27
CA GLY E 24 65.43 -39.99 1.39
C GLY E 24 64.85 -40.16 -0.03
N ARG E 25 64.01 -39.23 -0.47
CA ARG E 25 63.42 -39.18 -1.82
C ARG E 25 64.13 -38.22 -2.74
N ARG E 26 64.90 -37.30 -2.16
CA ARG E 26 65.69 -36.30 -2.86
C ARG E 26 67.11 -36.32 -2.34
N MET E 27 68.03 -35.92 -3.19
CA MET E 27 69.40 -35.65 -2.78
C MET E 27 69.91 -34.39 -3.45
N ALA E 28 70.81 -33.70 -2.78
CA ALA E 28 71.54 -32.56 -3.31
C ALA E 28 73.02 -32.94 -3.40
N THR E 29 73.67 -32.55 -4.49
CA THR E 29 75.12 -32.73 -4.70
C THR E 29 75.75 -31.37 -4.97
N CYS E 30 77.01 -31.19 -4.55
CA CYS E 30 77.74 -29.95 -4.80
C CYS E 30 79.19 -30.23 -5.24
N SER E 31 79.77 -29.31 -6.02
CA SER E 31 81.01 -29.57 -6.76
C SER E 31 81.95 -28.37 -6.85
N SER E 32 83.22 -28.63 -7.20
CA SER E 32 84.19 -27.64 -7.65
C SER E 32 83.74 -26.85 -8.89
N ASP E 33 82.77 -27.37 -9.66
CA ASP E 33 82.17 -26.65 -10.80
C ASP E 33 81.27 -25.46 -10.39
N GLN E 34 81.24 -25.14 -9.09
CA GLN E 34 80.52 -24.02 -8.46
C GLN E 34 79.00 -24.20 -8.42
N SER E 35 78.50 -25.40 -8.71
CA SER E 35 77.08 -25.71 -8.81
C SER E 35 76.58 -26.61 -7.69
N VAL E 36 75.27 -26.48 -7.44
CA VAL E 36 74.47 -27.45 -6.71
C VAL E 36 73.49 -28.07 -7.69
N LYS E 37 73.31 -29.38 -7.59
CA LYS E 37 72.29 -30.14 -8.30
C LYS E 37 71.36 -30.82 -7.32
N VAL E 38 70.09 -30.91 -7.69
CA VAL E 38 69.08 -31.64 -6.94
C VAL E 38 68.55 -32.78 -7.81
N TRP E 39 68.40 -33.93 -7.17
CA TRP E 39 68.02 -35.17 -7.80
C TRP E 39 66.81 -35.75 -7.09
N ASP E 40 65.82 -36.13 -7.87
CA ASP E 40 64.62 -36.77 -7.35
C ASP E 40 64.60 -38.25 -7.70
N LYS E 41 64.16 -39.06 -6.74
CA LYS E 41 64.02 -40.50 -6.89
C LYS E 41 62.65 -40.82 -7.49
N SER E 42 62.66 -41.39 -8.69
CA SER E 42 61.46 -41.93 -9.35
C SER E 42 60.95 -43.20 -8.67
N GLU E 43 59.71 -43.60 -8.98
CA GLU E 43 59.10 -44.84 -8.52
C GLU E 43 59.93 -46.08 -8.90
N ASN E 44 60.60 -46.03 -10.06
CA ASN E 44 61.50 -47.08 -10.55
C ASN E 44 62.87 -47.08 -9.84
N VAL E 45 63.04 -46.32 -8.75
CA VAL E 45 64.28 -46.24 -7.96
C VAL E 45 65.47 -45.67 -8.78
N ASN E 46 65.17 -44.90 -9.82
CA ASN E 46 66.16 -44.17 -10.62
C ASN E 46 66.19 -42.70 -10.19
N TRP E 47 67.39 -42.12 -10.19
CA TRP E 47 67.61 -40.71 -9.85
C TRP E 47 67.65 -39.85 -11.10
N HIS E 48 66.96 -38.71 -11.06
CA HIS E 48 66.89 -37.77 -12.19
C HIS E 48 67.24 -36.36 -11.70
N CYS E 49 68.11 -35.65 -12.41
CA CYS E 49 68.47 -34.27 -12.08
C CYS E 49 67.26 -33.36 -12.35
N THR E 50 66.67 -32.79 -11.31
CA THR E 50 65.49 -31.91 -11.41
C THR E 50 65.83 -30.44 -11.28
N ALA E 51 66.99 -30.10 -10.71
CA ALA E 51 67.52 -28.74 -10.73
C ALA E 51 69.05 -28.74 -10.77
N SER E 52 69.61 -27.71 -11.41
CA SER E 52 71.05 -27.50 -11.53
C SER E 52 71.32 -26.01 -11.67
N TRP E 53 72.05 -25.41 -10.73
CA TRP E 53 72.34 -23.98 -10.78
C TRP E 53 73.73 -23.68 -10.21
N LYS E 54 74.35 -22.61 -10.70
CA LYS E 54 75.56 -22.05 -10.09
C LYS E 54 75.19 -21.32 -8.81
N THR E 55 75.80 -21.70 -7.71
CA THR E 55 75.47 -21.21 -6.36
C THR E 55 76.46 -20.16 -5.85
N HIS E 56 77.78 -20.37 -6.00
CA HIS E 56 78.77 -19.46 -5.38
C HIS E 56 80.07 -19.28 -6.14
N SER E 57 81.04 -18.53 -5.57
CA SER E 57 82.37 -18.36 -6.17
C SER E 57 83.41 -18.73 -5.09
N GLY E 58 83.05 -19.68 -4.21
CA GLY E 58 83.87 -20.08 -3.07
C GLY E 58 83.65 -21.55 -2.68
N SER E 59 84.62 -22.16 -1.99
CA SER E 59 84.52 -23.59 -1.63
C SER E 59 83.31 -23.89 -0.73
N VAL E 60 82.22 -24.42 -1.29
CA VAL E 60 81.03 -24.78 -0.48
C VAL E 60 81.49 -25.85 0.53
N TRP E 61 81.62 -25.49 1.80
CA TRP E 61 82.10 -26.41 2.82
C TRP E 61 81.06 -27.38 3.34
N ARG E 62 79.81 -26.91 3.50
CA ARG E 62 78.69 -27.69 4.04
C ARG E 62 77.39 -27.31 3.38
N VAL E 63 76.48 -28.27 3.35
CA VAL E 63 75.09 -28.10 2.92
C VAL E 63 74.17 -28.83 3.89
N THR E 64 73.01 -28.25 4.20
CA THR E 64 72.06 -28.85 5.14
C THR E 64 70.62 -28.55 4.73
N TRP E 65 69.74 -29.53 4.96
CA TRP E 65 68.30 -29.40 4.75
C TRP E 65 67.61 -28.91 6.02
N ALA E 66 66.64 -28.02 5.86
CA ALA E 66 65.70 -27.71 6.92
C ALA E 66 64.72 -28.87 7.13
N HIS E 67 64.04 -28.86 8.28
CA HIS E 67 62.91 -29.77 8.50
C HIS E 67 61.77 -29.47 7.52
N PRO E 68 61.07 -30.48 6.95
CA PRO E 68 60.05 -30.29 5.91
C PRO E 68 58.85 -29.42 6.31
N GLU E 69 58.65 -29.21 7.61
CA GLU E 69 57.64 -28.27 8.15
C GLU E 69 57.90 -26.81 7.75
N PHE E 70 59.15 -26.48 7.40
CA PHE E 70 59.54 -25.16 6.89
C PHE E 70 59.62 -25.11 5.37
N GLY E 71 59.15 -26.16 4.68
CA GLY E 71 59.24 -26.31 3.23
C GLY E 71 60.57 -26.89 2.76
N GLN E 72 60.81 -26.77 1.46
CA GLN E 72 61.99 -27.30 0.79
C GLN E 72 63.12 -26.28 0.84
N VAL E 73 63.78 -26.22 1.99
CA VAL E 73 64.80 -25.21 2.29
C VAL E 73 66.16 -25.86 2.48
N LEU E 74 67.17 -25.27 1.84
CA LEU E 74 68.58 -25.63 1.96
C LEU E 74 69.37 -24.46 2.52
N ALA E 75 70.40 -24.76 3.29
CA ALA E 75 71.44 -23.79 3.64
C ALA E 75 72.81 -24.31 3.20
N SER E 76 73.67 -23.41 2.74
CA SER E 76 75.06 -23.70 2.37
C SER E 76 76.00 -22.69 3.02
N CYS E 77 77.24 -23.08 3.28
CA CYS E 77 78.27 -22.17 3.79
C CYS E 77 79.61 -22.33 3.06
N SER E 78 80.45 -21.30 3.11
CA SER E 78 81.55 -21.18 2.15
C SER E 78 82.80 -20.48 2.69
N PHE E 79 83.91 -20.74 2.00
CA PHE E 79 85.17 -20.02 2.13
C PHE E 79 85.03 -18.51 1.85
N ASP E 80 84.02 -18.11 1.09
CA ASP E 80 83.71 -16.70 0.82
C ASP E 80 83.18 -15.91 2.04
N ARG E 81 83.16 -16.55 3.22
CA ARG E 81 82.75 -16.00 4.52
C ARG E 81 81.23 -15.86 4.70
N THR E 82 80.44 -16.42 3.79
CA THR E 82 78.98 -16.33 3.85
C THR E 82 78.32 -17.68 4.06
N ALA E 83 77.09 -17.62 4.59
CA ALA E 83 76.12 -18.70 4.46
C ALA E 83 74.92 -18.20 3.65
N ALA E 84 74.32 -19.06 2.85
CA ALA E 84 73.17 -18.72 2.02
C ALA E 84 72.01 -19.68 2.30
N VAL E 85 70.79 -19.14 2.29
CA VAL E 85 69.55 -19.92 2.40
C VAL E 85 68.85 -19.93 1.05
N TRP E 86 68.38 -21.10 0.66
CA TRP E 86 67.80 -21.41 -0.63
C TRP E 86 66.44 -22.05 -0.42
N GLU E 87 65.47 -21.65 -1.24
CA GLU E 87 64.15 -22.27 -1.26
C GLU E 87 63.90 -22.84 -2.64
N GLU E 88 63.34 -24.06 -2.71
CA GLU E 88 63.02 -24.69 -3.99
C GLU E 88 61.77 -24.04 -4.57
N ILE E 89 61.89 -22.93 -5.31
CA ILE E 89 60.72 -22.34 -5.96
C ILE E 89 60.43 -23.21 -7.19
N VAL E 90 59.37 -24.02 -7.12
CA VAL E 90 58.85 -24.76 -8.29
C VAL E 90 57.67 -23.98 -8.87
N GLY E 91 57.38 -24.15 -10.16
CA GLY E 91 56.28 -23.43 -10.81
C GLY E 91 55.05 -23.40 -9.91
N GLY E 99 56.28 -27.87 -13.35
CA GLY E 99 57.67 -28.36 -13.44
C GLY E 99 58.61 -27.20 -13.78
N GLN E 100 58.86 -26.28 -12.83
CA GLN E 100 59.76 -25.14 -13.05
C GLN E 100 60.66 -24.92 -11.81
N SER E 101 61.17 -26.00 -11.23
CA SER E 101 62.07 -25.88 -10.07
C SER E 101 63.31 -25.01 -10.41
N HIS E 102 63.72 -24.12 -9.51
CA HIS E 102 64.94 -23.30 -9.73
C HIS E 102 65.51 -22.74 -8.40
N TRP E 103 65.85 -23.63 -7.46
CA TRP E 103 66.33 -23.27 -6.10
C TRP E 103 66.71 -21.78 -5.99
N VAL E 104 65.83 -20.95 -5.41
CA VAL E 104 66.04 -19.49 -5.33
C VAL E 104 66.75 -19.01 -4.06
N LYS E 105 67.80 -18.20 -4.21
CA LYS E 105 68.53 -17.64 -3.06
C LYS E 105 67.61 -16.66 -2.34
N ARG E 106 67.28 -16.94 -1.09
CA ARG E 106 66.41 -16.08 -0.27
C ARG E 106 67.20 -15.09 0.56
N THR E 107 68.32 -15.52 1.14
CA THR E 107 69.21 -14.61 1.88
C THR E 107 70.66 -15.02 1.77
N THR E 108 71.55 -14.07 2.10
CA THR E 108 72.98 -14.31 2.34
C THR E 108 73.34 -13.72 3.69
N LEU E 109 73.78 -14.56 4.62
CA LEU E 109 74.26 -14.21 5.94
C LEU E 109 75.75 -13.85 5.83
N VAL E 110 76.09 -12.61 6.18
CA VAL E 110 77.40 -11.98 5.88
C VAL E 110 78.14 -11.51 7.13
N ASP E 111 77.68 -11.88 8.32
CA ASP E 111 78.26 -11.42 9.59
C ASP E 111 79.63 -12.02 9.90
N SER E 112 79.96 -13.19 9.33
CA SER E 112 81.25 -13.85 9.54
C SER E 112 82.40 -13.12 8.85
N ARG E 113 83.52 -12.98 9.57
CA ARG E 113 84.72 -12.27 9.09
C ARG E 113 85.73 -13.19 8.40
N THR E 114 85.54 -14.49 8.51
CA THR E 114 86.38 -15.55 7.96
C THR E 114 85.50 -16.63 7.34
N SER E 115 86.14 -17.65 6.74
CA SER E 115 85.46 -18.83 6.21
C SER E 115 84.40 -19.38 7.19
N VAL E 116 83.19 -19.60 6.70
CA VAL E 116 82.11 -20.25 7.45
C VAL E 116 82.25 -21.75 7.22
N THR E 117 82.75 -22.46 8.22
CA THR E 117 83.24 -23.84 8.14
C THR E 117 82.12 -24.87 8.25
N ASP E 118 81.02 -24.55 8.94
CA ASP E 118 79.85 -25.42 9.03
C ASP E 118 78.55 -24.63 9.24
N VAL E 119 77.43 -25.26 8.87
CA VAL E 119 76.08 -24.71 8.93
C VAL E 119 75.07 -25.81 9.23
N LYS E 120 74.22 -25.62 10.24
CA LYS E 120 73.20 -26.59 10.67
C LYS E 120 71.91 -25.91 11.09
N PHE E 121 70.78 -26.33 10.52
CA PHE E 121 69.47 -25.97 11.05
C PHE E 121 69.29 -26.54 12.45
N ALA E 122 68.62 -25.78 13.31
CA ALA E 122 68.24 -26.24 14.63
C ALA E 122 67.10 -27.27 14.56
N PRO E 123 66.95 -28.13 15.58
CA PRO E 123 65.74 -28.92 15.79
C PRO E 123 64.46 -28.10 15.66
N LYS E 124 63.47 -28.62 14.91
CA LYS E 124 62.25 -27.89 14.51
C LYS E 124 61.44 -27.26 15.64
N HIS E 125 61.50 -27.82 16.85
CA HIS E 125 60.75 -27.32 18.00
C HIS E 125 61.29 -26.00 18.54
N MET E 126 62.50 -25.60 18.10
CA MET E 126 63.08 -24.28 18.36
C MET E 126 62.74 -23.26 17.26
N GLY E 127 61.91 -23.61 16.27
CA GLY E 127 61.60 -22.76 15.13
C GLY E 127 62.61 -22.88 13.99
N LEU E 128 62.50 -21.97 13.01
CA LEU E 128 63.37 -21.95 11.85
C LEU E 128 64.66 -21.18 12.18
N MET E 129 65.55 -21.88 12.88
CA MET E 129 66.85 -21.35 13.28
C MET E 129 67.99 -22.03 12.53
N LEU E 130 69.05 -21.27 12.27
CA LEU E 130 70.23 -21.72 11.56
C LEU E 130 71.47 -21.32 12.38
N ALA E 131 72.30 -22.30 12.74
CA ALA E 131 73.61 -22.04 13.31
C ALA E 131 74.66 -22.10 12.22
N THR E 132 75.61 -21.15 12.25
CA THR E 132 76.84 -21.20 11.48
C THR E 132 78.03 -21.14 12.42
N CYS E 133 79.13 -21.77 12.05
CA CYS E 133 80.41 -21.55 12.71
C CYS E 133 81.48 -21.11 11.72
N SER E 134 82.43 -20.31 12.19
CA SER E 134 83.52 -19.81 11.37
C SER E 134 84.89 -19.98 12.02
N ALA E 135 85.92 -19.95 11.18
CA ALA E 135 87.32 -20.04 11.60
C ALA E 135 87.77 -18.88 12.53
N ASP E 136 86.98 -17.79 12.63
CA ASP E 136 87.14 -16.70 13.60
C ASP E 136 86.83 -17.12 15.05
N GLY E 137 86.38 -18.35 15.24
CA GLY E 137 86.03 -18.91 16.54
C GLY E 137 84.71 -18.40 17.09
N VAL E 138 83.77 -18.05 16.22
CA VAL E 138 82.42 -17.62 16.58
C VAL E 138 81.39 -18.58 15.99
N VAL E 139 80.40 -18.96 16.80
CA VAL E 139 79.14 -19.57 16.34
C VAL E 139 78.07 -18.49 16.32
N ARG E 140 77.36 -18.37 15.20
CA ARG E 140 76.26 -17.42 15.02
C ARG E 140 74.96 -18.17 14.84
N ILE E 141 73.93 -17.73 15.53
CA ILE E 141 72.61 -18.34 15.47
C ILE E 141 71.64 -17.31 14.94
N TYR E 142 71.02 -17.63 13.82
CA TYR E 142 70.04 -16.80 13.14
C TYR E 142 68.66 -17.43 13.25
N GLU E 143 67.62 -16.60 13.25
CA GLU E 143 66.23 -17.05 13.23
C GLU E 143 65.48 -16.30 12.12
N ALA E 144 64.73 -17.07 11.33
CA ALA E 144 63.75 -16.51 10.40
C ALA E 144 62.47 -16.18 11.20
N PRO E 145 62.11 -14.89 11.35
CA PRO E 145 60.94 -14.49 12.12
C PRO E 145 59.62 -14.91 11.45
N ASP E 146 59.64 -15.10 10.14
CA ASP E 146 58.50 -15.57 9.34
C ASP E 146 58.95 -16.69 8.40
N VAL E 147 58.39 -17.90 8.62
CA VAL E 147 58.66 -19.08 7.79
C VAL E 147 58.18 -18.88 6.35
N MET E 148 57.19 -18.01 6.13
CA MET E 148 56.69 -17.67 4.79
C MET E 148 57.57 -16.65 4.06
N ASN E 149 58.47 -15.98 4.78
CA ASN E 149 59.38 -14.98 4.21
C ASN E 149 60.85 -15.25 4.60
N LEU E 150 61.44 -16.20 3.89
CA LEU E 150 62.82 -16.64 4.12
C LEU E 150 63.90 -15.61 3.71
N SER E 151 63.51 -14.42 3.23
CA SER E 151 64.48 -13.37 2.89
C SER E 151 65.05 -12.66 4.12
N GLN E 152 64.31 -12.70 5.24
CA GLN E 152 64.67 -12.01 6.48
C GLN E 152 65.16 -13.02 7.52
N TRP E 153 66.35 -12.77 8.05
CA TRP E 153 66.96 -13.56 9.10
C TRP E 153 67.59 -12.62 10.11
N SER E 154 67.32 -12.87 11.38
CA SER E 154 67.79 -12.04 12.50
C SER E 154 68.89 -12.76 13.26
N LEU E 155 70.02 -12.09 13.51
CA LEU E 155 71.10 -12.63 14.32
C LEU E 155 70.67 -12.60 15.81
N GLN E 156 70.43 -13.78 16.39
CA GLN E 156 69.96 -13.94 17.76
C GLN E 156 71.12 -14.04 18.75
N HIS E 157 72.15 -14.80 18.38
CA HIS E 157 73.27 -15.09 19.28
C HIS E 157 74.62 -15.13 18.56
N GLU E 158 75.64 -14.61 19.24
CA GLU E 158 77.06 -14.85 18.92
C GLU E 158 77.74 -15.52 20.10
N ILE E 159 78.35 -16.69 19.86
CA ILE E 159 79.04 -17.50 20.86
C ILE E 159 80.53 -17.49 20.55
N SER E 160 81.33 -16.85 21.40
CA SER E 160 82.79 -16.80 21.23
C SER E 160 83.45 -18.04 21.82
N CYS E 161 83.91 -18.94 20.95
CA CYS E 161 84.52 -20.23 21.32
C CYS E 161 85.99 -20.13 21.72
N LYS E 162 86.64 -19.02 21.34
CA LYS E 162 88.07 -18.72 21.58
C LYS E 162 89.05 -19.68 20.87
N LEU E 163 88.54 -20.54 20.00
CA LEU E 163 89.28 -21.45 19.14
C LEU E 163 88.63 -21.42 17.75
N SER E 164 89.39 -21.63 16.68
CA SER E 164 88.85 -21.79 15.32
C SER E 164 87.76 -22.86 15.32
N CYS E 165 86.56 -22.54 14.85
CA CYS E 165 85.47 -23.53 14.77
C CYS E 165 85.56 -24.26 13.43
N SER E 166 85.55 -25.59 13.47
CA SER E 166 85.60 -26.44 12.27
C SER E 166 84.28 -27.15 11.95
N CYS E 167 83.46 -27.39 12.98
CA CYS E 167 82.21 -28.13 12.89
C CYS E 167 81.29 -27.82 14.06
N ILE E 168 79.98 -28.00 13.84
CA ILE E 168 78.93 -27.78 14.85
C ILE E 168 77.87 -28.87 14.82
N SER E 169 77.31 -29.17 15.99
CA SER E 169 76.17 -30.08 16.10
C SER E 169 75.20 -29.60 17.16
N TRP E 170 73.94 -29.39 16.75
CA TRP E 170 72.83 -29.22 17.68
C TRP E 170 72.54 -30.53 18.41
N ASN E 171 72.29 -30.48 19.71
CA ASN E 171 71.70 -31.61 20.42
C ASN E 171 70.23 -31.75 19.95
N PRO E 172 69.84 -32.88 19.34
CA PRO E 172 68.50 -33.05 18.78
C PRO E 172 67.42 -33.36 19.82
N SER E 173 67.77 -33.42 21.11
CA SER E 173 66.82 -33.73 22.17
C SER E 173 65.66 -32.73 22.24
N SER E 174 64.43 -33.19 22.02
CA SER E 174 63.20 -32.40 22.23
C SER E 174 62.68 -32.41 23.67
N SER E 175 63.40 -33.03 24.61
CA SER E 175 62.98 -33.07 26.01
C SER E 175 63.09 -31.68 26.62
N ARG E 176 61.98 -31.17 27.16
CA ARG E 176 61.92 -29.91 27.91
C ARG E 176 62.80 -29.90 29.17
N ALA E 177 63.29 -31.06 29.60
CA ALA E 177 64.22 -31.17 30.72
C ALA E 177 65.66 -30.75 30.35
N HIS E 178 65.97 -30.62 29.06
CA HIS E 178 67.28 -30.20 28.59
C HIS E 178 67.15 -28.86 27.88
N SER E 179 67.95 -27.88 28.31
CA SER E 179 68.11 -26.64 27.55
C SER E 179 68.68 -26.95 26.15
N PRO E 180 68.41 -26.11 25.15
CA PRO E 180 69.09 -26.17 23.86
C PRO E 180 70.62 -26.24 24.02
N MET E 181 71.25 -27.20 23.35
CA MET E 181 72.69 -27.42 23.44
C MET E 181 73.32 -27.50 22.05
N ILE E 182 74.54 -26.99 21.95
CA ILE E 182 75.38 -27.05 20.76
C ILE E 182 76.75 -27.56 21.14
N ALA E 183 77.25 -28.54 20.41
CA ALA E 183 78.65 -28.94 20.44
C ALA E 183 79.40 -28.22 19.31
N VAL E 184 80.61 -27.78 19.60
CA VAL E 184 81.49 -27.08 18.66
C VAL E 184 82.86 -27.75 18.70
N GLY E 185 83.61 -27.67 17.63
CA GLY E 185 84.95 -28.21 17.68
C GLY E 185 86.07 -27.22 17.81
N SER E 186 87.25 -27.56 17.28
CA SER E 186 88.38 -26.65 17.22
C SER E 186 89.49 -27.27 16.35
N ASP E 187 89.63 -26.82 15.11
CA ASP E 187 90.60 -27.45 14.22
C ASP E 187 92.00 -27.14 14.65
N ASP E 188 92.22 -25.98 15.25
CA ASP E 188 93.60 -25.54 15.54
C ASP E 188 94.53 -26.69 15.98
N SER E 189 95.66 -26.89 15.30
CA SER E 189 96.62 -27.93 15.69
C SER E 189 97.03 -27.78 17.14
N SER E 190 96.99 -26.56 17.68
CA SER E 190 97.38 -26.27 19.09
C SER E 190 98.36 -27.29 19.63
N PRO E 191 99.66 -27.08 19.39
CA PRO E 191 100.62 -28.00 20.00
C PRO E 191 100.24 -28.30 21.45
N ASN E 192 99.70 -27.32 22.20
CA ASN E 192 99.39 -27.53 23.63
C ASN E 192 97.91 -27.44 23.99
N ILE E 193 97.24 -26.36 23.63
CA ILE E 193 95.87 -26.18 24.10
C ILE E 193 95.09 -27.49 23.85
N MET E 194 94.48 -28.09 24.88
CA MET E 194 93.65 -29.31 24.70
C MET E 194 92.18 -28.88 24.40
N GLY E 195 91.16 -29.39 25.09
CA GLY E 195 89.77 -28.92 24.93
C GLY E 195 89.23 -28.53 23.56
N LYS E 196 89.46 -29.36 22.54
CA LYS E 196 89.06 -28.91 21.19
C LYS E 196 87.59 -29.20 20.86
N VAL E 197 86.83 -29.78 21.79
CA VAL E 197 85.36 -29.87 21.74
C VAL E 197 84.77 -29.15 22.93
N GLN E 198 83.90 -28.19 22.64
CA GLN E 198 83.21 -27.37 23.63
C GLN E 198 81.70 -27.53 23.49
N ILE E 199 81.00 -27.54 24.62
CA ILE E 199 79.55 -27.67 24.66
C ILE E 199 78.97 -26.41 25.26
N TYR E 200 78.00 -25.83 24.57
CA TYR E 200 77.28 -24.64 24.97
C TYR E 200 75.83 -25.00 25.25
N GLU E 201 75.30 -24.45 26.33
CA GLU E 201 73.91 -24.63 26.75
C GLU E 201 73.22 -23.27 26.83
N TYR E 202 72.00 -23.18 26.30
CA TYR E 202 71.17 -21.99 26.45
C TYR E 202 70.70 -21.82 27.89
N ASN E 203 71.03 -20.68 28.49
CA ASN E 203 70.62 -20.34 29.84
C ASN E 203 69.42 -19.37 29.77
N GLU E 204 68.24 -19.87 30.14
CA GLU E 204 66.98 -19.11 30.15
C GLU E 204 67.04 -17.84 31.01
N ASN E 205 67.77 -17.89 32.13
CA ASN E 205 67.86 -16.74 33.04
C ASN E 205 68.67 -15.60 32.44
N THR E 206 69.75 -15.92 31.71
CA THR E 206 70.61 -14.91 31.08
C THR E 206 70.27 -14.66 29.61
N ARG E 207 69.38 -15.47 29.03
CA ARG E 207 69.01 -15.49 27.60
C ARG E 207 70.22 -15.58 26.67
N LYS E 208 71.23 -16.30 27.10
CA LYS E 208 72.51 -16.46 26.39
C LYS E 208 72.98 -17.90 26.45
N TYR E 209 73.69 -18.32 25.41
CA TYR E 209 74.46 -19.55 25.46
C TYR E 209 75.67 -19.36 26.37
N ALA E 210 75.86 -20.30 27.29
CA ALA E 210 77.01 -20.36 28.18
C ALA E 210 77.75 -21.68 28.00
N LYS E 211 79.08 -21.65 28.13
CA LYS E 211 79.92 -22.84 28.02
C LYS E 211 79.62 -23.77 29.19
N ALA E 212 79.06 -24.94 28.90
CA ALA E 212 78.68 -25.95 29.89
C ALA E 212 79.79 -26.97 30.13
N GLU E 213 80.49 -27.37 29.07
CA GLU E 213 81.50 -28.44 29.14
C GLU E 213 82.64 -28.20 28.14
N THR E 214 83.82 -28.73 28.46
CA THR E 214 84.95 -28.82 27.52
C THR E 214 85.56 -30.20 27.62
N LEU E 215 85.54 -30.97 26.53
CA LEU E 215 86.05 -32.33 26.52
C LEU E 215 87.59 -32.32 26.48
N MET E 216 88.21 -32.15 27.64
CA MET E 216 89.66 -31.99 27.80
C MET E 216 90.48 -33.14 27.20
N SER E 217 89.90 -34.35 27.11
CA SER E 217 90.55 -35.52 26.50
C SER E 217 90.70 -35.42 24.98
N VAL E 218 90.01 -34.48 24.33
CA VAL E 218 90.14 -34.23 22.88
C VAL E 218 91.17 -33.13 22.65
N SER E 219 92.58 -33.58 23.09
CA SER E 219 93.69 -32.68 22.76
C SER E 219 94.09 -32.70 21.28
N ASP E 220 93.64 -33.69 20.51
CA ASP E 220 93.91 -33.81 19.09
C ASP E 220 92.94 -32.91 18.28
N PRO E 221 93.33 -32.39 17.10
CA PRO E 221 92.42 -31.65 16.21
C PRO E 221 91.14 -32.43 15.91
N VAL E 222 90.01 -31.76 16.01
CA VAL E 222 88.68 -32.33 15.83
C VAL E 222 88.19 -31.98 14.43
N HIS E 223 87.81 -33.00 13.65
CA HIS E 223 87.37 -32.85 12.26
C HIS E 223 85.85 -32.91 12.11
N ASP E 224 85.19 -33.64 12.99
CA ASP E 224 83.73 -33.79 13.00
C ASP E 224 83.23 -34.25 14.38
N ILE E 225 81.98 -33.90 14.68
CA ILE E 225 81.30 -34.28 15.92
C ILE E 225 79.82 -34.55 15.67
N ALA E 226 79.27 -35.53 16.39
CA ALA E 226 77.86 -35.87 16.26
C ALA E 226 77.27 -36.34 17.58
N PHE E 227 76.26 -35.62 18.10
CA PHE E 227 75.40 -36.15 19.14
C PHE E 227 74.55 -37.30 18.61
N ALA E 228 74.44 -38.38 19.39
CA ALA E 228 73.53 -39.46 19.07
C ALA E 228 72.08 -39.05 19.42
N PRO E 229 71.08 -39.48 18.64
CA PRO E 229 69.67 -39.40 19.02
C PRO E 229 69.44 -39.98 20.43
N ASN E 230 68.86 -39.20 21.35
CA ASN E 230 68.78 -39.56 22.78
C ASN E 230 67.85 -40.76 23.07
N LEU E 231 66.75 -40.90 22.32
CA LEU E 231 65.75 -42.00 22.41
C LEU E 231 65.42 -42.49 23.84
N GLY E 232 65.21 -41.56 24.77
CA GLY E 232 64.81 -41.87 26.15
C GLY E 232 65.94 -42.21 27.12
N ARG E 233 67.22 -42.15 26.69
CA ARG E 233 68.35 -42.28 27.62
C ARG E 233 68.40 -41.10 28.58
N SER E 234 68.87 -41.35 29.81
CA SER E 234 69.12 -40.34 30.84
C SER E 234 70.49 -39.67 30.71
N PHE E 235 71.20 -39.93 29.62
CA PHE E 235 72.54 -39.46 29.33
C PHE E 235 72.70 -39.24 27.83
N HIS E 236 73.57 -38.33 27.43
CA HIS E 236 73.86 -38.07 26.03
C HIS E 236 75.05 -38.90 25.56
N ILE E 237 75.10 -39.17 24.26
CA ILE E 237 76.24 -39.82 23.62
C ILE E 237 76.77 -38.87 22.54
N LEU E 238 78.08 -38.68 22.50
CA LEU E 238 78.76 -37.82 21.53
C LEU E 238 79.87 -38.62 20.84
N ALA E 239 79.85 -38.66 19.51
CA ALA E 239 80.96 -39.14 18.70
C ALA E 239 81.87 -37.96 18.32
N VAL E 240 83.18 -38.19 18.32
CA VAL E 240 84.19 -37.20 17.96
C VAL E 240 85.20 -37.85 17.01
N ALA E 241 85.41 -37.23 15.86
CA ALA E 241 86.40 -37.61 14.87
C ALA E 241 87.67 -36.78 15.06
N THR E 242 88.79 -37.44 15.34
CA THR E 242 90.12 -36.81 15.49
C THR E 242 91.16 -37.62 14.70
N LYS E 243 92.32 -37.93 15.29
CA LYS E 243 93.21 -39.00 14.80
C LYS E 243 92.63 -40.41 15.00
N ASP E 244 91.63 -40.51 15.85
CA ASP E 244 90.89 -41.73 16.19
C ASP E 244 89.39 -41.40 16.29
N VAL E 245 88.55 -42.44 16.37
CA VAL E 245 87.12 -42.30 16.66
C VAL E 245 86.94 -42.38 18.18
N ARG E 246 86.34 -41.37 18.79
CA ARG E 246 85.98 -41.40 20.22
C ARG E 246 84.48 -41.34 20.42
N ILE E 247 84.00 -42.07 21.42
CA ILE E 247 82.60 -42.05 21.84
C ILE E 247 82.58 -41.70 23.33
N PHE E 248 81.84 -40.65 23.66
CA PHE E 248 81.66 -40.17 25.02
C PHE E 248 80.22 -40.39 25.46
N THR E 249 80.03 -40.77 26.72
CA THR E 249 78.75 -40.62 27.41
C THR E 249 78.82 -39.41 28.33
N MET E 250 77.80 -38.57 28.30
CA MET E 250 77.68 -37.39 29.16
C MET E 250 76.43 -37.52 30.04
N LYS E 251 76.62 -37.69 31.35
CA LYS E 251 75.54 -37.80 32.33
C LYS E 251 75.34 -36.45 33.02
N PRO E 252 74.17 -35.79 32.88
CA PRO E 252 73.91 -34.57 33.62
C PRO E 252 73.88 -34.86 35.13
N LEU E 253 74.45 -34.01 35.96
CA LEU E 253 74.36 -34.22 37.42
C LEU E 253 72.96 -34.00 38.05
N ARG E 254 72.83 -34.17 39.37
CA ARG E 254 71.53 -34.10 40.08
C ARG E 254 71.03 -32.72 40.38
N LYS E 255 69.87 -32.59 41.04
CA LYS E 255 69.27 -31.24 41.25
C LYS E 255 68.24 -31.05 42.36
N GLU E 256 68.00 -29.79 42.77
CA GLU E 256 67.01 -29.44 43.80
C GLU E 256 66.03 -28.38 43.28
N LEU E 257 64.73 -28.63 43.35
CA LEU E 257 63.72 -27.67 42.91
C LEU E 257 63.68 -26.32 43.70
N SER E 258 64.41 -26.18 44.81
CA SER E 258 64.33 -24.94 45.63
C SER E 258 64.81 -23.74 44.78
N SER E 259 65.93 -23.88 44.06
CA SER E 259 66.45 -22.80 43.21
C SER E 259 67.39 -23.36 42.14
N SER E 260 67.51 -22.69 40.99
CA SER E 260 68.47 -23.14 39.97
C SER E 260 68.79 -22.09 38.89
N GLY E 261 70.08 -21.83 38.62
CA GLY E 261 70.44 -20.92 37.53
C GLY E 261 71.70 -21.29 36.77
N GLY E 262 72.18 -22.54 36.87
CA GLY E 262 73.47 -22.90 36.26
C GLY E 262 73.47 -23.81 35.06
N VAL E 263 74.66 -24.14 34.54
CA VAL E 263 74.77 -25.14 33.43
C VAL E 263 74.67 -26.58 33.98
N THR E 264 74.42 -26.80 35.29
CA THR E 264 74.19 -28.16 35.84
C THR E 264 75.35 -29.07 35.40
N LYS E 265 76.53 -28.94 36.02
CA LYS E 265 77.75 -29.67 35.60
C LYS E 265 77.58 -31.11 35.14
N PHE E 266 78.54 -31.66 34.38
CA PHE E 266 78.39 -33.01 33.77
C PHE E 266 79.42 -34.14 34.11
N GLU E 267 79.02 -35.43 34.14
CA GLU E 267 79.98 -36.50 34.33
C GLU E 267 80.23 -37.15 32.96
N ASN E 268 81.45 -37.04 32.45
CA ASN E 268 81.81 -37.46 31.10
C ASN E 268 82.73 -38.68 31.15
N HIS E 269 82.39 -39.71 30.38
CA HIS E 269 83.19 -40.92 30.26
C HIS E 269 83.48 -41.23 28.80
N THR E 270 84.74 -41.48 28.47
CA THR E 270 85.10 -42.09 27.19
C THR E 270 84.73 -43.56 27.23
N VAL E 271 83.71 -43.96 26.47
CA VAL E 271 83.24 -45.37 26.43
C VAL E 271 83.85 -46.16 25.29
N ALA E 272 84.39 -45.47 24.27
CA ALA E 272 85.14 -46.11 23.20
C ALA E 272 86.17 -45.16 22.60
N GLN E 273 87.31 -45.72 22.20
CA GLN E 273 88.35 -45.06 21.43
C GLN E 273 88.90 -46.08 20.42
N PHE E 274 88.83 -45.74 19.13
CA PHE E 274 89.22 -46.64 18.05
C PHE E 274 90.24 -46.00 17.12
N ASP E 275 91.42 -46.58 17.11
CA ASP E 275 92.54 -46.22 16.25
C ASP E 275 92.58 -47.03 14.95
N ASN E 276 91.62 -47.96 14.82
CA ASN E 276 91.52 -48.91 13.68
C ASN E 276 91.25 -48.18 12.36
N HIS E 277 91.07 -46.86 12.40
CA HIS E 277 90.81 -46.10 11.15
C HIS E 277 92.02 -46.23 10.21
N ASN E 278 93.23 -46.14 10.79
CA ASN E 278 94.59 -46.25 10.15
C ASN E 278 94.99 -44.93 9.47
N SER E 279 94.16 -43.89 9.60
CA SER E 279 94.40 -42.54 9.03
C SER E 279 93.54 -41.52 9.80
N GLN E 280 93.87 -40.23 9.69
CA GLN E 280 93.06 -39.20 10.41
C GLN E 280 91.59 -39.35 10.01
N VAL E 281 90.80 -39.99 10.88
CA VAL E 281 89.37 -40.18 10.64
C VAL E 281 88.78 -38.81 10.32
N TRP E 282 88.15 -38.69 9.15
CA TRP E 282 87.65 -37.42 8.63
C TRP E 282 86.19 -37.18 8.94
N ARG E 283 85.34 -38.21 8.89
CA ARG E 283 83.90 -38.06 9.12
C ARG E 283 83.35 -39.16 10.00
N VAL E 284 82.31 -38.83 10.74
CA VAL E 284 81.49 -39.77 11.52
C VAL E 284 80.01 -39.46 11.31
N SER E 285 79.20 -40.49 11.11
CA SER E 285 77.76 -40.31 10.92
C SER E 285 76.97 -41.46 11.51
N TRP E 286 75.99 -41.13 12.35
CA TRP E 286 75.06 -42.09 12.92
C TRP E 286 73.97 -42.45 11.93
N ASN E 287 73.53 -43.70 11.93
CA ASN E 287 72.25 -44.04 11.33
C ASN E 287 71.08 -43.36 12.09
N ILE E 288 69.90 -43.35 11.48
CA ILE E 288 68.70 -42.68 12.04
C ILE E 288 68.30 -43.19 13.43
N THR E 289 68.70 -44.40 13.82
CA THR E 289 68.43 -44.97 15.15
C THR E 289 69.55 -44.75 16.17
N GLY E 290 70.68 -44.17 15.78
CA GLY E 290 71.86 -44.00 16.65
C GLY E 290 72.45 -45.32 17.14
N THR E 291 72.26 -46.41 16.37
CA THR E 291 72.73 -47.76 16.74
C THR E 291 73.91 -48.23 15.92
N VAL E 292 74.16 -47.61 14.77
CA VAL E 292 75.30 -47.90 13.90
C VAL E 292 75.98 -46.59 13.57
N LEU E 293 77.30 -46.55 13.75
CA LEU E 293 78.15 -45.44 13.37
C LEU E 293 78.87 -45.78 12.08
N ALA E 294 78.91 -44.87 11.11
CA ALA E 294 79.82 -44.92 9.99
C ALA E 294 81.00 -43.97 10.24
N SER E 295 82.21 -44.36 9.86
CA SER E 295 83.39 -43.48 9.86
C SER E 295 84.15 -43.59 8.54
N SER E 296 84.81 -42.52 8.11
CA SER E 296 85.72 -42.52 6.96
C SER E 296 87.10 -41.97 7.37
N GLY E 297 88.16 -42.46 6.73
CA GLY E 297 89.53 -42.03 7.03
C GLY E 297 90.48 -42.09 5.83
N ASP E 298 91.74 -41.72 6.03
CA ASP E 298 92.79 -41.71 5.01
C ASP E 298 93.11 -43.10 4.43
N ASP E 299 92.72 -44.18 5.13
CA ASP E 299 92.85 -45.55 4.63
C ASP E 299 91.96 -45.86 3.42
N GLY E 300 91.17 -44.89 2.94
CA GLY E 300 90.31 -45.01 1.77
C GLY E 300 89.09 -45.91 2.03
N THR E 301 88.74 -46.13 3.30
CA THR E 301 87.62 -46.99 3.69
C THR E 301 86.54 -46.24 4.44
N VAL E 302 85.32 -46.77 4.34
CA VAL E 302 84.23 -46.46 5.27
C VAL E 302 84.02 -47.67 6.17
N ARG E 303 84.04 -47.46 7.48
CA ARG E 303 83.84 -48.52 8.48
C ARG E 303 82.53 -48.33 9.21
N LEU E 304 81.90 -49.44 9.57
CA LEU E 304 80.63 -49.48 10.29
C LEU E 304 80.84 -50.08 11.67
N TRP E 305 80.36 -49.40 12.70
CA TRP E 305 80.55 -49.78 14.10
C TRP E 305 79.20 -49.98 14.79
N LYS E 306 79.08 -51.02 15.61
CA LYS E 306 77.86 -51.34 16.34
C LYS E 306 78.18 -52.00 17.68
N ALA E 307 77.47 -51.60 18.74
CA ALA E 307 77.47 -52.30 20.02
C ALA E 307 76.65 -53.59 19.95
N ASN E 308 77.14 -54.65 20.60
CA ASN E 308 76.36 -55.84 20.89
C ASN E 308 75.49 -55.63 22.16
N TYR E 309 74.79 -56.68 22.59
CA TYR E 309 73.92 -56.63 23.78
C TYR E 309 74.68 -56.47 25.11
N MET E 310 76.02 -56.60 25.11
CA MET E 310 76.90 -56.36 26.26
C MET E 310 77.57 -54.98 26.19
N ASP E 311 77.04 -54.06 25.38
CA ASP E 311 77.59 -52.72 25.10
C ASP E 311 79.02 -52.72 24.52
N ASN E 312 79.50 -53.87 24.02
CA ASN E 312 80.79 -53.96 23.36
C ASN E 312 80.65 -53.55 21.90
N TRP E 313 81.25 -52.41 21.54
CA TRP E 313 81.32 -51.93 20.18
C TRP E 313 82.32 -52.74 19.35
N LYS E 314 81.94 -53.07 18.11
CA LYS E 314 82.81 -53.74 17.13
C LYS E 314 82.64 -53.16 15.73
N CYS E 315 83.64 -53.33 14.88
CA CYS E 315 83.50 -52.96 13.46
C CYS E 315 82.64 -54.05 12.82
N ILE E 316 81.82 -53.72 11.81
CA ILE E 316 80.93 -54.69 11.14
C ILE E 316 80.96 -54.51 9.60
N GLY E 317 82.03 -53.93 9.04
CA GLY E 317 82.15 -53.78 7.58
C GLY E 317 83.31 -52.87 7.12
N VAL E 318 84.00 -53.19 6.02
CA VAL E 318 85.11 -52.36 5.47
C VAL E 318 85.14 -52.42 3.92
N LEU E 319 85.55 -51.35 3.24
CA LEU E 319 85.33 -51.16 1.78
C LEU E 319 86.63 -50.93 0.95
N LYS E 320 86.54 -50.78 -0.37
CA LYS E 320 87.75 -50.66 -1.23
C LYS E 320 87.68 -49.48 -2.21
N GLY E 321 88.82 -49.15 -2.86
CA GLY E 321 88.85 -48.06 -3.84
C GLY E 321 88.05 -48.45 -5.09
N ASP E 322 88.10 -49.73 -5.49
CA ASP E 322 87.35 -50.19 -6.68
C ASP E 322 85.83 -50.23 -6.42
N GLY E 323 85.41 -50.10 -5.15
CA GLY E 323 83.98 -50.06 -4.81
C GLY E 323 83.46 -51.37 -4.24
N ASN E 324 84.31 -52.41 -4.24
CA ASN E 324 83.89 -53.74 -3.72
C ASN E 324 83.97 -53.74 -2.20
N PRO E 325 83.00 -54.39 -1.50
CA PRO E 325 83.16 -54.49 -0.05
C PRO E 325 84.28 -55.49 0.26
N VAL E 326 85.07 -55.26 1.30
CA VAL E 326 86.18 -56.15 1.64
C VAL E 326 85.63 -57.53 2.01
N GLY E 327 86.19 -58.60 1.46
CA GLY E 327 85.72 -59.96 1.78
C GLY E 327 85.86 -60.24 3.27
N GLN F 18 90.60 -45.62 -5.07
CA GLN F 18 91.24 -45.27 -6.37
C GLN F 18 92.08 -44.00 -6.20
N GLN F 19 93.39 -44.10 -6.41
CA GLN F 19 94.33 -42.95 -6.28
C GLN F 19 94.21 -42.30 -4.90
N ASN F 20 94.12 -43.12 -3.86
CA ASN F 20 94.01 -42.61 -2.46
C ASN F 20 92.90 -41.57 -2.36
N ARG F 21 91.66 -41.97 -2.69
CA ARG F 21 90.51 -41.06 -2.63
C ARG F 21 89.74 -41.28 -1.34
N HIS F 22 89.31 -40.18 -0.71
CA HIS F 22 88.52 -40.25 0.52
C HIS F 22 87.09 -40.67 0.22
N ILE F 23 86.47 -41.42 1.12
CA ILE F 23 85.08 -41.85 0.96
C ILE F 23 84.17 -40.90 1.75
N GLY F 24 83.21 -40.30 1.05
CA GLY F 24 82.09 -39.61 1.66
C GLY F 24 80.91 -40.56 1.82
N PHE F 25 80.12 -40.37 2.87
CA PHE F 25 78.91 -41.14 3.10
C PHE F 25 77.75 -40.26 3.56
N SER F 26 76.53 -40.68 3.25
CA SER F 26 75.31 -40.07 3.75
C SER F 26 74.30 -41.15 4.08
N TRP F 27 73.77 -41.12 5.31
CA TRP F 27 72.71 -42.02 5.73
C TRP F 27 71.36 -41.54 5.20
N GLY F 28 70.69 -42.41 4.45
CA GLY F 28 69.26 -42.32 4.16
C GLY F 28 68.42 -43.04 5.24
N PRO F 29 67.09 -43.10 5.06
CA PRO F 29 66.17 -43.74 6.03
C PRO F 29 66.41 -45.24 6.26
N GLY F 30 66.99 -45.94 5.28
CA GLY F 30 67.42 -47.34 5.35
C GLY F 30 68.54 -47.68 4.36
N ASP F 31 69.04 -46.69 3.64
CA ASP F 31 70.07 -46.85 2.63
C ASP F 31 71.32 -46.05 3.04
N LEU F 32 72.50 -46.51 2.69
CA LEU F 32 73.75 -45.80 2.86
C LEU F 32 74.27 -45.36 1.48
N LEU F 33 74.30 -44.05 1.26
CA LEU F 33 74.90 -43.47 0.07
C LEU F 33 76.41 -43.33 0.28
N LEU F 34 77.21 -43.86 -0.65
CA LEU F 34 78.66 -43.80 -0.65
C LEU F 34 79.17 -43.16 -1.93
N TYR F 35 80.14 -42.27 -1.81
CA TYR F 35 80.70 -41.55 -2.95
C TYR F 35 82.18 -41.24 -2.71
N GLU F 36 82.88 -41.00 -3.81
CA GLU F 36 84.25 -40.56 -3.67
C GLU F 36 84.14 -39.05 -3.45
N THR F 37 84.54 -38.50 -2.28
CA THR F 37 84.57 -37.02 -2.08
C THR F 37 85.53 -36.35 -3.09
N LEU F 38 86.84 -36.50 -2.89
CA LEU F 38 87.81 -35.97 -3.86
C LEU F 38 89.26 -36.32 -3.46
N TYR F 39 89.82 -35.68 -2.40
CA TYR F 39 91.26 -35.86 -2.01
C TYR F 39 91.78 -35.02 -0.76
N GLN F 40 90.92 -34.27 -0.10
CA GLN F 40 91.21 -32.94 0.51
C GLN F 40 92.57 -32.30 0.14
N LYS F 41 93.00 -32.38 -1.13
CA LYS F 41 94.33 -31.89 -1.52
C LYS F 41 94.32 -30.73 -2.51
N GLN F 42 93.18 -30.37 -3.09
CA GLN F 42 93.10 -29.35 -4.19
C GLN F 42 93.36 -30.13 -5.50
N GLY F 43 93.27 -29.50 -6.68
CA GLY F 43 93.40 -30.21 -7.95
C GLY F 43 94.77 -30.83 -7.89
N ASN F 44 94.85 -32.16 -7.74
CA ASN F 44 96.13 -32.84 -7.58
C ASN F 44 96.02 -34.30 -8.06
N SER F 45 97.03 -35.15 -7.76
CA SER F 45 96.95 -36.61 -8.07
C SER F 45 96.91 -36.98 -9.57
N GLU F 46 98.03 -37.39 -10.16
CA GLU F 46 98.06 -37.69 -11.61
C GLU F 46 96.99 -38.71 -12.01
N THR F 47 97.02 -39.91 -11.40
CA THR F 47 96.06 -40.98 -11.75
C THR F 47 94.70 -40.36 -12.16
N ALA F 48 94.32 -40.40 -13.45
CA ALA F 48 93.10 -39.71 -13.96
C ALA F 48 91.97 -40.64 -14.39
N ALA F 49 90.71 -40.22 -14.29
CA ALA F 49 89.56 -41.06 -14.62
C ALA F 49 88.26 -40.26 -14.48
N ARG F 50 87.15 -40.88 -14.08
CA ARG F 50 85.89 -40.18 -13.81
C ARG F 50 85.28 -40.78 -12.56
N CYS F 51 84.37 -40.07 -11.89
CA CYS F 51 83.68 -40.58 -10.68
C CYS F 51 82.23 -40.93 -11.01
N PRO F 52 82.00 -41.74 -12.08
CA PRO F 52 80.59 -41.94 -12.41
C PRO F 52 79.89 -43.00 -11.58
N PHE F 53 80.21 -43.22 -10.27
CA PHE F 53 79.41 -44.25 -9.62
C PHE F 53 78.92 -43.78 -8.25
N MET F 54 77.65 -44.05 -7.97
CA MET F 54 77.04 -43.97 -6.64
C MET F 54 76.69 -45.40 -6.24
N TYR F 55 77.14 -45.81 -5.06
CA TYR F 55 76.90 -47.13 -4.51
C TYR F 55 75.80 -47.04 -3.47
N LEU F 56 74.83 -47.94 -3.55
CA LEU F 56 73.81 -48.09 -2.53
C LEU F 56 74.10 -49.39 -1.78
N VAL F 57 74.62 -49.27 -0.57
CA VAL F 57 74.81 -50.39 0.33
C VAL F 57 73.49 -50.61 1.05
N ARG F 58 72.97 -51.84 0.95
CA ARG F 58 71.67 -52.21 1.57
C ARG F 58 71.84 -53.39 2.53
N SER F 59 70.74 -53.90 3.08
CA SER F 59 70.75 -55.03 4.06
C SER F 59 69.44 -55.80 3.97
N ASP F 60 69.39 -56.98 4.60
CA ASP F 60 68.17 -57.85 4.62
C ASP F 60 67.75 -58.19 3.19
N GLU F 61 68.72 -58.52 2.33
CA GLU F 61 68.46 -58.88 0.92
C GLU F 61 67.60 -60.16 0.85
N ASP F 62 67.88 -61.12 1.74
CA ASP F 62 67.15 -62.42 1.76
C ASP F 62 65.66 -62.20 2.04
N ILE F 63 65.33 -61.30 2.97
CA ILE F 63 63.91 -61.01 3.36
C ILE F 63 63.06 -60.77 2.11
N TYR F 64 63.56 -59.95 1.18
CA TYR F 64 62.91 -59.59 -0.07
C TYR F 64 62.15 -60.75 -0.73
N SER F 65 62.59 -61.99 -0.51
CA SER F 65 61.94 -63.15 -1.13
C SER F 65 60.45 -63.20 -0.86
N PRO F 66 59.66 -63.36 -1.93
CA PRO F 66 58.20 -63.39 -1.81
C PRO F 66 57.68 -64.43 -0.83
N VAL F 67 58.01 -65.69 -1.06
CA VAL F 67 57.56 -66.79 -0.18
C VAL F 67 57.86 -66.51 1.30
N LEU F 68 59.03 -65.95 1.58
CA LEU F 68 59.42 -65.66 2.98
C LEU F 68 58.49 -64.57 3.53
N ARG F 69 58.11 -63.58 2.73
CA ARG F 69 57.14 -62.56 3.16
C ARG F 69 55.78 -63.23 3.51
N LYS F 70 55.34 -64.16 2.65
CA LYS F 70 54.09 -64.89 2.98
C LYS F 70 54.24 -65.58 4.36
N LEU F 71 55.37 -66.28 4.54
CA LEU F 71 55.64 -66.97 5.83
C LEU F 71 55.47 -65.97 6.95
N PHE F 72 56.12 -64.82 6.84
CA PHE F 72 56.09 -63.81 7.90
C PHE F 72 54.64 -63.37 8.19
N ASN F 73 53.85 -63.03 7.19
CA ASN F 73 52.42 -62.69 7.44
C ASN F 73 51.65 -63.80 8.21
N GLU F 74 51.76 -65.04 7.71
CA GLU F 74 51.04 -66.16 8.37
C GLU F 74 51.46 -66.28 9.84
N SER F 75 52.75 -66.12 10.09
CA SER F 75 53.25 -66.31 11.47
C SER F 75 52.98 -65.11 12.36
N HIS F 76 52.77 -63.93 11.80
CA HIS F 76 52.34 -62.79 12.61
C HIS F 76 50.97 -63.17 13.06
N SER F 77 50.15 -63.70 12.13
CA SER F 77 48.84 -64.17 12.60
C SER F 77 49.08 -65.15 13.81
N ILE F 78 49.99 -66.12 13.63
CA ILE F 78 50.23 -67.11 14.73
C ILE F 78 50.59 -66.41 16.04
N PHE F 79 51.53 -65.46 16.01
CA PHE F 79 52.00 -64.74 17.20
C PHE F 79 50.86 -64.01 17.89
N VAL F 80 50.05 -63.29 17.12
CA VAL F 80 48.96 -62.52 17.73
C VAL F 80 48.06 -63.53 18.44
N GLY F 81 47.73 -64.62 17.74
CA GLY F 81 46.88 -65.65 18.37
C GLY F 81 47.47 -66.08 19.72
N LEU F 82 48.75 -66.49 19.72
CA LEU F 82 49.42 -66.94 20.95
C LEU F 82 49.32 -65.89 22.06
N GLN F 83 49.65 -64.63 21.76
CA GLN F 83 49.65 -63.60 22.81
C GLN F 83 48.26 -63.53 23.41
N LYS F 84 47.26 -63.43 22.54
CA LYS F 84 45.87 -63.29 23.02
C LYS F 84 45.46 -64.48 23.90
N SER F 85 45.85 -65.71 23.52
CA SER F 85 45.43 -66.92 24.26
C SER F 85 46.32 -67.24 25.51
N ALA F 86 47.42 -66.49 25.68
CA ALA F 86 48.34 -66.68 26.86
C ALA F 86 47.70 -66.41 28.22
N GLU F 87 46.51 -65.84 28.32
CA GLU F 87 45.76 -65.67 29.57
C GLU F 87 44.80 -66.83 29.90
N GLU F 88 44.48 -67.72 28.95
CA GLU F 88 43.27 -68.55 29.06
C GLU F 88 43.49 -70.00 29.57
N ALA F 89 44.69 -70.58 29.42
CA ALA F 89 44.91 -72.02 29.64
C ALA F 89 45.96 -72.34 30.72
N SER F 90 45.74 -73.44 31.46
CA SER F 90 46.69 -73.87 32.52
C SER F 90 47.51 -75.15 32.19
N GLY F 91 48.51 -75.47 33.02
CA GLY F 91 49.35 -76.68 32.82
C GLY F 91 49.32 -77.51 31.53
N LYS F 92 48.76 -78.72 31.57
CA LYS F 92 48.81 -79.64 30.41
C LYS F 92 48.16 -79.03 29.16
N SER F 93 46.99 -78.40 29.31
CA SER F 93 46.28 -77.86 28.14
C SER F 93 47.20 -76.81 27.51
N ARG F 94 47.78 -75.94 28.33
CA ARG F 94 48.66 -74.89 27.81
C ARG F 94 49.89 -75.51 27.09
N LYS F 95 50.47 -76.54 27.70
CA LYS F 95 51.64 -77.19 27.08
C LYS F 95 51.26 -77.72 25.70
N ALA F 96 50.10 -78.38 25.60
CA ALA F 96 49.66 -78.95 24.32
C ALA F 96 49.44 -77.82 23.30
N GLN F 97 48.85 -76.72 23.75
CA GLN F 97 48.62 -75.57 22.85
C GLN F 97 49.96 -75.05 22.31
N LEU F 98 50.96 -74.95 23.18
CA LEU F 98 52.29 -74.48 22.75
C LEU F 98 52.90 -75.47 21.73
N VAL F 99 52.77 -76.77 22.00
CA VAL F 99 53.26 -77.78 21.05
C VAL F 99 52.59 -77.56 19.69
N GLN F 100 51.27 -77.31 19.69
CA GLN F 100 50.53 -77.14 18.43
C GLN F 100 50.99 -75.86 17.70
N VAL F 101 51.25 -74.77 18.44
CA VAL F 101 51.76 -73.52 17.82
C VAL F 101 53.10 -73.85 17.14
N SER F 102 53.93 -74.61 17.84
CA SER F 102 55.24 -75.01 17.29
C SER F 102 55.03 -75.80 15.98
N ARG F 103 54.09 -76.75 15.99
CA ARG F 103 53.80 -77.56 14.80
C ARG F 103 53.32 -76.66 13.65
N ASN F 104 52.49 -75.66 13.95
CA ASN F 104 51.98 -74.72 12.93
C ASN F 104 53.14 -73.95 12.30
N TYR F 105 54.06 -73.46 13.15
CA TYR F 105 55.25 -72.78 12.60
C TYR F 105 55.97 -73.74 11.63
N ARG F 106 56.17 -74.99 12.06
CA ARG F 106 56.92 -75.94 11.20
C ARG F 106 56.17 -76.22 9.89
N SER F 107 54.84 -76.26 9.92
CA SER F 107 54.02 -76.49 8.71
C SER F 107 54.17 -75.30 7.76
N VAL F 108 54.19 -74.09 8.31
CA VAL F 108 54.43 -72.92 7.46
C VAL F 108 55.81 -73.10 6.79
N LEU F 109 56.82 -73.50 7.59
CA LEU F 109 58.16 -73.73 7.00
C LEU F 109 58.06 -74.73 5.83
N ARG F 110 57.35 -75.83 6.05
CA ARG F 110 57.18 -76.86 5.00
C ARG F 110 56.59 -76.26 3.74
N ALA F 111 55.46 -75.56 3.88
CA ALA F 111 54.78 -75.01 2.69
C ALA F 111 55.77 -74.11 1.95
N CYS F 112 56.48 -73.26 2.70
CA CYS F 112 57.42 -72.34 2.05
C CYS F 112 58.50 -73.09 1.26
N MET F 113 59.12 -74.09 1.89
CA MET F 113 60.13 -74.90 1.19
C MET F 113 59.54 -75.52 -0.08
N GLU F 114 58.34 -76.10 0.00
CA GLU F 114 57.72 -76.74 -1.16
C GLU F 114 57.54 -75.74 -2.31
N GLU F 115 57.05 -74.54 -1.96
CA GLU F 115 56.85 -73.51 -3.00
C GLU F 115 58.20 -73.15 -3.63
N MET F 116 59.22 -72.94 -2.79
CA MET F 116 60.54 -72.57 -3.32
C MET F 116 61.04 -73.66 -4.26
N HIS F 117 60.79 -74.92 -3.91
CA HIS F 117 61.24 -76.05 -4.74
C HIS F 117 60.53 -76.05 -6.10
N THR F 118 59.20 -75.88 -6.10
CA THR F 118 58.52 -75.79 -7.41
C THR F 118 59.14 -74.64 -8.23
N LEU F 119 59.40 -73.52 -7.55
CA LEU F 119 59.96 -72.34 -8.25
C LEU F 119 61.31 -72.71 -8.89
N SER F 120 62.19 -73.34 -8.11
CA SER F 120 63.50 -73.74 -8.64
C SER F 120 63.38 -74.72 -9.79
N GLU F 121 62.39 -75.61 -9.71
CA GLU F 121 62.19 -76.59 -10.76
C GLU F 121 61.87 -75.92 -12.08
N SER F 122 60.98 -74.93 -12.05
CA SER F 122 60.58 -74.25 -13.28
C SER F 122 61.74 -73.54 -13.95
N THR F 123 62.59 -72.92 -13.13
CA THR F 123 63.81 -72.19 -13.60
C THR F 123 65.06 -72.90 -13.07
N ARG F 124 65.92 -73.37 -13.98
CA ARG F 124 67.17 -74.10 -13.64
C ARG F 124 68.16 -73.20 -12.87
N GLU F 125 68.21 -71.91 -13.23
CA GLU F 125 69.15 -70.93 -12.61
C GLU F 125 68.87 -70.81 -11.11
N THR F 126 67.60 -70.84 -10.72
CA THR F 126 67.16 -70.68 -9.30
C THR F 126 67.65 -71.84 -8.41
N ALA F 127 67.88 -73.03 -8.98
CA ALA F 127 68.28 -74.22 -8.20
C ALA F 127 69.60 -73.99 -7.45
N GLN F 128 70.58 -73.24 -7.97
CA GLN F 128 71.80 -73.02 -7.13
C GLN F 128 71.44 -72.23 -5.85
N LYS F 129 70.89 -71.03 -6.06
CA LYS F 129 70.42 -70.15 -4.94
C LYS F 129 69.27 -70.86 -4.22
N TYR F 130 68.40 -71.54 -4.99
CA TYR F 130 67.26 -72.30 -4.41
C TYR F 130 67.80 -73.40 -3.50
N ILE F 131 68.85 -74.13 -3.89
CA ILE F 131 69.41 -75.22 -3.03
C ILE F 131 70.00 -74.56 -1.78
N SER F 132 70.66 -73.41 -1.92
CA SER F 132 71.20 -72.80 -0.68
C SER F 132 70.04 -72.48 0.28
N GLN F 133 68.96 -71.90 -0.25
CA GLN F 133 67.79 -71.53 0.59
C GLN F 133 67.15 -72.79 1.19
N ILE F 134 67.05 -73.85 0.38
CA ILE F 134 66.43 -75.15 0.78
C ILE F 134 67.26 -75.77 1.89
N SER F 135 68.58 -75.70 1.77
CA SER F 135 69.52 -76.25 2.77
C SER F 135 69.29 -75.47 4.07
N ILE F 136 69.17 -74.15 3.97
CA ILE F 136 68.93 -73.33 5.19
C ILE F 136 67.60 -73.75 5.83
N LEU F 137 66.57 -73.97 5.01
CA LEU F 137 65.23 -74.36 5.50
C LEU F 137 65.30 -75.73 6.20
N SER F 138 66.02 -76.69 5.60
CA SER F 138 66.16 -78.05 6.19
C SER F 138 66.91 -77.93 7.51
N ALA F 139 67.94 -77.09 7.50
CA ALA F 139 68.77 -76.80 8.69
C ALA F 139 67.89 -76.04 9.69
N MET F 140 66.96 -75.22 9.20
CA MET F 140 66.14 -74.53 10.20
C MET F 140 65.08 -75.48 10.74
N GLU F 141 64.28 -76.10 9.88
CA GLU F 141 63.12 -76.93 10.35
C GLU F 141 63.66 -78.11 11.12
N LEU F 142 64.71 -78.71 10.65
CA LEU F 142 65.35 -79.82 11.33
C LEU F 142 65.63 -79.38 12.78
N SER F 143 66.46 -78.37 12.95
CA SER F 143 66.83 -78.02 14.33
C SER F 143 65.58 -77.63 15.14
N TRP F 144 64.69 -76.83 14.55
CA TRP F 144 63.56 -76.31 15.31
C TRP F 144 62.82 -77.51 15.83
N ASN F 145 62.46 -78.44 14.95
CA ASN F 145 61.67 -79.61 15.31
C ASN F 145 62.37 -80.50 16.33
N LEU F 146 63.65 -80.78 16.16
CA LEU F 146 64.34 -81.58 17.18
C LEU F 146 64.13 -80.91 18.53
N CYS F 147 64.54 -79.64 18.62
CA CYS F 147 64.46 -78.95 19.92
C CYS F 147 63.05 -79.06 20.44
N GLU F 148 62.06 -78.74 19.58
CA GLU F 148 60.64 -78.73 19.96
C GLU F 148 60.43 -80.03 20.59
N ILE F 149 60.37 -81.10 19.79
CA ILE F 149 60.01 -82.41 20.29
C ILE F 149 60.57 -82.45 21.66
N LEU F 150 61.90 -82.52 21.75
CA LEU F 150 62.46 -82.73 23.07
C LEU F 150 61.84 -81.86 24.16
N PHE F 151 62.36 -80.64 24.27
CA PHE F 151 61.95 -79.87 25.44
C PHE F 151 60.44 -79.83 25.63
N ILE F 152 59.75 -79.20 24.67
CA ILE F 152 58.31 -78.98 24.80
C ILE F 152 57.44 -80.21 24.97
N GLU F 153 58.00 -81.40 24.77
CA GLU F 153 57.22 -82.60 25.04
C GLU F 153 57.62 -83.16 26.39
N SER F 154 58.83 -82.85 26.84
CA SER F 154 59.33 -83.33 28.14
C SER F 154 59.02 -84.80 28.32
N ALA F 155 59.26 -85.59 27.28
CA ALA F 155 58.97 -87.01 27.36
C ALA F 155 59.91 -87.68 28.34
N PRO F 156 59.33 -88.42 29.30
CA PRO F 156 60.15 -89.20 30.23
C PRO F 156 60.81 -90.37 29.53
N ALA F 157 61.68 -91.08 30.24
CA ALA F 157 62.29 -92.26 29.64
C ALA F 157 61.17 -93.15 29.13
N GLY F 158 61.20 -93.51 27.85
CA GLY F 158 60.13 -94.27 27.21
C GLY F 158 59.59 -93.54 25.97
N PRO F 159 58.66 -92.57 26.12
CA PRO F 159 58.15 -91.78 25.00
C PRO F 159 59.24 -91.06 24.18
N LEU F 160 60.33 -90.64 24.84
CA LEU F 160 61.46 -89.97 24.20
C LEU F 160 61.98 -90.72 22.96
N LEU F 161 62.28 -92.02 23.07
CA LEU F 161 62.81 -92.77 21.94
C LEU F 161 61.80 -92.91 20.79
N ILE F 162 60.50 -93.05 21.12
CA ILE F 162 59.44 -93.10 20.12
C ILE F 162 59.42 -91.80 19.31
N LEU F 163 59.52 -90.67 19.99
CA LEU F 163 59.55 -89.36 19.36
C LEU F 163 60.84 -89.13 18.55
N LEU F 164 61.99 -89.63 19.01
CA LEU F 164 63.24 -89.56 18.26
C LEU F 164 63.22 -90.44 16.98
N LEU F 165 62.59 -91.62 17.04
CA LEU F 165 62.36 -92.45 15.85
C LEU F 165 61.45 -91.74 14.85
N GLU F 166 60.37 -91.11 15.33
CA GLU F 166 59.50 -90.30 14.49
C GLU F 166 60.24 -89.08 13.91
N TRP F 167 61.08 -88.42 14.72
CA TRP F 167 61.92 -87.30 14.29
C TRP F 167 62.86 -87.69 13.14
N VAL F 168 63.62 -88.78 13.28
CA VAL F 168 64.49 -89.28 12.19
C VAL F 168 63.66 -89.63 10.96
N ARG F 169 62.53 -90.31 11.12
CA ARG F 169 61.65 -90.69 10.00
C ARG F 169 61.11 -89.48 9.24
N LEU F 170 60.79 -88.39 9.92
CA LEU F 170 60.24 -87.17 9.30
C LEU F 170 61.28 -86.38 8.51
N HIS F 171 62.57 -86.63 8.76
CA HIS F 171 63.65 -85.87 8.08
C HIS F 171 64.42 -86.73 7.08
N VAL F 172 64.51 -88.05 7.31
CA VAL F 172 65.28 -88.92 6.36
C VAL F 172 64.30 -89.79 5.55
N CYS F 173 64.35 -89.65 4.22
CA CYS F 173 63.49 -90.44 3.30
C CYS F 173 64.31 -91.56 2.65
N GLU F 174 65.59 -91.66 2.99
CA GLU F 174 66.58 -92.43 2.18
C GLU F 174 66.09 -93.87 2.01
N VAL F 175 66.01 -94.62 3.12
CA VAL F 175 65.54 -96.02 3.13
C VAL F 175 64.28 -96.18 2.28
N ASP F 176 63.35 -95.24 2.34
CA ASP F 176 62.11 -95.31 1.55
C ASP F 176 62.40 -95.16 0.05
N ASN F 177 63.37 -94.34 -0.34
CA ASN F 177 63.80 -94.22 -1.74
C ASN F 177 64.43 -95.54 -2.23
N ILE F 178 65.31 -96.15 -1.44
CA ILE F 178 65.91 -97.46 -1.74
C ILE F 178 64.82 -98.52 -1.94
N VAL F 179 63.85 -98.59 -1.04
CA VAL F 179 62.77 -99.58 -1.11
C VAL F 179 61.85 -99.32 -2.31
N GLN F 180 61.53 -98.07 -2.62
CA GLN F 180 60.74 -97.74 -3.80
C GLN F 180 61.44 -98.21 -5.10
N ASP F 181 62.75 -98.01 -5.21
CA ASP F 181 63.52 -98.47 -6.38
C ASP F 181 63.55 -100.00 -6.47
N VAL F 182 63.78 -100.69 -5.34
CA VAL F 182 63.70 -102.16 -5.26
C VAL F 182 62.34 -102.67 -5.72
N LEU F 183 61.25 -102.03 -5.26
CA LEU F 183 59.88 -102.43 -5.58
C LEU F 183 59.46 -102.14 -7.03
N ARG F 184 60.09 -101.18 -7.69
CA ARG F 184 59.89 -100.89 -9.13
C ARG F 184 60.58 -101.91 -10.04
N SER F 185 61.56 -102.66 -9.53
CA SER F 185 62.20 -103.73 -10.30
C SER F 185 61.25 -104.90 -10.58
N GLU F 186 61.42 -105.56 -11.72
CA GLU F 186 60.57 -106.72 -12.11
C GLU F 186 60.67 -107.87 -11.10
N LYS F 187 61.83 -108.03 -10.46
CA LYS F 187 62.10 -109.04 -9.45
C LYS F 187 62.76 -108.41 -8.21
N PRO F 188 61.96 -107.90 -7.26
CA PRO F 188 62.47 -107.19 -6.09
C PRO F 188 63.47 -107.99 -5.26
N THR F 189 63.32 -109.31 -5.16
CA THR F 189 64.20 -110.19 -4.36
C THR F 189 65.59 -110.39 -4.97
N GLU F 190 65.73 -110.19 -6.29
CA GLU F 190 67.02 -110.27 -7.00
C GLU F 190 67.71 -108.89 -7.10
N HIS F 191 67.09 -107.83 -6.59
CA HIS F 191 67.64 -106.48 -6.64
C HIS F 191 68.79 -106.30 -5.63
N GLU F 192 69.89 -105.66 -6.06
CA GLU F 192 71.11 -105.49 -5.25
C GLU F 192 70.84 -104.88 -3.87
N LYS F 193 69.98 -103.85 -3.82
CA LYS F 193 69.58 -103.15 -2.58
C LYS F 193 68.39 -103.77 -1.82
N PHE F 194 67.94 -104.99 -2.16
CA PHE F 194 66.79 -105.61 -1.49
C PHE F 194 67.00 -105.75 0.02
N TRP F 195 68.14 -106.32 0.41
CA TRP F 195 68.50 -106.54 1.82
C TRP F 195 68.84 -105.24 2.55
N ASP F 196 69.32 -104.22 1.83
CA ASP F 196 69.48 -102.88 2.36
C ASP F 196 68.13 -102.26 2.75
N GLY F 197 67.11 -102.45 1.92
CA GLY F 197 65.73 -102.04 2.24
C GLY F 197 65.17 -102.76 3.47
N VAL F 198 65.35 -104.09 3.57
CA VAL F 198 64.93 -104.87 4.75
C VAL F 198 65.65 -104.38 6.00
N THR F 199 66.97 -104.24 5.92
CA THR F 199 67.82 -103.84 7.06
C THR F 199 67.51 -102.40 7.47
N GLY F 200 67.34 -101.48 6.52
CA GLY F 200 66.96 -100.09 6.78
C GLY F 200 65.61 -99.97 7.51
N TYR F 201 64.59 -100.74 7.12
CA TYR F 201 63.33 -100.78 7.87
C TYR F 201 63.49 -101.32 9.28
N VAL F 202 64.32 -102.35 9.49
CA VAL F 202 64.61 -102.85 10.85
C VAL F 202 65.32 -101.79 11.68
N LEU F 203 66.35 -101.12 11.14
CA LEU F 203 67.09 -100.05 11.81
C LEU F 203 66.19 -98.88 12.26
N GLN F 204 65.16 -98.58 11.48
CA GLN F 204 64.14 -97.57 11.80
C GLN F 204 63.00 -98.06 12.72
N GLY F 205 63.02 -99.31 13.18
CA GLY F 205 61.93 -99.87 14.00
C GLY F 205 60.66 -100.27 13.22
N ARG F 206 60.70 -100.26 11.88
CA ARG F 206 59.57 -100.51 10.98
C ARG F 206 59.42 -102.00 10.67
N MET F 207 59.14 -102.77 11.73
CA MET F 207 59.10 -104.23 11.68
C MET F 207 58.04 -104.76 10.70
N ASN F 208 56.90 -104.08 10.59
CA ASN F 208 55.82 -104.54 9.70
C ASN F 208 56.20 -104.41 8.22
N GLU F 209 56.87 -103.34 7.84
CA GLU F 209 57.33 -103.10 6.47
C GLU F 209 58.50 -104.02 6.11
N ALA F 210 59.44 -104.24 7.03
CA ALA F 210 60.49 -105.25 6.88
C ALA F 210 59.89 -106.65 6.62
N ARG F 211 58.85 -107.02 7.37
CA ARG F 211 58.13 -108.30 7.20
C ARG F 211 57.44 -108.41 5.84
N GLN F 212 56.88 -107.33 5.32
CA GLN F 212 56.29 -107.33 3.96
C GLN F 212 57.33 -107.59 2.87
N LEU F 213 58.54 -107.03 3.00
CA LEU F 213 59.65 -107.34 2.09
C LEU F 213 60.11 -108.79 2.25
N LEU F 214 60.28 -109.28 3.49
CA LEU F 214 60.65 -110.68 3.76
C LEU F 214 59.64 -111.70 3.21
N ALA F 215 58.35 -111.37 3.20
CA ALA F 215 57.32 -112.23 2.61
C ALA F 215 57.54 -112.46 1.11
N LYS F 216 58.15 -111.51 0.39
CA LYS F 216 58.53 -111.68 -1.02
C LYS F 216 59.66 -112.71 -1.16
N GLU F 217 60.67 -112.64 -0.29
CA GLU F 217 61.79 -113.58 -0.30
C GLU F 217 61.39 -115.01 0.11
N ALA F 218 60.41 -115.14 1.00
CA ALA F 218 59.86 -116.45 1.38
C ALA F 218 59.20 -117.20 0.20
N SER F 219 58.88 -116.50 -0.89
CA SER F 219 58.33 -117.09 -2.11
C SER F 219 59.38 -117.71 -3.02
N THR F 220 60.64 -117.26 -2.95
CA THR F 220 61.73 -117.58 -3.88
C THR F 220 62.23 -119.03 -3.76
N SER F 221 62.42 -119.54 -2.53
CA SER F 221 62.99 -120.88 -2.27
C SER F 221 62.41 -121.54 -1.01
N ALA F 222 62.38 -122.88 -0.97
CA ALA F 222 61.94 -123.64 0.20
C ALA F 222 62.88 -123.49 1.43
N SER F 223 64.20 -123.42 1.22
CA SER F 223 65.17 -123.21 2.32
C SER F 223 65.10 -121.79 2.88
N ALA F 224 64.98 -120.80 1.99
CA ALA F 224 64.73 -119.41 2.37
C ALA F 224 63.42 -119.28 3.15
N ARG F 225 62.36 -119.99 2.73
CA ARG F 225 61.05 -119.96 3.38
C ARG F 225 61.07 -120.39 4.86
N SER F 226 61.83 -121.42 5.23
CA SER F 226 61.93 -121.81 6.65
C SER F 226 62.63 -120.76 7.49
N MET F 227 63.74 -120.19 7.00
CA MET F 227 64.47 -119.13 7.71
C MET F 227 63.66 -117.82 7.76
N CYS F 228 63.04 -117.42 6.65
CA CYS F 228 62.14 -116.27 6.58
C CYS F 228 61.00 -116.37 7.59
N ARG F 229 60.44 -117.57 7.83
CA ARG F 229 59.39 -117.76 8.83
C ARG F 229 59.89 -117.51 10.24
N VAL F 230 61.10 -117.97 10.57
CA VAL F 230 61.70 -117.71 11.88
C VAL F 230 61.95 -116.21 12.04
N LEU F 231 62.58 -115.58 11.04
CA LEU F 231 62.86 -114.14 11.10
C LEU F 231 61.58 -113.28 11.12
N ASP F 232 60.56 -113.62 10.34
CA ASP F 232 59.24 -112.98 10.38
C ASP F 232 58.61 -113.08 11.77
N ASP F 233 58.71 -114.23 12.42
CA ASP F 233 58.18 -114.45 13.76
C ASP F 233 58.94 -113.62 14.82
N LEU F 234 60.27 -113.55 14.73
CA LEU F 234 61.09 -112.67 15.59
C LEU F 234 60.70 -111.20 15.43
N LEU F 235 60.56 -110.72 14.20
CA LEU F 235 60.14 -109.34 13.92
C LEU F 235 58.71 -109.05 14.38
N LYS F 236 57.80 -110.03 14.22
CA LYS F 236 56.40 -109.92 14.65
C LYS F 236 56.26 -109.88 16.17
N LYS F 237 57.07 -110.66 16.88
CA LYS F 237 57.04 -110.76 18.35
C LYS F 237 57.79 -109.64 19.05
N MET F 238 58.59 -108.85 18.32
CA MET F 238 59.39 -107.77 18.90
C MET F 238 58.50 -106.83 19.74
N PRO F 239 58.79 -106.67 21.04
CA PRO F 239 58.03 -105.78 21.89
C PRO F 239 58.23 -104.31 21.46
N MET F 240 57.12 -103.62 21.24
CA MET F 240 57.11 -102.18 20.96
C MET F 240 56.35 -101.44 22.05
N LEU F 241 56.87 -100.29 22.47
CA LEU F 241 56.18 -99.38 23.37
C LEU F 241 55.03 -98.68 22.63
N HIS F 242 53.91 -98.48 23.31
CA HIS F 242 52.73 -97.81 22.74
C HIS F 242 52.30 -96.64 23.62
N THR F 243 52.04 -95.49 23.01
CA THR F 243 51.54 -94.26 23.66
C THR F 243 50.08 -94.43 24.10
N GLY F 244 49.86 -95.19 25.18
CA GLY F 244 48.52 -95.45 25.73
C GLY F 244 48.33 -96.84 26.33
N GLY F 245 49.36 -97.70 26.32
CA GLY F 245 49.29 -99.00 26.97
C GLY F 245 49.30 -98.89 28.51
N THR F 246 48.63 -99.83 29.18
CA THR F 246 48.70 -99.98 30.65
C THR F 246 49.98 -100.70 31.11
N GLN F 247 50.84 -101.10 30.18
CA GLN F 247 52.06 -101.84 30.47
C GLN F 247 53.08 -100.96 31.18
N THR F 248 53.65 -101.48 32.27
CA THR F 248 54.73 -100.81 32.99
C THR F 248 56.06 -100.98 32.25
N LEU F 249 57.01 -100.04 32.42
CA LEU F 249 58.33 -100.15 31.80
C LEU F 249 59.08 -101.43 32.22
N THR F 250 58.87 -101.90 33.45
CA THR F 250 59.45 -103.15 33.94
C THR F 250 58.86 -104.38 33.27
N GLU F 251 57.54 -104.44 33.07
CA GLU F 251 56.90 -105.51 32.30
C GLU F 251 57.35 -105.51 30.83
N PHE F 252 57.56 -104.32 30.26
CA PHE F 252 58.09 -104.19 28.92
C PHE F 252 59.52 -104.73 28.84
N GLU F 253 60.40 -104.31 29.76
CA GLU F 253 61.80 -104.73 29.82
C GLU F 253 61.92 -106.26 29.92
N LEU F 254 61.10 -106.92 30.74
CA LEU F 254 61.08 -108.38 30.86
C LEU F 254 60.67 -109.08 29.55
N LYS F 255 59.63 -108.58 28.87
CA LYS F 255 59.23 -109.13 27.55
C LYS F 255 60.32 -108.91 26.51
N TRP F 256 60.95 -107.76 26.55
CA TRP F 256 62.03 -107.39 25.64
C TRP F 256 63.27 -108.26 25.84
N GLN F 257 63.67 -108.51 27.09
CA GLN F 257 64.76 -109.44 27.42
C GLN F 257 64.45 -110.87 26.94
N HIS F 258 63.24 -111.36 27.19
CA HIS F 258 62.84 -112.68 26.71
C HIS F 258 62.86 -112.82 25.18
N TRP F 259 62.37 -111.80 24.48
CA TRP F 259 62.45 -111.73 23.02
C TRP F 259 63.90 -111.71 22.52
N ARG F 260 64.77 -110.94 23.18
CA ARG F 260 66.20 -110.88 22.85
C ARG F 260 66.89 -112.24 23.05
N GLU F 261 66.59 -112.96 24.13
CA GLU F 261 67.07 -114.33 24.36
C GLU F 261 66.61 -115.30 23.26
N GLU F 262 65.40 -115.11 22.71
CA GLU F 262 64.89 -115.90 21.58
C GLU F 262 65.70 -115.62 20.30
N CYS F 263 65.97 -114.35 20.00
CA CYS F 263 66.85 -113.94 18.89
C CYS F 263 68.25 -114.55 19.05
N GLU F 264 68.84 -114.47 20.25
CA GLU F 264 70.19 -114.96 20.52
C GLU F 264 70.26 -116.50 20.37
N ARG F 265 69.25 -117.22 20.87
CA ARG F 265 69.15 -118.67 20.71
C ARG F 265 69.11 -119.09 19.24
N HIS F 266 68.37 -118.37 18.41
CA HIS F 266 68.32 -118.67 16.97
C HIS F 266 69.66 -118.44 16.28
N LEU F 267 70.39 -117.39 16.67
CA LEU F 267 71.72 -117.11 16.15
C LEU F 267 72.74 -118.18 16.59
N GLN F 268 72.77 -118.54 17.87
CA GLN F 268 73.67 -119.57 18.43
C GLN F 268 73.41 -120.96 17.82
N ASN F 269 72.15 -121.29 17.53
CA ASN F 269 71.78 -122.54 16.85
C ASN F 269 72.19 -122.57 15.37
N GLY F 270 72.76 -121.50 14.83
CA GLY F 270 73.15 -121.40 13.42
C GLY F 270 71.95 -121.40 12.47
N THR F 271 70.77 -120.97 12.93
CA THR F 271 69.51 -121.01 12.15
C THR F 271 69.64 -120.29 10.81
N PHE F 272 70.41 -119.19 10.77
CA PHE F 272 70.59 -118.32 9.61
C PHE F 272 71.92 -118.52 8.87
N SER F 273 72.73 -119.52 9.26
CA SER F 273 74.09 -119.75 8.72
C SER F 273 74.18 -119.92 7.20
N SER F 274 73.07 -120.26 6.54
CA SER F 274 73.00 -120.38 5.08
C SER F 274 72.64 -119.08 4.35
N ASN F 275 72.31 -118.00 5.07
CA ASN F 275 71.97 -116.70 4.51
C ASN F 275 72.57 -115.56 5.36
N VAL F 276 73.69 -115.02 4.89
CA VAL F 276 74.45 -113.93 5.54
C VAL F 276 73.59 -112.70 5.82
N HIS F 277 72.63 -112.38 4.95
CA HIS F 277 71.78 -111.21 5.15
C HIS F 277 70.76 -111.42 6.27
N MET F 278 70.13 -112.61 6.36
CA MET F 278 69.23 -112.93 7.47
C MET F 278 69.97 -112.99 8.81
N GLU F 279 71.19 -113.53 8.79
CA GLU F 279 72.07 -113.54 9.96
C GLU F 279 72.42 -112.11 10.40
N ALA F 280 72.79 -111.23 9.45
CA ALA F 280 73.05 -109.83 9.72
C ALA F 280 71.83 -109.11 10.33
N VAL F 281 70.63 -109.33 9.78
CA VAL F 281 69.39 -108.77 10.37
C VAL F 281 69.18 -109.28 11.80
N CYS F 282 69.39 -110.58 12.05
CA CYS F 282 69.28 -111.12 13.41
C CYS F 282 70.32 -110.52 14.38
N ARG F 283 71.55 -110.26 13.92
CA ARG F 283 72.59 -109.55 14.71
C ARG F 283 72.21 -108.09 14.97
N VAL F 284 71.59 -107.40 14.00
CA VAL F 284 71.01 -106.06 14.21
C VAL F 284 69.93 -106.09 15.30
N LEU F 285 69.03 -107.08 15.30
CA LEU F 285 68.00 -107.23 16.33
C LEU F 285 68.58 -107.44 17.74
N LEU F 286 69.79 -107.99 17.85
CA LEU F 286 70.52 -108.16 19.11
C LEU F 286 71.29 -106.90 19.54
N GLY F 287 71.28 -105.85 18.72
CA GLY F 287 72.03 -104.62 18.94
C GLY F 287 73.54 -104.81 18.80
N ASP F 288 73.98 -105.71 17.92
CA ASP F 288 75.41 -105.92 17.65
C ASP F 288 76.04 -104.65 17.06
N GLU F 289 76.91 -103.98 17.81
CA GLU F 289 77.50 -102.69 17.44
C GLU F 289 78.39 -102.78 16.19
N GLU F 290 79.09 -103.90 15.99
CA GLU F 290 79.93 -104.08 14.81
C GLU F 290 79.05 -104.11 13.55
N VAL F 291 77.96 -104.87 13.58
CA VAL F 291 77.03 -104.97 12.45
C VAL F 291 76.27 -103.67 12.22
N LEU F 292 75.88 -102.96 13.29
CA LEU F 292 75.26 -101.64 13.15
C LEU F 292 76.22 -100.66 12.45
N LEU F 293 77.50 -100.65 12.82
CA LEU F 293 78.52 -99.81 12.19
C LEU F 293 78.82 -100.23 10.73
N GLU F 294 78.81 -101.53 10.42
CA GLU F 294 78.89 -102.02 9.03
C GLU F 294 77.73 -101.49 8.17
N LYS F 295 76.59 -101.17 8.78
CA LYS F 295 75.39 -100.63 8.12
C LYS F 295 75.26 -99.11 8.24
N ARG F 296 76.33 -98.40 8.59
CA ARG F 296 76.37 -96.93 8.68
C ARG F 296 75.82 -96.22 7.45
N ASP F 297 76.08 -96.76 6.25
CA ASP F 297 75.69 -96.16 4.97
C ASP F 297 74.16 -96.15 4.78
N LEU F 298 73.52 -97.19 5.31
CA LEU F 298 72.04 -97.30 5.20
C LEU F 298 71.46 -96.11 5.95
N MET F 299 71.82 -96.01 7.23
CA MET F 299 71.39 -94.87 8.08
C MET F 299 72.00 -93.60 7.48
N THR F 300 73.30 -93.68 7.14
CA THR F 300 74.15 -92.60 6.53
C THR F 300 74.49 -91.48 7.52
N THR F 301 73.48 -90.78 8.06
CA THR F 301 73.70 -89.66 9.02
C THR F 301 74.31 -90.22 10.32
N TRP F 302 75.28 -89.48 10.89
CA TRP F 302 75.80 -89.80 12.25
C TRP F 302 74.63 -89.83 13.25
N TYR F 303 73.55 -89.10 12.94
CA TYR F 303 72.36 -89.07 13.77
C TYR F 303 71.37 -90.19 13.43
N HIS F 304 71.34 -90.68 12.19
CA HIS F 304 70.65 -91.94 11.88
C HIS F 304 71.36 -93.11 12.56
N PHE F 305 72.69 -93.16 12.47
CA PHE F 305 73.49 -94.15 13.19
C PHE F 305 73.26 -94.13 14.70
N LEU F 306 73.20 -92.94 15.32
CA LEU F 306 72.82 -92.76 16.72
C LEU F 306 71.48 -93.44 17.03
N VAL F 307 70.43 -93.11 16.27
CA VAL F 307 69.09 -93.65 16.54
C VAL F 307 69.02 -95.16 16.36
N SER F 308 69.72 -95.72 15.35
CA SER F 308 69.85 -97.17 15.20
C SER F 308 70.59 -97.81 16.37
N ARG F 309 71.67 -97.20 16.87
CA ARG F 309 72.36 -97.66 18.09
C ARG F 309 71.44 -97.64 19.31
N LEU F 310 70.67 -96.57 19.49
CA LEU F 310 69.71 -96.46 20.59
C LEU F 310 68.64 -97.56 20.48
N LEU F 311 68.12 -97.82 19.29
CA LEU F 311 67.13 -98.88 19.07
C LEU F 311 67.61 -100.28 19.46
N PHE F 312 68.86 -100.63 19.14
CA PHE F 312 69.40 -101.99 19.32
C PHE F 312 70.31 -102.17 20.54
N LYS F 313 70.67 -101.10 21.26
CA LYS F 313 71.45 -101.20 22.51
C LYS F 313 70.81 -100.55 23.71
N HIS F 314 70.05 -99.47 23.52
CA HIS F 314 69.46 -98.76 24.65
C HIS F 314 67.95 -98.54 24.48
N PRO F 315 67.04 -99.61 24.79
CA PRO F 315 65.39 -99.95 24.86
C PRO F 315 64.77 -98.83 25.70
N THR F 316 65.59 -98.28 26.60
CA THR F 316 65.23 -97.14 27.49
C THR F 316 66.22 -95.99 27.19
N VAL F 317 65.71 -94.78 26.98
CA VAL F 317 66.59 -93.62 26.64
C VAL F 317 66.52 -92.57 27.75
N LYS F 318 67.69 -92.10 28.21
CA LYS F 318 67.79 -91.06 29.28
C LYS F 318 68.31 -89.77 28.65
N PRO F 319 67.64 -88.62 28.81
CA PRO F 319 68.10 -87.37 28.19
C PRO F 319 69.47 -86.90 28.70
N THR F 320 69.72 -87.01 30.00
CA THR F 320 71.01 -86.57 30.60
C THR F 320 72.17 -87.22 29.84
N GLU F 321 72.24 -88.55 29.87
CA GLU F 321 73.30 -89.31 29.20
C GLU F 321 73.29 -89.16 27.70
N LEU F 322 72.22 -88.62 27.15
CA LEU F 322 72.12 -88.54 25.68
C LEU F 322 73.35 -87.90 25.04
N HIS F 323 73.87 -86.81 25.61
CA HIS F 323 75.05 -86.12 25.09
C HIS F 323 76.26 -87.05 24.94
N PHE F 324 76.52 -87.89 25.93
CA PHE F 324 77.63 -88.85 25.88
C PHE F 324 77.49 -89.82 24.69
N TYR F 325 76.30 -90.37 24.49
CA TYR F 325 76.05 -91.26 23.36
C TYR F 325 76.05 -90.52 22.02
N ALA F 326 75.57 -89.28 21.98
CA ALA F 326 75.55 -88.44 20.79
C ALA F 326 76.98 -88.13 20.32
N GLN F 327 77.84 -87.63 21.22
CA GLN F 327 79.24 -87.36 20.93
C GLN F 327 79.96 -88.63 20.46
N SER F 328 79.82 -89.73 21.20
CA SER F 328 80.40 -91.02 20.81
C SER F 328 79.92 -91.48 19.43
N SER F 329 78.64 -91.26 19.10
CA SER F 329 78.08 -91.67 17.81
C SER F 329 78.62 -90.81 16.67
N LEU F 330 78.74 -89.50 16.88
CA LEU F 330 79.36 -88.59 15.92
C LEU F 330 80.82 -88.98 15.65
N ASP F 331 81.62 -89.15 16.70
CA ASP F 331 83.04 -89.48 16.59
C ASP F 331 83.26 -90.81 15.84
N MET F 332 82.43 -91.83 16.13
CA MET F 332 82.50 -93.12 15.46
C MET F 332 82.04 -93.05 13.99
N PHE F 333 80.97 -92.30 13.71
CA PHE F 333 80.40 -92.19 12.37
C PHE F 333 81.28 -91.35 11.44
N LEU F 334 81.87 -90.29 11.98
CA LEU F 334 82.79 -89.47 11.21
C LEU F 334 84.17 -89.89 11.65
N ALA F 335 84.46 -91.19 11.57
CA ALA F 335 85.76 -91.70 12.00
C ALA F 335 86.92 -91.15 11.19
N GLY F 336 86.65 -90.66 9.99
CA GLY F 336 87.69 -90.10 9.15
C GLY F 336 88.06 -88.68 9.53
N ASP F 337 88.54 -87.91 8.56
CA ASP F 337 88.96 -86.54 8.83
C ASP F 337 87.80 -85.55 8.76
N SER F 338 86.57 -86.05 8.78
CA SER F 338 85.39 -85.18 8.69
C SER F 338 85.36 -84.18 9.83
N CYS F 339 85.32 -82.89 9.49
CA CYS F 339 85.28 -81.85 10.50
C CYS F 339 83.86 -81.59 10.95
N PRO F 340 83.65 -81.49 12.27
CA PRO F 340 82.32 -81.14 12.79
C PRO F 340 81.78 -79.88 12.15
N GLU F 341 80.63 -79.98 11.50
CA GLU F 341 80.02 -78.84 10.84
C GLU F 341 79.45 -77.86 11.85
N PRO F 342 79.24 -76.60 11.43
CA PRO F 342 78.59 -75.68 12.37
C PRO F 342 77.22 -76.19 12.88
N LEU F 343 76.50 -76.95 12.06
CA LEU F 343 75.26 -77.62 12.47
C LEU F 343 75.49 -78.66 13.58
N ASP F 344 76.62 -79.36 13.57
CA ASP F 344 76.95 -80.36 14.59
C ASP F 344 77.13 -79.70 15.95
N ASN F 345 77.80 -78.55 16.00
CA ASN F 345 77.97 -77.76 17.23
C ASN F 345 76.62 -77.31 17.80
N ILE F 346 75.69 -76.89 16.93
CA ILE F 346 74.32 -76.52 17.32
C ILE F 346 73.58 -77.71 17.92
N LEU F 347 73.63 -78.87 17.27
CA LEU F 347 72.93 -80.07 17.74
C LEU F 347 73.53 -80.60 19.04
N LEU F 348 74.86 -80.59 19.17
CA LEU F 348 75.54 -80.96 20.41
C LEU F 348 75.15 -80.04 21.57
N ALA F 349 75.13 -78.73 21.35
CA ALA F 349 74.69 -77.76 22.36
C ALA F 349 73.24 -78.02 22.78
N ALA F 350 72.36 -78.37 21.84
CA ALA F 350 70.99 -78.75 22.14
C ALA F 350 70.93 -80.03 23.00
N PHE F 351 71.72 -81.06 22.70
CA PHE F 351 71.83 -82.27 23.50
C PHE F 351 72.47 -82.05 24.88
N GLU F 352 73.32 -81.04 25.02
CA GLU F 352 73.87 -80.56 26.30
C GLU F 352 72.86 -79.75 27.13
N PHE F 353 71.70 -79.42 26.55
CA PHE F 353 70.71 -78.53 27.14
C PHE F 353 71.22 -77.10 27.35
N ASP F 354 72.25 -76.67 26.60
CA ASP F 354 72.74 -75.30 26.61
C ASP F 354 72.04 -74.45 25.54
N ILE F 355 70.90 -73.88 25.93
CA ILE F 355 70.09 -73.01 25.06
C ILE F 355 70.89 -71.77 24.62
N HIS F 356 71.76 -71.23 25.49
CA HIS F 356 72.53 -70.04 25.16
C HIS F 356 73.55 -70.33 24.07
N GLN F 357 74.21 -71.49 24.15
CA GLN F 357 75.14 -71.93 23.12
C GLN F 357 74.42 -72.26 21.79
N VAL F 358 73.23 -72.87 21.82
CA VAL F 358 72.41 -73.06 20.60
C VAL F 358 72.12 -71.73 19.91
N ILE F 359 71.68 -70.73 20.68
CA ILE F 359 71.37 -69.39 20.16
C ILE F 359 72.63 -68.71 19.61
N LYS F 360 73.76 -68.81 20.33
CA LYS F 360 75.04 -68.22 19.91
C LYS F 360 75.52 -68.81 18.60
N GLU F 361 75.59 -70.13 18.47
CA GLU F 361 76.06 -70.81 17.26
C GLU F 361 75.16 -70.49 16.06
N PHE F 362 73.83 -70.50 16.24
CA PHE F 362 72.93 -70.09 15.16
C PHE F 362 73.06 -68.62 14.78
N SER F 363 73.36 -67.73 15.73
CA SER F 363 73.58 -66.31 15.44
C SER F 363 74.85 -66.07 14.61
N ILE F 364 75.81 -66.98 14.68
CA ILE F 364 77.00 -66.85 13.87
C ILE F 364 76.62 -67.21 12.44
N VAL F 365 75.91 -68.31 12.27
CA VAL F 365 75.54 -68.78 10.93
C VAL F 365 74.49 -67.93 10.23
N SER F 366 73.41 -67.58 10.93
CA SER F 366 72.31 -66.87 10.27
C SER F 366 72.17 -65.39 10.63
N SER F 367 71.92 -64.55 9.63
CA SER F 367 71.70 -63.13 9.87
C SER F 367 70.23 -62.87 10.14
N ASN F 368 69.37 -63.53 9.38
CA ASN F 368 67.94 -63.56 9.67
C ASN F 368 67.74 -64.15 11.04
N TRP F 369 67.03 -63.41 11.88
CA TRP F 369 66.81 -63.86 13.24
C TRP F 369 65.38 -64.27 13.51
N TRP F 370 64.56 -64.46 12.49
CA TRP F 370 63.20 -64.92 12.70
C TRP F 370 63.25 -66.14 13.58
N PHE F 371 63.99 -67.15 13.13
CA PHE F 371 64.14 -68.38 13.88
C PHE F 371 64.48 -68.09 15.31
N VAL F 372 65.60 -67.40 15.53
CA VAL F 372 66.05 -67.16 16.89
C VAL F 372 64.98 -66.53 17.75
N ALA F 373 64.38 -65.44 17.30
CA ALA F 373 63.40 -64.73 18.10
C ALA F 373 62.21 -65.59 18.44
N HIS F 374 61.68 -66.30 17.46
CA HIS F 374 60.50 -67.09 17.71
C HIS F 374 60.83 -68.22 18.71
N LEU F 375 62.00 -68.81 18.55
CA LEU F 375 62.39 -69.90 19.44
C LEU F 375 62.49 -69.36 20.84
N THR F 376 63.08 -68.18 20.97
CA THR F 376 63.22 -67.56 22.27
C THR F 376 61.85 -67.37 22.90
N ASP F 377 60.92 -66.79 22.15
CA ASP F 377 59.58 -66.57 22.67
C ASP F 377 58.98 -67.87 23.18
N LEU F 378 59.06 -68.91 22.35
CA LEU F 378 58.48 -70.19 22.72
C LEU F 378 59.08 -70.78 23.99
N LEU F 379 60.41 -70.70 24.13
CA LEU F 379 61.04 -71.32 25.29
C LEU F 379 60.84 -70.45 26.53
N ASP F 380 60.58 -69.16 26.33
CA ASP F 380 60.28 -68.28 27.45
C ASP F 380 58.92 -68.70 27.95
N HIS F 381 58.02 -68.99 27.01
CA HIS F 381 56.72 -69.51 27.42
C HIS F 381 56.89 -70.82 28.18
N CYS F 382 57.81 -71.69 27.72
CA CYS F 382 58.05 -72.97 28.40
C CYS F 382 58.60 -72.81 29.81
N GLN F 383 59.17 -71.66 30.14
CA GLN F 383 59.72 -71.31 31.48
C GLN F 383 61.09 -71.99 31.70
N LEU F 384 62.07 -71.61 30.89
CA LEU F 384 63.40 -72.17 31.07
C LEU F 384 64.18 -71.30 32.05
N PHE F 385 64.38 -71.81 33.26
CA PHE F 385 65.09 -71.05 34.29
C PHE F 385 66.54 -70.79 33.90
N GLN F 386 67.16 -71.74 33.19
CA GLN F 386 68.57 -71.58 32.85
C GLN F 386 69.10 -72.53 31.79
N ALA F 387 69.99 -72.04 30.95
CA ALA F 387 70.62 -72.89 29.95
C ALA F 387 72.11 -72.78 30.18
N HIS F 388 72.57 -71.61 30.60
CA HIS F 388 73.99 -71.39 30.89
C HIS F 388 74.15 -70.35 32.01
N ASN F 389 73.90 -69.08 31.68
CA ASN F 389 74.09 -68.00 32.66
C ASN F 389 73.33 -66.71 32.38
N LEU F 390 72.53 -66.66 31.32
CA LEU F 390 71.81 -65.43 30.92
C LEU F 390 72.73 -64.21 30.98
N TYR F 391 73.75 -64.18 30.12
CA TYR F 391 74.71 -63.08 30.15
C TYR F 391 74.09 -61.70 30.00
N PHE F 392 73.09 -61.56 29.14
CA PHE F 392 72.40 -60.29 28.95
C PHE F 392 71.71 -59.85 30.24
N GLY F 393 71.19 -60.80 31.02
CA GLY F 393 70.48 -60.46 32.24
C GLY F 393 69.04 -60.18 31.91
N ALA F 394 68.79 -59.15 31.11
CA ALA F 394 67.43 -58.87 30.66
C ALA F 394 67.05 -59.96 29.67
N ASN F 395 65.76 -60.11 29.40
CA ASN F 395 65.35 -61.11 28.45
C ASN F 395 65.95 -60.79 27.09
N MET F 396 66.82 -61.67 26.61
CA MET F 396 67.40 -61.48 25.28
C MET F 396 66.25 -61.44 24.30
N ARG F 397 65.07 -61.89 24.74
CA ARG F 397 63.88 -61.83 23.88
C ARG F 397 63.59 -60.41 23.36
N GLU F 398 63.55 -59.41 24.24
CA GLU F 398 63.20 -58.05 23.85
C GLU F 398 64.26 -57.47 22.90
N PHE F 399 65.54 -57.64 23.19
CA PHE F 399 66.63 -57.22 22.29
C PHE F 399 66.44 -57.74 20.86
N LEU F 400 66.28 -59.06 20.70
CA LEU F 400 66.15 -59.69 19.38
C LEU F 400 64.85 -59.28 18.67
N LEU F 401 63.75 -59.11 19.40
CA LEU F 401 62.49 -58.62 18.85
C LEU F 401 62.61 -57.16 18.40
N LEU F 402 63.33 -56.31 19.15
CA LEU F 402 63.56 -54.91 18.78
C LEU F 402 64.35 -54.81 17.47
N ASP F 403 65.43 -55.58 17.32
CA ASP F 403 66.25 -55.56 16.11
C ASP F 403 65.49 -56.13 14.90
N TYR F 404 64.78 -57.25 15.08
CA TYR F 404 63.94 -57.81 14.03
C TYR F 404 62.83 -56.83 13.59
N ALA F 405 62.11 -56.24 14.54
CA ALA F 405 61.08 -55.25 14.24
C ALA F 405 61.65 -54.02 13.53
N SER F 406 62.81 -53.52 13.98
CA SER F 406 63.52 -52.41 13.33
C SER F 406 63.88 -52.76 11.88
N GLY F 407 64.33 -53.99 11.62
CA GLY F 407 64.54 -54.52 10.27
C GLY F 407 63.28 -54.45 9.40
N LEU F 408 62.10 -54.80 9.93
CA LEU F 408 60.82 -54.70 9.20
C LEU F 408 60.43 -53.26 8.83
N PHE F 409 60.82 -52.27 9.64
CA PHE F 409 60.55 -50.85 9.38
C PHE F 409 61.30 -50.29 8.18
N SER F 410 62.40 -50.95 7.79
CA SER F 410 63.18 -50.54 6.60
C SER F 410 62.34 -50.80 5.34
N HIS F 411 61.69 -51.97 5.27
CA HIS F 411 60.85 -52.34 4.10
C HIS F 411 59.65 -51.38 3.99
N HIS F 412 59.34 -50.97 2.75
CA HIS F 412 58.23 -50.02 2.47
C HIS F 412 56.86 -50.63 2.83
N SER F 413 56.66 -51.92 2.50
CA SER F 413 55.35 -52.59 2.76
C SER F 413 55.35 -53.28 4.13
N LEU F 414 56.03 -54.43 4.23
CA LEU F 414 56.15 -55.22 5.46
C LEU F 414 56.31 -54.35 6.71
N TRP F 415 56.64 -53.07 6.56
CA TRP F 415 56.76 -52.13 7.69
C TRP F 415 55.56 -52.12 8.64
N GLN F 416 54.39 -52.63 8.26
CA GLN F 416 53.29 -52.75 9.27
C GLN F 416 53.49 -53.84 10.37
N LEU F 417 54.15 -54.94 10.01
CA LEU F 417 54.43 -55.98 11.01
C LEU F 417 55.49 -55.50 11.97
N GLY F 418 56.38 -54.64 11.48
CA GLY F 418 57.37 -54.07 12.34
C GLY F 418 56.61 -53.29 13.38
N VAL F 419 55.63 -52.50 12.96
CA VAL F 419 54.78 -51.75 13.88
C VAL F 419 54.23 -52.69 14.92
N ASP F 420 53.59 -53.77 14.48
CA ASP F 420 53.11 -54.77 15.45
C ASP F 420 54.15 -55.22 16.51
N TYR F 421 55.32 -55.68 16.08
CA TYR F 421 56.34 -56.15 17.05
C TYR F 421 56.90 -55.05 17.96
N PHE F 422 57.01 -53.84 17.44
CA PHE F 422 57.46 -52.72 18.27
C PHE F 422 56.42 -52.48 19.33
N ASP F 423 55.14 -52.48 18.96
CA ASP F 423 54.09 -52.36 19.94
C ASP F 423 54.29 -53.38 21.00
N TYR F 424 54.61 -54.61 20.54
CA TYR F 424 54.86 -55.86 21.32
C TYR F 424 55.42 -55.59 22.72
N CYS F 425 56.56 -54.90 22.82
CA CYS F 425 57.14 -54.56 24.15
C CYS F 425 56.78 -53.11 24.45
N PRO F 426 55.97 -52.81 25.49
CA PRO F 426 55.58 -51.43 25.75
C PRO F 426 56.70 -50.44 26.13
N ASN F 427 57.59 -50.82 27.06
CA ASN F 427 58.67 -49.88 27.46
C ASN F 427 59.66 -49.67 26.31
N LEU F 428 60.08 -50.76 25.67
CA LEU F 428 61.05 -50.73 24.54
C LEU F 428 60.43 -50.09 23.29
N GLY F 429 59.16 -50.42 23.01
CA GLY F 429 58.50 -49.96 21.78
C GLY F 429 57.77 -48.64 21.87
N ARG F 430 57.70 -48.02 23.05
CA ARG F 430 57.03 -46.70 23.14
C ARG F 430 57.93 -45.68 22.43
N GLU F 431 58.66 -46.14 21.41
CA GLU F 431 59.63 -45.28 20.69
C GLU F 431 59.58 -45.62 19.20
N TYR F 432 59.46 -46.90 18.86
CA TYR F 432 59.44 -47.37 17.45
C TYR F 432 58.21 -46.80 16.74
N LEU F 433 57.06 -46.82 17.40
CA LEU F 433 55.78 -46.31 16.85
C LEU F 433 55.94 -44.80 16.65
N LYS F 434 56.57 -44.15 17.64
CA LYS F 434 56.78 -42.68 17.53
C LYS F 434 57.66 -42.42 16.30
N LEU F 435 58.72 -43.22 16.12
CA LEU F 435 59.67 -43.09 14.98
C LEU F 435 58.94 -43.33 13.66
N HIS F 436 58.06 -44.33 13.61
CA HIS F 436 57.30 -44.67 12.37
C HIS F 436 56.39 -43.48 12.01
N MET F 437 55.74 -42.89 13.03
CA MET F 437 54.86 -41.72 12.80
C MET F 437 55.73 -40.55 12.34
N GLU F 438 56.90 -40.43 12.95
CA GLU F 438 57.89 -39.35 12.72
C GLU F 438 58.64 -39.55 11.41
N ARG F 439 58.86 -40.80 10.95
CA ARG F 439 59.60 -40.80 9.67
C ARG F 439 58.90 -41.39 8.41
N ILE F 440 57.70 -41.98 8.54
CA ILE F 440 57.02 -42.65 7.42
C ILE F 440 56.80 -41.64 6.27
N PRO F 441 57.24 -41.94 5.03
CA PRO F 441 56.93 -41.11 3.88
C PRO F 441 55.43 -41.13 3.56
N LEU F 442 54.77 -39.99 3.72
CA LEU F 442 53.35 -39.91 3.37
C LEU F 442 53.20 -39.35 1.96
N SER F 443 52.60 -40.14 1.06
CA SER F 443 52.39 -39.69 -0.31
C SER F 443 50.92 -39.40 -0.59
N THR F 444 50.12 -40.44 -0.81
CA THR F 444 48.69 -40.25 -1.04
C THR F 444 47.97 -39.94 0.24
N GLU F 445 46.79 -39.33 0.13
CA GLU F 445 46.01 -39.00 1.32
C GLU F 445 45.65 -40.24 2.12
N LYS F 446 45.46 -41.37 1.43
CA LYS F 446 45.13 -42.62 2.11
C LYS F 446 46.24 -43.18 2.99
N LYS F 447 47.47 -43.20 2.48
CA LYS F 447 48.60 -43.70 3.25
C LYS F 447 48.75 -42.83 4.48
N ALA F 448 48.64 -41.52 4.26
CA ALA F 448 48.74 -40.59 5.37
C ALA F 448 47.65 -40.88 6.37
N LEU F 449 46.41 -41.07 5.92
CA LEU F 449 45.31 -41.38 6.82
C LEU F 449 45.60 -42.61 7.66
N LYS F 450 46.11 -43.67 7.03
CA LYS F 450 46.46 -44.88 7.77
C LYS F 450 47.49 -44.61 8.85
N ALA F 451 48.56 -43.92 8.46
CA ALA F 451 49.60 -43.63 9.43
C ALA F 451 48.97 -42.88 10.58
N LEU F 452 48.12 -41.90 10.28
CA LEU F 452 47.49 -41.10 11.30
C LEU F 452 46.71 -41.96 12.26
N ARG F 453 45.81 -42.79 11.75
CA ARG F 453 45.07 -43.69 12.60
C ARG F 453 46.01 -44.44 13.54
N ILE F 454 47.00 -45.14 12.97
CA ILE F 454 47.87 -45.94 13.85
C ILE F 454 48.49 -45.08 14.96
N CYS F 455 49.07 -43.95 14.55
CA CYS F 455 49.71 -43.07 15.51
C CYS F 455 48.76 -42.65 16.60
N GLU F 456 47.61 -42.11 16.25
CA GLU F 456 46.65 -41.63 17.24
C GLU F 456 46.27 -42.72 18.21
N GLN F 457 46.05 -43.93 17.72
CA GLN F 457 45.60 -45.03 18.57
C GLN F 457 46.48 -45.28 19.80
N ARG F 458 47.79 -45.09 19.67
CA ARG F 458 48.69 -45.31 20.79
C ARG F 458 49.02 -44.03 21.54
N GLN F 459 48.11 -43.05 21.49
CA GLN F 459 48.30 -41.78 22.19
C GLN F 459 49.63 -41.12 21.84
N MET F 460 49.99 -41.13 20.56
CA MET F 460 51.24 -40.51 20.13
C MET F 460 50.93 -39.15 19.52
N THR F 461 50.82 -38.11 20.35
CA THR F 461 50.41 -36.78 19.85
C THR F 461 51.38 -36.03 18.94
N GLU F 462 52.66 -36.01 19.27
CA GLU F 462 53.63 -35.26 18.48
C GLU F 462 53.68 -35.77 17.06
N GLN F 463 53.62 -37.09 16.92
CA GLN F 463 53.65 -37.71 15.60
C GLN F 463 52.50 -37.19 14.78
N VAL F 464 51.31 -37.25 15.36
CA VAL F 464 50.12 -36.75 14.68
C VAL F 464 50.31 -35.31 14.26
N ARG F 465 50.76 -34.47 15.18
CA ARG F 465 50.93 -33.06 14.86
C ARG F 465 51.84 -32.90 13.65
N SER F 466 53.01 -33.52 13.68
CA SER F 466 53.95 -33.41 12.57
C SER F 466 53.30 -33.84 11.25
N ILE F 467 52.66 -35.00 11.27
CA ILE F 467 52.01 -35.50 10.06
C ILE F 467 51.00 -34.49 9.51
N CYS F 468 50.11 -33.99 10.37
CA CYS F 468 49.10 -33.05 9.93
C CYS F 468 49.75 -31.83 9.32
N LYS F 469 50.75 -31.29 9.99
CA LYS F 469 51.42 -30.09 9.49
C LYS F 469 51.98 -30.34 8.10
N THR F 470 52.70 -31.44 7.94
CA THR F 470 53.28 -31.75 6.64
C THR F 470 52.19 -31.81 5.57
N MET F 471 51.12 -32.54 5.85
CA MET F 471 50.04 -32.68 4.88
C MET F 471 49.48 -31.33 4.49
N ALA F 472 49.19 -30.49 5.48
CA ALA F 472 48.61 -29.19 5.20
C ALA F 472 49.54 -28.31 4.37
N MET F 473 50.84 -28.32 4.66
CA MET F 473 51.79 -27.56 3.84
C MET F 473 51.82 -28.07 2.40
N GLN F 474 51.81 -29.39 2.25
CA GLN F 474 51.78 -29.95 0.91
C GLN F 474 50.55 -29.45 0.17
N SER F 475 49.40 -29.44 0.85
CA SER F 475 48.16 -28.99 0.23
C SER F 475 48.26 -27.52 -0.16
N LEU F 476 48.85 -26.70 0.71
CA LEU F 476 48.93 -25.27 0.44
C LEU F 476 49.65 -24.92 -0.84
N CYS F 477 50.79 -25.58 -1.08
CA CYS F 477 51.58 -25.37 -2.33
C CYS F 477 50.81 -25.95 -3.52
N ASN F 478 49.72 -26.69 -3.23
CA ASN F 478 48.84 -27.29 -4.26
C ASN F 478 47.68 -26.32 -4.57
N ARG F 479 47.68 -25.15 -3.91
CA ARG F 479 46.65 -24.09 -4.07
C ARG F 479 45.26 -24.61 -3.72
N ARG F 480 45.16 -25.48 -2.71
CA ARG F 480 43.83 -26.01 -2.27
C ARG F 480 43.55 -25.50 -0.85
N LEU F 481 42.57 -24.62 -0.70
CA LEU F 481 42.18 -24.06 0.62
C LEU F 481 41.60 -25.17 1.50
N GLY F 482 40.78 -26.04 0.93
CA GLY F 482 40.10 -27.11 1.66
C GLY F 482 41.03 -28.11 2.31
N SER F 483 41.80 -28.85 1.52
CA SER F 483 42.68 -29.89 2.06
C SER F 483 43.58 -29.36 3.19
N ALA F 484 44.18 -28.17 3.00
CA ALA F 484 45.01 -27.54 4.03
C ALA F 484 44.23 -27.28 5.33
N LEU F 485 43.01 -26.77 5.23
CA LEU F 485 42.15 -26.50 6.37
C LEU F 485 41.77 -27.78 7.11
N SER F 486 41.35 -28.81 6.38
CA SER F 486 41.01 -30.13 6.96
C SER F 486 42.19 -30.72 7.76
N TRP F 487 43.39 -30.67 7.19
CA TRP F 487 44.60 -31.13 7.88
C TRP F 487 44.96 -30.25 9.09
N SER F 488 44.78 -28.93 9.03
CA SER F 488 45.02 -28.04 10.18
C SER F 488 44.06 -28.29 11.35
N ILE F 489 42.80 -28.60 11.04
CA ILE F 489 41.77 -28.94 12.02
C ILE F 489 42.15 -30.25 12.71
N ARG F 490 42.56 -31.25 11.94
CA ARG F 490 43.02 -32.49 12.56
C ARG F 490 44.08 -32.26 13.64
N ALA F 491 44.97 -31.28 13.43
CA ALA F 491 46.04 -31.00 14.41
C ALA F 491 45.69 -29.93 15.43
N LYS F 492 44.57 -29.23 15.25
CA LYS F 492 44.17 -28.15 16.15
C LYS F 492 45.26 -27.08 16.34
N ASP F 493 45.69 -26.46 15.24
CA ASP F 493 46.70 -25.41 15.32
C ASP F 493 46.09 -24.03 15.08
N ALA F 494 46.28 -23.13 16.04
CA ALA F 494 45.78 -21.77 15.88
C ALA F 494 46.54 -21.05 14.78
N ALA F 495 47.86 -21.17 14.75
CA ALA F 495 48.67 -20.43 13.77
C ALA F 495 48.33 -20.74 12.31
N PHE F 496 48.27 -22.02 11.99
CA PHE F 496 47.95 -22.40 10.61
C PHE F 496 46.55 -21.94 10.25
N ALA F 497 45.63 -22.05 11.22
CA ALA F 497 44.26 -21.61 10.98
C ALA F 497 44.28 -20.14 10.62
N THR F 498 45.00 -19.34 11.41
CA THR F 498 45.11 -17.91 11.15
C THR F 498 45.65 -17.65 9.76
N LEU F 499 46.75 -18.33 9.39
CA LEU F 499 47.32 -18.17 8.06
C LEU F 499 46.29 -18.44 6.95
N ILE F 500 45.58 -19.55 7.06
CA ILE F 500 44.60 -19.90 6.03
C ILE F 500 43.49 -18.87 5.96
N SER F 501 43.03 -18.40 7.12
CA SER F 501 41.98 -17.39 7.16
C SER F 501 42.45 -16.13 6.48
N ASP F 502 43.69 -15.73 6.72
CA ASP F 502 44.25 -14.56 6.06
C ASP F 502 44.28 -14.74 4.55
N ARG F 503 44.73 -15.90 4.09
CA ARG F 503 44.71 -16.15 2.65
C ARG F 503 43.30 -15.98 2.11
N PHE F 504 42.31 -16.56 2.79
CA PHE F 504 40.92 -16.44 2.35
C PHE F 504 40.45 -14.99 2.28
N LEU F 505 40.78 -14.21 3.30
CA LEU F 505 40.39 -12.80 3.32
C LEU F 505 41.01 -12.06 2.17
N LYS F 506 42.29 -12.31 1.89
CA LYS F 506 42.94 -11.68 0.76
C LYS F 506 42.20 -12.01 -0.52
N GLU F 507 41.87 -13.29 -0.68
CA GLU F 507 41.15 -13.71 -1.87
C GLU F 507 39.81 -12.98 -2.00
N TYR F 508 39.06 -12.86 -0.90
CA TYR F 508 37.80 -12.14 -0.94
C TYR F 508 38.00 -10.71 -1.37
N CYS F 509 38.97 -10.04 -0.75
CA CYS F 509 39.24 -8.66 -1.08
C CYS F 509 39.50 -8.51 -2.57
N GLU F 510 40.25 -9.44 -3.15
CA GLU F 510 40.55 -9.39 -4.58
C GLU F 510 39.31 -9.64 -5.44
N ARG F 511 38.78 -10.86 -5.39
CA ARG F 511 37.64 -11.22 -6.23
C ARG F 511 36.39 -10.39 -5.93
N GLY F 512 36.12 -10.15 -4.66
CA GLY F 512 34.91 -9.45 -4.27
C GLY F 512 33.87 -10.44 -3.81
N ASN F 513 34.09 -11.71 -4.12
CA ASN F 513 33.20 -12.79 -3.74
C ASN F 513 33.94 -13.84 -2.94
N PHE F 514 33.26 -14.44 -1.97
CA PHE F 514 33.87 -15.50 -1.16
C PHE F 514 33.88 -16.83 -1.88
N THR F 515 34.96 -17.59 -1.71
CA THR F 515 35.04 -18.92 -2.32
C THR F 515 34.72 -20.00 -1.28
N ASP F 516 34.37 -21.20 -1.74
CA ASP F 516 34.07 -22.31 -0.83
C ASP F 516 33.07 -21.88 0.25
N LEU F 517 32.02 -21.19 -0.16
CA LEU F 517 31.01 -20.70 0.81
C LEU F 517 30.51 -21.78 1.78
N ASP F 518 30.18 -22.97 1.25
CA ASP F 518 29.60 -24.08 2.01
C ASP F 518 30.50 -24.58 3.15
N LEU F 519 31.83 -24.50 2.98
CA LEU F 519 32.76 -24.94 4.01
C LEU F 519 32.78 -23.97 5.20
N ILE F 520 32.81 -22.67 4.92
CA ILE F 520 32.85 -21.63 5.96
C ILE F 520 31.54 -21.64 6.76
N ASP F 521 30.41 -21.85 6.08
CA ASP F 521 29.08 -21.95 6.71
C ASP F 521 28.97 -23.14 7.68
N ASN F 522 29.78 -24.20 7.49
CA ASN F 522 29.76 -25.44 8.29
C ASN F 522 30.95 -25.59 9.24
N LEU F 523 31.69 -24.51 9.57
CA LEU F 523 32.84 -24.59 10.48
C LEU F 523 32.45 -25.04 11.91
N GLY F 524 31.25 -24.69 12.38
CA GLY F 524 30.77 -25.05 13.71
C GLY F 524 31.76 -24.65 14.82
N SER F 525 32.09 -25.59 15.72
CA SER F 525 33.05 -25.36 16.81
C SER F 525 34.51 -25.22 16.33
N ALA F 526 34.83 -25.66 15.11
CA ALA F 526 36.19 -25.51 14.56
C ALA F 526 36.55 -24.05 14.29
N MET F 527 35.56 -23.16 14.20
CA MET F 527 35.75 -21.72 14.07
C MET F 527 36.62 -21.14 15.21
N LEU F 528 36.46 -21.67 16.41
CA LEU F 528 37.20 -21.14 17.57
C LEU F 528 38.66 -21.59 17.64
N LEU F 529 39.16 -22.20 16.57
CA LEU F 529 40.55 -22.62 16.55
C LEU F 529 41.47 -21.42 16.63
N SER F 530 41.17 -20.40 15.83
CA SER F 530 41.95 -19.17 15.84
C SER F 530 41.06 -17.94 15.64
N ASP F 531 41.55 -16.80 16.12
CA ASP F 531 40.78 -15.57 15.98
C ASP F 531 40.50 -15.23 14.53
N ARG F 532 41.48 -15.40 13.65
CA ARG F 532 41.29 -15.05 12.26
C ARG F 532 40.19 -15.91 11.65
N LEU F 533 40.19 -17.21 11.97
CA LEU F 533 39.15 -18.11 11.47
C LEU F 533 37.80 -17.65 11.98
N THR F 534 37.74 -17.33 13.27
CA THR F 534 36.50 -16.83 13.84
C THR F 534 36.00 -15.65 13.01
N PHE F 535 36.87 -14.68 12.79
CA PHE F 535 36.47 -13.50 12.03
C PHE F 535 35.95 -13.87 10.66
N LEU F 536 36.70 -14.68 9.91
CA LEU F 536 36.27 -15.08 8.59
C LEU F 536 34.85 -15.62 8.65
N GLY F 537 34.64 -16.60 9.51
CA GLY F 537 33.32 -17.21 9.59
C GLY F 537 32.23 -16.20 9.89
N LYS F 538 32.45 -15.39 10.91
CA LYS F 538 31.42 -14.42 11.29
C LYS F 538 31.12 -13.42 10.19
N TYR F 539 32.14 -12.98 9.45
CA TYR F 539 31.95 -12.04 8.35
C TYR F 539 31.15 -12.67 7.23
N ARG F 540 31.47 -13.93 6.91
CA ARG F 540 30.67 -14.63 5.91
C ARG F 540 29.22 -14.68 6.36
N GLU F 541 29.01 -14.97 7.64
CA GLU F 541 27.65 -15.04 8.17
C GLU F 541 26.95 -13.71 8.01
N PHE F 542 27.64 -12.61 8.34
CA PHE F 542 27.07 -11.27 8.20
C PHE F 542 26.66 -11.05 6.77
N HIS F 543 27.54 -11.34 5.82
CA HIS F 543 27.22 -11.16 4.42
C HIS F 543 25.94 -11.89 4.09
N ARG F 544 25.89 -13.16 4.43
CA ARG F 544 24.69 -13.96 4.12
C ARG F 544 23.45 -13.30 4.68
N MET F 545 23.46 -13.01 5.99
CA MET F 545 22.30 -12.41 6.62
C MET F 545 21.86 -11.20 5.85
N TYR F 546 22.77 -10.26 5.62
CA TYR F 546 22.44 -9.02 4.93
C TYR F 546 21.80 -9.27 3.58
N SER F 547 22.46 -10.06 2.74
CA SER F 547 21.96 -10.33 1.38
C SER F 547 20.56 -10.87 1.47
N GLN F 548 20.29 -11.76 2.40
CA GLN F 548 18.96 -12.33 2.56
C GLN F 548 17.92 -11.26 2.87
N GLU F 549 17.74 -10.95 4.14
CA GLU F 549 16.78 -9.92 4.54
C GLU F 549 17.05 -9.57 5.99
N GLN F 550 17.99 -10.28 6.62
CA GLN F 550 18.27 -10.06 8.03
C GLN F 550 19.23 -8.91 8.21
N PHE F 551 18.88 -7.75 7.64
CA PHE F 551 19.75 -6.59 7.71
C PHE F 551 20.12 -6.24 9.14
N SER F 552 19.14 -6.19 10.04
CA SER F 552 19.39 -5.83 11.43
C SER F 552 20.40 -6.78 12.08
N GLU F 553 20.17 -8.07 11.90
CA GLU F 553 21.07 -9.06 12.49
C GLU F 553 22.47 -8.88 11.94
N ALA F 554 22.57 -8.70 10.63
CA ALA F 554 23.89 -8.51 10.01
C ALA F 554 24.59 -7.32 10.62
N ALA F 555 23.87 -6.21 10.77
CA ALA F 555 24.46 -5.00 11.34
C ALA F 555 24.94 -5.23 12.77
N SER F 556 24.13 -5.89 13.58
CA SER F 556 24.53 -6.16 14.96
C SER F 556 25.80 -7.01 14.96
N LEU F 557 25.85 -8.02 14.10
CA LEU F 557 27.03 -8.87 14.03
C LEU F 557 28.27 -8.06 13.64
N LEU F 558 28.14 -7.18 12.66
CA LEU F 558 29.26 -6.35 12.24
C LEU F 558 29.74 -5.50 13.39
N LEU F 559 28.79 -4.91 14.12
CA LEU F 559 29.15 -4.06 15.25
C LEU F 559 29.93 -4.87 16.28
N SER F 560 29.44 -6.06 16.59
CA SER F 560 30.12 -6.89 17.59
C SER F 560 31.53 -7.22 17.11
N LEU F 561 31.68 -7.57 15.84
CA LEU F 561 33.00 -7.88 15.30
C LEU F 561 33.94 -6.70 15.48
N MET F 562 33.47 -5.52 15.10
CA MET F 562 34.30 -4.32 15.23
C MET F 562 34.71 -4.05 16.67
N THR F 563 33.77 -4.23 17.61
CA THR F 563 34.10 -4.00 19.02
C THR F 563 35.09 -5.03 19.55
N ALA F 564 35.01 -6.27 19.09
CA ALA F 564 35.97 -7.29 19.52
C ALA F 564 37.33 -7.03 18.88
N ARG F 565 37.37 -6.15 17.89
CA ARG F 565 38.63 -5.80 17.22
C ARG F 565 39.42 -7.01 16.72
N ILE F 566 38.73 -8.13 16.51
CA ILE F 566 39.39 -9.30 15.96
C ILE F 566 39.86 -8.98 14.57
N ALA F 567 39.03 -8.26 13.82
CA ALA F 567 39.37 -7.90 12.45
C ALA F 567 40.66 -7.14 12.34
N PRO F 568 41.44 -7.40 11.27
CA PRO F 568 42.66 -6.62 11.05
C PRO F 568 42.36 -5.15 10.79
N CYS F 569 43.34 -4.27 10.99
CA CYS F 569 43.10 -2.83 10.83
C CYS F 569 42.51 -2.44 9.47
N SER F 570 42.58 -3.19 8.36
CA SER F 570 41.82 -2.78 7.09
C SER F 570 40.28 -3.12 7.03
N PHE F 571 40.00 -4.23 7.68
CA PHE F 571 38.59 -4.61 7.70
C PHE F 571 37.83 -3.60 8.52
N TRP F 572 38.48 -2.82 9.39
CA TRP F 572 37.78 -1.75 10.10
C TRP F 572 37.04 -0.91 9.08
N LEU F 573 37.78 -0.30 8.15
CA LEU F 573 37.17 0.47 7.07
C LEU F 573 36.12 -0.32 6.32
N THR F 574 36.46 -1.54 5.85
CA THR F 574 35.37 -2.21 5.08
C THR F 574 34.03 -2.33 5.87
N LEU F 575 34.16 -2.70 7.13
CA LEU F 575 32.99 -2.88 7.99
C LEU F 575 32.23 -1.58 8.23
N LEU F 576 32.97 -0.49 8.46
CA LEU F 576 32.34 0.81 8.60
C LEU F 576 31.55 1.17 7.32
N LEU F 577 32.08 0.91 6.12
CA LEU F 577 31.26 1.14 4.90
C LEU F 577 29.96 0.32 4.89
N ASP F 578 30.09 -0.96 5.24
CA ASP F 578 28.83 -1.73 5.34
C ASP F 578 27.82 -1.03 6.28
N ALA F 579 28.30 -0.64 7.47
CA ALA F 579 27.42 0.04 8.43
C ALA F 579 26.80 1.28 7.83
N LEU F 580 27.58 2.07 7.11
CA LEU F 580 27.03 3.23 6.38
C LEU F 580 25.81 2.80 5.53
N PRO F 581 25.98 1.97 4.46
CA PRO F 581 24.66 1.60 3.85
C PRO F 581 23.48 1.14 4.78
N LEU F 582 23.84 0.30 5.75
CA LEU F 582 22.79 -0.13 6.67
C LEU F 582 22.04 1.05 7.30
N LEU F 583 22.75 1.99 7.93
CA LEU F 583 22.09 3.19 8.48
C LEU F 583 21.35 3.94 7.39
N GLU F 584 21.94 4.13 6.22
CA GLU F 584 21.24 4.80 5.09
C GLU F 584 19.77 4.43 4.95
N GLN F 585 19.42 3.16 5.13
CA GLN F 585 18.03 2.72 4.88
C GLN F 585 16.98 3.56 5.58
N LYS F 586 15.85 3.77 4.87
CA LYS F 586 14.66 4.55 5.34
C LYS F 586 14.35 4.22 6.81
N GLN F 587 14.52 2.95 7.18
CA GLN F 587 14.35 2.50 8.58
C GLN F 587 15.70 1.93 9.04
N VAL F 588 16.22 2.40 10.18
CA VAL F 588 17.55 1.90 10.64
C VAL F 588 17.38 0.98 11.85
N ILE F 589 17.78 -0.28 11.69
CA ILE F 589 17.72 -1.31 12.77
C ILE F 589 18.66 -0.91 13.90
N PHE F 590 19.86 -0.41 13.55
CA PHE F 590 20.89 -0.03 14.54
C PHE F 590 20.38 1.12 15.42
N SER F 591 20.62 1.01 16.73
CA SER F 591 20.21 2.05 17.72
C SER F 591 21.13 3.27 17.62
N ALA F 592 20.64 4.44 18.07
CA ALA F 592 21.43 5.69 18.03
C ALA F 592 22.68 5.53 18.92
N GLU F 593 22.52 4.91 20.10
CA GLU F 593 23.64 4.72 21.05
C GLU F 593 24.60 3.64 20.53
N GLN F 594 24.17 2.86 19.52
CA GLN F 594 25.01 1.80 18.96
C GLN F 594 26.04 2.34 18.00
N THR F 595 25.59 3.18 17.08
CA THR F 595 26.52 3.69 16.10
C THR F 595 27.22 4.92 16.67
N TYR F 596 26.85 5.39 17.85
CA TYR F 596 27.61 6.46 18.51
C TYR F 596 28.83 5.73 19.02
N GLU F 597 28.61 4.48 19.46
CA GLU F 597 29.74 3.66 19.85
C GLU F 597 30.54 3.35 18.59
N LEU F 598 29.86 3.21 17.46
CA LEU F 598 30.62 3.01 16.21
C LEU F 598 31.45 4.23 15.88
N MET F 599 30.96 5.43 16.18
CA MET F 599 31.69 6.67 15.97
C MET F 599 32.89 6.66 16.84
N ARG F 600 32.72 6.22 18.09
CA ARG F 600 33.87 6.11 18.98
C ARG F 600 34.90 5.20 18.35
N CYS F 601 34.47 4.05 17.84
CA CYS F 601 35.40 3.12 17.20
C CYS F 601 36.11 3.76 16.03
N LEU F 602 35.40 4.51 15.20
CA LEU F 602 35.98 5.20 14.05
C LEU F 602 37.02 6.23 14.47
N GLU F 603 36.75 6.97 15.53
CA GLU F 603 37.71 7.93 16.02
C GLU F 603 38.94 7.21 16.53
N ASP F 604 38.75 6.08 17.20
CA ASP F 604 39.88 5.29 17.66
C ASP F 604 40.70 4.86 16.46
N ARG F 605 40.02 4.45 15.39
CA ARG F 605 40.70 4.04 14.17
C ARG F 605 41.55 5.17 13.67
N MET F 606 40.97 6.36 13.56
CA MET F 606 41.71 7.51 13.07
C MET F 606 42.94 7.75 13.92
N ALA F 607 42.79 7.70 15.24
CA ALA F 607 43.90 7.94 16.15
C ALA F 607 45.03 6.93 15.93
N ALA F 608 44.68 5.65 15.84
CA ALA F 608 45.69 4.60 15.66
C ALA F 608 46.37 4.76 14.31
N LYS F 609 45.61 5.19 13.32
CA LYS F 609 46.15 5.40 11.98
C LYS F 609 47.26 6.44 12.07
N LEU F 610 46.95 7.67 12.38
CA LEU F 610 47.86 8.78 12.65
C LEU F 610 49.17 8.28 13.26
N GLU F 611 49.12 7.17 13.99
CA GLU F 611 50.32 6.62 14.60
C GLU F 611 50.63 5.20 14.10
N SER F 612 50.12 4.21 14.83
CA SER F 612 50.54 2.81 14.70
C SER F 612 50.13 2.13 13.39
N THR F 613 48.87 2.26 12.99
CA THR F 613 48.38 1.59 11.78
C THR F 613 49.21 2.01 10.56
N SER F 614 49.52 1.04 9.71
CA SER F 614 50.46 1.22 8.59
C SER F 614 50.17 2.49 7.81
N PRO F 615 51.13 3.43 7.82
CA PRO F 615 50.95 4.70 7.11
C PRO F 615 50.83 4.50 5.60
N ASP F 616 51.41 3.43 5.08
CA ASP F 616 51.39 3.22 3.61
C ASP F 616 49.95 3.00 3.14
N GLU F 617 49.23 2.10 3.81
CA GLU F 617 47.83 1.79 3.43
C GLU F 617 46.89 2.94 3.83
N ILE F 618 47.27 3.72 4.83
CA ILE F 618 46.45 4.88 5.24
C ILE F 618 46.38 5.84 4.04
N GLN F 619 47.50 6.02 3.34
CA GLN F 619 47.55 6.94 2.20
C GLN F 619 46.94 6.27 0.95
N LYS F 620 45.63 6.36 0.77
CA LYS F 620 44.97 5.81 -0.41
C LYS F 620 43.97 6.82 -0.97
N GLN F 621 43.56 6.63 -2.22
CA GLN F 621 42.59 7.54 -2.84
C GLN F 621 41.18 7.15 -2.41
N ASP F 622 40.82 7.62 -1.22
CA ASP F 622 39.71 7.05 -0.46
C ASP F 622 39.28 7.98 0.65
N SER F 623 40.20 8.84 1.10
CA SER F 623 39.90 9.75 2.21
C SER F 623 38.66 10.59 1.97
N SER F 624 38.48 11.10 0.76
CA SER F 624 37.30 11.89 0.43
C SER F 624 36.04 11.08 0.64
N ILE F 625 36.03 9.85 0.11
CA ILE F 625 34.88 8.97 0.27
C ILE F 625 34.64 8.67 1.73
N ASP F 626 35.71 8.39 2.47
CA ASP F 626 35.59 8.10 3.90
C ASP F 626 34.93 9.27 4.61
N ASN F 627 35.46 10.47 4.42
CA ASN F 627 34.83 11.65 5.01
C ASN F 627 33.35 11.76 4.62
N THR F 628 32.99 11.51 3.36
CA THR F 628 31.59 11.51 2.92
C THR F 628 30.77 10.43 3.65
N LYS F 629 31.33 9.23 3.82
CA LYS F 629 30.71 8.15 4.60
C LYS F 629 30.47 8.55 6.06
N VAL F 630 31.44 9.23 6.67
CA VAL F 630 31.33 9.73 8.05
C VAL F 630 30.25 10.82 8.18
N GLU F 631 30.15 11.74 7.23
CA GLU F 631 29.08 12.75 7.22
C GLU F 631 27.69 12.14 7.10
N MET F 632 27.54 11.13 6.23
CA MET F 632 26.28 10.37 6.11
C MET F 632 25.91 9.68 7.43
N LEU F 633 26.87 9.06 8.10
CA LEU F 633 26.68 8.44 9.42
C LEU F 633 26.24 9.45 10.47
N ARG F 634 26.89 10.61 10.55
CA ARG F 634 26.51 11.69 11.48
C ARG F 634 25.09 12.17 11.26
N LEU F 635 24.70 12.34 10.00
CA LEU F 635 23.34 12.75 9.65
C LEU F 635 22.29 11.70 10.02
N ALA F 636 22.55 10.42 9.73
CA ALA F 636 21.66 9.32 10.07
C ALA F 636 21.52 9.15 11.59
N LEU F 637 22.62 9.22 12.34
CA LEU F 637 22.63 9.17 13.80
C LEU F 637 21.85 10.34 14.41
N ALA F 638 22.04 11.57 13.93
CA ALA F 638 21.29 12.73 14.42
C ALA F 638 19.77 12.62 14.15
N ARG F 639 19.38 12.12 12.97
CA ARG F 639 17.98 11.88 12.62
C ARG F 639 17.35 10.75 13.43
N ASN F 640 18.08 9.66 13.69
CA ASN F 640 17.59 8.61 14.55
C ASN F 640 17.44 9.08 15.99
N LEU F 641 18.43 9.79 16.54
CA LEU F 641 18.38 10.34 17.90
C LEU F 641 17.16 11.27 18.08
N ALA F 642 16.92 12.18 17.15
CA ALA F 642 15.77 13.08 17.20
C ALA F 642 14.43 12.31 17.20
N ARG F 643 14.32 11.24 16.41
CA ARG F 643 13.12 10.40 16.37
C ARG F 643 12.97 9.57 17.64
N ALA F 644 14.07 8.97 18.11
CA ALA F 644 14.11 8.14 19.30
C ALA F 644 13.67 8.91 20.54
N ILE F 645 14.20 10.13 20.75
CA ILE F 645 13.81 11.01 21.86
C ILE F 645 12.31 11.33 21.81
N VAL F 646 11.75 11.60 20.62
CA VAL F 646 10.32 11.89 20.47
C VAL F 646 9.47 10.66 20.78
N THR F 647 9.84 9.47 20.29
CA THR F 647 9.10 8.23 20.58
C THR F 647 9.23 7.77 22.02
N GLU F 648 10.42 7.84 22.62
CA GLU F 648 10.65 7.47 24.02
C GLU F 648 9.98 8.45 24.97
N GLY F 649 10.04 9.75 24.67
CA GLY F 649 9.32 10.78 25.41
C GLY F 649 7.80 10.63 25.31
N ALA F 650 7.26 10.23 24.15
CA ALA F 650 5.83 10.00 23.96
C ALA F 650 5.31 8.69 24.61
N LEU F 651 6.18 7.75 24.96
CA LEU F 651 5.84 6.51 25.67
C LEU F 651 5.94 6.66 27.20
N GLN F 652 6.57 7.73 27.70
CA GLN F 652 6.72 8.03 29.13
C GLN F 652 5.55 8.83 29.72
N GLU F 653 4.52 9.13 28.92
CA GLU F 653 3.19 9.60 29.37
C GLU F 653 2.17 8.46 29.32
N MET G 1 30.87 -69.54 12.59
CA MET G 1 30.77 -68.93 11.24
C MET G 1 32.15 -68.73 10.59
N ALA G 2 33.23 -68.57 11.38
CA ALA G 2 34.60 -68.48 10.87
C ALA G 2 35.03 -69.64 9.93
N ASP G 3 34.46 -70.84 10.09
CA ASP G 3 34.79 -72.00 9.25
C ASP G 3 34.25 -71.93 7.81
N LYS G 4 33.49 -70.89 7.43
CA LYS G 4 32.95 -70.78 6.06
C LYS G 4 33.97 -70.30 5.03
N PHE G 5 35.06 -69.67 5.44
CA PHE G 5 36.02 -69.04 4.54
C PHE G 5 37.38 -69.76 4.57
N ALA G 6 37.91 -70.06 3.37
CA ALA G 6 39.31 -70.38 3.18
C ALA G 6 40.09 -69.06 3.04
N ALA G 7 41.18 -68.91 3.81
CA ALA G 7 42.03 -67.74 3.76
C ALA G 7 43.37 -68.08 3.10
N LYS G 8 43.71 -67.32 2.05
CA LYS G 8 44.96 -67.51 1.29
C LYS G 8 45.98 -66.45 1.73
N PHE G 9 47.23 -66.87 1.97
CA PHE G 9 48.28 -65.91 2.41
C PHE G 9 49.16 -65.54 1.21
N VAL G 10 49.21 -64.24 0.89
CA VAL G 10 50.02 -63.70 -0.24
C VAL G 10 50.74 -62.45 0.26
N SER G 11 51.95 -62.20 -0.25
CA SER G 11 52.73 -61.00 0.17
C SER G 11 52.30 -59.78 -0.65
N HIS G 12 51.06 -59.32 -0.45
CA HIS G 12 50.54 -58.14 -1.20
C HIS G 12 49.36 -57.53 -0.44
N LYS G 13 49.44 -56.23 -0.12
CA LYS G 13 48.35 -55.53 0.61
C LYS G 13 47.10 -55.56 -0.28
N ILE G 14 45.93 -55.81 0.32
CA ILE G 14 44.66 -55.87 -0.45
C ILE G 14 43.85 -54.60 -0.14
N SER G 15 43.47 -53.86 -1.19
CA SER G 15 42.68 -52.61 -1.02
C SER G 15 41.31 -52.78 -1.66
N ARG G 16 41.27 -53.25 -2.91
CA ARG G 16 40.00 -53.43 -3.61
C ARG G 16 39.75 -54.88 -4.02
N THR G 17 38.51 -55.31 -3.88
CA THR G 17 38.03 -56.62 -4.37
C THR G 17 36.72 -56.43 -5.12
N ARG G 18 36.58 -57.02 -6.31
CA ARG G 18 35.31 -56.98 -7.08
C ARG G 18 35.04 -58.30 -7.76
N TRP G 19 33.79 -58.77 -7.73
CA TRP G 19 33.33 -59.91 -8.50
C TRP G 19 33.21 -59.55 -9.98
N ARG G 20 33.59 -60.50 -10.84
CA ARG G 20 33.31 -60.39 -12.27
C ARG G 20 31.80 -60.49 -12.47
N PRO G 21 31.16 -59.55 -13.19
CA PRO G 21 29.72 -59.58 -13.39
C PRO G 21 29.29 -60.85 -14.16
N VAL G 22 28.20 -61.46 -13.71
CA VAL G 22 27.58 -62.61 -14.38
C VAL G 22 26.43 -62.10 -15.27
N SER G 23 26.18 -62.77 -16.40
CA SER G 23 25.02 -62.41 -17.24
C SER G 23 23.75 -62.76 -16.49
N ALA G 24 22.74 -61.88 -16.49
CA ALA G 24 21.46 -62.14 -15.81
C ALA G 24 20.75 -63.42 -16.29
N SER G 25 21.06 -63.88 -17.51
CA SER G 25 20.55 -65.13 -18.08
C SER G 25 21.33 -66.38 -17.65
N SER G 26 22.46 -66.23 -16.95
CA SER G 26 23.29 -67.35 -16.53
C SER G 26 22.78 -67.92 -15.21
N LEU G 27 22.59 -69.23 -15.16
CA LEU G 27 22.36 -69.97 -13.93
C LEU G 27 23.67 -70.20 -13.14
N GLN G 28 24.81 -69.83 -13.71
CA GLN G 28 26.11 -70.02 -13.08
C GLN G 28 26.30 -69.04 -11.94
N GLN G 29 26.74 -69.55 -10.79
CA GLN G 29 27.19 -68.72 -9.70
C GLN G 29 28.46 -67.97 -10.10
N PRO G 30 28.64 -66.72 -9.62
CA PRO G 30 29.92 -66.03 -9.70
C PRO G 30 31.06 -66.92 -9.19
N ASP G 31 32.13 -66.97 -9.97
CA ASP G 31 33.29 -67.82 -9.70
C ASP G 31 34.63 -67.07 -9.80
N VAL G 32 34.65 -65.93 -10.49
CA VAL G 32 35.86 -65.13 -10.73
C VAL G 32 35.70 -63.73 -10.13
N PHE G 33 36.79 -63.25 -9.53
CA PHE G 33 36.89 -61.89 -8.99
C PHE G 33 38.26 -61.31 -9.29
N ALA G 34 38.41 -59.99 -9.14
CA ALA G 34 39.67 -59.29 -9.27
C ALA G 34 40.06 -58.64 -7.94
N THR G 35 41.35 -58.41 -7.74
CA THR G 35 41.88 -57.65 -6.61
C THR G 35 42.89 -56.61 -7.06
N GLY G 36 42.91 -55.47 -6.36
CA GLY G 36 43.97 -54.47 -6.44
C GLY G 36 44.78 -54.42 -5.15
N SER G 37 46.10 -54.25 -5.25
CA SER G 37 46.97 -54.07 -4.09
C SER G 37 47.37 -52.61 -3.87
N TRP G 38 47.88 -52.28 -2.68
CA TRP G 38 48.33 -50.88 -2.45
C TRP G 38 49.63 -50.85 -1.65
N ASP G 39 49.86 -49.74 -0.93
CA ASP G 39 51.01 -49.58 0.01
C ASP G 39 52.35 -49.96 -0.63
N ASN G 40 52.61 -49.56 -1.88
CA ASN G 40 53.90 -49.92 -2.52
C ASN G 40 54.19 -48.97 -3.69
N GLU G 41 55.46 -48.88 -4.10
CA GLU G 41 55.85 -48.05 -5.27
C GLU G 41 55.18 -48.65 -6.51
N GLU G 42 55.19 -49.98 -6.61
CA GLU G 42 54.55 -50.73 -7.72
C GLU G 42 53.57 -51.73 -7.12
N ASN G 43 52.31 -51.72 -7.60
CA ASN G 43 51.27 -52.66 -7.09
C ASN G 43 50.74 -53.49 -8.27
N LYS G 44 49.89 -54.49 -7.98
CA LYS G 44 49.34 -55.31 -9.06
C LYS G 44 47.83 -55.38 -9.04
N VAL G 45 47.27 -55.68 -10.21
CA VAL G 45 45.90 -56.16 -10.37
C VAL G 45 45.97 -57.66 -10.62
N CYS G 46 45.24 -58.45 -9.83
CA CYS G 46 45.15 -59.89 -9.97
C CYS G 46 43.73 -60.33 -10.33
N VAL G 47 43.59 -61.42 -11.08
CA VAL G 47 42.31 -62.13 -11.31
C VAL G 47 42.38 -63.49 -10.63
N TRP G 48 41.30 -63.89 -9.98
CA TRP G 48 41.20 -65.09 -9.16
C TRP G 48 39.99 -65.93 -9.57
N ALA G 49 40.08 -67.24 -9.39
CA ALA G 49 38.95 -68.16 -9.49
C ALA G 49 38.72 -68.85 -8.15
N THR G 50 37.45 -69.06 -7.80
CA THR G 50 37.02 -69.77 -6.60
C THR G 50 36.80 -71.24 -6.85
N SER G 51 36.31 -71.64 -8.03
CA SER G 51 36.12 -73.05 -8.41
C SER G 51 37.25 -73.55 -9.30
N ASP G 52 37.62 -74.83 -9.10
CA ASP G 52 38.36 -75.56 -10.12
C ASP G 52 37.48 -75.74 -11.35
N PHE G 53 37.92 -75.20 -12.48
CA PHE G 53 37.33 -75.44 -13.80
C PHE G 53 37.32 -76.96 -14.08
N GLY G 54 36.28 -77.67 -13.63
CA GLY G 54 36.15 -79.12 -13.81
C GLY G 54 35.44 -79.90 -12.70
N ALA G 55 35.21 -79.34 -11.50
CA ALA G 55 34.49 -80.05 -10.45
C ALA G 55 32.96 -79.99 -10.68
N THR G 56 32.39 -81.10 -11.15
CA THR G 56 30.96 -81.29 -11.45
C THR G 56 30.18 -81.94 -10.29
N SER G 57 30.77 -82.08 -9.11
CA SER G 57 30.11 -82.59 -7.90
C SER G 57 29.37 -81.46 -7.18
N LEU G 58 28.04 -81.56 -7.12
CA LEU G 58 27.16 -80.65 -6.38
C LEU G 58 27.21 -80.85 -4.85
N ASP G 59 27.99 -81.82 -4.36
CA ASP G 59 27.92 -82.33 -2.98
C ASP G 59 29.23 -82.27 -2.18
N GLU G 60 30.28 -81.60 -2.68
CA GLU G 60 31.54 -81.44 -1.92
C GLU G 60 31.59 -80.07 -1.24
N GLU G 61 31.80 -80.09 0.09
CA GLU G 61 32.04 -78.90 0.90
C GLU G 61 33.13 -78.04 0.25
N TYR G 62 32.80 -76.77 -0.03
CA TYR G 62 33.77 -75.82 -0.55
C TYR G 62 34.83 -75.53 0.52
N GLN G 63 35.92 -76.27 0.49
CA GLN G 63 37.19 -75.95 1.16
C GLN G 63 38.21 -75.37 0.17
N GLY G 64 37.77 -74.95 -1.02
CA GLY G 64 38.68 -74.51 -2.08
C GLY G 64 39.27 -73.14 -1.79
N ASP G 65 40.58 -73.05 -1.59
CA ASP G 65 41.29 -71.77 -1.61
C ASP G 65 41.13 -71.10 -3.00
N PRO G 66 40.87 -69.79 -3.07
CA PRO G 66 40.89 -69.08 -4.35
C PRO G 66 42.27 -69.18 -5.01
N LYS G 67 42.26 -69.45 -6.32
CA LYS G 67 43.48 -69.62 -7.15
C LYS G 67 43.68 -68.39 -8.02
N GLN G 68 44.89 -67.83 -8.00
CA GLN G 68 45.26 -66.72 -8.88
C GLN G 68 45.33 -67.25 -10.34
N LEU G 69 44.56 -66.65 -11.25
CA LEU G 69 44.59 -66.97 -12.67
C LEU G 69 45.70 -66.21 -13.39
N CYS G 70 45.78 -64.89 -13.13
CA CYS G 70 46.76 -64.02 -13.75
C CYS G 70 46.92 -62.71 -12.98
N ASP G 71 47.97 -61.96 -13.31
CA ASP G 71 48.24 -60.64 -12.75
C ASP G 71 48.90 -59.69 -13.78
N ILE G 72 48.91 -58.40 -13.45
CA ILE G 72 49.64 -57.36 -14.18
C ILE G 72 50.15 -56.31 -13.20
N LYS G 73 51.40 -55.87 -13.41
CA LYS G 73 52.03 -54.82 -12.57
C LYS G 73 51.51 -53.46 -13.04
N HIS G 74 50.98 -52.65 -12.12
CA HIS G 74 50.43 -51.31 -12.46
C HIS G 74 51.33 -50.21 -11.89
N PRO G 75 51.75 -49.21 -12.69
CA PRO G 75 52.60 -48.14 -12.17
C PRO G 75 51.86 -47.36 -11.09
N GLY G 76 52.58 -46.95 -10.02
CA GLY G 76 51.95 -46.20 -8.92
C GLY G 76 51.22 -47.14 -7.97
N ASP G 77 50.38 -46.59 -7.10
CA ASP G 77 49.61 -47.40 -6.11
C ASP G 77 48.14 -47.47 -6.56
N VAL G 78 47.60 -48.68 -6.67
CA VAL G 78 46.17 -48.87 -7.11
C VAL G 78 45.27 -48.22 -6.06
N MET G 79 44.23 -47.50 -6.51
CA MET G 79 43.29 -46.82 -5.58
C MET G 79 41.91 -47.47 -5.69
N ASP G 80 41.35 -47.50 -6.91
CA ASP G 80 40.03 -48.09 -7.12
C ASP G 80 39.99 -48.93 -8.40
N MET G 81 39.05 -49.88 -8.46
CA MET G 81 38.92 -50.82 -9.56
C MET G 81 37.47 -51.26 -9.74
N GLN G 82 37.02 -51.31 -10.99
CA GLN G 82 35.68 -51.76 -11.39
C GLN G 82 35.76 -52.54 -12.71
N PHE G 83 34.90 -53.54 -12.88
CA PHE G 83 34.68 -54.11 -14.22
C PHE G 83 33.77 -53.17 -15.02
N LEU G 84 34.19 -52.82 -16.23
CA LEU G 84 33.34 -52.12 -17.19
C LEU G 84 32.37 -53.11 -17.87
N ASP G 85 32.88 -54.29 -18.18
CA ASP G 85 32.17 -55.43 -18.74
C ASP G 85 32.96 -56.72 -18.46
N LYS G 86 32.65 -57.82 -19.14
CA LYS G 86 33.32 -59.12 -18.91
C LYS G 86 34.79 -59.16 -19.30
N GLU G 87 35.21 -58.32 -20.25
CA GLU G 87 36.56 -58.32 -20.81
C GLU G 87 37.40 -57.13 -20.33
N ARG G 88 36.76 -56.09 -19.78
CA ARG G 88 37.44 -54.83 -19.47
C ARG G 88 37.37 -54.47 -18.00
N ILE G 89 38.54 -54.16 -17.43
CA ILE G 89 38.72 -53.70 -16.05
C ILE G 89 39.21 -52.27 -16.11
N VAL G 90 38.60 -51.37 -15.34
CA VAL G 90 39.01 -49.98 -15.20
C VAL G 90 39.69 -49.81 -13.85
N THR G 91 40.79 -49.06 -13.81
CA THR G 91 41.47 -48.70 -12.55
C THR G 91 41.69 -47.19 -12.45
N GLY G 92 41.60 -46.69 -11.22
CA GLY G 92 42.15 -45.41 -10.79
C GLY G 92 43.50 -45.61 -10.10
N SER G 93 44.50 -44.78 -10.44
CA SER G 93 45.86 -44.88 -9.90
C SER G 93 46.20 -43.73 -8.95
N SER G 94 47.10 -43.97 -7.99
CA SER G 94 47.71 -42.90 -7.16
C SER G 94 48.51 -41.90 -7.98
N THR G 95 48.85 -42.24 -9.24
CA THR G 95 49.45 -41.32 -10.21
C THR G 95 48.44 -40.40 -10.91
N GLY G 96 47.15 -40.48 -10.59
CA GLY G 96 46.08 -39.72 -11.25
C GLY G 96 45.68 -40.24 -12.63
N THR G 97 46.23 -41.39 -13.04
CA THR G 97 45.89 -42.04 -14.31
C THR G 97 44.65 -42.90 -14.16
N VAL G 98 43.74 -42.83 -15.13
CA VAL G 98 42.65 -43.82 -15.31
C VAL G 98 43.04 -44.76 -16.44
N THR G 99 43.00 -46.08 -16.21
CA THR G 99 43.42 -47.09 -17.20
C THR G 99 42.32 -48.12 -17.43
N ILE G 100 42.08 -48.46 -18.70
CA ILE G 100 41.28 -49.63 -19.10
C ILE G 100 42.25 -50.74 -19.48
N PHE G 101 42.15 -51.86 -18.78
CA PHE G 101 42.79 -53.12 -19.15
C PHE G 101 41.81 -54.03 -19.87
N ARG G 102 42.29 -54.77 -20.88
CA ARG G 102 41.54 -55.84 -21.53
C ARG G 102 42.11 -57.19 -21.09
N HIS G 103 41.23 -58.05 -20.59
CA HIS G 103 41.47 -59.44 -20.26
C HIS G 103 41.20 -60.33 -21.49
N HIS G 104 42.22 -61.05 -21.94
CA HIS G 104 42.14 -62.01 -23.03
C HIS G 104 42.00 -63.41 -22.45
N GLU G 105 40.77 -63.86 -22.23
CA GLU G 105 40.49 -65.14 -21.56
C GLU G 105 41.16 -66.35 -22.24
N ASN G 106 41.18 -66.40 -23.57
CA ASN G 106 41.80 -67.49 -24.34
C ASN G 106 43.30 -67.66 -24.06
N ASN G 107 44.00 -66.55 -23.83
CA ASN G 107 45.45 -66.56 -23.62
C ASN G 107 45.82 -66.33 -22.15
N GLN G 108 44.83 -66.09 -21.28
CA GLN G 108 45.01 -65.71 -19.89
C GLN G 108 46.05 -64.58 -19.75
N THR G 109 45.78 -63.45 -20.40
CA THR G 109 46.64 -62.26 -20.29
C THR G 109 45.82 -60.99 -20.10
N LEU G 110 46.44 -60.01 -19.45
CA LEU G 110 45.97 -58.64 -19.42
C LEU G 110 46.82 -57.77 -20.36
N SER G 111 46.18 -56.79 -20.97
CA SER G 111 46.84 -55.79 -21.81
C SER G 111 46.24 -54.41 -21.56
N VAL G 112 47.05 -53.35 -21.67
CA VAL G 112 46.54 -51.99 -21.62
C VAL G 112 45.73 -51.73 -22.89
N ASN G 113 44.44 -51.44 -22.73
CA ASN G 113 43.54 -51.11 -23.84
C ASN G 113 43.53 -49.59 -24.09
N GLN G 114 43.37 -48.79 -23.04
CA GLN G 114 43.40 -47.33 -23.11
C GLN G 114 43.83 -46.73 -21.76
N ARG G 115 44.38 -45.52 -21.78
CA ARG G 115 44.76 -44.77 -20.57
C ARG G 115 44.52 -43.27 -20.73
N TRP G 116 44.21 -42.59 -19.63
CA TRP G 116 44.20 -41.13 -19.51
C TRP G 116 45.21 -40.72 -18.45
N GLU G 117 46.45 -40.42 -18.87
CA GLU G 117 47.58 -40.13 -17.95
C GLU G 117 47.45 -38.80 -17.19
N GLN G 118 46.57 -37.92 -17.65
CA GLN G 118 46.26 -36.63 -17.03
C GLN G 118 44.77 -36.53 -16.69
N ALA G 119 44.16 -37.63 -16.24
CA ALA G 119 42.79 -37.58 -15.73
C ALA G 119 42.70 -36.71 -14.47
N HIS G 120 43.61 -36.89 -13.51
CA HIS G 120 43.64 -36.11 -12.27
C HIS G 120 44.98 -35.41 -12.05
N TYR G 121 44.92 -34.10 -11.82
CA TYR G 121 46.06 -33.23 -11.61
C TYR G 121 45.64 -31.90 -10.98
N HIS G 122 46.51 -31.32 -10.15
CA HIS G 122 46.28 -30.00 -9.57
C HIS G 122 46.50 -28.90 -10.61
N VAL G 123 45.46 -28.08 -10.81
CA VAL G 123 45.49 -26.91 -11.70
C VAL G 123 46.57 -25.93 -11.22
N GLY G 124 47.39 -25.47 -12.16
CA GLY G 124 48.44 -24.46 -11.88
C GLY G 124 49.80 -25.10 -11.61
N SER G 125 49.95 -25.74 -10.44
CA SER G 125 51.24 -26.38 -10.07
C SER G 125 51.56 -27.50 -11.06
N ASN G 126 50.53 -28.26 -11.45
CA ASN G 126 50.56 -29.41 -12.41
C ASN G 126 51.17 -30.66 -11.78
N MET G 127 51.34 -30.66 -10.45
CA MET G 127 51.91 -31.82 -9.71
C MET G 127 50.86 -32.94 -9.65
N ARG G 128 51.30 -34.19 -9.51
CA ARG G 128 50.35 -35.33 -9.45
C ARG G 128 49.48 -35.18 -8.19
N ALA G 129 48.17 -35.39 -8.35
CA ALA G 129 47.20 -35.30 -7.22
C ALA G 129 46.04 -36.25 -7.50
N PRO G 130 46.15 -37.68 -7.08
CA PRO G 130 45.50 -38.98 -7.06
C PRO G 130 44.06 -38.97 -7.58
N CYS G 131 43.73 -39.97 -8.40
CA CYS G 131 42.36 -40.28 -8.81
C CYS G 131 41.75 -41.18 -7.74
N THR G 132 40.87 -40.65 -6.90
CA THR G 132 40.42 -41.30 -5.66
C THR G 132 39.25 -42.24 -5.86
N ALA G 133 38.37 -41.98 -6.83
CA ALA G 133 37.26 -42.86 -7.15
C ALA G 133 36.83 -42.76 -8.62
N ILE G 134 36.25 -43.85 -9.11
CA ILE G 134 35.70 -43.98 -10.45
C ILE G 134 34.34 -44.69 -10.41
N VAL G 135 33.49 -44.35 -11.37
CA VAL G 135 32.25 -45.09 -11.60
C VAL G 135 32.02 -45.30 -13.10
N CYS G 136 31.54 -46.48 -13.46
CA CYS G 136 31.33 -46.87 -14.85
C CYS G 136 29.84 -47.09 -15.14
N SER G 137 29.40 -46.61 -16.31
CA SER G 137 28.11 -46.92 -16.90
C SER G 137 28.32 -47.00 -18.42
N SER G 138 28.72 -48.18 -18.91
CA SER G 138 29.21 -48.37 -20.27
C SER G 138 28.36 -47.65 -21.34
N PRO G 139 28.97 -46.82 -22.22
CA PRO G 139 30.41 -46.61 -22.41
C PRO G 139 31.01 -45.46 -21.59
N GLU G 140 30.25 -44.87 -20.66
CA GLU G 140 30.63 -43.67 -19.91
C GLU G 140 31.41 -44.03 -18.64
N ILE G 141 32.41 -43.22 -18.31
CA ILE G 141 33.26 -43.33 -17.14
C ILE G 141 33.32 -41.96 -16.49
N VAL G 142 33.17 -41.91 -15.16
CA VAL G 142 33.39 -40.70 -14.38
C VAL G 142 34.50 -40.96 -13.38
N SER G 143 35.41 -40.00 -13.21
CA SER G 143 36.43 -40.03 -12.17
C SER G 143 36.41 -38.76 -11.33
N VAL G 144 36.85 -38.90 -10.09
CA VAL G 144 37.07 -37.82 -9.12
C VAL G 144 38.45 -37.96 -8.49
N GLY G 145 39.00 -36.86 -7.95
CA GLY G 145 40.35 -36.86 -7.39
C GLY G 145 40.58 -35.83 -6.30
N GLU G 146 41.79 -35.84 -5.76
CA GLU G 146 42.26 -34.89 -4.74
C GLU G 146 42.40 -33.45 -5.25
N ASP G 147 42.43 -33.28 -6.58
CA ASP G 147 42.40 -31.97 -7.23
C ASP G 147 41.01 -31.33 -7.27
N GLY G 148 39.98 -31.98 -6.72
CA GLY G 148 38.63 -31.43 -6.69
C GLY G 148 37.91 -31.46 -8.03
N ARG G 149 38.45 -32.18 -9.03
CA ARG G 149 37.87 -32.25 -10.38
C ARG G 149 36.94 -33.44 -10.56
N ILE G 150 35.94 -33.24 -11.42
CA ILE G 150 35.11 -34.33 -11.94
C ILE G 150 35.38 -34.46 -13.43
N ASN G 151 35.90 -35.60 -13.88
CA ASN G 151 36.12 -35.88 -15.29
C ASN G 151 35.11 -36.88 -15.82
N CYS G 152 34.59 -36.63 -17.01
CA CYS G 152 33.73 -37.53 -17.77
C CYS G 152 34.47 -38.00 -19.02
N PHE G 153 34.57 -39.31 -19.18
CA PHE G 153 35.19 -39.95 -20.33
C PHE G 153 34.19 -40.88 -21.01
N ARG G 154 34.48 -41.16 -22.27
CA ARG G 154 33.87 -42.28 -22.98
C ARG G 154 34.96 -43.23 -23.39
N ALA G 155 34.74 -44.52 -23.20
CA ALA G 155 35.77 -45.55 -23.36
C ALA G 155 36.45 -45.55 -24.74
N GLU G 156 35.72 -45.16 -25.80
CA GLU G 156 36.25 -45.11 -27.17
C GLU G 156 36.85 -43.74 -27.56
N SER G 157 36.71 -42.73 -26.70
CA SER G 157 37.21 -41.36 -26.94
C SER G 157 38.57 -41.19 -26.31
N ARG G 158 39.57 -40.71 -27.05
CA ARG G 158 40.88 -40.38 -26.48
C ARG G 158 40.85 -39.11 -25.64
N ASP G 159 39.96 -38.18 -25.98
CA ASP G 159 39.82 -36.92 -25.27
C ASP G 159 38.84 -37.06 -24.11
N VAL G 160 39.08 -36.29 -23.04
CA VAL G 160 38.13 -36.11 -21.94
C VAL G 160 36.91 -35.37 -22.51
N LEU G 161 35.71 -35.94 -22.33
CA LEU G 161 34.48 -35.36 -22.89
C LEU G 161 34.08 -34.08 -22.17
N ARG G 162 34.26 -34.08 -20.84
CA ARG G 162 33.94 -32.96 -19.97
C ARG G 162 34.79 -33.02 -18.72
N THR G 163 35.29 -31.87 -18.29
CA THR G 163 35.88 -31.67 -16.97
C THR G 163 35.07 -30.58 -16.26
N ILE G 164 34.74 -30.83 -14.99
CA ILE G 164 34.24 -29.81 -14.08
C ILE G 164 35.43 -29.44 -13.19
N ASP G 165 36.13 -28.38 -13.59
CA ASP G 165 37.23 -27.81 -12.82
C ASP G 165 36.70 -27.11 -11.56
N ASP G 166 37.46 -27.18 -10.48
CA ASP G 166 37.15 -26.58 -9.18
C ASP G 166 35.74 -26.96 -8.67
N ALA G 167 35.30 -28.20 -8.96
CA ALA G 167 34.00 -28.70 -8.50
C ALA G 167 33.95 -28.77 -6.96
N ASP G 168 35.06 -29.15 -6.35
CA ASP G 168 35.21 -29.16 -4.90
C ASP G 168 36.54 -28.54 -4.48
N SER G 169 36.67 -27.30 -3.66
CA SER G 169 37.91 -26.79 -3.05
C SER G 169 38.52 -27.80 -2.06
N SER G 170 37.89 -28.95 -1.87
CA SER G 170 38.34 -30.05 -1.02
C SER G 170 38.45 -31.34 -1.82
N THR G 171 39.23 -32.29 -1.31
CA THR G 171 39.35 -33.60 -1.92
C THR G 171 37.99 -34.27 -1.99
N MET G 172 37.62 -34.73 -3.19
CA MET G 172 36.48 -35.62 -3.36
C MET G 172 36.93 -37.05 -3.10
N HIS G 173 36.13 -37.85 -2.40
CA HIS G 173 36.49 -39.23 -2.03
C HIS G 173 35.63 -40.29 -2.72
N GLY G 174 34.39 -39.95 -3.10
CA GLY G 174 33.46 -40.89 -3.70
C GLY G 174 32.57 -40.25 -4.75
N VAL G 175 32.13 -41.04 -5.72
CA VAL G 175 31.22 -40.62 -6.79
C VAL G 175 30.26 -41.75 -7.15
N THR G 176 28.99 -41.44 -7.40
CA THR G 176 28.01 -42.41 -7.92
C THR G 176 27.04 -41.75 -8.90
N PHE G 177 26.49 -42.51 -9.83
CA PHE G 177 25.42 -42.04 -10.71
C PHE G 177 24.09 -41.99 -9.96
N LEU G 178 23.46 -40.81 -9.93
CA LEU G 178 22.07 -40.67 -9.51
C LEU G 178 21.11 -41.11 -10.63
N ARG G 179 21.39 -40.61 -11.83
CA ARG G 179 20.69 -40.84 -13.10
C ARG G 179 21.71 -40.80 -14.22
N THR G 180 21.32 -41.13 -15.45
CA THR G 180 22.24 -41.17 -16.62
C THR G 180 23.09 -39.91 -16.81
N THR G 181 22.59 -38.73 -16.43
CA THR G 181 23.29 -37.44 -16.61
C THR G 181 23.53 -36.72 -15.29
N GLU G 182 23.31 -37.38 -14.16
CA GLU G 182 23.46 -36.78 -12.84
C GLU G 182 24.29 -37.68 -11.96
N ILE G 183 25.21 -37.07 -11.23
CA ILE G 183 26.08 -37.76 -10.30
C ILE G 183 26.00 -37.11 -8.93
N LEU G 184 26.35 -37.89 -7.92
CA LEU G 184 26.58 -37.43 -6.58
C LEU G 184 28.06 -37.60 -6.24
N THR G 185 28.66 -36.61 -5.58
CA THR G 185 30.02 -36.71 -5.04
C THR G 185 30.03 -36.46 -3.54
N VAL G 186 31.01 -37.03 -2.85
CA VAL G 186 31.29 -36.80 -1.43
C VAL G 186 32.72 -36.32 -1.22
N ASN G 187 32.97 -35.52 -0.18
CA ASN G 187 34.24 -34.82 0.01
C ASN G 187 34.76 -34.77 1.46
N SER G 188 35.98 -34.48 1.92
CA SER G 188 36.68 -34.32 3.22
C SER G 188 36.05 -33.31 4.19
N VAL G 189 34.95 -32.66 3.82
CA VAL G 189 34.26 -31.70 4.71
C VAL G 189 32.85 -32.16 5.09
N GLY G 190 32.52 -33.43 4.83
CA GLY G 190 31.26 -34.03 5.26
C GLY G 190 30.06 -33.68 4.39
N GLN G 191 30.29 -33.34 3.13
CA GLN G 191 29.23 -32.99 2.20
C GLN G 191 28.96 -34.11 1.22
N LEU G 192 27.68 -34.38 0.98
CA LEU G 192 27.17 -35.13 -0.15
C LEU G 192 26.69 -34.13 -1.20
N LYS G 193 27.21 -34.17 -2.42
CA LYS G 193 26.88 -33.22 -3.49
C LYS G 193 26.23 -33.93 -4.66
N LEU G 194 25.10 -33.40 -5.15
CA LEU G 194 24.40 -33.89 -6.34
C LEU G 194 24.79 -33.07 -7.56
N TRP G 195 24.88 -33.59 -8.77
CA TRP G 195 25.33 -32.76 -9.92
C TRP G 195 24.81 -33.32 -11.25
N ASP G 196 24.55 -32.43 -12.22
CA ASP G 196 24.07 -32.83 -13.56
C ASP G 196 25.19 -32.59 -14.58
N LEU G 197 25.60 -33.65 -15.29
CA LEU G 197 26.68 -33.57 -16.31
C LEU G 197 26.23 -32.65 -17.46
N ARG G 198 24.96 -32.74 -17.84
CA ARG G 198 24.39 -31.93 -18.96
C ARG G 198 24.48 -30.44 -18.64
N LYS G 199 24.22 -30.05 -17.39
CA LYS G 199 24.25 -28.61 -17.02
C LYS G 199 25.65 -28.04 -17.26
N GLN G 200 25.72 -26.88 -17.91
CA GLN G 200 26.99 -26.18 -18.23
C GLN G 200 27.70 -25.75 -16.94
N GLY G 201 26.94 -25.25 -15.96
CA GLY G 201 27.51 -24.77 -14.68
C GLY G 201 28.22 -25.86 -13.91
N ASN G 202 29.38 -25.53 -13.34
CA ASN G 202 30.19 -26.51 -12.55
C ASN G 202 29.59 -26.65 -11.15
N ASP G 203 28.77 -25.68 -10.72
CA ASP G 203 28.15 -25.75 -9.40
C ASP G 203 27.32 -27.02 -9.24
N PRO G 204 27.34 -27.67 -8.06
CA PRO G 204 26.45 -28.77 -7.75
C PRO G 204 24.98 -28.32 -7.81
N THR G 205 24.09 -29.25 -8.15
CA THR G 205 22.64 -29.03 -8.15
C THR G 205 22.11 -28.90 -6.72
N GLN G 206 22.61 -29.74 -5.81
CA GLN G 206 22.26 -29.73 -4.38
C GLN G 206 23.46 -30.13 -3.52
N ILE G 207 23.46 -29.67 -2.27
CA ILE G 207 24.48 -29.99 -1.26
C ILE G 207 23.73 -30.41 0.01
N PHE G 208 24.09 -31.59 0.52
CA PHE G 208 23.61 -32.19 1.76
C PHE G 208 24.77 -32.30 2.74
N SER G 209 24.50 -32.17 4.04
CA SER G 209 25.52 -32.26 5.08
C SER G 209 24.87 -32.47 6.44
N VAL G 210 25.55 -33.14 7.36
CA VAL G 210 25.16 -33.15 8.78
C VAL G 210 25.39 -31.75 9.36
N THR G 211 24.41 -31.28 10.14
CA THR G 211 24.46 -29.94 10.78
C THR G 211 25.32 -30.00 12.04
N GLY G 212 26.40 -29.20 12.07
CA GLY G 212 27.31 -29.16 13.23
C GLY G 212 28.36 -30.26 13.19
N GLU G 213 28.39 -31.04 12.11
CA GLU G 213 29.38 -32.15 11.97
C GLU G 213 30.31 -31.84 10.78
N ARG G 214 31.62 -31.86 11.03
CA ARG G 214 32.63 -31.59 9.96
C ARG G 214 33.05 -32.91 9.31
N VAL G 215 32.50 -34.03 9.80
CA VAL G 215 33.16 -35.36 9.65
C VAL G 215 33.25 -35.70 8.17
N PRO G 216 34.40 -36.20 7.68
CA PRO G 216 34.54 -36.55 6.26
C PRO G 216 33.77 -37.82 5.90
N LEU G 217 33.38 -37.95 4.62
CA LEU G 217 32.64 -39.14 4.14
C LEU G 217 33.63 -40.07 3.44
N HIS G 218 33.67 -41.35 3.85
CA HIS G 218 34.63 -42.32 3.27
C HIS G 218 33.95 -43.21 2.23
N CYS G 219 32.65 -43.48 2.39
CA CYS G 219 31.96 -44.34 1.43
C CYS G 219 30.51 -43.93 1.18
N VAL G 220 30.00 -44.32 0.01
CA VAL G 220 28.63 -44.09 -0.43
C VAL G 220 28.18 -45.22 -1.33
N ASP G 221 26.97 -45.72 -1.11
CA ASP G 221 26.33 -46.66 -2.02
C ASP G 221 24.84 -46.37 -2.18
N ARG G 222 24.31 -46.69 -3.35
CA ARG G 222 22.91 -46.46 -3.71
C ARG G 222 22.15 -47.78 -3.65
N HIS G 223 20.98 -47.75 -3.04
CA HIS G 223 20.06 -48.87 -3.09
C HIS G 223 19.75 -49.27 -4.56
N PRO G 224 19.90 -50.55 -4.94
CA PRO G 224 19.86 -50.97 -6.35
C PRO G 224 18.51 -50.67 -7.02
N ASN G 225 17.40 -50.96 -6.32
CA ASN G 225 16.03 -50.77 -6.83
C ASN G 225 15.40 -49.40 -6.53
N GLN G 226 15.86 -48.69 -5.49
CA GLN G 226 15.28 -47.44 -5.05
C GLN G 226 16.29 -46.31 -5.23
N GLN G 227 16.27 -45.68 -6.39
CA GLN G 227 17.25 -44.65 -6.79
C GLN G 227 17.34 -43.42 -5.88
N HIS G 228 16.46 -43.28 -4.89
CA HIS G 228 16.50 -42.15 -3.96
C HIS G 228 17.11 -42.52 -2.60
N VAL G 229 17.29 -43.81 -2.32
CA VAL G 229 17.85 -44.31 -1.07
C VAL G 229 19.34 -44.51 -1.22
N VAL G 230 20.09 -43.90 -0.32
CA VAL G 230 21.56 -43.89 -0.32
C VAL G 230 22.05 -44.18 1.07
N ALA G 231 23.11 -44.95 1.19
CA ALA G 231 23.83 -45.18 2.44
C ALA G 231 25.22 -44.52 2.35
N THR G 232 25.70 -43.97 3.45
CA THR G 232 27.07 -43.45 3.56
C THR G 232 27.71 -43.88 4.87
N GLY G 233 29.05 -43.92 4.87
CA GLY G 233 29.85 -44.13 6.08
C GLY G 233 30.90 -43.07 6.32
N GLY G 234 31.15 -42.79 7.59
CA GLY G 234 32.06 -41.74 8.03
C GLY G 234 33.20 -42.21 8.90
N GLN G 235 34.08 -41.25 9.22
CA GLN G 235 35.23 -41.40 10.11
C GLN G 235 34.83 -41.78 11.55
N ASP G 236 33.61 -41.42 11.96
CA ASP G 236 33.04 -41.77 13.27
C ASP G 236 32.43 -43.18 13.33
N GLY G 237 32.52 -43.96 12.26
CA GLY G 237 31.92 -45.28 12.18
C GLY G 237 30.40 -45.27 12.05
N MET G 238 29.76 -44.12 11.82
CA MET G 238 28.30 -44.03 11.70
C MET G 238 27.82 -44.45 10.30
N LEU G 239 26.73 -45.23 10.25
CA LEU G 239 25.98 -45.52 9.04
C LEU G 239 24.83 -44.52 8.91
N CYS G 240 24.86 -43.71 7.84
CA CYS G 240 23.80 -42.75 7.54
C CYS G 240 22.95 -43.24 6.37
N ILE G 241 21.63 -43.22 6.51
CA ILE G 241 20.68 -43.50 5.43
C ILE G 241 20.00 -42.20 5.00
N TRP G 242 19.97 -41.94 3.70
CA TRP G 242 19.44 -40.73 3.08
C TRP G 242 18.28 -41.06 2.14
N ASP G 243 17.23 -40.23 2.12
CA ASP G 243 16.34 -40.09 0.96
C ASP G 243 16.68 -38.77 0.26
N VAL G 244 17.35 -38.84 -0.89
CA VAL G 244 17.83 -37.64 -1.61
C VAL G 244 16.69 -36.76 -2.16
N ARG G 245 15.43 -37.15 -1.99
CA ARG G 245 14.25 -36.32 -2.31
C ARG G 245 13.72 -35.59 -1.07
N HIS G 246 14.07 -36.04 0.13
CA HIS G 246 13.54 -35.54 1.39
C HIS G 246 14.60 -34.81 2.20
N GLY G 247 14.53 -33.48 2.18
CA GLY G 247 15.38 -32.63 3.01
C GLY G 247 16.86 -32.68 2.61
N LYS G 248 17.72 -32.20 3.51
CA LYS G 248 19.19 -32.18 3.36
C LYS G 248 19.91 -32.98 4.45
N MET G 249 19.13 -33.64 5.30
CA MET G 249 19.55 -34.38 6.47
C MET G 249 19.31 -35.88 6.23
N PRO G 250 20.08 -36.77 6.86
CA PRO G 250 19.80 -38.20 6.77
C PRO G 250 18.47 -38.53 7.43
N MET G 251 17.81 -39.56 6.93
CA MET G 251 16.58 -40.12 7.48
C MET G 251 16.87 -40.95 8.75
N SER G 252 18.03 -41.61 8.77
CA SER G 252 18.49 -42.44 9.89
C SER G 252 19.99 -42.26 10.11
N LEU G 253 20.40 -42.22 11.37
CA LEU G 253 21.78 -42.26 11.84
C LEU G 253 21.93 -43.48 12.74
N LEU G 254 22.77 -44.43 12.35
CA LEU G 254 22.93 -45.72 13.03
C LEU G 254 24.38 -45.87 13.49
N ASN G 255 24.57 -46.15 14.78
CA ASN G 255 25.87 -46.49 15.35
C ASN G 255 26.30 -47.87 14.82
N ALA G 256 27.26 -47.88 13.90
CA ALA G 256 27.72 -49.08 13.21
C ALA G 256 29.07 -49.55 13.73
N HIS G 257 30.11 -48.73 13.73
CA HIS G 257 31.48 -49.16 14.05
C HIS G 257 32.11 -48.29 15.14
N GLU G 258 33.21 -48.78 15.72
CA GLU G 258 33.98 -48.03 16.73
C GLU G 258 35.08 -47.14 16.11
N ALA G 259 35.38 -47.63 14.94
CA ALA G 259 36.35 -46.80 14.20
C ALA G 259 35.88 -46.54 12.76
N GLU G 260 36.75 -45.97 11.91
CA GLU G 260 36.41 -45.51 10.56
C GLU G 260 35.76 -46.62 9.71
N MET G 261 34.63 -46.33 9.06
CA MET G 261 33.98 -47.28 8.14
C MET G 261 34.51 -47.10 6.71
N TRP G 262 35.28 -48.08 6.23
CA TRP G 262 35.97 -48.00 4.95
C TRP G 262 35.10 -48.26 3.74
N GLU G 263 34.22 -49.27 3.80
CA GLU G 263 33.31 -49.60 2.71
C GLU G 263 31.93 -49.99 3.23
N VAL G 264 30.92 -49.69 2.42
CA VAL G 264 29.54 -50.15 2.56
C VAL G 264 29.08 -50.66 1.20
N HIS G 265 28.45 -51.83 1.15
CA HIS G 265 27.88 -52.39 -0.08
C HIS G 265 26.54 -53.05 0.18
N PHE G 266 25.52 -52.66 -0.58
CA PHE G 266 24.31 -53.47 -0.71
C PHE G 266 24.64 -54.74 -1.48
N HIS G 267 23.99 -55.84 -1.10
CA HIS G 267 24.09 -57.05 -1.91
C HIS G 267 23.45 -56.83 -3.30
N PRO G 268 24.18 -57.05 -4.41
CA PRO G 268 23.72 -56.65 -5.74
C PRO G 268 22.40 -57.27 -6.19
N SER G 269 22.11 -58.52 -5.78
CA SER G 269 20.90 -59.26 -6.17
C SER G 269 19.90 -59.51 -5.05
N ASN G 270 20.24 -59.21 -3.80
CA ASN G 270 19.39 -59.43 -2.63
C ASN G 270 19.55 -58.26 -1.65
N PRO G 271 19.08 -57.06 -2.03
CA PRO G 271 19.43 -55.82 -1.35
C PRO G 271 18.81 -55.63 0.03
N ASP G 272 18.10 -56.64 0.55
CA ASP G 272 17.77 -56.72 1.97
C ASP G 272 19.00 -57.05 2.82
N HIS G 273 20.11 -57.45 2.19
CA HIS G 273 21.41 -57.58 2.83
C HIS G 273 22.35 -56.41 2.47
N LEU G 274 23.11 -55.95 3.47
CA LEU G 274 24.14 -54.93 3.34
C LEU G 274 25.39 -55.36 4.13
N PHE G 275 26.56 -54.95 3.67
CA PHE G 275 27.84 -55.33 4.27
C PHE G 275 28.68 -54.08 4.52
N THR G 276 29.42 -54.07 5.63
CA THR G 276 30.27 -52.95 6.02
C THR G 276 31.58 -53.46 6.62
N CYS G 277 32.69 -52.76 6.36
CA CYS G 277 33.98 -53.07 6.97
C CYS G 277 34.66 -51.83 7.56
N SER G 278 35.50 -52.02 8.56
CA SER G 278 36.05 -50.92 9.36
C SER G 278 37.53 -51.10 9.72
N GLU G 279 38.16 -49.99 10.09
CA GLU G 279 39.47 -49.90 10.72
C GLU G 279 39.55 -50.72 12.01
N ASP G 280 38.44 -50.89 12.74
CA ASP G 280 38.38 -51.71 13.96
C ASP G 280 38.60 -53.22 13.71
N GLY G 281 38.75 -53.60 12.44
CA GLY G 281 39.00 -54.96 11.99
C GLY G 281 37.73 -55.77 11.76
N SER G 282 36.55 -55.21 11.97
CA SER G 282 35.30 -55.95 11.82
C SER G 282 34.72 -55.89 10.41
N LEU G 283 33.93 -56.92 10.08
CA LEU G 283 33.16 -57.04 8.85
C LEU G 283 31.75 -57.47 9.20
N TRP G 284 30.79 -56.57 9.08
CA TRP G 284 29.41 -56.83 9.50
C TRP G 284 28.52 -57.11 8.31
N HIS G 285 27.64 -58.11 8.48
CA HIS G 285 26.49 -58.40 7.63
C HIS G 285 25.23 -57.91 8.32
N TRP G 286 24.48 -57.08 7.61
CA TRP G 286 23.21 -56.50 8.02
C TRP G 286 22.09 -57.14 7.20
N ASP G 287 21.08 -57.68 7.87
CA ASP G 287 19.95 -58.34 7.25
C ASP G 287 18.64 -57.64 7.65
N ALA G 288 17.98 -57.04 6.66
CA ALA G 288 16.71 -56.35 6.77
C ALA G 288 15.51 -57.23 6.39
N SER G 289 15.73 -58.49 5.99
CA SER G 289 14.67 -59.42 5.59
C SER G 289 13.98 -60.12 6.76
N ALA G 290 14.57 -60.09 7.96
CA ALA G 290 14.22 -60.93 9.10
C ALA G 290 12.75 -60.82 9.59
N ASP G 291 12.01 -59.77 9.22
CA ASP G 291 10.59 -59.60 9.58
C ASP G 291 9.61 -60.09 8.49
N SER G 292 10.08 -60.32 7.27
CA SER G 292 9.21 -60.76 6.15
C SER G 292 8.86 -62.26 6.21
N GLU G 293 9.65 -63.07 6.93
CA GLU G 293 9.53 -64.53 6.94
C GLU G 293 8.73 -65.12 8.11
N CYS G 323 10.90 -49.79 1.48
CA CYS G 323 12.28 -50.23 1.65
C CYS G 323 12.52 -50.44 3.15
N ALA G 324 12.92 -51.65 3.55
CA ALA G 324 13.16 -51.98 4.95
C ALA G 324 14.20 -51.03 5.58
N TRP G 325 15.20 -50.61 4.79
CA TRP G 325 16.22 -49.63 5.18
C TRP G 325 15.70 -48.23 5.49
N LEU G 326 14.53 -47.86 4.95
CA LEU G 326 13.89 -46.56 5.19
C LEU G 326 12.84 -46.62 6.31
N SER G 327 12.67 -47.77 6.98
CA SER G 327 11.75 -47.87 8.12
C SER G 327 12.22 -46.95 9.24
N THR G 328 11.38 -45.98 9.60
CA THR G 328 11.59 -45.10 10.77
C THR G 328 10.92 -45.63 12.03
N ASP G 329 10.22 -46.77 11.92
CA ASP G 329 9.53 -47.39 13.03
C ASP G 329 10.47 -48.44 13.67
N PRO G 330 11.06 -48.16 14.86
CA PRO G 330 11.96 -49.10 15.52
C PRO G 330 11.27 -50.41 15.92
N THR G 331 9.94 -50.48 15.86
CA THR G 331 9.18 -51.70 16.12
C THR G 331 8.91 -52.55 14.87
N LYS G 332 9.23 -52.04 13.67
CA LYS G 332 9.02 -52.72 12.39
C LYS G 332 10.32 -52.78 11.61
N GLY G 333 10.83 -54.00 11.42
CA GLY G 333 12.12 -54.24 10.77
C GLY G 333 13.24 -54.36 11.80
N GLN G 334 13.29 -55.49 12.50
CA GLN G 334 14.46 -55.86 13.27
C GLN G 334 15.60 -56.18 12.28
N LEU G 335 16.62 -55.32 12.23
CA LEU G 335 17.85 -55.62 11.52
C LEU G 335 18.62 -56.69 12.30
N GLU G 336 18.93 -57.81 11.67
CA GLU G 336 19.88 -58.78 12.22
C GLU G 336 21.29 -58.38 11.78
N ILE G 337 22.24 -58.40 12.72
CA ILE G 337 23.60 -57.93 12.50
C ILE G 337 24.56 -59.02 12.97
N THR G 338 25.47 -59.41 12.09
CA THR G 338 26.43 -60.48 12.36
C THR G 338 27.84 -60.04 11.98
N ASN G 339 28.79 -60.14 12.91
CA ASN G 339 30.21 -60.00 12.57
C ASN G 339 30.72 -61.30 11.93
N LEU G 340 31.23 -61.20 10.71
CA LEU G 340 31.61 -62.32 9.86
C LEU G 340 33.05 -62.81 10.09
N LEU G 341 33.93 -61.93 10.57
CA LEU G 341 35.33 -62.28 10.81
C LEU G 341 35.60 -62.56 12.30
N PRO G 342 36.64 -63.35 12.62
CA PRO G 342 37.06 -63.54 14.00
C PRO G 342 37.40 -62.20 14.68
N SER G 343 37.23 -62.16 16.01
CA SER G 343 37.49 -60.93 16.81
C SER G 343 38.92 -60.38 16.62
N SER G 344 39.05 -59.05 16.69
CA SER G 344 40.34 -58.32 16.51
C SER G 344 40.95 -58.64 15.14
N THR G 345 40.12 -58.70 14.10
CA THR G 345 40.57 -58.99 12.71
C THR G 345 41.31 -57.78 12.12
N LEU G 346 42.17 -58.04 11.13
CA LEU G 346 42.99 -56.99 10.46
C LEU G 346 42.13 -56.12 9.52
N SER G 347 42.61 -54.92 9.20
CA SER G 347 41.92 -53.95 8.30
C SER G 347 41.33 -54.66 7.08
N VAL G 348 40.04 -54.42 6.82
CA VAL G 348 39.33 -55.06 5.70
C VAL G 348 38.98 -53.97 4.68
N ASN G 349 39.83 -53.82 3.67
CA ASN G 349 39.83 -52.66 2.78
C ASN G 349 38.73 -52.71 1.70
N SER G 350 38.22 -53.91 1.41
CA SER G 350 37.24 -54.10 0.35
C SER G 350 36.48 -55.40 0.52
N LEU G 351 35.22 -55.40 0.07
CA LEU G 351 34.36 -56.57 0.02
C LEU G 351 33.60 -56.58 -1.31
N ASP G 352 33.19 -57.76 -1.76
CA ASP G 352 32.19 -57.85 -2.83
C ASP G 352 31.33 -59.10 -2.64
N VAL G 353 30.06 -58.98 -2.99
CA VAL G 353 29.05 -60.01 -2.77
C VAL G 353 28.26 -60.28 -4.04
N LEU G 354 28.16 -61.56 -4.42
CA LEU G 354 27.41 -61.98 -5.58
C LEU G 354 26.76 -63.35 -5.35
N GLY G 355 25.44 -63.34 -5.22
CA GLY G 355 24.65 -64.55 -4.95
C GLY G 355 24.95 -65.11 -3.56
N GLN G 356 25.48 -66.32 -3.49
CA GLN G 356 25.86 -66.95 -2.21
C GLN G 356 27.34 -66.72 -1.84
N ASN G 357 28.05 -65.92 -2.63
CA ASN G 357 29.50 -65.77 -2.52
C ASN G 357 29.87 -64.38 -2.01
N LEU G 358 30.85 -64.32 -1.11
CA LEU G 358 31.46 -63.08 -0.65
C LEU G 358 32.97 -63.24 -0.70
N VAL G 359 33.65 -62.19 -1.19
CA VAL G 359 35.11 -62.06 -1.14
C VAL G 359 35.47 -60.77 -0.42
N CYS G 360 36.54 -60.77 0.35
CA CYS G 360 37.11 -59.54 0.90
C CYS G 360 38.64 -59.59 0.95
N GLY G 361 39.26 -58.42 0.90
CA GLY G 361 40.71 -58.23 0.93
C GLY G 361 41.15 -57.42 2.14
N THR G 362 42.33 -57.72 2.67
CA THR G 362 42.81 -57.13 3.94
C THR G 362 44.25 -56.65 3.87
N ASP G 363 44.64 -55.85 4.86
CA ASP G 363 46.04 -55.46 5.14
C ASP G 363 46.89 -56.58 5.75
N ALA G 364 46.26 -57.67 6.18
CA ALA G 364 46.95 -58.88 6.62
C ALA G 364 47.46 -59.74 5.46
N GLU G 365 47.63 -59.14 4.27
CA GLU G 365 48.08 -59.85 3.07
C GLU G 365 47.18 -61.06 2.78
N ALA G 366 45.87 -60.93 3.00
CA ALA G 366 44.93 -62.04 2.95
C ALA G 366 43.66 -61.70 2.16
N ILE G 367 43.21 -62.69 1.39
CA ILE G 367 41.92 -62.74 0.72
C ILE G 367 41.05 -63.76 1.44
N TYR G 368 39.88 -63.36 1.89
CA TYR G 368 38.88 -64.29 2.44
C TYR G 368 37.76 -64.51 1.44
N VAL G 369 37.36 -65.75 1.26
CA VAL G 369 36.29 -66.14 0.34
C VAL G 369 35.32 -67.09 1.03
N THR G 370 34.03 -66.81 0.92
CA THR G 370 32.97 -67.79 1.21
C THR G 370 32.10 -67.97 -0.01
N ARG G 371 31.60 -69.20 -0.20
CA ARG G 371 30.65 -69.55 -1.26
C ARG G 371 29.28 -69.98 -0.72
N ARG G 372 29.09 -69.83 0.60
CA ARG G 372 27.90 -70.26 1.31
C ARG G 372 27.53 -69.25 2.39
N LEU G 373 27.28 -68.01 1.95
CA LEU G 373 27.02 -66.89 2.84
C LEU G 373 25.81 -67.14 3.75
N PHE G 374 24.70 -67.63 3.18
CA PHE G 374 23.43 -67.82 3.87
C PHE G 374 23.18 -69.26 4.36
N SER G 375 24.18 -70.17 4.29
CA SER G 375 24.02 -71.57 4.74
C SER G 375 24.28 -71.79 6.22
N ASN H 41 -132.33 -11.02 -32.92
CA ASN H 41 -132.24 -12.33 -33.55
C ASN H 41 -133.09 -13.22 -32.65
N LEU H 42 -134.37 -13.37 -32.97
CA LEU H 42 -135.27 -14.26 -32.26
C LEU H 42 -134.76 -15.68 -32.54
N GLU H 43 -133.84 -16.16 -31.71
CA GLU H 43 -133.32 -17.52 -31.74
C GLU H 43 -134.45 -18.46 -31.31
N ARG H 44 -135.30 -18.86 -32.26
CA ARG H 44 -136.49 -19.64 -31.93
C ARG H 44 -136.13 -21.08 -31.56
N SER H 45 -135.44 -21.84 -32.40
CA SER H 45 -135.14 -23.24 -32.07
C SER H 45 -133.71 -23.47 -31.61
N TYR H 46 -133.55 -24.47 -30.74
CA TYR H 46 -132.26 -24.99 -30.31
C TYR H 46 -132.11 -26.44 -30.76
N MET H 47 -130.89 -26.94 -30.74
CA MET H 47 -130.52 -28.32 -31.02
C MET H 47 -129.72 -28.92 -29.87
N GLU H 48 -129.98 -30.18 -29.55
CA GLU H 48 -129.23 -30.90 -28.52
C GLU H 48 -127.86 -31.35 -29.05
N LEU H 49 -126.81 -30.96 -28.33
CA LEU H 49 -125.43 -31.37 -28.54
C LEU H 49 -124.98 -32.22 -27.36
N ILE H 50 -124.68 -33.49 -27.61
CA ILE H 50 -124.24 -34.40 -26.55
C ILE H 50 -122.81 -34.03 -26.17
N GLY H 51 -122.61 -33.61 -24.91
CA GLY H 51 -121.26 -33.47 -24.35
C GLY H 51 -120.71 -34.85 -24.04
N ALA H 52 -120.21 -35.56 -25.05
CA ALA H 52 -119.84 -36.97 -24.89
C ALA H 52 -118.75 -37.14 -23.81
N GLU H 53 -119.06 -37.86 -22.73
CA GLU H 53 -118.09 -38.38 -21.78
C GLU H 53 -117.31 -39.54 -22.43
N ARG H 54 -116.39 -39.22 -23.35
CA ARG H 54 -115.52 -40.22 -24.01
C ARG H 54 -114.30 -40.62 -23.18
N GLU H 55 -114.14 -40.07 -21.97
CA GLU H 55 -113.13 -40.56 -21.03
C GLU H 55 -113.51 -41.96 -20.55
N THR H 56 -112.63 -42.93 -20.86
CA THR H 56 -112.66 -44.32 -20.37
C THR H 56 -112.41 -44.40 -18.88
N SER H 57 -111.66 -43.43 -18.33
CA SER H 57 -111.78 -43.12 -16.93
C SER H 57 -113.20 -42.58 -16.74
N ARG H 58 -114.11 -43.44 -16.26
CA ARG H 58 -115.13 -42.98 -15.31
C ARG H 58 -114.43 -41.91 -14.49
N ARG H 59 -114.86 -40.65 -14.58
CA ARG H 59 -114.34 -39.57 -13.71
C ARG H 59 -114.08 -40.23 -12.38
N ASN H 60 -112.82 -40.36 -11.97
CA ASN H 60 -112.45 -41.31 -10.91
C ASN H 60 -113.22 -40.90 -9.66
N PHE H 61 -114.42 -41.45 -9.50
CA PHE H 61 -115.41 -40.88 -8.63
C PHE H 61 -114.85 -41.14 -7.27
N ARG H 62 -114.57 -40.06 -6.55
CA ARG H 62 -114.09 -40.22 -5.19
C ARG H 62 -115.28 -40.73 -4.38
N ASP H 63 -115.32 -42.03 -4.16
CA ASP H 63 -116.37 -42.68 -3.39
C ASP H 63 -116.20 -42.33 -1.91
N LEU H 64 -117.23 -41.74 -1.32
CA LEU H 64 -117.30 -41.36 0.08
C LEU H 64 -118.58 -41.94 0.67
N SER H 65 -118.46 -42.65 1.80
CA SER H 65 -119.60 -43.26 2.48
C SER H 65 -119.84 -42.59 3.82
N LEU H 66 -121.05 -42.08 3.99
CA LEU H 66 -121.55 -41.44 5.20
C LEU H 66 -122.43 -42.43 5.95
N ARG H 67 -122.10 -42.67 7.21
CA ARG H 67 -122.88 -43.53 8.12
C ARG H 67 -123.50 -42.66 9.21
N PRO H 68 -124.67 -42.08 8.96
CA PRO H 68 -125.42 -41.45 10.04
C PRO H 68 -125.96 -42.53 11.00
N ASP H 69 -126.15 -42.18 12.27
CA ASP H 69 -126.69 -43.07 13.31
C ASP H 69 -128.20 -43.31 13.12
N VAL H 70 -128.57 -43.95 12.01
CA VAL H 70 -129.97 -44.23 11.66
C VAL H 70 -130.14 -45.67 11.17
N ASN H 71 -131.22 -46.30 11.62
CA ASN H 71 -131.56 -47.67 11.26
C ASN H 71 -132.18 -47.75 9.86
N LEU H 72 -131.84 -48.82 9.13
CA LEU H 72 -132.35 -49.10 7.80
C LEU H 72 -133.86 -49.38 7.86
N VAL H 73 -134.66 -48.51 7.22
CA VAL H 73 -136.12 -48.68 7.15
C VAL H 73 -136.45 -49.62 5.99
N ILE H 74 -136.73 -50.88 6.30
CA ILE H 74 -137.17 -51.88 5.33
C ILE H 74 -138.55 -51.49 4.79
N GLY H 75 -138.67 -51.34 3.47
CA GLY H 75 -139.93 -50.95 2.80
C GLY H 75 -140.18 -49.44 2.74
N GLY H 76 -139.15 -48.60 2.93
CA GLY H 76 -139.26 -47.15 2.75
C GLY H 76 -139.64 -46.73 1.32
N PRO H 77 -140.15 -45.50 1.13
CA PRO H 77 -140.53 -44.98 -0.18
C PRO H 77 -139.33 -44.97 -1.15
N LYS H 78 -139.54 -45.51 -2.35
CA LYS H 78 -138.58 -45.38 -3.45
C LYS H 78 -138.83 -44.06 -4.16
N TYR H 79 -137.87 -43.14 -4.05
CA TYR H 79 -137.90 -41.90 -4.81
C TYR H 79 -137.42 -42.15 -6.24
N ALA H 80 -137.96 -41.37 -7.17
CA ALA H 80 -137.44 -41.31 -8.53
C ALA H 80 -136.05 -40.67 -8.52
N ASP H 81 -135.21 -41.08 -9.47
CA ASP H 81 -133.93 -40.43 -9.73
C ASP H 81 -134.18 -38.96 -10.08
N CYS H 82 -133.31 -38.07 -9.64
CA CYS H 82 -133.38 -36.65 -9.99
C CYS H 82 -131.98 -36.07 -10.22
N ALA H 83 -131.93 -34.93 -10.88
CA ALA H 83 -130.70 -34.19 -11.12
C ALA H 83 -130.91 -32.71 -10.80
N GLY H 84 -129.81 -31.97 -10.75
CA GLY H 84 -129.83 -30.52 -10.63
C GLY H 84 -128.47 -29.94 -11.01
N GLY H 85 -128.42 -28.62 -11.10
CA GLY H 85 -127.18 -27.90 -11.39
C GLY H 85 -127.13 -26.54 -10.72
N TYR H 86 -125.93 -25.98 -10.69
CA TYR H 86 -125.62 -24.71 -10.07
C TYR H 86 -124.55 -23.99 -10.88
N CYS H 87 -124.78 -22.71 -11.18
CA CYS H 87 -123.82 -21.85 -11.85
C CYS H 87 -123.23 -20.88 -10.83
N TYR H 88 -121.91 -20.72 -10.85
CA TYR H 88 -121.21 -19.77 -9.98
C TYR H 88 -121.55 -18.32 -10.35
N SER H 89 -121.48 -17.41 -9.39
CA SER H 89 -121.47 -15.98 -9.68
C SER H 89 -120.24 -15.57 -10.50
N GLU H 90 -120.38 -14.49 -11.27
CA GLU H 90 -119.34 -13.95 -12.16
C GLU H 90 -118.82 -14.94 -13.23
N SER H 91 -119.50 -16.06 -13.47
CA SER H 91 -119.16 -17.03 -14.52
C SER H 91 -119.23 -16.46 -15.95
N SER H 92 -120.00 -15.38 -16.14
CA SER H 92 -120.06 -14.60 -17.39
C SER H 92 -118.91 -13.61 -17.53
N SER H 93 -118.17 -13.32 -16.44
CA SER H 93 -117.06 -12.37 -16.43
C SER H 93 -115.79 -13.00 -16.99
N LEU H 94 -115.22 -12.37 -18.01
CA LEU H 94 -114.08 -12.89 -18.76
C LEU H 94 -112.78 -13.02 -17.93
N LEU H 95 -112.67 -12.27 -16.82
CA LEU H 95 -111.52 -12.27 -15.92
C LEU H 95 -111.75 -13.11 -14.65
N SER H 96 -112.94 -13.69 -14.47
CA SER H 96 -113.25 -14.47 -13.27
C SER H 96 -112.59 -15.85 -13.27
N ALA H 97 -112.24 -16.35 -12.08
CA ALA H 97 -111.81 -17.73 -11.87
C ALA H 97 -112.96 -18.75 -12.01
N THR H 98 -114.22 -18.28 -11.98
CA THR H 98 -115.46 -19.07 -12.14
C THR H 98 -115.98 -19.06 -13.58
N ARG H 99 -115.27 -18.42 -14.51
CA ARG H 99 -115.65 -18.28 -15.92
C ARG H 99 -115.98 -19.63 -16.57
N ASN H 100 -117.15 -19.74 -17.19
CA ASN H 100 -117.65 -20.97 -17.82
C ASN H 100 -117.58 -22.23 -16.91
N ARG H 101 -117.64 -22.07 -15.58
CA ARG H 101 -117.68 -23.17 -14.61
C ARG H 101 -119.09 -23.35 -14.07
N PHE H 102 -119.46 -24.60 -13.81
CA PHE H 102 -120.72 -24.94 -13.16
C PHE H 102 -120.64 -26.32 -12.50
N LEU H 103 -121.59 -26.57 -11.60
CA LEU H 103 -121.77 -27.84 -10.92
C LEU H 103 -123.04 -28.51 -11.44
N HIS H 104 -123.01 -29.83 -11.56
CA HIS H 104 -124.23 -30.62 -11.71
C HIS H 104 -124.17 -31.84 -10.80
N TRP H 105 -125.34 -32.41 -10.53
CA TRP H 105 -125.45 -33.63 -9.75
C TRP H 105 -126.59 -34.51 -10.20
N THR H 106 -126.46 -35.80 -9.91
CA THR H 106 -127.52 -36.80 -10.02
C THR H 106 -127.67 -37.49 -8.66
N SER H 107 -128.89 -37.77 -8.25
CA SER H 107 -129.16 -38.51 -7.02
C SER H 107 -130.16 -39.62 -7.26
N TYR H 108 -129.83 -40.79 -6.74
CA TYR H 108 -130.63 -42.00 -6.84
C TYR H 108 -130.47 -42.82 -5.57
N ALA H 109 -131.58 -43.28 -5.01
CA ALA H 109 -131.61 -44.01 -3.73
C ALA H 109 -130.79 -43.31 -2.63
N ASP H 110 -129.71 -43.94 -2.17
CA ASP H 110 -128.82 -43.47 -1.10
C ASP H 110 -127.55 -42.76 -1.62
N THR H 111 -127.48 -42.48 -2.93
CA THR H 111 -126.27 -42.02 -3.60
C THR H 111 -126.49 -40.67 -4.30
N LEU H 112 -125.51 -39.77 -4.13
CA LEU H 112 -125.38 -38.48 -4.80
C LEU H 112 -124.06 -38.44 -5.56
N GLU H 113 -124.11 -38.20 -6.86
CA GLU H 113 -122.95 -37.96 -7.70
C GLU H 113 -122.87 -36.48 -8.01
N LEU H 114 -121.78 -35.83 -7.60
CA LEU H 114 -121.50 -34.41 -7.82
C LEU H 114 -120.35 -34.26 -8.79
N VAL H 115 -120.49 -33.30 -9.71
CA VAL H 115 -119.51 -33.04 -10.75
C VAL H 115 -119.34 -31.54 -10.95
N GLU H 116 -118.09 -31.12 -11.10
CA GLU H 116 -117.71 -29.79 -11.57
C GLU H 116 -117.21 -29.84 -13.01
N ILE H 117 -117.73 -28.95 -13.85
CA ILE H 117 -117.34 -28.81 -15.25
C ILE H 117 -116.87 -27.39 -15.49
N SER H 118 -115.83 -27.27 -16.31
CA SER H 118 -115.43 -26.02 -16.94
C SER H 118 -115.38 -26.24 -18.45
N LEU H 119 -115.93 -25.30 -19.22
CA LEU H 119 -115.78 -25.33 -20.69
C LEU H 119 -114.39 -24.86 -21.13
N ASP H 120 -113.66 -24.13 -20.28
CA ASP H 120 -112.36 -23.58 -20.63
C ASP H 120 -111.21 -24.56 -20.34
N ILE H 121 -111.26 -25.27 -19.20
CA ILE H 121 -110.12 -26.07 -18.74
C ILE H 121 -110.61 -27.40 -18.15
N ASN H 122 -109.90 -28.50 -18.43
CA ASN H 122 -110.20 -29.78 -17.78
C ASN H 122 -109.79 -29.73 -16.30
N LEU H 123 -110.75 -29.96 -15.40
CA LEU H 123 -110.52 -29.91 -13.96
C LEU H 123 -110.08 -31.28 -13.42
N VAL H 124 -109.05 -31.30 -12.58
CA VAL H 124 -108.59 -32.52 -11.92
C VAL H 124 -109.43 -32.81 -10.67
N ASN H 125 -109.75 -34.08 -10.42
CA ASN H 125 -110.57 -34.55 -9.28
C ASN H 125 -111.97 -33.92 -9.22
N ASN H 126 -112.61 -33.75 -10.37
CA ASN H 126 -113.85 -33.00 -10.52
C ASN H 126 -115.15 -33.78 -10.29
N ALA H 127 -115.07 -34.99 -9.74
CA ALA H 127 -116.25 -35.82 -9.50
C ALA H 127 -116.19 -36.59 -8.16
N VAL H 128 -117.32 -36.62 -7.46
CA VAL H 128 -117.46 -37.24 -6.14
C VAL H 128 -118.75 -38.04 -6.09
N ARG H 129 -118.68 -39.25 -5.55
CA ARG H 129 -119.87 -40.06 -5.25
C ARG H 129 -120.03 -40.16 -3.74
N LEU H 130 -121.03 -39.47 -3.22
CA LEU H 130 -121.41 -39.50 -1.80
C LEU H 130 -122.53 -40.51 -1.59
N ARG H 131 -122.31 -41.49 -0.73
CA ARG H 131 -123.31 -42.49 -0.35
C ARG H 131 -123.73 -42.29 1.10
N ILE H 132 -124.98 -41.90 1.34
CA ILE H 132 -125.54 -41.69 2.67
C ILE H 132 -126.28 -42.96 3.08
N LEU H 133 -125.56 -43.87 3.73
CA LEU H 133 -126.07 -45.20 4.02
C LEU H 133 -127.37 -45.14 4.84
N ASN H 134 -128.32 -45.98 4.48
CA ASN H 134 -129.67 -46.11 5.06
C ASN H 134 -130.61 -44.92 4.81
N CYS H 135 -130.15 -43.84 4.17
CA CYS H 135 -130.94 -42.64 3.94
C CYS H 135 -131.14 -42.43 2.44
N SER H 136 -132.40 -42.28 2.01
CA SER H 136 -132.69 -41.94 0.61
C SER H 136 -132.72 -40.44 0.39
N ILE H 137 -132.02 -39.97 -0.65
CA ILE H 137 -131.93 -38.56 -0.99
C ILE H 137 -133.27 -38.10 -1.56
N LEU H 138 -133.72 -36.92 -1.14
CA LEU H 138 -134.99 -36.38 -1.61
C LEU H 138 -134.88 -35.84 -3.04
N PRO H 139 -135.92 -36.01 -3.88
CA PRO H 139 -136.02 -35.30 -5.13
C PRO H 139 -135.99 -33.78 -4.91
N GLY H 140 -134.99 -33.10 -5.48
CA GLY H 140 -134.76 -31.67 -5.22
C GLY H 140 -134.25 -31.35 -3.82
N GLY H 141 -133.69 -32.33 -3.10
CA GLY H 141 -133.13 -32.17 -1.76
C GLY H 141 -131.70 -31.65 -1.70
N VAL H 142 -131.06 -31.39 -2.85
CA VAL H 142 -129.70 -30.85 -2.92
C VAL H 142 -129.78 -29.39 -3.33
N HIS H 143 -129.17 -28.52 -2.52
CA HIS H 143 -129.10 -27.10 -2.76
C HIS H 143 -127.65 -26.63 -2.61
N ILE H 144 -127.21 -25.77 -3.52
CA ILE H 144 -125.87 -25.19 -3.48
C ILE H 144 -126.01 -23.70 -3.23
N CYS H 145 -125.27 -23.19 -2.25
CA CYS H 145 -125.20 -21.79 -1.90
C CYS H 145 -123.75 -21.32 -2.04
N GLU H 146 -123.56 -20.16 -2.64
CA GLU H 146 -122.24 -19.54 -2.78
C GLU H 146 -122.10 -18.40 -1.79
N THR H 147 -120.92 -18.31 -1.21
CA THR H 147 -120.49 -17.23 -0.33
C THR H 147 -119.16 -16.69 -0.87
N PRO H 148 -118.71 -15.49 -0.46
CA PRO H 148 -117.44 -14.92 -0.95
C PRO H 148 -116.19 -15.80 -0.73
N ASN H 149 -116.29 -16.79 0.17
CA ASN H 149 -115.15 -17.64 0.54
C ASN H 149 -115.38 -19.13 0.24
N ASN H 150 -116.63 -19.59 0.24
CA ASN H 150 -116.96 -21.00 0.20
C ASN H 150 -118.16 -21.30 -0.71
N ILE H 151 -118.19 -22.53 -1.21
CA ILE H 151 -119.36 -23.18 -1.81
C ILE H 151 -119.91 -24.14 -0.78
N VAL H 152 -121.19 -23.98 -0.44
CA VAL H 152 -121.86 -24.79 0.57
C VAL H 152 -122.92 -25.66 -0.10
N VAL H 153 -122.77 -26.98 0.04
CA VAL H 153 -123.73 -27.96 -0.46
C VAL H 153 -124.59 -28.44 0.70
N LEU H 154 -125.89 -28.20 0.61
CA LEU H 154 -126.91 -28.60 1.58
C LEU H 154 -127.69 -29.79 1.02
N ILE H 155 -127.76 -30.89 1.77
CA ILE H 155 -128.37 -32.14 1.32
C ILE H 155 -129.45 -32.56 2.32
N LEU H 156 -130.68 -32.73 1.84
CA LEU H 156 -131.77 -33.36 2.57
C LEU H 156 -131.99 -34.80 2.11
N THR H 157 -132.10 -35.68 3.09
CA THR H 157 -132.54 -37.05 2.89
C THR H 157 -133.91 -37.29 3.55
N ASN H 158 -134.37 -38.53 3.51
CA ASN H 158 -135.54 -38.96 4.27
C ASN H 158 -135.41 -38.87 5.80
N GLN H 159 -134.19 -38.85 6.33
CA GLN H 159 -133.94 -38.97 7.77
C GLN H 159 -132.89 -38.00 8.31
N THR H 160 -132.09 -37.38 7.45
CA THR H 160 -130.94 -36.58 7.82
C THR H 160 -130.84 -35.33 6.97
N VAL H 161 -130.16 -34.32 7.52
CA VAL H 161 -129.71 -33.15 6.77
C VAL H 161 -128.20 -33.06 6.89
N HIS H 162 -127.54 -32.67 5.80
CA HIS H 162 -126.09 -32.54 5.74
C HIS H 162 -125.68 -31.20 5.14
N ARG H 163 -124.55 -30.68 5.60
CA ARG H 163 -123.88 -29.49 5.08
C ARG H 163 -122.44 -29.85 4.72
N LEU H 164 -122.04 -29.56 3.49
CA LEU H 164 -120.66 -29.69 3.02
C LEU H 164 -120.13 -28.30 2.68
N ILE H 165 -118.89 -28.03 3.09
CA ILE H 165 -118.25 -26.72 2.89
C ILE H 165 -117.00 -26.95 2.07
N LEU H 166 -116.98 -26.34 0.89
CA LEU H 166 -115.92 -26.45 -0.10
C LEU H 166 -115.32 -25.06 -0.33
N PRO H 167 -114.02 -24.95 -0.61
CA PRO H 167 -113.40 -23.66 -0.90
C PRO H 167 -113.96 -23.07 -2.21
N HIS H 168 -114.18 -21.76 -2.23
CA HIS H 168 -114.55 -21.08 -3.46
C HIS H 168 -113.38 -21.08 -4.48
N PRO H 169 -113.62 -21.25 -5.79
CA PRO H 169 -112.55 -21.29 -6.80
C PRO H 169 -111.59 -20.08 -6.75
N SER H 170 -112.09 -18.87 -6.50
CA SER H 170 -111.27 -17.65 -6.35
C SER H 170 -110.32 -17.67 -5.14
N ARG H 171 -110.54 -18.58 -4.17
CA ARG H 171 -109.68 -18.73 -2.99
C ARG H 171 -108.67 -19.87 -3.11
N MET H 172 -108.87 -20.79 -4.05
CA MET H 172 -107.96 -21.93 -4.28
C MET H 172 -106.65 -21.49 -4.94
N TYR H 173 -106.71 -20.45 -5.78
CA TYR H 173 -105.59 -20.03 -6.62
C TYR H 173 -105.16 -18.60 -6.24
N ARG H 174 -104.01 -18.48 -5.57
CA ARG H 174 -103.42 -17.17 -5.19
C ARG H 174 -102.45 -16.62 -6.24
N SER H 175 -102.08 -17.38 -7.25
CA SER H 175 -101.10 -17.02 -8.27
C SER H 175 -101.70 -17.13 -9.67
N GLU H 176 -101.55 -16.10 -10.50
CA GLU H 176 -101.98 -16.10 -11.90
C GLU H 176 -101.22 -17.14 -12.76
N ILE H 177 -100.04 -17.57 -12.31
CA ILE H 177 -99.18 -18.51 -13.04
C ILE H 177 -99.45 -19.93 -12.55
N ILE H 178 -100.60 -20.49 -12.94
CA ILE H 178 -100.85 -21.93 -12.80
C ILE H 178 -100.90 -22.50 -14.21
N SER H 179 -100.04 -23.48 -14.47
CA SER H 179 -100.13 -24.25 -15.70
C SER H 179 -101.49 -24.96 -15.76
N ASP H 180 -102.25 -24.75 -16.85
CA ASP H 180 -103.62 -25.24 -17.05
C ASP H 180 -103.83 -26.71 -16.66
N SER H 181 -102.82 -27.57 -16.83
CA SER H 181 -102.89 -29.01 -16.58
C SER H 181 -103.08 -29.43 -15.11
N HIS H 182 -103.01 -28.50 -14.16
CA HIS H 182 -103.08 -28.81 -12.72
C HIS H 182 -104.17 -28.05 -11.98
N ILE H 183 -105.12 -27.45 -12.71
CA ILE H 183 -106.25 -26.77 -12.09
C ILE H 183 -107.17 -27.83 -11.49
N GLN H 184 -107.27 -27.78 -10.17
CA GLN H 184 -108.05 -28.63 -9.30
C GLN H 184 -109.53 -28.21 -9.24
N SER H 185 -110.40 -29.20 -9.11
CA SER H 185 -111.79 -28.97 -8.73
C SER H 185 -111.90 -28.58 -7.26
N ILE H 186 -112.98 -27.89 -6.90
CA ILE H 186 -113.38 -27.64 -5.50
C ILE H 186 -113.55 -28.94 -4.69
N PHE H 187 -113.74 -30.07 -5.37
CA PHE H 187 -113.87 -31.39 -4.78
C PHE H 187 -112.54 -32.06 -4.42
N THR H 188 -111.40 -31.51 -4.81
CA THR H 188 -110.09 -32.16 -4.62
C THR H 188 -109.82 -32.51 -3.16
N ASP H 189 -110.19 -31.62 -2.25
CA ASP H 189 -109.95 -31.75 -0.82
C ASP H 189 -111.18 -32.22 -0.02
N ILE H 190 -112.24 -32.68 -0.68
CA ILE H 190 -113.48 -33.12 -0.02
C ILE H 190 -113.25 -34.27 0.99
N GLY H 191 -112.25 -35.13 0.79
CA GLY H 191 -111.92 -36.18 1.75
C GLY H 191 -111.34 -35.68 3.07
N LYS H 192 -110.96 -34.39 3.18
CA LYS H 192 -110.47 -33.76 4.41
C LYS H 192 -111.60 -33.23 5.28
N THR H 193 -112.83 -33.08 4.75
CA THR H 193 -113.97 -32.58 5.54
C THR H 193 -114.44 -33.64 6.53
N ASN H 194 -114.59 -33.28 7.80
CA ASN H 194 -115.10 -34.20 8.82
C ASN H 194 -116.63 -34.27 8.73
N PHE H 195 -117.14 -35.28 8.02
CA PHE H 195 -118.58 -35.45 7.83
C PHE H 195 -119.33 -35.94 9.08
N HIS H 196 -118.62 -36.51 10.06
CA HIS H 196 -119.18 -36.93 11.33
C HIS H 196 -119.24 -35.80 12.36
N ASP H 197 -118.77 -34.60 12.01
CA ASP H 197 -118.96 -33.42 12.84
C ASP H 197 -120.47 -33.12 12.99
N PRO H 198 -121.01 -33.05 14.22
CA PRO H 198 -122.41 -32.69 14.45
C PRO H 198 -122.79 -31.30 13.91
N SER H 199 -121.82 -30.44 13.61
CA SER H 199 -122.06 -29.19 12.89
C SER H 199 -122.49 -29.42 11.43
N ASN H 200 -122.10 -30.54 10.82
CA ASN H 200 -122.30 -30.83 9.40
C ASN H 200 -123.37 -31.88 9.11
N THR H 201 -123.86 -32.59 10.13
CA THR H 201 -124.89 -33.64 9.97
C THR H 201 -125.87 -33.59 11.14
N TYR H 202 -127.17 -33.70 10.86
CA TYR H 202 -128.21 -33.80 11.87
C TYR H 202 -129.29 -34.81 11.47
N VAL H 203 -129.79 -35.58 12.45
CA VAL H 203 -130.89 -36.55 12.25
C VAL H 203 -132.22 -35.86 12.52
N ILE H 204 -133.13 -35.92 11.55
CA ILE H 204 -134.46 -35.33 11.64
C ILE H 204 -135.28 -36.08 12.70
N PRO H 205 -135.80 -35.40 13.73
CA PRO H 205 -136.59 -36.07 14.77
C PRO H 205 -137.93 -36.56 14.22
N ALA H 206 -138.45 -37.66 14.78
CA ALA H 206 -139.71 -38.25 14.33
C ALA H 206 -140.96 -37.40 14.57
N ILE H 207 -140.94 -36.48 15.55
CA ILE H 207 -142.05 -35.58 15.90
C ILE H 207 -141.48 -34.18 16.22
N PRO H 208 -141.99 -33.08 15.63
CA PRO H 208 -143.13 -33.03 14.70
C PRO H 208 -142.88 -33.75 13.37
N GLY H 209 -141.60 -33.99 13.05
CA GLY H 209 -141.15 -34.89 12.00
C GLY H 209 -141.60 -34.54 10.59
N ARG H 210 -141.01 -35.24 9.63
CA ARG H 210 -141.36 -35.06 8.23
C ARG H 210 -142.60 -35.87 7.87
N ALA H 211 -143.47 -35.30 7.04
CA ALA H 211 -144.55 -36.06 6.43
C ALA H 211 -144.00 -37.25 5.60
N PRO H 212 -144.54 -38.46 5.78
CA PRO H 212 -144.15 -39.61 4.98
C PRO H 212 -144.52 -39.39 3.52
N ASN H 213 -143.67 -39.88 2.60
CA ASN H 213 -143.85 -39.86 1.15
C ASN H 213 -143.84 -38.48 0.46
N THR H 214 -143.53 -37.39 1.16
CA THR H 214 -143.34 -36.08 0.52
C THR H 214 -141.97 -35.96 -0.13
N THR H 215 -141.90 -35.24 -1.24
CA THR H 215 -140.66 -34.88 -1.94
C THR H 215 -140.32 -33.40 -1.84
N ALA H 216 -141.28 -32.54 -1.46
CA ALA H 216 -141.04 -31.11 -1.33
C ALA H 216 -139.97 -30.83 -0.27
N SER H 217 -138.96 -30.07 -0.65
CA SER H 217 -137.92 -29.58 0.25
C SER H 217 -137.29 -28.31 -0.31
N THR H 218 -136.74 -27.48 0.57
CA THR H 218 -135.83 -26.40 0.18
C THR H 218 -134.77 -26.21 1.26
N ALA H 219 -133.57 -25.79 0.89
CA ALA H 219 -132.54 -25.37 1.83
C ALA H 219 -131.85 -24.08 1.36
N TRP H 220 -131.36 -23.30 2.32
CA TRP H 220 -130.65 -22.05 2.05
C TRP H 220 -129.71 -21.68 3.20
N LEU H 221 -128.86 -20.69 2.96
CA LEU H 221 -128.07 -20.02 4.00
C LEU H 221 -128.74 -18.71 4.43
N SER H 222 -128.81 -18.45 5.73
CA SER H 222 -129.22 -17.13 6.23
C SER H 222 -128.14 -16.08 6.00
N SER H 223 -128.49 -14.80 6.15
CA SER H 223 -127.53 -13.67 6.16
C SER H 223 -126.41 -13.86 7.18
N ASP H 224 -126.68 -14.61 8.25
CA ASP H 224 -125.76 -14.87 9.36
C ASP H 224 -124.91 -16.14 9.14
N GLY H 225 -125.04 -16.81 7.99
CA GLY H 225 -124.29 -18.02 7.64
C GLY H 225 -124.85 -19.32 8.22
N GLU H 226 -126.06 -19.29 8.79
CA GLU H 226 -126.75 -20.46 9.32
C GLU H 226 -127.33 -21.29 8.17
N ALA H 227 -127.30 -22.63 8.27
CA ALA H 227 -127.91 -23.49 7.26
C ALA H 227 -129.32 -23.88 7.68
N LEU H 228 -130.31 -23.53 6.85
CA LEU H 228 -131.72 -23.82 7.10
C LEU H 228 -132.25 -24.82 6.09
N PHE H 229 -133.06 -25.75 6.58
CA PHE H 229 -133.68 -26.81 5.80
C PHE H 229 -135.17 -26.81 6.09
N ALA H 230 -136.00 -26.65 5.06
CA ALA H 230 -137.45 -26.66 5.17
C ALA H 230 -138.05 -27.87 4.46
N LEU H 231 -138.97 -28.54 5.14
CA LEU H 231 -139.66 -29.74 4.67
C LEU H 231 -141.11 -29.79 5.20
N PRO H 232 -142.04 -30.46 4.50
CA PRO H 232 -143.38 -30.68 4.99
C PRO H 232 -143.40 -31.45 6.31
N SER H 233 -144.12 -30.91 7.28
CA SER H 233 -144.39 -31.57 8.56
C SER H 233 -145.52 -32.59 8.43
N ILE H 234 -145.53 -33.62 9.29
CA ILE H 234 -146.63 -34.58 9.43
C ILE H 234 -147.96 -33.87 9.71
N SER H 235 -147.92 -32.71 10.38
CA SER H 235 -149.12 -31.92 10.72
C SER H 235 -149.65 -31.03 9.58
N GLY H 236 -149.03 -31.08 8.38
CA GLY H 236 -149.40 -30.24 7.24
C GLY H 236 -148.70 -28.87 7.20
N GLY H 237 -147.98 -28.49 8.26
CA GLY H 237 -147.13 -27.29 8.29
C GLY H 237 -145.77 -27.44 7.59
N ILE H 238 -144.88 -26.46 7.78
CA ILE H 238 -143.50 -26.51 7.29
C ILE H 238 -142.55 -26.64 8.48
N LEU H 239 -141.80 -27.73 8.54
CA LEU H 239 -140.74 -27.96 9.51
C LEU H 239 -139.45 -27.31 9.00
N VAL H 240 -138.86 -26.40 9.79
CA VAL H 240 -137.60 -25.73 9.49
C VAL H 240 -136.55 -26.14 10.52
N ILE H 241 -135.47 -26.76 10.05
CA ILE H 241 -134.30 -27.14 10.84
C ILE H 241 -133.22 -26.10 10.58
N LYS H 242 -132.67 -25.52 11.64
CA LYS H 242 -131.64 -24.49 11.58
C LYS H 242 -130.38 -24.99 12.26
N MET H 243 -129.33 -25.16 11.47
CA MET H 243 -127.96 -25.45 11.92
C MET H 243 -127.20 -24.15 12.19
N PRO H 244 -126.32 -24.11 13.21
CA PRO H 244 -125.49 -22.95 13.49
C PRO H 244 -124.51 -22.66 12.35
N PRO H 245 -123.93 -21.46 12.28
CA PRO H 245 -122.84 -21.16 11.35
C PRO H 245 -121.67 -22.13 11.52
N HIS H 246 -120.95 -22.42 10.45
CA HIS H 246 -119.95 -23.50 10.44
C HIS H 246 -118.73 -23.31 11.33
N ASP H 247 -118.44 -22.06 11.61
CA ASP H 247 -117.31 -21.53 12.36
C ASP H 247 -117.69 -21.19 13.80
N MET H 248 -118.95 -21.44 14.19
CA MET H 248 -119.47 -21.17 15.53
C MET H 248 -120.02 -22.43 16.18
N GLU H 249 -119.72 -22.61 17.47
CA GLU H 249 -120.39 -23.64 18.27
C GLU H 249 -121.84 -23.22 18.56
N GLY H 250 -122.78 -24.10 18.24
CA GLY H 250 -124.21 -23.88 18.49
C GLY H 250 -125.02 -25.17 18.42
N LEU H 251 -126.25 -25.13 18.94
CA LEU H 251 -127.18 -26.25 18.88
C LEU H 251 -128.11 -26.09 17.67
N VAL H 252 -128.46 -27.22 17.04
CA VAL H 252 -129.49 -27.25 16.01
C VAL H 252 -130.84 -26.89 16.64
N THR H 253 -131.56 -25.97 16.01
CA THR H 253 -132.89 -25.53 16.44
C THR H 253 -133.94 -25.94 15.43
N ILE H 254 -135.16 -26.21 15.90
CA ILE H 254 -136.27 -26.67 15.05
C ILE H 254 -137.45 -25.75 15.29
N ALA H 255 -138.03 -25.25 14.21
CA ALA H 255 -139.25 -24.44 14.22
C ALA H 255 -140.29 -25.07 13.27
N GLU H 256 -141.56 -25.04 13.66
CA GLU H 256 -142.64 -25.53 12.82
C GLU H 256 -143.60 -24.38 12.48
N LEU H 257 -143.65 -24.01 11.20
CA LEU H 257 -144.51 -22.95 10.68
C LEU H 257 -145.92 -23.52 10.46
N LYS H 258 -146.89 -23.02 11.24
CA LYS H 258 -148.31 -23.42 11.13
C LYS H 258 -149.21 -22.22 10.92
N GLN H 259 -150.20 -22.41 10.04
CA GLN H 259 -151.28 -21.44 9.86
C GLN H 259 -152.21 -21.53 11.05
N SER H 260 -151.94 -20.70 12.06
CA SER H 260 -152.81 -20.52 13.22
C SER H 260 -153.60 -19.24 13.01
N SER H 261 -154.93 -19.34 12.91
CA SER H 261 -155.76 -18.14 12.93
C SER H 261 -155.61 -17.44 14.28
N VAL H 262 -155.69 -16.10 14.32
CA VAL H 262 -155.69 -15.33 15.58
C VAL H 262 -156.77 -15.85 16.54
N MET H 263 -157.91 -16.29 15.99
CA MET H 263 -158.99 -16.92 16.74
C MET H 263 -158.56 -18.27 17.35
N GLN H 264 -157.84 -19.11 16.60
CA GLN H 264 -157.24 -20.34 17.13
C GLN H 264 -156.23 -20.04 18.24
N ARG H 265 -155.43 -18.96 18.15
CA ARG H 265 -154.49 -18.56 19.20
C ARG H 265 -155.20 -18.12 20.48
N LEU H 266 -156.22 -17.26 20.38
CA LEU H 266 -157.00 -16.78 21.53
C LEU H 266 -157.82 -17.87 22.22
N LEU H 267 -158.36 -18.83 21.45
CA LEU H 267 -159.16 -19.93 22.00
C LEU H 267 -158.32 -21.14 22.42
N THR H 268 -156.98 -21.02 22.40
CA THR H 268 -156.10 -22.19 22.59
C THR H 268 -156.31 -22.92 23.91
N GLY H 269 -156.81 -22.22 24.94
CA GLY H 269 -157.04 -22.79 26.27
C GLY H 269 -158.43 -23.39 26.53
N TRP H 270 -159.44 -23.18 25.68
CA TRP H 270 -160.84 -23.51 26.02
C TRP H 270 -161.49 -24.61 25.19
N MET H 271 -160.94 -24.99 24.04
CA MET H 271 -161.54 -26.05 23.20
C MET H 271 -160.57 -27.18 22.85
N PRO H 272 -160.98 -28.46 23.04
CA PRO H 272 -160.21 -29.64 22.65
C PRO H 272 -159.90 -29.67 21.14
N SER H 273 -158.78 -30.31 20.80
CA SER H 273 -158.21 -30.41 19.45
C SER H 273 -159.18 -30.94 18.38
N SER H 274 -160.19 -31.72 18.74
CA SER H 274 -161.16 -32.32 17.79
C SER H 274 -162.05 -31.31 17.06
N ILE H 275 -162.33 -30.13 17.64
CA ILE H 275 -163.14 -29.07 17.00
C ILE H 275 -162.24 -28.10 16.21
N ARG H 276 -160.92 -28.10 16.48
CA ARG H 276 -159.98 -27.07 16.02
C ARG H 276 -159.70 -27.12 14.52
N GLY H 277 -160.13 -28.18 13.82
CA GLY H 277 -159.74 -28.47 12.44
C GLY H 277 -158.23 -28.60 12.39
N ASP H 278 -157.71 -29.79 12.70
CA ASP H 278 -156.30 -30.05 12.43
C ASP H 278 -156.05 -29.79 10.93
N GLN H 279 -154.90 -29.19 10.59
CA GLN H 279 -154.53 -29.00 9.19
C GLN H 279 -154.52 -30.38 8.54
N GLY H 280 -155.56 -30.66 7.76
CA GLY H 280 -155.69 -31.94 7.08
C GLY H 280 -154.55 -32.15 6.09
N PRO H 281 -154.35 -33.40 5.62
CA PRO H 281 -153.34 -33.72 4.62
C PRO H 281 -153.40 -32.84 3.35
N ALA H 282 -154.54 -32.20 3.06
CA ALA H 282 -154.69 -31.25 1.97
C ALA H 282 -153.80 -29.99 2.05
N HIS H 283 -153.31 -29.60 3.24
CA HIS H 283 -152.41 -28.44 3.39
C HIS H 283 -150.95 -28.75 3.09
N LEU H 284 -150.62 -30.01 2.80
CA LEU H 284 -149.25 -30.47 2.63
C LEU H 284 -148.59 -29.77 1.43
N PRO H 285 -147.43 -29.12 1.62
CA PRO H 285 -146.65 -28.56 0.53
C PRO H 285 -146.18 -29.65 -0.45
N VAL H 286 -146.38 -29.40 -1.74
CA VAL H 286 -145.97 -30.24 -2.87
C VAL H 286 -144.72 -29.69 -3.54
N SER H 287 -144.58 -28.37 -3.56
CA SER H 287 -143.36 -27.68 -3.98
C SER H 287 -143.04 -26.58 -2.98
N LEU H 288 -141.77 -26.48 -2.59
CA LEU H 288 -141.25 -25.43 -1.71
C LEU H 288 -140.18 -24.65 -2.47
N ALA H 289 -140.17 -23.34 -2.27
CA ALA H 289 -139.11 -22.46 -2.72
C ALA H 289 -138.87 -21.38 -1.67
N VAL H 290 -137.69 -20.79 -1.66
CA VAL H 290 -137.32 -19.76 -0.68
C VAL H 290 -136.66 -18.59 -1.39
N HIS H 291 -136.96 -17.38 -0.92
CA HIS H 291 -136.27 -16.17 -1.31
C HIS H 291 -135.81 -15.44 -0.05
N THR H 292 -134.51 -15.14 0.03
CA THR H 292 -133.91 -14.39 1.13
C THR H 292 -133.80 -12.93 0.74
N LEU H 293 -134.39 -12.05 1.55
CA LEU H 293 -134.32 -10.60 1.36
C LEU H 293 -133.93 -9.97 2.70
N ASP H 294 -132.92 -9.11 2.68
CA ASP H 294 -132.34 -8.46 3.87
C ASP H 294 -131.96 -9.46 4.98
N HIS H 295 -132.78 -9.55 6.03
CA HIS H 295 -132.59 -10.38 7.22
C HIS H 295 -133.76 -11.35 7.46
N ASP H 296 -134.62 -11.56 6.47
CA ASP H 296 -135.73 -12.52 6.54
C ASP H 296 -135.65 -13.52 5.37
N SER H 297 -136.29 -14.66 5.55
CA SER H 297 -136.41 -15.71 4.55
C SER H 297 -137.89 -15.96 4.29
N TYR H 298 -138.31 -15.69 3.06
CA TYR H 298 -139.68 -15.89 2.61
C TYR H 298 -139.83 -17.27 1.98
N LEU H 299 -140.60 -18.15 2.63
CA LEU H 299 -140.88 -19.48 2.11
C LEU H 299 -142.20 -19.47 1.34
N PHE H 300 -142.15 -19.95 0.10
CA PHE H 300 -143.29 -20.16 -0.76
C PHE H 300 -143.63 -21.64 -0.82
N ALA H 301 -144.87 -21.97 -0.48
CA ALA H 301 -145.38 -23.34 -0.43
C ALA H 301 -146.59 -23.48 -1.34
N LEU H 302 -146.43 -24.27 -2.39
CA LEU H 302 -147.52 -24.69 -3.27
C LEU H 302 -148.06 -26.01 -2.74
N CYS H 303 -149.30 -26.01 -2.25
CA CYS H 303 -149.89 -27.10 -1.48
C CYS H 303 -150.85 -27.98 -2.30
N GLN H 304 -151.18 -29.16 -1.77
CA GLN H 304 -152.12 -30.12 -2.40
C GLN H 304 -153.54 -29.56 -2.59
N ASP H 305 -153.93 -28.53 -1.83
CA ASP H 305 -155.20 -27.81 -1.97
C ASP H 305 -155.18 -26.71 -3.05
N HIS H 306 -154.18 -26.72 -3.93
CA HIS H 306 -153.98 -25.76 -5.04
C HIS H 306 -153.73 -24.31 -4.60
N LYS H 307 -153.37 -24.09 -3.33
CA LYS H 307 -153.07 -22.76 -2.82
C LYS H 307 -151.56 -22.54 -2.71
N LEU H 308 -151.13 -21.35 -3.11
CA LEU H 308 -149.79 -20.85 -2.87
C LEU H 308 -149.79 -20.04 -1.58
N ARG H 309 -148.92 -20.41 -0.64
CA ARG H 309 -148.77 -19.73 0.66
C ARG H 309 -147.38 -19.13 0.78
N MET H 310 -147.28 -17.91 1.27
CA MET H 310 -146.01 -17.25 1.56
C MET H 310 -145.85 -17.07 3.07
N TRP H 311 -144.69 -17.45 3.58
CA TRP H 311 -144.35 -17.41 5.01
C TRP H 311 -143.14 -16.52 5.24
N SER H 312 -143.19 -15.68 6.28
CA SER H 312 -141.96 -15.14 6.87
C SER H 312 -141.42 -16.14 7.89
N TYR H 313 -140.16 -16.51 7.74
CA TYR H 313 -139.47 -17.33 8.73
C TYR H 313 -139.23 -16.56 10.03
N LYS H 314 -138.79 -15.30 9.93
CA LYS H 314 -138.49 -14.45 11.09
C LYS H 314 -139.73 -14.18 11.95
N ASP H 315 -140.84 -13.82 11.33
CA ASP H 315 -142.09 -13.50 12.02
C ASP H 315 -142.95 -14.75 12.31
N GLN H 316 -142.55 -15.91 11.78
CA GLN H 316 -143.25 -17.20 11.87
C GLN H 316 -144.75 -17.10 11.54
N MET H 317 -145.10 -16.32 10.50
CA MET H 317 -146.47 -16.08 10.08
C MET H 317 -146.66 -16.22 8.57
N CYS H 318 -147.87 -16.64 8.19
CA CYS H 318 -148.30 -16.69 6.79
C CYS H 318 -148.71 -15.29 6.37
N LEU H 319 -147.99 -14.72 5.40
CA LEU H 319 -148.17 -13.36 4.91
C LEU H 319 -149.15 -13.29 3.73
N MET H 320 -149.24 -14.35 2.94
CA MET H 320 -150.09 -14.38 1.75
C MET H 320 -150.65 -15.78 1.52
N VAL H 321 -151.90 -15.85 1.07
CA VAL H 321 -152.53 -17.06 0.53
C VAL H 321 -153.22 -16.69 -0.77
N ALA H 322 -152.80 -17.30 -1.87
CA ALA H 322 -153.41 -17.14 -3.20
C ALA H 322 -153.97 -18.49 -3.67
N ASP H 323 -155.20 -18.49 -4.19
CA ASP H 323 -155.82 -19.67 -4.77
C ASP H 323 -155.43 -19.77 -6.26
N MET H 324 -154.64 -20.78 -6.62
CA MET H 324 -154.17 -20.91 -7.99
C MET H 324 -155.28 -21.28 -8.97
N LEU H 325 -156.40 -21.81 -8.49
CA LEU H 325 -157.56 -22.14 -9.33
C LEU H 325 -158.30 -20.89 -9.84
N GLU H 326 -158.03 -19.70 -9.31
CA GLU H 326 -158.58 -18.45 -9.86
C GLU H 326 -158.02 -18.12 -11.24
N TYR H 327 -156.84 -18.68 -11.58
CA TYR H 327 -156.14 -18.45 -12.85
C TYR H 327 -156.32 -19.61 -13.85
N VAL H 328 -156.97 -20.70 -13.44
CA VAL H 328 -157.22 -21.87 -14.29
C VAL H 328 -158.66 -21.81 -14.81
N PRO H 329 -158.94 -22.13 -16.09
CA PRO H 329 -160.30 -22.38 -16.56
C PRO H 329 -160.89 -23.59 -15.82
N VAL H 330 -161.60 -23.35 -14.72
CA VAL H 330 -161.95 -24.40 -13.75
C VAL H 330 -162.95 -25.41 -14.32
N SER H 331 -162.62 -26.70 -14.27
CA SER H 331 -163.62 -27.78 -14.23
C SER H 331 -163.96 -28.09 -12.76
N LYS H 332 -165.24 -28.31 -12.44
CA LYS H 332 -165.70 -28.52 -11.06
C LYS H 332 -165.01 -29.69 -10.34
N ASP H 333 -164.43 -30.62 -11.10
CA ASP H 333 -163.79 -31.83 -10.62
C ASP H 333 -162.40 -31.59 -10.00
N ILE H 334 -161.68 -30.55 -10.45
CA ILE H 334 -160.31 -30.27 -9.98
C ILE H 334 -160.31 -29.92 -8.49
N ARG H 335 -161.30 -29.17 -8.01
CA ARG H 335 -161.41 -28.76 -6.59
C ARG H 335 -161.49 -29.91 -5.59
N GLN H 336 -161.82 -31.13 -6.04
CA GLN H 336 -161.94 -32.31 -5.20
C GLN H 336 -160.70 -33.22 -5.24
N THR H 337 -159.75 -32.96 -6.15
CA THR H 337 -158.60 -33.82 -6.40
C THR H 337 -157.33 -33.17 -5.85
N ALA H 338 -156.55 -33.89 -5.05
CA ALA H 338 -155.29 -33.35 -4.52
C ALA H 338 -154.28 -33.07 -5.66
N GLY H 339 -153.73 -31.86 -5.70
CA GLY H 339 -152.75 -31.44 -6.70
C GLY H 339 -151.35 -31.97 -6.42
N THR H 340 -151.04 -33.21 -6.81
CA THR H 340 -149.75 -33.86 -6.47
C THR H 340 -148.59 -33.57 -7.43
N GLY H 341 -148.88 -33.09 -8.65
CA GLY H 341 -147.87 -32.84 -9.69
C GLY H 341 -147.46 -31.38 -9.87
N HIS H 342 -147.84 -30.50 -8.95
CA HIS H 342 -147.57 -29.07 -9.06
C HIS H 342 -146.09 -28.75 -8.79
N LYS H 343 -145.55 -27.75 -9.50
CA LYS H 343 -144.17 -27.29 -9.32
C LYS H 343 -144.10 -25.77 -9.21
N LEU H 344 -143.19 -25.29 -8.38
CA LEU H 344 -142.95 -23.87 -8.13
C LEU H 344 -141.47 -23.56 -8.34
N ARG H 345 -141.19 -22.48 -9.08
CA ARG H 345 -139.87 -21.91 -9.27
C ARG H 345 -139.92 -20.40 -8.99
N LEU H 346 -138.82 -19.85 -8.50
CA LEU H 346 -138.67 -18.42 -8.22
C LEU H 346 -137.50 -17.88 -9.04
N ALA H 347 -137.62 -16.66 -9.54
CA ALA H 347 -136.50 -15.94 -10.11
C ALA H 347 -136.55 -14.48 -9.64
N PHE H 348 -135.40 -13.92 -9.29
CA PHE H 348 -135.29 -12.56 -8.78
C PHE H 348 -134.41 -11.74 -9.71
N SER H 349 -134.90 -10.56 -10.11
CA SER H 349 -134.11 -9.57 -10.85
C SER H 349 -133.53 -8.57 -9.87
N GLU H 350 -132.21 -8.62 -9.64
CA GLU H 350 -131.52 -7.64 -8.80
C GLU H 350 -131.62 -6.23 -9.39
N THR H 351 -131.56 -6.11 -10.72
CA THR H 351 -131.61 -4.82 -11.43
C THR H 351 -132.94 -4.11 -11.26
N LEU H 352 -134.04 -4.85 -11.24
CA LEU H 352 -135.39 -4.29 -11.10
C LEU H 352 -135.88 -4.34 -9.64
N GLY H 353 -135.25 -5.15 -8.79
CA GLY H 353 -135.73 -5.45 -7.44
C GLY H 353 -137.06 -6.23 -7.44
N ILE H 354 -137.33 -7.01 -8.50
CA ILE H 354 -138.60 -7.70 -8.73
C ILE H 354 -138.43 -9.21 -8.56
N LEU H 355 -139.34 -9.83 -7.81
CA LEU H 355 -139.44 -11.28 -7.67
C LEU H 355 -140.57 -11.83 -8.55
N TYR H 356 -140.23 -12.77 -9.42
CA TYR H 356 -141.16 -13.52 -10.24
C TYR H 356 -141.35 -14.94 -9.70
N LEU H 357 -142.58 -15.44 -9.83
CA LEU H 357 -142.98 -16.78 -9.46
C LEU H 357 -143.52 -17.50 -10.70
N GLY H 358 -142.85 -18.58 -11.09
CA GLY H 358 -143.35 -19.51 -12.09
C GLY H 358 -144.04 -20.68 -11.41
N VAL H 359 -145.30 -20.92 -11.73
CA VAL H 359 -146.11 -21.99 -11.18
C VAL H 359 -146.57 -22.91 -12.31
N TYR H 360 -146.25 -24.20 -12.21
CA TYR H 360 -146.85 -25.23 -13.05
C TYR H 360 -147.96 -25.95 -12.30
N LEU H 361 -149.17 -25.89 -12.85
CA LEU H 361 -150.36 -26.56 -12.35
C LEU H 361 -150.63 -27.81 -13.18
N HIS H 362 -150.21 -28.96 -12.67
CA HIS H 362 -150.65 -30.25 -13.19
C HIS H 362 -152.17 -30.45 -13.02
N THR H 363 -152.89 -30.65 -14.12
CA THR H 363 -154.28 -31.13 -14.11
C THR H 363 -154.41 -32.35 -15.04
N PRO H 364 -155.39 -33.25 -14.83
CA PRO H 364 -155.50 -34.50 -15.59
C PRO H 364 -155.73 -34.34 -17.10
N LYS H 365 -156.24 -33.18 -17.53
CA LYS H 365 -156.58 -32.93 -18.95
C LYS H 365 -155.54 -32.06 -19.65
N GLN H 366 -154.99 -31.08 -18.95
CA GLN H 366 -154.11 -30.08 -19.53
C GLN H 366 -153.25 -29.41 -18.44
N GLY H 367 -151.94 -29.35 -18.63
CA GLY H 367 -151.07 -28.57 -17.76
C GLY H 367 -151.20 -27.07 -18.05
N GLN H 368 -150.90 -26.23 -17.05
CA GLN H 368 -150.86 -24.78 -17.21
C GLN H 368 -149.68 -24.18 -16.45
N PHE H 369 -148.92 -23.33 -17.12
CA PHE H 369 -147.95 -22.43 -16.50
C PHE H 369 -148.62 -21.10 -16.19
N CYS H 370 -148.33 -20.56 -15.00
CA CYS H 370 -148.68 -19.20 -14.62
C CYS H 370 -147.43 -18.49 -14.13
N VAL H 371 -147.16 -17.31 -14.69
CA VAL H 371 -146.08 -16.43 -14.23
C VAL H 371 -146.71 -15.27 -13.47
N PHE H 372 -146.22 -15.05 -12.25
CA PHE H 372 -146.67 -13.99 -11.38
C PHE H 372 -145.52 -13.08 -10.99
N GLN H 373 -145.82 -11.82 -10.77
CA GLN H 373 -144.94 -10.87 -10.12
C GLN H 373 -145.40 -10.69 -8.67
N LEU H 374 -144.46 -10.77 -7.71
CA LEU H 374 -144.78 -10.47 -6.32
C LEU H 374 -144.83 -8.96 -6.12
N MET H 375 -145.97 -8.46 -5.65
CA MET H 375 -146.17 -7.06 -5.32
C MET H 375 -146.28 -6.89 -3.81
N CYS H 376 -145.54 -5.93 -3.26
CA CYS H 376 -145.65 -5.52 -1.86
C CYS H 376 -146.23 -4.11 -1.79
N ALA H 377 -147.44 -3.98 -1.24
CA ALA H 377 -148.04 -2.67 -0.96
C ALA H 377 -147.41 -2.05 0.30
N GLU H 378 -147.51 -0.72 0.46
CA GLU H 378 -146.95 0.05 1.60
C GLU H 378 -147.31 -0.50 3.00
N SER H 379 -148.33 -1.33 3.12
CA SER H 379 -148.79 -1.96 4.37
C SER H 379 -148.21 -3.35 4.66
N ASN H 380 -147.09 -3.74 4.03
CA ASN H 380 -146.53 -5.11 4.06
C ASN H 380 -147.56 -6.18 3.63
N ARG H 381 -148.51 -5.77 2.79
CA ARG H 381 -149.49 -6.68 2.20
C ARG H 381 -148.96 -7.14 0.86
N TYR H 382 -148.78 -8.45 0.76
CA TYR H 382 -148.32 -9.09 -0.46
C TYR H 382 -149.50 -9.54 -1.31
N SER H 383 -149.37 -9.36 -2.61
CA SER H 383 -150.29 -9.89 -3.62
C SER H 383 -149.50 -10.36 -4.84
N LEU H 384 -150.11 -11.24 -5.63
CA LEU H 384 -149.55 -11.68 -6.90
C LEU H 384 -150.21 -10.85 -8.01
N ASP H 385 -149.39 -10.24 -8.85
CA ASP H 385 -149.83 -9.71 -10.13
C ASP H 385 -149.64 -10.78 -11.21
N HIS H 386 -150.63 -10.96 -12.08
CA HIS H 386 -150.63 -12.01 -13.09
C HIS H 386 -150.01 -11.47 -14.38
N ILE H 387 -148.91 -12.08 -14.81
CA ILE H 387 -148.18 -11.67 -16.02
C ILE H 387 -148.68 -12.47 -17.22
N SER H 388 -148.67 -13.81 -17.10
CA SER H 388 -149.05 -14.68 -18.21
C SER H 388 -149.57 -16.04 -17.74
N SER H 389 -150.40 -16.65 -18.59
CA SER H 389 -150.84 -18.03 -18.44
C SER H 389 -150.71 -18.76 -19.76
N ILE H 390 -149.98 -19.89 -19.74
CA ILE H 390 -149.61 -20.64 -20.93
C ILE H 390 -150.06 -22.09 -20.74
N PHE H 391 -150.91 -22.57 -21.64
CA PHE H 391 -151.38 -23.95 -21.62
C PHE H 391 -150.35 -24.89 -22.24
N THR H 392 -150.33 -26.14 -21.79
CA THR H 392 -149.47 -27.21 -22.33
C THR H 392 -150.32 -28.32 -22.93
N ASN H 393 -149.70 -29.23 -23.69
CA ASN H 393 -150.34 -30.45 -24.17
C ASN H 393 -150.33 -31.56 -23.08
N GLN H 394 -150.74 -32.79 -23.42
CA GLN H 394 -150.83 -33.94 -22.50
C GLN H 394 -149.47 -34.58 -22.13
N GLU H 395 -148.36 -33.93 -22.45
CA GLU H 395 -147.00 -34.37 -22.13
C GLU H 395 -146.74 -34.31 -20.60
N THR H 396 -145.95 -35.24 -20.08
CA THR H 396 -145.63 -35.32 -18.65
C THR H 396 -144.43 -34.45 -18.29
N LEU H 397 -144.65 -33.39 -17.50
CA LEU H 397 -143.59 -32.46 -17.12
C LEU H 397 -142.58 -33.10 -16.17
N ILE H 398 -141.32 -33.17 -16.57
CA ILE H 398 -140.20 -33.60 -15.73
C ILE H 398 -139.64 -32.43 -14.95
N ASP H 399 -139.33 -31.31 -15.60
CA ASP H 399 -138.74 -30.14 -14.94
C ASP H 399 -139.00 -28.87 -15.74
N PHE H 400 -138.93 -27.73 -15.07
CA PHE H 400 -138.93 -26.43 -15.73
C PHE H 400 -138.12 -25.42 -14.94
N THR H 401 -137.64 -24.43 -15.65
CA THR H 401 -137.00 -23.23 -15.11
C THR H 401 -137.41 -22.04 -15.97
N PHE H 402 -137.19 -20.82 -15.49
CA PHE H 402 -137.43 -19.62 -16.29
C PHE H 402 -136.33 -18.59 -16.03
N THR H 403 -135.96 -17.88 -17.08
CA THR H 403 -134.90 -16.88 -17.09
C THR H 403 -135.49 -15.48 -17.17
N LEU H 404 -134.95 -14.56 -16.36
CA LEU H 404 -135.36 -13.14 -16.41
C LEU H 404 -134.54 -12.32 -17.41
N THR H 405 -133.43 -12.87 -17.91
CA THR H 405 -132.60 -12.26 -18.94
C THR H 405 -133.26 -12.31 -20.31
N SER H 406 -133.82 -13.46 -20.68
CA SER H 406 -134.53 -13.65 -21.94
C SER H 406 -136.07 -13.66 -21.80
N MET H 407 -136.59 -13.61 -20.57
CA MET H 407 -138.02 -13.76 -20.26
C MET H 407 -138.64 -15.06 -20.82
N ASP H 408 -137.85 -16.15 -20.83
CA ASP H 408 -138.30 -17.45 -21.33
C ASP H 408 -138.63 -18.43 -20.20
N ILE H 409 -139.66 -19.24 -20.42
CA ILE H 409 -139.88 -20.49 -19.68
C ILE H 409 -139.25 -21.61 -20.49
N TRP H 410 -138.32 -22.34 -19.86
CA TRP H 410 -137.75 -23.57 -20.38
C TRP H 410 -138.39 -24.77 -19.68
N ALA H 411 -138.93 -25.69 -20.45
CA ALA H 411 -139.61 -26.86 -19.90
C ALA H 411 -139.22 -28.15 -20.62
N LEU H 412 -139.17 -29.22 -19.82
CA LEU H 412 -138.75 -30.56 -20.19
C LEU H 412 -139.86 -31.53 -19.85
N TRP H 413 -140.30 -32.29 -20.85
CA TRP H 413 -141.37 -33.27 -20.76
C TRP H 413 -140.95 -34.64 -21.31
N LEU H 414 -141.78 -35.64 -21.02
CA LEU H 414 -141.90 -36.85 -21.82
C LEU H 414 -143.24 -36.84 -22.56
N ASP H 415 -143.22 -37.22 -23.83
CA ASP H 415 -144.44 -37.48 -24.58
C ASP H 415 -145.03 -38.87 -24.23
N ASP H 416 -146.10 -39.25 -24.95
CA ASP H 416 -146.81 -40.51 -24.73
C ASP H 416 -145.97 -41.75 -25.08
N ASP H 417 -144.95 -41.58 -25.95
CA ASP H 417 -143.99 -42.60 -26.36
C ASP H 417 -142.73 -42.63 -25.46
N ASN H 418 -142.72 -41.86 -24.36
CA ASN H 418 -141.58 -41.66 -23.45
C ASN H 418 -140.35 -41.04 -24.11
N GLN H 419 -140.50 -40.34 -25.23
CA GLN H 419 -139.43 -39.56 -25.83
C GLN H 419 -139.26 -38.22 -25.13
N THR H 420 -138.04 -37.69 -25.24
CA THR H 420 -137.66 -36.49 -24.52
C THR H 420 -138.07 -35.26 -25.31
N VAL H 421 -138.93 -34.41 -24.74
CA VAL H 421 -139.42 -33.19 -25.40
C VAL H 421 -138.95 -31.98 -24.60
N VAL H 422 -138.25 -31.06 -25.27
CA VAL H 422 -137.83 -29.78 -24.68
C VAL H 422 -138.38 -28.64 -25.52
N LYS H 423 -138.97 -27.65 -24.87
CA LYS H 423 -139.50 -26.45 -25.52
C LYS H 423 -139.25 -25.24 -24.64
N HIS H 424 -139.19 -24.08 -25.28
CA HIS H 424 -139.12 -22.81 -24.57
C HIS H 424 -140.13 -21.81 -25.13
N ILE H 425 -140.52 -20.83 -24.32
CA ILE H 425 -141.47 -19.80 -24.71
C ILE H 425 -141.19 -18.51 -23.97
N ASN H 426 -141.14 -17.40 -24.70
CA ASN H 426 -141.10 -16.09 -24.07
C ASN H 426 -142.46 -15.81 -23.43
N PHE H 427 -142.50 -15.47 -22.16
CA PHE H 427 -143.76 -15.31 -21.43
C PHE H 427 -144.33 -13.89 -21.44
N GLU H 428 -143.60 -12.89 -21.95
CA GLU H 428 -144.08 -11.52 -22.14
C GLU H 428 -144.52 -11.29 -23.60
N GLY H 433 -149.20 -17.89 -28.08
CA GLY H 433 -149.14 -19.04 -27.17
C GLY H 433 -148.22 -20.18 -27.64
N GLN H 434 -147.31 -19.91 -28.58
CA GLN H 434 -146.56 -20.95 -29.28
C GLN H 434 -145.21 -21.24 -28.63
N TRP H 435 -145.01 -22.52 -28.31
CA TRP H 435 -143.75 -23.03 -27.79
C TRP H 435 -142.75 -23.24 -28.92
N ASN H 436 -141.54 -22.73 -28.75
CA ASN H 436 -140.46 -22.99 -29.68
C ASN H 436 -139.84 -24.37 -29.41
N PRO H 437 -139.65 -25.20 -30.45
CA PRO H 437 -139.12 -26.55 -30.28
C PRO H 437 -137.61 -26.54 -30.06
N VAL H 438 -137.13 -27.50 -29.29
CA VAL H 438 -135.73 -27.92 -29.27
C VAL H 438 -135.62 -29.24 -30.01
N PHE H 439 -134.73 -29.33 -30.99
CA PHE H 439 -134.41 -30.55 -31.73
C PHE H 439 -133.52 -31.45 -30.88
N VAL H 440 -134.16 -32.30 -30.10
CA VAL H 440 -133.55 -33.31 -29.25
C VAL H 440 -132.99 -34.45 -30.12
N ASN H 441 -131.85 -35.04 -29.74
CA ASN H 441 -131.31 -36.16 -30.50
C ASN H 441 -132.17 -37.41 -30.29
N PRO H 442 -132.59 -38.09 -31.38
CA PRO H 442 -133.30 -39.35 -31.26
C PRO H 442 -132.37 -40.43 -30.70
N LEU H 443 -132.97 -41.46 -30.11
CA LEU H 443 -132.25 -42.69 -29.79
C LEU H 443 -131.76 -43.35 -31.09
N PRO H 444 -130.68 -44.16 -31.03
CA PRO H 444 -130.28 -44.97 -32.19
C PRO H 444 -131.45 -45.84 -32.67
N GLU H 445 -131.51 -46.08 -33.98
CA GLU H 445 -132.57 -46.88 -34.62
C GLU H 445 -132.55 -48.33 -34.11
N ASP H 446 -133.73 -48.96 -34.04
CA ASP H 446 -133.88 -50.32 -33.53
C ASP H 446 -133.20 -51.36 -34.45
N ASP H 447 -133.31 -51.14 -35.77
CA ASP H 447 -132.76 -52.00 -36.81
C ASP H 447 -131.62 -51.29 -37.55
N LEU H 448 -130.55 -52.03 -37.84
CA LEU H 448 -129.41 -51.55 -38.63
C LEU H 448 -129.49 -52.18 -40.03
N ALA H 449 -129.71 -51.37 -41.07
CA ALA H 449 -129.65 -51.84 -42.44
C ALA H 449 -128.21 -52.17 -42.84
N ILE H 450 -127.94 -53.43 -43.19
CA ILE H 450 -126.62 -53.92 -43.60
C ILE H 450 -126.68 -54.30 -45.08
N SER H 451 -125.90 -53.62 -45.90
CA SER H 451 -125.77 -53.94 -47.33
C SER H 451 -125.25 -55.37 -47.53
N ASP H 452 -125.65 -56.02 -48.63
CA ASP H 452 -125.14 -57.33 -49.03
C ASP H 452 -123.63 -57.34 -49.28
N GLU H 453 -123.03 -56.18 -49.54
CA GLU H 453 -121.59 -56.01 -49.74
C GLU H 453 -120.81 -55.76 -48.45
N GLN H 454 -121.49 -55.41 -47.35
CA GLN H 454 -120.84 -55.05 -46.09
C GLN H 454 -120.75 -56.25 -45.14
N GLU H 455 -119.59 -56.40 -44.48
CA GLU H 455 -119.45 -57.37 -43.41
C GLU H 455 -120.28 -56.90 -42.19
N PRO H 456 -121.18 -57.75 -41.65
CA PRO H 456 -122.05 -57.37 -40.52
C PRO H 456 -121.25 -56.83 -39.33
N GLN H 457 -120.13 -57.47 -39.01
CA GLN H 457 -119.24 -57.07 -37.92
C GLN H 457 -118.73 -55.63 -38.08
N GLU H 458 -118.30 -55.25 -39.29
CA GLU H 458 -117.78 -53.90 -39.55
C GLU H 458 -118.88 -52.86 -39.40
N ALA H 459 -120.05 -53.11 -39.97
CA ALA H 459 -121.21 -52.21 -39.90
C ALA H 459 -121.68 -51.98 -38.44
N TYR H 460 -121.83 -53.06 -37.66
CA TYR H 460 -122.22 -52.95 -36.25
C TYR H 460 -121.14 -52.28 -35.40
N LEU H 461 -119.86 -52.59 -35.62
CA LEU H 461 -118.77 -51.94 -34.91
C LEU H 461 -118.67 -50.44 -35.25
N GLU H 462 -118.86 -50.09 -36.51
CA GLU H 462 -118.90 -48.68 -36.93
C GLU H 462 -120.04 -47.95 -36.21
N CYS H 463 -121.25 -48.52 -36.20
CA CYS H 463 -122.39 -47.91 -35.51
C CYS H 463 -122.22 -47.83 -33.98
N LEU H 464 -121.78 -48.90 -33.33
CA LEU H 464 -121.61 -48.97 -31.87
C LEU H 464 -120.55 -47.99 -31.37
N PHE H 465 -119.47 -47.82 -32.14
CA PHE H 465 -118.33 -46.99 -31.77
C PHE H 465 -118.33 -45.62 -32.47
N ALA H 466 -119.39 -45.29 -33.22
CA ALA H 466 -119.58 -43.99 -33.82
C ALA H 466 -119.73 -42.88 -32.74
N PRO H 467 -119.04 -41.75 -32.91
CA PRO H 467 -119.14 -40.59 -32.05
C PRO H 467 -120.58 -40.17 -31.71
N GLY H 468 -120.93 -40.17 -30.42
CA GLY H 468 -122.21 -39.63 -29.91
C GLY H 468 -123.41 -40.59 -29.97
N ARG H 469 -123.28 -41.79 -30.55
CA ARG H 469 -124.37 -42.79 -30.63
C ARG H 469 -124.58 -43.53 -29.29
N PHE H 470 -123.56 -44.25 -28.84
CA PHE H 470 -123.60 -45.04 -27.60
C PHE H 470 -122.63 -44.51 -26.55
N THR H 471 -123.06 -44.50 -25.30
CA THR H 471 -122.18 -44.22 -24.17
C THR H 471 -121.29 -45.44 -23.86
N ILE H 472 -120.04 -45.20 -23.42
CA ILE H 472 -119.14 -46.25 -22.91
C ILE H 472 -119.84 -47.13 -21.87
N ALA H 473 -120.63 -46.49 -20.99
CA ALA H 473 -121.37 -47.15 -19.94
C ALA H 473 -122.42 -48.15 -20.47
N ALA H 474 -123.13 -47.81 -21.55
CA ALA H 474 -124.10 -48.72 -22.18
C ALA H 474 -123.40 -49.97 -22.74
N VAL H 475 -122.33 -49.77 -23.51
CA VAL H 475 -121.56 -50.87 -24.13
C VAL H 475 -120.92 -51.77 -23.07
N GLN H 476 -120.27 -51.19 -22.06
CA GLN H 476 -119.68 -51.96 -20.96
C GLN H 476 -120.72 -52.77 -20.19
N LYS H 477 -121.93 -52.23 -19.99
CA LYS H 477 -123.03 -52.94 -19.32
C LYS H 477 -123.56 -54.10 -20.16
N ALA H 478 -123.70 -53.91 -21.47
CA ALA H 478 -124.09 -54.97 -22.39
C ALA H 478 -123.08 -56.13 -22.37
N ILE H 479 -121.77 -55.85 -22.43
CA ILE H 479 -120.71 -56.86 -22.35
C ILE H 479 -120.75 -57.62 -21.01
N GLN H 480 -120.91 -56.90 -19.88
CA GLN H 480 -120.97 -57.51 -18.54
C GLN H 480 -122.05 -58.60 -18.45
N ILE H 481 -123.21 -58.34 -19.05
CA ILE H 481 -124.36 -59.25 -19.01
C ILE H 481 -124.16 -60.42 -19.95
N LEU H 482 -123.63 -60.18 -21.15
CA LEU H 482 -123.35 -61.23 -22.11
C LEU H 482 -122.36 -62.26 -21.54
N ARG H 483 -121.32 -61.80 -20.81
CA ARG H 483 -120.32 -62.66 -20.17
C ARG H 483 -120.85 -63.52 -19.01
N LYS H 484 -122.08 -63.30 -18.52
CA LYS H 484 -122.66 -63.95 -17.33
C LYS H 484 -121.75 -63.93 -16.07
N GLY H 485 -120.73 -63.07 -16.03
CA GLY H 485 -119.60 -63.18 -15.11
C GLY H 485 -119.41 -61.94 -14.23
N SER H 486 -119.14 -62.15 -12.93
CA SER H 486 -118.87 -61.10 -11.93
C SER H 486 -117.47 -60.44 -12.08
N GLY H 487 -116.85 -60.49 -13.25
CA GLY H 487 -115.53 -59.87 -13.46
C GLY H 487 -115.57 -58.39 -13.10
N ARG H 488 -114.63 -57.92 -12.27
CA ARG H 488 -114.44 -56.47 -12.06
C ARG H 488 -114.10 -55.87 -13.41
N VAL H 489 -114.98 -55.02 -13.92
CA VAL H 489 -114.72 -54.26 -15.13
C VAL H 489 -113.57 -53.31 -14.81
N LEU H 490 -112.44 -53.56 -15.46
CA LEU H 490 -111.34 -52.61 -15.55
C LEU H 490 -111.82 -51.43 -16.40
N ASP H 491 -111.33 -50.23 -16.12
CA ASP H 491 -111.50 -49.09 -17.02
C ASP H 491 -110.73 -49.40 -18.31
N LEU H 492 -111.40 -50.09 -19.23
CA LEU H 492 -110.84 -50.46 -20.53
C LEU H 492 -110.77 -49.22 -21.42
N SER H 493 -109.69 -49.09 -22.18
CA SER H 493 -109.64 -48.11 -23.26
C SER H 493 -110.72 -48.41 -24.33
N TRP H 494 -111.07 -47.45 -25.18
CA TRP H 494 -112.07 -47.69 -26.24
C TRP H 494 -111.63 -48.74 -27.25
N GLU H 495 -110.33 -48.78 -27.57
CA GLU H 495 -109.76 -49.80 -28.45
C GLU H 495 -109.76 -51.18 -27.76
N GLU H 496 -109.45 -51.23 -26.47
CA GLU H 496 -109.60 -52.45 -25.68
C GLU H 496 -111.06 -52.88 -25.64
N LEU H 497 -112.00 -51.95 -25.40
CA LEU H 497 -113.43 -52.23 -25.40
C LEU H 497 -113.90 -52.74 -26.76
N ARG H 498 -113.43 -52.15 -27.87
CA ARG H 498 -113.74 -52.62 -29.23
C ARG H 498 -113.25 -54.04 -29.47
N LYS H 499 -111.99 -54.33 -29.08
CA LYS H 499 -111.44 -55.70 -29.12
C LYS H 499 -112.24 -56.65 -28.22
N ASP H 500 -112.63 -56.19 -27.04
CA ASP H 500 -113.35 -56.98 -26.04
C ASP H 500 -114.77 -57.32 -26.49
N VAL H 501 -115.48 -56.36 -27.11
CA VAL H 501 -116.77 -56.58 -27.78
C VAL H 501 -116.60 -57.61 -28.89
N THR H 502 -115.64 -57.38 -29.78
CA THR H 502 -115.38 -58.24 -30.94
C THR H 502 -115.16 -59.69 -30.52
N LEU H 503 -114.22 -59.92 -29.59
CA LEU H 503 -113.94 -61.26 -29.05
C LEU H 503 -115.16 -61.88 -28.35
N THR H 504 -115.96 -61.08 -27.64
CA THR H 504 -117.13 -61.60 -26.91
C THR H 504 -118.24 -62.03 -27.87
N VAL H 505 -118.52 -61.24 -28.91
CA VAL H 505 -119.53 -61.58 -29.92
C VAL H 505 -119.04 -62.73 -30.82
N GLU H 506 -117.77 -62.74 -31.23
CA GLU H 506 -117.17 -63.86 -31.97
C GLU H 506 -117.26 -65.19 -31.21
N ASN H 507 -117.03 -65.19 -29.89
CA ASN H 507 -117.21 -66.38 -29.07
C ASN H 507 -118.66 -66.86 -29.04
N GLU H 508 -119.65 -65.95 -29.01
CA GLU H 508 -121.06 -66.33 -29.10
C GLU H 508 -121.42 -66.88 -30.49
N ILE H 509 -120.88 -66.30 -31.56
CA ILE H 509 -121.02 -66.81 -32.94
C ILE H 509 -120.43 -68.21 -33.05
N GLN H 510 -119.21 -68.43 -32.54
CA GLN H 510 -118.57 -69.75 -32.53
C GLN H 510 -119.38 -70.78 -31.73
N ASN H 511 -120.01 -70.36 -30.63
CA ASN H 511 -120.89 -71.24 -29.85
C ASN H 511 -122.24 -71.53 -30.54
N ALA H 512 -122.72 -70.62 -31.40
CA ALA H 512 -123.95 -70.77 -32.17
C ALA H 512 -123.75 -71.68 -33.41
N VAL H 513 -122.53 -71.76 -33.95
CA VAL H 513 -122.15 -72.67 -35.03
C VAL H 513 -121.96 -74.08 -34.47
N ILE H 514 -123.02 -74.89 -34.49
CA ILE H 514 -123.04 -76.27 -33.95
C ILE H 514 -122.40 -77.26 -34.94
N ASP H 515 -122.60 -77.06 -36.24
CA ASP H 515 -122.15 -77.94 -37.32
C ASP H 515 -120.87 -77.43 -38.00
N TYR H 516 -119.99 -78.34 -38.45
CA TYR H 516 -118.77 -77.97 -39.19
C TYR H 516 -119.05 -77.51 -40.64
N ASP H 517 -120.21 -77.87 -41.20
CA ASP H 517 -120.60 -77.60 -42.60
C ASP H 517 -121.73 -76.55 -42.66
N VAL H 518 -121.49 -75.33 -42.18
CA VAL H 518 -122.43 -74.20 -42.32
C VAL H 518 -122.20 -73.50 -43.66
N SER H 519 -123.27 -73.26 -44.43
CA SER H 519 -123.16 -72.50 -45.68
C SER H 519 -122.76 -71.03 -45.42
N GLN H 520 -122.16 -70.35 -46.40
CA GLN H 520 -121.78 -68.93 -46.25
C GLN H 520 -122.97 -68.03 -45.89
N GLU H 521 -124.15 -68.32 -46.45
CA GLU H 521 -125.38 -67.57 -46.18
C GLU H 521 -125.90 -67.80 -44.76
N GLU H 522 -125.94 -69.06 -44.31
CA GLU H 522 -126.32 -69.39 -42.92
C GLU H 522 -125.32 -68.79 -41.92
N PHE H 523 -124.03 -68.81 -42.24
CA PHE H 523 -123.02 -68.18 -41.38
C PHE H 523 -123.19 -66.66 -41.32
N ARG H 524 -123.46 -65.99 -42.46
CA ARG H 524 -123.78 -64.56 -42.50
C ARG H 524 -125.00 -64.23 -41.65
N GLN H 525 -126.07 -65.05 -41.75
CA GLN H 525 -127.28 -64.87 -40.97
C GLN H 525 -127.04 -65.03 -39.46
N ILE H 526 -126.29 -66.05 -39.03
CA ILE H 526 -125.89 -66.25 -37.63
C ILE H 526 -125.06 -65.05 -37.13
N ASN H 527 -124.19 -64.51 -37.98
CA ASN H 527 -123.38 -63.34 -37.66
C ASN H 527 -124.28 -62.11 -37.41
N ILE H 528 -125.20 -61.81 -38.33
CA ILE H 528 -126.18 -60.71 -38.19
C ILE H 528 -127.00 -60.88 -36.90
N GLU H 529 -127.55 -62.07 -36.64
CA GLU H 529 -128.37 -62.31 -35.45
C GLU H 529 -127.63 -62.06 -34.13
N ASN H 530 -126.37 -62.49 -34.02
CA ASN H 530 -125.58 -62.31 -32.80
C ASN H 530 -125.16 -60.85 -32.58
N TRP H 531 -124.76 -60.15 -33.64
CA TRP H 531 -124.47 -58.73 -33.54
C TRP H 531 -125.71 -57.90 -33.26
N CYS H 532 -126.84 -58.19 -33.92
CA CYS H 532 -128.12 -57.57 -33.65
C CYS H 532 -128.52 -57.73 -32.18
N LYS H 533 -128.43 -58.94 -31.63
CA LYS H 533 -128.68 -59.20 -30.21
C LYS H 533 -127.80 -58.35 -29.27
N PHE H 534 -126.52 -58.19 -29.60
CA PHE H 534 -125.61 -57.34 -28.82
C PHE H 534 -125.97 -55.85 -28.96
N TYR H 535 -126.30 -55.41 -30.17
CA TYR H 535 -126.73 -54.06 -30.49
C TYR H 535 -128.02 -53.67 -29.72
N THR H 536 -129.07 -54.50 -29.78
CA THR H 536 -130.32 -54.29 -29.02
C THR H 536 -130.06 -54.23 -27.51
N CYS H 537 -129.10 -55.03 -26.99
CA CYS H 537 -128.72 -54.96 -25.59
C CYS H 537 -128.06 -53.60 -25.25
N CYS H 538 -127.19 -53.09 -26.12
CA CYS H 538 -126.62 -51.75 -25.97
C CYS H 538 -127.71 -50.67 -26.02
N LEU H 539 -128.70 -50.81 -26.90
CA LEU H 539 -129.81 -49.88 -27.08
C LEU H 539 -130.65 -49.75 -25.81
N GLN H 540 -131.03 -50.86 -25.17
CA GLN H 540 -131.79 -50.85 -23.91
C GLN H 540 -131.07 -50.11 -22.77
N TYR H 541 -129.75 -50.28 -22.68
CA TYR H 541 -128.94 -49.54 -21.71
C TYR H 541 -128.78 -48.07 -22.08
N GLN H 542 -128.64 -47.77 -23.36
CA GLN H 542 -128.57 -46.40 -23.85
C GLN H 542 -129.88 -45.65 -23.61
N GLU H 543 -131.04 -46.27 -23.83
CA GLU H 543 -132.36 -45.72 -23.51
C GLU H 543 -132.48 -45.40 -22.01
N THR H 544 -132.09 -46.35 -21.15
CA THR H 544 -132.10 -46.15 -19.70
C THR H 544 -131.21 -44.98 -19.26
N LEU H 545 -130.02 -44.84 -19.86
CA LEU H 545 -129.07 -43.76 -19.58
C LEU H 545 -129.48 -42.43 -20.21
N SER H 546 -130.24 -42.45 -21.29
CA SER H 546 -130.74 -41.26 -21.97
C SER H 546 -131.94 -40.65 -21.25
N ARG H 547 -132.51 -41.31 -20.23
CA ARG H 547 -133.66 -40.78 -19.50
C ARG H 547 -133.40 -39.34 -18.99
N PRO H 548 -134.23 -38.35 -19.38
CA PRO H 548 -134.12 -36.98 -18.91
C PRO H 548 -134.46 -36.85 -17.42
N LEU H 549 -133.68 -36.04 -16.69
CA LEU H 549 -133.83 -35.84 -15.24
C LEU H 549 -134.13 -34.38 -14.85
N ALA H 550 -133.46 -33.40 -15.47
CA ALA H 550 -133.63 -31.98 -15.14
C ALA H 550 -133.09 -31.05 -16.24
N LEU H 551 -133.41 -29.76 -16.13
CA LEU H 551 -132.83 -28.68 -16.93
C LEU H 551 -131.96 -27.77 -16.06
N LEU H 552 -130.82 -27.35 -16.60
CA LEU H 552 -129.98 -26.30 -16.02
C LEU H 552 -129.89 -25.15 -17.02
N VAL H 553 -130.38 -23.98 -16.65
CA VAL H 553 -130.22 -22.76 -17.44
C VAL H 553 -129.40 -21.76 -16.65
N HIS H 554 -128.32 -21.30 -17.26
CA HIS H 554 -127.48 -20.28 -16.69
C HIS H 554 -128.13 -18.90 -16.87
N PRO H 555 -128.39 -18.14 -15.79
CA PRO H 555 -129.07 -16.85 -15.90
C PRO H 555 -128.28 -15.81 -16.70
N ASP H 556 -126.97 -15.69 -16.46
CA ASP H 556 -126.15 -14.63 -17.10
C ASP H 556 -125.61 -14.98 -18.49
N THR H 557 -125.20 -16.24 -18.72
CA THR H 557 -124.61 -16.66 -20.00
C THR H 557 -125.64 -17.24 -20.97
N ASN H 558 -126.88 -17.46 -20.54
CA ASN H 558 -127.93 -18.17 -21.29
C ASN H 558 -127.55 -19.59 -21.75
N MET H 559 -126.52 -20.20 -21.14
CA MET H 559 -126.17 -21.60 -21.41
C MET H 559 -127.28 -22.51 -20.89
N VAL H 560 -127.80 -23.38 -21.76
CA VAL H 560 -128.81 -24.36 -21.40
C VAL H 560 -128.24 -25.76 -21.50
N CYS H 561 -128.40 -26.54 -20.43
CA CYS H 561 -127.97 -27.92 -20.33
C CYS H 561 -129.15 -28.84 -20.01
N LEU H 562 -129.21 -29.97 -20.71
CA LEU H 562 -130.14 -31.05 -20.42
C LEU H 562 -129.40 -32.14 -19.62
N LEU H 563 -129.85 -32.35 -18.37
CA LEU H 563 -129.30 -33.35 -17.48
C LEU H 563 -130.01 -34.69 -17.71
N ARG H 564 -129.34 -35.62 -18.39
CA ARG H 564 -129.80 -37.01 -18.54
C ARG H 564 -129.14 -37.90 -17.49
N LYS H 565 -129.68 -39.10 -17.30
CA LYS H 565 -129.20 -40.02 -16.26
C LYS H 565 -127.73 -40.44 -16.43
N GLY H 566 -127.29 -40.67 -17.66
CA GLY H 566 -125.94 -41.16 -17.96
C GLY H 566 -124.98 -40.11 -18.49
N PHE H 567 -125.45 -38.95 -18.94
CA PHE H 567 -124.62 -37.95 -19.59
C PHE H 567 -125.26 -36.55 -19.56
N LEU H 568 -124.46 -35.55 -19.92
CA LEU H 568 -124.85 -34.15 -20.04
C LEU H 568 -124.96 -33.75 -21.52
N SER H 569 -126.04 -33.08 -21.88
CA SER H 569 -126.17 -32.43 -23.19
C SER H 569 -126.28 -30.92 -23.06
N PHE H 570 -125.84 -30.20 -24.08
CA PHE H 570 -125.90 -28.74 -24.20
C PHE H 570 -126.88 -28.38 -25.30
N LEU H 571 -127.68 -27.33 -25.12
CA LEU H 571 -128.56 -26.84 -26.17
C LEU H 571 -127.91 -25.63 -26.83
N ALA H 572 -127.71 -25.71 -28.14
CA ALA H 572 -127.15 -24.63 -28.94
C ALA H 572 -128.21 -24.07 -29.90
N PRO H 573 -128.16 -22.77 -30.25
CA PRO H 573 -129.09 -22.19 -31.19
C PRO H 573 -128.93 -22.82 -32.58
N CYS H 574 -130.04 -23.09 -33.24
CA CYS H 574 -130.09 -23.64 -34.58
C CYS H 574 -130.02 -22.51 -35.63
N SER H 575 -129.38 -22.74 -36.78
CA SER H 575 -129.40 -21.73 -37.85
C SER H 575 -130.79 -21.65 -38.51
N LEU H 576 -131.09 -20.56 -39.20
CA LEU H 576 -132.39 -20.35 -39.86
C LEU H 576 -132.72 -21.48 -40.84
N VAL H 577 -131.76 -21.89 -41.67
CA VAL H 577 -131.98 -22.92 -42.70
C VAL H 577 -132.29 -24.28 -42.06
N GLU H 578 -131.54 -24.65 -41.02
CA GLU H 578 -131.80 -25.89 -40.27
C GLU H 578 -133.13 -25.83 -39.52
N HIS H 579 -133.47 -24.68 -38.90
CA HIS H 579 -134.75 -24.48 -38.23
C HIS H 579 -135.91 -24.73 -39.19
N LEU H 580 -135.93 -24.05 -40.33
CA LEU H 580 -137.01 -24.18 -41.31
C LEU H 580 -137.15 -25.63 -41.80
N TYR H 581 -136.03 -26.33 -42.01
CA TYR H 581 -136.05 -27.72 -42.46
C TYR H 581 -136.55 -28.71 -41.39
N LEU H 582 -136.17 -28.51 -40.12
CA LEU H 582 -136.43 -29.47 -39.03
C LEU H 582 -137.78 -29.24 -38.30
N VAL H 583 -138.33 -28.03 -38.29
CA VAL H 583 -139.61 -27.72 -37.61
C VAL H 583 -140.76 -28.58 -38.16
N PRO H 584 -141.69 -29.14 -37.36
CA PRO H 584 -142.85 -29.89 -37.87
C PRO H 584 -143.73 -29.08 -38.85
N ALA H 585 -144.34 -29.71 -39.87
CA ALA H 585 -145.05 -29.01 -40.94
C ALA H 585 -146.17 -28.08 -40.44
N GLU H 586 -146.85 -28.48 -39.37
CA GLU H 586 -147.90 -27.70 -38.70
C GLU H 586 -147.42 -26.34 -38.17
N HIS H 587 -146.17 -26.28 -37.67
CA HIS H 587 -145.58 -25.08 -37.09
C HIS H 587 -144.93 -24.18 -38.15
N LEU H 588 -144.70 -24.71 -39.35
CA LEU H 588 -144.02 -24.01 -40.43
C LEU H 588 -144.92 -22.91 -41.04
N LEU H 589 -146.24 -23.10 -40.95
CA LEU H 589 -147.26 -22.12 -41.37
C LEU H 589 -147.38 -20.90 -40.44
N THR H 590 -146.76 -20.96 -39.25
CA THR H 590 -146.82 -19.88 -38.26
C THR H 590 -145.47 -19.19 -38.05
N VAL H 591 -144.49 -19.49 -38.91
CA VAL H 591 -143.21 -18.81 -38.92
C VAL H 591 -143.44 -17.35 -39.35
N ASP H 592 -142.80 -16.43 -38.64
CA ASP H 592 -142.85 -15.00 -38.96
C ASP H 592 -141.97 -14.73 -40.19
N GLU H 593 -142.61 -14.46 -41.34
CA GLU H 593 -141.95 -14.23 -42.62
C GLU H 593 -140.93 -13.08 -42.55
N SER H 594 -141.12 -12.10 -41.65
CA SER H 594 -140.22 -10.96 -41.49
C SER H 594 -138.81 -11.33 -41.01
N VAL H 595 -138.66 -12.51 -40.38
CA VAL H 595 -137.37 -13.01 -39.90
C VAL H 595 -136.56 -13.67 -41.02
N ILE H 596 -137.24 -14.20 -42.03
CA ILE H 596 -136.62 -14.90 -43.16
C ILE H 596 -136.02 -13.88 -44.14
N SER H 597 -136.80 -12.85 -44.45
CA SER H 597 -136.38 -11.78 -45.35
C SER H 597 -137.21 -10.52 -45.09
N ASP H 598 -136.60 -9.34 -45.29
CA ASP H 598 -137.34 -8.07 -45.35
C ASP H 598 -138.38 -8.07 -46.50
N ASP H 599 -138.19 -8.94 -47.49
CA ASP H 599 -139.09 -9.14 -48.63
C ASP H 599 -140.05 -10.30 -48.35
N ILE H 600 -141.29 -9.96 -48.00
CA ILE H 600 -142.39 -10.89 -47.67
C ILE H 600 -142.56 -11.94 -48.77
N ASP H 601 -142.46 -11.54 -50.04
CA ASP H 601 -142.64 -12.46 -51.16
C ASP H 601 -141.49 -13.47 -51.22
N ALA H 602 -140.25 -13.03 -50.96
CA ALA H 602 -139.10 -13.93 -50.90
C ALA H 602 -139.17 -14.87 -49.70
N ALA H 603 -139.66 -14.39 -48.55
CA ALA H 603 -139.87 -15.22 -47.37
C ALA H 603 -140.89 -16.33 -47.64
N SER H 604 -142.04 -15.99 -48.24
CA SER H 604 -143.07 -16.94 -48.61
C SER H 604 -142.56 -17.98 -49.62
N ASP H 605 -141.78 -17.56 -50.62
CA ASP H 605 -141.15 -18.46 -51.59
C ASP H 605 -140.18 -19.46 -50.92
N ILE H 606 -139.40 -19.02 -49.93
CA ILE H 606 -138.48 -19.88 -49.16
C ILE H 606 -139.26 -20.90 -48.32
N VAL H 607 -140.34 -20.46 -47.66
CA VAL H 607 -141.21 -21.32 -46.87
C VAL H 607 -141.83 -22.42 -47.76
N ASN H 608 -142.38 -22.05 -48.92
CA ASN H 608 -142.95 -23.00 -49.88
C ASN H 608 -141.90 -23.98 -50.40
N LEU H 609 -140.69 -23.49 -50.69
CA LEU H 609 -139.57 -24.33 -51.13
C LEU H 609 -139.18 -25.36 -50.06
N ILE H 610 -139.02 -24.94 -48.80
CA ILE H 610 -138.71 -25.83 -47.68
C ILE H 610 -139.80 -26.90 -47.50
N GLN H 611 -141.07 -26.54 -47.66
CA GLN H 611 -142.14 -27.54 -47.62
C GLN H 611 -141.99 -28.58 -48.73
N CYS H 612 -141.59 -28.18 -49.94
CA CYS H 612 -141.32 -29.12 -51.03
C CYS H 612 -140.15 -30.05 -50.71
N LEU H 613 -139.06 -29.52 -50.14
CA LEU H 613 -137.90 -30.31 -49.73
C LEU H 613 -138.27 -31.37 -48.68
N ARG H 614 -139.13 -31.02 -47.73
CA ARG H 614 -139.60 -31.97 -46.72
C ARG H 614 -140.50 -33.05 -47.28
N MET H 615 -141.39 -32.70 -48.20
CA MET H 615 -142.19 -33.69 -48.90
C MET H 615 -141.31 -34.67 -49.68
N ILE H 616 -140.16 -34.24 -50.18
CA ILE H 616 -139.17 -35.17 -50.76
C ILE H 616 -138.52 -36.00 -49.65
N ALA H 617 -138.05 -35.36 -48.58
CA ALA H 617 -137.36 -36.03 -47.47
C ALA H 617 -138.20 -37.15 -46.84
N ASP H 618 -139.50 -36.92 -46.64
CA ASP H 618 -140.45 -37.87 -46.03
C ASP H 618 -140.67 -39.13 -46.90
N TYR H 619 -140.38 -39.06 -48.21
CA TYR H 619 -140.58 -40.16 -49.16
C TYR H 619 -139.29 -40.84 -49.64
N ILE H 620 -138.13 -40.34 -49.25
CA ILE H 620 -136.85 -41.00 -49.51
C ILE H 620 -136.74 -42.23 -48.61
N SER H 621 -136.65 -43.42 -49.22
CA SER H 621 -136.39 -44.65 -48.48
C SER H 621 -134.93 -44.72 -47.99
N GLU H 622 -134.65 -45.61 -47.05
CA GLU H 622 -133.29 -45.88 -46.57
C GLU H 622 -132.36 -46.30 -47.71
N ASP H 623 -132.85 -47.13 -48.64
CA ASP H 623 -132.09 -47.54 -49.83
C ASP H 623 -131.70 -46.34 -50.71
N MET H 624 -132.62 -45.40 -50.94
CA MET H 624 -132.35 -44.19 -51.72
C MET H 624 -131.37 -43.27 -51.00
N ALA H 625 -131.48 -43.14 -49.67
CA ALA H 625 -130.56 -42.36 -48.86
C ALA H 625 -129.14 -42.96 -48.91
N TYR H 626 -129.03 -44.28 -48.76
CA TYR H 626 -127.79 -45.02 -48.89
C TYR H 626 -127.18 -44.88 -50.29
N LEU H 627 -128.00 -44.93 -51.35
CA LEU H 627 -127.55 -44.78 -52.73
C LEU H 627 -126.86 -43.41 -52.94
N MET H 628 -127.41 -42.33 -52.41
CA MET H 628 -126.76 -41.00 -52.45
C MET H 628 -125.46 -40.97 -51.63
N GLU H 629 -125.46 -41.53 -50.43
CA GLU H 629 -124.27 -41.53 -49.56
C GLU H 629 -123.13 -42.38 -50.17
N SER H 630 -123.47 -43.52 -50.74
CA SER H 630 -122.57 -44.40 -51.49
C SER H 630 -122.02 -43.70 -52.73
N ALA H 631 -122.85 -42.95 -53.47
CA ALA H 631 -122.40 -42.17 -54.62
C ALA H 631 -121.33 -41.15 -54.22
N CYS H 632 -121.48 -40.48 -53.07
CA CYS H 632 -120.49 -39.54 -52.55
C CYS H 632 -119.19 -40.25 -52.18
N CYS H 633 -119.27 -41.37 -51.45
CA CYS H 633 -118.12 -42.17 -51.04
C CYS H 633 -117.29 -42.67 -52.24
N HIS H 634 -118.00 -43.14 -53.28
CA HIS H 634 -117.43 -43.68 -54.52
C HIS H 634 -117.18 -42.63 -55.61
N LEU H 635 -117.36 -41.34 -55.30
CA LEU H 635 -117.06 -40.22 -56.20
C LEU H 635 -117.83 -40.28 -57.53
N GLN H 636 -119.06 -40.80 -57.47
CA GLN H 636 -120.02 -40.74 -58.57
C GLN H 636 -120.64 -39.34 -58.62
N SER H 637 -121.21 -38.97 -59.78
CA SER H 637 -121.87 -37.67 -59.94
C SER H 637 -123.16 -37.63 -59.10
N PRO H 638 -123.24 -36.81 -58.04
CA PRO H 638 -124.43 -36.71 -57.19
C PRO H 638 -125.64 -36.19 -57.98
N GLU H 639 -125.43 -35.43 -59.05
CA GLU H 639 -126.49 -34.95 -59.94
C GLU H 639 -127.19 -36.11 -60.65
N ARG H 640 -126.42 -37.04 -61.26
CA ARG H 640 -127.00 -38.21 -61.93
C ARG H 640 -127.73 -39.13 -60.97
N VAL H 641 -127.21 -39.24 -59.76
CA VAL H 641 -127.79 -40.04 -58.69
C VAL H 641 -129.08 -39.40 -58.16
N ALA H 642 -129.12 -38.08 -58.03
CA ALA H 642 -130.34 -37.35 -57.69
C ALA H 642 -131.42 -37.52 -58.79
N GLU H 643 -131.03 -37.51 -60.07
CA GLU H 643 -131.92 -37.80 -61.19
C GLU H 643 -132.46 -39.23 -61.13
N GLN H 644 -131.62 -40.23 -60.83
CA GLN H 644 -132.06 -41.62 -60.64
C GLN H 644 -133.06 -41.76 -59.48
N ILE H 645 -132.74 -41.17 -58.31
CA ILE H 645 -133.64 -41.19 -57.15
C ILE H 645 -134.97 -40.52 -57.50
N LEU H 646 -134.95 -39.43 -58.27
CA LEU H 646 -136.17 -38.79 -58.75
C LEU H 646 -136.99 -39.70 -59.67
N GLU H 647 -136.34 -40.44 -60.59
CA GLU H 647 -137.03 -41.40 -61.45
C GLU H 647 -137.70 -42.50 -60.63
N ASP H 648 -137.02 -43.02 -59.60
CA ASP H 648 -137.56 -44.04 -58.70
C ASP H 648 -138.72 -43.49 -57.85
N LEU H 649 -138.62 -42.24 -57.37
CA LEU H 649 -139.71 -41.56 -56.65
C LEU H 649 -140.95 -41.39 -57.54
N ILE H 650 -140.77 -40.99 -58.81
CA ILE H 650 -141.88 -40.83 -59.76
C ILE H 650 -142.50 -42.19 -60.11
N ALA H 651 -141.68 -43.23 -60.28
CA ALA H 651 -142.16 -44.58 -60.56
C ALA H 651 -142.99 -45.16 -59.41
N ASN H 652 -142.66 -44.77 -58.17
CA ASN H 652 -143.30 -45.22 -56.93
C ASN H 652 -144.27 -44.19 -56.32
N ASP H 653 -144.71 -43.16 -57.06
CA ASP H 653 -145.60 -42.09 -56.57
C ASP H 653 -147.05 -42.57 -56.38
N ILE H 654 -147.29 -43.37 -55.34
CA ILE H 654 -148.61 -43.95 -55.03
C ILE H 654 -149.57 -42.88 -54.47
N ASP H 655 -149.05 -41.88 -53.76
CA ASP H 655 -149.82 -40.89 -53.01
C ASP H 655 -150.01 -39.54 -53.75
N ASN H 656 -149.69 -39.48 -55.06
CA ASN H 656 -149.70 -38.25 -55.87
C ASN H 656 -148.91 -37.09 -55.23
N ILE H 657 -147.78 -37.41 -54.60
CA ILE H 657 -146.90 -36.45 -53.92
C ILE H 657 -146.31 -35.50 -54.94
N MET H 658 -145.99 -36.01 -56.13
CA MET H 658 -145.43 -35.20 -57.20
C MET H 658 -146.44 -34.14 -57.66
N GLU H 659 -147.74 -34.46 -57.66
CA GLU H 659 -148.81 -33.48 -57.90
C GLU H 659 -148.86 -32.44 -56.77
N ASN H 660 -148.74 -32.87 -55.51
CA ASN H 660 -148.73 -31.95 -54.37
C ASN H 660 -147.51 -31.00 -54.37
N ILE H 661 -146.32 -31.52 -54.69
CA ILE H 661 -145.09 -30.73 -54.85
C ILE H 661 -145.27 -29.75 -56.02
N GLN H 662 -145.81 -30.22 -57.16
CA GLN H 662 -146.11 -29.34 -58.31
C GLN H 662 -147.06 -28.21 -57.94
N ASN H 663 -148.14 -28.49 -57.21
CA ASN H 663 -149.10 -27.49 -56.77
C ASN H 663 -148.45 -26.44 -55.86
N LYS H 664 -147.64 -26.85 -54.87
CA LYS H 664 -146.89 -25.91 -54.00
C LYS H 664 -145.83 -25.12 -54.75
N LEU H 665 -145.17 -25.73 -55.74
CA LEU H 665 -144.23 -25.02 -56.60
C LEU H 665 -144.92 -23.97 -57.47
N GLN H 666 -146.16 -24.21 -57.91
CA GLN H 666 -146.96 -23.20 -58.62
C GLN H 666 -147.31 -21.99 -57.73
N ASP H 667 -147.44 -22.19 -56.41
CA ASP H 667 -147.64 -21.11 -55.45
C ASP H 667 -146.36 -20.28 -55.20
N THR H 668 -145.20 -20.79 -55.62
CA THR H 668 -143.89 -20.12 -55.46
C THR H 668 -143.64 -19.16 -56.63
N ARG H 669 -143.45 -17.87 -56.34
CA ARG H 669 -143.29 -16.82 -57.38
C ARG H 669 -141.92 -16.88 -58.05
N ASN H 670 -140.85 -17.08 -57.28
CA ASN H 670 -139.49 -17.16 -57.79
C ASN H 670 -138.68 -18.27 -57.09
N PRO H 671 -138.87 -19.54 -57.49
CA PRO H 671 -138.18 -20.67 -56.87
C PRO H 671 -136.66 -20.56 -56.97
N ILE H 672 -136.13 -20.00 -58.05
CA ILE H 672 -134.68 -19.85 -58.27
C ILE H 672 -134.05 -18.89 -57.27
N ARG H 673 -134.73 -17.78 -56.95
CA ARG H 673 -134.25 -16.85 -55.92
C ARG H 673 -134.25 -17.51 -54.54
N ALA H 674 -135.27 -18.30 -54.22
CA ALA H 674 -135.34 -19.06 -52.96
C ALA H 674 -134.23 -20.13 -52.88
N ILE H 675 -133.97 -20.85 -53.97
CA ILE H 675 -132.85 -21.81 -54.08
C ILE H 675 -131.51 -21.10 -53.87
N GLY H 676 -131.28 -19.98 -54.56
CA GLY H 676 -130.07 -19.17 -54.41
C GLY H 676 -129.87 -18.69 -52.98
N PHE H 677 -130.94 -18.30 -52.29
CA PHE H 677 -130.90 -17.92 -50.87
C PHE H 677 -130.47 -19.09 -49.98
N LEU H 678 -131.03 -20.29 -50.16
CA LEU H 678 -130.64 -21.46 -49.36
C LEU H 678 -129.17 -21.82 -49.59
N LEU H 679 -128.71 -21.88 -50.85
CA LEU H 679 -127.32 -22.17 -51.18
C LEU H 679 -126.36 -21.15 -50.56
N GLN H 680 -126.67 -19.85 -50.66
CA GLN H 680 -125.84 -18.79 -50.09
C GLN H 680 -125.72 -18.87 -48.57
N ASN H 681 -126.80 -19.18 -47.85
CA ASN H 681 -126.78 -19.32 -46.39
C ASN H 681 -126.08 -20.61 -45.93
N MET H 682 -125.92 -21.58 -46.83
CA MET H 682 -125.22 -22.83 -46.58
C MET H 682 -123.76 -22.82 -47.08
N ASP H 683 -123.26 -21.69 -47.56
CA ASP H 683 -121.95 -21.60 -48.16
C ASP H 683 -120.95 -20.94 -47.20
N TYR H 684 -119.87 -21.66 -46.87
CA TYR H 684 -118.80 -21.17 -45.99
C TYR H 684 -117.48 -20.93 -46.74
N GLU H 685 -117.52 -20.87 -48.06
CA GLU H 685 -116.34 -20.51 -48.87
C GLU H 685 -115.86 -19.10 -48.50
N THR H 686 -114.62 -18.99 -48.02
CA THR H 686 -114.01 -17.72 -47.59
C THR H 686 -113.22 -17.08 -48.73
N ASN H 687 -113.35 -15.77 -48.91
CA ASN H 687 -112.36 -14.97 -49.61
C ASN H 687 -111.15 -14.83 -48.67
N ALA H 688 -109.92 -14.99 -49.18
CA ALA H 688 -108.69 -15.29 -48.45
C ALA H 688 -108.22 -14.35 -47.30
N ASP H 689 -109.02 -13.38 -46.84
CA ASP H 689 -108.65 -12.34 -45.87
C ASP H 689 -108.74 -12.77 -44.40
N MET H 690 -108.45 -14.03 -44.08
CA MET H 690 -108.32 -14.44 -42.67
C MET H 690 -106.96 -13.96 -42.14
N GLU H 691 -106.89 -12.69 -41.70
CA GLU H 691 -105.69 -12.06 -41.16
C GLU H 691 -104.97 -12.95 -40.13
N GLN H 692 -103.67 -13.15 -40.33
CA GLN H 692 -102.86 -13.91 -39.38
C GLN H 692 -102.79 -13.21 -38.01
N PRO H 693 -102.84 -13.99 -36.93
CA PRO H 693 -102.91 -13.47 -35.56
C PRO H 693 -101.68 -12.64 -35.18
N GLN H 694 -101.88 -11.42 -34.65
CA GLN H 694 -100.82 -10.70 -33.93
C GLN H 694 -100.47 -11.42 -32.62
N PRO H 695 -99.19 -11.67 -32.30
CA PRO H 695 -98.76 -12.53 -31.19
C PRO H 695 -99.07 -11.99 -29.76
N ASN H 696 -99.69 -10.81 -29.64
CA ASN H 696 -99.95 -10.15 -28.35
C ASN H 696 -101.35 -10.45 -27.79
N THR H 697 -101.95 -11.59 -28.15
CA THR H 697 -103.21 -12.04 -27.58
C THR H 697 -103.03 -12.33 -26.09
N ARG H 698 -103.82 -11.64 -25.25
CA ARG H 698 -103.73 -11.70 -23.78
C ARG H 698 -103.80 -13.17 -23.32
N LEU H 699 -102.81 -13.62 -22.54
CA LEU H 699 -102.67 -14.99 -22.00
C LEU H 699 -104.00 -15.59 -21.50
N ASN H 700 -104.87 -14.78 -20.88
CA ASN H 700 -106.15 -15.22 -20.31
C ASN H 700 -107.21 -15.73 -21.31
N LEU H 701 -107.09 -15.41 -22.61
CA LEU H 701 -108.04 -15.86 -23.65
C LEU H 701 -107.63 -17.19 -24.29
N SER H 702 -106.37 -17.61 -24.15
CA SER H 702 -105.86 -18.84 -24.77
C SER H 702 -106.53 -20.13 -24.27
N THR H 703 -107.14 -20.06 -23.07
CA THR H 703 -107.82 -21.18 -22.43
C THR H 703 -109.32 -21.23 -22.74
N LEU H 704 -109.88 -20.23 -23.41
CA LEU H 704 -111.31 -20.15 -23.68
C LEU H 704 -111.76 -21.36 -24.53
N TYR H 705 -112.76 -22.12 -24.05
CA TYR H 705 -113.25 -23.34 -24.71
C TYR H 705 -112.18 -24.43 -24.92
N GLY H 706 -111.18 -24.50 -24.05
CA GLY H 706 -110.08 -25.47 -24.11
C GLY H 706 -110.31 -26.81 -23.42
N SER H 707 -111.50 -27.06 -22.86
CA SER H 707 -111.82 -28.35 -22.25
C SER H 707 -112.25 -29.39 -23.30
N ILE H 708 -112.10 -30.67 -22.96
CA ILE H 708 -112.53 -31.79 -23.81
C ILE H 708 -114.04 -31.74 -24.03
N THR H 709 -114.80 -31.35 -23.00
CA THR H 709 -116.25 -31.18 -23.10
C THR H 709 -116.60 -30.08 -24.12
N ALA H 710 -115.91 -28.94 -24.08
CA ALA H 710 -116.15 -27.87 -25.05
C ALA H 710 -115.77 -28.28 -26.48
N SER H 711 -114.63 -28.95 -26.65
CA SER H 711 -114.17 -29.52 -27.93
C SER H 711 -115.22 -30.46 -28.53
N SER H 712 -115.70 -31.41 -27.73
CA SER H 712 -116.76 -32.36 -28.10
C SER H 712 -118.05 -31.65 -28.49
N VAL H 713 -118.52 -30.69 -27.68
CA VAL H 713 -119.77 -29.96 -27.98
C VAL H 713 -119.66 -29.15 -29.28
N VAL H 714 -118.56 -28.44 -29.49
CA VAL H 714 -118.35 -27.68 -30.73
C VAL H 714 -118.30 -28.61 -31.95
N CYS H 715 -117.56 -29.72 -31.87
CA CYS H 715 -117.42 -30.64 -32.99
C CYS H 715 -118.71 -31.43 -33.26
N GLN H 716 -119.51 -31.71 -32.22
CA GLN H 716 -120.86 -32.26 -32.39
C GLN H 716 -121.80 -31.25 -33.07
N ALA H 717 -121.66 -29.95 -32.80
CA ALA H 717 -122.39 -28.92 -33.54
C ALA H 717 -122.06 -28.98 -35.04
N ILE H 718 -120.77 -29.10 -35.40
CA ILE H 718 -120.31 -29.26 -36.79
C ILE H 718 -120.90 -30.51 -37.42
N CYS H 719 -120.85 -31.64 -36.73
CA CYS H 719 -121.39 -32.91 -37.19
C CYS H 719 -122.89 -32.79 -37.51
N LYS H 720 -123.67 -32.17 -36.60
CA LYS H 720 -125.12 -32.05 -36.78
C LYS H 720 -125.50 -31.03 -37.86
N ILE H 721 -124.78 -29.91 -37.95
CA ILE H 721 -124.96 -28.92 -39.03
C ILE H 721 -124.66 -29.56 -40.38
N SER H 722 -123.51 -30.23 -40.52
CA SER H 722 -123.12 -30.88 -41.76
C SER H 722 -124.07 -32.01 -42.16
N ALA H 723 -124.54 -32.82 -41.20
CA ALA H 723 -125.54 -33.85 -41.45
C ALA H 723 -126.87 -33.28 -41.93
N THR H 724 -127.39 -32.24 -41.26
CA THR H 724 -128.67 -31.61 -41.64
C THR H 724 -128.56 -30.97 -43.01
N ARG H 725 -127.49 -30.22 -43.27
CA ARG H 725 -127.29 -29.53 -44.56
C ARG H 725 -126.96 -30.47 -45.70
N PHE H 726 -126.34 -31.62 -45.43
CA PHE H 726 -126.21 -32.70 -46.41
C PHE H 726 -127.58 -33.18 -46.89
N LEU H 727 -128.52 -33.42 -45.97
CA LEU H 727 -129.90 -33.81 -46.33
C LEU H 727 -130.61 -32.72 -47.14
N ILE H 728 -130.50 -31.46 -46.70
CA ILE H 728 -131.06 -30.31 -47.43
C ILE H 728 -130.49 -30.25 -48.86
N CYS H 729 -129.17 -30.42 -49.04
CA CYS H 729 -128.55 -30.39 -50.37
C CYS H 729 -128.99 -31.57 -51.24
N ARG H 730 -129.12 -32.77 -50.67
CA ARG H 730 -129.65 -33.96 -51.37
C ARG H 730 -131.06 -33.69 -51.89
N ASP H 731 -131.95 -33.26 -51.00
CA ASP H 731 -133.36 -33.04 -51.34
C ASP H 731 -133.51 -31.87 -52.31
N LEU H 732 -132.65 -30.86 -52.18
CA LEU H 732 -132.58 -29.73 -53.08
C LEU H 732 -132.14 -30.14 -54.49
N LEU H 733 -131.15 -31.03 -54.62
CA LEU H 733 -130.74 -31.56 -55.93
C LEU H 733 -131.88 -32.34 -56.59
N ILE H 734 -132.56 -33.21 -55.85
CA ILE H 734 -133.73 -33.98 -56.34
C ILE H 734 -134.82 -33.01 -56.80
N LEU H 735 -135.11 -31.97 -56.00
CA LEU H 735 -136.09 -30.94 -56.34
C LEU H 735 -135.68 -30.13 -57.58
N GLN H 736 -134.40 -29.78 -57.72
CA GLN H 736 -133.89 -29.07 -58.90
C GLN H 736 -134.06 -29.91 -60.18
N HIS H 737 -133.81 -31.22 -60.13
CA HIS H 737 -134.08 -32.12 -61.26
C HIS H 737 -135.58 -32.21 -61.58
N LEU H 738 -136.44 -32.22 -60.56
CA LEU H 738 -137.88 -32.13 -60.75
C LEU H 738 -138.27 -30.82 -61.44
N LEU H 739 -137.72 -29.69 -60.99
CA LEU H 739 -137.97 -28.37 -61.59
C LEU H 739 -137.54 -28.30 -63.06
N LEU H 740 -136.41 -28.93 -63.43
CA LEU H 740 -136.01 -29.05 -64.83
C LEU H 740 -137.05 -29.82 -65.65
N ARG H 741 -137.52 -30.96 -65.14
CA ARG H 741 -138.52 -31.81 -65.79
C ARG H 741 -139.89 -31.13 -65.91
N LEU H 742 -140.26 -30.29 -64.94
CA LEU H 742 -141.50 -29.50 -64.94
C LEU H 742 -141.40 -28.21 -65.76
N GLY H 743 -140.20 -27.62 -65.85
CA GLY H 743 -139.93 -26.41 -66.62
C GLY H 743 -140.25 -26.57 -68.10
N ASP H 744 -140.01 -27.77 -68.64
CA ASP H 744 -140.42 -28.17 -70.00
C ASP H 744 -141.95 -28.04 -70.22
N MET H 745 -142.74 -28.00 -69.15
CA MET H 745 -144.21 -27.86 -69.14
C MET H 745 -144.73 -26.44 -68.81
N ALA H 746 -143.88 -25.40 -68.84
CA ALA H 746 -144.19 -23.97 -68.70
C ALA H 746 -144.22 -23.33 -67.29
N LEU H 747 -143.66 -23.99 -66.27
CA LEU H 747 -143.57 -23.45 -64.89
C LEU H 747 -142.45 -22.40 -64.70
N ILE H 748 -141.37 -22.46 -65.48
CA ILE H 748 -140.15 -21.64 -65.30
C ILE H 748 -139.74 -21.06 -66.66
N GLY H 749 -139.30 -19.79 -66.71
CA GLY H 749 -138.84 -19.17 -67.95
C GLY H 749 -137.54 -19.83 -68.48
N ALA H 750 -137.36 -19.90 -69.80
CA ALA H 750 -136.19 -20.57 -70.41
C ALA H 750 -134.82 -20.06 -69.89
N GLY H 751 -134.67 -18.76 -69.61
CA GLY H 751 -133.44 -18.20 -69.04
C GLY H 751 -133.22 -18.60 -67.57
N GLN H 752 -134.30 -18.78 -66.83
CA GLN H 752 -134.30 -19.25 -65.45
C GLN H 752 -133.93 -20.75 -65.36
N LEU H 753 -134.44 -21.57 -66.28
CA LEU H 753 -134.05 -22.98 -66.43
C LEU H 753 -132.56 -23.12 -66.73
N LEU H 754 -132.05 -22.31 -67.67
CA LEU H 754 -130.63 -22.30 -68.01
C LEU H 754 -129.75 -21.95 -66.81
N HIS H 755 -130.13 -20.94 -66.03
CA HIS H 755 -129.40 -20.54 -64.82
C HIS H 755 -129.43 -21.63 -63.74
N SER H 756 -130.57 -22.28 -63.52
CA SER H 756 -130.68 -23.42 -62.60
C SER H 756 -129.75 -24.57 -63.01
N GLN H 757 -129.72 -24.90 -64.31
CA GLN H 757 -128.94 -26.00 -64.85
C GLN H 757 -127.42 -25.71 -64.84
N GLN H 758 -127.01 -24.47 -65.12
CA GLN H 758 -125.59 -24.12 -65.28
C GLN H 758 -124.91 -23.71 -63.98
N GLU H 759 -125.62 -23.07 -63.03
CA GLU H 759 -125.00 -22.53 -61.82
C GLU H 759 -125.52 -23.21 -60.54
N LEU H 760 -126.83 -23.35 -60.38
CA LEU H 760 -127.42 -23.79 -59.10
C LEU H 760 -127.24 -25.29 -58.84
N ILE H 761 -127.43 -26.16 -59.85
CA ILE H 761 -127.25 -27.61 -59.70
C ILE H 761 -125.79 -27.97 -59.38
N PRO H 762 -124.79 -27.52 -60.18
CA PRO H 762 -123.39 -27.79 -59.85
C PRO H 762 -123.01 -27.25 -58.47
N ARG H 763 -123.56 -26.10 -58.07
CA ARG H 763 -123.30 -25.54 -56.74
C ARG H 763 -123.92 -26.39 -55.62
N ALA H 764 -125.15 -26.86 -55.78
CA ALA H 764 -125.79 -27.76 -54.82
C ALA H 764 -125.03 -29.09 -54.71
N ALA H 765 -124.53 -29.64 -55.82
CA ALA H 765 -123.67 -30.82 -55.85
C ALA H 765 -122.35 -30.60 -55.10
N GLN H 766 -121.69 -29.45 -55.33
CA GLN H 766 -120.46 -29.09 -54.63
C GLN H 766 -120.68 -28.92 -53.12
N LEU H 767 -121.78 -28.28 -52.70
CA LEU H 767 -122.14 -28.16 -51.28
C LEU H 767 -122.44 -29.53 -50.67
N LEU H 768 -123.15 -30.40 -51.38
CA LEU H 768 -123.43 -31.76 -50.94
C LEU H 768 -122.13 -32.54 -50.67
N LEU H 769 -121.18 -32.51 -51.60
CA LEU H 769 -119.87 -33.14 -51.44
C LEU H 769 -119.06 -32.51 -50.30
N SER H 770 -119.15 -31.18 -50.14
CA SER H 770 -118.46 -30.46 -49.06
C SER H 770 -119.01 -30.84 -47.67
N TYR H 771 -120.33 -30.91 -47.53
CA TYR H 771 -120.97 -31.36 -46.29
C TYR H 771 -120.77 -32.84 -46.02
N TYR H 772 -120.73 -33.68 -47.05
CA TYR H 772 -120.34 -35.09 -46.92
C TYR H 772 -118.93 -35.21 -46.33
N MET H 773 -117.95 -34.45 -46.85
CA MET H 773 -116.59 -34.43 -46.34
C MET H 773 -116.49 -34.00 -44.87
N ILE H 774 -117.18 -32.92 -44.51
CA ILE H 774 -117.18 -32.40 -43.13
C ILE H 774 -117.87 -33.40 -42.19
N ARG H 775 -119.01 -33.97 -42.61
CA ARG H 775 -119.72 -35.02 -41.86
C ARG H 775 -118.81 -36.23 -41.64
N TRP H 776 -118.21 -36.76 -42.71
CA TRP H 776 -117.23 -37.84 -42.65
C TRP H 776 -116.10 -37.51 -41.67
N GLY H 777 -115.48 -36.33 -41.78
CA GLY H 777 -114.39 -35.94 -40.88
C GLY H 777 -114.83 -35.79 -39.42
N SER H 778 -116.06 -35.36 -39.18
CA SER H 778 -116.64 -35.24 -37.84
C SER H 778 -117.01 -36.59 -37.20
N GLN H 779 -117.04 -37.67 -37.99
CA GLN H 779 -117.32 -39.03 -37.54
C GLN H 779 -116.06 -39.91 -37.56
N CYS H 780 -115.09 -39.58 -38.41
CA CYS H 780 -113.83 -40.32 -38.57
C CYS H 780 -112.95 -40.18 -37.33
N LEU H 781 -112.64 -41.30 -36.69
CA LEU H 781 -111.79 -41.37 -35.52
C LEU H 781 -110.31 -41.18 -35.89
N ALA H 782 -109.59 -40.42 -35.07
CA ALA H 782 -108.13 -40.34 -35.14
C ALA H 782 -107.50 -41.66 -34.64
N CYS H 783 -106.44 -42.13 -35.30
CA CYS H 783 -105.64 -43.26 -34.88
C CYS H 783 -104.72 -42.88 -33.70
N ALA H 784 -104.54 -43.80 -32.75
CA ALA H 784 -103.52 -43.68 -31.72
C ALA H 784 -102.12 -43.83 -32.35
N VAL H 785 -101.26 -42.83 -32.18
CA VAL H 785 -99.90 -42.80 -32.74
C VAL H 785 -98.87 -42.91 -31.60
N PRO H 786 -97.99 -43.94 -31.62
CA PRO H 786 -96.89 -44.04 -30.67
C PRO H 786 -95.97 -42.80 -30.70
N VAL H 787 -95.49 -42.37 -29.52
CA VAL H 787 -94.65 -41.16 -29.37
C VAL H 787 -93.39 -41.26 -30.23
N ASP H 788 -92.74 -42.42 -30.28
CA ASP H 788 -91.52 -42.62 -31.07
C ASP H 788 -91.74 -42.36 -32.57
N ILE H 789 -92.92 -42.72 -33.10
CA ILE H 789 -93.30 -42.47 -34.50
C ILE H 789 -93.64 -41.00 -34.73
N LEU H 790 -94.25 -40.36 -33.73
CA LEU H 790 -94.52 -38.92 -33.79
C LEU H 790 -93.22 -38.11 -33.75
N GLU H 791 -92.27 -38.48 -32.89
CA GLU H 791 -90.95 -37.84 -32.80
C GLU H 791 -90.14 -38.04 -34.07
N SER H 792 -90.13 -39.25 -34.65
CA SER H 792 -89.46 -39.50 -35.92
C SER H 792 -90.10 -38.70 -37.06
N ASN H 793 -91.44 -38.64 -37.13
CA ASN H 793 -92.13 -37.81 -38.12
C ASN H 793 -91.79 -36.33 -37.93
N LEU H 794 -91.78 -35.82 -36.70
CA LEU H 794 -91.40 -34.42 -36.44
C LEU H 794 -89.95 -34.14 -36.88
N GLN H 795 -89.03 -35.09 -36.76
CA GLN H 795 -87.68 -34.96 -37.32
C GLN H 795 -87.73 -34.85 -38.85
N HIS H 796 -88.51 -35.70 -39.54
CA HIS H 796 -88.70 -35.60 -41.00
C HIS H 796 -89.39 -34.30 -41.43
N LEU H 797 -90.40 -33.83 -40.70
CA LEU H 797 -91.08 -32.56 -40.97
C LEU H 797 -90.21 -31.35 -40.66
N SER H 798 -89.29 -31.45 -39.70
CA SER H 798 -88.30 -30.41 -39.41
C SER H 798 -87.32 -30.23 -40.57
N VAL H 799 -86.98 -31.33 -41.26
CA VAL H 799 -86.23 -31.30 -42.53
C VAL H 799 -87.04 -30.61 -43.62
N LEU H 800 -88.35 -30.42 -43.48
CA LEU H 800 -89.18 -29.66 -44.42
C LEU H 800 -89.45 -28.21 -43.96
N GLU H 801 -88.96 -27.80 -42.78
CA GLU H 801 -89.28 -26.52 -42.12
C GLU H 801 -90.78 -26.30 -41.87
N LEU H 802 -91.57 -27.38 -41.81
CA LEU H 802 -93.00 -27.32 -41.56
C LEU H 802 -93.35 -27.21 -40.05
N SER H 803 -92.37 -27.09 -39.16
CA SER H 803 -92.56 -27.08 -37.72
C SER H 803 -91.84 -25.92 -37.02
N ASP H 804 -92.53 -24.80 -36.82
CA ASP H 804 -92.10 -23.72 -35.90
C ASP H 804 -92.52 -23.99 -34.44
N SER H 805 -93.51 -24.88 -34.24
CA SER H 805 -94.08 -25.10 -32.92
C SER H 805 -93.12 -25.90 -32.04
N GLN H 806 -92.60 -25.25 -31.00
CA GLN H 806 -91.93 -25.94 -29.88
C GLN H 806 -92.82 -27.10 -29.43
N VAL H 807 -92.20 -28.26 -29.25
CA VAL H 807 -92.79 -29.50 -28.72
C VAL H 807 -93.18 -29.25 -27.26
N GLU H 808 -94.15 -28.38 -27.01
CA GLU H 808 -94.75 -28.22 -25.70
C GLU H 808 -95.57 -29.49 -25.45
N LYS H 809 -94.92 -30.47 -24.81
CA LYS H 809 -95.50 -31.64 -24.12
C LYS H 809 -96.90 -31.97 -24.64
N ARG H 810 -96.99 -32.46 -25.89
CA ARG H 810 -98.27 -32.85 -26.49
C ARG H 810 -98.94 -33.80 -25.52
N ARG H 811 -100.10 -33.37 -25.01
CA ARG H 811 -100.87 -34.10 -24.00
C ARG H 811 -101.16 -35.46 -24.60
N TYR H 812 -100.94 -36.52 -23.84
CA TYR H 812 -101.53 -37.81 -24.16
C TYR H 812 -103.03 -37.57 -24.33
N THR H 813 -103.53 -37.57 -25.55
CA THR H 813 -104.97 -37.60 -25.80
C THR H 813 -105.39 -39.04 -25.53
N SER H 814 -105.52 -39.37 -24.24
CA SER H 814 -105.99 -40.68 -23.78
C SER H 814 -107.45 -40.93 -24.15
N GLY H 815 -108.16 -39.92 -24.67
CA GLY H 815 -109.54 -40.00 -25.14
C GLY H 815 -109.65 -40.19 -26.64
N ILE H 816 -110.73 -40.85 -27.05
CA ILE H 816 -111.14 -40.98 -28.45
C ILE H 816 -111.52 -39.61 -28.97
N GLN H 817 -110.82 -39.14 -29.98
CA GLN H 817 -111.19 -37.92 -30.68
C GLN H 817 -111.36 -38.19 -32.17
N THR H 818 -112.27 -37.43 -32.78
CA THR H 818 -112.42 -37.38 -34.23
C THR H 818 -111.30 -36.54 -34.82
N ILE H 819 -111.05 -36.68 -36.12
CA ILE H 819 -110.04 -35.85 -36.79
C ILE H 819 -110.40 -34.35 -36.76
N VAL H 820 -111.70 -34.02 -36.67
CA VAL H 820 -112.18 -32.65 -36.47
C VAL H 820 -111.92 -32.14 -35.05
N GLU H 821 -112.12 -32.97 -34.02
CA GLU H 821 -111.76 -32.64 -32.62
C GLU H 821 -110.25 -32.42 -32.48
N LEU H 822 -109.43 -33.29 -33.09
CA LEU H 822 -107.98 -33.14 -33.15
C LEU H 822 -107.59 -31.80 -33.79
N PHE H 823 -108.17 -31.47 -34.95
CA PHE H 823 -107.92 -30.20 -35.62
C PHE H 823 -108.36 -28.99 -34.80
N PHE H 824 -109.51 -29.10 -34.13
CA PHE H 824 -110.01 -28.06 -33.25
C PHE H 824 -109.03 -27.76 -32.11
N GLU H 825 -108.55 -28.80 -31.43
CA GLU H 825 -107.65 -28.65 -30.27
C GLU H 825 -106.26 -28.11 -30.64
N ASP H 826 -105.70 -28.59 -31.76
CA ASP H 826 -104.33 -28.27 -32.16
C ASP H 826 -104.19 -26.97 -32.94
N VAL H 827 -105.20 -26.61 -33.75
CA VAL H 827 -105.10 -25.48 -34.69
C VAL H 827 -106.22 -24.48 -34.47
N ALA H 828 -107.49 -24.88 -34.68
CA ALA H 828 -108.59 -23.92 -34.79
C ALA H 828 -108.76 -23.08 -33.51
N ARG H 829 -108.71 -23.72 -32.33
CA ARG H 829 -108.89 -23.07 -31.03
C ARG H 829 -107.89 -21.95 -30.76
N LYS H 830 -106.64 -22.09 -31.23
CA LYS H 830 -105.59 -21.07 -31.04
C LYS H 830 -105.94 -19.72 -31.69
N HIS H 831 -106.85 -19.72 -32.65
CA HIS H 831 -107.29 -18.53 -33.37
C HIS H 831 -108.52 -17.85 -32.72
N PHE H 832 -109.20 -18.50 -31.76
CA PHE H 832 -110.43 -17.96 -31.17
C PHE H 832 -110.28 -16.63 -30.41
N PRO H 833 -109.17 -16.37 -29.71
CA PRO H 833 -108.95 -15.05 -29.13
C PRO H 833 -109.02 -13.93 -30.18
N HIS H 834 -108.60 -14.19 -31.42
CA HIS H 834 -108.66 -13.21 -32.52
C HIS H 834 -110.09 -13.02 -33.04
N VAL H 835 -110.83 -14.11 -33.24
CA VAL H 835 -112.25 -14.08 -33.62
C VAL H 835 -113.07 -13.29 -32.59
N PHE H 836 -112.76 -13.47 -31.31
CA PHE H 836 -113.41 -12.74 -30.22
C PHE H 836 -113.06 -11.24 -30.21
N ILE H 837 -111.82 -10.86 -30.54
CA ILE H 837 -111.37 -9.45 -30.54
C ILE H 837 -111.88 -8.69 -31.78
N GLN H 838 -111.86 -9.31 -32.97
CA GLN H 838 -112.28 -8.65 -34.22
C GLN H 838 -113.76 -8.23 -34.19
N SER H 839 -114.61 -8.88 -33.40
CA SER H 839 -116.05 -8.61 -33.35
C SER H 839 -116.44 -7.32 -32.62
N GLY H 840 -115.52 -6.37 -32.41
CA GLY H 840 -115.82 -5.11 -31.71
C GLY H 840 -115.93 -5.24 -30.18
N ALA H 841 -115.72 -6.43 -29.61
CA ALA H 841 -115.72 -6.73 -28.16
C ALA H 841 -114.47 -6.15 -27.44
N SER H 842 -113.98 -5.01 -27.91
CA SER H 842 -112.91 -4.21 -27.30
C SER H 842 -113.21 -3.79 -25.86
N GLN H 843 -114.47 -3.86 -25.43
CA GLN H 843 -114.83 -3.76 -24.03
C GLN H 843 -114.75 -5.15 -23.37
N LEU H 844 -113.67 -5.40 -22.63
CA LEU H 844 -113.51 -6.55 -21.71
C LEU H 844 -114.65 -6.73 -20.68
N GLN H 845 -115.66 -5.85 -20.70
CA GLN H 845 -116.77 -5.81 -19.76
C GLN H 845 -118.04 -6.48 -20.29
N GLU H 846 -118.11 -6.87 -21.57
CA GLU H 846 -119.29 -7.60 -22.05
C GLU H 846 -119.33 -9.03 -21.46
N PRO H 847 -120.47 -9.44 -20.89
CA PRO H 847 -120.64 -10.79 -20.36
C PRO H 847 -120.59 -11.81 -21.49
N LEU H 848 -120.04 -12.99 -21.20
CA LEU H 848 -120.05 -14.12 -22.12
C LEU H 848 -121.49 -14.58 -22.36
N ASN H 849 -121.92 -14.61 -23.63
CA ASN H 849 -123.19 -15.21 -24.06
C ASN H 849 -122.92 -16.52 -24.80
N TRP H 850 -123.47 -17.63 -24.29
CA TRP H 850 -123.34 -18.97 -24.85
C TRP H 850 -123.84 -19.04 -26.29
N SER H 851 -125.07 -18.57 -26.57
CA SER H 851 -125.68 -18.64 -27.91
C SER H 851 -124.83 -17.96 -28.98
N ASP H 852 -124.40 -16.72 -28.71
CA ASP H 852 -123.60 -15.95 -29.65
C ASP H 852 -122.24 -16.59 -29.90
N LEU H 853 -121.60 -17.05 -28.83
CA LEU H 853 -120.24 -17.55 -28.87
C LEU H 853 -120.17 -18.92 -29.57
N ILE H 854 -121.08 -19.85 -29.25
CA ILE H 854 -121.10 -21.17 -29.90
C ILE H 854 -121.37 -21.02 -31.39
N LYS H 855 -122.34 -20.18 -31.79
CA LYS H 855 -122.65 -19.90 -33.20
C LYS H 855 -121.45 -19.35 -33.97
N ARG H 856 -120.72 -18.40 -33.38
CA ARG H 856 -119.51 -17.82 -33.99
C ARG H 856 -118.39 -18.85 -34.11
N ILE H 857 -118.13 -19.61 -33.06
CA ILE H 857 -117.09 -20.65 -33.04
C ILE H 857 -117.39 -21.69 -34.12
N THR H 858 -118.61 -22.19 -34.18
CA THR H 858 -119.02 -23.21 -35.14
C THR H 858 -118.93 -22.70 -36.57
N ASN H 859 -119.37 -21.47 -36.86
CA ASN H 859 -119.22 -20.86 -38.19
C ASN H 859 -117.75 -20.69 -38.59
N TYR H 860 -116.91 -20.21 -37.69
CA TYR H 860 -115.47 -20.05 -37.96
C TYR H 860 -114.79 -21.40 -38.20
N LEU H 861 -115.14 -22.42 -37.41
CA LEU H 861 -114.62 -23.77 -37.60
C LEU H 861 -115.09 -24.38 -38.92
N LEU H 862 -116.34 -24.16 -39.34
CA LEU H 862 -116.83 -24.58 -40.67
C LEU H 862 -116.03 -23.94 -41.81
N GLN H 863 -115.69 -22.66 -41.69
CA GLN H 863 -114.84 -21.97 -42.68
C GLN H 863 -113.45 -22.61 -42.76
N LEU H 864 -112.84 -22.97 -41.62
CA LEU H 864 -111.52 -23.62 -41.59
C LEU H 864 -111.53 -25.06 -42.12
N LEU H 865 -112.59 -25.79 -41.74
CA LEU H 865 -112.75 -27.18 -42.18
C LEU H 865 -113.19 -27.12 -43.62
N TRP H 866 -114.11 -26.19 -43.87
CA TRP H 866 -114.80 -26.05 -45.18
C TRP H 866 -113.77 -25.87 -46.29
N PRO H 867 -112.46 -26.09 -46.01
CA PRO H 867 -111.40 -25.87 -46.99
C PRO H 867 -111.55 -24.44 -47.55
N SER H 868 -111.66 -23.46 -46.65
CA SER H 868 -111.79 -22.02 -46.97
C SER H 868 -110.59 -21.25 -46.42
N ASN H 869 -109.65 -21.96 -45.80
CA ASN H 869 -108.56 -21.32 -45.00
C ASN H 869 -107.21 -21.61 -45.67
N PRO H 870 -106.39 -20.59 -45.97
CA PRO H 870 -105.09 -20.80 -46.63
C PRO H 870 -104.08 -21.63 -45.82
N ASN H 871 -104.08 -21.45 -44.50
CA ASN H 871 -103.19 -22.10 -43.49
C ASN H 871 -102.69 -23.49 -43.92
N PHE H 872 -103.73 -24.31 -44.18
CA PHE H 872 -103.72 -25.80 -44.36
C PHE H 872 -102.75 -26.44 -43.35
N GLN H 873 -102.73 -25.84 -42.15
CA GLN H 873 -101.89 -26.24 -40.99
C GLN H 873 -102.29 -27.65 -40.56
N PHE H 874 -103.59 -27.97 -40.58
CA PHE H 874 -104.05 -29.33 -40.18
C PHE H 874 -103.44 -30.36 -41.13
N ALA H 875 -103.45 -30.06 -42.43
CA ALA H 875 -102.86 -30.95 -43.46
C ALA H 875 -101.35 -31.09 -43.20
N GLU H 876 -100.70 -29.97 -42.86
CA GLU H 876 -99.24 -30.01 -42.58
C GLU H 876 -98.98 -30.92 -41.38
N CYS H 877 -99.82 -30.82 -40.34
CA CYS H 877 -99.70 -31.64 -39.11
C CYS H 877 -99.90 -33.12 -39.47
N LEU H 878 -100.86 -33.41 -40.35
CA LEU H 878 -101.15 -34.80 -40.78
C LEU H 878 -99.89 -35.34 -41.49
N MET H 879 -99.26 -34.52 -42.32
CA MET H 879 -98.01 -34.96 -43.02
C MET H 879 -96.89 -35.09 -41.99
N ARG H 880 -96.76 -34.09 -41.11
CA ARG H 880 -95.72 -34.04 -40.05
C ARG H 880 -95.86 -35.26 -39.14
N ASN H 881 -97.11 -35.65 -38.86
CA ASN H 881 -97.46 -36.80 -37.99
C ASN H 881 -97.53 -38.11 -38.79
N CYS H 882 -98.31 -39.07 -38.30
CA CYS H 882 -98.39 -40.40 -38.96
C CYS H 882 -99.60 -40.47 -39.91
N GLN H 883 -100.71 -39.83 -39.52
CA GLN H 883 -101.98 -39.81 -40.31
C GLN H 883 -101.75 -39.35 -41.75
N TYR H 884 -101.19 -40.22 -42.59
CA TYR H 884 -100.97 -39.98 -44.02
C TYR H 884 -102.08 -40.54 -44.90
N THR H 885 -102.64 -41.70 -44.55
CA THR H 885 -103.75 -42.31 -45.30
C THR H 885 -105.01 -41.46 -45.19
N GLN H 886 -105.34 -41.02 -43.97
CA GLN H 886 -106.46 -40.10 -43.75
C GLN H 886 -106.21 -38.74 -44.41
N LEU H 887 -104.97 -38.24 -44.37
CA LEU H 887 -104.62 -36.97 -45.02
C LEU H 887 -104.72 -37.06 -46.54
N GLN H 888 -104.30 -38.16 -47.17
CA GLN H 888 -104.48 -38.40 -48.60
C GLN H 888 -105.97 -38.41 -48.97
N GLU H 889 -106.79 -39.10 -48.18
CA GLU H 889 -108.22 -39.18 -48.42
C GLU H 889 -108.93 -37.84 -48.20
N TYR H 890 -108.53 -37.09 -47.17
CA TYR H 890 -109.00 -35.72 -46.92
C TYR H 890 -108.69 -34.81 -48.11
N VAL H 891 -107.44 -34.82 -48.60
CA VAL H 891 -107.05 -34.00 -49.76
C VAL H 891 -107.77 -34.46 -51.03
N ARG H 892 -107.93 -35.77 -51.25
CA ARG H 892 -108.68 -36.33 -52.39
C ARG H 892 -110.11 -35.79 -52.41
N LEU H 893 -110.79 -35.83 -51.27
CA LEU H 893 -112.17 -35.39 -51.15
C LEU H 893 -112.31 -33.86 -51.25
N LEU H 894 -111.28 -33.09 -50.92
CA LEU H 894 -111.33 -31.62 -50.86
C LEU H 894 -110.97 -30.92 -52.20
N LEU H 895 -109.89 -31.36 -52.83
CA LEU H 895 -109.23 -30.66 -53.96
C LEU H 895 -110.15 -30.36 -55.17
N PRO H 896 -111.12 -31.21 -55.56
CA PRO H 896 -111.91 -30.98 -56.79
C PRO H 896 -112.83 -29.77 -56.74
N TRP H 897 -113.25 -29.34 -55.55
CA TRP H 897 -114.28 -28.30 -55.39
C TRP H 897 -113.85 -27.14 -54.48
N CYS H 898 -112.90 -27.33 -53.57
CA CYS H 898 -112.38 -26.25 -52.73
C CYS H 898 -111.14 -25.61 -53.38
N GLN H 899 -111.19 -24.30 -53.62
CA GLN H 899 -110.09 -23.51 -54.19
C GLN H 899 -109.21 -22.81 -53.14
N VAL H 900 -109.50 -23.02 -51.86
CA VAL H 900 -108.71 -22.45 -50.76
C VAL H 900 -107.62 -23.46 -50.37
N ASN H 901 -106.40 -22.98 -50.14
CA ASN H 901 -105.24 -23.79 -49.74
C ASN H 901 -104.84 -24.91 -50.73
N VAL H 902 -105.10 -24.72 -52.03
CA VAL H 902 -104.79 -25.69 -53.08
C VAL H 902 -103.29 -26.01 -53.11
N GLY H 903 -102.42 -25.00 -53.01
CA GLY H 903 -100.97 -25.21 -52.97
C GLY H 903 -100.54 -26.02 -51.75
N SER H 904 -101.10 -25.70 -50.59
CA SER H 904 -100.85 -26.36 -49.31
C SER H 904 -101.34 -27.82 -49.35
N CYS H 905 -102.49 -28.10 -49.96
CA CYS H 905 -102.96 -29.45 -50.23
C CYS H 905 -101.98 -30.26 -51.10
N HIS H 906 -101.47 -29.68 -52.19
CA HIS H 906 -100.46 -30.34 -53.02
C HIS H 906 -99.16 -30.59 -52.25
N PHE H 907 -98.73 -29.65 -51.40
CA PHE H 907 -97.57 -29.85 -50.53
C PHE H 907 -97.78 -31.01 -49.55
N MET H 908 -98.93 -31.07 -48.87
CA MET H 908 -99.27 -32.16 -47.95
C MET H 908 -99.33 -33.51 -48.68
N LEU H 909 -99.96 -33.54 -49.84
CA LEU H 909 -100.05 -34.74 -50.67
C LEU H 909 -98.67 -35.22 -51.13
N ALA H 910 -97.77 -34.29 -51.46
CA ALA H 910 -96.40 -34.59 -51.80
C ALA H 910 -95.64 -35.25 -50.64
N GLN H 911 -95.82 -34.77 -49.42
CA GLN H 911 -95.26 -35.41 -48.22
C GLN H 911 -95.81 -36.83 -48.02
N CYS H 912 -97.12 -37.03 -48.19
CA CYS H 912 -97.72 -38.36 -48.10
C CYS H 912 -97.11 -39.32 -49.15
N TYR H 913 -96.94 -38.88 -50.40
CA TYR H 913 -96.32 -39.70 -51.44
C TYR H 913 -94.84 -39.98 -51.17
N LEU H 914 -94.11 -39.03 -50.59
CA LEU H 914 -92.72 -39.21 -50.22
C LEU H 914 -92.57 -40.31 -49.17
N VAL H 915 -93.44 -40.31 -48.14
CA VAL H 915 -93.47 -41.34 -47.09
C VAL H 915 -93.93 -42.69 -47.62
N ALA H 916 -94.88 -42.71 -48.57
CA ALA H 916 -95.32 -43.93 -49.25
C ALA H 916 -94.26 -44.53 -50.22
N GLY H 917 -93.14 -43.83 -50.45
CA GLY H 917 -92.09 -44.25 -51.39
C GLY H 917 -92.37 -43.93 -52.85
N GLU H 918 -93.42 -43.14 -53.14
CA GLU H 918 -93.82 -42.72 -54.49
C GLU H 918 -93.19 -41.37 -54.89
N GLY H 919 -91.86 -41.30 -54.90
CA GLY H 919 -91.13 -40.03 -55.01
C GLY H 919 -91.42 -39.21 -56.28
N HIS H 920 -91.71 -39.83 -57.44
CA HIS H 920 -92.07 -39.07 -58.65
C HIS H 920 -93.39 -38.31 -58.52
N LYS H 921 -94.43 -38.95 -57.95
CA LYS H 921 -95.70 -38.27 -57.68
C LYS H 921 -95.53 -37.15 -56.67
N ALA H 922 -94.68 -37.38 -55.65
CA ALA H 922 -94.33 -36.35 -54.68
C ALA H 922 -93.71 -35.11 -55.35
N LEU H 923 -92.78 -35.32 -56.29
CA LEU H 923 -92.14 -34.22 -57.02
C LEU H 923 -93.13 -33.41 -57.88
N ASP H 924 -94.07 -34.08 -58.56
CA ASP H 924 -95.12 -33.42 -59.34
C ASP H 924 -96.01 -32.55 -58.43
N CYS H 925 -96.42 -33.08 -57.28
CA CYS H 925 -97.21 -32.35 -56.29
C CYS H 925 -96.43 -31.17 -55.69
N PHE H 926 -95.14 -31.33 -55.33
CA PHE H 926 -94.30 -30.20 -54.88
C PHE H 926 -94.17 -29.11 -55.96
N SER H 927 -94.10 -29.51 -57.23
CA SER H 927 -94.00 -28.57 -58.34
C SER H 927 -95.30 -27.78 -58.54
N GLN H 928 -96.46 -28.41 -58.35
CA GLN H 928 -97.77 -27.75 -58.40
C GLN H 928 -97.95 -26.76 -57.23
N ALA H 929 -97.55 -27.17 -56.02
CA ALA H 929 -97.59 -26.33 -54.82
C ALA H 929 -96.76 -25.04 -54.96
N ALA H 930 -95.63 -25.09 -55.68
CA ALA H 930 -94.74 -23.94 -55.89
C ALA H 930 -95.44 -22.71 -56.50
N SER H 931 -96.53 -22.90 -57.26
CA SER H 931 -97.24 -21.82 -57.93
C SER H 931 -98.03 -20.90 -56.98
N GLU H 932 -98.49 -21.46 -55.86
CA GLU H 932 -99.14 -20.63 -54.80
C GLU H 932 -98.01 -19.96 -53.99
N VAL H 933 -96.77 -20.02 -54.49
CA VAL H 933 -95.54 -19.45 -53.86
C VAL H 933 -95.67 -17.93 -53.78
N GLU H 934 -96.30 -17.30 -54.78
CA GLU H 934 -96.48 -15.83 -54.70
C GLU H 934 -97.33 -15.53 -53.47
N ARG H 935 -96.91 -14.55 -52.66
CA ARG H 935 -97.60 -14.17 -51.40
C ARG H 935 -97.75 -15.40 -50.48
N GLU H 936 -96.70 -16.22 -50.36
CA GLU H 936 -96.74 -17.41 -49.47
C GLU H 936 -95.83 -17.16 -48.26
N ASP H 937 -96.35 -17.38 -47.05
CA ASP H 937 -95.62 -17.15 -45.80
C ASP H 937 -94.80 -18.36 -45.33
N PHE H 938 -95.31 -19.59 -45.55
CA PHE H 938 -94.61 -20.81 -45.16
C PHE H 938 -93.31 -20.99 -45.98
N LEU H 939 -93.36 -20.77 -47.29
CA LEU H 939 -92.18 -20.86 -48.15
C LEU H 939 -91.21 -19.70 -47.92
N GLU H 940 -91.73 -18.51 -47.60
CA GLU H 940 -90.89 -17.36 -47.24
C GLU H 940 -90.09 -17.62 -45.96
N LYS H 941 -90.70 -18.29 -44.95
CA LYS H 941 -89.99 -18.69 -43.72
C LYS H 941 -88.79 -19.60 -43.98
N LEU H 942 -88.83 -20.46 -45.02
CA LEU H 942 -87.71 -21.32 -45.40
C LEU H 942 -86.48 -20.55 -45.92
N ILE H 943 -86.67 -19.28 -46.31
CA ILE H 943 -85.63 -18.46 -46.94
C ILE H 943 -85.00 -17.47 -45.98
N ARG H 944 -85.64 -17.13 -44.83
CA ARG H 944 -85.28 -15.97 -43.99
C ARG H 944 -83.77 -15.83 -43.68
N SER H 952 -86.63 -19.00 -55.27
CA SER H 952 -88.08 -18.83 -55.56
C SER H 952 -88.83 -20.12 -55.19
N PRO H 953 -90.18 -20.16 -55.29
CA PRO H 953 -90.91 -21.38 -54.94
C PRO H 953 -90.51 -22.53 -55.87
N ARG H 954 -90.33 -22.24 -57.17
CA ARG H 954 -89.94 -23.26 -58.16
C ARG H 954 -88.56 -23.80 -57.78
N LEU H 955 -87.65 -22.90 -57.38
CA LEU H 955 -86.27 -23.30 -56.98
C LEU H 955 -86.36 -24.21 -55.75
N GLN H 956 -87.23 -23.86 -54.79
CA GLN H 956 -87.41 -24.67 -53.56
C GLN H 956 -87.92 -26.05 -53.95
N TYR H 957 -88.88 -26.10 -54.88
CA TYR H 957 -89.46 -27.39 -55.33
C TYR H 957 -88.37 -28.25 -55.98
N TYR H 958 -87.52 -27.62 -56.80
CA TYR H 958 -86.43 -28.34 -57.50
C TYR H 958 -85.46 -28.90 -56.45
N ASN H 959 -85.14 -28.11 -55.43
CA ASN H 959 -84.21 -28.54 -54.35
C ASN H 959 -84.82 -29.72 -53.60
N ARG H 960 -86.13 -29.65 -53.36
CA ARG H 960 -86.87 -30.69 -52.59
C ARG H 960 -86.93 -32.02 -53.36
N VAL H 961 -87.42 -32.00 -54.61
CA VAL H 961 -87.56 -33.27 -55.38
C VAL H 961 -86.18 -33.94 -55.47
N LEU H 962 -85.13 -33.12 -55.70
CA LEU H 962 -83.74 -33.62 -55.79
C LEU H 962 -83.34 -34.25 -54.45
N ARG H 963 -83.71 -33.60 -53.34
CA ARG H 963 -83.40 -34.11 -51.97
C ARG H 963 -84.12 -35.46 -51.76
N LEU H 964 -85.36 -35.55 -52.23
CA LEU H 964 -86.15 -36.81 -52.10
C LEU H 964 -85.44 -37.91 -52.88
N LEU H 965 -84.96 -37.59 -54.09
CA LEU H 965 -84.24 -38.57 -54.95
C LEU H 965 -82.94 -38.99 -54.24
N GLU H 966 -82.28 -38.03 -53.60
CA GLU H 966 -81.01 -38.19 -52.85
C GLU H 966 -81.22 -39.14 -51.66
N ASP H 967 -82.40 -39.11 -51.04
CA ASP H 967 -82.73 -39.99 -49.88
C ASP H 967 -82.82 -41.45 -50.35
N VAL H 968 -84.02 -41.89 -50.78
CA VAL H 968 -84.34 -43.22 -51.34
C VAL H 968 -83.13 -43.87 -52.02
N GLY H 969 -82.11 -43.07 -52.40
CA GLY H 969 -80.87 -43.58 -53.00
C GLY H 969 -80.96 -43.86 -54.50
N LEU H 970 -81.65 -43.01 -55.27
CA LEU H 970 -81.83 -43.15 -56.73
C LEU H 970 -81.05 -42.09 -57.52
N PRO H 971 -79.71 -42.21 -57.65
CA PRO H 971 -78.85 -41.12 -58.16
C PRO H 971 -79.11 -40.77 -59.64
N GLU H 972 -79.51 -41.74 -60.47
CA GLU H 972 -79.84 -41.49 -61.88
C GLU H 972 -81.03 -40.54 -62.03
N LEU H 973 -82.06 -40.72 -61.22
CA LEU H 973 -83.26 -39.86 -61.23
C LEU H 973 -82.96 -38.49 -60.62
N VAL H 974 -82.09 -38.43 -59.60
CA VAL H 974 -81.60 -37.16 -59.04
C VAL H 974 -80.92 -36.32 -60.13
N ILE H 975 -80.09 -36.94 -60.98
CA ILE H 975 -79.43 -36.25 -62.10
C ILE H 975 -80.46 -35.73 -63.11
N GLN H 976 -81.44 -36.57 -63.50
CA GLN H 976 -82.48 -36.18 -64.46
C GLN H 976 -83.31 -34.99 -63.92
N LEU H 977 -83.78 -35.08 -62.68
CA LEU H 977 -84.57 -34.01 -62.06
C LEU H 977 -83.76 -32.74 -61.84
N ALA H 978 -82.50 -32.85 -61.40
CA ALA H 978 -81.64 -31.68 -61.22
C ALA H 978 -81.36 -30.98 -62.56
N THR H 979 -81.28 -31.73 -63.65
CA THR H 979 -81.13 -31.17 -65.01
C THR H 979 -82.37 -30.38 -65.43
N ILE H 980 -83.57 -30.88 -65.12
CA ILE H 980 -84.84 -30.16 -65.34
C ILE H 980 -84.90 -28.89 -64.47
N ALA H 981 -84.55 -29.01 -63.18
CA ALA H 981 -84.58 -27.91 -62.22
C ALA H 981 -83.62 -26.76 -62.58
N ILE H 982 -82.51 -27.04 -63.28
CA ILE H 982 -81.62 -25.98 -63.81
C ILE H 982 -82.36 -25.09 -64.82
N GLY H 983 -83.29 -25.63 -65.60
CA GLY H 983 -84.11 -24.87 -66.53
C GLY H 983 -85.02 -23.86 -65.83
N GLU H 984 -85.71 -24.32 -64.77
CA GLU H 984 -86.64 -23.45 -64.00
C GLU H 984 -85.84 -22.47 -63.14
N ALA H 985 -85.23 -22.96 -62.06
CA ALA H 985 -84.47 -22.13 -61.10
C ALA H 985 -83.07 -21.80 -61.64
N SER H 986 -83.00 -21.12 -62.80
CA SER H 986 -81.70 -20.72 -63.39
C SER H 986 -81.01 -19.74 -62.44
N ASP H 987 -81.77 -18.81 -61.86
CA ASP H 987 -81.23 -17.79 -60.94
C ASP H 987 -80.64 -18.45 -59.68
N ASP H 988 -81.31 -19.48 -59.15
CA ASP H 988 -80.83 -20.18 -57.94
C ASP H 988 -79.46 -20.81 -58.24
N TRP H 989 -78.51 -20.70 -57.31
CA TRP H 989 -77.16 -21.26 -57.52
C TRP H 989 -76.63 -21.98 -56.27
N ARG H 990 -77.24 -21.73 -55.10
CA ARG H 990 -76.76 -22.41 -53.88
C ARG H 990 -77.37 -23.80 -53.76
N SER H 991 -78.68 -23.92 -53.94
CA SER H 991 -79.37 -25.22 -54.00
C SER H 991 -78.85 -26.07 -55.16
N GLN H 992 -78.64 -25.47 -56.33
CA GLN H 992 -78.02 -26.17 -57.46
C GLN H 992 -76.61 -26.68 -57.12
N ALA H 993 -75.78 -25.88 -56.46
CA ALA H 993 -74.46 -26.30 -56.01
C ALA H 993 -74.56 -27.47 -55.02
N ALA H 994 -75.45 -27.40 -54.02
CA ALA H 994 -75.65 -28.46 -53.04
C ALA H 994 -76.12 -29.78 -53.67
N LEU H 995 -77.13 -29.72 -54.56
CA LEU H 995 -77.65 -30.89 -55.27
C LEU H 995 -76.60 -31.52 -56.18
N ARG H 996 -75.84 -30.72 -56.92
CA ARG H 996 -74.76 -31.23 -57.78
C ARG H 996 -73.60 -31.83 -56.98
N THR H 997 -73.25 -31.25 -55.82
CA THR H 997 -72.30 -31.85 -54.88
C THR H 997 -72.81 -33.19 -54.35
N ARG H 998 -74.11 -33.31 -54.07
CA ARG H 998 -74.75 -34.57 -53.65
C ARG H 998 -74.69 -35.63 -54.76
N ILE H 999 -75.02 -35.27 -56.00
CA ILE H 999 -74.90 -36.17 -57.18
C ILE H 999 -73.47 -36.65 -57.36
N PHE H 1000 -72.49 -35.73 -57.28
CA PHE H 1000 -71.06 -36.06 -57.34
C PHE H 1000 -70.67 -37.12 -56.30
N LYS H 1001 -71.07 -36.89 -55.04
CA LYS H 1001 -70.74 -37.79 -53.93
C LYS H 1001 -71.28 -39.20 -54.16
N HIS H 1002 -72.55 -39.34 -54.52
CA HIS H 1002 -73.16 -40.66 -54.74
C HIS H 1002 -72.59 -41.39 -55.96
N HIS H 1003 -72.33 -40.69 -57.07
CA HIS H 1003 -71.62 -41.30 -58.21
C HIS H 1003 -70.21 -41.77 -57.83
N LEU H 1004 -69.48 -40.98 -57.04
CA LEU H 1004 -68.15 -41.34 -56.57
C LEU H 1004 -68.21 -42.57 -55.65
N ASP H 1005 -69.15 -42.59 -54.71
CA ASP H 1005 -69.33 -43.71 -53.78
C ASP H 1005 -69.66 -45.01 -54.53
N MET H 1006 -70.51 -44.95 -55.55
CA MET H 1006 -70.85 -46.06 -56.47
C MET H 1006 -69.71 -46.47 -57.43
N GLY H 1007 -68.63 -45.68 -57.56
CA GLY H 1007 -67.52 -45.99 -58.49
C GLY H 1007 -67.75 -45.58 -59.94
N HIS H 1008 -68.77 -44.76 -60.20
CA HIS H 1008 -69.09 -44.19 -61.51
C HIS H 1008 -68.19 -42.99 -61.81
N ASN H 1009 -66.89 -43.25 -62.05
CA ASN H 1009 -65.85 -42.22 -62.11
C ASN H 1009 -66.10 -41.14 -63.18
N ASN H 1010 -66.54 -41.55 -64.37
CA ASN H 1010 -66.82 -40.62 -65.47
C ASN H 1010 -68.01 -39.70 -65.12
N GLN H 1011 -69.10 -40.28 -64.61
CA GLN H 1011 -70.28 -39.52 -64.21
C GLN H 1011 -70.01 -38.60 -63.01
N ALA H 1012 -69.18 -39.05 -62.05
CA ALA H 1012 -68.72 -38.21 -60.96
C ALA H 1012 -67.91 -37.02 -61.48
N TYR H 1013 -66.99 -37.24 -62.41
CA TYR H 1013 -66.23 -36.17 -63.05
C TYR H 1013 -67.15 -35.18 -63.80
N ASP H 1014 -68.11 -35.69 -64.57
CA ASP H 1014 -69.09 -34.85 -65.27
C ASP H 1014 -69.91 -34.01 -64.29
N ALA H 1015 -70.41 -34.61 -63.20
CA ALA H 1015 -71.13 -33.89 -62.15
C ALA H 1015 -70.28 -32.79 -61.49
N LEU H 1016 -68.99 -33.06 -61.24
CA LEU H 1016 -68.04 -32.09 -60.68
C LEU H 1016 -67.86 -30.86 -61.58
N THR H 1017 -67.78 -31.05 -62.89
CA THR H 1017 -67.62 -29.94 -63.84
C THR H 1017 -68.84 -29.01 -63.90
N GLN H 1018 -70.00 -29.51 -63.50
CA GLN H 1018 -71.26 -28.76 -63.50
C GLN H 1018 -71.53 -27.99 -62.21
N ILE H 1019 -70.70 -28.14 -61.16
CA ILE H 1019 -70.87 -27.42 -59.88
C ILE H 1019 -70.57 -25.92 -60.07
N PRO H 1020 -71.60 -24.94 -59.81
CA PRO H 1020 -71.86 -23.27 -59.80
C PRO H 1020 -70.84 -22.60 -58.87
N ASP H 1021 -70.70 -23.16 -57.66
CA ASP H 1021 -69.72 -22.65 -56.65
C ASP H 1021 -68.31 -22.91 -57.17
N PRO H 1022 -67.33 -22.02 -56.93
CA PRO H 1022 -65.97 -22.25 -57.43
C PRO H 1022 -65.33 -23.50 -56.79
N SER H 1023 -64.56 -24.25 -57.60
CA SER H 1023 -63.40 -25.08 -57.15
C SER H 1023 -63.87 -26.43 -56.57
N ARG H 1024 -65.18 -26.69 -56.67
CA ARG H 1024 -65.77 -27.98 -56.21
C ARG H 1024 -65.28 -29.07 -57.18
N GLN H 1025 -64.90 -28.67 -58.40
CA GLN H 1025 -64.35 -29.58 -59.44
C GLN H 1025 -63.03 -30.14 -58.90
N LEU H 1026 -62.24 -29.27 -58.26
CA LEU H 1026 -60.95 -29.66 -57.62
C LEU H 1026 -61.26 -30.65 -56.50
N ASP H 1027 -62.33 -30.42 -55.74
CA ASP H 1027 -62.74 -31.33 -54.64
C ASP H 1027 -63.09 -32.69 -55.24
N CYS H 1028 -63.82 -32.70 -56.37
CA CYS H 1028 -64.18 -33.99 -57.02
C CYS H 1028 -62.89 -34.70 -57.46
N LEU H 1029 -61.95 -33.93 -57.99
CA LEU H 1029 -60.62 -34.44 -58.47
C LEU H 1029 -59.80 -35.02 -57.32
N ARG H 1030 -59.82 -34.41 -56.12
CA ARG H 1030 -58.92 -34.93 -55.03
C ARG H 1030 -59.44 -36.23 -54.37
N GLN H 1031 -60.46 -36.25 -53.45
CA GLN H 1031 -61.09 -37.51 -52.93
C GLN H 1031 -60.94 -38.63 -53.96
N LEU H 1032 -61.18 -38.31 -55.22
CA LEU H 1032 -61.08 -39.25 -56.31
C LEU H 1032 -59.75 -39.99 -56.31
N VAL H 1033 -58.62 -39.28 -56.38
CA VAL H 1033 -57.36 -39.99 -56.46
C VAL H 1033 -57.17 -40.76 -55.17
N VAL H 1034 -57.45 -40.20 -54.00
CA VAL H 1034 -57.33 -41.06 -52.80
C VAL H 1034 -58.04 -42.42 -53.01
N VAL H 1035 -59.34 -42.41 -53.35
CA VAL H 1035 -60.07 -43.69 -53.46
C VAL H 1035 -59.67 -44.56 -54.66
N LEU H 1036 -59.15 -43.97 -55.73
CA LEU H 1036 -58.72 -44.76 -56.87
C LEU H 1036 -57.46 -45.48 -56.49
N CYS H 1037 -56.60 -44.80 -55.73
CA CYS H 1037 -55.40 -45.46 -55.28
C CYS H 1037 -55.76 -46.53 -54.24
N GLU H 1038 -56.87 -46.31 -53.52
CA GLU H 1038 -57.34 -47.34 -52.58
C GLU H 1038 -57.89 -48.55 -53.31
N ARG H 1039 -58.52 -48.36 -54.47
CA ARG H 1039 -59.13 -49.47 -55.17
C ARG H 1039 -58.09 -50.23 -55.94
N SER H 1040 -56.80 -49.84 -55.64
CA SER H 1040 -55.69 -50.34 -56.48
C SER H 1040 -56.01 -50.41 -57.98
N GLN H 1041 -56.99 -49.63 -58.46
CA GLN H 1041 -57.38 -49.53 -59.88
C GLN H 1041 -56.51 -48.49 -60.60
N LEU H 1042 -55.20 -48.70 -60.56
CA LEU H 1042 -54.20 -47.73 -61.04
C LEU H 1042 -54.16 -47.60 -62.57
N GLN H 1043 -54.55 -48.64 -63.30
CA GLN H 1043 -54.57 -48.63 -64.76
C GLN H 1043 -55.57 -47.60 -65.29
N ASP H 1044 -56.83 -47.66 -64.82
CA ASP H 1044 -57.87 -46.71 -65.18
C ASP H 1044 -57.40 -45.26 -64.92
N LEU H 1045 -56.78 -45.03 -63.76
CA LEU H 1045 -56.27 -43.72 -63.36
C LEU H 1045 -55.18 -43.20 -64.32
N VAL H 1046 -54.44 -44.13 -64.89
CA VAL H 1046 -53.40 -43.79 -65.84
C VAL H 1046 -54.14 -43.42 -67.15
N GLU H 1047 -55.12 -44.23 -67.54
CA GLU H 1047 -55.86 -43.99 -68.79
C GLU H 1047 -56.63 -42.65 -68.73
N PHE H 1048 -57.26 -42.39 -67.58
CA PHE H 1048 -58.05 -41.15 -67.41
C PHE H 1048 -57.10 -39.94 -67.35
N PRO H 1049 -56.84 -39.27 -68.49
CA PRO H 1049 -55.96 -38.10 -68.45
C PRO H 1049 -56.65 -37.02 -67.62
N TYR H 1050 -55.89 -36.30 -66.79
CA TYR H 1050 -56.51 -35.24 -65.94
C TYR H 1050 -57.16 -34.21 -66.86
N VAL H 1051 -58.40 -33.84 -66.54
CA VAL H 1051 -59.15 -32.83 -67.36
C VAL H 1051 -58.47 -31.47 -67.20
N ASN H 1052 -58.49 -30.65 -68.27
CA ASN H 1052 -57.49 -29.59 -68.57
C ASN H 1052 -56.21 -29.70 -67.73
N LEU H 1053 -56.26 -29.22 -66.48
CA LEU H 1053 -55.12 -29.20 -65.52
C LEU H 1053 -54.51 -30.59 -65.31
N HIS H 1054 -53.82 -31.13 -66.32
CA HIS H 1054 -53.10 -32.41 -66.20
C HIS H 1054 -51.96 -32.23 -65.19
N ASN H 1055 -51.35 -31.04 -65.19
CA ASN H 1055 -50.23 -30.75 -64.27
C ASN H 1055 -50.72 -30.34 -62.88
N GLU H 1056 -51.99 -30.02 -62.76
CA GLU H 1056 -52.47 -29.66 -61.47
C GLU H 1056 -52.57 -30.95 -60.78
N VAL H 1057 -53.27 -31.91 -61.40
CA VAL H 1057 -53.48 -33.17 -60.72
C VAL H 1057 -52.13 -33.71 -60.34
N VAL H 1058 -51.23 -33.81 -61.33
CA VAL H 1058 -49.91 -34.38 -61.06
C VAL H 1058 -49.31 -33.80 -59.79
N GLY H 1059 -49.13 -32.49 -59.76
CA GLY H 1059 -48.56 -31.83 -58.61
C GLY H 1059 -49.28 -31.94 -57.28
N ILE H 1060 -50.61 -31.85 -57.25
CA ILE H 1060 -51.35 -32.03 -56.01
C ILE H 1060 -51.09 -33.42 -55.46
N ILE H 1061 -51.10 -34.37 -56.38
CA ILE H 1061 -50.84 -35.71 -55.98
C ILE H 1061 -49.48 -35.77 -55.35
N GLU H 1062 -48.50 -35.21 -56.05
CA GLU H 1062 -47.12 -35.29 -55.58
C GLU H 1062 -47.03 -34.77 -54.23
N SER H 1063 -47.64 -33.62 -54.04
CA SER H 1063 -47.57 -32.96 -52.76
C SER H 1063 -48.05 -33.88 -51.67
N ARG H 1064 -49.30 -34.29 -51.76
CA ARG H 1064 -49.79 -35.06 -50.64
C ARG H 1064 -48.87 -36.21 -50.38
N ALA H 1065 -48.44 -36.84 -51.46
CA ALA H 1065 -47.61 -38.01 -51.32
C ALA H 1065 -46.27 -37.75 -50.63
N ARG H 1066 -45.46 -36.77 -51.05
CA ARG H 1066 -44.14 -36.61 -50.39
C ARG H 1066 -44.34 -36.02 -49.02
N ALA H 1067 -45.56 -35.55 -48.74
CA ALA H 1067 -45.81 -35.07 -47.39
C ALA H 1067 -46.18 -36.17 -46.43
N VAL H 1068 -46.82 -37.24 -46.89
CA VAL H 1068 -47.09 -38.28 -45.85
C VAL H 1068 -45.93 -39.21 -45.44
N ASP H 1069 -46.21 -40.50 -45.22
CA ASP H 1069 -45.16 -41.49 -45.00
C ASP H 1069 -44.85 -42.47 -46.16
N LEU H 1070 -44.19 -43.58 -45.80
CA LEU H 1070 -43.73 -44.61 -46.73
C LEU H 1070 -44.08 -45.94 -46.15
N MET H 1071 -44.73 -45.92 -45.00
CA MET H 1071 -45.19 -47.16 -44.41
C MET H 1071 -46.70 -47.24 -44.49
N THR H 1072 -47.27 -46.64 -45.52
CA THR H 1072 -48.72 -46.72 -45.75
C THR H 1072 -49.08 -46.32 -47.17
N HIS H 1073 -48.10 -46.28 -48.07
CA HIS H 1073 -48.43 -45.74 -49.39
C HIS H 1073 -47.84 -46.36 -50.65
N ASN H 1074 -48.62 -47.18 -51.34
CA ASN H 1074 -48.19 -47.69 -52.63
C ASN H 1074 -48.51 -46.51 -53.48
N TYR H 1075 -48.44 -45.36 -52.88
CA TYR H 1075 -48.72 -44.11 -53.53
C TYR H 1075 -47.50 -43.76 -54.31
N TYR H 1076 -46.35 -44.00 -53.74
CA TYR H 1076 -45.18 -43.80 -54.55
C TYR H 1076 -45.24 -44.89 -55.56
N GLU H 1077 -45.83 -46.03 -55.09
CA GLU H 1077 -45.92 -47.00 -56.20
C GLU H 1077 -46.64 -46.44 -57.46
N LEU H 1078 -47.82 -45.87 -57.27
CA LEU H 1078 -48.61 -45.30 -58.36
C LEU H 1078 -47.95 -44.20 -59.07
N LEU H 1079 -47.12 -43.47 -58.36
CA LEU H 1079 -46.35 -42.44 -59.01
C LEU H 1079 -45.59 -43.06 -60.08
N TYR H 1080 -44.67 -43.94 -59.68
CA TYR H 1080 -43.87 -44.45 -60.78
C TYR H 1080 -44.79 -44.89 -61.87
N ALA H 1081 -45.86 -45.58 -61.44
CA ALA H 1081 -46.77 -46.18 -62.46
C ALA H 1081 -47.29 -45.28 -63.51
N PHE H 1082 -47.92 -44.24 -63.05
CA PHE H 1082 -48.53 -43.31 -63.93
C PHE H 1082 -47.54 -42.62 -64.76
N HIS H 1083 -46.49 -42.23 -64.08
CA HIS H 1083 -45.48 -41.49 -64.79
C HIS H 1083 -45.20 -42.25 -66.02
N ILE H 1084 -45.05 -43.55 -65.87
CA ILE H 1084 -44.88 -44.29 -67.10
C ILE H 1084 -46.19 -44.14 -67.90
N TYR H 1085 -47.17 -45.05 -67.71
CA TYR H 1085 -48.42 -45.03 -68.51
C TYR H 1085 -48.06 -45.04 -70.00
N ARG H 1086 -47.90 -43.85 -70.60
CA ARG H 1086 -47.45 -43.66 -71.99
C ARG H 1086 -46.18 -42.79 -71.98
N HIS H 1087 -45.11 -43.24 -72.64
CA HIS H 1087 -44.03 -42.36 -73.15
C HIS H 1087 -43.37 -41.50 -72.06
N ASN H 1088 -42.94 -42.12 -70.94
CA ASN H 1088 -42.26 -41.37 -69.84
C ASN H 1088 -40.85 -41.92 -69.63
N TYR H 1089 -39.92 -41.11 -69.09
CA TYR H 1089 -38.52 -41.57 -68.90
C TYR H 1089 -37.88 -41.01 -67.62
N ARG H 1090 -37.11 -39.92 -67.75
CA ARG H 1090 -36.41 -39.27 -66.66
C ARG H 1090 -37.34 -39.10 -65.51
N LYS H 1091 -38.61 -38.93 -65.82
CA LYS H 1091 -39.53 -38.65 -64.75
C LYS H 1091 -39.49 -39.83 -63.86
N ALA H 1092 -39.65 -40.96 -64.50
CA ALA H 1092 -39.58 -42.19 -63.76
C ALA H 1092 -38.34 -42.24 -62.92
N GLY H 1093 -37.21 -42.11 -63.58
CA GLY H 1093 -35.95 -42.09 -62.84
C GLY H 1093 -35.97 -41.30 -61.55
N SER H 1094 -36.31 -40.01 -61.65
CA SER H 1094 -36.26 -39.18 -60.46
C SER H 1094 -37.24 -39.66 -59.38
N VAL H 1095 -38.46 -40.00 -59.77
CA VAL H 1095 -39.34 -40.53 -58.75
C VAL H 1095 -38.69 -41.70 -58.03
N MET H 1096 -38.17 -42.65 -58.79
CA MET H 1096 -37.46 -43.78 -58.21
C MET H 1096 -36.38 -43.38 -57.20
N PHE H 1097 -35.42 -42.56 -57.64
CA PHE H 1097 -34.40 -42.09 -56.72
C PHE H 1097 -35.02 -41.69 -55.45
N GLU H 1098 -35.91 -40.74 -55.55
CA GLU H 1098 -36.50 -40.21 -54.34
C GLU H 1098 -37.01 -41.27 -53.42
N TYR H 1099 -37.94 -42.04 -53.92
CA TYR H 1099 -38.53 -43.06 -53.08
C TYR H 1099 -37.43 -43.67 -52.33
N GLY H 1100 -36.54 -44.28 -53.09
CA GLY H 1100 -35.34 -44.87 -52.43
C GLY H 1100 -34.57 -44.15 -51.30
N MET H 1101 -33.99 -43.01 -51.64
CA MET H 1101 -33.29 -42.27 -50.60
C MET H 1101 -34.14 -42.12 -49.36
N ARG H 1102 -35.38 -41.66 -49.55
CA ARG H 1102 -36.20 -41.41 -48.38
C ARG H 1102 -36.21 -42.63 -47.55
N LEU H 1103 -36.72 -43.68 -48.18
CA LEU H 1103 -36.82 -44.94 -47.50
C LEU H 1103 -35.68 -45.10 -46.63
N GLY H 1104 -34.50 -45.25 -47.23
CA GLY H 1104 -33.32 -45.50 -46.41
C GLY H 1104 -33.19 -44.55 -45.28
N ARG H 1105 -32.75 -43.35 -45.60
CA ARG H 1105 -32.55 -42.38 -44.56
C ARG H 1105 -33.43 -42.60 -43.35
N GLU H 1106 -34.75 -42.72 -43.53
CA GLU H 1106 -35.53 -42.82 -42.26
C GLU H 1106 -35.94 -44.19 -41.69
N VAL H 1107 -36.35 -45.13 -42.53
CA VAL H 1107 -36.90 -46.38 -41.97
C VAL H 1107 -35.83 -47.45 -41.82
N ARG H 1108 -35.12 -47.83 -42.88
CA ARG H 1108 -33.93 -48.67 -43.03
C ARG H 1108 -33.66 -49.37 -41.71
N THR H 1109 -33.68 -50.68 -41.72
CA THR H 1109 -33.36 -51.44 -40.50
C THR H 1109 -33.20 -52.90 -40.84
N LEU H 1110 -34.02 -53.43 -41.74
CA LEU H 1110 -34.00 -54.84 -42.06
C LEU H 1110 -34.67 -55.08 -43.39
N ARG H 1111 -35.29 -54.04 -43.95
CA ARG H 1111 -36.04 -54.20 -45.16
C ARG H 1111 -36.04 -52.92 -45.91
N GLY H 1112 -35.95 -51.77 -45.23
CA GLY H 1112 -35.78 -50.55 -45.94
C GLY H 1112 -34.68 -50.90 -46.89
N LEU H 1113 -33.62 -51.54 -46.42
CA LEU H 1113 -32.52 -51.99 -47.28
C LEU H 1113 -33.08 -52.70 -48.44
N GLN H 1114 -33.78 -53.80 -48.17
CA GLN H 1114 -34.43 -54.42 -49.32
C GLN H 1114 -35.05 -53.48 -50.37
N LYS H 1115 -36.08 -52.78 -49.95
CA LYS H 1115 -36.80 -51.95 -50.93
C LYS H 1115 -36.02 -50.83 -51.59
N GLN H 1116 -35.01 -50.31 -50.94
CA GLN H 1116 -34.25 -49.18 -51.47
C GLN H 1116 -33.36 -49.73 -52.52
N VAL H 1117 -32.76 -50.86 -52.19
CA VAL H 1117 -32.02 -51.54 -53.18
C VAL H 1117 -32.94 -51.58 -54.43
N ASN H 1118 -34.16 -52.06 -54.18
CA ASN H 1118 -35.07 -52.20 -55.32
C ASN H 1118 -35.24 -50.91 -56.13
N SER H 1119 -35.63 -49.89 -55.43
CA SER H 1119 -35.81 -48.60 -56.02
C SER H 1119 -34.74 -48.22 -56.96
N TYR H 1120 -33.57 -48.19 -56.42
CA TYR H 1120 -32.57 -47.65 -57.31
C TYR H 1120 -32.28 -48.56 -58.45
N LEU H 1121 -32.32 -49.87 -58.25
CA LEU H 1121 -32.14 -50.77 -59.37
C LEU H 1121 -33.07 -50.34 -60.53
N ALA H 1122 -34.32 -50.17 -60.18
CA ALA H 1122 -35.29 -49.69 -61.20
C ALA H 1122 -34.97 -48.38 -61.89
N CYS H 1123 -34.66 -47.37 -61.08
CA CYS H 1123 -34.26 -46.12 -61.68
C CYS H 1123 -33.14 -46.29 -62.62
N LEU H 1124 -32.18 -47.08 -62.24
CA LEU H 1124 -31.01 -47.22 -63.06
C LEU H 1124 -31.49 -47.71 -64.37
N ASN H 1125 -32.27 -48.79 -64.37
CA ASN H 1125 -32.88 -49.22 -65.65
C ASN H 1125 -33.35 -48.03 -66.47
N CYS H 1126 -34.36 -47.34 -65.93
CA CYS H 1126 -34.90 -46.25 -66.77
C CYS H 1126 -33.91 -45.20 -67.27
N LEU H 1127 -33.01 -44.76 -66.42
CA LEU H 1127 -32.16 -43.68 -66.90
C LEU H 1127 -31.19 -44.23 -67.91
N ARG H 1128 -30.64 -45.40 -67.69
CA ARG H 1128 -29.79 -45.98 -68.71
C ARG H 1128 -30.49 -45.89 -70.02
N LEU H 1129 -31.74 -46.27 -69.98
CA LEU H 1129 -32.52 -46.10 -71.19
C LEU H 1129 -32.69 -44.71 -71.85
N ILE H 1130 -33.28 -43.68 -71.19
CA ILE H 1130 -33.50 -42.33 -72.02
C ILE H 1130 -32.25 -41.87 -72.81
N ARG H 1131 -32.08 -42.36 -74.03
CA ARG H 1131 -30.75 -42.22 -74.61
C ARG H 1131 -30.28 -40.79 -74.64
N PRO H 1132 -29.00 -40.61 -74.33
CA PRO H 1132 -28.45 -39.26 -74.42
C PRO H 1132 -28.19 -38.87 -75.87
N GLU H 1133 -29.17 -39.13 -76.73
CA GLU H 1133 -29.76 -38.14 -77.64
C GLU H 1133 -30.29 -36.93 -76.85
N TYR H 1134 -31.00 -37.17 -75.75
CA TYR H 1134 -31.48 -36.07 -74.88
C TYR H 1134 -30.53 -35.64 -73.70
N ALA H 1135 -29.65 -36.53 -73.19
CA ALA H 1135 -28.64 -36.18 -72.17
C ALA H 1135 -29.13 -35.54 -70.86
N TRP H 1136 -29.31 -36.29 -69.75
CA TRP H 1136 -29.72 -35.60 -68.48
C TRP H 1136 -30.00 -36.07 -67.02
N ILE H 1137 -29.96 -35.18 -65.97
CA ILE H 1137 -30.64 -35.33 -64.60
C ILE H 1137 -30.07 -34.54 -63.43
N VAL H 1138 -30.92 -34.03 -62.52
CA VAL H 1138 -30.57 -33.11 -61.45
C VAL H 1138 -31.92 -32.62 -61.05
N GLN H 1139 -32.14 -32.09 -59.85
CA GLN H 1139 -33.47 -31.46 -59.61
C GLN H 1139 -33.35 -30.06 -58.95
N PRO H 1140 -34.40 -29.21 -58.98
CA PRO H 1140 -34.30 -27.81 -58.50
C PRO H 1140 -35.31 -27.21 -57.48
N VAL H 1141 -34.96 -27.06 -56.19
CA VAL H 1141 -35.85 -26.49 -55.15
C VAL H 1141 -35.15 -26.36 -53.81
N SER H 1142 -35.93 -26.20 -52.73
CA SER H 1142 -35.38 -26.14 -51.36
C SER H 1142 -36.48 -26.28 -50.28
N GLY H 1143 -37.07 -27.47 -50.14
CA GLY H 1143 -38.16 -27.69 -49.19
C GLY H 1143 -38.36 -29.12 -48.71
N ALA H 1144 -38.58 -29.35 -47.41
CA ALA H 1144 -38.69 -30.72 -46.82
C ALA H 1144 -37.61 -31.66 -47.31
N VAL H 1145 -36.47 -31.63 -46.65
CA VAL H 1145 -35.37 -32.53 -46.98
C VAL H 1145 -35.65 -33.96 -46.46
N SER H 1167 -34.73 -26.10 -45.94
CA SER H 1167 -34.14 -25.75 -47.26
C SER H 1167 -33.44 -26.97 -47.86
N SER H 1168 -34.20 -28.07 -48.05
CA SER H 1168 -33.65 -29.32 -48.61
C SER H 1168 -33.68 -29.24 -50.15
N GLN H 1169 -32.80 -28.41 -50.73
CA GLN H 1169 -32.73 -28.23 -52.20
C GLN H 1169 -32.30 -29.55 -52.86
N ILE H 1170 -32.94 -29.89 -53.99
CA ILE H 1170 -32.62 -31.13 -54.76
C ILE H 1170 -31.31 -30.93 -55.54
N GLU H 1171 -30.65 -32.03 -55.93
CA GLU H 1171 -29.36 -31.90 -56.67
C GLU H 1171 -29.31 -32.87 -57.85
N ILE H 1172 -28.27 -32.72 -58.68
CA ILE H 1172 -27.99 -33.53 -59.86
C ILE H 1172 -27.27 -34.80 -59.92
N LEU H 1173 -26.72 -35.03 -61.10
CA LEU H 1173 -26.13 -36.25 -61.40
C LEU H 1173 -25.04 -35.99 -62.38
N GLU H 1174 -25.30 -36.46 -63.59
CA GLU H 1174 -24.42 -36.74 -64.74
C GLU H 1174 -24.03 -38.22 -64.73
N LEU H 1175 -25.03 -39.13 -64.76
CA LEU H 1175 -24.81 -40.58 -64.68
C LEU H 1175 -24.40 -40.66 -63.30
N ARG H 1176 -23.10 -40.51 -63.08
CA ARG H 1176 -22.53 -40.51 -61.76
C ARG H 1176 -23.42 -40.27 -60.56
N ASP H 1177 -23.28 -39.13 -59.90
CA ASP H 1177 -23.98 -38.89 -58.61
C ASP H 1177 -24.50 -40.06 -57.77
N LEU H 1178 -25.48 -40.82 -58.25
CA LEU H 1178 -26.10 -41.97 -57.41
C LEU H 1178 -25.79 -43.31 -58.15
N GLU H 1179 -24.91 -43.29 -59.17
CA GLU H 1179 -24.52 -44.52 -59.79
C GLU H 1179 -23.76 -44.88 -58.62
N LYS H 1180 -23.00 -43.91 -58.12
CA LYS H 1180 -22.34 -44.10 -56.90
C LYS H 1180 -23.37 -44.59 -55.94
N GLU H 1181 -24.40 -43.83 -55.62
CA GLU H 1181 -25.32 -44.29 -54.61
C GLU H 1181 -25.66 -45.78 -54.74
N TYR H 1182 -26.04 -46.29 -55.90
CA TYR H 1182 -26.37 -47.74 -55.89
C TYR H 1182 -25.21 -48.75 -55.97
N VAL H 1183 -24.10 -48.48 -56.64
CA VAL H 1183 -22.94 -49.38 -56.49
C VAL H 1183 -22.82 -49.55 -55.01
N LEU H 1184 -22.99 -48.42 -54.33
CA LEU H 1184 -22.75 -48.51 -52.92
C LEU H 1184 -23.72 -49.33 -52.22
N ALA H 1185 -24.97 -49.02 -52.35
CA ALA H 1185 -25.86 -49.80 -51.56
C ALA H 1185 -25.83 -51.30 -51.94
N GLN H 1186 -25.32 -51.67 -53.12
CA GLN H 1186 -25.19 -53.11 -53.50
C GLN H 1186 -24.09 -53.75 -52.73
N THR H 1187 -22.93 -53.11 -52.70
CA THR H 1187 -21.97 -53.78 -51.82
C THR H 1187 -22.57 -53.81 -50.42
N ARG H 1188 -23.33 -52.80 -50.01
CA ARG H 1188 -23.84 -52.85 -48.65
C ARG H 1188 -24.61 -54.10 -48.48
N LEU H 1189 -25.55 -54.36 -49.36
CA LEU H 1189 -26.22 -55.66 -49.20
C LEU H 1189 -25.31 -56.88 -49.25
N THR H 1190 -24.42 -57.06 -50.23
CA THR H 1190 -23.62 -58.30 -50.19
C THR H 1190 -22.96 -58.42 -48.84
N LEU H 1191 -22.50 -57.33 -48.23
CA LEU H 1191 -21.84 -57.53 -46.92
C LEU H 1191 -22.87 -57.89 -45.85
N ALA H 1192 -23.93 -57.13 -45.69
CA ALA H 1192 -24.97 -57.51 -44.74
C ALA H 1192 -25.45 -58.92 -44.97
N LYS H 1193 -25.10 -59.50 -46.12
CA LYS H 1193 -25.44 -60.89 -46.41
C LYS H 1193 -24.74 -62.00 -45.62
N HIS H 1194 -23.44 -62.28 -45.82
CA HIS H 1194 -22.85 -63.44 -45.11
C HIS H 1194 -23.16 -63.52 -43.60
N ASN H 1195 -23.52 -62.42 -42.92
CA ASN H 1195 -23.92 -62.49 -41.51
C ASN H 1195 -24.96 -61.45 -41.23
N PRO H 1196 -25.62 -61.50 -40.07
CA PRO H 1196 -26.40 -60.28 -39.76
C PRO H 1196 -25.95 -59.40 -38.56
N SER H 1197 -25.34 -58.23 -38.83
CA SER H 1197 -24.98 -57.28 -37.77
C SER H 1197 -24.50 -56.03 -38.49
N THR H 1198 -23.36 -56.11 -39.15
CA THR H 1198 -22.85 -55.07 -40.02
C THR H 1198 -23.99 -54.74 -40.96
N ALA H 1199 -25.04 -55.54 -41.08
CA ALA H 1199 -26.26 -55.14 -41.84
C ALA H 1199 -26.70 -53.85 -41.21
N ALA H 1200 -26.93 -53.91 -39.90
CA ALA H 1200 -27.24 -52.62 -39.22
C ALA H 1200 -26.14 -51.52 -39.43
N ILE H 1201 -24.86 -51.94 -39.34
CA ILE H 1201 -23.82 -50.85 -39.44
C ILE H 1201 -23.74 -50.31 -40.91
N ALA H 1202 -24.20 -51.05 -41.92
CA ALA H 1202 -24.22 -50.61 -43.33
C ALA H 1202 -25.32 -49.62 -43.36
N GLY H 1203 -26.27 -49.68 -42.45
CA GLY H 1203 -27.24 -48.60 -42.37
C GLY H 1203 -26.70 -47.17 -42.06
N SER H 1204 -25.37 -46.97 -42.01
CA SER H 1204 -24.77 -45.62 -41.79
C SER H 1204 -23.32 -45.65 -42.22
N SER H 1205 -23.00 -46.46 -43.21
CA SER H 1205 -21.59 -46.67 -43.61
C SER H 1205 -20.75 -45.59 -44.25
N ALA H 1206 -19.78 -45.97 -45.09
CA ALA H 1206 -18.99 -44.98 -45.80
C ALA H 1206 -18.14 -45.56 -46.88
N ALA H 1207 -17.67 -44.72 -47.77
CA ALA H 1207 -16.89 -45.18 -48.90
C ALA H 1207 -15.58 -45.92 -48.69
N GLU H 1208 -15.10 -46.02 -47.46
CA GLU H 1208 -13.91 -46.80 -47.22
C GLU H 1208 -14.05 -47.75 -46.03
N GLU H 1209 -15.01 -47.54 -45.14
CA GLU H 1209 -15.19 -48.54 -44.07
C GLU H 1209 -15.67 -49.74 -44.80
N MET H 1210 -16.62 -49.49 -45.71
CA MET H 1210 -16.98 -50.64 -46.49
C MET H 1210 -15.76 -51.28 -47.09
N VAL H 1211 -15.01 -50.57 -47.92
CA VAL H 1211 -13.93 -51.25 -48.63
C VAL H 1211 -13.24 -52.08 -47.64
N ALA H 1212 -12.81 -51.54 -46.52
CA ALA H 1212 -12.08 -52.43 -45.60
C ALA H 1212 -12.82 -53.65 -45.06
N LEU H 1213 -13.93 -53.53 -44.34
CA LEU H 1213 -14.61 -54.74 -43.91
C LEU H 1213 -14.80 -55.82 -45.05
N LEU H 1214 -15.04 -55.33 -46.25
CA LEU H 1214 -15.29 -56.34 -47.28
C LEU H 1214 -13.98 -56.93 -47.73
N VAL H 1215 -12.92 -56.18 -47.92
CA VAL H 1215 -11.65 -56.81 -48.27
C VAL H 1215 -11.32 -57.73 -47.16
N GLN H 1216 -11.90 -57.49 -46.03
CA GLN H 1216 -11.70 -58.42 -44.93
C GLN H 1216 -12.21 -59.77 -45.26
N ALA H 1217 -13.52 -59.91 -45.28
CA ALA H 1217 -13.92 -61.36 -45.47
C ALA H 1217 -13.91 -62.04 -46.88
N GLY H 1218 -12.72 -62.31 -47.47
CA GLY H 1218 -12.69 -62.75 -48.86
C GLY H 1218 -13.18 -61.84 -49.95
N LEU H 1219 -14.46 -61.90 -50.27
CA LEU H 1219 -15.06 -61.14 -51.32
C LEU H 1219 -14.09 -60.23 -52.09
N PHE H 1220 -13.14 -60.80 -52.84
CA PHE H 1220 -12.13 -59.99 -53.55
C PHE H 1220 -12.62 -59.53 -54.84
N ASP H 1221 -13.85 -59.85 -55.24
CA ASP H 1221 -14.50 -59.22 -56.43
C ASP H 1221 -15.45 -58.09 -56.21
N THR H 1222 -16.32 -58.29 -55.25
CA THR H 1222 -17.31 -57.30 -55.02
C THR H 1222 -16.57 -56.00 -54.75
N ALA H 1223 -15.46 -56.10 -54.05
CA ALA H 1223 -14.78 -54.90 -53.72
C ALA H 1223 -14.00 -54.36 -54.87
N ILE H 1224 -13.29 -55.15 -55.66
CA ILE H 1224 -12.63 -54.47 -56.80
C ILE H 1224 -13.74 -53.68 -57.49
N SER H 1225 -14.97 -54.20 -57.57
CA SER H 1225 -16.00 -53.32 -58.20
C SER H 1225 -16.32 -52.03 -57.42
N LEU H 1226 -16.68 -52.09 -56.15
CA LEU H 1226 -16.88 -50.86 -55.39
C LEU H 1226 -15.77 -49.92 -55.47
N CYS H 1227 -14.60 -50.39 -55.73
CA CYS H 1227 -13.58 -49.38 -55.76
C CYS H 1227 -13.55 -48.77 -57.10
N GLN H 1228 -13.44 -49.57 -58.14
CA GLN H 1228 -13.33 -48.90 -59.41
C GLN H 1228 -14.47 -47.88 -59.65
N THR H 1229 -15.66 -47.98 -58.99
CA THR H 1229 -16.57 -46.86 -59.20
C THR H 1229 -16.12 -45.61 -58.45
N PHE H 1230 -16.10 -45.65 -57.13
CA PHE H 1230 -15.72 -44.51 -56.33
C PHE H 1230 -14.26 -44.19 -56.46
N LYS H 1231 -13.66 -44.44 -57.63
CA LYS H 1231 -12.20 -44.24 -57.84
C LYS H 1231 -11.37 -43.93 -56.64
N LEU H 1232 -10.81 -44.96 -56.03
CA LEU H 1232 -9.99 -44.84 -54.84
C LEU H 1232 -8.86 -45.86 -54.80
N ALA H 1233 -8.30 -46.21 -55.96
CA ALA H 1233 -6.98 -46.88 -56.10
C ALA H 1233 -6.71 -47.88 -54.95
N LEU H 1234 -6.87 -49.17 -55.20
CA LEU H 1234 -6.86 -50.18 -54.12
C LEU H 1234 -5.69 -51.10 -53.72
N THR H 1235 -4.70 -50.69 -52.94
CA THR H 1235 -3.62 -51.64 -52.66
C THR H 1235 -3.90 -52.47 -51.43
N SER H 1236 -4.91 -52.21 -50.64
CA SER H 1236 -5.35 -52.99 -49.48
C SER H 1236 -5.89 -54.39 -49.86
N VAL H 1237 -6.50 -54.52 -51.04
CA VAL H 1237 -7.01 -55.80 -51.56
C VAL H 1237 -5.86 -56.74 -51.88
N PHE H 1238 -4.84 -56.26 -52.61
CA PHE H 1238 -3.67 -57.06 -52.97
C PHE H 1238 -2.82 -57.43 -51.74
N GLU H 1239 -2.60 -56.50 -50.81
CA GLU H 1239 -1.89 -56.80 -49.56
C GLU H 1239 -2.64 -57.82 -48.70
N GLY H 1240 -3.97 -57.71 -48.60
CA GLY H 1240 -4.78 -58.65 -47.83
C GLY H 1240 -4.85 -60.03 -48.46
N LEU H 1241 -4.96 -60.12 -49.80
CA LEU H 1241 -4.89 -61.40 -50.51
C LEU H 1241 -3.51 -62.05 -50.35
N ALA H 1242 -2.43 -61.26 -50.44
CA ALA H 1242 -1.07 -61.75 -50.20
C ALA H 1242 -0.93 -62.30 -48.77
N CYS H 1243 -1.46 -61.59 -47.77
CA CYS H 1243 -1.53 -62.08 -46.39
C CYS H 1243 -2.30 -63.40 -46.26
N LYS H 1244 -3.45 -63.57 -46.94
CA LYS H 1244 -4.20 -64.84 -46.92
C LYS H 1244 -3.41 -65.97 -47.57
N CYS H 1245 -2.75 -65.73 -48.71
CA CYS H 1245 -1.87 -66.71 -49.37
C CYS H 1245 -0.73 -67.15 -48.44
N ILE H 1246 -0.08 -66.21 -47.75
CA ILE H 1246 1.01 -66.50 -46.79
C ILE H 1246 0.49 -67.34 -45.61
N ARG H 1247 -0.64 -66.94 -45.01
CA ARG H 1247 -1.25 -67.67 -43.90
C ARG H 1247 -1.69 -69.08 -44.30
N LEU H 1248 -2.15 -69.27 -45.53
CA LEU H 1248 -2.49 -70.58 -46.07
C LEU H 1248 -1.28 -71.47 -46.26
N GLN H 1249 -0.19 -70.92 -46.80
CA GLN H 1249 1.06 -71.64 -47.01
C GLN H 1249 1.71 -72.06 -45.69
N GLN H 1250 1.34 -71.37 -44.61
CA GLN H 1250 1.80 -71.71 -43.23
C GLN H 1250 0.56 -72.05 -42.38
N GLY H 1251 -0.61 -72.14 -43.01
CA GLY H 1251 -1.90 -72.42 -42.33
C GLY H 1251 -2.07 -73.84 -41.84
N GLY H 1252 -2.87 -74.02 -40.79
CA GLY H 1252 -3.36 -75.32 -40.28
C GLY H 1252 -4.60 -75.82 -41.01
N GLU H 1253 -4.99 -77.08 -40.74
CA GLU H 1253 -6.17 -77.75 -41.34
C GLU H 1253 -7.37 -76.79 -41.36
N ALA H 1254 -7.92 -76.46 -40.18
CA ALA H 1254 -9.00 -75.50 -39.99
C ALA H 1254 -8.94 -74.33 -40.98
N ALA H 1255 -7.75 -73.79 -41.27
CA ALA H 1255 -7.58 -72.71 -42.23
C ALA H 1255 -7.89 -73.19 -43.67
N GLN H 1256 -7.51 -74.43 -44.01
CA GLN H 1256 -7.87 -75.02 -45.30
C GLN H 1256 -9.36 -75.24 -45.46
N ALA H 1257 -10.06 -75.66 -44.40
CA ALA H 1257 -11.51 -75.84 -44.41
C ALA H 1257 -12.25 -74.50 -44.64
N GLU H 1258 -11.84 -73.44 -43.93
CA GLU H 1258 -12.41 -72.09 -44.08
C GLU H 1258 -12.10 -71.48 -45.46
N ALA H 1259 -10.98 -71.87 -46.09
CA ALA H 1259 -10.56 -71.27 -47.35
C ALA H 1259 -11.44 -71.60 -48.54
N TRP H 1260 -12.08 -72.77 -48.55
CA TRP H 1260 -12.99 -73.16 -49.63
C TRP H 1260 -14.19 -72.21 -49.76
N GLU H 1261 -14.63 -71.61 -48.65
CA GLU H 1261 -15.75 -70.65 -48.65
C GLU H 1261 -15.41 -69.38 -49.44
N TRP H 1262 -14.28 -68.74 -49.15
CA TRP H 1262 -13.89 -67.53 -49.88
C TRP H 1262 -13.37 -67.85 -51.29
N LEU H 1263 -12.77 -69.02 -51.54
CA LEU H 1263 -12.38 -69.43 -52.89
C LEU H 1263 -13.60 -69.62 -53.79
N ALA H 1264 -14.66 -70.26 -53.28
CA ALA H 1264 -15.92 -70.44 -54.02
C ALA H 1264 -16.64 -69.11 -54.31
N ALA H 1265 -16.45 -68.10 -53.45
CA ALA H 1265 -17.02 -66.77 -53.65
C ALA H 1265 -16.34 -65.96 -54.77
N ASN H 1266 -15.64 -66.80 -55.51
CA ASN H 1266 -15.10 -66.26 -56.68
C ASN H 1266 -15.14 -67.42 -57.46
N GLN H 1267 -14.95 -67.16 -58.69
CA GLN H 1267 -14.86 -68.22 -59.54
C GLN H 1267 -13.44 -68.47 -59.29
N LEU H 1268 -12.79 -68.09 -60.34
CA LEU H 1268 -11.44 -68.38 -60.49
C LEU H 1268 -11.93 -68.49 -61.87
N ALA H 1269 -12.06 -67.36 -62.54
CA ALA H 1269 -12.57 -67.33 -63.87
C ALA H 1269 -12.78 -68.70 -64.37
N THR H 1270 -11.72 -69.30 -64.81
CA THR H 1270 -11.81 -70.62 -65.27
C THR H 1270 -11.01 -71.37 -64.33
N VAL H 1271 -11.43 -72.58 -64.03
CA VAL H 1271 -10.59 -73.42 -63.21
C VAL H 1271 -9.57 -74.04 -64.15
N ILE H 1272 -9.58 -75.36 -64.22
CA ILE H 1272 -8.40 -76.18 -64.04
C ILE H 1272 -7.83 -76.80 -65.31
N THR H 1273 -6.81 -77.65 -65.18
CA THR H 1273 -6.26 -78.39 -66.33
C THR H 1273 -5.43 -79.68 -65.95
N THR H 1274 -5.26 -80.10 -64.66
CA THR H 1274 -4.57 -81.42 -64.29
C THR H 1274 -4.47 -82.06 -62.89
N LYS H 1275 -3.39 -81.81 -62.14
CA LYS H 1275 -3.15 -82.56 -60.90
C LYS H 1275 -3.70 -82.18 -59.53
N GLU H 1276 -4.53 -81.16 -59.37
CA GLU H 1276 -5.01 -80.71 -58.04
C GLU H 1276 -3.89 -80.18 -57.12
N SER H 1277 -4.23 -79.42 -56.07
CA SER H 1277 -3.20 -78.71 -55.23
C SER H 1277 -3.65 -78.02 -53.94
N SER H 1278 -4.67 -78.52 -53.28
CA SER H 1278 -5.08 -77.99 -51.98
C SER H 1278 -5.01 -76.55 -51.83
N ALA H 1279 -5.90 -75.87 -52.51
CA ALA H 1279 -5.89 -74.47 -52.45
C ALA H 1279 -4.48 -74.21 -52.82
N THR H 1280 -3.68 -73.75 -51.86
CA THR H 1280 -2.30 -73.36 -52.14
C THR H 1280 -2.41 -72.79 -53.49
N ASP H 1281 -1.64 -73.28 -54.45
CA ASP H 1281 -1.92 -72.98 -55.84
C ASP H 1281 -3.28 -72.32 -56.13
N GLU H 1282 -4.38 -72.64 -55.45
CA GLU H 1282 -5.63 -71.88 -55.70
C GLU H 1282 -5.51 -70.37 -55.57
N ALA H 1283 -5.11 -69.87 -54.41
CA ALA H 1283 -5.09 -68.43 -54.32
C ALA H 1283 -3.97 -67.93 -55.16
N TRP H 1284 -2.88 -68.65 -55.36
CA TRP H 1284 -1.84 -68.01 -56.18
C TRP H 1284 -2.32 -67.86 -57.68
N ARG H 1285 -3.23 -68.71 -58.07
CA ARG H 1285 -3.80 -68.54 -59.39
C ARG H 1285 -4.80 -67.36 -59.40
N LEU H 1286 -5.68 -67.28 -58.38
CA LEU H 1286 -6.54 -66.06 -58.41
C LEU H 1286 -5.56 -64.93 -58.54
N MET H 1287 -4.34 -65.00 -58.01
CA MET H 1287 -3.39 -63.91 -58.25
C MET H 1287 -3.09 -63.63 -59.60
N ILE H 1288 -2.36 -64.54 -60.25
CA ILE H 1288 -2.01 -64.13 -61.59
C ILE H 1288 -3.24 -63.47 -62.17
N SER H 1289 -4.43 -64.07 -62.00
CA SER H 1289 -5.57 -63.38 -62.65
C SER H 1289 -5.88 -61.94 -62.14
N TYR H 1290 -6.36 -61.74 -60.91
CA TYR H 1290 -6.66 -60.40 -60.42
C TYR H 1290 -5.53 -59.47 -60.55
N LEU H 1291 -4.39 -59.92 -61.05
CA LEU H 1291 -3.36 -58.99 -61.34
C LEU H 1291 -3.43 -58.65 -62.76
N ASP H 1292 -2.93 -59.55 -63.58
CA ASP H 1292 -2.81 -59.15 -64.97
C ASP H 1292 -4.05 -58.51 -65.48
N LYS H 1293 -5.18 -58.87 -64.94
CA LYS H 1293 -6.33 -58.21 -65.52
C LYS H 1293 -6.50 -56.81 -65.06
N TYR H 1294 -6.86 -56.66 -63.77
CA TYR H 1294 -7.05 -55.32 -63.15
C TYR H 1294 -5.67 -54.73 -62.83
N GLU H 1295 -5.05 -54.07 -63.81
CA GLU H 1295 -3.70 -53.47 -63.64
C GLU H 1295 -3.72 -52.01 -64.08
N ALA H 1296 -2.74 -51.23 -63.60
CA ALA H 1296 -2.83 -49.75 -63.56
C ALA H 1296 -1.60 -49.12 -64.24
N LYS H 1297 -1.72 -47.87 -64.67
CA LYS H 1297 -0.63 -47.14 -65.37
C LYS H 1297 0.58 -47.00 -64.43
N ASN H 1298 0.35 -46.70 -63.16
CA ASN H 1298 1.45 -46.43 -62.19
C ASN H 1298 1.86 -47.74 -61.49
N THR H 1299 1.93 -47.72 -60.16
CA THR H 1299 2.31 -48.95 -59.39
C THR H 1299 1.32 -49.53 -58.34
N LEU H 1300 0.24 -50.21 -58.73
CA LEU H 1300 -0.62 -50.94 -57.78
C LEU H 1300 -0.02 -52.09 -58.42
N TYR H 1301 1.05 -52.62 -57.87
CA TYR H 1301 1.75 -53.59 -58.62
C TYR H 1301 2.82 -54.35 -57.96
N HIS H 1302 3.81 -54.69 -58.73
CA HIS H 1302 4.96 -55.33 -58.24
C HIS H 1302 5.40 -54.80 -56.90
N HIS H 1303 5.47 -53.51 -56.69
CA HIS H 1303 6.02 -53.04 -55.44
C HIS H 1303 5.17 -53.45 -54.32
N CYS H 1304 3.91 -53.09 -54.31
CA CYS H 1304 3.18 -53.43 -53.11
C CYS H 1304 3.29 -54.96 -52.83
N ILE H 1305 3.29 -55.74 -53.89
CA ILE H 1305 3.43 -57.17 -53.58
C ILE H 1305 4.82 -57.56 -53.02
N ILE H 1306 5.90 -57.32 -53.70
CA ILE H 1306 7.16 -57.70 -53.22
C ILE H 1306 7.22 -57.25 -51.81
N ASN H 1307 6.62 -56.13 -51.48
CA ASN H 1307 6.82 -55.72 -50.09
C ASN H 1307 6.07 -56.60 -49.17
N LYS H 1308 4.75 -56.65 -49.18
CA LYS H 1308 4.20 -57.54 -48.14
C LYS H 1308 4.95 -58.93 -48.12
N LEU H 1309 5.48 -59.34 -49.26
CA LEU H 1309 6.21 -60.60 -49.23
C LEU H 1309 7.49 -60.57 -48.46
N LEU H 1310 8.53 -59.83 -48.81
CA LEU H 1310 9.73 -59.94 -47.98
C LEU H 1310 9.32 -59.61 -46.56
N SER H 1311 8.25 -58.87 -46.40
CA SER H 1311 7.83 -58.50 -45.06
C SER H 1311 7.52 -59.64 -44.18
N HIS H 1312 6.78 -60.64 -44.65
CA HIS H 1312 6.61 -61.85 -43.77
C HIS H 1312 7.32 -63.22 -44.05
N GLY H 1313 8.46 -63.28 -44.69
CA GLY H 1313 9.20 -64.47 -45.02
C GLY H 1313 8.80 -65.18 -46.29
N VAL H 1314 9.76 -65.35 -47.21
CA VAL H 1314 9.45 -65.90 -48.49
C VAL H 1314 10.50 -65.95 -49.50
N PRO H 1315 10.88 -67.13 -49.88
CA PRO H 1315 11.84 -67.06 -50.96
C PRO H 1315 10.95 -66.59 -52.01
N LEU H 1316 11.11 -65.38 -52.56
CA LEU H 1316 10.01 -64.99 -53.53
C LEU H 1316 9.51 -65.98 -54.62
N PRO H 1317 8.20 -66.22 -54.67
CA PRO H 1317 7.68 -67.21 -55.59
C PRO H 1317 8.11 -66.80 -56.93
N ASN H 1318 9.06 -67.40 -57.60
CA ASN H 1318 9.63 -66.87 -58.85
C ASN H 1318 8.82 -66.11 -59.91
N TRP H 1319 7.55 -66.36 -60.16
CA TRP H 1319 6.81 -65.47 -61.09
C TRP H 1319 7.05 -63.97 -60.81
N LEU H 1320 6.76 -63.47 -59.60
CA LEU H 1320 6.83 -62.01 -59.37
C LEU H 1320 8.19 -61.52 -59.61
N ILE H 1321 9.18 -62.26 -59.22
CA ILE H 1321 10.46 -61.72 -59.38
C ILE H 1321 10.71 -61.61 -60.83
N ASN H 1322 10.61 -62.69 -61.54
CA ASN H 1322 10.98 -62.55 -62.92
C ASN H 1322 10.28 -61.35 -63.51
N ARG H 1323 8.99 -61.17 -63.28
CA ARG H 1323 8.38 -60.00 -63.90
C ARG H 1323 8.71 -58.54 -63.35
N TYR H 1324 9.52 -58.26 -62.30
CA TYR H 1324 9.96 -56.92 -61.77
C TYR H 1324 11.43 -56.83 -61.91
N LYS H 1325 11.94 -57.23 -63.04
CA LYS H 1325 13.36 -57.27 -63.20
C LYS H 1325 13.69 -57.13 -64.63
N ALA H 1326 12.83 -56.44 -65.35
CA ALA H 1326 13.14 -56.07 -66.72
C ALA H 1326 12.17 -54.94 -66.95
N MET H 1327 11.33 -54.66 -65.96
CA MET H 1327 10.40 -53.55 -66.02
C MET H 1327 10.89 -52.47 -65.05
N ASP H 1328 11.79 -52.82 -64.14
CA ASP H 1328 12.21 -51.92 -63.10
C ASP H 1328 13.47 -52.45 -62.44
N ALA H 1329 14.55 -52.49 -63.22
CA ALA H 1329 15.66 -53.43 -63.10
C ALA H 1329 16.58 -53.21 -61.92
N ALA H 1330 16.03 -52.70 -60.85
CA ALA H 1330 16.85 -52.38 -59.74
C ALA H 1330 16.02 -52.29 -58.56
N GLU H 1331 15.50 -51.12 -58.26
CA GLU H 1331 14.77 -50.89 -57.05
C GLU H 1331 14.07 -52.08 -56.63
N LEU H 1332 14.73 -52.87 -55.83
CA LEU H 1332 14.24 -54.10 -55.32
C LEU H 1332 15.57 -54.33 -54.73
N LEU H 1333 16.65 -54.16 -55.48
CA LEU H 1333 17.95 -54.25 -54.87
C LEU H 1333 17.76 -53.49 -53.67
N ARG H 1334 17.00 -52.43 -53.76
CA ARG H 1334 16.82 -51.78 -52.49
C ARG H 1334 15.87 -52.51 -51.59
N LEU H 1335 14.72 -52.92 -52.07
CA LEU H 1335 13.91 -53.66 -51.15
C LEU H 1335 14.80 -54.79 -50.56
N TYR H 1336 15.61 -55.45 -51.38
CA TYR H 1336 16.52 -56.47 -50.73
C TYR H 1336 17.49 -55.97 -49.65
N LEU H 1337 18.34 -54.97 -49.89
CA LEU H 1337 19.27 -54.61 -48.82
C LEU H 1337 18.59 -53.95 -47.69
N LYS H 1338 17.30 -53.72 -47.78
CA LYS H 1338 16.66 -53.26 -46.58
C LYS H 1338 16.13 -54.37 -45.80
N TYR H 1339 15.56 -55.37 -46.45
CA TYR H 1339 14.94 -56.41 -45.61
C TYR H 1339 15.99 -57.45 -45.15
N ASP H 1340 17.15 -56.97 -44.73
CA ASP H 1340 18.35 -57.80 -44.48
C ASP H 1340 18.50 -59.05 -45.35
N LEU H 1341 18.69 -58.85 -46.66
CA LEU H 1341 18.91 -59.99 -47.55
C LEU H 1341 20.24 -59.80 -48.25
N LEU H 1342 21.31 -59.61 -47.47
CA LEU H 1342 22.64 -59.34 -48.05
C LEU H 1342 23.06 -60.34 -49.11
N GLU H 1343 22.93 -61.63 -48.81
CA GLU H 1343 23.32 -62.67 -49.75
C GLU H 1343 22.66 -62.45 -51.11
N GLU H 1344 21.33 -62.42 -51.12
CA GLU H 1344 20.60 -62.27 -52.39
C GLU H 1344 20.81 -60.91 -53.08
N ALA H 1345 21.18 -59.88 -52.33
CA ALA H 1345 21.46 -58.59 -52.93
C ALA H 1345 22.72 -58.65 -53.79
N ALA H 1346 23.80 -59.19 -53.23
CA ALA H 1346 25.04 -59.35 -53.99
C ALA H 1346 24.78 -60.14 -55.24
N GLU H 1347 23.82 -61.05 -55.18
CA GLU H 1347 23.49 -61.91 -56.32
C GLU H 1347 22.86 -61.09 -57.44
N LEU H 1348 21.81 -60.34 -57.10
CA LEU H 1348 21.16 -59.49 -58.10
C LEU H 1348 22.14 -58.57 -58.81
N VAL H 1349 23.01 -57.90 -58.05
CA VAL H 1349 24.01 -57.00 -58.65
C VAL H 1349 24.92 -57.73 -59.64
N LEU H 1350 25.44 -58.88 -59.23
CA LEU H 1350 26.28 -59.67 -60.13
C LEU H 1350 25.51 -60.00 -61.40
N GLU H 1351 24.29 -60.47 -61.25
CA GLU H 1351 23.46 -60.78 -62.42
C GLU H 1351 23.32 -59.58 -63.37
N TYR H 1352 23.03 -58.41 -62.81
CA TYR H 1352 22.90 -57.20 -63.62
C TYR H 1352 24.20 -56.85 -64.35
N VAL H 1353 25.35 -56.94 -63.68
CA VAL H 1353 26.62 -56.70 -64.37
C VAL H 1353 26.81 -57.68 -65.52
N ASP H 1354 26.50 -58.94 -65.26
CA ASP H 1354 26.60 -59.95 -66.30
C ASP H 1354 25.76 -59.54 -67.48
N ALA H 1355 24.52 -59.12 -67.25
CA ALA H 1355 23.67 -58.63 -68.33
C ALA H 1355 24.35 -57.52 -69.10
N LEU H 1356 24.75 -56.47 -68.39
CA LEU H 1356 25.44 -55.34 -69.01
C LEU H 1356 26.61 -55.74 -69.91
N LEU H 1357 27.38 -56.78 -69.56
CA LEU H 1357 28.46 -57.21 -70.50
C LEU H 1357 28.02 -57.94 -71.79
N GLY H 1358 26.80 -57.73 -72.27
CA GLY H 1358 26.25 -58.50 -73.39
C GLY H 1358 25.77 -59.91 -73.08
N LYS H 1359 25.94 -60.40 -71.85
CA LYS H 1359 25.54 -61.76 -71.46
C LYS H 1359 24.18 -61.74 -70.77
N GLY H 1360 23.16 -62.27 -71.42
CA GLY H 1360 21.82 -62.35 -70.81
C GLY H 1360 21.10 -61.00 -70.68
N HIS H 1361 21.47 -60.00 -71.50
CA HIS H 1361 20.87 -58.66 -71.44
C HIS H 1361 19.33 -58.64 -71.56
N GLN H 1362 18.76 -59.63 -72.27
CA GLN H 1362 17.31 -59.80 -72.42
C GLN H 1362 16.59 -60.06 -71.08
N TYR H 1363 17.31 -60.65 -70.11
CA TYR H 1363 16.76 -60.88 -68.76
C TYR H 1363 17.06 -59.66 -67.86
N PHE H 1364 17.43 -58.51 -68.45
CA PHE H 1364 17.67 -57.27 -67.67
C PHE H 1364 17.19 -55.97 -68.37
N GLY H 1365 16.33 -56.09 -69.39
CA GLY H 1365 15.79 -54.89 -70.06
C GLY H 1365 16.92 -53.98 -70.54
N ILE H 1366 18.02 -54.56 -71.04
CA ILE H 1366 19.18 -53.78 -71.50
C ILE H 1366 19.25 -53.89 -73.03
N GLN H 1367 19.50 -52.78 -73.74
CA GLN H 1367 19.52 -52.79 -75.22
C GLN H 1367 20.93 -53.09 -75.78
N ALA H 1368 21.99 -52.72 -75.08
CA ALA H 1368 23.30 -52.85 -75.74
C ALA H 1368 24.57 -53.12 -74.98
N PRO H 1369 25.46 -53.95 -75.59
CA PRO H 1369 26.77 -54.21 -75.00
C PRO H 1369 27.90 -53.96 -76.04
N LEU H 1370 28.76 -52.96 -75.83
CA LEU H 1370 29.89 -52.71 -76.76
C LEU H 1370 29.33 -52.63 -78.19
N SER H 1371 28.25 -51.86 -78.38
CA SER H 1371 27.62 -51.72 -79.72
C SER H 1371 26.78 -50.44 -79.82
N ALA H 1372 26.54 -49.95 -81.04
CA ALA H 1372 25.78 -48.69 -81.23
C ALA H 1372 26.31 -47.61 -80.26
N THR H 1373 27.62 -47.38 -80.33
CA THR H 1373 28.34 -46.42 -79.46
C THR H 1373 27.98 -46.57 -77.98
N SER H 1374 28.00 -45.46 -77.24
CA SER H 1374 27.63 -45.51 -75.82
C SER H 1374 26.38 -44.67 -75.58
N GLN H 1375 25.45 -45.20 -74.82
CA GLN H 1375 24.20 -44.48 -74.55
C GLN H 1375 24.05 -44.26 -73.06
N LEU H 1376 23.15 -45.01 -72.42
CA LEU H 1376 23.00 -44.89 -70.96
C LEU H 1376 23.33 -46.22 -70.23
N VAL H 1377 23.90 -46.15 -69.02
CA VAL H 1377 24.27 -47.35 -68.24
C VAL H 1377 24.17 -47.03 -66.75
N TRP H 1378 23.02 -47.30 -66.09
CA TRP H 1378 22.97 -46.87 -64.69
C TRP H 1378 23.72 -47.89 -63.81
N PHE H 1379 24.73 -47.41 -63.09
CA PHE H 1379 25.54 -48.23 -62.18
C PHE H 1379 25.05 -48.02 -60.75
N PRO H 1380 24.54 -49.05 -60.05
CA PRO H 1380 23.94 -48.91 -58.73
C PRO H 1380 25.00 -48.76 -57.63
N TYR H 1381 25.82 -47.73 -57.74
CA TYR H 1381 27.01 -47.52 -56.90
C TYR H 1381 26.68 -47.49 -55.40
N SER H 1382 25.58 -46.83 -55.00
CA SER H 1382 25.17 -46.76 -53.60
C SER H 1382 24.83 -48.13 -53.01
N ALA H 1383 24.16 -49.00 -53.76
CA ALA H 1383 23.85 -50.36 -53.32
C ALA H 1383 25.13 -51.22 -53.24
N ILE H 1384 26.05 -51.03 -54.17
CA ILE H 1384 27.36 -51.70 -54.14
C ILE H 1384 28.19 -51.23 -52.93
N ASP H 1385 28.16 -49.94 -52.61
CA ASP H 1385 28.86 -49.42 -51.44
C ASP H 1385 28.22 -49.91 -50.13
N HIS H 1386 26.90 -50.01 -50.05
CA HIS H 1386 26.23 -50.68 -48.92
C HIS H 1386 26.65 -52.16 -48.80
N LEU H 1387 26.74 -52.89 -49.92
CA LEU H 1387 27.24 -54.27 -49.92
C LEU H 1387 28.67 -54.34 -49.39
N ARG H 1388 29.55 -53.43 -49.82
CA ARG H 1388 30.93 -53.36 -49.34
C ARG H 1388 31.01 -53.09 -47.85
N GLN H 1389 30.16 -52.19 -47.35
CA GLN H 1389 30.07 -51.92 -45.93
C GLN H 1389 29.57 -53.14 -45.16
N ALA H 1390 28.47 -53.76 -45.58
CA ALA H 1390 27.89 -54.94 -44.94
C ALA H 1390 28.86 -56.15 -44.93
N LEU H 1391 29.60 -56.38 -46.02
CA LEU H 1391 30.66 -57.39 -46.08
C LEU H 1391 31.85 -57.04 -45.16
N GLY H 1392 32.08 -55.75 -44.91
CA GLY H 1392 33.16 -55.34 -44.05
C GLY H 1392 32.76 -55.30 -42.59
N GLU H 1393 31.46 -55.35 -42.33
CA GLU H 1393 30.98 -55.34 -40.95
C GLU H 1393 30.81 -56.75 -40.42
N ASN H 1394 31.07 -57.75 -41.27
CA ASN H 1394 30.94 -59.14 -40.85
C ASN H 1394 32.29 -59.76 -40.52
N GLU H 1395 33.34 -59.25 -41.15
CA GLU H 1395 34.73 -59.60 -40.83
C GLU H 1395 34.96 -61.10 -40.73
N SER H 1396 34.89 -61.65 -39.52
CA SER H 1396 35.09 -63.09 -39.31
C SER H 1396 34.42 -63.97 -40.37
N ASN H 1397 33.15 -63.68 -40.67
CA ASN H 1397 32.38 -64.43 -41.65
C ASN H 1397 33.20 -64.74 -42.91
N GLN H 1398 33.65 -65.98 -43.02
CA GLN H 1398 34.48 -66.37 -44.17
C GLN H 1398 33.67 -66.41 -45.45
N HIS H 1399 32.44 -66.90 -45.36
CA HIS H 1399 31.58 -66.98 -46.55
C HIS H 1399 31.33 -65.61 -47.17
N ASN H 1400 30.95 -64.61 -46.36
CA ASN H 1400 30.75 -63.23 -46.83
C ASN H 1400 32.03 -62.65 -47.44
N GLN H 1401 33.20 -62.93 -46.85
CA GLN H 1401 34.48 -62.49 -47.41
C GLN H 1401 34.79 -63.16 -48.76
N ALA H 1402 34.51 -64.45 -48.91
CA ALA H 1402 34.68 -65.15 -50.19
C ALA H 1402 33.79 -64.53 -51.28
N ILE H 1403 32.52 -64.24 -50.96
CA ILE H 1403 31.58 -63.57 -51.86
C ILE H 1403 32.07 -62.15 -52.20
N LEU H 1404 32.49 -61.37 -51.20
CA LEU H 1404 33.02 -60.01 -51.38
C LEU H 1404 34.23 -60.00 -52.32
N SER H 1405 35.18 -60.91 -52.14
CA SER H 1405 36.37 -61.01 -53.00
C SER H 1405 36.01 -61.38 -54.45
N LYS H 1406 35.04 -62.28 -54.63
CA LYS H 1406 34.52 -62.66 -55.95
C LYS H 1406 33.85 -61.48 -56.64
N LEU H 1407 33.04 -60.72 -55.90
CA LEU H 1407 32.36 -59.52 -56.36
C LEU H 1407 33.36 -58.42 -56.75
N GLN H 1408 34.37 -58.14 -55.90
CA GLN H 1408 35.43 -57.16 -56.19
C GLN H 1408 36.19 -57.50 -57.48
N ARG H 1409 36.65 -58.74 -57.62
CA ARG H 1409 37.33 -59.19 -58.84
C ARG H 1409 36.48 -58.97 -60.09
N LYS H 1410 35.18 -59.23 -59.97
CA LYS H 1410 34.24 -59.04 -61.08
C LYS H 1410 34.01 -57.57 -61.43
N MET H 1411 33.92 -56.72 -60.40
CA MET H 1411 33.81 -55.27 -60.57
C MET H 1411 35.06 -54.69 -61.24
N ASP H 1412 36.26 -55.17 -60.87
CA ASP H 1412 37.50 -54.76 -61.52
C ASP H 1412 37.53 -55.15 -63.00
N GLU H 1413 37.11 -56.37 -63.35
CA GLU H 1413 36.94 -56.80 -64.75
C GLU H 1413 36.00 -55.86 -65.52
N TYR H 1414 34.87 -55.50 -64.90
CA TYR H 1414 33.91 -54.56 -65.47
C TYR H 1414 34.50 -53.17 -65.69
N PHE H 1415 35.14 -52.59 -64.68
CA PHE H 1415 35.74 -51.27 -64.78
C PHE H 1415 36.87 -51.21 -65.82
N GLN H 1416 37.67 -52.28 -65.95
CA GLN H 1416 38.68 -52.37 -67.00
C GLN H 1416 38.04 -52.38 -68.40
N LYS H 1417 36.96 -53.14 -68.60
CA LYS H 1417 36.26 -53.20 -69.90
C LYS H 1417 35.49 -51.91 -70.20
N LEU H 1418 34.89 -51.29 -69.19
CA LEU H 1418 34.26 -49.96 -69.26
C LEU H 1418 35.25 -48.90 -69.69
N LYS H 1419 36.45 -48.89 -69.09
CA LYS H 1419 37.52 -47.97 -69.47
C LYS H 1419 37.91 -48.14 -70.95
N LYS H 1420 38.12 -49.37 -71.41
CA LYS H 1420 38.38 -49.67 -72.82
C LYS H 1420 37.25 -49.21 -73.76
N ALA H 1421 36.00 -49.55 -73.43
CA ALA H 1421 34.84 -49.15 -74.23
C ALA H 1421 34.67 -47.62 -74.30
N THR H 1422 34.93 -46.91 -73.19
CA THR H 1422 34.88 -45.44 -73.12
C THR H 1422 36.00 -44.81 -73.96
N ASP H 1423 37.20 -45.37 -73.92
CA ASP H 1423 38.33 -44.92 -74.75
C ASP H 1423 38.06 -45.15 -76.24
N ASP H 1424 37.43 -46.27 -76.60
CA ASP H 1424 37.03 -46.56 -77.99
C ASP H 1424 35.86 -45.67 -78.45
N TYR H 1425 34.90 -45.36 -77.58
CA TYR H 1425 33.84 -44.38 -77.87
C TYR H 1425 34.43 -42.98 -78.09
N LYS H 1426 35.38 -42.53 -77.27
CA LYS H 1426 36.10 -41.27 -77.48
C LYS H 1426 36.79 -41.21 -78.84
N LYS H 1427 37.40 -42.32 -79.31
CA LYS H 1427 37.98 -42.43 -80.65
C LYS H 1427 36.94 -42.39 -81.77
N LEU H 1428 35.78 -43.03 -81.56
CA LEU H 1428 34.65 -43.05 -82.50
C LEU H 1428 34.01 -41.67 -82.66
N VAL H 1429 33.75 -40.95 -81.56
CA VAL H 1429 33.18 -39.59 -81.57
C VAL H 1429 34.13 -38.58 -82.21
N GLN H 1430 35.46 -38.78 -82.14
CA GLN H 1430 36.44 -37.92 -82.81
C GLN H 1430 36.48 -38.11 -84.36
N LYS H 1431 35.80 -39.10 -84.94
CA LYS H 1431 35.64 -39.30 -86.40
C LYS H 1431 34.15 -39.16 -86.77
N PRO H 1432 33.59 -38.01 -87.26
CA PRO H 1432 34.19 -37.03 -88.17
C PRO H 1432 33.81 -35.55 -87.87
N LEU H 1433 34.79 -34.70 -87.56
CA LEU H 1433 34.78 -33.25 -87.90
C LEU H 1433 35.59 -33.00 -89.20
N ARG H 1434 35.53 -33.96 -90.12
CA ARG H 1434 36.04 -33.86 -91.51
C ARG H 1434 34.95 -34.23 -92.53
N ALA H 1435 33.69 -34.02 -92.16
CA ALA H 1435 32.73 -33.28 -92.96
C ALA H 1435 32.50 -31.96 -92.22
N VAL I 40 -76.79 52.69 31.37
CA VAL I 40 -76.90 51.55 32.19
C VAL I 40 -76.55 50.35 31.25
N ASN I 41 -75.29 49.91 31.31
CA ASN I 41 -74.89 48.61 30.70
C ASN I 41 -75.77 47.60 31.38
N LEU I 42 -76.93 47.24 30.79
CA LEU I 42 -77.81 46.22 31.29
C LEU I 42 -77.06 44.89 31.09
N GLU I 43 -76.26 44.57 32.08
CA GLU I 43 -75.55 43.29 32.12
C GLU I 43 -76.60 42.18 32.28
N ARG I 44 -77.17 41.64 31.17
CA ARG I 44 -78.29 40.67 31.23
C ARG I 44 -77.80 39.30 31.63
N SER I 45 -76.84 38.66 30.95
CA SER I 45 -76.41 37.31 31.30
C SER I 45 -75.08 37.31 32.03
N TYR I 46 -74.97 36.36 32.88
CA TYR I 46 -73.73 36.04 33.55
C TYR I 46 -73.27 34.62 33.12
N MET I 47 -72.02 34.32 33.39
CA MET I 47 -71.40 33.00 33.15
C MET I 47 -70.77 32.55 34.42
N GLU I 48 -70.90 31.26 34.66
CA GLU I 48 -70.28 30.66 35.78
C GLU I 48 -68.78 30.44 35.56
N LEU I 49 -67.96 31.00 36.48
CA LEU I 49 -66.51 30.81 36.54
C LEU I 49 -66.19 30.03 37.76
N ILE I 50 -65.65 28.83 37.55
CA ILE I 50 -65.32 27.99 38.65
C ILE I 50 -64.05 28.60 39.34
N GLY I 51 -64.17 29.05 40.60
CA GLY I 51 -63.01 29.43 41.42
C GLY I 51 -62.34 28.14 41.81
N ALA I 52 -61.53 27.50 40.92
CA ALA I 52 -61.00 26.17 41.12
C ALA I 52 -60.13 26.18 42.38
N GLU I 53 -60.56 25.41 43.34
CA GLU I 53 -59.72 25.06 44.47
C GLU I 53 -58.67 24.03 43.96
N ARG I 54 -57.63 24.49 43.27
CA ARG I 54 -56.50 23.63 42.79
C ARG I 54 -55.43 23.43 43.85
N GLU I 55 -55.61 24.01 45.06
CA GLU I 55 -54.73 23.69 46.15
C GLU I 55 -54.99 22.24 46.52
N THR I 56 -53.94 21.42 46.38
CA THR I 56 -53.87 20.04 46.82
C THR I 56 -53.91 20.01 48.31
N SER I 57 -53.45 21.10 49.02
CA SER I 57 -53.89 21.41 50.36
C SER I 57 -55.38 21.72 50.26
N ARG I 58 -56.25 20.72 50.51
CA ARG I 58 -57.49 21.02 51.23
C ARG I 58 -57.14 22.21 52.19
N ARG I 59 -57.72 23.40 52.05
CA ARG I 59 -57.54 24.55 53.02
C ARG I 59 -57.47 23.95 54.34
N ASN I 60 -56.31 24.03 55.01
CA ASN I 60 -56.03 23.15 56.08
C ASN I 60 -57.09 23.45 57.15
N PHE I 61 -58.20 22.71 57.03
CA PHE I 61 -59.44 23.13 57.70
C PHE I 61 -59.13 22.98 59.12
N ARG I 62 -59.16 24.11 59.90
CA ARG I 62 -58.96 24.03 61.30
C ARG I 62 -60.20 23.35 61.84
N ASP I 63 -60.09 22.04 62.01
CA ASP I 63 -61.18 21.24 62.53
C ASP I 63 -61.35 21.62 64.01
N LEU I 64 -62.56 22.05 64.37
CA LEU I 64 -62.97 22.44 65.72
C LEU I 64 -64.25 21.66 66.02
N SER I 65 -64.26 20.98 67.11
CA SER I 65 -65.43 20.21 67.52
C SER I 65 -66.04 20.85 68.79
N LEU I 66 -67.32 21.17 68.72
CA LEU I 66 -68.14 21.74 69.79
C LEU I 66 -69.01 20.62 70.32
N ARG I 67 -68.90 20.44 71.61
CA ARG I 67 -69.72 19.47 72.31
C ARG I 67 -70.67 20.24 73.25
N PRO I 68 -71.86 20.64 72.78
CA PRO I 68 -72.89 21.15 73.68
C PRO I 68 -73.45 20.00 74.48
N ASP I 69 -73.95 20.33 75.68
CA ASP I 69 -74.56 19.36 76.56
C ASP I 69 -75.95 18.89 76.05
N VAL I 70 -75.99 18.17 74.89
CA VAL I 70 -77.23 17.67 74.25
C VAL I 70 -77.09 16.21 73.71
N ASN I 71 -78.15 15.42 73.91
CA ASN I 71 -78.21 13.99 73.46
C ASN I 71 -78.51 13.81 71.98
N LEU I 72 -77.88 12.79 71.32
CA LEU I 72 -78.06 12.41 69.92
C LEU I 72 -79.50 11.89 69.65
N VAL I 73 -80.28 12.62 68.89
CA VAL I 73 -81.66 12.22 68.52
C VAL I 73 -81.60 11.22 67.30
N ILE I 74 -81.77 9.93 67.53
CA ILE I 74 -81.83 8.86 66.47
C ILE I 74 -83.12 9.03 65.67
N GLY I 75 -83.00 9.14 64.36
CA GLY I 75 -84.14 9.32 63.47
C GLY I 75 -84.59 10.78 63.38
N GLY I 76 -83.75 11.78 63.81
CA GLY I 76 -84.03 13.20 63.65
C GLY I 76 -84.18 13.55 62.18
N PRO I 77 -84.82 14.69 61.92
CA PRO I 77 -84.98 15.13 60.59
C PRO I 77 -83.63 15.32 59.90
N LYS I 78 -83.50 14.74 58.68
CA LYS I 78 -82.37 15.01 57.81
C LYS I 78 -82.66 16.28 57.12
N TYR I 79 -81.88 17.34 57.43
CA TYR I 79 -81.93 18.57 56.71
C TYR I 79 -81.15 18.39 55.42
N ALA I 80 -81.59 19.06 54.42
CA ALA I 80 -80.82 19.20 53.23
C ALA I 80 -79.56 20.06 53.54
N ASP I 81 -78.49 19.77 52.78
CA ASP I 81 -77.29 20.61 52.80
C ASP I 81 -77.68 22.04 52.44
N CYS I 82 -77.05 23.06 53.09
CA CYS I 82 -77.24 24.46 52.75
C CYS I 82 -75.92 25.25 52.83
N ALA I 83 -75.90 26.40 52.22
CA ALA I 83 -74.78 27.32 52.26
C ALA I 83 -75.26 28.77 52.56
N GLY I 84 -74.31 29.68 52.85
CA GLY I 84 -74.56 31.13 53.00
C GLY I 84 -73.25 31.91 52.92
N GLY I 85 -73.37 33.24 52.87
CA GLY I 85 -72.21 34.14 52.87
C GLY I 85 -72.50 35.51 53.55
N TYR I 86 -71.41 36.25 53.84
CA TYR I 86 -71.43 37.58 54.53
C TYR I 86 -70.33 38.46 53.99
N CYS I 87 -70.69 39.69 53.67
CA CYS I 87 -69.73 40.69 53.25
C CYS I 87 -69.51 41.77 54.37
N TYR I 88 -68.24 42.13 54.64
CA TYR I 88 -67.89 43.20 55.64
C TYR I 88 -68.35 44.58 55.23
N SER I 89 -68.60 45.51 56.21
CA SER I 89 -68.75 46.94 55.96
C SER I 89 -67.45 47.53 55.43
N GLU I 90 -67.58 48.57 54.68
CA GLU I 90 -66.47 49.26 54.05
C GLU I 90 -65.60 48.36 53.10
N SER I 91 -66.04 47.13 52.69
CA SER I 91 -65.36 46.21 51.73
C SER I 91 -65.23 46.76 50.34
N SER I 92 -66.09 47.70 50.02
CA SER I 92 -66.01 48.45 48.82
C SER I 92 -64.99 49.62 48.94
N SER I 93 -64.55 50.04 50.15
CA SER I 93 -63.61 51.16 50.42
C SER I 93 -62.17 50.73 50.13
N LEU I 94 -61.50 51.44 49.26
CA LEU I 94 -60.16 51.09 48.77
C LEU I 94 -59.05 51.18 49.83
N LEU I 95 -59.28 51.95 50.95
CA LEU I 95 -58.35 52.15 52.06
C LEU I 95 -58.70 51.28 53.22
N SER I 96 -59.80 50.52 53.13
CA SER I 96 -60.25 49.72 54.22
C SER I 96 -59.41 48.44 54.32
N ALA I 97 -59.23 48.02 55.53
CA ALA I 97 -58.65 46.71 55.80
C ALA I 97 -59.60 45.50 55.40
N THR I 98 -60.89 45.78 55.19
CA THR I 98 -61.94 44.79 54.75
C THR I 98 -62.17 44.70 53.25
N ARG I 99 -61.38 45.45 52.51
CA ARG I 99 -61.47 45.50 51.07
C ARG I 99 -61.46 44.11 50.35
N ASN I 100 -62.47 43.80 49.50
CA ASN I 100 -62.65 42.49 48.76
C ASN I 100 -62.58 41.27 49.63
N ARG I 101 -62.94 41.43 50.91
CA ARG I 101 -63.01 40.33 51.82
C ARG I 101 -64.46 39.94 52.05
N PHE I 102 -64.69 38.64 52.19
CA PHE I 102 -66.00 38.11 52.56
C PHE I 102 -65.86 36.76 53.17
N LEU I 103 -66.93 36.36 53.84
CA LEU I 103 -67.06 35.07 54.44
C LEU I 103 -68.09 34.20 53.66
N HIS I 104 -67.85 32.89 53.52
CA HIS I 104 -68.88 31.90 53.10
C HIS I 104 -68.84 30.71 53.97
N TRP I 105 -69.94 29.96 53.98
CA TRP I 105 -70.02 28.74 54.69
C TRP I 105 -70.92 27.68 54.00
N THR I 106 -70.66 26.42 54.28
CA THR I 106 -71.52 25.25 53.93
C THR I 106 -71.84 24.55 55.19
N SER I 107 -73.08 24.08 55.33
CA SER I 107 -73.49 23.32 56.45
C SER I 107 -74.25 22.05 56.00
N TYR I 108 -73.87 20.94 56.54
CA TYR I 108 -74.44 19.61 56.25
C TYR I 108 -74.41 18.83 57.50
N ALA I 109 -75.55 18.20 57.80
CA ALA I 109 -75.74 17.48 59.01
C ALA I 109 -75.26 18.32 60.26
N ASP I 110 -74.21 17.88 60.93
CA ASP I 110 -73.62 18.50 62.15
C ASP I 110 -72.40 19.40 61.92
N THR I 111 -72.11 19.67 60.68
CA THR I 111 -70.85 20.32 60.28
C THR I 111 -71.12 21.62 59.60
N LEU I 112 -70.34 22.67 59.98
CA LEU I 112 -70.26 23.97 59.39
C LEU I 112 -68.82 24.21 58.93
N GLU I 113 -68.65 24.43 57.67
CA GLU I 113 -67.39 24.84 57.09
C GLU I 113 -67.47 26.34 56.85
N LEU I 114 -66.57 27.16 57.48
CA LEU I 114 -66.47 28.61 57.36
C LEU I 114 -65.17 28.94 56.66
N VAL I 115 -65.26 29.85 55.76
CA VAL I 115 -64.13 30.27 54.96
C VAL I 115 -64.14 31.78 54.83
N GLU I 116 -62.96 32.40 54.95
CA GLU I 116 -62.69 33.77 54.61
C GLU I 116 -61.90 33.79 53.31
N ILE I 117 -62.37 34.58 52.41
CA ILE I 117 -61.73 34.77 51.14
C ILE I 117 -61.43 36.26 51.04
N SER I 118 -60.26 36.53 50.47
CA SER I 118 -59.94 37.84 49.96
C SER I 118 -59.55 37.62 48.50
N LEU I 119 -60.05 38.45 47.66
CA LEU I 119 -59.61 38.43 46.28
C LEU I 119 -58.23 39.12 46.14
N ASP I 120 -57.80 39.96 47.13
CA ASP I 120 -56.54 40.71 47.07
C ASP I 120 -55.36 39.92 47.58
N ILE I 121 -55.52 39.23 48.65
CA ILE I 121 -54.39 38.61 49.32
C ILE I 121 -54.79 37.22 49.75
N ASN I 122 -53.89 36.24 49.61
CA ASN I 122 -54.12 34.92 50.14
C ASN I 122 -54.03 35.04 51.66
N LEU I 123 -55.11 34.68 52.33
CA LEU I 123 -55.20 34.78 53.78
C LEU I 123 -54.68 33.49 54.35
N VAL I 124 -53.84 33.64 55.38
CA VAL I 124 -53.34 32.51 56.10
C VAL I 124 -54.38 32.10 57.12
N ASN I 125 -54.56 30.78 57.27
CA ASN I 125 -55.52 30.19 58.18
C ASN I 125 -56.99 30.61 57.98
N ASN I 126 -57.40 30.65 56.74
CA ASN I 126 -58.68 31.21 56.35
C ASN I 126 -59.87 30.23 56.30
N ALA I 127 -59.75 29.03 56.82
CA ALA I 127 -60.81 28.02 56.79
C ALA I 127 -60.92 27.28 58.07
N VAL I 128 -62.15 27.09 58.52
CA VAL I 128 -62.47 26.45 59.75
C VAL I 128 -63.61 25.46 59.52
N ARG I 129 -63.49 24.26 60.03
CA ARG I 129 -64.58 23.27 60.06
C ARG I 129 -65.03 23.15 61.49
N LEU I 130 -66.22 23.69 61.80
CA LEU I 130 -66.87 23.62 63.09
C LEU I 130 -67.86 22.43 63.04
N ARG I 131 -67.66 21.50 63.90
CA ARG I 131 -68.57 20.35 64.04
C ARG I 131 -69.30 20.49 65.35
N ILE I 132 -70.62 20.70 65.34
CA ILE I 132 -71.47 20.82 66.52
C ILE I 132 -72.08 19.45 66.74
N LEU I 133 -71.38 18.66 67.49
CA LEU I 133 -71.74 17.26 67.65
C LEU I 133 -73.19 17.13 68.16
N ASN I 134 -73.92 16.11 67.60
CA ASN I 134 -75.33 15.79 67.88
C ASN I 134 -76.37 16.82 67.47
N CYS I 135 -75.94 17.96 66.97
CA CYS I 135 -76.83 19.04 66.61
C CYS I 135 -76.77 19.19 65.12
N SER I 136 -77.92 19.15 64.45
CA SER I 136 -77.97 19.42 63.04
C SER I 136 -78.17 20.90 62.85
N ILE I 137 -77.35 21.47 62.01
CA ILE I 137 -77.40 22.89 61.72
C ILE I 137 -78.65 23.12 60.90
N LEU I 138 -79.35 24.23 61.25
CA LEU I 138 -80.56 24.55 60.53
C LEU I 138 -80.24 25.10 59.19
N PRO I 139 -81.06 24.75 58.16
CA PRO I 139 -81.00 25.44 56.93
C PRO I 139 -81.24 26.95 57.19
N GLY I 140 -80.26 27.79 56.85
CA GLY I 140 -80.30 29.24 57.18
C GLY I 140 -80.12 29.66 58.66
N GLY I 141 -79.59 28.78 59.44
CA GLY I 141 -79.35 29.04 60.86
C GLY I 141 -78.04 29.79 61.23
N VAL I 142 -77.22 30.13 60.25
CA VAL I 142 -75.96 30.89 60.48
C VAL I 142 -76.17 32.33 60.10
N HIS I 143 -75.87 33.29 61.03
CA HIS I 143 -75.96 34.73 60.85
C HIS I 143 -74.65 35.41 61.29
N ILE I 144 -74.15 36.34 60.53
CA ILE I 144 -72.95 37.12 60.85
C ILE I 144 -73.36 38.59 61.10
N CYS I 145 -72.90 39.22 62.21
CA CYS I 145 -73.12 40.63 62.60
C CYS I 145 -71.74 41.32 62.76
N GLU I 146 -71.60 42.51 62.25
CA GLU I 146 -70.40 43.33 62.40
C GLU I 146 -70.62 44.50 63.41
N THR I 147 -69.59 44.78 64.22
CA THR I 147 -69.52 45.94 65.18
C THR I 147 -68.19 46.67 64.95
N PRO I 148 -68.02 47.94 65.47
CA PRO I 148 -66.77 48.71 65.27
C PRO I 148 -65.47 48.04 65.72
N ASN I 149 -65.59 47.05 66.55
CA ASN I 149 -64.45 46.39 67.12
C ASN I 149 -64.39 44.87 66.77
N ASN I 150 -65.54 44.21 66.49
CA ASN I 150 -65.65 42.75 66.35
C ASN I 150 -66.58 42.25 65.21
N ILE I 151 -66.33 41.02 64.69
CA ILE I 151 -67.25 40.19 63.86
C ILE I 151 -67.86 39.15 64.72
N VAL I 152 -69.19 39.11 64.79
CA VAL I 152 -69.94 38.21 65.61
C VAL I 152 -70.70 37.16 64.73
N VAL I 153 -70.39 35.88 64.86
CA VAL I 153 -71.08 34.73 64.15
C VAL I 153 -72.08 34.13 65.09
N LEU I 154 -73.36 34.16 64.74
CA LEU I 154 -74.49 33.62 65.46
C LEU I 154 -74.96 32.31 64.74
N ILE I 155 -75.03 31.21 65.42
CA ILE I 155 -75.33 29.86 64.83
C ILE I 155 -76.54 29.28 65.56
N LEU I 156 -77.61 28.91 64.84
CA LEU I 156 -78.73 28.12 65.31
C LEU I 156 -78.62 26.65 64.80
N THR I 157 -78.81 25.76 65.71
CA THR I 157 -79.00 24.31 65.38
C THR I 157 -80.43 23.89 65.73
N ASN I 158 -80.70 22.57 65.58
CA ASN I 158 -81.93 21.96 66.06
C ASN I 158 -82.12 22.09 67.56
N GLN I 159 -81.04 22.31 68.34
CA GLN I 159 -81.07 22.24 69.78
C GLN I 159 -80.31 23.38 70.54
N THR I 160 -79.45 24.11 69.89
CA THR I 160 -78.52 25.09 70.50
C THR I 160 -78.43 26.34 69.72
N VAL I 161 -78.04 27.46 70.41
CA VAL I 161 -77.61 28.69 69.81
C VAL I 161 -76.17 29.03 70.24
N HIS I 162 -75.37 29.51 69.33
CA HIS I 162 -73.97 29.87 69.57
C HIS I 162 -73.64 31.26 69.10
N ARG I 163 -72.71 31.96 69.79
CA ARG I 163 -72.13 33.24 69.46
C ARG I 163 -70.61 33.11 69.40
N LEU I 164 -69.99 33.46 68.30
CA LEU I 164 -68.54 33.55 68.12
C LEU I 164 -68.16 35.00 67.94
N ILE I 165 -67.09 35.48 68.59
CA ILE I 165 -66.61 36.88 68.56
C ILE I 165 -65.19 36.84 68.01
N LEU I 166 -65.03 37.43 66.89
CA LEU I 166 -63.77 37.49 66.16
C LEU I 166 -63.35 38.97 66.08
N PRO I 167 -62.04 39.28 66.08
CA PRO I 167 -61.57 40.66 65.96
C PRO I 167 -61.94 41.14 64.60
N HIS I 168 -62.33 42.41 64.55
CA HIS I 168 -62.55 43.03 63.29
C HIS I 168 -61.20 43.19 62.56
N PRO I 169 -61.13 42.97 61.23
CA PRO I 169 -59.89 43.11 60.47
C PRO I 169 -59.14 44.46 60.75
N SER I 170 -59.86 45.58 60.91
CA SER I 170 -59.26 46.93 61.25
C SER I 170 -58.59 47.07 62.62
N ARG I 171 -58.86 46.15 63.49
CA ARG I 171 -58.25 46.14 64.82
C ARG I 171 -57.06 45.16 64.88
N MET I 172 -56.94 44.20 63.91
CA MET I 172 -55.85 43.23 63.86
C MET I 172 -54.50 43.86 63.49
N TYR I 173 -54.53 44.87 62.69
CA TYR I 173 -53.34 45.47 62.12
C TYR I 173 -53.20 46.95 62.61
N ARG I 174 -52.24 47.27 63.50
CA ARG I 174 -51.93 48.66 64.01
C ARG I 174 -50.86 49.37 63.21
N SER I 175 -50.18 48.65 62.29
CA SER I 175 -49.07 49.16 61.52
C SER I 175 -49.36 48.93 60.03
N GLU I 176 -49.19 49.97 59.28
CA GLU I 176 -49.33 49.90 57.83
C GLU I 176 -48.26 48.99 57.14
N ILE I 177 -47.13 48.74 57.81
CA ILE I 177 -46.01 47.94 57.26
C ILE I 177 -46.18 46.48 57.64
N ILE I 178 -47.12 45.74 57.02
CA ILE I 178 -47.20 44.27 57.07
C ILE I 178 -46.87 43.68 55.70
N SER I 179 -45.84 42.83 55.59
CA SER I 179 -45.56 42.04 54.35
C SER I 179 -46.77 41.13 54.00
N ASP I 180 -47.32 41.21 52.81
CA ASP I 180 -48.54 40.49 52.31
C ASP I 180 -48.61 39.00 52.62
N SER I 181 -47.46 38.31 52.65
CA SER I 181 -47.37 36.86 52.84
C SER I 181 -47.79 36.43 54.22
N HIS I 182 -48.06 37.38 55.17
CA HIS I 182 -48.37 37.07 56.54
C HIS I 182 -49.69 37.67 57.05
N ILE I 183 -50.55 38.11 56.15
CA ILE I 183 -51.88 38.59 56.54
C ILE I 183 -52.75 37.40 56.91
N GLN I 184 -53.12 37.45 58.16
CA GLN I 184 -53.93 36.48 58.82
C GLN I 184 -55.44 36.68 58.59
N SER I 185 -56.16 35.56 58.51
CA SER I 185 -57.62 35.56 58.59
C SER I 185 -58.09 35.94 60.01
N ILE I 186 -59.32 36.47 60.15
CA ILE I 186 -60.03 36.67 61.42
C ILE I 186 -60.17 35.35 62.14
N PHE I 187 -60.04 34.19 61.42
CA PHE I 187 -60.10 32.85 61.94
C PHE I 187 -58.78 32.41 62.55
N THR I 188 -57.68 33.14 62.42
CA THR I 188 -56.34 32.69 62.86
C THR I 188 -56.33 32.40 64.33
N ASP I 189 -57.01 33.25 65.15
CA ASP I 189 -57.05 33.16 66.58
C ASP I 189 -58.34 32.50 67.09
N ILE I 190 -59.16 31.87 66.21
CA ILE I 190 -60.44 31.24 66.60
C ILE I 190 -60.27 30.15 67.59
N GLY I 191 -59.11 29.45 67.58
CA GLY I 191 -58.85 28.47 68.57
C GLY I 191 -58.61 29.07 69.98
N LYS I 192 -58.45 30.42 70.17
CA LYS I 192 -58.33 31.13 71.49
C LYS I 192 -59.69 31.49 72.11
N THR I 193 -60.79 31.44 71.35
CA THR I 193 -62.13 31.75 71.88
C THR I 193 -62.63 30.63 72.72
N ASN I 194 -63.09 30.99 73.94
CA ASN I 194 -63.66 30.00 74.79
C ASN I 194 -65.13 29.68 74.39
N PHE I 195 -65.33 28.59 73.57
CA PHE I 195 -66.66 28.18 73.09
C PHE I 195 -67.58 27.60 74.14
N HIS I 196 -67.00 27.16 75.21
CA HIS I 196 -67.75 26.65 76.33
C HIS I 196 -68.18 27.78 77.32
N ASP I 197 -67.83 29.05 77.11
CA ASP I 197 -68.35 30.20 77.90
C ASP I 197 -69.89 30.25 77.74
N PRO I 198 -70.68 30.25 78.82
CA PRO I 198 -72.15 30.39 78.77
C PRO I 198 -72.61 31.70 78.19
N SER I 199 -71.72 32.71 78.12
CA SER I 199 -72.00 33.91 77.40
C SER I 199 -72.09 33.60 75.89
N ASN I 200 -71.42 32.54 75.35
CA ASN I 200 -71.28 32.21 73.93
C ASN I 200 -72.12 30.99 73.41
N THR I 201 -72.68 30.21 74.28
CA THR I 201 -73.51 29.01 73.90
C THR I 201 -74.70 28.92 74.83
N TYR I 202 -75.89 28.59 74.28
CA TYR I 202 -77.10 28.33 75.05
C TYR I 202 -77.92 27.16 74.42
N VAL I 203 -78.49 26.32 75.23
CA VAL I 203 -79.37 25.18 74.80
C VAL I 203 -80.83 25.66 74.80
N ILE I 204 -81.51 25.44 73.67
CA ILE I 204 -82.91 25.82 73.49
C ILE I 204 -83.81 24.94 74.34
N PRO I 205 -84.63 25.55 75.25
CA PRO I 205 -85.51 24.77 76.07
C PRO I 205 -86.63 24.06 75.26
N ALA I 206 -87.08 22.90 75.66
CA ALA I 206 -88.13 22.09 74.94
C ALA I 206 -89.52 22.76 74.95
N ILE I 207 -89.84 23.68 75.92
CA ILE I 207 -91.12 24.39 76.05
C ILE I 207 -90.83 25.88 76.50
N PRO I 208 -91.37 26.89 75.85
CA PRO I 208 -92.30 26.76 74.72
C PRO I 208 -91.67 26.06 73.47
N GLY I 209 -90.34 26.03 73.41
CA GLY I 209 -89.55 25.18 72.46
C GLY I 209 -89.75 25.45 71.02
N ARG I 210 -88.88 24.85 70.20
CA ARG I 210 -88.95 24.94 68.77
C ARG I 210 -89.97 23.94 68.15
N ALA I 211 -90.73 24.36 67.18
CA ALA I 211 -91.54 23.43 66.35
C ALA I 211 -90.67 22.33 65.63
N PRO I 212 -91.07 21.04 65.67
CA PRO I 212 -90.34 19.95 64.96
C PRO I 212 -90.44 20.09 63.46
N ASN I 213 -89.35 19.73 62.75
CA ASN I 213 -89.24 19.70 61.30
C ASN I 213 -89.29 21.08 60.66
N THR I 214 -89.29 22.22 61.44
CA THR I 214 -89.16 23.55 60.88
C THR I 214 -87.71 23.88 60.53
N THR I 215 -87.53 24.59 59.49
CA THR I 215 -86.22 25.14 59.08
C THR I 215 -86.14 26.66 59.27
N ALA I 216 -87.27 27.37 59.46
CA ALA I 216 -87.27 28.83 59.67
C ALA I 216 -86.49 29.30 60.92
N SER I 217 -85.53 30.22 60.78
CA SER I 217 -84.78 30.88 61.88
C SER I 217 -84.25 32.23 61.49
N THR I 218 -84.01 33.15 62.48
CA THR I 218 -83.21 34.37 62.31
C THR I 218 -82.42 34.74 63.58
N ALA I 219 -81.25 35.35 63.48
CA ALA I 219 -80.49 35.93 64.62
C ALA I 219 -79.92 37.32 64.33
N TRP I 220 -79.74 38.19 65.37
CA TRP I 220 -79.19 39.54 65.29
C TRP I 220 -78.56 40.06 66.60
N LEU I 221 -77.82 41.19 66.57
CA LEU I 221 -77.37 41.99 67.75
C LEU I 221 -78.29 43.18 68.05
N SER I 222 -78.67 43.45 69.31
CA SER I 222 -79.37 44.71 69.73
C SER I 222 -78.42 45.93 69.75
N SER I 223 -78.98 47.15 69.87
CA SER I 223 -78.21 48.41 70.09
C SER I 223 -77.30 48.42 71.32
N ASP I 224 -77.66 47.63 72.27
CA ASP I 224 -76.96 47.54 73.53
C ASP I 224 -75.91 46.40 73.47
N GLY I 225 -75.70 45.71 72.31
CA GLY I 225 -74.72 44.62 72.10
C GLY I 225 -75.20 43.25 72.53
N GLU I 226 -76.49 43.09 72.82
CA GLU I 226 -77.10 41.81 73.17
C GLU I 226 -77.32 40.88 71.91
N ALA I 227 -77.11 39.57 71.99
CA ALA I 227 -77.37 38.60 70.87
C ALA I 227 -78.77 37.99 70.97
N LEU I 228 -79.61 38.17 69.98
CA LEU I 228 -80.99 37.67 69.91
C LEU I 228 -81.16 36.57 68.80
N PHE I 229 -81.91 35.52 69.09
CA PHE I 229 -82.20 34.35 68.19
C PHE I 229 -83.71 34.13 68.16
N ALA I 230 -84.32 34.14 67.00
CA ALA I 230 -85.76 33.90 66.80
C ALA I 230 -86.02 32.59 65.95
N LEU I 231 -86.95 31.79 66.42
CA LEU I 231 -87.36 30.48 65.79
C LEU I 231 -88.86 30.21 66.01
N PRO I 232 -89.52 29.38 65.12
CA PRO I 232 -90.91 28.95 65.31
C PRO I 232 -91.08 28.20 66.57
N SER I 233 -92.06 28.63 67.38
CA SER I 233 -92.49 27.94 68.54
C SER I 233 -93.41 26.75 68.16
N ILE I 234 -93.43 25.73 68.96
CA ILE I 234 -94.41 24.60 68.85
C ILE I 234 -95.86 25.10 68.86
N SER I 235 -96.12 26.27 69.55
CA SER I 235 -97.46 26.86 69.64
C SER I 235 -97.88 27.65 68.45
N GLY I 236 -97.04 27.69 67.42
CA GLY I 236 -97.28 28.46 66.26
C GLY I 236 -96.80 29.94 66.40
N GLY I 237 -96.35 30.43 67.58
CA GLY I 237 -95.72 31.77 67.81
C GLY I 237 -94.23 31.82 67.41
N ILE I 238 -93.55 32.94 67.80
CA ILE I 238 -92.09 33.11 67.61
C ILE I 238 -91.39 33.14 68.95
N LEU I 239 -90.51 32.18 69.14
CA LEU I 239 -89.64 32.13 70.29
C LEU I 239 -88.39 32.98 70.08
N VAL I 240 -88.11 33.98 70.98
CA VAL I 240 -86.92 34.84 70.98
C VAL I 240 -86.05 34.61 72.18
N ILE I 241 -84.82 34.17 71.93
CA ILE I 241 -83.77 33.97 72.92
C ILE I 241 -82.82 35.18 72.92
N LYS I 242 -82.60 35.86 74.08
CA LYS I 242 -81.73 37.05 74.26
C LYS I 242 -80.56 36.75 75.16
N MET I 243 -79.36 36.75 74.61
CA MET I 243 -78.09 36.68 75.33
C MET I 243 -77.58 38.10 75.77
N PRO I 244 -76.95 38.28 76.94
CA PRO I 244 -76.37 39.58 77.41
C PRO I 244 -75.21 40.01 76.51
N PRO I 245 -74.81 41.30 76.60
CA PRO I 245 -73.61 41.77 75.92
C PRO I 245 -72.37 40.99 76.31
N HIS I 246 -71.40 40.80 75.41
CA HIS I 246 -70.27 39.88 75.59
C HIS I 246 -69.31 40.28 76.71
N ASP I 247 -69.25 41.58 77.07
CA ASP I 247 -68.39 42.28 78.03
C ASP I 247 -69.10 42.57 79.36
N MET I 248 -70.36 42.14 79.47
CA MET I 248 -71.19 42.33 80.66
C MET I 248 -71.68 40.98 81.15
N GLU I 249 -71.62 40.87 82.45
CA GLU I 249 -72.28 39.76 83.08
C GLU I 249 -73.81 39.93 83.07
N GLY I 250 -74.54 38.91 82.54
CA GLY I 250 -76.00 38.91 82.50
C GLY I 250 -76.58 37.50 82.23
N LEU I 251 -77.89 37.35 82.48
CA LEU I 251 -78.63 36.08 82.21
C LEU I 251 -79.31 36.08 80.85
N VAL I 252 -79.35 34.89 80.15
CA VAL I 252 -80.14 34.68 78.92
C VAL I 252 -81.63 34.83 79.26
N THR I 253 -82.34 35.63 78.53
CA THR I 253 -83.79 35.85 78.69
C THR I 253 -84.54 35.28 77.47
N ILE I 254 -85.78 34.81 77.67
CA ILE I 254 -86.62 34.18 76.62
C ILE I 254 -87.96 34.91 76.62
N ALA I 255 -88.37 35.30 75.46
CA ALA I 255 -89.68 35.91 75.24
C ALA I 255 -90.40 35.12 74.09
N GLU I 256 -91.72 34.93 74.21
CA GLU I 256 -92.54 34.27 73.15
C GLU I 256 -93.56 35.26 72.66
N LEU I 257 -93.40 35.61 71.42
CA LEU I 257 -94.28 36.52 70.76
C LEU I 257 -95.52 35.74 70.24
N LYS I 258 -96.71 36.07 70.80
CA LYS I 258 -98.01 35.46 70.39
C LYS I 258 -99.02 36.50 70.03
N GLN I 259 -99.78 36.15 68.97
CA GLN I 259 -100.93 36.93 68.59
C GLN I 259 -102.07 36.71 69.55
N SER I 260 -102.13 37.58 70.60
CA SER I 260 -103.23 37.65 71.54
C SER I 260 -104.14 38.79 71.21
N SER I 261 -105.40 38.47 70.84
CA SER I 261 -106.39 39.54 70.72
C SER I 261 -106.63 40.28 72.06
N VAL I 262 -106.91 41.59 72.12
CA VAL I 262 -107.27 42.36 73.35
C VAL I 262 -108.45 41.69 74.05
N MET I 263 -109.38 41.07 73.28
CA MET I 263 -110.49 40.26 73.75
C MET I 263 -110.00 38.99 74.40
N GLN I 264 -109.01 38.26 73.81
CA GLN I 264 -108.36 37.15 74.42
C GLN I 264 -107.65 37.62 75.72
N ARG I 265 -107.02 38.82 75.81
CA ARG I 265 -106.36 39.39 77.03
C ARG I 265 -107.40 39.72 78.14
N LEU I 266 -108.49 40.41 77.85
CA LEU I 266 -109.55 40.78 78.81
C LEU I 266 -110.33 39.56 79.28
N LEU I 267 -110.56 38.52 78.42
CA LEU I 267 -111.29 37.30 78.74
C LEU I 267 -110.37 36.23 79.31
N THR I 268 -109.08 36.56 79.56
CA THR I 268 -108.10 35.55 79.91
C THR I 268 -108.47 34.79 81.12
N GLY I 269 -109.26 35.41 82.03
CA GLY I 269 -109.68 34.83 83.26
C GLY I 269 -110.99 34.02 83.21
N TRP I 270 -111.83 34.06 82.19
CA TRP I 270 -113.22 33.51 82.22
C TRP I 270 -113.53 32.31 81.26
N MET I 271 -112.69 31.99 80.25
CA MET I 271 -112.96 30.84 79.29
C MET I 271 -111.77 29.87 79.13
N PRO I 272 -112.02 28.53 79.20
CA PRO I 272 -111.02 27.47 78.94
C PRO I 272 -110.41 27.49 77.55
N SER I 273 -109.16 27.03 77.44
CA SER I 273 -108.31 26.99 76.25
C SER I 273 -108.96 26.31 75.00
N SER I 274 -109.91 25.36 75.12
CA SER I 274 -110.57 24.62 73.99
C SER I 274 -111.43 25.47 73.12
N ILE I 275 -111.98 26.61 73.66
CA ILE I 275 -112.80 27.53 72.89
C ILE I 275 -111.91 28.63 72.34
N ARG I 276 -110.69 28.84 72.87
CA ARG I 276 -109.82 30.01 72.64
C ARG I 276 -109.24 29.98 71.23
N GLY I 277 -109.35 28.86 70.46
CA GLY I 277 -108.66 28.62 69.20
C GLY I 277 -107.16 28.73 69.45
N ASP I 278 -106.54 27.64 69.83
CA ASP I 278 -105.08 27.59 69.85
C ASP I 278 -104.57 27.88 68.47
N GLN I 279 -103.47 28.65 68.39
CA GLN I 279 -102.85 28.89 67.12
C GLN I 279 -102.51 27.51 66.45
N GLY I 280 -103.31 27.06 65.48
CA GLY I 280 -103.12 25.76 64.77
C GLY I 280 -101.78 25.72 64.04
N PRO I 281 -101.31 24.51 63.59
CA PRO I 281 -100.06 24.33 62.83
C PRO I 281 -100.00 25.20 61.61
N ALA I 282 -101.13 25.64 61.11
CA ALA I 282 -101.20 26.56 60.03
C ALA I 282 -100.53 27.94 60.33
N HIS I 283 -100.36 28.42 61.58
CA HIS I 283 -99.69 29.72 61.95
C HIS I 283 -98.15 29.65 61.95
N LEU I 284 -97.60 28.44 61.71
CA LEU I 284 -96.17 28.21 61.82
C LEU I 284 -95.38 29.00 60.80
N PRO I 285 -94.37 29.83 61.25
CA PRO I 285 -93.48 30.50 60.35
C PRO I 285 -92.67 29.48 59.49
N VAL I 286 -92.63 29.68 58.21
CA VAL I 286 -91.89 28.90 57.17
C VAL I 286 -90.61 29.64 56.80
N SER I 287 -90.67 30.98 56.84
CA SER I 287 -89.50 31.86 56.70
C SER I 287 -89.55 33.02 57.76
N LEU I 288 -88.41 33.32 58.40
CA LEU I 288 -88.22 34.45 59.38
C LEU I 288 -87.14 35.39 58.88
N ALA I 289 -87.37 36.70 59.11
CA ALA I 289 -86.37 37.73 58.91
C ALA I 289 -86.52 38.86 60.00
N VAL I 290 -85.45 39.63 60.27
CA VAL I 290 -85.44 40.73 61.31
C VAL I 290 -84.82 41.99 60.78
N HIS I 291 -85.39 43.15 61.20
CA HIS I 291 -84.81 44.46 61.01
C HIS I 291 -84.73 45.28 62.34
N THR I 292 -83.54 45.78 62.68
CA THR I 292 -83.28 46.63 63.89
C THR I 292 -83.31 48.11 63.57
N LEU I 293 -84.18 48.90 64.24
CA LEU I 293 -84.28 50.34 64.11
C LEU I 293 -84.28 51.05 65.50
N ASP I 294 -83.41 52.06 65.72
CA ASP I 294 -83.18 52.81 66.99
C ASP I 294 -82.89 51.88 68.12
N HIS I 295 -83.89 51.68 68.98
CA HIS I 295 -83.82 50.89 70.14
C HIS I 295 -84.87 49.75 70.11
N ASP I 296 -85.47 49.39 68.97
CA ASP I 296 -86.42 48.25 68.79
C ASP I 296 -85.98 47.27 67.65
N SER I 297 -86.47 46.03 67.67
CA SER I 297 -86.22 44.95 66.65
C SER I 297 -87.57 44.47 66.09
N TYR I 298 -87.77 44.66 64.81
CA TYR I 298 -88.98 44.24 64.10
C TYR I 298 -88.79 42.83 63.43
N LEU I 299 -89.54 41.84 63.88
CA LEU I 299 -89.53 40.47 63.28
C LEU I 299 -90.64 40.26 62.26
N PHE I 300 -90.26 39.77 61.07
CA PHE I 300 -91.17 39.39 59.99
C PHE I 300 -91.28 37.85 59.84
N ALA I 301 -92.51 37.33 59.89
CA ALA I 301 -92.82 35.90 59.82
C ALA I 301 -93.78 35.54 58.68
N LEU I 302 -93.30 34.77 57.67
CA LEU I 302 -94.11 34.17 56.60
C LEU I 302 -94.57 32.77 56.96
N CYS I 303 -95.86 32.59 57.18
CA CYS I 303 -96.43 31.41 57.78
C CYS I 303 -97.07 30.38 56.77
N GLN I 304 -97.33 29.15 57.19
CA GLN I 304 -97.98 28.05 56.37
C GLN I 304 -99.40 28.38 55.89
N ASP I 305 -100.08 29.35 56.57
CA ASP I 305 -101.40 29.86 56.20
C ASP I 305 -101.32 30.95 55.18
N HIS I 306 -100.17 31.08 54.53
CA HIS I 306 -99.89 32.06 53.52
C HIS I 306 -99.95 33.54 54.03
N LYS I 307 -99.88 33.83 55.34
CA LYS I 307 -99.88 35.21 55.92
C LYS I 307 -98.48 35.67 56.34
N LEU I 308 -98.15 36.92 56.07
CA LEU I 308 -96.97 37.64 56.59
C LEU I 308 -97.35 38.46 57.86
N ARG I 309 -96.65 38.24 58.94
CA ARG I 309 -96.86 38.94 60.24
C ARG I 309 -95.62 39.76 60.65
N MET I 310 -95.81 41.01 61.18
CA MET I 310 -94.73 41.86 61.74
C MET I 310 -94.90 42.08 63.23
N TRP I 311 -93.83 41.90 63.97
CA TRP I 311 -93.78 42.00 65.41
C TRP I 311 -92.79 43.08 65.91
N SER I 312 -93.16 43.92 66.93
CA SER I 312 -92.18 44.66 67.77
C SER I 312 -91.72 43.77 68.85
N TYR I 313 -90.39 43.60 68.95
CA TYR I 313 -89.81 42.90 70.03
C TYR I 313 -89.96 43.71 71.36
N LYS I 314 -89.69 45.03 71.38
CA LYS I 314 -89.75 45.94 72.58
C LYS I 314 -91.17 46.01 73.17
N ASP I 315 -92.18 46.20 72.34
CA ASP I 315 -93.59 46.32 72.77
C ASP I 315 -94.30 44.94 72.84
N GLN I 316 -93.63 43.85 72.37
CA GLN I 316 -94.15 42.46 72.29
C GLN I 316 -95.55 42.31 71.66
N MET I 317 -95.79 43.03 70.61
CA MET I 317 -97.08 43.04 69.91
C MET I 317 -96.94 42.85 68.41
N CYS I 318 -97.96 42.24 67.78
CA CYS I 318 -98.10 42.10 66.35
C CYS I 318 -98.61 43.44 65.88
N LEU I 319 -97.80 44.10 65.10
CA LEU I 319 -98.06 45.42 64.62
C LEU I 319 -98.80 45.33 63.29
N MET I 320 -98.57 44.25 62.46
CA MET I 320 -99.15 44.07 61.13
C MET I 320 -99.44 42.58 60.77
N VAL I 321 -100.56 42.31 60.07
CA VAL I 321 -100.88 41.01 59.41
C VAL I 321 -101.34 41.25 58.00
N ALA I 322 -100.63 40.69 57.01
CA ALA I 322 -100.96 40.74 55.61
C ALA I 322 -101.22 39.32 55.00
N ASP I 323 -102.30 39.11 54.24
CA ASP I 323 -102.61 37.82 53.53
C ASP I 323 -101.92 37.78 52.17
N MET I 324 -100.94 36.89 51.96
CA MET I 324 -100.16 36.83 50.73
C MET I 324 -101.00 36.27 49.54
N LEU I 325 -102.12 35.57 49.77
CA LEU I 325 -103.02 35.06 48.70
C LEU I 325 -103.82 36.16 48.09
N GLU I 326 -103.84 37.41 48.68
CA GLU I 326 -104.45 38.56 48.06
C GLU I 326 -103.67 38.95 46.84
N TYR I 327 -102.38 38.60 46.75
CA TYR I 327 -101.46 38.91 45.67
C TYR I 327 -101.26 37.73 44.65
N VAL I 328 -101.82 36.54 44.88
CA VAL I 328 -101.72 35.32 43.98
C VAL I 328 -103.02 35.14 43.18
N PRO I 329 -102.98 34.77 41.88
CA PRO I 329 -104.18 34.31 41.13
C PRO I 329 -104.73 33.01 41.70
N VAL I 330 -105.68 33.15 42.63
CA VAL I 330 -106.06 32.05 43.46
C VAL I 330 -106.77 30.89 42.69
N SER I 331 -106.27 29.65 42.78
CA SER I 331 -107.10 28.43 42.59
C SER I 331 -107.67 28.07 43.92
N LYS I 332 -108.95 27.66 43.97
CA LYS I 332 -109.66 27.39 45.21
C LYS I 332 -108.96 26.34 46.02
N ASP I 333 -108.10 25.51 45.38
CA ASP I 333 -107.41 24.40 45.95
C ASP I 333 -106.21 24.88 46.86
N ILE I 334 -105.57 26.01 46.59
CA ILE I 334 -104.37 26.53 47.33
C ILE I 334 -104.73 26.88 48.78
N ARG I 335 -105.91 27.48 49.06
CA ARG I 335 -106.35 27.88 50.41
C ARG I 335 -106.47 26.73 51.34
N GLN I 336 -106.52 25.47 50.80
CA GLN I 336 -106.64 24.27 51.59
C GLN I 336 -105.29 23.57 51.78
N THR I 337 -104.23 23.97 51.10
CA THR I 337 -102.93 23.30 51.08
C THR I 337 -101.90 24.14 51.88
N ALA I 338 -101.20 23.56 52.81
CA ALA I 338 -100.16 24.31 53.58
C ALA I 338 -98.99 24.74 52.70
N GLY I 339 -98.61 26.03 52.81
CA GLY I 339 -97.52 26.59 52.04
C GLY I 339 -96.13 26.30 52.59
N THR I 340 -95.57 25.11 52.25
CA THR I 340 -94.30 24.67 52.83
C THR I 340 -93.02 25.14 52.15
N GLY I 341 -93.11 25.54 50.92
CA GLY I 341 -91.96 25.94 50.12
C GLY I 341 -91.74 27.46 50.06
N HIS I 342 -92.43 28.29 50.90
CA HIS I 342 -92.35 29.75 50.89
C HIS I 342 -91.01 30.31 51.45
N LYS I 343 -90.49 31.38 50.90
CA LYS I 343 -89.25 32.07 51.38
C LYS I 343 -89.42 33.59 51.52
N LEU I 344 -88.78 34.22 52.53
CA LEU I 344 -88.80 35.67 52.84
C LEU I 344 -87.37 36.22 52.96
N ARG I 345 -87.11 37.32 52.32
CA ARG I 345 -85.86 38.11 52.43
C ARG I 345 -86.18 39.59 52.71
N LEU I 346 -85.30 40.33 53.43
CA LEU I 346 -85.42 41.77 53.77
C LEU I 346 -84.20 42.48 53.21
N ALA I 347 -84.39 43.68 52.74
CA ALA I 347 -83.29 44.57 52.44
C ALA I 347 -83.64 46.02 52.91
N PHE I 348 -82.68 46.76 53.49
CA PHE I 348 -82.87 48.14 54.04
C PHE I 348 -81.94 49.09 53.34
N SER I 349 -82.51 50.18 52.88
CA SER I 349 -81.73 51.27 52.34
C SER I 349 -81.52 52.38 53.44
N GLU I 350 -80.28 52.54 53.93
CA GLU I 350 -79.92 53.63 54.91
C GLU I 350 -80.10 55.02 54.35
N THR I 351 -79.79 55.14 53.09
CA THR I 351 -79.88 56.40 52.41
C THR I 351 -81.31 56.91 52.30
N LEU I 352 -82.28 55.98 52.09
CA LEU I 352 -83.70 56.33 51.96
C LEU I 352 -84.47 56.21 53.26
N GLY I 353 -83.91 55.51 54.21
CA GLY I 353 -84.62 55.15 55.39
C GLY I 353 -85.79 54.16 55.11
N ILE I 354 -85.72 53.33 54.02
CA ILE I 354 -86.81 52.44 53.52
C ILE I 354 -86.46 50.97 53.69
N LEU I 355 -87.41 50.22 54.21
CA LEU I 355 -87.32 48.76 54.29
C LEU I 355 -88.16 48.02 53.20
N TYR I 356 -87.51 47.14 52.40
CA TYR I 356 -88.15 46.24 51.39
C TYR I 356 -88.23 44.80 51.85
N LEU I 357 -89.33 44.11 51.45
CA LEU I 357 -89.60 42.70 51.70
C LEU I 357 -89.77 41.88 50.39
N GLY I 358 -88.88 40.92 50.12
CA GLY I 358 -89.02 39.90 49.02
C GLY I 358 -89.65 38.63 49.52
N VAL I 359 -90.79 38.20 48.93
CA VAL I 359 -91.53 37.00 49.28
C VAL I 359 -91.61 36.01 48.08
N TYR I 360 -91.14 34.78 48.21
CA TYR I 360 -91.39 33.65 47.25
C TYR I 360 -92.52 32.76 47.73
N LEU I 361 -93.59 32.63 46.94
CA LEU I 361 -94.75 31.78 47.18
C LEU I 361 -94.67 30.48 46.28
N HIS I 362 -94.20 29.41 46.84
CA HIS I 362 -94.33 28.05 46.21
C HIS I 362 -95.81 27.60 46.07
N THR I 363 -96.26 27.29 44.85
CA THR I 363 -97.53 26.58 44.56
C THR I 363 -97.30 25.34 43.60
N PRO I 364 -98.17 24.29 43.59
CA PRO I 364 -97.93 23.02 42.81
C PRO I 364 -97.87 23.13 41.30
N LYS I 365 -98.46 24.20 40.79
CA LYS I 365 -98.52 24.38 39.36
C LYS I 365 -97.50 25.40 38.90
N GLN I 366 -97.26 26.47 39.72
CA GLN I 366 -96.42 27.61 39.37
C GLN I 366 -95.92 28.41 40.61
N GLY I 367 -94.60 28.67 40.71
CA GLY I 367 -94.05 29.62 41.75
C GLY I 367 -94.34 31.08 41.47
N GLN I 368 -94.37 31.96 42.52
CA GLN I 368 -94.51 33.42 42.40
C GLN I 368 -93.60 34.20 43.40
N PHE I 369 -92.85 35.17 42.92
CA PHE I 369 -92.17 36.22 43.74
C PHE I 369 -93.08 37.45 43.94
N CYS I 370 -93.12 38.04 45.16
CA CYS I 370 -93.74 39.34 45.48
C CYS I 370 -92.72 40.25 46.23
N VAL I 371 -92.51 41.47 45.77
CA VAL I 371 -91.70 42.52 46.45
C VAL I 371 -92.62 43.57 47.09
N PHE I 372 -92.43 43.88 48.37
CA PHE I 372 -93.20 44.88 49.14
C PHE I 372 -92.29 45.96 49.78
N GLN I 373 -92.81 47.18 49.96
CA GLN I 373 -92.23 48.26 50.79
C GLN I 373 -93.00 48.39 52.11
N LEU I 374 -92.28 48.46 53.22
CA LEU I 374 -92.91 48.73 54.52
C LEU I 374 -93.22 50.24 54.73
N MET I 375 -94.49 50.55 54.95
CA MET I 375 -94.96 51.92 55.26
C MET I 375 -95.39 52.08 56.71
N CYS I 376 -94.93 53.16 57.42
CA CYS I 376 -95.39 53.56 58.76
C CYS I 376 -96.18 54.86 58.74
N ALA I 377 -97.48 54.81 59.01
CA ALA I 377 -98.31 56.02 59.19
C ALA I 377 -98.05 56.75 60.56
N GLU I 378 -98.37 58.05 60.72
CA GLU I 378 -98.17 58.92 61.96
C GLU I 378 -98.72 58.34 63.23
N SER I 379 -99.62 57.34 63.12
CA SER I 379 -100.23 56.66 64.22
C SER I 379 -99.52 55.37 64.58
N ASN I 380 -98.24 55.16 64.20
CA ASN I 380 -97.51 53.89 64.31
C ASN I 380 -98.26 52.66 63.66
N ARG I 381 -99.08 52.89 62.66
CA ARG I 381 -99.77 51.83 61.87
C ARG I 381 -98.92 51.44 60.68
N TYR I 382 -98.53 50.18 60.58
CA TYR I 382 -97.74 49.59 59.48
C TYR I 382 -98.66 48.94 58.41
N SER I 383 -98.29 49.13 57.18
CA SER I 383 -98.90 48.45 56.00
C SER I 383 -97.82 48.10 54.97
N LEU I 384 -98.10 47.12 54.07
CA LEU I 384 -97.26 46.77 52.94
C LEU I 384 -97.79 47.46 51.74
N ASP I 385 -96.91 48.20 51.12
CA ASP I 385 -97.16 48.64 49.79
C ASP I 385 -96.59 47.60 48.77
N HIS I 386 -97.35 47.25 47.72
CA HIS I 386 -96.99 46.19 46.71
C HIS I 386 -96.20 46.82 45.61
N ILE I 387 -94.96 46.39 45.40
CA ILE I 387 -94.06 46.89 44.39
C ILE I 387 -94.18 46.01 43.11
N SER I 388 -94.01 44.69 43.19
CA SER I 388 -94.03 43.74 42.03
C SER I 388 -94.43 42.31 42.35
N SER I 389 -94.97 41.57 41.34
CA SER I 389 -95.22 40.12 41.36
C SER I 389 -94.71 39.40 40.10
N ILE I 390 -93.86 38.40 40.24
CA ILE I 390 -93.14 37.70 39.15
C ILE I 390 -93.41 36.19 39.21
N PHE I 391 -93.98 35.57 38.14
CA PHE I 391 -94.24 34.12 38.05
C PHE I 391 -92.97 33.34 37.64
N THR I 392 -92.87 32.10 38.05
CA THR I 392 -91.77 31.17 37.68
C THR I 392 -92.30 29.92 36.90
N ASN I 393 -91.42 29.11 36.28
CA ASN I 393 -91.77 27.79 35.64
C ASN I 393 -91.81 26.71 36.68
N GLN I 394 -91.97 25.41 36.25
CA GLN I 394 -92.07 24.27 37.10
C GLN I 394 -90.72 23.84 37.71
N GLU I 395 -89.68 24.67 37.65
CA GLU I 395 -88.35 24.44 38.23
C GLU I 395 -88.43 24.55 39.77
N THR I 396 -87.62 23.76 40.41
CA THR I 396 -87.60 23.75 41.86
C THR I 396 -86.63 24.82 42.48
N LEU I 397 -87.16 25.83 43.22
CA LEU I 397 -86.34 26.94 43.82
C LEU I 397 -85.46 26.46 44.95
N ILE I 398 -84.14 26.60 44.81
CA ILE I 398 -83.16 26.35 45.85
C ILE I 398 -82.94 27.62 46.75
N ASP I 399 -82.67 28.78 46.20
CA ASP I 399 -82.42 30.03 46.98
C ASP I 399 -82.68 31.25 46.19
N PHE I 400 -82.92 32.41 46.88
CA PHE I 400 -82.98 33.69 46.27
C PHE I 400 -82.49 34.84 47.23
N THR I 401 -82.02 35.90 46.65
CA THR I 401 -81.68 37.20 47.32
C THR I 401 -82.09 38.31 46.44
N PHE I 402 -82.14 39.56 46.98
CA PHE I 402 -82.39 40.70 46.18
C PHE I 402 -81.53 41.90 46.67
N THR I 403 -81.06 42.67 45.75
CA THR I 403 -80.17 43.83 45.99
C THR I 403 -80.93 45.12 45.83
N LEU I 404 -80.71 46.13 46.73
CA LEU I 404 -81.30 47.48 46.64
C LEU I 404 -80.41 48.41 45.85
N THR I 405 -79.16 48.03 45.59
CA THR I 405 -78.22 48.77 44.78
C THR I 405 -78.59 48.60 43.31
N SER I 406 -78.88 47.36 42.81
CA SER I 406 -79.29 47.04 41.43
C SER I 406 -80.81 46.78 41.26
N MET I 407 -81.58 46.77 42.34
CA MET I 407 -83.02 46.39 42.34
C MET I 407 -83.31 45.00 41.65
N ASP I 408 -82.39 44.04 41.77
CA ASP I 408 -82.53 42.67 41.16
C ASP I 408 -82.93 41.66 42.17
N ILE I 409 -83.77 40.68 41.73
CA ILE I 409 -83.96 39.41 42.37
C ILE I 409 -83.02 38.39 41.70
N TRP I 410 -82.13 37.82 42.48
CA TRP I 410 -81.29 36.68 42.07
C TRP I 410 -81.88 35.40 42.58
N ALA I 411 -82.12 34.37 41.71
CA ALA I 411 -82.72 33.12 42.07
C ALA I 411 -82.01 31.89 41.44
N LEU I 412 -81.97 30.84 42.19
CA LEU I 412 -81.29 29.57 41.90
C LEU I 412 -82.30 28.43 41.97
N TRP I 413 -82.40 27.60 40.89
CA TRP I 413 -83.31 26.45 40.74
C TRP I 413 -82.60 25.15 40.27
N LEU I 414 -83.33 24.02 40.36
CA LEU I 414 -83.10 22.79 39.53
C LEU I 414 -84.25 22.57 38.54
N ASP I 415 -83.91 22.20 37.30
CA ASP I 415 -84.91 21.72 36.32
C ASP I 415 -85.35 20.26 36.50
N ASP I 416 -86.20 19.71 35.58
CA ASP I 416 -86.76 18.34 35.61
C ASP I 416 -85.67 17.24 35.42
N ASP I 417 -84.53 17.57 34.81
CA ASP I 417 -83.36 16.69 34.58
C ASP I 417 -82.32 16.87 35.70
N ASN I 418 -82.65 17.64 36.80
CA ASN I 418 -81.76 18.04 37.91
C ASN I 418 -80.51 18.86 37.55
N GLN I 419 -80.52 19.50 36.45
CA GLN I 419 -79.48 20.45 36.09
C GLN I 419 -79.66 21.81 36.84
N THR I 420 -78.53 22.53 37.01
CA THR I 420 -78.47 23.80 37.81
C THR I 420 -78.90 24.95 36.97
N VAL I 421 -79.98 25.66 37.36
CA VAL I 421 -80.49 26.79 36.66
C VAL I 421 -80.37 28.09 37.55
N VAL I 422 -79.69 29.10 37.07
CA VAL I 422 -79.59 30.45 37.76
C VAL I 422 -80.11 31.48 36.85
N LYS I 423 -80.96 32.37 37.38
CA LYS I 423 -81.52 33.48 36.66
C LYS I 423 -81.64 34.74 37.59
N HIS I 424 -81.61 35.89 37.02
CA HIS I 424 -81.89 37.18 37.74
C HIS I 424 -82.90 38.00 37.02
N ILE I 425 -83.58 38.92 37.75
CA ILE I 425 -84.57 39.80 37.19
C ILE I 425 -84.65 41.13 37.99
N ASN I 426 -84.61 42.24 37.33
CA ASN I 426 -84.89 43.55 37.96
C ASN I 426 -86.38 43.62 38.30
N PHE I 427 -86.73 43.97 39.54
CA PHE I 427 -88.13 43.92 39.99
C PHE I 427 -88.89 45.25 39.89
N GLY I 433 -91.69 40.43 32.36
CA GLY I 433 -91.66 39.30 33.23
C GLY I 433 -90.50 38.32 32.95
N GLN I 434 -89.46 38.72 32.23
CA GLN I 434 -88.42 37.80 31.68
C GLN I 434 -87.21 37.72 32.59
N TRP I 435 -86.90 36.49 32.91
CA TRP I 435 -85.70 36.19 33.67
C TRP I 435 -84.46 36.12 32.78
N ASN I 436 -83.40 36.84 33.20
CA ASN I 436 -82.11 36.75 32.52
C ASN I 436 -81.37 35.47 32.87
N PRO I 437 -80.85 34.66 31.89
CA PRO I 437 -80.18 33.41 32.14
C PRO I 437 -78.74 33.66 32.65
N VAL I 438 -78.30 32.78 33.48
CA VAL I 438 -76.88 32.59 33.78
C VAL I 438 -76.42 31.28 33.07
N PHE I 439 -75.35 31.34 32.30
CA PHE I 439 -74.72 30.16 31.63
C PHE I 439 -73.89 29.41 32.61
N VAL I 440 -74.55 28.47 33.21
CA VAL I 440 -73.96 27.57 34.15
C VAL I 440 -73.09 26.53 33.39
N ASN I 441 -71.97 26.12 33.98
CA ASN I 441 -71.13 25.08 33.33
C ASN I 441 -71.83 23.71 33.33
N PRO I 442 -71.91 22.95 32.17
CA PRO I 442 -72.44 21.59 32.12
C PRO I 442 -71.50 20.67 32.83
N LEU I 443 -72.06 19.55 33.25
CA LEU I 443 -71.24 18.44 33.68
C LEU I 443 -70.39 17.85 32.51
N PRO I 444 -69.24 17.22 32.77
CA PRO I 444 -68.50 16.46 31.73
C PRO I 444 -69.41 15.41 30.99
N GLU I 445 -69.16 15.14 29.71
CA GLU I 445 -69.94 14.18 28.85
C GLU I 445 -69.82 12.75 29.32
N ASP I 446 -70.89 11.93 29.14
CA ASP I 446 -70.95 10.55 29.56
C ASP I 446 -69.95 9.63 28.78
N ASP I 447 -69.82 9.81 27.49
CA ASP I 447 -68.94 9.04 26.58
C ASP I 447 -67.79 9.91 26.11
N LEU I 448 -66.57 9.35 26.03
CA LEU I 448 -65.38 9.99 25.52
C LEU I 448 -65.08 9.34 24.14
N ALA I 449 -65.19 10.10 23.11
CA ALA I 449 -64.79 9.63 21.76
C ALA I 449 -63.26 9.52 21.68
N ILE I 450 -62.75 8.30 21.37
CA ILE I 450 -61.30 8.04 21.24
C ILE I 450 -61.02 7.63 19.79
N SER I 451 -60.18 8.43 19.16
CA SER I 451 -59.72 8.10 17.81
C SER I 451 -58.97 6.77 17.68
N ASP I 452 -59.03 6.06 16.52
CA ASP I 452 -58.25 4.82 16.21
C ASP I 452 -56.73 5.05 16.29
N GLU I 453 -56.27 6.30 16.17
CA GLU I 453 -54.85 6.70 16.28
C GLU I 453 -54.39 7.08 17.70
N GLN I 454 -55.33 7.33 18.63
CA GLN I 454 -55.02 7.81 20.00
C GLN I 454 -54.94 6.64 20.91
N GLU I 455 -53.92 6.68 21.78
CA GLU I 455 -53.87 5.75 22.83
C GLU I 455 -54.99 6.08 23.84
N PRO I 456 -55.85 5.11 24.16
CA PRO I 456 -56.98 5.36 25.09
C PRO I 456 -56.53 6.04 26.42
N GLN I 457 -55.41 5.58 26.94
CA GLN I 457 -54.82 6.14 28.18
C GLN I 457 -54.51 7.64 28.17
N GLU I 458 -53.90 8.08 27.10
CA GLU I 458 -53.53 9.49 26.99
C GLU I 458 -54.79 10.36 26.93
N ALA I 459 -55.79 9.92 26.12
CA ALA I 459 -57.05 10.64 25.98
C ALA I 459 -57.84 10.80 27.29
N TYR I 460 -57.99 9.71 28.00
CA TYR I 460 -58.66 9.78 29.28
C TYR I 460 -57.89 10.62 30.34
N LEU I 461 -56.55 10.51 30.38
CA LEU I 461 -55.73 11.35 31.32
C LEU I 461 -55.79 12.84 31.03
N GLU I 462 -55.76 13.16 29.78
CA GLU I 462 -55.92 14.54 29.40
C GLU I 462 -57.28 15.10 29.87
N CYS I 463 -58.38 14.34 29.64
CA CYS I 463 -59.72 14.76 30.07
C CYS I 463 -59.88 14.89 31.59
N LEU I 464 -59.42 13.89 32.29
CA LEU I 464 -59.55 13.87 33.73
C LEU I 464 -58.75 15.02 34.46
N PHE I 465 -57.59 15.36 33.93
CA PHE I 465 -56.67 16.36 34.55
C PHE I 465 -56.73 17.73 33.91
N ALA I 466 -57.65 17.87 32.98
CA ALA I 466 -57.91 19.13 32.37
C ALA I 466 -58.42 20.22 33.41
N PRO I 467 -57.88 21.45 33.41
CA PRO I 467 -58.33 22.61 34.25
C PRO I 467 -59.87 22.79 34.29
N GLY I 468 -60.43 22.60 35.50
CA GLY I 468 -61.88 22.70 35.74
C GLY I 468 -62.58 21.41 35.36
N ARG I 469 -61.84 20.46 34.77
CA ARG I 469 -62.38 19.15 34.32
C ARG I 469 -62.91 18.31 35.49
N PHE I 470 -62.17 18.25 36.60
CA PHE I 470 -62.61 17.40 37.75
C PHE I 470 -62.03 17.91 39.07
N THR I 471 -62.57 17.40 40.19
CA THR I 471 -62.14 17.77 41.57
C THR I 471 -61.39 16.60 42.20
N ILE I 472 -60.20 16.86 42.77
CA ILE I 472 -59.33 15.84 43.42
C ILE I 472 -60.13 14.95 44.37
N ALA I 473 -60.88 15.57 45.31
CA ALA I 473 -61.66 14.90 46.29
C ALA I 473 -62.46 13.65 45.71
N ALA I 474 -63.05 13.73 44.54
CA ALA I 474 -63.76 12.58 43.87
C ALA I 474 -62.81 11.41 43.52
N VAL I 475 -61.67 11.72 42.90
CA VAL I 475 -60.66 10.70 42.47
C VAL I 475 -60.04 10.05 43.64
N GLN I 476 -59.64 10.86 44.67
CA GLN I 476 -59.10 10.33 45.88
C GLN I 476 -60.11 9.42 46.55
N LYS I 477 -61.42 9.76 46.55
CA LYS I 477 -62.48 8.91 47.11
C LYS I 477 -62.70 7.58 46.31
N ALA I 478 -62.68 7.59 45.01
CA ALA I 478 -62.76 6.37 44.14
C ALA I 478 -61.59 5.40 44.38
N ILE I 479 -60.34 5.92 44.47
CA ILE I 479 -59.16 5.12 44.77
C ILE I 479 -59.28 4.51 46.12
N GLN I 480 -59.71 5.32 47.14
CA GLN I 480 -59.87 4.85 48.48
C GLN I 480 -60.78 3.60 48.51
N ILE I 481 -61.87 3.57 47.75
CA ILE I 481 -62.87 2.46 47.71
C ILE I 481 -62.35 1.23 46.92
N LEU I 482 -61.69 1.43 45.80
CA LEU I 482 -61.10 0.33 44.99
C LEU I 482 -60.06 -0.44 45.75
N ARG I 483 -59.23 0.28 46.55
CA ARG I 483 -58.21 -0.31 47.38
C ARG I 483 -58.76 -1.12 48.50
N LYS I 484 -60.07 -1.08 48.79
CA LYS I 484 -60.71 -1.70 49.93
C LYS I 484 -60.00 -1.37 51.27
N GLY I 485 -59.14 -0.32 51.38
CA GLY I 485 -58.15 -0.12 52.43
C GLY I 485 -58.29 1.24 53.22
N SER I 486 -58.19 1.23 54.53
CA SER I 486 -58.23 2.44 55.46
C SER I 486 -56.94 3.33 55.45
N GLY I 487 -56.15 3.26 54.39
CA GLY I 487 -54.92 4.08 54.31
C GLY I 487 -55.24 5.59 54.55
N ARG I 488 -54.51 6.33 55.43
CA ARG I 488 -54.58 7.82 55.57
C ARG I 488 -54.14 8.33 54.25
N VAL I 489 -55.06 8.94 53.58
CA VAL I 489 -54.73 9.62 52.37
C VAL I 489 -53.82 10.80 52.75
N LEU I 490 -52.57 10.69 52.29
CA LEU I 490 -51.61 11.82 52.28
C LEU I 490 -52.15 12.80 51.30
N ASP I 491 -51.90 14.12 51.55
CA ASP I 491 -52.11 15.12 50.56
C ASP I 491 -51.11 14.81 49.43
N LEU I 492 -51.52 13.89 48.49
CA LEU I 492 -50.73 13.49 47.33
C LEU I 492 -50.72 14.62 46.39
N SER I 493 -49.57 14.87 45.78
CA SER I 493 -49.52 15.73 44.65
C SER I 493 -50.37 15.11 43.51
N TRP I 494 -50.73 15.90 42.55
CA TRP I 494 -51.52 15.37 41.41
C TRP I 494 -50.78 14.29 40.58
N GLU I 495 -49.45 14.44 40.43
CA GLU I 495 -48.61 13.44 39.75
C GLU I 495 -48.50 12.16 40.50
N GLU I 496 -48.37 12.32 41.81
CA GLU I 496 -48.44 11.17 42.64
C GLU I 496 -49.82 10.47 42.53
N LEU I 497 -50.92 11.24 42.57
CA LEU I 497 -52.28 10.71 42.40
C LEU I 497 -52.47 9.96 41.06
N ARG I 498 -51.93 10.51 39.99
CA ARG I 498 -51.96 9.84 38.67
C ARG I 498 -51.22 8.50 38.62
N LYS I 499 -50.01 8.47 39.17
CA LYS I 499 -49.25 7.21 39.31
C LYS I 499 -50.01 6.24 40.16
N ASP I 500 -50.64 6.75 41.21
CA ASP I 500 -51.37 5.95 42.15
C ASP I 500 -52.65 5.30 41.55
N VAL I 501 -53.40 6.04 40.78
CA VAL I 501 -54.54 5.51 39.98
C VAL I 501 -54.04 4.40 39.01
N THR I 502 -53.00 4.70 38.25
CA THR I 502 -52.45 3.76 37.22
C THR I 502 -52.07 2.42 37.78
N LEU I 503 -51.25 2.46 38.82
CA LEU I 503 -50.85 1.25 39.47
C LEU I 503 -52.05 0.50 40.05
N THR I 504 -53.07 1.21 40.56
CA THR I 504 -54.24 0.57 41.16
C THR I 504 -55.13 -0.17 40.11
N VAL I 505 -55.36 0.44 39.01
CA VAL I 505 -56.15 -0.20 37.92
C VAL I 505 -55.38 -1.34 37.20
N GLU I 506 -54.06 -1.17 36.97
CA GLU I 506 -53.19 -2.25 36.41
C GLU I 506 -53.18 -3.49 37.24
N ASN I 507 -53.15 -3.30 38.54
CA ASN I 507 -53.25 -4.42 39.41
C ASN I 507 -54.62 -5.16 39.29
N GLU I 508 -55.73 -4.44 39.12
CA GLU I 508 -57.06 -5.08 38.88
C GLU I 508 -57.11 -5.86 37.53
N ILE I 509 -56.51 -5.30 36.51
CA ILE I 509 -56.38 -5.99 35.19
C ILE I 509 -55.56 -7.28 35.26
N GLN I 510 -54.40 -7.21 35.92
CA GLN I 510 -53.58 -8.41 36.13
C GLN I 510 -54.32 -9.49 36.88
N ASN I 511 -55.17 -9.07 37.83
CA ASN I 511 -56.01 -10.01 38.55
C ASN I 511 -57.19 -10.61 37.72
N ALA I 512 -57.67 -9.90 36.75
CA ALA I 512 -58.73 -10.37 35.85
C ALA I 512 -58.23 -11.37 34.74
N VAL I 513 -56.94 -11.28 34.39
CA VAL I 513 -56.27 -12.24 33.45
C VAL I 513 -55.94 -13.54 34.12
N ILE I 514 -56.86 -14.54 34.04
CA ILE I 514 -56.73 -15.84 34.66
C ILE I 514 -55.81 -16.83 33.86
N ASP I 515 -55.85 -16.80 32.55
CA ASP I 515 -55.11 -17.73 31.63
C ASP I 515 -53.83 -17.06 31.10
N TYR I 516 -52.77 -17.85 30.84
CA TYR I 516 -51.52 -17.33 30.25
C TYR I 516 -51.64 -17.11 28.78
N ASP I 517 -52.65 -17.73 28.11
CA ASP I 517 -52.88 -17.69 26.69
C ASP I 517 -54.14 -16.86 26.39
N VAL I 518 -54.15 -15.56 26.80
CA VAL I 518 -55.24 -14.63 26.44
C VAL I 518 -54.92 -14.04 25.12
N SER I 519 -55.89 -14.08 24.22
CA SER I 519 -55.72 -13.45 22.96
C SER I 519 -55.58 -11.90 23.15
N GLN I 520 -54.96 -11.23 22.22
CA GLN I 520 -54.82 -9.73 22.32
C GLN I 520 -56.19 -9.02 22.44
N GLU I 521 -57.22 -9.59 21.77
CA GLU I 521 -58.58 -9.03 21.81
C GLU I 521 -59.26 -9.21 23.14
N GLU I 522 -59.17 -10.41 23.68
CA GLU I 522 -59.70 -10.65 24.99
C GLU I 522 -58.97 -9.76 26.05
N PHE I 523 -57.64 -9.57 25.92
CA PHE I 523 -56.87 -8.66 26.83
C PHE I 523 -57.29 -7.18 26.75
N ARG I 524 -57.49 -6.70 25.56
CA ARG I 524 -58.01 -5.34 25.36
C ARG I 524 -59.40 -5.16 26.01
N GLN I 525 -60.29 -6.16 25.83
CA GLN I 525 -61.64 -6.12 26.42
C GLN I 525 -61.59 -6.07 27.93
N ILE I 526 -60.76 -6.90 28.52
CA ILE I 526 -60.55 -6.86 29.96
C ILE I 526 -60.00 -5.46 30.46
N ASN I 527 -59.10 -4.86 29.70
CA ASN I 527 -58.52 -3.51 30.02
C ASN I 527 -59.62 -2.43 30.06
N ILE I 528 -60.46 -2.41 29.03
CA ILE I 528 -61.61 -1.49 28.95
C ILE I 528 -62.58 -1.66 30.10
N GLU I 529 -62.96 -2.91 30.38
CA GLU I 529 -63.91 -3.17 31.45
C GLU I 529 -63.41 -2.64 32.81
N ASN I 530 -62.12 -2.82 33.11
CA ASN I 530 -61.56 -2.35 34.38
C ASN I 530 -61.40 -0.81 34.54
N TRP I 531 -60.95 -0.16 33.51
CA TRP I 531 -60.90 1.32 33.54
C TRP I 531 -62.30 1.95 33.58
N CYS I 532 -63.26 1.37 32.82
CA CYS I 532 -64.66 1.78 32.86
C CYS I 532 -65.24 1.72 34.25
N LYS I 533 -65.04 0.60 34.89
CA LYS I 533 -65.46 0.45 36.27
C LYS I 533 -64.86 1.55 37.22
N PHE I 534 -63.58 1.92 37.06
CA PHE I 534 -62.94 3.02 37.87
C PHE I 534 -63.50 4.41 37.58
N TYR I 535 -63.71 4.65 36.32
CA TYR I 535 -64.30 5.88 35.85
C TYR I 535 -65.73 6.10 36.40
N THR I 536 -66.63 5.08 36.27
CA THR I 536 -67.99 5.15 36.83
C THR I 536 -67.98 5.43 38.33
N CYS I 537 -67.00 4.87 39.01
CA CYS I 537 -66.83 5.17 40.42
C CYS I 537 -66.46 6.67 40.74
N CYS I 538 -65.55 7.24 39.97
CA CYS I 538 -65.22 8.69 40.08
C CYS I 538 -66.44 9.55 39.81
N LEU I 539 -67.26 9.13 38.83
CA LEU I 539 -68.47 9.83 38.45
C LEU I 539 -69.50 9.95 39.56
N GLN I 540 -69.79 8.85 40.21
CA GLN I 540 -70.73 8.86 41.35
C GLN I 540 -70.31 9.85 42.48
N TYR I 541 -68.99 9.94 42.75
CA TYR I 541 -68.47 10.93 43.76
C TYR I 541 -68.48 12.37 43.30
N GLN I 542 -68.20 12.55 42.05
CA GLN I 542 -68.26 13.87 41.48
C GLN I 542 -69.70 14.40 41.49
N GLU I 543 -70.72 13.54 41.18
CA GLU I 543 -72.14 13.88 41.26
C GLU I 543 -72.53 14.35 42.68
N THR I 544 -72.12 13.58 43.64
CA THR I 544 -72.37 13.94 45.05
C THR I 544 -71.74 15.32 45.49
N LEU I 545 -70.51 15.61 45.05
CA LEU I 545 -69.79 16.88 45.37
C LEU I 545 -70.31 18.05 44.60
N SER I 546 -70.89 17.75 43.45
CA SER I 546 -71.47 18.77 42.63
C SER I 546 -72.84 19.24 43.14
N ARG I 547 -73.45 18.59 44.09
CA ARG I 547 -74.77 19.00 44.62
C ARG I 547 -74.81 20.52 45.03
N PRO I 548 -75.79 21.39 44.41
CA PRO I 548 -76.32 23.00 44.43
C PRO I 548 -76.60 23.49 45.85
N LEU I 549 -76.06 24.66 46.23
CA LEU I 549 -76.26 25.19 47.60
C LEU I 549 -77.19 26.41 47.58
N ALA I 550 -76.69 27.57 47.13
CA ALA I 550 -77.31 28.88 47.47
C ALA I 550 -76.60 30.01 46.72
N LEU I 551 -77.04 31.26 46.95
CA LEU I 551 -76.47 32.42 46.32
C LEU I 551 -75.92 33.46 47.36
N LEU I 552 -74.77 34.06 47.08
CA LEU I 552 -74.22 35.23 47.84
C LEU I 552 -74.10 36.39 46.91
N VAL I 553 -74.83 37.48 47.20
CA VAL I 553 -74.69 38.71 46.49
C VAL I 553 -74.20 39.85 47.44
N HIS I 554 -73.09 40.47 47.09
CA HIS I 554 -72.53 41.63 47.84
C HIS I 554 -73.33 42.89 47.55
N PRO I 555 -73.91 43.62 48.56
CA PRO I 555 -74.74 44.79 48.35
C PRO I 555 -73.96 45.94 47.75
N ASP I 556 -72.75 46.28 48.27
CA ASP I 556 -71.99 47.45 47.84
C ASP I 556 -71.13 47.17 46.59
N THR I 557 -70.49 45.99 46.43
CA THR I 557 -69.60 45.65 45.30
C THR I 557 -70.31 44.90 44.13
N ASN I 558 -71.58 44.48 44.29
CA ASN I 558 -72.34 43.61 43.33
C ASN I 558 -71.67 42.25 42.93
N MET I 559 -70.71 41.81 43.72
CA MET I 559 -70.11 40.48 43.52
C MET I 559 -71.16 39.39 43.76
N VAL I 560 -71.36 38.45 42.79
CA VAL I 560 -72.28 37.31 42.92
C VAL I 560 -71.50 36.00 42.90
N CYS I 561 -71.75 35.23 43.89
CA CYS I 561 -71.15 33.91 44.04
C CYS I 561 -72.24 32.81 44.09
N LEU I 562 -71.99 31.67 43.38
CA LEU I 562 -72.78 30.44 43.43
C LEU I 562 -72.08 29.50 44.35
N LEU I 563 -72.74 29.22 45.45
CA LEU I 563 -72.23 28.32 46.42
C LEU I 563 -72.69 26.88 46.01
N ARG I 564 -71.77 26.05 45.48
CA ARG I 564 -71.98 24.59 45.20
C ARG I 564 -71.42 23.82 46.35
N LYS I 565 -71.80 22.54 46.38
CA LYS I 565 -71.42 21.71 47.47
C LYS I 565 -69.89 21.54 47.60
N GLY I 566 -69.18 21.36 46.49
CA GLY I 566 -67.74 21.08 46.48
C GLY I 566 -66.84 22.28 46.19
N PHE I 567 -67.39 23.35 45.67
CA PHE I 567 -66.58 24.48 45.23
C PHE I 567 -67.42 25.76 45.16
N LEU I 568 -66.71 26.89 45.00
CA LEU I 568 -67.27 28.22 44.84
C LEU I 568 -67.13 28.57 43.39
N SER I 569 -68.22 29.08 42.82
CA SER I 569 -68.16 29.68 41.55
C SER I 569 -68.52 31.17 41.69
N PHE I 570 -67.99 31.94 40.81
CA PHE I 570 -68.24 33.38 40.72
C PHE I 570 -69.01 33.58 39.44
N LEU I 571 -69.98 34.50 39.48
CA LEU I 571 -70.71 34.83 38.30
C LEU I 571 -70.10 36.13 37.81
N ALA I 572 -69.63 36.07 36.59
CA ALA I 572 -69.08 37.23 35.95
C ALA I 572 -70.00 37.61 34.81
N PRO I 573 -70.07 38.91 34.53
CA PRO I 573 -70.88 39.34 33.42
C PRO I 573 -70.33 38.71 32.11
N CYS I 574 -71.25 38.26 31.23
CA CYS I 574 -70.93 37.69 29.90
C CYS I 574 -70.82 38.82 28.93
N SER I 575 -69.93 38.68 27.95
CA SER I 575 -69.88 39.66 26.92
C SER I 575 -71.10 39.52 26.00
N LEU I 576 -71.42 40.56 25.29
CA LEU I 576 -72.57 40.54 24.40
C LEU I 576 -72.54 39.36 23.35
N VAL I 577 -71.38 39.09 22.73
CA VAL I 577 -71.22 38.02 21.67
C VAL I 577 -71.45 36.63 22.20
N GLU I 578 -70.89 36.39 23.34
CA GLU I 578 -71.11 35.13 24.00
C GLU I 578 -72.58 34.99 24.45
N HIS I 579 -73.18 36.07 25.00
CA HIS I 579 -74.60 36.08 25.39
C HIS I 579 -75.51 35.63 24.22
N LEU I 580 -75.39 36.30 23.12
CA LEU I 580 -76.21 35.99 21.94
C LEU I 580 -76.04 34.52 21.42
N TYR I 581 -74.82 34.00 21.42
CA TYR I 581 -74.53 32.60 20.95
C TYR I 581 -75.08 31.55 21.86
N LEU I 582 -75.00 31.82 23.18
CA LEU I 582 -75.36 30.84 24.15
C LEU I 582 -76.83 30.86 24.60
N VAL I 583 -77.55 31.98 24.51
CA VAL I 583 -78.98 32.10 24.91
C VAL I 583 -79.85 31.04 24.13
N PRO I 584 -80.85 30.34 24.69
CA PRO I 584 -81.77 29.41 23.94
C PRO I 584 -82.54 30.07 22.83
N ALA I 585 -82.82 29.33 21.71
CA ALA I 585 -83.41 29.90 20.53
C ALA I 585 -84.73 30.66 20.81
N GLU I 586 -85.55 30.17 21.70
CA GLU I 586 -86.83 30.78 22.14
C GLU I 586 -86.66 32.21 22.78
N HIS I 587 -85.57 32.47 23.53
CA HIS I 587 -85.28 33.78 24.24
C HIS I 587 -84.57 34.76 23.36
N LEU I 588 -84.01 34.25 22.25
CA LEU I 588 -83.24 35.05 21.36
C LEU I 588 -84.15 35.99 20.60
N LEU I 589 -85.43 35.59 20.40
CA LEU I 589 -86.48 36.40 19.81
C LEU I 589 -86.95 37.61 20.71
N THR I 590 -86.59 37.66 21.99
CA THR I 590 -87.01 38.73 22.97
C THR I 590 -85.84 39.63 23.46
N VAL I 591 -84.67 39.48 22.82
CA VAL I 591 -83.52 40.37 23.09
C VAL I 591 -83.86 41.77 22.66
N ASP I 592 -83.52 42.80 23.50
CA ASP I 592 -83.72 44.20 23.22
C ASP I 592 -82.65 44.61 22.22
N GLU I 593 -83.08 44.76 20.98
CA GLU I 593 -82.21 45.08 19.88
C GLU I 593 -81.39 46.39 20.17
N SER I 594 -81.91 47.34 21.02
CA SER I 594 -81.23 48.62 21.39
C SER I 594 -79.91 48.48 22.15
N VAL I 595 -79.71 47.34 22.75
CA VAL I 595 -78.48 47.05 23.48
C VAL I 595 -77.37 46.52 22.54
N ILE I 596 -77.76 45.88 21.41
CA ILE I 596 -76.82 45.27 20.43
C ILE I 596 -76.19 46.35 19.63
N SER I 597 -77.03 47.26 19.19
CA SER I 597 -76.60 48.39 18.43
C SER I 597 -77.64 49.51 18.54
N ASP I 598 -77.17 50.77 18.50
CA ASP I 598 -78.07 51.93 18.31
C ASP I 598 -78.84 51.75 16.98
N ASP I 599 -78.33 50.90 16.04
CA ASP I 599 -78.93 50.55 14.75
C ASP I 599 -79.77 49.25 14.81
N ILE I 600 -81.10 49.40 14.89
CA ILE I 600 -82.09 48.29 14.96
C ILE I 600 -81.88 47.20 13.84
N ASP I 601 -81.58 47.61 12.63
CA ASP I 601 -81.39 46.66 11.50
C ASP I 601 -80.11 45.83 11.65
N ALA I 602 -79.03 46.47 12.17
CA ALA I 602 -77.78 45.77 12.46
C ALA I 602 -77.97 44.81 13.58
N ALA I 603 -78.74 45.23 14.60
CA ALA I 603 -79.07 44.39 15.68
C ALA I 603 -79.85 43.12 15.18
N SER I 604 -80.90 43.28 14.38
CA SER I 604 -81.68 42.14 13.77
C SER I 604 -80.82 41.18 12.89
N ASP I 605 -79.93 41.72 12.09
CA ASP I 605 -78.99 40.92 11.27
C ASP I 605 -78.03 40.08 12.09
N ILE I 606 -77.54 40.66 13.22
CA ILE I 606 -76.67 39.96 14.13
C ILE I 606 -77.46 38.83 14.76
N VAL I 607 -78.70 39.09 15.19
CA VAL I 607 -79.59 38.10 15.76
C VAL I 607 -79.85 36.91 14.75
N ASN I 608 -80.19 37.17 13.52
CA ASN I 608 -80.42 36.13 12.46
C ASN I 608 -79.15 35.31 12.14
N LEU I 609 -77.98 35.99 12.12
CA LEU I 609 -76.68 35.33 11.90
C LEU I 609 -76.38 34.39 13.00
N ILE I 610 -76.55 34.84 14.26
CA ILE I 610 -76.33 34.01 15.39
C ILE I 610 -77.27 32.78 15.32
N GLN I 611 -78.53 32.93 14.91
CA GLN I 611 -79.44 31.76 14.70
C GLN I 611 -78.90 30.74 13.64
N CYS I 612 -78.34 31.19 12.56
CA CYS I 612 -77.72 30.29 11.54
C CYS I 612 -76.50 29.55 12.08
N LEU I 613 -75.63 30.27 12.85
CA LEU I 613 -74.46 29.66 13.48
C LEU I 613 -74.89 28.56 14.39
N ARG I 614 -75.97 28.78 15.14
CA ARG I 614 -76.49 27.77 16.00
C ARG I 614 -77.10 26.55 15.25
N MET I 615 -77.83 26.76 14.18
CA MET I 615 -78.32 25.63 13.31
C MET I 615 -77.17 24.78 12.72
N ILE I 616 -76.00 25.39 12.48
CA ILE I 616 -74.78 24.62 12.11
C ILE I 616 -74.25 23.90 13.30
N ALA I 617 -74.12 24.62 14.45
CA ALA I 617 -73.58 24.08 15.65
C ALA I 617 -74.36 22.84 16.07
N ASP I 618 -75.69 22.86 15.99
CA ASP I 618 -76.59 21.77 16.37
C ASP I 618 -76.46 20.48 15.45
N TYR I 619 -75.91 20.57 14.26
CA TYR I 619 -75.76 19.44 13.26
C TYR I 619 -74.31 18.97 13.05
N ILE I 620 -73.33 19.65 13.69
CA ILE I 620 -71.94 19.20 13.68
C ILE I 620 -71.83 18.01 14.55
N SER I 621 -71.45 16.84 13.96
CA SER I 621 -71.16 15.65 14.69
C SER I 621 -69.84 15.82 15.47
N GLU I 622 -69.63 14.99 16.42
CA GLU I 622 -68.36 14.94 17.16
C GLU I 622 -67.16 14.66 16.23
N ASP I 623 -67.33 13.75 15.21
CA ASP I 623 -66.29 13.45 14.21
C ASP I 623 -65.90 14.69 13.46
N MET I 624 -66.89 15.48 13.08
CA MET I 624 -66.65 16.72 12.41
C MET I 624 -65.97 17.81 13.32
N ALA I 625 -66.38 17.93 14.58
CA ALA I 625 -65.75 18.86 15.57
C ALA I 625 -64.27 18.49 15.82
N TYR I 626 -64.01 17.19 15.94
CA TYR I 626 -62.65 16.65 16.06
C TYR I 626 -61.81 16.88 14.83
N LEU I 627 -62.38 16.68 13.64
CA LEU I 627 -61.68 16.89 12.40
C LEU I 627 -61.16 18.35 12.37
N MET I 628 -61.98 19.36 12.79
CA MET I 628 -61.52 20.77 12.91
C MET I 628 -60.43 21.02 13.98
N GLU I 629 -60.59 20.49 15.14
CA GLU I 629 -59.61 20.68 16.22
C GLU I 629 -58.26 20.01 15.85
N SER I 630 -58.31 18.81 15.20
CA SER I 630 -57.15 18.08 14.64
C SER I 630 -56.46 18.85 13.57
N ALA I 631 -57.23 19.45 12.70
CA ALA I 631 -56.67 20.29 11.70
C ALA I 631 -55.86 21.48 12.32
N CYS I 632 -56.34 22.14 13.41
CA CYS I 632 -55.62 23.22 14.15
C CYS I 632 -54.32 22.74 14.76
N CYS I 633 -54.39 21.61 15.42
CA CYS I 633 -53.23 21.01 16.04
C CYS I 633 -52.11 20.63 15.04
N HIS I 634 -52.52 20.04 13.88
CA HIS I 634 -51.64 19.58 12.79
C HIS I 634 -51.33 20.65 11.80
N LEU I 635 -51.74 21.91 12.09
CA LEU I 635 -51.44 23.07 11.31
C LEU I 635 -51.91 22.87 9.86
N GLN I 636 -53.04 22.16 9.66
CA GLN I 636 -53.75 22.05 8.40
C GLN I 636 -54.55 23.35 8.24
N SER I 637 -54.93 23.61 7.01
CA SER I 637 -55.74 24.79 6.75
C SER I 637 -57.16 24.63 7.30
N PRO I 638 -57.56 25.46 8.33
CA PRO I 638 -58.91 25.37 8.90
C PRO I 638 -60.00 25.69 7.90
N GLU I 639 -59.70 26.47 6.92
CA GLU I 639 -60.62 26.77 5.85
C GLU I 639 -60.99 25.48 4.99
N ARG I 640 -59.98 24.69 4.54
CA ARG I 640 -60.23 23.42 3.75
C ARG I 640 -61.00 22.40 4.51
N VAL I 641 -60.73 22.39 5.79
CA VAL I 641 -61.39 21.51 6.68
C VAL I 641 -62.84 21.94 6.94
N ALA I 642 -63.11 23.25 7.09
CA ALA I 642 -64.47 23.78 7.17
C ALA I 642 -65.27 23.44 5.89
N GLU I 643 -64.62 23.50 4.73
CA GLU I 643 -65.22 23.05 3.45
C GLU I 643 -65.56 21.54 3.37
N GLN I 644 -64.66 20.69 3.81
CA GLN I 644 -64.91 19.25 3.88
C GLN I 644 -66.10 18.95 4.80
N ILE I 645 -66.12 19.60 5.99
CA ILE I 645 -67.23 19.45 6.93
C ILE I 645 -68.55 19.89 6.34
N LEU I 646 -68.53 20.98 5.62
CA LEU I 646 -69.71 21.42 4.92
C LEU I 646 -70.19 20.37 3.83
N GLU I 647 -69.27 19.74 3.07
CA GLU I 647 -69.62 18.65 2.07
C GLU I 647 -70.28 17.46 2.70
N ASP I 648 -69.75 17.06 3.82
CA ASP I 648 -70.31 15.98 4.57
C ASP I 648 -71.69 16.34 5.16
N LEU I 649 -71.87 17.60 5.68
CA LEU I 649 -73.17 18.11 6.16
C LEU I 649 -74.22 18.08 5.05
N ILE I 650 -73.86 18.49 3.87
CA ILE I 650 -74.76 18.46 2.72
C ILE I 650 -75.09 17.01 2.22
N ALA I 651 -74.11 16.11 2.21
CA ALA I 651 -74.32 14.68 1.80
C ALA I 651 -75.28 13.98 2.74
N ASN I 652 -75.27 14.45 4.01
CA ASN I 652 -76.08 13.90 5.06
C ASN I 652 -77.30 14.78 5.49
N ASP I 653 -77.72 15.72 4.69
CA ASP I 653 -78.85 16.65 5.01
C ASP I 653 -80.23 15.95 4.88
N ILE I 654 -80.55 15.12 5.82
CA ILE I 654 -81.81 14.34 5.83
C ILE I 654 -83.02 15.26 6.19
N ASP I 655 -82.80 16.34 7.02
CA ASP I 655 -83.85 17.20 7.61
C ASP I 655 -84.08 18.51 6.88
N ASN I 656 -83.51 18.62 5.69
CA ASN I 656 -83.54 19.83 4.92
C ASN I 656 -83.06 21.11 5.74
N ILE I 657 -82.05 20.98 6.56
CA ILE I 657 -81.47 22.09 7.42
C ILE I 657 -80.83 23.10 6.58
N MET I 658 -80.20 22.64 5.48
CA MET I 658 -79.57 23.52 4.58
C MET I 658 -80.60 24.41 3.95
N GLU I 659 -81.81 23.89 3.67
CA GLU I 659 -82.94 24.69 3.24
C GLU I 659 -83.39 25.73 4.34
N ASN I 660 -83.46 25.33 5.58
CA ASN I 660 -83.82 26.26 6.70
C ASN I 660 -82.77 27.39 6.99
N ILE I 661 -81.47 27.07 6.91
CA ILE I 661 -80.36 28.05 7.02
C ILE I 661 -80.44 28.98 5.88
N GLN I 662 -80.66 28.43 4.65
CA GLN I 662 -80.84 29.22 3.49
C GLN I 662 -82.01 30.22 3.68
N ASN I 663 -83.17 29.77 4.17
CA ASN I 663 -84.34 30.61 4.40
C ASN I 663 -84.04 31.78 5.45
N LYS I 664 -83.40 31.50 6.56
CA LYS I 664 -83.00 32.56 7.58
C LYS I 664 -81.92 33.52 7.08
N LEU I 665 -80.99 33.01 6.25
CA LEU I 665 -79.99 33.85 5.64
C LEU I 665 -80.64 34.78 4.66
N GLN I 666 -81.73 34.34 3.98
CA GLN I 666 -82.51 35.21 3.15
C GLN I 666 -83.20 36.36 3.96
N ASP I 667 -83.56 36.15 5.21
CA ASP I 667 -84.12 37.21 6.13
C ASP I 667 -83.05 38.24 6.65
N THR I 668 -81.76 37.92 6.47
CA THR I 668 -80.62 38.79 6.90
C THR I 668 -80.28 39.78 5.85
N ARG I 669 -80.34 41.10 6.20
CA ARG I 669 -80.12 42.15 5.25
C ARG I 669 -78.65 42.29 4.88
N ASN I 670 -77.73 42.28 5.84
CA ASN I 670 -76.30 42.41 5.63
C ASN I 670 -75.49 41.45 6.44
N PRO I 671 -75.40 40.14 5.99
CA PRO I 671 -74.71 39.14 6.72
C PRO I 671 -73.22 39.48 6.94
N ILE I 672 -72.56 40.12 6.01
CA ILE I 672 -71.13 40.51 6.11
C ILE I 672 -70.86 41.56 7.23
N ARG I 673 -71.75 42.57 7.42
CA ARG I 673 -71.63 43.57 8.54
C ARG I 673 -71.81 42.93 9.85
N ALA I 674 -72.75 41.98 9.94
CA ALA I 674 -72.96 41.24 11.11
C ALA I 674 -71.75 40.35 11.41
N ILE I 675 -71.16 39.66 10.39
CA ILE I 675 -69.91 38.88 10.49
C ILE I 675 -68.76 39.81 11.00
N GLY I 676 -68.57 40.95 10.39
CA GLY I 676 -67.54 41.95 10.80
C GLY I 676 -67.69 42.48 12.25
N PHE I 677 -68.94 42.71 12.70
CA PHE I 677 -69.23 43.10 14.09
C PHE I 677 -68.82 42.01 15.02
N LEU I 678 -69.16 40.72 14.70
CA LEU I 678 -68.78 39.63 15.52
C LEU I 678 -67.25 39.51 15.61
N LEU I 679 -66.54 39.52 14.48
CA LEU I 679 -65.08 39.43 14.44
C LEU I 679 -64.42 40.61 15.26
N GLN I 680 -64.88 41.85 15.13
CA GLN I 680 -64.35 43.05 15.87
C GLN I 680 -64.53 43.00 17.37
N ASN I 681 -65.69 42.52 17.83
CA ASN I 681 -65.93 42.40 19.25
C ASN I 681 -65.17 41.23 19.82
N MET I 682 -64.69 40.28 18.96
CA MET I 682 -63.86 39.15 19.32
C MET I 682 -62.35 39.40 19.12
N ASP I 683 -61.95 40.59 18.79
CA ASP I 683 -60.55 40.89 18.49
C ASP I 683 -59.87 41.71 19.63
N LEU I 701 -52.37 48.05 42.25
CA LEU I 701 -53.45 47.03 42.20
C LEU I 701 -52.86 45.69 41.74
N SER I 702 -51.55 45.67 41.47
CA SER I 702 -50.86 44.43 41.03
C SER I 702 -50.96 43.37 42.14
N THR I 703 -50.78 43.79 43.40
CA THR I 703 -50.86 42.87 44.56
C THR I 703 -52.27 42.28 44.65
N LEU I 704 -53.29 43.10 44.39
CA LEU I 704 -54.71 42.66 44.46
C LEU I 704 -54.96 41.57 43.42
N TYR I 705 -55.80 40.58 43.78
CA TYR I 705 -56.15 39.42 42.91
C TYR I 705 -54.90 38.64 42.52
N GLY I 706 -53.97 38.47 43.48
CA GLY I 706 -52.72 37.72 43.26
C GLY I 706 -52.85 36.27 43.68
N SER I 707 -54.05 35.87 44.11
CA SER I 707 -54.33 34.50 44.59
C SER I 707 -54.38 33.49 43.43
N ILE I 708 -54.24 32.20 43.75
CA ILE I 708 -54.25 31.09 42.72
C ILE I 708 -55.69 30.85 42.19
N THR I 709 -56.69 31.00 43.07
CA THR I 709 -58.11 30.90 42.67
C THR I 709 -58.47 31.97 41.72
N ALA I 710 -58.05 33.23 42.01
CA ALA I 710 -58.30 34.31 41.14
C ALA I 710 -57.57 34.08 39.79
N SER I 711 -56.30 33.67 39.81
CA SER I 711 -55.50 33.30 38.60
C SER I 711 -56.20 32.21 37.71
N SER I 712 -56.63 31.12 38.29
CA SER I 712 -57.38 30.01 37.61
C SER I 712 -58.69 30.48 37.03
N VAL I 713 -59.51 31.27 37.80
CA VAL I 713 -60.79 31.77 37.32
C VAL I 713 -60.60 32.67 36.17
N VAL I 714 -59.63 33.60 36.26
CA VAL I 714 -59.34 34.49 35.18
C VAL I 714 -58.87 33.67 33.94
N CYS I 715 -57.95 32.73 34.06
CA CYS I 715 -57.42 31.93 32.91
C CYS I 715 -58.44 30.93 32.30
N GLN I 716 -59.37 30.41 33.09
CA GLN I 716 -60.53 29.63 32.60
C GLN I 716 -61.49 30.48 31.83
N ALA I 717 -61.67 31.76 32.26
CA ALA I 717 -62.44 32.69 31.48
C ALA I 717 -61.82 32.80 30.10
N ILE I 718 -60.48 32.97 30.02
CA ILE I 718 -59.75 33.01 28.76
C ILE I 718 -59.93 31.71 27.89
N CYS I 719 -59.79 30.56 28.47
CA CYS I 719 -59.97 29.23 27.78
C CYS I 719 -61.38 29.09 27.16
N LYS I 720 -62.43 29.47 27.93
CA LYS I 720 -63.82 29.32 27.46
C LYS I 720 -64.17 30.32 26.43
N ILE I 721 -63.69 31.58 26.61
CA ILE I 721 -63.84 32.60 25.63
C ILE I 721 -63.16 32.12 24.33
N SER I 722 -61.90 31.70 24.38
CA SER I 722 -61.15 31.23 23.18
C SER I 722 -61.77 29.96 22.49
N ALA I 723 -62.24 29.00 23.24
CA ALA I 723 -62.94 27.82 22.68
C ALA I 723 -64.26 28.15 21.99
N THR I 724 -65.10 29.02 22.63
CA THR I 724 -66.37 29.41 22.05
C THR I 724 -66.14 30.17 20.81
N ARG I 725 -65.20 31.12 20.86
CA ARG I 725 -64.90 31.94 19.73
C ARG I 725 -64.16 31.17 18.60
N PHE I 726 -63.39 30.15 18.88
CA PHE I 726 -62.86 29.19 17.86
C PHE I 726 -63.99 28.48 17.05
N LEU I 727 -65.03 27.99 17.71
CA LEU I 727 -66.21 27.36 17.04
C LEU I 727 -66.94 28.36 16.21
N ILE I 728 -67.17 29.58 16.78
CA ILE I 728 -67.80 30.65 16.06
C ILE I 728 -66.99 30.93 14.82
N CYS I 729 -65.66 31.04 14.90
CA CYS I 729 -64.80 31.29 13.76
C CYS I 729 -64.82 30.11 12.70
N ARG I 730 -64.82 28.86 13.10
CA ARG I 730 -64.95 27.65 12.20
C ARG I 730 -66.26 27.67 11.42
N ASP I 731 -67.38 27.86 12.13
CA ASP I 731 -68.72 27.82 11.53
C ASP I 731 -68.91 29.00 10.67
N LEU I 732 -68.31 30.16 11.08
CA LEU I 732 -68.29 31.35 10.33
C LEU I 732 -67.50 31.14 9.02
N LEU I 733 -66.36 30.47 9.02
CA LEU I 733 -65.60 30.13 7.79
C LEU I 733 -66.40 29.18 6.84
N ILE I 734 -67.03 28.13 7.32
CA ILE I 734 -67.90 27.20 6.53
C ILE I 734 -69.07 27.96 5.94
N LEU I 735 -69.71 28.86 6.75
CA LEU I 735 -70.80 29.70 6.31
C LEU I 735 -70.32 30.68 5.29
N GLN I 736 -69.13 31.28 5.45
CA GLN I 736 -68.55 32.17 4.50
C GLN I 736 -68.30 31.41 3.14
N HIS I 737 -67.80 30.17 3.11
CA HIS I 737 -67.66 29.32 1.87
C HIS I 737 -69.03 28.95 1.24
N LEU I 738 -70.05 28.70 2.04
CA LEU I 738 -71.43 28.52 1.54
C LEU I 738 -71.93 29.78 0.93
N LEU I 739 -71.71 30.97 1.59
CA LEU I 739 -72.10 32.25 1.09
C LEU I 739 -71.41 32.51 -0.22
N LEU I 740 -70.13 32.14 -0.41
CA LEU I 740 -69.45 32.22 -1.70
C LEU I 740 -70.13 31.32 -2.78
N ARG I 741 -70.45 30.07 -2.49
CA ARG I 741 -71.12 29.09 -3.43
C ARG I 741 -72.56 29.49 -3.77
N LEU I 742 -73.27 30.17 -2.83
CA LEU I 742 -74.62 30.70 -3.01
C LEU I 742 -74.61 32.05 -3.66
N GLY I 743 -73.57 32.87 -3.43
CA GLY I 743 -73.40 34.17 -4.00
C GLY I 743 -73.39 34.05 -5.53
N ASP I 744 -72.81 32.96 -6.11
CA ASP I 744 -72.86 32.60 -7.54
C ASP I 744 -74.32 32.44 -8.08
N MET I 745 -75.23 32.68 -7.13
CA MET I 745 -76.64 32.89 -7.52
C MET I 745 -76.70 34.16 -8.38
N ALA I 746 -75.56 34.81 -8.64
CA ALA I 746 -75.42 36.02 -9.49
C ALA I 746 -74.14 35.96 -10.35
N LEU I 747 -74.06 36.78 -11.40
CA LEU I 747 -72.78 37.04 -12.11
C LEU I 747 -71.80 37.70 -11.13
N ILE I 748 -70.49 37.44 -11.28
CA ILE I 748 -69.46 37.94 -10.32
C ILE I 748 -69.48 39.47 -10.24
N GLY I 749 -69.60 40.16 -11.38
CA GLY I 749 -69.67 41.63 -11.39
C GLY I 749 -68.31 42.30 -11.32
N ALA I 750 -67.96 43.15 -12.30
CA ALA I 750 -66.60 43.71 -12.12
C ALA I 750 -66.29 44.56 -10.86
N GLY I 751 -67.08 45.55 -10.54
CA GLY I 751 -66.90 46.58 -9.50
C GLY I 751 -67.10 45.91 -8.20
N GLN I 752 -68.17 45.08 -8.18
CA GLN I 752 -68.44 44.27 -6.99
C GLN I 752 -67.28 43.31 -7.02
N LEU I 753 -66.91 42.79 -8.22
CA LEU I 753 -65.84 41.76 -8.14
C LEU I 753 -64.53 42.29 -7.56
N LEU I 754 -64.04 43.40 -8.07
CA LEU I 754 -62.70 43.86 -7.64
C LEU I 754 -62.78 44.28 -6.18
N HIS I 755 -63.82 45.04 -5.87
CA HIS I 755 -63.87 45.65 -4.52
C HIS I 755 -63.99 44.51 -3.52
N SER I 756 -64.91 43.60 -3.83
CA SER I 756 -65.21 42.54 -2.85
C SER I 756 -63.97 41.70 -2.70
N GLN I 757 -63.31 41.34 -3.80
CA GLN I 757 -62.17 40.41 -3.68
C GLN I 757 -61.07 41.03 -2.82
N GLN I 758 -60.68 42.27 -3.11
CA GLN I 758 -59.53 42.79 -2.32
C GLN I 758 -59.94 42.96 -0.86
N GLU I 759 -61.09 43.59 -0.67
CA GLU I 759 -61.46 43.93 0.71
C GLU I 759 -61.70 42.66 1.50
N LEU I 760 -62.49 41.77 0.92
CA LEU I 760 -62.91 40.60 1.73
C LEU I 760 -61.70 39.74 1.98
N ILE I 761 -60.88 39.55 0.95
CA ILE I 761 -59.77 38.58 1.17
C ILE I 761 -58.84 39.17 2.21
N PRO I 762 -58.52 40.47 2.15
CA PRO I 762 -57.60 41.00 3.16
C PRO I 762 -58.21 40.89 4.56
N ARG I 763 -59.48 41.28 4.67
CA ARG I 763 -60.14 41.28 6.00
C ARG I 763 -60.17 39.86 6.54
N ALA I 764 -60.55 38.90 5.70
CA ALA I 764 -60.72 37.49 6.08
C ALA I 764 -59.39 36.88 6.50
N ALA I 765 -58.34 37.16 5.73
CA ALA I 765 -57.01 36.59 6.06
C ALA I 765 -56.61 37.15 7.43
N GLN I 766 -56.80 38.46 7.56
CA GLN I 766 -56.52 39.13 8.84
C GLN I 766 -57.58 38.69 9.84
N LEU I 767 -58.41 37.68 9.53
CA LEU I 767 -59.48 37.30 10.48
C LEU I 767 -59.36 35.85 10.97
N LEU I 768 -59.63 34.89 10.08
CA LEU I 768 -59.63 33.45 10.46
C LEU I 768 -58.25 33.03 10.99
N LEU I 769 -57.18 33.45 10.32
CA LEU I 769 -55.81 33.05 10.75
C LEU I 769 -55.55 33.61 12.16
N SER I 770 -55.94 34.88 12.39
CA SER I 770 -55.73 35.51 13.71
C SER I 770 -56.52 34.76 14.79
N TYR I 771 -57.77 34.40 14.47
CA TYR I 771 -58.62 33.68 15.46
C TYR I 771 -57.98 32.32 15.79
N TYR I 772 -57.48 31.63 14.76
CA TYR I 772 -56.84 30.30 14.95
C TYR I 772 -55.61 30.47 15.85
N MET I 773 -54.82 31.51 15.60
CA MET I 773 -53.58 31.76 16.39
C MET I 773 -53.97 32.01 17.84
N ILE I 774 -55.03 32.81 18.07
CA ILE I 774 -55.48 33.14 19.45
C ILE I 774 -55.91 31.83 20.14
N ARG I 775 -56.65 30.98 19.43
CA ARG I 775 -57.14 29.71 20.03
C ARG I 775 -55.92 28.84 20.40
N TRP I 776 -54.93 28.79 19.51
CA TRP I 776 -53.71 27.97 19.76
C TRP I 776 -52.99 28.49 21.00
N GLY I 777 -52.88 29.82 21.11
CA GLY I 777 -52.21 30.44 22.28
C GLY I 777 -52.94 30.09 23.56
N SER I 778 -54.28 30.16 23.54
CA SER I 778 -55.09 29.85 24.74
C SER I 778 -54.89 28.37 25.11
N GLN I 779 -54.84 27.49 24.10
CA GLN I 779 -54.65 26.04 24.34
C GLN I 779 -53.28 25.82 24.99
N CYS I 780 -52.26 26.54 24.52
CA CYS I 780 -50.89 26.43 25.07
C CYS I 780 -50.93 26.60 26.60
N THR I 813 -44.61 27.27 43.56
CA THR I 813 -45.98 27.13 43.07
C THR I 813 -46.37 25.70 43.40
N SER I 814 -46.71 25.46 44.66
CA SER I 814 -47.20 24.18 45.15
C SER I 814 -48.56 23.80 44.56
N GLY I 815 -49.21 24.73 43.84
CA GLY I 815 -50.48 24.53 43.15
C GLY I 815 -50.31 24.21 41.66
N ILE I 816 -51.28 23.46 41.14
CA ILE I 816 -51.41 23.18 39.71
C ILE I 816 -51.76 24.49 39.02
N GLN I 817 -50.91 24.91 38.09
CA GLN I 817 -51.20 26.05 37.24
C GLN I 817 -51.10 25.65 35.77
N THR I 818 -51.91 26.29 34.95
CA THR I 818 -51.81 26.22 33.49
C THR I 818 -50.63 27.08 33.03
N ILE I 819 -50.15 26.85 31.81
CA ILE I 819 -49.08 27.69 31.26
C ILE I 819 -49.51 29.16 31.10
N VAL I 820 -50.82 29.41 30.93
CA VAL I 820 -51.38 30.77 30.91
C VAL I 820 -51.40 31.40 32.31
N GLU I 821 -51.74 30.65 33.36
CA GLU I 821 -51.66 31.12 34.76
C GLU I 821 -50.20 31.44 35.14
N LEU I 822 -49.25 30.56 34.77
CA LEU I 822 -47.82 30.80 34.95
C LEU I 822 -47.38 32.11 34.27
N PHE I 823 -47.77 32.31 32.99
CA PHE I 823 -47.46 33.53 32.26
C PHE I 823 -48.09 34.78 32.89
N PHE I 824 -49.33 34.65 33.36
CA PHE I 824 -50.03 35.72 34.04
C PHE I 824 -49.28 36.17 35.30
N GLU I 825 -48.88 35.23 36.14
CA GLU I 825 -48.22 35.51 37.42
C GLU I 825 -46.81 36.11 37.24
N ASP I 826 -46.04 35.58 36.29
CA ASP I 826 -44.63 35.93 36.10
C ASP I 826 -44.42 37.19 35.26
N VAL I 827 -45.27 37.41 34.25
CA VAL I 827 -45.06 38.46 33.24
C VAL I 827 -46.25 39.42 33.17
N ALA I 828 -47.44 38.93 32.79
CA ALA I 828 -48.54 39.82 32.40
C ALA I 828 -48.98 40.74 33.55
N ARG I 829 -49.11 40.19 34.77
CA ARG I 829 -49.55 40.93 35.96
C ARG I 829 -48.66 42.13 36.30
N LYS I 830 -47.34 42.03 36.07
CA LYS I 830 -46.39 43.13 36.36
C LYS I 830 -46.68 44.39 35.53
N HIS I 831 -47.40 44.26 34.43
CA HIS I 831 -47.76 45.36 33.55
C HIS I 831 -49.11 46.01 33.90
N PHE I 832 -49.92 45.41 34.77
CA PHE I 832 -51.26 45.92 35.11
C PHE I 832 -51.31 47.30 35.75
N PRO I 833 -50.36 47.69 36.61
CA PRO I 833 -50.30 49.07 37.10
C PRO I 833 -50.23 50.09 35.96
N HIS I 834 -49.59 49.76 34.83
CA HIS I 834 -49.49 50.64 33.66
C HIS I 834 -50.81 50.70 32.89
N VAL I 835 -51.45 49.56 32.66
CA VAL I 835 -52.78 49.48 32.03
C VAL I 835 -53.80 50.29 32.82
N PHE I 836 -53.73 50.23 34.15
CA PHE I 836 -54.59 51.01 35.05
C PHE I 836 -54.32 52.53 34.98
N ILE I 837 -53.05 52.95 34.84
CA ILE I 837 -52.67 54.37 34.79
C ILE I 837 -52.99 55.01 33.43
N GLN I 838 -52.73 54.31 32.31
CA GLN I 838 -52.96 54.82 30.96
C GLN I 838 -54.43 55.16 30.68
N SER I 839 -55.37 54.52 31.37
CA SER I 839 -56.81 54.71 31.15
C SER I 839 -57.39 56.03 31.67
N GLY I 840 -56.56 57.05 31.96
CA GLY I 840 -57.04 58.33 32.48
C GLY I 840 -57.41 58.32 33.97
N ALA I 841 -57.25 57.19 34.67
CA ALA I 841 -57.48 57.02 36.12
C ALA I 841 -56.43 57.72 37.00
N SER I 842 -55.92 58.86 36.52
CA SER I 842 -55.00 59.76 37.22
C SER I 842 -55.58 60.28 38.55
N GLN I 843 -56.88 60.16 38.77
CA GLN I 843 -57.50 60.36 40.07
C GLN I 843 -57.47 59.03 40.85
N LEU I 844 -56.53 58.91 41.79
CA LEU I 844 -56.48 57.84 42.81
C LEU I 844 -57.78 57.68 43.64
N GLN I 845 -58.80 58.49 43.37
CA GLN I 845 -60.07 58.55 44.10
C GLN I 845 -61.19 57.76 43.42
N GLU I 846 -61.02 57.26 42.18
CA GLU I 846 -62.05 56.42 41.58
C GLU I 846 -62.13 55.05 42.28
N PRO I 847 -63.34 54.62 42.67
CA PRO I 847 -63.54 53.31 43.29
C PRO I 847 -63.24 52.20 42.28
N LEU I 848 -62.70 51.09 42.77
CA LEU I 848 -62.51 49.89 41.97
C LEU I 848 -63.86 49.33 41.51
N ASN I 849 -64.05 49.17 40.20
CA ASN I 849 -65.19 48.46 39.62
C ASN I 849 -64.74 47.11 39.05
N TRP I 850 -65.33 46.02 39.56
CA TRP I 850 -65.04 44.66 39.14
C TRP I 850 -65.26 44.43 37.65
N SER I 851 -66.44 44.81 37.12
CA SER I 851 -66.81 44.60 35.71
C SER I 851 -65.81 45.24 34.75
N ASP I 852 -65.49 46.51 34.98
CA ASP I 852 -64.58 47.26 34.12
C ASP I 852 -63.16 46.68 34.18
N LEU I 853 -62.70 46.34 35.37
CA LEU I 853 -61.34 45.92 35.61
C LEU I 853 -61.08 44.51 35.06
N ILE I 854 -61.99 43.56 35.31
CA ILE I 854 -61.83 42.20 34.78
C ILE I 854 -61.84 42.20 33.25
N LYS I 855 -62.75 42.95 32.63
CA LYS I 855 -62.83 43.09 31.16
C LYS I 855 -61.53 43.65 30.56
N ARG I 856 -60.95 44.69 31.19
CA ARG I 856 -59.68 45.29 30.75
C ARG I 856 -58.51 44.32 30.91
N ILE I 857 -58.42 43.66 32.06
CA ILE I 857 -57.36 42.69 32.35
C ILE I 857 -57.41 41.55 31.33
N THR I 858 -58.58 40.98 31.11
CA THR I 858 -58.77 39.86 30.19
C THR I 858 -58.45 40.26 28.75
N ASN I 859 -58.89 41.44 28.28
CA ASN I 859 -58.52 41.95 26.94
C ASN I 859 -57.01 42.17 26.79
N TYR I 860 -56.36 42.77 27.78
CA TYR I 860 -54.92 42.99 27.76
C TYR I 860 -54.13 41.66 27.76
N LEU I 861 -54.58 40.69 28.57
CA LEU I 861 -53.98 39.37 28.60
C LEU I 861 -54.17 38.63 27.26
N LEU I 862 -55.34 38.73 26.61
CA LEU I 862 -55.57 38.18 25.27
C LEU I 862 -54.60 38.78 24.24
N GLN I 863 -54.35 40.09 24.29
CA GLN I 863 -53.36 40.73 23.41
C GLN I 863 -51.96 40.18 23.63
N LEU I 864 -51.54 39.95 24.88
CA LEU I 864 -50.23 39.38 25.20
C LEU I 864 -50.08 37.91 24.80
N LEU I 865 -51.15 37.14 25.06
CA LEU I 865 -51.17 35.72 24.73
C LEU I 865 -51.36 35.63 23.23
N TRP I 866 -52.21 36.53 22.73
CA TRP I 866 -52.71 36.52 21.32
C TRP I 866 -51.59 36.82 20.32
N PRO I 867 -50.30 36.81 20.73
CA PRO I 867 -49.19 37.11 19.80
C PRO I 867 -49.46 38.45 19.10
N SER I 868 -49.61 39.52 19.88
CA SER I 868 -49.86 40.89 19.34
C SER I 868 -49.13 41.91 20.24
N ASN I 869 -48.20 41.40 21.05
CA ASN I 869 -47.41 42.25 22.00
C ASN I 869 -45.92 42.02 21.75
N PRO I 870 -45.05 43.05 21.92
CA PRO I 870 -43.61 42.89 21.70
C PRO I 870 -42.87 42.39 22.94
N ASN I 871 -43.62 42.16 24.04
CA ASN I 871 -43.12 41.67 25.35
C ASN I 871 -41.95 40.69 25.19
N PHE I 872 -42.06 39.78 24.23
CA PHE I 872 -41.00 38.77 23.93
C PHE I 872 -40.58 38.06 25.23
N GLN I 873 -41.55 37.45 25.93
CA GLN I 873 -41.19 36.97 27.30
C GLN I 873 -41.65 35.56 27.61
N PHE I 874 -42.87 35.15 27.23
CA PHE I 874 -43.31 33.79 27.62
C PHE I 874 -42.37 32.75 27.03
N ALA I 875 -42.04 32.90 25.74
CA ALA I 875 -41.14 31.95 25.05
C ALA I 875 -39.74 31.97 25.68
N GLU I 876 -39.24 33.17 25.98
CA GLU I 876 -37.88 33.33 26.58
C GLU I 876 -37.86 32.65 27.95
N CYS I 877 -38.93 32.83 28.72
CA CYS I 877 -39.08 32.27 30.08
C CYS I 877 -39.06 30.74 29.96
N LEU I 878 -39.79 30.21 28.98
CA LEU I 878 -39.85 28.74 28.76
C LEU I 878 -38.44 28.23 28.43
N MET I 879 -37.71 28.97 27.59
CA MET I 879 -36.33 28.59 27.19
C MET I 879 -35.42 28.58 28.42
N ARG I 880 -35.56 29.56 29.32
CA ARG I 880 -34.73 29.66 30.54
C ARG I 880 -35.29 28.78 31.66
N ASN I 881 -36.43 28.12 31.43
CA ASN I 881 -37.06 27.24 32.43
C ASN I 881 -36.72 25.79 32.12
N CYS I 882 -37.00 24.86 33.04
CA CYS I 882 -36.68 23.43 32.80
C CYS I 882 -37.44 22.94 31.56
N GLN I 883 -38.73 23.32 31.46
CA GLN I 883 -39.57 22.94 30.29
C GLN I 883 -39.08 23.67 29.03
N TYR I 884 -39.04 22.97 27.90
CA TYR I 884 -38.62 23.54 26.60
C TYR I 884 -39.63 23.11 25.54
N THR I 885 -39.94 21.81 25.54
CA THR I 885 -40.94 21.13 24.67
C THR I 885 -42.16 22.03 24.44
N GLN I 886 -42.96 22.24 25.50
CA GLN I 886 -44.13 23.12 25.44
C GLN I 886 -43.82 24.43 24.72
N LEU I 887 -42.64 25.00 24.92
CA LEU I 887 -42.24 26.23 24.24
C LEU I 887 -42.06 26.02 22.72
N GLN I 888 -41.48 24.89 22.29
CA GLN I 888 -41.40 24.54 20.87
C GLN I 888 -42.79 24.41 20.26
N GLU I 889 -43.71 23.73 20.95
CA GLU I 889 -45.07 23.55 20.47
C GLU I 889 -45.86 24.86 20.44
N TYR I 890 -45.70 25.71 21.46
CA TYR I 890 -46.26 27.06 21.49
C TYR I 890 -45.79 27.90 20.30
N VAL I 891 -44.48 27.92 20.03
CA VAL I 891 -43.92 28.66 18.90
C VAL I 891 -44.38 28.07 17.57
N ARG I 892 -44.43 26.73 17.44
CA ARG I 892 -44.95 26.04 16.24
C ARG I 892 -46.37 26.48 15.92
N LEU I 893 -47.24 26.49 16.93
CA LEU I 893 -48.64 26.85 16.76
C LEU I 893 -48.83 28.36 16.50
N LEU I 894 -47.91 29.22 16.94
CA LEU I 894 -48.03 30.69 16.86
C LEU I 894 -47.47 31.30 15.56
N LEU I 895 -46.27 30.87 15.15
CA LEU I 895 -45.46 31.51 14.09
C LEU I 895 -46.15 31.67 12.72
N PRO I 896 -47.00 30.73 12.24
CA PRO I 896 -47.57 30.81 10.89
C PRO I 896 -48.54 31.97 10.66
N TRP I 897 -49.19 32.47 11.72
CA TRP I 897 -50.27 33.45 11.60
C TRP I 897 -50.06 34.70 12.47
N CYS I 898 -49.29 34.64 13.54
CA CYS I 898 -48.97 35.82 14.35
C CYS I 898 -47.66 36.48 13.89
N GLN I 899 -47.74 37.76 13.52
CA GLN I 899 -46.58 38.56 13.07
C GLN I 899 -45.93 39.39 14.20
N VAL I 900 -46.43 39.28 15.42
CA VAL I 900 -45.89 39.97 16.59
C VAL I 900 -44.84 39.07 17.26
N ASN I 901 -43.69 39.63 17.64
CA ASN I 901 -42.59 38.92 18.31
C ASN I 901 -41.97 37.76 17.50
N VAL I 902 -42.01 37.84 16.17
CA VAL I 902 -41.47 36.80 15.28
C VAL I 902 -39.98 36.56 15.54
N GLY I 903 -39.18 37.63 15.71
CA GLY I 903 -37.77 37.51 16.01
C GLY I 903 -37.51 36.84 17.36
N SER I 904 -38.29 37.21 18.37
CA SER I 904 -38.23 36.67 19.72
C SER I 904 -38.65 35.19 19.74
N CYS I 905 -39.66 34.79 18.96
CA CYS I 905 -40.02 33.39 18.74
C CYS I 905 -38.86 32.59 18.13
N HIS I 906 -38.18 33.10 17.10
CA HIS I 906 -37.02 32.44 16.52
C HIS I 906 -35.86 32.33 17.52
N PHE I 907 -35.64 33.36 18.34
CA PHE I 907 -34.64 33.30 19.42
C PHE I 907 -34.97 32.21 20.44
N MET I 908 -36.22 32.14 20.90
CA MET I 908 -36.68 31.10 21.85
C MET I 908 -36.54 29.70 21.25
N LEU I 909 -36.95 29.53 19.99
CA LEU I 909 -36.84 28.27 19.29
C LEU I 909 -35.37 27.84 19.11
N ALA I 910 -34.48 28.79 18.85
CA ALA I 910 -33.04 28.55 18.79
C ALA I 910 -32.48 28.02 20.11
N GLN I 911 -32.91 28.59 21.25
CA GLN I 911 -32.53 28.09 22.58
C GLN I 911 -33.05 26.66 22.80
N CYS I 912 -34.31 26.37 22.43
CA CYS I 912 -34.84 25.02 22.53
C CYS I 912 -34.02 24.02 21.70
N TYR I 913 -33.65 24.36 20.45
CA TYR I 913 -32.81 23.50 19.61
C TYR I 913 -31.40 23.32 20.16
N LEU I 914 -30.82 24.37 20.77
CA LEU I 914 -29.51 24.29 21.40
C LEU I 914 -29.50 23.30 22.56
N VAL I 915 -30.54 23.33 23.40
CA VAL I 915 -30.71 22.39 24.52
C VAL I 915 -31.02 20.97 24.04
N ALA I 916 -31.77 20.81 22.95
CA ALA I 916 -32.03 19.52 22.31
C ALA I 916 -30.79 18.92 21.60
N GLY I 917 -29.68 19.65 21.51
CA GLY I 917 -28.46 19.22 20.81
C GLY I 917 -28.49 19.42 19.30
N GLU I 918 -29.50 20.11 18.76
CA GLU I 918 -29.67 20.39 17.33
C GLU I 918 -29.06 21.75 16.93
N GLY I 919 -27.74 21.90 17.15
CA GLY I 919 -27.06 23.20 17.05
C GLY I 919 -27.15 23.90 15.67
N HIS I 920 -27.21 23.17 14.55
CA HIS I 920 -27.38 23.80 13.22
C HIS I 920 -28.73 24.48 13.07
N LYS I 921 -29.83 23.83 13.49
CA LYS I 921 -31.16 24.45 13.47
C LYS I 921 -31.21 25.66 14.40
N ALA I 922 -30.55 25.56 15.56
CA ALA I 922 -30.42 26.69 16.49
C ALA I 922 -29.76 27.90 15.82
N LEU I 923 -28.67 27.68 15.08
CA LEU I 923 -27.96 28.74 14.38
C LEU I 923 -28.82 29.42 13.29
N ASP I 924 -29.58 28.64 12.52
CA ASP I 924 -30.50 29.18 11.52
C ASP I 924 -31.58 30.07 12.17
N CYS I 925 -32.16 29.60 13.28
CA CYS I 925 -33.15 30.37 14.04
C CYS I 925 -32.55 31.64 14.68
N PHE I 926 -31.34 31.58 15.25
CA PHE I 926 -30.64 32.78 15.74
C PHE I 926 -30.37 33.79 14.61
N SER I 927 -30.05 33.30 13.42
CA SER I 927 -29.80 34.16 12.25
C SER I 927 -31.09 34.85 11.77
N GLN I 928 -32.23 34.17 11.81
CA GLN I 928 -33.53 34.74 11.47
C GLN I 928 -33.96 35.81 12.50
N ALA I 929 -33.76 35.52 13.79
CA ALA I 929 -34.06 36.45 14.88
C ALA I 929 -33.28 37.77 14.77
N ALA I 930 -32.03 37.74 14.26
CA ALA I 930 -31.17 38.91 14.12
C ALA I 930 -31.80 40.04 13.28
N SER I 931 -32.73 39.73 12.37
CA SER I 931 -33.37 40.71 11.49
C SER I 931 -34.35 41.65 12.20
N GLU I 932 -34.97 41.17 13.28
CA GLU I 932 -35.82 42.03 14.13
C GLU I 932 -34.90 42.83 15.07
N VAL I 933 -33.59 42.75 14.82
CA VAL I 933 -32.58 43.47 15.64
C VAL I 933 -32.83 44.97 15.52
N GLU I 934 -33.48 45.40 14.44
CA GLU I 934 -33.81 46.84 14.27
C GLU I 934 -34.84 47.20 15.34
N ARG I 935 -34.62 48.31 16.06
CA ARG I 935 -35.54 48.76 17.15
C ARG I 935 -35.73 47.62 18.17
N GLU I 936 -34.64 46.94 18.56
CA GLU I 936 -34.69 45.82 19.53
C GLU I 936 -33.97 46.23 20.81
N ASP I 937 -34.63 46.05 21.96
CA ASP I 937 -34.05 46.43 23.27
C ASP I 937 -33.25 45.27 23.86
N PHE I 938 -33.77 44.04 23.78
CA PHE I 938 -33.09 42.89 24.37
C PHE I 938 -31.66 42.73 23.83
N LEU I 939 -31.49 42.85 22.49
CA LEU I 939 -30.17 42.75 21.87
C LEU I 939 -29.31 43.98 22.17
N GLU I 940 -29.93 45.17 22.27
CA GLU I 940 -29.22 46.39 22.67
C GLU I 940 -28.66 46.28 24.10
N LYS I 941 -29.39 45.65 25.03
CA LYS I 941 -28.91 45.39 26.40
C LYS I 941 -27.64 44.54 26.43
N LEU I 942 -27.45 43.61 25.48
CA LEU I 942 -26.24 42.78 25.39
C LEU I 942 -24.98 43.59 25.03
N ILE I 943 -25.15 44.80 24.49
CA ILE I 943 -24.06 45.63 23.98
C ILE I 943 -23.65 46.74 24.95
N ARG I 944 -24.49 47.12 25.92
CA ARG I 944 -24.35 48.37 26.71
C ARG I 944 -22.93 48.62 27.27
N SER I 952 -19.57 45.66 13.58
CA SER I 952 -20.83 45.33 12.88
C SER I 952 -21.74 44.46 13.78
N PRO I 953 -23.06 44.73 13.85
CA PRO I 953 -23.99 43.96 14.69
C PRO I 953 -23.92 42.44 14.48
N ARG I 954 -23.77 41.99 13.23
CA ARG I 954 -23.60 40.56 12.89
C ARG I 954 -22.37 39.93 13.53
N LEU I 955 -21.24 40.64 13.54
CA LEU I 955 -20.03 40.17 14.21
C LEU I 955 -20.20 40.10 15.72
N GLN I 956 -20.93 41.04 16.33
CA GLN I 956 -21.25 40.99 17.76
C GLN I 956 -22.13 39.78 18.09
N TYR I 957 -23.16 39.53 17.26
CA TYR I 957 -23.99 38.33 17.34
C TYR I 957 -23.16 37.04 17.21
N TYR I 958 -22.29 36.94 16.20
CA TYR I 958 -21.43 35.75 16.05
C TYR I 958 -20.46 35.58 17.22
N ASN I 959 -19.93 36.66 17.78
CA ASN I 959 -19.11 36.58 19.00
C ASN I 959 -19.90 36.01 20.19
N ARG I 960 -21.19 36.32 20.29
CA ARG I 960 -22.07 35.78 21.32
C ARG I 960 -22.34 34.28 21.13
N VAL I 961 -22.66 33.87 19.90
CA VAL I 961 -22.84 32.45 19.56
C VAL I 961 -21.54 31.67 19.73
N LEU I 962 -20.38 32.26 19.42
CA LEU I 962 -19.07 31.64 19.66
C LEU I 962 -18.83 31.35 21.15
N ARG I 963 -19.15 32.30 22.04
CA ARG I 963 -19.06 32.08 23.50
C ARG I 963 -19.96 30.92 23.94
N LEU I 964 -21.18 30.88 23.42
CA LEU I 964 -22.12 29.78 23.71
C LEU I 964 -21.58 28.41 23.26
N LEU I 965 -21.06 28.30 22.03
CA LEU I 965 -20.49 27.04 21.52
C LEU I 965 -19.22 26.60 22.27
N GLU I 966 -18.43 27.57 22.76
CA GLU I 966 -17.27 27.31 23.62
C GLU I 966 -17.69 26.75 24.98
N ASP I 967 -18.74 27.29 25.60
CA ASP I 967 -19.25 26.83 26.90
C ASP I 967 -19.89 25.43 26.82
N VAL I 968 -20.53 25.11 25.69
CA VAL I 968 -21.06 23.76 25.43
C VAL I 968 -19.95 22.76 25.08
N GLY I 969 -18.76 23.24 24.67
CA GLY I 969 -17.60 22.40 24.37
C GLY I 969 -17.62 21.76 22.98
N LEU I 970 -18.05 22.49 21.95
CA LEU I 970 -18.12 22.01 20.56
C LEU I 970 -17.07 22.69 19.65
N PRO I 971 -15.78 22.32 19.73
CA PRO I 971 -14.68 23.06 19.10
C PRO I 971 -14.73 23.07 17.57
N GLU I 972 -15.23 22.01 16.94
CA GLU I 972 -15.38 21.94 15.47
C GLU I 972 -16.34 23.01 14.95
N LEU I 973 -17.46 23.23 15.64
CA LEU I 973 -18.45 24.24 15.26
C LEU I 973 -17.95 25.65 15.56
N VAL I 974 -17.17 25.82 16.65
CA VAL I 974 -16.50 27.09 16.96
C VAL I 974 -15.57 27.49 15.81
N ILE I 975 -14.80 26.54 15.25
CA ILE I 975 -13.93 26.80 14.09
C ILE I 975 -14.74 27.20 12.86
N GLN I 976 -15.82 26.49 12.55
CA GLN I 976 -16.68 26.80 11.40
C GLN I 976 -17.30 28.19 11.52
N LEU I 977 -17.90 28.51 12.67
CA LEU I 977 -18.50 29.81 12.92
C LEU I 977 -17.48 30.95 12.93
N ALA I 978 -16.32 30.74 13.56
CA ALA I 978 -15.26 31.75 13.57
C ALA I 978 -14.72 32.03 12.16
N THR I 979 -14.70 31.02 11.29
CA THR I 979 -14.32 31.19 9.88
C THR I 979 -15.33 32.04 9.12
N ILE I 980 -16.64 31.85 9.36
CA ILE I 980 -17.71 32.70 8.81
C ILE I 980 -17.59 34.13 9.35
N ALA I 981 -17.40 34.29 10.66
CA ALA I 981 -17.28 35.59 11.33
C ALA I 981 -16.09 36.43 10.84
N ILE I 982 -15.00 35.80 10.38
CA ILE I 982 -13.87 36.51 9.76
C ILE I 982 -14.32 37.23 8.47
N GLY I 983 -15.27 36.67 7.73
CA GLY I 983 -15.84 37.29 6.53
C GLY I 983 -16.60 38.59 6.85
N GLU I 984 -17.37 38.60 7.94
CA GLU I 984 -18.10 39.79 8.40
C GLU I 984 -17.17 40.86 9.00
N ALA I 985 -16.06 40.44 9.62
CA ALA I 985 -15.08 41.34 10.23
C ALA I 985 -14.34 42.25 9.23
N SER I 986 -14.52 42.04 7.91
CA SER I 986 -14.03 42.87 6.79
C SER I 986 -12.75 43.68 7.05
N ASP I 987 -12.85 44.89 7.59
CA ASP I 987 -11.73 45.83 7.80
C ASP I 987 -11.18 45.88 9.24
N ASP I 988 -11.84 45.25 10.23
CA ASP I 988 -11.36 45.24 11.60
C ASP I 988 -10.30 44.16 11.85
N TRP I 989 -9.05 44.52 11.61
CA TRP I 989 -7.91 43.65 11.82
C TRP I 989 -7.80 43.11 13.26
N ARG I 990 -8.33 43.83 14.28
CA ARG I 990 -8.28 43.37 15.68
C ARG I 990 -9.22 42.20 15.91
N SER I 991 -10.46 42.31 15.44
CA SER I 991 -11.43 41.21 15.46
C SER I 991 -10.94 40.03 14.64
N GLN I 992 -10.37 40.27 13.45
CA GLN I 992 -9.75 39.21 12.65
C GLN I 992 -8.60 38.52 13.40
N ALA I 993 -7.74 39.27 14.09
CA ALA I 993 -6.67 38.70 14.90
C ALA I 993 -7.24 37.83 16.03
N ALA I 994 -8.25 38.31 16.76
CA ALA I 994 -8.89 37.58 17.85
C ALA I 994 -9.56 36.28 17.37
N LEU I 995 -10.34 36.33 16.28
CA LEU I 995 -11.00 35.17 15.69
C LEU I 995 -9.98 34.13 15.18
N ARG I 996 -8.91 34.57 14.51
CA ARG I 996 -7.86 33.66 14.03
C ARG I 996 -7.07 33.04 15.19
N THR I 997 -6.79 33.80 16.26
CA THR I 997 -6.22 33.24 17.49
C THR I 997 -7.14 32.19 18.12
N ARG I 998 -8.46 32.41 18.11
CA ARG I 998 -9.46 31.44 18.59
C ARG I 998 -9.47 30.17 17.73
N ILE I 999 -9.46 30.29 16.40
CA ILE I 999 -9.36 29.14 15.47
C ILE I 999 -8.07 28.35 15.72
N PHE I 1000 -6.93 29.03 15.86
CA PHE I 1000 -5.65 28.41 16.20
C PHE I 1000 -5.74 27.58 17.49
N LYS I 1001 -6.30 28.16 18.55
CA LYS I 1001 -6.42 27.50 19.86
C LYS I 1001 -7.23 26.21 19.76
N HIS I 1002 -8.42 26.25 19.14
CA HIS I 1002 -9.29 25.07 19.03
C HIS I 1002 -8.71 23.98 18.13
N HIS I 1003 -8.06 24.33 17.00
CA HIS I 1003 -7.33 23.35 16.20
C HIS I 1003 -6.18 22.69 16.98
N LEU I 1004 -5.44 23.48 17.76
CA LEU I 1004 -4.35 22.97 18.58
C LEU I 1004 -4.89 22.03 19.67
N ASP I 1005 -5.96 22.41 20.36
CA ASP I 1005 -6.59 21.61 21.40
C ASP I 1005 -7.09 20.27 20.85
N MET I 1006 -7.69 20.26 19.65
CA MET I 1006 -8.12 19.07 18.91
C MET I 1006 -6.97 18.21 18.32
N GLY I 1007 -5.72 18.70 18.31
CA GLY I 1007 -4.57 17.98 17.75
C GLY I 1007 -4.41 18.08 16.24
N HIS I 1008 -5.13 19.00 15.59
CA HIS I 1008 -5.04 19.31 14.17
C HIS I 1008 -3.83 20.20 13.87
N ASN I 1009 -2.62 19.63 14.00
CA ASN I 1009 -1.36 20.39 14.00
C ASN I 1009 -1.12 21.20 12.72
N ASN I 1010 -1.43 20.64 11.55
CA ASN I 1010 -1.26 21.32 10.27
C ASN I 1010 -2.22 22.51 10.15
N GLN I 1011 -3.49 22.30 10.49
CA GLN I 1011 -4.50 23.36 10.46
C GLN I 1011 -4.24 24.45 11.50
N ALA I 1012 -3.74 24.09 12.68
CA ALA I 1012 -3.29 25.05 13.69
C ALA I 1012 -2.13 25.89 13.16
N TYR I 1013 -1.13 25.26 12.53
CA TYR I 1013 -0.02 25.98 11.91
C TYR I 1013 -0.51 26.94 10.81
N ASP I 1014 -1.40 26.47 9.93
CA ASP I 1014 -1.99 27.31 8.87
C ASP I 1014 -2.74 28.51 9.46
N ALA I 1015 -3.57 28.30 10.50
CA ALA I 1015 -4.27 29.37 11.20
C ALA I 1015 -3.31 30.40 11.83
N LEU I 1016 -2.20 29.94 12.42
CA LEU I 1016 -1.16 30.79 13.00
C LEU I 1016 -0.50 31.71 11.97
N THR I 1017 -0.24 31.21 10.76
CA THR I 1017 0.38 32.02 9.69
C THR I 1017 -0.54 33.13 9.18
N GLN I 1018 -1.86 32.99 9.38
CA GLN I 1018 -2.86 33.95 8.94
C GLN I 1018 -3.15 35.05 9.98
N ILE I 1019 -2.60 34.98 11.20
CA ILE I 1019 -2.82 35.99 12.25
C ILE I 1019 -2.12 37.31 11.87
N PRO I 1020 -2.84 38.44 11.71
CA PRO I 1020 -2.24 39.72 11.31
C PRO I 1020 -1.47 40.43 12.44
N ASP I 1021 -1.79 40.14 13.70
CA ASP I 1021 -1.11 40.71 14.87
C ASP I 1021 0.17 39.92 15.21
N PRO I 1022 1.37 40.50 15.06
CA PRO I 1022 2.62 39.80 15.33
C PRO I 1022 2.79 39.41 16.81
N SER I 1023 2.21 40.17 17.74
CA SER I 1023 2.32 39.86 19.17
C SER I 1023 1.54 38.59 19.53
N ARG I 1024 0.27 38.51 19.09
CA ARG I 1024 -0.56 37.31 19.22
C ARG I 1024 0.00 36.14 18.43
N GLN I 1025 0.55 36.36 17.24
CA GLN I 1025 1.20 35.32 16.46
C GLN I 1025 2.38 34.70 17.22
N LEU I 1026 3.22 35.50 17.88
CA LEU I 1026 4.31 35.02 18.72
C LEU I 1026 3.83 34.23 19.94
N ASP I 1027 2.75 34.67 20.59
CA ASP I 1027 2.17 33.96 21.73
C ASP I 1027 1.54 32.63 21.31
N CYS I 1028 0.83 32.60 20.18
CA CYS I 1028 0.33 31.36 19.57
C CYS I 1028 1.50 30.44 19.18
N LEU I 1029 2.59 30.97 18.63
CA LEU I 1029 3.78 30.20 18.29
C LEU I 1029 4.43 29.57 19.51
N ARG I 1030 4.52 30.31 20.62
CA ARG I 1030 4.97 29.79 21.91
C ARG I 1030 4.09 28.64 22.38
N GLN I 1031 2.77 28.81 22.30
CA GLN I 1031 1.81 27.77 22.68
C GLN I 1031 1.95 26.52 21.80
N LEU I 1032 2.07 26.68 20.47
CA LEU I 1032 2.27 25.57 19.52
C LEU I 1032 3.54 24.78 19.87
N VAL I 1033 4.67 25.46 20.05
CA VAL I 1033 5.95 24.82 20.38
C VAL I 1033 5.84 24.02 21.68
N VAL I 1034 5.23 24.60 22.72
CA VAL I 1034 5.08 23.93 24.02
C VAL I 1034 4.18 22.71 23.92
N VAL I 1035 2.99 22.85 23.33
CA VAL I 1035 2.01 21.75 23.22
C VAL I 1035 2.56 20.59 22.37
N LEU I 1036 3.22 20.87 21.24
CA LEU I 1036 3.82 19.81 20.41
C LEU I 1036 4.99 19.12 21.11
N CYS I 1037 5.78 19.85 21.90
CA CYS I 1037 6.84 19.26 22.72
C CYS I 1037 6.27 18.35 23.82
N GLU I 1038 5.21 18.78 24.51
CA GLU I 1038 4.54 18.00 25.57
C GLU I 1038 3.86 16.75 25.00
N ARG I 1039 3.23 16.85 23.82
CA ARG I 1039 2.63 15.72 23.09
C ARG I 1039 3.66 14.82 22.38
N SER I 1040 4.96 15.12 22.50
CA SER I 1040 6.06 14.40 21.82
C SER I 1040 5.94 14.34 20.28
N GLN I 1041 5.20 15.27 19.68
CA GLN I 1041 5.02 15.40 18.22
C GLN I 1041 6.17 16.22 17.60
N LEU I 1042 7.40 15.77 17.84
CA LEU I 1042 8.62 16.52 17.50
C LEU I 1042 8.89 16.59 15.99
N GLN I 1043 8.40 15.62 15.22
CA GLN I 1043 8.60 15.58 13.76
C GLN I 1043 7.88 16.76 13.09
N ASP I 1044 6.60 16.96 13.39
CA ASP I 1044 5.81 18.09 12.88
C ASP I 1044 6.50 19.42 13.20
N LEU I 1045 7.00 19.56 14.43
CA LEU I 1045 7.70 20.76 14.88
C LEU I 1045 8.98 21.04 14.08
N VAL I 1046 9.61 19.98 13.62
CA VAL I 1046 10.81 20.08 12.83
C VAL I 1046 10.33 20.54 11.43
N GLU I 1047 9.28 19.92 10.91
CA GLU I 1047 8.77 20.25 9.57
C GLU I 1047 8.28 21.71 9.51
N PHE I 1048 7.59 22.17 10.57
CA PHE I 1048 7.06 23.54 10.59
C PHE I 1048 8.23 24.54 10.51
N PRO I 1049 8.35 25.40 9.35
CA PRO I 1049 9.31 26.61 8.67
C PRO I 1049 9.16 27.94 9.43
N TYR I 1050 9.69 28.00 10.65
CA TYR I 1050 9.62 29.24 11.47
C TYR I 1050 10.39 30.33 10.74
N VAL I 1051 9.85 31.56 10.74
CA VAL I 1051 10.52 32.69 10.03
C VAL I 1051 11.29 33.53 11.05
N ASN I 1052 12.61 33.63 10.86
CA ASN I 1052 13.50 34.43 11.74
C ASN I 1052 13.26 34.10 13.21
N LEU I 1053 12.44 33.08 13.51
CA LEU I 1053 12.18 32.76 14.93
C LEU I 1053 12.81 31.42 15.32
N HIS I 1054 13.79 30.94 14.55
CA HIS I 1054 14.51 29.70 14.90
C HIS I 1054 15.26 29.94 16.22
N ASN I 1055 15.77 31.17 16.41
CA ASN I 1055 16.54 31.51 17.63
C ASN I 1055 15.60 31.87 18.80
N GLU I 1056 14.31 32.11 18.53
CA GLU I 1056 13.34 32.35 19.62
C GLU I 1056 13.11 30.98 20.30
N VAL I 1057 13.00 29.91 19.53
CA VAL I 1057 12.83 28.54 20.03
C VAL I 1057 14.02 28.12 20.88
N VAL I 1058 15.23 28.32 20.37
CA VAL I 1058 16.45 28.01 21.11
C VAL I 1058 16.51 28.81 22.41
N GLY I 1059 16.22 30.11 22.37
CA GLY I 1059 16.17 30.97 23.56
C GLY I 1059 15.14 30.51 24.60
N ILE I 1060 13.94 30.09 24.16
CA ILE I 1060 12.88 29.56 25.03
C ILE I 1060 13.35 28.25 25.68
N ILE I 1061 13.83 27.29 24.89
CA ILE I 1061 14.27 26.00 25.41
C ILE I 1061 15.50 26.18 26.32
N GLU I 1062 16.45 27.05 25.99
CA GLU I 1062 17.57 27.41 26.86
C GLU I 1062 17.10 28.03 28.18
N SER I 1063 16.15 28.97 28.14
CA SER I 1063 15.60 29.60 29.34
C SER I 1063 14.96 28.57 30.27
N ARG I 1064 14.21 27.61 29.70
CA ARG I 1064 13.60 26.50 30.44
C ARG I 1064 14.65 25.50 30.94
N ALA I 1065 15.56 25.11 30.04
CA ALA I 1065 16.62 24.12 30.36
C ALA I 1065 17.42 24.58 31.59
N ARG I 1066 18.06 25.75 31.49
CA ARG I 1066 18.89 26.29 32.61
C ARG I 1066 17.99 26.53 33.84
N ALA I 1067 16.78 27.05 33.60
CA ALA I 1067 15.83 27.34 34.71
C ALA I 1067 15.45 26.03 35.42
N VAL I 1068 15.22 24.95 34.67
CA VAL I 1068 14.81 23.63 35.24
C VAL I 1068 15.99 22.92 35.92
N ASP I 1069 15.66 21.87 36.69
CA ASP I 1069 16.62 21.04 37.46
C ASP I 1069 17.45 20.13 36.55
N LEU I 1070 18.50 19.53 37.11
CA LEU I 1070 19.45 18.67 36.33
C LEU I 1070 18.69 17.50 35.68
N MET I 1071 17.72 16.91 36.39
CA MET I 1071 16.90 15.79 35.84
C MET I 1071 16.39 16.17 34.44
N THR I 1072 17.06 15.65 33.41
CA THR I 1072 16.74 15.93 31.98
C THR I 1072 15.45 15.25 31.53
N HIS I 1073 14.87 15.74 30.43
CA HIS I 1073 13.63 15.19 29.82
C HIS I 1073 13.87 15.05 28.31
N ASN I 1074 13.62 16.13 27.55
CA ASN I 1074 13.88 16.14 26.10
C ASN I 1074 14.05 17.59 25.64
N TYR I 1075 13.92 18.61 26.50
CA TYR I 1075 14.22 19.99 26.06
C TYR I 1075 15.67 19.95 25.60
N TYR I 1076 16.65 19.52 26.39
CA TYR I 1076 18.10 19.57 25.94
C TYR I 1076 18.36 18.73 24.66
N GLU I 1077 17.73 17.55 24.64
CA GLU I 1077 17.91 16.62 23.51
C GLU I 1077 17.50 17.30 22.21
N LEU I 1078 16.34 17.97 22.23
CA LEU I 1078 15.87 18.62 21.02
C LEU I 1078 16.85 19.72 20.64
N LEU I 1079 17.30 20.56 21.57
CA LEU I 1079 18.32 21.55 21.20
C LEU I 1079 19.38 20.86 20.35
N TYR I 1080 20.01 19.82 20.93
CA TYR I 1080 21.11 19.18 20.16
C TYR I 1080 20.67 18.69 18.76
N ALA I 1081 19.58 17.91 18.70
CA ALA I 1081 19.14 17.34 17.41
C ALA I 1081 18.82 18.44 16.39
N PHE I 1082 18.21 19.53 16.85
CA PHE I 1082 17.83 20.67 15.99
C PHE I 1082 19.10 21.27 15.40
N HIS I 1083 20.09 21.51 16.26
CA HIS I 1083 21.38 22.02 15.75
C HIS I 1083 21.94 21.06 14.69
N ILE I 1084 21.90 19.75 14.97
CA ILE I 1084 22.50 18.78 14.02
C ILE I 1084 21.73 18.79 12.67
N TYR I 1085 20.41 18.93 12.70
CA TYR I 1085 19.59 18.94 11.46
C TYR I 1085 19.92 20.14 10.57
N ARG I 1086 20.38 21.23 11.16
CA ARG I 1086 20.71 22.47 10.42
C ARG I 1086 22.19 22.51 9.98
N HIS I 1087 22.89 21.37 10.02
CA HIS I 1087 24.30 21.31 9.57
C HIS I 1087 25.10 22.36 10.32
N ASN I 1088 24.68 22.72 11.53
CA ASN I 1088 25.33 23.84 12.21
C ASN I 1088 26.34 23.16 13.08
N TYR I 1089 27.43 22.65 12.50
CA TYR I 1089 28.40 21.89 13.29
C TYR I 1089 29.01 22.81 14.34
N ARG I 1090 29.27 24.07 13.99
CA ARG I 1090 29.76 25.04 14.99
C ARG I 1090 28.83 25.04 16.20
N LYS I 1091 27.54 25.32 15.97
CA LYS I 1091 26.59 25.41 17.10
C LYS I 1091 26.54 24.07 17.82
N ALA I 1092 26.58 22.95 17.10
CA ALA I 1092 26.44 21.63 17.73
C ALA I 1092 27.60 21.45 18.71
N GLY I 1093 28.82 21.73 18.25
CA GLY I 1093 29.99 21.59 19.12
C GLY I 1093 29.79 22.51 20.32
N SER I 1094 29.45 23.77 20.10
CA SER I 1094 29.35 24.69 21.24
C SER I 1094 28.35 24.11 22.26
N VAL I 1095 27.20 23.64 21.78
CA VAL I 1095 26.14 23.14 22.67
C VAL I 1095 26.55 21.88 23.41
N MET I 1096 27.23 20.93 22.75
CA MET I 1096 27.73 19.73 23.44
C MET I 1096 28.78 20.09 24.49
N PHE I 1097 29.62 21.08 24.19
CA PHE I 1097 30.60 21.51 25.19
C PHE I 1097 29.84 22.05 26.40
N GLU I 1098 28.82 22.85 26.14
CA GLU I 1098 28.04 23.45 27.24
C GLU I 1098 27.44 22.29 28.02
N TYR I 1099 26.93 21.30 27.30
CA TYR I 1099 26.26 20.17 27.92
C TYR I 1099 27.25 19.57 28.87
N GLY I 1100 28.45 19.19 28.42
CA GLY I 1100 29.37 18.51 29.33
C GLY I 1100 29.75 19.38 30.52
N MET I 1101 30.02 20.65 30.28
CA MET I 1101 30.32 21.53 31.42
C MET I 1101 29.21 21.37 32.47
N ARG I 1102 27.97 21.76 32.10
CA ARG I 1102 26.90 21.75 33.12
C ARG I 1102 26.72 20.36 33.69
N LEU I 1103 26.85 19.33 32.86
CA LEU I 1103 26.69 17.93 33.26
C LEU I 1103 27.60 17.79 34.42
N GLY I 1104 28.92 17.72 34.19
CA GLY I 1104 29.81 17.44 35.32
C GLY I 1104 29.35 18.31 36.47
N ARG I 1105 29.29 19.62 36.23
CA ARG I 1105 28.88 20.58 37.27
C ARG I 1105 27.81 19.96 38.24
N GLU I 1106 26.56 19.89 37.82
CA GLU I 1106 25.46 19.34 38.67
C GLU I 1106 25.28 17.78 38.84
N VAL I 1107 25.91 16.91 38.01
CA VAL I 1107 25.58 15.42 38.05
C VAL I 1107 26.74 14.46 38.40
N ARG I 1108 27.22 14.48 39.65
CA ARG I 1108 28.45 13.71 39.93
C ARG I 1108 28.18 12.24 40.31
N THR I 1109 27.29 11.60 39.55
CA THR I 1109 26.98 10.17 39.67
C THR I 1109 27.72 9.39 38.59
N LEU I 1110 27.77 8.07 38.64
CA LEU I 1110 28.37 7.31 37.51
C LEU I 1110 27.67 7.61 36.15
N ARG I 1111 26.35 7.39 36.11
CA ARG I 1111 25.57 7.57 34.84
C ARG I 1111 25.63 8.98 34.22
N GLY I 1112 25.41 9.99 35.05
CA GLY I 1112 25.40 11.37 34.53
C GLY I 1112 26.79 11.76 34.06
N LEU I 1113 27.81 11.19 34.69
CA LEU I 1113 29.19 11.46 34.25
C LEU I 1113 29.48 10.77 32.90
N GLN I 1114 28.94 9.55 32.69
CA GLN I 1114 29.11 8.97 31.34
C GLN I 1114 28.31 9.84 30.35
N LYS I 1115 27.23 10.48 30.79
CA LYS I 1115 26.54 11.43 29.86
C LYS I 1115 27.47 12.62 29.56
N GLN I 1116 28.19 13.16 30.57
CA GLN I 1116 29.23 14.23 30.36
C GLN I 1116 30.08 13.77 29.23
N VAL I 1117 30.42 12.50 29.31
CA VAL I 1117 31.36 11.99 28.31
C VAL I 1117 30.78 11.88 26.94
N ASN I 1118 29.60 11.30 26.84
CA ASN I 1118 28.98 11.11 25.55
C ASN I 1118 28.88 12.50 24.96
N SER I 1119 28.56 13.51 25.76
CA SER I 1119 28.37 14.87 25.23
C SER I 1119 29.70 15.43 24.70
N TYR I 1120 30.78 15.35 25.46
CA TYR I 1120 32.05 15.87 24.92
C TYR I 1120 32.39 15.09 23.64
N LEU I 1121 32.14 13.77 23.63
CA LEU I 1121 32.47 12.92 22.48
C LEU I 1121 31.73 13.51 21.27
N ALA I 1122 30.42 13.72 21.39
CA ALA I 1122 29.60 14.25 20.29
C ALA I 1122 30.06 15.67 19.87
N CYS I 1123 30.40 16.53 20.82
CA CYS I 1123 30.92 17.86 20.48
C CYS I 1123 32.05 17.69 19.53
N LEU I 1124 33.07 16.94 19.99
CA LEU I 1124 34.27 16.86 19.17
C LEU I 1124 33.84 16.28 17.83
N ASN I 1125 33.03 15.24 17.84
CA ASN I 1125 32.64 14.57 16.61
C ASN I 1125 31.96 15.52 15.59
N CYS I 1126 30.96 16.33 15.94
CA CYS I 1126 30.35 17.29 14.98
C CYS I 1126 31.35 18.35 14.50
N LEU I 1127 32.09 18.88 15.49
CA LEU I 1127 33.05 19.90 15.15
C LEU I 1127 33.94 19.32 14.06
N ARG I 1128 34.36 18.07 14.19
CA ARG I 1128 35.40 17.53 13.28
C ARG I 1128 34.78 16.94 12.00
N LEU I 1129 33.46 16.73 12.00
CA LEU I 1129 32.75 16.30 10.78
C LEU I 1129 32.32 17.59 10.06
N ILE I 1130 33.27 18.43 9.65
CA ILE I 1130 32.96 19.75 9.03
C ILE I 1130 33.10 19.73 7.51
N ARG I 1131 33.38 20.92 6.97
CA ARG I 1131 33.47 21.22 5.51
C ARG I 1131 34.92 21.19 5.03
N PRO I 1132 35.34 22.06 4.07
CA PRO I 1132 36.73 21.97 3.59
C PRO I 1132 37.62 23.18 3.26
N GLU I 1133 37.34 23.91 2.17
CA GLU I 1133 38.25 25.04 1.85
C GLU I 1133 38.18 26.06 2.99
N TYR I 1134 36.95 26.35 3.39
CA TYR I 1134 36.69 27.29 4.50
C TYR I 1134 36.22 26.43 5.67
N ALA I 1135 36.62 25.13 5.70
CA ALA I 1135 36.28 24.16 6.77
C ALA I 1135 36.38 24.88 8.10
N TRP I 1136 37.20 25.94 8.14
CA TRP I 1136 37.42 26.75 9.36
C TRP I 1136 36.12 27.37 9.83
N ILE I 1137 35.68 27.01 11.04
CA ILE I 1137 34.42 27.55 11.64
C ILE I 1137 34.82 28.37 12.87
N VAL I 1138 34.32 29.60 12.99
CA VAL I 1138 34.69 30.46 14.15
C VAL I 1138 34.24 29.73 15.42
N GLN I 1139 35.11 29.68 16.42
CA GLN I 1139 34.79 29.00 17.70
C GLN I 1139 34.83 30.02 18.85
N PRO I 1140 33.78 30.11 19.69
CA PRO I 1140 33.79 31.06 20.80
C PRO I 1140 33.75 30.28 22.12
N VAL I 1141 34.62 30.62 23.07
CA VAL I 1141 34.64 29.89 24.37
C VAL I 1141 33.28 30.05 25.03
N SER I 1142 32.71 28.95 25.53
CA SER I 1142 31.38 28.97 26.19
C SER I 1142 31.52 29.56 27.59
N GLY I 1143 31.83 30.86 27.69
CA GLY I 1143 31.99 31.50 28.99
C GLY I 1143 30.79 31.36 29.95
N ALA I 1144 29.79 30.56 29.62
CA ALA I 1144 28.63 30.33 30.49
C ALA I 1144 28.48 28.83 30.75
N VAL I 1145 29.15 28.37 31.80
CA VAL I 1145 28.72 27.16 32.52
C VAL I 1145 27.35 27.50 33.08
N SER I 1167 31.65 40.22 30.79
CA SER I 1167 32.66 40.14 29.69
C SER I 1167 33.25 38.73 29.64
N SER I 1168 33.03 38.03 28.50
CA SER I 1168 33.56 36.65 28.34
C SER I 1168 34.59 36.62 27.20
N GLN I 1169 35.77 36.09 27.47
CA GLN I 1169 36.87 36.00 26.45
C GLN I 1169 36.51 34.95 25.39
N ILE I 1170 37.03 35.12 24.17
CA ILE I 1170 36.77 34.17 23.05
C ILE I 1170 38.06 33.40 22.76
N GLU I 1171 37.99 32.07 22.76
CA GLU I 1171 39.19 31.22 22.51
C GLU I 1171 38.94 30.33 21.28
N ILE I 1172 39.91 30.30 20.36
CA ILE I 1172 39.81 29.45 19.14
C ILE I 1172 40.62 28.17 19.39
N LEU I 1173 39.99 27.01 19.20
CA LEU I 1173 40.67 25.72 19.48
C LEU I 1173 41.41 25.21 18.22
N GLU I 1174 40.64 24.69 17.25
CA GLU I 1174 40.95 24.12 16.02
C GLU I 1174 40.64 22.63 16.62
N LEU I 1175 40.87 21.61 15.81
CA LEU I 1175 40.76 20.23 16.41
C LEU I 1175 41.69 20.14 17.68
N ARG I 1176 42.97 20.52 17.52
CA ARG I 1176 44.02 20.40 18.60
C ARG I 1176 43.69 20.44 20.12
N ASP I 1177 43.18 21.56 20.61
CA ASP I 1177 42.99 21.70 22.08
C ASP I 1177 41.80 20.88 22.66
N LEU I 1178 40.73 20.70 21.87
CA LEU I 1178 39.65 19.85 22.42
C LEU I 1178 40.16 18.43 22.23
N GLU I 1179 41.11 18.23 21.30
CA GLU I 1179 41.72 16.91 21.22
C GLU I 1179 42.32 16.66 22.57
N LYS I 1180 43.16 17.60 23.00
CA LYS I 1180 43.76 17.45 24.31
C LYS I 1180 42.63 17.06 25.30
N GLU I 1181 41.61 17.91 25.39
CA GLU I 1181 40.53 17.62 26.37
C GLU I 1181 39.94 16.18 26.33
N TYR I 1182 39.48 15.66 25.18
CA TYR I 1182 38.84 14.31 25.22
C TYR I 1182 39.86 13.18 25.24
N VAL I 1183 41.11 13.42 24.84
CA VAL I 1183 42.13 12.39 25.00
C VAL I 1183 42.16 12.23 26.51
N LEU I 1184 42.23 13.35 27.23
CA LEU I 1184 42.20 13.26 28.72
C LEU I 1184 40.94 12.48 29.17
N ALA I 1185 39.78 12.86 28.64
CA ALA I 1185 38.53 12.20 29.05
C ALA I 1185 38.61 10.66 28.87
N GLN I 1186 39.09 10.20 27.73
CA GLN I 1186 39.12 8.75 27.42
C GLN I 1186 40.21 8.02 28.22
N THR I 1187 41.32 8.70 28.53
CA THR I 1187 42.31 8.05 29.39
C THR I 1187 41.59 7.85 30.74
N ARG I 1188 40.86 8.87 31.24
CA ARG I 1188 40.10 8.67 32.50
C ARG I 1188 39.19 7.45 32.34
N LEU I 1189 38.45 7.40 31.23
CA LEU I 1189 37.52 6.30 30.99
C LEU I 1189 38.20 4.93 31.12
N THR I 1190 39.33 4.73 30.41
CA THR I 1190 39.99 3.40 30.41
C THR I 1190 40.61 3.11 31.78
N LEU I 1191 41.12 4.14 32.44
CA LEU I 1191 41.69 3.97 33.77
C LEU I 1191 40.59 3.37 34.63
N ALA I 1192 39.38 3.94 34.57
CA ALA I 1192 38.24 3.44 35.38
C ALA I 1192 37.75 2.06 34.92
N LYS I 1193 37.88 1.73 33.64
CA LYS I 1193 37.54 0.37 33.18
C LYS I 1193 38.53 -0.63 33.79
N HIS I 1194 39.83 -0.45 33.51
CA HIS I 1194 40.88 -1.38 34.00
C HIS I 1194 41.01 -1.42 35.52
N ASN I 1195 40.98 -0.26 36.18
CA ASN I 1195 41.17 -0.17 37.65
C ASN I 1195 39.94 0.48 38.33
N PRO I 1196 39.24 -0.09 39.36
CA PRO I 1196 38.15 0.71 40.09
C PRO I 1196 38.40 2.02 41.08
N SER I 1197 39.44 1.94 41.94
CA SER I 1197 39.73 3.09 42.88
C SER I 1197 40.26 4.32 42.14
N THR I 1198 41.20 4.06 41.23
CA THR I 1198 41.69 5.15 40.40
C THR I 1198 40.59 5.42 39.41
N ALA I 1199 39.60 4.57 39.22
CA ALA I 1199 38.41 4.90 38.40
C ALA I 1199 37.86 6.15 39.03
N ALA I 1200 37.54 6.03 40.31
CA ALA I 1200 37.10 7.29 41.00
C ALA I 1200 38.15 8.46 40.88
N ILE I 1201 39.45 8.14 41.03
CA ILE I 1201 40.41 9.29 41.02
C ILE I 1201 40.53 9.87 39.57
N ALA I 1202 40.19 9.12 38.52
CA ALA I 1202 40.22 9.59 37.12
C ALA I 1202 39.05 10.51 37.04
N GLY I 1203 37.91 10.00 37.51
CA GLY I 1203 36.75 10.86 37.63
C GLY I 1203 37.19 12.26 38.11
N SER I 1204 38.17 12.31 39.03
CA SER I 1204 38.75 13.57 39.52
C SER I 1204 40.27 13.53 39.25
N SER I 1205 40.64 13.25 37.99
CA SER I 1205 42.07 13.12 37.57
C SER I 1205 42.33 13.83 36.24
N ALA I 1206 43.60 14.05 35.91
CA ALA I 1206 44.03 14.74 34.66
C ALA I 1206 45.02 13.85 33.89
N ALA I 1207 45.19 14.14 32.60
CA ALA I 1207 46.08 13.45 31.62
C ALA I 1207 47.27 12.75 32.31
N GLU I 1208 48.25 13.54 32.75
CA GLU I 1208 49.42 12.98 33.48
C GLU I 1208 48.97 11.99 34.56
N GLU I 1209 47.90 12.33 35.27
CA GLU I 1209 47.39 11.45 36.33
C GLU I 1209 46.99 10.12 35.71
N MET I 1210 46.33 10.18 34.54
CA MET I 1210 45.91 8.95 33.85
C MET I 1210 47.14 8.17 33.38
N VAL I 1211 48.17 8.84 32.88
CA VAL I 1211 49.40 8.16 32.47
C VAL I 1211 49.88 7.38 33.68
N ALA I 1212 49.95 8.04 34.84
CA ALA I 1212 50.46 7.38 36.05
C ALA I 1212 49.61 6.15 36.39
N LEU I 1213 48.28 6.30 36.36
CA LEU I 1213 47.38 5.19 36.72
C LEU I 1213 47.60 4.02 35.77
N LEU I 1214 47.76 4.32 34.48
CA LEU I 1214 47.94 3.27 33.50
C LEU I 1214 49.25 2.57 33.85
N VAL I 1215 50.32 3.33 34.02
CA VAL I 1215 51.62 2.73 34.35
C VAL I 1215 51.44 1.77 35.54
N GLN I 1216 50.69 2.20 36.57
CA GLN I 1216 50.44 1.36 37.79
C GLN I 1216 49.67 0.07 37.47
N ALA I 1217 48.51 0.16 36.82
CA ALA I 1217 47.75 -1.05 36.37
C ALA I 1217 48.58 -1.94 35.41
N GLY I 1218 49.67 -1.43 34.81
CA GLY I 1218 50.57 -2.27 33.97
C GLY I 1218 50.24 -2.12 32.49
N LEU I 1219 49.44 -1.10 32.16
CA LEU I 1219 48.99 -0.83 30.77
C LEU I 1219 50.04 0.00 30.03
N PHE I 1220 51.09 -0.65 29.53
CA PHE I 1220 52.18 0.05 28.79
C PHE I 1220 51.59 0.68 27.52
N ASP I 1221 50.70 -0.05 26.84
CA ASP I 1221 50.05 0.45 25.60
C ASP I 1221 49.22 1.69 25.92
N THR I 1222 48.49 1.66 27.04
CA THR I 1222 47.66 2.81 27.48
C THR I 1222 48.58 4.01 27.76
N ALA I 1223 49.72 3.75 28.41
CA ALA I 1223 50.69 4.83 28.72
C ALA I 1223 51.21 5.44 27.41
N ILE I 1224 51.49 4.59 26.42
CA ILE I 1224 51.98 5.05 25.09
C ILE I 1224 50.91 5.92 24.44
N SER I 1225 49.65 5.51 24.54
CA SER I 1225 48.52 6.28 23.95
C SER I 1225 48.45 7.65 24.64
N LEU I 1226 48.62 7.67 25.96
CA LEU I 1226 48.59 8.94 26.75
C LEU I 1226 49.74 9.84 26.27
N CYS I 1227 50.92 9.25 26.05
CA CYS I 1227 52.10 10.02 25.57
C CYS I 1227 51.79 10.62 24.19
N GLN I 1228 51.16 9.83 23.32
CA GLN I 1228 50.81 10.32 21.96
C GLN I 1228 49.83 11.49 22.09
N THR I 1229 48.83 11.36 22.96
CA THR I 1229 47.83 12.44 23.19
C THR I 1229 48.52 13.62 23.87
N PHE I 1230 48.74 13.53 25.18
CA PHE I 1230 49.45 14.59 25.94
C PHE I 1230 50.90 14.62 25.47
N LYS I 1231 51.50 15.82 25.39
CA LYS I 1231 52.92 15.94 24.94
C LYS I 1231 53.89 15.72 26.11
N LEU I 1232 53.92 14.49 26.65
CA LEU I 1232 54.82 14.12 27.77
C LEU I 1232 55.92 13.17 27.24
N ALA I 1233 55.95 13.01 25.90
CA ALA I 1233 56.89 12.16 25.11
C ALA I 1233 56.56 10.66 25.29
N LEU I 1234 57.49 9.79 24.91
CA LEU I 1234 57.27 8.32 25.01
C LEU I 1234 58.19 7.76 26.11
N THR I 1235 58.78 8.65 26.91
CA THR I 1235 59.70 8.23 28.00
C THR I 1235 58.95 7.23 28.88
N SER I 1236 57.75 7.62 29.35
CA SER I 1236 56.91 6.74 30.21
C SER I 1236 56.52 5.49 29.42
N VAL I 1237 56.17 5.65 28.14
CA VAL I 1237 55.79 4.49 27.28
C VAL I 1237 56.99 3.55 27.15
N PHE I 1238 58.19 4.13 26.93
CA PHE I 1238 59.41 3.30 26.80
C PHE I 1238 59.64 2.56 28.12
N GLU I 1239 59.44 3.25 29.24
CA GLU I 1239 59.64 2.65 30.58
C GLU I 1239 58.67 1.47 30.73
N GLY I 1240 57.41 1.63 30.33
CA GLY I 1240 56.42 0.54 30.44
C GLY I 1240 56.80 -0.65 29.58
N LEU I 1241 57.25 -0.39 28.35
CA LEU I 1241 57.65 -1.49 27.42
C LEU I 1241 58.85 -2.22 28.02
N ALA I 1242 59.78 -1.44 28.59
CA ALA I 1242 61.02 -1.93 29.23
C ALA I 1242 60.68 -2.79 30.45
N CYS I 1243 59.67 -2.38 31.21
CA CYS I 1243 59.17 -3.11 32.41
C CYS I 1243 58.61 -4.45 31.93
N LYS I 1244 57.91 -4.44 30.79
CA LYS I 1244 57.37 -5.68 30.19
C LYS I 1244 58.54 -6.58 29.81
N CYS I 1245 59.60 -5.98 29.25
CA CYS I 1245 60.84 -6.71 28.85
C CYS I 1245 61.50 -7.32 30.09
N ILE I 1246 61.50 -6.58 31.21
CA ILE I 1246 62.09 -7.07 32.50
C ILE I 1246 61.26 -8.27 32.98
N ARG I 1247 59.93 -8.17 32.86
CA ARG I 1247 59.02 -9.26 33.30
C ARG I 1247 59.45 -10.58 32.66
N LEU I 1248 60.33 -10.51 31.64
CA LEU I 1248 60.83 -11.75 30.98
C LEU I 1248 62.13 -12.19 31.64
N GLN I 1249 63.04 -11.25 31.93
CA GLN I 1249 64.34 -11.56 32.58
C GLN I 1249 64.18 -12.11 34.01
N GLN I 1250 63.28 -11.53 34.81
CA GLN I 1250 63.10 -11.93 36.24
C GLN I 1250 61.59 -12.00 36.55
N GLY I 1251 60.97 -13.09 36.10
CA GLY I 1251 59.52 -13.38 36.19
C GLY I 1251 59.19 -14.82 36.58
N GLY I 1252 57.92 -15.06 36.90
CA GLY I 1252 57.45 -16.34 37.49
C GLY I 1252 56.29 -16.93 36.71
N GLU I 1253 56.04 -18.24 36.88
CA GLU I 1253 54.97 -19.03 36.18
C GLU I 1253 53.64 -18.28 36.10
N ALA I 1254 52.87 -18.25 37.18
CA ALA I 1254 51.58 -17.54 37.20
C ALA I 1254 51.66 -16.15 36.56
N ALA I 1255 52.72 -15.39 36.82
CA ALA I 1255 52.91 -14.06 36.22
C ALA I 1255 53.16 -14.16 34.71
N GLN I 1256 53.89 -15.19 34.27
CA GLN I 1256 54.08 -15.44 32.83
C GLN I 1256 52.77 -15.83 32.12
N ALA I 1257 51.93 -16.64 32.77
CA ALA I 1257 50.63 -17.00 32.22
C ALA I 1257 49.70 -15.79 32.05
N GLU I 1258 49.62 -14.92 33.07
CA GLU I 1258 48.82 -13.68 33.03
C GLU I 1258 49.37 -12.68 31.99
N ALA I 1259 50.68 -12.70 31.72
CA ALA I 1259 51.30 -11.72 30.84
C ALA I 1259 50.90 -11.84 29.37
N TRP I 1260 50.58 -13.04 28.90
CA TRP I 1260 50.14 -13.24 27.52
C TRP I 1260 48.85 -12.49 27.20
N GLU I 1261 47.98 -12.28 28.19
CA GLU I 1261 46.71 -11.55 28.02
C GLU I 1261 46.97 -10.07 27.68
N TRP I 1262 47.79 -9.38 28.47
CA TRP I 1262 48.08 -7.96 28.20
C TRP I 1262 49.05 -7.79 27.01
N LEU I 1263 49.94 -8.74 26.74
CA LEU I 1263 50.79 -8.71 25.55
C LEU I 1263 49.97 -8.81 24.26
N ALA I 1264 48.98 -9.72 24.23
CA ALA I 1264 48.08 -9.87 23.09
C ALA I 1264 47.18 -8.63 22.87
N ALA I 1265 46.87 -7.89 23.93
CA ALA I 1265 46.09 -6.65 23.85
C ALA I 1265 46.87 -5.47 23.23
N ASN I 1266 48.19 -5.59 23.07
CA ASN I 1266 49.03 -4.61 22.38
C ASN I 1266 49.49 -5.19 21.02
N GLN I 1267 49.71 -4.31 20.04
CA GLN I 1267 50.15 -4.60 18.68
C GLN I 1267 51.56 -5.20 18.69
N LEU I 1268 51.62 -6.50 18.95
CA LEU I 1268 52.65 -7.38 18.43
C LEU I 1268 52.03 -8.08 17.21
N ALA I 1269 52.10 -7.45 16.03
CA ALA I 1269 51.60 -8.06 14.79
C ALA I 1269 52.29 -9.40 14.45
N THR I 1270 53.36 -9.74 15.17
CA THR I 1270 54.14 -10.96 15.04
C THR I 1270 54.35 -11.61 16.40
N VAL I 1271 53.29 -11.94 17.14
CA VAL I 1271 53.42 -12.96 18.19
C VAL I 1271 53.60 -14.31 17.49
N ILE I 1272 54.84 -14.62 17.09
CA ILE I 1272 55.21 -15.98 16.73
C ILE I 1272 55.34 -16.71 18.05
N THR I 1273 54.29 -17.44 18.45
CA THR I 1273 54.38 -18.42 19.53
C THR I 1273 55.25 -19.59 19.07
N THR I 1274 56.56 -19.36 18.91
CA THR I 1274 57.49 -20.49 18.90
C THR I 1274 57.47 -21.08 20.31
N LYS I 1275 57.66 -22.39 20.43
CA LYS I 1275 57.75 -23.07 21.75
C LYS I 1275 58.94 -22.59 22.61
N GLU I 1276 59.74 -21.67 22.04
CA GLU I 1276 60.95 -21.14 22.71
C GLU I 1276 60.63 -19.74 23.24
N SER I 1277 59.88 -18.96 22.45
CA SER I 1277 59.48 -17.60 22.89
C SER I 1277 58.21 -17.72 23.72
N SER I 1278 58.34 -17.47 25.03
CA SER I 1278 57.22 -17.51 26.00
C SER I 1278 56.46 -16.18 25.99
N ALA I 1279 55.32 -16.12 26.69
CA ALA I 1279 54.53 -14.88 26.79
C ALA I 1279 55.44 -13.71 27.18
N THR I 1280 56.69 -14.01 27.55
CA THR I 1280 57.68 -12.99 27.91
C THR I 1280 58.44 -12.48 26.69
N ASP I 1281 58.82 -13.38 25.76
CA ASP I 1281 59.54 -13.02 24.53
C ASP I 1281 58.66 -12.15 23.62
N GLU I 1282 57.38 -12.52 23.47
CA GLU I 1282 56.42 -11.75 22.67
C GLU I 1282 56.12 -10.39 23.29
N ALA I 1283 56.05 -10.28 24.63
CA ALA I 1283 55.91 -9.00 25.31
C ALA I 1283 57.10 -8.05 25.04
N TRP I 1284 58.32 -8.58 25.06
CA TRP I 1284 59.51 -7.79 24.71
C TRP I 1284 59.56 -7.41 23.23
N ARG I 1285 59.10 -8.29 22.32
CA ARG I 1285 58.96 -7.96 20.89
C ARG I 1285 57.95 -6.83 20.66
N LEU I 1286 56.83 -6.84 21.39
CA LEU I 1286 55.85 -5.76 21.35
C LEU I 1286 56.46 -4.42 21.82
N MET I 1287 57.28 -4.44 22.88
CA MET I 1287 58.00 -3.24 23.33
C MET I 1287 58.93 -2.69 22.24
N ILE I 1288 59.69 -3.57 21.57
CA ILE I 1288 60.60 -3.18 20.49
C ILE I 1288 59.80 -2.56 19.33
N SER I 1289 58.70 -3.19 18.92
CA SER I 1289 57.87 -2.68 17.81
C SER I 1289 57.23 -1.33 18.12
N TYR I 1290 56.83 -1.07 19.37
CA TYR I 1290 56.34 0.24 19.79
C TYR I 1290 57.43 1.31 19.81
N LEU I 1291 58.65 0.97 20.24
CA LEU I 1291 59.78 1.88 20.17
C LEU I 1291 60.14 2.24 18.71
N ASP I 1292 60.07 1.26 17.79
CA ASP I 1292 60.30 1.48 16.35
C ASP I 1292 59.21 2.36 15.72
N LYS I 1293 57.95 2.10 16.12
CA LYS I 1293 56.77 2.83 15.59
C LYS I 1293 56.78 4.28 16.11
N TYR I 1294 57.77 4.62 16.94
CA TYR I 1294 57.88 6.00 17.49
C TYR I 1294 59.32 6.50 17.28
N GLU I 1295 59.68 6.76 16.03
CA GLU I 1295 61.05 7.23 15.68
C GLU I 1295 61.28 8.62 16.29
N ALA I 1296 62.44 8.80 16.93
CA ALA I 1296 62.84 10.09 17.54
C ALA I 1296 64.34 10.29 17.31
N LYS I 1297 64.79 11.54 17.16
CA LYS I 1297 66.24 11.82 16.94
C LYS I 1297 66.97 11.93 18.28
N ASN I 1298 67.01 10.83 19.04
CA ASN I 1298 67.71 10.78 20.36
C ASN I 1298 67.94 9.31 20.74
N THR I 1299 68.82 9.05 21.70
CA THR I 1299 69.09 7.66 22.17
C THR I 1299 68.07 7.33 23.26
N LEU I 1300 67.07 8.20 23.42
CA LEU I 1300 66.02 8.06 24.42
C LEU I 1300 65.48 6.64 24.60
N TYR I 1301 65.13 5.94 23.53
CA TYR I 1301 64.54 4.59 23.65
C TYR I 1301 65.57 3.55 24.07
N HIS I 1302 66.78 3.62 23.53
CA HIS I 1302 67.86 2.76 23.95
C HIS I 1302 68.27 3.09 25.40
N HIS I 1303 68.32 4.37 25.76
CA HIS I 1303 68.55 4.82 27.14
C HIS I 1303 67.53 4.21 28.09
N CYS I 1304 66.22 4.34 27.81
CA CYS I 1304 65.19 3.88 28.73
C CYS I 1304 65.21 2.35 28.90
N ILE I 1305 65.45 1.59 27.82
CA ILE I 1305 65.58 0.13 27.88
C ILE I 1305 66.81 -0.27 28.71
N ILE I 1306 67.98 0.31 28.44
CA ILE I 1306 69.21 -0.01 29.17
C ILE I 1306 69.08 0.36 30.64
N ASN I 1307 68.62 1.58 30.93
CA ASN I 1307 68.37 2.03 32.30
C ASN I 1307 67.40 1.07 33.02
N LYS I 1308 66.38 0.56 32.33
CA LYS I 1308 65.46 -0.42 32.90
C LYS I 1308 66.12 -1.77 33.16
N LEU I 1309 66.89 -2.32 32.22
CA LEU I 1309 67.61 -3.59 32.38
C LEU I 1309 68.60 -3.54 33.56
N LEU I 1310 69.46 -2.51 33.55
CA LEU I 1310 70.52 -2.33 34.57
C LEU I 1310 69.91 -2.17 35.97
N SER I 1311 68.57 -2.15 36.09
CA SER I 1311 67.97 -2.01 37.44
C SER I 1311 68.38 -3.20 38.30
N HIS I 1312 68.31 -4.41 37.73
CA HIS I 1312 68.74 -5.66 38.41
C HIS I 1312 69.86 -6.31 37.60
N GLY I 1313 70.25 -5.68 36.49
CA GLY I 1313 71.29 -6.18 35.57
C GLY I 1313 70.66 -6.97 34.43
N VAL I 1314 71.34 -7.07 33.28
CA VAL I 1314 70.78 -7.83 32.13
C VAL I 1314 71.90 -8.20 31.15
N PRO I 1315 71.67 -9.14 30.22
CA PRO I 1315 72.69 -9.49 29.22
C PRO I 1315 72.03 -9.48 27.84
N LEU I 1316 71.72 -8.28 27.34
CA LEU I 1316 71.05 -8.09 26.03
C LEU I 1316 71.96 -8.62 24.92
N PRO I 1317 71.40 -9.55 23.89
CA PRO I 1317 71.69 -10.32 22.69
C PRO I 1317 72.76 -9.66 21.80
N ASN I 1318 73.73 -10.47 21.38
CA ASN I 1318 74.92 -10.05 20.57
C ASN I 1318 74.59 -9.00 19.51
N TRP I 1319 73.73 -9.34 18.55
CA TRP I 1319 73.41 -8.40 17.43
C TRP I 1319 72.73 -7.12 17.94
N LEU I 1320 71.90 -7.19 18.97
CA LEU I 1320 71.24 -5.94 19.48
C LEU I 1320 72.34 -4.99 19.96
N ILE I 1321 73.32 -5.53 20.71
CA ILE I 1321 74.47 -4.73 21.22
C ILE I 1321 75.27 -4.20 20.02
N ASN I 1322 75.43 -5.03 18.99
CA ASN I 1322 76.19 -4.63 17.77
C ASN I 1322 75.47 -3.44 17.11
N ARG I 1323 74.14 -3.50 17.03
CA ARG I 1323 73.30 -2.44 16.42
C ARG I 1323 73.45 -1.16 17.26
N TYR I 1324 73.47 -1.31 18.59
CA TYR I 1324 73.64 -0.13 19.48
C TYR I 1324 75.01 0.51 19.20
N LYS I 1325 76.04 -0.34 19.03
CA LYS I 1325 77.42 0.15 18.73
C LYS I 1325 77.42 0.89 17.38
N ALA I 1326 76.71 0.33 16.39
CA ALA I 1326 76.63 0.93 15.04
C ALA I 1326 76.12 2.37 15.18
N MET I 1327 75.53 2.69 16.33
CA MET I 1327 75.02 4.06 16.60
C MET I 1327 75.77 4.70 17.78
N ASP I 1328 75.91 3.98 18.89
CA ASP I 1328 76.12 4.63 20.22
C ASP I 1328 77.27 3.95 20.96
N ALA I 1329 78.51 4.14 20.49
CA ALA I 1329 79.70 3.54 21.13
C ALA I 1329 79.90 4.10 22.54
N ALA I 1330 79.71 5.42 22.70
CA ALA I 1330 79.92 6.10 24.00
C ALA I 1330 78.88 5.67 25.04
N GLU I 1331 77.61 5.99 24.79
CA GLU I 1331 76.50 5.67 25.68
C GLU I 1331 76.59 4.23 26.21
N LEU I 1332 76.99 3.28 25.36
CA LEU I 1332 77.27 1.90 25.79
C LEU I 1332 78.36 1.84 26.87
N LEU I 1333 79.47 2.55 26.59
CA LEU I 1333 80.65 2.64 27.50
C LEU I 1333 80.20 3.24 28.84
N ARG I 1334 79.41 4.32 28.80
CA ARG I 1334 78.90 4.95 30.05
C ARG I 1334 78.00 3.93 30.76
N LEU I 1335 77.16 3.24 29.99
CA LEU I 1335 76.25 2.20 30.55
C LEU I 1335 77.09 1.07 31.14
N TYR I 1336 78.18 0.71 30.44
CA TYR I 1336 79.09 -0.37 30.92
C TYR I 1336 79.72 0.06 32.26
N LEU I 1337 80.11 1.32 32.36
CA LEU I 1337 80.72 1.89 33.59
C LEU I 1337 79.68 1.83 34.72
N LYS I 1338 78.43 2.16 34.41
CA LYS I 1338 77.33 2.12 35.41
C LYS I 1338 77.17 0.69 35.89
N TYR I 1339 77.23 -0.28 34.98
CA TYR I 1339 77.12 -1.72 35.33
C TYR I 1339 78.50 -2.22 35.77
N ASP I 1340 79.51 -1.36 35.65
CA ASP I 1340 80.91 -1.70 36.04
C ASP I 1340 81.35 -3.05 35.45
N LEU I 1341 81.14 -3.29 34.14
CA LEU I 1341 81.74 -4.47 33.47
C LEU I 1341 83.03 -4.07 32.76
N LEU I 1342 84.18 -4.48 33.32
CA LEU I 1342 85.53 -4.16 32.75
C LEU I 1342 85.79 -4.87 31.42
N GLU I 1343 85.42 -6.15 31.32
CA GLU I 1343 85.70 -6.97 30.09
C GLU I 1343 84.99 -6.39 28.88
N GLU I 1344 83.67 -6.60 28.80
CA GLU I 1344 82.79 -6.12 27.72
C GLU I 1344 83.20 -4.72 27.23
N ALA I 1345 83.59 -3.83 28.14
CA ALA I 1345 84.15 -2.52 27.80
C ALA I 1345 85.43 -2.64 26.96
N ALA I 1346 86.33 -3.57 27.31
CA ALA I 1346 87.56 -3.80 26.57
C ALA I 1346 87.32 -4.44 25.20
N GLU I 1347 86.40 -5.39 25.11
CA GLU I 1347 86.00 -5.98 23.83
C GLU I 1347 85.37 -4.92 22.92
N LEU I 1348 84.48 -4.07 23.45
CA LEU I 1348 83.90 -2.95 22.72
C LEU I 1348 84.98 -2.01 22.18
N VAL I 1349 85.99 -1.66 22.98
CA VAL I 1349 87.09 -0.79 22.54
C VAL I 1349 87.93 -1.47 21.47
N LEU I 1350 88.27 -2.75 21.64
CA LEU I 1350 89.03 -3.51 20.64
C LEU I 1350 88.30 -3.54 19.29
N GLU I 1351 87.01 -3.85 19.30
CA GLU I 1351 86.17 -3.84 18.12
C GLU I 1351 86.02 -2.43 17.51
N TYR I 1352 85.84 -1.38 18.34
CA TYR I 1352 85.73 0.00 17.89
C TYR I 1352 87.03 0.49 17.22
N VAL I 1353 88.18 0.12 17.78
CA VAL I 1353 89.48 0.43 17.18
C VAL I 1353 89.67 -0.35 15.87
N ASP I 1354 89.29 -1.61 15.80
CA ASP I 1354 89.30 -2.38 14.55
C ASP I 1354 88.38 -1.76 13.49
N ALA I 1355 87.21 -1.29 13.88
CA ALA I 1355 86.27 -0.56 13.04
C ALA I 1355 86.90 0.73 12.47
N LEU I 1356 87.53 1.55 13.31
CA LEU I 1356 88.28 2.73 12.87
C LEU I 1356 89.42 2.36 11.90
N LEU I 1357 90.06 1.22 12.10
CA LEU I 1357 91.14 0.73 11.24
C LEU I 1357 90.65 0.10 9.92
N GLY I 1358 89.32 -0.08 9.74
CA GLY I 1358 88.69 -0.57 8.51
C GLY I 1358 88.02 -1.94 8.61
N LYS I 1359 88.09 -2.62 9.75
CA LYS I 1359 87.49 -3.96 9.93
C LYS I 1359 86.14 -3.84 10.62
N GLY I 1360 85.05 -4.11 9.90
CA GLY I 1360 83.71 -4.09 10.50
C GLY I 1360 83.20 -2.68 10.83
N HIS I 1361 83.71 -1.64 10.17
CA HIS I 1361 83.32 -0.25 10.43
C HIS I 1361 81.80 0.00 10.32
N GLN I 1362 81.11 -0.77 9.48
CA GLN I 1362 79.65 -0.70 9.31
C GLN I 1362 78.87 -1.05 10.60
N TYR I 1363 79.48 -1.88 11.47
CA TYR I 1363 78.89 -2.22 12.76
C TYR I 1363 79.33 -1.22 13.83
N PHE I 1364 79.87 -0.05 13.42
CA PHE I 1364 80.29 1.01 14.39
C PHE I 1364 80.01 2.45 13.89
N GLY I 1365 79.15 2.62 12.87
CA GLY I 1365 78.81 3.97 12.38
C GLY I 1365 80.06 4.77 12.04
N ILE I 1366 81.08 4.11 11.45
CA ILE I 1366 82.35 4.77 11.11
C ILE I 1366 82.43 4.88 9.58
N GLN I 1367 82.85 6.04 9.04
CA GLN I 1367 82.90 6.25 7.59
C GLN I 1367 84.25 5.85 6.98
N ALA I 1368 85.29 5.71 7.81
CA ALA I 1368 86.63 5.30 7.34
C ALA I 1368 87.43 4.58 8.42
N THR I 1373 95.22 10.61 -0.35
CA THR I 1373 93.79 11.07 -0.31
C THR I 1373 93.06 11.17 1.09
N SER I 1374 93.82 11.21 2.20
CA SER I 1374 93.22 11.29 3.55
C SER I 1374 92.41 12.58 3.73
N GLN I 1375 91.38 12.56 4.60
CA GLN I 1375 90.52 13.75 4.84
C GLN I 1375 90.28 14.00 6.34
N LEU I 1376 89.51 13.14 7.01
CA LEU I 1376 89.18 13.30 8.44
C LEU I 1376 89.23 11.98 9.23
N VAL I 1377 89.64 12.01 10.49
CA VAL I 1377 89.75 10.79 11.33
C VAL I 1377 89.49 11.17 12.79
N TRP I 1378 88.24 11.07 13.30
CA TRP I 1378 88.07 11.53 14.67
C TRP I 1378 88.56 10.46 15.65
N PHE I 1379 89.52 10.83 16.50
CA PHE I 1379 90.09 9.94 17.51
C PHE I 1379 89.44 10.26 18.86
N PRO I 1380 88.71 9.33 19.50
CA PRO I 1380 87.97 9.59 20.73
C PRO I 1380 88.88 9.62 21.97
N TYR I 1381 89.85 10.54 21.96
CA TYR I 1381 90.93 10.62 22.93
C TYR I 1381 90.42 10.75 24.38
N SER I 1382 89.37 11.54 24.61
CA SER I 1382 88.79 11.71 25.95
C SER I 1382 88.19 10.42 26.52
N ALA I 1383 87.51 9.62 25.68
CA ALA I 1383 86.98 8.33 26.10
C ALA I 1383 88.10 7.32 26.37
N ILE I 1384 89.17 7.35 25.56
CA ILE I 1384 90.36 6.51 25.78
C ILE I 1384 91.08 6.91 27.08
N ASP I 1385 91.18 8.21 27.38
CA ASP I 1385 91.78 8.67 28.63
C ASP I 1385 90.92 8.30 29.84
N HIS I 1386 89.59 8.38 29.75
CA HIS I 1386 88.70 7.83 30.78
C HIS I 1386 88.90 6.32 30.97
N LEU I 1387 89.04 5.55 29.89
CA LEU I 1387 89.35 4.12 29.98
C LEU I 1387 90.68 3.87 30.70
N ARG I 1388 91.71 4.65 30.38
CA ARG I 1388 93.03 4.56 31.03
C ARG I 1388 92.94 4.87 32.51
N GLN I 1389 92.15 5.87 32.89
CA GLN I 1389 91.92 6.20 34.28
C GLN I 1389 91.16 5.08 35.00
N ALA I 1390 90.06 4.59 34.43
CA ALA I 1390 89.26 3.51 35.01
C ALA I 1390 90.04 2.19 35.17
N LEU I 1391 90.88 1.84 34.18
CA LEU I 1391 91.80 0.70 34.29
C LEU I 1391 92.89 0.92 35.35
N GLY I 1392 93.25 2.19 35.63
CA GLY I 1392 94.28 2.56 36.60
C GLY I 1392 93.80 2.68 38.05
N GLU I 1393 92.50 2.96 38.23
CA GLU I 1393 91.91 3.14 39.58
C GLU I 1393 91.76 1.79 40.30
N ASN I 1394 91.80 0.68 39.56
CA ASN I 1394 91.65 -0.65 40.20
C ASN I 1394 92.92 -1.49 39.99
N GLU I 1395 92.98 -2.22 38.87
CA GLU I 1395 94.22 -2.77 38.22
C GLU I 1395 94.69 -4.06 38.92
N SER I 1396 93.91 -4.56 39.89
CA SER I 1396 94.27 -5.80 40.63
C SER I 1396 94.27 -7.00 39.67
N ASN I 1397 93.29 -7.07 38.77
CA ASN I 1397 93.18 -8.19 37.80
C ASN I 1397 94.39 -8.17 36.86
N GLN I 1398 94.95 -9.35 36.58
CA GLN I 1398 96.13 -9.46 35.68
C GLN I 1398 95.64 -9.65 34.23
N HIS I 1399 94.33 -9.86 34.06
CA HIS I 1399 93.75 -10.04 32.73
C HIS I 1399 93.49 -8.69 32.03
N ASN I 1400 92.86 -7.74 32.73
CA ASN I 1400 92.62 -6.39 32.20
C ASN I 1400 93.93 -5.68 31.84
N GLN I 1401 94.99 -5.84 32.66
CA GLN I 1401 96.30 -5.27 32.34
C GLN I 1401 96.95 -5.91 31.11
N ALA I 1402 96.83 -7.23 30.94
CA ALA I 1402 97.31 -7.92 29.75
C ALA I 1402 96.60 -7.40 28.48
N ILE I 1403 95.28 -7.23 28.54
CA ILE I 1403 94.47 -6.66 27.45
C ILE I 1403 94.88 -5.20 27.17
N LEU I 1404 95.01 -4.38 28.22
CA LEU I 1404 95.43 -2.98 28.12
C LEU I 1404 96.80 -2.85 27.43
N SER I 1405 97.79 -3.66 27.82
CA SER I 1405 99.12 -3.64 27.22
C SER I 1405 99.09 -4.05 25.74
N LYS I 1406 98.28 -5.05 25.39
CA LYS I 1406 98.07 -5.49 24.00
C LYS I 1406 97.44 -4.38 23.16
N LEU I 1407 96.44 -3.70 23.71
CA LEU I 1407 95.75 -2.58 23.09
C LEU I 1407 96.69 -1.39 22.89
N GLN I 1408 97.47 -1.01 23.90
CA GLN I 1408 98.46 0.07 23.81
C GLN I 1408 99.50 -0.19 22.71
N ARG I 1409 100.10 -1.38 22.69
CA ARG I 1409 101.06 -1.76 21.65
C ARG I 1409 100.45 -1.64 20.25
N LYS I 1410 99.18 -2.02 20.10
CA LYS I 1410 98.47 -1.94 18.83
C LYS I 1410 98.17 -0.50 18.40
N MET I 1411 97.80 0.33 19.37
CA MET I 1411 97.59 1.77 19.16
C MET I 1411 98.89 2.46 18.72
N ASP I 1412 100.02 2.11 19.33
CA ASP I 1412 101.32 2.65 18.94
C ASP I 1412 101.70 2.26 17.50
N GLU I 1413 101.46 1.00 17.11
CA GLU I 1413 101.62 0.55 15.72
C GLU I 1413 100.77 1.37 14.75
N TYR I 1414 99.51 1.63 15.12
CA TYR I 1414 98.59 2.45 14.34
C TYR I 1414 99.08 3.90 14.22
N PHE I 1415 99.43 4.56 15.32
CA PHE I 1415 99.92 5.93 15.30
C PHE I 1415 101.22 6.09 14.51
N GLN I 1416 102.13 5.12 14.57
CA GLN I 1416 103.33 5.11 13.74
C GLN I 1416 103.00 5.03 12.24
N LYS I 1417 102.05 4.17 11.85
CA LYS I 1417 101.64 4.03 10.44
C LYS I 1417 100.83 5.24 9.96
N LEU I 1418 99.97 5.80 10.82
CA LEU I 1418 99.24 7.05 10.58
C LEU I 1418 100.21 8.21 10.34
N LYS I 1419 101.24 8.34 11.16
CA LYS I 1419 102.27 9.37 10.98
C LYS I 1419 102.96 9.23 9.62
N LYS I 1420 103.38 8.01 9.24
CA LYS I 1420 103.95 7.74 7.91
C LYS I 1420 102.99 8.08 6.77
N ALA I 1421 101.74 7.63 6.84
CA ALA I 1421 100.74 7.89 5.81
C ALA I 1421 100.43 9.39 5.67
N THR I 1422 100.39 10.13 6.79
CA THR I 1422 100.19 11.58 6.82
C THR I 1422 101.37 12.32 6.20
N ASP I 1423 102.60 11.89 6.49
CA ASP I 1423 103.83 12.45 5.90
C ASP I 1423 103.89 12.19 4.39
N ASP I 1424 103.45 11.01 3.93
CA ASP I 1424 103.37 10.68 2.50
C ASP I 1424 102.24 11.44 1.80
N TYR I 1425 101.09 11.65 2.45
CA TYR I 1425 100.02 12.52 1.94
C TYR I 1425 100.50 13.96 1.78
N LYS I 1426 101.22 14.51 2.78
CA LYS I 1426 101.84 15.85 2.68
C LYS I 1426 102.78 15.96 1.48
N LYS I 1427 103.56 14.92 1.18
CA LYS I 1427 104.42 14.87 -0.02
C LYS I 1427 103.63 14.79 -1.33
N LEU I 1428 102.52 14.04 -1.33
CA LEU I 1428 101.62 13.89 -2.48
C LEU I 1428 100.89 15.21 -2.79
N VAL I 1429 100.33 15.89 -1.79
CA VAL I 1429 99.65 17.19 -1.96
C VAL I 1429 100.61 18.30 -2.42
N GLN I 1430 101.90 18.23 -2.08
CA GLN I 1430 102.92 19.18 -2.57
C GLN I 1430 103.28 18.99 -4.06
N LYS I 1431 102.83 17.94 -4.74
CA LYS I 1431 102.99 17.72 -6.20
C LYS I 1431 101.60 17.70 -6.86
N PRO I 1432 101.04 18.77 -7.48
CA PRO I 1432 101.71 19.81 -8.27
C PRO I 1432 101.13 21.25 -8.11
N LEU I 1433 101.94 22.19 -7.63
CA LEU I 1433 101.86 23.63 -7.99
C LEU I 1433 102.88 23.95 -9.10
N ARG I 1434 103.11 22.99 -10.00
CA ARG I 1434 103.86 23.13 -11.26
C ARG I 1434 103.05 22.65 -12.48
N ALA I 1435 101.73 22.74 -12.36
CA ALA I 1435 100.88 23.36 -13.36
C ALA I 1435 100.38 24.66 -12.71
N ALA J 6 -10.82 6.70 33.44
CA ALA J 6 -11.33 6.58 32.09
C ALA J 6 -10.50 5.52 31.34
N SER J 7 -11.15 4.45 30.87
CA SER J 7 -10.47 3.44 30.08
C SER J 7 -10.20 4.02 28.69
N ASN J 8 -9.00 3.75 28.19
CA ASN J 8 -8.73 3.95 26.76
C ASN J 8 -9.61 2.98 25.96
N ALA J 9 -9.92 3.36 24.72
CA ALA J 9 -10.56 2.46 23.78
C ALA J 9 -9.64 1.26 23.49
N THR J 10 -10.22 0.06 23.42
CA THR J 10 -9.50 -1.18 23.09
C THR J 10 -8.90 -1.10 21.69
N TYR J 11 -9.70 -0.60 20.74
CA TYR J 11 -9.27 -0.35 19.36
C TYR J 11 -9.68 1.06 18.92
N THR J 12 -8.91 1.63 18.00
CA THR J 12 -9.21 2.93 17.40
C THR J 12 -8.90 2.87 15.91
N VAL J 13 -9.83 3.36 15.09
CA VAL J 13 -9.66 3.45 13.63
C VAL J 13 -9.77 4.91 13.21
N ASP J 14 -8.85 5.37 12.38
CA ASP J 14 -8.90 6.73 11.83
C ASP J 14 -9.94 6.83 10.70
N CYS J 15 -10.65 7.95 10.65
CA CYS J 15 -11.63 8.28 9.63
C CYS J 15 -11.25 9.59 8.94
N GLU J 16 -11.78 9.80 7.73
CA GLU J 16 -11.46 10.99 6.94
C GLU J 16 -11.95 12.27 7.61
N ASP J 17 -13.16 12.25 8.17
CA ASP J 17 -13.85 13.38 8.80
C ASP J 17 -14.61 12.96 10.08
N TYR J 18 -15.28 13.92 10.71
CA TYR J 18 -16.09 13.75 11.91
C TYR J 18 -17.18 12.67 11.73
N VAL J 19 -17.29 11.76 12.69
CA VAL J 19 -18.31 10.71 12.68
C VAL J 19 -19.55 11.14 13.44
N HIS J 20 -20.64 11.38 12.73
CA HIS J 20 -21.91 11.84 13.28
C HIS J 20 -22.85 10.72 13.73
N VAL J 21 -22.73 9.56 13.09
CA VAL J 21 -23.52 8.37 13.39
C VAL J 21 -22.69 7.16 13.00
N VAL J 22 -22.84 6.07 13.74
CA VAL J 22 -22.21 4.79 13.46
C VAL J 22 -23.19 3.68 13.83
N GLU J 23 -23.34 2.70 12.95
CA GLU J 23 -24.22 1.54 13.15
C GLU J 23 -23.57 0.27 12.57
N PHE J 24 -23.39 -0.75 13.41
CA PHE J 24 -23.07 -2.09 12.95
C PHE J 24 -24.29 -2.66 12.21
N ASN J 25 -24.05 -3.47 11.18
CA ASN J 25 -25.11 -4.26 10.59
C ASN J 25 -25.57 -5.30 11.62
N PRO J 26 -26.84 -5.25 12.08
CA PRO J 26 -27.34 -6.22 13.04
C PRO J 26 -27.68 -7.57 12.40
N PHE J 27 -27.73 -7.64 11.06
CA PHE J 27 -28.09 -8.83 10.29
C PHE J 27 -26.86 -9.64 9.88
N ASP J 28 -27.10 -10.89 9.50
CA ASP J 28 -26.04 -11.72 8.93
C ASP J 28 -25.86 -11.39 7.45
N SER J 29 -24.69 -10.89 7.06
CA SER J 29 -24.37 -10.56 5.68
C SER J 29 -23.69 -11.71 4.91
N GLY J 30 -23.45 -12.87 5.55
CA GLY J 30 -22.80 -14.02 4.92
C GLY J 30 -21.27 -13.89 4.76
N GLU J 31 -20.67 -12.78 5.20
CA GLU J 31 -19.23 -12.59 5.26
C GLU J 31 -18.66 -12.94 6.65
N ALA J 32 -17.37 -13.28 6.71
CA ALA J 32 -16.68 -13.51 7.98
C ALA J 32 -16.54 -12.22 8.82
N GLY J 33 -16.48 -11.05 8.17
CA GLY J 33 -16.37 -9.75 8.83
C GLY J 33 -17.74 -9.14 9.14
N SER J 34 -17.77 -8.32 10.19
CA SER J 34 -18.95 -7.55 10.56
C SER J 34 -18.99 -6.24 9.79
N LEU J 35 -20.09 -6.00 9.08
CA LEU J 35 -20.31 -4.74 8.39
C LEU J 35 -20.60 -3.60 9.38
N LEU J 36 -20.05 -2.44 9.08
CA LEU J 36 -20.22 -1.20 9.84
C LEU J 36 -20.50 -0.05 8.87
N ALA J 37 -21.48 0.78 9.20
CA ALA J 37 -21.79 2.00 8.48
C ALA J 37 -21.50 3.18 9.40
N TYR J 38 -20.88 4.22 8.88
CA TYR J 38 -20.76 5.48 9.61
C TYR J 38 -20.99 6.67 8.69
N GLY J 39 -21.67 7.68 9.22
CA GLY J 39 -22.04 8.89 8.53
C GLY J 39 -21.16 10.06 8.94
N GLY J 40 -20.58 10.74 7.96
CA GLY J 40 -19.82 11.97 8.13
C GLY J 40 -20.64 13.23 7.88
N ILE J 41 -19.96 14.33 7.54
CA ILE J 41 -20.59 15.62 7.20
C ILE J 41 -21.32 15.56 5.86
N SER J 42 -20.78 14.82 4.88
CA SER J 42 -21.31 14.79 3.51
C SER J 42 -21.25 13.41 2.86
N TYR J 43 -20.93 12.36 3.62
CA TYR J 43 -20.73 11.02 3.11
C TYR J 43 -21.22 9.95 4.09
N VAL J 44 -21.45 8.75 3.55
CA VAL J 44 -21.65 7.53 4.33
C VAL J 44 -20.60 6.53 3.89
N VAL J 45 -19.86 5.98 4.84
CA VAL J 45 -18.88 4.92 4.58
C VAL J 45 -19.43 3.60 5.08
N ILE J 46 -19.31 2.58 4.23
CA ILE J 46 -19.55 1.19 4.54
C ILE J 46 -18.19 0.49 4.63
N ALA J 47 -17.94 -0.16 5.74
CA ALA J 47 -16.70 -0.86 6.04
C ALA J 47 -16.96 -2.27 6.57
N SER J 48 -15.96 -3.13 6.43
CA SER J 48 -15.89 -4.43 7.10
C SER J 48 -14.89 -4.31 8.25
N CYS J 49 -15.29 -4.83 9.41
CA CYS J 49 -14.46 -4.95 10.60
C CYS J 49 -14.27 -6.42 10.93
N ARG J 50 -13.02 -6.84 11.17
CA ARG J 50 -12.68 -8.14 11.75
C ARG J 50 -11.80 -7.91 12.97
N PHE J 51 -12.07 -8.63 14.03
CA PHE J 51 -11.40 -8.45 15.31
C PHE J 51 -10.61 -9.70 15.67
N GLN J 52 -9.52 -9.51 16.41
CA GLN J 52 -8.67 -10.59 16.94
C GLN J 52 -9.48 -11.62 17.77
N GLU J 53 -10.56 -11.18 18.42
CA GLU J 53 -11.46 -12.04 19.20
C GLU J 53 -12.32 -12.98 18.33
N GLU J 54 -12.46 -12.70 17.03
CA GLU J 54 -13.19 -13.56 16.08
C GLU J 54 -12.26 -14.43 15.26
N ASP J 55 -11.08 -13.93 14.92
CA ASP J 55 -10.08 -14.64 14.12
C ASP J 55 -8.68 -14.37 14.68
N SER J 56 -8.01 -15.44 15.13
CA SER J 56 -6.65 -15.39 15.68
C SER J 56 -5.58 -14.97 14.67
N THR J 57 -5.90 -14.93 13.37
CA THR J 57 -4.99 -14.41 12.32
C THR J 57 -5.00 -12.88 12.23
N VAL J 58 -5.98 -12.21 12.86
CA VAL J 58 -6.06 -10.75 12.91
C VAL J 58 -5.32 -10.24 14.16
N GLU J 59 -4.36 -9.33 13.98
CA GLU J 59 -3.73 -8.60 15.09
C GLU J 59 -4.53 -7.32 15.39
N GLY J 60 -5.27 -7.32 16.50
CA GLY J 60 -6.13 -6.22 16.91
C GLY J 60 -7.41 -6.07 16.05
N ILE J 61 -7.45 -5.08 15.15
CA ILE J 61 -8.59 -4.82 14.27
C ILE J 61 -8.15 -4.68 12.81
N GLU J 62 -8.76 -5.49 11.94
CA GLU J 62 -8.69 -5.32 10.49
C GLU J 62 -9.90 -4.50 10.05
N PHE J 63 -9.66 -3.25 9.65
CA PHE J 63 -10.69 -2.32 9.18
C PHE J 63 -10.51 -2.04 7.70
N LYS J 64 -11.50 -2.41 6.88
CA LYS J 64 -11.47 -2.21 5.43
C LYS J 64 -12.69 -1.43 4.97
N THR J 65 -12.47 -0.25 4.41
CA THR J 65 -13.52 0.48 3.69
C THR J 65 -13.92 -0.28 2.44
N LEU J 66 -15.21 -0.62 2.32
CA LEU J 66 -15.78 -1.32 1.17
C LEU J 66 -16.35 -0.33 0.16
N LYS J 67 -17.09 0.68 0.64
CA LYS J 67 -17.74 1.68 -0.23
C LYS J 67 -17.94 3.00 0.50
N THR J 68 -17.82 4.10 -0.25
CA THR J 68 -18.16 5.45 0.21
C THR J 68 -19.25 6.03 -0.69
N PHE J 69 -20.34 6.49 -0.09
CA PHE J 69 -21.46 7.14 -0.76
C PHE J 69 -21.43 8.63 -0.48
N HIS J 70 -21.41 9.45 -1.53
CA HIS J 70 -21.62 10.89 -1.38
C HIS J 70 -23.08 11.16 -0.99
N HIS J 71 -23.29 11.83 0.13
CA HIS J 71 -24.61 12.16 0.68
C HIS J 71 -24.95 13.65 0.47
N GLY J 72 -23.95 14.52 0.60
CA GLY J 72 -24.08 15.97 0.46
C GLY J 72 -24.64 16.69 1.69
N GLU J 73 -25.17 15.95 2.67
CA GLU J 73 -25.74 16.49 3.90
C GLU J 73 -25.24 15.72 5.13
N ARG J 74 -25.33 16.37 6.29
CA ARG J 74 -24.94 15.74 7.56
C ARG J 74 -25.94 14.64 7.90
N VAL J 75 -25.43 13.42 7.99
CA VAL J 75 -26.22 12.23 8.34
C VAL J 75 -26.47 12.19 9.84
N VAL J 76 -27.72 11.97 10.23
CA VAL J 76 -28.14 11.95 11.64
C VAL J 76 -28.52 10.56 12.13
N ALA J 77 -29.00 9.69 11.25
CA ALA J 77 -29.36 8.31 11.56
C ALA J 77 -29.14 7.40 10.35
N ILE J 78 -28.79 6.14 10.61
CA ILE J 78 -28.55 5.09 9.60
C ILE J 78 -29.35 3.85 10.03
N ALA J 79 -30.04 3.22 9.09
CA ALA J 79 -30.73 1.96 9.30
C ALA J 79 -30.31 0.94 8.25
N TRP J 80 -29.90 -0.24 8.68
CA TRP J 80 -29.58 -1.36 7.79
C TRP J 80 -30.85 -2.06 7.32
N SER J 81 -30.88 -2.47 6.05
CA SER J 81 -31.93 -3.36 5.54
C SER J 81 -31.58 -4.83 5.85
N PRO J 82 -32.55 -5.64 6.29
CA PRO J 82 -32.39 -7.10 6.44
C PRO J 82 -31.95 -7.83 5.17
N GLU J 83 -32.23 -7.26 3.98
CA GLU J 83 -31.81 -7.85 2.70
C GLU J 83 -30.30 -7.71 2.42
N THR J 84 -29.56 -6.97 3.27
CA THR J 84 -28.14 -6.72 3.05
C THR J 84 -27.33 -8.01 3.15
N ARG J 85 -26.67 -8.37 2.05
CA ARG J 85 -25.83 -9.56 1.90
C ARG J 85 -24.58 -9.24 1.08
N CYS J 86 -23.46 -9.80 1.50
CA CYS J 86 -22.19 -9.71 0.80
C CYS J 86 -21.83 -11.00 0.06
N ASP J 87 -22.73 -11.97 -0.01
CA ASP J 87 -22.50 -13.23 -0.76
C ASP J 87 -22.10 -12.93 -2.21
N ALA J 88 -21.05 -13.60 -2.69
CA ALA J 88 -20.46 -13.43 -4.01
C ALA J 88 -21.44 -13.70 -5.16
N LEU J 89 -22.48 -14.51 -4.96
CA LEU J 89 -23.44 -14.84 -6.03
C LEU J 89 -24.40 -13.69 -6.35
N LEU J 90 -24.89 -12.97 -5.33
CA LEU J 90 -25.84 -11.87 -5.49
C LEU J 90 -25.64 -10.82 -4.37
N PRO J 91 -24.50 -10.13 -4.34
CA PRO J 91 -24.24 -9.14 -3.31
C PRO J 91 -25.25 -7.99 -3.43
N LEU J 92 -25.83 -7.61 -2.30
CA LEU J 92 -26.81 -6.53 -2.20
C LEU J 92 -26.56 -5.78 -0.90
N LEU J 93 -26.20 -4.52 -1.01
CA LEU J 93 -26.14 -3.57 0.09
C LEU J 93 -27.37 -2.68 0.03
N ARG J 94 -28.17 -2.67 1.10
CA ARG J 94 -29.26 -1.71 1.22
C ARG J 94 -29.32 -1.12 2.63
N PHE J 95 -29.37 0.21 2.69
CA PHE J 95 -29.53 0.92 3.95
C PHE J 95 -30.29 2.23 3.71
N ALA J 96 -30.89 2.76 4.76
CA ALA J 96 -31.57 4.03 4.76
C ALA J 96 -30.82 5.02 5.65
N THR J 97 -30.92 6.29 5.32
CA THR J 97 -30.31 7.37 6.09
C THR J 97 -31.30 8.51 6.26
N ALA J 98 -31.22 9.19 7.39
CA ALA J 98 -31.85 10.49 7.58
C ALA J 98 -30.76 11.55 7.69
N ALA J 99 -31.05 12.76 7.18
CA ALA J 99 -30.12 13.88 7.23
C ALA J 99 -30.78 15.19 7.65
N GLY J 100 -29.94 16.22 7.85
CA GLY J 100 -30.37 17.56 8.26
C GLY J 100 -31.35 18.25 7.32
N ASP J 101 -31.48 17.78 6.08
CA ASP J 101 -32.44 18.31 5.11
C ASP J 101 -33.87 17.74 5.26
N LYS J 102 -34.13 16.97 6.34
CA LYS J 102 -35.43 16.37 6.67
C LYS J 102 -35.87 15.25 5.71
N LYS J 103 -34.95 14.77 4.87
CA LYS J 103 -35.23 13.72 3.90
C LYS J 103 -34.66 12.39 4.34
N ILE J 104 -35.29 11.33 3.89
CA ILE J 104 -34.74 9.97 3.97
C ILE J 104 -34.11 9.65 2.62
N ARG J 105 -32.94 9.01 2.64
CA ARG J 105 -32.32 8.45 1.44
C ARG J 105 -32.13 6.96 1.61
N ILE J 106 -32.67 6.17 0.68
CA ILE J 106 -32.42 4.73 0.59
C ILE J 106 -31.31 4.53 -0.42
N PHE J 107 -30.21 3.90 0.00
CA PHE J 107 -29.10 3.53 -0.86
C PHE J 107 -29.19 2.05 -1.19
N THR J 108 -28.95 1.70 -2.45
CA THR J 108 -28.83 0.32 -2.92
C THR J 108 -27.54 0.18 -3.73
N SER J 109 -26.78 -0.88 -3.48
CA SER J 109 -25.53 -1.16 -4.18
C SER J 109 -25.30 -2.66 -4.35
N ASP J 110 -24.61 -3.06 -5.42
CA ASP J 110 -24.11 -4.41 -5.63
C ASP J 110 -22.63 -4.58 -5.21
N PHE J 111 -22.08 -3.59 -4.48
CA PHE J 111 -20.65 -3.43 -4.18
C PHE J 111 -19.74 -3.29 -5.41
N GLN J 112 -20.30 -3.25 -6.62
CA GLN J 112 -19.58 -3.01 -7.87
C GLN J 112 -19.93 -1.60 -8.35
N ASP J 113 -20.41 -1.48 -9.58
CA ASP J 113 -20.68 -0.21 -10.25
C ASP J 113 -22.10 0.28 -10.03
N LYS J 114 -23.06 -0.61 -9.73
CA LYS J 114 -24.45 -0.20 -9.57
C LYS J 114 -24.65 0.41 -8.19
N ASN J 115 -24.78 1.73 -8.16
CA ASN J 115 -25.01 2.50 -6.95
C ASN J 115 -26.19 3.45 -7.20
N GLU J 116 -27.31 3.16 -6.55
CA GLU J 116 -28.54 3.91 -6.70
C GLU J 116 -28.94 4.48 -5.34
N TYR J 117 -29.55 5.66 -5.36
CA TYR J 117 -30.22 6.17 -4.18
C TYR J 117 -31.56 6.78 -4.55
N LYS J 118 -32.52 6.67 -3.63
CA LYS J 118 -33.85 7.23 -3.73
C LYS J 118 -34.09 8.19 -2.57
N VAL J 119 -34.67 9.34 -2.88
CA VAL J 119 -35.01 10.37 -1.89
C VAL J 119 -36.49 10.25 -1.55
N ILE J 120 -36.78 10.22 -0.25
CA ILE J 120 -38.15 10.21 0.28
C ILE J 120 -38.36 11.53 1.03
N GLU J 121 -39.44 12.21 0.65
CA GLU J 121 -39.83 13.50 1.19
C GLU J 121 -41.21 13.39 1.87
N GLY J 122 -41.43 14.20 2.90
CA GLY J 122 -42.75 14.36 3.51
C GLY J 122 -42.71 14.79 4.97
N HIS J 123 -41.63 14.49 5.69
CA HIS J 123 -41.39 15.07 7.01
C HIS J 123 -41.22 16.59 6.91
N SER J 124 -41.91 17.33 7.78
CA SER J 124 -41.84 18.82 7.81
C SER J 124 -40.83 19.36 8.83
N GLY J 125 -40.31 18.49 9.70
CA GLY J 125 -39.31 18.75 10.73
C GLY J 125 -38.10 17.82 10.60
N TYR J 126 -37.07 18.03 11.42
CA TYR J 126 -35.89 17.16 11.42
C TYR J 126 -36.28 15.73 11.81
N ILE J 127 -35.73 14.77 11.08
CA ILE J 127 -35.87 13.36 11.40
C ILE J 127 -34.83 13.04 12.48
N ASN J 128 -35.27 12.45 13.59
CA ASN J 128 -34.42 12.13 14.72
C ASN J 128 -33.93 10.68 14.68
N ASP J 129 -34.73 9.76 14.13
CA ASP J 129 -34.40 8.34 14.05
C ASP J 129 -35.19 7.65 12.93
N LEU J 130 -34.67 6.53 12.42
CA LEU J 130 -35.33 5.68 11.43
C LEU J 130 -34.87 4.23 11.54
N VAL J 131 -35.74 3.28 11.16
CA VAL J 131 -35.45 1.84 11.13
C VAL J 131 -36.18 1.16 9.98
N PHE J 132 -35.66 0.04 9.48
CA PHE J 132 -36.47 -0.90 8.71
C PHE J 132 -37.43 -1.63 9.66
N CYS J 133 -38.73 -1.60 9.36
CA CYS J 133 -39.80 -2.11 10.23
C CYS J 133 -40.54 -3.31 9.62
N SER J 134 -39.87 -4.08 8.76
CA SER J 134 -40.40 -5.32 8.20
C SER J 134 -39.29 -6.37 8.17
N PRO J 135 -39.59 -7.64 8.47
CA PRO J 135 -38.61 -8.73 8.34
C PRO J 135 -38.06 -8.84 6.90
N GLU J 136 -38.92 -8.55 5.91
CA GLU J 136 -38.57 -8.55 4.49
C GLU J 136 -37.78 -7.29 4.07
N GLY J 137 -37.65 -6.28 4.93
CA GLY J 137 -36.88 -5.07 4.61
C GLY J 137 -37.54 -4.15 3.56
N THR J 138 -38.86 -4.21 3.40
CA THR J 138 -39.66 -3.42 2.44
C THR J 138 -40.14 -2.09 2.99
N ASP J 139 -40.23 -1.98 4.32
CA ASP J 139 -40.84 -0.83 4.99
C ASP J 139 -39.85 -0.15 5.92
N ILE J 140 -39.89 1.18 5.93
CA ILE J 140 -39.08 2.04 6.81
C ILE J 140 -40.00 2.84 7.71
N ALA J 141 -39.73 2.82 9.00
CA ALA J 141 -40.34 3.73 9.96
C ALA J 141 -39.37 4.88 10.27
N SER J 142 -39.89 6.10 10.36
CA SER J 142 -39.12 7.29 10.73
C SER J 142 -39.89 8.17 11.72
N VAL J 143 -39.17 8.87 12.58
CA VAL J 143 -39.73 9.77 13.60
C VAL J 143 -38.97 11.09 13.63
N GLY J 144 -39.66 12.19 13.96
CA GLY J 144 -39.03 13.50 13.94
C GLY J 144 -39.72 14.59 14.74
N ASP J 145 -39.17 15.80 14.59
CA ASP J 145 -39.60 17.05 15.21
C ASP J 145 -40.92 17.59 14.63
N ASP J 146 -41.47 16.98 13.58
CA ASP J 146 -42.82 17.27 13.10
C ASP J 146 -43.91 16.55 13.88
N HIS J 147 -43.55 15.86 14.97
CA HIS J 147 -44.46 15.10 15.83
C HIS J 147 -45.18 13.99 15.06
N THR J 148 -44.50 13.38 14.07
CA THR J 148 -45.05 12.23 13.36
C THR J 148 -44.11 11.03 13.42
N CYS J 149 -44.71 9.85 13.48
CA CYS J 149 -44.06 8.61 13.05
C CYS J 149 -44.65 8.22 11.70
N ARG J 150 -43.81 8.05 10.68
CA ARG J 150 -44.24 7.74 9.31
C ARG J 150 -43.67 6.42 8.87
N ILE J 151 -44.47 5.67 8.12
CA ILE J 151 -44.10 4.40 7.51
C ILE J 151 -44.06 4.59 6.00
N TRP J 152 -42.97 4.15 5.38
CA TRP J 152 -42.70 4.31 3.96
C TRP J 152 -42.42 2.95 3.34
N ASP J 153 -42.91 2.72 2.12
CA ASP J 153 -42.33 1.66 1.29
C ASP J 153 -40.99 2.11 0.70
N LEU J 154 -40.26 1.17 0.09
CA LEU J 154 -39.04 1.47 -0.65
C LEU J 154 -39.29 2.34 -1.88
N ASP J 155 -40.55 2.47 -2.31
CA ASP J 155 -40.94 3.37 -3.38
C ASP J 155 -41.12 4.83 -2.94
N GLY J 156 -40.93 5.11 -1.66
CA GLY J 156 -41.08 6.45 -1.07
C GLY J 156 -42.52 6.88 -0.86
N LYS J 157 -43.48 5.98 -1.04
CA LYS J 157 -44.88 6.24 -0.71
C LYS J 157 -45.07 6.04 0.78
N GLN J 158 -45.75 7.01 1.38
CA GLN J 158 -46.17 6.90 2.78
C GLN J 158 -47.32 5.89 2.90
N ILE J 159 -47.08 4.79 3.60
CA ILE J 159 -48.06 3.73 3.88
C ILE J 159 -48.93 4.11 5.08
N ALA J 160 -48.32 4.68 6.12
CA ALA J 160 -49.01 5.05 7.35
C ALA J 160 -48.37 6.27 8.03
N MET J 161 -49.14 6.92 8.89
CA MET J 161 -48.68 8.05 9.70
C MET J 161 -49.39 8.06 11.05
N PHE J 162 -48.61 8.10 12.12
CA PHE J 162 -49.08 8.26 13.49
C PHE J 162 -48.74 9.65 13.98
N ILE J 163 -49.75 10.37 14.48
CA ILE J 163 -49.56 11.67 15.11
C ILE J 163 -49.11 11.45 16.56
N LEU J 164 -47.96 12.02 16.89
CA LEU J 164 -47.34 11.98 18.21
C LEU J 164 -47.77 13.21 19.02
N ARG J 165 -47.63 13.15 20.35
CA ARG J 165 -47.94 14.27 21.25
C ARG J 165 -46.74 15.20 21.44
N SER J 166 -45.54 14.71 21.15
CA SER J 166 -44.30 15.49 21.16
C SER J 166 -43.32 14.95 20.10
N PRO J 167 -42.15 15.58 19.89
CA PRO J 167 -41.16 15.09 18.94
C PRO J 167 -40.81 13.62 19.17
N GLY J 168 -40.83 12.82 18.11
CA GLY J 168 -40.37 11.44 18.18
C GLY J 168 -38.85 11.42 18.18
N MET J 169 -38.26 10.78 19.18
CA MET J 169 -36.82 10.79 19.45
C MET J 169 -36.12 9.50 19.09
N SER J 170 -36.81 8.36 19.20
CA SER J 170 -36.27 7.07 18.78
C SER J 170 -37.37 6.14 18.32
N VAL J 171 -37.03 5.27 17.37
CA VAL J 171 -37.93 4.27 16.81
C VAL J 171 -37.23 2.93 16.72
N ALA J 172 -37.89 1.85 17.07
CA ALA J 172 -37.32 0.51 16.99
C ALA J 172 -38.37 -0.52 16.64
N TRP J 173 -38.02 -1.42 15.72
CA TRP J 173 -38.83 -2.58 15.41
C TRP J 173 -38.69 -3.65 16.49
N HIS J 174 -39.79 -4.31 16.81
CA HIS J 174 -39.76 -5.41 17.77
C HIS J 174 -39.03 -6.63 17.15
N PRO J 175 -38.06 -7.24 17.86
CA PRO J 175 -37.16 -8.25 17.28
C PRO J 175 -37.83 -9.59 16.92
N GLU J 176 -38.92 -9.99 17.60
CA GLU J 176 -39.59 -11.29 17.39
C GLU J 176 -41.06 -11.17 16.95
N GLY J 177 -41.85 -10.39 17.69
CA GLY J 177 -43.24 -10.06 17.38
C GLY J 177 -43.40 -9.26 16.10
N ALA J 178 -44.17 -9.83 15.16
CA ALA J 178 -44.55 -9.16 13.94
C ALA J 178 -45.38 -7.90 14.22
N PHE J 179 -45.23 -6.90 13.37
CA PHE J 179 -46.06 -5.69 13.32
C PHE J 179 -45.93 -4.71 14.49
N LYS J 180 -45.05 -4.94 15.48
CA LYS J 180 -44.92 -4.05 16.64
C LYS J 180 -43.78 -3.06 16.47
N LEU J 181 -44.13 -1.79 16.33
CA LEU J 181 -43.20 -0.67 16.31
C LEU J 181 -43.16 0.03 17.67
N MET J 182 -41.98 0.27 18.23
CA MET J 182 -41.79 1.12 19.40
C MET J 182 -41.41 2.54 18.96
N VAL J 183 -42.07 3.55 19.54
CA VAL J 183 -41.78 4.97 19.31
C VAL J 183 -41.60 5.65 20.66
N ALA J 184 -40.43 6.23 20.89
CA ALA J 184 -40.10 7.02 22.07
C ALA J 184 -40.30 8.51 21.77
N GLU J 185 -41.14 9.18 22.55
CA GLU J 185 -41.45 10.60 22.44
C GLU J 185 -40.64 11.42 23.46
N LYS J 186 -40.24 12.64 23.08
CA LYS J 186 -39.38 13.51 23.89
C LYS J 186 -39.93 13.80 25.30
N THR J 187 -41.24 13.84 25.45
CA THR J 187 -41.92 14.09 26.75
C THR J 187 -41.96 12.88 27.69
N GLY J 188 -41.30 11.77 27.36
CA GLY J 188 -41.16 10.63 28.26
C GLY J 188 -42.05 9.44 27.95
N THR J 189 -42.94 9.57 26.98
CA THR J 189 -43.85 8.49 26.60
C THR J 189 -43.19 7.57 25.58
N ILE J 190 -43.19 6.27 25.81
CA ILE J 190 -42.88 5.24 24.79
C ILE J 190 -44.18 4.58 24.37
N ARG J 191 -44.55 4.64 23.10
CA ARG J 191 -45.75 3.99 22.55
C ARG J 191 -45.38 2.80 21.69
N PHE J 192 -46.25 1.79 21.69
CA PHE J 192 -46.17 0.68 20.77
C PHE J 192 -47.32 0.74 19.78
N TYR J 193 -47.00 0.61 18.51
CA TYR J 193 -47.97 0.60 17.41
C TYR J 193 -47.99 -0.76 16.74
N ASP J 194 -49.19 -1.22 16.40
CA ASP J 194 -49.39 -2.33 15.49
C ASP J 194 -49.52 -1.78 14.07
N LEU J 195 -48.62 -2.18 13.16
CA LEU J 195 -48.63 -1.73 11.76
C LEU J 195 -49.69 -2.43 10.90
N THR J 196 -50.32 -3.52 11.35
CA THR J 196 -51.44 -4.17 10.66
C THR J 196 -52.74 -3.44 10.95
N THR J 197 -53.00 -3.15 12.23
CA THR J 197 -54.22 -2.47 12.66
C THR J 197 -54.10 -0.95 12.67
N HIS J 198 -52.89 -0.42 12.53
CA HIS J 198 -52.54 1.00 12.63
C HIS J 198 -53.01 1.63 13.96
N GLN J 199 -52.91 0.89 15.06
CA GLN J 199 -53.35 1.33 16.39
C GLN J 199 -52.22 1.30 17.41
N ALA J 200 -52.31 2.21 18.38
CA ALA J 200 -51.45 2.17 19.56
C ALA J 200 -51.96 1.08 20.52
N ILE J 201 -51.08 0.14 20.87
CA ILE J 201 -51.40 -1.02 21.71
C ILE J 201 -51.25 -0.65 23.19
N LEU J 202 -50.20 0.10 23.52
CA LEU J 202 -49.75 0.32 24.89
C LEU J 202 -48.80 1.52 24.94
N SER J 203 -48.67 2.15 26.12
CA SER J 203 -47.59 3.10 26.42
C SER J 203 -46.86 2.81 27.74
N LEU J 204 -45.61 3.27 27.82
CA LEU J 204 -44.80 3.39 29.03
C LEU J 204 -44.50 4.87 29.26
N GLU J 205 -44.30 5.23 30.52
CA GLU J 205 -43.93 6.60 30.89
C GLU J 205 -42.61 6.59 31.66
N SER J 206 -41.70 7.49 31.28
CA SER J 206 -40.47 7.74 32.02
C SER J 206 -40.71 8.73 33.16
N VAL J 207 -39.99 8.52 34.27
CA VAL J 207 -40.03 9.42 35.43
C VAL J 207 -39.29 10.74 35.15
N GLN J 208 -38.28 10.69 34.27
CA GLN J 208 -37.50 11.86 33.86
C GLN J 208 -37.78 12.24 32.40
N VAL J 209 -37.51 13.49 32.07
CA VAL J 209 -37.61 14.07 30.73
C VAL J 209 -36.40 15.01 30.50
N PRO J 210 -35.98 15.24 29.25
CA PRO J 210 -36.48 14.65 28.01
C PRO J 210 -36.01 13.20 27.83
N LEU J 211 -36.86 12.34 27.26
CA LEU J 211 -36.49 11.01 26.80
C LEU J 211 -35.76 11.13 25.46
N MET J 212 -34.55 10.62 25.38
CA MET J 212 -33.64 10.90 24.25
C MET J 212 -33.40 9.69 23.34
N SER J 213 -33.45 8.48 23.87
CA SER J 213 -33.23 7.24 23.11
C SER J 213 -33.84 6.07 23.86
N ALA J 214 -34.41 5.11 23.13
CA ALA J 214 -34.90 3.85 23.67
C ALA J 214 -34.48 2.69 22.75
N ASP J 215 -34.23 1.51 23.30
CA ASP J 215 -33.87 0.31 22.55
C ASP J 215 -34.50 -0.94 23.18
N TRP J 216 -34.80 -1.93 22.35
CA TRP J 216 -35.25 -3.24 22.79
C TRP J 216 -34.06 -4.12 23.16
N CYS J 217 -34.20 -4.90 24.22
CA CYS J 217 -33.25 -5.98 24.46
C CYS J 217 -33.57 -7.15 23.52
N VAL J 218 -32.70 -7.41 22.54
CA VAL J 218 -32.89 -8.49 21.55
C VAL J 218 -32.90 -9.87 22.20
N ARG J 219 -32.13 -10.05 23.30
CA ARG J 219 -32.02 -11.31 24.02
C ARG J 219 -33.18 -11.57 24.99
N ASN J 220 -33.92 -10.53 25.35
CA ASN J 220 -35.08 -10.60 26.23
C ASN J 220 -36.06 -9.52 25.82
N THR J 221 -36.98 -9.90 24.94
CA THR J 221 -37.93 -8.99 24.27
C THR J 221 -38.96 -8.35 25.20
N LEU J 222 -38.96 -8.76 26.48
CA LEU J 222 -39.73 -8.13 27.53
C LEU J 222 -39.06 -6.87 28.09
N ARG J 223 -37.74 -6.70 27.88
CA ARG J 223 -36.98 -5.57 28.40
C ARG J 223 -36.84 -4.45 27.38
N ILE J 224 -37.08 -3.23 27.85
CA ILE J 224 -36.82 -2.00 27.13
C ILE J 224 -35.91 -1.16 27.99
N GLY J 225 -34.89 -0.58 27.37
CA GLY J 225 -34.02 0.37 28.03
C GLY J 225 -34.08 1.71 27.34
N ALA J 226 -33.91 2.79 28.10
CA ALA J 226 -33.88 4.13 27.56
C ALA J 226 -33.00 5.05 28.40
N VAL J 227 -32.73 6.23 27.85
CA VAL J 227 -32.16 7.35 28.60
C VAL J 227 -33.11 8.53 28.59
N ALA J 228 -33.36 9.08 29.78
CA ALA J 228 -34.15 10.29 29.93
C ALA J 228 -33.55 11.21 31.00
N GLY J 229 -33.44 12.50 30.68
CA GLY J 229 -32.71 13.43 31.54
C GLY J 229 -31.24 13.00 31.68
N ASN J 230 -30.85 12.63 32.90
CA ASN J 230 -29.50 12.17 33.23
C ASN J 230 -29.39 10.66 33.45
N ASP J 231 -30.53 9.99 33.47
CA ASP J 231 -30.66 8.64 33.98
C ASP J 231 -30.92 7.65 32.84
N TRP J 232 -30.51 6.40 33.07
CA TRP J 232 -30.98 5.27 32.28
C TRP J 232 -32.13 4.60 33.02
N ILE J 233 -33.10 4.11 32.24
CA ILE J 233 -34.36 3.58 32.74
C ILE J 233 -34.63 2.24 32.04
N ILE J 234 -35.01 1.23 32.81
CA ILE J 234 -35.38 -0.10 32.29
C ILE J 234 -36.81 -0.43 32.69
N TRP J 235 -37.57 -0.94 31.73
CA TRP J 235 -38.90 -1.51 31.94
C TRP J 235 -38.87 -3.01 31.61
N GLU J 236 -39.65 -3.79 32.35
CA GLU J 236 -39.92 -5.20 32.05
C GLU J 236 -41.42 -5.40 31.83
N MET J 237 -41.76 -5.76 30.61
CA MET J 237 -43.13 -5.99 30.16
C MET J 237 -43.53 -7.47 30.29
N PRO J 238 -44.83 -7.79 30.44
CA PRO J 238 -45.95 -6.89 30.63
C PRO J 238 -46.19 -6.47 32.09
N ARG J 239 -45.21 -6.67 32.98
CA ARG J 239 -45.40 -6.59 34.43
C ARG J 239 -45.91 -5.23 34.91
N SER J 240 -45.42 -4.14 34.34
CA SER J 240 -45.74 -2.78 34.78
C SER J 240 -45.47 -1.73 33.70
N SER J 241 -46.28 -0.67 33.68
CA SER J 241 -45.98 0.55 32.92
C SER J 241 -44.95 1.45 33.61
N TYR J 242 -44.62 1.18 34.87
CA TYR J 242 -43.59 1.88 35.63
C TYR J 242 -42.21 1.24 35.43
N PRO J 243 -41.13 2.04 35.48
CA PRO J 243 -39.77 1.49 35.42
C PRO J 243 -39.50 0.47 36.51
N GLN J 244 -38.80 -0.60 36.15
CA GLN J 244 -38.24 -1.57 37.09
C GLN J 244 -36.97 -1.02 37.74
N ASP J 245 -36.12 -0.40 36.93
CA ASP J 245 -34.89 0.24 37.38
C ASP J 245 -34.80 1.66 36.80
N ASN J 246 -34.22 2.55 37.59
CA ASN J 246 -33.90 3.91 37.20
C ASN J 246 -32.64 4.34 37.98
N LYS J 247 -31.53 4.59 37.27
CA LYS J 247 -30.27 4.98 37.91
C LYS J 247 -29.54 6.04 37.07
N PRO J 248 -28.67 6.85 37.71
CA PRO J 248 -27.87 7.84 36.98
C PRO J 248 -27.00 7.20 35.91
N ALA J 249 -27.02 7.77 34.70
CA ALA J 249 -26.14 7.38 33.60
C ALA J 249 -24.98 8.38 33.43
N HIS J 250 -25.30 9.68 33.47
CA HIS J 250 -24.35 10.75 33.20
C HIS J 250 -24.62 11.96 34.09
N ALA J 251 -23.57 12.73 34.42
CA ALA J 251 -23.69 13.93 35.24
C ALA J 251 -24.45 15.08 34.55
N ASP J 252 -24.38 15.16 33.22
CA ASP J 252 -25.07 16.16 32.41
C ASP J 252 -25.60 15.52 31.12
N ARG J 253 -26.92 15.27 31.11
CA ARG J 253 -27.75 14.80 29.99
C ARG J 253 -27.24 13.54 29.29
N ALA J 254 -28.01 12.46 29.39
CA ALA J 254 -27.82 11.29 28.56
C ALA J 254 -28.41 11.49 27.16
N ARG J 255 -27.76 10.92 26.13
CA ARG J 255 -28.14 11.09 24.71
C ARG J 255 -28.59 9.81 24.04
N MET J 256 -27.75 8.77 24.07
CA MET J 256 -28.04 7.51 23.40
C MET J 256 -28.07 6.37 24.41
N PHE J 257 -28.98 5.42 24.20
CA PHE J 257 -29.03 4.14 24.89
C PHE J 257 -29.04 3.04 23.84
N ARG J 258 -28.20 2.01 24.02
CA ARG J 258 -28.21 0.80 23.19
C ARG J 258 -27.94 -0.44 24.04
N TRP J 259 -28.80 -1.44 23.87
CA TRP J 259 -28.60 -2.76 24.45
C TRP J 259 -27.49 -3.52 23.74
N SER J 260 -26.68 -4.25 24.51
CA SER J 260 -25.77 -5.25 23.95
C SER J 260 -26.57 -6.32 23.21
N LYS J 261 -26.06 -6.75 22.05
CA LYS J 261 -26.72 -7.79 21.24
C LYS J 261 -26.38 -9.20 21.74
N CYS J 262 -25.34 -9.35 22.56
CA CYS J 262 -24.89 -10.64 23.09
C CYS J 262 -25.27 -10.89 24.56
N ASN J 263 -25.56 -9.85 25.36
CA ASN J 263 -25.85 -9.97 26.79
C ASN J 263 -27.06 -9.10 27.21
N GLU J 264 -28.09 -9.73 27.78
CA GLU J 264 -29.34 -9.07 28.21
C GLU J 264 -29.23 -8.19 29.46
N ASN J 265 -28.06 -8.17 30.11
CA ASN J 265 -27.79 -7.39 31.30
C ASN J 265 -26.80 -6.25 31.04
N VAL J 266 -26.25 -6.14 29.83
CA VAL J 266 -25.25 -5.14 29.45
C VAL J 266 -25.82 -4.16 28.44
N PHE J 267 -25.59 -2.89 28.68
CA PHE J 267 -25.97 -1.81 27.75
C PHE J 267 -24.98 -0.66 27.86
N ALA J 268 -24.95 0.17 26.82
CA ALA J 268 -24.11 1.36 26.77
C ALA J 268 -24.98 2.60 26.69
N THR J 269 -24.50 3.65 27.32
CA THR J 269 -25.07 4.99 27.24
C THR J 269 -23.99 6.01 26.86
N THR J 270 -24.41 7.08 26.20
CA THR J 270 -23.52 8.22 25.89
C THR J 270 -24.08 9.50 26.48
N GLY J 271 -23.19 10.36 26.97
CA GLY J 271 -23.53 11.72 27.39
C GLY J 271 -23.77 12.65 26.20
N TYR J 272 -24.44 13.77 26.45
CA TYR J 272 -24.71 14.78 25.44
C TYR J 272 -23.39 15.43 24.96
N PRO J 273 -23.05 15.68 23.57
CA PRO J 273 -21.80 16.41 22.69
C PRO J 273 -21.50 17.54 23.67
N GLY J 274 -20.66 17.29 24.69
CA GLY J 274 -20.44 18.26 25.78
C GLY J 274 -19.00 18.68 26.04
N LYS J 275 -18.88 19.79 26.80
CA LYS J 275 -17.59 20.45 27.14
C LYS J 275 -16.72 19.44 27.87
N MET J 276 -17.31 18.72 28.83
CA MET J 276 -16.52 17.60 29.38
C MET J 276 -16.70 16.58 28.26
N LYS J 277 -15.60 16.18 27.60
CA LYS J 277 -15.62 15.25 26.44
C LYS J 277 -16.61 14.12 26.68
N SER J 278 -17.57 13.93 25.75
CA SER J 278 -18.64 12.93 25.76
C SER J 278 -18.12 11.65 26.40
N GLN J 279 -18.76 11.25 27.50
CA GLN J 279 -18.45 10.00 28.17
C GLN J 279 -19.33 8.90 27.60
N ILE J 280 -18.72 7.75 27.34
CA ILE J 280 -19.44 6.49 27.16
C ILE J 280 -19.41 5.76 28.50
N ALA J 281 -20.56 5.27 28.94
CA ALA J 281 -20.68 4.44 30.12
C ALA J 281 -21.30 3.10 29.73
N ILE J 282 -20.63 2.02 30.06
CA ILE J 282 -21.13 0.67 29.88
C ILE J 282 -21.59 0.19 31.25
N HIS J 283 -22.84 -0.26 31.31
CA HIS J 283 -23.51 -0.68 32.52
C HIS J 283 -23.78 -2.16 32.48
N HIS J 284 -23.78 -2.78 33.66
CA HIS J 284 -24.28 -4.12 33.87
C HIS J 284 -25.36 -4.07 34.96
N LEU J 285 -26.54 -4.63 34.73
CA LEU J 285 -27.68 -4.50 35.66
C LEU J 285 -27.39 -4.95 37.10
N ALA J 286 -26.53 -5.96 37.26
CA ALA J 286 -26.11 -6.45 38.58
C ALA J 286 -25.19 -5.47 39.36
N HIS J 287 -24.64 -4.46 38.70
CA HIS J 287 -23.72 -3.50 39.31
C HIS J 287 -24.40 -2.12 39.48
N PRO J 288 -24.18 -1.43 40.61
CA PRO J 288 -24.76 -0.11 40.84
C PRO J 288 -24.04 1.00 40.06
N GLN J 289 -22.79 0.76 39.66
CA GLN J 289 -21.94 1.68 38.90
C GLN J 289 -21.66 1.12 37.51
N PRO J 290 -21.31 1.96 36.52
CA PRO J 290 -20.83 1.50 35.23
C PRO J 290 -19.63 0.55 35.41
N ILE J 291 -19.58 -0.52 34.63
CA ILE J 291 -18.45 -1.45 34.59
C ILE J 291 -17.28 -0.88 33.80
N LEU J 292 -17.56 0.03 32.85
CA LEU J 292 -16.55 0.72 32.06
C LEU J 292 -17.00 2.16 31.81
N ILE J 293 -16.07 3.10 31.97
CA ILE J 293 -16.25 4.50 31.58
C ILE J 293 -15.16 4.85 30.59
N GLY J 294 -15.55 5.12 29.35
CA GLY J 294 -14.66 5.60 28.29
C GLY J 294 -14.84 7.10 28.06
N THR J 295 -13.83 7.74 27.50
CA THR J 295 -13.93 9.14 27.06
C THR J 295 -13.72 9.24 25.56
N ALA J 296 -14.65 9.87 24.86
CA ALA J 296 -14.50 10.27 23.47
C ALA J 296 -14.57 11.81 23.40
N PRO J 297 -13.62 12.48 22.72
CA PRO J 297 -13.51 13.94 22.78
C PRO J 297 -14.78 14.66 22.33
N VAL J 298 -15.44 14.16 21.28
CA VAL J 298 -16.74 14.61 20.80
C VAL J 298 -17.27 13.48 19.95
N GLY J 299 -18.30 12.75 20.38
CA GLY J 299 -18.75 11.57 19.65
C GLY J 299 -20.24 11.40 19.55
N SER J 300 -20.72 10.96 18.39
CA SER J 300 -22.13 10.73 18.11
C SER J 300 -22.33 9.43 17.33
N GLY J 301 -23.44 8.76 17.65
CA GLY J 301 -23.64 7.36 17.31
C GLY J 301 -23.09 6.42 18.37
N LEU J 302 -23.82 5.35 18.64
CA LEU J 302 -23.45 4.26 19.53
C LEU J 302 -24.06 3.01 18.92
N SER J 303 -23.25 1.98 18.71
CA SER J 303 -23.74 0.71 18.20
C SER J 303 -22.99 -0.46 18.80
N TRP J 304 -23.64 -1.60 18.88
CA TRP J 304 -23.07 -2.83 19.41
C TRP J 304 -22.81 -3.81 18.28
N HIS J 305 -21.68 -4.48 18.38
CA HIS J 305 -21.36 -5.60 17.52
C HIS J 305 -22.39 -6.73 17.72
N ARG J 306 -22.71 -7.45 16.65
CA ARG J 306 -23.75 -8.50 16.66
C ARG J 306 -23.43 -9.66 17.61
N ARG J 307 -22.17 -10.12 17.60
CA ARG J 307 -21.71 -11.33 18.32
C ARG J 307 -20.80 -11.04 19.51
N LEU J 308 -19.75 -10.25 19.32
CA LEU J 308 -18.84 -9.83 20.37
C LEU J 308 -19.47 -8.87 21.39
N PRO J 309 -19.01 -8.89 22.66
CA PRO J 309 -19.34 -7.90 23.68
C PRO J 309 -18.56 -6.60 23.45
N LEU J 310 -18.75 -6.01 22.27
CA LEU J 310 -17.98 -4.88 21.78
C LEU J 310 -18.93 -3.80 21.27
N CYS J 311 -18.69 -2.56 21.69
CA CYS J 311 -19.43 -1.39 21.23
C CYS J 311 -18.52 -0.39 20.53
N VAL J 312 -19.10 0.39 19.62
CA VAL J 312 -18.42 1.44 18.86
C VAL J 312 -19.10 2.79 19.08
N VAL J 313 -18.29 3.83 19.20
CA VAL J 313 -18.74 5.23 19.17
C VAL J 313 -17.92 5.99 18.14
N GLY J 314 -18.60 6.80 17.34
CA GLY J 314 -17.97 7.73 16.42
C GLY J 314 -17.44 8.94 17.15
N GLY J 315 -16.31 9.51 16.71
CA GLY J 315 -15.75 10.73 17.28
C GLY J 315 -15.14 11.68 16.26
N TYR J 316 -14.28 12.60 16.71
CA TYR J 316 -13.54 13.48 15.82
C TYR J 316 -12.54 12.68 14.98
N ARG J 317 -12.91 12.39 13.72
CA ARG J 317 -12.08 11.69 12.73
C ARG J 317 -11.62 10.30 13.17
N LYS J 318 -12.35 9.67 14.10
CA LYS J 318 -12.00 8.36 14.67
C LYS J 318 -13.24 7.57 15.03
N LEU J 319 -13.14 6.25 14.92
CA LEU J 319 -14.03 5.28 15.56
C LEU J 319 -13.32 4.71 16.78
N PHE J 320 -14.01 4.66 17.92
CA PHE J 320 -13.50 4.11 19.16
C PHE J 320 -14.28 2.86 19.52
N PHE J 321 -13.57 1.76 19.79
CA PHE J 321 -14.16 0.48 20.14
C PHE J 321 -13.78 0.12 21.57
N TRP J 322 -14.77 -0.32 22.35
CA TRP J 322 -14.56 -0.86 23.69
C TRP J 322 -15.05 -2.30 23.72
N LEU J 323 -14.14 -3.21 24.04
CA LEU J 323 -14.46 -4.57 24.43
C LEU J 323 -14.81 -4.58 25.92
N THR J 324 -15.93 -5.20 26.27
CA THR J 324 -16.29 -5.42 27.67
C THR J 324 -15.93 -6.85 28.03
N GLU J 325 -15.11 -7.01 29.07
CA GLU J 325 -14.90 -8.33 29.67
C GLU J 325 -16.26 -8.82 30.21
N MET J 326 -16.68 -10.01 29.75
CA MET J 326 -17.90 -10.67 30.24
C MET J 326 -17.62 -11.40 31.55
N ASN K 1053 10.37 14.01 111.58
CA ASN K 1053 10.40 12.59 111.75
C ASN K 1053 9.41 12.10 112.90
N SER K 1054 8.13 12.25 112.68
CA SER K 1054 7.11 11.76 113.68
C SER K 1054 6.29 10.60 113.12
N PRO K 1055 6.13 9.50 113.92
CA PRO K 1055 5.36 8.35 113.48
C PRO K 1055 3.88 8.59 113.31
N PHE K 1056 3.41 9.65 113.86
CA PHE K 1056 2.02 9.99 113.82
C PHE K 1056 1.66 10.81 112.53
N LEU K 1057 2.66 11.35 111.74
CA LEU K 1057 2.43 12.25 110.57
C LEU K 1057 1.71 11.59 109.36
N GLU K 1058 2.17 10.47 108.93
CA GLU K 1058 1.55 9.75 107.80
C GLU K 1058 0.10 9.29 108.15
N PRO K 1059 -0.18 8.62 109.35
CA PRO K 1059 -1.55 8.25 109.75
C PRO K 1059 -2.45 9.42 109.79
N HIS K 1060 -1.94 10.52 110.30
CA HIS K 1060 -2.66 11.72 110.35
C HIS K 1060 -2.98 12.26 108.90
N LEU K 1061 -2.00 12.43 107.98
CA LEU K 1061 -2.19 12.90 106.55
C LEU K 1061 -3.15 11.99 105.76
N VAL K 1062 -3.05 10.71 105.94
CA VAL K 1062 -3.96 9.75 105.32
C VAL K 1062 -5.38 9.83 105.88
N ARG K 1063 -5.54 10.03 107.24
CA ARG K 1063 -6.84 10.20 107.88
C ARG K 1063 -7.45 11.46 107.36
N MET K 1064 -6.69 12.56 107.36
CA MET K 1064 -7.16 13.82 106.88
C MET K 1064 -7.46 13.87 105.33
N ALA K 1065 -6.67 13.25 104.47
CA ALA K 1065 -6.96 13.11 103.00
C ALA K 1065 -8.29 12.37 102.72
N LYS K 1066 -8.81 11.58 103.72
CA LYS K 1066 -10.11 10.89 103.62
C LYS K 1066 -11.25 11.68 104.17
N LEU K 1067 -11.05 12.28 105.37
CA LEU K 1067 -12.12 12.87 106.16
C LEU K 1067 -12.25 14.33 105.86
N ASP K 1068 -11.17 15.07 105.60
CA ASP K 1068 -11.18 16.50 105.47
C ASP K 1068 -11.84 16.94 104.11
N GLN K 1069 -12.34 18.12 104.07
CA GLN K 1069 -12.89 18.73 102.82
C GLN K 1069 -11.78 19.12 101.78
N ASN K 1070 -10.62 19.58 102.26
CA ASN K 1070 -9.45 19.98 101.44
C ASN K 1070 -8.63 18.82 101.02
N LYS K 1071 -9.28 17.80 100.47
CA LYS K 1071 -8.64 16.58 100.11
C LYS K 1071 -7.43 16.82 99.18
N VAL K 1072 -7.48 17.76 98.21
CA VAL K 1072 -6.39 18.14 97.24
C VAL K 1072 -5.13 18.50 98.03
N ARG K 1073 -5.22 19.34 99.07
CA ARG K 1073 -4.07 19.84 99.86
C ARG K 1073 -3.40 18.76 100.68
N TYR K 1074 -4.17 17.87 101.37
CA TYR K 1074 -3.62 16.80 102.17
C TYR K 1074 -3.05 15.77 101.27
N MET K 1075 -3.70 15.48 100.11
CA MET K 1075 -3.16 14.63 99.07
C MET K 1075 -1.86 15.23 98.45
N ASP K 1076 -1.77 16.52 98.21
CA ASP K 1076 -0.57 17.23 97.70
C ASP K 1076 0.59 17.10 98.72
N LEU K 1077 0.34 17.27 100.06
CA LEU K 1077 1.32 17.05 101.14
C LEU K 1077 1.70 15.62 101.27
N LEU K 1078 0.74 14.70 101.12
CA LEU K 1078 0.95 13.31 101.29
C LEU K 1078 1.89 12.82 100.18
N TRP K 1079 1.74 13.22 98.85
CA TRP K 1079 2.66 12.80 97.79
C TRP K 1079 4.04 13.44 97.92
N ARG K 1080 4.16 14.67 98.32
CA ARG K 1080 5.45 15.34 98.60
C ARG K 1080 6.17 14.67 99.81
N TYR K 1081 5.42 14.24 100.89
CA TYR K 1081 5.93 13.45 102.04
C TYR K 1081 6.48 12.18 101.54
N TYR K 1082 5.72 11.48 100.69
CA TYR K 1082 6.17 10.28 100.09
C TYR K 1082 7.40 10.50 99.16
N GLU K 1083 7.46 11.52 98.28
CA GLU K 1083 8.61 11.86 97.40
C GLU K 1083 9.86 12.15 98.26
N LYS K 1084 9.75 12.94 99.34
CA LYS K 1084 10.85 13.28 100.26
C LYS K 1084 11.37 12.10 101.06
N ASN K 1085 10.48 11.19 101.50
CA ASN K 1085 10.81 9.96 102.17
C ASN K 1085 11.16 8.90 101.15
N ASN K 1087 8.04 5.34 97.47
CA ASN K 1087 6.78 5.96 97.96
C ASN K 1087 6.13 6.77 96.81
N PHE K 1088 6.79 6.82 95.65
CA PHE K 1088 6.27 7.57 94.49
C PHE K 1088 4.93 6.95 94.07
N SER K 1089 4.86 5.62 94.06
CA SER K 1089 3.61 4.90 93.67
C SER K 1089 2.50 5.25 94.67
N ASN K 1090 2.83 5.31 95.97
CA ASN K 1090 1.84 5.65 97.02
C ASN K 1090 1.35 7.08 96.79
N ALA K 1091 2.27 8.00 96.44
CA ALA K 1091 1.91 9.41 96.18
C ALA K 1091 0.96 9.47 94.97
N ALA K 1092 1.25 8.68 93.93
CA ALA K 1092 0.40 8.64 92.72
C ALA K 1092 -0.99 8.13 93.10
N ARG K 1093 -1.05 7.11 93.96
CA ARG K 1093 -2.34 6.52 94.41
C ARG K 1093 -3.13 7.60 95.17
N VAL K 1094 -2.44 8.37 96.02
CA VAL K 1094 -3.12 9.47 96.79
C VAL K 1094 -3.61 10.52 95.78
N VAL K 1095 -2.67 11.13 95.05
CA VAL K 1095 -2.98 12.15 94.03
C VAL K 1095 -3.94 11.64 92.92
N ALA K 1096 -3.75 10.47 92.41
CA ALA K 1096 -4.68 9.85 91.44
C ALA K 1096 -6.07 9.66 92.09
N LYS K 1097 -6.14 9.23 93.41
CA LYS K 1097 -7.40 9.08 94.18
C LYS K 1097 -8.04 10.38 94.39
N LEU K 1098 -7.26 11.44 94.60
CA LEU K 1098 -7.77 12.77 94.61
C LEU K 1098 -8.39 13.15 93.22
N ALA K 1099 -7.72 12.89 92.07
CA ALA K 1099 -8.22 13.17 90.68
C ALA K 1099 -9.49 12.38 90.34
N ASP K 1100 -9.63 11.17 90.85
CA ASP K 1100 -10.80 10.28 90.62
C ASP K 1100 -11.97 10.50 91.61
N MET K 1101 -11.76 11.23 92.73
CA MET K 1101 -12.77 11.34 93.83
C MET K 1101 -13.94 12.15 93.34
N HIS K 1102 -15.07 11.53 93.06
CA HIS K 1102 -16.14 12.29 92.42
C HIS K 1102 -17.04 12.88 93.46
N SER K 1103 -16.45 13.49 94.49
CA SER K 1103 -17.25 14.15 95.51
C SER K 1103 -17.75 15.41 94.87
N PRO K 1104 -18.68 16.03 95.58
CA PRO K 1104 -19.10 17.29 95.02
C PRO K 1104 -17.98 18.33 95.00
N GLU K 1105 -17.11 18.33 96.02
CA GLU K 1105 -16.06 19.33 96.12
C GLU K 1105 -15.24 19.45 94.82
N ILE K 1106 -14.96 18.35 94.23
CA ILE K 1106 -14.12 18.31 93.00
C ILE K 1106 -14.37 19.41 91.98
N SER K 1107 -15.52 19.38 91.33
CA SER K 1107 -16.33 20.49 91.29
C SER K 1107 -16.19 21.33 89.97
N LEU K 1108 -16.55 20.77 88.78
CA LEU K 1108 -16.55 21.55 87.47
C LEU K 1108 -15.30 22.37 87.10
N LYS K 1109 -15.26 23.62 87.39
CA LYS K 1109 -14.09 24.47 87.07
C LYS K 1109 -13.07 24.29 88.17
N GLN K 1110 -13.51 24.03 89.44
CA GLN K 1110 -12.57 23.72 90.51
C GLN K 1110 -12.13 22.43 90.09
N ARG K 1111 -13.00 21.67 89.41
CA ARG K 1111 -12.60 20.44 88.87
C ARG K 1111 -11.75 20.73 87.65
N LEU K 1112 -11.94 21.81 86.90
CA LEU K 1112 -10.96 22.04 85.76
C LEU K 1112 -9.67 22.50 86.39
N GLU K 1113 -9.77 23.33 87.43
CA GLU K 1113 -8.55 23.68 88.17
C GLU K 1113 -8.08 22.36 88.69
N TYR K 1114 -9.01 21.48 89.12
CA TYR K 1114 -8.67 20.21 89.72
C TYR K 1114 -8.07 19.30 88.71
N ILE K 1115 -8.51 19.36 87.41
CA ILE K 1115 -7.97 18.57 86.32
C ILE K 1115 -6.56 19.08 86.07
N SER K 1116 -6.31 20.38 86.04
CA SER K 1116 -4.91 20.83 85.87
C SER K 1116 -4.15 20.27 87.12
N ARG K 1117 -4.76 20.27 88.35
CA ARG K 1117 -4.11 19.76 89.62
C ARG K 1117 -3.77 18.32 89.49
N ALA K 1118 -4.68 17.51 88.94
CA ALA K 1118 -4.48 16.10 88.84
C ALA K 1118 -3.48 15.88 87.69
N ILE K 1119 -3.43 16.71 86.61
CA ILE K 1119 -2.42 16.60 85.53
C ILE K 1119 -1.11 16.80 86.30
N LEU K 1120 -1.02 17.83 87.11
CA LEU K 1120 0.22 18.09 87.88
C LEU K 1120 0.53 16.89 88.77
N SER K 1121 -0.45 16.30 89.49
CA SER K 1121 -0.22 15.18 90.43
C SER K 1121 0.30 14.03 89.63
N ALA K 1122 -0.33 13.69 88.49
CA ALA K 1122 0.08 12.58 87.67
C ALA K 1122 1.50 12.86 87.20
N LYS K 1123 1.80 14.09 86.77
CA LYS K 1123 3.14 14.45 86.26
C LYS K 1123 4.14 14.30 87.45
N SER K 1124 3.87 14.81 88.65
CA SER K 1124 4.75 14.64 89.86
C SER K 1124 4.98 13.19 90.11
N SER K 1125 3.91 12.39 90.00
CA SER K 1125 4.01 10.96 90.15
C SER K 1125 4.96 10.34 89.09
N THR K 1126 4.80 10.67 87.81
CA THR K 1126 5.67 10.12 86.73
C THR K 1126 6.71 11.16 86.33
N THR K 1127 8.00 10.79 86.40
CA THR K 1127 9.11 11.72 86.03
C THR K 1127 10.14 10.97 85.19
N MET K 1128 10.10 9.62 85.23
CA MET K 1128 11.07 8.79 84.45
C MET K 1128 10.58 7.34 84.42
N SER K 1129 9.72 6.95 85.38
CA SER K 1129 9.22 5.59 85.42
C SER K 1129 8.24 5.30 84.24
N THR K 1130 8.17 4.08 83.78
CA THR K 1130 7.25 3.68 82.67
C THR K 1130 6.18 2.73 83.33
N LEU K 1131 5.84 2.94 84.65
CA LEU K 1131 4.84 2.08 85.37
C LEU K 1131 3.66 2.05 84.40
N ALA K 1132 3.30 0.94 83.80
CA ALA K 1132 2.24 0.91 82.75
C ALA K 1132 1.04 1.67 83.20
N ALA K 1133 0.42 1.28 84.36
CA ALA K 1133 -0.80 1.91 84.82
C ALA K 1133 -0.61 3.39 84.90
N ASP K 1134 0.40 3.86 85.65
CA ASP K 1134 0.60 5.27 85.86
C ASP K 1134 0.92 5.99 84.47
N GLY K 1135 1.70 5.42 83.59
CA GLY K 1135 2.05 6.06 82.24
C GLY K 1135 0.78 6.21 81.41
N GLU K 1136 -0.06 5.17 81.40
CA GLU K 1136 -1.31 5.20 80.62
C GLU K 1136 -2.16 6.26 81.22
N PHE K 1137 -2.18 6.34 82.59
CA PHE K 1137 -2.98 7.30 83.27
C PHE K 1137 -2.50 8.69 82.85
N LEU K 1138 -1.20 8.94 82.80
CA LEU K 1138 -0.64 10.24 82.36
C LEU K 1138 -0.95 10.52 80.81
N HIS K 1139 -0.93 9.53 79.95
CA HIS K 1139 -1.26 9.72 78.49
C HIS K 1139 -2.71 10.09 78.40
N GLU K 1140 -3.57 9.46 79.27
CA GLU K 1140 -4.97 9.76 79.29
C GLU K 1140 -5.07 11.17 79.72
N LEU K 1141 -4.29 11.58 80.75
CA LEU K 1141 -4.31 12.93 81.23
C LEU K 1141 -3.89 13.90 80.05
N GLU K 1142 -3.04 13.44 79.14
CA GLU K 1142 -2.65 14.24 77.94
C GLU K 1142 -3.70 14.07 76.85
N GLU K 1143 -4.46 12.98 76.88
CA GLU K 1143 -5.54 12.81 75.91
C GLU K 1143 -6.68 13.51 76.48
N LYS K 1144 -6.71 13.68 77.84
CA LYS K 1144 -7.71 14.41 78.46
C LYS K 1144 -7.24 15.78 78.25
N LEU K 1145 -5.94 16.01 78.07
CA LEU K 1145 -5.48 17.32 77.76
C LEU K 1145 -6.03 17.60 76.36
N GLU K 1146 -5.97 16.66 75.44
CA GLU K 1146 -6.51 16.83 74.08
C GLU K 1146 -7.91 17.19 74.27
N VAL K 1147 -8.68 16.40 75.08
CA VAL K 1147 -10.06 16.67 75.30
C VAL K 1147 -10.16 18.07 75.64
N ALA K 1148 -9.65 18.47 76.81
CA ALA K 1148 -9.72 19.81 77.26
C ALA K 1148 -9.42 20.80 76.13
N ARG K 1149 -8.24 20.76 75.55
CA ARG K 1149 -7.81 21.69 74.48
C ARG K 1149 -8.84 21.81 73.40
N ILE K 1150 -9.11 20.73 72.73
CA ILE K 1150 -9.92 20.76 71.53
C ILE K 1150 -11.24 21.30 71.94
N GLN K 1151 -11.83 20.81 73.11
CA GLN K 1151 -13.07 21.29 73.63
C GLN K 1151 -12.94 22.72 73.56
N LEU K 1152 -12.19 23.30 74.50
CA LEU K 1152 -12.13 24.72 74.59
C LEU K 1152 -11.78 25.53 73.26
N GLN K 1153 -10.97 25.03 72.36
CA GLN K 1153 -10.56 25.76 71.11
C GLN K 1153 -11.69 25.87 70.13
N ILE K 1154 -12.32 24.75 69.92
CA ILE K 1154 -13.34 24.82 68.90
C ILE K 1154 -14.54 25.33 69.64
N GLN K 1155 -14.41 25.47 71.01
CA GLN K 1155 -15.44 25.99 71.83
C GLN K 1155 -15.34 27.34 71.33
N GLU K 1156 -14.22 28.03 71.55
CA GLU K 1156 -14.03 29.33 70.98
C GLU K 1156 -14.74 29.36 69.63
N THR K 1157 -14.32 28.56 68.68
CA THR K 1157 -14.94 28.58 67.31
C THR K 1157 -16.47 28.68 67.35
N LEU K 1158 -17.20 27.60 67.62
CA LEU K 1158 -18.66 27.62 67.58
C LEU K 1158 -19.36 28.41 68.66
N THR K 1159 -18.67 28.81 69.74
CA THR K 1159 -19.25 29.61 70.77
C THR K 1159 -19.35 30.80 69.95
N ARG K 1160 -18.23 31.45 69.68
CA ARG K 1160 -18.27 32.68 68.96
C ARG K 1160 -19.23 32.54 67.74
N GLN K 1161 -19.39 31.35 67.23
CA GLN K 1161 -20.28 31.13 66.06
C GLN K 1161 -21.73 31.26 66.40
N TYR K 1162 -22.27 30.53 67.42
CA TYR K 1162 -23.71 30.59 67.63
C TYR K 1162 -24.06 31.67 68.58
N SER K 1163 -23.75 32.88 68.12
CA SER K 1163 -24.06 34.01 68.91
C SER K 1163 -23.41 33.93 70.33
N HIS K 1164 -22.14 33.69 70.34
CA HIS K 1164 -21.54 32.87 71.38
C HIS K 1164 -22.45 31.73 71.87
N HIS K 1165 -22.30 30.62 71.24
CA HIS K 1165 -23.16 29.49 71.58
C HIS K 1165 -23.28 29.29 73.12
N SER K 1166 -24.48 29.43 73.65
CA SER K 1166 -24.72 29.23 75.12
C SER K 1166 -24.58 27.80 75.55
N THR K 1167 -25.06 26.93 74.67
CA THR K 1167 -24.96 25.55 74.99
C THR K 1167 -23.53 25.19 75.00
N VAL K 1168 -22.71 25.80 74.08
CA VAL K 1168 -21.28 25.56 74.16
C VAL K 1168 -20.72 25.73 75.60
N GLY K 1169 -21.22 26.65 76.38
CA GLY K 1169 -20.87 26.77 77.85
C GLY K 1169 -21.14 25.50 78.67
N ASP K 1170 -22.34 24.92 78.50
CA ASP K 1170 -22.74 23.66 79.18
C ASP K 1170 -21.91 22.55 78.65
N ALA K 1171 -21.65 22.52 77.29
CA ALA K 1171 -20.87 21.52 76.67
C ALA K 1171 -19.41 21.57 77.18
N VAL K 1172 -18.78 22.73 77.22
CA VAL K 1172 -17.43 22.94 77.74
C VAL K 1172 -17.37 22.57 79.28
N SER K 1173 -18.34 22.94 80.11
CA SER K 1173 -18.43 22.55 81.58
C SER K 1173 -18.60 21.07 81.79
N GLN K 1174 -19.40 20.40 80.95
CA GLN K 1174 -19.58 18.98 81.03
C GLN K 1174 -18.32 18.30 80.63
N LEU K 1175 -17.65 18.78 79.51
CA LEU K 1175 -16.37 18.30 79.07
C LEU K 1175 -15.27 18.53 80.14
N ASP K 1176 -15.35 19.53 80.98
CA ASP K 1176 -14.39 19.76 82.10
C ASP K 1176 -14.69 18.89 83.38
N SER K 1177 -15.98 18.66 83.69
CA SER K 1177 -16.45 18.01 84.98
C SER K 1177 -16.17 16.56 85.14
N GLN K 1178 -15.95 15.88 84.01
CA GLN K 1178 -15.70 14.48 84.05
C GLN K 1178 -15.05 14.03 82.72
N LEU K 1179 -14.39 12.94 82.82
CA LEU K 1179 -13.93 12.26 81.59
C LEU K 1179 -15.11 11.57 80.88
N MET K 1180 -15.18 11.77 79.52
CA MET K 1180 -16.27 11.26 78.66
C MET K 1180 -15.81 10.11 77.84
N ASP K 1181 -16.74 9.17 77.58
CA ASP K 1181 -16.42 8.04 76.74
C ASP K 1181 -16.53 8.39 75.19
N ILE K 1182 -15.73 7.77 74.33
CA ILE K 1182 -15.70 8.08 72.83
C ILE K 1182 -17.07 8.17 72.19
N THR K 1183 -17.92 7.15 72.32
CA THR K 1183 -19.21 7.16 71.61
C THR K 1183 -19.99 8.36 71.99
N LYS K 1184 -20.15 8.55 73.35
CA LYS K 1184 -20.92 9.63 73.80
C LYS K 1184 -20.31 10.88 73.14
N MET K 1185 -19.01 11.11 73.37
CA MET K 1185 -18.36 12.32 72.82
C MET K 1185 -18.81 12.48 71.33
N PHE K 1186 -18.46 11.57 70.46
CA PHE K 1186 -18.74 11.71 68.98
C PHE K 1186 -20.17 12.10 68.79
N GLY K 1187 -21.13 11.21 69.11
CA GLY K 1187 -22.50 11.55 68.78
C GLY K 1187 -22.80 12.93 69.20
N GLN K 1188 -22.67 13.16 70.55
CA GLN K 1188 -23.07 14.42 71.06
C GLN K 1188 -22.43 15.59 70.27
N TYR K 1189 -21.12 15.66 70.30
CA TYR K 1189 -20.48 16.88 69.73
C TYR K 1189 -20.75 16.93 68.17
N ALA K 1190 -20.64 15.85 67.46
CA ALA K 1190 -20.97 15.80 65.99
C ALA K 1190 -22.23 16.49 65.67
N ASP K 1191 -23.33 15.96 66.28
CA ASP K 1191 -24.61 16.52 65.92
C ASP K 1191 -24.56 17.99 66.27
N PRO K 1192 -24.32 18.39 67.63
CA PRO K 1192 -24.15 19.78 68.59
C PRO K 1192 -23.42 20.89 67.83
N PHE K 1193 -22.09 20.74 67.67
CA PHE K 1193 -21.27 21.73 66.93
C PHE K 1193 -20.30 20.99 66.00
N ARG K 1194 -19.86 21.65 64.93
CA ARG K 1194 -18.91 21.03 63.96
C ARG K 1194 -17.59 20.74 64.69
N LEU K 1195 -17.01 19.57 64.45
CA LEU K 1195 -15.73 19.20 65.12
C LEU K 1195 -15.04 18.07 64.33
N SER K 1196 -14.87 18.24 63.03
CA SER K 1196 -14.21 17.26 62.20
C SER K 1196 -12.72 17.16 62.52
N GLU K 1197 -12.01 18.23 62.81
CA GLU K 1197 -10.60 18.17 63.20
C GLU K 1197 -10.49 17.32 64.51
N CYS K 1198 -11.32 17.58 65.54
CA CYS K 1198 -11.31 16.82 66.85
C CYS K 1198 -11.68 15.39 66.56
N LYS K 1199 -12.63 15.15 65.63
CA LYS K 1199 -13.06 13.81 65.32
C LYS K 1199 -11.86 13.13 64.75
N LEU K 1200 -11.15 13.78 63.78
CA LEU K 1200 -9.98 13.22 63.15
C LEU K 1200 -8.99 12.92 64.32
N ALA K 1201 -8.72 13.84 65.22
CA ALA K 1201 -7.74 13.60 66.32
C ALA K 1201 -8.18 12.39 67.18
N ILE K 1202 -9.44 12.32 67.60
CA ILE K 1202 -9.96 11.23 68.46
C ILE K 1202 -9.73 9.95 67.72
N ILE K 1203 -10.16 9.87 66.41
CA ILE K 1203 -10.04 8.62 65.72
C ILE K 1203 -8.56 8.34 65.67
N HIS K 1204 -7.71 9.27 65.21
CA HIS K 1204 -6.28 9.06 65.09
C HIS K 1204 -5.80 8.43 66.44
N ASP K 1210 -18.97 11.07 55.95
CA ASP K 1210 -19.09 11.61 54.57
C ASP K 1210 -18.23 12.87 54.44
N PRO K 1211 -17.18 12.88 53.58
CA PRO K 1211 -16.35 14.08 53.44
C PRO K 1211 -17.17 15.27 52.92
N ILE K 1212 -18.05 15.02 51.96
CA ILE K 1212 -18.91 16.09 51.38
C ILE K 1212 -19.81 16.65 52.49
N LEU K 1213 -20.35 15.77 53.33
CA LEU K 1213 -21.23 16.19 54.46
C LEU K 1213 -20.42 17.06 55.42
N VAL K 1214 -19.17 16.65 55.69
CA VAL K 1214 -18.27 17.41 56.61
C VAL K 1214 -18.02 18.79 56.01
N GLN K 1215 -17.78 18.85 54.70
CA GLN K 1215 -17.52 20.14 54.00
C GLN K 1215 -18.76 21.03 54.13
N THR K 1216 -19.96 20.45 53.96
CA THR K 1216 -21.23 21.22 54.05
C THR K 1216 -21.36 21.76 55.48
N LEU K 1217 -21.03 20.94 56.47
CA LEU K 1217 -21.11 21.36 57.90
C LEU K 1217 -20.14 22.52 58.14
N TRP K 1218 -18.94 22.44 57.57
CA TRP K 1218 -17.91 23.51 57.72
C TRP K 1218 -18.44 24.80 57.09
N GLN K 1219 -19.09 24.68 55.92
CA GLN K 1219 -19.67 25.86 55.23
C GLN K 1219 -20.75 26.48 56.12
N ASP K 1220 -21.58 25.63 56.75
CA ASP K 1220 -22.66 26.10 57.64
C ASP K 1220 -22.04 26.85 58.83
N ILE K 1221 -20.95 26.30 59.37
CA ILE K 1221 -20.25 26.94 60.53
C ILE K 1221 -19.72 28.31 60.09
N ILE K 1222 -19.16 28.39 58.88
CA ILE K 1222 -18.61 29.68 58.35
C ILE K 1222 -19.77 30.68 58.22
N ASP K 1223 -20.92 30.21 57.74
CA ASP K 1223 -22.13 31.07 57.56
C ASP K 1223 -22.46 31.74 58.90
N LYS K 1224 -22.48 30.96 59.99
CA LYS K 1224 -22.79 31.46 61.34
C LYS K 1224 -21.86 32.65 61.61
N GLU K 1225 -20.57 32.41 61.32
CA GLU K 1225 -19.59 33.47 61.56
C GLU K 1225 -20.09 34.65 60.73
N LEU K 1226 -20.51 34.37 59.49
CA LEU K 1226 -20.96 35.41 58.56
C LEU K 1226 -22.13 36.24 59.12
N SER K 1227 -23.22 35.72 59.67
CA SER K 1227 -24.29 36.63 60.27
C SER K 1227 -23.79 37.44 61.52
N ASP K 1228 -23.00 36.69 62.33
CA ASP K 1228 -22.48 37.38 63.52
C ASP K 1228 -21.78 38.62 62.97
N SER K 1229 -21.03 38.45 61.88
CA SER K 1229 -20.21 39.54 61.35
C SER K 1229 -21.07 40.51 60.48
N MET K 1230 -22.15 40.10 59.84
CA MET K 1230 -23.14 40.97 59.17
C MET K 1230 -23.32 42.10 60.15
N GLY K 1231 -23.39 41.76 61.44
CA GLY K 1231 -23.57 42.77 62.51
C GLY K 1231 -22.23 43.29 63.01
N ASN K 1232 -21.36 43.72 62.09
CA ASN K 1232 -20.02 44.25 62.46
C ASN K 1232 -19.42 45.01 61.26
N SER K 1233 -18.25 45.60 61.44
CA SER K 1233 -17.55 46.33 60.35
C SER K 1233 -17.18 45.36 59.23
N SER K 1234 -17.27 45.82 57.98
CA SER K 1234 -16.94 44.98 56.79
C SER K 1234 -15.54 44.36 56.97
N VAL K 1235 -14.59 45.17 57.44
CA VAL K 1235 -13.21 44.70 57.65
C VAL K 1235 -13.13 43.93 58.98
N ASP K 1236 -13.82 44.41 60.01
CA ASP K 1236 -13.83 43.71 61.31
C ASP K 1236 -14.38 42.28 61.10
N ARG K 1237 -15.49 42.16 60.38
CA ARG K 1237 -16.09 40.83 60.12
C ARG K 1237 -15.05 39.97 59.40
N MET K 1238 -14.41 40.54 58.38
CA MET K 1238 -13.43 39.79 57.60
C MET K 1238 -12.36 39.25 58.55
N GLN K 1239 -11.80 40.09 59.41
CA GLN K 1239 -10.71 39.67 60.30
C GLN K 1239 -11.21 38.59 61.27
N SER K 1240 -12.42 38.75 61.81
CA SER K 1240 -12.98 37.75 62.72
C SER K 1240 -12.98 36.40 61.99
N LEU K 1241 -13.55 36.38 60.79
CA LEU K 1241 -13.65 35.10 60.07
C LEU K 1241 -12.24 34.54 59.86
N HIS K 1242 -11.31 35.39 59.40
CA HIS K 1242 -9.93 34.95 59.19
C HIS K 1242 -9.44 34.22 60.42
N LEU K 1243 -9.45 34.90 61.57
CA LEU K 1243 -8.89 34.31 62.79
C LEU K 1243 -9.59 32.98 63.14
N LYS K 1244 -10.92 32.96 63.11
CA LYS K 1244 -11.64 31.72 63.47
C LYS K 1244 -11.17 30.58 62.57
N ILE K 1245 -11.22 30.81 61.25
CA ILE K 1245 -10.86 29.75 60.31
C ILE K 1245 -9.44 29.30 60.63
N THR K 1246 -8.51 30.24 60.78
CA THR K 1246 -7.10 29.90 61.02
C THR K 1246 -6.99 28.98 62.24
N SER K 1247 -7.54 29.40 63.38
CA SER K 1247 -7.38 28.60 64.60
C SER K 1247 -7.97 27.19 64.39
N LEU K 1248 -9.18 27.10 63.83
CA LEU K 1248 -9.81 25.76 63.74
C LEU K 1248 -9.08 24.86 62.70
N GLY K 1249 -8.47 25.46 61.68
CA GLY K 1249 -7.72 24.70 60.67
C GLY K 1249 -6.42 24.21 61.28
N LYS K 1250 -5.80 25.05 62.11
CA LYS K 1250 -4.59 24.60 62.82
C LYS K 1250 -5.01 23.42 63.69
N ILE K 1251 -6.24 23.40 64.23
CA ILE K 1251 -6.70 22.20 64.98
C ILE K 1251 -6.66 20.93 64.10
N TYR K 1252 -7.16 21.00 62.86
CA TYR K 1252 -7.23 19.79 61.95
C TYR K 1252 -6.17 19.83 60.82
N ALA K 1253 -5.03 20.47 61.08
CA ALA K 1253 -4.04 20.76 60.02
C ALA K 1253 -3.46 19.45 59.45
N SER K 1254 -3.16 18.49 60.32
CA SER K 1254 -2.52 17.23 59.89
C SER K 1254 -3.49 16.26 59.19
N THR K 1255 -4.79 16.56 59.24
CA THR K 1255 -5.83 15.70 58.62
C THR K 1255 -6.40 16.40 57.38
N PRO K 1256 -6.45 15.73 56.21
CA PRO K 1256 -7.00 16.37 55.00
C PRO K 1256 -8.47 15.98 54.78
N ARG K 1257 -8.91 14.91 55.44
CA ARG K 1257 -10.31 14.43 55.31
C ARG K 1257 -11.23 15.31 56.17
N TYR K 1258 -10.66 15.98 57.17
CA TYR K 1258 -11.44 16.87 58.08
C TYR K 1258 -11.25 18.33 57.65
N PHE K 1259 -10.95 18.55 56.37
CA PHE K 1259 -10.74 19.92 55.83
C PHE K 1259 -10.83 19.89 54.30
N PRO K 1260 -12.04 20.07 53.70
CA PRO K 1260 -12.14 20.15 52.25
C PRO K 1260 -11.20 21.23 51.69
N LEU K 1261 -10.03 20.81 51.19
CA LEU K 1261 -9.02 21.75 50.63
C LEU K 1261 -9.55 22.38 49.34
N GLU K 1262 -10.31 21.60 48.55
CA GLU K 1262 -10.87 22.10 47.28
C GLU K 1262 -12.23 22.79 47.46
N PHE K 1263 -13.16 22.15 48.19
CA PHE K 1263 -14.49 22.75 48.43
C PHE K 1263 -14.36 24.09 49.13
N LEU K 1264 -13.42 24.20 50.06
CA LEU K 1264 -13.22 25.43 50.85
C LEU K 1264 -12.73 26.59 50.01
N VAL K 1265 -11.71 26.38 49.16
CA VAL K 1265 -11.18 27.43 48.28
C VAL K 1265 -12.26 27.91 47.32
N LYS K 1266 -12.96 26.96 46.65
CA LYS K 1266 -14.05 27.31 45.73
C LYS K 1266 -15.12 28.14 46.43
N TYR K 1267 -15.58 27.67 47.58
CA TYR K 1267 -16.70 28.28 48.29
C TYR K 1267 -16.33 29.65 48.84
N LEU K 1268 -15.14 29.81 49.44
CA LEU K 1268 -14.69 31.11 49.94
C LEU K 1268 -14.49 32.13 48.81
N GLU K 1269 -13.96 31.71 47.65
CA GLU K 1269 -13.83 32.61 46.50
C GLU K 1269 -15.18 33.06 45.94
N GLN K 1270 -16.19 32.19 46.01
CA GLN K 1270 -17.57 32.60 45.71
C GLN K 1270 -18.06 33.67 46.69
N GLN K 1271 -17.73 33.56 47.98
CA GLN K 1271 -18.09 34.59 48.96
C GLN K 1271 -17.33 35.91 48.73
N VAL K 1272 -16.04 35.86 48.36
CA VAL K 1272 -15.27 37.06 47.97
C VAL K 1272 -15.94 37.80 46.81
N CYS K 1273 -16.43 37.06 45.81
CA CYS K 1273 -17.19 37.64 44.71
C CYS K 1273 -18.53 38.23 45.16
N ASN K 1274 -19.30 37.51 45.98
CA ASN K 1274 -20.61 37.94 46.47
C ASN K 1274 -20.54 39.22 47.30
N PHE K 1275 -19.55 39.28 48.20
CA PHE K 1275 -19.35 40.47 49.08
C PHE K 1275 -18.35 41.42 48.41
N SER K 1276 -17.64 40.93 47.39
CA SER K 1276 -16.64 41.70 46.61
C SER K 1276 -15.53 42.25 47.52
N TRP K 1277 -14.59 41.38 47.93
CA TRP K 1277 -13.46 41.79 48.81
C TRP K 1277 -12.17 41.91 47.96
N ASP K 1278 -11.01 41.83 48.62
CA ASP K 1278 -9.70 41.93 47.93
C ASP K 1278 -9.37 40.58 47.30
N ALA K 1279 -8.44 40.55 46.32
CA ALA K 1279 -8.10 39.29 45.66
C ALA K 1279 -6.92 38.56 46.34
N GLY K 1280 -6.10 39.28 47.11
CA GLY K 1280 -5.01 38.69 47.88
C GLY K 1280 -5.46 37.90 49.11
N PHE K 1281 -6.70 38.08 49.56
CA PHE K 1281 -7.21 37.53 50.83
C PHE K 1281 -6.99 36.02 51.00
N VAL K 1282 -7.43 35.20 50.03
CA VAL K 1282 -7.36 33.74 50.14
C VAL K 1282 -5.92 33.26 50.09
N THR K 1283 -5.12 33.84 49.19
CA THR K 1283 -3.70 33.49 49.06
C THR K 1283 -2.92 33.77 50.34
N TYR K 1284 -3.16 34.94 50.95
CA TYR K 1284 -2.53 35.34 52.21
C TYR K 1284 -2.95 34.40 53.36
N THR K 1285 -4.25 34.13 53.49
CA THR K 1285 -4.81 33.24 54.52
C THR K 1285 -4.23 31.82 54.44
N MET K 1286 -4.17 31.23 53.25
CA MET K 1286 -3.64 29.88 53.06
C MET K 1286 -2.14 29.80 53.31
N GLN K 1287 -1.37 30.82 52.92
CA GLN K 1287 0.06 30.88 53.25
C GLN K 1287 0.29 30.98 54.76
N GLU K 1288 -0.54 31.74 55.49
CA GLU K 1288 -0.42 31.85 56.95
C GLU K 1288 -0.74 30.53 57.69
N ILE K 1289 -1.56 29.67 57.10
CA ILE K 1289 -1.83 28.29 57.56
C ILE K 1289 -0.62 27.35 57.31
N ASN K 1290 0.41 27.82 56.60
CA ASN K 1290 1.54 27.06 56.07
C ASN K 1290 1.18 26.11 54.93
N VAL K 1291 0.12 26.41 54.15
CA VAL K 1291 -0.09 25.70 52.88
C VAL K 1291 1.06 26.05 51.94
N PRO K 1292 1.81 25.06 51.42
CA PRO K 1292 2.95 25.34 50.55
C PRO K 1292 2.52 26.09 49.29
N VAL K 1293 3.27 27.14 48.92
CA VAL K 1293 3.02 27.92 47.69
C VAL K 1293 2.85 27.02 46.45
N PRO K 1294 3.66 25.96 46.25
CA PRO K 1294 3.46 25.04 45.13
C PRO K 1294 2.11 24.34 45.15
N LYS K 1295 1.65 23.91 46.34
CA LYS K 1295 0.36 23.24 46.47
C LYS K 1295 -0.80 24.20 46.25
N LEU K 1296 -0.67 25.44 46.72
CA LEU K 1296 -1.68 26.46 46.52
C LEU K 1296 -1.79 26.86 45.04
N LEU K 1297 -0.66 26.98 44.33
CA LEU K 1297 -0.64 27.23 42.89
C LEU K 1297 -1.32 26.09 42.12
N GLU K 1298 -1.06 24.83 42.49
CA GLU K 1298 -1.71 23.66 41.88
C GLU K 1298 -3.24 23.76 41.99
N VAL K 1299 -3.76 24.15 43.17
CA VAL K 1299 -5.20 24.35 43.38
C VAL K 1299 -5.74 25.48 42.50
N TYR K 1300 -5.09 26.64 42.47
CA TYR K 1300 -5.54 27.75 41.63
C TYR K 1300 -5.50 27.43 40.14
N ASP K 1301 -4.44 26.77 39.68
CA ASP K 1301 -4.30 26.33 38.30
C ASP K 1301 -5.40 25.34 37.94
N HIS K 1302 -5.73 24.40 38.83
CA HIS K 1302 -6.85 23.48 38.65
C HIS K 1302 -8.19 24.22 38.59
N LEU K 1303 -8.47 25.14 39.51
CA LEU K 1303 -9.71 25.93 39.53
C LEU K 1303 -9.88 26.78 38.28
N PHE K 1304 -8.79 27.35 37.77
CA PHE K 1304 -8.79 28.13 36.54
C PHE K 1304 -9.08 27.24 35.32
N LYS K 1305 -8.37 26.11 35.20
CA LYS K 1305 -8.56 25.13 34.12
C LYS K 1305 -9.92 24.45 34.15
N ALA K 1306 -10.54 24.34 35.33
CA ALA K 1306 -11.89 23.79 35.47
C ALA K 1306 -12.97 24.64 34.77
N ARG K 1307 -12.67 25.92 34.44
CA ARG K 1307 -13.56 26.84 33.70
C ARG K 1307 -14.97 26.91 34.29
N ASP K 1308 -15.06 27.02 35.62
CA ASP K 1308 -16.34 27.09 36.31
C ASP K 1308 -17.17 28.29 35.81
N PRO K 1309 -18.38 28.08 35.25
CA PRO K 1309 -19.24 29.15 34.74
C PRO K 1309 -19.59 30.22 35.80
N TRP K 1310 -19.43 29.91 37.08
CA TRP K 1310 -19.71 30.80 38.19
C TRP K 1310 -18.97 32.15 38.07
N TRP K 1311 -17.69 32.13 37.67
CA TRP K 1311 -16.86 33.35 37.57
C TRP K 1311 -17.37 34.32 36.50
N SER K 1312 -17.80 33.78 35.35
CA SER K 1312 -18.41 34.56 34.27
C SER K 1312 -19.77 35.11 34.69
N ARG K 1313 -20.58 34.32 35.42
CA ARG K 1313 -21.90 34.75 35.94
C ARG K 1313 -21.78 35.91 36.93
N MET K 1314 -20.71 35.92 37.74
CA MET K 1314 -20.40 37.02 38.66
C MET K 1314 -19.72 38.22 38.00
N LYS K 1315 -19.56 38.21 36.66
CA LYS K 1315 -18.90 39.25 35.87
C LYS K 1315 -17.44 39.51 36.29
N LYS K 1316 -16.72 38.48 36.86
CA LYS K 1316 -15.30 38.62 37.42
C LYS K 1316 -14.15 37.52 37.18
N PRO K 1317 -14.09 36.91 35.96
CA PRO K 1317 -12.99 35.94 35.72
C PRO K 1317 -11.61 36.64 35.68
N LEU K 1318 -11.59 37.89 35.24
CA LEU K 1318 -10.34 38.66 35.19
C LEU K 1318 -9.89 38.88 36.64
N HIS K 1319 -10.83 39.15 37.55
CA HIS K 1319 -10.51 39.27 39.00
C HIS K 1319 -9.94 37.93 39.51
N LEU K 1320 -10.53 36.80 39.11
CA LEU K 1320 -9.91 35.49 39.50
C LEU K 1320 -8.42 35.41 39.04
N LEU K 1321 -8.18 35.77 37.77
CA LEU K 1321 -6.78 35.68 37.27
C LEU K 1321 -5.88 36.69 38.01
N GLU K 1322 -6.42 37.84 38.43
CA GLU K 1322 -5.65 38.84 39.20
C GLU K 1322 -5.31 38.26 40.58
N SER K 1323 -6.23 37.52 41.20
CA SER K 1323 -5.91 36.80 42.46
C SER K 1323 -4.72 35.86 42.20
N ILE K 1324 -4.79 35.12 41.07
CA ILE K 1324 -3.66 34.22 40.74
C ILE K 1324 -2.34 35.04 40.64
N TYR K 1325 -2.41 36.18 39.94
CA TYR K 1325 -1.24 37.05 39.77
C TYR K 1325 -0.71 37.46 41.14
N ILE K 1326 -1.58 37.88 42.05
CA ILE K 1326 -1.16 38.30 43.40
C ILE K 1326 -0.44 37.14 44.10
N LEU K 1327 -1.03 35.94 44.10
CA LEU K 1327 -0.29 34.80 44.68
C LEU K 1327 1.13 34.75 44.13
N LEU K 1328 1.23 34.64 42.81
CA LEU K 1328 2.57 34.46 42.22
C LEU K 1328 3.54 35.64 42.56
N SER K 1329 3.04 36.87 42.60
CA SER K 1329 3.86 38.07 42.88
C SER K 1329 4.37 38.02 44.32
N GLY K 1330 3.48 37.70 45.25
CA GLY K 1330 3.88 37.57 46.64
C GLY K 1330 5.05 36.61 46.62
N TYR K 1331 4.86 35.43 45.98
CA TYR K 1331 5.94 34.43 45.97
C TYR K 1331 7.27 35.03 45.45
N VAL K 1332 7.24 35.62 44.26
CA VAL K 1332 8.46 36.17 43.70
C VAL K 1332 9.11 37.00 44.79
N GLN K 1333 8.41 38.06 45.21
CA GLN K 1333 8.95 39.03 46.19
C GLN K 1333 9.52 38.46 47.51
N GLU K 1334 8.95 37.37 48.04
CA GLU K 1334 9.57 36.72 49.25
C GLU K 1334 10.16 35.27 49.09
N PRO K 1335 10.77 34.90 47.90
CA PRO K 1335 11.33 33.53 47.56
C PRO K 1335 11.65 32.51 48.67
N SER K 1336 12.11 32.89 49.87
CA SER K 1336 12.23 32.03 51.05
C SER K 1336 10.94 31.28 51.38
N LYS K 1337 9.77 31.74 50.89
CA LYS K 1337 8.48 31.03 51.05
C LYS K 1337 8.44 29.66 50.38
N VAL K 1338 9.38 29.37 49.48
CA VAL K 1338 9.59 28.03 48.91
C VAL K 1338 10.96 27.52 49.36
N PRO K 1339 11.04 26.28 49.88
CA PRO K 1339 12.31 25.69 50.28
C PRO K 1339 13.34 25.77 49.17
N SER K 1340 14.59 26.09 49.52
CA SER K 1340 15.68 26.32 48.56
C SER K 1340 15.88 25.16 47.58
N TYR K 1341 15.64 23.92 48.03
CA TYR K 1341 15.78 22.72 47.22
C TYR K 1341 14.67 22.57 46.15
N GLU K 1342 13.63 23.31 45.68
CA GLU K 1342 12.52 23.29 44.72
C GLU K 1342 12.51 24.50 43.78
N ARG K 1343 13.22 25.57 44.14
CA ARG K 1343 13.11 26.88 43.51
C ARG K 1343 13.28 26.86 41.99
N ARG K 1344 14.31 26.18 41.49
CA ARG K 1344 14.57 26.11 40.04
C ARG K 1344 13.41 25.46 39.30
N ARG K 1345 12.95 24.30 39.79
CA ARG K 1345 11.81 23.58 39.22
C ARG K 1345 10.54 24.42 39.28
N PHE K 1346 10.31 25.10 40.40
CA PHE K 1346 9.16 25.96 40.58
C PHE K 1346 9.19 27.18 39.65
N THR K 1347 10.34 27.85 39.47
CA THR K 1347 10.49 28.97 38.53
C THR K 1347 10.19 28.53 37.09
N THR K 1348 10.67 27.35 36.68
CA THR K 1348 10.33 26.80 35.36
C THR K 1348 8.82 26.57 35.22
N LEU K 1349 8.18 25.97 36.23
CA LEU K 1349 6.73 25.78 36.28
C LEU K 1349 5.97 27.11 36.15
N CYS K 1350 6.47 28.18 36.77
CA CYS K 1350 5.88 29.51 36.67
C CYS K 1350 6.01 30.09 35.25
N LEU K 1351 7.17 29.94 34.60
CA LEU K 1351 7.39 30.41 33.22
C LEU K 1351 6.46 29.68 32.23
N ASP K 1352 6.28 28.37 32.42
CA ASP K 1352 5.37 27.57 31.61
C ASP K 1352 3.92 28.01 31.82
N ALA K 1353 3.49 28.17 33.08
CA ALA K 1353 2.15 28.65 33.42
C ALA K 1353 1.87 30.06 32.85
N ILE K 1354 2.81 31.00 32.97
CA ILE K 1354 2.68 32.37 32.44
C ILE K 1354 2.58 32.37 30.92
N SER K 1355 3.34 31.51 30.24
CA SER K 1355 3.24 31.37 28.78
C SER K 1355 1.83 30.95 28.38
N CYS K 1356 1.22 30.00 29.09
CA CYS K 1356 -0.18 29.60 28.89
C CYS K 1356 -1.15 30.75 29.17
N TYR K 1357 -0.97 31.49 30.28
CA TYR K 1357 -1.84 32.62 30.62
C TYR K 1357 -1.75 33.75 29.59
N LEU K 1358 -0.56 34.05 29.05
CA LEU K 1358 -0.39 35.07 28.02
C LEU K 1358 -1.06 34.69 26.69
N VAL K 1359 -1.02 33.41 26.32
CA VAL K 1359 -1.73 32.91 25.12
C VAL K 1359 -3.24 33.08 25.28
N GLU K 1360 -3.79 32.69 26.44
CA GLU K 1360 -5.22 32.86 26.69
C GLU K 1360 -5.61 34.35 26.75
N LEU K 1361 -4.83 35.19 27.42
CA LEU K 1361 -5.09 36.64 27.47
C LEU K 1361 -5.03 37.29 26.08
N GLN K 1362 -4.10 36.90 25.21
CA GLN K 1362 -4.00 37.43 23.84
C GLN K 1362 -5.12 36.96 22.91
N SER K 1363 -5.83 35.89 23.28
CA SER K 1363 -7.00 35.40 22.55
C SER K 1363 -8.29 36.15 22.90
N MET K 1364 -8.27 36.92 23.99
CA MET K 1364 -9.45 37.69 24.43
C MET K 1364 -9.45 39.07 23.75
N ASP K 1365 -10.50 39.86 23.99
CA ASP K 1365 -10.62 41.21 23.39
C ASP K 1365 -9.64 42.16 24.09
N PRO K 1366 -9.16 43.24 23.43
CA PRO K 1366 -8.21 44.16 24.08
C PRO K 1366 -8.93 45.20 24.96
N ALA K 1367 -8.27 45.64 26.03
CA ALA K 1367 -8.83 46.69 26.92
C ALA K 1367 -7.69 47.30 27.75
N PRO K 1368 -7.90 48.48 28.40
CA PRO K 1368 -6.84 49.08 29.20
C PRO K 1368 -6.34 48.12 30.30
N ALA K 1369 -7.23 47.74 31.21
CA ALA K 1369 -6.88 46.81 32.30
C ALA K 1369 -6.15 45.54 31.79
N LEU K 1370 -6.60 44.94 30.68
CA LEU K 1370 -5.97 43.76 30.06
C LEU K 1370 -4.55 44.07 29.61
N LEU K 1371 -4.34 45.23 28.96
CA LEU K 1371 -3.02 45.66 28.51
C LEU K 1371 -2.06 45.87 29.67
N ASN K 1372 -2.53 46.45 30.77
CA ASN K 1372 -1.75 46.57 32.00
C ASN K 1372 -1.39 45.17 32.57
N THR K 1373 -2.32 44.22 32.61
CA THR K 1373 -2.06 42.83 33.08
C THR K 1373 -1.05 42.09 32.18
N VAL K 1374 -1.16 42.21 30.86
CA VAL K 1374 -0.18 41.66 29.91
C VAL K 1374 1.20 42.27 30.15
N SER K 1375 1.28 43.60 30.39
CA SER K 1375 2.54 44.28 30.69
C SER K 1375 3.15 43.79 31.99
N ASN K 1376 2.34 43.66 33.04
CA ASN K 1376 2.74 43.13 34.33
C ASN K 1376 3.32 41.69 34.20
N PHE K 1377 2.66 40.78 33.48
CA PHE K 1377 3.16 39.39 33.25
C PHE K 1377 4.42 39.31 32.40
N LYS K 1378 4.57 40.16 31.38
CA LYS K 1378 5.83 40.23 30.62
C LYS K 1378 6.98 40.72 31.49
N SER K 1379 6.75 41.75 32.32
CA SER K 1379 7.72 42.22 33.30
C SER K 1379 8.07 41.10 34.29
N LEU K 1380 7.08 40.36 34.78
CA LEU K 1380 7.30 39.24 35.69
C LEU K 1380 8.07 38.06 35.06
N GLN K 1381 7.75 37.70 33.81
CA GLN K 1381 8.48 36.70 33.01
C GLN K 1381 9.95 37.06 32.93
N ALA K 1382 10.27 38.32 32.56
CA ALA K 1382 11.64 38.79 32.49
C ALA K 1382 12.37 38.76 33.84
N LYS K 1383 11.66 39.03 34.94
CA LYS K 1383 12.26 38.91 36.28
C LYS K 1383 12.48 37.43 36.68
N LEU K 1384 11.58 36.51 36.35
CA LEU K 1384 11.72 35.05 36.59
C LEU K 1384 12.84 34.42 35.77
N GLU K 1385 13.01 34.84 34.53
CA GLU K 1385 14.14 34.42 33.68
C GLU K 1385 15.47 34.85 34.25
N ARG K 1386 15.54 36.03 34.94
CA ARG K 1386 16.74 36.44 35.66
C ARG K 1386 16.98 35.67 36.95
N LEU K 1387 15.91 35.16 37.54
CA LEU K 1387 15.95 34.39 38.78
C LEU K 1387 16.33 32.91 38.55
N SER K 1388 15.92 32.35 37.40
CA SER K 1388 16.27 31.01 36.86
C SER K 1388 17.75 30.90 36.60
N VAL L 2 22.50 -17.16 -41.25
CA VAL L 2 21.05 -17.44 -41.05
C VAL L 2 20.89 -18.79 -40.35
N SER L 3 20.34 -18.80 -39.14
CA SER L 3 20.13 -20.04 -38.36
C SER L 3 19.16 -20.96 -39.11
N VAL L 4 19.45 -22.26 -39.14
CA VAL L 4 18.60 -23.27 -39.83
C VAL L 4 17.27 -23.45 -39.07
N ILE L 5 16.21 -23.81 -39.78
CA ILE L 5 14.86 -23.99 -39.13
C ILE L 5 14.55 -25.49 -39.01
N ASN L 6 13.27 -25.85 -39.17
CA ASN L 6 12.81 -27.26 -39.07
C ASN L 6 13.36 -28.06 -40.25
N THR L 7 13.87 -29.27 -39.96
CA THR L 7 14.47 -30.17 -40.98
C THR L 7 13.37 -30.87 -41.78
N VAL L 8 13.46 -30.77 -43.11
CA VAL L 8 12.49 -31.39 -44.06
C VAL L 8 12.83 -32.88 -44.26
N ASP L 9 11.91 -33.62 -44.90
CA ASP L 9 12.10 -35.06 -45.22
C ASP L 9 11.34 -35.35 -46.52
N THR L 10 12.06 -35.67 -47.61
CA THR L 10 11.37 -35.91 -48.91
C THR L 10 10.96 -37.38 -49.02
N SER L 11 11.31 -38.19 -48.02
CA SER L 11 10.99 -39.65 -48.04
C SER L 11 11.43 -40.25 -49.38
N HIS L 12 12.67 -39.95 -49.78
CA HIS L 12 13.25 -40.45 -51.05
C HIS L 12 14.01 -41.76 -50.91
N GLU L 13 14.45 -42.35 -52.02
CA GLU L 13 15.28 -43.58 -51.99
C GLU L 13 16.56 -43.40 -52.81
N ASP L 14 16.93 -42.15 -53.13
CA ASP L 14 18.12 -41.89 -53.98
C ASP L 14 18.55 -40.40 -53.92
N MET L 15 19.62 -40.04 -54.63
CA MET L 15 20.08 -38.63 -54.65
C MET L 15 19.09 -37.74 -55.41
N ILE L 16 18.67 -36.62 -54.83
CA ILE L 16 17.91 -35.61 -55.56
C ILE L 16 18.90 -34.89 -56.50
N HIS L 17 18.75 -35.08 -57.81
CA HIS L 17 19.64 -34.43 -58.79
C HIS L 17 19.45 -32.91 -58.81
N ASP L 18 18.20 -32.45 -58.72
CA ASP L 18 17.91 -31.00 -58.79
C ASP L 18 16.66 -30.62 -57.99
N ALA L 19 16.56 -29.39 -57.50
CA ALA L 19 15.36 -28.92 -56.78
C ALA L 19 15.02 -27.47 -57.14
N GLN L 20 13.73 -27.15 -57.35
CA GLN L 20 13.32 -25.77 -57.64
C GLN L 20 12.09 -25.38 -56.83
N MET L 21 12.17 -24.23 -56.17
CA MET L 21 11.01 -23.58 -55.57
C MET L 21 10.09 -23.01 -56.65
N ASP L 22 8.79 -23.00 -56.39
CA ASP L 22 7.83 -22.31 -57.23
C ASP L 22 7.96 -20.79 -57.13
N TYR L 23 7.20 -20.06 -57.95
CA TYR L 23 7.31 -18.61 -58.09
C TYR L 23 7.09 -17.84 -56.77
N TYR L 24 6.16 -18.29 -55.93
CA TYR L 24 5.84 -17.64 -54.65
C TYR L 24 6.63 -18.23 -53.46
N GLY L 25 7.45 -19.24 -53.70
CA GLY L 25 8.24 -19.92 -52.69
C GLY L 25 7.43 -20.70 -51.67
N ILE L 26 6.26 -21.19 -52.06
CA ILE L 26 5.35 -21.99 -51.23
C ILE L 26 5.47 -23.48 -51.53
N ARG L 27 6.03 -23.84 -52.68
CA ARG L 27 6.21 -25.23 -53.11
C ARG L 27 7.64 -25.48 -53.56
N LEU L 28 8.09 -26.71 -53.35
CA LEU L 28 9.38 -27.21 -53.80
C LEU L 28 9.14 -28.43 -54.68
N ALA L 29 9.60 -28.38 -55.93
CA ALA L 29 9.71 -29.56 -56.78
C ALA L 29 11.11 -30.15 -56.65
N THR L 30 11.21 -31.47 -56.62
CA THR L 30 12.47 -32.23 -56.55
C THR L 30 12.41 -33.39 -57.53
N CYS L 31 13.55 -33.78 -58.09
CA CYS L 31 13.63 -34.91 -59.00
C CYS L 31 14.89 -35.75 -58.78
N SER L 32 14.80 -37.06 -59.05
CA SER L 32 15.83 -38.02 -58.62
C SER L 32 16.07 -39.14 -59.65
N SER L 33 17.19 -39.85 -59.45
CA SER L 33 17.49 -41.14 -60.09
C SER L 33 16.41 -42.21 -59.87
N ASP L 34 15.59 -42.06 -58.82
CA ASP L 34 14.45 -42.96 -58.54
C ASP L 34 13.27 -42.80 -59.53
N ARG L 35 13.44 -41.93 -60.54
CA ARG L 35 12.49 -41.68 -61.65
C ARG L 35 11.23 -40.91 -61.23
N SER L 36 11.18 -40.40 -60.00
CA SER L 36 10.06 -39.62 -59.50
C SER L 36 10.36 -38.12 -59.52
N VAL L 37 9.28 -37.34 -59.68
CA VAL L 37 9.26 -35.91 -59.39
C VAL L 37 8.34 -35.70 -58.20
N LYS L 38 8.89 -35.23 -57.09
CA LYS L 38 8.14 -35.01 -55.85
C LYS L 38 7.89 -33.53 -55.63
N ILE L 39 6.66 -33.20 -55.24
CA ILE L 39 6.25 -31.83 -54.94
C ILE L 39 5.91 -31.72 -53.46
N PHE L 40 6.52 -30.76 -52.79
CA PHE L 40 6.32 -30.46 -51.38
C PHE L 40 5.70 -29.08 -51.22
N ASP L 41 4.67 -28.95 -50.37
CA ASP L 41 4.05 -27.64 -50.08
C ASP L 41 4.57 -27.18 -48.73
N VAL L 42 5.80 -26.64 -48.68
CA VAL L 42 6.41 -26.24 -47.40
C VAL L 42 5.99 -24.80 -47.05
N LYS L 43 4.77 -24.60 -46.57
CA LYS L 43 4.27 -23.26 -46.20
C LYS L 43 4.44 -23.05 -44.68
N ASN L 44 5.10 -21.95 -44.27
CA ASN L 44 5.26 -21.64 -42.84
C ASN L 44 5.81 -22.88 -42.12
N GLY L 45 6.97 -23.38 -42.56
CA GLY L 45 7.51 -24.61 -41.98
C GLY L 45 6.63 -25.76 -42.47
N GLY L 46 6.40 -26.79 -41.65
CA GLY L 46 5.50 -27.89 -42.04
C GLY L 46 5.88 -28.55 -43.37
N GLN L 47 6.84 -29.50 -43.35
CA GLN L 47 7.21 -30.22 -44.58
C GLN L 47 5.99 -31.05 -44.99
N ILE L 48 5.60 -31.02 -46.28
CA ILE L 48 4.40 -31.74 -46.74
C ILE L 48 4.48 -32.27 -48.16
N LEU L 49 4.75 -33.57 -48.37
CA LEU L 49 4.66 -34.15 -49.72
C LEU L 49 3.20 -34.08 -50.19
N ILE L 50 2.97 -33.37 -51.30
CA ILE L 50 1.63 -33.21 -51.89
C ILE L 50 1.45 -34.01 -53.18
N ALA L 51 2.54 -34.40 -53.86
CA ALA L 51 2.48 -35.25 -55.04
C ALA L 51 3.77 -36.07 -55.24
N ASP L 52 3.64 -37.34 -55.65
CA ASP L 52 4.69 -38.19 -56.20
C ASP L 52 4.34 -38.46 -57.68
N LEU L 53 4.95 -37.70 -58.58
CA LEU L 53 4.68 -37.74 -60.01
C LEU L 53 5.59 -38.77 -60.67
N ARG L 54 4.98 -39.87 -61.13
CA ARG L 54 5.67 -40.96 -61.82
C ARG L 54 5.19 -41.05 -63.25
N GLY L 55 6.15 -41.04 -64.18
CA GLY L 55 5.88 -41.10 -65.62
C GLY L 55 7.13 -41.30 -66.46
N HIS L 56 8.31 -40.98 -65.89
CA HIS L 56 9.59 -41.23 -66.54
C HIS L 56 10.06 -42.68 -66.34
N ASP L 57 10.76 -43.20 -67.35
CA ASP L 57 11.32 -44.55 -67.36
C ASP L 57 12.80 -44.60 -66.93
N GLY L 58 13.41 -43.43 -66.68
CA GLY L 58 14.80 -43.27 -66.24
C GLY L 58 14.97 -42.11 -65.26
N PRO L 59 16.20 -41.89 -64.77
CA PRO L 59 16.53 -40.75 -63.90
C PRO L 59 16.00 -39.42 -64.44
N VAL L 60 15.43 -38.60 -63.57
CA VAL L 60 14.95 -37.26 -63.92
C VAL L 60 16.05 -36.26 -63.59
N TRP L 61 16.42 -35.43 -64.55
CA TRP L 61 17.60 -34.56 -64.46
C TRP L 61 17.29 -33.17 -63.95
N GLN L 62 16.24 -32.53 -64.50
CA GLN L 62 15.90 -31.15 -64.17
C GLN L 62 14.39 -30.97 -64.10
N VAL L 63 13.95 -30.05 -63.25
CA VAL L 63 12.56 -29.60 -63.14
C VAL L 63 12.48 -28.09 -63.32
N ALA L 64 11.38 -27.61 -63.93
CA ALA L 64 11.17 -26.20 -64.14
C ALA L 64 9.70 -25.81 -63.90
N TRP L 65 9.45 -24.89 -62.96
CA TRP L 65 8.12 -24.30 -62.75
C TRP L 65 7.82 -23.26 -63.82
N ALA L 66 6.62 -23.32 -64.40
CA ALA L 66 6.13 -22.25 -65.28
C ALA L 66 5.67 -21.04 -64.44
N HIS L 67 5.50 -19.89 -65.10
CA HIS L 67 4.95 -18.71 -64.44
C HIS L 67 3.49 -18.95 -63.99
N PRO L 68 3.10 -18.54 -62.77
CA PRO L 68 1.79 -18.85 -62.19
C PRO L 68 0.60 -18.28 -62.96
N MET L 69 0.81 -17.35 -63.90
CA MET L 69 -0.26 -16.84 -64.77
C MET L 69 -0.90 -17.93 -65.65
N TYR L 70 -0.20 -19.05 -65.89
CA TYR L 70 -0.69 -20.20 -66.65
C TYR L 70 -1.25 -21.31 -65.73
N GLY L 71 -1.40 -21.02 -64.44
CA GLY L 71 -1.69 -22.01 -63.40
C GLY L 71 -0.43 -22.69 -62.87
N ASN L 72 -0.61 -23.76 -62.12
CA ASN L 72 0.47 -24.52 -61.53
C ASN L 72 0.96 -25.58 -62.53
N ILE L 73 1.96 -25.23 -63.32
CA ILE L 73 2.57 -26.09 -64.33
C ILE L 73 4.03 -26.36 -63.97
N LEU L 74 4.44 -27.62 -64.07
CA LEU L 74 5.81 -28.08 -63.85
C LEU L 74 6.27 -28.89 -65.08
N ALA L 75 7.47 -28.61 -65.58
CA ALA L 75 8.12 -29.45 -66.57
C ALA L 75 9.20 -30.32 -65.91
N SER L 76 9.39 -31.54 -66.41
CA SER L 76 10.50 -32.40 -66.04
C SER L 76 11.13 -33.05 -67.27
N CYS L 77 12.44 -33.24 -67.26
CA CYS L 77 13.18 -33.93 -68.31
C CYS L 77 14.05 -35.05 -67.77
N SER L 78 14.27 -36.10 -68.58
CA SER L 78 14.85 -37.34 -68.09
C SER L 78 15.77 -38.01 -69.10
N TYR L 79 16.57 -38.94 -68.56
CA TYR L 79 17.36 -39.91 -69.32
C TYR L 79 16.52 -40.76 -70.29
N ASP L 80 15.22 -40.90 -70.02
CA ASP L 80 14.29 -41.64 -70.88
C ASP L 80 13.93 -40.93 -72.19
N ARG L 81 14.59 -39.79 -72.48
CA ARG L 81 14.47 -38.99 -73.72
C ARG L 81 13.15 -38.20 -73.81
N LYS L 82 12.36 -38.19 -72.73
CA LYS L 82 11.07 -37.51 -72.68
C LYS L 82 11.17 -36.20 -71.90
N VAL L 83 10.28 -35.28 -72.25
CA VAL L 83 9.92 -34.12 -71.43
C VAL L 83 8.45 -34.26 -71.08
N ILE L 84 8.13 -34.19 -69.79
CA ILE L 84 6.76 -34.29 -69.30
C ILE L 84 6.31 -32.94 -68.74
N ILE L 85 5.11 -32.50 -69.11
CA ILE L 85 4.44 -31.33 -68.54
C ILE L 85 3.34 -31.81 -67.61
N TRP L 86 3.50 -31.47 -66.33
CA TRP L 86 2.56 -31.73 -65.26
C TRP L 86 1.77 -30.47 -64.97
N LYS L 87 0.47 -30.61 -64.75
CA LYS L 87 -0.41 -29.51 -64.36
C LYS L 87 -1.26 -29.92 -63.17
N GLU L 88 -1.43 -29.00 -62.23
CA GLU L 88 -2.39 -29.16 -61.15
C GLU L 88 -3.72 -28.52 -61.54
N GLU L 89 -4.80 -29.30 -61.44
CA GLU L 89 -6.17 -28.82 -61.54
C GLU L 89 -6.95 -29.29 -60.32
N ASN L 90 -7.55 -28.35 -59.57
CA ASN L 90 -8.32 -28.64 -58.35
C ASN L 90 -7.57 -29.51 -57.32
N GLY L 91 -6.25 -29.29 -57.17
CA GLY L 91 -5.40 -30.03 -56.23
C GLY L 91 -4.94 -31.41 -56.73
N THR L 92 -5.33 -31.81 -57.94
CA THR L 92 -4.88 -33.05 -58.56
C THR L 92 -3.82 -32.77 -59.61
N TRP L 93 -2.69 -33.46 -59.54
CA TRP L 93 -1.61 -33.36 -60.50
C TRP L 93 -1.75 -34.40 -61.61
N GLU L 94 -1.72 -33.96 -62.86
CA GLU L 94 -1.83 -34.83 -64.02
C GLU L 94 -0.77 -34.50 -65.08
N LYS L 95 -0.37 -35.53 -65.84
CA LYS L 95 0.43 -35.35 -67.05
C LYS L 95 -0.46 -34.80 -68.17
N THR L 96 -0.26 -33.55 -68.53
CA THR L 96 -1.05 -32.86 -69.57
C THR L 96 -0.40 -32.90 -70.94
N TYR L 97 0.92 -33.08 -71.00
CA TYR L 97 1.65 -33.24 -72.25
C TYR L 97 2.92 -34.07 -72.05
N GLU L 98 3.32 -34.79 -73.09
CA GLU L 98 4.55 -35.57 -73.16
C GLU L 98 5.21 -35.33 -74.52
N TYR L 99 6.46 -34.91 -74.51
CA TYR L 99 7.26 -34.71 -75.71
C TYR L 99 8.37 -35.76 -75.78
N THR L 100 8.39 -36.52 -76.88
CA THR L 100 9.33 -37.64 -77.12
C THR L 100 10.17 -37.44 -78.39
N GLY L 101 10.38 -36.19 -78.82
CA GLY L 101 11.04 -35.88 -80.08
C GLY L 101 12.58 -35.87 -80.05
N HIS L 102 13.22 -36.28 -78.95
CA HIS L 102 14.67 -36.42 -78.83
C HIS L 102 15.12 -37.89 -78.90
N ASP L 103 16.30 -38.11 -79.48
CA ASP L 103 16.83 -39.46 -79.69
C ASP L 103 17.72 -39.93 -78.52
N SER L 104 18.00 -39.06 -77.56
CA SER L 104 18.84 -39.30 -76.38
C SER L 104 18.35 -38.51 -75.16
N SER L 105 19.01 -38.70 -74.02
CA SER L 105 18.69 -38.09 -72.71
C SER L 105 18.44 -36.59 -72.82
N VAL L 106 17.35 -36.09 -72.23
CA VAL L 106 17.07 -34.64 -72.18
C VAL L 106 17.59 -34.10 -70.85
N ASN L 107 18.66 -33.31 -70.91
CA ASN L 107 19.47 -32.97 -69.74
C ASN L 107 18.98 -31.71 -69.02
N SER L 108 18.33 -30.79 -69.75
CA SER L 108 17.92 -29.51 -69.18
C SER L 108 16.62 -28.99 -69.80
N VAL L 109 15.82 -28.34 -68.95
CA VAL L 109 14.58 -27.63 -69.32
C VAL L 109 14.54 -26.25 -68.68
N CYS L 110 14.07 -25.25 -69.43
CA CYS L 110 13.92 -23.91 -68.92
C CYS L 110 12.72 -23.21 -69.56
N TRP L 111 11.81 -22.67 -68.74
CA TRP L 111 10.69 -21.85 -69.23
C TRP L 111 11.16 -20.47 -69.65
N ALA L 112 10.61 -19.97 -70.75
CA ALA L 112 10.85 -18.62 -71.20
C ALA L 112 10.19 -17.59 -70.27
N PRO L 113 10.64 -16.33 -70.29
CA PRO L 113 9.89 -15.24 -69.68
C PRO L 113 8.43 -15.25 -70.12
N HIS L 114 7.52 -15.05 -69.17
CA HIS L 114 6.08 -15.16 -69.38
C HIS L 114 5.53 -14.16 -70.41
N ASP L 115 6.24 -13.06 -70.66
CA ASP L 115 5.94 -12.11 -71.73
C ASP L 115 5.94 -12.75 -73.13
N PHE L 116 6.70 -13.84 -73.32
CA PHE L 116 6.82 -14.51 -74.61
C PHE L 116 5.69 -15.52 -74.85
N GLY L 117 4.87 -15.80 -73.83
CA GLY L 117 3.92 -16.90 -73.80
C GLY L 117 4.40 -18.07 -72.95
N LEU L 118 3.70 -19.20 -73.06
CA LEU L 118 4.09 -20.46 -72.42
C LEU L 118 5.03 -21.25 -73.33
N VAL L 119 6.33 -20.95 -73.22
CA VAL L 119 7.40 -21.54 -74.05
C VAL L 119 8.41 -22.28 -73.17
N LEU L 120 8.77 -23.52 -73.55
CA LEU L 120 9.77 -24.34 -72.87
C LEU L 120 10.93 -24.66 -73.80
N ALA L 121 12.16 -24.39 -73.38
CA ALA L 121 13.37 -24.87 -74.06
C ALA L 121 13.83 -26.18 -73.43
N CYS L 122 14.24 -27.15 -74.26
CA CYS L 122 14.70 -28.47 -73.84
C CYS L 122 16.03 -28.80 -74.54
N GLY L 123 17.11 -29.04 -73.80
CA GLY L 123 18.42 -29.43 -74.34
C GLY L 123 18.68 -30.92 -74.17
N SER L 124 19.10 -31.61 -75.24
CA SER L 124 19.33 -33.07 -75.22
C SER L 124 20.76 -33.47 -75.57
N SER L 125 21.14 -34.63 -75.04
CA SER L 125 22.37 -35.38 -75.38
C SER L 125 22.42 -35.83 -76.84
N ASP L 126 21.34 -35.69 -77.62
CA ASP L 126 21.37 -35.89 -79.09
C ASP L 126 21.97 -34.67 -79.83
N GLY L 127 22.37 -33.63 -79.09
CA GLY L 127 22.93 -32.40 -79.62
C GLY L 127 21.87 -31.39 -80.09
N ALA L 128 20.59 -31.73 -80.03
CA ALA L 128 19.50 -30.84 -80.43
C ALA L 128 18.90 -30.06 -79.24
N ILE L 129 18.23 -28.96 -79.58
CA ILE L 129 17.42 -28.17 -78.64
C ILE L 129 16.01 -28.08 -79.22
N SER L 130 14.99 -28.35 -78.41
CA SER L 130 13.59 -28.22 -78.81
C SER L 130 12.91 -27.09 -78.04
N ILE L 131 12.18 -26.24 -78.75
CA ILE L 131 11.35 -25.19 -78.17
C ILE L 131 9.88 -25.59 -78.32
N LEU L 132 9.23 -25.89 -77.19
CA LEU L 132 7.83 -26.25 -77.11
C LEU L 132 7.00 -25.00 -76.83
N THR L 133 5.99 -24.72 -77.65
CA THR L 133 5.14 -23.52 -77.52
C THR L 133 3.70 -23.95 -77.33
N PHE L 134 3.04 -23.43 -76.30
CA PHE L 134 1.61 -23.59 -76.10
C PHE L 134 0.87 -22.28 -76.39
N THR L 135 -0.05 -22.32 -77.35
CA THR L 135 -0.81 -21.16 -77.82
C THR L 135 -2.18 -21.02 -77.16
N GLY L 136 -2.59 -21.97 -76.31
CA GLY L 136 -3.91 -22.01 -75.67
C GLY L 136 -4.92 -22.87 -76.41
N ASP L 137 -4.80 -22.93 -77.75
CA ASP L 137 -5.68 -23.69 -78.63
C ASP L 137 -4.88 -24.76 -79.37
N GLY L 138 -5.25 -26.03 -79.17
CA GLY L 138 -4.64 -27.17 -79.87
C GLY L 138 -3.41 -27.77 -79.19
N PRO L 139 -2.66 -28.62 -79.92
CA PRO L 139 -1.48 -29.28 -79.40
C PRO L 139 -0.32 -28.31 -79.24
N TRP L 140 0.68 -28.69 -78.44
CA TRP L 140 1.94 -27.98 -78.36
C TRP L 140 2.64 -27.96 -79.73
N GLU L 141 3.11 -26.79 -80.14
CA GLU L 141 3.95 -26.63 -81.32
C GLU L 141 5.42 -26.84 -80.95
N VAL L 142 6.19 -27.44 -81.86
CA VAL L 142 7.60 -27.77 -81.60
C VAL L 142 8.48 -27.19 -82.69
N LYS L 143 9.45 -26.37 -82.29
CA LYS L 143 10.56 -25.93 -83.16
C LYS L 143 11.85 -26.60 -82.68
N LYS L 144 12.39 -27.54 -83.46
CA LYS L 144 13.62 -28.28 -83.12
C LYS L 144 14.84 -27.70 -83.86
N ILE L 145 15.86 -27.32 -83.10
CA ILE L 145 17.19 -26.92 -83.59
C ILE L 145 18.04 -28.18 -83.61
N SER L 146 18.21 -28.76 -84.79
CA SER L 146 19.03 -29.96 -84.96
C SER L 146 20.52 -29.61 -85.00
N ASN L 147 21.37 -30.45 -84.40
CA ASN L 147 22.83 -30.24 -84.33
C ASN L 147 23.22 -28.89 -83.69
N ALA L 148 22.50 -28.47 -82.64
CA ALA L 148 22.81 -27.27 -81.89
C ALA L 148 24.19 -27.35 -81.22
N HIS L 149 24.53 -28.50 -80.65
CA HIS L 149 25.86 -28.83 -80.16
C HIS L 149 26.35 -30.14 -80.78
N THR L 150 27.65 -30.24 -81.06
CA THR L 150 28.21 -31.34 -81.88
C THR L 150 28.09 -32.71 -81.21
N ILE L 151 28.17 -32.75 -79.87
CA ILE L 151 28.18 -34.00 -79.09
C ILE L 151 26.90 -34.13 -78.25
N GLY L 152 26.45 -33.04 -77.63
CA GLY L 152 25.29 -33.03 -76.74
C GLY L 152 25.10 -31.65 -76.11
N CYS L 153 23.86 -31.31 -75.77
CA CYS L 153 23.50 -30.11 -75.03
C CYS L 153 23.24 -30.48 -73.56
N ASN L 154 23.94 -29.84 -72.63
CA ASN L 154 23.81 -30.13 -71.19
C ASN L 154 22.87 -29.15 -70.50
N ALA L 155 22.88 -27.87 -70.90
CA ALA L 155 22.12 -26.83 -70.22
C ALA L 155 21.51 -25.82 -71.19
N VAL L 156 20.34 -25.29 -70.82
CA VAL L 156 19.65 -24.19 -71.49
C VAL L 156 19.18 -23.17 -70.46
N SER L 157 19.31 -21.88 -70.77
CA SER L 157 18.80 -20.78 -69.93
C SER L 157 18.29 -19.65 -70.80
N TRP L 158 17.07 -19.19 -70.53
CA TRP L 158 16.49 -18.06 -71.26
C TRP L 158 17.11 -16.72 -70.87
N ALA L 159 17.21 -15.82 -71.85
CA ALA L 159 17.52 -14.42 -71.60
C ALA L 159 16.34 -13.73 -70.90
N PRO L 160 16.58 -12.70 -70.07
CA PRO L 160 15.51 -11.89 -69.53
C PRO L 160 14.69 -11.22 -70.66
N SER L 161 13.41 -10.99 -70.39
CA SER L 161 12.51 -10.26 -71.28
C SER L 161 12.91 -8.78 -71.29
N VAL L 162 13.50 -8.33 -72.40
CA VAL L 162 13.88 -6.92 -72.60
C VAL L 162 13.08 -6.37 -73.77
N ILE L 163 12.33 -5.30 -73.54
CA ILE L 163 11.65 -4.54 -74.60
C ILE L 163 12.68 -3.64 -75.29
N PRO L 164 12.92 -3.78 -76.61
CA PRO L 164 13.79 -2.87 -77.33
C PRO L 164 13.29 -1.43 -77.22
N GLY L 165 14.16 -0.52 -76.77
CA GLY L 165 13.84 0.90 -76.71
C GLY L 165 12.76 1.26 -75.68
N SER L 166 12.70 0.59 -74.52
CA SER L 166 11.74 0.89 -73.44
C SER L 166 11.74 2.34 -72.91
N LEU L 167 12.69 3.17 -73.35
CA LEU L 167 12.71 4.62 -73.11
C LEU L 167 11.94 5.45 -74.16
N VAL L 168 11.43 4.82 -75.23
CA VAL L 168 10.69 5.48 -76.31
C VAL L 168 9.24 5.00 -76.24
N ASP L 169 8.29 5.94 -76.13
CA ASP L 169 6.85 5.67 -76.16
C ASP L 169 6.50 4.80 -77.38
N GLN L 170 6.26 3.51 -77.16
CA GLN L 170 5.66 2.68 -78.19
C GLN L 170 4.19 3.07 -78.31
N PRO L 171 3.66 3.29 -79.54
CA PRO L 171 2.24 3.54 -79.73
C PRO L 171 1.44 2.38 -79.11
N SER L 172 0.51 2.73 -78.22
CA SER L 172 -0.15 1.88 -77.21
C SER L 172 -1.00 0.71 -77.73
N SER L 173 -0.96 0.40 -79.02
CA SER L 173 -1.84 -0.57 -79.67
C SER L 173 -1.13 -1.82 -80.19
N GLN L 174 0.20 -1.94 -80.08
CA GLN L 174 0.93 -3.15 -80.48
C GLN L 174 1.62 -3.81 -79.29
N LYS L 175 1.54 -5.15 -79.21
CA LYS L 175 2.36 -5.90 -78.26
C LYS L 175 3.84 -5.64 -78.58
N PRO L 176 4.67 -5.33 -77.59
CA PRO L 176 6.09 -5.09 -77.82
C PRO L 176 6.72 -6.33 -78.49
N ASN L 177 7.55 -6.09 -79.51
CA ASN L 177 8.27 -7.16 -80.19
C ASN L 177 9.55 -7.47 -79.42
N TYR L 178 9.49 -8.45 -78.53
CA TYR L 178 10.63 -8.86 -77.72
C TYR L 178 11.69 -9.58 -78.57
N ILE L 179 12.96 -9.31 -78.26
CA ILE L 179 14.07 -10.11 -78.79
C ILE L 179 14.18 -11.37 -77.94
N LYS L 180 13.61 -12.49 -78.42
CA LYS L 180 13.70 -13.76 -77.71
C LYS L 180 15.09 -14.35 -77.90
N ARG L 181 15.83 -14.51 -76.82
CA ARG L 181 17.14 -15.16 -76.78
C ARG L 181 17.20 -16.19 -75.67
N PHE L 182 18.06 -17.18 -75.86
CA PHE L 182 18.47 -18.08 -74.80
C PHE L 182 19.92 -18.51 -75.04
N VAL L 183 20.57 -19.00 -73.99
CA VAL L 183 21.92 -19.53 -74.03
C VAL L 183 21.88 -21.03 -73.79
N SER L 184 22.77 -21.78 -74.45
CA SER L 184 22.98 -23.19 -74.22
C SER L 184 24.46 -23.52 -74.00
N GLY L 185 24.74 -24.54 -73.19
CA GLY L 185 26.06 -25.10 -72.99
C GLY L 185 26.10 -26.56 -73.40
N GLY L 186 27.17 -26.99 -74.07
CA GLY L 186 27.28 -28.35 -74.59
C GLY L 186 28.61 -29.06 -74.35
N CYS L 187 28.62 -30.34 -74.75
CA CYS L 187 29.78 -31.23 -74.69
C CYS L 187 30.84 -30.94 -75.77
N ASP L 188 30.62 -29.94 -76.63
CA ASP L 188 31.59 -29.41 -77.59
C ASP L 188 32.39 -28.22 -77.03
N ASN L 189 32.31 -28.00 -75.70
CA ASN L 189 32.99 -26.95 -74.93
C ASN L 189 32.49 -25.53 -75.23
N LEU L 190 31.45 -25.40 -76.05
CA LEU L 190 30.90 -24.12 -76.46
C LEU L 190 29.74 -23.70 -75.56
N VAL L 191 29.69 -22.40 -75.28
CA VAL L 191 28.47 -21.73 -74.88
C VAL L 191 27.91 -21.01 -76.10
N LYS L 192 26.65 -21.27 -76.46
CA LYS L 192 26.04 -20.73 -77.68
C LYS L 192 24.83 -19.88 -77.33
N ILE L 193 24.69 -18.74 -77.99
CA ILE L 193 23.53 -17.86 -77.83
C ILE L 193 22.66 -18.01 -79.07
N TRP L 194 21.35 -18.13 -78.84
CA TRP L 194 20.35 -18.32 -79.87
C TRP L 194 19.39 -17.14 -79.88
N ARG L 195 18.88 -16.80 -81.06
CA ARG L 195 17.89 -15.74 -81.27
C ARG L 195 16.78 -16.22 -82.18
N GLU L 196 15.53 -15.86 -81.87
CA GLU L 196 14.42 -16.04 -82.81
C GLU L 196 14.42 -14.89 -83.84
N GLU L 197 14.47 -15.26 -85.11
CA GLU L 197 14.34 -14.36 -86.26
C GLU L 197 13.33 -14.96 -87.25
N ASP L 198 12.29 -14.21 -87.60
CA ASP L 198 11.25 -14.63 -88.56
C ASP L 198 10.64 -16.00 -88.24
N GLY L 199 10.49 -16.31 -86.95
CA GLY L 199 9.94 -17.57 -86.46
C GLY L 199 10.91 -18.75 -86.52
N GLN L 200 12.18 -18.55 -86.83
CA GLN L 200 13.22 -19.58 -86.77
C GLN L 200 14.30 -19.21 -85.74
N TRP L 201 14.87 -20.22 -85.10
CA TRP L 201 15.98 -20.04 -84.17
C TRP L 201 17.30 -20.15 -84.90
N LYS L 202 18.14 -19.13 -84.74
CA LYS L 202 19.49 -19.09 -85.31
C LYS L 202 20.53 -18.94 -84.20
N GLU L 203 21.69 -19.55 -84.43
CA GLU L 203 22.87 -19.31 -83.61
C GLU L 203 23.34 -17.86 -83.85
N ASP L 204 23.31 -17.04 -82.81
CA ASP L 204 23.67 -15.63 -82.83
C ASP L 204 25.15 -15.45 -82.48
N GLN L 205 25.66 -16.20 -81.49
CA GLN L 205 27.06 -16.17 -81.09
C GLN L 205 27.56 -17.53 -80.57
N LYS L 206 28.87 -17.77 -80.77
CA LYS L 206 29.63 -18.82 -80.11
C LYS L 206 30.62 -18.21 -79.13
N LEU L 207 30.60 -18.70 -77.90
CA LEU L 207 31.46 -18.25 -76.82
C LEU L 207 32.43 -19.37 -76.48
N GLU L 208 33.72 -19.11 -76.72
CA GLU L 208 34.80 -20.09 -76.62
C GLU L 208 35.77 -19.70 -75.49
N ALA L 209 35.74 -20.44 -74.37
CA ALA L 209 36.69 -20.26 -73.28
C ALA L 209 36.91 -21.54 -72.45
N HIS L 210 35.90 -22.41 -72.36
CA HIS L 210 36.03 -23.70 -71.69
C HIS L 210 36.87 -24.67 -72.51
N SER L 211 37.62 -25.51 -71.79
CA SER L 211 38.48 -26.54 -72.39
C SER L 211 37.90 -27.97 -72.30
N ASP L 212 36.72 -28.11 -71.71
CA ASP L 212 36.01 -29.37 -71.52
C ASP L 212 34.49 -29.08 -71.44
N TRP L 213 33.66 -30.12 -71.29
CA TRP L 213 32.20 -30.04 -71.39
C TRP L 213 31.62 -28.93 -70.52
N VAL L 214 30.80 -28.06 -71.12
CA VAL L 214 30.02 -27.07 -70.36
C VAL L 214 28.92 -27.82 -69.64
N ARG L 215 28.89 -27.72 -68.31
CA ARG L 215 27.95 -28.44 -67.46
C ARG L 215 26.65 -27.66 -67.27
N ASP L 216 26.75 -26.37 -67.01
CA ASP L 216 25.59 -25.51 -66.82
C ASP L 216 25.82 -24.09 -67.35
N VAL L 217 24.74 -23.43 -67.72
CA VAL L 217 24.70 -22.04 -68.16
C VAL L 217 23.52 -21.33 -67.53
N ALA L 218 23.74 -20.13 -67.01
CA ALA L 218 22.68 -19.33 -66.40
C ALA L 218 22.76 -17.89 -66.89
N TRP L 219 21.71 -17.42 -67.55
CA TRP L 219 21.56 -16.01 -67.91
C TRP L 219 21.09 -15.24 -66.68
N ALA L 220 21.83 -14.20 -66.30
CA ALA L 220 21.47 -13.36 -65.16
C ALA L 220 20.14 -12.63 -65.46
N PRO L 221 19.25 -12.53 -64.47
CA PRO L 221 18.04 -11.73 -64.61
C PRO L 221 18.40 -10.26 -64.83
N SER L 222 17.59 -9.55 -65.62
CA SER L 222 17.79 -8.11 -65.81
C SER L 222 17.44 -7.37 -64.54
N ILE L 223 18.41 -6.68 -63.96
CA ILE L 223 18.22 -5.76 -62.82
C ILE L 223 18.01 -4.32 -63.28
N GLY L 224 17.55 -4.12 -64.53
CA GLY L 224 17.35 -2.80 -65.14
C GLY L 224 18.63 -2.15 -65.67
N LEU L 225 19.77 -2.86 -65.62
CA LEU L 225 21.01 -2.43 -66.26
C LEU L 225 21.05 -2.89 -67.73
N PRO L 226 21.70 -2.12 -68.62
CA PRO L 226 21.83 -2.50 -70.03
C PRO L 226 22.76 -3.71 -70.24
N THR L 227 23.73 -3.91 -69.34
CA THR L 227 24.67 -5.02 -69.42
C THR L 227 23.96 -6.35 -69.22
N SER L 228 24.12 -7.24 -70.19
CA SER L 228 23.68 -8.63 -70.10
C SER L 228 24.82 -9.49 -69.56
N THR L 229 24.50 -10.37 -68.61
CA THR L 229 25.48 -11.25 -67.96
C THR L 229 25.04 -12.70 -68.05
N ILE L 230 25.96 -13.60 -68.38
CA ILE L 230 25.78 -15.05 -68.39
C ILE L 230 26.87 -15.66 -67.51
N ALA L 231 26.53 -16.67 -66.72
CA ALA L 231 27.51 -17.54 -66.06
C ALA L 231 27.55 -18.89 -66.79
N SER L 232 28.73 -19.48 -66.89
CA SER L 232 28.89 -20.88 -67.33
C SER L 232 29.88 -21.60 -66.45
N CYS L 233 29.66 -22.90 -66.26
CA CYS L 233 30.58 -23.78 -65.55
C CYS L 233 30.85 -25.06 -66.35
N SER L 234 31.98 -25.71 -66.09
CA SER L 234 32.46 -26.81 -66.91
C SER L 234 33.17 -27.90 -66.11
N GLN L 235 33.31 -29.05 -66.78
CA GLN L 235 34.16 -30.17 -66.40
C GLN L 235 35.63 -29.75 -66.15
N ASP L 236 36.11 -28.66 -66.78
CA ASP L 236 37.47 -28.15 -66.57
C ASP L 236 37.69 -27.41 -65.24
N GLY L 237 36.66 -27.37 -64.39
CA GLY L 237 36.65 -26.74 -63.08
C GLY L 237 36.57 -25.21 -63.13
N ARG L 238 36.46 -24.59 -64.31
CA ARG L 238 36.35 -23.14 -64.44
C ARG L 238 34.90 -22.68 -64.39
N VAL L 239 34.69 -21.49 -63.83
CA VAL L 239 33.47 -20.72 -63.98
C VAL L 239 33.81 -19.42 -64.69
N TYR L 240 33.10 -19.12 -65.78
CA TYR L 240 33.22 -17.86 -66.51
C TYR L 240 31.98 -17.01 -66.32
N ILE L 241 32.19 -15.70 -66.17
CA ILE L 241 31.16 -14.67 -66.28
C ILE L 241 31.35 -13.99 -67.64
N TRP L 242 30.35 -14.08 -68.49
CA TRP L 242 30.32 -13.46 -69.80
C TRP L 242 29.48 -12.19 -69.70
N THR L 243 30.03 -11.06 -70.13
CA THR L 243 29.32 -9.77 -70.12
C THR L 243 29.22 -9.20 -71.52
N SER L 244 28.10 -8.56 -71.81
CA SER L 244 27.86 -7.77 -73.02
C SER L 244 27.23 -6.43 -72.63
N ASP L 245 27.97 -5.34 -72.77
CA ASP L 245 27.54 -3.99 -72.37
C ASP L 245 26.60 -3.32 -73.37
N ASP L 246 26.67 -3.72 -74.64
CA ASP L 246 25.83 -3.18 -75.70
C ASP L 246 25.18 -4.32 -76.49
N ALA L 247 23.86 -4.41 -76.36
CA ALA L 247 23.02 -5.36 -77.09
C ALA L 247 23.16 -5.23 -78.62
N ALA L 248 23.56 -4.06 -79.13
CA ALA L 248 23.79 -3.83 -80.56
C ALA L 248 25.13 -4.41 -81.04
N THR L 249 26.17 -4.36 -80.21
CA THR L 249 27.51 -4.87 -80.60
C THR L 249 27.60 -6.38 -80.55
N ASN L 250 26.72 -7.03 -79.78
CA ASN L 250 26.74 -8.49 -79.57
C ASN L 250 28.12 -9.02 -79.13
N CYS L 251 28.96 -8.17 -78.53
CA CYS L 251 30.31 -8.51 -78.10
C CYS L 251 30.28 -9.04 -76.68
N TRP L 252 30.61 -10.32 -76.52
CA TRP L 252 30.66 -10.98 -75.21
C TRP L 252 32.11 -11.15 -74.76
N THR L 253 32.43 -10.63 -73.58
CA THR L 253 33.76 -10.76 -72.98
C THR L 253 33.74 -11.77 -71.83
N PRO L 254 34.57 -12.83 -71.86
CA PRO L 254 34.70 -13.75 -70.73
C PRO L 254 35.60 -13.17 -69.64
N LYS L 255 35.16 -13.31 -68.40
CA LYS L 255 35.96 -13.11 -67.19
C LYS L 255 35.98 -14.40 -66.37
N LEU L 256 37.17 -14.91 -66.08
CA LEU L 256 37.30 -16.05 -65.18
C LEU L 256 36.88 -15.64 -63.76
N LEU L 257 35.84 -16.28 -63.23
CA LEU L 257 35.41 -16.11 -61.85
C LEU L 257 36.38 -16.83 -60.91
N HIS L 258 36.55 -18.13 -61.12
CA HIS L 258 37.37 -19.01 -60.31
C HIS L 258 37.68 -20.30 -61.07
N LYS L 259 38.74 -21.00 -60.65
CA LYS L 259 39.04 -22.37 -61.08
C LYS L 259 39.08 -23.28 -59.86
N PHE L 260 38.10 -24.17 -59.76
CA PHE L 260 38.02 -25.20 -58.74
C PHE L 260 38.93 -26.38 -59.10
N ASN L 261 39.27 -27.19 -58.09
CA ASN L 261 40.10 -28.39 -58.28
C ASN L 261 39.30 -29.59 -58.80
N ASP L 262 37.97 -29.47 -58.86
CA ASP L 262 37.03 -30.49 -59.30
C ASP L 262 35.99 -29.86 -60.25
N VAL L 263 35.16 -30.71 -60.84
CA VAL L 263 34.06 -30.35 -61.73
C VAL L 263 33.13 -29.35 -61.07
N VAL L 264 32.60 -28.41 -61.84
CA VAL L 264 31.51 -27.54 -61.39
C VAL L 264 30.23 -27.97 -62.10
N TRP L 265 29.14 -28.15 -61.35
CA TRP L 265 27.83 -28.56 -61.93
C TRP L 265 27.23 -27.38 -62.71
N HIS L 266 26.58 -26.45 -62.00
CA HIS L 266 25.95 -25.27 -62.65
C HIS L 266 25.91 -24.10 -61.66
N VAL L 267 25.75 -22.87 -62.18
CA VAL L 267 25.70 -21.64 -61.32
C VAL L 267 24.30 -21.03 -61.44
N SER L 268 23.67 -20.73 -60.30
CA SER L 268 22.31 -20.14 -60.27
C SER L 268 22.37 -18.68 -59.79
N TRP L 269 21.75 -17.77 -60.53
CA TRP L 269 21.73 -16.35 -60.18
C TRP L 269 20.67 -16.06 -59.13
N SER L 270 21.03 -15.23 -58.15
CA SER L 270 20.04 -14.62 -57.27
C SER L 270 19.25 -13.54 -58.03
N ILE L 271 17.95 -13.47 -57.76
CA ILE L 271 17.03 -12.59 -58.48
C ILE L 271 17.32 -11.10 -58.21
N THR L 272 17.77 -10.75 -57.00
CA THR L 272 17.80 -9.35 -56.53
C THR L 272 19.18 -8.76 -56.30
N ALA L 273 20.22 -9.60 -56.14
CA ALA L 273 21.52 -9.14 -55.65
C ALA L 273 22.68 -9.47 -56.60
N ASN L 274 22.39 -10.02 -57.78
CA ASN L 274 23.38 -10.50 -58.75
C ASN L 274 24.45 -11.38 -58.07
N ILE L 275 24.02 -12.23 -57.14
CA ILE L 275 24.86 -13.20 -56.44
C ILE L 275 24.81 -14.48 -57.23
N LEU L 276 25.97 -15.06 -57.54
CA LEU L 276 26.06 -16.35 -58.19
C LEU L 276 26.27 -17.45 -57.17
N ALA L 277 25.38 -18.43 -57.13
CA ALA L 277 25.61 -19.70 -56.46
C ALA L 277 26.32 -20.66 -57.40
N VAL L 278 27.39 -21.29 -56.92
CA VAL L 278 28.23 -22.23 -57.68
C VAL L 278 28.31 -23.54 -56.90
N SER L 279 27.88 -24.64 -57.51
CA SER L 279 27.96 -25.98 -56.91
C SER L 279 29.06 -26.82 -57.54
N GLY L 280 30.00 -27.28 -56.72
CA GLY L 280 31.19 -28.03 -57.14
C GLY L 280 31.13 -29.51 -56.80
N GLY L 281 32.01 -30.30 -57.44
CA GLY L 281 32.25 -31.73 -57.17
C GLY L 281 32.88 -31.99 -55.81
N ASP L 282 33.46 -30.96 -55.19
CA ASP L 282 33.97 -30.97 -53.81
C ASP L 282 32.87 -31.01 -52.73
N ASN L 283 31.61 -31.19 -53.12
CA ASN L 283 30.42 -31.17 -52.26
C ASN L 283 30.18 -29.83 -51.56
N LYS L 284 30.74 -28.74 -52.10
CA LYS L 284 30.53 -27.38 -51.59
C LYS L 284 29.62 -26.57 -52.51
N VAL L 285 28.91 -25.63 -51.89
CA VAL L 285 28.22 -24.56 -52.61
C VAL L 285 28.83 -23.24 -52.19
N THR L 286 29.42 -22.53 -53.14
CA THR L 286 30.03 -21.22 -52.90
C THR L 286 29.13 -20.12 -53.45
N LEU L 287 29.05 -18.99 -52.75
CA LEU L 287 28.32 -17.81 -53.20
C LEU L 287 29.30 -16.71 -53.58
N TRP L 288 29.08 -16.09 -54.73
CA TRP L 288 29.96 -15.08 -55.29
C TRP L 288 29.21 -13.80 -55.57
N LYS L 289 29.86 -12.67 -55.31
CA LYS L 289 29.32 -11.35 -55.63
C LYS L 289 30.40 -10.47 -56.21
N GLU L 290 30.04 -9.69 -57.22
CA GLU L 290 30.89 -8.66 -57.77
C GLU L 290 30.99 -7.46 -56.81
N SER L 291 32.20 -7.03 -56.50
CA SER L 291 32.50 -5.79 -55.78
C SER L 291 32.47 -4.59 -56.73
N VAL L 292 32.47 -3.39 -56.14
CA VAL L 292 32.35 -2.11 -56.87
C VAL L 292 33.50 -1.87 -57.85
N ASP L 293 34.65 -2.49 -57.63
CA ASP L 293 35.82 -2.49 -58.52
C ASP L 293 35.73 -3.53 -59.66
N GLY L 294 34.61 -4.23 -59.77
CA GLY L 294 34.37 -5.29 -60.73
C GLY L 294 35.02 -6.63 -60.37
N GLN L 295 35.75 -6.76 -59.25
CA GLN L 295 36.30 -8.05 -58.83
C GLN L 295 35.18 -8.95 -58.30
N TRP L 296 35.29 -10.26 -58.50
CA TRP L 296 34.34 -11.20 -57.90
C TRP L 296 34.93 -11.80 -56.63
N ALA L 297 34.18 -11.75 -55.54
CA ALA L 297 34.58 -12.28 -54.26
C ALA L 297 33.62 -13.38 -53.79
N CYS L 298 34.18 -14.45 -53.21
CA CYS L 298 33.40 -15.46 -52.51
C CYS L 298 32.91 -14.87 -51.18
N ILE L 299 31.59 -14.78 -51.00
CA ILE L 299 30.94 -14.22 -49.80
C ILE L 299 30.46 -15.28 -48.82
N SER L 300 30.44 -16.56 -49.23
CA SER L 300 30.09 -17.69 -48.39
C SER L 300 30.55 -19.01 -49.01
N ASP L 301 30.97 -19.94 -48.15
CA ASP L 301 31.26 -21.34 -48.49
C ASP L 301 30.36 -22.24 -47.63
N VAL L 302 29.40 -22.92 -48.27
CA VAL L 302 28.42 -23.79 -47.60
C VAL L 302 28.83 -25.24 -47.82
N ASN L 303 29.24 -25.90 -46.74
CA ASN L 303 29.59 -27.32 -46.74
C ASN L 303 28.35 -28.18 -46.44
N LYS L 304 28.24 -29.36 -47.08
CA LYS L 304 27.34 -30.41 -46.59
C LYS L 304 27.69 -30.74 -45.12
N GLY L 305 26.77 -30.49 -44.19
CA GLY L 305 26.87 -30.93 -42.78
C GLY L 305 26.91 -29.86 -41.69
N GLN L 306 26.89 -28.55 -42.00
CA GLN L 306 26.90 -27.49 -40.96
C GLN L 306 25.51 -27.00 -40.50
N GLY L 307 24.43 -27.70 -40.85
CA GLY L 307 23.07 -27.39 -40.41
C GLY L 307 22.66 -28.15 -39.14
N GLN M 223 22.93 -45.66 -42.37
CA GLN M 223 22.26 -44.61 -43.17
C GLN M 223 23.23 -43.48 -43.52
N GLU M 224 24.51 -43.81 -43.68
CA GLU M 224 25.52 -42.81 -44.08
C GLU M 224 25.38 -42.53 -45.58
N LEU M 225 25.49 -41.29 -46.00
CA LEU M 225 25.60 -41.08 -47.43
C LEU M 225 27.06 -41.49 -47.50
N VAL M 226 27.37 -42.70 -47.93
CA VAL M 226 28.76 -43.17 -47.89
C VAL M 226 29.71 -42.13 -48.49
N PRO M 227 30.84 -41.87 -47.82
CA PRO M 227 31.67 -40.83 -48.40
C PRO M 227 32.90 -41.36 -49.06
N LEU M 228 33.50 -42.40 -48.51
CA LEU M 228 34.90 -42.75 -48.77
C LEU M 228 34.97 -43.36 -50.13
N GLU M 229 33.84 -43.83 -50.61
CA GLU M 229 33.80 -44.35 -51.95
C GLU M 229 34.11 -43.16 -52.87
N LYS M 230 34.09 -41.92 -52.37
CA LYS M 230 34.48 -40.75 -53.16
C LYS M 230 35.47 -41.17 -54.25
N SER M 231 36.70 -41.54 -53.91
CA SER M 231 37.73 -41.89 -54.90
C SER M 231 37.38 -43.08 -55.84
N VAL M 232 36.66 -44.07 -55.30
CA VAL M 232 36.26 -45.23 -56.12
C VAL M 232 35.40 -44.73 -57.24
N THR M 233 34.27 -44.16 -56.85
CA THR M 233 33.36 -43.77 -57.93
C THR M 233 34.11 -42.77 -58.80
N HIS M 234 35.08 -42.04 -58.23
CA HIS M 234 35.83 -41.01 -58.97
C HIS M 234 36.74 -41.52 -60.08
N GLY M 235 37.55 -42.56 -59.89
CA GLY M 235 38.33 -43.09 -61.03
C GLY M 235 37.32 -43.74 -61.97
N ARG M 236 36.28 -44.25 -61.31
CA ARG M 236 35.27 -44.90 -62.09
C ARG M 236 34.84 -43.85 -63.14
N GLY M 237 34.66 -42.58 -62.75
CA GLY M 237 34.15 -41.53 -63.64
C GLY M 237 35.25 -40.91 -64.46
N SER M 238 36.47 -40.93 -63.96
CA SER M 238 37.63 -40.56 -64.72
C SER M 238 37.31 -41.21 -66.05
N LEU M 239 36.75 -42.44 -66.01
CA LEU M 239 36.23 -42.88 -67.38
C LEU M 239 35.30 -41.76 -68.05
N LEU M 240 35.67 -41.06 -69.14
CA LEU M 240 34.86 -39.93 -69.61
C LEU M 240 33.71 -40.42 -70.51
N ILE M 241 33.55 -41.75 -70.62
CA ILE M 241 32.49 -42.33 -71.47
C ILE M 241 31.12 -41.80 -71.04
N ASP M 242 30.92 -41.59 -69.74
CA ASP M 242 29.65 -41.02 -69.22
C ASP M 242 29.88 -40.10 -68.01
N MET M 243 29.21 -38.95 -67.94
CA MET M 243 29.38 -37.99 -66.84
C MET M 243 28.04 -37.44 -66.32
N GLY M 244 26.91 -37.70 -66.99
CA GLY M 244 25.57 -37.29 -66.58
C GLY M 244 25.07 -38.00 -65.31
N LEU M 245 25.37 -39.28 -65.13
CA LEU M 245 25.20 -40.01 -63.87
C LEU M 245 26.20 -39.58 -62.79
N PHE M 246 27.39 -39.16 -63.21
CA PHE M 246 28.44 -38.72 -62.28
C PHE M 246 27.91 -37.47 -61.60
N MET M 247 27.38 -36.54 -62.39
CA MET M 247 26.88 -35.24 -61.86
C MET M 247 25.38 -35.31 -61.53
N GLY M 248 24.78 -36.50 -61.57
CA GLY M 248 23.38 -36.63 -61.15
C GLY M 248 23.30 -36.26 -59.68
N ARG M 249 24.36 -36.57 -58.92
CA ARG M 249 24.47 -36.24 -57.49
C ARG M 249 24.92 -34.77 -57.28
N SER M 250 25.55 -34.16 -58.28
CA SER M 250 25.99 -32.75 -58.21
C SER M 250 24.77 -31.83 -58.43
N PHE M 251 23.90 -31.71 -57.42
CA PHE M 251 22.66 -30.92 -57.57
C PHE M 251 22.96 -29.44 -57.71
N ARG M 252 22.52 -28.79 -58.80
CA ARG M 252 22.70 -27.34 -58.96
C ARG M 252 21.36 -26.72 -58.53
N VAL M 253 21.25 -26.26 -57.29
CA VAL M 253 19.99 -25.71 -56.76
C VAL M 253 20.27 -24.79 -55.57
N GLY M 254 19.38 -23.83 -55.28
CA GLY M 254 19.57 -22.98 -54.11
C GLY M 254 18.57 -21.88 -53.81
N TRP M 255 19.02 -20.64 -53.67
CA TRP M 255 18.13 -19.55 -53.24
C TRP M 255 16.93 -19.28 -54.17
N GLY M 256 15.82 -18.91 -53.55
CA GLY M 256 14.67 -18.20 -54.11
C GLY M 256 14.36 -16.89 -53.35
N PRO M 257 13.25 -16.21 -53.65
CA PRO M 257 12.89 -14.92 -53.03
C PRO M 257 12.58 -15.04 -51.53
N ASN M 258 12.53 -13.89 -50.84
CA ASN M 258 12.37 -13.76 -49.39
C ASN M 258 13.40 -14.55 -48.56
N TRP M 259 14.55 -14.87 -49.16
CA TRP M 259 15.64 -15.69 -48.61
C TRP M 259 15.21 -17.15 -48.30
N THR M 260 14.35 -17.70 -49.16
CA THR M 260 14.00 -19.12 -49.13
C THR M 260 15.12 -19.94 -49.76
N LEU M 261 15.91 -20.62 -48.91
CA LEU M 261 17.09 -21.41 -49.37
C LEU M 261 16.68 -22.82 -49.79
N VAL M 262 17.12 -23.25 -50.96
CA VAL M 262 16.85 -24.63 -51.48
C VAL M 262 18.18 -25.38 -51.50
N HIS M 263 18.23 -26.54 -50.83
CA HIS M 263 19.48 -27.36 -50.76
C HIS M 263 19.12 -28.83 -50.52
N ASN M 264 20.09 -29.73 -50.72
CA ASN M 264 19.86 -31.18 -50.51
C ASN M 264 20.98 -31.72 -49.62
N GLY M 265 20.98 -31.34 -48.33
CA GLY M 265 22.00 -31.79 -47.37
C GLY M 265 21.37 -32.42 -46.14
N ASP M 266 21.64 -31.85 -44.95
CA ASP M 266 21.08 -32.36 -43.68
C ASP M 266 20.81 -31.19 -42.72
N SER M 300 14.66 -44.70 -38.88
CA SER M 300 15.20 -43.34 -39.08
C SER M 300 15.27 -43.01 -40.57
N PRO M 301 15.35 -41.70 -40.95
CA PRO M 301 15.33 -41.32 -42.35
C PRO M 301 16.69 -40.90 -42.92
N PHE M 302 16.80 -40.77 -44.24
CA PHE M 302 18.03 -40.26 -44.85
C PHE M 302 17.69 -39.69 -46.23
N LYS M 303 17.62 -38.37 -46.35
CA LYS M 303 17.23 -37.75 -47.63
C LYS M 303 17.64 -36.25 -47.69
N VAL M 304 16.69 -35.30 -47.64
CA VAL M 304 17.06 -33.90 -47.92
C VAL M 304 16.47 -33.01 -46.82
N HIS M 305 17.26 -32.07 -46.32
CA HIS M 305 16.82 -31.00 -45.41
C HIS M 305 16.72 -29.67 -46.18
N MET M 306 15.85 -28.77 -45.70
CA MET M 306 15.52 -27.50 -46.36
C MET M 306 15.32 -26.41 -45.30
N GLU M 307 16.43 -25.94 -44.71
CA GLU M 307 16.43 -25.14 -43.49
C GLU M 307 16.51 -23.63 -43.80
N LYS M 308 15.52 -22.89 -43.28
CA LYS M 308 15.46 -21.46 -43.50
C LYS M 308 16.80 -20.82 -43.38
N LEU M 309 17.08 -19.81 -44.20
CA LEU M 309 18.32 -19.04 -44.08
C LEU M 309 18.20 -17.52 -44.41
N SER M 310 17.64 -16.69 -43.52
CA SER M 310 17.60 -15.24 -43.76
C SER M 310 18.98 -14.63 -43.39
N LEU M 311 19.06 -13.42 -42.78
CA LEU M 311 20.35 -12.81 -42.31
C LEU M 311 20.26 -12.44 -40.81
N GLU M 312 21.41 -12.25 -40.14
CA GLU M 312 21.45 -12.18 -38.67
C GLU M 312 22.47 -11.21 -37.98
N GLN M 313 23.67 -10.98 -38.56
CA GLN M 313 24.68 -10.15 -37.86
C GLN M 313 23.93 -8.88 -37.45
N LYS M 314 23.79 -8.63 -36.15
CA LYS M 314 23.00 -7.47 -35.69
C LYS M 314 21.76 -7.28 -36.57
N SER M 315 20.83 -8.22 -36.54
CA SER M 315 19.65 -8.15 -37.40
C SER M 315 18.39 -7.81 -36.60
N ARG M 316 18.44 -6.70 -35.85
CA ARG M 316 17.24 -6.16 -35.18
C ARG M 316 17.41 -4.66 -34.93
N GLU M 317 17.04 -3.79 -35.88
CA GLU M 317 17.30 -2.34 -35.75
C GLU M 317 16.27 -1.31 -36.28
N LEU M 318 15.00 -1.69 -36.44
CA LEU M 318 14.02 -0.77 -37.07
C LEU M 318 13.99 0.73 -36.64
N GLN M 319 13.53 1.04 -35.43
CA GLN M 319 13.35 2.47 -35.00
C GLN M 319 14.33 3.46 -35.64
N SER M 320 15.61 3.34 -35.32
CA SER M 320 16.64 4.20 -35.97
C SER M 320 16.45 4.48 -37.51
N TYR M 321 16.34 3.44 -38.37
CA TYR M 321 16.26 3.78 -39.83
C TYR M 321 14.95 4.47 -39.93
N LEU M 322 13.87 3.93 -39.37
CA LEU M 322 12.61 4.74 -39.49
C LEU M 322 12.89 6.33 -39.34
N MET M 323 13.45 6.85 -38.21
CA MET M 323 13.80 8.30 -38.11
C MET M 323 14.68 8.75 -39.33
N PRO M 324 15.95 8.24 -39.44
CA PRO M 324 16.63 8.67 -40.69
C PRO M 324 15.91 8.67 -42.07
N LEU M 325 15.16 7.62 -42.39
CA LEU M 325 14.55 7.49 -43.72
C LEU M 325 13.44 8.51 -43.85
N GLU M 326 12.66 8.67 -42.79
CA GLU M 326 11.62 9.69 -42.78
C GLU M 326 12.32 11.00 -43.10
N ILE M 327 13.39 11.33 -42.38
CA ILE M 327 14.05 12.62 -42.61
C ILE M 327 14.42 12.74 -44.10
N GLU M 328 15.10 11.72 -44.62
CA GLU M 328 15.57 11.75 -46.02
C GLU M 328 14.42 12.03 -47.01
N LEU M 329 13.30 11.32 -46.88
CA LEU M 329 12.22 11.46 -47.90
C LEU M 329 11.40 12.75 -47.65
N LYS M 330 11.37 13.25 -46.42
CA LYS M 330 10.73 14.54 -46.15
C LYS M 330 11.55 15.59 -46.90
N ASN M 331 12.86 15.34 -47.01
CA ASN M 331 13.77 16.25 -47.75
C ASN M 331 13.77 15.86 -49.23
N SER M 332 12.97 14.84 -49.60
CA SER M 332 12.88 14.33 -50.99
C SER M 332 12.10 15.28 -51.89
N SER M 333 12.30 15.18 -53.22
CA SER M 333 11.57 15.98 -54.22
C SER M 333 11.06 15.09 -55.37
N VAL M 334 10.01 15.53 -56.08
CA VAL M 334 9.17 14.64 -56.94
C VAL M 334 9.10 15.20 -58.37
N ASP M 335 9.27 14.33 -59.37
CA ASP M 335 9.20 14.71 -60.80
C ASP M 335 8.04 13.95 -61.47
N ARG M 336 7.20 14.65 -62.25
CA ARG M 336 6.03 13.99 -62.88
C ARG M 336 5.86 14.42 -64.35
N SER M 337 6.52 13.72 -65.27
CA SER M 337 6.41 13.98 -66.73
C SER M 337 6.19 12.71 -67.56
N ALA M 338 6.69 11.56 -67.07
CA ALA M 338 6.51 10.24 -67.65
C ALA M 338 5.73 9.32 -66.71
N GLN M 339 5.12 8.25 -67.26
CA GLN M 339 4.37 7.26 -66.47
C GLN M 339 5.26 6.52 -65.44
N CYS M 340 6.59 6.54 -65.63
CA CYS M 340 7.55 6.23 -64.57
C CYS M 340 8.05 7.54 -63.93
N PRO M 341 7.54 7.95 -62.75
CA PRO M 341 7.99 9.17 -62.07
C PRO M 341 9.47 9.08 -61.68
N HIS M 342 10.09 10.21 -61.37
CA HIS M 342 11.53 10.32 -61.12
C HIS M 342 11.79 11.15 -59.86
N PHE M 343 12.45 10.56 -58.87
CA PHE M 343 12.98 11.27 -57.71
C PHE M 343 14.38 11.84 -58.00
N LYS M 344 14.68 13.03 -57.45
CA LYS M 344 16.04 13.60 -57.39
C LYS M 344 16.24 14.45 -56.14
N PRO M 345 17.32 14.22 -55.39
CA PRO M 345 17.38 14.97 -54.12
C PRO M 345 17.14 16.44 -54.34
N ASN M 346 16.45 17.12 -53.43
CA ASN M 346 16.34 18.57 -53.59
C ASN M 346 17.78 19.01 -53.75
N ALA M 347 18.14 19.74 -54.81
CA ALA M 347 19.58 20.07 -55.07
C ALA M 347 20.31 20.63 -53.83
N GLY M 348 21.57 20.23 -53.65
CA GLY M 348 22.09 19.66 -52.39
C GLY M 348 22.07 20.74 -51.32
N VAL M 349 20.97 20.86 -50.56
CA VAL M 349 20.81 21.96 -49.58
C VAL M 349 20.26 21.61 -48.21
N ALA M 350 21.11 21.23 -47.26
CA ALA M 350 20.77 21.03 -45.83
C ALA M 350 20.96 19.59 -45.45
N ALA M 351 21.29 18.69 -46.38
CA ALA M 351 21.39 17.30 -45.93
C ALA M 351 22.41 17.09 -44.79
N ILE M 352 23.53 17.85 -44.78
CA ILE M 352 24.55 17.76 -43.74
C ILE M 352 23.98 18.15 -42.37
N HIS M 353 23.09 19.15 -42.31
CA HIS M 353 22.44 19.56 -41.08
C HIS M 353 21.27 18.63 -40.69
N ASP M 354 20.58 18.01 -41.66
CA ASP M 354 19.64 16.91 -41.39
C ASP M 354 20.37 15.72 -40.73
N TYR M 355 21.49 15.24 -41.31
CA TYR M 355 22.26 14.12 -40.75
C TYR M 355 22.91 14.46 -39.40
N ALA M 356 23.57 15.62 -39.29
CA ALA M 356 24.17 16.04 -38.02
C ALA M 356 23.10 16.30 -36.95
N GLY M 357 21.92 16.82 -37.32
CA GLY M 357 20.76 16.96 -36.44
C GLY M 357 20.18 15.62 -36.00
N TRP M 358 20.09 14.64 -36.91
CA TRP M 358 19.63 13.28 -36.63
C TRP M 358 20.53 12.55 -35.63
N VAL M 359 21.86 12.56 -35.82
CA VAL M 359 22.75 11.90 -34.85
C VAL M 359 22.77 12.64 -33.50
N ARG M 360 22.61 13.97 -33.49
CA ARG M 360 22.37 14.79 -32.28
C ARG M 360 21.00 14.56 -31.62
N ASN M 361 20.18 13.65 -32.15
CA ASN M 361 19.03 13.06 -31.45
C ASN M 361 19.31 11.61 -31.02
N LEU M 362 19.95 10.79 -31.87
CA LEU M 362 20.37 9.43 -31.49
C LEU M 362 21.34 9.41 -30.28
N SER M 363 22.16 10.45 -30.11
CA SER M 363 22.99 10.67 -28.91
C SER M 363 22.19 10.72 -27.61
N ASN M 364 20.90 11.01 -27.71
CA ASN M 364 20.05 11.06 -26.51
C ASN M 364 19.89 9.64 -25.98
N GLU M 365 19.85 8.62 -26.85
CA GLU M 365 19.80 7.20 -26.39
C GLU M 365 20.94 6.32 -26.97
N ALA M 366 22.03 6.92 -27.45
CA ALA M 366 23.15 6.15 -28.07
C ALA M 366 24.03 5.49 -27.01
N GLY M 367 23.85 5.90 -25.75
CA GLY M 367 24.64 5.35 -24.63
C GLY M 367 24.63 3.83 -24.61
N GLU M 368 23.62 3.21 -25.21
CA GLU M 368 23.52 1.72 -25.12
C GLU M 368 23.35 1.08 -26.51
N LEU M 369 23.21 1.87 -27.57
CA LEU M 369 23.06 1.27 -28.92
C LEU M 369 24.42 1.26 -29.61
N GLU M 370 24.98 0.07 -29.85
CA GLU M 370 26.30 -0.05 -30.53
C GLU M 370 26.19 -0.98 -31.74
N ALA M 371 26.44 -0.44 -32.93
CA ALA M 371 26.43 -1.20 -34.20
C ALA M 371 27.60 -0.69 -35.05
N VAL M 372 27.48 0.58 -35.47
CA VAL M 372 28.50 1.31 -36.28
C VAL M 372 28.10 2.79 -36.25
N VAL M 373 27.56 3.23 -35.10
CA VAL M 373 27.09 4.62 -34.93
C VAL M 373 28.28 5.59 -34.84
N LYS M 374 29.37 5.21 -34.16
CA LYS M 374 30.63 5.98 -34.11
C LYS M 374 31.32 6.02 -35.46
N GLN M 375 31.43 4.92 -36.19
CA GLN M 375 31.97 4.90 -37.57
C GLN M 375 31.21 5.85 -38.50
N TRP M 376 29.89 5.78 -38.54
CA TRP M 376 29.07 6.69 -39.36
C TRP M 376 29.15 8.14 -38.85
N GLY M 377 29.25 8.35 -37.53
CA GLY M 377 29.42 9.66 -36.91
C GLY M 377 30.72 10.33 -37.30
N LEU M 378 31.85 9.60 -37.26
CA LEU M 378 33.15 10.02 -37.76
C LEU M 378 33.04 10.46 -39.23
N THR M 379 32.48 9.62 -40.09
CA THR M 379 32.33 9.92 -41.53
C THR M 379 31.47 11.17 -41.80
N TRP M 380 30.27 11.25 -41.23
CA TRP M 380 29.36 12.37 -41.53
C TRP M 380 29.81 13.70 -40.92
N THR M 381 30.45 13.69 -39.75
CA THR M 381 31.05 14.91 -39.19
C THR M 381 32.34 15.32 -39.92
N LEU M 382 33.10 14.38 -40.49
CA LEU M 382 34.19 14.71 -41.41
C LEU M 382 33.64 15.40 -42.65
N CYS M 383 32.60 14.85 -43.27
CA CYS M 383 31.94 15.46 -44.44
C CYS M 383 31.43 16.88 -44.13
N GLU M 384 30.91 17.12 -42.92
CA GLU M 384 30.52 18.45 -42.47
C GLU M 384 31.73 19.39 -42.32
N SER M 385 32.85 18.93 -41.77
CA SER M 385 34.07 19.72 -41.63
C SER M 385 34.70 20.10 -42.99
N LEU M 386 34.63 19.19 -43.98
CA LEU M 386 35.26 19.35 -45.30
C LEU M 386 34.36 20.09 -46.31
N TRP M 387 33.27 19.50 -46.72
CA TRP M 387 32.47 20.12 -47.78
C TRP M 387 31.28 20.42 -46.97
N GLY M 388 31.46 21.18 -45.90
CA GLY M 388 30.37 21.38 -44.95
C GLY M 388 29.09 21.87 -45.46
N GLN M 389 29.17 22.39 -46.66
CA GLN M 389 29.71 23.68 -46.83
C GLN M 389 28.56 24.50 -46.28
N LEU M 390 28.33 24.53 -44.95
CA LEU M 390 27.12 25.17 -44.39
C LEU M 390 27.31 26.30 -43.39
N LYS M 391 26.19 26.78 -42.82
CA LYS M 391 26.23 27.87 -41.85
C LYS M 391 27.36 27.82 -40.82
N GLU M 392 27.96 28.97 -40.52
CA GLU M 392 29.01 29.05 -39.49
C GLU M 392 28.72 30.32 -38.68
N LEU M 393 27.52 30.42 -38.09
CA LEU M 393 27.13 31.66 -37.36
C LEU M 393 27.49 32.78 -38.32
N GLU M 394 26.98 32.72 -39.55
CA GLU M 394 27.30 33.73 -40.57
C GLU M 394 28.82 33.75 -40.81
N ALA M 395 29.35 32.74 -41.48
CA ALA M 395 30.80 32.66 -41.80
C ALA M 395 31.04 33.25 -43.19
N SER M 396 30.25 34.25 -43.56
CA SER M 396 30.60 35.67 -43.34
C SER M 396 29.39 36.54 -43.00
N LEU M 397 29.46 37.33 -41.93
CA LEU M 397 28.36 38.27 -41.61
C LEU M 397 28.26 39.24 -42.77
N ASP M 398 29.38 39.62 -43.37
CA ASP M 398 29.40 40.58 -44.49
C ASP M 398 29.93 39.90 -45.77
N GLU M 399 31.27 39.76 -45.92
CA GLU M 399 31.84 39.22 -47.18
C GLU M 399 32.99 38.22 -46.94
N PRO M 400 33.15 37.21 -47.81
CA PRO M 400 34.18 36.17 -47.58
C PRO M 400 35.53 36.45 -48.25
N ASN M 401 36.64 36.29 -47.52
CA ASN M 401 37.98 36.44 -48.09
C ASN M 401 38.54 35.03 -48.02
N GLU M 402 38.96 34.44 -49.11
CA GLU M 402 39.40 33.03 -49.15
C GLU M 402 40.39 32.63 -48.04
N TYR M 403 41.30 33.52 -47.64
CA TYR M 403 42.18 33.27 -46.48
C TYR M 403 41.38 33.03 -45.20
N VAL M 404 40.38 33.89 -44.93
CA VAL M 404 39.48 33.75 -43.77
C VAL M 404 38.66 32.47 -43.92
N ARG M 405 38.02 32.25 -45.08
CA ARG M 405 37.23 31.04 -45.36
C ARG M 405 38.02 29.75 -45.10
N ASN M 406 39.30 29.71 -45.47
CA ASN M 406 40.15 28.54 -45.29
C ASN M 406 40.68 28.41 -43.85
N LEU M 407 41.01 29.51 -43.18
CA LEU M 407 41.38 29.53 -41.76
C LEU M 407 40.21 29.08 -40.86
N GLU M 408 38.99 29.51 -41.18
CA GLU M 408 37.76 29.14 -40.50
C GLU M 408 37.42 27.65 -40.71
N ARG M 409 37.67 27.10 -41.91
CA ARG M 409 37.63 25.64 -42.12
C ARG M 409 38.71 24.90 -41.33
N ARG M 410 39.92 25.46 -41.19
CA ARG M 410 40.97 24.88 -40.33
C ARG M 410 40.57 24.94 -38.84
N LYS M 411 39.88 25.97 -38.37
CA LYS M 411 39.27 26.01 -37.02
C LYS M 411 38.22 24.91 -36.85
N ALA M 412 37.26 24.79 -37.77
CA ALA M 412 36.21 23.79 -37.69
C ALA M 412 36.75 22.35 -37.73
N PHE M 413 37.69 22.05 -38.65
CA PHE M 413 38.33 20.74 -38.74
C PHE M 413 39.26 20.46 -37.55
N SER M 414 39.94 21.48 -37.00
CA SER M 414 40.70 21.36 -35.75
C SER M 414 39.79 21.05 -34.55
N HIS M 415 38.58 21.60 -34.51
CA HIS M 415 37.61 21.29 -33.45
C HIS M 415 37.05 19.86 -33.63
N TRP M 416 36.82 19.42 -34.87
CA TRP M 416 36.46 18.04 -35.18
C TRP M 416 37.56 17.07 -34.70
N LEU M 417 38.81 17.26 -35.13
CA LEU M 417 39.94 16.42 -34.74
C LEU M 417 40.11 16.33 -33.21
N ALA M 418 40.07 17.47 -32.50
CA ALA M 418 40.10 17.47 -31.04
C ALA M 418 38.95 16.62 -30.45
N HIS M 419 37.72 16.79 -30.93
CA HIS M 419 36.55 16.02 -30.49
C HIS M 419 36.66 14.51 -30.82
N THR M 420 37.29 14.12 -31.93
CA THR M 420 37.56 12.71 -32.26
C THR M 420 38.57 12.05 -31.31
N ALA M 421 39.44 12.84 -30.69
CA ALA M 421 40.49 12.38 -29.80
C ALA M 421 40.13 12.48 -28.30
N GLU M 422 39.16 13.33 -27.95
CA GLU M 422 38.88 13.76 -26.58
C GLU M 422 38.48 12.63 -25.63
N GLU M 423 37.73 11.63 -26.11
CA GLU M 423 37.31 10.44 -25.36
C GLU M 423 38.51 9.56 -24.99
N ARG M 424 39.23 9.05 -26.00
CA ARG M 424 40.39 8.16 -25.85
C ARG M 424 41.59 8.82 -25.17
N ILE M 425 41.67 10.16 -25.17
CA ILE M 425 42.65 10.92 -24.39
C ILE M 425 42.32 10.96 -22.89
N GLU M 426 41.05 11.01 -22.48
CA GLU M 426 40.72 10.93 -21.04
C GLU M 426 40.74 9.49 -20.50
N GLU M 427 40.57 8.47 -21.36
CA GLU M 427 41.02 7.11 -21.05
C GLU M 427 42.53 7.09 -20.76
N GLU M 428 43.36 7.58 -21.69
CA GLU M 428 44.82 7.65 -21.52
C GLU M 428 45.25 8.44 -20.27
N VAL M 429 44.67 9.62 -20.01
CA VAL M 429 44.97 10.45 -18.84
C VAL M 429 44.49 9.80 -17.53
N SER M 430 43.56 8.83 -17.56
CA SER M 430 43.22 8.01 -16.39
C SER M 430 44.26 6.91 -16.10
N LEU M 431 44.98 6.45 -17.13
CA LEU M 431 46.02 5.40 -17.04
C LEU M 431 47.42 5.97 -16.76
N TYR M 432 47.90 6.95 -17.48
CA TYR M 432 49.31 7.34 -17.22
C TYR M 432 49.37 7.92 -15.79
N GLY M 433 49.61 7.10 -14.78
CA GLY M 433 49.59 7.57 -13.39
C GLY M 433 50.82 8.38 -13.10
N PRO M 434 50.89 9.04 -11.92
CA PRO M 434 52.02 9.92 -11.65
C PRO M 434 53.37 9.28 -12.04
N GLU M 435 54.21 10.00 -12.77
CA GLU M 435 53.82 10.70 -14.00
C GLU M 435 54.86 10.41 -15.07
N ARG M 436 54.80 11.11 -16.20
CA ARG M 436 55.82 10.95 -17.24
C ARG M 436 55.74 12.10 -18.23
N HIS M 437 56.75 12.97 -18.20
CA HIS M 437 56.85 14.09 -19.12
C HIS M 437 57.44 13.64 -20.45
N VAL M 438 57.71 12.35 -20.60
CA VAL M 438 58.06 11.76 -21.89
C VAL M 438 56.94 10.82 -22.37
N GLU M 439 55.70 10.93 -21.85
CA GLU M 439 54.55 10.12 -22.35
C GLU M 439 53.18 10.83 -22.18
N ALA M 440 52.57 10.82 -21.01
CA ALA M 440 51.36 11.59 -20.76
C ALA M 440 51.46 13.05 -21.25
N VAL M 441 52.65 13.68 -21.22
CA VAL M 441 52.86 14.98 -21.88
C VAL M 441 52.66 14.85 -23.39
N PHE M 442 53.19 13.80 -24.02
CA PHE M 442 53.00 13.57 -25.45
C PHE M 442 51.52 13.35 -25.81
N SER M 443 50.79 12.49 -25.08
CA SER M 443 49.37 12.25 -25.40
C SER M 443 48.50 13.50 -25.22
N PHE M 444 48.70 14.29 -24.15
CA PHE M 444 48.04 15.61 -24.03
C PHE M 444 48.31 16.53 -25.24
N LEU M 445 49.50 16.46 -25.85
CA LEU M 445 49.82 17.25 -27.06
C LEU M 445 49.17 16.68 -28.33
N THR M 446 49.04 15.35 -28.45
CA THR M 446 48.33 14.69 -29.59
C THR M 446 46.83 14.97 -29.63
N GLY M 447 46.33 15.70 -28.60
CA GLY M 447 44.97 16.20 -28.64
C GLY M 447 44.91 17.51 -27.87
N GLY M 448 46.00 18.29 -27.89
CA GLY M 448 46.02 19.60 -27.23
C GLY M 448 45.10 19.74 -26.02
N ARG M 449 44.08 20.60 -26.10
CA ARG M 449 43.39 21.16 -24.91
C ARG M 449 44.40 21.83 -23.96
N ILE M 450 45.24 22.73 -24.47
CA ILE M 450 46.47 23.16 -23.75
C ILE M 450 46.07 23.85 -22.46
N SER M 451 44.87 24.38 -22.40
CA SER M 451 44.38 24.97 -21.16
C SER M 451 44.81 24.14 -19.97
N ASP M 452 44.43 22.87 -19.95
CA ASP M 452 44.74 22.02 -18.78
C ASP M 452 46.17 21.44 -18.87
N ALA M 453 46.77 21.41 -20.06
CA ALA M 453 48.17 20.95 -20.17
C ALA M 453 49.11 21.83 -19.33
N CYS M 454 48.71 23.06 -19.04
CA CYS M 454 49.52 23.95 -18.19
C CYS M 454 49.35 23.56 -16.74
N ARG M 455 48.12 23.51 -16.23
CA ARG M 455 47.99 23.03 -14.84
C ARG M 455 48.75 21.73 -14.60
N LEU M 456 48.91 20.84 -15.58
CA LEU M 456 49.71 19.62 -15.45
C LEU M 456 51.22 19.93 -15.39
N ALA M 457 51.73 20.89 -16.13
CA ALA M 457 53.16 21.27 -15.92
C ALA M 457 53.45 21.72 -14.48
N GLN M 458 52.44 21.86 -13.60
CA GLN M 458 52.68 22.19 -12.18
C GLN M 458 53.93 21.46 -11.70
N LYS M 459 54.09 20.20 -12.08
CA LYS M 459 55.21 19.40 -11.60
C LYS M 459 56.45 19.54 -12.54
N SER M 460 56.93 20.76 -12.79
CA SER M 460 58.14 21.00 -13.65
C SER M 460 58.79 22.42 -13.72
N GLY M 461 58.09 23.50 -13.33
CA GLY M 461 58.65 24.86 -13.49
C GLY M 461 58.94 25.05 -14.96
N ASP M 462 58.09 24.50 -15.82
CA ASP M 462 58.25 24.60 -17.27
C ASP M 462 56.85 24.81 -17.88
N HIS M 463 56.28 25.99 -17.62
CA HIS M 463 55.15 26.54 -18.38
C HIS M 463 55.72 27.36 -19.52
N ARG M 464 56.95 27.07 -19.95
CA ARG M 464 57.50 27.70 -21.13
C ARG M 464 56.43 27.48 -22.12
N LEU M 465 55.81 26.29 -22.06
CA LEU M 465 54.73 25.93 -23.01
C LEU M 465 53.39 26.35 -22.41
N SER M 466 53.39 26.94 -21.22
CA SER M 466 52.11 27.37 -20.60
C SER M 466 51.47 28.44 -21.50
N LEU M 467 52.28 29.38 -22.01
CA LEU M 467 51.74 30.42 -22.94
C LEU M 467 52.05 30.03 -24.40
N LEU M 468 53.08 29.19 -24.60
CA LEU M 468 53.48 28.76 -25.97
C LEU M 468 52.41 27.87 -26.62
N LEU M 469 51.91 26.87 -25.89
CA LEU M 469 50.92 25.92 -26.46
C LEU M 469 49.58 26.60 -26.78
N SER M 470 49.08 27.43 -25.85
CA SER M 470 47.77 28.10 -26.04
C SER M 470 47.83 29.07 -27.23
N GLN M 471 48.93 29.81 -27.35
CA GLN M 471 49.13 30.81 -28.44
C GLN M 471 49.58 30.14 -29.73
N MET M 472 49.56 30.91 -30.83
CA MET M 472 50.09 30.46 -32.15
C MET M 472 51.60 30.25 -32.05
N VAL M 473 52.25 31.10 -31.25
CA VAL M 473 53.71 31.15 -30.88
C VAL M 473 54.49 31.92 -31.95
N GLY M 474 55.79 32.11 -31.71
CA GLY M 474 56.65 32.84 -32.65
C GLY M 474 56.78 32.11 -33.97
N SER M 475 56.45 30.80 -33.98
CA SER M 475 56.57 29.99 -35.23
C SER M 475 57.96 30.19 -35.83
N GLN M 476 57.96 30.59 -37.12
CA GLN M 476 59.12 30.87 -38.00
C GLN M 476 60.46 30.99 -37.27
N GLU M 477 60.54 31.68 -36.12
CA GLU M 477 61.87 31.83 -35.53
C GLU M 477 61.91 31.42 -34.07
N MET M 478 60.87 31.69 -33.31
CA MET M 478 60.90 31.39 -31.88
C MET M 478 61.20 29.93 -31.65
N ARG M 479 60.38 29.13 -32.26
CA ARG M 479 60.50 27.73 -31.92
C ARG M 479 61.63 27.15 -32.76
N GLU M 480 62.07 27.90 -33.75
CA GLU M 480 63.18 27.47 -34.59
C GLU M 480 64.46 27.66 -33.86
N LEU M 481 64.50 28.63 -32.99
CA LEU M 481 65.67 28.83 -32.16
C LEU M 481 65.59 27.83 -31.04
N ILE M 482 64.37 27.42 -30.64
CA ILE M 482 64.37 26.31 -29.66
C ILE M 482 65.09 25.19 -30.40
N SER M 483 64.78 25.05 -31.68
CA SER M 483 65.36 23.96 -32.47
C SER M 483 66.86 24.10 -32.60
N LEU M 484 67.33 25.32 -32.73
CA LEU M 484 68.74 25.54 -32.95
C LEU M 484 69.43 25.21 -31.67
N GLN M 485 68.79 25.53 -30.56
CA GLN M 485 69.36 25.22 -29.24
C GLN M 485 69.53 23.73 -29.15
N LEU M 486 68.52 23.02 -29.62
CA LEU M 486 68.63 21.56 -29.62
C LEU M 486 69.77 21.08 -30.48
N VAL M 487 69.88 21.64 -31.68
CA VAL M 487 70.91 21.24 -32.62
C VAL M 487 72.20 21.41 -31.90
N ASP M 488 72.29 22.49 -31.16
CA ASP M 488 73.54 22.81 -30.51
C ASP M 488 73.85 21.87 -29.36
N TRP M 489 72.88 21.52 -28.50
CA TRP M 489 73.16 20.56 -27.45
C TRP M 489 73.68 19.32 -28.14
N ASN M 490 73.05 19.00 -29.26
CA ASN M 490 73.43 17.80 -30.00
C ASN M 490 74.91 17.84 -30.42
N LYS M 491 75.30 18.93 -31.07
CA LYS M 491 76.68 19.02 -31.59
C LYS M 491 77.64 19.06 -30.44
N LEU M 492 77.18 19.63 -29.33
CA LEU M 492 78.03 19.78 -28.17
C LEU M 492 78.48 18.42 -27.78
N GLN M 493 77.83 17.36 -28.29
CA GLN M 493 78.17 15.95 -27.93
C GLN M 493 78.02 15.78 -26.41
N VAL M 494 77.73 16.88 -25.71
CA VAL M 494 77.54 16.93 -24.22
C VAL M 494 76.08 16.60 -23.88
N ASP M 495 75.75 16.57 -22.59
CA ASP M 495 74.38 16.27 -22.10
C ASP M 495 73.94 14.88 -22.59
N HIS M 496 74.85 13.90 -22.54
CA HIS M 496 74.55 12.51 -22.95
C HIS M 496 73.47 11.93 -22.02
N TYR M 497 73.56 12.25 -20.73
CA TYR M 497 72.57 11.77 -19.73
C TYR M 497 71.36 12.70 -19.76
N ILE M 498 70.47 12.47 -20.73
CA ILE M 498 69.23 13.28 -20.93
C ILE M 498 68.04 12.33 -21.05
N GLN M 499 66.81 12.86 -20.91
CA GLN M 499 65.60 12.01 -20.96
C GLN M 499 65.59 11.28 -22.32
N GLU M 500 65.30 9.98 -22.30
CA GLU M 500 65.28 9.12 -23.51
C GLU M 500 64.44 9.77 -24.61
N GLU M 501 63.15 10.03 -24.34
CA GLU M 501 62.23 10.61 -25.37
C GLU M 501 61.86 12.14 -25.14
N ARG M 502 62.26 12.79 -24.06
CA ARG M 502 62.35 14.26 -23.99
C ARG M 502 62.87 14.87 -25.29
N LEU M 503 63.77 14.20 -26.01
CA LEU M 503 64.20 14.62 -27.35
C LEU M 503 63.04 14.53 -28.35
N ARG M 504 62.28 13.42 -28.34
CA ARG M 504 61.05 13.28 -29.16
C ARG M 504 60.06 14.42 -28.86
N VAL M 505 59.86 14.75 -27.58
CA VAL M 505 59.05 15.93 -27.18
C VAL M 505 59.67 17.26 -27.66
N PHE M 506 60.97 17.49 -27.53
CA PHE M 506 61.62 18.73 -28.02
C PHE M 506 61.49 18.90 -29.54
N CYS M 507 61.71 17.83 -30.30
CA CYS M 507 61.55 17.79 -31.76
C CYS M 507 60.08 18.02 -32.19
N LEU M 508 59.12 17.57 -31.38
CA LEU M 508 57.70 17.92 -31.54
C LEU M 508 57.45 19.43 -31.37
N LEU M 509 58.16 20.10 -30.48
CA LEU M 509 57.93 21.53 -30.35
C LEU M 509 58.59 22.23 -31.52
N SER M 510 59.53 21.56 -32.20
CA SER M 510 60.28 22.18 -33.31
C SER M 510 60.16 21.48 -34.67
N GLY M 511 59.19 20.58 -34.84
CA GLY M 511 58.95 19.94 -36.14
C GLY M 511 60.13 19.53 -37.03
N THR M 512 60.69 18.32 -36.84
CA THR M 512 61.81 17.83 -37.68
C THR M 512 61.52 16.50 -38.43
N PRO M 513 60.36 15.87 -38.18
CA PRO M 513 59.91 15.17 -36.99
C PRO M 513 60.31 13.70 -37.07
N VAL M 514 61.49 13.39 -37.57
CA VAL M 514 62.05 12.01 -37.52
C VAL M 514 63.48 12.36 -37.51
N TRP M 515 64.29 11.79 -36.62
CA TRP M 515 65.64 12.35 -36.50
C TRP M 515 66.69 11.24 -36.35
N ARG M 516 67.67 11.19 -37.26
CA ARG M 516 68.80 10.25 -37.17
C ARG M 516 69.94 10.89 -36.37
N SER M 517 70.00 10.57 -35.09
CA SER M 517 70.92 11.14 -34.09
C SER M 517 72.37 10.64 -34.27
N SER M 518 73.35 11.29 -33.64
CA SER M 518 74.78 10.94 -33.77
C SER M 518 75.17 9.61 -33.11
N ASP M 519 74.30 9.03 -32.29
CA ASP M 519 74.33 7.61 -31.86
C ASP M 519 73.91 6.62 -32.98
N ASN M 520 73.52 7.12 -34.15
CA ASN M 520 72.81 6.40 -35.21
C ASN M 520 71.40 5.88 -34.78
N ARG M 521 70.77 6.48 -33.75
CA ARG M 521 69.35 6.23 -33.41
C ARG M 521 68.41 6.92 -34.39
N SER M 522 67.39 6.23 -34.90
CA SER M 522 66.23 6.82 -35.58
C SER M 522 65.16 7.24 -34.55
N ILE M 523 65.30 8.45 -34.02
CA ILE M 523 64.37 9.04 -33.05
C ILE M 523 63.09 9.45 -33.80
N ASN M 524 62.11 8.55 -33.88
CA ASN M 524 60.87 8.81 -34.64
C ASN M 524 59.85 9.44 -33.72
N VAL M 525 59.37 10.62 -34.07
CA VAL M 525 58.34 11.28 -33.28
C VAL M 525 57.01 10.62 -33.55
N CYS M 526 56.75 10.21 -34.79
CA CYS M 526 55.41 9.70 -35.22
C CYS M 526 54.90 8.30 -34.83
N SER M 527 55.77 7.38 -34.47
CA SER M 527 55.31 6.01 -34.20
C SER M 527 54.28 5.99 -33.08
N GLN M 528 53.60 4.87 -32.90
CA GLN M 528 52.64 4.73 -31.79
C GLN M 528 51.51 5.75 -31.90
N LEU M 529 51.13 6.12 -33.11
CA LEU M 529 49.99 7.01 -33.34
C LEU M 529 49.13 6.42 -34.47
N ASP M 530 48.04 7.08 -34.86
CA ASP M 530 47.25 6.64 -36.03
C ASP M 530 47.46 7.70 -37.12
N TRP M 531 47.26 7.38 -38.40
CA TRP M 531 47.50 8.31 -39.51
C TRP M 531 46.86 9.68 -39.27
N LYS M 532 45.73 9.71 -38.54
CA LYS M 532 44.91 10.90 -38.28
C LYS M 532 45.67 11.90 -37.40
N ARG M 533 46.20 11.46 -36.26
CA ARG M 533 47.12 12.27 -35.43
C ARG M 533 48.45 12.57 -36.13
N THR M 534 48.96 11.64 -36.94
CA THR M 534 50.19 11.87 -37.72
C THR M 534 50.05 13.04 -38.70
N LEU M 535 48.93 13.13 -39.43
CA LEU M 535 48.64 14.27 -40.31
C LEU M 535 48.40 15.57 -39.50
N ALA M 536 47.79 15.48 -38.32
CA ALA M 536 47.60 16.62 -37.43
C ALA M 536 48.92 17.20 -36.92
N VAL M 537 49.89 16.33 -36.56
CA VAL M 537 51.27 16.73 -36.21
C VAL M 537 51.95 17.46 -37.37
N HIS M 538 51.75 17.02 -38.62
CA HIS M 538 52.23 17.74 -39.80
C HIS M 538 51.55 19.11 -39.97
N LEU M 539 50.23 19.20 -39.74
CA LEU M 539 49.45 20.43 -39.86
C LEU M 539 49.76 21.47 -38.78
N TRP M 540 50.26 21.09 -37.60
CA TRP M 540 50.53 22.03 -36.49
C TRP M 540 52.01 22.34 -36.27
N TYR M 541 52.88 21.34 -36.35
CA TYR M 541 54.24 21.42 -35.80
C TYR M 541 55.33 21.33 -36.87
N MET M 542 55.13 20.52 -37.91
CA MET M 542 56.07 20.45 -39.04
C MET M 542 55.89 21.64 -40.01
N LEU M 543 54.66 22.18 -40.12
CA LEU M 543 54.37 23.23 -41.12
C LEU M 543 53.94 24.58 -40.52
N PRO M 544 54.05 25.69 -41.31
CA PRO M 544 53.67 27.01 -40.80
C PRO M 544 52.25 27.05 -40.29
N PRO M 545 51.89 28.08 -39.53
CA PRO M 545 50.53 28.12 -38.99
C PRO M 545 49.58 28.61 -40.05
N THR M 546 50.03 28.86 -41.28
CA THR M 546 49.12 29.24 -42.38
C THR M 546 49.40 28.41 -43.67
N ALA M 547 48.54 27.43 -44.01
CA ALA M 547 48.73 26.59 -45.22
C ALA M 547 47.42 25.91 -45.67
N THR M 548 47.47 25.14 -46.77
CA THR M 548 46.26 24.49 -47.31
C THR M 548 46.20 23.00 -47.04
N ILE M 549 45.02 22.44 -47.18
CA ILE M 549 44.85 21.05 -46.83
C ILE M 549 45.30 20.12 -47.99
N ALA M 550 44.95 20.27 -49.29
CA ALA M 550 45.50 19.38 -50.31
C ALA M 550 47.02 19.18 -50.17
N GLN M 551 47.75 20.22 -49.76
CA GLN M 551 49.19 20.14 -49.52
C GLN M 551 49.52 19.38 -48.22
N ALA M 552 48.69 19.52 -47.17
CA ALA M 552 48.85 18.71 -45.96
C ALA M 552 48.60 17.21 -46.25
N LEU M 553 47.57 16.91 -47.05
CA LEU M 553 47.25 15.55 -47.48
C LEU M 553 48.38 14.94 -48.32
N ARG M 554 48.85 15.62 -49.38
CA ARG M 554 49.91 15.08 -50.25
C ARG M 554 51.26 14.90 -49.55
N LEU M 555 51.62 15.77 -48.60
CA LEU M 555 52.80 15.56 -47.76
C LEU M 555 52.64 14.35 -46.82
N TYR M 556 51.47 14.19 -46.20
CA TYR M 556 51.18 13.02 -45.36
C TYR M 556 51.15 11.70 -46.17
N GLU M 557 50.63 11.71 -47.40
CA GLU M 557 50.69 10.53 -48.27
C GLU M 557 52.14 10.19 -48.67
N ARG M 558 52.96 11.19 -49.01
CA ARG M 558 54.42 11.01 -49.23
C ARG M 558 55.22 10.91 -47.91
N ALA M 559 54.55 10.61 -46.79
CA ALA M 559 55.17 10.31 -45.49
C ALA M 559 54.93 8.87 -45.00
N PHE M 560 53.82 8.24 -45.46
CA PHE M 560 53.64 6.80 -45.21
C PHE M 560 54.25 6.20 -46.48
N GLN M 561 54.20 6.90 -47.62
CA GLN M 561 54.90 6.43 -48.80
C GLN M 561 56.36 6.66 -48.47
N GLU M 562 57.26 5.81 -48.97
CA GLU M 562 58.68 5.87 -48.58
C GLU M 562 59.51 6.92 -49.29
N HIS M 563 60.80 6.98 -48.96
CA HIS M 563 61.72 7.89 -49.61
C HIS M 563 62.99 7.08 -49.98
N GLU M 564 63.90 7.62 -50.81
CA GLU M 564 65.15 6.93 -51.22
C GLU M 564 66.27 7.06 -50.18
N GLU M 565 65.99 7.71 -49.06
CA GLU M 565 66.95 7.93 -47.95
C GLU M 565 66.32 7.72 -46.54
N GLY M 566 65.06 7.30 -46.44
CA GLY M 566 64.24 7.48 -45.23
C GLY M 566 63.27 6.35 -44.92
N GLU M 567 63.17 5.99 -43.65
CA GLU M 567 62.13 5.09 -43.15
C GLU M 567 60.73 5.73 -43.35
N PRO M 568 59.71 4.98 -43.82
CA PRO M 568 58.33 5.49 -43.86
C PRO M 568 57.88 5.80 -42.42
N TYR M 569 57.56 7.06 -42.16
CA TYR M 569 57.48 7.61 -40.81
C TYR M 569 56.05 7.91 -40.33
N ALA M 570 55.08 7.95 -41.24
CA ALA M 570 53.65 8.03 -40.92
C ALA M 570 52.96 6.66 -41.05
N CYS M 571 51.92 6.43 -40.24
CA CYS M 571 51.13 5.21 -40.30
C CYS M 571 50.19 5.19 -41.54
N TYR M 572 50.03 4.03 -42.17
CA TYR M 572 49.13 3.83 -43.32
C TYR M 572 47.65 4.02 -42.91
N PRO M 573 46.79 4.63 -43.75
CA PRO M 573 45.44 5.03 -43.34
C PRO M 573 44.43 3.88 -43.44
N LEU M 574 44.55 2.89 -42.55
CA LEU M 574 43.62 1.76 -42.46
C LEU M 574 42.20 2.19 -42.03
N PRO M 575 41.13 1.48 -42.45
CA PRO M 575 39.78 1.65 -41.91
C PRO M 575 39.74 1.46 -40.38
N PRO M 576 38.80 2.08 -39.65
CA PRO M 576 38.79 2.03 -38.17
C PRO M 576 38.57 0.64 -37.55
N TYR M 577 38.12 -0.37 -38.31
CA TYR M 577 38.09 -1.76 -37.84
C TYR M 577 39.43 -2.50 -37.95
N LEU M 578 40.30 -2.10 -38.89
CA LEU M 578 41.54 -2.89 -39.19
C LEU M 578 42.80 -2.44 -38.49
N GLU M 579 42.72 -1.35 -37.75
CA GLU M 579 43.93 -0.79 -37.15
C GLU M 579 44.66 -1.85 -36.33
N ASP M 580 43.93 -2.64 -35.55
CA ASP M 580 44.56 -3.61 -34.66
C ASP M 580 45.56 -4.49 -35.42
N CYS M 581 45.15 -5.06 -36.54
CA CYS M 581 46.01 -5.99 -37.30
C CYS M 581 46.80 -5.27 -38.40
N SER M 582 47.60 -4.27 -38.05
CA SER M 582 48.45 -3.64 -39.05
C SER M 582 49.25 -4.80 -39.63
N ILE M 583 49.15 -5.05 -40.94
CA ILE M 583 49.82 -6.22 -41.52
C ILE M 583 51.30 -6.09 -41.20
N SER M 584 51.93 -7.15 -40.65
CA SER M 584 53.36 -7.12 -40.41
C SER M 584 54.02 -7.04 -41.79
N LEU M 585 54.64 -5.90 -42.14
CA LEU M 585 55.23 -5.71 -43.47
C LEU M 585 56.64 -6.32 -43.48
N GLY M 586 56.75 -7.66 -43.45
CA GLY M 586 58.06 -8.32 -43.39
C GLY M 586 58.74 -8.25 -44.75
N ASP M 587 59.55 -7.21 -44.99
CA ASP M 587 60.25 -7.04 -46.27
C ASP M 587 59.28 -6.95 -47.47
N GLU M 588 58.02 -6.60 -47.21
CA GLU M 588 56.97 -6.55 -48.26
C GLU M 588 55.91 -5.45 -48.02
N PRO M 589 56.31 -4.17 -47.93
CA PRO M 589 55.31 -3.14 -47.63
C PRO M 589 54.42 -2.75 -48.83
N SER M 590 55.00 -2.25 -49.93
CA SER M 590 54.21 -1.72 -51.09
C SER M 590 53.26 -2.72 -51.77
N ALA M 591 53.72 -3.91 -52.09
CA ALA M 591 52.89 -4.94 -52.70
C ALA M 591 51.60 -5.25 -51.89
N LYS M 592 51.60 -5.02 -50.57
CA LYS M 592 50.42 -5.16 -49.70
C LYS M 592 49.58 -3.87 -49.70
N PHE M 593 50.20 -2.69 -49.67
CA PHE M 593 49.48 -1.40 -49.72
C PHE M 593 48.63 -1.27 -50.99
N SER M 594 49.10 -1.81 -52.13
CA SER M 594 48.35 -1.94 -53.40
C SER M 594 47.16 -2.93 -53.37
N SER M 595 46.63 -3.21 -52.18
CA SER M 595 45.38 -3.97 -51.96
C SER M 595 44.50 -3.42 -50.83
N LEU M 596 44.92 -2.36 -50.13
CA LEU M 596 44.23 -1.85 -48.94
C LEU M 596 43.31 -0.66 -49.26
N GLN M 597 42.03 -0.85 -48.95
CA GLN M 597 41.13 0.27 -48.69
C GLN M 597 41.72 1.35 -47.79
N ARG M 598 41.24 2.58 -47.92
CA ARG M 598 41.66 3.70 -47.08
C ARG M 598 40.37 4.41 -46.69
N ASP M 599 40.12 4.64 -45.41
CA ASP M 599 38.83 5.21 -44.98
C ASP M 599 38.40 6.48 -45.76
N VAL M 600 37.12 6.59 -46.12
CA VAL M 600 36.53 7.77 -46.84
C VAL M 600 37.08 9.18 -46.72
N CYS M 601 37.32 9.64 -45.53
CA CYS M 601 37.74 10.98 -45.16
C CYS M 601 38.88 11.52 -46.06
N VAL M 602 39.82 10.66 -46.50
CA VAL M 602 40.89 11.07 -47.43
C VAL M 602 40.39 11.12 -48.87
N HIS M 603 39.52 10.20 -49.29
CA HIS M 603 38.85 10.29 -50.59
C HIS M 603 38.02 11.59 -50.73
N LEU M 604 37.34 12.04 -49.65
CA LEU M 604 36.62 13.31 -49.59
C LEU M 604 37.56 14.53 -49.57
N LEU M 605 38.67 14.47 -48.83
CA LEU M 605 39.66 15.56 -48.81
C LEU M 605 40.33 15.74 -50.17
N LYS M 606 40.57 14.66 -50.92
CA LYS M 606 40.91 14.74 -52.35
C LYS M 606 39.80 15.42 -53.14
N LEU M 607 38.57 14.89 -53.14
CA LEU M 607 37.47 15.46 -53.95
C LEU M 607 37.16 16.94 -53.64
N TYR M 608 37.84 17.44 -52.52
CA TYR M 608 37.85 18.86 -52.15
C TYR M 608 38.89 19.34 -53.10
N SER M 609 40.11 18.85 -52.94
CA SER M 609 41.22 19.25 -53.78
C SER M 609 40.87 19.24 -55.29
N GLU M 610 40.38 18.11 -55.80
CA GLU M 610 40.61 17.68 -57.20
C GLU M 610 39.35 17.07 -57.83
N ARG M 611 39.38 16.72 -59.13
CA ARG M 611 38.22 16.04 -59.78
C ARG M 611 38.63 14.89 -60.72
N GLN M 612 39.22 13.81 -60.18
CA GLN M 612 39.66 12.61 -61.00
C GLN M 612 39.72 11.25 -60.24
N TYR M 613 40.08 11.24 -58.96
CA TYR M 613 40.25 10.04 -58.15
C TYR M 613 38.96 9.19 -58.07
N ASP M 614 39.14 7.90 -57.82
CA ASP M 614 38.19 6.85 -58.13
C ASP M 614 37.04 6.71 -57.12
N LEU M 615 35.84 7.07 -57.57
CA LEU M 615 34.58 6.85 -56.87
C LEU M 615 34.24 5.34 -56.70
N CYS M 616 34.88 4.45 -57.47
CA CYS M 616 34.69 3.01 -57.37
C CYS M 616 35.43 2.39 -56.17
N GLN M 617 36.39 3.09 -55.58
CA GLN M 617 37.06 2.74 -54.31
C GLN M 617 36.34 3.40 -53.12
N LEU M 618 36.09 4.71 -53.19
CA LEU M 618 35.48 5.53 -52.12
C LEU M 618 34.10 5.04 -51.61
N LEU M 619 33.39 4.21 -52.38
CA LEU M 619 32.02 3.77 -52.09
C LEU M 619 31.92 2.27 -51.75
N ASP M 620 33.07 1.60 -51.60
CA ASP M 620 33.18 0.23 -51.07
C ASP M 620 32.74 0.18 -49.60
N PRO M 621 31.61 -0.54 -49.35
CA PRO M 621 31.01 -0.50 -48.00
C PRO M 621 31.80 -1.19 -46.93
N SER M 622 32.86 -1.92 -47.28
CA SER M 622 33.70 -2.50 -46.24
C SER M 622 34.75 -1.48 -45.85
N SER M 623 34.56 -0.21 -46.19
CA SER M 623 35.42 0.83 -45.70
C SER M 623 34.75 1.10 -44.39
N VAL M 624 33.49 1.46 -44.44
CA VAL M 624 32.81 1.85 -43.22
C VAL M 624 32.71 0.70 -42.21
N THR M 625 32.33 -0.49 -42.66
CA THR M 625 32.18 -1.67 -41.77
C THR M 625 33.07 -2.73 -42.38
N PRO M 626 32.76 -4.03 -42.20
CA PRO M 626 33.22 -4.97 -43.23
C PRO M 626 32.22 -6.06 -43.62
N ASP M 627 30.90 -5.95 -43.41
CA ASP M 627 29.97 -7.00 -43.90
C ASP M 627 29.68 -6.62 -45.35
N PRO M 628 30.06 -7.42 -46.36
CA PRO M 628 29.81 -6.95 -47.74
C PRO M 628 28.34 -7.13 -48.09
N LEU M 629 27.43 -6.51 -47.34
CA LEU M 629 25.99 -6.69 -47.53
C LEU M 629 25.19 -5.49 -47.00
N ASP M 630 25.36 -5.18 -45.71
CA ASP M 630 24.65 -4.04 -45.11
C ASP M 630 25.27 -2.76 -45.64
N TYR M 631 24.54 -2.02 -46.45
CA TYR M 631 25.07 -0.82 -47.04
C TYR M 631 24.57 0.39 -46.28
N ARG M 632 23.97 0.27 -45.07
CA ARG M 632 23.37 1.49 -44.50
C ARG M 632 24.21 2.74 -44.82
N LEU M 633 25.51 2.75 -44.49
CA LEU M 633 26.32 3.94 -44.74
C LEU M 633 26.64 4.10 -46.23
N SER M 634 27.05 3.03 -46.92
CA SER M 634 27.43 3.07 -48.35
C SER M 634 26.33 3.62 -49.25
N TRP M 635 25.06 3.24 -49.05
CA TRP M 635 23.99 3.69 -49.94
C TRP M 635 23.64 5.17 -49.75
N HIS M 636 23.48 5.63 -48.51
CA HIS M 636 23.19 7.04 -48.22
C HIS M 636 24.39 7.96 -48.54
N LEU M 637 25.62 7.48 -48.33
CA LEU M 637 26.83 8.18 -48.77
C LEU M 637 26.92 8.28 -50.30
N TRP M 638 26.55 7.24 -51.05
CA TRP M 638 26.46 7.30 -52.51
C TRP M 638 25.42 8.32 -53.00
N MET M 639 24.25 8.44 -52.34
CA MET M 639 23.28 9.50 -52.68
C MET M 639 23.83 10.90 -52.42
N VAL M 640 24.49 11.13 -51.29
CA VAL M 640 25.14 12.42 -50.98
C VAL M 640 26.30 12.72 -51.94
N LEU M 641 27.10 11.74 -52.33
CA LEU M 641 28.16 11.92 -53.33
C LEU M 641 27.58 12.26 -54.71
N GLN M 642 26.44 11.69 -55.09
CA GLN M 642 25.71 12.06 -56.30
C GLN M 642 25.10 13.48 -56.19
N ALA M 643 24.63 13.91 -55.02
CA ALA M 643 24.23 15.31 -54.76
C ALA M 643 25.41 16.30 -54.86
N LEU M 644 26.61 15.86 -54.48
CA LEU M 644 27.87 16.57 -54.69
C LEU M 644 28.42 16.43 -56.14
N ASN M 645 27.50 16.10 -57.04
CA ASN M 645 27.81 16.14 -58.48
C ASN M 645 28.67 14.95 -58.75
N TYR M 646 29.62 15.12 -59.69
CA TYR M 646 30.63 14.12 -60.17
C TYR M 646 30.03 13.03 -61.06
N THR M 647 30.68 12.78 -62.21
CA THR M 647 30.19 11.72 -63.13
C THR M 647 31.37 10.82 -63.53
N HIS M 648 31.96 10.15 -62.53
CA HIS M 648 33.11 9.23 -62.76
C HIS M 648 32.71 7.80 -62.41
N LEU M 649 31.41 7.56 -62.16
CA LEU M 649 30.93 6.20 -61.77
C LEU M 649 30.09 5.60 -62.90
N SER M 650 30.43 4.37 -63.30
CA SER M 650 29.70 3.64 -64.38
C SER M 650 28.30 3.29 -63.88
N GLU M 651 27.31 3.39 -64.77
CA GLU M 651 25.89 3.06 -64.43
C GLU M 651 25.82 1.68 -63.77
N HIS M 652 26.54 0.71 -64.33
CA HIS M 652 26.57 -0.67 -63.82
C HIS M 652 26.74 -0.73 -62.29
N ARG M 653 27.69 0.05 -61.72
CA ARG M 653 27.88 0.12 -60.26
C ARG M 653 26.76 0.92 -59.57
N GLN M 654 26.16 1.92 -60.24
CA GLN M 654 24.89 2.51 -59.76
C GLN M 654 23.78 1.45 -59.68
N GLY M 655 23.51 0.73 -60.77
CA GLY M 655 22.49 -0.30 -60.83
C GLY M 655 22.68 -1.39 -59.78
N THR M 656 23.93 -1.83 -59.58
CA THR M 656 24.31 -2.81 -58.56
C THR M 656 24.10 -2.27 -57.14
N LEU M 657 24.57 -1.06 -56.81
CA LEU M 657 24.39 -0.46 -55.48
C LEU M 657 22.90 -0.26 -55.12
N HIS M 658 22.08 0.17 -56.09
CA HIS M 658 20.62 0.27 -55.89
C HIS M 658 19.96 -1.10 -55.77
N ALA M 659 20.37 -2.09 -56.57
CA ALA M 659 19.85 -3.45 -56.49
C ALA M 659 20.19 -4.12 -55.13
N SER M 660 21.42 -3.96 -54.63
CA SER M 660 21.85 -4.52 -53.35
C SER M 660 21.13 -3.90 -52.16
N TYR M 661 20.99 -2.56 -52.09
CA TYR M 661 20.25 -1.93 -50.99
C TYR M 661 18.74 -2.24 -51.06
N ALA M 662 18.16 -2.32 -52.27
CA ALA M 662 16.78 -2.81 -52.44
C ALA M 662 16.62 -4.28 -52.02
N ALA M 663 17.60 -5.14 -52.30
CA ALA M 663 17.60 -6.54 -51.85
C ALA M 663 17.74 -6.63 -50.32
N GLN M 664 18.59 -5.80 -49.70
CA GLN M 664 18.71 -5.71 -48.23
C GLN M 664 17.37 -5.32 -47.60
N LEU M 665 16.83 -4.21 -48.11
CA LEU M 665 15.64 -3.67 -47.48
C LEU M 665 14.66 -4.80 -47.39
N GLU M 666 14.56 -5.54 -48.46
CA GLU M 666 13.67 -6.67 -48.43
C GLU M 666 14.17 -7.72 -47.47
N ASN M 667 15.45 -7.99 -47.45
CA ASN M 667 15.95 -9.06 -46.58
C ASN M 667 15.31 -8.87 -45.23
N VAL M 668 15.30 -7.65 -44.73
CA VAL M 668 14.63 -7.39 -43.47
C VAL M 668 13.16 -7.57 -43.74
N GLY M 669 12.68 -6.93 -44.80
CA GLY M 669 11.28 -7.03 -45.18
C GLY M 669 10.77 -5.62 -45.09
N LEU M 670 10.97 -4.84 -46.14
CA LEU M 670 10.61 -3.41 -46.09
C LEU M 670 9.59 -3.04 -47.17
N TRP M 671 9.73 -1.92 -47.90
CA TRP M 671 8.63 -1.47 -48.76
C TRP M 671 8.80 -0.29 -49.74
N GLU M 672 8.33 0.90 -49.39
CA GLU M 672 8.21 2.05 -50.32
C GLU M 672 9.37 2.97 -50.42
N TRP M 673 10.16 3.05 -49.37
CA TRP M 673 11.41 3.80 -49.49
C TRP M 673 12.41 3.12 -50.42
N ALA M 674 12.39 1.78 -50.51
CA ALA M 674 13.06 1.07 -51.58
C ALA M 674 12.55 1.52 -52.97
N ILE M 675 11.24 1.78 -53.12
CA ILE M 675 10.68 2.40 -54.33
C ILE M 675 11.23 3.83 -54.55
N PHE M 676 11.33 4.67 -53.52
CA PHE M 676 11.99 5.99 -53.61
C PHE M 676 13.45 5.88 -54.11
N VAL M 677 14.24 4.95 -53.56
CA VAL M 677 15.63 4.69 -53.96
C VAL M 677 15.74 4.23 -55.42
N LEU M 678 14.85 3.32 -55.87
CA LEU M 678 14.77 2.90 -57.27
C LEU M 678 14.31 4.03 -58.20
N LEU M 679 13.44 4.93 -57.76
CA LEU M 679 12.92 6.07 -58.55
C LEU M 679 14.00 7.10 -58.95
N HIS M 680 15.22 6.96 -58.45
CA HIS M 680 16.39 7.75 -58.86
C HIS M 680 17.21 7.12 -59.99
N ILE M 681 16.98 5.86 -60.37
CA ILE M 681 17.72 5.19 -61.46
C ILE M 681 17.43 5.89 -62.80
N PRO M 682 18.42 6.37 -63.57
CA PRO M 682 18.17 7.13 -64.80
C PRO M 682 17.47 6.31 -65.89
N HIS M 683 17.15 4.86 -66.07
CA HIS M 683 16.63 3.98 -67.12
C HIS M 683 15.12 3.68 -66.95
N PRO M 684 14.21 4.26 -67.76
CA PRO M 684 12.79 4.31 -67.44
C PRO M 684 12.11 2.94 -67.42
N HIS M 685 12.41 2.06 -68.39
CA HIS M 685 11.80 0.73 -68.45
C HIS M 685 12.38 -0.25 -67.42
N ILE M 686 13.57 0.02 -66.87
CA ILE M 686 14.15 -0.80 -65.78
C ILE M 686 13.58 -0.36 -64.43
N ARG M 687 13.43 0.96 -64.22
CA ARG M 687 12.64 1.54 -63.11
C ARG M 687 11.21 0.99 -63.09
N GLU M 688 10.56 0.98 -64.25
CA GLU M 688 9.21 0.44 -64.47
C GLU M 688 9.13 -1.08 -64.18
N ALA M 689 10.01 -1.87 -64.78
CA ALA M 689 10.00 -3.33 -64.63
C ALA M 689 10.31 -3.76 -63.18
N GLY M 690 11.33 -3.17 -62.55
CA GLY M 690 11.70 -3.49 -61.16
C GLY M 690 10.57 -3.19 -60.17
N VAL M 691 9.92 -2.03 -60.31
CA VAL M 691 8.77 -1.67 -59.46
C VAL M 691 7.57 -2.59 -59.70
N ARG M 692 7.25 -2.97 -60.94
CA ARG M 692 6.16 -3.95 -61.20
C ARG M 692 6.47 -5.34 -60.67
N GLU M 693 7.69 -5.84 -60.83
CA GLU M 693 8.08 -7.18 -60.38
C GLU M 693 8.05 -7.25 -58.84
N LEU M 694 8.65 -6.27 -58.17
CA LEU M 694 8.61 -6.12 -56.71
C LEU M 694 7.19 -6.01 -56.15
N LEU M 695 6.29 -5.25 -56.80
CA LEU M 695 4.86 -5.24 -56.46
C LEU M 695 4.21 -6.63 -56.61
N ASN M 696 4.54 -7.38 -57.65
CA ASN M 696 3.99 -8.71 -57.90
C ASN M 696 4.54 -9.79 -56.95
N ARG M 697 5.74 -9.60 -56.38
CA ARG M 697 6.23 -10.41 -55.25
C ARG M 697 5.45 -10.14 -53.96
N GLN M 698 5.42 -8.87 -53.54
CA GLN M 698 5.14 -8.50 -52.14
C GLN M 698 3.71 -8.02 -51.86
N CYS M 699 2.91 -7.67 -52.88
CA CYS M 699 1.54 -7.17 -52.65
C CYS M 699 0.59 -8.27 -52.18
N VAL M 700 -0.45 -7.88 -51.42
CA VAL M 700 -1.26 -8.79 -50.57
C VAL M 700 -2.75 -8.69 -50.91
N VAL M 701 -3.42 -9.84 -51.03
CA VAL M 701 -4.85 -9.97 -51.40
C VAL M 701 -5.77 -10.28 -50.20
N ARG M 702 -5.20 -10.17 -49.00
CA ARG M 702 -5.90 -9.72 -47.79
C ARG M 702 -5.63 -8.22 -47.67
N GLU M 703 -6.65 -7.38 -47.71
CA GLU M 703 -6.50 -5.94 -47.52
C GLU M 703 -6.59 -5.63 -46.02
N SER M 704 -5.63 -4.84 -45.51
CA SER M 704 -5.38 -4.71 -44.06
C SER M 704 -4.88 -3.29 -43.73
N PRO M 705 -4.85 -2.82 -42.46
CA PRO M 705 -4.35 -1.49 -42.16
C PRO M 705 -2.86 -1.32 -42.55
N GLU M 706 -2.06 -2.38 -42.50
CA GLU M 706 -0.67 -2.39 -42.95
C GLU M 706 -0.55 -2.36 -44.48
N SER M 707 -1.39 -3.11 -45.20
CA SER M 707 -1.42 -3.05 -46.68
C SER M 707 -1.87 -1.67 -47.13
N LEU M 708 -2.97 -1.15 -46.57
CA LEU M 708 -3.53 0.15 -46.92
C LEU M 708 -2.59 1.30 -46.54
N ALA M 709 -1.80 1.17 -45.46
CA ALA M 709 -0.75 2.14 -45.14
C ALA M 709 0.34 2.17 -46.24
N LYS M 710 0.92 1.01 -46.60
CA LYS M 710 1.93 0.91 -47.67
C LYS M 710 1.36 1.37 -49.02
N GLU M 711 0.12 1.01 -49.35
CA GLU M 711 -0.55 1.39 -50.59
C GLU M 711 -0.84 2.90 -50.68
N ASN M 712 -1.33 3.53 -49.59
CA ASN M 712 -1.52 4.98 -49.56
C ASN M 712 -0.19 5.73 -49.61
N PHE M 713 0.87 5.21 -48.97
CA PHE M 713 2.23 5.75 -49.09
C PHE M 713 2.75 5.66 -50.53
N LEU M 714 2.58 4.52 -51.21
CA LEU M 714 2.95 4.31 -52.60
C LEU M 714 2.22 5.26 -53.56
N ILE M 715 0.92 5.49 -53.36
CA ILE M 715 0.10 6.32 -54.24
C ILE M 715 0.29 7.82 -53.93
N HIS M 716 0.27 8.22 -52.65
CA HIS M 716 0.18 9.62 -52.24
C HIS M 716 1.49 10.27 -51.78
N ARG M 717 2.57 9.51 -51.53
CA ARG M 717 3.95 10.04 -51.56
C ARG M 717 4.65 9.65 -52.86
N LEU M 718 4.50 8.40 -53.30
CA LEU M 718 5.27 7.93 -54.49
C LEU M 718 4.48 7.83 -55.85
N CYS M 719 3.18 8.07 -55.87
CA CYS M 719 2.40 7.97 -57.14
C CYS M 719 2.52 6.62 -57.87
N VAL M 720 1.56 5.69 -57.67
CA VAL M 720 1.62 4.34 -58.25
C VAL M 720 0.21 3.67 -58.44
N PRO M 721 -0.33 3.54 -59.66
CA PRO M 721 -1.73 3.12 -59.90
C PRO M 721 -2.40 1.94 -59.10
N ALA M 722 -3.66 2.06 -58.65
CA ALA M 722 -4.41 0.94 -57.97
C ALA M 722 -4.58 -0.15 -59.00
N GLN M 723 -4.87 0.18 -60.24
CA GLN M 723 -4.84 -0.74 -61.38
C GLN M 723 -3.71 -1.79 -61.26
N TRP M 724 -2.51 -1.40 -60.82
CA TRP M 724 -1.35 -2.30 -60.68
C TRP M 724 -1.41 -3.11 -59.38
N VAL M 725 -2.00 -2.55 -58.31
CA VAL M 725 -2.29 -3.30 -57.07
C VAL M 725 -3.34 -4.40 -57.36
N HIS M 726 -4.32 -4.10 -58.21
CA HIS M 726 -5.34 -5.06 -58.65
C HIS M 726 -4.81 -6.04 -59.71
N GLU M 727 -3.90 -5.65 -60.59
CA GLU M 727 -3.13 -6.57 -61.45
C GLU M 727 -2.29 -7.55 -60.62
N ALA M 728 -1.56 -7.05 -59.61
CA ALA M 728 -0.80 -7.89 -58.69
C ALA M 728 -1.72 -8.84 -57.89
N LYS M 729 -2.86 -8.36 -57.38
CA LYS M 729 -3.87 -9.23 -56.74
C LYS M 729 -4.49 -10.23 -57.71
N ALA M 730 -4.68 -9.90 -58.98
CA ALA M 730 -5.13 -10.84 -60.00
C ALA M 730 -4.10 -11.95 -60.24
N ILE M 731 -2.85 -11.59 -60.52
CA ILE M 731 -1.74 -12.56 -60.74
C ILE M 731 -1.48 -13.39 -59.48
N ARG M 732 -1.57 -12.79 -58.29
CA ARG M 732 -1.53 -13.49 -56.99
C ARG M 732 -2.70 -14.46 -56.84
N SER M 733 -3.91 -14.12 -57.25
CA SER M 733 -4.99 -15.13 -57.17
C SER M 733 -4.89 -16.22 -58.29
N ARG M 734 -4.97 -15.88 -59.57
CA ARG M 734 -4.97 -16.88 -60.67
C ARG M 734 -4.00 -18.02 -60.47
N ARG M 735 -2.74 -17.71 -60.19
CA ARG M 735 -1.72 -18.76 -60.09
C ARG M 735 -2.18 -19.77 -59.03
N ASP M 736 -2.86 -19.30 -57.97
CA ASP M 736 -3.42 -20.20 -56.93
C ASP M 736 -4.96 -20.25 -57.03
N GLY M 737 -5.67 -19.30 -56.39
CA GLY M 737 -7.16 -19.26 -56.42
C GLY M 737 -7.69 -18.30 -57.50
N ASP M 738 -8.74 -17.51 -57.22
CA ASP M 738 -9.97 -17.92 -56.51
C ASP M 738 -11.22 -17.64 -57.42
N ARG M 739 -12.16 -16.77 -57.02
CA ARG M 739 -13.41 -16.51 -57.79
C ARG M 739 -14.30 -15.38 -57.19
N HIS M 740 -14.52 -15.38 -55.88
CA HIS M 740 -15.39 -14.35 -55.27
C HIS M 740 -14.63 -13.05 -55.34
N LYS M 741 -13.50 -13.00 -54.65
CA LYS M 741 -12.65 -11.81 -54.79
C LYS M 741 -12.00 -11.70 -56.17
N GLU M 742 -11.62 -12.80 -56.81
CA GLU M 742 -10.99 -12.75 -58.14
C GLU M 742 -11.86 -12.01 -59.16
N ALA M 743 -13.16 -12.33 -59.22
CA ALA M 743 -14.12 -11.59 -60.05
C ALA M 743 -14.11 -10.07 -59.76
N LEU M 744 -14.11 -9.70 -58.48
CA LEU M 744 -14.16 -8.30 -58.02
C LEU M 744 -12.86 -7.55 -58.33
N TYR M 745 -11.70 -8.21 -58.17
CA TYR M 745 -10.41 -7.61 -58.46
C TYR M 745 -10.11 -7.56 -59.97
N LEU M 746 -10.55 -8.53 -60.76
CA LEU M 746 -10.51 -8.44 -62.24
C LEU M 746 -11.40 -7.30 -62.76
N LEU M 747 -12.59 -7.12 -62.16
CA LEU M 747 -13.50 -6.02 -62.49
C LEU M 747 -12.86 -4.66 -62.15
N LYS M 748 -12.34 -4.48 -60.94
CA LYS M 748 -11.59 -3.27 -60.55
C LYS M 748 -10.29 -3.07 -61.34
N GLY M 749 -9.89 -4.14 -62.05
CA GLY M 749 -8.68 -4.20 -62.90
C GLY M 749 -8.94 -4.47 -64.40
N HIS M 750 -10.19 -4.36 -64.88
CA HIS M 750 -10.57 -4.52 -66.31
C HIS M 750 -10.27 -5.93 -66.90
N GLN M 751 -9.55 -5.97 -68.03
CA GLN M 751 -9.20 -7.22 -68.79
C GLN M 751 -10.45 -8.00 -69.26
N TRP M 752 -11.28 -7.37 -70.10
CA TRP M 752 -12.58 -7.91 -70.61
C TRP M 752 -12.50 -9.17 -71.49
N ASN M 753 -11.57 -9.27 -72.46
CA ASN M 753 -11.45 -10.42 -73.42
C ASN M 753 -11.60 -11.76 -72.68
N PRO M 754 -10.98 -11.83 -71.34
CA PRO M 754 -10.72 -12.57 -70.10
C PRO M 754 -11.84 -12.41 -69.04
N CYS M 755 -12.32 -11.19 -68.81
CA CYS M 755 -13.39 -10.93 -67.85
C CYS M 755 -14.68 -11.66 -68.23
N HIS M 756 -15.18 -11.49 -69.47
CA HIS M 756 -16.37 -12.18 -69.97
C HIS M 756 -16.24 -13.71 -69.89
N LYS M 757 -15.12 -14.28 -70.32
CA LYS M 757 -14.91 -15.74 -70.41
C LYS M 757 -14.51 -16.39 -69.08
N LEU M 758 -14.18 -15.61 -68.05
CA LEU M 758 -14.17 -16.02 -66.64
C LEU M 758 -15.58 -15.91 -66.04
N VAL M 759 -16.27 -14.78 -66.22
CA VAL M 759 -17.59 -14.53 -65.60
C VAL M 759 -18.63 -15.51 -66.11
N THR M 760 -18.83 -15.61 -67.43
CA THR M 760 -19.85 -16.50 -68.05
C THR M 760 -19.64 -18.00 -67.74
N ARG M 761 -18.42 -18.39 -67.38
CA ARG M 761 -17.98 -19.77 -67.15
C ARG M 761 -17.90 -20.15 -65.66
N HIS M 762 -17.85 -19.18 -64.75
CA HIS M 762 -17.75 -19.42 -63.30
C HIS M 762 -18.74 -18.56 -62.51
N LEU M 763 -18.51 -17.25 -62.42
CA LEU M 763 -19.30 -16.36 -61.56
C LEU M 763 -20.78 -16.30 -61.97
N ALA M 764 -21.10 -16.40 -63.26
CA ALA M 764 -22.46 -16.33 -63.75
C ALA M 764 -23.30 -17.54 -63.33
N ALA M 765 -22.74 -18.75 -63.42
CA ALA M 765 -23.43 -19.97 -62.98
C ALA M 765 -23.70 -19.94 -61.46
N ASP M 766 -22.68 -19.61 -60.66
CA ASP M 766 -22.86 -19.51 -59.20
C ASP M 766 -23.78 -18.35 -58.78
N ALA M 767 -23.71 -17.18 -59.42
CA ALA M 767 -24.60 -16.06 -59.11
C ALA M 767 -26.05 -16.32 -59.53
N VAL M 768 -26.30 -17.14 -60.55
CA VAL M 768 -27.65 -17.62 -60.90
C VAL M 768 -28.16 -18.64 -59.88
N ILE M 769 -27.31 -19.59 -59.49
CA ILE M 769 -27.70 -20.58 -58.45
C ILE M 769 -28.08 -19.79 -57.20
N ASN M 770 -27.22 -18.85 -56.80
CA ASN M 770 -27.45 -17.96 -55.63
C ASN M 770 -28.21 -16.71 -56.08
N GLU M 771 -28.39 -16.55 -57.40
CA GLU M 771 -29.12 -15.41 -58.02
C GLU M 771 -28.50 -14.07 -57.61
N ASN M 772 -27.16 -14.00 -57.56
CA ASN M 772 -26.47 -12.72 -57.20
C ASN M 772 -26.28 -11.88 -58.47
N TYR M 773 -27.37 -11.38 -59.05
CA TYR M 773 -27.33 -10.58 -60.30
C TYR M 773 -26.59 -9.25 -60.06
N ARG M 774 -26.84 -8.61 -58.91
CA ARG M 774 -26.23 -7.29 -58.56
C ARG M 774 -24.71 -7.32 -58.80
N TYR M 775 -23.98 -8.12 -58.03
CA TYR M 775 -22.52 -8.22 -58.15
C TYR M 775 -22.07 -8.49 -59.59
N LEU M 776 -22.86 -9.22 -60.39
CA LEU M 776 -22.58 -9.45 -61.81
C LEU M 776 -22.96 -8.25 -62.70
N GLN M 777 -23.96 -7.47 -62.27
CA GLN M 777 -24.52 -6.31 -62.96
C GLN M 777 -23.53 -5.14 -63.12
N SER M 778 -22.56 -4.98 -62.22
CA SER M 778 -21.48 -3.98 -62.36
C SER M 778 -20.55 -4.32 -63.53
N PHE M 779 -19.82 -5.43 -63.45
CA PHE M 779 -18.87 -5.84 -64.51
C PHE M 779 -19.52 -5.89 -65.89
N LEU M 780 -20.72 -6.48 -66.00
CA LEU M 780 -21.43 -6.55 -67.29
C LEU M 780 -22.02 -5.20 -67.69
N GLY M 781 -22.48 -4.36 -66.75
CA GLY M 781 -22.91 -2.99 -67.05
C GLY M 781 -21.78 -2.13 -67.60
N GLU M 782 -20.63 -2.14 -66.92
CA GLU M 782 -19.41 -1.41 -67.30
C GLU M 782 -18.82 -1.91 -68.62
N LEU M 783 -18.84 -3.22 -68.89
CA LEU M 783 -18.50 -3.80 -70.20
C LEU M 783 -19.54 -3.49 -71.29
N SER M 784 -20.81 -3.22 -70.93
CA SER M 784 -21.88 -2.93 -71.90
C SER M 784 -21.89 -1.49 -72.45
N ASN M 785 -20.97 -0.63 -72.00
CA ASN M 785 -20.81 0.72 -72.54
C ASN M 785 -20.62 0.70 -74.08
N PRO M 786 -21.12 1.70 -74.82
CA PRO M 786 -21.12 1.70 -76.29
C PRO M 786 -19.71 1.69 -76.91
N GLU M 787 -18.69 2.10 -76.16
CA GLU M 787 -17.28 2.03 -76.58
C GLU M 787 -16.60 0.71 -76.21
N HIS M 788 -17.06 0.03 -75.17
CA HIS M 788 -16.50 -1.24 -74.72
C HIS M 788 -17.08 -2.41 -75.52
N CYS M 789 -18.40 -2.36 -75.81
CA CYS M 789 -19.08 -3.28 -76.73
C CYS M 789 -18.39 -3.43 -78.10
N LYS M 790 -17.76 -2.36 -78.62
CA LYS M 790 -17.03 -2.39 -79.92
C LYS M 790 -15.83 -3.35 -79.92
N HIS M 791 -15.29 -3.68 -78.75
CA HIS M 791 -13.98 -4.31 -78.61
C HIS M 791 -14.02 -5.71 -77.98
N ILE M 792 -15.16 -6.16 -77.46
CA ILE M 792 -15.28 -7.43 -76.71
C ILE M 792 -15.66 -8.58 -77.65
N GLN M 793 -14.74 -9.53 -77.83
CA GLN M 793 -15.02 -10.81 -78.47
C GLN M 793 -16.09 -11.58 -77.69
N ASP M 794 -17.04 -12.20 -78.38
CA ASP M 794 -18.09 -13.03 -77.77
C ASP M 794 -18.99 -12.28 -76.77
N TRP M 795 -19.13 -10.96 -76.93
CA TRP M 795 -20.05 -10.15 -76.15
C TRP M 795 -21.50 -10.63 -76.32
N GLU M 796 -22.00 -10.63 -77.56
CA GLU M 796 -23.33 -11.17 -77.91
C GLU M 796 -23.49 -12.64 -77.48
N THR M 797 -22.46 -13.46 -77.66
CA THR M 797 -22.48 -14.92 -77.43
C THR M 797 -22.60 -15.33 -75.95
N ALA M 798 -22.17 -14.48 -75.01
CA ALA M 798 -22.15 -14.83 -73.58
C ALA M 798 -22.34 -13.64 -72.62
N GLY M 799 -21.60 -12.54 -72.82
CA GLY M 799 -21.60 -11.40 -71.87
C GLY M 799 -22.96 -10.71 -71.81
N LYS M 800 -23.55 -10.48 -72.98
CA LYS M 800 -24.92 -10.02 -73.18
C LYS M 800 -25.95 -11.00 -72.64
N VAL M 801 -25.75 -12.32 -72.81
CA VAL M 801 -26.74 -13.34 -72.41
C VAL M 801 -26.98 -13.30 -70.90
N TYR M 802 -25.92 -13.21 -70.09
CA TYR M 802 -26.05 -12.99 -68.65
C TYR M 802 -26.68 -11.62 -68.33
N LEU M 803 -26.32 -10.55 -69.04
CA LEU M 803 -26.81 -9.20 -68.76
C LEU M 803 -28.29 -9.00 -69.11
N ASP M 804 -28.75 -9.53 -70.24
CA ASP M 804 -30.15 -9.46 -70.66
C ASP M 804 -31.04 -10.43 -69.85
N TYR M 805 -30.47 -11.52 -69.32
CA TYR M 805 -31.10 -12.32 -68.25
C TYR M 805 -31.28 -11.52 -66.94
N ILE M 806 -30.26 -10.77 -66.49
CA ILE M 806 -30.40 -9.85 -65.34
C ILE M 806 -31.46 -8.78 -65.63
N ARG M 807 -31.53 -8.23 -66.84
CA ARG M 807 -32.56 -7.24 -67.24
C ARG M 807 -33.96 -7.84 -67.29
N VAL M 808 -34.12 -9.11 -67.64
CA VAL M 808 -35.39 -9.86 -67.51
C VAL M 808 -35.78 -10.03 -66.04
N ILE M 809 -34.82 -10.29 -65.14
CA ILE M 809 -35.08 -10.39 -63.70
C ILE M 809 -35.43 -9.03 -63.08
N ASP M 810 -34.68 -7.96 -63.33
CA ASP M 810 -35.03 -6.64 -62.79
C ASP M 810 -36.30 -6.04 -63.42
N MET M 811 -36.72 -6.50 -64.61
CA MET M 811 -38.09 -6.27 -65.09
C MET M 811 -39.15 -7.04 -64.32
N LEU M 812 -38.93 -8.32 -64.01
CA LEU M 812 -39.86 -9.11 -63.19
C LEU M 812 -40.00 -8.49 -61.80
N ASN M 813 -38.88 -8.08 -61.19
CA ASN M 813 -38.84 -7.34 -59.92
C ASN M 813 -39.68 -6.06 -59.98
N LEU M 814 -39.69 -5.34 -61.10
CA LEU M 814 -40.50 -4.13 -61.28
C LEU M 814 -41.98 -4.45 -61.53
N ILE M 815 -42.29 -5.43 -62.37
CA ILE M 815 -43.66 -5.86 -62.70
C ILE M 815 -44.37 -6.52 -61.50
N GLN M 816 -43.60 -6.93 -60.48
CA GLN M 816 -44.09 -7.39 -59.17
C GLN M 816 -44.16 -6.26 -58.11
N GLN M 817 -43.98 -4.99 -58.49
CA GLN M 817 -44.05 -3.81 -57.61
C GLN M 817 -44.81 -2.60 -58.22
N ASP M 818 -44.83 -2.46 -59.54
CA ASP M 818 -45.83 -1.69 -60.32
C ASP M 818 -47.03 -2.59 -60.66
N GLU M 819 -47.96 -1.96 -61.36
CA GLU M 819 -49.00 -2.75 -62.06
C GLU M 819 -48.35 -3.23 -63.37
N SER M 820 -46.99 -3.27 -63.40
CA SER M 820 -46.11 -3.67 -64.54
C SER M 820 -46.11 -2.60 -65.64
N SER M 821 -45.68 -2.95 -66.86
CA SER M 821 -45.31 -1.92 -67.88
C SER M 821 -46.13 -2.13 -69.16
N GLY M 822 -46.62 -1.06 -69.77
CA GLY M 822 -47.33 -1.23 -71.06
C GLY M 822 -46.32 -1.23 -72.20
N CYS M 823 -45.89 -0.04 -72.61
CA CYS M 823 -44.92 0.13 -73.74
C CYS M 823 -43.60 -0.56 -73.39
N GLU M 824 -43.17 -0.46 -72.13
CA GLU M 824 -41.89 -1.10 -71.72
C GLU M 824 -41.96 -2.63 -71.90
N LEU M 825 -43.06 -3.28 -71.48
CA LEU M 825 -43.15 -4.75 -71.68
C LEU M 825 -43.38 -5.08 -73.16
N GLU M 826 -43.98 -4.15 -73.93
CA GLU M 826 -44.13 -4.36 -75.39
C GLU M 826 -42.73 -4.43 -75.99
N LYS M 827 -41.83 -3.54 -75.54
CA LYS M 827 -40.41 -3.52 -75.93
C LYS M 827 -39.74 -4.81 -75.46
N LEU M 828 -40.12 -5.28 -74.26
CA LEU M 828 -39.59 -6.55 -73.67
C LEU M 828 -39.98 -7.72 -74.58
N HIS M 829 -41.23 -7.72 -75.09
CA HIS M 829 -41.72 -8.78 -76.02
C HIS M 829 -40.88 -8.68 -77.30
N THR M 830 -40.63 -7.45 -77.75
CA THR M 830 -39.77 -7.20 -78.93
C THR M 830 -38.37 -7.69 -78.54
N LYS M 831 -37.97 -7.46 -77.29
CA LYS M 831 -36.65 -7.91 -76.81
C LYS M 831 -36.64 -9.43 -76.62
N VAL M 832 -37.61 -10.00 -75.90
CA VAL M 832 -37.76 -11.43 -75.58
C VAL M 832 -37.95 -12.30 -76.83
N MET M 833 -38.82 -11.90 -77.76
CA MET M 833 -39.06 -12.64 -79.02
C MET M 833 -37.78 -12.72 -79.86
N SER M 834 -36.98 -11.64 -79.90
CA SER M 834 -35.66 -11.67 -80.55
C SER M 834 -34.64 -12.52 -79.77
N LEU M 835 -34.65 -12.44 -78.44
CA LEU M 835 -33.71 -13.13 -77.55
C LEU M 835 -33.84 -14.65 -77.65
N CYS M 836 -35.03 -15.19 -77.91
CA CYS M 836 -35.21 -16.61 -78.26
C CYS M 836 -34.24 -17.04 -79.38
N LYS M 837 -34.20 -16.24 -80.46
CA LYS M 837 -33.37 -16.45 -81.66
C LYS M 837 -31.90 -16.05 -81.46
N TRP M 838 -31.51 -15.52 -80.29
CA TRP M 838 -30.12 -15.25 -79.91
C TRP M 838 -29.56 -16.30 -78.93
N VAL M 839 -30.37 -16.78 -77.98
CA VAL M 839 -30.02 -17.93 -77.10
C VAL M 839 -29.81 -19.21 -77.93
N GLU M 840 -30.54 -19.32 -79.05
CA GLU M 840 -30.33 -20.24 -80.19
C GLU M 840 -28.85 -20.38 -80.64
N LEU M 841 -28.06 -19.32 -80.45
CA LEU M 841 -26.64 -19.32 -80.85
C LEU M 841 -25.77 -19.75 -79.66
N ILE M 842 -26.40 -20.04 -78.51
CA ILE M 842 -25.64 -20.48 -77.30
C ILE M 842 -24.95 -21.80 -77.60
N HIS M 843 -23.67 -21.93 -77.21
CA HIS M 843 -22.88 -23.16 -77.43
C HIS M 843 -22.29 -23.62 -76.08
N CYS M 844 -22.39 -24.92 -75.77
CA CYS M 844 -21.83 -25.43 -74.49
C CYS M 844 -20.55 -26.22 -74.76
N TYR M 845 -19.44 -25.76 -74.20
CA TYR M 845 -18.12 -26.44 -74.38
C TYR M 845 -17.78 -27.24 -73.12
N THR M 846 -18.66 -27.23 -72.12
CA THR M 846 -18.40 -27.96 -70.85
C THR M 846 -19.72 -28.23 -70.11
N ALA M 847 -19.61 -28.78 -68.89
CA ALA M 847 -20.79 -29.12 -68.05
C ALA M 847 -21.46 -27.82 -67.58
N LYS M 848 -20.69 -26.94 -66.93
CA LYS M 848 -21.21 -25.65 -66.45
C LYS M 848 -22.01 -24.93 -67.53
N ASP M 849 -21.53 -24.93 -68.77
CA ASP M 849 -22.22 -24.35 -69.92
C ASP M 849 -23.62 -24.96 -70.07
N ARG M 850 -23.71 -26.30 -69.98
CA ARG M 850 -24.99 -27.04 -70.00
C ARG M 850 -25.87 -26.74 -68.79
N LEU M 851 -25.30 -26.65 -67.58
CA LEU M 851 -26.06 -26.31 -66.38
C LEU M 851 -26.66 -24.89 -66.49
N ALA M 852 -25.87 -23.91 -66.93
CA ALA M 852 -26.34 -22.56 -67.20
C ALA M 852 -27.44 -22.54 -68.28
N GLN M 853 -27.25 -23.23 -69.41
CA GLN M 853 -28.29 -23.36 -70.45
C GLN M 853 -29.56 -24.01 -69.91
N SER M 854 -29.42 -25.05 -69.06
CA SER M 854 -30.58 -25.76 -68.51
C SER M 854 -31.20 -24.97 -67.38
N GLU M 855 -30.37 -24.29 -66.60
CA GLU M 855 -30.90 -23.42 -65.56
C GLU M 855 -31.63 -22.40 -66.39
N MET M 856 -30.97 -21.89 -67.43
CA MET M 856 -31.58 -20.89 -68.30
C MET M 856 -32.81 -21.51 -68.88
N ALA M 857 -32.78 -22.73 -69.37
CA ALA M 857 -33.93 -23.28 -70.03
C ALA M 857 -35.07 -23.11 -69.06
N LYS M 858 -34.92 -23.66 -67.86
CA LYS M 858 -36.02 -23.63 -66.89
C LYS M 858 -36.50 -22.23 -66.60
N ARG M 859 -35.59 -21.33 -66.28
CA ARG M 859 -36.01 -20.00 -65.85
C ARG M 859 -36.63 -19.24 -67.01
N VAL M 860 -36.10 -19.41 -68.21
CA VAL M 860 -36.60 -18.73 -69.40
C VAL M 860 -38.02 -19.19 -69.48
N ALA M 861 -38.23 -20.51 -69.47
CA ALA M 861 -39.57 -21.04 -69.60
C ALA M 861 -40.49 -20.36 -68.58
N ASN M 862 -40.15 -20.40 -67.30
CA ASN M 862 -41.06 -19.84 -66.28
C ASN M 862 -41.40 -18.39 -66.56
N ILE M 863 -40.37 -17.57 -66.73
CA ILE M 863 -40.59 -16.13 -66.86
C ILE M 863 -41.31 -15.80 -68.15
N LEU M 864 -41.11 -16.58 -69.21
CA LEU M 864 -41.71 -16.33 -70.52
C LEU M 864 -43.16 -16.71 -70.46
N ARG M 865 -43.49 -17.76 -69.73
CA ARG M 865 -44.90 -18.10 -69.54
C ARG M 865 -45.47 -16.86 -68.89
N VAL M 866 -44.80 -16.39 -67.83
CA VAL M 866 -45.35 -15.25 -67.09
C VAL M 866 -45.53 -14.06 -68.04
N VAL M 867 -44.59 -13.82 -68.94
CA VAL M 867 -44.59 -12.63 -69.81
C VAL M 867 -45.61 -12.74 -70.94
N LEU M 868 -45.86 -13.94 -71.42
CA LEU M 868 -46.87 -14.15 -72.45
C LEU M 868 -48.20 -13.88 -71.76
N SER M 869 -48.31 -14.29 -70.50
CA SER M 869 -49.54 -14.00 -69.74
C SER M 869 -49.71 -12.48 -69.62
N LEU M 870 -48.60 -11.79 -69.32
CA LEU M 870 -48.68 -10.33 -69.21
C LEU M 870 -49.21 -9.79 -70.53
N GLN M 871 -48.62 -10.22 -71.64
CA GLN M 871 -49.00 -9.72 -72.99
C GLN M 871 -50.43 -10.06 -73.43
N GLN M 872 -51.05 -11.10 -72.86
CA GLN M 872 -52.47 -11.42 -73.16
C GLN M 872 -53.45 -11.20 -71.99
N PRO M 873 -53.04 -10.38 -70.98
CA PRO M 873 -53.85 -10.30 -69.77
C PRO M 873 -55.32 -9.94 -70.05
N MET N 1 91.30 36.03 41.92
CA MET N 1 91.31 37.48 41.55
C MET N 1 89.94 38.14 41.84
N VAL N 2 88.91 37.81 41.07
CA VAL N 2 87.56 38.36 41.30
C VAL N 2 86.90 37.53 42.41
N SER N 3 86.02 38.13 43.21
CA SER N 3 85.31 37.40 44.26
C SER N 3 84.57 36.19 43.66
N VAL N 4 84.51 35.07 44.37
CA VAL N 4 83.87 33.85 43.84
C VAL N 4 82.37 34.10 43.61
N ILE N 5 81.83 33.66 42.47
CA ILE N 5 80.40 33.82 42.14
C ILE N 5 79.78 32.39 42.07
N ASN N 6 78.51 32.09 41.51
CA ASN N 6 77.81 30.82 41.48
C ASN N 6 78.67 29.72 40.84
N THR N 7 78.42 28.46 41.22
CA THR N 7 78.96 27.27 40.54
C THR N 7 77.81 26.56 39.84
N VAL N 8 77.99 26.25 38.55
CA VAL N 8 76.99 25.61 37.70
C VAL N 8 77.45 24.16 37.49
N ASP N 9 76.74 23.21 38.08
CA ASP N 9 76.81 21.79 37.69
C ASP N 9 76.05 21.61 36.37
N THR N 10 76.79 21.39 35.30
CA THR N 10 76.25 21.28 33.94
C THR N 10 75.73 19.88 33.62
N SER N 11 75.89 18.91 34.53
CA SER N 11 75.48 17.52 34.33
C SER N 11 76.03 16.87 33.05
N HIS N 12 77.15 17.41 32.53
CA HIS N 12 77.77 16.93 31.27
C HIS N 12 78.41 15.55 31.39
N GLU N 13 78.86 14.97 30.27
CA GLU N 13 79.58 13.68 30.29
C GLU N 13 80.92 13.79 29.54
N ASP N 14 81.40 15.01 29.30
CA ASP N 14 82.65 15.22 28.54
C ASP N 14 83.20 16.65 28.69
N MET N 15 84.34 16.96 28.05
CA MET N 15 84.92 18.32 28.12
C MET N 15 84.04 19.32 27.35
N ILE N 16 83.68 20.45 27.97
CA ILE N 16 83.05 21.56 27.25
C ILE N 16 84.13 22.22 26.40
N HIS N 17 84.05 22.10 25.06
CA HIS N 17 85.05 22.72 24.16
C HIS N 17 84.98 24.25 24.22
N ASP N 18 83.77 24.81 24.26
CA ASP N 18 83.60 26.29 24.25
C ASP N 18 82.34 26.72 24.99
N ALA N 19 82.32 27.94 25.54
CA ALA N 19 81.12 28.47 26.22
C ALA N 19 80.92 29.97 25.91
N GLN N 20 79.67 30.40 25.65
CA GLN N 20 79.39 31.82 25.39
C GLN N 20 78.15 32.28 26.16
N MET N 21 78.29 33.39 26.89
CA MET N 21 77.15 34.10 27.45
C MET N 21 76.35 34.79 26.35
N ASP N 22 75.04 34.90 26.55
CA ASP N 22 74.18 35.70 25.68
C ASP N 22 74.42 37.21 25.87
N TYR N 23 73.77 38.03 25.04
CA TYR N 23 74.02 39.47 24.98
C TYR N 23 73.78 40.19 26.32
N TYR N 24 72.77 39.78 27.09
CA TYR N 24 72.43 40.40 28.38
C TYR N 24 73.10 39.70 29.57
N GLY N 25 73.85 38.64 29.33
CA GLY N 25 74.53 37.86 30.35
C GLY N 25 73.60 37.10 31.29
N ILE N 26 72.41 36.73 30.81
CA ILE N 26 71.40 35.97 31.55
C ILE N 26 71.42 34.48 31.19
N ARG N 27 72.01 34.12 30.05
CA ARG N 27 72.10 32.75 29.56
C ARG N 27 73.53 32.40 29.18
N LEU N 28 73.87 31.13 29.35
CA LEU N 28 75.14 30.54 28.95
C LEU N 28 74.85 29.38 28.01
N ALA N 29 75.37 29.45 26.78
CA ALA N 29 75.43 28.30 25.88
C ALA N 29 76.78 27.60 26.06
N THR N 30 76.78 26.28 26.03
CA THR N 30 77.96 25.42 26.13
C THR N 30 77.86 24.30 25.11
N CYS N 31 79.00 23.84 24.58
CA CYS N 31 79.03 22.75 23.62
C CYS N 31 80.22 21.80 23.87
N SER N 32 80.04 20.51 23.54
CA SER N 32 80.94 19.45 23.97
C SER N 32 81.16 18.37 22.91
N SER N 33 82.21 17.56 23.12
CA SER N 33 82.44 16.28 22.44
C SER N 33 81.27 15.29 22.56
N ASP N 34 80.40 15.45 23.56
CA ASP N 34 79.19 14.65 23.74
C ASP N 34 78.08 14.95 22.71
N ARG N 35 78.36 15.84 21.74
CA ARG N 35 77.51 16.23 20.60
C ARG N 35 76.29 17.07 20.98
N SER N 36 76.21 17.53 22.23
CA SER N 36 75.14 18.39 22.71
C SER N 36 75.55 19.85 22.77
N VAL N 37 74.56 20.72 22.60
CA VAL N 37 74.63 22.13 22.95
C VAL N 37 73.67 22.36 24.11
N LYS N 38 74.19 22.75 25.26
CA LYS N 38 73.39 22.97 26.48
C LYS N 38 73.24 24.45 26.75
N ILE N 39 72.03 24.88 27.09
CA ILE N 39 71.72 26.26 27.43
C ILE N 39 71.29 26.32 28.89
N PHE N 40 71.94 27.21 29.64
CA PHE N 40 71.69 27.46 31.05
C PHE N 40 71.18 28.88 31.24
N ASP N 41 70.11 29.06 32.04
CA ASP N 41 69.59 30.40 32.36
C ASP N 41 70.07 30.75 33.76
N VAL N 42 71.32 31.19 33.90
CA VAL N 42 71.89 31.47 35.23
C VAL N 42 71.58 32.93 35.62
N LYS N 43 70.34 33.21 36.05
CA LYS N 43 69.94 34.57 36.46
C LYS N 43 70.05 34.71 37.99
N ASN N 44 70.77 35.72 38.48
CA ASN N 44 70.87 35.96 39.94
C ASN N 44 71.27 34.65 40.62
N GLY N 45 72.40 34.07 40.22
CA GLY N 45 72.81 32.77 40.77
C GLY N 45 71.88 31.73 40.18
N GLY N 46 71.51 30.69 40.94
CA GLY N 46 70.56 29.68 40.45
C GLY N 46 70.96 29.04 39.11
N GLN N 47 71.83 28.02 39.13
CA GLN N 47 72.21 27.32 37.89
C GLN N 47 70.96 26.62 37.37
N ILE N 48 70.64 26.74 36.08
CA ILE N 48 69.41 26.14 35.52
C ILE N 48 69.53 25.67 34.07
N LEU N 49 69.71 24.37 33.82
CA LEU N 49 69.65 23.85 32.45
C LEU N 49 68.24 24.07 31.90
N ILE N 50 68.12 24.84 30.81
CA ILE N 50 66.83 25.13 30.17
C ILE N 50 66.66 24.41 28.82
N ALA N 51 67.75 23.96 28.19
CA ALA N 51 67.70 23.17 26.97
C ALA N 51 68.92 22.26 26.79
N ASP N 52 68.70 21.02 26.32
CA ASP N 52 69.71 20.10 25.78
C ASP N 52 69.43 19.92 24.28
N LEU N 53 70.15 20.68 23.45
CA LEU N 53 69.96 20.72 22.01
C LEU N 53 70.82 19.64 21.35
N ARG N 54 70.17 18.62 20.81
CA ARG N 54 70.79 17.51 20.11
C ARG N 54 70.39 17.52 18.64
N GLY N 55 71.39 17.50 17.77
CA GLY N 55 71.20 17.52 16.32
C GLY N 55 72.48 17.26 15.53
N HIS N 56 73.64 17.45 16.17
CA HIS N 56 74.94 17.12 15.59
C HIS N 56 75.28 15.63 15.73
N ASP N 57 75.98 15.11 14.74
CA ASP N 57 76.44 13.71 14.70
C ASP N 57 77.88 13.52 15.21
N GLY N 58 78.57 14.62 15.54
CA GLY N 58 79.93 14.64 16.06
C GLY N 58 80.15 15.74 17.11
N PRO N 59 81.37 15.85 17.67
CA PRO N 59 81.73 16.91 18.61
C PRO N 59 81.34 18.29 18.11
N VAL N 60 80.79 19.13 18.98
CA VAL N 60 80.44 20.52 18.66
C VAL N 60 81.60 21.41 19.11
N TRP N 61 82.09 22.25 18.20
CA TRP N 61 83.33 23.00 18.41
C TRP N 61 83.10 24.40 18.96
N GLN N 62 82.15 25.14 18.40
CA GLN N 62 81.90 26.53 18.77
C GLN N 62 80.40 26.83 18.77
N VAL N 63 79.99 27.75 19.64
CA VAL N 63 78.64 28.31 19.68
C VAL N 63 78.68 29.83 19.57
N ALA N 64 77.66 30.41 18.94
CA ALA N 64 77.58 31.86 18.78
C ALA N 64 76.14 32.35 18.97
N TRP N 65 75.91 33.24 19.93
CA TRP N 65 74.63 33.94 20.10
C TRP N 65 74.47 35.04 19.07
N ALA N 66 73.30 35.11 18.42
CA ALA N 66 72.95 36.25 17.57
C ALA N 66 72.54 37.45 18.44
N HIS N 67 72.50 38.65 17.83
CA HIS N 67 72.02 39.84 18.51
C HIS N 67 70.52 39.70 18.87
N PRO N 68 70.09 40.09 20.09
CA PRO N 68 68.73 39.86 20.59
C PRO N 68 67.63 40.56 19.78
N MET N 69 67.97 41.52 18.90
CA MET N 69 67.00 42.14 18.00
C MET N 69 66.32 41.15 17.03
N TYR N 70 66.95 39.99 16.79
CA TYR N 70 66.40 38.91 15.95
C TYR N 70 65.70 37.82 16.77
N GLY N 71 65.51 38.06 18.07
CA GLY N 71 65.08 37.07 19.04
C GLY N 71 66.25 36.26 19.60
N ASN N 72 65.94 35.17 20.30
CA ASN N 72 66.93 34.30 20.90
C ASN N 72 67.37 33.24 19.89
N ILE N 73 68.45 33.55 19.16
CA ILE N 73 69.04 32.67 18.14
C ILE N 73 70.45 32.28 18.56
N LEU N 74 70.77 31.00 18.43
CA LEU N 74 72.08 30.42 18.70
C LEU N 74 72.54 29.63 17.47
N ALA N 75 73.78 29.83 17.04
CA ALA N 75 74.42 28.98 16.04
C ALA N 75 75.38 27.99 16.71
N SER N 76 75.50 26.79 16.17
CA SER N 76 76.53 25.81 16.55
C SER N 76 77.17 25.18 15.32
N CYS N 77 78.47 24.88 15.41
CA CYS N 77 79.20 24.17 14.35
C CYS N 77 79.95 22.95 14.89
N SER N 78 80.13 21.94 14.05
CA SER N 78 80.57 20.62 14.50
C SER N 78 81.49 19.92 13.51
N TYR N 79 82.18 18.92 14.04
CA TYR N 79 82.93 17.91 13.29
C TYR N 79 82.08 17.18 12.24
N ASP N 80 80.76 17.13 12.42
CA ASP N 80 79.82 16.52 11.48
C ASP N 80 79.61 17.32 10.19
N ARG N 81 80.36 18.41 9.99
CA ARG N 81 80.37 19.25 8.79
C ARG N 81 79.13 20.16 8.68
N LYS N 82 78.28 20.19 9.70
CA LYS N 82 77.06 20.97 9.72
C LYS N 82 77.22 22.23 10.57
N VAL N 83 76.43 23.25 10.21
CA VAL N 83 76.12 24.39 11.07
C VAL N 83 74.63 24.36 11.33
N ILE N 84 74.23 24.39 12.60
CA ILE N 84 72.83 24.39 13.02
C ILE N 84 72.47 25.74 13.61
N ILE N 85 71.33 26.29 13.20
CA ILE N 85 70.73 27.49 13.80
C ILE N 85 69.53 27.07 14.64
N TRP N 86 69.65 27.33 15.93
CA TRP N 86 68.64 27.11 16.95
C TRP N 86 67.93 28.42 17.25
N LYS N 87 66.61 28.37 17.40
CA LYS N 87 65.81 29.53 17.79
C LYS N 87 64.87 29.14 18.91
N GLU N 88 64.72 30.02 19.88
CA GLU N 88 63.69 29.90 20.91
C GLU N 88 62.43 30.66 20.48
N GLU N 89 61.29 29.98 20.48
CA GLU N 89 59.97 30.58 20.33
C GLU N 89 59.08 30.11 21.49
N ASN N 90 58.52 31.06 22.25
CA ASN N 90 57.67 30.79 23.42
C ASN N 90 58.29 29.81 24.44
N GLY N 91 59.60 29.92 24.67
CA GLY N 91 60.34 29.07 25.61
C GLY N 91 60.71 27.68 25.08
N THR N 92 60.36 27.37 23.82
CA THR N 92 60.74 26.11 23.17
C THR N 92 61.88 26.37 22.19
N TRP N 93 62.94 25.57 22.30
CA TRP N 93 64.08 25.62 21.39
C TRP N 93 63.93 24.65 20.23
N GLU N 94 64.06 25.14 19.01
CA GLU N 94 63.94 24.33 17.80
C GLU N 94 65.08 24.61 16.82
N LYS N 95 65.44 23.61 16.03
CA LYS N 95 66.33 23.76 14.87
C LYS N 95 65.55 24.43 13.74
N THR N 96 65.87 25.67 13.45
CA THR N 96 65.19 26.47 12.41
C THR N 96 65.91 26.44 11.06
N TYR N 97 67.22 26.15 11.07
CA TYR N 97 68.01 25.99 9.86
C TYR N 97 69.19 25.04 10.08
N GLU N 98 69.58 24.34 9.02
CA GLU N 98 70.75 23.46 8.98
C GLU N 98 71.49 23.70 7.68
N TYR N 99 72.79 24.01 7.78
CA TYR N 99 73.67 24.21 6.63
C TYR N 99 74.68 23.07 6.57
N THR N 100 74.72 22.36 5.43
CA THR N 100 75.57 21.18 5.19
C THR N 100 76.49 21.36 3.98
N GLY N 101 76.82 22.60 3.63
CA GLY N 101 77.58 22.92 2.42
C GLY N 101 79.11 22.79 2.52
N HIS N 102 79.64 22.28 3.63
CA HIS N 102 81.07 22.03 3.82
C HIS N 102 81.41 20.53 3.71
N ASP N 103 82.60 20.24 3.18
CA ASP N 103 83.04 18.85 2.94
C ASP N 103 83.81 18.26 4.13
N SER N 104 84.11 19.07 5.14
CA SER N 104 84.86 18.71 6.34
C SER N 104 84.36 19.48 7.58
N SER N 105 84.94 19.18 8.75
CA SER N 105 84.60 19.76 10.06
C SER N 105 84.48 21.28 10.01
N VAL N 106 83.40 21.84 10.56
CA VAL N 106 83.23 23.31 10.67
C VAL N 106 83.72 23.74 12.05
N ASN N 107 84.85 24.44 12.09
CA ASN N 107 85.61 24.67 13.31
C ASN N 107 85.19 25.94 14.06
N SER N 108 84.65 26.93 13.35
CA SER N 108 84.31 28.21 13.94
C SER N 108 83.10 28.87 13.30
N VAL N 109 82.31 29.55 14.13
CA VAL N 109 81.16 30.37 13.73
C VAL N 109 81.18 31.71 14.43
N CYS N 110 80.84 32.78 13.70
CA CYS N 110 80.77 34.12 14.28
C CYS N 110 79.67 34.94 13.60
N TRP N 111 78.77 35.52 14.40
CA TRP N 111 77.74 36.43 13.90
C TRP N 111 78.35 37.80 13.57
N ALA N 112 77.91 38.38 12.46
CA ALA N 112 78.27 39.73 12.08
C ALA N 112 77.65 40.77 13.03
N PRO N 113 78.20 42.00 13.09
CA PRO N 113 77.51 43.11 13.72
C PRO N 113 76.08 43.25 13.19
N HIS N 114 75.14 43.47 14.10
CA HIS N 114 73.71 43.49 13.81
C HIS N 114 73.30 44.58 12.81
N ASP N 115 74.10 45.63 12.65
CA ASP N 115 73.94 46.64 11.61
C ASP N 115 73.97 46.07 10.18
N PHE N 116 74.66 44.94 9.97
CA PHE N 116 74.79 44.30 8.66
C PHE N 116 73.60 43.40 8.33
N GLY N 117 72.71 43.15 9.29
CA GLY N 117 71.66 42.13 9.21
C GLY N 117 72.00 40.88 10.02
N LEU N 118 71.21 39.82 9.82
CA LEU N 118 71.47 38.52 10.43
C LEU N 118 72.40 37.69 9.54
N VAL N 119 73.71 37.87 9.71
CA VAL N 119 74.77 37.23 8.92
C VAL N 119 75.67 36.36 9.81
N LEU N 120 75.94 35.13 9.40
CA LEU N 120 76.84 34.19 10.09
C LEU N 120 78.02 33.81 9.21
N ALA N 121 79.24 33.97 9.70
CA ALA N 121 80.45 33.43 9.07
C ALA N 121 80.77 32.05 9.66
N CYS N 122 81.14 31.09 8.81
CA CYS N 122 81.47 29.72 9.19
C CYS N 122 82.80 29.32 8.54
N GLY N 123 83.82 28.96 9.33
CA GLY N 123 85.12 28.48 8.84
C GLY N 123 85.25 26.96 8.95
N SER N 124 85.67 26.28 7.87
CA SER N 124 85.78 24.83 7.83
C SER N 124 87.19 24.31 7.55
N SER N 125 87.45 23.09 8.03
CA SER N 125 88.62 22.27 7.73
C SER N 125 88.72 21.88 6.25
N ASP N 126 87.70 22.14 5.41
CA ASP N 126 87.80 22.01 3.95
C ASP N 126 88.54 23.21 3.30
N GLY N 127 88.97 24.18 4.11
CA GLY N 127 89.66 25.38 3.67
C GLY N 127 88.72 26.48 3.19
N ALA N 128 87.40 26.26 3.16
CA ALA N 128 86.42 27.25 2.75
C ALA N 128 85.82 28.02 3.94
N ILE N 129 85.26 29.18 3.63
CA ILE N 129 84.47 30.00 4.55
C ILE N 129 83.10 30.24 3.91
N SER N 130 82.02 30.01 4.65
CA SER N 130 80.66 30.28 4.19
C SER N 130 80.03 31.41 4.97
N ILE N 131 79.41 32.36 4.26
CA ILE N 131 78.64 33.45 4.84
C ILE N 131 77.16 33.18 4.60
N LEU N 132 76.42 32.89 5.68
CA LEU N 132 74.98 32.64 5.67
C LEU N 132 74.26 33.96 5.96
N THR N 133 73.31 34.35 5.11
CA THR N 133 72.55 35.60 5.24
C THR N 133 71.07 35.29 5.34
N PHE N 134 70.40 35.82 6.36
CA PHE N 134 68.95 35.77 6.47
C PHE N 134 68.34 37.14 6.21
N THR N 135 67.48 37.22 5.20
CA THR N 135 66.85 38.46 4.73
C THR N 135 65.45 38.68 5.33
N GLY N 136 64.93 37.74 6.12
CA GLY N 136 63.58 37.79 6.68
C GLY N 136 62.54 37.04 5.85
N ASP N 137 62.72 37.02 4.53
CA ASP N 137 61.84 36.38 3.56
C ASP N 137 62.59 35.27 2.81
N GLY N 138 62.11 34.03 2.93
CA GLY N 138 62.65 32.89 2.20
C GLY N 138 63.80 32.15 2.91
N PRO N 139 64.51 31.28 2.19
CA PRO N 139 65.61 30.49 2.75
C PRO N 139 66.84 31.37 3.01
N TRP N 140 67.75 30.87 3.84
CA TRP N 140 69.06 31.46 4.02
C TRP N 140 69.83 31.48 2.70
N GLU N 141 70.42 32.63 2.37
CA GLU N 141 71.33 32.77 1.24
C GLU N 141 72.76 32.42 1.67
N VAL N 142 73.53 31.79 0.79
CA VAL N 142 74.89 31.34 1.10
C VAL N 142 75.88 31.89 0.09
N LYS N 143 76.89 32.62 0.57
CA LYS N 143 78.08 32.99 -0.21
C LYS N 143 79.28 32.21 0.31
N LYS N 144 79.79 31.26 -0.48
CA LYS N 144 80.93 30.40 -0.12
C LYS N 144 82.22 30.91 -0.76
N ILE N 145 83.23 31.18 0.07
CA ILE N 145 84.61 31.48 -0.33
C ILE N 145 85.36 30.16 -0.37
N SER N 146 85.55 29.62 -1.57
CA SER N 146 86.28 28.35 -1.75
C SER N 146 87.79 28.59 -1.68
N ASN N 147 88.54 27.66 -1.10
CA ASN N 147 90.00 27.74 -0.93
C ASN N 147 90.46 29.02 -0.20
N ALA N 148 89.72 29.45 0.82
CA ALA N 148 90.08 30.60 1.65
C ALA N 148 91.41 30.37 2.38
N HIS N 149 91.63 29.17 2.91
CA HIS N 149 92.90 28.71 3.46
C HIS N 149 93.31 27.38 2.80
N THR N 150 94.62 27.20 2.58
CA THR N 150 95.13 26.09 1.75
C THR N 150 94.86 24.70 2.34
N ILE N 151 94.87 24.60 3.67
CA ILE N 151 94.73 23.33 4.40
C ILE N 151 93.40 23.27 5.16
N GLY N 152 93.00 24.36 5.80
CA GLY N 152 91.80 24.43 6.63
C GLY N 152 91.69 25.79 7.32
N CYS N 153 90.45 26.21 7.60
CA CYS N 153 90.15 27.41 8.39
C CYS N 153 89.78 27.00 9.82
N ASN N 154 90.48 27.53 10.82
CA ASN N 154 90.24 27.21 12.23
C ASN N 154 89.35 28.22 12.91
N ALA N 155 89.48 29.51 12.58
CA ALA N 155 88.77 30.57 13.27
C ALA N 155 88.30 31.67 12.32
N VAL N 156 87.16 32.27 12.66
CA VAL N 156 86.60 33.46 12.00
C VAL N 156 86.16 34.48 13.05
N SER N 157 86.42 35.76 12.81
CA SER N 157 85.95 36.86 13.66
C SER N 157 85.57 38.07 12.82
N TRP N 158 84.38 38.63 13.06
CA TRP N 158 83.93 39.83 12.36
C TRP N 158 84.65 41.09 12.83
N ALA N 159 84.87 42.02 11.91
CA ALA N 159 85.27 43.37 12.25
C ALA N 159 84.11 44.13 12.92
N PRO N 160 84.39 45.09 13.79
CA PRO N 160 83.35 45.98 14.32
C PRO N 160 82.66 46.76 13.19
N SER N 161 81.39 47.08 13.40
CA SER N 161 80.61 47.92 12.50
C SER N 161 81.12 49.36 12.58
N VAL N 162 81.82 49.82 11.53
CA VAL N 162 82.31 51.19 11.42
C VAL N 162 81.63 51.86 10.22
N ILE N 163 80.96 52.98 10.47
CA ILE N 163 80.39 53.83 9.41
C ILE N 163 81.53 54.68 8.82
N PRO N 164 81.84 54.57 7.52
CA PRO N 164 82.82 55.43 6.89
C PRO N 164 82.43 56.90 7.04
N GLY N 165 83.34 57.72 7.56
CA GLY N 165 83.13 59.16 7.68
C GLY N 165 82.03 59.57 8.66
N SER N 166 81.84 58.85 9.78
CA SER N 166 80.86 59.17 10.84
C SER N 166 80.95 60.59 11.43
N LEU N 167 82.03 61.31 11.09
CA LEU N 167 82.26 62.70 11.57
C LEU N 167 81.93 63.67 10.42
N VAL N 168 81.21 63.17 9.40
CA VAL N 168 80.82 63.99 8.21
C VAL N 168 79.31 64.22 8.27
N ASP N 169 78.87 65.46 8.05
CA ASP N 169 77.42 65.80 8.10
C ASP N 169 76.68 64.96 7.05
N GLN N 170 75.54 64.39 7.43
CA GLN N 170 74.72 63.53 6.54
C GLN N 170 73.23 63.83 6.76
N PRO N 171 72.33 63.39 5.84
CA PRO N 171 70.89 63.65 6.02
C PRO N 171 70.30 62.86 7.19
N SER N 172 69.20 63.35 7.76
CA SER N 172 68.57 62.69 8.93
C SER N 172 68.18 61.25 8.57
N SER N 173 67.60 61.06 7.37
CA SER N 173 67.24 59.69 6.92
C SER N 173 68.21 59.28 5.81
N GLN N 174 69.03 58.25 6.05
CA GLN N 174 70.02 57.77 5.06
C GLN N 174 70.45 56.34 5.40
N LYS N 175 71.11 55.66 4.46
CA LYS N 175 71.62 54.28 4.70
C LYS N 175 73.14 54.34 4.81
N PRO N 176 73.75 53.84 5.92
CA PRO N 176 75.21 53.89 6.04
C PRO N 176 75.88 52.67 5.42
N ASN N 177 76.47 52.85 4.22
CA ASN N 177 77.13 51.75 3.54
C ASN N 177 78.35 51.30 4.35
N TYR N 178 78.15 50.29 5.18
CA TYR N 178 79.21 49.75 6.03
C TYR N 178 80.26 48.99 5.21
N ILE N 179 81.53 49.13 5.60
CA ILE N 179 82.59 48.27 5.08
C ILE N 179 82.55 46.97 5.90
N LYS N 180 81.92 45.93 5.33
CA LYS N 180 81.87 44.62 5.98
C LYS N 180 83.22 43.91 5.83
N ARG N 181 83.88 43.65 6.95
CA ARG N 181 85.13 42.90 7.02
C ARG N 181 85.05 41.82 8.08
N PHE N 182 85.82 40.77 7.88
CA PHE N 182 86.11 39.78 8.93
C PHE N 182 87.53 39.25 8.74
N VAL N 183 88.07 38.67 9.80
CA VAL N 183 89.38 38.03 9.81
C VAL N 183 89.21 36.53 9.97
N SER N 184 90.07 35.74 9.33
CA SER N 184 90.15 34.30 9.51
C SER N 184 91.58 33.84 9.78
N GLY N 185 91.72 32.78 10.55
CA GLY N 185 92.99 32.09 10.81
C GLY N 185 92.94 30.65 10.32
N GLY N 186 94.01 30.17 9.69
CA GLY N 186 94.03 28.83 9.11
C GLY N 186 95.28 28.00 9.39
N CYS N 187 95.22 26.76 8.92
CA CYS N 187 96.30 25.76 9.00
C CYS N 187 97.43 26.01 8.00
N ASP N 188 97.33 27.05 7.17
CA ASP N 188 98.41 27.55 6.29
C ASP N 188 99.26 28.64 6.96
N ASN N 189 99.13 28.81 8.28
CA ASN N 189 99.85 29.76 9.13
C ASN N 189 99.48 31.23 8.89
N LEU N 190 98.50 31.48 8.01
CA LEU N 190 98.09 32.82 7.64
C LEU N 190 96.92 33.29 8.49
N VAL N 191 96.95 34.58 8.82
CA VAL N 191 95.76 35.34 9.21
C VAL N 191 95.34 36.15 7.98
N LYS N 192 94.09 36.02 7.54
CA LYS N 192 93.58 36.66 6.32
C LYS N 192 92.43 37.59 6.64
N ILE N 193 92.42 38.76 6.05
CA ILE N 193 91.33 39.72 6.18
C ILE N 193 90.52 39.70 4.89
N TRP N 194 89.20 39.69 5.05
CA TRP N 194 88.24 39.62 3.96
C TRP N 194 87.38 40.88 3.95
N ARG N 195 86.97 41.31 2.76
CA ARG N 195 86.09 42.46 2.56
C ARG N 195 84.99 42.10 1.56
N GLU N 196 83.76 42.55 1.82
CA GLU N 196 82.69 42.51 0.82
C GLU N 196 82.84 43.69 -0.15
N GLU N 197 82.93 43.38 -1.44
CA GLU N 197 82.94 44.34 -2.54
C GLU N 197 81.95 43.86 -3.61
N ASP N 198 80.99 44.72 -3.98
CA ASP N 198 79.97 44.42 -5.01
C ASP N 198 79.24 43.08 -4.80
N GLY N 199 78.99 42.75 -3.53
CA GLY N 199 78.31 41.52 -3.14
C GLY N 199 79.19 40.26 -3.19
N GLN N 200 80.49 40.36 -3.43
CA GLN N 200 81.44 39.26 -3.37
C GLN N 200 82.48 39.49 -2.27
N TRP N 201 82.93 38.41 -1.64
CA TRP N 201 83.99 38.45 -0.65
C TRP N 201 85.35 38.27 -1.31
N LYS N 202 86.26 39.21 -1.06
CA LYS N 202 87.64 39.16 -1.55
C LYS N 202 88.61 39.17 -0.39
N GLU N 203 89.74 38.49 -0.58
CA GLU N 203 90.89 38.58 0.31
C GLU N 203 91.49 39.99 0.16
N ASP N 204 91.46 40.77 1.24
CA ASP N 204 91.93 42.15 1.31
C ASP N 204 93.40 42.19 1.74
N GLN N 205 93.79 41.36 2.72
CA GLN N 205 95.17 41.25 3.20
C GLN N 205 95.53 39.84 3.67
N LYS N 206 96.81 39.50 3.54
CA LYS N 206 97.46 38.35 4.19
C LYS N 206 98.43 38.85 5.25
N LEU N 207 98.30 38.30 6.44
CA LEU N 207 99.12 38.63 7.59
C LEU N 207 100.00 37.42 7.93
N GLU N 208 101.31 37.58 7.78
CA GLU N 208 102.30 36.51 7.88
C GLU N 208 103.23 36.78 9.07
N ALA N 209 103.07 35.99 10.14
CA ALA N 209 103.98 36.04 11.31
C ALA N 209 104.05 34.72 12.08
N HIS N 210 102.97 33.93 12.07
CA HIS N 210 102.95 32.61 12.68
C HIS N 210 103.76 31.60 11.87
N SER N 211 104.39 30.67 12.58
CA SER N 211 105.21 29.59 11.98
C SER N 211 104.51 28.23 11.97
N ASP N 212 103.28 28.16 12.49
CA ASP N 212 102.46 26.95 12.58
C ASP N 212 100.97 27.36 12.60
N TRP N 213 100.06 26.39 12.65
CA TRP N 213 98.61 26.59 12.48
C TRP N 213 98.08 27.72 13.37
N VAL N 214 97.36 28.68 12.77
CA VAL N 214 96.63 29.69 13.53
C VAL N 214 95.42 29.01 14.15
N ARG N 215 95.33 29.06 15.48
CA ARG N 215 94.28 28.38 16.25
C ARG N 215 93.05 29.24 16.41
N ASP N 216 93.24 30.51 16.73
CA ASP N 216 92.14 31.45 16.90
C ASP N 216 92.52 32.87 16.46
N VAL N 217 91.51 33.64 16.06
CA VAL N 217 91.62 35.05 15.68
C VAL N 217 90.46 35.83 16.29
N ALA N 218 90.74 36.98 16.87
CA ALA N 218 89.72 37.83 17.47
C ALA N 218 89.95 39.28 17.05
N TRP N 219 88.96 39.86 16.36
CA TRP N 219 88.95 41.29 16.06
C TRP N 219 88.48 42.06 17.30
N ALA N 220 89.28 43.00 17.77
CA ALA N 220 88.92 43.83 18.91
C ALA N 220 87.68 44.67 18.59
N PRO N 221 86.74 44.80 19.54
CA PRO N 221 85.61 45.71 19.37
C PRO N 221 86.10 47.15 19.23
N SER N 222 85.40 47.96 18.44
CA SER N 222 85.72 49.38 18.32
C SER N 222 85.35 50.10 19.62
N ILE N 223 86.35 50.68 20.28
CA ILE N 223 86.17 51.55 21.45
C ILE N 223 86.10 53.03 21.05
N GLY N 224 85.72 53.31 19.80
CA GLY N 224 85.67 54.68 19.24
C GLY N 224 87.03 55.25 18.81
N LEU N 225 88.10 54.45 18.88
CA LEU N 225 89.41 54.80 18.33
C LEU N 225 89.50 54.40 16.85
N PRO N 226 90.26 55.14 16.02
CA PRO N 226 90.43 54.82 14.61
C PRO N 226 91.28 53.55 14.39
N THR N 227 92.17 53.23 15.32
CA THR N 227 93.03 52.05 15.25
C THR N 227 92.20 50.77 15.35
N SER N 228 92.34 49.91 14.33
CA SER N 228 91.79 48.56 14.35
C SER N 228 92.82 47.59 14.90
N THR N 229 92.37 46.70 15.79
CA THR N 229 93.24 45.72 16.45
C THR N 229 92.69 44.31 16.26
N ILE N 230 93.56 43.36 15.94
CA ILE N 230 93.26 41.93 15.86
C ILE N 230 94.24 41.19 16.76
N ALA N 231 93.78 40.18 17.49
CA ALA N 231 94.65 39.21 18.14
C ALA N 231 94.62 37.89 17.36
N SER N 232 95.76 37.20 17.29
CA SER N 232 95.82 35.82 16.80
C SER N 232 96.71 34.97 17.68
N CYS N 233 96.37 33.69 17.80
CA CYS N 233 97.17 32.71 18.51
C CYS N 233 97.39 31.45 17.68
N SER N 234 98.45 30.69 17.97
CA SER N 234 98.88 29.59 17.11
C SER N 234 99.45 28.41 17.89
N GLN N 235 99.53 27.29 17.18
CA GLN N 235 100.28 26.09 17.56
C GLN N 235 101.75 26.37 17.89
N ASP N 236 102.35 27.44 17.36
CA ASP N 236 103.74 27.84 17.65
C ASP N 236 103.94 28.49 19.03
N GLY N 237 102.86 28.59 19.83
CA GLY N 237 102.84 29.16 21.16
C GLY N 237 102.88 30.68 21.18
N ARG N 238 102.89 31.37 20.02
CA ARG N 238 102.90 32.83 19.96
C ARG N 238 101.49 33.39 19.96
N VAL N 239 101.36 34.57 20.56
CA VAL N 239 100.20 35.45 20.38
C VAL N 239 100.68 36.75 19.75
N TYR N 240 100.06 37.15 18.65
CA TYR N 240 100.34 38.43 17.98
C TYR N 240 99.15 39.37 18.15
N ILE N 241 99.46 40.65 18.38
CA ILE N 241 98.53 41.77 18.25
C ILE N 241 98.85 42.48 16.95
N TRP N 242 97.89 42.52 16.04
CA TRP N 242 97.98 43.20 14.76
C TRP N 242 97.25 44.53 14.88
N THR N 243 97.91 45.63 14.54
CA THR N 243 97.29 46.96 14.57
C THR N 243 97.34 47.61 13.18
N SER N 244 96.29 48.35 12.87
CA SER N 244 96.17 49.20 11.69
C SER N 244 95.64 50.56 12.12
N ASP N 245 96.48 51.60 12.07
CA ASP N 245 96.13 52.96 12.50
C ASP N 245 95.30 53.75 11.49
N ASP N 246 95.42 53.40 10.21
CA ASP N 246 94.68 54.05 9.13
C ASP N 246 93.99 53.01 8.25
N ALA N 247 92.65 53.03 8.31
CA ALA N 247 91.79 52.18 7.49
C ALA N 247 92.02 52.37 5.98
N ALA N 248 92.55 53.52 5.54
CA ALA N 248 92.87 53.79 4.15
C ALA N 248 94.19 53.13 3.70
N THR N 249 95.18 53.05 4.59
CA THR N 249 96.49 52.46 4.25
C THR N 249 96.45 50.93 4.23
N ASN N 250 95.49 50.32 4.93
CA ASN N 250 95.37 48.87 5.06
C ASN N 250 96.68 48.20 5.55
N CYS N 251 97.55 48.95 6.24
CA CYS N 251 98.85 48.49 6.71
C CYS N 251 98.69 47.89 8.11
N TRP N 252 98.91 46.59 8.23
CA TRP N 252 98.83 45.87 9.49
C TRP N 252 100.23 45.56 10.02
N THR N 253 100.52 45.99 11.24
CA THR N 253 101.81 45.73 11.89
C THR N 253 101.65 44.69 13.00
N PRO N 254 102.38 43.56 12.96
CA PRO N 254 102.38 42.58 14.05
C PRO N 254 103.26 43.03 15.21
N LYS N 255 102.74 42.88 16.43
CA LYS N 255 103.47 42.96 17.68
C LYS N 255 103.35 41.65 18.43
N LEU N 256 104.47 41.02 18.77
CA LEU N 256 104.46 39.83 19.61
C LEU N 256 103.99 40.22 21.02
N LEU N 257 102.87 39.64 21.46
CA LEU N 257 102.39 39.78 22.83
C LEU N 257 103.25 38.95 23.79
N HIS N 258 103.32 37.65 23.52
CA HIS N 258 104.02 36.68 24.33
C HIS N 258 104.26 35.38 23.53
N LYS N 259 105.24 34.59 23.96
CA LYS N 259 105.45 33.22 23.49
C LYS N 259 105.35 32.26 24.68
N PHE N 260 104.31 31.46 24.67
CA PHE N 260 104.07 30.38 25.64
C PHE N 260 104.91 29.14 25.27
N ASN N 261 105.12 28.26 26.25
CA ASN N 261 105.86 27.01 26.06
C ASN N 261 104.99 25.91 25.42
N ASP N 262 103.70 26.15 25.32
CA ASP N 262 102.71 25.23 24.77
C ASP N 262 101.78 25.98 23.80
N VAL N 263 100.91 25.23 23.13
CA VAL N 263 99.89 25.72 22.19
C VAL N 263 99.00 26.76 22.86
N VAL N 264 98.60 27.77 22.10
CA VAL N 264 97.55 28.71 22.54
C VAL N 264 96.29 28.42 21.74
N TRP N 265 95.17 28.20 22.43
CA TRP N 265 93.94 27.67 21.83
C TRP N 265 92.95 28.77 21.45
N HIS N 266 92.64 29.68 22.36
CA HIS N 266 91.68 30.76 22.12
C HIS N 266 92.17 32.12 22.61
N VAL N 267 91.72 33.16 21.92
CA VAL N 267 91.92 34.56 22.27
C VAL N 267 90.58 35.30 22.25
N SER N 268 90.29 36.10 23.27
CA SER N 268 89.03 36.83 23.34
C SER N 268 89.22 38.22 23.96
N TRP N 269 88.59 39.21 23.34
CA TRP N 269 88.66 40.61 23.76
C TRP N 269 87.57 40.94 24.77
N SER N 270 87.93 41.69 25.81
CA SER N 270 86.96 42.35 26.66
C SER N 270 86.30 43.51 25.91
N ILE N 271 85.00 43.68 26.11
CA ILE N 271 84.19 44.67 25.39
C ILE N 271 84.58 46.12 25.75
N THR N 272 84.99 46.37 26.99
CA THR N 272 85.10 47.74 27.53
C THR N 272 86.53 48.20 27.85
N ALA N 273 87.47 47.28 28.04
CA ALA N 273 88.77 47.61 28.61
C ALA N 273 89.96 47.23 27.71
N ASN N 274 89.69 46.75 26.49
CA ASN N 274 90.69 46.24 25.56
C ASN N 274 91.65 45.23 26.25
N ILE N 275 91.09 44.38 27.12
CA ILE N 275 91.82 43.32 27.82
C ILE N 275 91.71 42.08 26.96
N LEU N 276 92.83 41.43 26.68
CA LEU N 276 92.86 40.16 25.96
C LEU N 276 92.92 39.00 26.96
N ALA N 277 91.96 38.10 26.90
CA ALA N 277 92.04 36.79 27.52
C ALA N 277 92.73 35.82 26.57
N VAL N 278 93.71 35.07 27.08
CA VAL N 278 94.51 34.11 26.32
C VAL N 278 94.44 32.77 27.04
N SER N 279 93.96 31.73 26.35
CA SER N 279 93.89 30.36 26.88
C SER N 279 94.97 29.47 26.28
N GLY N 280 95.82 28.90 27.13
CA GLY N 280 96.96 28.06 26.74
C GLY N 280 96.77 26.57 27.00
N GLY N 281 97.62 25.75 26.37
CA GLY N 281 97.71 24.30 26.58
C GLY N 281 98.26 23.92 27.96
N ASP N 282 98.87 24.87 28.66
CA ASP N 282 99.31 24.75 30.06
C ASP N 282 98.15 24.77 31.08
N ASN N 283 96.89 24.71 30.62
CA ASN N 283 95.66 24.79 31.41
C ASN N 283 95.50 26.12 32.17
N LYS N 284 96.16 27.18 31.71
CA LYS N 284 96.04 28.52 32.27
C LYS N 284 95.26 29.45 31.34
N VAL N 285 94.59 30.41 31.96
CA VAL N 285 94.03 31.56 31.26
C VAL N 285 94.72 32.81 31.79
N THR N 286 95.41 33.52 30.90
CA THR N 286 96.12 34.76 31.23
C THR N 286 95.34 35.95 30.68
N LEU N 287 95.32 37.05 31.44
CA LEU N 287 94.71 38.31 31.01
C LEU N 287 95.79 39.34 30.74
N TRP N 288 95.69 40.02 29.60
CA TRP N 288 96.68 40.97 29.13
C TRP N 288 96.05 42.33 28.88
N LYS N 289 96.78 43.38 29.21
CA LYS N 289 96.36 44.76 28.95
C LYS N 289 97.55 45.57 28.46
N GLU N 290 97.30 46.42 27.47
CA GLU N 290 98.27 47.41 27.02
C GLU N 290 98.40 48.54 28.04
N SER N 291 99.63 48.86 28.43
CA SER N 291 99.98 50.03 29.23
C SER N 291 100.11 51.28 28.34
N VAL N 292 100.16 52.44 28.99
CA VAL N 292 100.18 53.76 28.31
C VAL N 292 101.41 53.95 27.40
N ASP N 293 102.50 53.22 27.65
CA ASP N 293 103.71 53.17 26.83
C ASP N 293 103.60 52.19 25.64
N GLY N 294 102.43 51.58 25.43
CA GLY N 294 102.15 50.59 24.41
C GLY N 294 102.69 49.19 24.74
N GLN N 295 103.33 48.95 25.89
CA GLN N 295 103.75 47.60 26.28
C GLN N 295 102.54 46.77 26.70
N TRP N 296 102.55 45.47 26.44
CA TRP N 296 101.50 44.58 26.95
C TRP N 296 101.97 43.89 28.22
N ALA N 297 101.16 43.96 29.27
CA ALA N 297 101.44 43.33 30.55
C ALA N 297 100.38 42.30 30.91
N CYS N 298 100.81 41.17 31.46
CA CYS N 298 99.91 40.20 32.07
C CYS N 298 99.40 40.77 33.41
N ILE N 299 98.08 40.95 33.52
CA ILE N 299 97.42 41.52 34.70
C ILE N 299 96.80 40.45 35.61
N SER N 300 96.69 39.21 35.13
CA SER N 300 96.20 38.06 35.90
C SER N 300 96.59 36.74 35.25
N ASP N 301 96.89 35.74 36.08
CA ASP N 301 97.08 34.34 35.69
C ASP N 301 96.06 33.49 36.45
N VAL N 302 95.09 32.92 35.74
CA VAL N 302 94.01 32.09 36.30
C VAL N 302 94.31 30.63 36.03
N ASN N 303 94.61 29.89 37.11
CA ASN N 303 94.84 28.45 37.06
C ASN N 303 93.52 27.68 37.24
N LYS N 304 93.36 26.55 36.55
CA LYS N 304 92.34 25.54 36.94
C LYS N 304 92.58 25.13 38.41
N GLY N 305 91.63 25.41 39.30
CA GLY N 305 91.62 24.91 40.69
C GLY N 305 91.68 25.93 41.83
N GLN N 306 91.79 27.24 41.59
CA GLN N 306 91.83 28.26 42.67
C GLN N 306 90.45 28.84 43.09
N GLY N 307 89.34 28.25 42.63
CA GLY N 307 87.99 28.64 43.02
C GLY N 307 87.45 27.87 44.23
N ARG O 215 69.62 -3.28 43.56
CA ARG O 215 70.92 -2.63 43.69
C ARG O 215 70.79 -1.21 44.24
N THR O 216 70.71 -0.18 43.38
CA THR O 216 70.57 1.26 43.79
C THR O 216 71.75 1.79 44.61
N VAL O 217 72.93 1.79 44.01
CA VAL O 217 74.17 2.20 44.68
C VAL O 217 75.04 3.06 43.75
N GLY O 218 75.46 2.50 42.61
CA GLY O 218 76.30 3.21 41.66
C GLY O 218 77.72 2.72 41.63
N THR O 219 78.50 3.11 40.63
CA THR O 219 79.92 2.81 40.58
C THR O 219 80.27 4.11 41.12
N ARG O 220 81.24 4.81 40.52
CA ARG O 220 81.34 6.17 41.07
C ARG O 220 82.08 7.07 40.08
N ARG O 221 81.39 7.54 39.03
CA ARG O 221 82.03 8.32 37.94
C ARG O 221 83.32 9.10 38.24
N GLN O 222 84.45 8.73 37.62
CA GLN O 222 85.69 9.52 37.75
C GLN O 222 85.47 10.67 36.77
N GLN O 223 85.21 11.87 37.25
CA GLN O 223 84.87 13.02 36.38
C GLN O 223 86.04 14.00 36.27
N GLU O 224 87.27 13.50 36.35
CA GLU O 224 88.47 14.35 36.22
C GLU O 224 88.69 14.65 34.72
N LEU O 225 89.05 15.85 34.39
CA LEU O 225 89.48 16.06 33.01
C LEU O 225 90.86 15.45 33.24
N VAL O 226 91.04 14.14 33.02
CA VAL O 226 92.32 13.40 33.28
C VAL O 226 93.58 14.13 33.80
N PRO O 227 94.19 13.61 34.88
CA PRO O 227 95.36 14.30 35.47
C PRO O 227 96.44 14.72 34.49
N LEU O 228 97.32 13.82 34.06
CA LEU O 228 98.42 14.25 33.22
C LEU O 228 99.13 13.17 32.43
N GLU O 229 98.37 12.27 31.83
CA GLU O 229 98.85 11.61 30.63
C GLU O 229 99.11 12.69 29.59
N LYS O 230 100.19 12.56 28.82
CA LYS O 230 100.46 13.54 27.78
C LYS O 230 101.33 13.09 26.61
N SER O 231 102.56 12.72 26.87
CA SER O 231 103.56 12.40 25.81
C SER O 231 103.11 11.35 24.77
N VAL O 232 102.32 10.37 25.20
CA VAL O 232 101.81 9.33 24.27
C VAL O 232 101.00 10.03 23.22
N THR O 233 99.91 10.64 23.69
CA THR O 233 99.03 11.22 22.68
C THR O 233 99.86 12.24 21.91
N HIS O 234 100.89 12.82 22.54
CA HIS O 234 101.72 13.87 21.90
C HIS O 234 102.57 13.42 20.73
N GLY O 235 103.29 12.30 20.80
CA GLY O 235 104.01 11.84 19.59
C GLY O 235 102.94 11.38 18.60
N ARG O 236 101.87 10.88 19.22
CA ARG O 236 100.81 10.40 18.37
C ARG O 236 100.46 11.59 17.46
N GLY O 237 100.39 12.82 18.00
CA GLY O 237 99.96 14.01 17.22
C GLY O 237 101.10 14.61 16.48
N SER O 238 102.33 14.45 16.95
CA SER O 238 103.51 14.81 16.20
C SER O 238 103.12 14.34 14.83
N LEU O 239 102.47 13.15 14.74
CA LEU O 239 101.90 12.91 13.34
C LEU O 239 101.05 14.18 12.80
N LEU O 240 101.48 14.96 11.80
CA LEU O 240 100.75 16.20 11.46
C LEU O 240 99.57 15.89 10.54
N ILE O 241 99.29 14.61 10.28
CA ILE O 241 98.19 14.21 9.39
C ILE O 241 96.86 14.79 9.90
N ASP O 242 96.69 14.88 11.22
CA ASP O 242 95.47 15.48 11.81
C ASP O 242 95.79 16.24 13.11
N MET O 243 95.21 17.43 13.31
CA MET O 243 95.47 18.25 14.50
C MET O 243 94.19 18.84 15.11
N GLY O 244 93.04 18.75 14.44
CA GLY O 244 91.74 19.23 14.92
C GLY O 244 91.19 18.43 16.10
N LEU O 245 91.39 17.11 16.14
CA LEU O 245 91.16 16.25 17.31
C LEU O 245 92.20 16.48 18.41
N PHE O 246 93.43 16.85 18.03
CA PHE O 246 94.50 17.09 18.99
C PHE O 246 94.09 18.30 19.80
N MET O 247 93.27 18.95 19.06
CA MET O 247 93.00 20.16 19.53
C MET O 247 91.54 20.21 19.70
N GLY O 248 91.09 19.35 20.59
CA GLY O 248 89.71 19.38 20.98
C GLY O 248 89.90 19.53 22.49
N ARG O 249 91.02 19.00 23.01
CA ARG O 249 91.24 18.80 24.45
C ARG O 249 91.09 20.04 25.29
N SER O 250 91.68 21.14 24.86
CA SER O 250 91.67 22.38 25.62
C SER O 250 90.44 23.21 25.52
N PHE O 251 90.52 24.53 25.77
CA PHE O 251 89.24 25.29 25.82
C PHE O 251 89.26 26.60 25.01
N ARG O 252 88.32 26.71 24.07
CA ARG O 252 88.12 27.94 23.27
C ARG O 252 87.15 28.85 24.06
N VAL O 253 87.62 29.40 25.18
CA VAL O 253 86.76 30.24 26.06
C VAL O 253 87.33 31.66 26.16
N GLY O 254 86.46 32.66 26.00
CA GLY O 254 86.84 34.10 26.10
C GLY O 254 85.91 34.86 27.02
N TRP O 255 86.37 35.99 27.54
CA TRP O 255 85.55 36.82 28.47
C TRP O 255 84.48 37.61 27.70
N GLY O 256 83.45 38.10 28.41
CA GLY O 256 82.38 38.85 27.77
C GLY O 256 82.15 40.22 28.46
N PRO O 257 81.10 40.97 28.08
CA PRO O 257 80.82 42.31 28.61
C PRO O 257 80.46 42.32 30.11
N ASN O 258 80.49 43.50 30.71
CA ASN O 258 80.31 43.74 32.15
C ASN O 258 81.25 42.92 33.06
N TRP O 259 82.40 42.48 32.52
CA TRP O 259 83.40 41.62 33.15
C TRP O 259 82.86 40.22 33.52
N THR O 260 81.97 39.69 32.69
CA THR O 260 81.52 38.29 32.79
C THR O 260 82.60 37.36 32.24
N LEU O 261 83.29 36.65 33.15
CA LEU O 261 84.40 35.75 32.74
C LEU O 261 83.88 34.33 32.50
N VAL O 262 84.19 33.75 31.34
CA VAL O 262 83.77 32.36 30.99
C VAL O 262 85.03 31.49 30.99
N HIS O 263 85.04 30.43 31.80
CA HIS O 263 86.22 29.52 31.91
C HIS O 263 85.74 28.07 32.07
N ASN O 264 86.63 27.10 31.80
CA ASN O 264 86.29 25.67 31.96
C ASN O 264 87.40 25.01 32.79
N GLY O 265 87.46 25.35 34.08
CA GLY O 265 88.46 24.79 35.01
C GLY O 265 87.86 24.51 36.38
N ASP O 266 88.50 23.64 37.16
CA ASP O 266 88.02 23.29 38.52
C ASP O 266 88.58 24.29 39.54
N SER O 300 80.05 13.43 44.58
CA SER O 300 80.69 14.72 44.32
C SER O 300 80.81 14.95 42.80
N PRO O 301 81.00 16.22 42.36
CA PRO O 301 81.05 16.51 40.92
C PRO O 301 82.44 16.81 40.39
N PHE O 302 82.59 16.86 39.06
CA PHE O 302 83.87 17.22 38.44
C PHE O 302 83.61 17.73 37.02
N LYS O 303 83.63 19.05 36.82
CA LYS O 303 83.33 19.62 35.50
C LYS O 303 83.83 21.06 35.36
N VAL O 304 82.96 22.09 35.32
CA VAL O 304 83.45 23.43 34.97
C VAL O 304 82.89 24.43 35.99
N HIS O 305 83.74 25.34 36.47
CA HIS O 305 83.37 26.50 37.29
C HIS O 305 83.38 27.78 36.45
N MET O 306 82.57 28.77 36.84
CA MET O 306 82.35 30.02 36.10
C MET O 306 82.21 31.18 37.09
N GLU O 307 83.34 31.60 37.67
CA GLU O 307 83.37 32.48 38.84
C GLU O 307 83.58 33.95 38.44
N LYS O 308 82.63 34.79 38.89
CA LYS O 308 82.68 36.21 38.58
C LYS O 308 84.06 36.76 38.71
N LEU O 309 84.44 37.69 37.83
CA LEU O 309 85.73 38.36 37.94
C LEU O 309 85.72 39.87 37.52
N SER O 310 85.20 40.73 38.40
CA SER O 310 85.15 42.20 38.15
C SER O 310 86.48 42.82 38.58
N LEU O 311 86.46 43.65 39.63
CA LEU O 311 87.71 44.29 40.14
C LEU O 311 88.00 43.77 41.56
N GLU O 312 89.19 43.21 41.76
CA GLU O 312 89.60 42.67 43.08
C GLU O 312 90.31 43.75 43.90
N GLN O 313 90.52 44.93 43.30
CA GLN O 313 91.21 46.05 44.00
C GLN O 313 90.25 47.24 44.12
N LYS O 314 90.12 47.80 45.32
CA LYS O 314 89.32 49.04 45.54
C LYS O 314 87.90 48.84 45.00
N SER O 315 87.28 47.70 45.32
CA SER O 315 85.91 47.39 44.84
C SER O 315 84.92 48.43 45.37
N ARG O 316 85.05 48.81 46.65
CA ARG O 316 84.16 49.83 47.26
C ARG O 316 84.98 51.08 47.61
N GLU O 317 84.58 52.24 47.06
CA GLU O 317 85.24 53.54 47.28
C GLU O 317 84.40 54.65 46.65
N LEU O 318 83.10 54.67 46.94
CA LEU O 318 82.17 55.69 46.37
C LEU O 318 82.29 57.18 46.85
N GLN O 319 81.88 57.48 48.09
CA GLN O 319 81.83 58.90 48.57
C GLN O 319 82.88 59.83 47.93
N SER O 320 84.15 59.60 48.22
CA SER O 320 85.24 60.38 47.58
C SER O 320 85.05 60.73 46.06
N TYR O 321 84.84 59.74 45.17
CA TYR O 321 84.75 60.14 43.73
C TYR O 321 83.50 60.95 43.68
N LEU O 322 82.39 60.48 44.24
CA LEU O 322 81.20 61.39 44.17
C LEU O 322 81.63 62.95 44.36
N MET O 323 82.24 63.38 45.50
CA MET O 323 82.73 64.79 45.64
C MET O 323 83.62 65.20 44.42
N PRO O 324 84.85 64.59 44.27
CA PRO O 324 85.53 65.01 43.01
C PRO O 324 84.78 65.11 41.66
N LEU O 325 83.94 64.16 41.32
CA LEU O 325 83.29 64.11 39.99
C LEU O 325 82.28 65.23 39.92
N GLU O 326 81.54 65.41 41.01
CA GLU O 326 80.59 66.51 41.07
C GLU O 326 81.40 67.78 40.78
N ILE O 327 82.50 67.98 41.49
CA ILE O 327 83.26 69.23 41.29
C ILE O 327 83.61 69.37 39.79
N GLU O 328 84.20 68.31 39.22
CA GLU O 328 84.63 68.35 37.81
C GLU O 328 83.50 68.76 36.87
N LEU O 329 82.32 68.14 36.99
CA LEU O 329 81.25 68.42 36.00
C LEU O 329 80.54 69.76 36.31
N LYS O 330 80.58 70.22 37.56
CA LYS O 330 80.06 71.55 37.88
C LYS O 330 80.95 72.54 37.16
N ASN O 331 82.24 72.19 37.02
CA ASN O 331 83.21 73.05 36.28
C ASN O 331 83.14 72.72 34.79
N SER O 332 82.22 71.82 34.40
CA SER O 332 82.05 71.37 32.99
C SER O 332 81.37 72.46 32.13
N SER O 333 81.54 72.38 30.81
CA SER O 333 80.86 73.28 29.85
C SER O 333 80.26 72.48 28.68
N VAL O 334 79.25 73.04 28.01
CA VAL O 334 78.31 72.25 27.16
C VAL O 334 78.25 72.86 25.74
N ASP O 335 78.34 72.00 24.71
CA ASP O 335 78.27 72.43 23.28
C ASP O 335 77.06 71.78 22.63
N ARG O 336 76.25 72.56 21.88
CA ARG O 336 75.03 72.00 21.24
C ARG O 336 74.87 72.50 19.79
N SER O 337 75.45 71.77 18.84
CA SER O 337 75.32 72.08 17.40
C SER O 337 74.99 70.87 16.52
N ALA O 338 75.39 69.67 16.97
CA ALA O 338 75.09 68.38 16.34
C ALA O 338 74.25 67.49 17.27
N GLN O 339 73.54 66.51 16.70
CA GLN O 339 72.73 65.55 17.47
C GLN O 339 73.57 64.71 18.45
N CYS O 340 74.89 64.62 18.24
CA CYS O 340 75.83 64.20 19.27
C CYS O 340 76.46 65.44 19.94
N PRO O 341 76.00 65.85 21.14
CA PRO O 341 76.57 66.99 21.86
C PRO O 341 78.05 66.76 22.21
N HIS O 342 78.77 67.82 22.54
CA HIS O 342 80.22 67.80 22.77
C HIS O 342 80.58 68.56 24.05
N PHE O 343 81.20 67.89 25.01
CA PHE O 343 81.81 68.50 26.18
C PHE O 343 83.23 68.97 25.88
N LYS O 344 83.66 70.10 26.45
CA LYS O 344 85.06 70.54 26.51
C LYS O 344 85.35 71.33 27.78
N PRO O 345 86.43 70.99 28.51
CA PRO O 345 86.58 71.68 29.79
C PRO O 345 86.45 73.18 29.63
N ASN O 346 86.12 73.88 30.71
CA ASN O 346 86.14 75.36 30.72
C ASN O 346 87.61 75.77 30.49
N ALA O 347 87.85 76.90 29.80
CA ALA O 347 89.20 77.30 29.36
C ALA O 347 90.20 77.30 30.53
N GLY O 348 91.35 76.63 30.30
CA GLY O 348 92.49 76.40 31.22
C GLY O 348 92.54 77.29 32.45
N VAL O 349 91.64 77.08 33.42
CA VAL O 349 91.66 77.90 34.67
C VAL O 349 90.88 77.19 35.77
N ALA O 350 91.14 77.60 37.02
CA ALA O 350 90.41 77.14 38.23
C ALA O 350 90.50 75.63 38.51
N ALA O 351 90.93 74.79 37.57
CA ALA O 351 90.91 73.38 37.97
C ALA O 351 91.94 73.05 39.08
N ILE O 352 93.11 73.70 39.09
CA ILE O 352 94.15 73.48 40.11
C ILE O 352 93.64 73.86 41.50
N HIS O 353 92.85 74.93 41.60
CA HIS O 353 92.24 75.36 42.87
C HIS O 353 91.01 74.53 43.25
N ASP O 354 90.25 74.00 42.28
CA ASP O 354 89.23 72.98 42.54
C ASP O 354 89.87 71.70 43.13
N TYR O 355 90.92 71.16 42.52
CA TYR O 355 91.61 69.95 43.02
C TYR O 355 92.31 70.18 44.36
N ALA O 356 93.07 71.27 44.51
CA ALA O 356 93.72 71.60 45.77
C ALA O 356 92.70 71.91 46.88
N GLY O 357 91.56 72.55 46.54
CA GLY O 357 90.45 72.75 47.46
C GLY O 357 89.75 71.45 47.86
N TRP O 358 89.56 70.52 46.92
CA TRP O 358 88.99 69.20 47.17
C TRP O 358 89.84 68.35 48.12
N VAL O 359 91.16 68.25 47.91
CA VAL O 359 92.01 67.49 48.84
C VAL O 359 92.12 68.18 50.20
N ARG O 360 92.08 69.52 50.26
CA ARG O 360 91.93 70.30 51.51
C ARG O 360 90.56 70.17 52.19
N ASN O 361 89.65 69.35 51.65
CA ASN O 361 88.46 68.85 52.34
C ASN O 361 88.62 67.36 52.71
N LEU O 362 89.18 66.51 51.83
CA LEU O 362 89.49 65.11 52.16
C LEU O 362 90.48 64.97 53.33
N SER O 363 91.39 65.92 53.53
CA SER O 363 92.25 66.04 54.71
C SER O 363 91.48 66.11 56.04
N ASN O 364 90.22 66.51 55.98
CA ASN O 364 89.40 66.59 57.19
C ASN O 364 89.14 65.17 57.69
N GLU O 365 88.99 64.18 56.78
CA GLU O 365 88.82 62.76 57.18
C GLU O 365 89.86 61.81 56.56
N ALA O 366 90.99 62.33 56.07
CA ALA O 366 92.03 61.49 55.40
C ALA O 366 92.88 60.73 56.42
N GLY O 367 92.79 61.13 57.69
CA GLY O 367 93.56 60.52 58.79
C GLY O 367 93.48 59.00 58.79
N GLU O 368 92.27 58.43 58.74
CA GLU O 368 92.07 56.96 58.79
C GLU O 368 92.73 56.28 57.59
N LEU O 369 92.59 56.84 56.38
CA LEU O 369 93.18 56.23 55.16
C LEU O 369 94.71 56.24 55.25
N GLU O 370 95.35 55.14 54.86
CA GLU O 370 96.84 55.08 54.89
C GLU O 370 97.36 54.87 53.46
N ALA O 371 98.13 55.84 52.95
CA ALA O 371 98.78 55.85 51.61
C ALA O 371 97.75 55.80 50.47
N VAL O 372 96.53 56.28 50.68
CA VAL O 372 95.48 56.26 49.63
C VAL O 372 95.19 57.69 49.17
N VAL O 373 95.96 58.67 49.66
CA VAL O 373 95.72 60.10 49.31
C VAL O 373 97.03 60.88 49.31
N LYS O 374 97.94 60.58 50.25
CA LYS O 374 99.21 61.32 50.34
C LYS O 374 99.95 61.36 49.00
N GLN O 375 100.04 60.26 48.25
CA GLN O 375 100.61 60.24 46.89
C GLN O 375 99.89 61.23 45.96
N TRP O 376 98.56 61.19 45.89
CA TRP O 376 97.79 62.13 45.07
C TRP O 376 97.90 63.57 45.59
N GLY O 377 97.96 63.76 46.91
CA GLY O 377 98.14 65.06 47.55
C GLY O 377 99.48 65.72 47.20
N LEU O 378 100.58 64.95 47.25
CA LEU O 378 101.90 65.36 46.80
C LEU O 378 101.84 65.82 45.33
N THR O 379 101.28 65.00 44.43
CA THR O 379 101.18 65.32 43.01
C THR O 379 100.35 66.59 42.74
N TRP O 380 99.14 66.70 43.28
CA TRP O 380 98.26 67.83 42.97
C TRP O 380 98.72 69.14 43.60
N THR O 381 99.33 69.10 44.79
CA THR O 381 99.95 70.29 45.38
C THR O 381 101.27 70.69 44.69
N LEU O 382 102.01 69.74 44.12
CA LEU O 382 103.14 70.05 43.24
C LEU O 382 102.63 70.78 41.99
N CYS O 383 101.59 70.25 41.33
CA CYS O 383 100.96 70.90 40.17
C CYS O 383 100.48 72.32 40.49
N GLU O 384 99.94 72.56 41.68
CA GLU O 384 99.57 73.90 42.15
C GLU O 384 100.80 74.82 42.33
N SER O 385 101.89 74.31 42.90
CA SER O 385 103.13 75.08 43.08
C SER O 385 103.80 75.45 41.74
N LEU O 386 103.73 74.57 40.74
CA LEU O 386 104.39 74.73 39.43
C LEU O 386 103.54 75.49 38.41
N TRP O 387 102.44 74.94 37.96
CA TRP O 387 101.68 75.60 36.89
C TRP O 387 100.47 75.90 37.68
N GLY O 388 100.64 76.65 38.77
CA GLY O 388 99.54 76.86 39.70
C GLY O 388 98.28 77.38 39.16
N GLN O 389 98.40 77.91 37.97
CA GLN O 389 98.99 79.19 37.84
C GLN O 389 97.85 80.03 38.37
N LEU O 390 97.59 80.06 39.69
CA LEU O 390 96.37 80.71 40.23
C LEU O 390 96.56 81.83 41.24
N LYS O 391 95.45 82.32 41.80
CA LYS O 391 95.47 83.40 42.79
C LYS O 391 96.58 83.31 43.84
N GLU O 392 97.20 84.44 44.17
CA GLU O 392 98.22 84.48 45.22
C GLU O 392 97.94 85.74 46.06
N LEU O 393 96.73 85.87 46.62
CA LEU O 393 96.35 87.10 47.34
C LEU O 393 96.76 88.25 46.42
N GLU O 394 96.29 88.20 45.17
CA GLU O 394 96.65 89.23 44.17
C GLU O 394 98.17 89.21 43.96
N ALA O 395 98.70 88.18 43.29
CA ALA O 395 100.15 88.08 43.01
C ALA O 395 100.43 88.68 41.63
N SER O 396 99.67 89.71 41.24
CA SER O 396 100.06 91.10 41.50
C SER O 396 98.85 92.01 41.82
N LEU O 397 98.92 92.79 42.90
CA LEU O 397 97.83 93.75 43.22
C LEU O 397 97.77 94.74 42.07
N ASP O 398 98.93 95.10 41.50
CA ASP O 398 98.99 96.06 40.39
C ASP O 398 99.54 95.40 39.10
N GLU O 399 100.86 95.23 38.99
CA GLU O 399 101.47 94.69 37.75
C GLU O 399 102.58 93.67 38.00
N PRO O 400 102.74 92.65 37.12
CA PRO O 400 103.74 91.60 37.35
C PRO O 400 105.12 91.85 36.72
N ASN O 401 106.20 91.65 37.47
CA ASN O 401 107.56 91.78 36.92
C ASN O 401 108.09 90.36 37.00
N GLU O 402 108.51 89.77 35.90
CA GLU O 402 108.92 88.35 35.86
C GLU O 402 109.88 87.92 36.98
N TYR O 403 110.80 88.78 37.42
CA TYR O 403 111.65 88.50 38.58
C TYR O 403 110.80 88.27 39.86
N VAL O 404 109.82 89.13 40.12
CA VAL O 404 108.90 89.00 41.25
C VAL O 404 108.06 87.74 41.06
N ARG O 405 107.43 87.55 39.89
CA ARG O 405 106.63 86.37 39.57
C ARG O 405 107.38 85.06 39.84
N ASN O 406 108.66 84.99 39.49
CA ASN O 406 109.49 83.79 39.68
C ASN O 406 109.98 83.64 41.12
N LEU O 407 110.32 84.72 41.82
CA LEU O 407 110.65 84.72 43.25
C LEU O 407 109.45 84.29 44.11
N GLU O 408 108.26 84.76 43.77
CA GLU O 408 107.00 84.39 44.42
C GLU O 408 106.63 82.92 44.18
N ARG O 409 106.89 82.37 42.98
CA ARG O 409 106.82 80.93 42.75
C ARG O 409 107.88 80.15 43.55
N ARG O 410 109.09 80.67 43.72
CA ARG O 410 110.10 80.06 44.61
C ARG O 410 109.69 80.11 46.09
N LYS O 411 109.00 81.15 46.56
CA LYS O 411 108.35 81.19 47.90
C LYS O 411 107.28 80.11 48.02
N ALA O 412 106.34 80.03 47.08
CA ALA O 412 105.26 79.04 47.12
C ALA O 412 105.78 77.59 47.07
N PHE O 413 106.72 77.28 46.17
CA PHE O 413 107.34 75.96 46.08
C PHE O 413 108.24 75.64 47.29
N SER O 414 108.93 76.64 47.85
CA SER O 414 109.65 76.49 49.13
C SER O 414 108.71 76.18 50.30
N HIS O 415 107.51 76.76 50.33
CA HIS O 415 106.50 76.46 51.35
C HIS O 415 105.91 75.05 51.15
N TRP O 416 105.71 74.63 49.90
CA TRP O 416 105.33 73.26 49.57
C TRP O 416 106.40 72.26 50.06
N LEU O 417 107.66 72.43 49.65
CA LEU O 417 108.76 71.55 50.06
C LEU O 417 108.90 71.45 51.58
N ALA O 418 108.86 72.57 52.31
CA ALA O 418 108.85 72.55 53.77
C ALA O 418 107.68 71.71 54.32
N HIS O 419 106.46 71.93 53.81
CA HIS O 419 105.27 71.18 54.22
C HIS O 419 105.35 69.68 53.88
N THR O 420 106.00 69.28 52.77
CA THR O 420 106.25 67.87 52.44
C THR O 420 107.20 67.17 53.39
N ALA O 421 108.09 67.94 54.04
CA ALA O 421 109.12 67.44 54.96
C ALA O 421 108.72 67.52 56.44
N GLU O 422 107.76 68.39 56.78
CA GLU O 422 107.45 68.82 58.16
C GLU O 422 107.00 67.68 59.09
N GLU O 423 106.24 66.71 58.57
CA GLU O 423 105.77 65.51 59.29
C GLU O 423 106.95 64.60 59.68
N ARG O 424 107.69 64.10 58.68
CA ARG O 424 108.82 63.17 58.84
C ARG O 424 110.03 63.80 59.56
N ILE O 425 110.12 65.13 59.58
CA ILE O 425 111.12 65.86 60.39
C ILE O 425 110.74 65.89 61.88
N GLU O 426 109.46 65.97 62.27
CA GLU O 426 109.10 65.87 63.70
C GLU O 426 109.08 64.43 64.21
N GLU O 427 108.90 63.43 63.33
CA GLU O 427 109.32 62.05 63.64
C GLU O 427 110.82 61.99 63.97
N GLU O 428 111.68 62.47 63.07
CA GLU O 428 113.14 62.51 63.27
C GLU O 428 113.55 63.28 64.54
N VAL O 429 112.99 64.47 64.79
CA VAL O 429 113.28 65.27 65.99
C VAL O 429 112.77 64.61 67.29
N SER O 430 111.81 63.67 67.21
CA SER O 430 111.43 62.84 68.36
C SER O 430 112.44 61.72 68.66
N LEU O 431 113.17 61.25 67.64
CA LEU O 431 114.17 60.18 67.75
C LEU O 431 115.59 60.71 68.06
N TYR O 432 116.11 61.69 67.37
CA TYR O 432 117.51 62.04 67.67
C TYR O 432 117.56 62.60 69.10
N GLY O 433 117.76 61.76 70.10
CA GLY O 433 117.71 62.22 71.50
C GLY O 433 118.96 63.00 71.84
N PRO O 434 119.01 63.64 73.02
CA PRO O 434 120.16 64.49 73.33
C PRO O 434 121.49 63.83 72.96
N GLU O 435 122.37 64.54 72.26
CA GLU O 435 122.02 65.27 71.03
C GLU O 435 123.08 64.96 69.98
N ARG O 436 123.06 65.68 68.86
CA ARG O 436 124.11 65.51 67.85
C ARG O 436 124.08 66.68 66.87
N HIS O 437 125.10 67.52 66.93
CA HIS O 437 125.24 68.64 66.02
C HIS O 437 125.86 68.21 64.70
N VAL O 438 126.09 66.91 64.55
CA VAL O 438 126.47 66.33 63.26
C VAL O 438 125.34 65.42 62.73
N GLU O 439 124.09 65.55 63.23
CA GLU O 439 122.94 64.77 62.69
C GLU O 439 121.58 65.51 62.84
N ALA O 440 120.95 65.49 63.99
CA ALA O 440 119.74 66.30 64.23
C ALA O 440 119.88 67.76 63.76
N VAL O 441 121.08 68.36 63.82
CA VAL O 441 121.34 69.67 63.19
C VAL O 441 121.17 69.56 61.67
N PHE O 442 121.69 68.50 61.04
CA PHE O 442 121.54 68.29 59.60
C PHE O 442 120.06 68.11 59.21
N SER O 443 119.29 67.27 59.91
CA SER O 443 117.88 67.05 59.56
C SER O 443 117.03 68.32 59.73
N PHE O 444 117.22 69.10 60.81
CA PHE O 444 116.59 70.43 60.94
C PHE O 444 116.91 71.34 59.75
N LEU O 445 118.11 71.27 59.16
CA LEU O 445 118.48 72.06 57.98
C LEU O 445 117.84 71.52 56.69
N THR O 446 117.68 70.20 56.53
CA THR O 446 116.99 69.58 55.38
C THR O 446 115.49 69.90 55.30
N GLY O 447 115.00 70.61 56.33
CA GLY O 447 113.64 71.15 56.27
C GLY O 447 113.59 72.45 57.05
N GLY O 448 114.69 73.20 57.07
CA GLY O 448 114.73 74.50 57.75
C GLY O 448 113.78 74.65 58.95
N ARG O 449 112.79 75.53 58.84
CA ARG O 449 112.09 76.08 60.02
C ARG O 449 113.08 76.74 61.02
N ILE O 450 113.97 77.61 60.53
CA ILE O 450 115.18 78.00 61.28
C ILE O 450 114.76 78.68 62.57
N SER O 451 113.57 79.25 62.61
CA SER O 451 113.07 79.83 63.84
C SER O 451 113.46 78.98 65.04
N ASP O 452 113.05 77.71 65.04
CA ASP O 452 113.32 76.83 66.20
C ASP O 452 114.73 76.22 66.13
N ALA O 453 115.36 76.20 64.96
CA ALA O 453 116.75 75.71 64.87
C ALA O 453 117.69 76.56 65.75
N CYS O 454 117.31 77.80 66.04
CA CYS O 454 118.12 78.66 66.91
C CYS O 454 117.91 78.25 68.36
N ARG O 455 116.67 78.22 68.85
CA ARG O 455 116.48 77.73 70.23
C ARG O 455 117.22 76.41 70.46
N LEU O 456 117.37 75.53 69.47
CA LEU O 456 118.15 74.30 69.61
C LEU O 456 119.65 74.56 69.71
N ALA O 457 120.21 75.52 69.00
CA ALA O 457 121.65 75.87 69.24
C ALA O 457 121.92 76.30 70.70
N GLN O 458 120.84 76.74 71.36
CA GLN O 458 121.01 77.35 72.68
C GLN O 458 121.74 76.43 73.53
N LYS O 459 121.20 75.21 73.63
CA LYS O 459 121.79 74.12 74.45
C LYS O 459 123.20 73.71 73.98
N SER O 460 123.32 72.98 72.86
CA SER O 460 124.65 72.49 72.40
C SER O 460 125.18 73.14 71.12
N GLY O 461 124.41 74.02 70.46
CA GLY O 461 124.87 74.66 69.22
C GLY O 461 126.03 75.61 69.47
N ASP O 462 126.95 75.73 68.50
CA ASP O 462 128.14 76.61 68.62
C ASP O 462 127.80 78.07 68.26
N HIS O 463 128.79 78.95 68.40
CA HIS O 463 128.69 80.35 68.13
C HIS O 463 128.55 80.42 66.67
N ARG O 464 129.36 79.65 66.00
CA ARG O 464 129.37 79.66 64.60
C ARG O 464 127.98 79.70 64.04
N LEU O 465 127.09 79.00 64.69
CA LEU O 465 125.76 78.89 64.11
C LEU O 465 124.85 80.00 64.64
N SER O 466 124.89 80.32 65.94
CA SER O 466 124.10 81.44 66.49
C SER O 466 124.41 82.79 65.83
N LEU O 467 125.64 83.02 65.36
CA LEU O 467 125.99 84.25 64.63
C LEU O 467 125.31 84.27 63.26
N LEU O 468 125.47 83.21 62.46
CA LEU O 468 124.88 83.11 61.13
C LEU O 468 123.34 83.13 61.17
N LEU O 469 122.72 82.48 62.15
CA LEU O 469 121.27 82.51 62.36
C LEU O 469 120.75 83.91 62.69
N GLY O 474 121.03 86.09 54.44
CA GLY O 474 121.56 86.28 53.10
C GLY O 474 122.81 87.08 52.84
N SER O 475 123.91 86.43 52.42
CA SER O 475 125.19 87.13 52.11
C SER O 475 125.59 87.15 50.66
N GLN O 476 126.88 87.40 50.43
CA GLN O 476 127.36 87.38 49.08
C GLN O 476 128.36 86.28 48.98
N GLU O 477 129.43 86.56 48.27
CA GLU O 477 130.46 85.60 48.12
C GLU O 477 131.21 85.54 49.39
N MET O 478 130.59 86.02 50.45
CA MET O 478 131.20 85.93 51.73
C MET O 478 131.42 84.47 51.85
N ARG O 479 130.42 83.73 51.41
CA ARG O 479 130.53 82.31 51.65
C ARG O 479 131.52 81.77 50.62
N GLU O 480 131.85 82.58 49.64
CA GLU O 480 132.82 82.17 48.62
C GLU O 480 134.18 82.25 49.19
N LEU O 481 134.38 83.16 50.11
CA LEU O 481 135.66 83.26 50.80
C LEU O 481 135.68 82.17 51.84
N ILE O 482 134.51 81.78 52.36
CA ILE O 482 134.59 80.60 53.26
C ILE O 482 135.16 79.51 52.34
N SER O 483 134.69 79.49 51.11
CA SER O 483 135.11 78.44 50.17
C SER O 483 136.57 78.54 49.85
N LEU O 484 137.08 79.75 49.75
CA LEU O 484 138.46 79.95 49.37
C LEU O 484 139.29 79.49 50.52
N GLN O 485 138.83 79.74 51.72
CA GLN O 485 139.54 79.31 52.93
C GLN O 485 139.66 77.81 52.89
N LEU O 486 138.56 77.17 52.50
CA LEU O 486 138.61 75.72 52.39
C LEU O 486 139.60 75.27 51.34
N VAL O 487 139.58 75.92 50.19
CA VAL O 487 140.46 75.56 49.10
C VAL O 487 141.84 75.62 49.65
N ASP O 488 142.07 76.64 50.44
CA ASP O 488 143.41 76.87 50.94
C ASP O 488 143.83 75.83 51.98
N TRP O 489 142.97 75.45 52.92
CA TRP O 489 143.35 74.40 53.86
C TRP O 489 143.70 73.21 53.01
N ASN O 490 142.92 73.00 51.96
CA ASN O 490 143.15 71.84 51.09
C ASN O 490 144.56 71.87 50.49
N LYS O 491 144.92 72.99 49.87
CA LYS O 491 146.23 73.07 49.19
C LYS O 491 147.32 73.00 50.19
N LEU O 492 146.98 73.21 51.47
CA LEU O 492 148.05 73.14 52.51
C LEU O 492 147.81 71.99 53.50
N GLN O 493 146.82 71.14 53.27
CA GLN O 493 146.44 70.01 54.20
C GLN O 493 146.12 70.60 55.59
N VAL O 494 145.45 71.74 55.67
CA VAL O 494 145.19 72.43 56.97
C VAL O 494 144.00 71.79 57.69
N ASP O 495 143.23 70.96 57.02
CA ASP O 495 142.06 70.36 57.71
C ASP O 495 142.26 68.85 57.86
N HIS O 496 143.51 68.38 57.90
CA HIS O 496 143.75 66.92 57.97
C HIS O 496 143.06 66.33 59.20
N TYR O 497 143.17 66.99 60.35
CA TYR O 497 142.44 66.52 61.54
C TYR O 497 141.37 67.57 61.82
N ILE O 498 140.11 67.13 61.88
CA ILE O 498 138.97 68.07 62.11
C ILE O 498 137.74 67.27 62.55
N GLN O 499 136.65 67.96 62.90
CA GLN O 499 135.39 67.29 63.32
C GLN O 499 134.89 66.42 62.17
N GLU O 500 134.39 65.22 62.50
CA GLU O 500 133.90 64.14 61.60
C GLU O 500 132.87 64.62 60.59
N GLU O 501 131.57 64.51 60.91
CA GLU O 501 130.70 65.13 59.86
C GLU O 501 130.35 66.67 60.10
N ARG O 502 130.74 67.29 61.20
CA ARG O 502 130.86 68.76 61.29
C ARG O 502 131.42 69.37 60.01
N LEU O 503 132.34 68.69 59.31
CA LEU O 503 132.80 69.11 57.99
C LEU O 503 131.66 69.06 56.96
N ARG O 504 130.88 67.98 56.92
CA ARG O 504 129.66 67.88 56.08
C ARG O 504 128.69 69.04 56.37
N VAL O 505 128.47 69.36 57.64
CA VAL O 505 127.67 70.54 58.05
C VAL O 505 128.34 71.86 57.60
N PHE O 506 129.64 72.06 57.76
CA PHE O 506 130.32 73.29 57.31
C PHE O 506 130.23 73.48 55.79
N CYS O 507 130.44 72.41 55.02
CA CYS O 507 130.31 72.40 53.56
C CYS O 507 128.87 72.68 53.09
N LEU O 508 127.87 72.24 53.87
CA LEU O 508 126.47 72.61 53.68
C LEU O 508 126.26 74.13 53.87
N LEU O 509 126.95 74.77 54.79
CA LEU O 509 126.76 76.21 54.93
C LEU O 509 127.46 76.91 53.79
N SER O 510 128.40 76.23 53.12
CA SER O 510 129.18 76.85 52.02
C SER O 510 129.08 76.16 50.66
N GLY O 511 128.11 75.28 50.46
CA GLY O 511 127.87 74.67 49.14
C GLY O 511 129.06 74.24 48.28
N THR O 512 129.59 73.03 48.46
CA THR O 512 130.72 72.51 47.65
C THR O 512 130.42 71.21 46.87
N PRO O 513 129.24 70.60 47.08
CA PRO O 513 128.74 69.89 48.25
C PRO O 513 129.11 68.41 48.16
N VAL O 514 130.30 68.09 47.69
CA VAL O 514 130.82 66.70 47.73
C VAL O 514 132.28 67.01 47.77
N TRP O 515 133.04 66.41 48.68
CA TRP O 515 134.41 66.93 48.83
C TRP O 515 135.43 65.80 48.99
N ARG O 516 136.43 65.74 48.11
CA ARG O 516 137.53 64.78 48.21
C ARG O 516 138.66 65.38 49.04
N SER O 517 138.68 65.03 50.32
CA SER O 517 139.60 65.57 51.35
C SER O 517 141.04 65.04 51.19
N SER O 518 142.02 65.68 51.85
CA SER O 518 143.44 65.29 51.76
C SER O 518 143.78 63.93 52.41
N ASP O 519 142.88 63.36 53.20
CA ASP O 519 142.86 61.94 53.62
C ASP O 519 142.46 60.98 52.48
N ASN O 520 142.10 61.50 51.29
CA ASN O 520 141.40 60.80 50.21
C ASN O 520 139.97 60.31 50.61
N ARG O 521 139.33 60.92 51.62
CA ARG O 521 137.90 60.69 51.92
C ARG O 521 137.00 61.42 50.93
N SER O 522 135.98 60.76 50.39
CA SER O 522 134.85 61.38 49.70
C SER O 522 133.76 61.81 50.70
N ILE O 523 133.92 63.01 51.26
CA ILE O 523 132.97 63.61 52.21
C ILE O 523 131.72 64.06 51.44
N ASN O 524 130.72 63.18 51.33
CA ASN O 524 129.51 63.48 50.54
C ASN O 524 128.47 64.12 51.44
N VAL O 525 128.03 65.32 51.10
CA VAL O 525 127.01 65.98 51.88
C VAL O 525 125.66 65.36 51.57
N CYS O 526 125.43 64.97 50.31
CA CYS O 526 124.09 64.51 49.85
C CYS O 526 123.53 63.11 50.21
N SER O 527 124.38 62.17 50.57
CA SER O 527 123.87 60.81 50.80
C SER O 527 122.83 60.79 51.91
N GLN O 528 122.11 59.68 52.06
CA GLN O 528 121.13 59.55 53.15
C GLN O 528 120.03 60.59 53.02
N LEU O 529 119.68 60.98 51.81
CA LEU O 529 118.56 61.90 51.56
C LEU O 529 117.72 61.35 50.41
N ASP O 530 116.66 62.03 49.99
CA ASP O 530 115.88 61.64 48.80
C ASP O 530 116.14 62.71 47.74
N TRP O 531 115.97 62.41 46.44
CA TRP O 531 116.26 63.34 45.35
C TRP O 531 115.63 64.72 45.60
N LYS O 532 114.48 64.77 46.30
CA LYS O 532 113.69 65.97 46.56
C LYS O 532 114.45 66.95 47.46
N ARG O 533 114.96 66.49 48.61
CA ARG O 533 115.86 67.26 49.48
C ARG O 533 117.21 67.53 48.81
N THR O 534 117.72 66.60 48.00
CA THR O 534 118.98 66.82 47.26
C THR O 534 118.88 68.00 46.28
N LEU O 535 117.79 68.12 45.52
CA LEU O 535 117.55 69.29 44.67
C LEU O 535 117.31 70.57 45.48
N ALA O 536 116.67 70.48 46.64
CA ALA O 536 116.48 71.62 47.54
C ALA O 536 117.82 72.16 48.09
N VAL O 537 118.74 71.28 48.47
CA VAL O 537 120.12 71.63 48.85
C VAL O 537 120.85 72.37 47.72
N HIS O 538 120.68 71.94 46.46
CA HIS O 538 121.20 72.66 45.30
C HIS O 538 120.55 74.05 45.13
N LEU O 539 119.23 74.16 45.34
CA LEU O 539 118.48 75.42 45.21
C LEU O 539 118.78 76.45 46.31
N TRP O 540 119.24 76.03 47.50
CA TRP O 540 119.51 76.94 48.63
C TRP O 540 120.99 77.23 48.88
N TYR O 541 121.84 76.20 48.81
CA TYR O 541 123.18 76.25 49.40
C TYR O 541 124.30 76.15 48.35
N MET O 542 124.11 75.36 47.29
CA MET O 542 125.07 75.29 46.19
C MET O 542 124.94 76.49 45.22
N LEU O 543 123.73 77.05 45.09
CA LEU O 543 123.48 78.13 44.10
C LEU O 543 123.08 79.47 44.71
N PRO O 544 123.22 80.59 43.94
CA PRO O 544 122.86 81.91 44.45
C PRO O 544 121.43 81.97 44.94
N PRO O 545 121.07 83.01 45.69
CA PRO O 545 119.71 83.06 46.20
C PRO O 545 118.79 83.60 45.14
N THR O 546 119.27 83.85 43.92
CA THR O 546 118.40 84.26 42.80
C THR O 546 118.69 83.45 41.51
N ALA O 547 117.82 82.49 41.14
CA ALA O 547 118.01 81.66 39.92
C ALA O 547 116.70 81.01 39.43
N THR O 548 116.76 80.26 38.32
CA THR O 548 115.54 79.65 37.75
C THR O 548 115.45 78.16 37.99
N ILE O 549 114.26 77.61 37.82
CA ILE O 549 114.05 76.23 38.15
C ILE O 549 114.51 75.31 36.99
N ALA O 550 114.18 75.47 35.69
CA ALA O 550 114.75 74.59 34.66
C ALA O 550 116.26 74.35 34.84
N GLN O 551 117.00 75.37 35.27
CA GLN O 551 118.44 75.25 35.54
C GLN O 551 118.72 74.47 36.84
N ALA O 552 117.87 74.62 37.86
CA ALA O 552 117.97 73.79 39.08
C ALA O 552 117.71 72.31 38.76
N LEU O 553 116.68 72.03 37.94
CA LEU O 553 116.35 70.69 37.48
C LEU O 553 117.48 70.06 36.66
N ARG O 554 117.99 70.75 35.62
CA ARG O 554 119.05 70.19 34.76
C ARG O 554 120.39 69.97 35.49
N LEU O 555 120.74 70.82 36.46
CA LEU O 555 121.91 70.57 37.32
C LEU O 555 121.70 69.36 38.24
N TYR O 556 120.51 69.21 38.85
CA TYR O 556 120.16 68.05 39.66
C TYR O 556 120.13 66.75 38.83
N GLU O 557 119.63 66.77 37.59
CA GLU O 557 119.70 65.60 36.71
C GLU O 557 121.14 65.23 36.33
N ARG O 558 121.99 66.22 36.02
CA ARG O 558 123.45 66.02 35.84
C ARG O 558 124.22 65.87 37.18
N ALA O 559 123.53 65.58 38.27
CA ALA O 559 124.10 65.24 39.58
C ALA O 559 123.81 63.80 40.05
N PHE O 560 122.71 63.20 39.56
CA PHE O 560 122.49 61.77 39.78
C PHE O 560 123.12 61.17 38.52
N GLN O 561 123.10 61.89 37.39
CA GLN O 561 123.82 61.41 36.20
C GLN O 561 125.28 61.60 36.59
N GLU O 562 126.16 60.74 36.09
CA GLU O 562 127.58 60.78 36.51
C GLU O 562 128.45 61.81 35.84
N HIS O 563 129.74 61.83 36.20
CA HIS O 563 130.70 62.73 35.58
C HIS O 563 131.94 61.90 35.23
N GLU O 564 132.88 62.43 34.42
CA GLU O 564 134.13 61.71 34.03
C GLU O 564 135.23 61.81 35.11
N GLU O 565 134.95 62.45 36.23
CA GLU O 565 135.88 62.63 37.36
C GLU O 565 135.22 62.42 38.74
N GLY O 566 133.94 62.03 38.82
CA GLY O 566 133.10 62.21 40.02
C GLY O 566 132.10 61.10 40.28
N GLU O 567 131.95 60.72 41.54
CA GLU O 567 130.88 59.85 42.01
C GLU O 567 129.51 60.52 41.78
N PRO O 568 128.48 59.80 41.28
CA PRO O 568 127.11 60.33 41.21
C PRO O 568 126.64 60.63 42.65
N TYR O 569 126.33 61.91 42.92
CA TYR O 569 126.23 62.44 44.28
C TYR O 569 124.81 62.76 44.73
N ALA O 570 123.85 62.83 43.80
CA ALA O 570 122.43 62.95 44.09
C ALA O 570 121.70 61.60 43.92
N CYS O 571 120.65 61.37 44.70
CA CYS O 571 119.82 60.16 44.60
C CYS O 571 118.91 60.19 43.36
N TYR O 572 118.74 59.04 42.70
CA TYR O 572 117.87 58.87 41.53
C TYR O 572 116.38 59.09 41.91
N PRO O 573 115.55 59.73 41.06
CA PRO O 573 114.20 60.15 41.43
C PRO O 573 113.17 59.02 41.30
N LEU O 574 113.25 58.03 42.18
CA LEU O 574 112.30 56.91 42.23
C LEU O 574 110.87 57.38 42.63
N PRO O 575 109.80 56.70 42.18
CA PRO O 575 108.45 56.88 42.69
C PRO O 575 108.36 56.67 44.21
N PRO O 576 107.41 57.31 44.94
CA PRO O 576 107.37 57.23 46.40
C PRO O 576 107.10 55.85 47.00
N TYR O 577 106.66 54.86 46.22
CA TYR O 577 106.57 53.46 46.68
C TYR O 577 107.91 52.71 46.58
N LEU O 578 108.27 52.20 45.11
CA LEU O 578 109.48 51.38 44.75
C LEU O 578 110.75 51.72 45.48
N GLU O 579 110.72 52.75 46.30
CA GLU O 579 111.96 53.21 46.95
C GLU O 579 112.65 52.06 47.68
N ASP O 580 111.87 51.25 48.39
CA ASP O 580 112.46 50.19 49.20
C ASP O 580 113.42 49.32 48.39
N CYS O 581 112.99 48.86 47.21
CA CYS O 581 113.82 47.96 46.38
C CYS O 581 114.62 48.72 45.34
N SER O 582 115.48 49.66 45.77
CA SER O 582 116.35 50.33 44.81
C SER O 582 117.10 49.18 44.14
N ILE O 583 117.00 49.05 42.82
CA ILE O 583 117.61 47.90 42.16
C ILE O 583 119.10 47.93 42.48
N SER O 584 119.67 46.81 42.94
CA SER O 584 121.12 46.76 43.18
C SER O 584 121.77 46.92 41.83
N LEU O 585 122.45 48.05 41.55
CA LEU O 585 123.04 48.32 40.24
C LEU O 585 124.43 47.65 40.18
N GLY O 586 124.48 46.31 40.10
CA GLY O 586 125.76 45.58 40.11
C GLY O 586 126.44 45.74 38.76
N ASP O 587 127.29 46.76 38.61
CA ASP O 587 128.01 47.00 37.33
C ASP O 587 127.04 47.22 36.16
N GLU O 588 125.79 47.61 36.44
CA GLU O 588 124.76 47.77 35.39
C GLU O 588 123.74 48.90 35.72
N PRO O 589 124.21 50.15 35.91
CA PRO O 589 123.23 51.20 36.29
C PRO O 589 122.37 51.73 35.12
N SER O 590 122.98 52.27 34.06
CA SER O 590 122.22 52.93 32.96
C SER O 590 121.22 52.04 32.20
N ALA O 591 121.63 50.85 31.80
CA ALA O 591 120.75 49.91 31.10
C ALA O 591 119.46 49.58 31.88
N LYS O 592 119.46 49.71 33.22
CA LYS O 592 118.28 49.57 34.08
C LYS O 592 117.49 50.88 34.19
N PHE O 593 118.16 52.03 34.31
CA PHE O 593 117.50 53.34 34.35
C PHE O 593 116.66 53.61 33.09
N SER O 594 117.11 53.15 31.92
CA SER O 594 116.36 53.14 30.65
C SER O 594 115.12 52.21 30.61
N SER O 595 114.57 51.85 31.77
CA SER O 595 113.29 51.14 31.93
C SER O 595 112.43 51.63 33.11
N LEU O 596 112.89 52.62 33.88
CA LEU O 596 112.23 53.07 35.11
C LEU O 596 111.36 54.31 34.88
N GLN O 597 110.08 54.16 35.18
CA GLN O 597 109.22 55.29 35.52
C GLN O 597 109.86 56.28 36.50
N ARG O 598 109.42 57.54 36.48
CA ARG O 598 109.89 58.55 37.40
C ARG O 598 108.64 59.28 37.85
N ASP O 599 108.40 59.43 39.15
CA ASP O 599 107.13 60.02 39.61
C ASP O 599 106.76 61.37 38.92
N VAL O 600 105.49 61.57 38.59
CA VAL O 600 104.95 62.81 37.96
C VAL O 600 105.57 64.19 38.19
N CYS O 601 105.82 64.54 39.41
CA CYS O 601 106.30 65.83 39.88
C CYS O 601 107.46 66.39 39.04
N VAL O 602 108.36 65.53 38.52
CA VAL O 602 109.45 65.95 37.62
C VAL O 602 108.96 66.14 36.19
N HIS O 603 108.04 65.30 35.70
CA HIS O 603 107.38 65.52 34.41
C HIS O 603 106.61 66.86 34.39
N LEU O 604 105.96 67.25 35.49
CA LEU O 604 105.29 68.55 35.66
C LEU O 604 106.27 69.72 35.76
N LEU O 605 107.38 69.56 36.50
CA LEU O 605 108.42 70.59 36.60
C LEU O 605 109.11 70.85 35.26
N LYS O 606 109.29 69.81 34.42
CA LYS O 606 109.64 70.00 33.01
C LYS O 606 108.55 70.78 32.27
N LEU O 607 107.30 70.32 32.23
CA LEU O 607 106.22 70.99 31.48
C LEU O 607 105.99 72.46 31.90
N TYR O 608 106.69 72.84 33.05
CA TYR O 608 106.76 74.23 33.53
C TYR O 608 107.81 74.73 32.62
N SER O 609 109.01 74.18 32.75
CA SER O 609 110.14 74.59 31.93
C SER O 609 109.80 74.71 30.43
N GLU O 610 109.26 73.64 29.83
CA GLU O 610 109.47 73.33 28.41
C GLU O 610 108.20 72.82 27.72
N ARG O 611 108.21 72.57 26.40
CA ARG O 611 107.03 72.00 25.70
C ARG O 611 107.38 70.90 24.67
N GLN O 612 107.92 69.75 25.12
CA GLN O 612 108.31 68.61 24.23
C GLN O 612 108.32 67.18 24.87
N TYR O 613 108.67 67.06 26.15
CA TYR O 613 108.78 65.79 26.86
C TYR O 613 107.46 65.00 26.87
N ASP O 614 107.59 63.69 27.02
CA ASP O 614 106.58 62.71 26.63
C ASP O 614 105.43 62.53 27.63
N LEU O 615 104.25 62.99 27.21
CA LEU O 615 102.98 62.76 27.90
C LEU O 615 102.58 61.27 27.94
N CYS O 616 103.17 60.42 27.10
CA CYS O 616 102.93 58.98 27.09
C CYS O 616 103.65 58.23 28.24
N GLN O 617 104.64 58.85 28.89
CA GLN O 617 105.27 58.37 30.12
C GLN O 617 104.58 58.95 31.37
N LEU O 618 104.38 60.28 31.39
CA LEU O 618 103.81 61.03 32.53
C LEU O 618 102.41 60.57 33.00
N LEU O 619 101.68 59.84 32.16
CA LEU O 619 100.28 59.43 32.42
C LEU O 619 100.12 57.92 32.65
N ASP O 620 101.24 57.19 32.74
CA ASP O 620 101.28 55.78 33.15
C ASP O 620 100.83 55.64 34.63
N PRO O 621 99.68 54.94 34.82
CA PRO O 621 99.08 54.91 36.17
C PRO O 621 99.84 54.11 37.18
N SER O 622 100.87 53.36 36.77
CA SER O 622 101.68 52.66 37.76
C SER O 622 102.77 53.61 38.23
N SER O 623 102.63 54.91 37.99
CA SER O 623 103.54 55.87 38.56
C SER O 623 102.89 56.06 39.88
N VAL O 624 101.64 56.48 39.87
CA VAL O 624 100.97 56.80 41.11
C VAL O 624 100.82 55.58 42.03
N THR O 625 100.39 54.44 41.49
CA THR O 625 100.18 53.21 42.28
C THR O 625 101.02 52.15 41.60
N PRO O 626 100.66 50.86 41.67
CA PRO O 626 101.09 49.99 40.57
C PRO O 626 100.04 48.97 40.11
N ASP O 627 98.74 49.12 40.32
CA ASP O 627 97.76 48.16 39.74
C ASP O 627 97.48 48.67 38.34
N PRO O 628 97.83 47.93 37.26
CA PRO O 628 97.60 48.52 35.92
C PRO O 628 96.13 48.43 35.56
N LEU O 629 95.27 49.06 36.36
CA LEU O 629 93.80 49.06 36.11
C LEU O 629 93.20 50.46 36.29
N ASP O 630 92.89 50.86 37.53
CA ASP O 630 92.27 52.18 37.82
C ASP O 630 93.25 53.32 37.52
N TYR O 631 92.77 54.38 36.87
CA TYR O 631 93.61 55.56 36.53
C TYR O 631 93.29 56.74 37.46
N ARG O 632 91.99 57.05 37.63
CA ARG O 632 91.52 58.19 38.48
C ARG O 632 92.36 59.44 38.17
N LEU O 633 93.45 59.64 38.91
CA LEU O 633 94.40 60.74 38.73
C LEU O 633 94.64 61.04 37.24
N SER O 634 94.88 60.01 36.41
CA SER O 634 95.17 60.16 34.99
C SER O 634 94.10 60.94 34.21
N TRP O 635 92.80 60.71 34.48
CA TRP O 635 91.75 61.39 33.72
C TRP O 635 91.61 62.87 34.09
N HIS O 636 91.59 63.19 35.38
CA HIS O 636 91.50 64.60 35.84
C HIS O 636 92.78 65.37 35.53
N LEU O 637 93.95 64.73 35.59
CA LEU O 637 95.22 65.32 35.15
C LEU O 637 95.24 65.59 33.64
N TRP O 638 94.68 64.69 32.81
CA TRP O 638 94.53 64.94 31.37
C TRP O 638 93.60 66.13 31.07
N MET O 639 92.50 66.31 31.82
CA MET O 639 91.65 67.51 31.67
C MET O 639 92.41 68.80 32.04
N VAL O 640 93.15 68.81 33.15
CA VAL O 640 93.98 69.96 33.54
C VAL O 640 95.11 70.23 32.53
N LEU O 641 95.75 69.21 31.98
CA LEU O 641 96.76 69.38 30.94
C LEU O 641 96.16 69.95 29.64
N GLN O 642 94.92 69.56 29.29
CA GLN O 642 94.19 70.16 28.18
C GLN O 642 93.78 71.63 28.47
N ALA O 643 93.44 71.97 29.72
CA ALA O 643 93.23 73.36 30.16
C ALA O 643 94.53 74.20 30.08
N LEU O 644 95.66 73.57 30.40
CA LEU O 644 96.97 74.25 30.32
C LEU O 644 97.56 74.00 28.92
N ASN O 645 96.72 74.14 27.89
CA ASN O 645 97.12 73.90 26.48
C ASN O 645 97.64 72.47 26.33
N TYR O 646 98.79 72.33 25.65
CA TYR O 646 99.51 71.05 25.36
C TYR O 646 98.68 70.08 24.50
N THR O 647 99.00 70.01 23.20
CA THR O 647 98.25 69.09 22.30
C THR O 647 99.24 68.28 21.47
N HIS O 648 100.02 67.41 22.12
CA HIS O 648 100.99 66.53 21.42
C HIS O 648 100.56 65.07 21.59
N LEU O 649 99.58 64.81 22.45
CA LEU O 649 99.07 63.45 22.72
C LEU O 649 98.33 62.93 21.47
N SER O 650 98.55 61.65 21.14
CA SER O 650 97.87 61.02 19.97
C SER O 650 96.39 60.81 20.28
N GLU O 651 95.55 60.84 19.25
CA GLU O 651 94.08 60.64 19.43
C GLU O 651 93.84 59.23 19.98
N HIS O 652 94.56 58.24 19.45
CA HIS O 652 94.41 56.83 19.89
C HIS O 652 94.51 56.73 21.42
N ARG O 653 95.52 57.39 22.01
CA ARG O 653 95.70 57.35 23.47
C ARG O 653 94.63 58.15 24.21
N GLN O 654 94.07 59.21 23.62
CA GLN O 654 92.84 59.84 24.13
C GLN O 654 91.68 58.83 24.14
N GLY O 655 91.39 58.20 23.00
CA GLY O 655 90.31 57.22 22.87
C GLY O 655 90.46 56.05 23.85
N THR O 656 91.68 55.55 24.02
CA THR O 656 92.00 54.48 24.97
C THR O 656 91.82 54.93 26.42
N LEU O 657 92.33 56.09 26.83
CA LEU O 657 92.19 56.61 28.20
C LEU O 657 90.71 56.86 28.56
N HIS O 658 89.91 57.39 27.64
CA HIS O 658 88.46 57.55 27.84
C HIS O 658 87.73 56.20 27.86
N ALA O 659 88.10 55.25 27.00
CA ALA O 659 87.52 53.91 27.00
C ALA O 659 87.82 53.15 28.29
N SER O 660 89.06 53.21 28.81
CA SER O 660 89.45 52.54 30.04
C SER O 660 88.76 53.12 31.27
N TYR O 661 88.68 54.44 31.43
CA TYR O 661 87.97 55.03 32.58
C TYR O 661 86.44 54.81 32.49
N ALA O 662 85.86 54.83 31.27
CA ALA O 662 84.47 54.42 31.07
C ALA O 662 84.23 52.93 31.39
N ALA O 663 85.17 52.05 31.04
CA ALA O 663 85.10 50.63 31.41
C ALA O 663 85.24 50.43 32.92
N GLN O 664 86.12 51.16 33.60
CA GLN O 664 86.24 51.15 35.06
C GLN O 664 84.92 51.57 35.74
N LEU O 665 84.43 52.72 35.30
CA LEU O 665 83.27 53.28 35.96
C LEU O 665 82.24 52.19 35.97
N GLU O 666 82.10 51.54 34.85
CA GLU O 666 81.16 50.44 34.80
C GLU O 666 81.61 49.32 35.70
N ASN O 667 82.89 48.98 35.70
CA ASN O 667 83.32 47.83 36.49
C ASN O 667 82.68 47.96 37.86
N VAL O 668 82.73 49.14 38.43
CA VAL O 668 82.07 49.34 39.70
C VAL O 668 80.60 49.25 39.42
N GLY O 669 80.16 49.98 38.41
CA GLY O 669 78.74 49.97 38.03
C GLY O 669 78.32 51.41 38.21
N LEU O 670 78.55 52.25 37.21
CA LEU O 670 78.26 53.68 37.36
C LEU O 670 77.25 54.17 36.31
N TRP O 671 77.45 55.34 35.67
CA TRP O 671 76.37 55.88 34.84
C TRP O 671 76.60 57.12 33.94
N GLU O 672 76.19 58.31 34.37
CA GLU O 672 76.13 59.52 33.51
C GLU O 672 77.33 60.39 33.49
N TRP O 673 78.12 60.36 34.53
CA TRP O 673 79.40 61.06 34.47
C TRP O 673 80.36 60.39 33.49
N ALA O 674 80.29 59.07 33.31
CA ALA O 674 80.94 58.40 32.18
C ALA O 674 80.44 58.98 30.84
N ILE O 675 79.15 59.30 30.71
CA ILE O 675 78.61 60.03 29.54
C ILE O 675 79.23 61.44 29.42
N PHE O 676 79.38 62.20 30.50
CA PHE O 676 80.10 63.49 30.49
C PHE O 676 81.55 63.34 30.00
N VAL O 677 82.29 62.34 30.49
CA VAL O 677 83.67 62.05 30.06
C VAL O 677 83.76 61.68 28.58
N LEU O 678 82.84 60.86 28.08
CA LEU O 678 82.74 60.53 26.64
C LEU O 678 82.34 61.74 25.79
N LEU O 679 81.50 62.65 26.29
CA LEU O 679 81.05 63.86 25.57
C LEU O 679 82.17 64.87 25.25
N HIS O 680 83.39 64.63 25.74
CA HIS O 680 84.59 65.40 25.38
C HIS O 680 85.40 64.81 24.21
N ILE O 681 85.09 63.59 23.75
CA ILE O 681 85.81 62.96 22.62
C ILE O 681 85.56 63.77 21.33
N PRO O 682 86.58 64.25 20.59
CA PRO O 682 86.36 65.11 19.42
C PRO O 682 85.62 64.39 18.27
N HIS O 683 85.24 62.97 17.99
CA HIS O 683 84.69 62.19 16.89
C HIS O 683 83.16 61.95 17.04
N PRO O 684 82.28 62.63 16.26
CA PRO O 684 80.86 62.72 16.60
C PRO O 684 80.12 61.38 16.52
N HIS O 685 80.38 60.57 15.49
CA HIS O 685 79.71 59.27 15.34
C HIS O 685 80.24 58.19 16.31
N ILE O 686 81.44 58.36 16.87
CA ILE O 686 81.97 57.46 17.90
C ILE O 686 81.42 57.84 19.28
N ARG O 687 81.33 59.14 19.58
CA ARG O 687 80.58 59.67 20.73
C ARG O 687 79.11 59.19 20.70
N GLU O 688 78.46 59.29 19.54
CA GLU O 688 77.09 58.83 19.29
C GLU O 688 76.94 57.31 19.47
N ALA O 689 77.79 56.50 18.83
CA ALA O 689 77.71 55.05 18.89
C ALA O 689 77.99 54.50 20.29
N GLY O 690 79.04 54.99 20.97
CA GLY O 690 79.39 54.58 22.32
C GLY O 690 78.27 54.87 23.33
N VAL O 691 77.67 56.05 23.27
CA VAL O 691 76.54 56.41 24.15
C VAL O 691 75.29 55.57 23.85
N ARG O 692 74.96 55.28 22.58
CA ARG O 692 73.83 54.39 22.25
C ARG O 692 74.08 52.94 22.69
N GLU O 693 75.28 52.41 22.50
CA GLU O 693 75.59 51.01 22.85
C GLU O 693 75.56 50.83 24.38
N LEU O 694 76.20 51.74 25.13
CA LEU O 694 76.17 51.79 26.59
C LEU O 694 74.74 51.93 27.15
N LEU O 695 73.89 52.77 26.55
CA LEU O 695 72.45 52.83 26.90
C LEU O 695 71.74 51.49 26.65
N ASN O 696 72.04 50.79 25.56
CA ASN O 696 71.42 49.50 25.22
C ASN O 696 71.92 48.34 26.09
N ARG O 697 73.13 48.44 26.68
CA ARG O 697 73.58 47.53 27.75
C ARG O 697 72.81 47.76 29.05
N GLN O 698 72.83 48.99 29.57
CA GLN O 698 72.57 49.27 30.98
C GLN O 698 71.15 49.81 31.30
N CYS O 699 70.38 50.26 30.30
CA CYS O 699 69.05 50.81 30.56
C CYS O 699 68.02 49.73 30.97
N VAL O 700 67.01 50.11 31.74
CA VAL O 700 66.16 49.19 32.53
C VAL O 700 64.68 49.37 32.19
N VAL O 701 63.96 48.27 32.00
CA VAL O 701 62.52 48.24 31.62
C VAL O 701 61.58 47.89 32.80
N ARG O 702 62.16 47.88 34.01
CA ARG O 702 61.47 48.29 35.24
C ARG O 702 61.82 49.76 35.46
N GLU O 703 60.83 50.65 35.49
CA GLU O 703 61.04 52.06 35.77
C GLU O 703 60.98 52.28 37.28
N SER O 704 61.96 52.98 37.85
CA SER O 704 62.22 53.01 39.30
C SER O 704 62.77 54.37 39.73
N PRO O 705 62.83 54.74 41.01
CA PRO O 705 63.40 56.03 41.42
C PRO O 705 64.88 56.15 41.03
N GLU O 706 65.63 55.05 41.01
CA GLU O 706 67.03 55.02 40.57
C GLU O 706 67.15 55.15 39.04
N SER O 707 66.29 54.47 38.27
CA SER O 707 66.26 54.64 36.80
C SER O 707 65.88 56.07 36.44
N LEU O 708 64.80 56.60 37.04
CA LEU O 708 64.31 57.94 36.78
C LEU O 708 65.29 59.02 37.24
N ALA O 709 66.07 58.80 38.31
CA ALA O 709 67.17 59.68 38.68
C ALA O 709 68.26 59.73 37.61
N LYS O 710 68.78 58.58 37.16
CA LYS O 710 69.79 58.51 36.08
C LYS O 710 69.26 59.08 34.77
N GLU O 711 68.00 58.80 34.42
CA GLU O 711 67.34 59.30 33.20
C GLU O 711 67.12 60.82 33.22
N ASN O 712 66.67 61.39 34.34
CA ASN O 712 66.54 62.85 34.48
C ASN O 712 67.91 63.54 34.48
N PHE O 713 68.93 62.93 35.08
CA PHE O 713 70.32 63.41 35.00
C PHE O 713 70.85 63.40 33.55
N LEU O 714 70.62 62.31 32.81
CA LEU O 714 70.99 62.17 31.40
C LEU O 714 70.31 63.22 30.49
N ILE O 715 69.03 63.50 30.72
CA ILE O 715 68.24 64.43 29.89
C ILE O 715 68.49 65.89 30.31
N HIS O 716 68.49 66.21 31.62
CA HIS O 716 68.47 67.59 32.12
C HIS O 716 69.81 68.13 32.62
N ARG O 717 70.82 67.26 32.59
CA ARG O 717 72.23 67.59 32.94
C ARG O 717 73.13 67.28 31.72
N LEU O 718 73.00 66.07 31.15
CA LEU O 718 73.86 65.63 30.00
C LEU O 718 73.19 65.88 28.63
N CYS O 719 71.97 66.43 28.63
CA CYS O 719 71.18 66.75 27.40
C CYS O 719 70.86 65.51 26.54
N VAL O 720 70.58 64.36 27.16
CA VAL O 720 70.17 63.13 26.42
C VAL O 720 68.66 63.18 26.14
N PRO O 721 68.09 62.28 25.31
CA PRO O 721 66.65 62.33 25.00
C PRO O 721 65.74 61.36 25.79
N ALA O 722 64.45 61.35 25.42
CA ALA O 722 63.37 60.51 26.01
C ALA O 722 63.01 59.30 25.15
N GLN O 723 62.93 59.53 23.83
CA GLN O 723 62.56 58.49 22.83
C GLN O 723 63.70 57.45 22.71
N TRP O 724 64.96 57.89 22.77
CA TRP O 724 66.11 56.95 22.62
C TRP O 724 66.11 55.90 23.73
N VAL O 725 65.87 56.33 24.98
CA VAL O 725 65.83 55.39 26.15
C VAL O 725 64.68 54.41 25.95
N HIS O 726 63.54 54.91 25.47
CA HIS O 726 62.34 54.08 25.21
C HIS O 726 62.64 53.04 24.12
N GLU O 727 63.39 53.45 23.09
CA GLU O 727 63.81 52.56 21.97
C GLU O 727 64.72 51.46 22.53
N ALA O 728 65.61 51.84 23.46
CA ALA O 728 66.50 50.87 24.12
C ALA O 728 65.64 49.86 24.90
N LYS O 729 64.59 50.36 25.58
CA LYS O 729 63.66 49.48 26.35
C LYS O 729 62.96 48.53 25.37
N ALA O 730 62.57 49.04 24.19
CA ALA O 730 61.90 48.21 23.16
C ALA O 730 62.84 47.10 22.72
N ILE O 731 64.12 47.43 22.50
CA ILE O 731 65.11 46.38 22.12
C ILE O 731 65.16 45.38 23.27
N ARG O 732 65.41 45.90 24.48
CA ARG O 732 65.44 45.12 25.72
C ARG O 732 64.25 44.16 25.81
N SER O 733 63.05 44.55 25.41
CA SER O 733 61.94 43.56 25.41
C SER O 733 62.05 42.54 24.22
N ARG O 734 61.99 42.96 22.96
CA ARG O 734 61.99 42.02 21.80
C ARG O 734 62.93 40.85 21.95
N ARG O 735 64.19 41.13 22.26
CA ARG O 735 65.19 40.06 22.31
C ARG O 735 64.69 38.99 23.31
N ASP O 736 64.10 39.28 24.43
CA ASP O 736 63.48 38.34 25.41
C ASP O 736 61.94 38.39 25.31
N GLY O 737 61.27 39.32 26.00
CA GLY O 737 59.79 39.43 25.98
C GLY O 737 59.30 40.48 24.97
N ASP O 738 58.30 41.30 25.30
CA ASP O 738 57.04 40.89 25.98
C ASP O 738 55.82 41.30 25.10
N ARG O 739 54.91 42.19 25.56
CA ARG O 739 53.68 42.55 24.80
C ARG O 739 52.85 43.68 25.48
N HIS O 740 54.20 44.00 26.07
CA HIS O 740 53.30 44.86 26.86
C HIS O 740 54.02 46.19 27.01
N LYS O 741 55.17 46.15 27.69
CA LYS O 741 55.97 47.37 27.76
C LYS O 741 56.59 47.75 26.42
N GLU O 742 56.99 46.80 25.57
CA GLU O 742 57.60 47.11 24.27
C GLU O 742 56.69 47.98 23.41
N ALA O 743 55.40 47.65 23.32
CA ALA O 743 54.41 48.48 22.64
C ALA O 743 54.37 49.92 23.19
N LEU O 744 54.37 50.07 24.53
CA LEU O 744 54.30 51.36 25.23
C LEU O 744 55.57 52.19 25.05
N TYR O 745 56.75 51.56 25.08
CA TYR O 745 58.03 52.24 24.88
C TYR O 745 58.29 52.57 23.40
N LEU O 746 57.71 51.76 22.52
CA LEU O 746 57.80 52.04 21.09
C LEU O 746 56.84 53.14 20.76
N LEU O 747 55.79 53.27 21.57
CA LEU O 747 54.77 54.27 21.29
C LEU O 747 55.36 55.66 21.15
N LYS O 748 56.09 56.11 22.16
CA LYS O 748 56.65 57.43 22.12
C LYS O 748 57.93 57.35 21.33
N GLY O 749 57.81 56.66 20.19
CA GLY O 749 58.87 56.40 19.21
C GLY O 749 58.21 56.07 17.88
N HIS O 750 58.37 56.95 16.90
CA HIS O 750 57.69 56.77 15.60
C HIS O 750 58.16 55.47 14.93
N GLN O 751 57.19 54.70 14.42
CA GLN O 751 57.43 53.46 13.66
C GLN O 751 56.53 53.60 12.42
N TRP O 752 56.89 54.55 11.54
CA TRP O 752 56.14 54.88 10.29
C TRP O 752 55.98 53.61 9.45
N ASN O 753 56.46 52.50 9.98
CA ASN O 753 56.34 51.25 9.30
C ASN O 753 56.30 50.14 10.35
N PRO O 754 57.37 50.04 11.14
CA PRO O 754 57.32 48.91 12.06
C PRO O 754 56.21 49.03 13.08
N CYS O 755 55.89 50.26 13.49
CA CYS O 755 54.89 50.39 14.53
C CYS O 755 53.64 49.78 14.01
N HIS O 756 53.24 50.22 12.84
CA HIS O 756 52.04 49.73 12.22
C HIS O 756 52.08 48.24 12.15
N LYS O 757 53.16 47.70 11.59
CA LYS O 757 53.28 46.27 11.47
C LYS O 757 52.87 45.58 12.75
N LEU O 758 53.64 45.87 13.78
CA LEU O 758 53.40 45.16 15.01
C LEU O 758 52.00 45.33 15.53
N VAL O 759 51.56 46.58 15.62
CA VAL O 759 50.26 46.84 16.19
C VAL O 759 49.23 46.00 15.52
N THR O 760 49.26 46.04 14.20
CA THR O 760 48.25 45.33 13.47
C THR O 760 48.29 43.87 13.74
N ARG O 761 49.44 43.26 13.55
CA ARG O 761 49.42 41.79 13.66
C ARG O 761 49.12 41.17 15.03
N HIS O 762 48.66 41.89 16.04
CA HIS O 762 48.61 41.42 17.44
C HIS O 762 47.65 42.26 18.29
N LEU O 763 48.00 43.51 18.61
CA LEU O 763 47.24 44.34 19.55
C LEU O 763 45.81 44.62 19.07
N ALA O 764 45.59 44.76 17.76
CA ALA O 764 44.28 45.05 17.21
C ALA O 764 43.29 43.89 17.38
N ALA O 765 43.73 42.66 17.13
CA ALA O 765 42.90 41.48 17.31
C ALA O 765 42.52 41.28 18.79
N ASP O 766 43.49 41.38 19.70
CA ASP O 766 43.22 41.26 21.14
C ASP O 766 42.37 42.43 21.68
N ALA O 767 42.62 43.67 21.26
CA ALA O 767 41.82 44.82 21.69
C ALA O 767 40.38 44.81 21.14
N VAL O 768 40.14 44.17 19.99
CA VAL O 768 38.78 43.92 19.48
C VAL O 768 38.08 42.81 20.29
N ILE O 769 38.81 41.72 20.57
CA ILE O 769 38.25 40.63 21.41
C ILE O 769 37.85 41.26 22.75
N ASN O 770 38.77 42.03 23.35
CA ASN O 770 38.53 42.74 24.63
C ASN O 770 37.93 44.13 24.34
N GLU O 771 37.88 44.50 23.05
CA GLU O 771 37.31 45.79 22.59
C GLU O 771 38.02 46.98 23.25
N ASN O 772 39.35 46.90 23.41
CA ASN O 772 40.13 48.02 24.01
C ASN O 772 40.51 49.02 22.91
N TYR O 773 39.52 49.72 22.35
CA TYR O 773 39.73 50.71 21.26
C TYR O 773 40.59 51.89 21.74
N ARG O 774 40.33 52.36 22.97
CA ARG O 774 41.03 53.53 23.56
C ARG O 774 42.55 53.38 23.42
N TYR O 775 43.13 52.39 24.09
CA TYR O 775 44.60 52.15 24.05
C TYR O 775 45.12 52.05 22.60
N LEU O 776 44.32 51.55 21.66
CA LEU O 776 44.69 51.51 20.24
C LEU O 776 44.50 52.87 19.53
N GLN O 777 43.56 53.68 20.02
CA GLN O 777 43.16 54.99 19.49
C GLN O 777 44.27 56.05 19.59
N SER O 778 45.19 55.96 20.56
CA SER O 778 46.36 56.85 20.65
C SER O 778 47.34 56.60 19.50
N PHE O 779 47.96 55.41 19.43
CA PHE O 779 48.94 55.08 18.39
C PHE O 779 48.39 55.30 16.99
N LEU O 780 47.16 54.87 16.70
CA LEU O 780 46.55 55.09 15.39
C LEU O 780 46.12 56.54 15.16
N GLY O 781 45.68 57.27 16.20
CA GLY O 781 45.40 58.71 16.10
C GLY O 781 46.66 59.52 15.77
N GLU O 782 47.75 59.27 16.50
CA GLU O 782 49.05 59.91 16.33
C GLU O 782 49.70 59.57 14.98
N LEU O 783 49.58 58.32 14.50
CA LEU O 783 49.96 57.92 13.14
C LEU O 783 49.03 58.51 12.05
N SER O 784 47.78 58.85 12.37
CA SER O 784 46.82 59.42 11.40
C SER O 784 47.00 60.90 11.10
N ASN O 785 47.96 61.59 11.73
CA ASN O 785 48.29 62.98 11.43
C ASN O 785 48.60 63.16 9.92
N PRO O 786 48.25 64.33 9.32
CA PRO O 786 48.38 64.55 7.88
C PRO O 786 49.82 64.48 7.35
N GLU O 787 50.82 64.66 8.22
CA GLU O 787 52.24 64.50 7.88
C GLU O 787 52.76 63.08 8.08
N HIS O 788 52.13 62.29 8.96
CA HIS O 788 52.55 60.91 9.24
C HIS O 788 51.91 59.96 8.22
N CYS O 789 50.64 60.19 7.86
CA CYS O 789 49.94 59.50 6.76
C CYS O 789 50.71 59.50 5.43
N LYS O 790 51.49 60.56 5.12
CA LYS O 790 52.31 60.65 3.90
C LYS O 790 53.40 59.58 3.80
N HIS O 791 53.82 59.01 4.94
CA HIS O 791 55.05 58.23 5.05
C HIS O 791 54.82 56.76 5.45
N ILE O 792 53.60 56.35 5.82
CA ILE O 792 53.30 55.02 6.33
C ILE O 792 52.88 54.07 5.20
N GLN O 793 53.71 53.07 4.93
CA GLN O 793 53.36 51.93 4.07
C GLN O 793 52.17 51.17 4.65
N ASP O 794 51.19 51.01 3.75
CA ASP O 794 49.94 50.33 4.09
C ASP O 794 49.13 51.24 4.97
N TRP O 795 49.63 52.47 5.13
CA TRP O 795 48.94 53.36 6.04
C TRP O 795 47.59 53.37 5.55
N GLU O 796 47.37 53.89 4.36
CA GLU O 796 46.04 54.04 3.86
C GLU O 796 45.21 52.93 4.39
N THR O 797 45.49 51.76 3.86
CA THR O 797 44.71 50.60 4.21
C THR O 797 44.39 50.48 5.68
N ALA O 798 45.36 50.07 6.47
CA ALA O 798 45.01 49.75 7.86
C ALA O 798 44.53 50.91 8.68
N GLY O 799 45.01 52.10 8.34
CA GLY O 799 44.70 53.24 9.16
C GLY O 799 43.24 53.32 9.03
N LYS O 800 42.83 53.49 7.78
CA LYS O 800 41.44 53.64 7.55
C LYS O 800 40.77 52.55 8.30
N VAL O 801 41.10 51.31 8.00
CA VAL O 801 40.38 50.23 8.64
C VAL O 801 40.08 50.41 10.11
N TYR O 802 41.12 50.40 10.92
CA TYR O 802 40.83 50.39 12.35
C TYR O 802 40.25 51.66 12.87
N LEU O 803 40.76 52.74 12.32
CA LEU O 803 40.32 54.01 12.80
C LEU O 803 38.86 53.98 12.64
N ASP O 804 38.42 53.59 11.46
CA ASP O 804 37.03 53.60 11.13
C ASP O 804 36.22 52.66 11.95
N TYR O 805 36.65 51.45 12.15
CA TYR O 805 35.88 50.61 13.04
C TYR O 805 35.56 51.39 14.31
N ILE O 806 36.62 51.83 14.99
CA ILE O 806 36.35 52.47 16.29
C ILE O 806 35.45 53.69 16.16
N ARG O 807 35.74 54.51 15.17
CA ARG O 807 35.00 55.73 15.00
C ARG O 807 33.57 55.45 14.78
N VAL O 808 33.26 54.53 13.89
CA VAL O 808 31.91 54.22 13.57
C VAL O 808 31.27 53.85 14.84
N ILE O 809 31.80 52.86 15.55
CA ILE O 809 31.08 52.51 16.76
C ILE O 809 30.74 53.75 17.56
N ASP O 810 31.78 54.48 17.95
CA ASP O 810 31.54 55.62 18.83
C ASP O 810 30.52 56.60 18.31
N MET O 811 30.72 57.06 17.09
CA MET O 811 29.86 58.05 16.48
C MET O 811 28.47 57.53 16.58
N LEU O 812 28.23 56.38 15.99
CA LEU O 812 26.93 55.78 16.03
C LEU O 812 26.32 55.98 17.41
N ASN O 813 26.89 55.30 18.41
CA ASN O 813 26.25 55.37 19.72
C ASN O 813 25.93 56.77 20.13
N LEU O 814 26.99 57.56 20.28
CA LEU O 814 26.80 58.90 20.80
C LEU O 814 25.75 59.68 20.08
N ILE O 815 25.84 59.78 18.75
CA ILE O 815 24.96 60.62 17.99
C ILE O 815 23.57 60.13 18.21
N GLN O 816 23.35 58.85 17.90
CA GLN O 816 22.04 58.25 18.03
C GLN O 816 21.45 58.85 19.24
N GLN O 817 22.08 58.57 20.38
CA GLN O 817 21.55 59.09 21.64
C GLN O 817 21.39 60.58 21.46
N ASP O 818 22.43 61.33 21.88
CA ASP O 818 22.45 62.78 21.63
C ASP O 818 21.10 63.26 21.13
N GLU O 819 20.90 63.17 19.81
CA GLU O 819 19.69 63.65 19.17
C GLU O 819 19.69 63.10 17.76
N SER O 820 20.72 62.33 17.41
CA SER O 820 20.84 61.78 16.06
C SER O 820 20.75 62.88 15.00
N SER O 821 21.70 63.81 15.02
CA SER O 821 21.72 64.88 14.02
C SER O 821 21.94 64.35 12.61
N GLY O 822 21.28 64.94 11.62
CA GLY O 822 21.38 64.46 10.24
C GLY O 822 22.73 64.47 9.55
N CYS O 823 23.50 65.55 9.69
CA CYS O 823 24.73 65.72 8.91
C CYS O 823 25.81 64.72 9.28
N GLU O 824 26.02 64.50 10.57
CA GLU O 824 26.99 63.51 11.01
C GLU O 824 26.52 62.18 10.48
N LEU O 825 25.23 61.97 10.51
CA LEU O 825 24.62 60.75 9.99
C LEU O 825 24.92 60.57 8.49
N GLU O 826 24.89 61.65 7.69
CA GLU O 826 25.38 61.66 6.29
C GLU O 826 26.84 61.20 6.19
N LYS O 827 27.69 61.71 7.10
CA LYS O 827 29.12 61.40 7.08
C LYS O 827 29.41 60.01 7.64
N LEU O 828 28.63 59.51 8.60
CA LEU O 828 28.66 58.12 9.06
C LEU O 828 28.24 57.17 7.93
N HIS O 829 27.13 57.45 7.22
CA HIS O 829 26.72 56.74 6.01
C HIS O 829 27.85 56.69 4.99
N THR O 830 28.46 57.84 4.68
CA THR O 830 29.57 57.95 3.70
C THR O 830 30.77 57.08 4.11
N LYS O 831 31.16 57.12 5.40
CA LYS O 831 32.26 56.33 5.96
C LYS O 831 31.92 54.82 5.88
N VAL O 832 30.75 54.41 6.39
CA VAL O 832 30.27 53.01 6.45
C VAL O 832 30.09 52.38 5.06
N MET O 833 29.47 53.09 4.10
CA MET O 833 29.29 52.60 2.74
C MET O 833 30.63 52.35 2.04
N SER O 834 31.63 53.21 2.27
CA SER O 834 32.99 52.97 1.78
C SER O 834 33.68 51.82 2.53
N LEU O 835 33.50 51.71 3.85
CA LEU O 835 34.12 50.72 4.71
C LEU O 835 33.70 49.28 4.36
N CYS O 836 32.48 49.07 3.87
CA CYS O 836 32.06 47.79 3.28
C CYS O 836 33.06 47.31 2.23
N LYS O 837 33.44 48.20 1.31
CA LYS O 837 34.39 47.98 0.20
C LYS O 837 35.87 48.00 0.62
N TRP O 838 36.16 48.26 1.90
CA TRP O 838 37.51 48.16 2.47
C TRP O 838 37.68 46.90 3.33
N VAL O 839 36.66 46.48 4.10
CA VAL O 839 36.63 45.19 4.80
C VAL O 839 36.69 44.01 3.81
N GLU O 840 36.14 44.22 2.61
CA GLU O 840 36.31 43.43 1.37
C GLU O 840 37.77 43.02 1.09
N LEU O 841 38.75 43.84 1.42
CA LEU O 841 40.09 43.50 0.96
C LEU O 841 41.13 43.01 1.96
N ILE O 842 40.74 42.75 3.19
CA ILE O 842 41.74 42.38 4.19
C ILE O 842 42.60 41.21 3.74
N HIS O 843 43.92 41.49 3.83
CA HIS O 843 44.94 40.52 3.47
C HIS O 843 45.58 39.98 4.73
N CYS O 844 44.86 39.17 5.47
CA CYS O 844 45.38 38.54 6.68
C CYS O 844 46.36 37.43 6.35
N TYR O 845 47.53 37.76 5.84
CA TYR O 845 48.45 36.71 5.37
C TYR O 845 48.79 35.52 6.29
N THR O 846 48.40 35.54 7.56
CA THR O 846 48.75 34.47 8.45
C THR O 846 47.61 34.15 9.32
N ALA O 847 47.90 33.31 10.25
CA ALA O 847 46.89 32.50 10.76
C ALA O 847 46.11 33.42 11.54
N LYS O 848 46.71 33.81 12.62
CA LYS O 848 46.01 34.64 13.48
C LYS O 848 45.52 35.69 12.60
N ASP O 849 46.30 36.06 11.55
CA ASP O 849 45.68 37.11 10.78
C ASP O 849 44.25 36.78 10.50
N ARG O 850 44.02 35.65 9.86
CA ARG O 850 42.68 35.21 9.59
C ARG O 850 41.88 35.00 10.85
N LEU O 851 42.53 34.51 11.91
CA LEU O 851 41.78 34.38 13.14
C LEU O 851 41.14 35.70 13.53
N ALA O 852 41.99 36.71 13.60
CA ALA O 852 41.50 38.01 14.01
C ALA O 852 40.51 38.58 13.02
N GLN O 853 40.70 38.33 11.73
CA GLN O 853 39.81 38.86 10.73
C GLN O 853 38.45 38.35 11.04
N SER O 854 38.36 37.05 11.25
CA SER O 854 37.05 36.51 11.49
C SER O 854 36.48 37.15 12.73
N GLU O 855 37.28 37.17 13.79
CA GLU O 855 36.77 37.71 15.02
C GLU O 855 36.13 39.06 14.78
N MET O 856 36.88 39.93 14.13
CA MET O 856 36.41 41.29 13.90
C MET O 856 35.20 41.38 13.02
N ALA O 857 35.17 40.68 11.89
CA ALA O 857 33.99 40.72 11.08
C ALA O 857 32.81 40.39 11.96
N LYS O 858 32.91 39.31 12.73
CA LYS O 858 31.81 38.91 13.58
C LYS O 858 31.34 40.04 14.49
N ARG O 859 32.27 40.55 15.28
CA ARG O 859 31.87 41.57 16.23
C ARG O 859 31.26 42.77 15.53
N VAL O 860 31.84 43.20 14.42
CA VAL O 860 31.38 44.38 13.71
C VAL O 860 29.98 44.17 13.22
N ALA O 861 29.73 43.02 12.64
CA ALA O 861 28.41 42.72 12.16
C ALA O 861 27.40 42.78 13.30
N ASN O 862 27.73 42.16 14.42
CA ASN O 862 26.82 42.24 15.57
C ASN O 862 26.51 43.69 15.91
N ILE O 863 27.57 44.48 16.06
CA ILE O 863 27.38 45.88 16.46
C ILE O 863 26.53 46.62 15.44
N LEU O 864 26.77 46.42 14.16
CA LEU O 864 26.03 47.09 13.11
C LEU O 864 24.57 46.74 13.20
N ARG O 865 24.26 45.45 13.35
CA ARG O 865 22.87 45.06 13.54
C ARG O 865 22.27 45.87 14.67
N VAL O 866 22.88 45.76 15.84
CA VAL O 866 22.27 46.44 16.98
C VAL O 866 22.05 47.93 16.68
N VAL O 867 23.03 48.57 16.08
CA VAL O 867 22.97 50.02 15.81
C VAL O 867 21.90 50.42 14.81
N LEU O 868 21.79 49.67 13.71
CA LEU O 868 20.76 49.94 12.74
C LEU O 868 19.43 49.82 13.46
N SER O 869 19.32 48.87 14.39
CA SER O 869 18.09 48.75 15.19
C SER O 869 17.30 50.05 15.23
N LEU O 870 17.82 51.05 15.91
CA LEU O 870 17.16 52.34 15.86
C LEU O 870 18.08 53.07 14.88
N GLN O 871 17.79 53.02 13.57
CA GLN O 871 18.70 53.62 12.58
C GLN O 871 17.91 54.39 11.62
N GLN O 872 17.87 53.91 10.39
CA GLN O 872 17.04 54.55 9.41
C GLN O 872 15.71 54.55 10.10
N PRO O 873 15.23 55.81 10.62
CA PRO O 873 13.94 56.51 11.47
C PRO O 873 12.85 55.45 11.71
N PRO O 874 12.53 55.11 12.98
CA PRO O 874 11.46 54.12 13.18
C PRO O 874 10.22 54.81 12.59
N GLU O 875 9.49 54.11 11.72
CA GLU O 875 8.34 54.75 11.06
C GLU O 875 7.07 54.60 11.92
N SER O 876 6.91 55.47 12.91
CA SER O 876 5.68 55.51 13.74
C SER O 876 4.52 55.92 12.84
N MET O 877 4.79 56.88 11.95
CA MET O 877 3.78 57.42 11.00
C MET O 877 3.56 56.44 9.83
N SER O 878 4.52 55.56 9.50
CA SER O 878 4.21 54.66 8.38
C SER O 878 3.68 53.36 8.91
N ASP O 879 3.14 52.52 8.03
CA ASP O 879 2.72 51.18 8.46
C ASP O 879 4.05 50.52 8.82
N SER O 880 4.36 50.34 10.10
CA SER O 880 5.66 49.78 10.56
C SER O 880 6.83 49.76 9.53
N SER O 881 7.69 50.78 9.63
CA SER O 881 8.94 51.07 8.89
C SER O 881 9.37 49.96 7.91
N GLU O 882 8.51 49.64 6.93
CA GLU O 882 8.84 48.57 5.95
C GLU O 882 10.08 48.99 5.14
N PRO O 883 11.09 48.11 4.96
CA PRO O 883 12.27 48.49 4.17
C PRO O 883 12.07 48.23 2.68
N ARG O 884 11.18 49.01 2.04
CA ARG O 884 10.90 48.87 0.59
C ARG O 884 12.16 49.20 -0.22
N VAL O 885 12.88 50.26 0.19
CA VAL O 885 14.10 50.72 -0.53
C VAL O 885 15.19 49.64 -0.47
N PRO O 886 15.89 49.34 -1.59
CA PRO O 886 16.95 48.33 -1.59
C PRO O 886 18.24 48.99 -2.13
N LEU O 887 19.38 48.77 -1.47
CA LEU O 887 20.64 49.40 -1.94
C LEU O 887 21.48 48.39 -2.71
N ARG O 888 21.73 48.67 -4.00
CA ARG O 888 22.56 47.81 -4.89
C ARG O 888 24.01 47.82 -4.41
N LEU O 889 24.49 48.97 -3.92
CA LEU O 889 25.89 49.12 -3.47
C LEU O 889 26.17 48.17 -2.31
N LEU O 890 25.22 48.03 -1.38
CA LEU O 890 25.43 47.11 -0.22
C LEU O 890 25.59 45.69 -0.76
N ALA O 891 24.73 45.30 -1.71
CA ALA O 891 24.82 43.95 -2.32
C ALA O 891 26.14 43.82 -3.07
N PRO O 892 26.57 44.85 -3.84
CA PRO O 892 27.83 44.77 -4.57
C PRO O 892 29.02 44.66 -3.62
N HIS O 893 28.99 45.42 -2.52
CA HIS O 893 30.07 45.42 -1.50
C HIS O 893 30.16 44.02 -0.88
N ILE O 894 29.02 43.39 -0.62
CA ILE O 894 28.95 42.04 0.00
C ILE O 894 29.63 41.02 -0.93
N GLY O 895 29.39 41.13 -2.25
CA GLY O 895 30.01 40.22 -3.22
C GLY O 895 31.53 40.34 -3.19
N ARG O 896 32.04 41.58 -3.12
CA ARG O 896 33.50 41.83 -3.09
C ARG O 896 34.04 41.70 -1.67
N LEU O 897 33.15 41.56 -0.68
CA LEU O 897 33.60 41.37 0.73
C LEU O 897 34.33 40.03 0.83
N PRO O 898 35.54 39.95 1.44
CA PRO O 898 36.25 38.67 1.49
C PRO O 898 36.34 38.08 2.91
N MET O 899 35.89 36.83 3.06
CA MET O 899 35.91 36.10 4.37
C MET O 899 35.73 34.60 4.13
N PRO O 900 35.75 33.74 5.18
CA PRO O 900 35.62 32.29 4.96
C PRO O 900 34.30 31.88 4.28
N GLU O 901 34.39 30.90 3.38
CA GLU O 901 33.24 30.41 2.56
C GLU O 901 32.07 29.92 3.42
N ASP O 902 32.33 29.54 4.68
CA ASP O 902 31.21 29.07 5.55
C ASP O 902 30.32 30.21 6.06
N TYR O 903 30.65 30.78 7.23
CA TYR O 903 29.79 31.79 7.89
C TYR O 903 29.56 33.04 7.02
N ALA O 904 30.61 33.54 6.36
CA ALA O 904 30.42 34.76 5.54
C ALA O 904 29.42 34.49 4.41
N LEU O 905 29.55 33.36 3.69
CA LEU O 905 28.58 33.11 2.59
C LEU O 905 27.20 32.81 3.15
N GLU O 906 27.11 32.21 4.34
CA GLU O 906 25.78 31.95 4.97
C GLU O 906 25.08 33.31 5.20
N GLU O 907 25.85 34.29 5.70
CA GLU O 907 25.32 35.66 5.92
C GLU O 907 24.93 36.27 4.57
N LEU O 908 25.75 36.02 3.54
CA LEU O 908 25.48 36.54 2.16
C LEU O 908 24.15 35.94 1.66
N ARG O 909 23.94 34.65 1.92
CA ARG O 909 22.71 33.91 1.52
C ARG O 909 21.51 34.53 2.24
N GLY O 910 21.67 34.86 3.52
CA GLY O 910 20.57 35.50 4.26
C GLY O 910 20.23 36.85 3.65
N LEU O 911 21.28 37.60 3.27
CA LEU O 911 21.10 38.93 2.63
C LEU O 911 20.37 38.75 1.30
N THR O 912 20.73 37.70 0.55
CA THR O 912 20.12 37.39 -0.76
C THR O 912 18.64 37.07 -0.56
N GLN O 913 18.31 36.32 0.51
CA GLN O 913 16.91 35.97 0.84
C GLN O 913 16.14 37.26 1.14
N SER O 914 16.77 38.17 1.88
CA SER O 914 16.13 39.48 2.21
C SER O 914 15.87 40.25 0.92
N TYR O 915 16.83 40.23 0.00
CA TYR O 915 16.72 40.93 -1.31
C TYR O 915 15.56 40.32 -2.10
N LEU O 916 15.43 38.99 -2.07
CA LEU O 916 14.35 38.26 -2.79
C LEU O 916 13.00 38.69 -2.19
N ARG O 917 12.94 38.82 -0.86
CA ARG O 917 11.68 39.23 -0.17
C ARG O 917 11.34 40.66 -0.63
N GLU O 918 12.36 41.53 -0.73
CA GLU O 918 12.15 42.93 -1.17
C GLU O 918 11.61 42.94 -2.60
N LEU O 919 12.16 42.06 -3.47
CA LEU O 919 11.72 41.96 -4.88
C LEU O 919 10.26 41.51 -4.92
N ILE O 920 9.91 40.55 -4.06
CA ILE O 920 8.51 40.03 -3.99
C ILE O 920 7.59 41.18 -3.57
N CYS O 921 8.03 41.99 -2.60
CA CYS O 921 7.22 43.14 -2.12
C CYS O 921 7.03 44.14 -3.26
N ASP O 922 8.09 44.37 -4.04
CA ASP O 922 8.03 45.30 -5.20
C ASP O 922 7.03 44.78 -6.23
N SER O 923 7.04 43.45 -6.46
CA SER O 923 6.12 42.81 -7.43
C SER O 923 4.68 43.19 -7.10
N SER P 121 90.12 68.63 -32.15
CA SER P 121 89.18 68.52 -31.02
C SER P 121 89.78 67.79 -29.82
N PHE P 122 90.70 66.85 -30.03
CA PHE P 122 91.29 66.08 -28.92
C PHE P 122 92.29 66.92 -28.12
N THR P 123 92.98 67.85 -28.79
CA THR P 123 93.92 68.77 -28.14
C THR P 123 93.21 69.83 -27.29
N GLU P 124 92.10 70.40 -27.77
CA GLU P 124 91.30 71.37 -27.00
C GLU P 124 90.62 70.73 -25.78
N ASP P 125 90.10 69.51 -25.91
CA ASP P 125 89.50 68.77 -24.79
C ASP P 125 90.52 68.42 -23.70
N ILE P 126 91.75 68.07 -24.09
CA ILE P 126 92.83 67.78 -23.15
C ILE P 126 93.27 69.05 -22.43
N THR P 127 93.38 70.19 -23.13
CA THR P 127 93.77 71.46 -22.50
C THR P 127 92.72 71.92 -21.52
N LEU P 128 91.43 71.89 -21.85
CA LEU P 128 90.36 72.27 -20.92
C LEU P 128 90.31 71.35 -19.69
N SER P 129 90.38 70.03 -19.88
CA SER P 129 90.43 69.08 -18.76
C SER P 129 91.65 69.31 -17.86
N ALA P 130 92.78 69.68 -18.44
CA ALA P 130 94.02 69.98 -17.71
C ALA P 130 93.97 71.33 -16.97
N VAL P 131 93.30 72.33 -17.55
CA VAL P 131 93.06 73.64 -16.92
C VAL P 131 92.11 73.49 -15.73
N MET P 132 91.00 72.75 -15.89
CA MET P 132 90.06 72.50 -14.78
C MET P 132 90.70 71.72 -13.63
N LEU P 133 91.66 70.84 -13.91
CA LEU P 133 92.44 70.16 -12.86
C LEU P 133 93.32 71.11 -12.03
N GLN P 134 93.58 72.34 -12.49
CA GLN P 134 94.29 73.36 -11.72
C GLN P 134 93.37 74.22 -10.83
N GLU P 135 92.07 74.18 -11.05
CA GLU P 135 91.10 74.92 -10.23
C GLU P 135 90.85 74.22 -8.89
N GLU P 136 90.61 75.00 -7.83
CA GLU P 136 90.38 74.47 -6.48
C GLU P 136 89.10 73.61 -6.39
N ASP P 137 88.11 73.88 -7.24
CA ASP P 137 86.91 73.06 -7.42
C ASP P 137 86.50 72.97 -8.91
N PRO P 138 86.91 71.89 -9.62
CA PRO P 138 86.55 71.66 -11.02
C PRO P 138 85.04 71.56 -11.25
N GLY P 139 84.26 71.13 -10.23
CA GLY P 139 82.82 71.00 -10.37
C GLY P 139 82.15 72.36 -10.41
N GLU P 140 82.51 73.26 -9.49
CA GLU P 140 81.94 74.61 -9.41
C GLU P 140 82.31 75.42 -10.65
N ALA P 141 83.56 75.35 -11.11
CA ALA P 141 83.95 76.03 -12.33
C ALA P 141 83.25 75.48 -13.60
N ALA P 142 82.95 74.18 -13.65
CA ALA P 142 82.19 73.58 -14.76
C ALA P 142 80.75 74.08 -14.77
N THR P 143 80.15 74.30 -13.58
CA THR P 143 78.82 74.90 -13.49
C THR P 143 78.81 76.37 -13.91
N MET P 144 79.84 77.13 -13.52
CA MET P 144 79.98 78.55 -13.82
C MET P 144 80.20 78.83 -15.30
N SER P 145 80.99 77.99 -15.98
CA SER P 145 81.27 78.15 -17.43
C SER P 145 80.03 78.02 -18.31
N MET P 146 78.99 77.33 -17.83
CA MET P 146 77.73 77.15 -18.54
C MET P 146 76.80 78.36 -18.48
N TYR P 147 76.99 79.31 -17.57
CA TYR P 147 76.08 80.46 -17.41
C TYR P 147 75.94 81.28 -18.71
N PRO P 148 77.04 81.70 -19.39
CA PRO P 148 76.93 82.38 -20.68
C PRO P 148 76.29 81.50 -21.77
N ASP P 149 76.57 80.19 -21.79
CA ASP P 149 76.01 79.27 -22.79
C ASP P 149 74.49 79.14 -22.67
N PHE P 150 73.97 79.14 -21.44
CA PHE P 150 72.53 79.12 -21.18
C PHE P 150 71.84 80.41 -21.63
N LEU P 151 72.45 81.57 -21.33
CA LEU P 151 71.92 82.85 -21.81
C LEU P 151 71.96 82.93 -23.33
N LYS P 152 73.10 82.59 -23.94
CA LYS P 152 73.26 82.55 -25.39
C LYS P 152 72.21 81.67 -26.06
N SER P 153 72.03 80.45 -25.55
CA SER P 153 71.03 79.52 -26.09
C SER P 153 69.62 80.10 -25.98
N PHE P 154 69.29 80.77 -24.87
CA PHE P 154 68.00 81.46 -24.71
C PHE P 154 67.79 82.56 -25.75
N LEU P 155 68.82 83.38 -26.00
CA LEU P 155 68.76 84.50 -26.96
C LEU P 155 68.70 84.04 -28.43
N GLU P 156 69.72 83.25 -28.74
CA GLU P 156 69.99 82.92 -30.15
C GLU P 156 68.87 82.84 -31.18
N HIS P 157 68.24 81.69 -31.31
CA HIS P 157 67.27 81.52 -32.39
C HIS P 157 66.07 82.39 -32.19
N PRO P 158 65.28 82.58 -33.26
CA PRO P 158 64.03 83.30 -33.05
C PRO P 158 63.20 82.48 -32.09
N SER P 159 62.17 83.06 -31.49
CA SER P 159 61.27 82.26 -30.64
C SER P 159 60.72 81.14 -31.51
N SER P 160 60.83 81.31 -32.82
CA SER P 160 60.70 80.20 -33.78
C SER P 160 61.64 78.95 -33.65
N ALA P 161 62.35 78.70 -32.54
CA ALA P 161 63.13 77.43 -32.38
C ALA P 161 63.42 77.03 -30.93
N VAL P 162 62.41 77.05 -30.05
CA VAL P 162 62.62 76.77 -28.61
C VAL P 162 63.45 75.55 -28.40
N PHE P 163 63.29 74.56 -29.25
CA PHE P 163 63.94 73.30 -29.01
C PHE P 163 65.34 73.07 -29.62
N GLU P 164 65.61 73.35 -30.88
CA GLU P 164 66.98 73.24 -31.39
C GLU P 164 67.94 73.95 -30.42
N LEU P 165 67.48 75.09 -29.87
CA LEU P 165 68.18 75.78 -28.78
C LEU P 165 68.39 74.90 -27.54
N ILE P 166 67.36 74.21 -27.05
CA ILE P 166 67.49 73.31 -25.90
C ILE P 166 68.43 72.14 -26.21
N GLU P 167 68.34 71.55 -27.41
CA GLU P 167 69.26 70.50 -27.85
C GLU P 167 70.72 70.99 -27.85
N GLN P 168 70.94 72.27 -28.19
CA GLN P 168 72.27 72.87 -28.13
C GLN P 168 72.73 73.17 -26.69
N TYR P 169 71.84 73.54 -25.76
CA TYR P 169 72.16 73.62 -24.32
C TYR P 169 72.55 72.26 -23.76
N GLU P 170 71.80 71.20 -24.10
CA GLU P 170 72.14 69.84 -23.73
C GLU P 170 73.54 69.45 -24.26
N ALA P 171 73.83 69.74 -25.53
CA ALA P 171 75.13 69.46 -26.14
C ALA P 171 76.29 70.21 -25.46
N THR P 172 76.10 71.47 -25.10
CA THR P 172 77.08 72.28 -24.37
C THR P 172 77.35 71.69 -22.98
N CYS P 173 76.31 71.31 -22.23
CA CYS P 173 76.46 70.62 -20.95
C CYS P 173 77.21 69.29 -21.13
N ASN P 174 76.84 68.48 -22.13
CA ASN P 174 77.46 67.18 -22.39
C ASN P 174 78.95 67.29 -22.72
N THR P 175 79.35 68.34 -23.44
CA THR P 175 80.76 68.62 -23.76
C THR P 175 81.58 68.84 -22.48
N GLN P 176 81.11 69.68 -21.56
CA GLN P 176 81.79 69.93 -20.28
C GLN P 176 81.72 68.74 -19.33
N ILE P 177 80.61 68.01 -19.28
CA ILE P 177 80.48 66.76 -18.53
C ILE P 177 81.52 65.74 -18.99
N THR P 178 81.71 65.60 -20.31
CA THR P 178 82.69 64.66 -20.87
C THR P 178 84.12 65.04 -20.47
N LEU P 179 84.45 66.33 -20.49
CA LEU P 179 85.73 66.86 -20.02
C LEU P 179 85.94 66.57 -18.52
N LEU P 180 84.97 66.93 -17.68
CA LEU P 180 85.03 66.72 -16.23
C LEU P 180 85.11 65.23 -15.86
N LYS P 181 84.37 64.35 -16.56
CA LYS P 181 84.49 62.89 -16.40
C LYS P 181 85.91 62.41 -16.68
N LYS P 182 86.58 62.92 -17.73
CA LYS P 182 87.99 62.59 -18.03
C LYS P 182 88.92 63.07 -16.91
N ILE P 183 88.69 64.26 -16.35
CA ILE P 183 89.48 64.81 -15.23
C ILE P 183 89.31 63.94 -13.97
N VAL P 184 88.06 63.69 -13.54
CA VAL P 184 87.76 62.91 -12.34
C VAL P 184 88.31 61.47 -12.44
N LYS P 185 88.24 60.83 -13.62
CA LYS P 185 88.83 59.48 -13.85
C LYS P 185 90.36 59.43 -13.75
N ARG P 186 91.06 60.53 -14.06
CA ARG P 186 92.53 60.60 -14.01
C ARG P 186 93.07 60.83 -12.59
N VAL P 187 92.22 61.26 -11.66
CA VAL P 187 92.59 61.57 -10.28
C VAL P 187 92.70 60.29 -9.46
N THR P 188 93.80 60.12 -8.73
CA THR P 188 93.97 59.03 -7.76
C THR P 188 92.88 59.10 -6.67
N PRO P 189 92.16 58.00 -6.38
CA PRO P 189 91.17 57.96 -5.30
C PRO P 189 91.77 58.43 -3.96
N GLY P 190 91.15 59.43 -3.30
CA GLY P 190 91.54 59.92 -1.96
C GLY P 190 91.97 61.39 -1.88
N GLN P 191 92.12 62.11 -2.99
CA GLN P 191 92.35 63.56 -2.96
C GLN P 191 91.04 64.32 -2.70
N GLN P 192 90.83 64.81 -1.46
CA GLN P 192 89.66 65.65 -1.10
C GLN P 192 89.46 66.85 -2.03
N LYS P 193 90.54 67.31 -2.69
CA LYS P 193 90.53 68.44 -3.65
C LYS P 193 89.49 68.31 -4.76
N PHE P 194 89.11 67.09 -5.16
CA PHE P 194 88.19 66.87 -6.29
C PHE P 194 86.75 66.57 -5.85
N SER P 195 86.45 66.62 -4.55
CA SER P 195 85.07 66.42 -4.07
C SER P 195 84.12 67.49 -4.62
N LYS P 196 84.54 68.76 -4.61
CA LYS P 196 83.71 69.84 -5.20
C LYS P 196 83.40 69.41 -6.64
N THR P 197 84.40 68.81 -7.28
CA THR P 197 84.24 68.33 -8.67
C THR P 197 83.14 67.27 -8.74
N ALA P 198 83.20 66.25 -7.89
CA ALA P 198 82.19 65.17 -7.99
C ALA P 198 80.79 65.73 -7.72
N SER P 199 80.65 66.57 -6.69
CA SER P 199 79.29 67.06 -6.33
C SER P 199 78.70 67.88 -7.47
N ILE P 200 79.49 68.79 -8.05
CA ILE P 200 78.81 69.62 -9.08
C ILE P 200 78.79 68.90 -10.43
N LEU P 201 79.59 67.83 -10.59
CA LEU P 201 79.53 66.98 -11.81
C LEU P 201 78.16 66.31 -11.79
N TRP P 202 77.77 65.84 -10.59
CA TRP P 202 76.42 65.25 -10.41
C TRP P 202 75.38 66.33 -10.67
N LEU P 203 75.63 67.55 -10.19
CA LEU P 203 74.65 68.66 -10.40
C LEU P 203 74.51 68.92 -11.90
N LEU P 204 75.62 68.91 -12.63
CA LEU P 204 75.69 69.16 -14.10
C LEU P 204 74.92 68.05 -14.83
N GLN P 205 75.08 66.81 -14.38
CA GLN P 205 74.37 65.66 -15.00
C GLN P 205 72.86 65.89 -14.80
N GLN P 206 72.46 66.32 -13.61
CA GLN P 206 71.03 66.57 -13.31
C GLN P 206 70.53 67.69 -14.23
N GLU P 207 71.33 68.74 -14.42
CA GLU P 207 70.96 69.89 -15.28
C GLU P 207 70.79 69.42 -16.72
N MET P 208 71.70 68.57 -17.20
CA MET P 208 71.64 68.03 -18.59
C MET P 208 70.35 67.21 -18.73
N VAL P 209 70.03 66.41 -17.69
CA VAL P 209 68.81 65.58 -17.68
C VAL P 209 67.60 66.49 -17.50
N THR P 210 67.83 67.78 -17.21
CA THR P 210 66.68 68.69 -17.05
C THR P 210 66.34 69.38 -18.36
N TRP P 211 67.32 69.82 -19.15
CA TRP P 211 67.09 70.33 -20.51
C TRP P 211 66.43 69.28 -21.41
N ARG P 212 66.92 68.03 -21.38
CA ARG P 212 66.31 66.91 -22.11
C ARG P 212 64.86 66.66 -21.71
N LEU P 213 64.53 66.74 -20.40
CA LEU P 213 63.17 66.62 -19.89
C LEU P 213 62.27 67.75 -20.41
N ILE P 214 62.76 69.00 -20.33
CA ILE P 214 62.03 70.18 -20.83
C ILE P 214 61.74 70.01 -22.32
N ALA P 215 62.73 69.62 -23.13
CA ALA P 215 62.54 69.38 -24.56
C ALA P 215 61.47 68.32 -24.84
N ALA P 216 61.48 67.20 -24.09
CA ALA P 216 60.50 66.13 -24.28
C ALA P 216 59.07 66.58 -23.93
N LEU P 217 58.87 67.15 -22.74
CA LEU P 217 57.53 67.49 -22.25
C LEU P 217 56.94 68.72 -22.95
N TYR P 218 57.70 69.79 -23.15
CA TYR P 218 57.17 70.99 -23.79
C TYR P 218 56.95 70.80 -25.29
N ARG P 219 57.73 69.95 -25.97
CA ARG P 219 57.46 69.57 -27.37
C ARG P 219 56.11 68.88 -27.49
N ASP P 220 55.82 67.93 -26.60
CA ASP P 220 54.52 67.27 -26.54
C ASP P 220 53.38 68.24 -26.22
N ARG P 221 53.54 69.11 -25.22
CA ARG P 221 52.51 70.08 -24.81
C ARG P 221 52.16 71.05 -25.93
N ILE P 222 53.16 71.57 -26.65
CA ILE P 222 52.94 72.47 -27.79
C ILE P 222 52.27 71.72 -28.95
N GLN P 223 52.73 70.51 -29.29
CA GLN P 223 52.12 69.72 -30.36
C GLN P 223 50.67 69.35 -30.03
N SER P 224 50.41 68.91 -28.80
CA SER P 224 49.06 68.57 -28.33
C SER P 224 48.12 69.77 -28.41
N ALA P 225 48.56 70.95 -27.98
CA ALA P 225 47.76 72.17 -28.06
C ALA P 225 47.42 72.59 -29.51
N LEU P 226 48.25 72.23 -30.49
CA LEU P 226 47.99 72.46 -31.91
C LEU P 226 47.05 71.42 -32.54
N GLU P 227 46.93 70.29 -31.88
CA GLU P 227 46.10 69.23 -32.38
C GLU P 227 45.03 68.94 -31.37
N GLU P 228 44.75 69.89 -30.46
CA GLU P 228 43.65 69.71 -29.51
C GLU P 228 42.49 70.03 -30.40
N GLU P 229 42.13 69.12 -31.32
CA GLU P 229 41.14 69.42 -32.37
C GLU P 229 40.26 68.28 -32.95
N ASN P 230 40.71 67.57 -33.99
CA ASN P 230 39.83 66.60 -34.72
C ASN P 230 39.66 65.17 -34.21
N MET P 231 38.75 64.39 -34.83
CA MET P 231 38.52 62.98 -34.44
C MET P 231 37.81 62.19 -35.58
N PHE P 232 37.76 60.86 -35.50
CA PHE P 232 36.99 60.14 -34.45
C PHE P 232 36.37 58.81 -34.92
N GLU P 233 36.71 57.67 -34.30
CA GLU P 233 36.09 56.36 -34.59
C GLU P 233 35.73 55.73 -33.22
N ILE P 234 34.54 55.14 -33.01
CA ILE P 234 34.18 54.46 -31.72
C ILE P 234 33.76 53.00 -31.85
N ALA P 235 34.45 52.08 -31.18
CA ALA P 235 34.00 50.64 -31.12
C ALA P 235 33.94 49.76 -32.41
N ALA P 236 33.97 48.42 -32.23
CA ALA P 236 33.83 47.46 -33.34
C ALA P 236 33.55 46.13 -32.67
N PRO P 237 32.95 45.17 -33.38
CA PRO P 237 32.79 43.90 -32.68
C PRO P 237 34.16 43.42 -32.27
N ASN P 238 35.16 43.78 -33.06
CA ASN P 238 36.53 43.33 -32.80
C ASN P 238 37.12 43.90 -31.50
N ALA P 239 38.27 43.38 -31.04
CA ALA P 239 39.03 43.93 -29.87
C ALA P 239 40.57 43.83 -30.04
N SER P 240 41.07 43.97 -31.28
CA SER P 240 42.52 43.92 -31.52
C SER P 240 42.98 44.98 -30.62
N GLU P 241 43.93 44.65 -29.80
CA GLU P 241 44.31 45.59 -28.81
C GLU P 241 44.92 46.73 -29.58
N LYS P 242 45.84 46.47 -30.50
CA LYS P 242 46.37 47.59 -31.30
C LYS P 242 45.30 48.60 -31.69
N THR P 243 44.14 48.14 -32.16
CA THR P 243 43.04 48.99 -32.59
C THR P 243 42.42 49.73 -31.39
N ILE P 244 42.29 49.06 -30.24
CA ILE P 244 41.79 49.67 -29.00
C ILE P 244 42.70 50.80 -28.55
N VAL P 245 44.00 50.55 -28.52
CA VAL P 245 45.00 51.56 -28.11
C VAL P 245 45.07 52.71 -29.10
N ASP P 246 45.07 52.45 -30.41
CA ASP P 246 45.04 53.51 -31.43
C ASP P 246 43.82 54.43 -31.25
N LYS P 247 42.65 53.86 -30.94
CA LYS P 247 41.44 54.61 -30.62
C LYS P 247 41.56 55.39 -29.30
N LEU P 248 42.19 54.81 -28.28
CA LEU P 248 42.45 55.50 -27.01
C LEU P 248 43.28 56.76 -27.24
N PHE P 249 44.44 56.59 -27.88
CA PHE P 249 45.40 57.70 -28.15
C PHE P 249 44.67 58.94 -28.68
N GLN P 250 43.56 58.73 -29.38
CA GLN P 250 42.77 59.86 -29.92
C GLN P 250 42.21 60.70 -28.76
N ARG P 251 41.67 60.03 -27.73
CA ARG P 251 40.75 60.71 -26.79
C ARG P 251 41.34 60.78 -25.37
N ASP P 252 42.36 59.97 -25.08
CA ASP P 252 42.97 59.99 -23.72
C ASP P 252 44.48 60.23 -23.80
N THR P 253 44.98 61.26 -23.11
CA THR P 253 46.43 61.57 -23.09
C THR P 253 46.97 61.46 -21.66
N LEU P 254 46.08 61.29 -20.68
CA LEU P 254 46.48 61.20 -19.25
C LEU P 254 47.37 59.97 -19.03
N VAL P 255 46.96 58.83 -19.60
CA VAL P 255 47.74 57.57 -19.47
C VAL P 255 49.09 57.76 -20.17
N ARG P 256 49.08 58.42 -21.33
CA ARG P 256 50.30 58.66 -22.14
C ARG P 256 51.41 59.29 -21.29
N GLN P 257 51.09 60.35 -20.53
CA GLN P 257 52.12 61.02 -19.74
C GLN P 257 52.87 60.06 -18.82
N SER P 258 52.18 59.07 -18.25
CA SER P 258 52.81 58.03 -17.44
C SER P 258 53.82 57.21 -18.24
N GLN P 259 53.50 56.86 -19.49
CA GLN P 259 54.46 56.18 -20.38
C GLN P 259 55.65 57.08 -20.74
N LEU P 260 55.45 58.40 -20.90
CA LEU P 260 56.57 59.33 -21.10
C LEU P 260 57.51 59.36 -19.89
N VAL P 261 56.98 59.30 -18.66
CA VAL P 261 57.78 59.18 -17.44
C VAL P 261 58.57 57.85 -17.43
N VAL P 262 57.93 56.74 -17.83
CA VAL P 262 58.62 55.45 -17.99
C VAL P 262 59.76 55.54 -19.01
N ASP P 263 59.49 56.07 -20.21
CA ASP P 263 60.47 56.23 -21.29
C ASP P 263 61.63 57.12 -20.86
N TRP P 264 61.34 58.20 -20.12
CA TRP P 264 62.33 59.09 -19.54
C TRP P 264 63.23 58.34 -18.55
N LEU P 265 62.66 57.61 -17.58
CA LEU P 265 63.43 56.84 -16.59
C LEU P 265 64.23 55.70 -17.23
N GLU P 266 63.69 55.06 -18.27
CA GLU P 266 64.40 54.05 -19.07
C GLU P 266 65.58 54.70 -19.84
N SER P 267 65.43 55.93 -20.31
CA SER P 267 66.52 56.68 -20.96
C SER P 267 67.66 57.01 -20.00
N ILE P 268 67.36 57.35 -18.73
CA ILE P 268 68.39 57.59 -17.70
C ILE P 268 69.18 56.31 -17.46
N ALA P 269 68.49 55.19 -17.22
CA ALA P 269 69.14 53.90 -17.02
C ALA P 269 69.98 53.48 -18.26
N LYS P 270 69.53 53.82 -19.47
CA LYS P 270 70.30 53.60 -20.70
C LYS P 270 71.60 54.42 -20.73
N ASP P 271 71.56 55.68 -20.32
CA ASP P 271 72.75 56.54 -20.24
C ASP P 271 73.78 56.02 -19.21
N GLU P 272 73.30 55.39 -18.13
CA GLU P 272 74.16 54.75 -17.12
C GLU P 272 74.79 53.45 -17.61
N VAL P 273 74.05 52.66 -18.40
CA VAL P 273 74.61 51.47 -19.06
C VAL P 273 75.74 51.89 -20.00
N GLY P 274 75.56 52.91 -20.83
CA GLY P 274 76.58 53.37 -21.78
C GLY P 274 77.18 52.22 -22.61
N ASP P 275 78.49 52.26 -22.86
CA ASP P 275 79.22 51.19 -23.58
C ASP P 275 79.38 49.90 -22.75
N PHE P 276 78.87 49.85 -21.51
CA PHE P 276 78.92 48.63 -20.71
C PHE P 276 78.16 47.49 -21.39
N SER P 277 77.13 47.78 -22.20
CA SER P 277 76.43 46.78 -23.03
C SER P 277 77.41 45.98 -23.92
N ASP P 278 78.41 46.66 -24.48
CA ASP P 278 79.45 46.02 -25.30
C ASP P 278 80.47 45.23 -24.46
N ASN P 279 80.75 45.68 -23.22
CA ASN P 279 81.68 44.98 -22.33
C ASN P 279 81.08 43.72 -21.68
N ILE P 280 79.76 43.65 -21.52
CA ILE P 280 79.05 42.43 -21.08
C ILE P 280 79.41 41.24 -21.99
N GLU P 281 79.71 41.48 -23.27
CA GLU P 281 80.09 40.46 -24.27
C GLU P 281 81.34 39.65 -23.87
N TYR P 282 82.25 40.22 -23.08
CA TYR P 282 83.46 39.51 -22.65
C TYR P 282 83.20 38.47 -21.56
N TYR P 283 82.17 38.67 -20.74
CA TYR P 283 81.91 37.86 -19.53
C TYR P 283 80.82 36.80 -19.72
N ALA P 284 79.91 36.97 -20.68
CA ALA P 284 78.71 36.13 -20.82
C ALA P 284 78.70 35.23 -22.08
N LYS P 285 79.87 34.57 -22.45
CA LYS P 285 80.07 33.74 -23.74
C LYS P 285 80.19 32.13 -23.84
N SER P 286 80.39 31.55 -25.07
CA SER P 286 80.62 30.06 -25.27
C SER P 286 81.98 29.63 -24.64
N VAL P 287 82.18 28.38 -24.17
CA VAL P 287 83.43 28.01 -23.40
C VAL P 287 84.10 26.64 -23.60
N TYR P 288 85.40 26.51 -23.29
CA TYR P 288 86.01 25.12 -23.29
C TYR P 288 85.37 24.17 -22.17
N TRP P 289 84.56 24.69 -21.21
CA TRP P 289 83.74 23.86 -20.21
C TRP P 289 84.20 22.54 -19.47
N GLU P 290 83.36 21.99 -18.55
CA GLU P 290 83.64 20.70 -17.84
C GLU P 290 82.37 19.79 -17.55
N ASN P 291 81.30 20.32 -16.96
CA ASN P 291 81.26 20.96 -15.62
C ASN P 291 80.40 20.12 -14.65
N THR P 292 79.12 20.44 -14.46
CA THR P 292 78.29 19.57 -13.66
C THR P 292 78.54 18.27 -14.39
N LEU P 293 78.73 18.35 -15.71
CA LEU P 293 78.94 17.18 -16.58
C LEU P 293 80.13 16.33 -16.10
N HIS P 294 81.25 16.96 -15.73
CA HIS P 294 82.42 16.26 -15.22
C HIS P 294 82.10 15.50 -13.93
N THR P 295 81.44 16.14 -12.96
CA THR P 295 81.04 15.52 -11.69
C THR P 295 80.06 14.36 -11.90
N LEU P 296 79.09 14.49 -12.82
CA LEU P 296 78.17 13.40 -13.16
C LEU P 296 78.89 12.20 -13.79
N LYS P 297 79.84 12.44 -14.71
CA LYS P 297 80.68 11.39 -15.29
C LYS P 297 81.55 10.72 -14.24
N GLN P 298 82.11 11.47 -13.29
CA GLN P 298 82.95 10.93 -12.23
C GLN P 298 82.16 10.08 -11.23
N ARG P 299 80.92 10.48 -10.87
CA ARG P 299 80.02 9.67 -10.03
C ARG P 299 79.64 8.33 -10.65
N SER P 300 79.45 8.30 -11.97
CA SER P 300 79.25 7.03 -12.69
C SER P 300 80.44 6.08 -12.57
N MET P 301 81.62 6.63 -12.25
CA MET P 301 82.85 5.82 -12.10
C MET P 301 82.89 5.23 -10.69
N LEU P 302 82.89 6.09 -9.66
CA LEU P 302 82.93 5.63 -8.25
C LEU P 302 81.88 6.43 -7.44
N SER P 303 81.42 5.84 -6.33
CA SER P 303 80.40 6.51 -5.46
C SER P 303 81.11 7.44 -4.47
N LEU P 304 81.61 8.59 -4.96
CA LEU P 304 82.48 9.47 -4.15
C LEU P 304 81.68 9.99 -2.94
N GLY P 305 82.31 9.99 -1.75
CA GLY P 305 81.66 10.45 -0.51
C GLY P 305 81.56 11.97 -0.47
N SER P 306 80.63 12.48 0.36
CA SER P 306 80.43 13.95 0.52
C SER P 306 80.17 14.62 -0.84
N SER P 307 79.32 14.01 -1.67
CA SER P 307 78.99 14.57 -3.01
C SER P 307 77.66 15.32 -2.93
N ARG P 308 77.68 16.61 -3.29
CA ARG P 308 76.46 17.47 -3.27
C ARG P 308 75.44 16.97 -4.30
N PRO P 309 74.13 16.95 -3.98
CA PRO P 309 73.14 16.49 -4.96
C PRO P 309 72.83 17.59 -5.99
N LEU P 310 73.24 17.36 -7.25
CA LEU P 310 73.02 18.34 -8.33
C LEU P 310 71.85 17.87 -9.19
N VAL P 311 71.27 18.77 -9.99
CA VAL P 311 70.23 18.41 -10.98
C VAL P 311 70.68 17.24 -11.87
N SER P 312 69.76 16.35 -12.22
CA SER P 312 70.03 15.20 -13.11
C SER P 312 69.70 15.48 -14.58
N GLU P 313 69.00 16.57 -14.87
CA GLU P 313 68.55 16.96 -16.22
C GLU P 313 68.98 18.41 -16.48
N LEU P 314 69.09 18.81 -17.75
CA LEU P 314 69.60 20.13 -18.17
C LEU P 314 68.54 20.99 -18.88
N ASP P 315 67.26 20.64 -18.75
CA ASP P 315 66.18 21.53 -19.19
C ASP P 315 66.05 22.75 -18.25
N PRO P 316 65.53 23.89 -18.75
CA PRO P 316 65.55 25.17 -18.01
C PRO P 316 64.89 25.15 -16.63
N ASP P 317 63.87 24.33 -16.43
CA ASP P 317 63.12 24.24 -15.16
C ASP P 317 63.63 23.11 -14.23
N ALA P 318 64.65 22.34 -14.63
CA ALA P 318 65.21 21.25 -13.83
C ALA P 318 65.59 21.65 -12.39
N PRO P 319 66.25 22.82 -12.13
CA PRO P 319 66.59 23.22 -10.76
C PRO P 319 65.37 23.38 -9.85
N ILE P 320 64.28 23.90 -10.39
CA ILE P 320 63.04 24.18 -9.67
C ILE P 320 62.24 22.89 -9.51
N ARG P 321 62.02 22.16 -10.62
CA ARG P 321 61.25 20.90 -10.65
C ARG P 321 61.87 19.84 -9.74
N GLN P 322 63.19 19.68 -9.79
CA GLN P 322 63.91 18.69 -8.99
C GLN P 322 64.27 19.20 -7.58
N LYS P 323 64.17 20.51 -7.33
CA LYS P 323 64.62 21.18 -6.10
C LYS P 323 66.09 20.88 -5.79
N LEU P 324 66.90 20.80 -6.84
CA LEU P 324 68.33 20.52 -6.77
C LEU P 324 69.11 21.67 -7.39
N PRO P 325 70.30 21.99 -6.86
CA PRO P 325 71.10 23.08 -7.37
C PRO P 325 71.89 22.69 -8.63
N LEU P 326 72.25 23.70 -9.41
CA LEU P 326 73.31 23.64 -10.42
C LEU P 326 74.69 23.63 -9.74
N ASP P 327 75.72 23.38 -10.55
CA ASP P 327 77.10 23.68 -10.15
C ASP P 327 77.23 25.15 -9.72
N ASP P 328 78.11 25.44 -8.75
CA ASP P 328 78.20 26.78 -8.18
C ASP P 328 78.67 27.83 -9.19
N LEU P 329 79.52 27.45 -10.17
CA LEU P 329 79.95 28.35 -11.25
C LEU P 329 78.79 28.66 -12.20
N ASP P 330 78.05 27.63 -12.63
CA ASP P 330 76.91 27.81 -13.54
C ASP P 330 75.80 28.64 -12.87
N ARG P 331 75.57 28.41 -11.57
CA ARG P 331 74.62 29.20 -10.78
C ARG P 331 75.04 30.66 -10.67
N GLU P 332 76.34 30.94 -10.51
CA GLU P 332 76.85 32.32 -10.46
C GLU P 332 76.71 33.00 -11.84
N ASP P 333 76.99 32.28 -12.92
CA ASP P 333 76.83 32.77 -14.29
C ASP P 333 75.37 33.08 -14.62
N ASP P 334 74.42 32.22 -14.20
CA ASP P 334 72.99 32.47 -14.34
C ASP P 334 72.55 33.73 -13.56
N ILE P 335 72.99 33.89 -12.31
CA ILE P 335 72.66 35.09 -11.50
C ILE P 335 73.22 36.35 -12.16
N ARG P 336 74.45 36.29 -12.70
CA ARG P 336 75.08 37.42 -13.38
C ARG P 336 74.34 37.76 -14.68
N LEU P 337 73.97 36.75 -15.48
CA LEU P 337 73.15 36.93 -16.68
C LEU P 337 71.80 37.58 -16.33
N LEU P 338 71.09 37.06 -15.33
CA LEU P 338 69.80 37.59 -14.91
C LEU P 338 69.88 39.05 -14.44
N LYS P 339 70.93 39.42 -13.70
CA LYS P 339 71.16 40.82 -13.32
C LYS P 339 71.32 41.70 -14.55
N TYR P 340 72.10 41.27 -15.55
CA TYR P 340 72.26 42.03 -16.80
C TYR P 340 70.98 42.12 -17.63
N LEU P 341 70.21 41.03 -17.71
CA LEU P 341 68.92 41.05 -18.40
C LEU P 341 67.96 42.05 -17.74
N PHE P 342 67.90 42.06 -16.40
CA PHE P 342 67.12 43.06 -15.68
C PHE P 342 67.60 44.48 -15.95
N THR P 343 68.91 44.74 -15.92
CA THR P 343 69.48 46.06 -16.27
C THR P 343 69.10 46.51 -17.68
N LEU P 344 69.16 45.61 -18.68
CA LEU P 344 68.75 45.93 -20.06
C LEU P 344 67.26 46.23 -20.16
N ILE P 345 66.41 45.48 -19.44
CA ILE P 345 64.97 45.72 -19.40
C ILE P 345 64.64 47.04 -18.71
N ARG P 346 65.31 47.36 -17.58
CA ARG P 346 65.20 48.63 -16.86
C ARG P 346 65.62 49.84 -17.71
N ALA P 347 66.50 49.62 -18.69
CA ALA P 347 66.93 50.62 -19.68
C ALA P 347 66.06 50.65 -20.95
N GLY P 348 64.93 49.95 -20.98
CA GLY P 348 64.05 49.86 -22.16
C GLY P 348 64.64 49.04 -23.33
N MET P 349 65.80 48.41 -23.16
CA MET P 349 66.54 47.67 -24.20
C MET P 349 66.14 46.18 -24.24
N THR P 350 64.83 45.91 -24.29
CA THR P 350 64.28 44.54 -24.30
C THR P 350 64.77 43.71 -25.48
N ASP P 351 65.05 44.34 -26.63
CA ASP P 351 65.62 43.65 -27.80
C ASP P 351 67.07 43.24 -27.58
N GLU P 352 67.87 44.06 -26.88
CA GLU P 352 69.23 43.69 -26.49
C GLU P 352 69.23 42.56 -25.46
N ALA P 353 68.29 42.58 -24.51
CA ALA P 353 68.10 41.48 -23.56
C ALA P 353 67.81 40.16 -24.29
N GLN P 354 66.92 40.17 -25.29
CA GLN P 354 66.63 38.99 -26.12
C GLN P 354 67.86 38.52 -26.92
N ARG P 355 68.63 39.45 -27.52
CA ARG P 355 69.87 39.12 -28.23
C ARG P 355 70.89 38.49 -27.28
N LEU P 356 71.04 39.04 -26.06
CA LEU P 356 71.91 38.50 -25.03
C LEU P 356 71.50 37.08 -24.63
N CYS P 357 70.21 36.84 -24.36
CA CYS P 357 69.71 35.49 -24.10
C CYS P 357 70.07 34.50 -25.21
N LYS P 358 69.86 34.86 -26.49
CA LYS P 358 70.20 34.01 -27.65
C LYS P 358 71.70 33.73 -27.73
N ARG P 359 72.55 34.75 -27.52
CA ARG P 359 74.02 34.61 -27.52
C ARG P 359 74.53 33.71 -26.40
N CYS P 360 73.96 33.81 -25.20
CA CYS P 360 74.33 32.98 -24.06
C CYS P 360 73.84 31.52 -24.16
N GLY P 361 73.11 31.14 -25.23
CA GLY P 361 72.56 29.80 -25.43
C GLY P 361 71.17 29.59 -24.81
N GLN P 362 70.53 30.65 -24.32
CA GLN P 362 69.23 30.60 -23.66
C GLN P 362 68.13 31.23 -24.53
N ALA P 363 68.04 30.77 -25.80
CA ALA P 363 67.03 31.24 -26.75
C ALA P 363 65.59 31.03 -26.26
N TRP P 364 65.36 30.03 -25.41
CA TRP P 364 64.08 29.81 -24.75
C TRP P 364 63.68 31.01 -23.88
N ARG P 365 64.62 31.61 -23.12
CA ARG P 365 64.35 32.79 -22.29
C ARG P 365 64.06 34.00 -23.15
N ALA P 366 64.79 34.16 -24.27
CA ALA P 366 64.49 35.21 -25.24
C ALA P 366 63.02 35.16 -25.70
N ALA P 367 62.50 33.96 -25.98
CA ALA P 367 61.10 33.78 -26.36
C ALA P 367 60.13 34.16 -25.21
N THR P 368 60.47 33.88 -23.95
CA THR P 368 59.64 34.30 -22.80
C THR P 368 59.52 35.82 -22.66
N LEU P 369 60.52 36.58 -23.12
CA LEU P 369 60.50 38.06 -23.10
C LEU P 369 59.64 38.66 -24.22
N GLU P 370 59.09 37.86 -25.14
CA GLU P 370 58.24 38.34 -26.24
C GLU P 370 56.74 38.24 -25.95
N GLY P 371 56.34 37.59 -24.85
CA GLY P 371 54.93 37.30 -24.60
C GLY P 371 54.09 38.53 -24.27
N TRP P 372 54.73 39.67 -23.96
CA TRP P 372 54.09 40.97 -23.79
C TRP P 372 53.78 41.69 -25.11
N LYS P 373 53.83 41.08 -26.31
CA LYS P 373 53.54 41.82 -27.56
C LYS P 373 52.04 41.80 -27.91
N LEU P 374 51.41 42.96 -28.14
CA LEU P 374 49.95 43.11 -28.33
C LEU P 374 49.49 42.32 -29.56
N TYR P 375 48.41 41.55 -29.42
CA TYR P 375 47.88 40.79 -30.55
C TYR P 375 47.30 41.73 -31.61
N HIS P 376 47.71 41.51 -32.87
CA HIS P 376 47.19 42.23 -34.01
C HIS P 376 47.16 41.35 -35.26
N ASP P 377 45.98 41.23 -35.86
CA ASP P 377 45.81 40.62 -37.17
C ASP P 377 45.29 41.67 -38.16
N ALA P 378 46.22 42.19 -38.96
CA ALA P 378 45.94 43.19 -39.99
C ALA P 378 44.99 42.65 -41.09
N ASN P 379 44.79 41.33 -41.20
CA ASN P 379 43.96 40.72 -42.23
C ASN P 379 42.46 40.74 -41.87
N ILE P 380 42.09 41.01 -40.61
CA ILE P 380 40.68 40.98 -40.15
C ILE P 380 39.81 41.99 -40.91
N ASN P 381 40.36 43.14 -41.31
CA ASN P 381 39.64 44.21 -42.00
C ASN P 381 39.72 44.13 -43.54
N GLY P 382 40.29 43.07 -44.14
CA GLY P 382 40.25 42.83 -45.59
C GLY P 382 41.24 43.62 -46.45
N GLY P 383 42.54 43.54 -46.14
CA GLY P 383 43.60 44.15 -46.96
C GLY P 383 43.83 43.46 -48.33
N THR P 384 44.40 44.20 -49.30
CA THR P 384 44.77 43.67 -50.63
C THR P 384 45.95 42.70 -50.59
N GLU P 385 46.84 42.84 -49.61
CA GLU P 385 47.99 41.97 -49.40
C GLU P 385 47.92 41.32 -48.01
N LEU P 386 48.20 40.01 -47.93
CA LEU P 386 48.24 39.28 -46.67
C LEU P 386 49.45 39.72 -45.85
N GLN P 387 49.20 40.24 -44.65
CA GLN P 387 50.23 40.65 -43.71
C GLN P 387 50.39 39.63 -42.58
N ALA P 388 51.58 39.56 -41.99
CA ALA P 388 51.88 38.57 -40.97
C ALA P 388 51.27 38.97 -39.61
N VAL P 389 50.59 38.04 -38.95
CA VAL P 389 49.99 38.24 -37.62
C VAL P 389 51.07 38.59 -36.58
N GLU P 390 50.80 39.61 -35.77
CA GLU P 390 51.71 40.14 -34.75
C GLU P 390 51.23 39.85 -33.33
N GLY P 391 52.18 39.81 -32.40
CA GLY P 391 51.91 39.64 -30.97
C GLY P 391 51.52 38.24 -30.54
N ASN P 392 51.09 38.14 -29.28
CA ASN P 392 50.77 36.89 -28.62
C ASN P 392 49.26 36.83 -28.31
N PRO P 393 48.47 36.00 -29.01
CA PRO P 393 47.03 35.86 -28.74
C PRO P 393 46.74 35.20 -27.38
N TYR P 394 47.74 34.59 -26.73
CA TYR P 394 47.63 33.95 -25.41
C TYR P 394 48.33 34.77 -24.31
N ARG P 395 48.34 36.10 -24.46
CA ARG P 395 48.93 37.05 -23.51
C ARG P 395 48.49 36.86 -22.08
N CYS P 396 47.20 36.69 -21.84
CA CYS P 396 46.65 36.52 -20.49
C CYS P 396 47.24 35.30 -19.78
N VAL P 397 47.38 34.17 -20.48
CA VAL P 397 48.04 32.96 -19.95
C VAL P 397 49.51 33.22 -19.67
N TRP P 398 50.22 33.84 -20.63
CA TRP P 398 51.62 34.19 -20.45
C TRP P 398 51.83 35.11 -19.24
N LYS P 399 51.01 36.15 -19.08
CA LYS P 399 51.07 37.13 -17.99
C LYS P 399 50.80 36.46 -16.64
N THR P 400 49.83 35.55 -16.58
CA THR P 400 49.55 34.74 -15.39
C THR P 400 50.74 33.84 -15.01
N CYS P 401 51.41 33.23 -16.00
CA CYS P 401 52.62 32.45 -15.75
C CYS P 401 53.76 33.34 -15.23
N CYS P 402 54.00 34.50 -15.85
CA CYS P 402 55.00 35.46 -15.38
C CYS P 402 54.74 35.92 -13.94
N TRP P 403 53.47 36.17 -13.59
CA TRP P 403 53.09 36.54 -12.22
C TRP P 403 53.44 35.43 -11.21
N ARG P 404 53.09 34.18 -11.51
CA ARG P 404 53.42 33.03 -10.65
C ARG P 404 54.93 32.83 -10.50
N MET P 405 55.68 33.00 -11.59
CA MET P 405 57.15 32.94 -11.55
C MET P 405 57.75 34.06 -10.68
N ALA P 406 57.17 35.26 -10.71
CA ALA P 406 57.62 36.37 -9.88
C ALA P 406 57.39 36.15 -8.37
N GLU P 407 56.33 35.41 -8.00
CA GLU P 407 56.00 35.10 -6.61
C GLU P 407 56.74 33.89 -6.04
N ASP P 408 57.24 33.01 -6.90
CA ASP P 408 57.93 31.81 -6.48
C ASP P 408 59.37 32.13 -6.01
N GLU P 409 59.60 31.98 -4.71
CA GLU P 409 60.89 32.25 -4.06
C GLU P 409 62.01 31.30 -4.47
N GLN P 410 61.70 30.20 -5.19
CA GLN P 410 62.72 29.32 -5.76
C GLN P 410 63.50 30.00 -6.89
N PHE P 411 62.91 31.01 -7.55
CA PHE P 411 63.57 31.82 -8.56
C PHE P 411 64.48 32.88 -7.95
N ASN P 412 65.52 33.26 -8.68
CA ASN P 412 66.39 34.35 -8.29
C ASN P 412 65.63 35.69 -8.27
N LYS P 413 66.02 36.60 -7.35
CA LYS P 413 65.41 37.93 -7.23
C LYS P 413 65.34 38.73 -8.54
N TYR P 414 66.35 38.65 -9.41
CA TYR P 414 66.34 39.35 -10.70
C TYR P 414 65.44 38.66 -11.73
N GLU P 415 65.34 37.33 -11.72
CA GLU P 415 64.39 36.61 -12.59
C GLU P 415 62.95 36.93 -12.19
N ARG P 416 62.68 36.95 -10.87
CA ARG P 416 61.40 37.40 -10.34
C ARG P 416 61.11 38.83 -10.76
N ALA P 417 62.07 39.74 -10.66
CA ALA P 417 61.91 41.13 -11.06
C ALA P 417 61.68 41.31 -12.58
N ILE P 418 62.34 40.53 -13.44
CA ILE P 418 62.12 40.53 -14.89
C ILE P 418 60.65 40.19 -15.19
N TYR P 419 60.16 39.09 -14.64
CA TYR P 419 58.79 38.65 -14.88
C TYR P 419 57.76 39.52 -14.15
N ALA P 420 58.12 40.13 -13.01
CA ALA P 420 57.31 41.11 -12.31
C ALA P 420 57.11 42.39 -13.17
N THR P 421 58.20 42.91 -13.75
CA THR P 421 58.17 44.06 -14.67
C THR P 421 57.25 43.79 -15.86
N LEU P 422 57.33 42.58 -16.41
CA LEU P 422 56.61 42.15 -17.61
C LEU P 422 55.14 41.77 -17.36
N SER P 423 54.75 41.58 -16.09
CA SER P 423 53.39 41.17 -15.71
C SER P 423 52.63 42.19 -14.86
N GLY P 424 53.27 43.30 -14.46
CA GLY P 424 52.66 44.31 -13.60
C GLY P 424 52.68 43.96 -12.10
N ASN P 425 53.59 43.10 -11.65
CA ASN P 425 53.67 42.71 -10.23
C ASN P 425 54.59 43.65 -9.42
N LEU P 426 54.05 44.79 -8.96
CA LEU P 426 54.84 45.79 -8.22
C LEU P 426 55.52 45.22 -6.98
N LYS P 427 54.81 44.39 -6.20
CA LYS P 427 55.32 43.81 -4.94
C LYS P 427 56.60 43.01 -5.15
N GLN P 428 56.70 42.28 -6.26
CA GLN P 428 57.88 41.45 -6.58
C GLN P 428 58.96 42.22 -7.34
N LEU P 429 58.64 43.39 -7.89
CA LEU P 429 59.59 44.28 -8.55
C LEU P 429 60.36 45.16 -7.57
N LEU P 430 59.67 45.76 -6.59
CA LEU P 430 60.26 46.67 -5.60
C LEU P 430 61.51 46.14 -4.87
N PRO P 431 61.66 44.84 -4.54
CA PRO P 431 62.83 44.33 -3.83
C PRO P 431 64.18 44.52 -4.54
N VAL P 432 64.20 44.74 -5.86
CA VAL P 432 65.44 45.00 -6.61
C VAL P 432 65.64 46.47 -7.00
N CYS P 433 64.64 47.33 -6.76
CA CYS P 433 64.73 48.77 -7.00
C CYS P 433 65.48 49.45 -5.85
N GLU P 434 66.66 50.01 -6.08
CA GLU P 434 67.49 50.54 -4.99
C GLU P 434 67.53 52.08 -4.92
N SER P 435 67.35 52.76 -6.05
CA SER P 435 67.32 54.23 -6.13
C SER P 435 65.90 54.79 -6.20
N TRP P 436 65.80 56.11 -6.09
CA TRP P 436 64.58 56.85 -6.35
C TRP P 436 64.08 56.60 -7.78
N GLU P 437 64.94 56.70 -8.80
CA GLU P 437 64.58 56.49 -10.20
C GLU P 437 64.04 55.07 -10.44
N ASP P 438 64.63 54.05 -9.82
CA ASP P 438 64.15 52.67 -9.92
C ASP P 438 62.77 52.49 -9.28
N THR P 439 62.53 53.17 -8.16
CA THR P 439 61.28 53.06 -7.41
C THR P 439 60.18 53.78 -8.18
N VAL P 440 60.39 55.02 -8.62
CA VAL P 440 59.46 55.75 -9.49
C VAL P 440 59.17 54.94 -10.75
N TRP P 441 60.21 54.40 -11.41
CA TRP P 441 60.04 53.59 -12.63
C TRP P 441 59.18 52.37 -12.38
N ALA P 442 59.38 51.65 -11.28
CA ALA P 442 58.58 50.47 -10.94
C ALA P 442 57.10 50.82 -10.79
N HIS P 443 56.78 51.90 -10.06
CA HIS P 443 55.40 52.35 -9.89
C HIS P 443 54.77 52.77 -11.22
N PHE P 444 55.43 53.63 -11.99
CA PHE P 444 54.91 54.10 -13.28
C PHE P 444 54.79 52.98 -14.31
N LYS P 445 55.76 52.05 -14.37
CA LYS P 445 55.72 50.90 -15.29
C LYS P 445 54.55 49.99 -15.00
N VAL P 446 54.31 49.67 -13.73
CA VAL P 446 53.18 48.82 -13.32
C VAL P 446 51.86 49.55 -13.50
N MET P 447 51.80 50.85 -13.20
CA MET P 447 50.62 51.68 -13.44
C MET P 447 50.21 51.66 -14.92
N VAL P 448 51.16 51.90 -15.85
CA VAL P 448 50.86 51.85 -17.29
C VAL P 448 50.39 50.47 -17.72
N ASP P 449 51.07 49.40 -17.28
CA ASP P 449 50.62 48.02 -17.59
C ASP P 449 49.20 47.78 -17.09
N SER P 450 48.90 48.17 -15.84
CA SER P 450 47.60 48.04 -15.20
C SER P 450 46.49 48.75 -15.98
N LEU P 451 46.69 50.01 -16.32
CA LEU P 451 45.72 50.82 -17.08
C LEU P 451 45.49 50.26 -18.49
N VAL P 452 46.55 49.84 -19.18
CA VAL P 452 46.48 49.24 -20.52
C VAL P 452 45.66 47.96 -20.54
N GLU P 453 45.91 47.07 -19.58
CA GLU P 453 45.18 45.79 -19.50
C GLU P 453 43.74 45.97 -19.04
N GLN P 454 43.45 46.94 -18.16
CA GLN P 454 42.07 47.30 -17.79
C GLN P 454 41.27 47.73 -19.03
N GLU P 455 41.85 48.57 -19.90
CA GLU P 455 41.20 48.99 -21.15
C GLU P 455 41.00 47.82 -22.14
N ILE P 456 42.00 46.95 -22.30
CA ILE P 456 41.90 45.75 -23.15
C ILE P 456 40.75 44.86 -22.68
N ARG P 457 40.66 44.60 -21.37
CA ARG P 457 39.61 43.77 -20.77
C ARG P 457 38.22 44.40 -20.89
N ALA P 458 38.13 45.72 -20.75
CA ALA P 458 36.88 46.44 -20.91
C ALA P 458 36.39 46.42 -22.38
N SER P 459 37.35 46.18 -23.28
CA SER P 459 37.01 46.04 -24.69
C SER P 459 36.45 44.65 -24.97
N ILE P 460 36.57 43.71 -24.03
CA ILE P 460 36.15 42.31 -24.29
C ILE P 460 34.63 42.11 -24.26
N ILE P 461 34.13 41.07 -24.96
CA ILE P 461 32.69 40.73 -24.95
C ILE P 461 32.45 39.37 -24.26
N SER P 462 33.32 38.38 -24.47
CA SER P 462 33.09 37.02 -23.92
C SER P 462 34.41 36.28 -23.61
N PHE P 463 34.64 35.07 -24.17
CA PHE P 463 35.95 34.35 -24.03
C PHE P 463 36.20 33.69 -22.67
N ASN P 464 37.28 32.91 -22.55
CA ASN P 464 37.61 32.22 -21.29
C ASN P 464 38.42 33.17 -20.37
N GLU P 465 39.34 32.68 -19.51
CA GLU P 465 40.08 33.55 -18.54
C GLU P 465 41.51 33.11 -18.15
N ALA P 466 42.52 33.99 -18.17
CA ALA P 466 43.88 33.63 -17.68
C ALA P 466 43.95 34.02 -16.21
N ASN P 467 43.00 34.84 -15.72
CA ASN P 467 42.99 35.32 -14.31
C ASN P 467 41.60 35.48 -13.60
N GLU P 468 41.55 35.36 -12.25
CA GLU P 468 40.52 35.95 -11.32
C GLU P 468 41.14 36.54 -10.03
N LEU P 469 41.81 37.69 -10.12
CA LEU P 469 42.48 38.28 -8.96
C LEU P 469 41.49 38.81 -7.96
N PRO P 470 41.78 38.70 -6.65
CA PRO P 470 40.96 39.33 -5.61
C PRO P 470 40.44 40.72 -6.01
N ARG P 471 39.32 41.14 -5.40
CA ARG P 471 38.63 42.40 -5.73
C ARG P 471 39.48 43.63 -5.46
N GLU P 472 40.35 43.55 -4.47
CA GLU P 472 41.33 44.57 -4.10
C GLU P 472 42.20 44.99 -5.30
N TYR P 473 42.38 44.08 -6.27
CA TYR P 473 43.12 44.33 -7.50
C TYR P 473 42.36 45.20 -8.51
N LEU P 474 41.03 45.06 -8.53
CA LEU P 474 40.14 45.71 -9.51
C LEU P 474 39.62 47.07 -9.02
N GLU P 475 39.53 47.23 -7.69
CA GLU P 475 39.04 48.49 -7.08
C GLU P 475 40.23 49.43 -6.83
N ALA P 476 41.44 48.94 -7.08
CA ALA P 476 42.67 49.76 -6.88
C ALA P 476 42.63 50.95 -7.85
N ASN P 477 43.00 52.14 -7.36
CA ASN P 477 42.99 53.37 -8.20
C ASN P 477 44.44 53.87 -8.32
N TRP P 478 44.90 54.12 -9.54
CA TRP P 478 46.29 54.59 -9.76
C TRP P 478 46.26 56.07 -10.18
N THR P 479 46.96 56.92 -9.44
CA THR P 479 47.03 58.38 -9.74
C THR P 479 48.46 58.88 -9.56
N LEU P 480 48.81 59.97 -10.24
CA LEU P 480 50.17 60.56 -10.14
C LEU P 480 50.52 60.78 -8.66
N ASP P 481 49.58 61.33 -7.89
CA ASP P 481 49.81 61.62 -6.47
C ASP P 481 50.05 60.36 -5.66
N SER P 482 49.24 59.31 -5.85
CA SER P 482 49.38 58.04 -5.13
C SER P 482 50.77 57.41 -5.30
N VAL P 483 51.41 57.58 -6.45
CA VAL P 483 52.78 57.09 -6.67
C VAL P 483 53.76 57.80 -5.74
N PHE P 484 53.67 59.13 -5.62
CA PHE P 484 54.58 59.89 -4.78
C PHE P 484 54.25 59.78 -3.27
N GLU P 485 52.99 59.52 -2.91
CA GLU P 485 52.60 59.16 -1.53
C GLU P 485 53.22 57.83 -1.11
N GLU P 486 53.21 56.81 -1.98
CA GLU P 486 53.86 55.51 -1.74
C GLU P 486 55.38 55.66 -1.61
N LEU P 487 56.00 56.53 -2.41
CA LEU P 487 57.42 56.85 -2.27
C LEU P 487 57.76 57.48 -0.90
N GLN P 488 56.88 58.32 -0.35
CA GLN P 488 57.06 58.88 0.99
C GLN P 488 56.85 57.83 2.10
N ALA P 489 56.04 56.80 1.83
CA ALA P 489 55.77 55.70 2.75
C ALA P 489 56.80 54.55 2.69
N THR P 490 57.79 54.62 1.79
CA THR P 490 58.80 53.57 1.63
C THR P 490 59.69 53.41 2.88
N ASP P 491 60.17 52.19 3.12
CA ASP P 491 61.12 51.86 4.20
C ASP P 491 62.59 52.01 3.78
N LYS P 492 62.83 52.28 2.48
CA LYS P 492 64.17 52.42 1.90
C LYS P 492 64.78 53.78 2.21
N LYS P 493 65.77 53.79 3.11
CA LYS P 493 66.50 55.00 3.53
C LYS P 493 67.05 55.82 2.37
N ARG P 494 67.70 55.17 1.40
CA ARG P 494 68.29 55.84 0.22
C ARG P 494 67.24 56.59 -0.59
N VAL P 495 66.09 55.95 -0.84
CA VAL P 495 64.98 56.56 -1.58
C VAL P 495 64.42 57.75 -0.82
N LEU P 496 64.25 57.64 0.51
CA LEU P 496 63.79 58.76 1.35
C LEU P 496 64.78 59.94 1.39
N GLU P 497 66.08 59.68 1.31
CA GLU P 497 67.13 60.69 1.23
C GLU P 497 67.11 61.37 -0.15
N GLU P 498 67.13 60.61 -1.25
CA GLU P 498 67.05 61.12 -2.62
C GLU P 498 65.73 61.88 -2.85
N ASN P 499 64.61 61.44 -2.28
CA ASN P 499 63.32 62.14 -2.41
C ASN P 499 63.30 63.56 -1.81
N ARG P 500 64.31 63.95 -1.02
CA ARG P 500 64.46 65.32 -0.47
C ARG P 500 65.41 66.19 -1.30
N GLU P 501 66.05 65.64 -2.32
CA GLU P 501 66.93 66.40 -3.19
C GLU P 501 66.14 67.32 -4.10
N HIS P 502 66.62 68.56 -4.26
CA HIS P 502 65.92 69.63 -4.96
C HIS P 502 65.44 69.23 -6.36
N TYR P 503 66.27 68.54 -7.16
CA TYR P 503 65.88 68.10 -8.51
C TYR P 503 64.78 67.04 -8.50
N HIS P 504 64.77 66.10 -7.56
CA HIS P 504 63.71 65.11 -7.47
C HIS P 504 62.39 65.73 -7.02
N ILE P 505 62.44 66.75 -6.14
CA ILE P 505 61.26 67.57 -5.80
C ILE P 505 60.73 68.30 -7.05
N ILE P 506 61.60 68.96 -7.82
CA ILE P 506 61.23 69.61 -9.09
C ILE P 506 60.60 68.60 -10.07
N GLN P 507 61.24 67.44 -10.28
CA GLN P 507 60.76 66.39 -11.17
C GLN P 507 59.37 65.90 -10.75
N LYS P 508 59.13 65.69 -9.44
CA LYS P 508 57.81 65.36 -8.90
C LYS P 508 56.77 66.40 -9.32
N PHE P 509 57.00 67.69 -9.04
CA PHE P 509 56.02 68.74 -9.37
C PHE P 509 55.83 68.92 -10.89
N VAL P 510 56.88 68.74 -11.68
CA VAL P 510 56.80 68.73 -13.16
C VAL P 510 55.92 67.57 -13.65
N ILE P 511 56.08 66.36 -13.10
CA ILE P 511 55.26 65.19 -13.40
C ILE P 511 53.80 65.43 -13.02
N LEU P 512 53.55 65.96 -11.81
CA LEU P 512 52.21 66.28 -11.30
C LEU P 512 51.54 67.46 -12.03
N ALA P 513 52.28 68.22 -12.85
CA ALA P 513 51.81 69.46 -13.47
C ALA P 513 51.40 70.56 -12.45
N ASP P 514 51.93 70.50 -11.23
CA ASP P 514 51.62 71.44 -10.16
C ASP P 514 52.70 72.53 -10.07
N VAL P 515 52.55 73.57 -10.90
CA VAL P 515 53.45 74.72 -10.93
C VAL P 515 53.32 75.54 -9.65
N ASP P 516 52.11 75.71 -9.10
CA ASP P 516 51.89 76.48 -7.88
C ASP P 516 52.61 75.87 -6.66
N GLY P 517 52.55 74.55 -6.51
CA GLY P 517 53.27 73.82 -5.47
C GLY P 517 54.78 73.90 -5.66
N LEU P 518 55.28 73.84 -6.90
CA LEU P 518 56.70 74.06 -7.18
C LEU P 518 57.16 75.48 -6.76
N MET P 519 56.33 76.50 -7.00
CA MET P 519 56.64 77.87 -6.58
C MET P 519 56.66 78.02 -5.05
N ASP P 520 55.87 77.25 -4.30
CA ASP P 520 55.94 77.24 -2.83
C ASP P 520 57.27 76.65 -2.34
N GLU P 521 57.73 75.55 -2.94
CA GLU P 521 59.05 74.98 -2.63
C GLU P 521 60.16 75.99 -2.91
N PHE P 522 60.11 76.69 -4.05
CA PHE P 522 61.09 77.74 -4.37
C PHE P 522 61.09 78.85 -3.32
N SER P 523 59.91 79.29 -2.88
CA SER P 523 59.77 80.29 -1.81
C SER P 523 60.37 79.79 -0.48
N GLU P 524 60.10 78.54 -0.12
CA GLU P 524 60.67 77.93 1.09
C GLU P 524 62.20 77.87 1.03
N TRP P 525 62.76 77.41 -0.09
CA TRP P 525 64.21 77.30 -0.29
C TRP P 525 64.92 78.66 -0.24
N LEU P 526 64.31 79.70 -0.83
CA LEU P 526 64.81 81.07 -0.74
C LEU P 526 64.75 81.61 0.70
N SER P 527 63.73 81.25 1.46
CA SER P 527 63.55 81.68 2.86
C SER P 527 64.52 81.00 3.84
N ASN P 528 64.82 79.72 3.62
CA ASN P 528 65.68 78.91 4.48
C ASN P 528 67.18 79.28 4.37
N GLY P 529 67.55 80.07 3.35
CA GLY P 529 68.85 80.74 3.28
C GLY P 529 69.37 80.86 1.86
N LYS P 530 69.22 82.06 1.26
CA LYS P 530 69.67 82.39 -0.11
C LYS P 530 71.10 81.97 -0.44
N ASN P 531 72.00 82.02 0.55
CA ASN P 531 73.42 81.67 0.36
C ASN P 531 73.70 80.16 0.34
N LEU P 532 72.74 79.33 0.75
CA LEU P 532 72.87 77.87 0.76
C LEU P 532 72.53 77.25 -0.61
N LEU P 533 71.79 77.97 -1.45
CA LEU P 533 71.44 77.51 -2.79
C LEU P 533 72.66 77.51 -3.70
N LEU P 534 72.89 76.38 -4.35
CA LEU P 534 73.98 76.21 -5.29
C LEU P 534 73.71 77.03 -6.57
N GLY P 535 74.74 77.65 -7.15
CA GLY P 535 74.59 78.56 -8.28
C GLY P 535 73.92 77.94 -9.52
N HIS P 536 74.23 76.67 -9.82
CA HIS P 536 73.58 75.93 -10.92
C HIS P 536 72.10 75.64 -10.66
N LEU P 537 71.69 75.41 -9.39
CA LEU P 537 70.29 75.27 -9.05
C LEU P 537 69.55 76.60 -9.25
N LEU P 538 70.13 77.73 -8.82
CA LEU P 538 69.55 79.05 -9.06
C LEU P 538 69.45 79.39 -10.56
N ARG P 539 70.45 79.02 -11.36
CA ARG P 539 70.38 79.10 -12.83
C ARG P 539 69.21 78.26 -13.35
N PHE P 540 69.14 76.99 -12.97
CA PHE P 540 68.06 76.09 -13.41
C PHE P 540 66.69 76.68 -13.06
N MET P 541 66.49 77.11 -11.81
CA MET P 541 65.25 77.75 -11.35
C MET P 541 64.92 78.97 -12.21
N THR P 542 65.89 79.85 -12.46
CA THR P 542 65.71 81.04 -13.31
C THR P 542 65.25 80.66 -14.72
N HIS P 543 65.96 79.75 -15.39
CA HIS P 543 65.63 79.34 -16.75
C HIS P 543 64.31 78.56 -16.82
N LEU P 544 63.95 77.80 -15.78
CA LEU P 544 62.65 77.14 -15.69
C LEU P 544 61.51 78.16 -15.59
N LEU P 545 61.70 79.25 -14.83
CA LEU P 545 60.72 80.34 -14.75
C LEU P 545 60.59 81.08 -16.09
N LEU P 546 61.72 81.34 -16.77
CA LEU P 546 61.71 81.94 -18.10
C LEU P 546 61.00 81.02 -19.13
N PHE P 547 61.19 79.71 -19.01
CA PHE P 547 60.48 78.71 -19.80
C PHE P 547 58.97 78.76 -19.54
N PHE P 548 58.54 78.74 -18.27
CA PHE P 548 57.12 78.87 -17.92
C PHE P 548 56.52 80.19 -18.39
N ARG P 549 57.26 81.31 -18.27
CA ARG P 549 56.86 82.62 -18.79
C ARG P 549 56.65 82.59 -20.31
N THR P 550 57.52 81.91 -21.06
CA THR P 550 57.38 81.73 -22.52
C THR P 550 56.12 80.93 -22.90
N LEU P 551 55.63 80.20 -21.91
CA LEU P 551 54.37 79.51 -22.07
C LEU P 551 53.24 80.33 -21.48
N GLY P 552 53.54 81.54 -21.03
CA GLY P 552 52.54 82.39 -20.42
C GLY P 552 52.12 81.76 -19.11
N LEU P 553 53.07 80.95 -18.63
CA LEU P 553 53.01 80.21 -17.35
C LEU P 553 54.07 80.80 -16.41
N GLN P 554 54.00 82.10 -16.15
CA GLN P 554 54.95 82.76 -15.22
C GLN P 554 54.73 82.23 -13.79
N ALA P 555 53.46 82.09 -13.37
CA ALA P 555 53.03 81.46 -12.09
C ALA P 555 53.55 82.14 -10.80
N LYS P 556 53.07 83.38 -10.49
CA LYS P 556 53.36 84.32 -9.33
C LYS P 556 54.51 85.28 -9.68
N GLU P 557 54.74 86.44 -9.00
CA GLU P 557 55.83 87.13 -9.73
C GLU P 557 56.75 87.94 -8.81
N GLU P 558 56.24 88.64 -7.82
CA GLU P 558 57.08 89.41 -6.86
C GLU P 558 58.27 88.57 -6.46
N VAL P 559 57.98 87.34 -6.25
CA VAL P 559 58.96 86.35 -5.81
C VAL P 559 59.92 86.02 -6.95
N SER P 560 59.41 85.86 -8.17
CA SER P 560 60.23 85.63 -9.37
C SER P 560 61.26 86.75 -9.58
N VAL P 561 60.81 88.01 -9.44
CA VAL P 561 61.65 89.21 -9.50
C VAL P 561 62.70 89.18 -8.39
N GLU P 562 62.35 88.78 -7.17
CA GLU P 562 63.29 88.75 -6.04
C GLU P 562 64.34 87.63 -6.15
N VAL P 563 63.97 86.47 -6.71
CA VAL P 563 64.93 85.40 -7.07
C VAL P 563 65.92 85.92 -8.10
N LEU P 564 65.43 86.50 -9.21
CA LEU P 564 66.27 87.07 -10.27
C LEU P 564 67.22 88.13 -9.70
N LYS P 565 66.73 89.07 -8.90
CA LYS P 565 67.52 90.10 -8.22
C LYS P 565 68.64 89.52 -7.36
N THR P 566 68.31 88.50 -6.57
CA THR P 566 69.28 87.86 -5.68
C THR P 566 70.35 87.12 -6.48
N TYR P 567 69.96 86.46 -7.58
CA TYR P 567 70.92 85.80 -8.47
C TYR P 567 71.80 86.80 -9.23
N ILE P 568 71.23 87.89 -9.76
CA ILE P 568 71.99 88.98 -10.40
C ILE P 568 73.00 89.58 -9.41
N GLN P 569 72.60 89.86 -8.17
CA GLN P 569 73.52 90.38 -7.14
C GLN P 569 74.64 89.38 -6.85
N ARG P 570 74.36 88.07 -6.85
CA ARG P 570 75.37 87.03 -6.69
C ARG P 570 76.36 87.04 -7.85
N LEU P 571 75.90 87.12 -9.10
CA LEU P 571 76.74 87.20 -10.29
C LEU P 571 77.63 88.45 -10.30
N ILE P 572 77.11 89.59 -9.83
CA ILE P 572 77.88 90.83 -9.66
C ILE P 572 79.01 90.61 -8.65
N ASN P 573 78.70 90.02 -7.48
CA ASN P 573 79.68 89.76 -6.44
C ASN P 573 80.78 88.78 -6.91
N GLU P 574 80.42 87.81 -7.76
CA GLU P 574 81.32 86.80 -8.34
C GLU P 574 82.00 87.27 -9.64
N LYS P 575 81.77 88.53 -10.06
CA LYS P 575 82.34 89.15 -11.28
C LYS P 575 82.04 88.41 -12.59
N GLN P 576 80.88 87.75 -12.67
CA GLN P 576 80.43 87.04 -13.88
C GLN P 576 79.76 88.00 -14.87
N ILE P 577 80.52 88.97 -15.39
CA ILE P 577 80.04 90.12 -16.19
C ILE P 577 79.21 89.68 -17.40
N GLU P 578 79.69 88.66 -18.12
CA GLU P 578 79.09 88.14 -19.37
C GLU P 578 77.66 87.61 -19.18
N LEU P 579 77.25 87.28 -17.95
CA LEU P 579 75.96 86.67 -17.66
C LEU P 579 74.88 87.68 -17.24
N ILE P 580 75.29 88.85 -16.74
CA ILE P 580 74.40 89.76 -15.99
C ILE P 580 73.32 90.37 -16.90
N ALA P 581 73.69 90.84 -18.09
CA ALA P 581 72.78 91.55 -18.98
C ALA P 581 71.53 90.73 -19.34
N PHE P 582 71.72 89.44 -19.61
CA PHE P 582 70.63 88.53 -19.93
C PHE P 582 69.65 88.33 -18.77
N TYR P 583 70.14 88.06 -17.55
CA TYR P 583 69.22 87.86 -16.42
C TYR P 583 68.51 89.16 -16.04
N VAL P 584 69.18 90.31 -16.21
CA VAL P 584 68.57 91.63 -15.99
C VAL P 584 67.46 91.91 -17.00
N SER P 585 67.55 91.42 -18.25
CA SER P 585 66.48 91.62 -19.25
C SER P 585 65.18 90.87 -18.92
N HIS P 586 65.27 89.91 -18.00
CA HIS P 586 64.08 89.14 -17.54
C HIS P 586 63.42 89.91 -16.40
N LEU P 587 63.77 91.19 -16.24
CA LEU P 587 63.22 92.07 -15.18
C LEU P 587 62.76 93.39 -15.82
N PRO P 588 61.83 94.15 -15.19
CA PRO P 588 61.38 95.41 -15.81
C PRO P 588 62.33 96.60 -15.62
N GLN P 589 62.64 97.28 -16.73
CA GLN P 589 63.49 98.49 -16.91
C GLN P 589 64.27 98.90 -15.65
N GLU P 590 63.60 99.68 -14.79
CA GLU P 590 64.10 100.26 -13.50
C GLU P 590 65.25 99.44 -12.88
N LEU P 591 64.96 98.22 -12.45
CA LEU P 591 65.99 97.38 -11.82
C LEU P 591 67.24 97.28 -12.70
N ALA P 592 67.06 97.21 -14.02
CA ALA P 592 68.17 97.19 -14.98
C ALA P 592 68.98 98.49 -14.87
N ILE P 593 68.31 99.64 -14.86
CA ILE P 593 68.94 100.97 -14.72
C ILE P 593 69.69 101.06 -13.40
N SER P 594 69.01 100.76 -12.27
CA SER P 594 69.61 100.89 -10.94
C SER P 594 70.80 99.94 -10.72
N GLN P 595 70.72 98.69 -11.18
CA GLN P 595 71.82 97.73 -11.01
C GLN P 595 73.00 98.02 -11.92
N TYR P 596 72.75 98.36 -13.20
CA TYR P 596 73.83 98.73 -14.09
C TYR P 596 74.53 100.00 -13.61
N ALA P 597 73.77 100.98 -13.09
CA ALA P 597 74.35 102.17 -12.50
C ALA P 597 75.28 101.86 -11.33
N VAL P 598 74.84 101.04 -10.36
CA VAL P 598 75.68 100.60 -9.24
C VAL P 598 76.92 99.84 -9.70
N PHE P 599 76.82 99.07 -10.79
CA PHE P 599 77.98 98.41 -11.41
C PHE P 599 78.98 99.45 -11.97
N LEU P 600 78.51 100.41 -12.77
CA LEU P 600 79.35 101.44 -13.40
C LEU P 600 80.03 102.35 -12.38
N GLU P 601 79.45 102.56 -11.19
CA GLU P 601 80.08 103.32 -10.09
C GLU P 601 81.44 102.73 -9.66
N ASN P 602 81.64 101.43 -9.85
CA ASN P 602 82.89 100.76 -9.49
C ASN P 602 83.96 100.81 -10.61
N ILE P 603 83.63 101.38 -11.78
CA ILE P 603 84.53 101.44 -12.94
C ILE P 603 85.22 102.80 -13.00
N THR P 604 86.53 102.78 -12.79
CA THR P 604 87.38 103.98 -12.82
C THR P 604 88.12 104.15 -14.14
N ASP P 605 88.39 103.07 -14.87
CA ASP P 605 89.21 103.09 -16.09
C ASP P 605 88.43 103.62 -17.31
N PRO P 606 88.89 104.67 -18.00
CA PRO P 606 88.14 105.30 -19.09
C PRO P 606 87.87 104.38 -20.28
N ASP P 607 88.81 103.49 -20.63
CA ASP P 607 88.63 102.55 -21.74
C ASP P 607 87.54 101.52 -21.39
N GLN P 608 87.54 101.00 -20.16
CA GLN P 608 86.46 100.15 -19.65
C GLN P 608 85.13 100.87 -19.58
N ARG P 609 85.10 102.16 -19.21
CA ARG P 609 83.86 102.96 -19.17
C ARG P 609 83.22 102.99 -20.56
N GLN P 610 83.99 103.36 -21.57
CA GLN P 610 83.50 103.39 -22.95
C GLN P 610 83.00 102.01 -23.39
N ARG P 611 83.77 100.95 -23.13
CA ARG P 611 83.37 99.58 -23.47
C ARG P 611 82.06 99.17 -22.81
N CYS P 612 81.82 99.55 -21.55
CA CYS P 612 80.55 99.25 -20.87
C CYS P 612 79.36 99.98 -21.50
N LEU P 613 79.53 101.24 -21.92
CA LEU P 613 78.45 101.96 -22.61
C LEU P 613 78.12 101.34 -23.97
N GLU P 614 79.15 100.89 -24.71
CA GLU P 614 78.97 100.16 -25.97
C GLU P 614 78.17 98.86 -25.75
N LEU P 615 78.57 98.06 -24.75
CA LEU P 615 77.86 96.83 -24.38
C LEU P 615 76.42 97.09 -23.92
N ALA P 616 76.18 98.14 -23.14
CA ALA P 616 74.85 98.52 -22.71
C ALA P 616 73.95 98.88 -23.90
N LYS P 617 74.50 99.62 -24.88
CA LYS P 617 73.80 99.97 -26.12
C LYS P 617 73.50 98.74 -26.99
N GLU P 618 74.46 97.84 -27.14
CA GLU P 618 74.29 96.57 -27.87
C GLU P 618 73.21 95.69 -27.23
N ALA P 619 73.04 95.90 -25.93
CA ALA P 619 71.93 95.25 -25.26
C ALA P 619 70.77 96.24 -25.47
N GLY P 620 70.45 97.06 -24.47
CA GLY P 620 69.32 98.00 -24.58
C GLY P 620 68.79 98.46 -23.23
N LEU P 621 69.47 99.43 -22.61
CA LEU P 621 68.92 100.26 -21.54
C LEU P 621 69.00 101.77 -21.89
N ASP P 622 68.30 102.62 -21.14
CA ASP P 622 68.29 104.07 -21.40
C ASP P 622 69.43 104.71 -20.65
N VAL P 623 70.61 104.73 -21.25
CA VAL P 623 71.77 105.28 -20.59
C VAL P 623 71.46 106.66 -20.12
N ALA P 624 70.61 107.35 -20.84
CA ALA P 624 70.42 108.76 -20.57
C ALA P 624 69.62 109.00 -19.28
N SER P 625 68.51 108.28 -19.11
CA SER P 625 67.71 108.34 -17.88
C SER P 625 68.44 107.74 -16.69
N ILE P 626 69.25 106.69 -16.91
CA ILE P 626 70.06 106.06 -15.87
C ILE P 626 71.08 107.05 -15.29
N THR P 627 71.94 107.64 -16.12
CA THR P 627 72.99 108.54 -15.62
C THR P 627 72.42 109.79 -14.96
N LYS P 628 71.31 110.32 -15.49
CA LYS P 628 70.53 111.38 -14.83
C LYS P 628 70.08 110.95 -13.44
N THR P 629 69.48 109.76 -13.32
CA THR P 629 68.99 109.23 -12.04
C THR P 629 70.12 109.03 -11.02
N VAL P 630 71.29 108.54 -11.45
CA VAL P 630 72.48 108.39 -10.59
C VAL P 630 72.87 109.73 -9.95
N VAL P 631 72.89 110.79 -10.76
CA VAL P 631 73.29 112.13 -10.32
C VAL P 631 72.23 112.73 -9.38
N GLU P 632 70.95 112.55 -9.71
CA GLU P 632 69.86 112.99 -8.84
C GLU P 632 69.84 112.27 -7.49
N ASN P 633 70.03 110.95 -7.47
CA ASN P 633 70.09 110.17 -6.25
C ASN P 633 71.24 110.65 -5.36
N THR P 634 72.42 110.88 -5.95
CA THR P 634 73.58 111.42 -5.23
C THR P 634 73.31 112.84 -4.69
N ARG P 635 72.60 113.69 -5.44
CA ARG P 635 72.17 115.03 -4.97
C ARG P 635 71.13 114.99 -3.83
N LYS P 636 70.25 113.99 -3.83
CA LYS P 636 69.12 113.82 -2.89
C LYS P 636 69.53 113.17 -1.57
N LYS P 637 70.68 112.46 -1.50
CA LYS P 637 71.20 111.86 -0.26
C LYS P 637 71.42 112.90 0.86
N ASP P 638 71.68 114.15 0.50
CA ASP P 638 71.83 115.27 1.45
C ASP P 638 70.52 116.03 1.67
N ALA P 639 69.95 115.87 2.87
CA ALA P 639 68.89 116.74 3.41
C ALA P 639 69.42 118.09 3.96
N GLY P 640 70.60 118.54 3.52
CA GLY P 640 71.17 119.81 3.96
C GLY P 640 70.31 120.99 3.48
N GLU P 641 69.56 121.62 4.40
CA GLU P 641 68.77 122.81 4.12
C GLU P 641 69.66 123.99 3.68
N PHE P 642 69.19 124.76 2.70
CA PHE P 642 69.72 126.09 2.36
C PHE P 642 69.46 127.08 3.52
N ALA P 643 70.29 127.05 4.56
CA ALA P 643 70.17 128.01 5.66
C ALA P 643 70.83 129.36 5.31
N HIS P 644 70.13 130.47 5.61
CA HIS P 644 70.68 131.82 5.51
C HIS P 644 71.80 132.03 6.54
N HIS P 645 72.76 132.91 6.21
CA HIS P 645 73.99 133.22 6.95
C HIS P 645 73.88 133.39 8.48
N ASP P 646 72.73 133.78 9.01
CA ASP P 646 72.59 134.12 10.42
C ASP P 646 72.64 132.89 11.35
N PHE P 647 72.53 131.66 10.81
CA PHE P 647 72.45 130.44 11.63
C PHE P 647 73.38 129.29 11.22
N ALA P 648 74.15 129.40 10.14
CA ALA P 648 75.13 128.37 9.79
C ALA P 648 76.47 128.66 10.49
N PRO P 649 76.99 127.76 11.36
CA PRO P 649 78.33 127.88 11.93
C PRO P 649 79.37 128.03 10.81
N ALA P 650 80.59 128.46 11.16
CA ALA P 650 81.73 128.40 10.25
C ALA P 650 81.93 126.96 9.73
N LEU P 651 81.22 126.63 8.65
CA LEU P 651 81.33 125.36 7.94
C LEU P 651 82.77 125.24 7.46
N ASP P 652 83.33 124.04 7.60
CA ASP P 652 84.62 123.72 7.02
C ASP P 652 84.57 124.06 5.53
N SER P 653 85.42 124.99 5.10
CA SER P 653 85.55 125.40 3.71
C SER P 653 86.24 124.32 2.85
N GLY P 654 86.77 123.27 3.46
CA GLY P 654 87.33 122.12 2.76
C GLY P 654 86.29 121.28 2.02
N THR P 655 86.73 120.67 0.92
CA THR P 655 85.96 119.65 0.18
C THR P 655 85.94 118.36 0.98
N SER P 656 84.79 117.99 1.55
CA SER P 656 84.60 116.73 2.27
C SER P 656 84.56 115.54 1.29
N GLU P 657 84.60 114.30 1.81
CA GLU P 657 84.41 113.09 0.99
C GLU P 657 83.01 113.04 0.33
N GLU P 658 81.99 113.57 1.03
CA GLU P 658 80.63 113.70 0.49
C GLU P 658 80.57 114.75 -0.63
N ASP P 659 81.30 115.86 -0.50
CA ASP P 659 81.44 116.84 -1.58
C ASP P 659 82.18 116.22 -2.79
N ARG P 660 83.23 115.43 -2.54
CA ARG P 660 83.99 114.71 -3.57
C ARG P 660 83.10 113.78 -4.38
N ALA P 661 82.22 113.02 -3.71
CA ALA P 661 81.25 112.16 -4.39
C ALA P 661 80.31 112.95 -5.31
N LYS P 662 79.85 114.14 -4.89
CA LYS P 662 79.02 115.04 -5.73
C LYS P 662 79.79 115.64 -6.89
N ILE P 663 81.08 115.88 -6.75
CA ILE P 663 81.94 116.35 -7.85
C ILE P 663 82.10 115.23 -8.89
N ASP P 664 82.43 114.02 -8.44
CA ASP P 664 82.76 112.90 -9.32
C ASP P 664 81.54 112.25 -9.97
N VAL P 665 80.32 112.49 -9.47
CA VAL P 665 79.10 111.96 -10.10
C VAL P 665 78.80 112.63 -11.45
N ILE P 666 79.28 113.87 -11.66
CA ILE P 666 79.09 114.60 -12.93
C ILE P 666 79.75 113.88 -14.11
N ASP P 667 80.83 113.14 -13.86
CA ASP P 667 81.54 112.38 -14.91
C ASP P 667 80.60 111.46 -15.68
N TRP P 668 79.57 110.89 -15.03
CA TRP P 668 78.56 110.06 -15.68
C TRP P 668 77.84 110.73 -16.84
N LEU P 669 77.50 112.02 -16.70
CA LEU P 669 76.81 112.80 -17.73
C LEU P 669 77.78 113.40 -18.75
N VAL P 670 79.07 113.45 -18.43
CA VAL P 670 80.09 114.01 -19.31
C VAL P 670 80.61 112.98 -20.33
N PHE P 671 80.43 111.68 -20.08
CA PHE P 671 80.82 110.61 -21.02
C PHE P 671 80.15 110.73 -22.39
N ASP P 672 78.96 111.34 -22.32
CA ASP P 672 78.12 111.74 -23.47
C ASP P 672 78.26 113.26 -23.56
N PRO P 673 78.63 113.84 -24.72
CA PRO P 673 78.81 115.30 -24.81
C PRO P 673 77.49 116.02 -24.52
N ALA P 674 76.37 115.46 -25.00
CA ALA P 674 75.08 116.18 -25.01
C ALA P 674 74.69 116.52 -23.57
N GLN P 675 74.89 115.57 -22.64
CA GLN P 675 74.61 115.78 -21.20
C GLN P 675 75.27 117.11 -20.79
N ARG P 676 74.43 118.10 -20.44
CA ARG P 676 74.96 119.43 -20.08
C ARG P 676 74.00 120.24 -19.21
N ALA P 677 72.70 120.17 -19.46
CA ALA P 677 71.68 120.82 -18.64
C ALA P 677 71.67 120.29 -17.18
N GLU P 678 71.70 118.96 -17.01
CA GLU P 678 71.79 118.33 -15.68
C GLU P 678 73.14 118.60 -15.02
N ALA P 679 74.25 118.54 -15.76
CA ALA P 679 75.58 118.90 -15.26
C ALA P 679 75.59 120.33 -14.67
N LEU P 680 74.94 121.27 -15.34
CA LEU P 680 74.80 122.65 -14.89
C LEU P 680 73.97 122.75 -13.60
N LYS P 681 72.80 122.10 -13.56
CA LYS P 681 71.92 122.09 -12.36
C LYS P 681 72.62 121.49 -11.14
N GLN P 682 73.29 120.35 -11.32
CA GLN P 682 73.97 119.65 -10.24
C GLN P 682 75.23 120.39 -9.77
N SER P 683 76.02 120.93 -10.70
CA SER P 683 77.20 121.75 -10.35
C SER P 683 76.80 123.02 -9.60
N ASN P 684 75.75 123.71 -10.03
CA ASN P 684 75.19 124.86 -9.32
C ASN P 684 74.79 124.49 -7.87
N ALA P 685 74.11 123.36 -7.67
CA ALA P 685 73.73 122.90 -6.34
C ALA P 685 74.95 122.62 -5.43
N ILE P 686 76.04 122.07 -5.97
CA ILE P 686 77.29 121.85 -5.22
C ILE P 686 77.98 123.19 -4.93
N MET P 687 78.07 124.08 -5.92
CA MET P 687 78.65 125.41 -5.75
C MET P 687 77.90 126.23 -4.70
N ARG P 688 76.56 126.14 -4.64
CA ARG P 688 75.77 126.79 -3.57
C ARG P 688 76.24 126.39 -2.17
N LYS P 689 76.46 125.08 -1.94
CA LYS P 689 76.97 124.57 -0.65
C LYS P 689 78.38 125.10 -0.36
N PHE P 690 79.28 125.07 -1.35
CA PHE P 690 80.65 125.56 -1.17
C PHE P 690 80.74 127.06 -0.92
N LEU P 691 79.94 127.85 -1.63
CA LEU P 691 79.85 129.30 -1.44
C LEU P 691 79.31 129.65 -0.05
N ALA P 692 78.28 128.95 0.42
CA ALA P 692 77.74 129.11 1.78
C ALA P 692 78.79 128.80 2.86
N SER P 693 79.68 127.84 2.58
CA SER P 693 80.74 127.39 3.46
C SER P 693 82.05 128.18 3.32
N LYS P 694 82.09 129.23 2.49
CA LYS P 694 83.28 130.01 2.14
C LYS P 694 84.45 129.19 1.55
N LYS P 695 84.15 128.06 0.91
CA LYS P 695 85.14 127.23 0.19
C LYS P 695 85.22 127.68 -1.27
N HIS P 696 85.70 128.91 -1.50
CA HIS P 696 85.73 129.51 -2.84
C HIS P 696 86.60 128.73 -3.83
N GLU P 697 87.72 128.16 -3.38
CA GLU P 697 88.58 127.36 -4.25
C GLU P 697 87.87 126.06 -4.71
N ALA P 698 87.18 125.36 -3.81
CA ALA P 698 86.36 124.20 -4.18
C ALA P 698 85.24 124.58 -5.18
N ALA P 699 84.57 125.73 -4.99
CA ALA P 699 83.57 126.22 -5.93
C ALA P 699 84.16 126.53 -7.31
N LYS P 700 85.37 127.09 -7.38
CA LYS P 700 86.10 127.30 -8.66
C LYS P 700 86.45 126.00 -9.33
N GLU P 701 86.88 125.00 -8.57
CA GLU P 701 87.19 123.67 -9.12
C GLU P 701 85.93 123.03 -9.75
N VAL P 702 84.78 123.09 -9.08
CA VAL P 702 83.50 122.65 -9.68
C VAL P 702 83.16 123.45 -10.94
N PHE P 703 83.30 124.77 -10.88
CA PHE P 703 83.03 125.63 -12.03
C PHE P 703 83.91 125.25 -13.24
N ALA P 704 85.18 124.95 -13.01
CA ALA P 704 86.14 124.56 -14.04
C ALA P 704 85.86 123.17 -14.65
N LYS P 705 85.12 122.29 -13.97
CA LYS P 705 84.66 121.00 -14.54
C LYS P 705 83.64 121.18 -15.65
N ILE P 706 82.87 122.28 -15.63
CA ILE P 706 81.85 122.56 -16.64
C ILE P 706 82.51 123.15 -17.90
N PRO P 707 82.40 122.50 -19.07
CA PRO P 707 82.96 123.01 -20.32
C PRO P 707 82.40 124.38 -20.69
N GLN P 708 83.21 125.25 -21.29
CA GLN P 708 82.83 126.64 -21.58
C GLN P 708 81.72 126.75 -22.63
N ASP P 709 81.61 125.75 -23.50
CA ASP P 709 80.57 125.60 -24.51
C ASP P 709 79.26 125.03 -23.97
N SER P 710 79.19 124.63 -22.68
CA SER P 710 78.01 123.97 -22.10
C SER P 710 76.71 124.75 -22.29
N ILE P 711 76.74 126.08 -22.16
CA ILE P 711 75.56 126.91 -22.37
C ILE P 711 75.15 126.85 -23.85
N ALA P 712 76.09 127.01 -24.78
CA ALA P 712 75.81 126.95 -26.22
C ALA P 712 75.29 125.57 -26.62
N GLU P 713 75.84 124.51 -26.04
CA GLU P 713 75.42 123.13 -26.26
C GLU P 713 73.98 122.88 -25.78
N ILE P 714 73.58 123.41 -24.61
CA ILE P 714 72.19 123.33 -24.12
C ILE P 714 71.21 123.97 -25.10
N TYR P 715 71.53 125.17 -25.62
CA TYR P 715 70.72 125.83 -26.63
C TYR P 715 70.67 125.03 -27.95
N SER P 716 71.82 124.55 -28.43
CA SER P 716 71.91 123.75 -29.66
C SER P 716 71.05 122.50 -29.59
N GLN P 717 71.09 121.76 -28.48
CA GLN P 717 70.31 120.54 -28.29
C GLN P 717 68.81 120.80 -28.23
N TRP P 718 68.41 121.92 -27.63
CA TRP P 718 67.00 122.32 -27.58
C TRP P 718 66.48 122.70 -28.97
N GLU P 719 67.27 123.44 -29.75
CA GLU P 719 66.95 123.78 -31.14
C GLU P 719 66.85 122.52 -32.04
N GLU P 720 67.75 121.54 -31.86
CA GLU P 720 67.75 120.28 -32.60
C GLU P 720 66.50 119.41 -32.34
N GLN P 721 65.92 119.47 -31.14
CA GLN P 721 64.67 118.76 -30.81
C GLN P 721 63.43 119.34 -31.50
N ALA P 722 63.62 120.28 -32.45
CA ALA P 722 62.58 120.93 -33.25
C ALA P 722 61.51 121.63 -32.39
N MET P 723 61.93 122.22 -31.28
CA MET P 723 61.07 123.00 -30.40
C MET P 723 61.29 124.50 -30.65
N ASP P 724 60.37 125.13 -31.40
CA ASP P 724 60.33 126.60 -31.60
C ASP P 724 59.97 127.39 -30.31
N SER P 725 59.95 126.73 -29.16
CA SER P 725 59.66 127.32 -27.85
C SER P 725 60.92 127.74 -27.10
N ALA P 726 60.77 128.70 -26.17
CA ALA P 726 61.83 129.02 -25.22
C ALA P 726 62.29 127.76 -24.44
N LEU P 727 63.54 127.78 -23.97
CA LEU P 727 64.06 126.75 -23.06
C LEU P 727 63.11 126.53 -21.88
N PRO P 728 63.11 125.31 -21.30
CA PRO P 728 62.47 125.05 -20.02
C PRO P 728 62.93 126.06 -18.97
N ALA P 729 61.99 126.53 -18.15
CA ALA P 729 62.26 127.50 -17.10
C ALA P 729 63.35 127.02 -16.12
N GLU P 730 63.42 125.72 -15.85
CA GLU P 730 64.48 125.12 -15.03
C GLU P 730 65.88 125.34 -15.61
N ASP P 731 66.05 125.09 -16.91
CA ASP P 731 67.34 125.16 -17.57
C ASP P 731 67.77 126.61 -17.77
N ASP P 732 66.84 127.51 -18.11
CA ASP P 732 67.10 128.95 -18.22
C ASP P 732 67.52 129.56 -16.86
N ASN P 733 66.81 129.21 -15.78
CA ASN P 733 67.17 129.62 -14.42
C ASN P 733 68.51 129.01 -13.97
N ALA P 734 68.82 127.77 -14.37
CA ALA P 734 70.10 127.14 -14.09
C ALA P 734 71.27 127.82 -14.84
N ILE P 735 71.08 128.21 -16.10
CA ILE P 735 72.05 129.01 -16.87
C ILE P 735 72.28 130.35 -16.18
N ARG P 736 71.21 131.03 -15.80
CA ARG P 736 71.29 132.30 -15.08
C ARG P 736 72.03 132.17 -13.74
N GLU P 737 71.72 131.13 -12.96
CA GLU P 737 72.40 130.82 -11.70
C GLU P 737 73.90 130.59 -11.93
N HIS P 738 74.27 129.83 -12.97
CA HIS P 738 75.65 129.59 -13.34
C HIS P 738 76.40 130.89 -13.70
N LEU P 739 75.76 131.78 -14.47
CA LEU P 739 76.32 133.10 -14.80
C LEU P 739 76.47 134.01 -13.57
N CYS P 740 75.53 133.94 -12.62
CA CYS P 740 75.65 134.62 -11.33
C CYS P 740 76.88 134.13 -10.57
N ILE P 741 77.06 132.80 -10.46
CA ILE P 741 78.20 132.19 -9.78
C ILE P 741 79.50 132.58 -10.47
N ARG P 742 79.56 132.55 -11.80
CA ARG P 742 80.72 133.01 -12.59
C ARG P 742 81.12 134.43 -12.23
N ALA P 743 80.19 135.38 -12.31
CA ALA P 743 80.46 136.79 -11.99
C ALA P 743 81.01 136.96 -10.57
N TYR P 744 80.47 136.19 -9.61
CA TYR P 744 80.93 136.20 -8.24
C TYR P 744 82.35 135.63 -8.09
N LEU P 745 82.64 134.47 -8.69
CA LEU P 745 83.97 133.86 -8.63
C LEU P 745 85.04 134.73 -9.29
N GLU P 746 84.76 135.31 -10.47
CA GLU P 746 85.66 136.24 -11.16
C GLU P 746 85.92 137.48 -10.30
N SER P 747 84.89 138.04 -9.63
CA SER P 747 85.06 139.20 -8.74
C SER P 747 85.94 138.90 -7.52
N HIS P 748 85.83 137.68 -6.98
CA HIS P 748 86.63 137.25 -5.84
C HIS P 748 88.09 136.98 -6.24
N GLU P 749 88.31 136.43 -7.44
CA GLU P 749 89.65 136.23 -7.99
C GLU P 749 90.36 137.55 -8.26
N ALA P 750 89.69 138.48 -8.96
CA ALA P 750 90.21 139.82 -9.19
C ALA P 750 90.54 140.52 -7.86
N PHE P 751 89.66 140.43 -6.85
CA PHE P 751 89.91 141.03 -5.54
C PHE P 751 91.14 140.41 -4.87
N ASN P 752 91.31 139.09 -4.94
CA ASN P 752 92.47 138.41 -4.37
C ASN P 752 93.77 138.79 -5.06
N GLU P 753 93.76 138.94 -6.40
CA GLU P 753 94.93 139.43 -7.15
C GLU P 753 95.28 140.86 -6.74
N TRP P 754 94.28 141.75 -6.71
CA TRP P 754 94.43 143.12 -6.22
C TRP P 754 94.95 143.17 -4.78
N PHE P 755 94.40 142.33 -3.89
CA PHE P 755 94.78 142.29 -2.48
C PHE P 755 96.21 141.78 -2.28
N LYS P 756 96.66 140.82 -3.09
CA LYS P 756 98.06 140.38 -3.09
C LYS P 756 98.97 141.52 -3.54
N HIS P 757 98.63 142.19 -4.64
CA HIS P 757 99.46 143.24 -5.23
C HIS P 757 99.56 144.51 -4.35
N ILE P 758 98.47 144.95 -3.73
CA ILE P 758 98.48 146.13 -2.84
C ILE P 758 99.34 145.91 -1.59
N ASN P 759 99.43 144.67 -1.12
CA ASN P 759 100.23 144.29 0.06
C ASN P 759 101.70 144.01 -0.26
N SER P 760 102.11 144.09 -1.53
CA SER P 760 103.51 143.94 -1.96
C SER P 760 104.09 145.21 -2.61
N PRO P 761 104.09 146.36 -1.92
CA PRO P 761 104.67 147.59 -2.46
C PRO P 761 106.21 147.48 -2.54
N PRO P 762 106.84 148.11 -3.55
CA PRO P 762 108.30 148.22 -3.61
C PRO P 762 108.86 148.86 -2.33
N GLN P 763 109.98 148.33 -1.82
CA GLN P 763 110.61 148.86 -0.61
C GLN P 763 111.45 150.08 -0.95
N LYS P 764 111.15 151.20 -0.27
CA LYS P 764 111.96 152.41 -0.39
C LYS P 764 113.37 152.16 0.16
N PRO P 765 114.44 152.38 -0.62
CA PRO P 765 115.81 152.21 -0.14
C PRO P 765 116.09 153.13 1.06
N THR P 766 116.76 152.58 2.08
CA THR P 766 117.19 153.33 3.27
C THR P 766 118.71 153.48 3.26
N LEU P 767 119.20 154.69 3.47
CA LEU P 767 120.62 155.00 3.52
C LEU P 767 121.18 154.76 4.93
N VAL P 768 122.14 153.84 5.09
CA VAL P 768 122.82 153.62 6.39
C VAL P 768 123.76 154.80 6.67
N GLY P 769 123.69 155.38 7.88
CA GLY P 769 124.23 156.70 8.22
C GLY P 769 125.74 156.95 8.06
N GLN P 770 126.55 155.93 7.70
CA GLN P 770 127.98 156.07 7.41
C GLN P 770 128.38 155.35 6.11
N ALA P 771 127.61 155.57 5.05
CA ALA P 771 127.84 154.94 3.75
C ALA P 771 129.08 155.49 3.01
N SER P 772 129.95 154.61 2.50
CA SER P 772 131.09 154.97 1.63
C SER P 772 130.64 155.66 0.33
N PHE P 773 131.54 156.34 -0.40
CA PHE P 773 131.20 156.99 -1.69
C PHE P 773 130.56 156.00 -2.68
N THR P 774 131.09 154.79 -2.77
CA THR P 774 130.53 153.67 -3.55
C THR P 774 129.13 153.27 -3.09
N GLU P 775 128.84 153.33 -1.80
CA GLU P 775 127.52 153.03 -1.25
C GLU P 775 126.49 154.14 -1.50
N LYS P 776 126.91 155.42 -1.54
CA LYS P 776 126.03 156.55 -1.92
C LYS P 776 125.62 156.48 -3.39
N VAL P 777 126.56 156.17 -4.29
CA VAL P 777 126.25 155.96 -5.72
C VAL P 777 125.35 154.73 -5.89
N ALA P 778 125.63 153.65 -5.15
CA ALA P 778 124.74 152.48 -5.13
C ALA P 778 123.34 152.82 -4.58
N HIS P 779 123.22 153.73 -3.61
CA HIS P 779 121.93 154.20 -3.10
C HIS P 779 121.17 155.02 -4.14
N GLU P 780 121.80 155.97 -4.83
CA GLU P 780 121.14 156.73 -5.89
C GLU P 780 120.63 155.81 -7.02
N HIS P 781 121.43 154.81 -7.41
CA HIS P 781 120.98 153.77 -8.34
C HIS P 781 119.80 152.94 -7.79
N LYS P 782 119.80 152.62 -6.49
CA LYS P 782 118.67 151.94 -5.83
C LYS P 782 117.42 152.83 -5.76
N GLU P 783 117.55 154.13 -5.55
CA GLU P 783 116.43 155.09 -5.46
C GLU P 783 115.78 155.31 -6.81
N LYS P 784 116.58 155.52 -7.88
CA LYS P 784 116.08 155.56 -9.27
C LYS P 784 115.37 154.26 -9.66
N LYS P 785 115.94 153.12 -9.27
CA LYS P 785 115.29 151.82 -9.48
C LYS P 785 113.96 151.74 -8.73
N TYR P 786 113.92 152.17 -7.47
CA TYR P 786 112.69 152.21 -6.67
C TYR P 786 111.60 153.09 -7.27
N GLU P 787 111.92 154.30 -7.76
CA GLU P 787 110.93 155.18 -8.39
C GLU P 787 110.32 154.54 -9.65
N MET P 788 111.15 153.88 -10.47
CA MET P 788 110.70 153.13 -11.64
C MET P 788 109.81 151.94 -11.24
N ASP P 789 110.26 151.12 -10.29
CA ASP P 789 109.52 149.96 -9.79
C ASP P 789 108.18 150.39 -9.14
N PHE P 790 108.16 151.52 -8.42
CA PHE P 790 106.96 152.10 -7.81
C PHE P 790 105.97 152.61 -8.86
N GLY P 791 106.46 153.26 -9.92
CA GLY P 791 105.63 153.69 -11.04
C GLY P 791 104.92 152.51 -11.73
N ILE P 792 105.66 151.42 -11.99
CA ILE P 792 105.11 150.18 -12.57
C ILE P 792 104.09 149.55 -11.60
N TRP P 793 104.44 149.41 -10.32
CA TRP P 793 103.55 148.86 -9.30
C TRP P 793 102.24 149.65 -9.19
N LYS P 794 102.31 150.98 -9.19
CA LYS P 794 101.13 151.85 -9.12
C LYS P 794 100.25 151.73 -10.37
N GLY P 795 100.85 151.70 -11.56
CA GLY P 795 100.12 151.48 -12.81
C GLY P 795 99.38 150.14 -12.84
N HIS P 796 100.04 149.06 -12.38
CA HIS P 796 99.41 147.75 -12.24
C HIS P 796 98.29 147.77 -11.19
N LEU P 797 98.48 148.46 -10.06
CA LEU P 797 97.46 148.58 -9.01
C LEU P 797 96.20 149.28 -9.53
N ASP P 798 96.36 150.35 -10.33
CA ASP P 798 95.23 151.09 -10.89
C ASP P 798 94.46 150.24 -11.92
N ALA P 799 95.15 149.46 -12.75
CA ALA P 799 94.54 148.49 -13.67
C ALA P 799 93.74 147.41 -12.93
N LEU P 800 94.35 146.77 -11.91
CA LEU P 800 93.68 145.77 -11.07
C LEU P 800 92.49 146.38 -10.31
N THR P 801 92.60 147.62 -9.85
CA THR P 801 91.50 148.33 -9.18
C THR P 801 90.31 148.52 -10.12
N SER P 802 90.58 148.89 -11.38
CA SER P 802 89.52 149.04 -12.39
C SER P 802 88.84 147.71 -12.69
N ASP P 803 89.62 146.64 -12.85
CA ASP P 803 89.09 145.29 -13.11
C ASP P 803 88.23 144.78 -11.94
N VAL P 804 88.74 144.85 -10.69
CA VAL P 804 87.96 144.48 -9.49
C VAL P 804 86.66 145.26 -9.38
N LYS P 805 86.70 146.56 -9.65
CA LYS P 805 85.53 147.43 -9.64
C LYS P 805 84.49 146.97 -10.66
N GLU P 806 84.92 146.70 -11.90
CA GLU P 806 84.04 146.18 -12.96
C GLU P 806 83.44 144.83 -12.58
N LYS P 807 84.26 143.87 -12.14
CA LYS P 807 83.79 142.53 -11.75
C LYS P 807 82.83 142.54 -10.57
N ILE P 808 83.09 143.35 -9.53
CA ILE P 808 82.15 143.47 -8.40
C ILE P 808 80.86 144.17 -8.84
N TYR P 809 80.92 145.17 -9.72
CA TYR P 809 79.69 145.77 -10.27
C TYR P 809 78.88 144.79 -11.11
N ASN P 810 79.50 143.88 -11.87
CA ASN P 810 78.78 142.83 -12.59
C ASN P 810 77.98 141.92 -11.65
N VAL P 811 78.41 141.75 -10.40
CA VAL P 811 77.65 141.03 -9.36
C VAL P 811 76.56 141.91 -8.76
N LEU P 812 76.88 143.12 -8.30
CA LEU P 812 75.94 144.01 -7.61
C LEU P 812 74.83 144.54 -8.52
N LEU P 813 75.13 144.71 -9.81
CA LEU P 813 74.25 145.26 -10.83
C LEU P 813 73.81 144.21 -11.86
N PHE P 814 73.85 142.92 -11.50
CA PHE P 814 73.46 141.81 -12.36
C PHE P 814 72.06 142.04 -12.96
N VAL P 815 71.91 141.85 -14.27
CA VAL P 815 70.72 142.27 -15.03
C VAL P 815 69.43 141.54 -14.61
N ASP P 816 68.28 142.13 -14.94
CA ASP P 816 66.94 141.51 -14.85
C ASP P 816 66.57 140.96 -13.45
N GLY P 817 66.50 141.82 -12.44
CA GLY P 817 66.03 141.46 -11.08
C GLY P 817 67.12 141.09 -10.07
N GLY P 818 68.38 141.01 -10.51
CA GLY P 818 69.55 140.90 -9.64
C GLY P 818 70.14 139.50 -9.50
N TRP P 819 71.27 139.46 -8.81
CA TRP P 819 72.11 138.26 -8.68
C TRP P 819 71.43 137.13 -7.90
N MET P 820 71.40 135.89 -8.43
CA MET P 820 70.73 134.74 -7.81
C MET P 820 69.23 134.97 -7.55
N VAL P 821 68.52 135.48 -8.55
CA VAL P 821 67.05 135.59 -8.58
C VAL P 821 66.56 134.96 -9.87
N ASP P 822 65.59 134.06 -9.78
CA ASP P 822 64.97 133.44 -10.96
C ASP P 822 64.12 134.47 -11.69
N VAL P 823 64.14 134.41 -13.04
CA VAL P 823 63.35 135.29 -13.90
C VAL P 823 62.11 134.55 -14.40
N ARG P 824 62.23 133.24 -14.59
CA ARG P 824 61.18 132.35 -15.07
C ARG P 824 60.54 131.64 -13.89
N GLU P 825 59.28 131.95 -13.60
CA GLU P 825 58.51 131.37 -12.49
C GLU P 825 57.59 130.22 -12.95
N ASP P 826 57.61 129.86 -14.23
CA ASP P 826 56.79 128.82 -14.85
C ASP P 826 57.32 127.39 -14.62
N THR P 827 58.11 127.19 -13.56
CA THR P 827 58.63 125.88 -13.13
C THR P 827 58.11 125.50 -11.73
N GLU P 828 58.20 124.21 -11.37
CA GLU P 828 57.90 123.76 -10.02
C GLU P 828 58.85 124.42 -9.00
N GLU P 829 58.30 124.90 -7.88
CA GLU P 829 59.09 125.50 -6.81
C GLU P 829 59.93 124.43 -6.10
N ASP P 830 61.25 124.54 -6.17
CA ASP P 830 62.18 123.83 -5.29
C ASP P 830 62.45 124.70 -4.04
N PRO P 831 61.78 124.43 -2.90
CA PRO P 831 61.90 125.26 -1.70
C PRO P 831 63.31 125.22 -1.11
N GLU P 832 64.04 124.11 -1.27
CA GLU P 832 65.40 123.99 -0.79
C GLU P 832 66.31 124.90 -1.62
N ARG P 833 66.18 124.88 -2.95
CA ARG P 833 66.94 125.76 -3.85
C ARG P 833 66.63 127.23 -3.61
N SER P 834 65.38 127.63 -3.58
CA SER P 834 65.00 129.03 -3.36
C SER P 834 65.49 129.54 -2.00
N HIS P 835 65.45 128.70 -0.95
CA HIS P 835 66.01 129.04 0.35
C HIS P 835 67.52 129.27 0.28
N GLN P 836 68.27 128.36 -0.34
CA GLN P 836 69.72 128.47 -0.50
C GLN P 836 70.11 129.72 -1.30
N MET P 837 69.36 130.08 -2.35
CA MET P 837 69.61 131.30 -3.13
C MET P 837 69.42 132.57 -2.29
N VAL P 838 68.37 132.64 -1.47
CA VAL P 838 68.14 133.77 -0.55
C VAL P 838 69.25 133.88 0.48
N LEU P 839 69.72 132.77 1.04
CA LEU P 839 70.85 132.75 1.97
C LEU P 839 72.14 133.24 1.31
N LEU P 840 72.45 132.76 0.11
CA LEU P 840 73.62 133.20 -0.64
C LEU P 840 73.56 134.69 -0.98
N ARG P 841 72.39 135.23 -1.31
CA ARG P 841 72.21 136.67 -1.52
C ARG P 841 72.54 137.48 -0.26
N ARG P 842 72.03 137.05 0.90
CA ARG P 842 72.32 137.68 2.21
C ARG P 842 73.79 137.55 2.60
N LEU P 843 74.47 136.52 2.12
CA LEU P 843 75.87 136.27 2.37
C LEU P 843 76.79 137.09 1.45
N CYS P 844 76.63 136.91 0.14
CA CYS P 844 77.58 137.32 -0.89
C CYS P 844 77.46 138.80 -1.23
N LEU P 845 76.24 139.35 -1.31
CA LEU P 845 76.03 140.73 -1.77
C LEU P 845 76.53 141.78 -0.77
N PRO P 846 76.25 141.69 0.55
CA PRO P 846 76.87 142.58 1.53
C PRO P 846 78.39 142.48 1.50
N MET P 847 78.93 141.25 1.44
CA MET P 847 80.37 141.02 1.36
C MET P 847 80.98 141.72 0.14
N MET P 848 80.41 141.56 -1.05
CA MET P 848 80.87 142.23 -2.27
C MET P 848 80.85 143.75 -2.14
N CYS P 849 79.81 144.33 -1.53
CA CYS P 849 79.75 145.76 -1.27
C CYS P 849 80.87 146.23 -0.35
N PHE P 850 81.18 145.47 0.72
CA PHE P 850 82.28 145.79 1.62
C PHE P 850 83.66 145.64 0.98
N LEU P 851 83.86 144.62 0.13
CA LEU P 851 85.12 144.45 -0.62
C LEU P 851 85.32 145.61 -1.58
N LEU P 852 84.27 146.00 -2.32
CA LEU P 852 84.34 147.15 -3.23
C LEU P 852 84.61 148.46 -2.49
N HIS P 853 83.95 148.71 -1.35
CA HIS P 853 84.26 149.86 -0.49
C HIS P 853 85.73 149.85 -0.07
N THR P 854 86.25 148.70 0.35
CA THR P 854 87.65 148.56 0.77
C THR P 854 88.63 148.87 -0.36
N VAL P 855 88.35 148.37 -1.58
CA VAL P 855 89.15 148.63 -2.78
C VAL P 855 89.16 150.12 -3.11
N LEU P 856 87.98 150.74 -3.18
CA LEU P 856 87.82 152.15 -3.52
C LEU P 856 88.43 153.08 -2.45
N HIS P 857 88.27 152.74 -1.16
CA HIS P 857 88.81 153.52 -0.05
C HIS P 857 90.34 153.47 -0.02
N ASN P 858 90.94 152.28 -0.15
CA ASN P 858 92.39 152.11 -0.14
C ASN P 858 93.07 152.73 -1.37
N THR P 859 92.36 152.82 -2.49
CA THR P 859 92.83 153.45 -3.73
C THR P 859 92.47 154.94 -3.82
N LYS P 860 91.92 155.52 -2.73
CA LYS P 860 91.54 156.94 -2.58
C LYS P 860 90.42 157.41 -3.53
N GLN P 861 89.62 156.50 -4.06
CA GLN P 861 88.43 156.80 -4.87
C GLN P 861 87.22 157.06 -3.95
N TYR P 862 87.34 158.00 -3.01
CA TYR P 862 86.34 158.20 -1.94
C TYR P 862 84.97 158.63 -2.46
N LYS P 863 84.91 159.37 -3.56
CA LYS P 863 83.65 159.73 -4.23
C LYS P 863 82.88 158.50 -4.71
N ASP P 864 83.60 157.51 -5.27
CA ASP P 864 83.00 156.27 -5.72
C ASP P 864 82.56 155.39 -4.54
N CYS P 865 83.22 155.48 -3.38
CA CYS P 865 82.72 154.84 -2.16
C CYS P 865 81.30 155.31 -1.83
N LEU P 866 81.01 156.61 -1.95
CA LEU P 866 79.69 157.17 -1.62
C LEU P 866 78.61 156.75 -2.60
N ARG P 867 78.95 156.55 -3.88
CA ARG P 867 78.04 156.01 -4.91
C ARG P 867 77.52 154.61 -4.57
N LEU P 868 78.21 153.86 -3.70
CA LEU P 868 77.70 152.58 -3.21
C LEU P 868 76.38 152.73 -2.46
N ALA P 869 76.11 153.88 -1.81
CA ALA P 869 74.83 154.16 -1.17
C ALA P 869 73.69 154.20 -2.18
N ASP P 870 73.91 154.83 -3.34
CA ASP P 870 72.93 154.90 -4.44
C ASP P 870 72.66 153.50 -5.01
N ILE P 871 73.71 152.68 -5.14
CA ILE P 871 73.60 151.31 -5.65
C ILE P 871 72.84 150.42 -4.67
N VAL P 872 73.17 150.48 -3.37
CA VAL P 872 72.50 149.66 -2.34
C VAL P 872 71.04 150.06 -2.16
N SER P 873 70.72 151.36 -2.29
CA SER P 873 69.35 151.88 -2.20
C SER P 873 68.53 151.76 -3.49
N SER P 874 69.16 151.35 -4.61
CA SER P 874 68.48 151.23 -5.89
C SER P 874 67.33 150.22 -5.86
N GLU P 875 66.16 150.64 -6.32
CA GLU P 875 64.97 149.79 -6.46
C GLU P 875 65.09 148.75 -7.58
N ASN P 876 66.07 148.90 -8.48
CA ASN P 876 66.26 147.96 -9.59
C ASN P 876 66.75 146.60 -9.08
N GLN P 877 67.69 146.62 -8.14
CA GLN P 877 68.32 145.40 -7.60
C GLN P 877 67.90 145.09 -6.16
N LYS P 878 67.25 146.05 -5.48
CA LYS P 878 66.74 145.96 -4.10
C LYS P 878 67.77 145.40 -3.13
N LEU P 879 69.04 145.79 -3.30
CA LEU P 879 70.14 145.26 -2.49
C LEU P 879 69.93 145.55 -1.00
N TYR P 880 69.29 146.68 -0.64
CA TYR P 880 68.94 147.01 0.75
C TYR P 880 68.14 145.92 1.49
N THR P 881 67.43 145.03 0.79
CA THR P 881 66.64 143.93 1.39
C THR P 881 67.48 142.76 1.89
N VAL P 882 68.71 142.59 1.38
CA VAL P 882 69.57 141.47 1.74
C VAL P 882 70.55 141.80 2.85
N PHE P 883 70.73 143.08 3.18
CA PHE P 883 71.58 143.52 4.28
C PHE P 883 70.87 143.33 5.63
N SER P 884 71.58 142.76 6.59
CA SER P 884 71.18 142.81 7.99
C SER P 884 71.30 144.23 8.57
N LYS P 885 70.63 144.49 9.71
CA LYS P 885 70.72 145.79 10.40
C LYS P 885 72.14 146.14 10.85
N THR P 886 72.94 145.13 11.21
CA THR P 886 74.34 145.29 11.62
C THR P 886 75.21 145.63 10.42
N GLU P 887 75.05 144.93 9.30
CA GLU P 887 75.78 145.22 8.06
C GLU P 887 75.45 146.61 7.51
N MET P 888 74.17 147.00 7.51
CA MET P 888 73.77 148.33 7.08
C MET P 888 74.41 149.43 7.94
N ARG P 889 74.48 149.23 9.26
CA ARG P 889 75.18 150.16 10.17
C ARG P 889 76.68 150.23 9.85
N ASN P 890 77.31 149.08 9.61
CA ASN P 890 78.73 149.01 9.27
C ASN P 890 79.03 149.67 7.91
N LEU P 891 78.14 149.51 6.93
CA LEU P 891 78.26 150.19 5.64
C LEU P 891 78.20 151.71 5.82
N LEU P 892 77.21 152.23 6.55
CA LEU P 892 77.10 153.66 6.83
C LEU P 892 78.30 154.22 7.59
N GLN P 893 78.89 153.46 8.52
CA GLN P 893 80.12 153.84 9.21
C GLN P 893 81.30 153.94 8.23
N LYS P 894 81.47 152.94 7.35
CA LYS P 894 82.51 152.93 6.30
C LYS P 894 82.33 154.07 5.29
N LEU P 895 81.09 154.39 4.92
CA LEU P 895 80.80 155.53 4.05
C LEU P 895 81.14 156.87 4.73
N ARG P 896 80.83 157.00 6.02
CA ARG P 896 81.24 158.16 6.83
C ARG P 896 82.76 158.32 6.87
N GLU P 897 83.51 157.23 7.04
CA GLU P 897 84.98 157.25 7.00
C GLU P 897 85.52 157.78 5.67
N SER P 898 84.96 157.31 4.54
CA SER P 898 85.31 157.85 3.21
C SER P 898 84.92 159.32 3.04
N SER P 899 83.78 159.74 3.59
CA SER P 899 83.33 161.16 3.55
C SER P 899 84.25 162.09 4.35
N LEU P 900 84.77 161.64 5.49
CA LEU P 900 85.77 162.39 6.26
C LEU P 900 87.06 162.59 5.47
N MET P 901 87.51 161.56 4.73
CA MET P 901 88.71 161.67 3.88
C MET P 901 88.52 162.66 2.71
N LEU P 902 87.29 162.83 2.20
CA LEU P 902 86.98 163.86 1.21
C LEU P 902 87.09 165.28 1.78
N LEU P 903 86.66 165.49 3.03
CA LEU P 903 86.80 166.77 3.73
C LEU P 903 88.28 167.13 3.96
N ASP P 904 89.12 166.14 4.29
CA ASP P 904 90.57 166.33 4.41
C ASP P 904 91.22 166.74 3.06
N LEU P 905 90.61 166.37 1.94
CA LEU P 905 91.01 166.78 0.58
C LEU P 905 90.40 168.13 0.14
N GLN P 906 89.75 168.88 1.05
CA GLN P 906 89.08 170.16 0.78
C GLN P 906 87.91 170.05 -0.21
N LEU P 907 87.28 168.88 -0.32
CA LEU P 907 86.05 168.66 -1.06
C LEU P 907 84.85 168.65 -0.11
N ASP P 908 83.64 168.79 -0.65
CA ASP P 908 82.43 168.62 0.14
C ASP P 908 82.26 167.15 0.60
N PRO P 909 81.34 166.86 1.53
CA PRO P 909 81.12 165.50 2.02
C PRO P 909 80.73 164.46 0.95
N LEU P 910 80.37 164.89 -0.27
CA LEU P 910 79.95 164.07 -1.41
C LEU P 910 81.00 164.03 -2.54
N GLY P 911 82.13 164.72 -2.38
CA GLY P 911 83.24 164.76 -3.34
C GLY P 911 83.03 165.74 -4.50
N TYR P 912 82.29 166.81 -4.30
CA TYR P 912 82.22 167.97 -5.19
C TYR P 912 83.12 169.09 -4.67
N GLU P 913 83.60 169.94 -5.57
CA GLU P 913 84.37 171.13 -5.18
C GLU P 913 83.50 172.05 -4.33
N ILE P 914 83.99 172.44 -3.16
CA ILE P 914 83.32 173.42 -2.30
C ILE P 914 83.33 174.74 -3.06
N GLN P 915 82.17 175.15 -3.59
CA GLN P 915 82.01 176.49 -4.16
C GLN P 915 82.29 177.48 -3.03
N SER P 916 83.37 178.25 -3.20
CA SER P 916 83.88 179.25 -2.23
C SER P 916 82.84 180.29 -1.86
N SER Q 121 165.54 125.35 50.65
CA SER Q 121 164.68 125.00 51.81
C SER Q 121 165.44 124.28 52.93
N PHE Q 122 166.48 123.51 52.59
CA PHE Q 122 167.23 122.75 53.60
C PHE Q 122 168.14 123.68 54.42
N THR Q 123 168.66 124.74 53.79
CA THR Q 123 169.49 125.73 54.49
C THR Q 123 168.69 126.62 55.44
N GLU Q 124 167.48 127.05 55.06
CA GLU Q 124 166.60 127.84 55.95
C GLU Q 124 166.08 127.03 57.14
N ASP Q 125 165.74 125.75 56.93
CA ASP Q 125 165.32 124.85 58.01
C ASP Q 125 166.43 124.57 59.04
N ILE Q 126 167.68 124.44 58.55
CA ILE Q 126 168.84 124.24 59.42
C ILE Q 126 169.13 125.51 60.22
N THR Q 127 169.04 126.69 59.60
CA THR Q 127 169.28 127.95 60.32
C THR Q 127 168.23 128.18 61.39
N LEU Q 128 166.93 127.98 61.10
CA LEU Q 128 165.88 128.15 62.11
C LEU Q 128 166.03 127.15 63.27
N SER Q 129 166.27 125.86 62.96
CA SER Q 129 166.52 124.85 64.01
C SER Q 129 167.74 125.18 64.86
N ALA Q 130 168.79 125.76 64.26
CA ALA Q 130 170.00 126.17 64.96
C ALA Q 130 169.80 127.45 65.80
N VAL Q 131 168.97 128.39 65.34
CA VAL Q 131 168.58 129.59 66.08
C VAL Q 131 167.73 129.22 67.30
N MET Q 132 166.73 128.35 67.13
CA MET Q 132 165.90 127.87 68.25
C MET Q 132 166.71 127.12 69.32
N LEU Q 133 167.77 126.41 68.92
CA LEU Q 133 168.69 125.77 69.88
C LEU Q 133 169.48 126.77 70.74
N GLN Q 134 169.52 128.06 70.38
CA GLN Q 134 170.14 129.12 71.19
C GLN Q 134 169.15 129.77 72.18
N GLU Q 135 167.85 129.55 72.02
CA GLU Q 135 166.84 130.07 72.94
C GLU Q 135 166.77 129.25 74.23
N GLU Q 136 166.48 129.92 75.36
CA GLU Q 136 166.41 129.26 76.67
C GLU Q 136 165.27 128.22 76.74
N ASP Q 137 164.21 128.41 75.96
CA ASP Q 137 163.13 127.44 75.77
C ASP Q 137 162.65 127.39 74.30
N PRO Q 138 163.16 126.44 73.49
CA PRO Q 138 162.76 126.27 72.10
C PRO Q 138 161.26 125.97 71.93
N GLY Q 139 160.62 125.35 72.93
CA GLY Q 139 159.20 125.03 72.86
C GLY Q 139 158.35 126.28 72.95
N GLU Q 140 158.63 127.13 73.94
CA GLU Q 140 157.88 128.38 74.14
C GLU Q 140 158.06 129.33 72.96
N ALA Q 141 159.27 129.48 72.44
CA ALA Q 141 159.50 130.30 71.25
C ALA Q 141 158.82 129.75 69.98
N ALA Q 142 158.70 128.41 69.84
CA ALA Q 142 157.97 127.81 68.72
C ALA Q 142 156.46 128.09 68.83
N THR Q 143 155.92 128.13 70.05
CA THR Q 143 154.53 128.53 70.24
C THR Q 143 154.28 130.00 69.95
N MET Q 144 155.21 130.87 70.35
CA MET Q 144 155.14 132.32 70.16
C MET Q 144 155.23 132.73 68.69
N SER Q 145 156.09 132.07 67.91
CA SER Q 145 156.27 132.36 66.48
C SER Q 145 155.01 132.13 65.64
N MET Q 146 154.11 131.26 66.11
CA MET Q 146 152.85 130.94 65.45
C MET Q 146 151.75 132.00 65.64
N TYR Q 147 151.86 132.90 66.63
CA TYR Q 147 150.82 133.90 66.90
C TYR Q 147 150.48 134.79 65.69
N PRO Q 148 151.47 135.39 65.00
CA PRO Q 148 151.20 136.15 63.77
C PRO Q 148 150.63 135.27 62.65
N ASP Q 149 151.08 134.02 62.51
CA ASP Q 149 150.60 133.11 61.46
C ASP Q 149 149.13 132.76 61.64
N PHE Q 150 148.68 132.58 62.88
CA PHE Q 150 147.27 132.34 63.22
C PHE Q 150 146.39 133.54 62.90
N LEU Q 151 146.84 134.76 63.26
CA LEU Q 151 146.11 135.97 62.92
C LEU Q 151 146.05 136.16 61.40
N LYS Q 152 147.19 136.03 60.72
CA LYS Q 152 147.28 136.15 59.26
C LYS Q 152 146.33 135.16 58.57
N SER Q 153 146.35 133.89 58.99
CA SER Q 153 145.47 132.87 58.41
C SER Q 153 144.00 133.23 58.63
N PHE Q 154 143.64 133.76 59.82
CA PHE Q 154 142.27 134.23 60.09
C PHE Q 154 141.85 135.38 59.15
N LEU Q 155 142.73 136.35 58.92
CA LEU Q 155 142.46 137.51 58.07
C LEU Q 155 142.40 137.16 56.57
N GLU Q 156 143.50 136.55 56.14
CA GLU Q 156 143.73 136.36 54.70
C GLU Q 156 142.58 136.20 53.72
N HIS Q 157 142.03 134.98 53.67
CA HIS Q 157 140.92 134.59 52.76
C HIS Q 157 139.61 135.35 53.02
N PRO Q 158 138.66 135.35 52.06
CA PRO Q 158 137.40 136.08 52.21
C PRO Q 158 136.48 135.50 53.29
N SER Q 159 135.54 136.33 53.79
CA SER Q 159 134.60 135.96 54.88
C SER Q 159 133.66 134.80 54.49
N SER Q 160 133.36 134.63 53.20
CA SER Q 160 132.43 133.57 52.75
C SER Q 160 132.96 132.18 53.16
N ALA Q 161 134.26 131.94 53.02
CA ALA Q 161 134.82 130.62 53.40
C ALA Q 161 135.67 130.76 54.67
N VAL Q 162 135.31 130.06 55.73
CA VAL Q 162 136.07 130.15 57.03
C VAL Q 162 136.74 128.82 57.33
N PHE Q 163 136.64 127.86 56.40
CA PHE Q 163 137.23 126.54 56.60
C PHE Q 163 138.60 126.27 55.95
N GLU Q 164 138.85 126.55 54.69
CA GLU Q 164 140.20 126.38 54.15
C GLU Q 164 141.22 127.04 55.10
N LEU Q 165 140.85 128.17 55.70
CA LEU Q 165 141.60 128.81 56.78
C LEU Q 165 141.79 127.88 58.00
N ILE Q 166 140.73 127.24 58.49
CA ILE Q 166 140.84 126.31 59.63
C ILE Q 166 141.72 125.10 59.27
N GLU Q 167 141.57 124.54 58.06
CA GLU Q 167 142.41 123.44 57.57
C GLU Q 167 143.90 123.87 57.56
N GLN Q 168 144.18 125.13 57.24
CA GLN Q 168 145.54 125.67 57.29
C GLN Q 168 146.05 125.90 58.72
N TYR Q 169 145.20 126.31 59.67
CA TYR Q 169 145.55 126.34 61.09
C TYR Q 169 145.88 124.94 61.63
N GLU Q 170 145.08 123.94 61.28
CA GLU Q 170 145.35 122.54 61.60
C GLU Q 170 146.71 122.10 61.05
N ALA Q 171 146.99 122.41 59.77
CA ALA Q 171 148.26 122.06 59.12
C ALA Q 171 149.47 122.73 59.79
N THR Q 172 149.35 124.00 60.19
CA THR Q 172 150.39 124.74 60.91
C THR Q 172 150.67 124.11 62.28
N CYS Q 173 149.62 123.78 63.04
CA CYS Q 173 149.76 123.04 64.31
C CYS Q 173 150.44 121.68 64.08
N ASN Q 174 150.00 120.92 63.07
CA ASN Q 174 150.55 119.59 62.77
C ASN Q 174 152.04 119.63 62.41
N THR Q 175 152.47 120.67 61.71
CA THR Q 175 153.89 120.89 61.36
C THR Q 175 154.74 121.03 62.62
N GLN Q 176 154.34 121.88 63.57
CA GLN Q 176 155.06 122.06 64.83
C GLN Q 176 154.96 120.84 65.76
N ILE Q 177 153.81 120.18 65.82
CA ILE Q 177 153.62 118.92 66.56
C ILE Q 177 154.59 117.86 66.05
N THR Q 178 154.76 117.74 64.72
CA THR Q 178 155.68 116.76 64.12
C THR Q 178 157.12 117.06 64.50
N LEU Q 179 157.52 118.34 64.49
CA LEU Q 179 158.84 118.78 64.94
C LEU Q 179 159.07 118.46 66.42
N LEU Q 180 158.13 118.84 67.30
CA LEU Q 180 158.22 118.59 68.74
C LEU Q 180 158.22 117.09 69.07
N LYS Q 181 157.43 116.27 68.38
CA LYS Q 181 157.47 114.81 68.51
C LYS Q 181 158.86 114.25 68.18
N LYS Q 182 159.53 114.76 67.12
CA LYS Q 182 160.92 114.36 66.78
C LYS Q 182 161.89 114.75 67.90
N ILE Q 183 161.74 115.94 68.50
CA ILE Q 183 162.58 116.42 69.61
C ILE Q 183 162.38 115.54 70.84
N VAL Q 184 161.15 115.35 71.30
CA VAL Q 184 160.82 114.55 72.49
C VAL Q 184 161.29 113.11 72.34
N LYS Q 185 161.18 112.49 71.14
CA LYS Q 185 161.67 111.11 70.88
C LYS Q 185 163.20 110.99 70.94
N ARG Q 186 163.96 112.05 70.64
CA ARG Q 186 165.44 112.04 70.66
C ARG Q 186 166.01 112.22 72.07
N VAL Q 187 165.20 112.66 73.04
CA VAL Q 187 165.63 112.92 74.40
C VAL Q 187 165.68 111.61 75.20
N THR Q 188 166.79 111.38 75.90
CA THR Q 188 166.93 110.26 76.84
C THR Q 188 165.87 110.37 77.96
N PRO Q 189 165.09 109.29 78.24
CA PRO Q 189 164.13 109.28 79.34
C PRO Q 189 164.78 109.70 80.67
N GLY Q 190 164.23 110.70 81.37
CA GLY Q 190 164.67 111.15 82.71
C GLY Q 190 165.19 112.59 82.82
N GLN Q 191 165.34 113.33 81.72
CA GLN Q 191 165.65 114.77 81.77
C GLN Q 191 164.38 115.57 82.08
N GLN Q 192 164.23 116.06 83.33
CA GLN Q 192 163.12 116.94 83.74
C GLN Q 192 162.97 118.19 82.84
N LYS Q 193 164.05 118.60 82.16
CA LYS Q 193 164.08 119.74 81.23
C LYS Q 193 163.01 119.69 80.13
N PHE Q 194 162.56 118.51 79.71
CA PHE Q 194 161.60 118.35 78.61
C PHE Q 194 160.16 118.12 79.07
N SER Q 195 159.88 118.16 80.39
CA SER Q 195 158.51 118.02 80.90
C SER Q 195 157.61 119.15 80.39
N LYS Q 196 158.10 120.40 80.40
CA LYS Q 196 157.35 121.56 79.88
C LYS Q 196 157.11 121.43 78.38
N THR Q 197 158.11 121.02 77.60
CA THR Q 197 157.99 120.75 76.16
C THR Q 197 156.98 119.64 75.85
N ALA Q 198 156.93 118.57 76.65
CA ALA Q 198 155.94 117.51 76.51
C ALA Q 198 154.52 118.00 76.81
N SER Q 199 154.34 118.85 77.84
CA SER Q 199 153.06 119.49 78.13
C SER Q 199 152.61 120.42 77.00
N ILE Q 200 153.52 121.24 76.44
CA ILE Q 200 153.21 122.11 75.30
C ILE Q 200 152.88 121.30 74.04
N LEU Q 201 153.59 120.19 73.80
CA LEU Q 201 153.26 119.26 72.71
C LEU Q 201 151.83 118.76 72.84
N TRP Q 202 151.42 118.32 74.04
CA TRP Q 202 150.05 117.88 74.28
C TRP Q 202 149.04 119.02 74.05
N LEU Q 203 149.31 120.24 74.55
CA LEU Q 203 148.43 121.40 74.34
C LEU Q 203 148.30 121.79 72.86
N LEU Q 204 149.39 121.73 72.09
CA LEU Q 204 149.34 121.97 70.65
C LEU Q 204 148.56 120.88 69.91
N GLN Q 205 148.67 119.62 70.34
CA GLN Q 205 147.81 118.55 69.83
C GLN Q 205 146.34 118.85 70.14
N GLN Q 206 146.01 119.31 71.34
CA GLN Q 206 144.66 119.71 71.71
C GLN Q 206 144.16 120.87 70.85
N GLU Q 207 145.02 121.86 70.56
CA GLU Q 207 144.68 122.95 69.65
C GLU Q 207 144.35 122.46 68.23
N MET Q 208 145.21 121.60 67.66
CA MET Q 208 145.03 121.00 66.34
C MET Q 208 143.71 120.25 66.22
N VAL Q 209 143.39 119.39 67.19
CA VAL Q 209 142.15 118.60 67.15
C VAL Q 209 140.94 119.47 67.44
N THR Q 210 141.08 120.58 68.18
CA THR Q 210 139.99 121.54 68.40
C THR Q 210 139.65 122.27 67.10
N TRP Q 211 140.65 122.68 66.30
CA TRP Q 211 140.41 123.24 64.96
C TRP Q 211 139.68 122.24 64.05
N ARG Q 212 140.10 120.97 64.06
CA ARG Q 212 139.42 119.89 63.31
C ARG Q 212 137.95 119.72 63.74
N LEU Q 213 137.67 119.78 65.04
CA LEU Q 213 136.30 119.73 65.59
C LEU Q 213 135.45 120.92 65.12
N ILE Q 214 136.00 122.13 65.21
CA ILE Q 214 135.34 123.36 64.76
C ILE Q 214 135.00 123.24 63.27
N ALA Q 215 135.96 122.81 62.43
CA ALA Q 215 135.73 122.62 61.01
C ALA Q 215 134.59 121.62 60.73
N ALA Q 216 134.56 120.49 61.44
CA ALA Q 216 133.52 119.47 61.25
C ALA Q 216 132.13 119.99 61.64
N LEU Q 217 131.98 120.54 62.85
CA LEU Q 217 130.67 120.95 63.39
C LEU Q 217 130.13 122.21 62.72
N TYR Q 218 130.95 123.25 62.53
CA TYR Q 218 130.46 124.48 61.92
C TYR Q 218 130.20 124.35 60.43
N ARG Q 219 130.92 123.46 59.71
CA ARG Q 219 130.60 123.15 58.31
C ARG Q 219 129.21 122.52 58.20
N ASP Q 220 129.00 121.50 59.04
CA ASP Q 220 127.77 120.67 59.15
C ASP Q 220 126.52 121.54 59.23
N ARG Q 221 126.48 122.52 60.14
CA ARG Q 221 125.24 123.34 60.28
C ARG Q 221 124.97 124.07 58.95
N ILE Q 222 126.01 124.68 58.36
CA ILE Q 222 125.85 125.43 57.08
C ILE Q 222 125.40 124.46 55.97
N GLN Q 223 126.00 123.26 55.94
CA GLN Q 223 125.66 122.26 54.89
C GLN Q 223 124.19 121.85 55.06
N SER Q 224 123.75 121.66 56.31
CA SER Q 224 122.36 121.26 56.62
C SER Q 224 121.41 122.37 56.18
N ALA Q 225 121.77 123.62 56.43
CA ALA Q 225 120.91 124.77 56.04
C ALA Q 225 120.80 124.78 54.51
N LEU Q 226 121.92 124.56 53.80
CA LEU Q 226 121.90 124.56 52.31
C LEU Q 226 121.01 123.42 51.81
N GLU Q 227 121.12 122.25 52.44
CA GLU Q 227 120.33 121.05 52.04
C GLU Q 227 118.84 121.31 52.27
N GLU Q 228 118.52 122.02 53.36
CA GLU Q 228 117.11 122.31 53.75
C GLU Q 228 116.48 123.23 52.70
N GLU Q 229 116.89 123.11 51.43
CA GLU Q 229 116.26 123.94 50.38
C GLU Q 229 114.76 123.69 50.30
N ASN Q 230 114.33 122.42 50.37
CA ASN Q 230 112.89 122.06 50.27
C ASN Q 230 112.67 120.60 50.68
N MET Q 231 111.46 120.07 50.46
CA MET Q 231 111.13 118.67 50.83
C MET Q 231 110.32 117.97 49.71
N PHE Q 232 110.16 116.64 49.77
CA PHE Q 232 109.39 115.97 50.83
C PHE Q 232 108.63 114.70 50.37
N GLU Q 233 108.91 113.53 50.95
CA GLU Q 233 108.16 112.27 50.66
C GLU Q 233 107.80 111.65 52.04
N ILE Q 234 106.54 111.22 52.22
CA ILE Q 234 106.10 110.64 53.52
C ILE Q 234 106.19 109.11 53.47
N ALA Q 235 107.32 108.55 53.93
CA ALA Q 235 107.63 107.10 54.03
C ALA Q 235 107.83 106.45 52.65
N ALA Q 236 107.79 105.11 52.61
CA ALA Q 236 107.95 104.35 51.35
C ALA Q 236 107.14 103.05 51.43
N PRO Q 237 106.71 102.46 50.28
CA PRO Q 237 105.96 101.21 50.34
C PRO Q 237 106.80 100.07 50.92
N ASN Q 238 108.09 100.02 50.54
CA ASN Q 238 109.02 98.96 51.01
C ASN Q 238 109.34 99.15 52.49
N ALA Q 239 109.64 98.04 53.18
CA ALA Q 239 110.07 98.04 54.60
C ALA Q 239 111.61 97.99 54.66
N SER Q 240 112.27 98.08 53.50
CA SER Q 240 113.75 98.01 53.43
C SER Q 240 114.38 99.15 54.24
N GLU Q 241 115.33 98.75 55.09
CA GLU Q 241 116.08 99.59 56.06
C GLU Q 241 116.88 100.67 55.34
N LYS Q 242 117.35 100.43 54.11
CA LYS Q 242 118.12 101.50 53.41
C LYS Q 242 117.22 102.72 53.24
N THR Q 243 115.98 102.49 52.80
CA THR Q 243 114.99 103.57 52.58
C THR Q 243 114.68 104.25 53.91
N ILE Q 244 114.53 103.45 54.99
CA ILE Q 244 114.20 104.00 56.33
C ILE Q 244 115.35 104.90 56.80
N VAL Q 245 116.59 104.47 56.58
CA VAL Q 245 117.81 105.22 56.97
C VAL Q 245 117.84 106.53 56.18
N ASP Q 246 117.50 106.45 54.89
CA ASP Q 246 117.49 107.66 54.03
C ASP Q 246 116.45 108.63 54.60
N LYS Q 247 115.28 108.13 54.99
CA LYS Q 247 114.19 108.97 55.55
C LYS Q 247 114.66 109.61 56.86
N LEU Q 248 115.36 108.84 57.70
CA LEU Q 248 115.86 109.34 59.00
C LEU Q 248 116.87 110.47 58.75
N PHE Q 249 117.75 110.28 57.75
CA PHE Q 249 118.76 111.32 57.40
C PHE Q 249 118.03 112.56 56.90
N GLN Q 250 116.99 112.34 56.10
CA GLN Q 250 116.15 113.42 55.50
C GLN Q 250 115.26 114.04 56.58
N ARG Q 251 114.95 113.33 57.66
CA ARG Q 251 114.09 114.01 58.66
C ARG Q 251 114.91 114.31 59.94
N ASP Q 252 115.72 113.33 60.37
CA ASP Q 252 116.54 113.47 61.60
C ASP Q 252 117.65 114.51 61.41
N THR Q 253 118.07 115.18 62.48
CA THR Q 253 119.16 116.20 62.44
C THR Q 253 120.02 116.10 63.70
N LEU Q 254 119.48 115.46 64.75
CA LEU Q 254 120.18 115.26 65.97
C LEU Q 254 121.03 114.16 65.52
N VAL Q 255 120.36 113.21 64.92
CA VAL Q 255 121.05 112.09 64.44
C VAL Q 255 122.21 112.38 63.54
N ARG Q 256 121.95 113.03 62.42
CA ARG Q 256 123.03 113.17 61.44
C ARG Q 256 124.25 113.63 62.17
N GLN Q 257 124.05 114.60 63.02
CA GLN Q 257 125.15 115.24 63.75
C GLN Q 257 125.85 114.28 64.70
N SER Q 258 125.11 113.36 65.33
CA SER Q 258 125.71 112.33 66.18
C SER Q 258 126.62 111.39 65.39
N GLN Q 259 126.23 110.99 64.17
CA GLN Q 259 127.10 110.21 63.30
C GLN Q 259 128.34 111.00 62.84
N LEU Q 260 128.23 112.31 62.63
CA LEU Q 260 129.42 113.14 62.34
C LEU Q 260 130.39 113.18 63.52
N VAL Q 261 129.90 113.21 64.77
CA VAL Q 261 130.75 113.09 65.97
C VAL Q 261 131.42 111.72 66.02
N VAL Q 262 130.71 110.63 65.71
CA VAL Q 262 131.30 109.29 65.59
C VAL Q 262 132.40 109.25 64.53
N ASP Q 263 132.12 109.72 63.31
CA ASP Q 263 133.07 109.75 62.21
C ASP Q 263 134.31 110.59 62.55
N TRP Q 264 134.12 111.72 63.24
CA TRP Q 264 135.19 112.55 63.75
C TRP Q 264 136.07 111.80 64.74
N LEU Q 265 135.49 111.17 65.77
CA LEU Q 265 136.23 110.39 66.77
C LEU Q 265 136.92 109.16 66.16
N GLU Q 266 136.30 108.51 65.17
CA GLU Q 266 136.91 107.42 64.41
C GLU Q 266 138.10 107.92 63.58
N SER Q 267 138.02 109.15 63.04
CA SER Q 267 139.15 109.77 62.33
C SER Q 267 140.35 110.07 63.24
N ILE Q 268 140.11 110.49 64.49
CA ILE Q 268 141.18 110.71 65.48
C ILE Q 268 141.90 109.38 65.76
N ALA Q 269 141.13 108.34 66.07
CA ALA Q 269 141.70 107.01 66.32
C ALA Q 269 142.45 106.48 65.09
N LYS Q 270 141.99 106.78 63.87
CA LYS Q 270 142.70 106.44 62.63
C LYS Q 270 144.05 107.16 62.52
N ASP Q 271 144.12 108.44 62.87
CA ASP Q 271 145.37 109.21 62.86
C ASP Q 271 146.38 108.66 63.87
N GLU Q 272 145.78 108.11 64.96
CA GLU Q 272 146.55 107.59 66.09
C GLU Q 272 147.00 106.20 65.81
N VAL Q 273 148.02 106.09 65.00
CA VAL Q 273 148.56 104.80 64.73
C VAL Q 273 149.34 104.53 65.99
N GLY Q 274 148.78 103.75 66.91
CA GLY Q 274 149.58 102.76 67.62
C GLY Q 274 150.05 101.89 66.46
N ASP Q 275 151.35 101.62 66.29
CA ASP Q 275 151.85 100.91 65.07
C ASP Q 275 152.73 99.64 65.24
N PHE Q 276 152.53 98.83 66.29
CA PHE Q 276 153.29 97.57 66.41
C PHE Q 276 152.78 96.59 65.33
N SER Q 277 151.55 96.75 64.88
CA SER Q 277 150.94 95.87 63.82
C SER Q 277 151.81 95.18 62.75
N ASP Q 278 152.53 95.93 61.89
CA ASP Q 278 153.23 95.18 60.84
C ASP Q 278 154.33 94.27 61.42
N ASN Q 279 154.97 94.67 62.52
CA ASN Q 279 156.01 93.86 63.16
C ASN Q 279 155.47 92.69 63.98
N ILE Q 280 154.23 92.77 64.48
CA ILE Q 280 153.54 91.65 65.12
C ILE Q 280 153.50 90.42 64.18
N GLU Q 281 153.48 90.63 62.86
CA GLU Q 281 153.47 89.58 61.83
C GLU Q 281 154.67 88.62 61.91
N TYR Q 282 155.81 89.07 62.42
CA TYR Q 282 157.00 88.22 62.53
C TYR Q 282 156.92 87.21 63.68
N TYR Q 283 156.17 87.54 64.75
CA TYR Q 283 156.15 86.76 65.99
C TYR Q 283 154.93 85.84 66.13
N ALA Q 284 153.94 86.15 65.27
CA ALA Q 284 152.74 85.35 65.21
C ALA Q 284 152.34 85.31 63.72
N LYS Q 285 153.27 85.00 62.82
CA LYS Q 285 152.98 84.97 61.38
C LYS Q 285 151.76 84.08 61.07
N SER Q 286 150.96 84.38 60.03
CA SER Q 286 149.80 83.52 59.66
C SER Q 286 150.38 82.13 59.58
N VAL Q 287 150.12 81.23 60.53
CA VAL Q 287 150.84 79.94 60.50
C VAL Q 287 150.39 78.72 61.32
N TYR Q 288 150.81 77.54 60.85
CA TYR Q 288 150.56 76.27 61.64
C TYR Q 288 151.06 76.02 63.13
N TRP Q 289 151.58 74.83 63.49
CA TRP Q 289 151.94 74.50 64.90
C TRP Q 289 153.31 73.69 65.07
N GLU Q 290 153.39 72.39 64.75
CA GLU Q 290 154.65 71.56 65.01
C GLU Q 290 154.80 71.31 66.56
N ASN Q 291 153.65 71.37 67.23
CA ASN Q 291 153.26 72.04 68.48
C ASN Q 291 152.11 71.31 69.17
N THR Q 292 150.84 71.74 68.98
CA THR Q 292 149.75 70.94 69.50
C THR Q 292 150.10 69.61 68.88
N LEU Q 293 150.68 69.63 67.68
CA LEU Q 293 151.04 68.43 66.92
C LEU Q 293 151.96 67.50 67.71
N HIS Q 294 152.96 68.06 68.40
CA HIS Q 294 153.88 67.29 69.23
C HIS Q 294 153.13 66.59 70.38
N THR Q 295 152.27 67.31 71.10
CA THR Q 295 151.47 66.75 72.21
C THR Q 295 150.50 65.67 71.72
N LEU Q 296 149.87 65.84 70.56
CA LEU Q 296 148.99 64.83 69.96
C LEU Q 296 149.76 63.55 69.58
N LYS Q 297 150.95 63.70 68.98
CA LYS Q 297 151.84 62.57 68.67
C LYS Q 297 152.30 61.85 69.94
N GLN Q 298 152.62 62.59 71.00
CA GLN Q 298 153.06 62.01 72.28
C GLN Q 298 151.95 61.26 73.00
N ARG Q 299 150.70 61.76 72.97
CA ARG Q 299 149.53 61.05 73.52
C ARG Q 299 149.24 59.73 72.82
N SER Q 300 149.44 59.67 71.50
CA SER Q 300 149.36 58.41 70.76
C SER Q 300 150.37 57.36 71.23
N MET Q 301 151.45 57.83 71.89
CA MET Q 301 152.51 56.93 72.41
C MET Q 301 152.01 56.29 73.72
N LEU Q 302 151.81 57.12 74.75
CA LEU Q 302 151.33 56.63 76.07
C LEU Q 302 150.23 57.57 76.59
N SER Q 303 149.38 57.07 77.48
CA SER Q 303 148.28 57.89 78.06
C SER Q 303 148.82 58.67 79.27
N LEU Q 304 149.65 59.69 79.00
CA LEU Q 304 150.42 60.37 80.07
C LEU Q 304 149.45 61.06 81.04
N GLY Q 305 149.72 60.95 82.35
CA GLY Q 305 148.88 61.58 83.38
C GLY Q 305 149.07 63.08 83.44
N SER Q 306 148.07 63.80 83.97
CA SER Q 306 148.13 65.28 84.10
C SER Q 306 148.41 65.93 82.74
N SER Q 307 147.72 65.47 81.69
CA SER Q 307 147.90 66.01 80.32
C SER Q 307 146.70 66.89 79.96
N ARG Q 308 146.96 68.13 79.54
CA ARG Q 308 145.95 69.22 79.59
C ARG Q 308 144.77 68.86 78.68
N PRO Q 309 143.51 69.09 79.11
CA PRO Q 309 142.37 68.77 78.26
C PRO Q 309 142.09 69.87 77.23
N LEU Q 310 142.79 69.84 76.10
CA LEU Q 310 142.63 70.85 75.04
C LEU Q 310 141.40 70.49 74.22
N VAL Q 311 140.87 71.45 73.45
CA VAL Q 311 139.78 71.20 72.49
C VAL Q 311 140.10 70.02 71.57
N SER Q 312 139.09 69.21 71.23
CA SER Q 312 139.23 68.07 70.32
C SER Q 312 138.89 68.39 68.86
N GLU Q 313 138.27 69.54 68.61
CA GLU Q 313 137.81 70.00 67.29
C GLU Q 313 138.35 71.41 67.05
N LEU Q 314 138.45 71.83 65.77
CA LEU Q 314 139.05 73.11 65.34
C LEU Q 314 138.05 74.06 64.69
N ASP Q 315 136.75 73.82 64.86
CA ASP Q 315 135.74 74.80 64.48
C ASP Q 315 135.74 76.01 65.43
N PRO Q 316 135.30 77.20 64.98
CA PRO Q 316 135.45 78.45 65.73
C PRO Q 316 134.83 78.47 67.13
N ASP Q 317 133.74 77.72 67.37
CA ASP Q 317 133.04 77.66 68.65
C ASP Q 317 133.47 76.49 69.54
N ALA Q 318 134.42 75.64 69.09
CA ALA Q 318 134.91 74.49 69.85
C ALA Q 318 135.37 74.85 71.28
N PRO Q 319 136.14 75.94 71.55
CA PRO Q 319 136.56 76.28 72.91
C PRO Q 319 135.38 76.53 73.87
N ILE Q 320 134.32 77.15 73.37
CA ILE Q 320 133.13 77.52 74.13
C ILE Q 320 132.23 76.29 74.30
N ARG Q 321 131.91 75.61 73.19
CA ARG Q 321 131.05 74.42 73.16
C ARG Q 321 131.60 73.29 74.04
N GLN Q 322 132.91 73.03 73.95
CA GLN Q 322 133.56 71.96 74.71
C GLN Q 322 134.01 72.42 76.10
N LYS Q 323 134.02 73.73 76.37
CA LYS Q 323 134.57 74.33 77.60
C LYS Q 323 136.02 73.90 77.86
N LEU Q 324 136.78 73.78 76.78
CA LEU Q 324 138.18 73.37 76.80
C LEU Q 324 139.04 74.48 76.17
N PRO Q 325 140.26 74.68 76.67
CA PRO Q 325 141.15 75.72 76.15
C PRO Q 325 141.85 75.28 74.84
N LEU Q 326 142.28 76.29 74.08
CA LEU Q 326 143.29 76.15 73.04
C LEU Q 326 144.69 76.01 73.65
N ASP Q 327 145.68 75.69 72.82
CA ASP Q 327 147.08 75.86 73.18
C ASP Q 327 147.35 77.31 73.62
N ASP Q 328 148.28 77.51 74.56
CA ASP Q 328 148.49 78.83 75.16
C ASP Q 328 149.02 79.86 74.14
N LEU Q 329 149.80 79.43 73.14
CA LEU Q 329 150.26 80.30 72.06
C LEU Q 329 149.12 80.73 71.14
N ASP Q 330 148.28 79.78 70.73
CA ASP Q 330 147.12 80.06 69.87
C ASP Q 330 146.11 80.97 70.58
N ARG Q 331 145.90 80.74 71.88
CA ARG Q 331 145.05 81.58 72.72
C ARG Q 331 145.60 83.01 72.83
N GLU Q 332 146.91 83.18 72.96
CA GLU Q 332 147.53 84.51 73.01
C GLU Q 332 147.41 85.23 71.65
N ASP Q 333 147.60 84.51 70.55
CA ASP Q 333 147.43 85.03 69.19
C ASP Q 333 145.99 85.46 68.91
N ASP Q 334 144.99 84.68 69.34
CA ASP Q 334 143.58 85.05 69.27
C ASP Q 334 143.27 86.32 70.08
N ILE Q 335 143.77 86.42 71.33
CA ILE Q 335 143.57 87.62 72.16
C ILE Q 335 144.20 88.86 71.50
N ARG Q 336 145.40 88.70 70.92
CA ARG Q 336 146.11 89.78 70.22
C ARG Q 336 145.35 90.21 68.97
N LEU Q 337 144.87 89.26 68.17
CA LEU Q 337 144.04 89.52 67.00
C LEU Q 337 142.76 90.27 67.39
N LEU Q 338 142.04 89.79 68.41
CA LEU Q 338 140.80 90.42 68.89
C LEU Q 338 141.03 91.86 69.37
N LYS Q 339 142.13 92.13 70.09
CA LYS Q 339 142.49 93.49 70.49
C LYS Q 339 142.67 94.39 69.25
N TYR Q 340 143.39 93.92 68.23
CA TYR Q 340 143.57 94.67 66.99
C TYR Q 340 142.28 94.89 66.21
N LEU Q 341 141.42 93.87 66.13
CA LEU Q 341 140.11 94.01 65.49
C LEU Q 341 139.26 95.06 66.19
N PHE Q 342 139.25 95.06 67.53
CA PHE Q 342 138.57 96.10 68.30
C PHE Q 342 139.15 97.49 68.03
N THR Q 343 140.49 97.64 68.01
CA THR Q 343 141.16 98.91 67.68
C THR Q 343 140.77 99.41 66.29
N LEU Q 344 140.72 98.53 65.27
CA LEU Q 344 140.30 98.91 63.91
C LEU Q 344 138.83 99.34 63.87
N ILE Q 345 137.94 98.65 64.60
CA ILE Q 345 136.52 99.00 64.69
C ILE Q 345 136.34 100.34 65.42
N ARG Q 346 137.06 100.57 66.52
CA ARG Q 346 137.08 101.84 67.27
C ARG Q 346 137.59 103.02 66.43
N ALA Q 347 138.40 102.76 65.42
CA ALA Q 347 138.88 103.73 64.43
C ALA Q 347 137.97 103.87 63.19
N GLY Q 348 136.79 103.25 63.18
CA GLY Q 348 135.87 103.26 62.04
C GLY Q 348 136.34 102.41 60.83
N MET Q 349 137.46 101.69 60.95
CA MET Q 349 138.10 100.91 59.88
C MET Q 349 137.57 99.46 59.82
N THR Q 350 136.25 99.30 59.82
CA THR Q 350 135.59 97.98 59.81
C THR Q 350 135.97 97.13 58.59
N ASP Q 351 136.26 97.76 57.45
CA ASP Q 351 136.73 97.05 56.25
C ASP Q 351 138.15 96.52 56.41
N GLU Q 352 139.03 97.25 57.10
CA GLU Q 352 140.38 96.76 57.43
C GLU Q 352 140.31 95.62 58.44
N ALA Q 353 139.41 95.71 59.43
CA ALA Q 353 139.16 94.60 60.37
C ALA Q 353 138.73 93.32 59.62
N GLN Q 354 137.82 93.42 58.66
CA GLN Q 354 137.41 92.29 57.81
C GLN Q 354 138.57 91.74 56.96
N ARG Q 355 139.39 92.61 56.36
CA ARG Q 355 140.58 92.18 55.60
C ARG Q 355 141.57 91.46 56.51
N LEU Q 356 141.80 91.97 57.72
CA LEU Q 356 142.67 91.35 58.72
C LEU Q 356 142.15 89.96 59.11
N CYS Q 357 140.86 89.81 59.42
CA CYS Q 357 140.24 88.51 59.67
C CYS Q 357 140.49 87.50 58.53
N LYS Q 358 140.27 87.91 57.27
CA LYS Q 358 140.50 87.06 56.08
C LYS Q 358 141.97 86.66 55.95
N ARG Q 359 142.90 87.60 56.15
CA ARG Q 359 144.36 87.34 56.09
C ARG Q 359 144.82 86.38 57.18
N CYS Q 360 144.30 86.50 58.39
CA CYS Q 360 144.64 85.63 59.52
C CYS Q 360 144.03 84.21 59.40
N GLY Q 361 143.24 83.93 58.36
CA GLY Q 361 142.57 82.63 58.16
C GLY Q 361 141.19 82.53 58.82
N GLN Q 362 140.66 83.62 59.35
CA GLN Q 362 139.37 83.67 60.06
C GLN Q 362 138.31 84.40 59.22
N ALA Q 363 138.13 83.97 57.96
CA ALA Q 363 137.14 84.55 57.04
C ALA Q 363 135.70 84.45 57.58
N TRP Q 364 135.41 83.45 58.42
CA TRP Q 364 134.15 83.32 59.13
C TRP Q 364 133.88 84.55 60.02
N ARG Q 365 134.88 85.04 60.76
CA ARG Q 365 134.74 86.23 61.62
C ARG Q 365 134.53 87.47 60.78
N ALA Q 366 135.23 87.60 59.65
CA ALA Q 366 134.99 88.68 58.71
C ALA Q 366 133.51 88.77 58.29
N ALA Q 367 132.88 87.62 58.01
CA ALA Q 367 131.46 87.57 57.69
C ALA Q 367 130.56 88.00 58.86
N THR Q 368 130.92 87.67 60.11
CA THR Q 368 130.16 88.13 61.29
C THR Q 368 130.17 89.65 61.46
N LEU Q 369 131.21 90.34 60.98
CA LEU Q 369 131.33 91.81 61.02
C LEU Q 369 130.48 92.51 59.94
N GLU Q 370 129.83 91.77 59.03
CA GLU Q 370 128.99 92.34 57.96
C GLU Q 370 127.50 92.36 58.30
N GLY Q 371 127.14 91.71 59.41
CA GLY Q 371 125.73 91.59 59.84
C GLY Q 371 125.01 92.93 59.89
N TRP Q 372 125.75 94.03 59.98
CA TRP Q 372 125.12 95.39 60.04
C TRP Q 372 124.84 95.90 58.63
N LYS Q 373 123.88 95.28 57.92
CA LYS Q 373 123.54 95.70 56.54
C LYS Q 373 122.04 95.93 56.41
N LEU Q 374 121.64 97.07 55.82
CA LEU Q 374 120.20 97.38 55.58
C LEU Q 374 119.78 96.61 54.32
N TYR Q 375 118.54 96.08 54.29
CA TYR Q 375 118.15 95.28 53.13
C TYR Q 375 117.86 96.19 51.93
N HIS Q 376 118.46 95.85 50.79
CA HIS Q 376 118.22 96.52 49.52
C HIS Q 376 118.33 95.54 48.35
N ASP Q 377 117.28 95.48 47.55
CA ASP Q 377 117.28 94.79 46.26
C ASP Q 377 117.05 95.81 45.15
N ALA Q 378 118.14 96.20 44.49
CA ALA Q 378 118.13 97.13 43.36
C ALA Q 378 117.35 96.60 42.14
N ASN Q 379 117.06 95.29 42.09
CA ASN Q 379 116.37 94.68 40.95
C ASN Q 379 114.84 94.83 41.04
N ILE Q 380 114.27 95.22 42.19
CA ILE Q 380 112.81 95.34 42.39
C ILE Q 380 112.18 96.35 41.42
N ASN Q 381 112.91 97.42 41.07
CA ASN Q 381 112.41 98.48 40.20
C ASN Q 381 112.75 98.29 38.70
N GLY Q 382 113.33 97.15 38.29
CA GLY Q 382 113.52 96.81 36.87
C GLY Q 382 114.72 97.46 36.16
N GLY Q 383 115.93 97.30 36.69
CA GLY Q 383 117.17 97.76 36.05
C GLY Q 383 117.58 96.98 34.79
N THR Q 384 118.36 97.59 33.90
CA THR Q 384 118.92 96.94 32.69
C THR Q 384 119.99 95.89 32.99
N GLU Q 385 120.69 96.03 34.12
CA GLU Q 385 121.71 95.09 34.58
C GLU Q 385 121.34 94.55 35.96
N LEU Q 386 121.48 93.23 36.17
CA LEU Q 386 121.23 92.60 37.46
C LEU Q 386 122.31 93.00 38.46
N GLN Q 387 121.90 93.61 39.56
CA GLN Q 387 122.78 94.03 40.65
C GLN Q 387 122.64 93.07 41.85
N ALA Q 388 123.70 92.95 42.65
CA ALA Q 388 123.72 92.01 43.76
C ALA Q 388 122.92 92.55 44.95
N VAL Q 389 122.05 91.72 45.54
CA VAL Q 389 121.25 92.08 46.72
C VAL Q 389 122.15 92.42 47.92
N GLU Q 390 121.84 93.51 48.61
CA GLU Q 390 122.59 94.04 49.74
C GLU Q 390 121.84 93.88 51.06
N GLY Q 391 122.61 93.84 52.16
CA GLY Q 391 122.07 93.80 53.52
C GLY Q 391 121.50 92.46 53.95
N ASN Q 392 121.77 92.79 55.17
CA ASN Q 392 121.35 91.56 55.82
C ASN Q 392 119.85 91.62 56.18
N PRO Q 393 118.97 90.86 55.49
CA PRO Q 393 117.54 90.83 55.81
C PRO Q 393 117.25 90.18 57.17
N TYR Q 394 118.20 89.47 57.78
CA TYR Q 394 118.08 88.83 59.09
C TYR Q 394 118.88 89.57 60.17
N ARG Q 395 119.00 90.89 60.04
CA ARG Q 395 119.70 91.77 60.99
C ARG Q 395 119.30 91.59 62.44
N CYS Q 396 118.00 91.52 62.71
CA CYS Q 396 117.48 91.38 64.07
C CYS Q 396 118.00 90.09 64.75
N VAL Q 397 118.02 88.97 64.01
CA VAL Q 397 118.59 87.70 64.51
C VAL Q 397 120.08 87.84 64.74
N TRP Q 398 120.81 88.41 63.78
CA TRP Q 398 122.24 88.63 63.91
C TRP Q 398 122.57 89.51 65.12
N LYS Q 399 121.84 90.62 65.33
CA LYS Q 399 122.02 91.56 66.43
C LYS Q 399 121.74 90.90 67.78
N THR Q 400 120.70 90.07 67.87
CA THR Q 400 120.39 89.25 69.05
C THR Q 400 121.51 88.26 69.36
N CYS Q 401 122.09 87.62 68.35
CA CYS Q 401 123.25 86.74 68.54
C CYS Q 401 124.47 87.51 69.04
N CYS Q 402 124.79 88.65 68.43
CA CYS Q 402 125.89 89.52 68.88
C CYS Q 402 125.70 89.98 70.33
N TRP Q 403 124.47 90.33 70.74
CA TRP Q 403 124.17 90.70 72.12
C TRP Q 403 124.46 89.56 73.09
N ARG Q 404 123.99 88.34 72.79
CA ARG Q 404 124.25 87.15 73.62
C ARG Q 404 125.74 86.83 73.71
N MET Q 405 126.48 86.95 72.61
CA MET Q 405 127.93 86.77 72.60
C MET Q 405 128.65 87.82 73.45
N ALA Q 406 128.16 89.06 73.48
CA ALA Q 406 128.74 90.12 74.31
C ALA Q 406 128.54 89.88 75.81
N GLU Q 407 127.44 89.23 76.21
CA GLU Q 407 127.12 88.93 77.62
C GLU Q 407 127.77 87.65 78.13
N ASP Q 408 128.17 86.75 77.24
CA ASP Q 408 128.78 85.48 77.62
C ASP Q 408 130.25 85.67 78.04
N GLU Q 409 130.52 85.48 79.33
CA GLU Q 409 131.84 85.64 79.94
C GLU Q 409 132.87 84.59 79.49
N GLN Q 410 132.44 83.54 78.77
CA GLN Q 410 133.36 82.59 78.14
C GLN Q 410 134.16 83.23 76.99
N PHE Q 411 133.63 84.30 76.37
CA PHE Q 411 134.33 85.06 75.35
C PHE Q 411 135.34 86.04 75.95
N ASN Q 412 136.39 86.33 75.18
CA ASN Q 412 137.36 87.35 75.57
C ASN Q 412 136.72 88.75 75.63
N LYS Q 413 137.21 89.60 76.54
CA LYS Q 413 136.71 90.99 76.72
C LYS Q 413 136.67 91.81 75.42
N TYR Q 414 137.63 91.65 74.52
CA TYR Q 414 137.65 92.38 73.24
C TYR Q 414 136.66 91.79 72.23
N GLU Q 415 136.45 90.47 72.22
CA GLU Q 415 135.42 89.85 71.38
C GLU Q 415 134.03 90.28 71.82
N ARG Q 416 133.80 90.28 73.14
CA ARG Q 416 132.58 90.84 73.74
C ARG Q 416 132.38 92.29 73.35
N ALA Q 417 133.43 93.12 73.43
CA ALA Q 417 133.37 94.53 73.05
C ALA Q 417 133.11 94.76 71.55
N ILE Q 418 133.67 93.93 70.66
CA ILE Q 418 133.40 93.98 69.21
C ILE Q 418 131.91 93.77 68.96
N TYR Q 419 131.34 92.70 69.51
CA TYR Q 419 129.93 92.39 69.30
C TYR Q 419 129.01 93.32 70.09
N ALA Q 420 129.44 93.87 71.22
CA ALA Q 420 128.75 94.92 71.96
C ALA Q 420 128.64 96.22 71.14
N THR Q 421 129.74 96.66 70.52
CA THR Q 421 129.77 97.82 69.62
C THR Q 421 128.79 97.65 68.46
N LEU Q 422 128.76 96.44 67.89
CA LEU Q 422 127.97 96.10 66.71
C LEU Q 422 126.48 95.84 67.00
N SER Q 423 126.11 95.66 68.27
CA SER Q 423 124.73 95.36 68.70
C SER Q 423 124.09 96.43 69.59
N GLY Q 424 124.83 97.46 69.99
CA GLY Q 424 124.34 98.50 70.89
C GLY Q 424 124.38 98.13 72.37
N ASN Q 425 125.23 97.19 72.79
CA ASN Q 425 125.33 96.76 74.20
C ASN Q 425 126.34 97.61 74.99
N LEU Q 426 125.92 98.78 75.48
CA LEU Q 426 126.81 99.70 76.21
C LEU Q 426 127.48 99.06 77.42
N LYS Q 427 126.74 98.28 78.20
CA LYS Q 427 127.24 97.63 79.43
C LYS Q 427 128.43 96.73 79.17
N GLN Q 428 128.44 96.01 78.05
CA GLN Q 428 129.52 95.10 77.68
C GLN Q 428 130.64 95.79 76.89
N LEU Q 429 130.40 96.99 76.37
CA LEU Q 429 131.40 97.80 75.69
C LEU Q 429 132.27 98.60 76.68
N LEU Q 430 131.67 99.24 77.68
CA LEU Q 430 132.36 100.09 78.66
C LEU Q 430 133.58 99.44 79.34
N PRO Q 431 133.64 98.12 79.65
CA PRO Q 431 134.78 97.51 80.31
C PRO Q 431 136.12 97.60 79.56
N VAL Q 432 136.11 97.84 78.24
CA VAL Q 432 137.35 98.00 77.45
C VAL Q 432 137.65 99.46 77.08
N CYS Q 433 136.75 100.40 77.37
CA CYS Q 433 136.95 101.82 77.14
C CYS Q 433 137.79 102.42 78.28
N GLU Q 434 139.00 102.90 78.02
CA GLU Q 434 139.91 103.33 79.09
C GLU Q 434 140.08 104.85 79.18
N SER Q 435 139.92 105.57 78.06
CA SER Q 435 140.01 107.04 78.01
C SER Q 435 138.63 107.71 77.98
N TRP Q 436 138.65 109.03 78.13
CA TRP Q 436 137.49 109.88 77.92
C TRP Q 436 136.93 109.71 76.51
N GLU Q 437 137.76 109.76 75.47
CA GLU Q 437 137.33 109.59 74.08
C GLU Q 437 136.66 108.24 73.82
N ASP Q 438 137.20 107.16 74.41
CA ASP Q 438 136.59 105.82 74.31
C ASP Q 438 135.23 105.74 74.99
N THR Q 439 135.09 106.42 76.13
CA THR Q 439 133.85 106.40 76.91
C THR Q 439 132.79 107.22 76.19
N VAL Q 440 133.10 108.45 75.78
CA VAL Q 440 132.20 109.27 74.94
C VAL Q 440 131.80 108.50 73.67
N TRP Q 441 132.77 107.89 72.98
CA TRP Q 441 132.50 107.13 71.75
C TRP Q 441 131.53 105.98 72.01
N ALA Q 442 131.73 105.21 73.10
CA ALA Q 442 130.84 104.11 73.44
C ALA Q 442 129.39 104.57 73.65
N HIS Q 443 129.19 105.65 74.40
CA HIS Q 443 127.86 106.21 74.63
C HIS Q 443 127.23 106.71 73.32
N PHE Q 444 127.93 107.54 72.55
CA PHE Q 444 127.40 108.07 71.29
C PHE Q 444 127.17 106.97 70.24
N LYS Q 445 128.04 105.98 70.14
CA LYS Q 445 127.89 104.85 69.21
C LYS Q 445 126.65 104.02 69.50
N VAL Q 446 126.42 103.72 70.78
CA VAL Q 446 125.25 102.96 71.22
C VAL Q 446 123.98 103.80 71.09
N MET Q 447 124.04 105.09 71.42
CA MET Q 447 122.92 106.02 71.23
C MET Q 447 122.48 106.05 69.76
N VAL Q 448 123.40 106.24 68.81
CA VAL Q 448 123.06 106.24 67.38
C VAL Q 448 122.47 104.90 66.94
N ASP Q 449 123.06 103.78 67.34
CA ASP Q 449 122.49 102.45 67.02
C ASP Q 449 121.07 102.32 67.56
N SER Q 450 120.84 102.71 68.83
CA SER Q 450 119.55 102.67 69.52
C SER Q 450 118.48 103.48 68.79
N LEU Q 451 118.77 104.73 68.46
CA LEU Q 451 117.86 105.62 67.75
C LEU Q 451 117.53 105.12 66.33
N VAL Q 452 118.54 104.63 65.60
CA VAL Q 452 118.37 104.07 64.25
C VAL Q 452 117.45 102.85 64.25
N GLU Q 453 117.64 101.92 65.17
CA GLU Q 453 116.82 100.71 65.26
C GLU Q 453 115.41 101.00 65.78
N GLN Q 454 115.23 101.97 66.68
CA GLN Q 454 113.91 102.43 67.10
C GLN Q 454 113.10 102.95 65.90
N GLU Q 455 113.72 103.75 65.02
CA GLU Q 455 113.08 104.26 63.80
C GLU Q 455 112.74 103.12 62.81
N ILE Q 456 113.66 102.18 62.59
CA ILE Q 456 113.43 101.01 61.72
C ILE Q 456 112.23 100.20 62.22
N ARG Q 457 112.16 99.93 63.53
CA ARG Q 457 111.06 99.19 64.15
C ARG Q 457 109.73 99.92 64.10
N ALA Q 458 109.76 101.25 64.25
CA ALA Q 458 108.55 102.08 64.14
C ALA Q 458 108.03 102.11 62.69
N SER Q 459 108.94 101.82 61.76
CA SER Q 459 108.53 101.73 60.36
C SER Q 459 107.86 100.39 60.08
N ILE Q 460 107.92 99.44 60.99
CA ILE Q 460 107.39 98.08 60.72
C ILE Q 460 105.86 98.01 60.80
N ILE Q 461 105.25 97.03 60.10
CA ILE Q 461 103.79 96.80 60.16
C ILE Q 461 103.46 95.46 60.83
N SER Q 462 104.24 94.40 60.58
CA SER Q 462 103.91 93.05 61.11
C SER Q 462 105.17 92.20 61.36
N PHE Q 463 105.28 90.99 60.79
CA PHE Q 463 106.52 90.16 60.86
C PHE Q 463 106.77 89.45 62.21
N ASN Q 464 107.78 88.59 62.28
CA ASN Q 464 108.10 87.84 63.52
C ASN Q 464 109.02 88.71 64.42
N GLU Q 465 109.92 88.13 65.24
CA GLU Q 465 110.75 88.92 66.20
C GLU Q 465 112.14 88.35 66.53
N ALA Q 466 113.24 89.14 66.50
CA ALA Q 466 114.57 88.67 66.93
C ALA Q 466 114.72 89.02 68.40
N ASN Q 467 113.86 89.92 68.94
CA ASN Q 467 113.94 90.36 70.36
C ASN Q 467 112.59 90.62 71.11
N GLU Q 468 112.58 90.48 72.46
CA GLU Q 468 111.62 91.14 73.44
C GLU Q 468 112.34 91.65 74.72
N LEU Q 469 113.09 92.75 74.61
CA LEU Q 469 113.85 93.25 75.76
C LEU Q 469 112.94 93.85 76.80
N PRO Q 470 113.26 93.68 78.10
CA PRO Q 470 112.53 94.36 79.18
C PRO Q 470 112.12 95.80 78.83
N ARG Q 471 111.05 96.30 79.47
CA ARG Q 471 110.46 97.61 79.19
C ARG Q 471 111.42 98.76 79.45
N GLU Q 472 112.31 98.60 80.42
CA GLU Q 472 113.38 99.53 80.76
C GLU Q 472 114.25 99.89 79.54
N TYR Q 473 114.33 98.99 78.56
CA TYR Q 473 115.03 99.20 77.31
C TYR Q 473 114.31 100.15 76.34
N LEU Q 474 112.99 100.12 76.35
CA LEU Q 474 112.11 100.85 75.43
C LEU Q 474 111.73 102.25 75.95
N GLU Q 475 111.68 102.38 77.28
CA GLU Q 475 111.30 103.66 77.94
C GLU Q 475 112.56 104.51 78.15
N ALA Q 476 113.72 103.99 77.75
CA ALA Q 476 115.00 104.72 77.91
C ALA Q 476 114.92 106.00 77.07
N ASN Q 477 115.40 107.12 77.62
CA ASN Q 477 115.37 108.42 76.90
C ASN Q 477 116.81 108.79 76.50
N TRP Q 478 117.02 109.07 75.22
CA TRP Q 478 118.39 109.34 74.70
C TRP Q 478 118.55 110.83 74.41
N THR Q 479 119.56 111.46 75.01
CA THR Q 479 119.83 112.90 74.83
C THR Q 479 121.34 113.14 74.88
N LEU Q 480 121.77 114.39 74.66
CA LEU Q 480 123.20 114.72 74.69
C LEU Q 480 123.67 114.95 76.14
N ASP Q 481 122.87 115.62 76.97
CA ASP Q 481 123.16 115.87 78.38
C ASP Q 481 123.33 114.56 79.17
N SER Q 482 122.43 113.59 78.98
CA SER Q 482 122.49 112.30 79.68
C SER Q 482 123.81 111.56 79.45
N VAL Q 483 124.43 111.71 78.27
CA VAL Q 483 125.74 111.10 78.00
C VAL Q 483 126.81 111.71 78.92
N PHE Q 484 126.83 113.03 79.06
CA PHE Q 484 127.84 113.71 79.89
C PHE Q 484 127.55 113.59 81.40
N GLU Q 485 126.28 113.43 81.80
CA GLU Q 485 125.90 113.09 83.18
C GLU Q 485 126.43 111.69 83.57
N GLU Q 486 126.29 110.70 82.68
CA GLU Q 486 126.85 109.35 82.88
C GLU Q 486 128.38 109.36 82.96
N LEU Q 487 129.05 110.20 82.15
CA LEU Q 487 130.49 110.40 82.25
C LEU Q 487 130.92 110.97 83.61
N GLN Q 488 130.14 111.87 84.20
CA GLN Q 488 130.39 112.39 85.55
C GLN Q 488 130.15 111.34 86.64
N ALA Q 489 129.25 110.38 86.39
CA ALA Q 489 128.91 109.29 87.30
C ALA Q 489 129.85 108.07 87.19
N THR Q 490 130.80 108.07 86.26
CA THR Q 490 131.72 106.94 86.04
C THR Q 490 132.63 106.69 87.26
N ASP Q 491 133.01 105.43 87.47
CA ASP Q 491 133.96 105.00 88.50
C ASP Q 491 135.43 105.03 88.03
N LYS Q 492 135.66 105.31 86.74
CA LYS Q 492 136.98 105.34 86.12
C LYS Q 492 137.70 106.65 86.43
N LYS Q 493 138.72 106.55 87.29
CA LYS Q 493 139.57 107.70 87.71
C LYS Q 493 140.14 108.49 86.54
N ARG Q 494 140.72 107.81 85.54
CA ARG Q 494 141.31 108.45 84.36
C ARG Q 494 140.30 109.30 83.58
N VAL Q 495 139.10 108.76 83.36
CA VAL Q 495 138.02 109.47 82.67
C VAL Q 495 137.58 110.69 83.47
N LEU Q 496 137.46 110.57 84.81
CA LEU Q 496 137.12 111.70 85.68
C LEU Q 496 138.19 112.80 85.70
N GLU Q 497 139.46 112.42 85.58
CA GLU Q 497 140.59 113.35 85.47
C GLU Q 497 140.58 114.07 84.11
N GLU Q 498 140.50 113.32 83.00
CA GLU Q 498 140.42 113.87 81.64
C GLU Q 498 139.16 114.73 81.47
N ASN Q 499 138.03 114.39 82.07
CA ASN Q 499 136.81 115.17 82.00
C ASN Q 499 136.92 116.60 82.60
N ARG Q 500 137.98 116.88 83.38
CA ARG Q 500 138.27 118.22 83.94
C ARG Q 500 139.25 119.03 83.10
N GLU Q 501 139.82 118.44 82.04
CA GLU Q 501 140.73 119.13 81.15
C GLU Q 501 139.98 120.15 80.29
N HIS Q 502 140.57 121.33 80.13
CA HIS Q 502 139.94 122.49 79.47
C HIS Q 502 139.37 122.13 78.09
N TYR Q 503 140.12 121.40 77.25
CA TYR Q 503 139.65 121.03 75.91
C TYR Q 503 138.46 120.07 75.93
N HIS Q 504 138.41 119.11 76.86
CA HIS Q 504 137.27 118.20 76.97
C HIS Q 504 136.02 118.93 77.48
N ILE Q 505 136.19 119.93 78.36
CA ILE Q 505 135.10 120.83 78.76
C ILE Q 505 134.59 121.62 77.53
N ILE Q 506 135.49 122.21 76.74
CA ILE Q 506 135.13 122.92 75.50
C ILE Q 506 134.39 121.99 74.54
N GLN Q 507 134.92 120.79 74.29
CA GLN Q 507 134.32 119.80 73.39
C GLN Q 507 132.91 119.41 73.85
N LYS Q 508 132.69 119.21 75.16
CA LYS Q 508 131.37 118.98 75.75
C LYS Q 508 130.41 120.10 75.38
N PHE Q 509 130.75 121.36 75.68
CA PHE Q 509 129.85 122.49 75.39
C PHE Q 509 129.63 122.71 73.89
N VAL Q 510 130.64 122.46 73.05
CA VAL Q 510 130.51 122.48 71.58
C VAL Q 510 129.52 121.42 71.09
N ILE Q 511 129.60 120.20 71.63
CA ILE Q 511 128.67 119.10 71.33
C ILE Q 511 127.25 119.45 71.76
N LEU Q 512 127.08 119.98 72.99
CA LEU Q 512 125.80 120.39 73.54
C LEU Q 512 125.20 121.64 72.86
N ALA Q 513 125.97 122.35 72.03
CA ALA Q 513 125.59 123.63 71.44
C ALA Q 513 125.30 124.73 72.49
N ASP Q 514 125.88 124.62 73.69
CA ASP Q 514 125.67 125.56 74.80
C ASP Q 514 126.85 126.55 74.87
N VAL Q 515 126.74 127.61 74.05
CA VAL Q 515 127.74 128.70 74.00
C VAL Q 515 127.72 129.50 75.31
N ASP Q 516 126.56 129.75 75.90
CA ASP Q 516 126.43 130.53 77.15
C ASP Q 516 127.13 129.84 78.32
N GLY Q 517 126.96 128.51 78.46
CA GLY Q 517 127.67 127.70 79.45
C GLY Q 517 129.18 127.67 79.22
N LEU Q 518 129.62 127.59 77.97
CA LEU Q 518 131.05 127.71 77.63
C LEU Q 518 131.63 129.06 78.06
N MET Q 519 130.89 130.15 77.87
CA MET Q 519 131.33 131.48 78.30
C MET Q 519 131.41 131.61 79.83
N ASP Q 520 130.58 130.89 80.59
CA ASP Q 520 130.69 130.84 82.06
C ASP Q 520 131.98 130.14 82.50
N GLU Q 521 132.33 129.02 81.87
CA GLU Q 521 133.61 128.33 82.12
C GLU Q 521 134.79 129.25 81.82
N PHE Q 522 134.76 129.98 80.70
CA PHE Q 522 135.81 130.95 80.37
C PHE Q 522 135.94 132.04 81.42
N SER Q 523 134.81 132.57 81.91
CA SER Q 523 134.79 133.55 83.00
C SER Q 523 135.39 132.98 84.30
N GLU Q 524 135.04 131.74 84.66
CA GLU Q 524 135.59 131.07 85.84
C GLU Q 524 137.10 130.88 85.71
N TRP Q 525 137.59 130.41 84.56
CA TRP Q 525 139.02 130.18 84.33
C TRP Q 525 139.83 131.47 84.37
N LEU Q 526 139.30 132.56 83.82
CA LEU Q 526 139.91 133.89 83.91
C LEU Q 526 139.95 134.42 85.36
N SER Q 527 138.92 134.12 86.15
CA SER Q 527 138.83 134.55 87.56
C SER Q 527 139.75 133.76 88.51
N ASN Q 528 139.95 132.47 88.25
CA ASN Q 528 140.77 131.57 89.07
C ASN Q 528 142.28 131.82 88.91
N GLY Q 529 142.70 132.59 87.89
CA GLY Q 529 144.04 133.15 87.79
C GLY Q 529 144.52 133.26 86.35
N LYS Q 530 144.46 134.47 85.78
CA LYS Q 530 144.88 134.78 84.40
C LYS Q 530 146.26 134.26 84.02
N ASN Q 531 147.20 134.22 84.97
CA ASN Q 531 148.57 133.76 84.73
C ASN Q 531 148.72 132.23 84.68
N LEU Q 532 147.71 131.47 85.11
CA LEU Q 532 147.73 130.00 85.09
C LEU Q 532 147.29 129.44 83.73
N LEU Q 533 146.59 130.24 82.92
CA LEU Q 533 146.14 129.83 81.59
C LEU Q 533 147.34 129.75 80.63
N LEU Q 534 147.45 128.61 79.96
CA LEU Q 534 148.50 128.37 78.98
C LEU Q 534 148.25 129.24 77.73
N GLY Q 535 149.31 129.78 77.12
CA GLY Q 535 149.21 130.72 76.01
C GLY Q 535 148.43 130.17 74.79
N HIS Q 536 148.64 128.91 74.45
CA HIS Q 536 147.89 128.23 73.37
C HIS Q 536 146.41 128.06 73.67
N LEU Q 537 146.03 127.84 74.94
CA LEU Q 537 144.61 127.81 75.34
C LEU Q 537 143.99 129.20 75.18
N LEU Q 538 144.68 130.27 75.60
CA LEU Q 538 144.21 131.65 75.41
C LEU Q 538 144.07 132.01 73.92
N ARG Q 539 145.02 131.58 73.08
CA ARG Q 539 144.91 131.70 71.61
C ARG Q 539 143.66 130.97 71.13
N PHE Q 540 143.50 129.70 71.48
CA PHE Q 540 142.34 128.91 71.06
C PHE Q 540 141.03 129.59 71.47
N MET Q 541 140.90 130.02 72.74
CA MET Q 541 139.73 130.75 73.25
C MET Q 541 139.48 132.01 72.41
N THR Q 542 140.51 132.80 72.15
CA THR Q 542 140.40 134.02 71.34
C THR Q 542 139.87 133.71 69.93
N HIS Q 543 140.48 132.75 69.23
CA HIS Q 543 140.06 132.40 67.87
C HIS Q 543 138.69 131.73 67.82
N LEU Q 544 138.30 130.99 68.86
CA LEU Q 544 136.96 130.44 68.99
C LEU Q 544 135.92 131.55 69.14
N LEU Q 545 136.21 132.60 69.91
CA LEU Q 545 135.33 133.76 70.04
C LEU Q 545 135.22 134.54 68.72
N LEU Q 546 136.34 134.72 68.00
CA LEU Q 546 136.33 135.34 66.68
C LEU Q 546 135.52 134.51 65.66
N PHE Q 547 135.60 133.18 65.75
CA PHE Q 547 134.79 132.26 64.97
C PHE Q 547 133.30 132.42 65.28
N PHE Q 548 132.90 132.41 66.57
CA PHE Q 548 131.52 132.66 66.98
C PHE Q 548 131.02 134.04 66.55
N ARG Q 549 131.85 135.08 66.66
CA ARG Q 549 131.54 136.43 66.17
C ARG Q 549 131.28 136.45 64.66
N THR Q 550 132.07 135.70 63.87
CA THR Q 550 131.87 135.56 62.41
C THR Q 550 130.54 134.88 62.06
N LEU Q 551 130.02 134.19 63.06
CA LEU Q 551 128.70 133.60 62.92
C LEU Q 551 127.66 134.50 63.57
N GLY Q 552 128.08 135.74 63.88
CA GLY Q 552 127.19 136.74 64.47
C GLY Q 552 126.79 136.38 65.89
N LEU Q 553 127.39 135.33 66.44
CA LEU Q 553 127.07 134.92 67.83
C LEU Q 553 128.02 135.64 68.78
N GLN Q 554 127.48 136.61 69.54
CA GLN Q 554 128.27 137.40 70.52
C GLN Q 554 127.40 137.63 71.76
N ALA Q 555 128.01 137.84 72.92
CA ALA Q 555 127.25 138.04 74.17
C ALA Q 555 128.14 138.68 75.23
N LYS Q 556 127.55 139.58 76.03
CA LYS Q 556 128.22 140.26 77.19
C LYS Q 556 129.38 141.14 76.70
N GLU Q 557 130.11 140.64 75.70
CA GLU Q 557 131.19 141.29 74.96
C GLU Q 557 132.29 141.87 75.86
N GLU Q 558 131.95 142.49 76.98
CA GLU Q 558 132.97 143.03 77.93
C GLU Q 558 134.07 142.02 78.11
N VAL Q 559 133.65 140.80 78.19
CA VAL Q 559 134.54 139.67 78.42
C VAL Q 559 135.35 139.39 77.15
N SER Q 560 134.72 139.45 75.97
CA SER Q 560 135.41 139.29 74.69
C SER Q 560 136.53 140.31 74.51
N VAL Q 561 136.25 141.58 74.84
CA VAL Q 561 137.23 142.67 74.84
C VAL Q 561 138.36 142.39 75.83
N GLU Q 562 138.07 141.87 77.02
CA GLU Q 562 139.09 141.60 78.04
C GLU Q 562 139.98 140.38 77.69
N VAL Q 563 139.43 139.36 77.04
CA VAL Q 563 140.21 138.24 76.46
C VAL Q 563 141.17 138.79 75.39
N LEU Q 564 140.67 139.56 74.42
CA LEU Q 564 141.47 140.16 73.36
C LEU Q 564 142.59 141.03 73.95
N LYS Q 565 142.28 141.91 74.91
CA LYS Q 565 143.25 142.74 75.63
C LYS Q 565 144.36 141.94 76.29
N THR Q 566 143.98 140.86 76.97
CA THR Q 566 144.94 140.02 77.68
C THR Q 566 145.84 139.27 76.69
N TYR Q 567 145.29 138.80 75.57
CA TYR Q 567 146.06 138.16 74.51
C TYR Q 567 146.99 139.16 73.80
N ILE Q 568 146.53 140.36 73.47
CA ILE Q 568 147.35 141.44 72.89
C ILE Q 568 148.51 141.79 73.83
N GLN Q 569 148.25 141.94 75.13
CA GLN Q 569 149.30 142.21 76.11
C GLN Q 569 150.33 141.07 76.18
N ARG Q 570 149.88 139.81 76.05
CA ARG Q 570 150.77 138.64 75.98
C ARG Q 570 151.66 138.70 74.73
N LEU Q 571 151.10 138.99 73.55
CA LEU Q 571 151.84 139.15 72.29
C LEU Q 571 152.87 140.28 72.35
N ILE Q 572 152.53 141.40 73.00
CA ILE Q 572 153.46 142.52 73.25
C ILE Q 572 154.64 142.04 74.10
N ASN Q 573 154.36 141.34 75.21
CA ASN Q 573 155.40 140.84 76.12
C ASN Q 573 156.32 139.81 75.42
N GLU Q 574 155.77 139.01 74.51
CA GLU Q 574 156.49 137.99 73.72
C GLU Q 574 157.11 138.55 72.42
N LYS Q 575 156.99 139.87 72.17
CA LYS Q 575 157.53 140.58 71.00
C LYS Q 575 157.02 140.05 69.65
N GLN Q 576 155.79 139.55 69.59
CA GLN Q 576 155.15 139.05 68.36
C GLN Q 576 154.52 140.22 67.57
N ILE Q 577 155.36 141.14 67.10
CA ILE Q 577 154.95 142.43 66.50
C ILE Q 577 153.97 142.25 65.32
N GLU Q 578 154.26 141.29 64.44
CA GLU Q 578 153.50 141.02 63.21
C GLU Q 578 152.03 140.62 63.47
N LEU Q 579 151.70 140.18 64.69
CA LEU Q 579 150.36 139.68 65.03
C LEU Q 579 149.46 140.72 65.68
N ILE Q 580 150.04 141.78 66.28
CA ILE Q 580 149.34 142.67 67.21
C ILE Q 580 148.26 143.50 66.50
N ALA Q 581 148.58 144.09 65.34
CA ALA Q 581 147.70 145.01 64.64
C ALA Q 581 146.34 144.38 64.31
N PHE Q 582 146.34 143.12 63.87
CA PHE Q 582 145.12 142.39 63.55
C PHE Q 582 144.23 142.15 64.77
N TYR Q 583 144.79 141.67 65.90
CA TYR Q 583 143.96 141.43 67.07
C TYR Q 583 143.44 142.74 67.68
N VAL Q 584 144.23 143.82 67.59
CA VAL Q 584 143.81 145.15 68.02
C VAL Q 584 142.66 145.69 67.17
N SER Q 585 142.58 145.36 65.87
CA SER Q 585 141.45 145.80 65.02
C SER Q 585 140.11 145.15 65.37
N HIS Q 586 140.16 144.09 66.17
CA HIS Q 586 138.92 143.42 66.66
C HIS Q 586 138.61 143.95 68.07
N LEU Q 587 139.13 145.15 68.37
CA LEU Q 587 138.94 145.80 69.70
C LEU Q 587 138.59 147.28 69.49
N PRO Q 588 138.04 147.98 70.51
CA PRO Q 588 137.67 149.40 70.33
C PRO Q 588 138.89 150.30 70.03
N GLN Q 589 138.68 151.29 69.17
CA GLN Q 589 139.74 152.26 68.74
C GLN Q 589 140.54 152.75 69.95
N GLU Q 590 139.84 153.28 70.97
CA GLU Q 590 140.49 153.81 72.18
C GLU Q 590 141.58 152.89 72.73
N LEU Q 591 141.34 151.57 72.68
CA LEU Q 591 142.32 150.56 73.09
C LEU Q 591 143.46 150.43 72.09
N ALA Q 592 143.17 150.56 70.79
CA ALA Q 592 144.17 150.54 69.74
C ALA Q 592 145.15 151.72 69.91
N ILE Q 593 144.62 152.93 70.14
CA ILE Q 593 145.42 154.15 70.37
C ILE Q 593 146.29 153.98 71.62
N SER Q 594 145.67 153.61 72.75
CA SER Q 594 146.40 153.50 74.02
C SER Q 594 147.47 152.42 74.00
N GLN Q 595 147.20 151.25 73.41
CA GLN Q 595 148.18 150.16 73.35
C GLN Q 595 149.31 150.43 72.36
N TYR Q 596 148.99 150.96 71.17
CA TYR Q 596 150.04 151.32 70.22
C TYR Q 596 150.92 152.44 70.78
N ALA Q 597 150.33 153.41 71.49
CA ALA Q 597 151.10 154.46 72.16
C ALA Q 597 152.09 153.88 73.19
N VAL Q 598 151.64 153.00 74.08
CA VAL Q 598 152.51 152.34 75.07
C VAL Q 598 153.61 151.50 74.39
N PHE Q 599 153.32 150.89 73.23
CA PHE Q 599 154.33 150.21 72.42
C PHE Q 599 155.39 151.19 71.88
N LEU Q 600 154.98 152.29 71.26
CA LEU Q 600 155.88 153.29 70.69
C LEU Q 600 156.76 153.99 71.73
N GLU Q 601 156.30 154.10 72.98
CA GLU Q 601 157.11 154.63 74.09
C GLU Q 601 158.42 153.85 74.31
N ASN Q 602 158.46 152.57 73.95
CA ASN Q 602 159.65 151.73 74.11
C ASN Q 602 160.60 151.80 72.89
N ILE Q 603 160.24 152.54 71.84
CA ILE Q 603 161.04 152.67 70.61
C ILE Q 603 161.89 153.94 70.64
N THR Q 604 163.19 153.75 70.72
CA THR Q 604 164.17 154.85 70.74
C THR Q 604 164.82 155.11 69.39
N ASP Q 605 164.90 154.11 68.51
CA ASP Q 605 165.60 154.19 67.23
C ASP Q 605 164.79 154.96 66.17
N PRO Q 606 165.32 156.04 65.56
CA PRO Q 606 164.56 156.88 64.64
C PRO Q 606 164.07 156.15 63.37
N ASP Q 607 164.86 155.24 62.82
CA ASP Q 607 164.47 154.47 61.63
C ASP Q 607 163.30 153.53 61.97
N GLN Q 608 163.35 152.85 63.12
CA GLN Q 608 162.23 152.07 63.63
C GLN Q 608 160.99 152.91 63.93
N ARG Q 609 161.16 154.14 64.45
CA ARG Q 609 160.03 155.04 64.71
C ARG Q 609 159.28 155.34 63.41
N GLN Q 610 160.00 155.75 62.37
CA GLN Q 610 159.40 156.02 61.06
C GLN Q 610 158.70 154.77 60.51
N ARG Q 611 159.36 153.60 60.57
CA ARG Q 611 158.77 152.34 60.10
C ARG Q 611 157.47 152.00 60.85
N CYS Q 612 157.39 152.24 62.16
CA CYS Q 612 156.17 151.99 62.92
C CYS Q 612 155.02 152.92 62.51
N LEU Q 613 155.29 154.19 62.22
CA LEU Q 613 154.26 155.12 61.74
C LEU Q 613 153.74 154.72 60.34
N GLU Q 614 154.63 154.26 59.46
CA GLU Q 614 154.26 153.72 58.14
C GLU Q 614 153.35 152.51 58.30
N LEU Q 615 153.72 151.54 59.14
CA LEU Q 615 152.91 150.36 59.43
C LEU Q 615 151.55 150.71 60.06
N ALA Q 616 151.52 151.67 60.98
CA ALA Q 616 150.27 152.14 61.59
C ALA Q 616 149.33 152.74 60.54
N LYS Q 617 149.88 153.54 59.61
CA LYS Q 617 149.11 154.13 58.50
C LYS Q 617 148.61 153.06 57.52
N GLU Q 618 149.43 152.09 57.16
CA GLU Q 618 149.04 150.95 56.31
C GLU Q 618 147.92 150.11 56.94
N ALA Q 619 147.89 150.18 58.27
CA ALA Q 619 146.77 149.57 58.96
C ALA Q 619 145.73 150.69 59.00
N GLY Q 620 145.59 151.41 60.11
CA GLY Q 620 144.58 152.47 60.23
C GLY Q 620 144.23 152.81 61.67
N LEU Q 621 145.07 153.61 62.33
CA LEU Q 621 144.72 154.35 63.55
C LEU Q 621 144.95 155.86 63.38
N ASP Q 622 144.42 156.68 64.29
CA ASP Q 622 144.57 158.15 64.21
C ASP Q 622 145.84 158.55 64.92
N VAL Q 623 146.95 158.53 64.20
CA VAL Q 623 148.23 158.85 64.80
C VAL Q 623 148.13 160.19 65.46
N ALA Q 624 147.31 161.05 64.91
CA ALA Q 624 147.32 162.44 65.37
C ALA Q 624 146.67 162.58 66.76
N SER Q 625 145.49 161.98 66.95
CA SER Q 625 144.81 161.96 68.25
C SER Q 625 145.57 161.12 69.29
N ILE Q 626 146.23 160.04 68.86
CA ILE Q 626 147.04 159.20 69.73
C ILE Q 626 148.22 159.98 70.32
N THR Q 627 149.07 160.57 69.49
CA THR Q 627 150.27 161.28 69.97
C THR Q 627 149.91 162.49 70.84
N LYS Q 628 148.82 163.20 70.49
CA LYS Q 628 148.25 164.25 71.34
C LYS Q 628 147.86 163.69 72.72
N THR Q 629 147.14 162.57 72.76
CA THR Q 629 146.70 161.93 74.01
C THR Q 629 147.88 161.47 74.86
N VAL Q 630 148.94 160.92 74.27
CA VAL Q 630 150.18 160.53 74.99
C VAL Q 630 150.78 161.73 75.74
N VAL Q 631 150.86 162.87 75.06
CA VAL Q 631 151.44 164.10 75.62
C VAL Q 631 150.56 164.68 76.72
N GLU Q 632 149.24 164.68 76.50
CA GLU Q 632 148.29 165.12 77.52
C GLU Q 632 148.30 164.23 78.77
N ASN Q 633 148.33 162.91 78.61
CA ASN Q 633 148.40 161.97 79.73
C ASN Q 633 149.67 162.21 80.55
N THR Q 634 150.82 162.39 79.88
CA THR Q 634 152.09 162.70 80.53
C THR Q 634 152.05 164.05 81.26
N ARG Q 635 151.38 165.06 80.69
CA ARG Q 635 151.16 166.37 81.36
C ARG Q 635 150.23 166.29 82.58
N LYS Q 636 149.23 165.42 82.55
CA LYS Q 636 148.18 165.25 83.58
C LYS Q 636 148.62 164.38 84.77
N LYS Q 637 149.66 163.55 84.62
CA LYS Q 637 150.22 162.74 85.73
C LYS Q 637 150.65 163.59 86.94
N ASP Q 638 151.04 164.84 86.71
CA ASP Q 638 151.40 165.80 87.76
C ASP Q 638 150.22 166.66 88.21
N ALA Q 639 149.74 166.42 89.43
CA ALA Q 639 148.84 167.31 90.17
C ALA Q 639 149.57 168.51 90.82
N GLY Q 640 150.76 168.89 90.33
CA GLY Q 640 151.52 170.02 90.86
C GLY Q 640 150.77 171.34 90.61
N GLU Q 641 150.19 171.92 91.67
CA GLU Q 641 149.53 173.22 91.61
C GLU Q 641 150.51 174.34 91.23
N PHE Q 642 150.05 175.29 90.40
CA PHE Q 642 150.71 176.57 90.17
C PHE Q 642 150.66 177.42 91.46
N ALA Q 643 151.58 177.18 92.41
CA ALA Q 643 151.67 177.99 93.62
C ALA Q 643 152.46 179.29 93.36
N HIS Q 644 151.93 180.41 93.86
CA HIS Q 644 152.61 181.71 93.88
C HIS Q 644 153.85 181.66 94.80
N HIS Q 645 154.88 182.46 94.48
CA HIS Q 645 156.19 182.53 95.14
C HIS Q 645 156.24 182.51 96.67
N ASP Q 646 155.19 182.95 97.35
CA ASP Q 646 155.22 183.11 98.81
C ASP Q 646 155.19 181.78 99.58
N PHE Q 647 154.89 180.65 98.91
CA PHE Q 647 154.74 179.34 99.57
C PHE Q 647 155.47 178.16 98.94
N ALA Q 648 156.16 178.33 97.81
CA ALA Q 648 156.98 177.26 97.23
C ALA Q 648 158.40 177.31 97.83
N PRO Q 649 158.87 176.25 98.53
CA PRO Q 649 160.26 176.15 98.97
C PRO Q 649 161.21 176.32 97.79
N ALA Q 650 162.50 176.56 98.05
CA ALA Q 650 163.55 176.51 97.04
C ALA Q 650 163.53 175.13 96.33
N LEU Q 651 162.69 175.02 95.29
CA LEU Q 651 162.58 173.85 94.43
C LEU Q 651 163.95 173.65 93.80
N ASP Q 652 164.37 172.38 93.74
CA ASP Q 652 165.56 171.99 93.00
C ASP Q 652 165.43 172.53 91.57
N SER Q 653 166.35 173.41 91.17
CA SER Q 653 166.40 173.99 89.83
C SER Q 653 166.87 172.97 88.78
N GLY Q 654 167.32 171.78 89.21
CA GLY Q 654 167.68 170.68 88.32
C GLY Q 654 166.49 170.07 87.59
N THR Q 655 166.75 169.55 86.38
CA THR Q 655 165.81 168.75 85.61
C THR Q 655 165.69 167.36 86.25
N SER Q 656 164.56 167.05 86.88
CA SER Q 656 164.28 165.73 87.45
C SER Q 656 164.01 164.69 86.36
N GLU Q 657 163.94 163.40 86.72
CA GLU Q 657 163.53 162.34 85.78
C GLU Q 657 162.09 162.53 85.27
N GLU Q 658 161.21 163.07 86.11
CA GLU Q 658 159.83 163.42 85.73
C GLU Q 658 159.80 164.61 84.76
N ASP Q 659 160.68 165.60 84.95
CA ASP Q 659 160.83 166.68 83.99
C ASP Q 659 161.39 166.16 82.66
N ARG Q 660 162.35 165.23 82.70
CA ARG Q 660 162.93 164.57 81.51
C ARG Q 660 161.86 163.87 80.69
N ALA Q 661 160.96 163.12 81.35
CA ALA Q 661 159.84 162.47 80.67
C ALA Q 661 158.92 163.48 79.95
N LYS Q 662 158.65 164.65 80.55
CA LYS Q 662 157.86 165.73 79.92
C LYS Q 662 158.60 166.39 78.76
N ILE Q 663 159.92 166.46 78.80
CA ILE Q 663 160.72 166.98 77.69
C ILE Q 663 160.66 165.99 76.51
N ASP Q 664 160.89 164.71 76.78
CA ASP Q 664 161.00 163.67 75.74
C ASP Q 664 159.65 163.26 75.13
N VAL Q 665 158.52 163.56 75.79
CA VAL Q 665 157.19 163.27 75.23
C VAL Q 665 156.86 164.13 74.01
N ILE Q 666 157.48 165.32 73.89
CA ILE Q 666 157.25 166.22 72.76
C ILE Q 666 157.73 165.61 71.44
N ASP Q 667 158.73 164.72 71.48
CA ASP Q 667 159.25 164.03 70.29
C ASP Q 667 158.13 163.32 69.50
N TRP Q 668 157.11 162.80 70.18
CA TRP Q 668 155.95 162.17 69.54
C TRP Q 668 155.21 163.07 68.55
N LEU Q 669 155.05 164.36 68.88
CA LEU Q 669 154.38 165.34 68.02
C LEU Q 669 155.32 165.96 66.98
N VAL Q 670 156.63 165.81 67.18
CA VAL Q 670 157.64 166.37 66.27
C VAL Q 670 157.93 165.43 65.10
N PHE Q 671 157.62 164.14 65.20
CA PHE Q 671 157.79 163.17 64.11
C PHE Q 671 157.03 163.54 62.84
N ASP Q 672 155.78 163.98 62.97
CA ASP Q 672 154.93 164.35 61.84
C ASP Q 672 154.86 165.88 61.69
N PRO Q 673 155.40 166.52 60.50
CA PRO Q 673 155.57 168.05 59.82
C PRO Q 673 154.24 168.77 60.06
N ALA Q 674 153.13 168.04 59.84
CA ALA Q 674 151.76 168.56 60.04
C ALA Q 674 151.43 168.83 61.51
N GLN Q 675 151.80 167.91 62.41
CA GLN Q 675 151.46 168.05 63.86
C GLN Q 675 152.11 169.30 64.44
N ARG Q 676 152.74 170.10 63.57
CA ARG Q 676 153.46 171.34 63.92
C ARG Q 676 152.77 172.17 64.98
N ALA Q 677 151.43 172.26 64.96
CA ALA Q 677 150.66 172.96 65.98
C ALA Q 677 150.82 172.31 67.38
N GLU Q 678 150.72 170.99 67.47
CA GLU Q 678 150.97 170.26 68.73
C GLU Q 678 152.43 170.32 69.16
N ALA Q 679 153.39 170.20 68.23
CA ALA Q 679 154.82 170.37 68.52
C ALA Q 679 155.09 171.74 69.18
N LEU Q 680 154.45 172.80 68.68
CA LEU Q 680 154.55 174.15 69.23
C LEU Q 680 153.97 174.24 70.64
N LYS Q 681 152.75 173.71 70.86
CA LYS Q 681 152.09 173.71 72.17
C LYS Q 681 152.91 172.94 73.22
N GLN Q 682 153.40 171.76 72.87
CA GLN Q 682 154.16 170.91 73.78
C GLN Q 682 155.56 171.48 74.06
N SER Q 683 156.25 172.00 73.04
CA SER Q 683 157.55 172.66 73.22
C SER Q 683 157.44 173.91 74.09
N ASN Q 684 156.41 174.73 73.90
CA ASN Q 684 156.13 175.88 74.77
C ASN Q 684 155.93 175.44 76.23
N ALA Q 685 155.16 174.38 76.48
CA ALA Q 685 154.97 173.86 77.83
C ALA Q 685 156.27 173.39 78.50
N ILE Q 686 157.18 172.77 77.75
CA ILE Q 686 158.50 172.36 78.25
C ILE Q 686 159.39 173.58 78.50
N MET Q 687 159.42 174.53 77.55
CA MET Q 687 160.18 175.78 77.69
C MET Q 687 159.70 176.59 78.90
N ARG Q 688 158.40 176.64 79.19
CA ARG Q 688 157.88 177.28 80.41
C ARG Q 688 158.53 176.73 81.69
N LYS Q 689 158.61 175.41 81.81
CA LYS Q 689 159.28 174.75 82.95
C LYS Q 689 160.77 175.09 83.03
N PHE Q 690 161.48 175.04 81.90
CA PHE Q 690 162.91 175.36 81.86
C PHE Q 690 163.21 176.83 82.17
N LEU Q 691 162.41 177.76 81.66
CA LEU Q 691 162.52 179.19 81.95
C LEU Q 691 162.27 179.48 83.43
N ALA Q 692 161.25 178.86 84.03
CA ALA Q 692 160.98 178.98 85.47
C ALA Q 692 162.15 178.47 86.33
N SER Q 693 162.84 177.44 85.84
CA SER Q 693 163.99 176.81 86.51
C SER Q 693 165.33 177.47 86.18
N LYS Q 694 165.36 178.58 85.42
CA LYS Q 694 166.56 179.25 84.90
C LYS Q 694 167.51 178.36 84.08
N LYS Q 695 166.97 177.31 83.43
CA LYS Q 695 167.73 176.44 82.52
C LYS Q 695 167.62 176.99 81.09
N HIS Q 696 168.19 178.18 80.85
CA HIS Q 696 168.07 178.87 79.56
C HIS Q 696 168.67 178.07 78.39
N GLU Q 697 169.77 177.36 78.60
CA GLU Q 697 170.37 176.53 77.55
C GLU Q 697 169.45 175.36 77.16
N ALA Q 698 168.84 174.66 78.13
CA ALA Q 698 167.83 173.64 77.83
C ALA Q 698 166.62 174.21 77.07
N ALA Q 699 166.14 175.41 77.44
CA ALA Q 699 165.06 176.07 76.72
C ALA Q 699 165.45 176.42 75.26
N LYS Q 700 166.68 176.85 75.02
CA LYS Q 700 167.20 177.08 73.65
C LYS Q 700 167.28 175.79 72.84
N GLU Q 701 167.70 174.70 73.47
CA GLU Q 701 167.76 173.40 72.81
C GLU Q 701 166.37 172.94 72.37
N VAL Q 702 165.35 173.07 73.23
CA VAL Q 702 163.94 172.82 72.84
C VAL Q 702 163.50 173.74 71.70
N PHE Q 703 163.80 175.04 71.80
CA PHE Q 703 163.45 176.01 70.77
C PHE Q 703 164.06 175.63 69.41
N ALA Q 704 165.31 175.17 69.40
CA ALA Q 704 166.02 174.76 68.20
C ALA Q 704 165.49 173.47 67.56
N LYS Q 705 165.00 172.56 68.44
CA LYS Q 705 164.43 171.23 68.10
C LYS Q 705 163.41 171.50 67.00
N ILE Q 706 162.27 172.11 67.36
CA ILE Q 706 161.44 172.59 66.24
C ILE Q 706 162.42 173.64 65.71
N PRO Q 707 162.81 173.61 64.41
CA PRO Q 707 163.98 174.38 63.93
C PRO Q 707 164.00 175.91 63.88
N GLN Q 708 165.16 176.49 63.55
CA GLN Q 708 165.25 177.97 63.37
C GLN Q 708 164.15 178.40 62.38
N ASP Q 709 163.50 177.42 61.76
CA ASP Q 709 162.38 177.55 60.84
C ASP Q 709 161.02 177.23 61.48
N SER Q 710 160.97 176.79 62.74
CA SER Q 710 159.72 176.37 63.41
C SER Q 710 158.62 177.41 63.36
N ILE Q 711 158.95 178.69 63.55
CA ILE Q 711 157.96 179.76 63.48
C ILE Q 711 157.42 179.89 62.05
N ALA Q 712 158.30 179.90 61.04
CA ALA Q 712 157.91 179.98 59.64
C ALA Q 712 157.06 178.78 59.21
N GLU Q 713 157.42 177.59 59.69
CA GLU Q 713 156.69 176.35 59.46
C GLU Q 713 155.27 176.38 60.05
N ILE Q 714 155.09 176.92 61.27
CA ILE Q 714 153.76 177.09 61.89
C ILE Q 714 152.87 177.99 61.03
N TYR Q 715 153.41 179.11 60.53
CA TYR Q 715 152.67 179.99 59.62
C TYR Q 715 152.34 179.31 58.29
N SER Q 716 153.32 178.62 57.69
CA SER Q 716 153.14 177.91 56.41
C SER Q 716 152.04 176.86 56.50
N GLN Q 717 152.01 176.07 57.57
CA GLN Q 717 151.00 175.03 57.79
C GLN Q 717 149.61 175.60 57.99
N TRP Q 718 149.50 176.74 58.67
CA TRP Q 718 148.23 177.42 58.86
C TRP Q 718 147.69 177.99 57.53
N GLU Q 719 148.55 178.59 56.72
CA GLU Q 719 148.21 179.08 55.39
C GLU Q 719 147.77 177.93 54.44
N GLU Q 720 148.45 176.78 54.51
CA GLU Q 720 148.12 175.58 53.71
C GLU Q 720 146.74 174.99 54.05
N GLN Q 721 146.27 175.09 55.29
CA GLN Q 721 144.94 174.65 55.71
C GLN Q 721 143.79 175.53 55.14
N ALA Q 722 144.11 176.46 54.23
CA ALA Q 722 143.17 177.35 53.55
C ALA Q 722 142.35 178.21 54.53
N MET Q 723 142.98 178.64 55.64
CA MET Q 723 142.38 179.52 56.62
C MET Q 723 142.89 180.95 56.41
N ASP Q 724 142.09 181.82 55.77
CA ASP Q 724 142.35 183.27 55.64
C ASP Q 724 142.26 184.04 57.00
N SER Q 725 142.21 183.32 58.12
CA SER Q 725 142.14 183.88 59.47
C SER Q 725 143.51 183.97 60.12
N ALA Q 726 143.66 184.88 61.09
CA ALA Q 726 144.83 184.91 61.96
C ALA Q 726 145.06 183.55 62.63
N LEU Q 727 146.32 183.26 63.00
CA LEU Q 727 146.68 182.10 63.81
C LEU Q 727 145.80 182.00 65.08
N PRO Q 728 145.58 180.79 65.59
CA PRO Q 728 144.99 180.58 66.90
C PRO Q 728 145.74 181.40 67.96
N ALA Q 729 144.99 182.02 68.89
CA ALA Q 729 145.56 182.84 69.95
C ALA Q 729 146.58 182.08 70.80
N GLU Q 730 146.39 180.78 71.01
CA GLU Q 730 147.36 179.92 71.70
C GLU Q 730 148.72 179.88 71.01
N ASP Q 731 148.73 179.67 69.69
CA ASP Q 731 149.95 179.50 68.92
C ASP Q 731 150.67 180.85 68.75
N ASP Q 732 149.93 181.94 68.52
CA ASP Q 732 150.48 183.30 68.46
C ASP Q 732 151.14 183.72 69.80
N ASN Q 733 150.44 183.47 70.92
CA ASN Q 733 151.00 183.70 72.26
C ASN Q 733 152.20 182.79 72.55
N ALA Q 734 152.21 181.54 72.08
CA ALA Q 734 153.34 180.64 72.22
C ALA Q 734 154.57 181.10 71.40
N ILE Q 735 154.35 181.60 70.17
CA ILE Q 735 155.41 182.22 69.36
C ILE Q 735 155.98 183.43 70.08
N ARG Q 736 155.12 184.31 70.59
CA ARG Q 736 155.54 185.48 71.35
C ARG Q 736 156.33 185.11 72.61
N GLU Q 737 155.86 184.13 73.37
CA GLU Q 737 156.55 183.60 74.55
C GLU Q 737 157.95 183.06 74.18
N HIS Q 738 158.06 182.32 73.07
CA HIS Q 738 159.33 181.80 72.58
C HIS Q 738 160.31 182.93 72.21
N LEU Q 739 159.83 183.98 71.54
CA LEU Q 739 160.63 185.17 71.21
C LEU Q 739 161.06 185.96 72.46
N CYS Q 740 160.21 186.02 73.49
CA CYS Q 740 160.58 186.58 74.79
C CYS Q 740 161.72 185.79 75.42
N ILE Q 741 161.61 184.46 75.45
CA ILE Q 741 162.64 183.58 76.01
C ILE Q 741 163.95 183.72 75.22
N ARG Q 742 163.90 183.76 73.88
CA ARG Q 742 165.05 184.01 73.01
C ARG Q 742 165.79 185.30 73.40
N ALA Q 743 165.08 186.42 73.45
CA ALA Q 743 165.67 187.72 73.79
C ALA Q 743 166.35 187.68 75.17
N TYR Q 744 165.74 186.99 76.13
CA TYR Q 744 166.30 186.82 77.47
C TYR Q 744 167.57 185.95 77.46
N LEU Q 745 167.55 184.80 76.79
CA LEU Q 745 168.72 183.91 76.71
C LEU Q 745 169.90 184.58 75.98
N GLU Q 746 169.66 185.26 74.86
CA GLU Q 746 170.67 186.04 74.13
C GLU Q 746 171.27 187.14 75.02
N SER Q 747 170.44 187.85 75.80
CA SER Q 747 170.92 188.89 76.72
C SER Q 747 171.80 188.34 77.84
N HIS Q 748 171.49 187.14 78.35
CA HIS Q 748 172.26 186.48 79.38
C HIS Q 748 173.59 185.94 78.85
N GLU Q 749 173.60 185.42 77.61
CA GLU Q 749 174.81 184.98 76.93
C GLU Q 749 175.77 186.14 76.65
N ALA Q 750 175.26 187.23 76.06
CA ALA Q 750 176.03 188.43 75.84
C ALA Q 750 176.62 188.97 77.17
N PHE Q 751 175.81 189.00 78.25
CA PHE Q 751 176.29 189.44 79.56
C PHE Q 751 177.40 188.54 80.09
N ASN Q 752 177.28 187.23 79.94
CA ASN Q 752 178.30 186.29 80.38
C ASN Q 752 179.60 186.42 79.58
N GLU Q 753 179.52 186.65 78.27
CA GLU Q 753 180.70 186.92 77.44
C GLU Q 753 181.38 188.22 77.87
N TRP Q 754 180.61 189.30 78.03
CA TRP Q 754 181.09 190.57 78.56
C TRP Q 754 181.72 190.42 79.96
N PHE Q 755 181.08 189.67 80.85
CA PHE Q 755 181.54 189.46 82.23
C PHE Q 755 182.83 188.65 82.27
N LYS Q 756 183.00 187.65 81.38
CA LYS Q 756 184.28 186.94 81.24
C LYS Q 756 185.38 187.88 80.76
N HIS Q 757 185.10 188.68 79.72
CA HIS Q 757 186.08 189.57 79.11
C HIS Q 757 186.53 190.72 80.02
N ILE Q 758 185.61 191.34 80.76
CA ILE Q 758 185.95 192.44 81.70
C ILE Q 758 186.83 191.97 82.86
N ASN Q 759 186.69 190.70 83.27
CA ASN Q 759 187.47 190.10 84.35
C ASN Q 759 188.82 189.52 83.88
N SER Q 760 189.15 189.60 82.58
CA SER Q 760 190.44 189.18 82.02
C SER Q 760 191.22 190.34 81.39
N PRO Q 761 191.52 191.43 82.12
CA PRO Q 761 192.32 192.52 81.58
C PRO Q 761 193.78 192.09 81.35
N PRO Q 762 194.46 192.63 80.32
CA PRO Q 762 195.89 192.44 80.15
C PRO Q 762 196.68 192.86 81.40
N GLN Q 763 197.68 192.07 81.78
CA GLN Q 763 198.51 192.38 82.95
C GLN Q 763 199.57 193.42 82.60
N LYS Q 764 199.58 194.53 83.35
CA LYS Q 764 200.62 195.55 83.20
C LYS Q 764 201.97 194.97 83.62
N PRO Q 765 203.01 195.00 82.75
CA PRO Q 765 204.33 194.53 83.09
C PRO Q 765 204.91 195.28 84.31
N THR Q 766 205.51 194.54 85.24
CA THR Q 766 206.19 195.10 86.42
C THR Q 766 207.71 194.93 86.27
N LEU Q 767 208.46 196.00 86.49
CA LEU Q 767 209.92 195.99 86.42
C LEU Q 767 210.51 195.55 87.78
N VAL Q 768 211.26 194.44 87.82
CA VAL Q 768 211.97 194.00 89.03
C VAL Q 768 213.17 194.94 89.27
N GLY Q 769 213.32 195.44 90.50
CA GLY Q 769 214.16 196.60 90.86
C GLY Q 769 215.67 196.52 90.58
N GLN Q 770 216.21 195.39 90.10
CA GLN Q 770 217.61 195.24 89.69
C GLN Q 770 217.74 194.53 88.33
N ALA Q 771 216.96 194.97 87.35
CA ALA Q 771 216.95 194.38 86.01
C ALA Q 771 218.21 194.70 85.18
N SER Q 772 218.83 193.69 84.56
CA SER Q 772 219.95 193.87 83.61
C SER Q 772 219.56 194.70 82.38
N PHE Q 773 220.53 195.22 81.62
CA PHE Q 773 220.23 196.01 80.39
C PHE Q 773 219.31 195.24 79.42
N THR Q 774 219.56 193.94 79.23
CA THR Q 774 218.72 193.03 78.45
C THR Q 774 217.30 192.92 79.01
N GLU Q 775 217.13 192.95 80.34
CA GLU Q 775 215.81 192.91 80.98
C GLU Q 775 215.05 194.23 80.87
N LYS Q 776 215.72 195.38 80.85
CA LYS Q 776 215.09 196.69 80.60
C LYS Q 776 214.56 196.80 79.17
N VAL Q 777 215.34 196.36 78.18
CA VAL Q 777 214.88 196.30 76.77
C VAL Q 777 213.73 195.30 76.64
N ALA Q 778 213.81 194.14 77.29
CA ALA Q 778 212.70 193.20 77.35
C ALA Q 778 211.45 193.79 78.03
N HIS Q 779 211.61 194.64 79.05
CA HIS Q 779 210.49 195.34 79.69
C HIS Q 779 209.84 196.36 78.76
N GLU Q 780 210.61 197.19 78.06
CA GLU Q 780 210.06 198.15 77.10
C GLU Q 780 209.28 197.44 75.99
N HIS Q 781 209.80 196.31 75.48
CA HIS Q 781 209.07 195.45 74.54
C HIS Q 781 207.79 194.86 75.16
N LYS Q 782 207.82 194.47 76.45
CA LYS Q 782 206.62 194.00 77.17
C LYS Q 782 205.60 195.12 77.38
N GLU Q 783 206.03 196.36 77.64
CA GLU Q 783 205.17 197.51 77.88
C GLU Q 783 204.47 197.96 76.59
N LYS Q 784 205.21 198.05 75.47
CA LYS Q 784 204.61 198.29 74.14
C LYS Q 784 203.61 197.21 73.75
N LYS Q 785 203.95 195.94 74.04
CA LYS Q 785 203.01 194.83 73.83
C LYS Q 785 201.76 194.97 74.70
N TYR Q 786 201.92 195.35 75.97
CA TYR Q 786 200.80 195.58 76.88
C TYR Q 786 199.88 196.72 76.41
N GLU Q 787 200.41 197.85 75.96
CA GLU Q 787 199.60 198.96 75.45
C GLU Q 787 198.76 198.54 74.24
N MET Q 788 199.36 197.78 73.32
CA MET Q 788 198.67 197.21 72.15
C MET Q 788 197.58 196.22 72.58
N ASP Q 789 197.91 195.26 73.45
CA ASP Q 789 196.98 194.25 73.96
C ASP Q 789 195.83 194.91 74.76
N PHE Q 790 196.10 195.98 75.51
CA PHE Q 790 195.10 196.77 76.26
C PHE Q 790 194.17 197.54 75.31
N GLY Q 791 194.70 198.13 74.25
CA GLY Q 791 193.90 198.80 73.22
C GLY Q 791 192.91 197.84 72.55
N ILE Q 792 193.36 196.63 72.18
CA ILE Q 792 192.52 195.57 71.60
C ILE Q 792 191.47 195.12 72.62
N TRP Q 793 191.88 194.83 73.87
CA TRP Q 793 190.97 194.42 74.94
C TRP Q 793 189.87 195.45 75.19
N LYS Q 794 190.22 196.75 75.24
CA LYS Q 794 189.28 197.84 75.46
C LYS Q 794 188.31 197.98 74.29
N GLY Q 795 188.79 197.91 73.04
CA GLY Q 795 187.93 197.92 71.85
C GLY Q 795 186.92 196.77 71.84
N HIS Q 796 187.36 195.56 72.19
CA HIS Q 796 186.47 194.40 72.33
C HIS Q 796 185.46 194.59 73.47
N LEU Q 797 185.89 195.15 74.62
CA LEU Q 797 185.01 195.43 75.76
C LEU Q 797 183.89 196.41 75.37
N ASP Q 798 184.21 197.46 74.62
CA ASP Q 798 183.23 198.46 74.21
C ASP Q 798 182.22 197.87 73.20
N ALA Q 799 182.66 196.99 72.27
CA ALA Q 799 181.78 196.25 71.37
C ALA Q 799 180.84 195.31 72.14
N LEU Q 800 181.35 194.49 73.06
CA LEU Q 800 180.56 193.62 73.93
C LEU Q 800 179.59 194.41 74.80
N THR Q 801 180.00 195.58 75.31
CA THR Q 801 179.14 196.46 76.11
C THR Q 801 177.95 196.96 75.29
N SER Q 802 178.19 197.34 74.02
CA SER Q 802 177.12 197.76 73.12
C SER Q 802 176.14 196.63 72.82
N ASP Q 803 176.65 195.43 72.56
CA ASP Q 803 175.84 194.24 72.28
C ASP Q 803 174.99 193.86 73.50
N VAL Q 804 175.57 193.74 74.70
CA VAL Q 804 174.83 193.47 75.95
C VAL Q 804 173.75 194.50 76.21
N LYS Q 805 174.05 195.78 75.99
CA LYS Q 805 173.10 196.88 76.15
C LYS Q 805 171.91 196.71 75.19
N GLU Q 806 172.17 196.43 73.92
CA GLU Q 806 171.12 196.18 72.92
C GLU Q 806 170.27 194.96 73.30
N LYS Q 807 170.90 193.83 73.62
CA LYS Q 807 170.18 192.60 73.98
C LYS Q 807 169.35 192.74 75.24
N ILE Q 808 169.85 193.41 76.29
CA ILE Q 808 169.05 193.65 77.51
C ILE Q 808 167.91 194.64 77.22
N TYR Q 809 168.11 195.66 76.37
CA TYR Q 809 167.01 196.53 75.97
C TYR Q 809 165.94 195.80 75.17
N ASN Q 810 166.29 194.83 74.32
CA ASN Q 810 165.31 194.01 73.62
C ASN Q 810 164.39 193.24 74.58
N VAL Q 811 164.87 192.89 75.78
CA VAL Q 811 164.07 192.29 76.85
C VAL Q 811 163.23 193.35 77.58
N LEU Q 812 163.85 194.43 78.06
CA LEU Q 812 163.18 195.45 78.88
C LEU Q 812 162.14 196.26 78.08
N LEU Q 813 162.38 196.44 76.79
CA LEU Q 813 161.55 197.23 75.87
C LEU Q 813 160.83 196.35 74.85
N PHE Q 814 160.62 195.07 75.15
CA PHE Q 814 159.92 194.13 74.26
C PHE Q 814 158.56 194.69 73.81
N VAL Q 815 158.26 194.61 72.51
CA VAL Q 815 157.14 195.32 71.89
C VAL Q 815 155.77 194.87 72.37
N ASP Q 816 154.74 195.70 72.18
CA ASP Q 816 153.31 195.38 72.37
C ASP Q 816 152.96 194.82 73.76
N GLY Q 817 153.15 195.62 74.82
CA GLY Q 817 152.72 195.29 76.20
C GLY Q 817 153.78 194.63 77.08
N GLY Q 818 154.95 194.31 76.53
CA GLY Q 818 156.13 193.91 77.28
C GLY Q 818 156.42 192.41 77.32
N TRP Q 819 157.56 192.07 77.89
CA TRP Q 819 158.13 190.72 77.89
C TRP Q 819 157.28 189.71 78.69
N MET Q 820 156.94 188.56 78.12
CA MET Q 820 156.09 187.52 78.74
C MET Q 820 154.69 188.06 79.14
N VAL Q 821 154.03 188.76 78.23
CA VAL Q 821 152.63 189.20 78.34
C VAL Q 821 151.91 188.76 77.08
N ASP Q 822 150.78 188.07 77.21
CA ASP Q 822 149.96 187.68 76.07
C ASP Q 822 149.30 188.91 75.45
N VAL Q 823 149.20 188.93 74.12
CA VAL Q 823 148.55 190.00 73.36
C VAL Q 823 147.15 189.59 72.95
N ARG Q 824 146.96 188.28 72.69
CA ARG Q 824 145.71 187.67 72.26
C ARG Q 824 145.02 187.04 73.46
N GLU Q 825 143.89 187.60 73.88
CA GLU Q 825 143.10 187.13 75.03
C GLU Q 825 141.92 186.23 74.61
N ASP Q 826 141.76 185.96 73.30
CA ASP Q 826 140.69 185.15 72.72
C ASP Q 826 140.91 183.63 72.85
N THR Q 827 141.72 183.19 73.82
CA THR Q 827 141.98 181.79 74.15
C THR Q 827 141.49 181.44 75.56
N GLU Q 828 141.34 180.16 75.86
CA GLU Q 828 141.05 179.69 77.22
C GLU Q 828 142.20 180.07 78.17
N GLU Q 829 141.85 180.58 79.35
CA GLU Q 829 142.83 180.93 80.38
C GLU Q 829 143.47 179.67 80.96
N ASP Q 830 144.78 179.50 80.77
CA ASP Q 830 145.60 178.55 81.54
C ASP Q 830 146.14 179.26 82.80
N PRO Q 831 145.53 179.08 83.97
CA PRO Q 831 145.92 179.79 85.20
C PRO Q 831 147.32 179.41 85.66
N GLU Q 832 147.77 178.18 85.39
CA GLU Q 832 149.12 177.74 85.73
C GLU Q 832 150.14 178.50 84.86
N ARG Q 833 149.89 178.58 83.55
CA ARG Q 833 150.75 179.34 82.63
C ARG Q 833 150.80 180.82 82.97
N SER Q 834 149.66 181.48 83.12
CA SER Q 834 149.62 182.91 83.43
C SER Q 834 150.32 183.21 84.76
N HIS Q 835 150.17 182.35 85.77
CA HIS Q 835 150.89 182.48 87.04
C HIS Q 835 152.41 182.38 86.85
N GLN Q 836 152.89 181.37 86.10
CA GLN Q 836 154.31 181.19 85.83
C GLN Q 836 154.90 182.38 85.05
N MET Q 837 154.17 182.94 84.09
CA MET Q 837 154.61 184.13 83.34
C MET Q 837 154.77 185.35 84.25
N VAL Q 838 153.83 185.60 85.16
CA VAL Q 838 153.92 186.69 86.14
C VAL Q 838 155.11 186.51 87.08
N LEU Q 839 155.37 185.28 87.55
CA LEU Q 839 156.54 184.97 88.38
C LEU Q 839 157.84 185.21 87.63
N LEU Q 840 157.94 184.75 86.37
CA LEU Q 840 159.12 184.98 85.54
C LEU Q 840 159.36 186.46 85.28
N ARG Q 841 158.31 187.26 85.08
CA ARG Q 841 158.44 188.72 84.95
C ARG Q 841 159.03 189.36 86.21
N ARG Q 842 158.54 188.97 87.39
CA ARG Q 842 159.06 189.44 88.69
C ARG Q 842 160.48 188.98 88.96
N LEU Q 843 160.88 187.86 88.36
CA LEU Q 843 162.22 187.30 88.48
C LEU Q 843 163.22 187.96 87.50
N CYS Q 844 162.92 187.90 86.21
CA CYS Q 844 163.85 188.16 85.13
C CYS Q 844 164.02 189.66 84.86
N LEU Q 845 162.96 190.46 84.91
CA LEU Q 845 163.02 191.88 84.53
C LEU Q 845 163.82 192.74 85.53
N PRO Q 846 163.62 192.62 86.87
CA PRO Q 846 164.49 193.30 87.82
C PRO Q 846 165.95 192.88 87.66
N MET Q 847 166.19 191.58 87.49
CA MET Q 847 167.54 191.05 87.27
C MET Q 847 168.20 191.68 86.04
N MET Q 848 167.52 191.71 84.90
CA MET Q 848 168.01 192.35 83.67
C MET Q 848 168.34 193.82 83.87
N CYS Q 849 167.49 194.56 84.58
CA CYS Q 849 167.76 195.96 84.92
C CYS Q 849 169.03 196.13 85.76
N PHE Q 850 169.25 195.25 86.76
CA PHE Q 850 170.45 195.27 87.57
C PHE Q 850 171.72 194.88 86.81
N LEU Q 851 171.63 193.89 85.90
CA LEU Q 851 172.74 193.50 85.04
C LEU Q 851 173.12 194.65 84.10
N LEU Q 852 172.14 195.30 83.48
CA LEU Q 852 172.38 196.46 82.61
C LEU Q 852 172.98 197.64 83.39
N HIS Q 853 172.48 197.96 84.59
CA HIS Q 853 173.10 198.95 85.47
C HIS Q 853 174.57 198.61 85.74
N THR Q 854 174.85 197.35 86.07
CA THR Q 854 176.22 196.89 86.36
C THR Q 854 177.15 197.05 85.16
N VAL Q 855 176.67 196.70 83.96
CA VAL Q 855 177.42 196.86 82.69
C VAL Q 855 177.73 198.33 82.43
N LEU Q 856 176.70 199.19 82.50
CA LEU Q 856 176.84 200.61 82.23
C LEU Q 856 177.71 201.31 83.29
N HIS Q 857 177.57 200.95 84.57
CA HIS Q 857 178.36 201.53 85.66
C HIS Q 857 179.84 201.16 85.54
N ASN Q 858 180.15 199.87 85.32
CA ASN Q 858 181.54 199.41 85.19
C ASN Q 858 182.23 199.94 83.93
N THR Q 859 181.47 200.24 82.88
CA THR Q 859 181.97 200.83 81.63
C THR Q 859 181.93 202.37 81.64
N LYS Q 860 181.61 202.98 82.80
CA LYS Q 860 181.56 204.44 83.04
C LYS Q 860 180.51 205.20 82.22
N GLN Q 861 179.48 204.50 81.72
CA GLN Q 861 178.32 205.10 81.05
C GLN Q 861 177.27 205.56 82.07
N TYR Q 862 177.67 206.39 83.04
CA TYR Q 862 176.83 206.74 84.20
C TYR Q 862 175.54 207.47 83.83
N LYS Q 863 175.56 208.28 82.75
CA LYS Q 863 174.36 208.94 82.23
C LYS Q 863 173.31 207.93 81.77
N ASP Q 864 173.75 206.86 81.10
CA ASP Q 864 172.85 205.79 80.65
C ASP Q 864 172.33 204.95 81.82
N CYS Q 865 173.09 204.83 82.93
CA CYS Q 865 172.55 204.23 84.16
C CYS Q 865 171.30 204.98 84.64
N LEU Q 866 171.29 206.31 84.60
CA LEU Q 866 170.16 207.12 85.07
C LEU Q 866 168.93 207.01 84.17
N ARG Q 867 169.13 206.82 82.85
CA ARG Q 867 168.04 206.54 81.89
C ARG Q 867 167.26 205.26 82.21
N LEU Q 868 167.83 204.34 82.99
CA LEU Q 868 167.10 203.17 83.46
C LEU Q 868 165.90 203.55 84.35
N ALA Q 869 165.96 204.69 85.06
CA ALA Q 869 164.81 205.19 85.83
C ALA Q 869 163.62 205.53 84.92
N ASP Q 870 163.89 206.16 83.77
CA ASP Q 870 162.87 206.51 82.78
C ASP Q 870 162.25 205.25 82.17
N ILE Q 871 163.08 204.24 81.91
CA ILE Q 871 162.64 202.95 81.34
C ILE Q 871 161.78 202.18 82.35
N VAL Q 872 162.22 202.10 83.62
CA VAL Q 872 161.47 201.37 84.67
C VAL Q 872 160.15 202.06 84.98
N SER Q 873 160.10 203.40 84.95
CA SER Q 873 158.90 204.19 85.19
C SER Q 873 157.98 204.33 83.97
N SER Q 874 158.41 203.87 82.79
CA SER Q 874 157.62 203.98 81.55
C SER Q 874 156.28 203.23 81.65
N GLU Q 875 155.20 203.92 81.31
CA GLU Q 875 153.85 203.35 81.25
C GLU Q 875 153.65 202.38 80.08
N ASN Q 876 154.56 202.38 79.10
CA ASN Q 876 154.46 201.49 77.93
C ASN Q 876 154.69 200.02 78.34
N GLN Q 877 155.69 199.78 79.20
CA GLN Q 877 156.07 198.43 79.63
C GLN Q 877 155.70 198.12 81.09
N LYS Q 878 155.33 199.16 81.85
CA LYS Q 878 154.93 199.09 83.27
C LYS Q 878 155.89 198.27 84.13
N LEU Q 879 157.19 198.38 83.86
CA LEU Q 879 158.21 197.59 84.54
C LEU Q 879 158.17 197.83 86.05
N TYR Q 880 157.84 199.04 86.52
CA TYR Q 880 157.67 199.34 87.95
C TYR Q 880 156.71 198.41 88.71
N THR Q 881 155.78 197.73 88.03
CA THR Q 881 154.82 196.80 88.66
C THR Q 881 155.41 195.45 89.02
N VAL Q 882 156.53 195.06 88.41
CA VAL Q 882 157.16 193.75 88.63
C VAL Q 882 158.27 193.79 89.67
N PHE Q 883 158.76 194.99 90.04
CA PHE Q 883 159.76 195.17 91.08
C PHE Q 883 159.14 195.05 92.47
N SER Q 884 159.77 194.29 93.34
CA SER Q 884 159.50 194.34 94.78
C SER Q 884 159.98 195.66 95.40
N LYS Q 885 159.47 195.99 96.60
CA LYS Q 885 159.88 197.19 97.34
C LYS Q 885 161.38 197.20 97.67
N THR Q 886 161.96 196.03 97.92
CA THR Q 886 163.40 195.86 98.21
C THR Q 886 164.23 196.08 96.95
N GLU Q 887 163.84 195.50 95.81
CA GLU Q 887 164.52 195.71 94.53
C GLU Q 887 164.44 197.16 94.08
N MET Q 888 163.28 197.81 94.21
CA MET Q 888 163.16 199.23 93.87
C MET Q 888 164.08 200.11 94.72
N ARG Q 889 164.21 199.82 96.02
CA ARG Q 889 165.16 200.52 96.90
C ARG Q 889 166.61 200.29 96.45
N ASN Q 890 166.96 199.06 96.10
CA ASN Q 890 168.29 198.70 95.64
C ASN Q 890 168.63 199.37 94.29
N LEU Q 891 167.66 199.46 93.38
CA LEU Q 891 167.81 200.18 92.12
C LEU Q 891 168.10 201.66 92.37
N LEU Q 892 167.30 202.33 93.21
CA LEU Q 892 167.53 203.74 93.55
C LEU Q 892 168.89 203.97 94.23
N GLN Q 893 169.35 203.04 95.06
CA GLN Q 893 170.70 203.12 95.66
C GLN Q 893 171.79 203.03 94.58
N LYS Q 894 171.67 202.07 93.66
CA LYS Q 894 172.59 201.91 92.52
C LYS Q 894 172.59 203.11 91.57
N LEU Q 895 171.43 203.71 91.32
CA LEU Q 895 171.31 204.94 90.54
C LEU Q 895 171.99 206.12 91.24
N ARG Q 896 171.83 206.25 92.56
CA ARG Q 896 172.53 207.24 93.38
C ARG Q 896 174.05 207.06 93.29
N GLU Q 897 174.55 205.84 93.34
CA GLU Q 897 175.99 205.56 93.19
C GLU Q 897 176.53 206.03 91.82
N SER Q 898 175.79 205.77 90.73
CA SER Q 898 176.15 206.29 89.40
C SER Q 898 176.08 207.82 89.32
N SER Q 899 175.10 208.45 89.99
CA SER Q 899 174.96 209.92 90.06
C SER Q 899 176.12 210.58 90.81
N LEU Q 900 176.62 209.96 91.88
CA LEU Q 900 177.81 210.45 92.59
C LEU Q 900 179.06 210.40 91.69
N MET Q 901 179.22 209.35 90.88
CA MET Q 901 180.33 209.26 89.92
C MET Q 901 180.26 210.34 88.83
N LEU Q 902 179.07 210.79 88.43
CA LEU Q 902 178.92 211.93 87.52
C LEU Q 902 179.38 213.25 88.14
N LEU Q 903 179.10 213.46 89.43
CA LEU Q 903 179.57 214.64 90.16
C LEU Q 903 181.10 214.66 90.28
N ASP Q 904 181.74 213.51 90.49
CA ASP Q 904 183.20 213.38 90.49
C ASP Q 904 183.81 213.71 89.11
N LEU Q 905 183.05 213.55 88.02
CA LEU Q 905 183.42 213.96 86.66
C LEU Q 905 183.09 215.43 86.34
N GLN Q 906 182.70 216.24 87.34
CA GLN Q 906 182.29 217.64 87.18
C GLN Q 906 181.05 217.85 86.29
N LEU Q 907 180.19 216.84 86.19
CA LEU Q 907 178.87 216.94 85.55
C LEU Q 907 177.78 217.13 86.60
N ASP Q 908 176.60 217.56 86.19
CA ASP Q 908 175.43 217.60 87.07
C ASP Q 908 174.99 216.17 87.47
N PRO Q 909 174.11 216.02 88.48
CA PRO Q 909 173.63 214.72 88.93
C PRO Q 909 172.95 213.85 87.85
N LEU Q 910 172.60 214.43 86.69
CA LEU Q 910 171.91 213.79 85.55
C LEU Q 910 172.85 213.59 84.33
N GLY Q 911 174.11 214.02 84.41
CA GLY Q 911 175.12 213.88 83.37
C GLY Q 911 175.04 214.94 82.27
N TYR Q 912 174.56 216.14 82.58
CA TYR Q 912 174.68 217.33 81.75
C TYR Q 912 175.84 218.21 82.24
N GLU Q 913 176.42 218.99 81.34
CA GLU Q 913 177.46 219.96 81.71
C GLU Q 913 176.87 220.99 82.67
N ILE Q 914 177.53 221.20 83.81
CA ILE Q 914 177.16 222.24 84.77
C ILE Q 914 177.40 223.58 84.06
N GLN Q 915 176.31 224.24 83.66
CA GLN Q 915 176.40 225.62 83.17
C GLN Q 915 176.98 226.46 84.31
N SER Q 916 178.19 227.00 84.08
CA SER Q 916 178.97 227.80 85.03
C SER Q 916 178.22 229.01 85.56
N ASN R 180 102.35 67.92 17.04
CA ASN R 180 103.36 67.37 17.95
C ASN R 180 104.65 66.93 17.22
N VAL R 181 104.53 66.45 15.98
CA VAL R 181 105.65 65.98 15.14
C VAL R 181 106.46 67.18 14.66
N GLU R 182 105.79 68.19 14.12
CA GLU R 182 106.38 69.43 13.64
C GLU R 182 107.06 70.19 14.79
N MET R 183 106.45 70.22 15.98
CA MET R 183 107.07 70.80 17.18
C MET R 183 108.31 70.03 17.63
N ALA R 184 108.31 68.69 17.54
CA ALA R 184 109.48 67.89 17.88
C ALA R 184 110.66 68.22 16.97
N TYR R 185 110.43 68.35 15.67
CA TYR R 185 111.47 68.77 14.73
C TYR R 185 111.88 70.23 14.88
N ALA R 186 110.94 71.16 15.07
CA ALA R 186 111.25 72.58 15.26
C ALA R 186 112.19 72.80 16.47
N ARG R 187 112.03 72.02 17.54
CA ARG R 187 112.96 72.00 18.67
C ARG R 187 114.37 71.56 18.27
N GLN R 188 114.48 70.54 17.42
CA GLN R 188 115.79 70.12 16.89
C GLN R 188 116.42 71.21 16.01
N MET R 189 115.63 71.89 15.19
CA MET R 189 116.11 73.01 14.36
C MET R 189 116.62 74.16 15.23
N TYR R 190 115.90 74.49 16.31
CA TYR R 190 116.35 75.47 17.30
C TYR R 190 117.69 75.06 17.93
N MET R 191 117.81 73.82 18.42
CA MET R 191 119.04 73.32 19.05
C MET R 191 120.22 73.29 18.07
N TYR R 192 119.97 72.93 16.81
CA TYR R 192 120.97 72.96 15.74
C TYR R 192 121.46 74.39 15.51
N ASN R 193 120.52 75.31 15.26
CA ASN R 193 120.84 76.71 14.97
C ASN R 193 121.53 77.40 16.14
N GLU R 194 121.14 77.11 17.38
CA GLU R 194 121.79 77.65 18.59
C GLU R 194 123.27 77.26 18.65
N LYS R 195 123.60 76.00 18.34
CA LYS R 195 124.99 75.52 18.28
C LYS R 195 125.77 76.14 17.13
N VAL R 196 125.15 76.31 15.96
CA VAL R 196 125.76 76.97 14.80
C VAL R 196 126.07 78.43 15.10
N VAL R 197 125.11 79.18 15.66
CA VAL R 197 125.26 80.60 16.01
C VAL R 197 126.33 80.80 17.08
N SER R 198 126.39 79.92 18.08
CA SER R 198 127.38 80.01 19.17
C SER R 198 128.79 79.57 18.76
N GLY R 199 128.99 79.13 17.51
CA GLY R 199 130.30 78.73 16.99
C GLY R 199 130.82 77.40 17.55
N HIS R 200 129.94 76.57 18.13
CA HIS R 200 130.31 75.23 18.56
C HIS R 200 130.46 74.27 17.38
N LEU R 201 130.99 73.06 17.64
CA LEU R 201 131.03 72.00 16.63
C LEU R 201 129.61 71.74 16.12
N GLN R 202 129.43 71.82 14.79
CA GLN R 202 128.12 71.66 14.17
C GLN R 202 127.61 70.23 14.43
N PRO R 203 126.49 70.07 15.17
CA PRO R 203 125.92 68.74 15.37
C PRO R 203 125.41 68.20 14.04
N SER R 204 125.38 66.88 13.89
CA SER R 204 124.74 66.25 12.73
C SER R 204 123.23 66.47 12.81
N LEU R 205 122.66 67.16 11.83
CA LEU R 205 121.21 67.35 11.75
C LEU R 205 120.49 66.01 11.57
N VAL R 206 121.13 65.05 10.90
CA VAL R 206 120.61 63.68 10.74
C VAL R 206 120.43 63.01 12.08
N ASP R 207 121.41 63.12 12.99
CA ASP R 207 121.32 62.49 14.31
C ASP R 207 120.23 63.15 15.18
N LEU R 208 120.14 64.49 15.17
CA LEU R 208 119.10 65.22 15.90
C LEU R 208 117.69 64.84 15.41
N CYS R 209 117.51 64.74 14.09
CA CYS R 209 116.23 64.36 13.50
C CYS R 209 115.89 62.88 13.70
N THR R 210 116.90 61.99 13.72
CA THR R 210 116.72 60.56 14.04
C THR R 210 116.27 60.42 15.49
N GLU R 211 116.90 61.13 16.43
CA GLU R 211 116.49 61.16 17.84
C GLU R 211 115.06 61.70 18.03
N ALA R 212 114.66 62.69 17.23
CA ALA R 212 113.28 63.16 17.22
C ALA R 212 112.32 62.09 16.68
N ALA R 213 112.67 61.40 15.59
CA ALA R 213 111.86 60.35 14.99
C ALA R 213 111.64 59.16 15.93
N GLU R 214 112.68 58.71 16.64
CA GLU R 214 112.59 57.62 17.62
C GLU R 214 111.62 57.93 18.77
N ARG R 215 111.45 59.22 19.12
CA ARG R 215 110.49 59.65 20.15
C ARG R 215 109.04 59.67 19.69
N LEU R 216 108.79 59.67 18.37
CA LEU R 216 107.43 59.75 17.81
C LEU R 216 106.73 58.38 17.77
N ASP R 217 107.46 57.28 17.99
CA ASP R 217 106.97 55.90 17.98
C ASP R 217 106.26 55.49 16.66
N ASP R 218 106.59 56.15 15.54
CA ASP R 218 106.18 55.73 14.20
C ASP R 218 107.31 54.93 13.55
N LYS R 219 107.06 53.62 13.38
CA LYS R 219 108.02 52.70 12.78
C LYS R 219 108.46 53.12 11.37
N ASN R 220 107.54 53.57 10.52
CA ASN R 220 107.88 53.93 9.14
C ASN R 220 108.82 55.15 9.11
N VAL R 221 108.61 56.09 10.04
CA VAL R 221 109.45 57.29 10.18
C VAL R 221 110.81 56.93 10.77
N SER R 222 110.85 56.02 11.74
CA SER R 222 112.12 55.50 12.28
C SER R 222 112.94 54.79 11.20
N ASP R 223 112.32 53.88 10.45
CA ASP R 223 112.96 53.15 9.35
C ASP R 223 113.46 54.12 8.24
N LEU R 224 112.68 55.19 7.97
CA LEU R 224 113.08 56.28 7.08
C LEU R 224 114.35 56.98 7.56
N TRP R 225 114.46 57.34 8.84
CA TRP R 225 115.67 58.02 9.35
C TRP R 225 116.88 57.10 9.45
N VAL R 226 116.69 55.81 9.75
CA VAL R 226 117.77 54.81 9.64
C VAL R 226 118.31 54.75 8.21
N MET R 227 117.43 54.78 7.21
CA MET R 227 117.83 54.81 5.80
C MET R 227 118.56 56.12 5.44
N VAL R 228 118.04 57.27 5.87
CA VAL R 228 118.69 58.57 5.68
C VAL R 228 120.09 58.58 6.28
N LYS R 229 120.24 58.08 7.50
CA LYS R 229 121.52 57.97 8.19
C LYS R 229 122.51 57.07 7.42
N GLN R 230 122.06 55.92 6.94
CA GLN R 230 122.92 55.01 6.17
C GLN R 230 123.39 55.62 4.85
N MET R 231 122.49 56.26 4.09
CA MET R 231 122.81 56.84 2.79
C MET R 231 123.62 58.13 2.87
N THR R 232 123.56 58.84 4.01
CA THR R 232 124.32 60.08 4.25
C THR R 232 125.70 59.84 4.86
N ASP R 233 125.98 58.63 5.35
CA ASP R 233 127.30 58.19 5.81
C ASP R 233 128.25 57.94 4.64
N VAL R 234 128.52 58.99 3.85
CA VAL R 234 129.43 58.98 2.71
C VAL R 234 130.56 59.97 2.95
N PRO R 235 131.76 59.74 2.38
CA PRO R 235 132.87 60.67 2.55
C PRO R 235 132.50 62.04 1.96
N LEU R 236 132.30 63.03 2.84
CA LEU R 236 131.95 64.39 2.45
C LEU R 236 133.18 65.10 1.87
N ILE R 237 133.15 65.38 0.57
CA ILE R 237 134.17 66.18 -0.09
C ILE R 237 133.73 67.64 -0.01
N PRO R 238 134.56 68.56 0.54
CA PRO R 238 134.31 69.99 0.44
C PRO R 238 134.54 70.45 -1.02
N ALA R 239 133.62 70.10 -1.91
CA ALA R 239 133.59 70.58 -3.27
C ALA R 239 132.88 71.94 -3.29
N SER R 240 133.37 72.88 -4.11
CA SER R 240 132.65 74.14 -4.38
C SER R 240 131.33 73.90 -5.11
N ASP R 241 131.21 72.76 -5.79
CA ASP R 241 130.13 72.41 -6.68
C ASP R 241 129.55 71.05 -6.28
N THR R 242 128.37 71.08 -5.65
CA THR R 242 127.65 69.90 -5.18
C THR R 242 127.33 68.94 -6.33
N LEU R 243 127.03 69.45 -7.53
CA LEU R 243 126.70 68.63 -8.69
C LEU R 243 127.90 67.77 -9.10
N LYS R 244 129.08 68.41 -9.23
CA LYS R 244 130.32 67.68 -9.59
C LYS R 244 130.68 66.61 -8.56
N SER R 245 130.47 66.91 -7.27
CA SER R 245 130.68 65.94 -6.19
C SER R 245 129.72 64.75 -6.31
N ARG R 246 128.42 65.01 -6.45
CA ARG R 246 127.36 63.98 -6.56
C ARG R 246 127.48 63.12 -7.81
N CYS R 247 127.89 63.69 -8.94
CA CYS R 247 128.08 62.98 -10.20
C CYS R 247 129.46 62.30 -10.32
N SER R 248 130.36 62.46 -9.34
CA SER R 248 131.64 61.76 -9.38
C SER R 248 131.45 60.26 -9.21
N GLY R 249 132.20 59.45 -9.97
CA GLY R 249 132.10 57.99 -9.90
C GLY R 249 132.37 57.42 -8.50
N GLN R 250 133.28 58.04 -7.74
CA GLN R 250 133.56 57.66 -6.35
C GLN R 250 132.35 57.87 -5.43
N MET R 251 131.66 59.01 -5.58
CA MET R 251 130.48 59.33 -4.78
C MET R 251 129.28 58.45 -5.16
N GLN R 252 129.04 58.25 -6.46
CA GLN R 252 127.98 57.34 -6.93
C GLN R 252 128.20 55.90 -6.43
N MET R 253 129.45 55.44 -6.46
CA MET R 253 129.82 54.14 -5.92
C MET R 253 129.63 54.06 -4.40
N ALA R 254 129.92 55.15 -3.67
CA ALA R 254 129.65 55.23 -2.24
C ALA R 254 128.14 55.12 -1.94
N PHE R 255 127.27 55.81 -2.69
CA PHE R 255 125.82 55.69 -2.50
C PHE R 255 125.31 54.28 -2.76
N VAL R 256 125.73 53.64 -3.86
CA VAL R 256 125.31 52.26 -4.15
C VAL R 256 125.81 51.29 -3.08
N ARG R 257 127.04 51.48 -2.57
CA ARG R 257 127.54 50.69 -1.45
C ARG R 257 126.68 50.87 -0.20
N GLN R 258 126.28 52.09 0.14
CA GLN R 258 125.43 52.33 1.30
C GLN R 258 124.01 51.78 1.12
N ALA R 259 123.46 51.87 -0.08
CA ALA R 259 122.16 51.28 -0.39
C ALA R 259 122.18 49.75 -0.28
N LEU R 260 123.23 49.10 -0.81
CA LEU R 260 123.42 47.66 -0.67
C LEU R 260 123.58 47.26 0.81
N ASN R 261 124.41 47.98 1.57
CA ASN R 261 124.57 47.72 3.00
C ASN R 261 123.25 47.84 3.76
N TYR R 262 122.44 48.86 3.47
CA TYR R 262 121.11 49.04 4.07
C TYR R 262 120.19 47.85 3.77
N LEU R 263 120.08 47.47 2.48
CA LEU R 263 119.22 46.37 2.04
C LEU R 263 119.69 45.02 2.59
N GLU R 264 120.99 44.81 2.73
CA GLU R 264 121.59 43.61 3.31
C GLU R 264 121.32 43.49 4.82
N GLN R 265 121.49 44.59 5.56
CA GLN R 265 121.20 44.64 6.99
C GLN R 265 119.69 44.46 7.25
N SER R 266 118.84 45.14 6.48
CA SER R 266 117.39 44.98 6.56
C SER R 266 116.99 43.51 6.36
N TYR R 267 117.54 42.86 5.33
CA TYR R 267 117.23 41.46 5.04
C TYR R 267 117.79 40.49 6.09
N LYS R 268 118.98 40.76 6.64
CA LYS R 268 119.53 39.98 7.76
C LYS R 268 118.63 40.06 8.99
N ASN R 269 118.12 41.26 9.31
CA ASN R 269 117.16 41.46 10.40
C ASN R 269 115.83 40.74 10.11
N TYR R 270 115.31 40.83 8.88
CA TYR R 270 114.13 40.09 8.46
C TYR R 270 114.31 38.57 8.62
N THR R 271 115.47 38.05 8.21
CA THR R 271 115.83 36.63 8.35
C THR R 271 115.85 36.22 9.82
N LEU R 272 116.47 37.05 10.67
CA LEU R 272 116.51 36.83 12.12
C LEU R 272 115.10 36.80 12.72
N ILE R 273 114.29 37.82 12.48
CA ILE R 273 112.92 37.90 13.00
C ILE R 273 112.08 36.72 12.51
N SER R 274 112.19 36.36 11.23
CA SER R 274 111.44 35.23 10.65
C SER R 274 111.81 33.90 11.29
N VAL R 275 113.08 33.69 11.59
CA VAL R 275 113.58 32.49 12.28
C VAL R 275 113.11 32.43 13.73
N PHE R 276 113.19 33.54 14.47
CA PHE R 276 112.73 33.61 15.86
C PHE R 276 111.20 33.53 16.00
N ALA R 277 110.45 33.95 14.98
CA ALA R 277 109.00 33.75 14.94
C ALA R 277 108.60 32.28 14.68
N ASN R 278 109.48 31.49 14.05
CA ASN R 278 109.21 30.12 13.62
C ASN R 278 110.22 29.10 14.20
N LEU R 279 110.62 29.26 15.47
CA LEU R 279 111.73 28.49 16.08
C LEU R 279 111.62 26.96 15.93
N GLN R 280 110.41 26.40 16.05
CA GLN R 280 110.19 24.96 15.92
C GLN R 280 110.54 24.43 14.53
N GLN R 281 110.10 25.14 13.48
CA GLN R 281 110.40 24.78 12.10
C GLN R 281 111.84 25.15 11.72
N ALA R 282 112.34 26.29 12.21
CA ALA R 282 113.65 26.81 11.84
C ALA R 282 114.80 25.92 12.34
N GLN R 283 114.64 25.29 13.51
CA GLN R 283 115.68 24.46 14.14
C GLN R 283 117.03 25.19 14.22
N LEU R 284 117.04 26.40 14.82
CA LEU R 284 118.20 27.31 14.87
C LEU R 284 119.51 26.68 15.40
N GLY R 285 119.39 25.62 16.22
CA GLY R 285 120.53 25.00 16.87
C GLY R 285 121.19 25.95 17.88
N GLY R 286 122.41 25.61 18.32
CA GLY R 286 123.14 26.35 19.37
C GLY R 286 124.37 27.14 18.90
N VAL R 287 124.71 27.11 17.60
CA VAL R 287 125.93 27.75 17.09
C VAL R 287 125.58 29.09 16.44
N PRO R 288 126.04 30.23 16.99
CA PRO R 288 125.74 31.54 16.41
C PRO R 288 126.44 31.73 15.05
N GLY R 289 125.85 32.58 14.19
CA GLY R 289 126.44 33.00 12.92
C GLY R 289 125.46 33.01 11.75
N THR R 290 125.75 33.82 10.72
CA THR R 290 124.86 33.99 9.56
C THR R 290 124.66 32.69 8.78
N TYR R 291 125.69 31.83 8.67
CA TYR R 291 125.58 30.53 8.02
C TYR R 291 124.47 29.66 8.65
N ASN R 292 124.45 29.53 9.99
CA ASN R 292 123.44 28.72 10.67
C ASN R 292 122.07 29.41 10.65
N LEU R 293 122.04 30.75 10.77
CA LEU R 293 120.80 31.51 10.64
C LEU R 293 120.14 31.26 9.26
N VAL R 294 120.93 31.29 8.18
CA VAL R 294 120.44 31.05 6.82
C VAL R 294 119.95 29.61 6.65
N ARG R 295 120.66 28.62 7.19
CA ARG R 295 120.17 27.22 7.18
C ARG R 295 118.79 27.10 7.83
N SER R 296 118.63 27.72 8.99
CA SER R 296 117.36 27.71 9.71
C SER R 296 116.27 28.48 9.00
N PHE R 297 116.63 29.55 8.30
CA PHE R 297 115.72 30.26 7.42
C PHE R 297 115.28 29.42 6.21
N LEU R 298 116.18 28.62 5.64
CA LEU R 298 115.85 27.70 4.55
C LEU R 298 114.83 26.63 4.98
N ASN R 299 114.83 26.17 6.23
CA ASN R 299 113.78 25.26 6.73
C ASN R 299 112.38 25.88 6.70
N ILE R 300 112.29 27.20 6.79
CA ILE R 300 111.03 27.94 6.71
C ILE R 300 110.67 28.22 5.25
N ARG R 301 111.62 28.73 4.46
CA ARG R 301 111.36 29.20 3.09
C ARG R 301 111.30 28.07 2.07
N LEU R 302 112.03 26.98 2.30
CA LEU R 302 112.12 25.78 1.44
C LEU R 302 111.78 24.51 2.24
N PRO R 303 110.54 24.34 2.75
CA PRO R 303 110.17 23.17 3.53
C PRO R 303 110.11 21.88 2.70
N THR R 304 110.00 22.00 1.37
CA THR R 304 109.96 20.88 0.44
C THR R 304 111.11 21.00 -0.55
N PRO R 305 111.83 19.89 -0.85
CA PRO R 305 112.90 19.91 -1.85
C PRO R 305 112.37 20.43 -3.19
N ILE R 306 112.99 21.50 -3.71
CA ILE R 306 112.68 22.02 -5.04
C ILE R 306 113.44 21.17 -6.08
N PRO R 307 112.76 20.51 -7.02
CA PRO R 307 113.43 19.78 -8.09
C PRO R 307 114.26 20.72 -8.97
N GLY R 308 115.42 20.27 -9.44
CA GLY R 308 116.24 21.00 -10.41
C GLY R 308 117.38 21.84 -9.84
N LEU R 309 117.58 21.85 -8.51
CA LEU R 309 118.75 22.46 -7.87
C LEU R 309 120.04 21.68 -8.22
N GLN R 310 121.14 22.39 -8.45
CA GLN R 310 122.38 21.84 -9.00
C GLN R 310 123.53 21.84 -7.99
N ASP R 311 124.61 21.12 -8.31
CA ASP R 311 125.89 21.10 -7.58
C ASP R 311 125.83 20.58 -6.12
N GLY R 312 124.75 19.89 -5.77
CA GLY R 312 124.62 19.10 -4.54
C GLY R 312 124.13 19.87 -3.32
N GLU R 313 124.22 19.21 -2.16
CA GLU R 313 123.74 19.72 -0.88
C GLU R 313 124.85 19.64 0.18
N ILE R 314 124.88 20.61 1.10
CA ILE R 314 125.71 20.59 2.30
C ILE R 314 124.82 20.33 3.51
N GLU R 315 125.01 19.20 4.19
CA GLU R 315 124.22 18.82 5.36
C GLU R 315 122.68 18.83 5.09
N GLY R 316 122.28 18.46 3.86
CA GLY R 316 120.88 18.42 3.41
C GLY R 316 120.32 19.74 2.87
N TYR R 317 121.14 20.80 2.78
CA TYR R 317 120.72 22.11 2.26
C TYR R 317 121.35 22.42 0.89
N PRO R 318 120.59 22.94 -0.09
CA PRO R 318 121.13 23.25 -1.42
C PRO R 318 122.25 24.28 -1.39
N VAL R 319 123.37 23.98 -2.07
CA VAL R 319 124.58 24.81 -2.05
C VAL R 319 124.31 26.24 -2.53
N TRP R 320 123.62 26.41 -3.67
CA TRP R 320 123.38 27.74 -4.25
C TRP R 320 122.39 28.58 -3.44
N ALA R 321 121.38 27.96 -2.83
CA ALA R 321 120.47 28.66 -1.93
C ALA R 321 121.22 29.20 -0.71
N LEU R 322 122.12 28.41 -0.11
CA LEU R 322 122.96 28.86 1.00
C LEU R 322 123.87 30.03 0.59
N ILE R 323 124.53 29.96 -0.57
CA ILE R 323 125.38 31.05 -1.07
C ILE R 323 124.55 32.32 -1.28
N TYR R 324 123.42 32.22 -1.98
CA TYR R 324 122.53 33.34 -2.28
C TYR R 324 122.06 34.05 -1.02
N TYR R 325 121.49 33.34 -0.04
CA TYR R 325 120.97 33.98 1.17
C TYR R 325 122.07 34.51 2.11
N CYS R 326 123.26 33.90 2.13
CA CYS R 326 124.42 34.49 2.82
C CYS R 326 124.83 35.82 2.17
N MET R 327 124.87 35.88 0.83
CA MET R 327 125.16 37.12 0.09
C MET R 327 124.07 38.17 0.30
N ARG R 328 122.80 37.76 0.29
CA ARG R 328 121.64 38.65 0.50
C ARG R 328 121.62 39.28 1.89
N CYS R 329 122.16 38.58 2.89
CA CYS R 329 122.41 39.09 4.25
C CYS R 329 123.69 39.96 4.37
N GLY R 330 124.43 40.17 3.28
CA GLY R 330 125.70 40.91 3.24
C GLY R 330 126.90 40.20 3.87
N ASP R 331 126.75 38.93 4.28
CA ASP R 331 127.81 38.17 4.94
C ASP R 331 128.54 37.28 3.92
N LEU R 332 129.48 37.90 3.20
CA LEU R 332 130.28 37.20 2.20
C LEU R 332 131.21 36.14 2.81
N MET R 333 131.59 36.28 4.09
CA MET R 333 132.41 35.29 4.78
C MET R 333 131.63 34.01 5.08
N ALA R 334 130.36 34.14 5.49
CA ALA R 334 129.45 33.01 5.60
C ALA R 334 129.22 32.32 4.25
N ALA R 335 129.08 33.10 3.16
CA ALA R 335 129.00 32.52 1.81
C ALA R 335 130.30 31.80 1.41
N GLN R 336 131.48 32.33 1.76
CA GLN R 336 132.78 31.70 1.49
C GLN R 336 132.92 30.37 2.24
N GLN R 337 132.37 30.26 3.46
CA GLN R 337 132.32 29.01 4.20
C GLN R 337 131.53 27.93 3.43
N VAL R 338 130.40 28.29 2.82
CA VAL R 338 129.61 27.39 1.96
C VAL R 338 130.45 26.96 0.75
N VAL R 339 131.05 27.92 0.05
CA VAL R 339 131.88 27.68 -1.15
C VAL R 339 133.06 26.76 -0.84
N ASN R 340 133.71 26.93 0.31
CA ASN R 340 134.82 26.08 0.72
C ASN R 340 134.39 24.62 1.00
N ARG R 341 133.19 24.42 1.56
CA ARG R 341 132.63 23.08 1.82
C ARG R 341 132.20 22.37 0.54
N ALA R 342 131.71 23.12 -0.46
CA ALA R 342 131.30 22.60 -1.77
C ALA R 342 132.38 22.77 -2.87
N GLN R 343 133.65 22.97 -2.50
CA GLN R 343 134.71 23.34 -3.45
C GLN R 343 134.87 22.38 -4.62
N HIS R 344 134.62 21.08 -4.40
CA HIS R 344 134.78 20.05 -5.43
C HIS R 344 133.68 20.11 -6.48
N GLN R 345 132.47 20.56 -6.11
CA GLN R 345 131.36 20.72 -7.06
C GLN R 345 131.43 22.06 -7.80
N LEU R 346 131.92 23.13 -7.16
CA LEU R 346 131.88 24.49 -7.69
C LEU R 346 133.02 24.84 -8.68
N GLY R 347 134.12 24.09 -8.66
CA GLY R 347 135.24 24.27 -9.59
C GLY R 347 135.83 25.70 -9.55
N ASP R 348 135.99 26.31 -10.74
CA ASP R 348 136.58 27.64 -10.92
C ASP R 348 135.80 28.78 -10.23
N PHE R 349 134.53 28.56 -9.89
CA PHE R 349 133.71 29.56 -9.19
C PHE R 349 134.34 29.98 -7.86
N LYS R 350 134.99 29.06 -7.14
CA LYS R 350 135.67 29.36 -5.87
C LYS R 350 136.71 30.47 -6.03
N ASN R 351 137.52 30.42 -7.09
CA ASN R 351 138.58 31.40 -7.33
C ASN R 351 137.98 32.77 -7.65
N CYS R 352 136.93 32.80 -8.48
CA CYS R 352 136.21 34.03 -8.80
C CYS R 352 135.58 34.63 -7.53
N PHE R 353 134.94 33.81 -6.70
CA PHE R 353 134.31 34.28 -5.47
C PHE R 353 135.33 34.81 -4.46
N GLN R 354 136.50 34.18 -4.32
CA GLN R 354 137.57 34.69 -3.48
C GLN R 354 138.07 36.07 -3.94
N GLU R 355 138.24 36.27 -5.25
CA GLU R 355 138.60 37.58 -5.82
C GLU R 355 137.55 38.64 -5.51
N TYR R 356 136.27 38.31 -5.67
CA TYR R 356 135.13 39.18 -5.38
C TYR R 356 135.12 39.67 -3.92
N ILE R 357 135.37 38.79 -2.95
CA ILE R 357 135.36 39.14 -1.51
C ILE R 357 136.53 40.06 -1.13
N HIS R 358 137.71 39.83 -1.69
CA HIS R 358 138.92 40.59 -1.32
C HIS R 358 138.94 42.00 -1.92
N ASN R 359 138.12 42.26 -2.95
CA ASN R 359 137.98 43.58 -3.52
C ASN R 359 137.07 44.47 -2.65
N LYS R 360 137.54 45.66 -2.28
CA LYS R 360 136.78 46.63 -1.47
C LYS R 360 135.44 47.03 -2.09
N ASP R 361 135.36 47.02 -3.41
CA ASP R 361 134.17 47.41 -4.17
C ASP R 361 133.32 46.19 -4.56
N ARG R 362 133.67 44.99 -4.07
CA ARG R 362 133.03 43.73 -4.44
C ARG R 362 133.01 43.56 -5.97
N ARG R 363 134.20 43.69 -6.58
CA ARG R 363 134.41 43.63 -8.03
C ARG R 363 135.45 42.59 -8.42
N LEU R 364 135.17 41.92 -9.52
CA LEU R 364 136.14 41.09 -10.21
C LEU R 364 137.04 41.95 -11.10
N SER R 365 138.25 41.47 -11.39
CA SER R 365 139.06 42.01 -12.46
C SER R 365 138.36 41.83 -13.81
N PRO R 366 138.59 42.72 -14.80
CA PRO R 366 137.95 42.62 -16.11
C PRO R 366 138.16 41.24 -16.79
N THR R 367 139.32 40.62 -16.57
CA THR R 367 139.63 39.28 -17.09
C THR R 367 138.78 38.20 -16.45
N THR R 368 138.71 38.16 -15.11
CA THR R 368 137.90 37.17 -14.37
C THR R 368 136.42 37.39 -14.64
N GLU R 369 135.97 38.64 -14.69
CA GLU R 369 134.57 39.00 -14.98
C GLU R 369 134.15 38.53 -16.38
N ASN R 370 134.96 38.77 -17.42
CA ASN R 370 134.68 38.30 -18.77
C ASN R 370 134.66 36.76 -18.86
N LYS R 371 135.55 36.08 -18.14
CA LYS R 371 135.54 34.61 -18.04
C LYS R 371 134.24 34.13 -17.39
N LEU R 372 133.81 34.77 -16.31
CA LEU R 372 132.57 34.44 -15.59
C LEU R 372 131.32 34.68 -16.45
N ARG R 373 131.25 35.81 -17.15
CA ARG R 373 130.18 36.13 -18.11
C ARG R 373 130.09 35.11 -19.24
N LEU R 374 131.21 34.70 -19.81
CA LEU R 374 131.25 33.69 -20.86
C LEU R 374 130.75 32.33 -20.36
N HIS R 375 131.16 31.93 -19.15
CA HIS R 375 130.68 30.72 -18.50
C HIS R 375 129.16 30.79 -18.23
N TYR R 376 128.68 31.94 -17.76
CA TYR R 376 127.26 32.16 -17.54
C TYR R 376 126.44 31.94 -18.82
N ARG R 377 126.80 32.61 -19.92
CA ARG R 377 126.07 32.50 -21.20
C ARG R 377 126.08 31.09 -21.78
N ARG R 378 127.17 30.34 -21.61
CA ARG R 378 127.34 29.00 -22.19
C ARG R 378 126.63 27.90 -21.41
N ALA R 379 126.59 28.00 -20.08
CA ALA R 379 126.13 26.91 -19.23
C ALA R 379 125.10 27.34 -18.19
N VAL R 380 125.39 28.40 -17.42
CA VAL R 380 124.57 28.74 -16.25
C VAL R 380 123.22 29.33 -16.63
N ARG R 381 123.11 30.11 -17.72
CA ARG R 381 121.85 30.73 -18.15
C ARG R 381 120.72 29.71 -18.38
N ALA R 382 121.06 28.53 -18.91
CA ALA R 382 120.12 27.43 -19.14
C ALA R 382 119.94 26.50 -17.91
N SER R 383 120.56 26.84 -16.78
CA SER R 383 120.43 26.07 -15.55
C SER R 383 118.98 26.12 -15.02
N THR R 384 118.53 24.99 -14.48
CA THR R 384 117.26 24.87 -13.75
C THR R 384 117.31 25.44 -12.34
N ASP R 385 118.50 25.78 -11.83
CA ASP R 385 118.70 26.31 -10.48
C ASP R 385 118.63 27.85 -10.49
N PRO R 386 117.55 28.47 -9.96
CA PRO R 386 117.40 29.92 -10.02
C PRO R 386 118.38 30.65 -9.09
N TYR R 387 118.80 30.02 -7.98
CA TYR R 387 119.78 30.60 -7.06
C TYR R 387 121.16 30.66 -7.71
N LYS R 388 121.54 29.60 -8.43
CA LYS R 388 122.78 29.56 -9.21
C LYS R 388 122.80 30.68 -10.25
N ARG R 389 121.71 30.84 -11.02
CA ARG R 389 121.62 31.92 -12.02
C ARG R 389 121.77 33.30 -11.38
N ALA R 390 121.03 33.57 -10.30
CA ALA R 390 121.08 34.86 -9.61
C ALA R 390 122.48 35.19 -9.05
N VAL R 391 123.14 34.22 -8.38
CA VAL R 391 124.49 34.42 -7.82
C VAL R 391 125.51 34.76 -8.91
N TYR R 392 125.47 34.06 -10.05
CA TYR R 392 126.35 34.37 -11.18
C TYR R 392 126.05 35.74 -11.79
N CYS R 393 124.77 36.12 -11.92
CA CYS R 393 124.37 37.43 -12.44
C CYS R 393 124.81 38.59 -11.55
N ILE R 394 124.80 38.39 -10.23
CA ILE R 394 125.28 39.38 -9.25
C ILE R 394 126.79 39.57 -9.37
N ILE R 395 127.55 38.48 -9.28
CA ILE R 395 129.03 38.55 -9.27
C ILE R 395 129.58 38.95 -10.64
N GLY R 396 128.97 38.46 -11.72
CA GLY R 396 129.38 38.70 -13.09
C GLY R 396 128.79 39.95 -13.74
N ARG R 397 127.87 40.65 -13.05
CA ARG R 397 127.14 41.84 -13.54
C ARG R 397 126.66 41.62 -14.98
N CYS R 398 125.82 40.60 -15.19
CA CYS R 398 125.33 40.19 -16.50
C CYS R 398 123.87 39.78 -16.48
N ASP R 399 123.28 39.64 -17.68
CA ASP R 399 121.84 39.40 -17.89
C ASP R 399 120.97 40.37 -17.09
N VAL R 400 121.28 41.66 -17.21
CA VAL R 400 120.65 42.71 -16.41
C VAL R 400 119.15 42.89 -16.74
N SER R 401 118.69 42.30 -17.84
CA SER R 401 117.27 42.20 -18.18
C SER R 401 116.50 41.18 -17.33
N ASP R 402 117.16 40.14 -16.80
CA ASP R 402 116.50 39.15 -15.96
C ASP R 402 116.25 39.73 -14.55
N ASN R 403 115.03 39.55 -14.05
CA ASN R 403 114.62 40.02 -12.73
C ASN R 403 114.74 38.94 -11.66
N HIS R 404 115.01 37.68 -12.06
CA HIS R 404 115.14 36.54 -11.17
C HIS R 404 113.98 36.43 -10.15
N SER R 405 112.75 36.63 -10.62
CA SER R 405 111.53 36.68 -9.79
C SER R 405 111.24 35.40 -9.01
N GLU R 406 111.86 34.27 -9.38
CA GLU R 406 111.81 33.01 -8.64
C GLU R 406 112.52 33.09 -7.26
N VAL R 407 113.51 33.98 -7.10
CA VAL R 407 114.28 34.15 -5.86
C VAL R 407 114.27 35.58 -5.30
N ALA R 408 113.97 36.57 -6.14
CA ALA R 408 113.82 37.98 -5.79
C ALA R 408 112.37 38.41 -6.04
N ASP R 409 111.50 38.15 -5.07
CA ASP R 409 110.05 38.32 -5.17
C ASP R 409 109.53 39.66 -4.60
N LYS R 410 110.35 40.38 -3.83
CA LYS R 410 110.01 41.68 -3.25
C LYS R 410 110.73 42.84 -3.92
N THR R 411 110.17 44.05 -3.81
CA THR R 411 110.79 45.29 -4.32
C THR R 411 112.20 45.51 -3.76
N GLU R 412 112.43 45.22 -2.49
CA GLU R 412 113.76 45.33 -1.87
C GLU R 412 114.77 44.35 -2.46
N ASP R 413 114.33 43.14 -2.83
CA ASP R 413 115.18 42.14 -3.47
C ASP R 413 115.54 42.55 -4.90
N TYR R 414 114.57 43.11 -5.63
CA TYR R 414 114.80 43.72 -6.94
C TYR R 414 115.81 44.87 -6.87
N LEU R 415 115.65 45.78 -5.92
CA LEU R 415 116.59 46.89 -5.72
C LEU R 415 117.99 46.37 -5.41
N TRP R 416 118.14 45.42 -4.47
CA TRP R 416 119.44 44.86 -4.10
C TRP R 416 120.11 44.16 -5.27
N LEU R 417 119.36 43.37 -6.04
CA LEU R 417 119.84 42.68 -7.23
C LEU R 417 120.36 43.68 -8.27
N LYS R 418 119.53 44.65 -8.67
CA LYS R 418 119.90 45.61 -9.72
C LYS R 418 121.03 46.54 -9.27
N LEU R 419 121.02 47.01 -8.03
CA LEU R 419 122.11 47.81 -7.46
C LEU R 419 123.44 47.05 -7.44
N SER R 420 123.41 45.74 -7.20
CA SER R 420 124.62 44.90 -7.27
C SER R 420 125.16 44.75 -8.70
N GLN R 421 124.31 44.92 -9.71
CA GLN R 421 124.66 44.88 -11.13
C GLN R 421 125.12 46.23 -11.69
N VAL R 422 125.00 47.33 -10.94
CA VAL R 422 125.37 48.68 -11.40
C VAL R 422 126.88 48.78 -11.69
N CYS R 423 127.20 49.28 -12.88
CA CYS R 423 128.57 49.61 -13.29
C CYS R 423 128.82 51.13 -13.23
N PHE R 424 130.04 51.50 -12.82
CA PHE R 424 130.56 52.87 -12.85
C PHE R 424 131.73 52.88 -13.82
N GLU R 425 131.86 53.92 -14.65
CA GLU R 425 132.87 54.10 -15.72
C GLU R 425 132.54 53.50 -17.11
N ASP R 426 133.21 54.04 -18.13
CA ASP R 426 133.27 53.50 -19.50
C ASP R 426 134.13 52.25 -19.55
N GLU R 427 133.67 51.19 -18.89
CA GLU R 427 134.15 49.83 -19.12
C GLU R 427 133.78 49.44 -20.58
N ALA R 428 134.51 49.98 -21.56
CA ALA R 428 134.33 49.79 -23.00
C ALA R 428 134.37 48.32 -23.43
N ASN R 429 134.82 47.43 -22.55
CA ASN R 429 134.92 45.99 -22.78
C ASN R 429 133.62 45.22 -22.50
N SER R 430 132.60 45.84 -21.93
CA SER R 430 131.31 45.20 -21.63
C SER R 430 130.34 45.27 -22.82
N SER R 431 129.66 44.17 -23.13
CA SER R 431 128.58 44.17 -24.12
C SER R 431 127.43 45.05 -23.61
N PRO R 432 126.77 45.85 -24.48
CA PRO R 432 125.72 46.78 -24.06
C PRO R 432 124.53 46.11 -23.36
N GLN R 433 124.29 44.82 -23.63
CA GLN R 433 123.24 44.02 -22.97
C GLN R 433 123.54 43.69 -21.50
N ASP R 434 124.80 43.79 -21.07
CA ASP R 434 125.21 43.49 -19.68
C ASP R 434 125.53 44.76 -18.88
N ARG R 435 125.36 45.95 -19.47
CA ARG R 435 125.70 47.21 -18.82
C ARG R 435 124.45 47.88 -18.29
N LEU R 436 124.35 47.98 -16.97
CA LEU R 436 123.39 48.84 -16.28
C LEU R 436 124.15 49.94 -15.54
N THR R 437 123.94 51.18 -15.95
CA THR R 437 124.47 52.35 -15.23
C THR R 437 123.46 52.83 -14.20
N LEU R 438 123.93 53.50 -13.15
CA LEU R 438 123.04 54.08 -12.13
C LEU R 438 122.01 55.04 -12.75
N PRO R 439 122.36 55.98 -13.66
CA PRO R 439 121.38 56.86 -14.28
C PRO R 439 120.30 56.14 -15.11
N GLN R 440 120.68 55.06 -15.82
CA GLN R 440 119.70 54.23 -16.54
C GLN R 440 118.71 53.57 -15.57
N PHE R 441 119.21 53.04 -14.45
CA PHE R 441 118.36 52.42 -13.44
C PHE R 441 117.46 53.46 -12.74
N GLN R 442 118.00 54.64 -12.42
CA GLN R 442 117.23 55.75 -11.86
C GLN R 442 116.09 56.17 -12.78
N LYS R 443 116.37 56.34 -14.08
CA LYS R 443 115.38 56.64 -15.11
C LYS R 443 114.30 55.56 -15.18
N GLN R 444 114.69 54.29 -15.18
CA GLN R 444 113.74 53.17 -15.22
C GLN R 444 112.76 53.21 -14.05
N LEU R 445 113.24 53.46 -12.83
CA LEU R 445 112.39 53.51 -11.65
C LEU R 445 111.49 54.75 -11.62
N PHE R 446 112.00 55.91 -12.04
CA PHE R 446 111.30 57.18 -11.93
C PHE R 446 110.37 57.46 -13.12
N GLU R 447 110.80 57.19 -14.35
CA GLU R 447 110.06 57.51 -15.58
C GLU R 447 109.32 56.29 -16.13
N ASP R 448 109.99 55.14 -16.28
CA ASP R 448 109.40 53.98 -16.96
C ASP R 448 108.38 53.23 -16.07
N TYR R 449 108.69 53.04 -14.79
CA TYR R 449 107.75 52.48 -13.82
C TYR R 449 106.84 53.55 -13.21
N GLY R 450 107.45 54.64 -12.74
CA GLY R 450 106.73 55.78 -12.17
C GLY R 450 105.88 55.44 -10.95
N GLU R 451 105.07 56.40 -10.53
CA GLU R 451 104.33 56.36 -9.25
C GLU R 451 103.17 55.36 -9.25
N SER R 452 102.52 55.17 -10.39
CA SER R 452 101.39 54.25 -10.55
C SER R 452 101.80 52.80 -10.30
N HIS R 453 103.01 52.41 -10.73
CA HIS R 453 103.53 51.06 -10.53
C HIS R 453 103.72 50.70 -9.05
N PHE R 454 104.11 51.67 -8.23
CA PHE R 454 104.37 51.44 -6.80
C PHE R 454 103.14 51.66 -5.91
N ALA R 455 101.96 51.84 -6.49
CA ALA R 455 100.71 52.08 -5.76
C ALA R 455 100.88 53.14 -4.66
N VAL R 456 101.49 54.27 -5.03
CA VAL R 456 101.95 55.37 -4.15
C VAL R 456 100.92 55.78 -3.09
N ASN R 457 99.63 55.78 -3.45
CA ASN R 457 98.54 56.15 -2.53
C ASN R 457 98.37 55.18 -1.35
N GLN R 458 98.79 53.91 -1.53
CA GLN R 458 98.72 52.87 -0.51
C GLN R 458 100.05 52.71 0.23
N GLN R 459 101.18 52.83 -0.48
CA GLN R 459 102.53 52.55 0.06
C GLN R 459 103.52 53.69 -0.22
N PRO R 460 103.30 54.90 0.35
CA PRO R 460 104.16 56.06 0.06
C PRO R 460 105.61 55.86 0.53
N TYR R 461 105.81 55.23 1.68
CA TYR R 461 107.15 54.95 2.21
C TYR R 461 107.96 54.00 1.32
N LEU R 462 107.31 53.07 0.61
CA LEU R 462 107.99 52.16 -0.31
C LEU R 462 108.56 52.91 -1.51
N TYR R 463 107.77 53.81 -2.13
CA TYR R 463 108.27 54.57 -3.26
C TYR R 463 109.37 55.56 -2.85
N PHE R 464 109.25 56.19 -1.68
CA PHE R 464 110.34 56.96 -1.10
C PHE R 464 111.62 56.12 -0.94
N GLN R 465 111.51 54.91 -0.38
CA GLN R 465 112.64 53.98 -0.23
C GLN R 465 113.29 53.64 -1.58
N VAL R 466 112.50 53.37 -2.62
CA VAL R 466 112.99 53.12 -3.99
C VAL R 466 113.81 54.30 -4.52
N LEU R 467 113.28 55.52 -4.45
CA LEU R 467 113.98 56.71 -4.93
C LEU R 467 115.21 57.05 -4.10
N PHE R 468 115.11 56.94 -2.78
CA PHE R 468 116.16 57.34 -1.86
C PHE R 468 117.36 56.37 -1.89
N LEU R 469 117.11 55.05 -1.92
CA LEU R 469 118.17 54.04 -2.06
C LEU R 469 118.84 54.05 -3.43
N THR R 470 118.15 54.51 -4.47
CA THR R 470 118.76 54.76 -5.77
C THR R 470 119.40 56.15 -5.88
N ALA R 471 119.58 56.84 -4.75
CA ALA R 471 120.23 58.14 -4.64
C ALA R 471 119.55 59.27 -5.43
N GLN R 472 118.24 59.18 -5.68
CA GLN R 472 117.41 60.23 -6.30
C GLN R 472 116.77 61.10 -5.21
N PHE R 473 117.61 61.78 -4.42
CA PHE R 473 117.20 62.45 -3.19
C PHE R 473 116.15 63.54 -3.40
N GLU R 474 116.34 64.38 -4.43
CA GLU R 474 115.47 65.51 -4.74
C GLU R 474 114.07 65.02 -5.13
N ALA R 475 114.00 63.98 -5.95
CA ALA R 475 112.74 63.34 -6.34
C ALA R 475 112.05 62.69 -5.14
N ALA R 476 112.80 61.99 -4.29
CA ALA R 476 112.28 61.36 -3.08
C ALA R 476 111.68 62.38 -2.09
N ILE R 477 112.36 63.51 -1.89
CA ILE R 477 111.87 64.61 -1.05
C ILE R 477 110.64 65.27 -1.67
N ALA R 478 110.70 65.62 -2.95
CA ALA R 478 109.58 66.25 -3.64
C ALA R 478 108.32 65.37 -3.57
N PHE R 479 108.50 64.06 -3.75
CA PHE R 479 107.45 63.06 -3.59
C PHE R 479 106.81 63.10 -2.20
N LEU R 480 107.60 62.96 -1.13
CA LEU R 480 107.08 62.99 0.25
C LEU R 480 106.45 64.34 0.62
N PHE R 481 106.93 65.44 0.04
CA PHE R 481 106.41 66.78 0.32
C PHE R 481 104.98 66.99 -0.19
N ARG R 482 104.60 66.34 -1.29
CA ARG R 482 103.23 66.41 -1.83
C ARG R 482 102.21 65.78 -0.87
N LEU R 483 102.61 64.73 -0.16
CA LEU R 483 101.77 64.03 0.79
C LEU R 483 101.75 64.76 2.14
N GLU R 484 100.59 65.27 2.54
CA GLU R 484 100.45 66.12 3.72
C GLU R 484 101.00 65.48 5.00
N ARG R 485 100.72 64.20 5.22
CA ARG R 485 101.17 63.46 6.42
C ARG R 485 102.68 63.28 6.51
N THR R 486 103.40 63.32 5.40
CA THR R 486 104.86 63.13 5.36
C THR R 486 105.63 64.42 5.04
N ARG R 487 104.92 65.54 4.87
CA ARG R 487 105.49 66.83 4.45
C ARG R 487 106.55 67.33 5.42
N CYS R 488 106.31 67.22 6.72
CA CYS R 488 107.27 67.60 7.75
C CYS R 488 108.54 66.74 7.63
N HIS R 489 108.44 65.42 7.47
CA HIS R 489 109.62 64.55 7.29
C HIS R 489 110.41 64.92 6.03
N ALA R 490 109.72 65.19 4.91
CA ALA R 490 110.36 65.60 3.66
C ALA R 490 111.23 66.85 3.85
N VAL R 491 110.71 67.86 4.56
CA VAL R 491 111.43 69.11 4.84
C VAL R 491 112.67 68.86 5.68
N HIS R 492 112.57 68.07 6.74
CA HIS R 492 113.69 67.80 7.62
C HIS R 492 114.77 66.93 6.98
N VAL R 493 114.39 65.98 6.11
CA VAL R 493 115.34 65.27 5.24
C VAL R 493 116.03 66.24 4.28
N ALA R 494 115.30 67.18 3.68
CA ALA R 494 115.87 68.20 2.81
C ALA R 494 116.88 69.10 3.55
N LEU R 495 116.55 69.55 4.75
CA LEU R 495 117.45 70.33 5.61
C LEU R 495 118.72 69.55 5.95
N ALA R 496 118.59 68.26 6.25
CA ALA R 496 119.73 67.41 6.58
C ALA R 496 120.66 67.22 5.38
N LEU R 497 120.11 66.94 4.20
CA LEU R 497 120.90 66.84 2.97
C LEU R 497 121.49 68.19 2.54
N PHE R 498 120.79 69.30 2.82
CA PHE R 498 121.27 70.64 2.53
C PHE R 498 122.52 70.98 3.36
N GLU R 499 122.50 70.77 4.68
CA GLU R 499 123.66 71.05 5.54
C GLU R 499 124.84 70.08 5.26
N LEU R 500 124.56 68.84 4.84
CA LEU R 500 125.58 67.90 4.36
C LEU R 500 126.11 68.22 2.95
N LYS R 501 125.58 69.26 2.29
CA LYS R 501 125.91 69.62 0.89
C LYS R 501 125.70 68.48 -0.09
N LEU R 502 124.68 67.65 0.13
CA LEU R 502 124.27 66.56 -0.75
C LEU R 502 123.06 66.92 -1.61
N LEU R 503 122.28 67.93 -1.21
CA LEU R 503 121.09 68.38 -1.91
C LEU R 503 121.44 69.27 -3.13
N LEU R 504 120.93 68.90 -4.30
CA LEU R 504 121.01 69.70 -5.51
C LEU R 504 119.85 70.71 -5.54
N LYS R 505 120.19 72.00 -5.47
CA LYS R 505 119.22 73.10 -5.43
C LYS R 505 118.99 73.71 -6.81
N SER R 506 117.75 74.06 -7.12
CA SER R 506 117.41 74.87 -8.30
C SER R 506 118.02 76.26 -8.20
N THR R 507 118.37 76.86 -9.34
CA THR R 507 119.01 78.18 -9.37
C THR R 507 118.02 79.34 -9.15
N GLY R 508 116.75 79.16 -9.52
CA GLY R 508 115.71 80.19 -9.43
C GLY R 508 114.57 79.86 -8.49
N GLN R 509 114.06 80.88 -7.79
CA GLN R 509 112.88 80.78 -6.91
C GLN R 509 111.60 80.36 -7.66
N SER R 510 111.47 80.80 -8.92
CA SER R 510 110.30 80.56 -9.77
C SER R 510 110.22 79.14 -10.32
N ALA R 511 111.28 78.34 -10.16
CA ALA R 511 111.30 76.96 -10.61
C ALA R 511 110.20 76.13 -9.91
N GLN R 512 109.73 75.08 -10.59
CA GLN R 512 108.90 74.05 -9.97
C GLN R 512 109.62 73.42 -8.76
N LEU R 513 108.88 72.75 -7.87
CA LEU R 513 109.46 72.13 -6.68
C LEU R 513 110.59 71.15 -7.05
N LEU R 514 110.36 70.34 -8.09
CA LEU R 514 111.34 69.48 -8.72
C LEU R 514 111.56 69.98 -10.16
N SER R 515 112.81 70.17 -10.56
CA SER R 515 113.15 70.71 -11.88
C SER R 515 114.39 70.02 -12.45
N GLN R 516 114.60 70.14 -13.76
CA GLN R 516 115.81 69.72 -14.45
C GLN R 516 116.39 70.91 -15.21
N GLU R 517 117.66 71.21 -15.00
CA GLU R 517 118.33 72.32 -15.70
C GLU R 517 118.89 71.83 -17.05
N PRO R 518 118.85 72.67 -18.10
CA PRO R 518 119.37 72.30 -19.41
C PRO R 518 120.89 72.07 -19.38
N GLY R 519 121.34 70.99 -20.01
CA GLY R 519 122.76 70.61 -20.09
C GLY R 519 123.26 69.72 -18.96
N GLU R 520 122.44 69.43 -17.96
CA GLU R 520 122.79 68.46 -16.92
C GLU R 520 122.70 67.01 -17.42
N PRO R 521 123.47 66.07 -16.81
CA PRO R 521 123.36 64.66 -17.12
C PRO R 521 121.93 64.14 -16.94
N GLN R 522 121.52 63.18 -17.79
CA GLN R 522 120.20 62.55 -17.70
C GLN R 522 119.97 61.94 -16.30
N GLY R 523 118.77 62.11 -15.76
CA GLY R 523 118.37 61.62 -14.43
C GLY R 523 118.70 62.58 -13.28
N VAL R 524 119.54 63.60 -13.49
CA VAL R 524 119.79 64.63 -12.47
C VAL R 524 118.57 65.55 -12.36
N ARG R 525 118.08 65.73 -11.13
CA ARG R 525 116.99 66.65 -10.80
C ARG R 525 117.43 67.55 -9.66
N ARG R 526 116.84 68.73 -9.58
CA ARG R 526 117.10 69.76 -8.57
C ARG R 526 115.83 70.09 -7.81
N LEU R 527 115.98 70.28 -6.49
CA LEU R 527 114.91 70.67 -5.59
C LEU R 527 114.93 72.20 -5.39
N ASN R 528 113.78 72.84 -5.54
CA ASN R 528 113.62 74.24 -5.17
C ASN R 528 113.49 74.35 -3.64
N PHE R 529 114.65 74.29 -2.97
CA PHE R 529 114.78 74.28 -1.52
C PHE R 529 114.16 75.52 -0.85
N ILE R 530 114.34 76.70 -1.44
CA ILE R 530 113.75 77.95 -0.95
C ILE R 530 112.22 77.83 -0.93
N ARG R 531 111.63 77.42 -2.06
CA ARG R 531 110.17 77.27 -2.18
C ARG R 531 109.63 76.19 -1.25
N LEU R 532 110.36 75.09 -1.07
CA LEU R 532 110.01 74.05 -0.11
C LEU R 532 109.88 74.61 1.31
N LEU R 533 110.86 75.41 1.76
CA LEU R 533 110.81 76.01 3.09
C LEU R 533 109.67 77.02 3.22
N MET R 534 109.50 77.91 2.24
CA MET R 534 108.41 78.90 2.25
C MET R 534 107.03 78.24 2.27
N LEU R 535 106.81 77.18 1.48
CA LEU R 535 105.54 76.45 1.46
C LEU R 535 105.28 75.73 2.80
N TYR R 536 106.33 75.22 3.44
CA TYR R 536 106.22 74.56 4.73
C TYR R 536 105.92 75.55 5.87
N THR R 537 106.67 76.66 5.94
CA THR R 537 106.53 77.64 7.02
C THR R 537 105.22 78.39 6.96
N ARG R 538 104.67 78.65 5.76
CA ARG R 538 103.44 79.42 5.55
C ARG R 538 102.24 78.98 6.41
N LYS R 539 102.17 77.69 6.76
CA LYS R 539 101.14 77.14 7.67
C LYS R 539 101.18 77.79 9.06
N PHE R 540 102.38 78.06 9.59
CA PHE R 540 102.60 78.45 10.98
C PHE R 540 103.33 79.78 11.17
N GLU R 541 103.66 80.51 10.10
CA GLU R 541 104.22 81.87 10.20
C GLU R 541 103.38 82.83 11.07
N PRO R 542 102.02 82.84 11.00
CA PRO R 542 101.22 83.73 11.84
C PRO R 542 101.18 83.32 13.32
N THR R 543 101.26 82.02 13.63
CA THR R 543 101.10 81.48 14.99
C THR R 543 102.42 81.28 15.71
N ASP R 544 103.46 80.83 14.99
CA ASP R 544 104.74 80.38 15.51
C ASP R 544 105.92 81.02 14.74
N PRO R 545 106.03 82.37 14.71
CA PRO R 545 107.04 83.04 13.90
C PRO R 545 108.48 82.83 14.40
N ARG R 546 108.70 82.43 15.66
CA ARG R 546 110.05 82.10 16.18
C ARG R 546 110.57 80.80 15.58
N GLU R 547 109.68 79.84 15.41
CA GLU R 547 109.92 78.55 14.79
C GLU R 547 110.17 78.76 13.30
N ALA R 548 109.33 79.56 12.61
CA ALA R 548 109.52 79.92 11.20
C ALA R 548 110.88 80.58 10.94
N LEU R 549 111.31 81.46 11.86
CA LEU R 549 112.63 82.09 11.80
C LEU R 549 113.79 81.06 11.86
N GLN R 550 113.63 79.94 12.57
CA GLN R 550 114.65 78.86 12.59
C GLN R 550 114.83 78.25 11.20
N TYR R 551 113.73 78.04 10.47
CA TYR R 551 113.78 77.48 9.12
C TYR R 551 114.40 78.47 8.14
N PHE R 552 114.03 79.76 8.21
CA PHE R 552 114.62 80.76 7.33
C PHE R 552 116.12 80.97 7.57
N TYR R 553 116.64 80.69 8.78
CA TYR R 553 118.09 80.76 9.02
C TYR R 553 118.92 79.78 8.17
N PHE R 554 118.32 78.69 7.67
CA PHE R 554 118.99 77.82 6.69
C PHE R 554 119.25 78.55 5.36
N LEU R 555 118.51 79.61 5.05
CA LEU R 555 118.68 80.45 3.86
C LEU R 555 119.72 81.57 4.03
N ARG R 556 120.48 81.60 5.14
CA ARG R 556 121.47 82.65 5.45
C ARG R 556 122.52 82.89 4.37
N ASN R 557 122.90 81.83 3.64
CA ASN R 557 123.89 81.89 2.56
C ASN R 557 123.27 81.93 1.16
N GLU R 558 121.94 81.86 1.08
CA GLU R 558 121.22 81.85 -0.19
C GLU R 558 120.94 83.28 -0.66
N LYS R 559 121.13 83.50 -1.95
CA LYS R 559 120.86 84.77 -2.61
C LYS R 559 119.93 84.53 -3.78
N ASP R 560 119.12 85.52 -4.10
CA ASP R 560 118.29 85.50 -5.30
C ASP R 560 119.11 85.85 -6.57
N ASN R 561 118.42 85.85 -7.70
CA ASN R 561 119.01 86.21 -9.00
C ASN R 561 119.50 87.67 -9.05
N GLN R 562 119.05 88.53 -8.12
CA GLN R 562 119.46 89.93 -7.99
C GLN R 562 120.60 90.12 -6.97
N GLY R 563 121.00 89.05 -6.28
CA GLY R 563 122.01 89.07 -5.22
C GLY R 563 121.49 89.47 -3.84
N GLU R 564 120.19 89.72 -3.66
CA GLU R 564 119.59 89.96 -2.36
C GLU R 564 119.59 88.67 -1.52
N SER R 565 119.79 88.79 -0.21
CA SER R 565 119.75 87.65 0.70
C SER R 565 118.33 87.11 0.85
N MET R 566 118.16 85.81 0.61
CA MET R 566 116.86 85.14 0.79
C MET R 566 116.40 85.16 2.24
N PHE R 567 117.33 85.02 3.19
CA PHE R 567 117.03 85.17 4.61
C PHE R 567 116.42 86.55 4.92
N LEU R 568 117.03 87.63 4.41
CA LEU R 568 116.51 88.99 4.61
C LEU R 568 115.09 89.14 4.06
N ARG R 569 114.83 88.60 2.86
CA ARG R 569 113.52 88.65 2.22
C ARG R 569 112.46 87.90 3.03
N CYS R 570 112.71 86.62 3.34
CA CYS R 570 111.75 85.79 4.09
C CYS R 570 111.49 86.35 5.49
N VAL R 571 112.51 86.86 6.18
CA VAL R 571 112.33 87.52 7.48
C VAL R 571 111.51 88.80 7.35
N SER R 572 111.69 89.56 6.26
CA SER R 572 110.90 90.79 6.04
C SER R 572 109.43 90.48 5.82
N GLU R 573 109.12 89.45 5.04
CA GLU R 573 107.75 88.97 4.83
C GLU R 573 107.16 88.44 6.15
N LEU R 574 107.90 87.59 6.88
CA LEU R 574 107.50 87.03 8.17
C LEU R 574 107.11 88.09 9.20
N VAL R 575 107.95 89.11 9.39
CA VAL R 575 107.72 90.15 10.40
C VAL R 575 106.47 90.98 10.05
N ILE R 576 106.28 91.27 8.77
CA ILE R 576 105.14 92.06 8.29
C ILE R 576 103.83 91.26 8.40
N GLU R 577 103.86 89.97 8.07
CA GLU R 577 102.67 89.11 8.13
C GLU R 577 102.28 88.73 9.56
N SER R 578 103.25 88.40 10.42
CA SER R 578 102.98 88.09 11.83
C SER R 578 102.63 89.32 12.67
N ARG R 579 103.08 90.52 12.27
CA ARG R 579 103.00 91.79 13.04
C ARG R 579 103.68 91.73 14.42
N GLU R 580 104.52 90.72 14.67
CA GLU R 580 105.24 90.51 15.93
C GLU R 580 106.59 91.27 15.95
N PHE R 581 106.54 92.58 15.70
CA PHE R 581 107.73 93.43 15.56
C PHE R 581 108.63 93.40 16.79
N ASP R 582 108.06 93.63 17.98
CA ASP R 582 108.82 93.71 19.23
C ASP R 582 109.48 92.37 19.59
N MET R 583 108.83 91.26 19.27
CA MET R 583 109.35 89.93 19.57
C MET R 583 110.49 89.53 18.62
N LEU R 584 110.32 89.80 17.32
CA LEU R 584 111.26 89.37 16.29
C LEU R 584 112.43 90.35 16.15
N LEU R 585 112.13 91.63 16.07
CA LEU R 585 113.11 92.71 15.85
C LEU R 585 113.53 93.40 17.15
N GLY R 586 112.87 93.17 18.28
CA GLY R 586 113.19 93.84 19.53
C GLY R 586 112.48 95.18 19.68
N LYS R 587 112.66 95.81 20.84
CA LYS R 587 111.98 97.07 21.19
C LYS R 587 112.95 98.09 21.77
N LEU R 588 112.63 99.37 21.65
CA LEU R 588 113.35 100.44 22.35
C LEU R 588 112.78 100.61 23.76
N GLU R 589 113.66 100.66 24.75
CA GLU R 589 113.31 101.04 26.12
C GLU R 589 113.29 102.58 26.26
N LYS R 590 112.79 103.08 27.39
CA LYS R 590 112.61 104.53 27.63
C LYS R 590 113.92 105.33 27.64
N ASP R 591 115.03 104.69 28.01
CA ASP R 591 116.38 105.25 27.93
C ASP R 591 116.93 105.30 26.49
N GLY R 592 116.21 104.68 25.55
CA GLY R 592 116.59 104.49 24.16
C GLY R 592 117.66 103.41 23.94
N SER R 593 117.90 102.58 24.94
CA SER R 593 118.58 101.30 24.73
C SER R 593 117.64 100.34 23.98
N ARG R 594 118.21 99.49 23.13
CA ARG R 594 117.45 98.48 22.38
C ARG R 594 117.48 97.16 23.13
N LYS R 595 116.31 96.65 23.47
CA LYS R 595 116.14 95.25 23.91
C LYS R 595 116.20 94.35 22.68
N PRO R 596 117.11 93.35 22.64
CA PRO R 596 117.25 92.49 21.48
C PRO R 596 116.01 91.62 21.25
N GLY R 597 115.68 91.40 19.98
CA GLY R 597 114.65 90.48 19.50
C GLY R 597 115.21 89.12 19.12
N ALA R 598 114.35 88.23 18.63
CA ALA R 598 114.74 86.88 18.20
C ALA R 598 115.80 86.91 17.07
N ILE R 599 115.74 87.89 16.17
CA ILE R 599 116.64 88.00 15.00
C ILE R 599 118.08 88.34 15.41
N ASP R 600 118.29 89.03 16.54
CA ASP R 600 119.63 89.40 17.01
C ASP R 600 120.50 88.19 17.38
N LYS R 601 119.88 87.01 17.57
CA LYS R 601 120.63 85.76 17.74
C LYS R 601 121.32 85.35 16.43
N PHE R 602 120.71 85.62 15.28
CA PHE R 602 121.16 85.06 14.00
C PHE R 602 122.11 85.95 13.22
N THR R 603 122.00 87.26 13.38
CA THR R 603 122.79 88.23 12.62
C THR R 603 123.26 89.37 13.50
N ARG R 604 124.44 89.90 13.17
CA ARG R 604 124.95 91.14 13.74
C ARG R 604 124.42 92.38 13.00
N ASP R 605 124.03 92.23 11.74
CA ASP R 605 123.54 93.32 10.91
C ASP R 605 122.00 93.44 10.98
N THR R 606 121.47 93.50 12.20
CA THR R 606 120.01 93.63 12.42
C THR R 606 119.50 94.96 11.90
N LYS R 607 120.34 95.99 11.82
CA LYS R 607 119.96 97.33 11.35
C LYS R 607 119.52 97.31 9.88
N THR R 608 120.21 96.57 9.01
CA THR R 608 119.81 96.42 7.59
C THR R 608 118.46 95.71 7.48
N ILE R 609 118.22 94.69 8.29
CA ILE R 609 116.94 93.97 8.33
C ILE R 609 115.81 94.91 8.76
N ILE R 610 115.98 95.61 9.88
CA ILE R 610 114.95 96.53 10.41
C ILE R 610 114.63 97.63 9.39
N ASN R 611 115.63 98.20 8.72
CA ASN R 611 115.40 99.22 7.69
C ASN R 611 114.61 98.67 6.48
N LYS R 612 114.89 97.45 6.02
CA LYS R 612 114.13 96.83 4.92
C LYS R 612 112.68 96.57 5.36
N VAL R 613 112.47 96.04 6.56
CA VAL R 613 111.12 95.82 7.12
C VAL R 613 110.37 97.15 7.25
N ALA R 614 111.04 98.20 7.75
CA ALA R 614 110.45 99.54 7.88
C ALA R 614 110.02 100.10 6.52
N SER R 615 110.85 99.94 5.49
CA SER R 615 110.51 100.36 4.12
C SER R 615 109.33 99.58 3.54
N VAL R 616 109.25 98.28 3.79
CA VAL R 616 108.10 97.46 3.37
C VAL R 616 106.82 97.87 4.12
N ALA R 617 106.92 98.20 5.41
CA ALA R 617 105.80 98.72 6.21
C ALA R 617 105.33 100.08 5.70
N GLU R 618 106.25 101.00 5.37
CA GLU R 618 105.97 102.31 4.77
C GLU R 618 105.23 102.15 3.44
N ASN R 619 105.72 101.26 2.56
CA ASN R 619 105.09 100.98 1.26
C ASN R 619 103.69 100.35 1.39
N LYS R 620 103.42 99.62 2.48
CA LYS R 620 102.09 99.08 2.80
C LYS R 620 101.17 100.08 3.50
N GLY R 621 101.62 101.30 3.77
CA GLY R 621 100.85 102.35 4.45
C GLY R 621 100.79 102.22 5.98
N LEU R 622 101.60 101.36 6.58
CA LEU R 622 101.70 101.17 8.04
C LEU R 622 102.69 102.20 8.63
N PHE R 623 102.33 103.49 8.60
CA PHE R 623 103.26 104.58 8.92
C PHE R 623 103.68 104.63 10.39
N GLU R 624 102.81 104.26 11.34
CA GLU R 624 103.15 104.26 12.76
C GLU R 624 104.18 103.18 13.10
N GLU R 625 103.99 101.99 12.54
CA GLU R 625 104.87 100.84 12.65
C GLU R 625 106.19 101.12 11.93
N ALA R 626 106.14 101.69 10.73
CA ALA R 626 107.34 102.12 10.00
C ALA R 626 108.15 103.14 10.80
N ALA R 627 107.50 104.13 11.45
CA ALA R 627 108.18 105.09 12.31
C ALA R 627 108.87 104.41 13.50
N LYS R 628 108.19 103.49 14.20
CA LYS R 628 108.78 102.71 15.30
C LYS R 628 109.97 101.85 14.84
N LEU R 629 109.87 101.25 13.65
CA LEU R 629 110.93 100.44 13.08
C LEU R 629 112.14 101.28 12.63
N TYR R 630 111.93 102.43 12.00
CA TYR R 630 113.02 103.35 11.68
C TYR R 630 113.70 103.90 12.93
N ASP R 631 112.95 104.12 14.01
CA ASP R 631 113.48 104.52 15.30
C ASP R 631 114.35 103.41 15.89
N LEU R 632 113.89 102.15 15.83
CA LEU R 632 114.66 100.97 16.20
C LEU R 632 115.94 100.80 15.36
N ALA R 633 115.89 101.40 14.17
CA ALA R 633 117.08 101.49 13.28
C ALA R 633 117.97 102.63 13.81
N LYS R 634 117.78 103.00 15.09
CA LYS R 634 118.56 104.07 15.78
C LYS R 634 118.53 105.40 15.03
N ASN R 635 117.33 105.92 14.70
CA ASN R 635 117.23 107.21 13.96
C ASN R 635 116.27 108.19 14.65
N PRO R 636 116.69 108.94 15.70
CA PRO R 636 115.79 109.94 16.33
C PRO R 636 115.31 110.93 15.26
N ASP R 637 116.26 111.67 14.67
CA ASP R 637 116.12 112.55 13.50
C ASP R 637 114.98 112.06 12.60
N LYS R 638 115.00 110.78 12.23
CA LYS R 638 113.96 110.17 11.40
C LYS R 638 112.60 110.09 12.11
N VAL R 639 112.60 109.86 13.42
CA VAL R 639 111.35 109.84 14.20
C VAL R 639 110.67 111.20 14.14
N LEU R 640 111.40 112.28 14.43
CA LEU R 640 110.81 113.61 14.43
C LEU R 640 110.47 114.09 13.02
N GLU R 641 111.29 113.77 12.01
CA GLU R 641 110.99 114.07 10.60
C GLU R 641 109.64 113.46 10.18
N LEU R 642 109.44 112.16 10.42
CA LEU R 642 108.19 111.47 10.08
C LEU R 642 107.02 111.94 10.93
N THR R 643 107.26 112.21 12.22
CA THR R 643 106.20 112.72 13.10
C THR R 643 105.78 114.12 12.68
N ASN R 644 106.68 114.99 12.23
CA ASN R 644 106.34 116.30 11.68
C ASN R 644 105.46 116.17 10.43
N LYS R 645 105.82 115.27 9.50
CA LYS R 645 105.03 114.98 8.30
C LYS R 645 103.63 114.46 8.64
N LEU R 646 103.50 113.63 9.68
CA LEU R 646 102.23 113.09 10.16
C LEU R 646 101.38 114.14 10.90
N LEU R 647 102.00 114.99 11.73
CA LEU R 647 101.30 116.01 12.52
C LEU R 647 100.83 117.18 11.66
N SER R 648 101.65 117.62 10.70
CA SER R 648 101.38 118.76 9.82
C SER R 648 99.94 118.80 9.27
N PRO R 649 99.39 117.74 8.63
CA PRO R 649 98.04 117.78 8.09
C PRO R 649 96.91 117.75 9.14
N VAL R 650 97.18 117.40 10.40
CA VAL R 650 96.17 117.25 11.46
C VAL R 650 96.18 118.39 12.49
N VAL R 651 97.15 119.31 12.43
CA VAL R 651 97.32 120.38 13.42
C VAL R 651 96.06 121.22 13.62
N SER R 652 95.47 121.72 12.52
CA SER R 652 94.30 122.62 12.55
C SER R 652 92.95 121.92 12.75
N GLN R 653 92.90 120.59 12.64
CA GLN R 653 91.65 119.84 12.70
C GLN R 653 91.03 119.90 14.11
N ILE R 654 89.70 119.80 14.19
CA ILE R 654 88.98 119.76 15.47
C ILE R 654 89.23 118.40 16.14
N SER R 655 89.55 118.40 17.44
CA SER R 655 89.71 117.13 18.17
C SER R 655 88.39 116.40 18.31
N ALA R 656 88.30 115.20 17.74
CA ALA R 656 87.21 114.28 18.00
C ALA R 656 87.73 113.02 18.71
N PRO R 657 86.95 112.40 19.61
CA PRO R 657 87.32 111.12 20.23
C PRO R 657 87.64 110.08 19.15
N GLN R 658 88.76 109.37 19.29
CA GLN R 658 89.26 108.38 18.30
C GLN R 658 89.66 108.95 16.93
N SER R 659 89.77 110.28 16.79
CA SER R 659 90.30 110.87 15.56
C SER R 659 91.78 110.55 15.36
N ASN R 660 92.20 110.58 14.08
CA ASN R 660 93.62 110.48 13.72
C ASN R 660 94.46 111.57 14.42
N ARG R 661 93.93 112.78 14.54
CA ARG R 661 94.58 113.88 15.26
C ARG R 661 94.89 113.52 16.70
N GLU R 662 93.91 113.02 17.45
CA GLU R 662 94.09 112.65 18.86
C GLU R 662 95.13 111.53 19.02
N ARG R 663 95.07 110.51 18.15
CA ARG R 663 96.05 109.41 18.13
C ARG R 663 97.48 109.92 17.86
N LEU R 664 97.66 110.74 16.84
CA LEU R 664 98.96 111.29 16.44
C LEU R 664 99.51 112.28 17.48
N LYS R 665 98.64 113.12 18.05
CA LYS R 665 98.97 114.02 19.16
C LYS R 665 99.47 113.23 20.37
N ASN R 666 98.74 112.20 20.78
CA ASN R 666 99.14 111.37 21.93
C ASN R 666 100.46 110.63 21.68
N MET R 667 100.68 110.15 20.46
CA MET R 667 101.96 109.57 20.04
C MET R 667 103.09 110.61 20.14
N ALA R 668 102.90 111.81 19.59
CA ALA R 668 103.90 112.86 19.62
C ALA R 668 104.22 113.36 21.04
N LEU R 669 103.20 113.53 21.90
CA LEU R 669 103.40 113.90 23.30
C LEU R 669 104.19 112.83 24.06
N ALA R 670 103.89 111.54 23.84
CA ALA R 670 104.65 110.46 24.45
C ALA R 670 106.12 110.43 23.99
N ILE R 671 106.39 110.72 22.71
CA ILE R 671 107.76 110.87 22.18
C ILE R 671 108.45 112.08 22.84
N ALA R 672 107.77 113.22 22.90
CA ALA R 672 108.31 114.46 23.46
C ALA R 672 108.68 114.32 24.94
N GLU R 673 107.80 113.72 25.74
CA GLU R 673 108.04 113.46 27.16
C GLU R 673 109.25 112.54 27.37
N ARG R 674 109.35 111.47 26.57
CA ARG R 674 110.45 110.51 26.64
C ARG R 674 111.78 111.10 26.17
N TYR R 675 111.81 111.85 25.07
CA TYR R 675 113.06 112.46 24.59
C TYR R 675 113.55 113.53 25.56
N LYS R 676 112.64 114.27 26.20
CA LYS R 676 112.97 115.22 27.25
C LYS R 676 113.54 114.53 28.50
N SER R 677 112.97 113.40 28.93
CA SER R 677 113.46 112.66 30.10
C SER R 677 114.81 111.97 29.86
N GLN R 678 115.06 111.52 28.64
CA GLN R 678 116.32 110.86 28.26
C GLN R 678 117.42 111.82 27.80
N GLY R 679 117.11 113.10 27.59
CA GLY R 679 118.06 114.08 27.04
C GLY R 679 118.45 113.83 25.58
N VAL R 680 117.58 113.18 24.80
CA VAL R 680 117.80 112.91 23.37
C VAL R 680 117.37 114.14 22.57
N SER R 681 118.28 114.70 21.76
CA SER R 681 117.97 115.79 20.82
C SER R 681 118.30 115.35 19.40
N ALA R 682 117.35 115.55 18.50
CA ALA R 682 117.56 115.50 17.06
C ALA R 682 118.28 116.77 16.56
N GLU R 683 118.50 116.84 15.26
CA GLU R 683 118.91 118.04 14.55
C GLU R 683 118.03 119.24 14.93
N LYS R 684 118.66 120.40 15.17
CA LYS R 684 118.00 121.60 15.70
C LYS R 684 116.81 122.06 14.85
N SER R 685 116.91 121.95 13.53
CA SER R 685 115.87 122.31 12.55
C SER R 685 114.61 121.46 12.74
N ILE R 686 114.78 120.12 12.70
CA ILE R 686 113.71 119.13 12.85
C ILE R 686 113.07 119.24 14.24
N ASN R 687 113.91 119.37 15.28
CA ASN R 687 113.45 119.47 16.66
C ASN R 687 112.64 120.75 16.90
N SER R 688 113.08 121.89 16.36
CA SER R 688 112.33 123.15 16.45
C SER R 688 110.97 123.08 15.75
N THR R 689 110.92 122.42 14.60
CA THR R 689 109.67 122.19 13.86
C THR R 689 108.69 121.34 14.65
N PHE R 690 109.19 120.27 15.28
CA PHE R 690 108.38 119.35 16.07
C PHE R 690 107.70 120.03 17.28
N TYR R 691 108.48 120.76 18.10
CA TYR R 691 107.92 121.46 19.24
C TYR R 691 106.99 122.61 18.83
N LEU R 692 107.27 123.27 17.70
CA LEU R 692 106.39 124.29 17.15
C LEU R 692 105.05 123.70 16.69
N LEU R 693 105.04 122.52 16.07
CA LEU R 693 103.82 121.80 15.71
C LEU R 693 103.02 121.37 16.95
N LEU R 694 103.70 120.93 18.03
CA LEU R 694 103.02 120.62 19.30
C LEU R 694 102.37 121.86 19.93
N ASP R 695 103.09 122.97 19.97
CA ASP R 695 102.54 124.23 20.47
C ASP R 695 101.36 124.73 19.60
N LEU R 696 101.43 124.53 18.28
CA LEU R 696 100.33 124.83 17.37
C LEU R 696 99.10 123.94 17.62
N ILE R 697 99.31 122.66 17.94
CA ILE R 697 98.21 121.77 18.35
C ILE R 697 97.54 122.31 19.63
N THR R 698 98.32 122.76 20.62
CA THR R 698 97.78 123.41 21.82
C THR R 698 97.02 124.69 21.48
N PHE R 699 97.54 125.52 20.58
CA PHE R 699 96.83 126.70 20.09
C PHE R 699 95.46 126.36 19.49
N PHE R 700 95.40 125.37 18.60
CA PHE R 700 94.15 124.95 17.99
C PHE R 700 93.20 124.26 18.97
N ASP R 701 93.72 123.53 19.97
CA ASP R 701 92.89 122.97 21.05
C ASP R 701 92.18 124.07 21.85
N GLU R 702 92.92 125.09 22.29
CA GLU R 702 92.36 126.23 23.03
C GLU R 702 91.39 127.05 22.15
N TYR R 703 91.72 127.22 20.86
CA TYR R 703 90.86 127.90 19.90
C TYR R 703 89.52 127.15 19.71
N HIS R 704 89.57 125.84 19.47
CA HIS R 704 88.38 125.01 19.28
C HIS R 704 87.57 124.81 20.57
N ALA R 705 88.21 124.88 21.74
CA ALA R 705 87.53 124.89 23.04
C ALA R 705 86.82 126.24 23.33
N GLY R 706 87.07 127.29 22.54
CA GLY R 706 86.50 128.62 22.74
C GLY R 706 87.22 129.48 23.77
N HIS R 707 88.41 129.07 24.22
CA HIS R 707 89.27 129.86 25.10
C HIS R 707 90.08 130.89 24.29
N ILE R 708 89.37 131.93 23.85
CA ILE R 708 89.88 132.95 22.92
C ILE R 708 91.10 133.70 23.47
N ASP R 709 91.10 134.02 24.76
CA ASP R 709 92.19 134.79 25.36
C ASP R 709 93.46 133.91 25.54
N LEU R 710 93.29 132.65 25.97
CA LEU R 710 94.40 131.69 26.08
C LEU R 710 95.00 131.35 24.71
N SER R 711 94.16 131.13 23.70
CA SER R 711 94.64 130.91 22.32
C SER R 711 95.38 132.13 21.77
N PHE R 712 94.95 133.35 22.11
CA PHE R 712 95.68 134.56 21.73
C PHE R 712 97.05 134.66 22.42
N ASP R 713 97.13 134.36 23.72
CA ASP R 713 98.40 134.37 24.46
C ASP R 713 99.40 133.36 23.88
N VAL R 714 98.92 132.18 23.46
CA VAL R 714 99.76 131.16 22.82
C VAL R 714 100.31 131.68 21.48
N ILE R 715 99.47 132.22 20.59
CA ILE R 715 99.94 132.68 19.28
C ILE R 715 100.89 133.89 19.40
N GLU R 716 100.65 134.79 20.35
CA GLU R 716 101.56 135.89 20.67
C GLU R 716 102.94 135.37 21.10
N ARG R 717 102.97 134.33 21.96
CA ARG R 717 104.21 133.70 22.41
C ARG R 717 104.96 133.00 21.28
N LEU R 718 104.25 132.38 20.34
CA LEU R 718 104.87 131.66 19.22
C LEU R 718 105.54 132.57 18.20
N LYS R 719 105.17 133.86 18.15
CA LYS R 719 105.75 134.87 17.24
C LYS R 719 105.75 134.41 15.76
N LEU R 720 104.74 133.64 15.37
CA LEU R 720 104.59 133.13 13.99
C LEU R 720 104.01 134.16 13.04
N VAL R 721 103.11 135.00 13.55
CA VAL R 721 102.39 136.03 12.80
C VAL R 721 102.61 137.40 13.44
N PRO R 722 102.60 138.50 12.67
CA PRO R 722 102.79 139.83 13.21
C PRO R 722 101.51 140.34 13.89
N LEU R 723 101.65 140.83 15.12
CA LEU R 723 100.59 141.50 15.89
C LEU R 723 100.76 143.03 15.91
N SER R 724 101.72 143.55 15.15
CA SER R 724 101.90 144.98 14.92
C SER R 724 102.42 145.21 13.51
N GLN R 725 102.06 146.36 12.92
CA GLN R 725 102.55 146.78 11.60
C GLN R 725 104.08 146.76 11.52
N ASP R 726 104.76 147.21 12.59
CA ASP R 726 106.22 147.28 12.64
C ASP R 726 106.89 145.90 12.60
N SER R 727 106.19 144.84 13.03
CA SER R 727 106.72 143.47 13.05
C SER R 727 106.50 142.70 11.74
N VAL R 728 105.78 143.26 10.77
CA VAL R 728 105.40 142.55 9.53
C VAL R 728 106.63 142.14 8.74
N GLU R 729 107.56 143.06 8.44
CA GLU R 729 108.75 142.77 7.64
C GLU R 729 109.65 141.72 8.29
N GLU R 730 109.85 141.81 9.61
CA GLU R 730 110.62 140.85 10.40
C GLU R 730 110.02 139.43 10.29
N ARG R 731 108.69 139.32 10.39
CA ARG R 731 107.98 138.03 10.31
C ARG R 731 107.97 137.48 8.88
N VAL R 732 107.87 138.33 7.85
CA VAL R 732 107.99 137.88 6.43
C VAL R 732 109.38 137.34 6.16
N ALA R 733 110.43 137.97 6.70
CA ALA R 733 111.79 137.47 6.61
C ALA R 733 111.96 136.13 7.35
N ALA R 734 111.41 136.01 8.56
CA ALA R 734 111.43 134.78 9.34
C ALA R 734 110.67 133.62 8.66
N PHE R 735 109.58 133.90 7.94
CA PHE R 735 108.79 132.89 7.23
C PHE R 735 109.61 132.06 6.25
N ARG R 736 110.59 132.66 5.58
CA ARG R 736 111.48 131.97 4.63
C ARG R 736 112.28 130.83 5.28
N ASN R 737 112.48 130.89 6.60
CA ASN R 737 113.23 129.89 7.36
C ASN R 737 112.36 128.80 7.98
N PHE R 738 111.02 128.93 7.93
CA PHE R 738 110.13 127.87 8.42
C PHE R 738 110.18 126.65 7.50
N SER R 739 109.99 125.46 8.07
CA SER R 739 109.87 124.21 7.31
C SER R 739 108.54 124.17 6.55
N ASP R 740 108.46 123.31 5.54
CA ASP R 740 107.24 123.18 4.75
C ASP R 740 106.04 122.75 5.60
N GLU R 741 106.24 121.88 6.60
CA GLU R 741 105.20 121.45 7.53
C GLU R 741 104.51 122.62 8.25
N ILE R 742 105.28 123.67 8.61
CA ILE R 742 104.72 124.87 9.24
C ILE R 742 104.05 125.77 8.18
N ARG R 743 104.67 125.92 7.01
CA ARG R 743 104.11 126.76 5.92
C ARG R 743 102.74 126.27 5.47
N HIS R 744 102.54 124.96 5.38
CA HIS R 744 101.25 124.36 5.01
C HIS R 744 100.13 124.70 6.01
N ASN R 745 100.46 124.92 7.28
CA ASN R 745 99.49 125.27 8.32
C ASN R 745 99.23 126.77 8.45
N LEU R 746 100.00 127.62 7.78
CA LEU R 746 99.95 129.07 7.97
C LEU R 746 98.57 129.67 7.63
N SER R 747 97.90 129.16 6.59
CA SER R 747 96.57 129.67 6.20
C SER R 747 95.54 129.49 7.30
N GLU R 748 95.55 128.34 7.96
CA GLU R 748 94.65 128.03 9.07
C GLU R 748 95.02 128.84 10.31
N ILE R 749 96.32 129.02 10.59
CA ILE R 749 96.81 129.84 11.69
C ILE R 749 96.34 131.30 11.53
N LEU R 750 96.46 131.86 10.32
CA LEU R 750 96.02 133.23 10.04
C LEU R 750 94.50 133.37 10.18
N LEU R 751 93.73 132.41 9.69
CA LEU R 751 92.26 132.42 9.85
C LEU R 751 91.85 132.31 11.31
N ALA R 752 92.44 131.40 12.08
CA ALA R 752 92.15 131.25 13.49
C ALA R 752 92.53 132.51 14.28
N THR R 753 93.70 133.10 14.02
CA THR R 753 94.14 134.34 14.66
C THR R 753 93.21 135.51 14.31
N MET R 754 92.81 135.64 13.05
CA MET R 754 91.87 136.68 12.63
C MET R 754 90.47 136.48 13.25
N ASN R 755 89.99 135.24 13.36
CA ASN R 755 88.74 134.92 14.07
C ASN R 755 88.81 135.26 15.57
N ILE R 756 89.95 135.02 16.21
CA ILE R 756 90.20 135.42 17.62
C ILE R 756 90.05 136.94 17.77
N LEU R 757 90.76 137.72 16.93
CA LEU R 757 90.68 139.18 16.93
C LEU R 757 89.26 139.68 16.68
N PHE R 758 88.57 139.11 15.69
CA PHE R 758 87.20 139.46 15.36
C PHE R 758 86.23 139.17 16.52
N THR R 759 86.44 138.06 17.23
CA THR R 759 85.60 137.70 18.38
C THR R 759 85.87 138.59 19.58
N GLN R 760 87.14 138.93 19.86
CA GLN R 760 87.49 139.92 20.88
C GLN R 760 86.87 141.29 20.57
N TYR R 761 86.90 141.72 19.31
CA TYR R 761 86.25 142.95 18.84
C TYR R 761 84.73 142.91 19.05
N LYS R 762 84.07 141.81 18.70
CA LYS R 762 82.65 141.61 18.99
C LYS R 762 82.34 141.65 20.48
N ARG R 763 83.17 141.04 21.33
CA ARG R 763 83.01 141.10 22.80
C ARG R 763 83.13 142.54 23.32
N LEU R 764 84.06 143.32 22.78
CA LEU R 764 84.24 144.74 23.12
C LEU R 764 83.03 145.60 22.69
N LYS R 765 82.46 145.37 21.49
CA LYS R 765 81.26 146.10 21.03
C LYS R 765 79.96 145.64 21.68
N GLY R 766 79.82 144.34 21.96
CA GLY R 766 78.64 143.75 22.59
C GLY R 766 78.54 144.00 24.10
N SER R 767 79.65 144.35 24.75
CA SER R 767 79.66 144.87 26.12
C SER R 767 78.99 146.25 26.11
N GLY R 768 77.67 146.26 26.15
CA GLY R 768 76.87 147.48 26.17
C GLY R 768 77.24 148.39 27.36
N PRO R 769 76.82 149.66 27.35
CA PRO R 769 77.31 150.70 28.27
C PRO R 769 76.94 150.52 29.75
N THR R 770 76.44 149.35 30.18
CA THR R 770 75.83 149.14 31.50
C THR R 770 76.80 148.85 32.64
N THR R 771 78.12 148.84 32.40
CA THR R 771 79.10 148.95 33.50
C THR R 771 79.53 150.41 33.69
N LEU R 772 78.73 151.13 34.48
CA LEU R 772 79.06 152.41 35.10
C LEU R 772 80.41 152.28 35.85
N GLY R 773 81.52 152.61 35.18
CA GLY R 773 82.82 152.71 35.84
C GLY R 773 84.07 152.39 35.01
N ARG R 774 83.98 151.91 33.76
CA ARG R 774 85.17 151.76 32.92
C ARG R 774 85.38 152.97 31.99
N PRO R 775 86.55 153.64 32.03
CA PRO R 775 86.80 154.85 31.26
C PRO R 775 86.75 154.58 29.74
N GLN R 776 85.87 155.31 29.06
CA GLN R 776 85.57 155.23 27.63
C GLN R 776 86.81 155.29 26.72
N ARG R 777 87.86 156.05 27.12
CA ARG R 777 89.15 156.10 26.42
C ARG R 777 89.86 154.75 26.31
N VAL R 778 89.80 153.92 27.36
CA VAL R 778 90.47 152.60 27.35
C VAL R 778 89.80 151.65 26.34
N GLN R 779 88.52 151.85 26.06
CA GLN R 779 87.78 151.05 25.10
C GLN R 779 88.12 151.44 23.66
N GLU R 780 88.19 152.74 23.36
CA GLU R 780 88.59 153.27 22.05
C GLU R 780 90.04 152.87 21.72
N ASP R 781 90.95 152.94 22.70
CA ASP R 781 92.34 152.51 22.52
C ASP R 781 92.40 151.02 22.17
N LYS R 782 91.65 150.16 22.87
CA LYS R 782 91.62 148.70 22.59
C LYS R 782 91.02 148.36 21.23
N ASP R 783 89.97 149.07 20.79
CA ASP R 783 89.41 148.91 19.45
C ASP R 783 90.49 149.23 18.39
N SER R 784 91.15 150.38 18.53
CA SER R 784 92.21 150.80 17.61
C SER R 784 93.34 149.77 17.50
N VAL R 785 93.73 149.15 18.62
CA VAL R 785 94.75 148.11 18.68
C VAL R 785 94.32 146.85 17.93
N LEU R 786 93.10 146.34 18.15
CA LEU R 786 92.61 145.14 17.46
C LEU R 786 92.51 145.36 15.94
N ARG R 787 92.05 146.52 15.49
CA ARG R 787 92.04 146.86 14.06
C ARG R 787 93.45 146.96 13.48
N SER R 788 94.41 147.48 14.25
CA SER R 788 95.81 147.54 13.82
C SER R 788 96.44 146.15 13.70
N GLN R 789 96.13 145.24 14.62
CA GLN R 789 96.53 143.83 14.58
C GLN R 789 95.95 143.10 13.37
N ALA R 790 94.66 143.27 13.11
CA ALA R 790 93.98 142.71 11.94
C ALA R 790 94.62 143.18 10.62
N ARG R 791 94.91 144.49 10.50
CA ARG R 791 95.64 145.06 9.36
C ARG R 791 97.05 144.47 9.20
N ALA R 792 97.76 144.24 10.30
CA ALA R 792 99.09 143.63 10.25
C ALA R 792 99.04 142.20 9.69
N LEU R 793 98.04 141.39 10.08
CA LEU R 793 97.84 140.03 9.56
C LEU R 793 97.57 140.01 8.04
N ILE R 794 96.76 140.94 7.53
CA ILE R 794 96.45 141.02 6.09
C ILE R 794 97.66 141.50 5.30
N THR R 795 98.36 142.52 5.80
CA THR R 795 99.59 143.01 5.18
C THR R 795 100.63 141.88 5.10
N PHE R 796 100.76 141.11 6.18
CA PHE R 796 101.61 139.92 6.22
C PHE R 796 101.18 138.87 5.21
N ALA R 797 99.90 138.46 5.20
CA ALA R 797 99.38 137.48 4.25
C ALA R 797 99.61 137.90 2.78
N GLY R 798 99.58 139.20 2.47
CA GLY R 798 99.87 139.73 1.14
C GLY R 798 101.36 139.80 0.77
N MET R 799 102.27 139.86 1.75
CA MET R 799 103.71 140.00 1.52
C MET R 799 104.46 138.66 1.50
N ILE R 800 103.87 137.58 2.02
CA ILE R 800 104.53 136.28 2.08
C ILE R 800 104.64 135.68 0.67
N PRO R 801 105.81 135.11 0.29
CA PRO R 801 105.99 134.41 -0.98
C PRO R 801 105.38 132.99 -0.94
N TYR R 802 104.13 132.87 -0.52
CA TYR R 802 103.40 131.61 -0.40
C TYR R 802 101.97 131.81 -0.87
N ARG R 803 101.53 131.01 -1.85
CA ARG R 803 100.22 131.18 -2.45
C ARG R 803 99.15 130.56 -1.56
N MET R 804 98.54 131.38 -0.72
CA MET R 804 97.38 130.98 0.09
C MET R 804 96.14 130.77 -0.80
N SER R 805 95.19 129.96 -0.33
CA SER R 805 93.93 129.75 -1.06
C SER R 805 93.16 131.07 -1.20
N GLY R 806 92.49 131.28 -2.33
CA GLY R 806 91.72 132.51 -2.56
C GLY R 806 90.62 132.73 -1.52
N ASP R 807 90.02 131.65 -1.03
CA ASP R 807 89.02 131.67 0.05
C ASP R 807 89.63 132.18 1.37
N THR R 808 90.86 131.77 1.70
CA THR R 808 91.55 132.27 2.89
C THR R 808 91.72 133.79 2.86
N ASN R 809 92.23 134.33 1.75
CA ASN R 809 92.43 135.78 1.61
C ASN R 809 91.10 136.54 1.63
N ALA R 810 90.06 136.00 0.97
CA ALA R 810 88.72 136.59 0.98
C ALA R 810 88.14 136.65 2.39
N ARG R 811 88.26 135.58 3.19
CA ARG R 811 87.79 135.55 4.58
C ARG R 811 88.54 136.51 5.49
N LEU R 812 89.87 136.62 5.32
CA LEU R 812 90.68 137.59 6.08
C LEU R 812 90.20 139.02 5.82
N VAL R 813 90.05 139.40 4.55
CA VAL R 813 89.56 140.74 4.17
C VAL R 813 88.11 140.96 4.63
N GLN R 814 87.25 139.95 4.51
CA GLN R 814 85.86 140.05 4.97
C GLN R 814 85.78 140.32 6.48
N MET R 815 86.60 139.62 7.29
CA MET R 815 86.65 139.86 8.73
C MET R 815 87.16 141.25 9.07
N GLU R 816 88.15 141.79 8.33
CA GLU R 816 88.63 143.15 8.53
C GLU R 816 87.55 144.19 8.19
N VAL R 817 86.85 144.01 7.08
CA VAL R 817 85.75 144.89 6.69
C VAL R 817 84.64 144.90 7.75
N LEU R 818 84.37 143.76 8.40
CA LEU R 818 83.42 143.69 9.51
C LEU R 818 83.95 144.30 10.82
N MET R 819 85.26 144.52 10.95
CA MET R 819 85.89 145.21 12.07
C MET R 819 86.00 146.73 11.86
N ASN R 820 86.01 147.19 10.61
CA ASN R 820 86.01 148.61 10.27
C ASN R 820 84.62 149.22 10.46
N GLU S 10 -37.68 -88.29 21.40
CA GLU S 10 -36.91 -87.21 20.72
C GLU S 10 -37.88 -86.34 19.90
N ALA S 11 -37.36 -85.30 19.26
CA ALA S 11 -38.19 -84.38 18.44
C ALA S 11 -37.75 -84.46 16.97
N SER S 12 -38.70 -84.67 16.06
CA SER S 12 -38.41 -84.75 14.60
C SER S 12 -37.88 -83.43 14.06
N LEU S 13 -38.40 -82.31 14.57
CA LEU S 13 -38.05 -80.94 14.08
C LEU S 13 -36.56 -80.63 14.27
N TRP S 14 -35.98 -80.98 15.41
CA TRP S 14 -34.53 -80.66 15.65
C TRP S 14 -33.68 -81.94 15.66
N GLY S 15 -32.68 -82.00 14.78
CA GLY S 15 -31.80 -83.19 14.69
C GLY S 15 -31.68 -83.69 13.27
N PRO S 16 -32.70 -84.38 12.71
CA PRO S 16 -32.61 -84.88 11.33
C PRO S 16 -32.58 -83.74 10.30
N TYR S 17 -31.95 -82.61 10.65
CA TYR S 17 -31.84 -81.47 9.77
C TYR S 17 -31.30 -81.89 8.39
N ARG S 18 -30.39 -82.80 8.46
CA ARG S 18 -29.85 -83.33 7.20
C ARG S 18 -30.92 -84.09 6.44
N GLU S 19 -31.72 -84.88 7.02
CA GLU S 19 -32.82 -85.62 6.41
C GLU S 19 -33.84 -84.67 5.78
N ILE S 20 -34.12 -83.56 6.52
CA ILE S 20 -35.04 -82.56 6.01
C ILE S 20 -34.51 -81.98 4.69
N TRP S 21 -33.31 -81.64 4.79
CA TRP S 21 -32.67 -81.04 3.61
C TRP S 21 -32.71 -82.00 2.42
N GLN S 22 -32.41 -83.32 2.61
CA GLN S 22 -32.41 -84.35 1.57
C GLN S 22 -33.81 -84.54 0.99
N THR S 23 -34.77 -84.56 1.88
CA THR S 23 -36.15 -84.72 1.43
C THR S 23 -36.59 -83.52 0.60
N VAL S 24 -36.21 -82.22 1.08
CA VAL S 24 -36.55 -80.99 0.37
C VAL S 24 -35.88 -80.98 -1.00
N LEU S 25 -34.64 -81.42 -0.97
CA LEU S 25 -33.89 -81.47 -2.22
C LEU S 25 -34.50 -82.46 -3.19
N SER S 26 -34.83 -83.70 -2.71
CA SER S 26 -35.42 -84.76 -3.53
C SER S 26 -36.77 -84.35 -4.08
N ALA S 27 -37.58 -83.63 -3.28
CA ALA S 27 -38.94 -83.28 -3.67
C ALA S 27 -38.96 -82.07 -4.60
N LEU S 28 -38.12 -80.95 -4.25
CA LEU S 28 -38.25 -79.66 -4.91
C LEU S 28 -37.24 -79.52 -6.05
N ILE S 29 -36.06 -80.02 -5.84
CA ILE S 29 -35.01 -79.84 -6.83
C ILE S 29 -34.96 -81.05 -7.77
N LYS S 30 -35.09 -82.37 -7.12
CA LYS S 30 -34.98 -83.60 -7.90
C LYS S 30 -36.33 -83.99 -8.51
N ARG S 31 -37.34 -83.39 -8.15
CA ARG S 31 -38.72 -83.53 -8.62
C ARG S 31 -39.16 -84.98 -8.60
N GLN S 32 -38.82 -85.75 -7.52
CA GLN S 32 -39.26 -87.13 -7.33
C GLN S 32 -40.68 -87.16 -6.75
N PRO S 33 -41.59 -87.75 -7.46
CA PRO S 33 -43.00 -87.74 -7.06
C PRO S 33 -43.22 -88.38 -5.68
N GLU S 34 -42.32 -89.39 -5.36
CA GLU S 34 -42.48 -90.15 -4.11
C GLU S 34 -42.08 -89.30 -2.90
N ALA S 35 -41.29 -88.37 -3.14
CA ALA S 35 -40.73 -87.55 -2.06
C ALA S 35 -41.69 -86.44 -1.66
N VAL S 36 -42.74 -86.17 -2.47
CA VAL S 36 -43.66 -85.07 -2.21
C VAL S 36 -44.49 -85.38 -0.96
N HIS S 37 -44.86 -86.72 -0.82
CA HIS S 37 -45.60 -87.14 0.36
C HIS S 37 -44.75 -87.06 1.62
N SER S 38 -43.56 -87.42 1.49
CA SER S 38 -42.60 -87.36 2.60
C SER S 38 -42.30 -85.93 3.01
N LEU S 39 -42.32 -85.03 2.00
CA LEU S 39 -42.09 -83.60 2.26
C LEU S 39 -43.19 -83.01 3.12
N ASP S 40 -44.42 -83.47 2.90
CA ASP S 40 -45.57 -82.97 3.66
C ASP S 40 -45.49 -83.39 5.12
N ILE S 41 -45.02 -84.59 5.36
CA ILE S 41 -44.91 -85.15 6.71
C ILE S 41 -43.78 -84.48 7.46
N VAL S 42 -42.73 -84.21 6.73
CA VAL S 42 -41.52 -83.66 7.34
C VAL S 42 -41.74 -82.20 7.69
N LEU S 43 -42.46 -81.46 6.81
CA LEU S 43 -42.69 -80.04 7.01
C LEU S 43 -43.62 -79.80 8.21
N LYS S 44 -44.57 -80.80 8.47
CA LYS S 44 -45.51 -80.68 9.59
C LYS S 44 -44.82 -81.02 10.92
N LYS S 45 -43.96 -81.95 10.87
CA LYS S 45 -43.25 -82.45 12.05
C LYS S 45 -42.25 -81.43 12.56
N TYR S 46 -41.54 -80.76 11.65
CA TYR S 46 -40.41 -79.91 12.04
C TYR S 46 -40.74 -78.44 11.88
N LYS S 47 -41.98 -78.11 11.84
CA LYS S 47 -42.46 -76.74 11.69
C LYS S 47 -41.93 -75.86 12.83
N PRO S 48 -41.92 -76.35 14.15
CA PRO S 48 -41.40 -75.55 15.26
C PRO S 48 -39.93 -75.17 15.09
N ASP S 49 -39.16 -76.00 14.40
CA ASP S 49 -37.74 -75.74 14.18
C ASP S 49 -37.53 -74.64 13.15
N PHE S 50 -38.37 -74.53 12.11
CA PHE S 50 -38.28 -73.48 11.10
C PHE S 50 -38.76 -72.14 11.66
N ILE S 51 -39.76 -72.22 12.69
CA ILE S 51 -40.30 -71.01 13.30
C ILE S 51 -39.25 -70.39 14.23
N SER S 52 -38.56 -71.26 14.95
CA SER S 52 -37.51 -70.79 15.81
C SER S 52 -36.24 -71.55 15.49
N LEU S 53 -35.59 -71.21 14.37
CA LEU S 53 -34.29 -71.80 14.09
C LEU S 53 -33.42 -71.38 15.25
N PHE S 54 -32.50 -72.23 15.70
CA PHE S 54 -31.66 -71.96 16.90
C PHE S 54 -32.39 -72.23 18.21
N LYS S 55 -33.56 -71.62 18.43
CA LYS S 55 -34.23 -71.72 19.73
C LYS S 55 -35.61 -72.43 19.83
N ASN S 56 -36.39 -72.09 20.88
CA ASN S 56 -36.59 -72.90 22.09
C ASN S 56 -37.77 -72.55 23.03
N PRO S 57 -38.17 -73.50 23.92
CA PRO S 57 -39.22 -73.22 24.93
C PRO S 57 -38.60 -72.97 26.32
N PRO S 58 -39.42 -72.87 27.40
CA PRO S 58 -38.82 -72.72 28.73
C PRO S 58 -38.60 -74.03 29.50
N LYS S 59 -38.57 -73.96 30.84
CA LYS S 59 -38.33 -75.16 31.68
C LYS S 59 -39.09 -75.11 33.01
N SER S 60 -38.64 -75.86 34.02
CA SER S 60 -39.36 -75.92 35.30
C SER S 60 -38.50 -76.11 36.56
N ALA S 61 -39.04 -75.76 37.74
CA ALA S 61 -38.33 -75.95 39.01
C ALA S 61 -38.38 -77.41 39.31
N GLN S 62 -39.56 -78.00 39.27
CA GLN S 62 -39.66 -79.46 39.36
C GLN S 62 -38.54 -80.13 38.56
N GLN S 63 -38.27 -79.59 37.35
CA GLN S 63 -37.23 -80.11 36.48
C GLN S 63 -35.84 -79.86 37.04
N HIS S 64 -35.81 -78.70 37.66
CA HIS S 64 -34.55 -78.31 38.28
C HIS S 64 -34.15 -79.29 39.38
N GLU S 65 -35.11 -79.65 40.20
CA GLU S 65 -34.88 -80.57 41.32
C GLU S 65 -34.59 -81.98 40.80
N ARG S 66 -35.26 -82.35 39.73
CA ARG S 66 -35.08 -83.68 39.15
C ARG S 66 -33.68 -83.83 38.56
N VAL S 67 -33.20 -82.82 37.85
CA VAL S 67 -31.90 -82.84 37.18
C VAL S 67 -30.80 -82.75 38.22
N GLN S 68 -31.00 -81.88 39.22
CA GLN S 68 -29.99 -81.67 40.29
C GLN S 68 -29.61 -83.01 40.92
N LYS S 69 -30.30 -84.08 40.52
CA LYS S 69 -30.06 -85.45 41.05
C LYS S 69 -29.24 -86.25 40.04
N ALA S 70 -28.73 -85.61 38.98
CA ALA S 70 -27.99 -86.34 37.91
C ALA S 70 -26.77 -87.09 38.46
N SER S 71 -26.07 -86.51 39.44
CA SER S 71 -24.80 -87.10 39.96
C SER S 71 -25.06 -88.48 40.56
N THR S 72 -26.16 -88.66 41.28
CA THR S 72 -26.44 -89.98 41.94
C THR S 72 -27.71 -90.65 41.40
N GLU S 73 -28.54 -89.95 40.62
CA GLU S 73 -29.76 -90.54 40.09
C GLU S 73 -29.83 -90.41 38.57
N GLY S 74 -29.56 -91.50 37.76
CA GLY S 74 -29.57 -91.53 36.30
C GLY S 74 -30.76 -90.79 35.70
N ILE S 75 -30.63 -89.96 34.65
CA ILE S 75 -31.64 -89.23 33.89
C ILE S 75 -31.97 -90.00 32.61
N PRO S 76 -33.27 -90.32 32.36
CA PRO S 76 -33.64 -90.95 31.09
C PRO S 76 -33.40 -90.03 29.88
N ILE S 77 -32.37 -90.20 29.15
CA ILE S 77 -32.07 -89.48 27.92
C ILE S 77 -32.76 -90.16 26.73
N LYS S 78 -33.65 -89.52 25.81
CA LYS S 78 -34.38 -90.00 24.64
C LYS S 78 -33.47 -90.82 23.71
N GLY S 79 -33.75 -92.18 23.48
CA GLY S 79 -33.10 -93.09 22.55
C GLY S 79 -32.24 -94.13 23.25
N THR S 80 -32.17 -94.03 24.60
CA THR S 80 -31.51 -95.08 25.39
C THR S 80 -32.42 -95.55 26.51
N GLN S 81 -32.90 -96.85 26.54
CA GLN S 81 -33.80 -97.48 27.52
C GLN S 81 -33.23 -97.41 28.92
N ARG S 82 -31.94 -96.89 29.10
CA ARG S 82 -31.27 -96.92 30.39
C ARG S 82 -31.01 -95.50 30.91
N THR S 83 -31.40 -95.12 32.22
CA THR S 83 -31.03 -93.91 32.95
C THR S 83 -29.50 -93.80 33.05
N ARG S 84 -28.91 -92.75 32.43
CA ARG S 84 -27.47 -92.51 32.40
C ARG S 84 -27.04 -91.59 33.54
N ILE S 85 -26.05 -92.05 34.37
CA ILE S 85 -25.40 -91.21 35.38
C ILE S 85 -24.43 -90.26 34.70
N LEU S 86 -24.65 -88.96 34.82
CA LEU S 86 -23.88 -87.92 34.13
C LEU S 86 -22.70 -87.47 34.97
N GLU S 87 -21.45 -87.22 34.40
CA GLU S 87 -20.25 -86.68 35.04
C GLU S 87 -20.49 -85.26 35.54
N GLU S 88 -19.78 -84.78 36.51
CA GLU S 88 -20.16 -83.59 37.26
C GLU S 88 -20.27 -82.37 36.36
N GLN S 89 -19.42 -82.33 35.28
CA GLN S 89 -19.44 -81.22 34.34
C GLN S 89 -20.74 -81.21 33.53
N LEU S 90 -21.25 -82.39 33.10
CA LEU S 90 -22.49 -82.57 32.35
C LEU S 90 -23.69 -82.16 33.18
N ILE S 91 -23.57 -82.46 34.49
CA ILE S 91 -24.66 -82.15 35.41
C ILE S 91 -24.79 -80.63 35.55
N LYS S 92 -23.63 -79.97 35.62
CA LYS S 92 -23.63 -78.51 35.74
C LYS S 92 -24.19 -77.85 34.48
N GLU S 93 -23.79 -78.39 33.31
CA GLU S 93 -24.26 -77.86 32.03
C GLU S 93 -25.76 -78.06 31.86
N ALA S 94 -26.19 -79.27 32.37
CA ALA S 94 -27.62 -79.59 32.30
C ALA S 94 -28.44 -78.59 33.11
N PHE S 95 -27.87 -78.17 34.22
CA PHE S 95 -28.56 -77.20 35.07
C PHE S 95 -28.57 -75.82 34.42
N ILE S 96 -27.43 -75.39 33.88
CA ILE S 96 -27.33 -74.01 33.38
C ILE S 96 -27.78 -73.76 31.96
N LEU S 97 -27.02 -74.23 30.98
CA LEU S 97 -27.35 -73.93 29.60
C LEU S 97 -28.74 -74.44 29.24
N SER S 98 -29.05 -75.67 29.65
CA SER S 98 -30.35 -76.26 29.32
C SER S 98 -31.49 -75.50 29.98
N ASP S 99 -31.13 -74.54 30.84
CA ASP S 99 -32.14 -73.72 31.57
C ASP S 99 -31.84 -72.24 31.35
N LEU S 100 -30.82 -71.66 32.00
CA LEU S 100 -30.46 -70.23 31.85
C LEU S 100 -30.52 -69.79 30.38
N TYR S 101 -29.73 -70.44 29.51
CA TYR S 101 -29.69 -70.13 28.06
C TYR S 101 -30.70 -71.03 27.31
N ASN S 102 -30.59 -71.08 25.98
CA ASN S 102 -31.43 -71.98 25.15
C ASN S 102 -30.59 -73.18 24.68
N ILE S 103 -29.34 -73.25 25.15
CA ILE S 103 -28.36 -74.30 24.75
C ILE S 103 -28.80 -75.71 25.15
N GLY S 104 -29.33 -75.90 26.36
CA GLY S 104 -29.73 -77.25 26.82
C GLY S 104 -28.56 -77.98 27.46
N GLU S 105 -28.74 -79.25 27.83
CA GLU S 105 -27.67 -80.04 28.51
C GLU S 105 -27.42 -81.38 27.80
N ILE S 106 -28.39 -82.31 27.89
CA ILE S 106 -28.33 -83.67 27.29
C ILE S 106 -27.93 -83.40 25.82
N ALA S 107 -28.06 -82.13 25.48
CA ALA S 107 -27.70 -81.52 24.19
C ALA S 107 -26.19 -81.39 24.05
N ALA S 108 -25.51 -81.01 25.22
CA ALA S 108 -24.05 -80.91 25.25
C ALA S 108 -23.41 -82.27 24.99
N VAL S 109 -24.08 -83.33 25.53
CA VAL S 109 -23.56 -84.69 25.36
C VAL S 109 -23.72 -85.13 23.91
N GLU S 110 -24.86 -84.82 23.33
CA GLU S 110 -25.13 -85.18 21.95
C GLU S 110 -24.17 -84.48 20.99
N LEU S 111 -23.97 -83.16 21.25
CA LEU S 111 -23.03 -82.37 20.45
C LEU S 111 -21.62 -82.95 20.54
N LEU S 112 -21.20 -83.33 21.74
CA LEU S 112 -19.88 -83.91 21.95
C LEU S 112 -19.78 -85.27 21.27
N LEU S 113 -20.90 -86.05 21.32
CA LEU S 113 -20.90 -87.35 20.66
C LEU S 113 -20.79 -87.19 19.15
N ILE S 114 -21.46 -86.13 18.64
CA ILE S 114 -21.37 -85.84 17.22
C ILE S 114 -19.95 -85.37 16.88
N GLY S 115 -19.48 -84.50 17.84
CA GLY S 115 -18.10 -84.07 17.69
C GLY S 115 -17.11 -85.21 17.67
N GLU S 116 -17.37 -86.21 18.51
CA GLU S 116 -16.52 -87.38 18.57
C GLU S 116 -16.48 -88.08 17.23
N GLN S 117 -17.63 -88.20 16.58
CA GLN S 117 -17.69 -88.88 15.30
C GLN S 117 -16.67 -88.26 14.38
N GLN S 118 -16.69 -86.94 14.30
CA GLN S 118 -15.72 -86.24 13.50
C GLN S 118 -14.63 -85.73 14.42
N GLN S 119 -13.84 -86.63 14.99
CA GLN S 119 -12.73 -86.19 15.84
C GLN S 119 -11.46 -87.03 15.59
N PRO S 120 -11.58 -88.37 15.57
CA PRO S 120 -10.55 -89.10 14.82
C PRO S 120 -10.90 -89.13 13.35
N THR S 121 -12.03 -88.55 12.99
CA THR S 121 -12.39 -88.46 11.59
C THR S 121 -12.46 -86.97 11.29
N PHE S 122 -11.55 -86.19 11.87
CA PHE S 122 -11.50 -84.74 11.59
C PHE S 122 -10.08 -84.20 11.57
N HIS S 123 -9.82 -83.18 10.77
CA HIS S 123 -8.48 -82.60 10.67
C HIS S 123 -8.34 -81.28 11.45
N GLY S 124 -7.58 -81.31 12.54
CA GLY S 124 -7.37 -80.11 13.35
C GLY S 124 -8.45 -79.76 14.35
N LEU S 125 -9.23 -80.74 14.82
CA LEU S 125 -10.36 -80.45 15.74
C LEU S 125 -10.65 -81.45 16.87
N THR S 126 -11.20 -80.96 17.99
CA THR S 126 -11.48 -81.82 19.15
C THR S 126 -12.92 -81.68 19.70
N ARG S 127 -13.33 -82.63 20.53
CA ARG S 127 -14.76 -82.89 20.86
C ARG S 127 -15.61 -81.64 21.10
N GLY S 128 -15.49 -81.02 22.28
CA GLY S 128 -16.21 -79.79 22.57
C GLY S 128 -16.24 -78.82 21.40
N LEU S 129 -15.08 -78.62 20.70
CA LEU S 129 -14.97 -77.71 19.57
C LEU S 129 -15.80 -78.20 18.40
N VAL S 130 -15.82 -79.53 18.22
CA VAL S 130 -16.60 -80.14 17.14
C VAL S 130 -18.09 -79.94 17.41
N ALA S 131 -18.36 -80.08 18.70
CA ALA S 131 -19.76 -79.89 19.09
C ALA S 131 -20.24 -78.48 18.74
N ILE S 132 -19.37 -77.46 18.92
CA ILE S 132 -19.69 -76.07 18.61
C ILE S 132 -19.94 -75.92 17.11
N LEU S 133 -19.12 -76.60 16.27
CA LEU S 133 -19.27 -76.59 14.81
C LEU S 133 -20.60 -77.22 14.40
N LEU S 134 -20.82 -78.39 15.04
CA LEU S 134 -22.04 -79.13 14.70
C LEU S 134 -23.27 -78.34 15.11
N TYR S 135 -23.16 -77.64 16.18
CA TYR S 135 -24.26 -76.81 16.65
C TYR S 135 -24.64 -75.77 15.60
N TRP S 136 -23.62 -75.01 15.10
CA TRP S 136 -23.89 -73.96 14.12
C TRP S 136 -24.22 -74.56 12.76
N ASP S 137 -23.65 -75.72 12.51
CA ASP S 137 -24.03 -76.44 11.30
C ASP S 137 -25.50 -76.82 11.31
N GLY S 138 -25.95 -77.38 12.44
CA GLY S 138 -27.36 -77.70 12.57
C GLY S 138 -28.26 -76.51 12.33
N LYS S 139 -27.84 -75.33 12.80
CA LYS S 139 -28.63 -74.10 12.62
C LYS S 139 -28.63 -73.67 11.15
N SER S 140 -27.46 -73.78 10.64
CA SER S 140 -27.33 -73.46 9.22
C SER S 140 -28.23 -74.35 8.38
N CYS S 141 -28.24 -75.68 8.65
CA CYS S 141 -29.07 -76.63 7.94
C CYS S 141 -30.55 -76.26 8.05
N MET S 142 -30.90 -75.80 9.21
CA MET S 142 -32.28 -75.39 9.42
C MET S 142 -32.60 -74.13 8.60
N ALA S 143 -31.74 -73.13 8.64
CA ALA S 143 -31.90 -71.89 7.89
C ALA S 143 -31.98 -72.16 6.39
N GLU S 144 -31.15 -73.07 5.90
CA GLU S 144 -31.11 -73.44 4.49
C GLU S 144 -32.37 -74.19 4.08
N SER S 145 -32.75 -75.15 4.92
CA SER S 145 -33.99 -75.87 4.66
C SER S 145 -35.17 -74.92 4.52
N LEU S 146 -35.20 -73.84 5.42
CA LEU S 146 -36.25 -72.82 5.37
C LEU S 146 -36.18 -72.05 4.05
N LEU S 147 -35.02 -71.68 3.69
CA LEU S 147 -34.81 -70.95 2.44
C LEU S 147 -35.33 -71.75 1.26
N HIS S 148 -34.92 -73.07 1.13
CA HIS S 148 -35.32 -73.90 0.00
C HIS S 148 -36.82 -74.15 0.00
N LEU S 149 -37.39 -74.30 1.16
CA LEU S 149 -38.83 -74.47 1.25
C LEU S 149 -39.56 -73.24 0.74
N ILE S 150 -39.00 -71.98 1.03
CA ILE S 150 -39.61 -70.71 0.63
C ILE S 150 -39.42 -70.51 -0.88
N GLN S 151 -38.30 -70.96 -1.40
CA GLN S 151 -38.01 -70.83 -2.82
C GLN S 151 -38.95 -71.71 -3.65
N ALA S 152 -39.54 -72.68 -2.99
CA ALA S 152 -40.56 -73.43 -3.68
C ALA S 152 -41.81 -72.55 -3.72
N ARG S 153 -42.08 -71.85 -2.63
CA ARG S 153 -43.28 -70.99 -2.56
C ARG S 153 -43.22 -69.97 -3.69
N LYS S 154 -44.34 -69.84 -4.38
CA LYS S 154 -44.51 -68.92 -5.54
C LYS S 154 -43.98 -67.52 -5.19
N GLY S 155 -43.08 -66.99 -6.03
CA GLY S 155 -42.51 -65.64 -5.84
C GLY S 155 -42.87 -64.73 -6.98
N LYS S 156 -43.42 -63.54 -6.67
CA LYS S 156 -43.82 -62.56 -7.71
C LYS S 156 -42.57 -62.12 -8.47
N THR S 157 -41.47 -61.90 -7.76
CA THR S 157 -40.20 -61.44 -8.38
C THR S 157 -39.57 -62.57 -9.23
N PHE S 158 -39.23 -63.70 -8.58
CA PHE S 158 -38.59 -64.80 -9.29
C PHE S 158 -39.25 -66.13 -8.91
N THR S 159 -39.52 -67.04 -9.85
CA THR S 159 -40.00 -68.39 -9.62
C THR S 159 -39.03 -69.43 -10.16
N LEU S 160 -38.55 -70.28 -9.18
CA LEU S 160 -37.69 -71.39 -9.61
C LEU S 160 -38.50 -72.44 -10.35
N ASP S 161 -37.84 -73.21 -11.21
CA ASP S 161 -38.49 -74.29 -11.95
C ASP S 161 -38.73 -75.49 -11.05
N HIS S 162 -40.00 -75.76 -10.70
CA HIS S 162 -40.29 -76.84 -9.75
C HIS S 162 -41.44 -77.76 -10.13
N SER S 163 -41.98 -78.47 -9.14
CA SER S 163 -43.08 -79.40 -9.37
C SER S 163 -44.23 -79.10 -8.40
N PRO S 164 -45.48 -79.22 -8.89
CA PRO S 164 -46.58 -78.32 -8.50
C PRO S 164 -47.55 -78.80 -7.40
N GLU S 165 -47.42 -80.01 -6.88
CA GLU S 165 -48.40 -80.49 -5.92
C GLU S 165 -48.26 -79.81 -4.57
N VAL S 166 -47.07 -79.90 -4.00
CA VAL S 166 -46.85 -79.33 -2.69
C VAL S 166 -47.03 -77.83 -2.68
N VAL S 167 -47.14 -77.21 -3.85
CA VAL S 167 -47.43 -75.78 -3.83
C VAL S 167 -48.58 -75.50 -2.86
N SER S 168 -49.62 -76.36 -2.88
CA SER S 168 -50.75 -76.20 -1.98
C SER S 168 -50.33 -76.40 -0.52
N MET S 169 -49.47 -77.34 -0.26
CA MET S 169 -48.95 -77.64 1.07
C MET S 169 -48.14 -76.47 1.61
N VAL S 170 -47.25 -75.94 0.82
CA VAL S 170 -46.39 -74.82 1.20
C VAL S 170 -47.22 -73.56 1.40
N THR S 171 -48.16 -73.32 0.45
CA THR S 171 -49.02 -72.14 0.51
C THR S 171 -49.84 -72.14 1.80
N ARG S 172 -50.40 -73.31 2.24
CA ARG S 172 -51.17 -73.43 3.48
C ARG S 172 -50.29 -73.13 4.70
N PHE S 173 -49.04 -73.66 4.65
CA PHE S 173 -48.09 -73.48 5.74
C PHE S 173 -47.68 -72.02 5.88
N THR S 174 -47.36 -71.37 4.77
CA THR S 174 -46.90 -69.99 4.77
C THR S 174 -48.03 -69.04 5.14
N ASP S 175 -49.31 -69.32 4.68
CA ASP S 175 -50.48 -68.53 5.06
C ASP S 175 -50.67 -68.52 6.58
N ASP S 176 -50.45 -69.68 7.17
CA ASP S 176 -50.57 -69.81 8.62
C ASP S 176 -49.52 -68.97 9.33
N LEU S 177 -48.33 -68.91 8.78
CA LEU S 177 -47.23 -68.14 9.36
C LEU S 177 -47.51 -66.65 9.29
N MET S 178 -48.04 -66.20 8.20
CA MET S 178 -48.37 -64.79 7.99
C MET S 178 -49.46 -64.33 8.95
N GLU S 179 -50.55 -65.18 9.27
CA GLU S 179 -51.66 -64.87 10.17
C GLU S 179 -51.17 -64.66 11.60
N GLN S 180 -49.96 -65.18 11.87
CA GLN S 180 -49.28 -64.99 13.18
C GLN S 180 -48.50 -63.68 13.14
N GLY S 181 -48.23 -63.17 11.92
CA GLY S 181 -47.52 -61.89 11.67
C GLY S 181 -46.10 -62.08 11.15
N LEU S 182 -45.38 -63.07 11.67
CA LEU S 182 -44.01 -63.50 11.25
C LEU S 182 -42.92 -62.43 11.47
N THR S 183 -42.98 -61.32 10.72
CA THR S 183 -42.03 -60.16 10.66
C THR S 183 -41.05 -60.07 11.84
N ASN S 184 -41.44 -59.25 12.84
CA ASN S 184 -40.88 -58.92 14.14
C ASN S 184 -39.83 -59.89 14.44
N LYS S 185 -40.31 -61.04 14.85
CA LYS S 185 -39.40 -62.08 15.22
C LYS S 185 -38.34 -62.21 14.18
N ILE S 186 -38.70 -62.35 12.91
CA ILE S 186 -37.65 -62.68 11.94
C ILE S 186 -36.50 -61.72 11.98
N LEU S 187 -36.79 -60.48 11.70
CA LEU S 187 -35.72 -59.52 11.59
C LEU S 187 -34.97 -59.42 12.84
N THR S 188 -35.72 -59.25 13.93
CA THR S 188 -35.07 -59.01 15.18
C THR S 188 -34.05 -60.06 15.31
N LEU S 189 -34.54 -61.30 15.36
CA LEU S 189 -33.67 -62.41 15.55
C LEU S 189 -32.46 -62.28 14.71
N ILE S 190 -32.63 -62.48 13.41
CA ILE S 190 -31.45 -62.50 12.56
C ILE S 190 -30.46 -61.47 12.98
N SER S 191 -30.86 -60.23 12.79
CA SER S 191 -29.87 -59.20 12.99
C SER S 191 -29.19 -59.21 14.31
N GLN S 192 -30.01 -59.06 15.34
CA GLN S 192 -29.41 -58.89 16.63
C GLN S 192 -28.52 -60.04 16.90
N ILE S 193 -29.06 -61.25 16.78
CA ILE S 193 -28.30 -62.41 17.17
C ILE S 193 -26.97 -62.26 16.54
N ASP S 194 -26.99 -62.34 15.23
CA ASP S 194 -25.77 -62.50 14.53
C ASP S 194 -24.77 -61.50 15.02
N VAL S 195 -25.09 -60.23 14.75
CA VAL S 195 -24.06 -59.24 15.03
C VAL S 195 -23.55 -59.29 16.43
N ASN S 196 -24.47 -59.14 17.36
CA ASN S 196 -24.05 -59.01 18.73
C ASN S 196 -23.19 -60.15 19.11
N ASN S 197 -23.75 -61.35 18.97
CA ASN S 197 -23.06 -62.51 19.44
C ASN S 197 -21.68 -62.51 18.92
N GLU S 198 -21.54 -62.53 17.60
CA GLU S 198 -20.20 -62.67 17.07
C GLU S 198 -19.29 -61.64 17.71
N PHE S 199 -19.59 -60.39 17.38
CA PHE S 199 -18.70 -59.31 17.80
C PHE S 199 -18.24 -59.36 19.24
N ASP S 200 -19.14 -59.66 20.16
CA ASP S 200 -18.73 -59.58 21.56
C ASP S 200 -18.36 -60.84 22.32
N LYS S 201 -18.67 -61.97 21.73
CA LYS S 201 -18.28 -63.22 22.34
C LYS S 201 -17.23 -63.88 21.49
N LEU S 202 -17.49 -64.02 20.19
CA LEU S 202 -16.55 -64.73 19.31
C LEU S 202 -15.40 -63.88 18.82
N LYS S 203 -15.62 -62.57 18.69
CA LYS S 203 -14.51 -61.71 18.31
C LYS S 203 -13.74 -61.36 19.57
N LYS S 204 -14.31 -61.66 20.75
CA LYS S 204 -13.61 -61.41 22.01
C LYS S 204 -12.89 -62.66 22.50
N GLU S 205 -13.66 -63.69 22.83
CA GLU S 205 -13.08 -64.93 23.37
C GLU S 205 -12.33 -65.78 22.34
N ARG S 206 -12.76 -65.75 21.08
CA ARG S 206 -12.16 -66.59 20.04
C ARG S 206 -12.12 -68.03 20.50
N GLY S 207 -13.31 -68.56 20.81
CA GLY S 207 -13.60 -69.97 20.73
C GLY S 207 -13.29 -70.38 19.32
N LEU S 208 -13.70 -69.55 18.35
CA LEU S 208 -13.29 -69.79 16.99
C LEU S 208 -11.79 -69.80 17.17
N GLY S 209 -11.11 -70.83 16.74
CA GLY S 209 -9.67 -70.91 17.03
C GLY S 209 -8.68 -70.94 15.91
N ASN S 210 -8.70 -72.00 15.12
CA ASN S 210 -7.75 -72.12 14.04
C ASN S 210 -7.98 -71.01 13.08
N LYS S 211 -6.95 -70.59 12.37
CA LYS S 211 -7.16 -69.60 11.32
C LYS S 211 -8.22 -70.19 10.44
N LYS S 212 -8.56 -71.45 10.73
CA LYS S 212 -9.56 -72.14 9.92
C LYS S 212 -10.91 -72.18 10.61
N HIS S 213 -10.81 -72.63 11.87
CA HIS S 213 -12.04 -72.72 12.67
C HIS S 213 -12.70 -71.35 12.80
N ARG S 214 -11.87 -70.35 12.97
CA ARG S 214 -12.39 -68.99 13.11
C ARG S 214 -13.09 -68.53 11.84
N LYS S 215 -12.50 -68.87 10.79
CA LYS S 215 -13.08 -68.52 9.50
C LYS S 215 -14.38 -69.28 9.25
N GLU S 216 -14.37 -70.61 9.53
CA GLU S 216 -15.54 -71.44 9.31
C GLU S 216 -16.73 -70.95 10.14
N VAL S 217 -16.38 -70.62 11.39
CA VAL S 217 -17.42 -70.12 12.27
C VAL S 217 -17.92 -68.77 11.77
N SER S 218 -16.96 -67.93 11.33
CA SER S 218 -17.31 -66.61 10.80
C SER S 218 -18.18 -66.73 9.55
N ASP S 219 -17.81 -67.63 8.65
CA ASP S 219 -18.55 -67.87 7.42
C ASP S 219 -19.97 -68.36 7.71
N LEU S 220 -20.06 -69.36 8.70
CA LEU S 220 -21.36 -69.91 9.04
C LEU S 220 -22.29 -68.84 9.61
N ILE S 221 -21.69 -67.95 10.42
CA ILE S 221 -22.47 -66.88 11.03
C ILE S 221 -22.94 -65.90 9.95
N LYS S 222 -21.93 -65.50 9.04
CA LYS S 222 -22.26 -64.59 7.95
C LYS S 222 -23.30 -65.19 7.01
N GLU S 223 -23.22 -66.55 6.79
CA GLU S 223 -24.18 -67.27 5.95
C GLU S 223 -25.57 -67.26 6.57
N CYS S 224 -25.54 -67.46 7.83
CA CYS S 224 -26.81 -67.43 8.55
C CYS S 224 -27.49 -66.06 8.40
N GLN S 225 -26.67 -64.96 8.62
CA GLN S 225 -27.20 -63.60 8.50
C GLN S 225 -27.72 -63.33 7.09
N GLN S 226 -26.91 -63.80 6.12
CA GLN S 226 -27.26 -63.61 4.72
C GLN S 226 -28.53 -64.39 4.36
N SER S 227 -28.63 -65.74 4.81
CA SER S 227 -29.79 -66.58 4.54
C SER S 227 -31.06 -65.98 5.13
N LEU S 228 -30.92 -65.40 6.32
CA LEU S 228 -32.07 -64.77 6.95
C LEU S 228 -32.50 -63.52 6.18
N ALA S 229 -31.49 -62.67 5.79
CA ALA S 229 -31.77 -61.48 5.01
C ALA S 229 -32.41 -61.85 3.67
N HIS S 230 -31.92 -62.89 3.05
CA HIS S 230 -32.46 -63.38 1.80
C HIS S 230 -33.90 -63.88 1.96
N SER S 231 -34.14 -64.53 3.11
CA SER S 231 -35.50 -64.99 3.38
C SER S 231 -36.51 -63.86 3.31
N LEU S 232 -36.13 -62.67 3.92
CA LEU S 232 -37.00 -61.49 3.88
C LEU S 232 -37.10 -60.94 2.46
N TYR S 233 -35.93 -60.96 1.82
CA TYR S 233 -35.87 -60.51 0.43
C TYR S 233 -36.75 -61.37 -0.46
N SER S 234 -36.60 -62.70 -0.37
CA SER S 234 -37.38 -63.64 -1.17
C SER S 234 -38.88 -63.49 -0.90
N TRP S 235 -39.14 -63.22 0.32
CA TRP S 235 -40.54 -62.99 0.66
C TRP S 235 -41.08 -61.74 -0.02
N SER S 236 -40.30 -60.60 0.12
CA SER S 236 -40.71 -59.31 -0.42
C SER S 236 -40.88 -59.38 -1.93
N CYS S 237 -40.12 -60.27 -2.52
CA CYS S 237 -40.20 -60.43 -3.96
C CYS S 237 -41.51 -61.10 -4.36
N GLN S 238 -42.07 -61.84 -3.41
CA GLN S 238 -43.33 -62.49 -3.63
C GLN S 238 -44.39 -61.69 -2.93
N THR S 239 -44.62 -62.02 -1.66
CA THR S 239 -45.61 -61.32 -0.86
C THR S 239 -45.22 -59.88 -0.72
N PRO S 240 -46.18 -58.99 -0.96
CA PRO S 240 -46.08 -57.62 -0.47
C PRO S 240 -46.19 -57.57 1.04
N LEU S 241 -45.75 -56.49 1.66
CA LEU S 241 -45.74 -56.42 3.13
C LEU S 241 -46.92 -55.71 3.79
N ASN S 242 -47.40 -56.25 4.91
CA ASN S 242 -48.52 -55.64 5.64
C ASN S 242 -48.15 -54.33 6.32
N ARG S 243 -49.13 -53.66 6.92
CA ARG S 243 -48.83 -52.34 7.45
C ARG S 243 -47.80 -52.41 8.56
N GLU S 244 -47.93 -53.30 9.49
CA GLU S 244 -47.07 -53.42 10.66
C GLU S 244 -45.67 -53.89 10.28
N ASP S 245 -45.58 -54.84 9.30
CA ASP S 245 -44.31 -55.43 8.89
C ASP S 245 -43.48 -54.43 8.09
N THR S 246 -44.22 -53.62 7.26
CA THR S 246 -43.55 -52.58 6.49
C THR S 246 -42.97 -51.51 7.41
N LEU S 247 -43.72 -51.11 8.46
CA LEU S 247 -43.26 -50.11 9.42
C LEU S 247 -42.07 -50.63 10.20
N LEU S 248 -42.03 -51.92 10.41
CA LEU S 248 -40.91 -52.54 11.11
C LEU S 248 -39.64 -52.48 10.28
N LEU S 249 -39.85 -52.79 8.97
CA LEU S 249 -38.73 -52.74 8.03
C LEU S 249 -38.17 -51.33 7.92
N ILE S 250 -39.09 -50.31 7.88
CA ILE S 250 -38.69 -48.92 7.82
C ILE S 250 -37.98 -48.54 9.12
N GLY S 251 -38.52 -49.03 10.25
CA GLY S 251 -37.90 -48.78 11.53
C GLY S 251 -36.46 -49.28 11.61
N TYR S 252 -36.19 -50.43 10.98
CA TYR S 252 -34.85 -51.01 10.96
C TYR S 252 -33.92 -50.20 10.06
N LEU S 253 -34.40 -49.81 8.89
CA LEU S 253 -33.59 -49.11 7.91
C LEU S 253 -33.25 -47.70 8.38
N GLU S 254 -34.04 -47.14 9.37
CA GLU S 254 -33.80 -45.82 9.96
C GLU S 254 -32.50 -45.81 10.76
N LYS S 255 -32.07 -46.95 11.23
CA LYS S 255 -30.94 -47.07 12.15
C LYS S 255 -29.68 -47.51 11.41
N VAL S 256 -29.87 -47.93 10.16
CA VAL S 256 -28.77 -48.49 9.37
C VAL S 256 -27.58 -47.58 9.20
N THR S 257 -26.43 -48.15 9.52
CA THR S 257 -25.16 -47.78 8.96
C THR S 257 -24.80 -48.68 7.81
N VAL S 258 -24.81 -48.12 6.61
CA VAL S 258 -23.91 -48.54 5.59
C VAL S 258 -22.60 -48.41 6.26
N GLU S 259 -21.82 -49.49 6.22
CA GLU S 259 -20.53 -49.47 6.84
C GLU S 259 -19.83 -48.20 6.49
N GLY S 260 -19.13 -47.65 7.45
CA GLY S 260 -18.37 -46.44 7.20
C GLY S 260 -17.48 -46.68 6.01
N ASP S 261 -17.09 -47.93 5.76
CA ASP S 261 -16.29 -48.26 4.59
C ASP S 261 -16.98 -47.83 3.30
N GLY S 262 -18.28 -47.56 3.37
CA GLY S 262 -18.98 -47.05 2.22
C GLY S 262 -19.44 -48.15 1.31
N SER S 263 -19.99 -49.22 1.89
CA SER S 263 -20.55 -50.29 1.08
C SER S 263 -21.44 -51.14 1.94
N LEU S 264 -22.70 -51.31 1.56
CA LEU S 264 -23.54 -52.21 2.31
C LEU S 264 -22.98 -53.57 2.07
N ASP S 265 -22.63 -54.27 3.15
CA ASP S 265 -22.06 -55.61 3.02
C ASP S 265 -23.08 -56.52 2.40
N LYS S 266 -22.63 -57.61 1.82
CA LYS S 266 -23.53 -58.54 1.16
C LYS S 266 -24.89 -58.57 1.83
N VAL S 267 -24.96 -58.61 3.15
CA VAL S 267 -26.28 -58.56 3.83
C VAL S 267 -27.11 -57.29 3.72
N ASN S 268 -26.50 -56.16 4.04
CA ASN S 268 -27.25 -54.91 4.04
C ASN S 268 -27.77 -54.55 2.66
N LEU S 269 -26.99 -54.79 1.63
CA LEU S 269 -27.40 -54.48 0.26
C LEU S 269 -28.65 -55.25 -0.05
N THR S 270 -28.66 -56.50 0.35
CA THR S 270 -29.81 -57.33 0.10
C THR S 270 -31.02 -56.84 0.86
N LEU S 271 -30.87 -56.50 2.13
CA LEU S 271 -32.01 -55.95 2.85
C LEU S 271 -32.57 -54.78 2.11
N LEU S 272 -31.67 -53.96 1.60
CA LEU S 272 -32.10 -52.77 0.90
C LEU S 272 -32.88 -53.05 -0.36
N MET S 273 -32.38 -53.95 -1.19
CA MET S 273 -33.08 -54.30 -2.42
C MET S 273 -34.41 -54.95 -2.09
N SER S 274 -34.47 -55.58 -0.94
CA SER S 274 -35.70 -56.20 -0.50
C SER S 274 -36.71 -55.15 -0.22
N LEU S 275 -36.29 -54.14 0.52
CA LEU S 275 -37.20 -53.04 0.74
C LEU S 275 -37.59 -52.41 -0.59
N LEU S 276 -36.66 -52.36 -1.54
CA LEU S 276 -36.93 -51.74 -2.81
C LEU S 276 -38.06 -52.48 -3.46
N TYR S 277 -37.98 -53.80 -3.46
CA TYR S 277 -39.04 -54.62 -4.06
C TYR S 277 -40.35 -54.51 -3.30
N CYS S 278 -40.28 -54.35 -2.00
CA CYS S 278 -41.49 -54.14 -1.22
C CYS S 278 -42.16 -52.93 -1.76
N LEU S 279 -41.40 -51.86 -1.88
CA LEU S 279 -41.97 -50.63 -2.35
C LEU S 279 -42.25 -50.73 -3.80
N ASP S 280 -41.38 -51.46 -4.51
CA ASP S 280 -41.47 -51.54 -5.96
C ASP S 280 -42.93 -51.50 -6.43
N VAL S 281 -43.26 -50.60 -7.27
CA VAL S 281 -44.60 -50.49 -7.83
C VAL S 281 -44.56 -50.71 -9.33
N GLY S 282 -43.36 -51.28 -9.78
CA GLY S 282 -43.14 -51.45 -11.21
C GLY S 282 -44.13 -52.39 -11.86
N PHE S 283 -44.72 -53.28 -11.00
CA PHE S 283 -45.67 -54.24 -11.55
C PHE S 283 -46.92 -53.54 -12.05
N LEU S 284 -47.11 -52.24 -11.70
CA LEU S 284 -48.28 -51.49 -12.11
C LEU S 284 -48.13 -50.98 -13.54
N GLU S 285 -46.91 -51.00 -14.10
CA GLU S 285 -46.60 -50.45 -15.42
C GLU S 285 -46.69 -51.53 -16.49
N GLN S 286 -46.68 -52.97 -15.97
CA GLN S 286 -46.71 -54.07 -16.93
C GLN S 286 -48.14 -54.43 -17.31
N GLY S 287 -48.78 -53.81 -18.48
CA GLY S 287 -50.00 -54.01 -19.24
C GLY S 287 -50.51 -55.43 -19.20
N THR S 288 -50.35 -56.21 -17.94
CA THR S 288 -50.87 -57.57 -17.99
C THR S 288 -52.33 -57.61 -17.52
N ASP S 289 -53.29 -58.13 -18.37
CA ASP S 289 -54.68 -58.51 -18.16
C ASP S 289 -54.92 -58.91 -16.71
N ASP S 290 -53.85 -58.96 -15.82
CA ASP S 290 -54.00 -59.40 -14.43
C ASP S 290 -53.81 -58.22 -13.47
N ARG S 291 -53.92 -57.04 -14.00
CA ARG S 291 -53.61 -55.81 -13.28
C ARG S 291 -54.54 -55.63 -12.09
N GLU S 292 -55.79 -55.98 -12.28
CA GLU S 292 -56.79 -55.79 -11.22
C GLU S 292 -56.61 -56.80 -10.10
N GLU S 293 -56.22 -58.03 -10.53
CA GLU S 293 -56.00 -59.10 -9.56
C GLU S 293 -54.72 -58.86 -8.76
N LEU S 294 -53.79 -58.26 -9.43
CA LEU S 294 -52.50 -58.00 -8.82
C LEU S 294 -52.58 -56.78 -7.90
N MET S 295 -53.48 -55.92 -8.27
CA MET S 295 -53.72 -54.73 -7.45
C MET S 295 -54.43 -55.10 -6.15
N LYS S 296 -55.26 -56.18 -6.25
CA LYS S 296 -55.99 -56.66 -5.08
C LYS S 296 -55.07 -57.41 -4.12
N GLN S 297 -53.95 -57.84 -4.59
CA GLN S 297 -53.01 -58.67 -3.84
C GLN S 297 -51.90 -57.83 -3.24
N ALA S 298 -51.70 -56.57 -3.72
CA ALA S 298 -50.60 -55.75 -3.24
C ALA S 298 -51.02 -54.93 -2.02
N SER S 299 -50.73 -55.36 -0.75
CA SER S 299 -51.00 -54.75 0.55
C SER S 299 -50.80 -53.24 0.51
N MET S 300 -49.86 -52.78 -0.32
CA MET S 300 -49.63 -51.31 -0.41
C MET S 300 -50.60 -50.72 -1.45
N PHE S 301 -51.82 -51.25 -1.53
CA PHE S 301 -52.80 -50.78 -2.54
C PHE S 301 -54.11 -50.25 -1.91
N MET S 302 -54.70 -51.00 -0.97
CA MET S 302 -56.02 -50.60 -0.42
C MET S 302 -55.97 -50.20 1.07
N ASP S 303 -55.30 -49.08 1.39
CA ASP S 303 -55.22 -48.53 2.73
C ASP S 303 -54.67 -47.11 2.71
N ARG S 304 -55.50 -46.13 2.55
CA ARG S 304 -55.18 -44.70 2.60
C ARG S 304 -54.20 -44.40 3.75
N GLN S 305 -54.25 -45.12 4.71
CA GLN S 305 -53.41 -44.94 5.89
C GLN S 305 -51.97 -45.39 5.60
N TYR S 306 -51.76 -46.31 4.63
CA TYR S 306 -50.43 -46.79 4.27
C TYR S 306 -49.60 -45.67 3.66
N ILE S 307 -50.25 -44.91 2.67
CA ILE S 307 -49.56 -43.84 1.95
C ILE S 307 -49.26 -42.68 2.90
N ALA S 308 -50.24 -42.37 3.77
CA ALA S 308 -50.08 -41.26 4.71
C ALA S 308 -48.97 -41.54 5.73
N ALA S 309 -48.89 -42.73 6.20
CA ALA S 309 -47.91 -43.12 7.23
C ALA S 309 -46.49 -43.08 6.67
N ILE S 310 -46.31 -43.65 5.48
CA ILE S 310 -45.00 -43.69 4.86
C ILE S 310 -44.56 -42.28 4.47
N HIS S 311 -45.56 -41.54 3.85
CA HIS S 311 -45.27 -40.16 3.45
C HIS S 311 -44.85 -39.32 4.65
N ASN S 312 -45.52 -39.46 5.79
CA ASN S 312 -45.21 -38.69 6.99
C ASN S 312 -43.85 -39.06 7.57
N ARG S 313 -43.50 -40.27 7.46
CA ARG S 313 -42.21 -40.75 7.98
C ARG S 313 -41.06 -40.25 7.12
N LEU S 314 -41.31 -40.22 5.82
CA LEU S 314 -40.25 -39.85 4.89
C LEU S 314 -40.13 -38.32 4.80
N GLN S 315 -41.22 -37.60 5.17
CA GLN S 315 -41.20 -36.14 5.18
C GLN S 315 -40.50 -35.60 6.43
N ASN S 316 -40.43 -36.49 7.45
CA ASN S 316 -39.77 -36.11 8.69
C ASN S 316 -38.32 -35.71 8.46
N THR S 317 -37.91 -34.67 9.17
CA THR S 317 -36.54 -34.24 9.09
C THR S 317 -35.83 -34.86 10.27
N GLN S 318 -36.43 -35.92 10.81
CA GLN S 318 -35.69 -37.02 11.34
C GLN S 318 -35.30 -37.86 10.15
N PRO S 319 -34.06 -37.68 9.67
CA PRO S 319 -33.67 -38.55 8.59
C PRO S 319 -33.24 -39.85 9.20
N TRP S 320 -32.75 -40.74 8.36
CA TRP S 320 -32.40 -42.01 8.89
C TRP S 320 -30.94 -41.91 9.30
N LYS S 321 -30.32 -43.02 9.65
CA LYS S 321 -28.94 -42.96 10.14
C LYS S 321 -27.98 -42.86 8.98
N SER S 322 -28.21 -41.83 8.18
CA SER S 322 -28.17 -41.83 6.74
C SER S 322 -29.31 -40.95 6.33
N PRO S 323 -29.01 -39.66 6.19
CA PRO S 323 -30.06 -38.77 5.68
C PRO S 323 -30.46 -39.27 4.32
N GLY S 324 -29.48 -39.75 3.56
CA GLY S 324 -29.78 -40.30 2.26
C GLY S 324 -30.90 -41.30 2.31
N MET S 325 -31.11 -41.97 3.45
CA MET S 325 -32.17 -42.98 3.40
C MET S 325 -33.55 -42.32 3.30
N GLN S 326 -33.70 -41.28 4.08
CA GLN S 326 -34.93 -40.51 4.04
C GLN S 326 -35.16 -39.92 2.66
N ALA S 327 -34.11 -39.41 2.11
CA ALA S 327 -34.16 -38.79 0.78
C ALA S 327 -34.54 -39.83 -0.29
N THR S 328 -33.96 -41.01 -0.29
CA THR S 328 -34.24 -41.94 -1.42
C THR S 328 -35.63 -42.59 -1.48
N VAL S 329 -36.04 -43.11 -0.33
CA VAL S 329 -37.34 -43.76 -0.27
C VAL S 329 -38.37 -42.72 -0.56
N ARG S 330 -38.15 -41.52 -0.06
CA ARG S 330 -39.08 -40.43 -0.31
C ARG S 330 -39.29 -40.32 -1.80
N LEU S 331 -38.21 -40.16 -2.57
CA LEU S 331 -38.29 -40.05 -4.02
C LEU S 331 -39.00 -41.21 -4.70
N ALA S 332 -38.72 -42.44 -4.29
CA ALA S 332 -39.48 -43.54 -4.90
C ALA S 332 -40.99 -43.48 -4.63
N TRP S 333 -41.36 -43.21 -3.38
CA TRP S 333 -42.78 -43.08 -3.04
C TRP S 333 -43.34 -41.99 -3.90
N ALA S 334 -42.58 -40.94 -4.12
CA ALA S 334 -43.01 -39.82 -4.96
C ALA S 334 -43.25 -40.19 -6.43
N LEU S 335 -42.37 -40.97 -7.06
CA LEU S 335 -42.64 -41.45 -8.43
C LEU S 335 -43.94 -42.26 -8.44
N ALA S 336 -44.09 -43.09 -7.40
CA ALA S 336 -45.36 -43.83 -7.31
C ALA S 336 -46.56 -42.90 -7.28
N LEU S 337 -46.49 -41.87 -6.44
CA LEU S 337 -47.57 -40.91 -6.31
C LEU S 337 -47.81 -40.28 -7.65
N ARG S 338 -46.76 -39.90 -8.35
CA ARG S 338 -46.88 -39.34 -9.67
C ARG S 338 -47.72 -40.25 -10.56
N GLY S 339 -47.34 -41.52 -10.75
CA GLY S 339 -48.24 -42.34 -11.59
C GLY S 339 -49.69 -42.49 -11.13
N ILE S 340 -49.87 -42.75 -9.83
CA ILE S 340 -51.25 -43.06 -9.34
C ILE S 340 -52.33 -42.11 -9.82
N SER S 341 -51.95 -40.97 -10.38
CA SER S 341 -52.94 -40.10 -10.97
C SER S 341 -53.60 -40.81 -12.13
N GLN S 342 -52.79 -41.40 -13.01
CA GLN S 342 -53.31 -42.09 -14.19
C GLN S 342 -54.21 -43.23 -13.82
N PHE S 343 -53.75 -44.06 -12.88
CA PHE S 343 -54.59 -45.15 -12.42
C PHE S 343 -55.73 -44.54 -11.66
N SER S 344 -56.97 -44.86 -12.04
CA SER S 344 -58.13 -44.22 -11.40
C SER S 344 -57.94 -42.70 -11.45
N GLU S 345 -58.07 -42.04 -10.32
CA GLU S 345 -57.96 -40.59 -10.26
C GLU S 345 -57.20 -40.12 -9.03
N VAL S 346 -56.14 -40.84 -8.65
CA VAL S 346 -55.45 -40.49 -7.42
C VAL S 346 -54.36 -39.44 -7.66
N LEU S 347 -54.74 -38.18 -7.66
CA LEU S 347 -53.79 -37.13 -7.97
C LEU S 347 -53.75 -35.98 -6.99
N GLU S 348 -53.85 -36.26 -5.70
CA GLU S 348 -53.71 -35.20 -4.72
C GLU S 348 -52.24 -35.13 -4.44
N PHE S 349 -51.61 -36.28 -4.20
CA PHE S 349 -50.18 -36.33 -3.85
C PHE S 349 -49.20 -36.03 -4.96
N SER S 350 -49.71 -35.68 -6.14
CA SER S 350 -48.82 -35.32 -7.23
C SER S 350 -48.03 -34.08 -6.87
N GLU S 351 -48.65 -33.18 -6.13
CA GLU S 351 -47.98 -31.96 -5.71
C GLU S 351 -46.78 -32.26 -4.84
N ALA S 352 -46.92 -33.19 -3.90
CA ALA S 352 -45.85 -33.49 -2.95
C ALA S 352 -44.62 -34.10 -3.58
N ASP S 353 -44.70 -34.41 -4.88
CA ASP S 353 -43.57 -35.04 -5.53
C ASP S 353 -42.50 -34.02 -5.86
N GLU S 354 -42.86 -32.77 -6.16
CA GLU S 354 -41.77 -31.88 -6.55
C GLU S 354 -40.89 -31.53 -5.36
N PRO S 355 -41.48 -31.22 -4.19
CA PRO S 355 -40.65 -30.92 -3.03
C PRO S 355 -39.86 -32.13 -2.55
N MET S 356 -40.47 -33.26 -2.67
CA MET S 356 -39.81 -34.49 -2.24
C MET S 356 -38.60 -34.79 -3.12
N ALA S 357 -38.86 -34.62 -4.44
CA ALA S 357 -37.78 -34.80 -5.39
C ALA S 357 -36.63 -33.82 -5.13
N GLU S 358 -36.96 -32.58 -4.68
CA GLU S 358 -35.98 -31.54 -4.39
C GLU S 358 -35.17 -31.89 -3.14
N ILE S 359 -35.85 -32.49 -2.20
CA ILE S 359 -35.19 -32.90 -0.97
C ILE S 359 -34.23 -34.05 -1.25
N ALA S 360 -34.73 -34.88 -2.15
CA ALA S 360 -33.91 -36.05 -2.50
C ALA S 360 -32.65 -35.62 -3.24
N ILE S 361 -32.87 -34.66 -4.17
CA ILE S 361 -31.76 -34.17 -4.98
C ILE S 361 -30.78 -33.39 -4.10
N GLY S 362 -31.38 -32.66 -3.09
CA GLY S 362 -30.56 -31.94 -2.12
C GLY S 362 -29.78 -32.86 -1.20
N GLY S 363 -30.28 -34.06 -1.04
CA GLY S 363 -29.54 -35.04 -0.27
C GLY S 363 -28.58 -35.68 -1.25
N ASN S 364 -28.52 -35.16 -2.47
CA ASN S 364 -27.64 -35.71 -3.49
C ASN S 364 -27.77 -37.21 -3.48
N VAL S 365 -29.00 -37.67 -3.62
CA VAL S 365 -29.23 -39.09 -3.60
C VAL S 365 -28.36 -39.68 -4.69
N PHE S 366 -28.23 -38.97 -5.80
CA PHE S 366 -27.42 -39.43 -6.90
C PHE S 366 -26.05 -39.86 -6.46
N LEU S 367 -25.63 -39.39 -5.30
CA LEU S 367 -24.27 -39.67 -4.84
C LEU S 367 -24.25 -40.90 -3.94
N PHE S 368 -25.26 -40.94 -3.12
CA PHE S 368 -25.36 -42.09 -2.22
C PHE S 368 -25.58 -43.38 -2.99
N LEU S 369 -26.48 -43.37 -4.04
CA LEU S 369 -26.73 -44.54 -4.88
C LEU S 369 -25.46 -44.98 -5.59
N THR S 370 -24.64 -43.98 -5.99
CA THR S 370 -23.40 -44.24 -6.74
C THR S 370 -22.35 -44.84 -5.83
N GLU S 371 -22.14 -44.29 -4.57
CA GLU S 371 -21.03 -44.66 -3.71
C GLU S 371 -21.41 -45.80 -2.77
N ALA S 372 -22.63 -45.76 -2.25
CA ALA S 372 -23.01 -46.69 -1.19
C ALA S 372 -23.68 -47.93 -1.78
N VAL S 373 -24.53 -47.78 -2.77
CA VAL S 373 -25.23 -48.96 -3.22
C VAL S 373 -24.37 -49.76 -4.17
N VAL S 374 -24.09 -49.20 -5.33
CA VAL S 374 -23.32 -49.91 -6.32
C VAL S 374 -21.90 -50.13 -5.80
N GLY S 375 -21.50 -49.37 -4.79
CA GLY S 375 -20.20 -49.60 -4.20
C GLY S 375 -20.03 -51.06 -3.82
N SER S 376 -21.10 -51.68 -3.32
CA SER S 376 -21.04 -53.08 -2.97
C SER S 376 -20.73 -53.93 -4.18
N GLU S 377 -19.74 -54.80 -4.05
CA GLU S 377 -19.43 -55.71 -5.13
C GLU S 377 -20.46 -56.82 -5.16
N SER S 378 -21.25 -56.91 -4.11
CA SER S 378 -22.31 -57.90 -4.12
C SER S 378 -23.46 -57.35 -4.94
N PHE S 379 -23.49 -56.04 -5.18
CA PHE S 379 -24.53 -55.51 -6.03
C PHE S 379 -24.32 -56.13 -7.37
N CYS S 380 -23.05 -56.35 -7.71
CA CYS S 380 -22.76 -56.99 -8.97
C CYS S 380 -23.54 -58.28 -9.16
N THR S 381 -23.90 -58.96 -8.07
CA THR S 381 -24.55 -60.27 -8.21
C THR S 381 -26.02 -60.32 -8.63
N ASP S 382 -26.91 -59.73 -7.87
CA ASP S 382 -28.34 -59.92 -8.17
C ASP S 382 -28.91 -59.23 -9.39
N GLU S 383 -29.28 -60.02 -10.38
CA GLU S 383 -29.96 -59.50 -11.56
C GLU S 383 -31.14 -58.62 -11.16
N PHE S 384 -31.89 -58.98 -10.11
CA PHE S 384 -33.13 -58.31 -9.74
C PHE S 384 -32.84 -56.99 -9.03
N PHE S 385 -31.58 -56.84 -8.48
CA PHE S 385 -31.14 -55.53 -7.95
C PHE S 385 -31.03 -54.52 -9.09
N ILE S 386 -30.40 -55.00 -10.18
CA ILE S 386 -30.13 -54.15 -11.33
C ILE S 386 -31.44 -53.76 -12.01
N ARG S 387 -32.36 -54.69 -12.07
CA ARG S 387 -33.63 -54.44 -12.74
C ARG S 387 -34.47 -53.42 -11.96
N ARG S 388 -34.43 -53.56 -10.67
CA ARG S 388 -35.25 -52.66 -9.84
C ARG S 388 -34.71 -51.24 -9.91
N ILE S 389 -33.40 -51.13 -9.72
CA ILE S 389 -32.79 -49.81 -9.80
C ILE S 389 -32.96 -49.23 -11.21
N HIS S 390 -32.78 -50.13 -12.26
CA HIS S 390 -33.04 -49.73 -13.64
C HIS S 390 -34.44 -49.16 -13.79
N LYS S 391 -35.46 -49.78 -13.15
CA LYS S 391 -36.84 -49.31 -13.23
C LYS S 391 -37.01 -47.98 -12.51
N LEU S 392 -36.39 -47.86 -11.33
CA LEU S 392 -36.44 -46.62 -10.55
C LEU S 392 -35.86 -45.46 -11.34
N VAL S 393 -34.71 -45.70 -12.11
CA VAL S 393 -34.00 -44.66 -12.85
C VAL S 393 -34.76 -44.31 -14.12
N THR S 394 -35.39 -45.38 -14.79
CA THR S 394 -36.11 -45.17 -16.03
C THR S 394 -37.48 -44.55 -15.77
N ASP S 395 -38.08 -44.85 -14.52
CA ASP S 395 -39.40 -44.34 -14.16
C ASP S 395 -39.35 -42.84 -13.88
N PHE S 396 -38.26 -42.31 -13.42
CA PHE S 396 -38.13 -40.89 -13.09
C PHE S 396 -38.29 -40.02 -14.32
N PRO S 397 -37.46 -40.36 -15.49
CA PRO S 397 -37.63 -39.53 -16.69
C PRO S 397 -38.96 -39.80 -17.41
N THR S 398 -39.58 -41.02 -17.19
CA THR S 398 -40.81 -41.40 -17.89
C THR S 398 -42.03 -40.83 -17.19
N LEU S 399 -42.07 -40.83 -15.81
CA LEU S 399 -43.26 -40.47 -15.05
C LEU S 399 -43.24 -39.00 -14.66
N MET S 400 -42.05 -38.36 -14.58
CA MET S 400 -41.94 -36.87 -14.29
C MET S 400 -40.83 -36.06 -15.06
N PRO S 401 -40.82 -36.25 -16.37
CA PRO S 401 -39.80 -35.54 -17.14
C PRO S 401 -39.98 -34.04 -17.14
N MET S 402 -41.14 -33.51 -16.79
CA MET S 402 -41.31 -32.08 -16.86
C MET S 402 -40.39 -31.51 -15.83
N LYS S 403 -40.52 -32.02 -14.62
CA LYS S 403 -39.67 -31.58 -13.55
C LYS S 403 -38.26 -31.84 -13.97
N VAL S 404 -38.01 -33.02 -14.55
CA VAL S 404 -36.61 -33.30 -14.88
C VAL S 404 -36.00 -32.21 -15.76
N LYS S 405 -36.71 -31.84 -16.81
CA LYS S 405 -36.22 -30.84 -17.75
C LYS S 405 -36.06 -29.51 -17.11
N GLN S 406 -37.04 -29.13 -16.31
CA GLN S 406 -36.93 -27.88 -15.60
C GLN S 406 -35.58 -27.87 -14.93
N LEU S 407 -35.36 -28.87 -14.10
CA LEU S 407 -34.12 -28.90 -13.36
C LEU S 407 -32.86 -28.87 -14.24
N ARG S 408 -32.82 -29.68 -15.29
CA ARG S 408 -31.67 -29.65 -16.19
C ARG S 408 -31.35 -28.28 -16.68
N ASN S 409 -32.36 -27.64 -17.24
CA ASN S 409 -32.09 -26.34 -17.82
C ASN S 409 -31.61 -25.39 -16.74
N ARG S 410 -32.29 -25.41 -15.60
CA ARG S 410 -31.92 -24.54 -14.51
C ARG S 410 -30.45 -24.67 -14.22
N ALA S 411 -30.02 -25.89 -13.98
CA ALA S 411 -28.64 -26.14 -13.66
C ALA S 411 -27.71 -25.60 -14.73
N GLU S 412 -27.94 -26.00 -15.98
CA GLU S 412 -27.02 -25.56 -17.04
C GLU S 412 -26.88 -24.07 -16.95
N GLU S 413 -28.00 -23.37 -16.93
CA GLU S 413 -27.95 -21.92 -16.91
C GLU S 413 -27.19 -21.32 -15.74
N ASP S 414 -27.53 -21.74 -14.53
CA ASP S 414 -26.88 -21.18 -13.37
C ASP S 414 -25.39 -21.37 -13.51
N ALA S 415 -25.00 -22.58 -13.92
CA ALA S 415 -23.58 -22.88 -14.05
C ALA S 415 -22.96 -21.86 -14.95
N ARG S 416 -23.44 -21.83 -16.18
CA ARG S 416 -22.88 -20.89 -17.14
C ARG S 416 -22.71 -19.53 -16.51
N LEU S 417 -23.80 -18.97 -16.00
CA LEU S 417 -23.74 -17.62 -15.45
C LEU S 417 -22.64 -17.43 -14.43
N ILE S 418 -22.68 -18.19 -13.35
CA ILE S 418 -21.69 -17.93 -12.30
C ILE S 418 -20.28 -18.14 -12.81
N GLN S 419 -20.09 -19.16 -13.62
CA GLN S 419 -18.76 -19.46 -14.13
C GLN S 419 -18.23 -18.27 -14.90
N MET S 420 -19.03 -17.76 -15.82
CA MET S 420 -18.60 -16.64 -16.64
C MET S 420 -18.32 -15.41 -15.79
N SER S 421 -19.17 -15.19 -14.78
CA SER S 421 -18.97 -14.06 -13.89
C SER S 421 -17.61 -14.15 -13.23
N MET S 422 -17.29 -15.33 -12.70
CA MET S 422 -16.01 -15.51 -12.05
C MET S 422 -14.88 -15.31 -13.04
N GLN S 423 -15.07 -15.86 -14.24
CA GLN S 423 -14.04 -15.79 -15.27
C GLN S 423 -13.56 -14.38 -15.51
N MET S 424 -14.41 -13.40 -15.24
CA MET S 424 -13.98 -12.03 -15.38
C MET S 424 -12.83 -11.73 -14.42
N GLY S 425 -12.93 -12.22 -13.19
CA GLY S 425 -11.78 -12.26 -12.28
C GLY S 425 -11.97 -12.98 -10.97
N ASN S 426 -13.20 -13.36 -10.64
CA ASN S 426 -13.48 -14.01 -9.35
C ASN S 426 -13.31 -15.53 -9.31
N GLU S 427 -13.65 -16.13 -8.18
CA GLU S 427 -13.56 -17.60 -8.03
C GLU S 427 -14.96 -18.17 -7.92
N PRO S 428 -15.20 -19.41 -8.41
CA PRO S 428 -16.60 -19.84 -8.45
C PRO S 428 -17.23 -19.93 -7.06
N PRO S 429 -18.50 -19.53 -6.85
CA PRO S 429 -19.18 -19.60 -5.56
C PRO S 429 -19.14 -21.00 -4.95
N ALA S 430 -18.67 -21.04 -3.60
CA ALA S 430 -18.60 -22.30 -2.86
C ALA S 430 -19.96 -22.98 -2.81
N SER S 431 -21.09 -22.30 -3.16
CA SER S 431 -22.45 -22.80 -3.01
C SER S 431 -22.87 -23.59 -4.25
N LEU S 432 -21.98 -23.85 -5.19
CA LEU S 432 -22.34 -24.68 -6.36
C LEU S 432 -22.72 -26.17 -6.09
N ARG S 433 -23.65 -26.72 -6.89
CA ARG S 433 -24.08 -28.14 -6.76
C ARG S 433 -24.32 -28.83 -8.11
N ARG S 434 -23.36 -29.63 -8.60
CA ARG S 434 -23.47 -30.24 -9.94
C ARG S 434 -24.17 -31.61 -9.97
N ASP S 435 -25.46 -31.63 -9.65
CA ASP S 435 -26.20 -32.89 -9.61
C ASP S 435 -26.28 -33.54 -10.98
N LEU S 436 -26.22 -32.75 -12.04
CA LEU S 436 -26.25 -33.30 -13.38
C LEU S 436 -25.02 -34.12 -13.62
N GLU S 437 -23.88 -33.59 -13.24
CA GLU S 437 -22.63 -34.31 -13.34
C GLU S 437 -22.75 -35.56 -12.49
N HIS S 438 -23.15 -35.42 -11.23
CA HIS S 438 -23.40 -36.63 -10.44
C HIS S 438 -24.38 -37.57 -11.14
N LEU S 439 -25.44 -36.93 -11.86
CA LEU S 439 -26.41 -37.73 -12.60
C LEU S 439 -25.73 -38.48 -13.75
N LEU S 440 -24.84 -37.79 -14.51
CA LEU S 440 -24.13 -38.39 -15.63
C LEU S 440 -23.19 -39.49 -15.16
N LEU S 441 -22.55 -39.33 -14.03
CA LEU S 441 -21.65 -40.33 -13.46
C LEU S 441 -22.44 -41.54 -12.99
N LEU S 442 -23.63 -41.22 -12.40
CA LEU S 442 -24.50 -42.29 -11.94
C LEU S 442 -24.89 -43.20 -13.10
N ILE S 443 -25.27 -42.57 -14.27
CA ILE S 443 -25.66 -43.33 -15.46
C ILE S 443 -24.46 -44.13 -15.98
N GLY S 444 -23.33 -43.49 -15.94
CA GLY S 444 -22.11 -44.15 -16.38
C GLY S 444 -21.74 -45.34 -15.51
N GLU S 445 -21.88 -45.19 -14.18
CA GLU S 445 -21.51 -46.24 -13.24
C GLU S 445 -22.55 -47.36 -13.22
N LEU S 446 -23.80 -47.07 -13.36
CA LEU S 446 -24.90 -48.03 -13.32
C LEU S 446 -24.79 -49.02 -14.46
N TYR S 447 -24.43 -48.58 -15.63
CA TYR S 447 -24.39 -49.58 -16.65
C TYR S 447 -22.98 -50.04 -16.88
N ARG S 448 -22.04 -49.43 -16.17
CA ARG S 448 -20.64 -49.76 -16.42
C ARG S 448 -20.36 -51.24 -16.48
N LYS S 449 -20.97 -52.00 -15.58
CA LYS S 449 -20.75 -53.48 -15.55
C LYS S 449 -21.99 -54.17 -14.97
N ASP S 450 -22.59 -55.08 -15.74
CA ASP S 450 -23.80 -55.82 -15.28
C ASP S 450 -23.47 -57.31 -15.19
N PRO S 451 -23.68 -57.98 -14.03
CA PRO S 451 -23.39 -59.41 -13.91
C PRO S 451 -24.29 -60.23 -14.84
N PHE S 452 -25.56 -59.84 -14.96
CA PHE S 452 -26.56 -60.54 -15.80
C PHE S 452 -26.13 -60.55 -17.27
N HIS S 453 -25.52 -59.45 -17.74
CA HIS S 453 -25.08 -59.33 -19.16
C HIS S 453 -26.27 -59.56 -20.10
N LEU S 454 -27.41 -58.94 -19.79
CA LEU S 454 -28.67 -59.06 -20.56
C LEU S 454 -28.77 -57.93 -21.60
N GLU S 455 -27.69 -57.16 -21.76
CA GLU S 455 -27.66 -56.02 -22.72
C GLU S 455 -28.81 -55.05 -22.40
N LEU S 456 -28.98 -54.73 -21.11
CA LEU S 456 -30.06 -53.83 -20.63
C LEU S 456 -29.87 -52.44 -21.24
N ALA S 457 -28.62 -51.98 -21.36
CA ALA S 457 -28.28 -50.66 -21.94
C ALA S 457 -29.09 -50.39 -23.21
N LEU S 458 -29.67 -51.45 -23.79
CA LEU S 458 -30.52 -51.33 -24.97
C LEU S 458 -31.55 -50.21 -24.79
N GLU S 459 -31.92 -49.86 -23.50
CA GLU S 459 -32.91 -48.83 -23.21
C GLU S 459 -32.43 -47.46 -23.67
N TYR S 460 -31.06 -47.30 -23.80
CA TYR S 460 -30.45 -46.03 -24.19
C TYR S 460 -30.52 -45.84 -25.70
N TRP S 461 -30.81 -47.06 -26.43
CA TRP S 461 -30.74 -46.99 -27.89
C TRP S 461 -32.14 -47.07 -28.50
N CYS S 462 -32.51 -46.22 -29.52
CA CYS S 462 -33.72 -46.27 -30.31
C CYS S 462 -33.42 -46.60 -31.77
N PRO S 463 -33.82 -47.80 -32.29
CA PRO S 463 -33.51 -48.15 -33.67
C PRO S 463 -33.99 -47.10 -34.67
N HIS S 481 -40.06 -56.95 -31.10
CA HIS S 481 -39.52 -55.59 -31.28
C HIS S 481 -40.61 -54.54 -31.04
N GLN S 482 -40.27 -53.28 -31.23
CA GLN S 482 -41.26 -52.25 -31.07
C GLN S 482 -41.03 -51.21 -32.14
N ARG S 483 -42.11 -50.72 -32.73
CA ARG S 483 -42.13 -49.39 -33.30
C ARG S 483 -41.68 -48.54 -32.16
N PRO S 484 -40.46 -47.99 -32.23
CA PRO S 484 -39.87 -47.25 -31.10
C PRO S 484 -40.78 -46.88 -29.94
N PRO S 485 -40.77 -47.68 -28.85
CA PRO S 485 -41.53 -47.25 -27.67
C PRO S 485 -41.23 -45.80 -27.28
N GLN S 486 -42.30 -44.89 -27.06
CA GLN S 486 -42.23 -43.48 -26.70
C GLN S 486 -41.14 -43.24 -25.66
N ARG S 487 -40.98 -44.15 -24.76
CA ARG S 487 -39.96 -44.04 -23.72
C ARG S 487 -38.56 -44.02 -24.33
N GLN S 488 -38.32 -44.92 -25.24
CA GLN S 488 -37.02 -45.03 -25.91
C GLN S 488 -36.72 -43.75 -26.71
N VAL S 489 -37.74 -43.17 -27.32
CA VAL S 489 -37.60 -41.94 -28.10
C VAL S 489 -37.22 -40.78 -27.18
N LEU S 490 -37.86 -40.68 -26.05
CA LEU S 490 -37.63 -39.58 -25.11
C LEU S 490 -36.24 -39.68 -24.49
N LEU S 491 -35.84 -40.83 -24.20
CA LEU S 491 -34.53 -41.04 -23.61
C LEU S 491 -33.42 -40.72 -24.62
N SER S 492 -33.67 -41.23 -25.86
CA SER S 492 -32.71 -40.91 -26.93
C SER S 492 -32.62 -39.41 -27.16
N LYS S 493 -33.81 -38.72 -27.06
CA LYS S 493 -33.84 -37.26 -27.16
C LYS S 493 -33.05 -36.61 -26.03
N PHE S 494 -33.13 -37.25 -24.84
CA PHE S 494 -32.40 -36.78 -23.67
C PHE S 494 -30.90 -36.82 -23.91
N VAL S 495 -30.42 -37.93 -24.53
CA VAL S 495 -28.99 -38.12 -24.80
C VAL S 495 -28.52 -37.09 -25.83
N ARG S 496 -29.35 -36.79 -26.84
CA ARG S 496 -29.00 -35.87 -27.90
C ARG S 496 -29.06 -34.42 -27.41
N GLN S 497 -30.17 -34.11 -26.60
CA GLN S 497 -30.38 -32.77 -26.09
C GLN S 497 -29.22 -32.33 -25.18
N MET S 498 -28.66 -33.33 -24.47
CA MET S 498 -27.57 -33.03 -23.55
C MET S 498 -26.29 -32.72 -24.31
N SER S 499 -26.16 -33.20 -25.64
CA SER S 499 -24.98 -32.98 -26.48
C SER S 499 -25.02 -31.62 -27.15
N ASP S 500 -26.27 -30.93 -27.26
CA ASP S 500 -26.46 -29.67 -27.96
C ASP S 500 -25.96 -28.50 -27.11
N LEU S 501 -24.88 -27.65 -27.46
CA LEU S 501 -24.30 -26.49 -26.80
C LEU S 501 -23.83 -26.83 -25.40
N LEU S 502 -23.05 -28.01 -25.25
CA LEU S 502 -22.57 -28.56 -24.00
C LEU S 502 -21.60 -27.60 -23.31
N PRO S 503 -22.02 -27.02 -22.07
CA PRO S 503 -21.08 -26.21 -21.28
C PRO S 503 -19.80 -26.99 -20.92
N ALA S 504 -18.62 -26.33 -20.86
CA ALA S 504 -17.33 -26.94 -20.56
C ALA S 504 -17.38 -27.74 -19.26
N THR S 505 -18.26 -27.33 -18.30
CA THR S 505 -18.33 -27.95 -16.99
C THR S 505 -19.03 -29.32 -17.09
N LEU S 506 -19.88 -29.55 -18.13
CA LEU S 506 -20.67 -30.76 -18.27
C LEU S 506 -20.02 -31.72 -19.26
N TYR S 507 -18.93 -31.23 -19.87
CA TYR S 507 -18.24 -32.02 -20.88
C TYR S 507 -17.80 -33.37 -20.32
N LEU S 508 -17.18 -33.46 -19.20
CA LEU S 508 -16.65 -34.67 -18.60
C LEU S 508 -17.78 -35.60 -18.15
N PRO S 509 -18.79 -35.04 -17.42
CA PRO S 509 -19.90 -35.90 -16.98
C PRO S 509 -20.65 -36.51 -18.16
N TYR S 510 -20.74 -35.79 -19.21
CA TYR S 510 -21.42 -36.29 -20.40
C TYR S 510 -20.65 -37.45 -21.02
N LEU S 511 -19.34 -37.38 -21.14
CA LEU S 511 -18.50 -38.43 -21.68
C LEU S 511 -18.58 -39.69 -20.81
N LYS S 512 -18.54 -39.45 -19.57
CA LYS S 512 -18.65 -40.58 -18.63
C LYS S 512 -20.00 -41.27 -18.76
N MET S 513 -21.07 -40.42 -18.99
CA MET S 513 -22.40 -40.96 -19.25
C MET S 513 -22.40 -41.83 -20.51
N LEU S 514 -21.80 -41.36 -21.59
CA LEU S 514 -21.73 -42.10 -22.83
C LEU S 514 -20.94 -43.40 -22.65
N ARG S 515 -19.86 -43.22 -21.91
CA ARG S 515 -19.06 -44.40 -21.63
C ARG S 515 -19.91 -45.49 -20.97
N GLY S 516 -20.69 -45.14 -19.98
CA GLY S 516 -21.58 -46.08 -19.31
C GLY S 516 -22.65 -46.63 -20.24
N LEU S 517 -23.11 -45.84 -21.21
CA LEU S 517 -24.19 -46.22 -22.11
C LEU S 517 -23.67 -47.07 -23.27
N ALA S 518 -22.37 -47.20 -23.42
CA ALA S 518 -21.95 -48.04 -24.52
C ALA S 518 -21.49 -49.40 -24.06
N SER S 519 -22.33 -50.09 -23.30
CA SER S 519 -22.02 -51.45 -22.93
C SER S 519 -23.04 -52.30 -23.69
N GLY S 520 -22.84 -53.62 -23.77
CA GLY S 520 -23.82 -54.44 -24.48
C GLY S 520 -23.78 -54.22 -25.98
N PRO S 521 -22.96 -55.05 -26.73
CA PRO S 521 -22.70 -54.81 -28.18
C PRO S 521 -23.69 -54.07 -29.10
N GLN S 522 -24.96 -54.36 -28.96
CA GLN S 522 -25.92 -53.72 -29.81
C GLN S 522 -25.82 -52.28 -29.44
N CYS S 523 -25.79 -52.04 -28.16
CA CYS S 523 -25.70 -50.70 -27.68
C CYS S 523 -24.48 -50.07 -28.12
N ALA S 524 -23.40 -50.80 -28.06
CA ALA S 524 -22.16 -50.30 -28.57
C ALA S 524 -22.43 -49.71 -29.91
N HIS S 525 -22.74 -50.55 -30.87
CA HIS S 525 -22.91 -50.02 -32.21
C HIS S 525 -23.81 -48.82 -32.27
N TYR S 526 -24.97 -48.89 -31.63
CA TYR S 526 -25.90 -47.79 -31.79
C TYR S 526 -25.36 -46.49 -31.25
N CYS S 527 -24.89 -46.46 -30.02
CA CYS S 527 -24.47 -45.18 -29.50
C CYS S 527 -23.28 -44.72 -30.31
N PHE S 528 -22.47 -45.65 -30.76
CA PHE S 528 -21.31 -45.34 -31.56
C PHE S 528 -21.74 -44.48 -32.69
N SER S 529 -22.60 -45.07 -33.50
CA SER S 529 -23.02 -44.37 -34.68
C SER S 529 -23.67 -43.07 -34.35
N LEU S 530 -24.51 -43.07 -33.33
CA LEU S 530 -25.23 -41.88 -32.96
C LEU S 530 -24.30 -40.75 -32.78
N LEU S 531 -23.33 -40.94 -31.92
CA LEU S 531 -22.48 -39.85 -31.62
C LEU S 531 -21.63 -39.45 -32.80
N LYS S 532 -21.18 -40.45 -33.53
CA LYS S 532 -20.38 -40.19 -34.69
C LYS S 532 -21.10 -39.23 -35.56
N ALA S 533 -22.37 -39.50 -35.82
CA ALA S 533 -23.14 -38.65 -36.72
C ALA S 533 -23.47 -37.30 -36.12
N ASN S 534 -23.79 -37.26 -34.84
CA ASN S 534 -24.04 -36.00 -34.17
C ASN S 534 -22.87 -35.09 -34.42
N GLY S 535 -21.66 -35.65 -34.50
CA GLY S 535 -20.57 -34.74 -34.85
C GLY S 535 -20.45 -34.38 -36.32
N GLY S 536 -21.48 -34.62 -37.12
CA GLY S 536 -21.36 -34.48 -38.56
C GLY S 536 -21.68 -33.08 -39.05
N GLY S 547 -18.68 -25.45 -33.28
CA GLY S 547 -18.73 -26.89 -33.37
C GLY S 547 -18.80 -27.58 -32.02
N SER S 548 -19.90 -28.57 -31.84
CA SER S 548 -20.06 -29.37 -30.63
C SER S 548 -18.71 -29.85 -30.11
N PRO S 549 -18.32 -29.42 -28.90
CA PRO S 549 -17.05 -29.84 -28.28
C PRO S 549 -16.86 -31.34 -28.30
N VAL S 550 -17.82 -32.23 -28.59
CA VAL S 550 -17.70 -33.68 -28.58
C VAL S 550 -17.86 -34.23 -29.99
N SER S 551 -16.88 -34.20 -30.86
CA SER S 551 -16.80 -34.71 -32.22
C SER S 551 -15.44 -35.37 -32.48
N TRP S 552 -15.41 -36.41 -33.53
CA TRP S 552 -14.14 -37.03 -33.88
C TRP S 552 -13.12 -35.99 -34.32
N ASP S 553 -13.67 -34.80 -35.01
CA ASP S 553 -12.80 -33.72 -35.49
C ASP S 553 -12.11 -33.00 -34.33
N HIS S 554 -12.86 -32.79 -33.24
CA HIS S 554 -12.31 -32.14 -32.07
C HIS S 554 -11.29 -33.02 -31.36
N PHE S 555 -11.58 -34.37 -31.22
CA PHE S 555 -10.71 -35.31 -30.51
C PHE S 555 -9.35 -35.38 -31.19
N PHE S 556 -9.30 -35.67 -32.48
CA PHE S 556 -8.06 -35.96 -33.21
C PHE S 556 -7.32 -34.66 -33.55
N HIS S 557 -8.10 -33.48 -33.76
CA HIS S 557 -7.45 -32.19 -33.94
C HIS S 557 -6.72 -31.75 -32.67
N SER S 558 -7.41 -32.01 -31.51
CA SER S 558 -6.79 -31.69 -30.22
C SER S 558 -5.51 -32.50 -30.02
N LEU S 559 -5.52 -33.84 -30.33
CA LEU S 559 -4.34 -34.69 -30.20
C LEU S 559 -3.22 -34.23 -31.11
N MET S 560 -3.58 -33.83 -32.29
CA MET S 560 -2.62 -33.34 -33.26
C MET S 560 -1.98 -32.04 -32.79
N LEU S 561 -2.81 -31.08 -32.23
CA LEU S 561 -2.33 -29.80 -31.71
C LEU S 561 -1.34 -30.02 -30.57
N TYR S 562 -1.76 -31.03 -29.68
CA TYR S 562 -0.86 -31.32 -28.58
C TYR S 562 0.45 -31.92 -29.07
N HIS S 563 0.32 -32.81 -30.06
CA HIS S 563 1.51 -33.40 -30.66
C HIS S 563 2.40 -32.33 -31.28
N GLU S 564 1.91 -31.33 -32.02
CA GLU S 564 2.64 -30.25 -32.68
C GLU S 564 3.28 -29.31 -31.67
N HIS S 565 2.48 -29.02 -30.56
CA HIS S 565 2.94 -28.08 -29.54
C HIS S 565 4.06 -28.67 -28.70
N LEU S 566 3.93 -29.94 -28.38
CA LEU S 566 4.89 -30.60 -27.51
C LEU S 566 6.19 -30.90 -28.25
N ARG S 567 6.17 -31.10 -29.57
CA ARG S 567 7.35 -31.35 -30.38
C ARG S 567 8.17 -30.09 -30.57
N ARG S 568 7.49 -28.83 -30.79
CA ARG S 568 8.16 -27.55 -31.01
C ARG S 568 8.97 -27.15 -29.78
N ASP S 569 8.48 -27.56 -28.60
CA ASP S 569 9.17 -27.25 -27.31
C ASP S 569 10.45 -28.09 -27.22
N LEU S 570 10.66 -28.98 -28.20
CA LEU S 570 11.87 -29.85 -28.24
C LEU S 570 13.11 -28.97 -28.40
N PRO S 571 14.24 -29.29 -27.74
CA PRO S 571 15.44 -28.44 -27.88
C PRO S 571 16.40 -29.02 -28.92
N ASN S 572 16.83 -28.18 -29.88
CA ASN S 572 17.77 -28.61 -30.95
C ASN S 572 19.10 -29.02 -30.32
N THR S 573 19.71 -30.10 -30.81
CA THR S 573 21.00 -30.59 -30.28
C THR S 573 22.09 -29.53 -30.48
N ASP S 574 22.09 -28.88 -31.65
CA ASP S 574 23.10 -27.84 -31.96
C ASP S 574 22.96 -26.68 -30.97
N ASN S 575 21.72 -26.28 -30.68
CA ASN S 575 21.45 -25.16 -29.73
C ASN S 575 21.94 -25.56 -28.33
N ILE S 576 22.56 -24.63 -27.61
CA ILE S 576 23.08 -24.91 -26.24
C ILE S 576 22.33 -24.01 -25.25
N HIS S 577 21.74 -24.62 -24.21
CA HIS S 577 20.70 -24.06 -23.30
C HIS S 577 19.44 -23.64 -24.09
N GLN S 578 18.39 -24.46 -24.01
CA GLN S 578 17.12 -24.17 -24.72
C GLN S 578 15.98 -24.07 -23.69
N ARG S 579 15.21 -22.98 -23.74
CA ARG S 579 14.09 -22.77 -22.80
C ARG S 579 12.76 -22.70 -23.56
N HIS S 580 11.79 -23.54 -23.17
CA HIS S 580 10.45 -23.56 -23.82
C HIS S 580 9.67 -22.29 -23.46
N PRO S 581 8.75 -21.81 -24.32
CA PRO S 581 7.99 -20.60 -23.97
C PRO S 581 7.05 -20.88 -22.80
N PRO S 582 7.43 -21.91 -21.80
CA PRO S 582 7.05 -22.62 -20.57
C PRO S 582 6.13 -23.74 -20.94
N LEU S 583 6.64 -24.95 -20.92
CA LEU S 583 5.85 -26.09 -21.35
C LEU S 583 4.44 -25.98 -20.85
N ARG S 584 3.49 -25.95 -21.78
CA ARG S 584 2.10 -25.93 -21.39
C ARG S 584 1.81 -27.35 -20.98
N GLY S 585 2.27 -27.75 -19.79
CA GLY S 585 2.01 -29.08 -19.30
C GLY S 585 0.53 -29.15 -19.33
N ILE S 586 0.01 -30.01 -20.20
CA ILE S 586 -1.42 -30.15 -20.34
C ILE S 586 -2.02 -29.98 -18.99
N THR S 587 -2.92 -29.02 -18.88
CA THR S 587 -3.52 -28.75 -17.57
C THR S 587 -4.14 -30.03 -16.99
N GLN S 588 -4.23 -30.22 -15.70
CA GLN S 588 -4.83 -31.38 -15.04
C GLN S 588 -6.25 -31.62 -15.56
N ARG S 589 -7.05 -30.59 -15.79
CA ARG S 589 -8.41 -30.70 -16.30
C ARG S 589 -8.43 -31.23 -17.73
N GLU S 590 -7.41 -30.65 -18.51
CA GLU S 590 -7.28 -31.12 -19.89
C GLU S 590 -6.85 -32.58 -19.92
N LEU S 591 -6.02 -32.91 -19.03
CA LEU S 591 -5.54 -34.28 -18.90
C LEU S 591 -6.68 -35.22 -18.57
N ASP S 592 -7.49 -34.86 -17.57
CA ASP S 592 -8.64 -35.65 -17.16
C ASP S 592 -9.62 -35.82 -18.32
N GLY S 593 -9.76 -34.72 -19.09
CA GLY S 593 -10.62 -34.78 -20.26
C GLY S 593 -10.13 -35.74 -21.32
N LEU S 594 -8.80 -35.71 -21.60
CA LEU S 594 -8.20 -36.60 -22.59
C LEU S 594 -8.32 -38.06 -22.15
N ILE S 595 -8.12 -38.25 -20.91
CA ILE S 595 -8.20 -39.61 -20.35
C ILE S 595 -9.63 -40.14 -20.49
N ALA S 596 -10.58 -39.33 -20.13
CA ALA S 596 -11.99 -39.71 -20.22
C ALA S 596 -12.38 -40.04 -21.65
N CYS S 597 -11.84 -39.24 -22.60
CA CYS S 597 -12.10 -39.45 -24.03
C CYS S 597 -11.51 -40.77 -24.50
N LEU S 598 -10.30 -41.08 -24.09
CA LEU S 598 -9.62 -42.32 -24.47
C LEU S 598 -10.33 -43.53 -23.86
N GLN S 599 -10.76 -43.37 -22.65
CA GLN S 599 -11.49 -44.45 -21.98
C GLN S 599 -12.81 -44.76 -22.69
N LEU S 600 -13.52 -43.72 -23.05
CA LEU S 600 -14.75 -43.87 -23.81
C LEU S 600 -14.47 -44.57 -25.14
N THR S 601 -13.36 -44.12 -25.85
CA THR S 601 -12.98 -44.72 -27.12
C THR S 601 -12.67 -46.20 -26.94
N CYS S 602 -11.92 -46.49 -25.92
CA CYS S 602 -11.54 -47.85 -25.62
C CYS S 602 -12.76 -48.73 -25.38
N THR S 603 -13.77 -48.25 -24.61
CA THR S 603 -14.99 -48.99 -24.31
C THR S 603 -15.79 -49.25 -25.58
N ILE S 604 -15.91 -48.29 -26.46
CA ILE S 604 -16.69 -48.39 -27.69
C ILE S 604 -16.03 -49.39 -28.63
N ILE S 605 -14.68 -49.34 -28.78
CA ILE S 605 -13.99 -50.18 -29.74
C ILE S 605 -13.89 -51.61 -29.20
N ASP S 606 -13.89 -51.75 -27.83
CA ASP S 606 -13.85 -53.07 -27.22
C ASP S 606 -15.12 -53.86 -27.49
N TRP S 607 -16.27 -53.23 -27.52
CA TRP S 607 -17.55 -53.90 -27.65
C TRP S 607 -18.02 -53.93 -29.09
N SER S 608 -17.54 -52.95 -29.98
CA SER S 608 -18.03 -52.88 -31.35
C SER S 608 -16.88 -53.08 -32.34
N GLU S 609 -16.86 -54.26 -33.01
CA GLU S 609 -15.84 -54.52 -34.02
C GLU S 609 -15.94 -53.54 -35.19
N SER S 610 -17.26 -53.18 -35.63
CA SER S 610 -17.50 -52.24 -36.73
C SER S 610 -16.92 -50.87 -36.43
N ALA S 611 -17.15 -50.43 -35.18
CA ALA S 611 -16.61 -49.13 -34.75
C ALA S 611 -15.09 -49.15 -34.74
N ARG S 612 -14.49 -50.25 -34.30
CA ARG S 612 -13.04 -50.41 -34.21
C ARG S 612 -12.39 -50.29 -35.59
N LEU S 613 -12.90 -51.03 -36.54
CA LEU S 613 -12.36 -51.01 -37.90
C LEU S 613 -12.57 -49.65 -38.57
N ALA S 614 -13.84 -49.04 -38.34
CA ALA S 614 -14.20 -47.75 -38.94
C ALA S 614 -13.28 -46.64 -38.43
N LEU S 615 -12.97 -46.65 -37.17
CA LEU S 615 -12.15 -45.61 -36.56
C LEU S 615 -10.69 -45.74 -36.99
N CYS S 616 -10.17 -47.00 -37.13
CA CYS S 616 -8.76 -47.23 -37.45
C CYS S 616 -8.47 -46.90 -38.91
N GLU S 617 -9.50 -47.07 -39.87
CA GLU S 617 -9.31 -46.91 -41.30
C GLU S 617 -9.62 -45.48 -41.75
N HIS S 618 -10.08 -44.62 -40.78
CA HIS S 618 -10.40 -43.25 -41.16
C HIS S 618 -9.17 -42.49 -41.63
N ALA S 619 -9.14 -41.90 -42.85
CA ALA S 619 -8.00 -41.33 -43.56
C ALA S 619 -7.51 -40.06 -42.88
N GLN S 620 -8.45 -39.20 -42.25
CA GLN S 620 -8.08 -37.90 -41.68
C GLN S 620 -7.59 -38.05 -40.24
N TRP S 621 -8.12 -39.03 -39.49
CA TRP S 621 -7.83 -39.12 -38.06
C TRP S 621 -6.53 -39.88 -37.82
N MET S 622 -6.29 -40.89 -38.68
CA MET S 622 -5.15 -41.79 -38.54
C MET S 622 -4.79 -42.00 -37.08
N PRO S 623 -5.67 -42.60 -36.30
CA PRO S 623 -5.57 -42.71 -34.84
C PRO S 623 -4.32 -43.46 -34.39
N VAL S 624 -3.96 -44.57 -35.05
CA VAL S 624 -2.84 -45.39 -34.65
C VAL S 624 -1.54 -44.60 -34.77
N VAL S 625 -1.36 -43.79 -35.78
CA VAL S 625 -0.17 -42.98 -36.03
C VAL S 625 -0.07 -41.87 -35.00
N VAL S 626 -1.22 -41.25 -34.76
CA VAL S 626 -1.27 -40.12 -33.84
C VAL S 626 -0.95 -40.61 -32.43
N ILE S 627 -1.57 -41.69 -32.04
CA ILE S 627 -1.41 -42.24 -30.70
C ILE S 627 0.03 -42.67 -30.49
N LEU S 628 0.60 -43.41 -31.47
CA LEU S 628 1.99 -43.83 -31.38
C LEU S 628 2.92 -42.63 -31.35
N GLY S 629 2.55 -41.52 -32.10
CA GLY S 629 3.31 -40.27 -32.09
C GLY S 629 3.31 -39.58 -30.74
N LEU S 630 2.17 -39.59 -30.12
CA LEU S 630 2.01 -38.98 -28.80
C LEU S 630 2.81 -39.75 -27.75
N LEU S 631 2.89 -41.06 -27.90
CA LEU S 631 3.64 -41.92 -26.99
C LEU S 631 5.12 -41.55 -26.99
N GLN S 632 5.67 -40.95 -28.09
CA GLN S 632 7.06 -40.55 -28.23
C GLN S 632 7.32 -39.19 -27.60
N CYS S 633 6.22 -38.52 -27.21
CA CYS S 633 6.27 -37.23 -26.48
C CYS S 633 6.36 -37.51 -24.97
N SER S 634 6.40 -36.46 -24.14
CA SER S 634 6.53 -36.66 -22.66
C SER S 634 5.29 -36.15 -21.92
N ILE S 635 4.72 -36.98 -21.05
CA ILE S 635 3.52 -36.61 -20.23
C ILE S 635 3.53 -37.41 -18.92
N PRO S 636 2.79 -36.99 -17.86
CA PRO S 636 2.78 -37.76 -16.60
C PRO S 636 1.98 -39.06 -16.80
N PRO S 637 2.65 -40.38 -16.60
CA PRO S 637 2.49 -41.82 -16.68
C PRO S 637 1.02 -42.25 -16.81
N LEU S 638 0.15 -41.50 -16.18
CA LEU S 638 -1.27 -41.84 -16.25
C LEU S 638 -1.79 -41.72 -17.68
N LEU S 639 -1.41 -40.65 -18.33
CA LEU S 639 -1.82 -40.44 -19.71
C LEU S 639 -1.22 -41.51 -20.63
N LYS S 640 0.04 -41.88 -20.35
CA LYS S 640 0.68 -42.95 -21.12
C LYS S 640 -0.06 -44.27 -20.96
N ALA S 641 -0.48 -44.50 -19.74
CA ALA S 641 -1.22 -45.73 -19.45
C ALA S 641 -2.52 -45.79 -20.25
N GLU S 642 -3.21 -44.69 -20.32
CA GLU S 642 -4.47 -44.63 -21.04
C GLU S 642 -4.25 -44.79 -22.54
N LEU S 643 -3.18 -44.22 -23.04
CA LEU S 643 -2.82 -44.39 -24.44
C LEU S 643 -2.57 -45.86 -24.77
N LEU S 644 -1.91 -46.57 -23.90
CA LEU S 644 -1.63 -48.00 -24.08
C LEU S 644 -2.91 -48.82 -24.04
N LYS S 645 -3.79 -48.45 -23.15
CA LYS S 645 -5.07 -49.13 -23.06
C LYS S 645 -5.87 -48.95 -24.35
N THR S 646 -5.84 -47.74 -24.84
CA THR S 646 -6.51 -47.45 -26.11
C THR S 646 -5.90 -48.28 -27.24
N LEU S 647 -4.57 -48.45 -27.25
CA LEU S 647 -3.90 -49.30 -28.24
C LEU S 647 -4.32 -50.75 -28.07
N ALA S 648 -4.38 -51.15 -26.78
CA ALA S 648 -4.82 -52.51 -26.50
C ALA S 648 -6.21 -52.77 -27.07
N ALA S 649 -7.12 -51.78 -26.98
CA ALA S 649 -8.48 -51.89 -27.50
C ALA S 649 -8.47 -51.97 -29.03
N PHE S 650 -7.58 -51.25 -29.68
CA PHE S 650 -7.44 -51.31 -31.13
C PHE S 650 -6.91 -52.68 -31.57
N GLY S 651 -6.05 -53.33 -30.74
CA GLY S 651 -5.36 -54.57 -31.04
C GLY S 651 -6.26 -55.79 -30.95
N LYS S 652 -7.50 -55.67 -30.56
CA LYS S 652 -8.30 -56.90 -30.55
C LYS S 652 -8.80 -57.25 -31.95
N SER S 653 -7.92 -57.21 -32.95
CA SER S 653 -8.33 -57.45 -34.34
C SER S 653 -7.14 -57.72 -35.23
N PRO S 654 -7.14 -58.88 -35.85
CA PRO S 654 -5.93 -59.64 -36.08
C PRO S 654 -4.90 -59.00 -36.97
N GLU S 655 -5.28 -58.45 -38.11
CA GLU S 655 -4.24 -57.94 -38.99
C GLU S 655 -3.59 -56.68 -38.50
N ILE S 656 -4.37 -55.79 -37.93
CA ILE S 656 -3.81 -54.57 -37.38
C ILE S 656 -2.61 -54.92 -36.54
N ALA S 657 -2.63 -56.08 -35.94
CA ALA S 657 -1.59 -56.54 -35.03
C ALA S 657 -0.26 -56.71 -35.75
N ALA S 658 -0.27 -57.31 -36.98
CA ALA S 658 0.93 -57.53 -37.77
C ALA S 658 1.63 -56.21 -38.09
N SER S 659 0.85 -55.22 -38.54
CA SER S 659 1.37 -53.89 -38.86
C SER S 659 1.88 -53.17 -37.61
N LEU S 660 1.18 -53.39 -36.50
CA LEU S 660 1.55 -52.77 -35.22
C LEU S 660 2.89 -53.27 -34.73
N TRP S 661 3.24 -54.60 -34.85
CA TRP S 661 4.53 -55.16 -34.48
C TRP S 661 5.67 -54.47 -35.23
N GLN S 662 5.46 -54.30 -36.56
CA GLN S 662 6.46 -53.66 -37.41
C GLN S 662 6.69 -52.20 -37.00
N SER S 663 5.55 -51.54 -36.72
CA SER S 663 5.60 -50.15 -36.30
C SER S 663 6.30 -49.99 -34.95
N LEU S 664 6.04 -50.89 -33.98
CA LEU S 664 6.65 -50.87 -32.65
C LEU S 664 8.15 -51.05 -32.75
N GLU S 665 8.61 -51.94 -33.73
CA GLU S 665 10.04 -52.20 -33.94
C GLU S 665 10.74 -50.97 -34.53
N TYR S 666 10.07 -50.24 -35.34
CA TYR S 666 10.63 -49.07 -36.00
C TYR S 666 10.69 -47.88 -35.05
N THR S 667 9.66 -47.76 -34.19
CA THR S 667 9.52 -46.61 -33.31
C THR S 667 10.45 -46.75 -32.10
N GLN S 668 11.03 -47.91 -31.88
CA GLN S 668 11.95 -48.25 -30.80
C GLN S 668 11.46 -47.68 -29.46
N ILE S 669 10.03 -47.78 -29.25
CA ILE S 669 9.49 -47.41 -27.96
C ILE S 669 10.25 -48.12 -26.84
N LEU S 670 10.33 -49.47 -27.10
CA LEU S 670 11.32 -50.23 -26.35
C LEU S 670 12.65 -50.29 -27.11
N GLN S 671 13.67 -49.79 -26.56
CA GLN S 671 14.97 -49.77 -27.23
C GLN S 671 15.48 -51.19 -27.49
N THR S 672 15.35 -51.64 -28.75
CA THR S 672 15.79 -53.01 -29.15
C THR S 672 17.32 -53.02 -29.30
N VAL S 673 17.84 -52.22 -30.23
CA VAL S 673 19.31 -52.16 -30.48
C VAL S 673 19.81 -50.78 -30.02
N ARG S 674 20.85 -50.74 -29.19
CA ARG S 674 21.39 -49.45 -28.68
C ARG S 674 21.91 -48.63 -29.86
N ALA S 675 21.58 -47.34 -29.89
CA ALA S 675 22.01 -46.42 -30.97
C ALA S 675 22.82 -45.27 -30.36
N THR S 676 24.01 -44.99 -30.92
CA THR S 676 24.88 -43.89 -30.44
C THR S 676 25.17 -44.06 -28.94
N GLY S 677 25.49 -45.29 -28.51
CA GLY S 677 25.80 -45.57 -27.09
C GLY S 677 24.66 -45.15 -26.18
N LEU S 678 23.41 -45.48 -26.56
CA LEU S 678 22.22 -45.12 -25.74
C LEU S 678 22.33 -45.81 -24.37
N ARG S 679 22.76 -47.07 -24.37
CA ARG S 679 22.97 -47.86 -23.12
C ARG S 679 21.67 -47.93 -22.31
N GLN S 680 21.76 -47.56 -21.02
CA GLN S 680 20.61 -47.59 -20.07
C GLN S 680 19.58 -46.50 -20.38
N GLY S 681 18.34 -46.71 -19.93
CA GLY S 681 17.22 -45.78 -20.15
C GLY S 681 16.89 -45.61 -21.62
N VAL S 682 16.71 -44.36 -22.07
CA VAL S 682 16.36 -44.05 -23.49
C VAL S 682 15.18 -44.95 -23.89
N GLY S 683 14.09 -44.90 -23.11
CA GLY S 683 12.93 -45.73 -23.35
C GLY S 683 12.19 -46.12 -22.10
N ILE S 684 11.31 -47.08 -22.12
CA ILE S 684 10.42 -47.52 -21.04
C ILE S 684 11.26 -48.01 -19.86
N GLU S 685 12.48 -48.53 -20.18
CA GLU S 685 13.35 -49.00 -19.09
C GLU S 685 13.78 -47.85 -18.19
N VAL S 686 14.18 -46.66 -18.68
CA VAL S 686 14.57 -45.47 -17.92
C VAL S 686 13.36 -44.91 -17.17
N GLU S 687 12.19 -44.95 -17.88
CA GLU S 687 10.96 -44.45 -17.25
C GLU S 687 10.58 -45.29 -16.03
N LEU S 688 10.74 -46.56 -16.19
CA LEU S 688 10.47 -47.49 -15.09
C LEU S 688 11.40 -47.23 -13.91
N ASN S 689 12.74 -47.07 -14.19
CA ASN S 689 13.74 -46.98 -13.13
C ASN S 689 13.78 -45.60 -12.51
N GLU S 690 13.55 -44.50 -13.22
CA GLU S 690 13.75 -43.14 -12.75
C GLU S 690 12.42 -42.49 -12.35
N ILE S 691 11.33 -42.77 -13.16
CA ILE S 691 10.08 -42.02 -12.97
C ILE S 691 9.13 -42.84 -12.10
N GLU S 692 8.74 -44.14 -12.53
CA GLU S 692 7.75 -44.97 -11.84
C GLU S 692 8.26 -45.42 -10.47
N SER S 693 9.64 -45.73 -10.43
CA SER S 693 10.22 -46.19 -9.17
C SER S 693 10.20 -45.07 -8.12
N ARG S 694 10.35 -43.82 -8.51
CA ARG S 694 10.31 -42.67 -7.61
C ARG S 694 8.88 -42.41 -7.14
N CYS S 695 7.91 -42.58 -8.12
CA CYS S 695 6.51 -42.30 -7.82
C CYS S 695 5.90 -43.45 -7.02
N GLU S 696 6.62 -44.59 -7.00
CA GLU S 696 6.20 -45.81 -6.32
C GLU S 696 4.87 -46.32 -6.88
N GLU S 697 4.49 -45.87 -8.10
CA GLU S 697 3.35 -46.36 -8.88
C GLU S 697 3.80 -46.85 -10.25
N TYR S 698 3.16 -47.99 -10.78
CA TYR S 698 3.70 -48.61 -11.98
C TYR S 698 2.63 -48.74 -13.06
N PRO S 699 1.95 -47.72 -13.51
CA PRO S 699 0.90 -47.81 -14.52
C PRO S 699 1.47 -48.10 -15.92
N LEU S 700 2.54 -47.49 -16.23
CA LEU S 700 3.17 -47.62 -17.54
C LEU S 700 3.64 -49.05 -17.78
N THR S 701 4.30 -49.67 -16.80
CA THR S 701 4.79 -51.04 -16.86
C THR S 701 3.64 -52.01 -17.05
N ARG S 702 2.62 -51.80 -16.40
CA ARG S 702 1.45 -52.68 -16.48
C ARG S 702 0.80 -52.60 -17.85
N ALA S 703 0.67 -51.39 -18.30
CA ALA S 703 0.06 -51.19 -19.61
C ALA S 703 0.89 -51.81 -20.71
N PHE S 704 2.21 -51.67 -20.56
CA PHE S 704 3.13 -52.26 -21.52
C PHE S 704 3.00 -53.78 -21.54
N CYS S 705 2.91 -54.40 -20.37
CA CYS S 705 2.74 -55.83 -20.25
C CYS S 705 1.43 -56.28 -20.88
N GLN S 706 0.41 -55.47 -20.68
CA GLN S 706 -0.89 -55.75 -21.28
C GLN S 706 -0.81 -55.71 -22.80
N LEU S 707 -0.16 -54.79 -23.31
CA LEU S 707 0.03 -54.68 -24.76
C LEU S 707 0.76 -55.92 -25.30
N ILE S 708 1.85 -56.27 -24.63
CA ILE S 708 2.64 -57.42 -25.06
C ILE S 708 1.80 -58.69 -24.97
N SER S 709 1.15 -58.80 -23.89
CA SER S 709 0.29 -59.97 -23.69
C SER S 709 -0.72 -60.10 -24.83
N THR S 710 -1.41 -59.01 -25.23
CA THR S 710 -2.39 -58.99 -26.31
C THR S 710 -1.73 -59.30 -27.66
N LEU S 711 -0.60 -58.83 -27.87
CA LEU S 711 0.11 -59.03 -29.13
C LEU S 711 0.58 -60.46 -29.28
N VAL S 712 1.01 -61.05 -28.16
CA VAL S 712 1.49 -62.42 -28.17
C VAL S 712 0.33 -63.38 -28.46
N GLU S 713 -0.83 -62.99 -28.03
CA GLU S 713 -2.03 -63.79 -28.27
C GLU S 713 -2.36 -63.84 -29.76
N SER S 714 -2.14 -62.81 -30.52
CA SER S 714 -2.46 -62.68 -31.94
C SER S 714 -1.32 -63.18 -32.81
N SER S 715 -0.27 -63.63 -32.14
CA SER S 715 0.87 -64.17 -32.82
C SER S 715 1.85 -63.90 -31.76
N PHE S 716 2.56 -64.89 -31.29
CA PHE S 716 3.95 -64.65 -31.15
C PHE S 716 4.22 -64.24 -32.54
N PRO S 717 4.56 -62.95 -32.80
CA PRO S 717 4.78 -62.68 -34.21
C PRO S 717 6.06 -63.26 -34.70
N THR S 718 6.44 -62.87 -35.89
CA THR S 718 7.62 -63.47 -36.44
C THR S 718 8.69 -62.47 -36.66
N ASN S 719 9.58 -62.75 -37.58
CA ASN S 719 10.72 -61.88 -37.82
C ASN S 719 10.39 -60.44 -37.56
N LEU S 720 10.87 -59.91 -36.43
CA LEU S 720 10.52 -58.57 -36.06
C LEU S 720 11.65 -57.63 -36.33
N GLY S 721 12.09 -57.54 -37.57
CA GLY S 721 13.08 -56.56 -37.91
C GLY S 721 14.43 -56.95 -38.39
N ALA S 722 14.59 -57.14 -39.69
CA ALA S 722 15.90 -57.41 -40.23
C ALA S 722 16.64 -56.12 -40.30
N GLY S 723 17.92 -56.18 -40.63
CA GLY S 723 18.72 -54.97 -40.76
C GLY S 723 19.06 -54.30 -39.47
N LEU S 724 18.07 -54.14 -38.60
CA LEU S 724 18.31 -53.57 -37.31
C LEU S 724 19.02 -54.62 -36.49
N ARG S 725 18.28 -55.38 -35.69
CA ARG S 725 18.88 -56.39 -34.85
C ARG S 725 19.19 -57.60 -35.65
N ALA S 726 18.76 -58.75 -35.17
CA ALA S 726 18.88 -59.96 -35.95
C ALA S 726 17.71 -60.77 -35.47
N PRO S 727 16.55 -60.64 -36.11
CA PRO S 727 15.32 -61.29 -35.71
C PRO S 727 15.02 -61.48 -34.25
N GLY S 728 14.12 -62.41 -33.97
CA GLY S 728 13.80 -62.75 -32.60
C GLY S 728 12.89 -61.92 -31.78
N PHE S 729 12.14 -62.54 -30.90
CA PHE S 729 11.34 -61.80 -29.96
C PHE S 729 12.23 -61.80 -28.74
N GLU S 730 13.51 -62.11 -28.89
CA GLU S 730 14.44 -62.20 -27.74
C GLU S 730 14.51 -60.99 -26.81
N PRO S 731 14.70 -59.79 -27.37
CA PRO S 731 14.86 -58.70 -26.43
C PRO S 731 13.72 -58.43 -25.51
N TYR S 732 12.53 -58.49 -26.05
CA TYR S 732 11.43 -58.11 -25.21
C TYR S 732 11.42 -59.04 -24.05
N LEU S 733 11.72 -60.29 -24.31
CA LEU S 733 11.66 -61.25 -23.25
C LEU S 733 12.60 -60.88 -22.16
N GLN S 734 13.86 -60.68 -22.50
CA GLN S 734 14.85 -60.35 -21.51
C GLN S 734 14.30 -59.27 -20.70
N PHE S 735 13.94 -58.19 -21.37
CA PHE S 735 13.50 -57.04 -20.62
C PHE S 735 12.51 -57.47 -19.61
N LEU S 736 11.36 -57.91 -20.09
CA LEU S 736 10.29 -58.28 -19.22
C LEU S 736 10.82 -58.99 -18.07
N ARG S 737 11.30 -60.18 -18.32
CA ARG S 737 11.73 -61.02 -17.24
C ARG S 737 12.49 -60.29 -16.23
N ASP S 738 13.70 -59.94 -16.62
CA ASP S 738 14.56 -59.36 -15.63
C ASP S 738 13.88 -58.32 -14.83
N THR S 739 13.50 -57.28 -15.54
CA THR S 739 13.03 -56.16 -14.78
C THR S 739 11.93 -56.48 -13.85
N VAL S 740 10.88 -57.00 -14.43
CA VAL S 740 9.76 -57.13 -13.56
C VAL S 740 9.96 -58.14 -12.44
N PHE S 741 10.64 -59.24 -12.65
CA PHE S 741 10.77 -60.17 -11.53
C PHE S 741 11.60 -59.58 -10.41
N LEU S 742 12.72 -58.98 -10.82
CA LEU S 742 13.57 -58.42 -9.82
C LEU S 742 12.69 -57.59 -8.99
N ARG S 743 11.96 -56.72 -9.65
CA ARG S 743 11.18 -55.79 -8.89
C ARG S 743 10.22 -56.45 -8.00
N TYR S 744 9.31 -57.18 -8.59
CA TYR S 744 8.34 -57.94 -7.91
C TYR S 744 8.83 -58.23 -6.59
N ARG S 745 10.11 -58.58 -6.47
CA ARG S 745 10.65 -58.69 -5.11
C ARG S 745 10.83 -57.35 -4.34
N THR S 746 11.75 -56.49 -4.77
CA THR S 746 12.05 -55.21 -4.05
C THR S 746 12.01 -53.87 -4.80
N ARG S 747 10.99 -53.06 -4.52
CA ARG S 747 10.85 -51.75 -5.14
C ARG S 747 9.63 -51.21 -4.48
N ALA S 748 9.72 -50.05 -3.89
CA ALA S 748 8.60 -49.53 -3.11
C ALA S 748 7.31 -49.39 -3.84
N TYR S 749 6.24 -49.54 -3.09
CA TYR S 749 4.95 -49.44 -3.68
C TYR S 749 4.10 -48.67 -2.73
N ARG S 750 3.76 -47.45 -3.09
CA ARG S 750 2.86 -46.68 -2.27
C ARG S 750 1.66 -47.54 -1.95
N ARG S 751 1.05 -48.14 -2.98
CA ARG S 751 -0.09 -49.04 -2.77
C ARG S 751 0.38 -50.49 -2.65
N ALA S 752 0.05 -51.04 -1.50
CA ALA S 752 0.55 -52.39 -1.22
C ALA S 752 0.07 -53.38 -2.27
N ALA S 753 -1.11 -53.15 -2.87
CA ALA S 753 -1.74 -54.05 -3.84
C ALA S 753 -0.97 -54.07 -5.16
N GLU S 754 -0.27 -52.95 -5.49
CA GLU S 754 0.41 -52.76 -6.77
C GLU S 754 1.59 -53.71 -6.90
N LYS S 755 2.10 -54.01 -5.79
CA LYS S 755 3.21 -54.96 -5.76
C LYS S 755 2.83 -56.26 -6.45
N TRP S 756 1.72 -56.81 -6.19
CA TRP S 756 1.25 -58.10 -6.70
C TRP S 756 0.72 -57.95 -8.12
N GLU S 757 0.27 -56.76 -8.48
CA GLU S 757 -0.22 -56.51 -9.83
C GLU S 757 0.91 -56.59 -10.85
N VAL S 758 2.06 -56.04 -10.45
CA VAL S 758 3.24 -56.07 -11.31
C VAL S 758 3.71 -57.51 -11.52
N ALA S 759 3.69 -58.27 -10.44
CA ALA S 759 4.09 -59.68 -10.50
C ALA S 759 3.16 -60.47 -11.40
N GLU S 760 1.91 -60.22 -11.23
CA GLU S 760 0.88 -60.90 -12.02
C GLU S 760 1.07 -60.60 -13.51
N ALA S 761 1.28 -59.38 -13.89
CA ALA S 761 1.39 -58.94 -15.27
C ALA S 761 2.58 -59.60 -15.97
N VAL S 762 3.71 -59.73 -15.29
CA VAL S 762 4.93 -60.30 -15.86
C VAL S 762 4.77 -61.81 -16.01
N LEU S 763 4.25 -62.45 -14.97
CA LEU S 763 4.09 -63.90 -14.95
C LEU S 763 3.09 -64.35 -16.01
N ASP S 764 2.16 -63.49 -16.29
CA ASP S 764 1.19 -63.76 -17.34
C ASP S 764 1.89 -63.89 -18.70
N VAL S 765 2.81 -63.07 -18.97
CA VAL S 765 3.57 -63.09 -20.22
C VAL S 765 4.43 -64.36 -20.27
N PHE S 766 5.16 -64.67 -19.13
CA PHE S 766 6.01 -65.86 -19.06
C PHE S 766 5.20 -67.12 -19.33
N TYR S 767 4.07 -67.15 -18.73
CA TYR S 767 3.21 -68.31 -18.87
C TYR S 767 2.78 -68.50 -20.33
N LYS S 768 2.34 -67.44 -21.01
CA LYS S 768 1.88 -67.50 -22.40
C LYS S 768 3.02 -67.92 -23.33
N LEU S 769 4.24 -67.47 -23.07
CA LEU S 769 5.40 -67.79 -23.89
C LEU S 769 5.76 -69.27 -23.77
N LEU S 770 5.69 -69.83 -22.54
CA LEU S 770 6.04 -71.23 -22.31
C LEU S 770 4.94 -72.16 -22.81
N LYS S 771 3.69 -71.73 -22.65
CA LYS S 771 2.52 -72.54 -23.08
C LYS S 771 2.45 -72.56 -24.62
N ASP S 772 2.61 -71.39 -25.24
CA ASP S 772 2.55 -71.25 -26.71
C ASP S 772 3.68 -72.03 -27.40
N TYR S 773 4.86 -72.07 -26.79
CA TYR S 773 6.03 -72.76 -27.40
C TYR S 773 5.74 -74.25 -27.61
N GLU S 774 6.08 -74.75 -28.80
CA GLU S 774 6.24 -76.21 -29.07
C GLU S 774 7.61 -76.43 -29.71
N PRO S 775 8.38 -77.47 -29.35
CA PRO S 775 9.72 -77.66 -29.95
C PRO S 775 9.85 -78.93 -30.81
N GLN S 776 10.37 -78.76 -32.03
CA GLN S 776 10.60 -79.88 -32.98
C GLN S 776 12.00 -79.75 -33.58
N PRO S 777 13.10 -80.62 -33.08
CA PRO S 777 14.52 -80.94 -33.19
C PRO S 777 15.37 -79.74 -33.62
N GLU S 778 14.79 -78.77 -34.41
CA GLU S 778 15.50 -77.61 -34.94
C GLU S 778 15.85 -76.62 -33.83
N ASP S 779 15.16 -76.74 -32.73
CA ASP S 779 15.35 -75.82 -31.62
C ASP S 779 16.67 -76.07 -30.91
N PHE S 780 17.04 -77.31 -30.78
CA PHE S 780 18.23 -77.49 -29.99
C PHE S 780 19.40 -77.34 -30.93
N VAL S 781 19.14 -77.16 -32.22
CA VAL S 781 20.22 -76.86 -33.13
C VAL S 781 20.32 -75.36 -33.00
N ASP S 782 21.51 -74.82 -32.78
CA ASP S 782 21.62 -73.35 -32.61
C ASP S 782 22.62 -72.68 -33.56
N GLN S 783 22.37 -71.43 -33.92
CA GLN S 783 23.25 -70.72 -34.87
C GLN S 783 23.83 -69.43 -34.33
N TYR S 784 24.98 -69.05 -34.88
CA TYR S 784 25.62 -67.83 -34.42
C TYR S 784 25.57 -66.76 -35.49
N VAL S 785 24.82 -65.69 -35.22
CA VAL S 785 24.68 -64.60 -36.17
C VAL S 785 25.78 -63.57 -35.94
N GLU S 786 26.45 -63.12 -37.05
CA GLU S 786 27.49 -62.11 -36.99
C GLU S 786 26.90 -60.70 -36.87
N LEU S 787 27.00 -60.13 -35.64
CA LEU S 787 26.55 -58.77 -35.38
C LEU S 787 27.73 -57.85 -35.09
N GLN S 788 28.01 -56.66 -35.89
CA GLN S 788 29.07 -55.68 -35.69
C GLN S 788 30.42 -56.36 -35.48
N GLY S 789 30.79 -57.53 -36.19
CA GLY S 789 32.08 -58.19 -36.16
C GLY S 789 32.21 -59.20 -35.04
N GLU S 790 31.20 -59.48 -34.10
CA GLU S 790 31.17 -60.46 -33.02
C GLU S 790 30.07 -61.49 -33.25
N GLU S 791 30.43 -62.81 -33.25
CA GLU S 791 29.47 -63.91 -33.36
C GLU S 791 28.59 -64.00 -32.11
N ARG S 792 27.30 -63.89 -32.25
CA ARG S 792 26.51 -64.07 -31.06
C ARG S 792 25.52 -65.16 -31.29
N VAL S 793 25.37 -66.02 -30.30
CA VAL S 793 24.36 -67.04 -30.41
C VAL S 793 23.11 -66.29 -30.63
N ALA S 794 22.32 -66.74 -31.57
CA ALA S 794 21.12 -66.01 -31.90
C ALA S 794 20.05 -66.24 -30.92
N PHE S 795 18.84 -66.12 -31.38
CA PHE S 795 17.77 -66.17 -30.44
C PHE S 795 16.83 -67.34 -30.59
N LYS S 796 17.13 -68.43 -29.94
CA LYS S 796 16.22 -69.57 -29.80
C LYS S 796 14.80 -69.11 -29.47
N PRO S 797 13.83 -69.96 -29.69
CA PRO S 797 12.53 -69.42 -29.33
C PRO S 797 12.33 -68.98 -27.92
N PRO S 798 11.24 -68.24 -27.77
CA PRO S 798 10.88 -67.76 -26.47
C PRO S 798 11.01 -68.84 -25.52
N GLY S 799 10.31 -69.91 -25.80
CA GLY S 799 10.32 -70.95 -24.82
C GLY S 799 11.46 -71.91 -24.72
N PHE S 800 12.30 -72.09 -25.72
CA PHE S 800 13.46 -72.92 -25.54
C PHE S 800 14.03 -72.18 -24.42
N SER S 801 14.15 -70.87 -24.56
CA SER S 801 14.81 -70.24 -23.44
C SER S 801 14.06 -70.37 -22.12
N LEU S 802 12.75 -70.19 -22.17
CA LEU S 802 12.01 -70.21 -20.93
C LEU S 802 12.28 -71.51 -20.25
N MET S 803 12.20 -72.57 -20.99
CA MET S 803 12.35 -73.87 -20.39
C MET S 803 13.77 -74.17 -19.92
N HIS S 804 14.80 -73.76 -20.63
CA HIS S 804 16.11 -74.03 -20.09
C HIS S 804 16.15 -73.39 -18.77
N HIS S 805 15.76 -72.13 -18.70
CA HIS S 805 15.91 -71.56 -17.36
C HIS S 805 15.10 -72.37 -16.36
N LEU S 806 13.98 -73.15 -16.33
CA LEU S 806 13.20 -73.86 -15.35
C LEU S 806 13.80 -75.17 -14.82
N LEU S 807 14.52 -75.85 -15.71
CA LEU S 807 15.20 -77.12 -15.39
C LEU S 807 16.48 -76.96 -14.65
N ASN S 808 16.77 -75.77 -14.20
CA ASN S 808 17.92 -75.59 -13.37
C ASN S 808 17.35 -74.70 -12.29
N GLU S 809 18.16 -74.28 -11.34
CA GLU S 809 17.59 -73.52 -10.23
C GLU S 809 17.76 -72.02 -10.39
N SER S 810 17.77 -71.52 -11.60
CA SER S 810 17.82 -70.08 -11.77
C SER S 810 16.74 -69.50 -10.92
N PRO S 811 16.97 -68.30 -10.46
CA PRO S 811 16.01 -67.72 -9.54
C PRO S 811 14.60 -67.83 -9.98
N MET S 812 14.33 -67.95 -11.25
CA MET S 812 12.97 -67.96 -11.69
C MET S 812 12.27 -68.95 -10.86
N LEU S 813 12.83 -70.14 -10.85
CA LEU S 813 12.19 -71.19 -10.14
C LEU S 813 12.08 -70.78 -8.75
N GLU S 814 13.19 -70.34 -8.21
CA GLU S 814 13.19 -70.02 -6.83
C GLU S 814 12.09 -69.07 -6.65
N LEU S 815 12.14 -68.05 -7.47
CA LEU S 815 11.13 -67.01 -7.28
C LEU S 815 9.73 -67.60 -7.39
N CYS S 816 9.49 -68.46 -8.42
CA CYS S 816 8.21 -69.12 -8.57
C CYS S 816 7.85 -69.91 -7.31
N LEU S 817 8.80 -70.65 -6.77
CA LEU S 817 8.61 -71.45 -5.56
C LEU S 817 8.37 -70.54 -4.35
N SER S 818 9.07 -69.42 -4.29
CA SER S 818 8.91 -68.44 -3.22
C SER S 818 7.52 -67.81 -3.27
N LEU S 819 7.07 -67.48 -4.53
CA LEU S 819 5.75 -66.92 -4.73
C LEU S 819 4.67 -67.88 -4.24
N MET S 820 4.81 -69.13 -4.47
CA MET S 820 3.89 -70.16 -4.02
C MET S 820 3.87 -70.25 -2.50
N GLU S 821 5.03 -70.22 -1.91
CA GLU S 821 5.13 -70.23 -0.46
C GLU S 821 4.44 -69.01 0.15
N GLU S 822 4.73 -67.85 -0.43
CA GLU S 822 4.10 -66.61 0.01
C GLU S 822 2.59 -66.66 -0.15
N GLY S 823 2.18 -67.27 -1.25
CA GLY S 823 0.76 -67.41 -1.51
C GLY S 823 0.04 -68.22 -0.44
N VAL S 824 0.60 -69.31 -0.05
CA VAL S 824 0.00 -70.21 0.92
C VAL S 824 0.02 -69.56 2.31
N THR S 825 1.09 -68.84 2.65
CA THR S 825 1.23 -68.17 3.94
C THR S 825 0.16 -67.09 4.09
N GLN S 826 -0.03 -66.36 2.97
CA GLN S 826 -1.01 -65.28 2.99
C GLN S 826 -2.44 -65.85 3.04
N LEU S 827 -2.59 -66.98 2.31
CA LEU S 827 -3.92 -67.59 2.27
C LEU S 827 -4.25 -68.25 3.61
N ASP S 828 -3.24 -68.69 4.35
CA ASP S 828 -3.40 -69.34 5.65
C ASP S 828 -3.86 -68.33 6.71
N THR S 829 -3.67 -67.03 6.43
CA THR S 829 -4.10 -65.98 7.35
C THR S 829 -5.61 -65.78 7.28
N TYR S 830 -6.19 -66.23 6.16
CA TYR S 830 -7.65 -66.14 5.91
C TYR S 830 -8.14 -64.69 6.08
N ALA S 831 -7.23 -63.79 6.42
CA ALA S 831 -7.58 -62.35 6.59
C ALA S 831 -7.92 -61.74 5.23
N PRO S 832 -8.84 -60.74 5.15
CA PRO S 832 -9.17 -60.16 3.85
C PRO S 832 -8.19 -59.05 3.46
N PHE S 833 -6.95 -59.42 3.11
CA PHE S 833 -5.99 -58.47 2.51
C PHE S 833 -6.42 -58.13 1.08
N PRO S 834 -6.15 -56.91 0.59
CA PRO S 834 -6.36 -56.62 -0.84
C PRO S 834 -5.33 -57.36 -1.72
N GLY S 835 -5.75 -57.81 -2.90
CA GLY S 835 -4.86 -58.52 -3.83
C GLY S 835 -4.95 -60.03 -3.70
N LYS S 836 -5.76 -60.52 -2.76
CA LYS S 836 -5.92 -61.95 -2.54
C LYS S 836 -6.24 -62.66 -3.85
N LYS S 837 -7.17 -62.15 -4.67
CA LYS S 837 -7.58 -62.76 -5.93
C LYS S 837 -6.42 -62.79 -6.92
N HIS S 838 -5.80 -61.63 -7.02
CA HIS S 838 -4.75 -61.48 -7.98
C HIS S 838 -3.74 -62.51 -7.71
N LEU S 839 -3.58 -62.76 -6.43
CA LEU S 839 -2.56 -63.70 -6.09
C LEU S 839 -3.04 -65.01 -6.53
N GLU S 840 -4.33 -65.24 -6.42
CA GLU S 840 -4.82 -66.53 -6.77
C GLU S 840 -4.50 -66.75 -8.20
N LYS S 841 -4.78 -65.75 -9.01
CA LYS S 841 -4.59 -65.93 -10.43
C LYS S 841 -3.17 -66.20 -10.74
N ALA S 842 -2.30 -65.47 -10.08
CA ALA S 842 -0.90 -65.62 -10.37
C ALA S 842 -0.38 -66.97 -9.98
N VAL S 843 -0.88 -67.49 -8.88
CA VAL S 843 -0.36 -68.75 -8.41
C VAL S 843 -0.91 -69.83 -9.28
N ALA S 844 -2.05 -69.56 -9.82
CA ALA S 844 -2.65 -70.53 -10.68
C ALA S 844 -1.78 -70.59 -11.88
N TYR S 845 -1.37 -69.43 -12.33
CA TYR S 845 -0.56 -69.38 -13.51
C TYR S 845 0.66 -70.18 -13.23
N CYS S 846 1.20 -69.99 -12.05
CA CYS S 846 2.40 -70.67 -11.72
C CYS S 846 2.26 -72.16 -11.77
N PHE S 847 1.23 -72.67 -11.15
CA PHE S 847 1.06 -74.10 -11.08
C PHE S 847 0.84 -74.68 -12.46
N MET S 848 0.17 -73.92 -13.31
CA MET S 848 -0.13 -74.44 -14.63
C MET S 848 1.17 -74.53 -15.38
N LEU S 849 1.99 -73.52 -15.17
CA LEU S 849 3.28 -73.52 -15.78
C LEU S 849 3.93 -74.77 -15.40
N LEU S 850 3.93 -75.02 -14.11
CA LEU S 850 4.61 -76.18 -13.63
C LEU S 850 4.11 -77.45 -14.31
N ASN S 851 2.80 -77.61 -14.36
CA ASN S 851 2.24 -78.80 -14.92
C ASN S 851 2.70 -79.00 -16.34
N LEU S 852 2.57 -78.02 -17.19
CA LEU S 852 2.92 -78.30 -18.57
C LEU S 852 4.35 -78.66 -18.63
N THR S 853 5.04 -78.09 -17.67
CA THR S 853 6.45 -78.24 -17.72
C THR S 853 6.81 -79.68 -17.75
N LEU S 854 6.27 -80.55 -16.93
CA LEU S 854 6.76 -81.93 -16.87
C LEU S 854 6.66 -82.72 -18.16
N GLN S 855 5.60 -82.48 -18.89
CA GLN S 855 5.38 -83.20 -20.11
C GLN S 855 6.36 -82.73 -21.08
N LYS S 856 6.37 -81.42 -21.19
CA LYS S 856 7.25 -80.99 -22.23
C LYS S 856 8.64 -81.35 -21.81
N GLU S 857 8.84 -81.67 -20.55
CA GLU S 857 10.13 -81.96 -19.97
C GLU S 857 10.61 -83.24 -20.42
N ASN S 858 9.79 -84.24 -20.22
CA ASN S 858 10.20 -85.50 -20.75
C ASN S 858 10.61 -85.23 -22.16
N ARG S 859 9.72 -84.54 -22.88
CA ARG S 859 10.06 -84.41 -24.29
C ARG S 859 11.42 -83.81 -24.61
N PHE S 860 11.71 -82.69 -23.99
CA PHE S 860 12.92 -81.99 -24.32
C PHE S 860 14.11 -82.71 -23.84
N MET S 861 13.99 -83.35 -22.71
CA MET S 861 15.14 -83.99 -22.16
C MET S 861 15.50 -84.95 -23.21
N ASP S 862 14.49 -85.67 -23.65
CA ASP S 862 14.76 -86.67 -24.64
C ASP S 862 15.49 -86.05 -25.80
N LEU S 863 14.87 -85.06 -26.42
CA LEU S 863 15.50 -84.50 -27.58
C LEU S 863 16.87 -84.03 -27.24
N LEU S 864 16.97 -83.30 -26.16
CA LEU S 864 18.23 -82.73 -25.70
C LEU S 864 19.35 -83.76 -25.74
N ARG S 865 19.00 -85.07 -25.25
CA ARG S 865 19.98 -86.15 -25.24
C ARG S 865 20.40 -86.53 -26.65
N GLU S 866 19.49 -86.33 -27.62
CA GLU S 866 19.74 -86.69 -29.01
C GLU S 866 20.57 -85.61 -29.71
N SER S 867 20.48 -84.37 -29.36
CA SER S 867 21.07 -83.21 -30.04
C SER S 867 22.53 -83.01 -29.61
N HIS S 868 23.15 -83.67 -28.66
CA HIS S 868 24.50 -83.58 -28.12
C HIS S 868 24.83 -82.17 -27.66
N LEU S 869 23.79 -81.26 -27.30
CA LEU S 869 24.00 -79.96 -26.71
C LEU S 869 24.54 -80.08 -25.29
N SER S 870 25.74 -79.39 -24.90
CA SER S 870 26.40 -79.41 -23.60
C SER S 870 25.50 -78.86 -22.51
N MET S 871 24.13 -78.73 -22.70
CA MET S 871 23.21 -78.17 -21.71
C MET S 871 22.78 -79.23 -20.70
N ILE S 872 23.06 -78.94 -19.34
CA ILE S 872 22.66 -79.85 -18.28
C ILE S 872 21.31 -79.43 -17.71
N VAL S 873 20.30 -80.32 -17.89
CA VAL S 873 18.99 -80.04 -17.33
C VAL S 873 18.66 -81.08 -16.26
N THR S 874 17.89 -80.65 -15.26
CA THR S 874 17.50 -81.51 -14.11
C THR S 874 15.99 -81.79 -14.16
N PRO S 875 15.53 -82.98 -13.70
CA PRO S 875 14.10 -83.28 -13.73
C PRO S 875 13.31 -82.36 -12.78
N LEU S 876 12.06 -82.07 -13.13
CA LEU S 876 11.18 -81.18 -12.31
C LEU S 876 10.97 -81.81 -10.93
N GLU S 877 10.78 -83.13 -10.88
CA GLU S 877 10.58 -83.85 -9.60
C GLU S 877 11.81 -83.67 -8.72
N GLN S 878 13.01 -83.76 -9.32
CA GLN S 878 14.28 -83.58 -8.57
C GLN S 878 14.32 -82.16 -8.00
N LEU S 879 13.90 -81.18 -8.80
CA LEU S 879 13.89 -79.76 -8.36
C LEU S 879 12.92 -79.62 -7.18
N LEU S 880 11.78 -80.29 -7.25
CA LEU S 880 10.75 -80.26 -6.17
C LEU S 880 11.36 -80.86 -4.89
N GLN S 881 12.15 -81.92 -5.04
CA GLN S 881 12.79 -82.61 -3.88
C GLN S 881 13.74 -81.64 -3.17
N GLY S 882 14.46 -80.82 -3.94
CA GLY S 882 15.62 -80.07 -3.39
C GLY S 882 15.19 -79.12 -2.30
N ILE S 883 15.97 -79.07 -1.20
CA ILE S 883 15.68 -78.19 -0.03
C ILE S 883 15.82 -76.73 -0.44
N ASN S 884 14.89 -75.87 0.01
CA ASN S 884 14.96 -74.42 -0.29
C ASN S 884 16.17 -73.84 0.44
N PRO S 885 16.99 -72.97 -0.19
CA PRO S 885 18.16 -72.44 0.50
C PRO S 885 17.82 -71.59 1.74
N ARG S 886 16.84 -70.69 1.63
CA ARG S 886 16.45 -69.83 2.78
C ARG S 886 15.87 -70.70 3.90
N SER S 887 14.99 -71.63 3.53
CA SER S 887 14.34 -72.57 4.49
C SER S 887 15.36 -73.53 5.10
N LYS S 888 16.32 -73.97 4.28
CA LYS S 888 17.39 -74.96 4.66
C LYS S 888 16.75 -76.30 5.06
N LYS S 889 15.65 -76.67 4.38
CA LYS S 889 14.90 -77.93 4.61
C LYS S 889 14.05 -78.23 3.37
N ALA S 890 13.55 -79.45 3.23
CA ALA S 890 12.71 -79.81 2.06
C ALA S 890 11.24 -79.42 2.33
N ASP S 891 10.96 -78.12 2.41
CA ASP S 891 9.58 -77.61 2.67
C ASP S 891 8.90 -77.31 1.33
N ASN S 892 9.63 -77.47 0.22
CA ASN S 892 9.07 -77.22 -1.14
C ASN S 892 7.75 -77.98 -1.28
N VAL S 893 7.78 -79.30 -1.07
CA VAL S 893 6.62 -80.11 -1.17
C VAL S 893 5.62 -79.75 -0.11
N VAL S 894 6.11 -79.58 1.11
CA VAL S 894 5.25 -79.28 2.21
C VAL S 894 4.33 -78.15 1.93
N ASN S 895 4.88 -77.13 1.34
CA ASN S 895 4.07 -75.98 1.13
C ASN S 895 3.01 -76.34 0.13
N ILE S 896 3.39 -76.91 -1.01
CA ILE S 896 2.43 -77.17 -2.09
C ILE S 896 1.23 -77.70 -1.48
N ALA S 897 1.41 -78.78 -0.82
CA ALA S 897 0.37 -79.38 -0.11
C ALA S 897 -0.59 -78.48 0.51
N ARG S 898 -0.11 -77.78 1.47
CA ARG S 898 -0.87 -76.85 2.31
C ARG S 898 -1.97 -76.17 1.52
N TYR S 899 -1.82 -76.09 0.19
CA TYR S 899 -2.82 -75.48 -0.66
C TYR S 899 -4.10 -76.30 -0.67
N LEU S 900 -3.96 -77.63 -0.31
CA LEU S 900 -5.12 -78.51 -0.23
C LEU S 900 -6.03 -78.08 0.91
N CYS S 901 -5.50 -77.41 1.91
CA CYS S 901 -6.27 -76.91 3.06
C CYS S 901 -7.23 -75.83 2.62
N HIS S 902 -6.93 -75.23 1.53
CA HIS S 902 -7.75 -74.15 1.00
C HIS S 902 -8.65 -74.64 -0.13
N GLY S 903 -8.94 -75.90 -0.18
CA GLY S 903 -9.72 -76.53 -1.23
C GLY S 903 -11.13 -75.99 -1.32
N ASN S 904 -11.72 -75.54 -0.17
CA ASN S 904 -13.07 -74.98 -0.18
C ASN S 904 -13.09 -73.54 -0.65
N SER S 905 -11.72 -73.02 -0.04
CA SER S 905 -11.63 -71.59 -0.31
C SER S 905 -11.25 -71.32 -1.76
N ASN S 906 -10.20 -72.14 -2.28
CA ASN S 906 -9.70 -72.03 -3.65
C ASN S 906 -9.57 -73.41 -4.31
N ALA S 907 -10.61 -73.81 -5.01
CA ALA S 907 -10.63 -75.14 -5.55
C ALA S 907 -9.75 -75.33 -6.72
N GLU S 908 -9.47 -74.27 -7.43
CA GLU S 908 -8.73 -74.43 -8.65
C GLU S 908 -7.34 -74.77 -8.27
N LEU S 909 -6.90 -74.04 -7.28
CA LEU S 909 -5.57 -74.25 -6.84
C LEU S 909 -5.51 -75.66 -6.34
N ALA S 910 -6.56 -76.07 -5.66
CA ALA S 910 -6.56 -77.38 -5.09
C ALA S 910 -6.39 -78.44 -6.15
N PHE S 911 -7.14 -78.32 -7.22
CA PHE S 911 -7.06 -79.31 -8.27
C PHE S 911 -5.65 -79.34 -8.80
N GLU S 912 -5.11 -78.17 -9.09
CA GLU S 912 -3.78 -78.21 -9.69
C GLU S 912 -2.80 -78.89 -8.76
N SER S 913 -2.93 -78.60 -7.48
CA SER S 913 -2.02 -79.15 -6.50
C SER S 913 -2.07 -80.64 -6.47
N ALA S 914 -3.28 -81.15 -6.40
CA ALA S 914 -3.40 -82.56 -6.32
C ALA S 914 -2.81 -83.20 -7.53
N LYS S 915 -3.05 -82.57 -8.66
CA LYS S 915 -2.56 -83.13 -9.88
C LYS S 915 -1.06 -83.26 -9.84
N ILE S 916 -0.42 -82.18 -9.46
CA ILE S 916 1.02 -82.21 -9.45
C ILE S 916 1.46 -83.32 -8.51
N LEU S 917 0.82 -83.41 -7.37
CA LEU S 917 1.17 -84.44 -6.40
C LEU S 917 1.13 -85.83 -6.94
N CYS S 918 0.06 -86.17 -7.63
CA CYS S 918 -0.08 -87.49 -8.22
C CYS S 918 0.95 -87.78 -9.29
N SER S 919 1.22 -86.74 -10.04
CA SER S 919 2.23 -86.91 -11.05
C SER S 919 3.51 -87.29 -10.37
N ILE S 920 3.81 -86.59 -9.29
CA ILE S 920 5.02 -86.90 -8.57
C ILE S 920 4.91 -88.35 -8.22
N SER S 921 3.87 -88.70 -7.47
CA SER S 921 3.62 -90.09 -7.07
C SER S 921 4.07 -91.13 -8.07
N CYS S 922 3.70 -90.94 -9.32
CA CYS S 922 4.21 -91.89 -10.35
C CYS S 922 5.72 -92.25 -10.46
N ASN S 923 6.62 -91.79 -9.61
CA ASN S 923 8.02 -92.20 -9.59
C ASN S 923 8.36 -92.97 -8.32
N SER S 924 8.81 -94.27 -8.39
CA SER S 924 9.01 -95.21 -7.30
C SER S 924 10.09 -94.73 -6.34
N LYS S 925 11.20 -94.27 -6.88
CA LYS S 925 12.32 -93.91 -6.02
C LYS S 925 11.94 -92.95 -4.94
N ILE S 926 11.35 -91.84 -5.36
CA ILE S 926 11.02 -90.75 -4.45
C ILE S 926 10.02 -90.93 -3.35
N GLN S 927 9.26 -92.00 -3.42
CA GLN S 927 8.20 -92.16 -2.44
C GLN S 927 8.75 -92.02 -1.05
N GLU S 928 9.93 -92.55 -0.82
CA GLU S 928 10.52 -92.53 0.50
C GLU S 928 10.78 -91.16 1.06
N LYS S 929 11.51 -90.39 0.28
CA LYS S 929 11.82 -89.05 0.69
C LYS S 929 10.52 -88.40 0.97
N ILE S 930 9.56 -88.59 0.09
CA ILE S 930 8.32 -87.87 0.27
C ILE S 930 7.64 -88.18 1.59
N VAL S 931 7.56 -89.47 1.91
CA VAL S 931 6.90 -89.86 3.12
C VAL S 931 7.63 -89.33 4.33
N GLY S 932 8.95 -89.39 4.29
CA GLY S 932 9.70 -88.89 5.42
C GLY S 932 9.36 -87.45 5.64
N ASP S 933 9.33 -86.73 4.53
CA ASP S 933 9.01 -85.33 4.60
C ASP S 933 7.67 -85.13 5.26
N PHE S 934 6.65 -85.79 4.75
CA PHE S 934 5.31 -85.64 5.28
C PHE S 934 5.24 -85.92 6.76
N THR S 935 6.08 -86.82 7.23
CA THR S 935 5.96 -87.22 8.63
C THR S 935 6.89 -86.58 9.63
N GLN S 936 7.88 -85.82 9.18
CA GLN S 936 8.82 -85.28 10.14
C GLN S 936 8.10 -84.61 11.29
N ASP S 937 7.10 -83.79 10.99
CA ASP S 937 6.37 -83.10 12.04
C ASP S 937 5.02 -83.70 12.26
N GLN S 938 4.68 -83.91 13.52
CA GLN S 938 3.39 -84.49 13.83
C GLN S 938 2.29 -83.61 13.33
N ASN S 939 2.40 -82.32 13.56
CA ASN S 939 1.42 -81.44 13.00
C ASN S 939 1.43 -81.65 11.51
N VAL S 940 2.60 -81.59 10.89
CA VAL S 940 2.65 -81.66 9.42
C VAL S 940 1.94 -82.89 8.85
N SER S 941 2.38 -84.07 9.22
CA SER S 941 1.77 -85.25 8.65
C SER S 941 0.29 -85.19 8.85
N GLN S 942 -0.12 -84.94 10.09
CA GLN S 942 -1.53 -84.95 10.40
C GLN S 942 -2.27 -84.10 9.43
N LYS S 943 -1.92 -82.84 9.43
CA LYS S 943 -2.64 -81.92 8.59
C LYS S 943 -2.64 -82.36 7.13
N LEU S 944 -1.49 -82.64 6.53
CA LEU S 944 -1.50 -82.94 5.11
C LEU S 944 -2.47 -84.08 4.83
N MET S 945 -2.33 -85.13 5.60
CA MET S 945 -3.17 -86.28 5.33
C MET S 945 -4.64 -85.99 5.48
N VAL S 946 -5.03 -85.40 6.59
CA VAL S 946 -6.48 -85.27 6.77
C VAL S 946 -7.02 -84.20 5.85
N GLY S 947 -6.17 -83.34 5.35
CA GLY S 947 -6.61 -82.37 4.37
C GLY S 947 -6.94 -83.12 3.10
N PHE S 948 -6.01 -83.91 2.56
CA PHE S 948 -6.37 -84.73 1.39
C PHE S 948 -7.70 -85.37 1.65
N VAL S 949 -7.84 -85.88 2.86
CA VAL S 949 -9.07 -86.62 3.14
C VAL S 949 -10.38 -85.86 3.08
N SER S 950 -10.46 -84.74 3.77
CA SER S 950 -11.68 -83.99 3.78
C SER S 950 -11.90 -83.49 2.38
N CYS S 951 -10.81 -83.27 1.67
CA CYS S 951 -10.93 -82.83 0.30
C CYS S 951 -11.72 -83.82 -0.51
N LEU S 952 -11.31 -85.07 -0.48
CA LEU S 952 -12.17 -86.03 -1.21
C LEU S 952 -13.64 -86.19 -0.73
N ASP S 953 -13.95 -85.79 0.49
CA ASP S 953 -15.32 -85.85 0.94
C ASP S 953 -15.95 -84.70 0.23
N SER S 954 -16.31 -84.91 -1.02
CA SER S 954 -16.85 -83.84 -1.82
C SER S 954 -18.29 -83.58 -1.44
N GLU S 955 -18.49 -82.85 -0.35
CA GLU S 955 -19.82 -82.54 0.09
C GLU S 955 -20.29 -81.30 -0.64
N GLU S 956 -20.57 -81.43 -1.93
CA GLU S 956 -21.01 -80.29 -2.72
C GLU S 956 -22.33 -79.73 -2.23
N ALA S 957 -22.56 -78.44 -2.48
CA ALA S 957 -23.59 -77.66 -1.81
C ALA S 957 -24.84 -78.49 -1.62
N GLU S 958 -25.25 -78.68 -0.38
CA GLU S 958 -26.37 -79.58 -0.12
C GLU S 958 -27.72 -78.90 0.10
N GLU S 959 -27.83 -77.98 1.06
CA GLU S 959 -29.15 -77.41 1.38
C GLU S 959 -29.42 -75.92 1.12
N LEU S 960 -28.46 -75.18 0.59
CA LEU S 960 -28.68 -73.77 0.27
C LEU S 960 -29.48 -73.63 -1.01
N LEU S 961 -30.75 -74.06 -0.99
CA LEU S 961 -31.59 -74.02 -2.19
C LEU S 961 -30.74 -74.42 -3.38
N ASP S 962 -30.21 -75.65 -3.41
CA ASP S 962 -29.45 -76.19 -4.57
C ASP S 962 -27.97 -75.86 -4.70
N SER S 963 -27.19 -76.84 -5.15
CA SER S 963 -25.76 -76.64 -5.36
C SER S 963 -25.50 -75.77 -6.55
N GLU S 964 -26.16 -76.07 -7.66
CA GLU S 964 -25.94 -75.30 -8.87
C GLU S 964 -27.07 -74.30 -9.09
N LYS S 965 -27.23 -73.35 -8.16
CA LYS S 965 -28.24 -72.31 -8.32
C LYS S 965 -27.84 -71.33 -9.40
N GLU S 966 -26.53 -71.12 -9.59
CA GLU S 966 -26.03 -70.17 -10.59
C GLU S 966 -25.89 -70.75 -12.02
N ALA S 967 -24.68 -71.08 -12.47
CA ALA S 967 -24.51 -71.52 -13.87
C ALA S 967 -23.29 -72.41 -14.21
N GLU S 968 -22.61 -72.09 -15.31
CA GLU S 968 -21.39 -72.82 -15.62
C GLU S 968 -20.55 -72.94 -14.37
N ASP S 969 -20.60 -71.93 -13.49
CA ASP S 969 -19.79 -71.92 -12.27
C ASP S 969 -19.78 -73.21 -11.46
N GLN S 970 -20.90 -73.55 -10.84
CA GLN S 970 -20.90 -74.74 -9.97
C GLN S 970 -20.88 -76.03 -10.76
N VAL S 971 -21.19 -75.95 -12.05
CA VAL S 971 -21.08 -77.13 -12.89
C VAL S 971 -19.61 -77.48 -13.01
N LYS S 972 -18.79 -76.47 -13.26
CA LYS S 972 -17.37 -76.71 -13.36
C LYS S 972 -16.85 -76.97 -11.97
N GLN S 973 -17.57 -76.52 -10.94
CA GLN S 973 -17.16 -76.85 -9.60
C GLN S 973 -17.21 -78.33 -9.46
N THR S 974 -18.34 -78.90 -9.83
CA THR S 974 -18.49 -80.32 -9.72
C THR S 974 -17.48 -81.00 -10.61
N ASN S 975 -17.20 -80.42 -11.77
CA ASN S 975 -16.29 -81.05 -12.71
C ASN S 975 -14.92 -81.15 -12.09
N ILE S 976 -14.53 -80.11 -11.40
CA ILE S 976 -13.23 -80.06 -10.80
C ILE S 976 -13.20 -81.01 -9.64
N ARG S 977 -14.27 -81.07 -8.90
CA ARG S 977 -14.31 -81.98 -7.79
C ARG S 977 -14.06 -83.35 -8.34
N TYR S 978 -14.69 -83.65 -9.45
CA TYR S 978 -14.55 -84.95 -10.05
C TYR S 978 -13.14 -85.24 -10.50
N MET S 979 -12.54 -84.30 -11.21
CA MET S 979 -11.21 -84.54 -11.72
C MET S 979 -10.26 -84.75 -10.56
N THR S 980 -10.53 -84.07 -9.47
CA THR S 980 -9.68 -84.18 -8.32
C THR S 980 -9.78 -85.55 -7.76
N LYS S 981 -11.00 -85.97 -7.53
CA LYS S 981 -11.19 -87.30 -7.05
C LYS S 981 -10.37 -88.22 -7.88
N ILE S 982 -10.49 -88.07 -9.18
CA ILE S 982 -9.82 -89.00 -10.06
C ILE S 982 -8.32 -89.03 -9.89
N HIS S 983 -7.71 -87.87 -10.00
CA HIS S 983 -6.28 -87.82 -9.85
C HIS S 983 -5.86 -88.49 -8.52
N ILE S 984 -6.56 -88.17 -7.45
CA ILE S 984 -6.21 -88.75 -6.15
C ILE S 984 -6.26 -90.27 -6.11
N LEU S 985 -7.36 -90.80 -6.58
CA LEU S 985 -7.46 -92.23 -6.54
C LEU S 985 -6.40 -92.89 -7.41
N ASN S 986 -6.11 -92.29 -8.56
CA ASN S 986 -5.14 -92.90 -9.44
C ASN S 986 -3.84 -92.97 -8.71
N LEU S 987 -3.50 -91.86 -8.09
CA LEU S 987 -2.29 -91.82 -7.31
C LEU S 987 -2.22 -92.98 -6.34
N LEU S 988 -3.25 -93.08 -5.52
CA LEU S 988 -3.25 -94.11 -4.52
C LEU S 988 -2.92 -95.42 -5.15
N ILE S 989 -3.71 -95.78 -6.15
CA ILE S 989 -3.50 -97.09 -6.75
C ILE S 989 -2.08 -97.32 -7.16
N THR S 990 -1.58 -96.40 -7.97
CA THR S 990 -0.24 -96.60 -8.47
C THR S 990 0.72 -96.85 -7.34
N SER S 991 0.68 -95.99 -6.35
CA SER S 991 1.55 -96.16 -5.20
C SER S 991 1.53 -97.54 -4.62
N LEU S 992 0.34 -98.06 -4.35
CA LEU S 992 0.21 -99.35 -3.70
C LEU S 992 1.09 -100.39 -4.31
N GLU S 993 1.00 -100.57 -5.61
CA GLU S 993 1.73 -101.63 -6.25
C GLU S 993 3.22 -101.43 -6.27
N MET S 994 3.68 -100.21 -6.08
CA MET S 994 5.11 -99.96 -6.19
C MET S 994 5.90 -100.83 -5.23
N LYS S 995 5.57 -100.70 -3.95
CA LYS S 995 6.34 -101.29 -2.87
C LYS S 995 5.78 -100.80 -1.55
N ALA S 996 6.64 -100.73 -0.53
CA ALA S 996 6.22 -100.24 0.78
C ALA S 996 7.38 -99.54 1.48
N PRO S 997 7.17 -99.07 2.72
CA PRO S 997 6.17 -98.08 3.13
C PRO S 997 5.87 -97.07 2.03
N ASN S 998 4.69 -97.19 1.43
CA ASN S 998 4.38 -96.30 0.33
C ASN S 998 3.42 -95.25 0.75
N LEU S 999 3.44 -94.15 0.01
CA LEU S 999 2.43 -93.13 0.30
C LEU S 999 1.07 -93.76 0.56
N ALA S 1000 0.67 -94.83 -0.13
CA ALA S 1000 -0.62 -95.50 -0.02
C ALA S 1000 -0.81 -96.09 1.37
N MET S 1001 0.36 -96.61 1.97
CA MET S 1001 0.27 -97.22 3.29
C MET S 1001 -0.07 -96.17 4.35
N PHE S 1002 0.51 -94.96 4.21
CA PHE S 1002 0.22 -93.85 5.10
C PHE S 1002 -1.23 -93.39 4.95
N LEU S 1003 -1.72 -93.19 3.72
CA LEU S 1003 -3.05 -92.63 3.44
C LEU S 1003 -4.14 -93.63 3.79
N LEU S 1004 -3.87 -94.97 3.77
CA LEU S 1004 -4.86 -96.01 4.03
C LEU S 1004 -4.92 -96.35 5.51
N GLY S 1005 -3.98 -95.76 6.32
CA GLY S 1005 -4.09 -95.83 7.78
C GLY S 1005 -3.17 -96.87 8.39
N TYR S 1006 -2.20 -97.34 7.60
CA TYR S 1006 -1.22 -98.34 8.08
C TYR S 1006 0.04 -97.61 8.55
N GLU S 1007 0.28 -97.59 9.88
CA GLU S 1007 1.47 -96.90 10.44
C GLU S 1007 2.74 -97.60 9.96
N LEU S 1008 3.73 -96.81 9.53
CA LEU S 1008 5.03 -97.36 9.04
C LEU S 1008 5.75 -98.08 10.19
N LYS S 1009 5.74 -97.48 11.39
CA LYS S 1009 6.42 -98.07 12.57
C LYS S 1009 5.78 -99.42 12.92
N LYS S 1010 4.44 -99.50 12.87
CA LYS S 1010 3.72 -100.75 13.19
C LYS S 1010 3.96 -101.80 12.07
N PRO S 1011 3.95 -103.11 12.37
CA PRO S 1011 4.17 -104.10 11.31
C PRO S 1011 3.03 -104.05 10.29
N VAL S 1012 3.36 -104.15 8.99
CA VAL S 1012 2.33 -104.11 7.91
C VAL S 1012 1.39 -105.32 8.09
N SER S 1013 1.59 -106.07 9.17
CA SER S 1013 0.78 -107.26 9.43
C SER S 1013 0.14 -107.19 10.82
N THR S 1014 0.70 -106.34 11.76
CA THR S 1014 0.24 -106.28 13.13
C THR S 1014 -0.65 -105.05 13.34
N THR S 1015 -0.99 -104.43 12.25
CA THR S 1015 -1.76 -103.20 12.36
C THR S 1015 -3.21 -103.50 12.78
N ASN S 1016 -3.78 -102.75 13.74
CA ASN S 1016 -5.17 -102.84 14.16
C ASN S 1016 -6.01 -101.72 13.57
N LEU S 1017 -6.74 -102.05 12.44
CA LEU S 1017 -7.59 -101.06 11.78
C LEU S 1017 -8.88 -100.84 12.57
N GLN S 1018 -9.26 -99.64 12.86
CA GLN S 1018 -10.43 -99.30 13.65
C GLN S 1018 -11.32 -98.31 12.92
N ASP S 1019 -12.64 -98.25 13.28
CA ASP S 1019 -13.55 -97.25 12.71
C ASP S 1019 -13.10 -95.83 13.05
N SER S 1020 -13.36 -94.94 12.14
CA SER S 1020 -12.97 -93.55 12.34
C SER S 1020 -13.50 -93.01 13.66
N GLY S 1021 -12.58 -92.51 14.60
CA GLY S 1021 -12.97 -91.90 15.86
C GLY S 1021 -12.82 -92.85 17.04
N VAL S 1022 -12.65 -94.17 16.81
CA VAL S 1022 -12.48 -95.16 17.86
C VAL S 1022 -11.01 -95.23 18.28
N LEU S 1023 -10.62 -94.92 19.54
CA LEU S 1023 -9.29 -94.88 20.14
C LEU S 1023 -8.44 -93.78 19.51
N GLY S 1024 -9.11 -92.75 18.92
CA GLY S 1024 -8.40 -91.61 18.36
C GLY S 1024 -7.91 -91.86 16.95
N CYS S 1025 -8.43 -92.92 16.20
CA CYS S 1025 -8.07 -93.23 14.82
C CYS S 1025 -8.63 -92.20 13.85
N PRO S 1026 -7.65 -91.55 13.08
CA PRO S 1026 -8.12 -90.56 12.11
C PRO S 1026 -8.84 -91.19 10.93
N ARG S 1027 -9.76 -90.45 10.32
CA ARG S 1027 -10.41 -90.89 9.09
C ARG S 1027 -9.40 -91.05 7.96
N THR S 1028 -9.24 -92.26 7.51
CA THR S 1028 -8.23 -92.47 6.50
C THR S 1028 -8.93 -92.67 5.23
N CYS S 1029 -8.14 -93.03 4.24
CA CYS S 1029 -8.71 -93.23 2.96
C CYS S 1029 -9.67 -94.36 3.04
N LEU S 1030 -9.41 -95.28 3.93
CA LEU S 1030 -10.26 -96.41 4.01
C LEU S 1030 -11.62 -95.93 4.40
N HIS S 1031 -11.69 -95.25 5.53
CA HIS S 1031 -12.96 -94.79 6.01
C HIS S 1031 -13.62 -94.05 4.89
N SER S 1032 -12.86 -93.21 4.22
CA SER S 1032 -13.46 -92.39 3.19
C SER S 1032 -14.12 -93.15 2.03
N ILE S 1033 -13.39 -94.07 1.40
CA ILE S 1033 -13.92 -94.83 0.28
C ILE S 1033 -15.10 -95.64 0.72
N LEU S 1034 -15.01 -96.09 1.96
CA LEU S 1034 -16.09 -96.87 2.45
C LEU S 1034 -17.33 -96.03 2.46
N ASP S 1035 -17.25 -94.87 3.09
CA ASP S 1035 -18.37 -93.98 3.11
C ASP S 1035 -18.87 -93.79 1.70
N ILE S 1036 -17.94 -93.49 0.79
CA ILE S 1036 -18.30 -93.29 -0.61
C ILE S 1036 -19.24 -94.35 -1.12
N LEU S 1037 -18.74 -95.54 -1.35
CA LEU S 1037 -19.58 -96.54 -2.02
C LEU S 1037 -20.80 -96.85 -1.20
N ARG S 1038 -20.69 -96.66 0.11
CA ARG S 1038 -21.80 -97.00 0.99
C ARG S 1038 -23.05 -96.24 0.65
N LYS S 1039 -22.88 -94.99 0.26
CA LYS S 1039 -24.05 -94.16 0.01
C LYS S 1039 -24.98 -94.86 -0.97
N GLY S 1040 -24.42 -95.56 -1.94
CA GLY S 1040 -25.19 -96.09 -3.05
C GLY S 1040 -25.10 -95.14 -4.21
N THR S 1041 -24.30 -95.48 -5.22
CA THR S 1041 -24.06 -94.54 -6.33
C THR S 1041 -25.11 -94.55 -7.44
N ASP S 1042 -26.34 -94.19 -7.11
CA ASP S 1042 -27.37 -94.06 -8.14
C ASP S 1042 -27.17 -92.70 -8.78
N VAL S 1043 -26.20 -91.95 -8.28
CA VAL S 1043 -25.93 -90.61 -8.78
C VAL S 1043 -25.67 -90.59 -10.26
N ARG S 1044 -26.09 -89.51 -10.91
CA ARG S 1044 -25.84 -89.36 -12.34
C ARG S 1044 -24.36 -89.45 -12.63
N ALA S 1045 -23.53 -89.00 -11.69
CA ALA S 1045 -22.09 -89.08 -11.88
C ALA S 1045 -21.69 -90.49 -12.19
N GLY S 1046 -22.18 -91.45 -11.43
CA GLY S 1046 -21.78 -92.83 -11.62
C GLY S 1046 -20.29 -92.89 -11.44
N PRO S 1047 -19.67 -93.93 -12.05
CA PRO S 1047 -18.23 -93.85 -11.83
C PRO S 1047 -17.51 -93.12 -12.98
N VAL S 1048 -16.76 -92.06 -12.67
CA VAL S 1048 -16.02 -91.19 -13.58
C VAL S 1048 -15.12 -92.02 -14.48
N ALA S 1049 -14.90 -93.24 -14.03
CA ALA S 1049 -14.22 -94.17 -14.87
C ALA S 1049 -14.94 -94.30 -16.19
N VAL S 1050 -16.14 -93.75 -16.33
CA VAL S 1050 -16.92 -93.93 -17.56
C VAL S 1050 -16.14 -93.82 -18.88
N TRP S 1051 -15.39 -92.74 -19.08
CA TRP S 1051 -14.61 -92.60 -20.29
C TRP S 1051 -13.15 -93.01 -20.06
N ASP S 1052 -12.84 -93.43 -18.83
CA ASP S 1052 -11.48 -93.83 -18.50
C ASP S 1052 -11.45 -94.87 -17.38
N THR S 1053 -11.09 -94.46 -16.16
CA THR S 1053 -10.96 -95.40 -15.03
C THR S 1053 -11.12 -94.71 -13.67
N PRO S 1054 -10.96 -95.46 -12.55
CA PRO S 1054 -11.61 -96.61 -11.91
C PRO S 1054 -12.97 -96.26 -11.31
N HIS S 1055 -13.77 -97.27 -10.97
CA HIS S 1055 -15.05 -97.01 -10.34
C HIS S 1055 -14.79 -96.60 -8.94
N LEU S 1056 -13.50 -96.50 -8.56
CA LEU S 1056 -13.08 -96.12 -7.23
C LEU S 1056 -13.29 -97.37 -6.47
N ALA S 1057 -14.52 -97.76 -6.38
CA ALA S 1057 -14.87 -99.05 -5.79
C ALA S 1057 -13.87 -100.13 -6.22
N GLU S 1058 -13.49 -100.05 -7.55
CA GLU S 1058 -12.50 -100.98 -8.07
C GLU S 1058 -11.19 -100.90 -7.27
N LEU S 1059 -10.65 -99.68 -6.98
CA LEU S 1059 -9.40 -99.47 -6.26
C LEU S 1059 -9.51 -99.95 -4.82
N CYS S 1060 -10.69 -99.71 -4.21
CA CYS S 1060 -10.92 -100.17 -2.85
C CYS S 1060 -10.84 -101.69 -2.77
N TYR S 1061 -11.53 -102.44 -3.74
CA TYR S 1061 -11.50 -103.89 -3.78
C TYR S 1061 -10.09 -104.40 -4.02
N GLN S 1062 -9.35 -103.64 -4.83
CA GLN S 1062 -7.97 -104.01 -5.11
C GLN S 1062 -7.10 -103.94 -3.86
N VAL S 1063 -7.22 -102.85 -3.08
CA VAL S 1063 -6.47 -102.70 -1.84
C VAL S 1063 -6.76 -103.86 -0.89
N ILE S 1064 -8.05 -104.28 -0.75
CA ILE S 1064 -8.46 -105.37 0.12
C ILE S 1064 -7.85 -106.68 -0.36
N TYR S 1065 -7.86 -106.93 -1.65
CA TYR S 1065 -7.28 -108.13 -2.21
C TYR S 1065 -5.79 -108.20 -1.93
N GLN S 1066 -5.03 -107.08 -2.14
CA GLN S 1066 -3.57 -107.04 -1.93
C GLN S 1066 -3.22 -107.30 -0.47
N LEU S 1067 -4.19 -107.13 0.41
CA LEU S 1067 -3.91 -107.52 1.80
C LEU S 1067 -2.98 -108.72 1.82
N CYS S 1068 -3.39 -109.79 1.19
CA CYS S 1068 -2.46 -110.90 1.08
C CYS S 1068 -1.88 -110.97 -0.33
N ALA S 1069 -2.56 -110.39 -1.32
CA ALA S 1069 -2.07 -110.52 -2.70
C ALA S 1069 -0.75 -109.85 -2.88
N CYS S 1070 -0.64 -108.58 -2.49
CA CYS S 1070 0.66 -107.95 -2.53
C CYS S 1070 1.25 -108.28 -1.19
N ALA S 1071 1.69 -109.52 -1.04
CA ALA S 1071 2.28 -109.96 0.21
C ALA S 1071 1.42 -109.53 1.39
N ASP S 1072 1.86 -108.47 2.05
CA ASP S 1072 2.11 -108.48 3.46
C ASP S 1072 1.00 -107.81 4.20
N THR S 1073 0.06 -107.26 3.46
CA THR S 1073 -0.98 -106.51 4.14
C THR S 1073 -1.91 -107.47 4.82
N SER S 1074 -1.69 -108.77 4.69
CA SER S 1074 -2.47 -109.81 5.39
C SER S 1074 -3.97 -109.73 5.34
N GLY S 1075 -4.61 -109.72 6.48
CA GLY S 1075 -6.04 -109.53 6.55
C GLY S 1075 -6.56 -108.42 7.42
N PRO S 1076 -5.68 -107.56 8.00
CA PRO S 1076 -6.32 -106.48 8.75
C PRO S 1076 -7.53 -105.92 8.04
N THR S 1077 -7.54 -105.79 6.74
CA THR S 1077 -8.61 -105.19 5.94
C THR S 1077 -9.85 -106.08 5.97
N MET S 1078 -9.71 -107.36 5.73
CA MET S 1078 -10.83 -108.29 5.68
C MET S 1078 -11.49 -108.42 7.05
N ARG S 1079 -10.63 -108.44 8.12
CA ARG S 1079 -11.17 -108.47 9.48
C ARG S 1079 -12.00 -107.23 9.76
N TYR S 1080 -11.50 -106.07 9.31
CA TYR S 1080 -12.18 -104.79 9.50
C TYR S 1080 -13.49 -104.75 8.73
N LEU S 1081 -13.54 -105.22 7.44
CA LEU S 1081 -14.71 -105.21 6.58
C LEU S 1081 -15.79 -106.15 7.12
N ARG S 1082 -15.41 -107.29 7.81
CA ARG S 1082 -16.32 -108.30 8.33
C ARG S 1082 -16.98 -107.83 9.63
N THR S 1083 -16.15 -107.28 10.61
CA THR S 1083 -16.59 -107.05 11.98
C THR S 1083 -17.23 -105.67 12.11
N SER S 1084 -16.66 -104.65 11.49
CA SER S 1084 -17.06 -103.28 11.79
C SER S 1084 -18.12 -102.80 10.79
N GLN S 1085 -18.12 -103.19 9.51
CA GLN S 1085 -18.94 -102.55 8.49
C GLN S 1085 -19.90 -103.55 7.84
N ASP S 1086 -19.80 -104.88 8.14
CA ASP S 1086 -20.57 -105.87 7.38
C ASP S 1086 -20.71 -105.45 5.92
N PHE S 1087 -19.62 -105.11 5.26
CA PHE S 1087 -19.52 -104.44 3.97
C PHE S 1087 -19.97 -105.36 2.84
N LEU S 1088 -19.49 -106.64 2.73
CA LEU S 1088 -19.70 -107.54 1.60
C LEU S 1088 -21.15 -107.99 1.53
N PHE S 1089 -21.74 -108.31 2.69
CA PHE S 1089 -23.14 -108.73 2.72
C PHE S 1089 -24.05 -107.62 2.25
N SER S 1090 -23.85 -106.35 2.71
CA SER S 1090 -24.67 -105.19 2.39
C SER S 1090 -24.58 -104.84 0.91
N GLN S 1091 -23.41 -104.97 0.36
CA GLN S 1091 -23.18 -104.57 -1.02
C GLN S 1091 -23.63 -105.66 -1.98
N LEU S 1092 -23.45 -107.01 -1.70
CA LEU S 1092 -23.76 -108.16 -2.55
C LEU S 1092 -25.26 -108.31 -2.73
N GLN S 1093 -26.07 -107.74 -1.79
CA GLN S 1093 -27.52 -107.83 -1.84
C GLN S 1093 -28.08 -107.05 -3.03
N HIS S 1094 -27.30 -106.17 -3.53
CA HIS S 1094 -27.79 -105.28 -4.56
C HIS S 1094 -27.26 -105.69 -5.94
N LEU S 1095 -26.57 -106.79 -6.11
CA LEU S 1095 -26.11 -107.31 -7.38
C LEU S 1095 -27.25 -108.00 -8.14
N PRO S 1096 -27.41 -107.75 -9.50
CA PRO S 1096 -26.56 -107.07 -10.46
C PRO S 1096 -26.83 -105.57 -10.53
N PHE S 1097 -25.67 -104.75 -10.68
CA PHE S 1097 -25.82 -103.31 -10.89
C PHE S 1097 -26.29 -103.02 -12.29
N SER S 1098 -27.43 -102.36 -12.42
CA SER S 1098 -28.01 -102.13 -13.73
C SER S 1098 -27.52 -100.83 -14.34
N VAL S 1099 -26.21 -100.68 -14.47
CA VAL S 1099 -25.67 -99.48 -15.12
C VAL S 1099 -25.79 -99.68 -16.61
N GLU S 1100 -26.99 -99.46 -17.12
CA GLU S 1100 -27.22 -99.62 -18.53
C GLU S 1100 -26.31 -98.63 -19.17
N GLU S 1101 -26.20 -97.46 -18.55
CA GLU S 1101 -25.34 -96.42 -19.06
C GLU S 1101 -24.09 -96.99 -19.66
N SER S 1102 -23.26 -97.55 -18.80
CA SER S 1102 -22.10 -98.24 -19.28
C SER S 1102 -22.28 -99.61 -18.79
N GLU S 1103 -22.92 -100.37 -19.66
CA GLU S 1103 -23.04 -101.74 -19.38
C GLU S 1103 -21.63 -102.05 -19.03
N ILE S 1104 -20.68 -101.36 -19.67
CA ILE S 1104 -19.28 -101.55 -19.37
C ILE S 1104 -19.00 -101.37 -17.88
N SER S 1105 -19.47 -100.26 -17.32
CA SER S 1105 -19.28 -100.00 -15.90
C SER S 1105 -19.90 -101.05 -15.04
N ALA S 1106 -21.14 -101.40 -15.33
CA ALA S 1106 -21.81 -102.35 -14.49
C ALA S 1106 -20.99 -103.61 -14.48
N MET S 1107 -20.52 -104.02 -15.65
CA MET S 1107 -19.76 -105.24 -15.78
C MET S 1107 -18.48 -105.20 -14.98
N ASN S 1108 -17.75 -104.11 -15.07
CA ASN S 1108 -16.52 -104.01 -14.33
C ASN S 1108 -16.78 -104.07 -12.84
N GLN S 1109 -17.85 -103.42 -12.41
CA GLN S 1109 -18.19 -103.43 -11.02
C GLN S 1109 -18.34 -104.86 -10.62
N MET S 1110 -19.18 -105.54 -11.37
CA MET S 1110 -19.43 -106.91 -11.01
C MET S 1110 -18.14 -107.71 -10.96
N SER S 1111 -17.25 -107.59 -11.93
CA SER S 1111 -16.00 -108.35 -11.98
C SER S 1111 -15.19 -108.16 -10.73
N TRP S 1112 -14.89 -106.92 -10.41
CA TRP S 1112 -14.02 -106.77 -9.27
C TRP S 1112 -14.69 -107.37 -8.03
N LEU S 1113 -15.99 -107.14 -7.90
CA LEU S 1113 -16.69 -107.62 -6.73
C LEU S 1113 -16.46 -109.11 -6.68
N MET S 1114 -16.53 -109.75 -7.84
CA MET S 1114 -16.35 -111.19 -7.88
C MET S 1114 -15.03 -111.60 -7.27
N LYS S 1115 -13.93 -111.19 -7.88
CA LYS S 1115 -12.63 -111.61 -7.39
C LYS S 1115 -12.57 -111.42 -5.90
N THR S 1116 -13.06 -110.26 -5.47
CA THR S 1116 -12.96 -109.97 -4.05
C THR S 1116 -13.69 -110.94 -3.14
N ALA S 1117 -14.99 -111.05 -3.32
CA ALA S 1117 -15.73 -111.93 -2.45
C ALA S 1117 -15.14 -113.33 -2.55
N THR S 1118 -14.62 -113.69 -3.72
CA THR S 1118 -14.01 -115.01 -3.89
C THR S 1118 -12.88 -115.24 -2.93
N ILE S 1119 -11.83 -114.44 -3.06
CA ILE S 1119 -10.73 -114.75 -2.16
C ILE S 1119 -11.23 -114.64 -0.72
N GLU S 1120 -12.19 -113.76 -0.48
CA GLU S 1120 -12.70 -113.61 0.87
C GLU S 1120 -13.18 -114.92 1.42
N LEU S 1121 -14.21 -115.47 0.80
CA LEU S 1121 -14.77 -116.72 1.27
C LEU S 1121 -13.69 -117.76 1.37
N ARG S 1122 -12.80 -117.82 0.38
CA ARG S 1122 -11.78 -118.84 0.40
C ARG S 1122 -11.09 -118.81 1.71
N ILE S 1123 -10.46 -117.69 1.99
CA ILE S 1123 -9.68 -117.66 3.22
C ILE S 1123 -10.55 -117.81 4.48
N THR S 1124 -11.74 -117.24 4.51
CA THR S 1124 -12.55 -117.33 5.72
C THR S 1124 -12.84 -118.77 6.05
N SER S 1125 -13.07 -119.56 5.00
CA SER S 1125 -13.31 -120.96 5.24
C SER S 1125 -12.03 -121.71 5.59
N LEU S 1126 -10.95 -121.47 4.85
CA LEU S 1126 -9.68 -122.09 5.16
C LEU S 1126 -9.46 -121.96 6.62
N ASN S 1127 -10.01 -120.89 7.18
CA ASN S 1127 -9.91 -120.75 8.62
C ASN S 1127 -10.90 -121.70 9.27
N ARG S 1128 -12.22 -121.38 9.29
CA ARG S 1128 -13.25 -122.34 9.84
C ARG S 1128 -14.53 -121.69 10.25
N GLN S 1129 -14.69 -120.45 9.86
CA GLN S 1129 -15.80 -119.59 10.25
C GLN S 1129 -17.08 -120.00 9.55
N ARG S 1130 -17.84 -120.97 10.01
CA ARG S 1130 -18.95 -121.68 9.37
C ARG S 1130 -20.16 -120.78 9.20
N SER S 1131 -20.50 -120.11 10.30
CA SER S 1131 -21.66 -119.27 10.30
C SER S 1131 -21.52 -118.29 9.19
N HIS S 1132 -20.33 -117.74 9.06
CA HIS S 1132 -20.10 -116.76 8.04
C HIS S 1132 -20.32 -117.42 6.71
N THR S 1133 -19.51 -118.42 6.45
CA THR S 1133 -19.60 -119.09 5.18
C THR S 1133 -21.04 -119.51 4.98
N GLN S 1134 -21.69 -119.96 6.05
CA GLN S 1134 -23.04 -120.47 5.94
C GLN S 1134 -23.90 -119.42 5.36
N ARG S 1135 -24.13 -118.35 6.12
CA ARG S 1135 -25.03 -117.33 5.68
C ARG S 1135 -24.70 -117.00 4.25
N LEU S 1136 -23.42 -116.76 3.98
CA LEU S 1136 -23.05 -116.34 2.63
C LEU S 1136 -23.60 -117.24 1.56
N LEU S 1137 -23.09 -118.45 1.53
CA LEU S 1137 -23.51 -119.32 0.43
C LEU S 1137 -24.99 -119.59 0.46
N HIS S 1138 -25.56 -119.69 1.66
CA HIS S 1138 -26.97 -119.99 1.79
C HIS S 1138 -27.66 -119.02 0.93
N LEU S 1139 -27.49 -117.76 1.28
CA LEU S 1139 -28.18 -116.73 0.55
C LEU S 1139 -27.86 -116.85 -0.93
N LEU S 1140 -26.58 -116.76 -1.26
CA LEU S 1140 -26.20 -116.76 -2.67
C LEU S 1140 -26.89 -117.80 -3.53
N LEU S 1141 -27.16 -118.97 -2.98
CA LEU S 1141 -27.74 -120.01 -3.80
C LEU S 1141 -29.24 -120.31 -3.64
N ASP S 1142 -29.84 -120.00 -2.49
CA ASP S 1142 -31.26 -120.42 -2.31
C ASP S 1142 -32.29 -119.72 -3.18
N ASP S 1143 -32.26 -119.95 -4.49
CA ASP S 1143 -33.24 -119.18 -5.26
C ASP S 1143 -34.61 -119.52 -4.70
N MET S 1144 -34.71 -120.61 -3.96
CA MET S 1144 -35.96 -120.99 -3.33
C MET S 1144 -36.52 -119.83 -2.56
N PRO S 1145 -37.79 -119.51 -2.81
CA PRO S 1145 -38.44 -118.40 -2.12
C PRO S 1145 -38.60 -118.61 -0.62
N THR S 1146 -38.11 -117.66 0.18
CA THR S 1146 -38.25 -117.75 1.64
C THR S 1146 -38.76 -116.42 2.18
N ARG S 1147 -38.59 -116.19 3.48
CA ARG S 1147 -39.00 -114.93 4.08
C ARG S 1147 -37.86 -114.29 4.87
N LYS S 1175 -40.75 -119.06 -10.08
CA LYS S 1175 -39.65 -119.67 -9.34
C LYS S 1175 -38.49 -118.69 -9.18
N VAL S 1176 -38.49 -117.68 -8.20
CA VAL S 1176 -37.36 -116.88 -7.74
C VAL S 1176 -36.05 -117.58 -8.10
N ARG S 1177 -35.54 -117.14 -9.22
CA ARG S 1177 -34.28 -117.61 -9.79
C ARG S 1177 -33.11 -117.30 -8.86
N ARG S 1178 -32.23 -118.20 -8.52
CA ARG S 1178 -31.03 -118.02 -7.71
C ARG S 1178 -30.22 -116.81 -8.17
N LYS S 1179 -29.59 -116.04 -7.34
CA LYS S 1179 -28.89 -114.80 -7.65
C LYS S 1179 -27.77 -115.03 -8.67
N ILE S 1180 -27.04 -116.16 -8.52
CA ILE S 1180 -25.95 -116.48 -9.43
C ILE S 1180 -26.50 -116.63 -10.85
N LEU S 1181 -27.70 -117.17 -10.98
CA LEU S 1181 -28.34 -117.36 -12.27
C LEU S 1181 -28.90 -116.04 -12.79
N ARG S 1182 -29.37 -115.19 -11.83
CA ARG S 1182 -29.86 -113.87 -12.21
C ARG S 1182 -28.75 -113.01 -12.80
N ILE S 1183 -27.51 -113.18 -12.16
CA ILE S 1183 -26.35 -112.45 -12.65
C ILE S 1183 -26.03 -112.89 -14.07
N LEU S 1184 -26.10 -114.20 -14.34
CA LEU S 1184 -25.83 -114.75 -15.66
C LEU S 1184 -26.88 -114.30 -16.66
N ASP S 1185 -28.14 -114.09 -16.23
CA ASP S 1185 -29.24 -113.63 -17.09
C ASP S 1185 -29.02 -112.19 -17.54
N SER S 1186 -28.35 -111.45 -16.70
CA SER S 1186 -28.12 -110.03 -16.98
C SER S 1186 -27.05 -109.85 -18.04
N ILE S 1187 -26.22 -110.98 -18.31
CA ILE S 1187 -25.16 -110.91 -19.31
C ILE S 1187 -25.69 -111.43 -20.65
N GLN S 1188 -25.90 -110.56 -21.64
CA GLN S 1188 -26.39 -110.96 -22.96
C GLN S 1188 -25.24 -111.45 -23.83
N PHE S 1189 -25.22 -112.70 -24.25
CA PHE S 1189 -24.02 -113.11 -25.01
C PHE S 1189 -24.34 -113.06 -26.47
N SER S 1190 -25.08 -112.04 -26.84
CA SER S 1190 -25.40 -111.86 -28.23
C SER S 1190 -25.57 -110.39 -28.36
N ASN S 1191 -24.92 -109.80 -29.35
CA ASN S 1191 -25.00 -108.35 -29.48
C ASN S 1191 -25.35 -107.90 -30.89
N GLU S 1192 -26.05 -106.76 -31.00
CA GLU S 1192 -26.49 -106.26 -32.31
C GLU S 1192 -25.37 -105.84 -33.26
N ILE S 1193 -25.66 -105.83 -34.57
CA ILE S 1193 -24.67 -105.41 -35.56
C ILE S 1193 -25.15 -104.23 -36.39
N PRO S 1194 -24.26 -103.11 -36.63
CA PRO S 1194 -24.17 -101.61 -37.40
C PRO S 1194 -24.70 -101.68 -38.84
N GLU S 1195 -25.45 -100.66 -39.27
CA GLU S 1195 -26.01 -100.62 -40.65
C GLU S 1195 -24.86 -100.59 -41.65
N PRO S 1196 -24.93 -101.31 -42.79
CA PRO S 1196 -23.82 -101.28 -43.74
C PRO S 1196 -23.62 -99.85 -44.28
N LEU S 1197 -22.36 -99.42 -44.39
CA LEU S 1197 -22.04 -98.06 -44.89
C LEU S 1197 -22.43 -97.94 -46.36
N GLN S 1198 -23.06 -96.82 -46.74
CA GLN S 1198 -23.46 -96.59 -48.16
C GLN S 1198 -22.73 -95.34 -48.66
N LEU S 1199 -22.03 -95.45 -49.79
CA LEU S 1199 -21.28 -94.29 -50.35
C LEU S 1199 -21.79 -93.97 -51.77
N ASP S 1200 -22.12 -92.71 -52.02
CA ASP S 1200 -22.60 -92.27 -53.35
C ASP S 1200 -21.37 -92.04 -54.24
N PHE S 1201 -20.43 -91.20 -53.78
CA PHE S 1201 -19.18 -90.91 -54.51
C PHE S 1201 -18.09 -91.96 -54.24
N PHE S 1202 -18.30 -92.85 -53.27
CA PHE S 1202 -17.14 -93.58 -52.67
C PHE S 1202 -17.39 -95.09 -52.65
N ASP S 1203 -16.31 -95.87 -52.78
CA ASP S 1203 -16.36 -97.35 -52.66
C ASP S 1203 -16.62 -97.74 -51.20
N ARG S 1204 -17.44 -98.77 -50.99
CA ARG S 1204 -17.78 -99.27 -49.62
C ARG S 1204 -16.66 -100.20 -49.15
N SER S 1205 -16.40 -101.26 -49.93
CA SER S 1205 -15.37 -102.25 -49.66
C SER S 1205 -14.07 -101.60 -49.21
N GLN S 1206 -13.75 -100.41 -49.78
CA GLN S 1206 -12.52 -99.70 -49.46
C GLN S 1206 -12.59 -99.06 -48.07
N ILE S 1207 -13.79 -98.50 -47.80
CA ILE S 1207 -14.00 -97.85 -46.50
C ILE S 1207 -13.92 -98.90 -45.39
N GLU S 1208 -14.51 -100.15 -45.65
CA GLU S 1208 -14.44 -101.23 -44.67
C GLU S 1208 -13.01 -101.68 -44.43
N GLN S 1209 -12.21 -101.64 -45.50
CA GLN S 1209 -10.80 -101.97 -45.38
C GLN S 1209 -10.06 -100.91 -44.57
N VAL S 1210 -10.45 -99.64 -44.82
CA VAL S 1210 -9.81 -98.54 -44.09
C VAL S 1210 -10.20 -98.60 -42.62
N ILE S 1211 -11.50 -98.94 -42.39
CA ILE S 1211 -11.99 -99.07 -41.02
C ILE S 1211 -11.24 -100.19 -40.31
N ALA S 1212 -11.02 -101.34 -41.06
CA ALA S 1212 -10.29 -102.48 -40.51
C ALA S 1212 -8.85 -102.11 -40.20
N ASN S 1213 -8.25 -101.28 -41.04
CA ASN S 1213 -6.84 -100.96 -40.88
C ASN S 1213 -6.56 -100.02 -39.72
N CYS S 1214 -7.12 -98.82 -39.79
CA CYS S 1214 -6.82 -97.81 -38.75
C CYS S 1214 -7.37 -98.18 -37.41
N GLU S 1215 -8.13 -99.27 -37.35
CA GLU S 1215 -8.56 -99.75 -36.06
C GLU S 1215 -7.36 -100.46 -35.44
N HIS S 1216 -6.59 -99.69 -34.66
CA HIS S 1216 -5.42 -100.17 -33.96
C HIS S 1216 -5.78 -100.86 -32.65
N LYS S 1217 -4.90 -101.72 -32.16
CA LYS S 1217 -5.22 -102.49 -30.96
C LYS S 1217 -5.15 -101.74 -29.63
N ASN S 1218 -6.29 -101.55 -28.96
CA ASN S 1218 -6.29 -100.95 -27.63
C ASN S 1218 -5.67 -101.88 -26.60
N ARG S 1219 -5.35 -101.49 -25.41
CA ARG S 1219 -4.74 -102.24 -24.31
C ARG S 1219 -5.50 -103.54 -24.04
N ARG S 1220 -6.67 -103.63 -24.35
CA ARG S 1220 -7.52 -104.81 -24.15
C ARG S 1220 -7.44 -105.76 -25.34
N GLY S 1221 -6.62 -105.29 -26.47
CA GLY S 1221 -6.43 -106.11 -27.64
C GLY S 1221 -7.50 -105.90 -28.70
N GLN S 1222 -8.42 -104.83 -28.44
CA GLN S 1222 -9.49 -104.51 -29.37
C GLN S 1222 -8.98 -103.61 -30.50
N THR S 1223 -9.32 -103.87 -31.68
CA THR S 1223 -8.96 -103.01 -32.81
C THR S 1223 -9.89 -101.80 -32.87
N VAL S 1224 -9.37 -100.64 -32.52
CA VAL S 1224 -10.22 -99.47 -32.46
C VAL S 1224 -9.43 -98.31 -32.97
N CYS S 1225 -9.92 -97.46 -33.86
CA CYS S 1225 -9.12 -96.25 -34.23
C CYS S 1225 -9.04 -95.25 -33.08
N ASN S 1226 -10.14 -95.23 -32.35
CA ASN S 1226 -10.22 -94.30 -31.23
C ASN S 1226 -10.11 -92.92 -31.80
N VAL S 1227 -10.27 -91.96 -30.91
CA VAL S 1227 -10.19 -90.61 -31.35
C VAL S 1227 -9.01 -90.48 -32.27
N LYS S 1228 -7.93 -91.23 -32.04
CA LYS S 1228 -6.74 -90.91 -32.82
C LYS S 1228 -6.95 -91.05 -34.28
N LEU S 1229 -7.03 -92.33 -34.62
CA LEU S 1229 -7.05 -92.55 -36.04
C LEU S 1229 -8.27 -91.91 -36.56
N LEU S 1230 -9.35 -91.91 -35.78
CA LEU S 1230 -10.59 -91.41 -36.31
C LEU S 1230 -10.35 -90.06 -36.86
N HIS S 1231 -10.24 -89.07 -35.96
CA HIS S 1231 -10.06 -87.63 -36.33
C HIS S 1231 -9.03 -87.43 -37.46
N ARG S 1232 -7.77 -87.78 -37.20
CA ARG S 1232 -6.68 -87.58 -38.19
C ARG S 1232 -6.97 -88.39 -39.46
N VAL S 1233 -7.44 -89.63 -39.31
CA VAL S 1233 -7.73 -90.49 -40.50
C VAL S 1233 -8.84 -89.84 -41.34
N LEU S 1234 -9.88 -89.33 -40.69
CA LEU S 1234 -11.01 -88.68 -41.41
C LEU S 1234 -10.49 -87.45 -42.15
N VAL S 1235 -9.63 -86.66 -41.49
CA VAL S 1235 -9.08 -85.43 -42.13
C VAL S 1235 -8.27 -85.85 -43.37
N ALA S 1236 -7.47 -86.91 -43.24
CA ALA S 1236 -6.63 -87.39 -44.35
C ALA S 1236 -7.52 -87.84 -45.52
N GLU S 1237 -8.61 -88.55 -45.23
CA GLU S 1237 -9.53 -89.03 -46.29
C GLU S 1237 -10.15 -87.82 -47.01
N VAL S 1238 -10.54 -86.81 -46.23
CA VAL S 1238 -11.17 -85.59 -46.84
C VAL S 1238 -10.13 -84.93 -47.75
N ASN S 1239 -8.88 -84.84 -47.30
CA ASN S 1239 -7.79 -84.20 -48.09
C ASN S 1239 -7.58 -84.98 -49.39
N ALA S 1240 -7.60 -86.32 -49.30
CA ALA S 1240 -7.40 -87.20 -50.47
C ALA S 1240 -8.53 -86.98 -51.49
N LEU S 1241 -9.77 -86.85 -51.02
CA LEU S 1241 -10.92 -86.64 -51.95
C LEU S 1241 -10.87 -85.20 -52.50
N GLN S 1242 -10.23 -84.98 -53.65
CA GLN S 1242 -10.16 -83.63 -54.16
C GLN S 1242 -11.34 -83.36 -55.06
N GLY S 1243 -12.01 -82.26 -54.76
CA GLY S 1243 -13.21 -81.84 -55.46
C GLY S 1243 -13.09 -80.37 -55.79
N MET S 1244 -12.31 -80.07 -56.81
CA MET S 1244 -12.07 -78.70 -57.16
C MET S 1244 -13.23 -78.04 -57.86
N ALA S 1245 -13.42 -78.39 -59.13
CA ALA S 1245 -14.46 -77.77 -59.92
C ALA S 1245 -15.79 -77.73 -59.25
N ALA S 1246 -16.30 -78.88 -58.87
CA ALA S 1246 -17.64 -78.92 -58.33
C ALA S 1246 -17.66 -78.52 -56.89
N ILE S 1247 -17.47 -77.24 -56.65
CA ILE S 1247 -17.58 -76.78 -55.30
C ILE S 1247 -19.00 -77.07 -54.87
N GLY S 1248 -19.92 -77.01 -55.81
CA GLY S 1248 -21.33 -77.04 -55.50
C GLY S 1248 -21.76 -78.24 -54.72
N GLN S 1249 -21.03 -79.34 -54.80
CA GLN S 1249 -21.49 -80.55 -54.15
C GLN S 1249 -21.03 -80.67 -52.73
N ARG S 1250 -20.39 -79.64 -52.21
CA ARG S 1250 -19.83 -79.75 -50.88
C ARG S 1250 -20.79 -80.11 -49.73
N PRO S 1251 -21.94 -79.44 -49.55
CA PRO S 1251 -22.70 -79.88 -48.36
C PRO S 1251 -22.89 -81.40 -48.24
N LEU S 1252 -23.02 -82.04 -49.39
CA LEU S 1252 -23.26 -83.50 -49.40
C LEU S 1252 -22.12 -84.26 -48.80
N LEU S 1253 -20.92 -83.97 -49.26
CA LEU S 1253 -19.77 -84.68 -48.78
C LEU S 1253 -19.70 -84.50 -47.29
N MET S 1254 -20.01 -83.30 -46.82
CA MET S 1254 -19.97 -83.04 -45.40
C MET S 1254 -20.90 -83.94 -44.64
N GLU S 1255 -22.18 -83.91 -44.98
CA GLU S 1255 -23.08 -84.82 -44.30
C GLU S 1255 -22.59 -86.29 -44.34
N GLU S 1256 -22.08 -86.72 -45.49
CA GLU S 1256 -21.63 -88.10 -45.63
C GLU S 1256 -20.51 -88.46 -44.68
N ILE S 1257 -19.53 -87.59 -44.51
CA ILE S 1257 -18.44 -87.97 -43.64
C ILE S 1257 -18.95 -88.11 -42.22
N ASN S 1258 -19.98 -87.33 -41.90
CA ASN S 1258 -20.52 -87.39 -40.56
C ASN S 1258 -21.02 -88.80 -40.22
N THR S 1259 -21.70 -89.42 -41.17
CA THR S 1259 -22.24 -90.74 -40.91
C THR S 1259 -21.14 -91.76 -40.73
N ILE S 1260 -20.10 -91.67 -41.56
CA ILE S 1260 -18.99 -92.58 -41.42
C ILE S 1260 -18.44 -92.47 -40.02
N LEU S 1261 -18.29 -91.23 -39.57
CA LEU S 1261 -17.81 -91.06 -38.23
C LEU S 1261 -18.71 -91.74 -37.20
N GLN S 1262 -20.00 -91.43 -37.25
CA GLN S 1262 -20.93 -92.07 -36.34
C GLN S 1262 -20.73 -93.60 -36.32
N TYR S 1263 -20.68 -94.21 -37.49
CA TYR S 1263 -20.52 -95.66 -37.57
C TYR S 1263 -19.24 -96.17 -36.91
N VAL S 1264 -18.10 -95.57 -37.25
CA VAL S 1264 -16.91 -96.10 -36.65
C VAL S 1264 -17.00 -95.96 -35.13
N VAL S 1265 -17.56 -94.85 -34.68
CA VAL S 1265 -17.75 -94.70 -33.24
C VAL S 1265 -18.57 -95.82 -32.63
N GLU S 1266 -19.73 -96.09 -33.19
CA GLU S 1266 -20.54 -97.19 -32.70
C GLU S 1266 -19.77 -98.50 -32.65
N ARG S 1267 -19.05 -98.82 -33.72
CA ARG S 1267 -18.25 -100.06 -33.75
C ARG S 1267 -17.26 -100.14 -32.59
N ASN S 1268 -16.52 -99.07 -32.38
CA ASN S 1268 -15.59 -99.09 -31.26
C ASN S 1268 -16.30 -99.26 -29.91
N LYS S 1269 -17.40 -98.55 -29.72
CA LYS S 1269 -18.14 -98.69 -28.48
C LYS S 1269 -18.46 -100.14 -28.27
N LEU S 1270 -18.95 -100.75 -29.32
CA LEU S 1270 -19.31 -102.16 -29.22
C LEU S 1270 -18.14 -103.09 -28.87
N LEU S 1271 -17.01 -102.93 -29.54
CA LEU S 1271 -15.86 -103.75 -29.17
C LEU S 1271 -15.50 -103.60 -27.70
N GLN S 1272 -15.54 -102.37 -27.22
CA GLN S 1272 -15.26 -102.19 -25.80
C GLN S 1272 -16.24 -102.93 -24.92
N CYS S 1273 -17.52 -102.74 -25.19
CA CYS S 1273 -18.53 -103.45 -24.41
C CYS S 1273 -18.21 -104.95 -24.41
N LEU S 1274 -17.82 -105.47 -25.56
CA LEU S 1274 -17.46 -106.90 -25.64
C LEU S 1274 -16.27 -107.34 -24.81
N HIS S 1275 -15.12 -106.70 -24.84
CA HIS S 1275 -14.03 -107.22 -24.02
C HIS S 1275 -14.45 -107.21 -22.56
N ALA S 1276 -15.29 -106.26 -22.21
CA ALA S 1276 -15.74 -106.15 -20.83
C ALA S 1276 -16.52 -107.36 -20.46
N LYS S 1277 -17.43 -107.74 -21.33
CA LYS S 1277 -18.26 -108.87 -21.03
C LYS S 1277 -17.40 -110.11 -20.91
N ARG S 1278 -16.37 -110.23 -21.73
CA ARG S 1278 -15.50 -111.38 -21.69
C ARG S 1278 -14.87 -111.47 -20.33
N HIS S 1279 -14.33 -110.35 -19.86
CA HIS S 1279 -13.66 -110.46 -18.59
C HIS S 1279 -14.67 -110.76 -17.50
N ALA S 1280 -15.86 -110.21 -17.62
CA ALA S 1280 -16.85 -110.43 -16.60
C ALA S 1280 -17.22 -111.88 -16.51
N LEU S 1281 -17.31 -112.53 -17.66
CA LEU S 1281 -17.65 -113.93 -17.69
C LEU S 1281 -16.53 -114.72 -17.10
N GLU S 1282 -15.30 -114.38 -17.44
CA GLU S 1282 -14.20 -115.07 -16.80
C GLU S 1282 -14.45 -115.01 -15.33
N SER S 1283 -14.70 -113.82 -14.82
CA SER S 1283 -14.92 -113.66 -13.40
C SER S 1283 -15.90 -114.64 -12.95
N TRP S 1284 -17.13 -114.52 -13.42
CA TRP S 1284 -18.16 -115.40 -12.92
C TRP S 1284 -17.67 -116.81 -12.89
N ARG S 1285 -17.29 -117.34 -14.03
CA ARG S 1285 -16.90 -118.72 -14.09
C ARG S 1285 -15.95 -119.08 -13.02
N GLN S 1286 -14.77 -118.50 -13.10
CA GLN S 1286 -13.75 -118.91 -12.17
C GLN S 1286 -14.27 -118.83 -10.80
N LEU S 1287 -14.77 -117.69 -10.40
CA LEU S 1287 -15.22 -117.50 -9.06
C LEU S 1287 -16.05 -118.66 -8.65
N VAL S 1288 -17.22 -118.77 -9.25
CA VAL S 1288 -18.13 -119.78 -8.78
C VAL S 1288 -17.54 -121.13 -8.70
N GLU S 1289 -16.93 -121.53 -9.80
CA GLU S 1289 -16.45 -122.88 -9.84
C GLU S 1289 -15.51 -123.13 -8.76
N ILE S 1290 -14.45 -122.35 -8.75
CA ILE S 1290 -13.42 -122.62 -7.79
C ILE S 1290 -14.12 -122.73 -6.52
N ILE S 1291 -14.87 -121.72 -6.13
CA ILE S 1291 -15.50 -121.73 -4.83
C ILE S 1291 -16.09 -123.06 -4.58
N LEU S 1292 -17.25 -123.30 -5.16
CA LEU S 1292 -17.91 -124.52 -4.77
C LEU S 1292 -17.00 -125.72 -4.74
N THR S 1293 -16.36 -125.99 -5.85
CA THR S 1293 -15.60 -127.23 -5.92
C THR S 1293 -14.47 -127.40 -4.95
N ALA S 1294 -13.73 -126.35 -4.69
CA ALA S 1294 -12.73 -126.50 -3.63
C ALA S 1294 -13.30 -126.30 -2.23
N CYS S 1295 -14.60 -126.03 -2.11
CA CYS S 1295 -15.18 -125.75 -0.79
C CYS S 1295 -15.19 -126.97 0.10
N PRO S 1296 -15.00 -126.78 1.41
CA PRO S 1296 -15.13 -127.94 2.30
C PRO S 1296 -16.51 -128.46 2.09
N GLN S 1297 -16.60 -129.68 1.60
CA GLN S 1297 -17.90 -130.18 1.24
C GLN S 1297 -18.77 -130.31 2.45
N ASP S 1298 -19.70 -129.38 2.57
CA ASP S 1298 -20.65 -129.48 3.63
C ASP S 1298 -21.96 -129.33 2.90
N LEU S 1299 -22.01 -129.82 1.67
CA LEU S 1299 -23.22 -129.67 0.85
C LEU S 1299 -24.28 -130.66 1.28
N ILE S 1300 -25.12 -130.22 2.19
CA ILE S 1300 -25.98 -131.15 2.92
C ILE S 1300 -26.87 -131.90 1.95
N PRO S 1301 -27.68 -131.18 1.15
CA PRO S 1301 -28.41 -131.99 0.20
C PRO S 1301 -27.53 -132.05 -1.00
N THR S 1302 -26.76 -133.11 -1.09
CA THR S 1302 -25.99 -133.28 -2.30
C THR S 1302 -27.06 -133.29 -3.35
N GLU S 1303 -28.28 -133.64 -2.95
CA GLU S 1303 -29.40 -133.60 -3.84
C GLU S 1303 -29.52 -132.22 -4.39
N HIS S 1304 -29.56 -131.26 -3.50
CA HIS S 1304 -29.72 -129.89 -3.94
C HIS S 1304 -28.50 -129.49 -4.70
N ARG S 1305 -27.35 -130.03 -4.33
CA ARG S 1305 -26.12 -129.70 -5.01
C ARG S 1305 -26.27 -130.04 -6.45
N GLN S 1306 -26.72 -131.25 -6.69
CA GLN S 1306 -26.85 -131.70 -8.04
C GLN S 1306 -27.94 -130.97 -8.78
N LEU S 1307 -28.99 -130.59 -8.07
CA LEU S 1307 -30.05 -129.83 -8.72
C LEU S 1307 -29.50 -128.55 -9.23
N ILE S 1308 -28.67 -127.92 -8.40
CA ILE S 1308 -28.07 -126.68 -8.78
C ILE S 1308 -27.20 -126.93 -10.00
N ILE S 1309 -26.39 -127.98 -9.95
CA ILE S 1309 -25.50 -128.23 -11.06
C ILE S 1309 -26.34 -128.32 -12.31
N ARG S 1310 -27.45 -129.04 -12.21
CA ARG S 1310 -28.34 -129.22 -13.33
C ARG S 1310 -28.85 -127.95 -13.91
N ASP S 1311 -29.45 -127.13 -13.07
CA ASP S 1311 -30.00 -125.89 -13.55
C ASP S 1311 -28.93 -125.13 -14.26
N LEU S 1312 -27.76 -125.08 -13.65
CA LEU S 1312 -26.70 -124.28 -14.21
C LEU S 1312 -26.37 -124.75 -15.59
N LEU S 1313 -26.13 -126.03 -15.71
CA LEU S 1313 -25.75 -126.56 -16.99
C LEU S 1313 -26.80 -126.26 -18.01
N GLN S 1314 -28.06 -126.47 -17.65
CA GLN S 1314 -29.14 -126.20 -18.57
C GLN S 1314 -29.07 -124.80 -19.10
N ASP S 1315 -29.05 -123.84 -18.19
CA ASP S 1315 -29.05 -122.46 -18.64
C ASP S 1315 -27.87 -122.17 -19.52
N LEU S 1316 -26.71 -122.67 -19.15
CA LEU S 1316 -25.52 -122.35 -19.91
C LEU S 1316 -25.67 -122.86 -21.30
N HIS S 1317 -26.10 -124.10 -21.39
CA HIS S 1317 -26.25 -124.71 -22.68
C HIS S 1317 -27.18 -123.88 -23.50
N VAL S 1318 -28.32 -123.52 -22.94
CA VAL S 1318 -29.30 -122.78 -23.69
C VAL S 1318 -28.63 -121.57 -24.25
N LYS S 1319 -28.02 -120.80 -23.36
CA LYS S 1319 -27.45 -119.57 -23.82
C LYS S 1319 -26.45 -119.75 -24.93
N ILE S 1320 -25.55 -120.71 -24.80
CA ILE S 1320 -24.51 -120.82 -25.80
C ILE S 1320 -25.00 -121.43 -27.12
N LEU S 1321 -26.05 -122.26 -27.09
CA LEU S 1321 -26.50 -122.92 -28.33
C LEU S 1321 -27.17 -121.95 -29.26
N ASP S 1322 -27.07 -120.69 -28.93
CA ASP S 1322 -27.79 -119.66 -29.68
C ASP S 1322 -26.96 -119.17 -30.87
N ASP S 1323 -27.48 -119.01 -32.12
CA ASP S 1323 -26.77 -118.68 -33.35
C ASP S 1323 -26.12 -117.30 -33.25
N ASP S 1324 -26.60 -116.48 -32.30
CA ASP S 1324 -26.12 -115.11 -32.16
C ASP S 1324 -25.09 -115.01 -31.04
N ALA S 1325 -24.64 -116.19 -30.39
CA ALA S 1325 -23.72 -116.17 -29.27
C ALA S 1325 -22.32 -115.77 -29.72
N ALA S 1326 -21.70 -114.84 -28.98
CA ALA S 1326 -20.36 -114.33 -29.28
C ALA S 1326 -19.31 -115.44 -29.15
N GLN S 1327 -18.51 -115.75 -30.17
CA GLN S 1327 -17.49 -116.80 -30.24
C GLN S 1327 -16.42 -116.60 -29.17
N GLU S 1328 -16.21 -115.36 -28.69
CA GLU S 1328 -15.19 -115.01 -27.71
C GLU S 1328 -15.54 -115.56 -26.33
N LEU S 1329 -16.84 -115.91 -26.02
CA LEU S 1329 -17.31 -116.39 -24.72
C LEU S 1329 -17.22 -117.91 -24.64
N MET S 1330 -16.90 -118.64 -25.73
CA MET S 1330 -16.96 -120.09 -25.89
C MET S 1330 -15.94 -120.77 -24.98
N PRO S 1331 -14.64 -120.36 -25.06
CA PRO S 1331 -13.70 -121.14 -24.25
C PRO S 1331 -14.07 -121.15 -22.79
N ILE S 1332 -14.67 -120.06 -22.36
CA ILE S 1332 -15.02 -119.97 -20.96
C ILE S 1332 -16.05 -121.01 -20.66
N VAL S 1333 -17.10 -121.03 -21.46
CA VAL S 1333 -18.13 -122.01 -21.26
C VAL S 1333 -17.52 -123.38 -21.25
N ALA S 1334 -16.60 -123.65 -22.15
CA ALA S 1334 -15.94 -124.95 -22.23
C ALA S 1334 -15.25 -125.39 -20.93
N GLY S 1335 -14.38 -124.55 -20.41
CA GLY S 1335 -13.71 -124.93 -19.18
C GLY S 1335 -14.75 -125.14 -18.10
N ALA S 1336 -15.73 -124.26 -18.08
CA ALA S 1336 -16.76 -124.34 -17.06
C ALA S 1336 -17.36 -125.72 -17.07
N VAL S 1337 -17.80 -126.12 -18.24
CA VAL S 1337 -18.43 -127.42 -18.37
C VAL S 1337 -17.50 -128.53 -17.95
N PHE S 1338 -16.28 -128.55 -18.44
CA PHE S 1338 -15.37 -129.58 -17.96
C PHE S 1338 -15.41 -129.72 -16.45
N THR S 1339 -15.15 -128.63 -15.77
CA THR S 1339 -15.08 -128.79 -14.32
C THR S 1339 -16.37 -129.26 -13.75
N LEU S 1340 -17.44 -128.58 -14.14
CA LEU S 1340 -18.72 -128.93 -13.64
C LEU S 1340 -18.94 -130.41 -13.76
N THR S 1341 -18.71 -130.97 -14.94
CA THR S 1341 -18.96 -132.40 -15.19
C THR S 1341 -18.11 -133.33 -14.37
N ALA S 1342 -16.82 -133.09 -14.32
CA ALA S 1342 -16.08 -134.01 -13.48
C ALA S 1342 -16.65 -134.01 -12.08
N HIS S 1343 -16.91 -132.81 -11.57
CA HIS S 1343 -17.36 -132.80 -10.18
C HIS S 1343 -18.68 -133.49 -10.03
N LEU S 1344 -19.55 -133.28 -10.98
CA LEU S 1344 -20.86 -133.87 -10.91
C LEU S 1344 -20.80 -135.37 -10.99
N SER S 1345 -19.89 -135.92 -11.78
CA SER S 1345 -19.72 -137.35 -11.87
C SER S 1345 -19.24 -137.92 -10.55
N GLN S 1346 -18.29 -137.20 -9.97
CA GLN S 1346 -17.85 -137.66 -8.67
C GLN S 1346 -19.05 -137.69 -7.76
N SER S 1347 -19.87 -136.66 -7.81
CA SER S 1347 -21.04 -136.58 -6.95
C SER S 1347 -22.00 -137.70 -7.15
N VAL S 1348 -22.21 -138.07 -8.40
CA VAL S 1348 -23.09 -139.18 -8.71
C VAL S 1348 -22.55 -140.40 -8.03
N ARG S 1349 -21.28 -140.72 -8.24
CA ARG S 1349 -20.82 -141.97 -7.60
C ARG S 1349 -20.93 -141.86 -6.09
N THR S 1350 -20.69 -140.67 -5.54
CA THR S 1350 -20.76 -140.46 -4.10
C THR S 1350 -22.16 -140.77 -3.55
N GLU S 1351 -23.13 -140.80 -4.44
CA GLU S 1351 -24.47 -141.20 -3.98
C GLU S 1351 -24.69 -142.69 -4.19
N LEU S 1352 -24.10 -143.26 -5.30
CA LEU S 1352 -24.26 -144.66 -5.64
C LEU S 1352 -23.51 -145.55 -4.66
N LYS S 1353 -22.66 -144.93 -3.91
CA LYS S 1353 -21.78 -145.65 -2.98
C LYS S 1353 -22.34 -145.62 -1.56
N GLN S 1354 -23.68 -144.93 -1.28
CA GLN S 1354 -24.28 -144.91 0.05
C GLN S 1354 -25.45 -145.89 0.13
N PRO S 1355 -26.12 -145.71 1.30
CA PRO S 1355 -27.42 -146.20 1.78
C PRO S 1355 -28.02 -145.32 2.88
N MET S 1356 -29.15 -144.43 2.77
CA MET S 1356 -30.40 -143.87 3.28
C MET S 1356 -30.60 -144.27 4.73
N SER S 1384 -36.38 -145.31 -2.45
CA SER S 1384 -36.45 -144.50 -3.66
C SER S 1384 -35.84 -143.12 -3.45
N ALA S 1385 -34.83 -142.82 -2.57
CA ALA S 1385 -34.52 -141.41 -2.33
C ALA S 1385 -33.13 -141.06 -2.86
N GLY S 1386 -32.25 -141.93 -3.71
CA GLY S 1386 -30.91 -141.54 -4.10
C GLY S 1386 -30.76 -141.38 -5.60
N PHE S 1387 -31.63 -142.01 -6.38
CA PHE S 1387 -31.63 -141.72 -7.79
C PHE S 1387 -32.85 -140.84 -8.02
N ALA S 1388 -33.54 -140.49 -6.94
CA ALA S 1388 -34.78 -139.72 -7.06
C ALA S 1388 -34.65 -138.45 -7.87
N SER S 1389 -33.78 -137.56 -7.42
CA SER S 1389 -33.64 -136.28 -8.10
C SER S 1389 -32.58 -136.33 -9.18
N ILE S 1390 -32.03 -137.52 -9.43
CA ILE S 1390 -30.95 -137.63 -10.41
C ILE S 1390 -31.41 -137.37 -11.85
N GLY S 1391 -32.42 -138.10 -12.31
CA GLY S 1391 -32.90 -137.92 -13.67
C GLY S 1391 -31.99 -138.51 -14.72
N ASP S 1392 -32.35 -139.69 -15.22
CA ASP S 1392 -31.58 -140.30 -16.28
C ASP S 1392 -31.98 -139.63 -17.55
N SER S 1393 -33.26 -139.35 -17.65
CA SER S 1393 -33.71 -138.61 -18.80
C SER S 1393 -32.89 -137.36 -18.75
N SER S 1394 -32.76 -136.83 -17.56
CA SER S 1394 -32.00 -135.61 -17.46
C SER S 1394 -30.58 -135.91 -17.76
N LEU S 1395 -30.09 -137.06 -17.31
CA LEU S 1395 -28.74 -137.37 -17.71
C LEU S 1395 -28.67 -137.30 -19.21
N HIS S 1396 -29.66 -137.87 -19.86
CA HIS S 1396 -29.67 -137.93 -21.30
C HIS S 1396 -29.78 -136.62 -21.99
N MET S 1397 -30.55 -135.72 -21.43
CA MET S 1397 -30.74 -134.44 -22.07
C MET S 1397 -29.49 -133.65 -21.92
N ILE S 1398 -28.82 -133.89 -20.81
CA ILE S 1398 -27.60 -133.19 -20.58
C ILE S 1398 -26.68 -133.68 -21.64
N LEU S 1399 -26.73 -134.97 -21.87
CA LEU S 1399 -25.87 -135.56 -22.84
C LEU S 1399 -26.13 -134.96 -24.19
N ARG S 1400 -27.39 -134.77 -24.50
CA ARG S 1400 -27.78 -134.25 -25.78
C ARG S 1400 -27.23 -132.86 -25.98
N ASN S 1401 -27.37 -132.04 -24.95
CA ASN S 1401 -26.92 -130.67 -25.08
C ASN S 1401 -25.43 -130.69 -25.28
N LEU S 1402 -24.78 -131.58 -24.57
CA LEU S 1402 -23.35 -131.66 -24.63
C LEU S 1402 -22.94 -131.97 -26.02
N LEU S 1403 -23.59 -132.93 -26.60
CA LEU S 1403 -23.22 -133.34 -27.93
C LEU S 1403 -23.47 -132.26 -28.92
N GLU S 1404 -24.54 -131.54 -28.70
CA GLU S 1404 -24.89 -130.51 -29.61
C GLU S 1404 -23.77 -129.52 -29.62
N PHE S 1405 -23.33 -129.17 -28.43
CA PHE S 1405 -22.30 -128.16 -28.35
C PHE S 1405 -21.03 -128.67 -28.97
N ILE S 1406 -20.76 -129.95 -28.78
CA ILE S 1406 -19.56 -130.53 -29.33
C ILE S 1406 -19.60 -130.34 -30.81
N LEU S 1407 -20.72 -130.67 -31.40
CA LEU S 1407 -20.86 -130.50 -32.82
C LEU S 1407 -20.65 -129.08 -33.25
N LYS S 1408 -21.34 -128.14 -32.61
CA LYS S 1408 -21.24 -126.76 -33.05
C LYS S 1408 -19.84 -126.21 -33.00
N THR S 1409 -18.92 -126.93 -32.40
CA THR S 1409 -17.61 -126.33 -32.19
C THR S 1409 -16.70 -126.60 -33.38
N GLY S 1410 -16.30 -125.53 -34.05
CA GLY S 1410 -15.50 -125.69 -35.24
C GLY S 1410 -14.11 -126.11 -34.90
N GLY S 1411 -13.32 -126.35 -35.92
CA GLY S 1411 -11.97 -126.79 -35.70
C GLY S 1411 -11.19 -125.85 -34.83
N GLY S 1412 -11.48 -124.56 -34.90
CA GLY S 1412 -10.73 -123.58 -34.14
C GLY S 1412 -10.61 -123.96 -32.69
N PHE S 1413 -11.72 -124.30 -32.07
CA PHE S 1413 -11.76 -124.38 -30.60
C PHE S 1413 -11.39 -125.77 -30.11
N GLN S 1414 -10.27 -126.29 -30.60
CA GLN S 1414 -9.84 -127.60 -30.20
C GLN S 1414 -9.88 -127.72 -28.71
N ARG S 1415 -9.47 -126.66 -28.01
CA ARG S 1415 -9.36 -126.72 -26.56
C ARG S 1415 -10.71 -126.99 -25.92
N VAL S 1416 -11.74 -126.32 -26.45
CA VAL S 1416 -13.11 -126.48 -25.96
C VAL S 1416 -13.57 -127.92 -26.17
N ARG S 1417 -13.17 -128.45 -27.33
CA ARG S 1417 -13.56 -129.81 -27.66
C ARG S 1417 -12.86 -130.81 -26.74
N ALA S 1418 -11.62 -130.51 -26.43
CA ALA S 1418 -10.86 -131.37 -25.51
C ALA S 1418 -11.54 -131.44 -24.15
N HIS S 1419 -12.02 -130.23 -23.62
CA HIS S 1419 -12.74 -130.18 -22.34
C HIS S 1419 -14.05 -130.95 -22.42
N LEU S 1420 -14.70 -130.86 -23.49
CA LEU S 1420 -16.00 -131.51 -23.65
C LEU S 1420 -15.84 -133.02 -23.76
N TYR S 1421 -14.70 -133.48 -24.56
CA TYR S 1421 -14.41 -134.91 -24.63
C TYR S 1421 -14.09 -135.47 -23.26
N GLY S 1422 -13.31 -134.67 -22.51
CA GLY S 1422 -13.01 -135.04 -21.13
C GLY S 1422 -14.25 -135.16 -20.26
N SER S 1423 -15.23 -134.18 -20.43
CA SER S 1423 -16.48 -134.20 -19.68
C SER S 1423 -17.33 -135.41 -20.05
N LEU S 1424 -17.31 -135.75 -21.31
CA LEU S 1424 -18.08 -136.89 -21.81
C LEU S 1424 -17.53 -138.19 -21.26
N LEU S 1425 -16.21 -138.30 -21.25
CA LEU S 1425 -15.56 -139.50 -20.72
C LEU S 1425 -15.90 -139.69 -19.25
N TYR S 1426 -15.88 -138.50 -18.44
CA TYR S 1426 -16.25 -138.57 -17.04
C TYR S 1426 -17.71 -138.99 -16.88
N TYR S 1427 -18.55 -138.49 -17.75
CA TYR S 1427 -19.96 -138.85 -17.72
C TYR S 1427 -20.15 -140.34 -17.96
N LEU S 1428 -19.40 -140.87 -18.98
CA LEU S 1428 -19.57 -142.27 -19.35
C LEU S 1428 -19.09 -143.19 -18.23
N GLN S 1429 -18.24 -142.67 -17.36
CA GLN S 1429 -17.74 -143.45 -16.23
C GLN S 1429 -18.83 -143.64 -15.17
N ILE S 1430 -19.81 -142.67 -15.15
CA ILE S 1430 -20.91 -142.73 -14.19
C ILE S 1430 -21.79 -143.95 -14.46
N ALA S 1431 -21.92 -144.35 -15.82
CA ALA S 1431 -22.81 -145.42 -16.28
C ALA S 1431 -22.10 -146.78 -16.23
N GLN S 1432 -20.77 -146.71 -15.70
CA GLN S 1432 -20.00 -147.94 -15.72
C GLN S 1432 -20.22 -148.76 -14.46
N VAL S 1457 -32.14 -150.25 -16.62
CA VAL S 1457 -32.21 -148.81 -16.86
C VAL S 1457 -30.93 -148.35 -17.55
N PHE S 1458 -29.71 -148.91 -17.20
CA PHE S 1458 -28.44 -148.50 -17.78
C PHE S 1458 -28.32 -148.96 -19.23
N SER S 1459 -28.87 -150.26 -19.38
CA SER S 1459 -28.86 -150.80 -20.73
C SER S 1459 -29.80 -150.03 -21.65
N LYS S 1460 -30.96 -149.65 -21.00
CA LYS S 1460 -31.90 -148.81 -21.73
C LYS S 1460 -31.26 -147.46 -22.08
N LEU S 1461 -30.55 -146.74 -21.18
CA LEU S 1461 -29.89 -145.46 -21.39
C LEU S 1461 -28.80 -145.58 -22.44
N GLN S 1462 -28.02 -146.68 -22.42
CA GLN S 1462 -26.96 -146.92 -23.38
C GLN S 1462 -27.54 -147.11 -24.78
N ARG S 1463 -28.64 -147.82 -24.83
CA ARG S 1463 -29.31 -148.05 -26.11
C ARG S 1463 -29.84 -146.73 -26.69
N ASP S 1464 -30.45 -145.96 -25.79
CA ASP S 1464 -30.99 -144.66 -26.21
C ASP S 1464 -29.86 -143.71 -26.64
N ASN S 1465 -28.72 -143.70 -25.90
CA ASN S 1465 -27.56 -142.88 -26.23
C ASN S 1465 -27.02 -143.23 -27.63
N LEU S 1466 -26.99 -144.52 -27.92
CA LEU S 1466 -26.49 -144.97 -29.21
C LEU S 1466 -27.42 -144.55 -30.34
N SER S 1467 -28.73 -144.55 -30.05
CA SER S 1467 -29.70 -144.09 -31.03
C SER S 1467 -29.50 -142.62 -31.36
N ILE S 1468 -29.08 -141.87 -30.37
CA ILE S 1468 -28.82 -140.44 -30.56
C ILE S 1468 -27.53 -140.26 -31.38
N PHE S 1469 -26.47 -141.03 -31.10
CA PHE S 1469 -25.22 -140.97 -31.85
C PHE S 1469 -25.47 -141.31 -33.32
N GLU S 1470 -26.39 -142.24 -33.58
CA GLU S 1470 -26.69 -142.70 -34.94
C GLU S 1470 -27.48 -141.64 -35.71
N SER S 1471 -28.45 -141.08 -34.97
CA SER S 1471 -29.46 -140.07 -35.38
C SER S 1471 -28.80 -138.86 -36.05
N TYR S 1472 -27.63 -138.46 -35.53
CA TYR S 1472 -26.82 -137.35 -36.13
C TYR S 1472 -26.39 -137.80 -37.53
N GLY S 1473 -26.01 -139.08 -37.65
CA GLY S 1473 -25.59 -139.70 -38.91
C GLY S 1473 -24.10 -139.92 -38.91
N THR S 1474 -23.57 -140.51 -39.97
CA THR S 1474 -22.10 -140.73 -40.04
C THR S 1474 -21.42 -139.36 -40.09
N ALA S 1475 -22.12 -138.28 -39.71
CA ALA S 1475 -21.42 -137.01 -39.84
C ALA S 1475 -20.66 -136.68 -38.56
N LEU S 1476 -21.36 -136.83 -37.40
CA LEU S 1476 -20.74 -136.59 -36.11
C LEU S 1476 -19.63 -137.60 -35.83
N MET S 1477 -19.87 -138.88 -36.18
CA MET S 1477 -18.90 -139.95 -35.98
C MET S 1477 -17.62 -139.70 -36.78
N GLU S 1478 -17.75 -139.19 -38.01
CA GLU S 1478 -16.60 -138.91 -38.88
C GLU S 1478 -15.74 -137.78 -38.31
N VAL S 1479 -16.37 -136.66 -37.85
CA VAL S 1479 -15.67 -135.48 -37.36
C VAL S 1479 -14.89 -135.84 -36.10
N VAL S 1480 -15.54 -136.62 -35.12
CA VAL S 1480 -14.94 -136.95 -33.83
C VAL S 1480 -13.79 -137.94 -34.04
N CYS S 1481 -13.99 -138.94 -34.94
CA CYS S 1481 -12.99 -139.98 -35.20
C CYS S 1481 -11.79 -139.40 -35.94
N ARG S 1482 -12.00 -138.49 -36.88
CA ARG S 1482 -10.92 -137.84 -37.61
C ARG S 1482 -10.06 -136.98 -36.69
N ASP S 1483 -10.78 -136.19 -35.81
CA ASP S 1483 -10.08 -135.31 -34.87
C ASP S 1483 -9.29 -136.13 -33.85
N ALA S 1484 -9.79 -137.39 -33.42
CA ALA S 1484 -9.12 -138.28 -32.48
C ALA S 1484 -7.82 -138.81 -33.06
N CYS S 1485 -7.81 -138.90 -34.37
CA CYS S 1485 -6.64 -139.38 -35.05
C CYS S 1485 -5.57 -138.37 -35.02
N ASP S 1486 -5.71 -137.35 -35.86
CA ASP S 1486 -4.62 -136.40 -35.97
C ASP S 1486 -5.00 -134.99 -35.60
N GLY S 1487 -5.36 -134.77 -34.34
CA GLY S 1487 -5.61 -133.41 -33.89
C GLY S 1487 -4.29 -132.93 -33.30
N HIS S 1488 -4.26 -132.68 -32.00
CA HIS S 1488 -3.01 -132.34 -31.33
C HIS S 1488 -2.99 -132.67 -29.85
N ASP S 1489 -2.00 -133.43 -29.42
CA ASP S 1489 -1.84 -133.71 -28.00
C ASP S 1489 -3.13 -133.98 -27.24
N ILE S 1490 -3.41 -133.15 -26.24
CA ILE S 1490 -4.58 -133.37 -25.40
C ILE S 1490 -5.82 -133.79 -26.14
N GLY S 1491 -6.20 -133.02 -27.15
CA GLY S 1491 -7.44 -133.30 -27.85
C GLY S 1491 -7.47 -134.69 -28.46
N ARG S 1492 -6.28 -135.14 -28.96
CA ARG S 1492 -6.16 -136.46 -29.56
C ARG S 1492 -6.35 -137.56 -28.53
N MET S 1493 -5.66 -137.29 -27.41
CA MET S 1493 -5.73 -138.23 -26.31
C MET S 1493 -7.17 -138.40 -25.82
N LEU S 1494 -7.86 -137.30 -25.65
CA LEU S 1494 -9.24 -137.29 -25.14
C LEU S 1494 -10.20 -137.86 -26.18
N ALA S 1495 -9.96 -137.49 -27.44
CA ALA S 1495 -10.80 -138.02 -28.52
C ALA S 1495 -10.68 -139.53 -28.62
N LEU S 1496 -9.36 -140.08 -28.42
CA LEU S 1496 -9.12 -141.52 -28.45
C LEU S 1496 -9.77 -142.20 -27.25
N ALA S 1497 -9.74 -141.56 -26.16
CA ALA S 1497 -10.39 -142.08 -24.95
C ALA S 1497 -11.91 -142.15 -25.13
N LEU S 1498 -12.41 -141.05 -25.73
CA LEU S 1498 -13.84 -141.01 -26.02
C LEU S 1498 -14.24 -142.15 -26.96
N LEU S 1499 -13.38 -142.33 -28.03
CA LEU S 1499 -13.65 -143.41 -28.97
C LEU S 1499 -13.61 -144.77 -28.27
N ASP S 1500 -12.61 -144.88 -27.32
CA ASP S 1500 -12.45 -146.09 -26.54
C ASP S 1500 -13.71 -146.40 -25.74
N ARG S 1501 -14.30 -145.37 -25.19
CA ARG S 1501 -15.47 -145.51 -24.33
C ARG S 1501 -16.72 -145.78 -25.16
N ILE S 1502 -16.94 -145.11 -26.26
CA ILE S 1502 -18.12 -145.22 -27.12
C ILE S 1502 -18.17 -146.61 -27.75
N VAL S 1503 -16.92 -147.16 -28.15
CA VAL S 1503 -16.84 -148.45 -28.81
C VAL S 1503 -17.14 -149.56 -27.81
N SER S 1504 -16.92 -149.26 -26.48
CA SER S 1504 -17.18 -150.25 -25.43
C SER S 1504 -18.67 -150.45 -25.22
N VAL S 1505 -19.43 -149.35 -25.37
CA VAL S 1505 -20.92 -149.40 -25.17
C VAL S 1505 -21.57 -149.63 -26.54
N ASP S 1506 -20.77 -149.95 -27.56
CA ASP S 1506 -21.28 -150.18 -28.93
C ASP S 1506 -21.75 -151.63 -29.08
N ARG S 1507 -22.91 -151.96 -28.50
CA ARG S 1507 -23.48 -153.33 -28.61
C ARG S 1507 -23.78 -153.59 -30.10
N GLN S 1508 -24.34 -152.58 -30.78
CA GLN S 1508 -24.65 -152.62 -32.24
C GLN S 1508 -23.35 -152.67 -33.05
N GLN S 1509 -22.28 -152.06 -32.52
CA GLN S 1509 -20.94 -151.97 -33.15
C GLN S 1509 -21.03 -151.20 -34.47
N GLN S 1510 -21.87 -150.15 -34.50
CA GLN S 1510 -22.03 -149.28 -35.69
C GLN S 1510 -20.79 -148.39 -35.78
N TRP S 1511 -20.42 -147.74 -34.66
CA TRP S 1511 -19.24 -146.88 -34.62
C TRP S 1511 -18.02 -147.62 -35.13
N LEU S 1512 -17.95 -148.93 -34.65
CA LEU S 1512 -16.84 -149.77 -35.10
C LEU S 1512 -16.87 -149.97 -36.60
N LEU S 1513 -18.03 -150.14 -37.20
CA LEU S 1513 -18.20 -150.32 -38.64
C LEU S 1513 -17.85 -149.05 -39.41
N TYR S 1514 -18.25 -147.95 -38.89
CA TYR S 1514 -17.95 -146.66 -39.51
C TYR S 1514 -16.45 -146.40 -39.50
N LEU S 1515 -15.77 -146.65 -38.41
CA LEU S 1515 -14.34 -146.44 -38.26
C LEU S 1515 -13.55 -147.28 -39.26
N SER S 1516 -14.04 -148.45 -39.48
CA SER S 1516 -13.37 -149.38 -40.38
C SER S 1516 -13.61 -149.01 -41.83
N ASN S 1517 -14.89 -148.62 -42.21
CA ASN S 1517 -15.26 -148.33 -43.58
C ASN S 1517 -14.71 -146.98 -44.04
N SER S 1518 -14.50 -146.06 -43.07
CA SER S 1518 -14.03 -144.73 -43.39
C SER S 1518 -12.50 -144.66 -43.38
N GLY S 1519 -11.82 -145.70 -43.01
CA GLY S 1519 -10.38 -145.81 -43.03
C GLY S 1519 -9.72 -145.20 -41.80
N TYR S 1520 -10.40 -144.74 -40.70
CA TYR S 1520 -9.83 -144.10 -39.51
C TYR S 1520 -9.08 -145.13 -38.66
N LEU S 1521 -9.65 -146.43 -38.64
CA LEU S 1521 -9.01 -147.50 -37.88
C LEU S 1521 -7.64 -147.82 -38.48
N LYS S 1522 -7.50 -147.84 -39.76
CA LYS S 1522 -6.24 -148.09 -40.46
C LYS S 1522 -5.23 -146.98 -40.18
N VAL S 1523 -5.67 -145.75 -40.22
CA VAL S 1523 -4.83 -144.59 -39.95
C VAL S 1523 -4.27 -144.66 -38.54
N LEU S 1524 -5.11 -145.05 -37.54
CA LEU S 1524 -4.70 -145.15 -36.15
C LEU S 1524 -3.64 -146.24 -35.97
N VAL S 1525 -3.77 -147.35 -36.72
CA VAL S 1525 -2.84 -148.48 -36.67
C VAL S 1525 -1.53 -148.10 -37.34
N ASP S 1526 -1.58 -147.37 -38.46
CA ASP S 1526 -0.40 -146.93 -39.18
C ASP S 1526 0.41 -145.91 -38.38
N SER S 1527 -0.26 -145.17 -37.62
CA SER S 1527 0.34 -144.11 -36.83
C SER S 1527 1.21 -144.66 -35.71
N LEU S 1528 1.05 -146.03 -35.30
CA LEU S 1528 1.85 -146.70 -34.28
C LEU S 1528 3.32 -146.74 -34.67
N ALA S 1529 3.60 -146.84 -35.97
CA ALA S 1529 5.01 -146.89 -36.43
C ALA S 1529 5.72 -145.56 -36.13
N GLU S 1530 4.95 -144.53 -35.80
CA GLU S 1530 5.47 -143.15 -35.48
C GLU S 1530 6.33 -143.16 -34.20
N ASP S 1531 5.94 -143.99 -33.23
CA ASP S 1531 6.53 -144.02 -31.88
C ASP S 1531 7.91 -144.70 -31.82
N ASP S 1532 8.42 -145.29 -32.91
CA ASP S 1532 9.75 -145.94 -32.76
C ASP S 1532 10.78 -144.87 -32.38
N VAL S 1533 10.75 -143.74 -33.09
CA VAL S 1533 11.68 -142.60 -32.85
C VAL S 1533 11.41 -142.05 -31.44
N VAL S 1534 10.12 -141.96 -31.07
CA VAL S 1534 9.75 -141.39 -29.73
C VAL S 1534 10.36 -142.28 -28.65
N LEU S 1535 10.27 -143.61 -28.80
CA LEU S 1535 10.79 -144.59 -27.82
C LEU S 1535 12.31 -144.45 -27.76
N ARG S 1536 12.96 -144.29 -28.92
CA ARG S 1536 14.44 -144.16 -28.92
C ARG S 1536 14.83 -142.90 -28.13
N ASN S 1537 14.11 -141.79 -28.36
CA ASN S 1537 14.40 -140.52 -27.64
C ASN S 1537 14.12 -140.65 -26.14
N LEU S 1538 13.05 -141.37 -25.80
CA LEU S 1538 12.55 -141.56 -24.41
C LEU S 1538 13.50 -142.40 -23.57
N LEU S 1539 14.11 -143.45 -24.16
CA LEU S 1539 15.01 -144.33 -23.38
C LEU S 1539 16.10 -143.48 -22.71
N THR S 1540 16.04 -142.16 -22.93
CA THR S 1540 17.02 -141.20 -22.34
C THR S 1540 16.75 -141.02 -20.84
N PRO S 1541 17.74 -140.60 -20.03
CA PRO S 1541 17.50 -140.41 -18.59
C PRO S 1541 16.44 -139.34 -18.35
N GLN S 1542 16.47 -138.26 -19.14
CA GLN S 1542 15.51 -137.15 -19.00
C GLN S 1542 14.49 -137.23 -20.14
N PRO S 1543 13.16 -137.20 -19.85
CA PRO S 1543 12.16 -137.29 -20.92
C PRO S 1543 11.64 -135.89 -21.33
N PRO S 1544 11.62 -135.55 -22.62
CA PRO S 1544 11.16 -134.22 -23.04
C PRO S 1544 9.68 -133.94 -22.70
N LEU S 1545 8.81 -134.94 -22.89
CA LEU S 1545 7.36 -134.75 -22.61
C LEU S 1545 6.66 -136.11 -22.48
N LEU S 1546 5.89 -136.30 -21.40
CA LEU S 1546 5.16 -137.54 -21.16
C LEU S 1546 3.87 -137.56 -21.98
N LYS S 1547 3.52 -136.37 -22.75
CA LYS S 1547 2.27 -136.26 -23.50
C LYS S 1547 2.13 -137.38 -24.52
N ALA S 1548 3.25 -137.75 -25.11
CA ALA S 1548 3.26 -138.78 -26.14
C ALA S 1548 2.92 -140.15 -25.55
N LEU S 1549 3.37 -140.37 -24.33
CA LEU S 1549 3.08 -141.61 -23.63
C LEU S 1549 1.59 -141.76 -23.35
N TYR S 1550 0.90 -140.63 -23.01
CA TYR S 1550 -0.53 -140.64 -22.70
C TYR S 1550 -1.36 -140.87 -23.96
N ILE S 1551 -0.93 -140.34 -25.08
CA ILE S 1551 -1.62 -140.55 -26.36
C ILE S 1551 -1.52 -142.01 -26.76
N TYR S 1552 -0.30 -142.50 -26.48
CA TYR S 1552 -0.05 -143.90 -26.81
C TYR S 1552 -0.91 -144.82 -25.95
N GLU S 1553 -1.07 -144.49 -24.75
CA GLU S 1553 -1.88 -145.27 -23.82
C GLU S 1553 -3.35 -145.25 -24.22
N SER S 1554 -3.84 -144.01 -24.54
CA SER S 1554 -5.23 -143.85 -24.96
C SER S 1554 -5.50 -144.61 -26.25
N LYS S 1555 -4.53 -144.54 -27.07
CA LYS S 1555 -4.63 -145.22 -28.36
C LYS S 1555 -4.67 -146.73 -28.16
N MET S 1556 -3.71 -147.27 -27.33
CA MET S 1556 -3.61 -148.71 -27.05
C MET S 1556 -4.83 -149.19 -26.27
N ALA S 1557 -5.35 -148.31 -25.44
CA ALA S 1557 -6.56 -148.63 -24.69
C ALA S 1557 -7.76 -148.80 -25.62
N PHE S 1558 -7.88 -147.83 -26.52
CA PHE S 1558 -8.96 -147.88 -27.51
C PHE S 1558 -8.84 -149.13 -28.37
N LEU S 1559 -7.59 -149.45 -28.84
CA LEU S 1559 -7.37 -150.62 -29.69
C LEU S 1559 -7.64 -151.91 -28.93
N THR S 1560 -7.25 -151.90 -27.59
CA THR S 1560 -7.51 -153.05 -26.73
C THR S 1560 -9.01 -153.30 -26.59
N ARG S 1561 -9.78 -152.17 -26.53
CA ARG S 1561 -11.24 -152.25 -26.43
C ARG S 1561 -11.84 -152.83 -27.71
N VAL S 1562 -11.33 -152.42 -28.82
CA VAL S 1562 -11.80 -152.89 -30.12
C VAL S 1562 -11.50 -154.37 -30.29
N ALA S 1563 -10.28 -154.83 -29.61
CA ALA S 1563 -9.80 -156.19 -29.76
C ALA S 1563 -10.63 -157.16 -28.91
N LYS S 1564 -11.31 -156.63 -27.90
CA LYS S 1564 -12.16 -157.46 -27.02
C LYS S 1564 -13.34 -158.02 -27.83
N SER S 1565 -13.76 -157.28 -28.85
CA SER S 1565 -14.87 -157.71 -29.74
C SER S 1565 -14.41 -158.89 -30.60
N SER S 1566 -15.29 -159.88 -30.80
CA SER S 1566 -14.94 -161.07 -31.63
C SER S 1566 -14.66 -160.61 -33.06
N GLN S 1567 -15.47 -159.67 -33.56
CA GLN S 1567 -15.31 -159.13 -34.94
C GLN S 1567 -14.09 -158.21 -34.97
N GLY S 1568 -13.98 -157.31 -33.98
CA GLY S 1568 -12.88 -156.36 -33.88
C GLY S 1568 -11.52 -157.01 -34.08
N ALA S 1569 -11.36 -158.25 -33.42
CA ALA S 1569 -10.11 -159.00 -33.54
C ALA S 1569 -9.83 -159.38 -34.99
N ILE S 1570 -10.87 -159.71 -35.73
CA ILE S 1570 -10.79 -160.10 -37.14
C ILE S 1570 -10.42 -158.87 -37.98
N GLU S 1571 -11.05 -157.79 -37.72
CA GLU S 1571 -10.80 -156.57 -38.46
C GLU S 1571 -9.38 -156.05 -38.22
N LEU S 1572 -8.87 -156.20 -37.03
CA LEU S 1572 -7.51 -155.82 -36.69
C LEU S 1572 -6.50 -156.68 -37.44
N LEU S 1573 -6.84 -158.01 -37.52
CA LEU S 1573 -5.99 -158.94 -38.24
C LEU S 1573 -5.96 -158.61 -39.73
N ARG S 1574 -7.13 -158.17 -40.33
CA ARG S 1574 -7.24 -157.77 -41.74
C ARG S 1574 -6.43 -156.50 -42.01
N SER S 1575 -6.36 -155.72 -40.98
CA SER S 1575 -5.66 -154.46 -41.12
C SER S 1575 -4.14 -154.64 -40.95
N GLY S 1576 -3.63 -155.85 -40.59
CA GLY S 1576 -2.24 -156.23 -40.47
C GLY S 1576 -1.57 -155.68 -39.23
N VAL S 1577 -2.23 -155.63 -38.00
CA VAL S 1577 -1.71 -155.03 -36.77
C VAL S 1577 -0.47 -155.81 -36.31
N ILE S 1578 -0.48 -157.15 -36.38
CA ILE S 1578 0.60 -158.01 -35.91
C ILE S 1578 1.82 -157.86 -36.83
N VAL S 1579 1.55 -157.68 -38.15
CA VAL S 1579 2.60 -157.49 -39.14
C VAL S 1579 3.34 -156.19 -38.86
N ARG S 1580 2.57 -155.14 -38.56
CA ARG S 1580 3.16 -153.83 -38.28
C ARG S 1580 3.95 -153.84 -36.97
N LEU S 1581 3.48 -154.59 -35.92
CA LEU S 1581 4.18 -154.72 -34.65
C LEU S 1581 5.48 -155.49 -34.82
N ALA S 1582 5.47 -156.50 -35.78
CA ALA S 1582 6.64 -157.32 -36.05
C ALA S 1582 7.76 -156.50 -36.70
N GLN S 1583 7.44 -155.36 -37.40
CA GLN S 1583 8.37 -154.47 -38.10
C GLN S 1583 9.00 -153.47 -37.13
N CYS S 1584 8.44 -153.32 -35.94
CA CYS S 1584 8.91 -152.31 -34.99
C CYS S 1584 10.17 -152.78 -34.27
N GLN S 1585 11.24 -152.05 -34.28
CA GLN S 1585 12.54 -152.40 -33.72
C GLN S 1585 12.62 -152.03 -32.24
N VAL S 1586 11.67 -151.23 -31.73
CA VAL S 1586 11.67 -150.74 -30.36
C VAL S 1586 11.67 -151.92 -29.39
N TYR S 1587 11.06 -153.04 -29.76
CA TYR S 1587 10.90 -154.23 -28.92
C TYR S 1587 12.23 -154.94 -28.73
N ASP S 1588 13.26 -154.72 -29.60
CA ASP S 1588 14.59 -155.34 -29.56
C ASP S 1588 15.56 -154.50 -28.73
N MET S 1589 15.22 -153.27 -28.19
CA MET S 1589 16.08 -152.32 -27.46
C MET S 1589 15.86 -152.47 -25.96
N ARG S 1590 15.97 -153.73 -25.36
CA ARG S 1590 15.83 -153.96 -23.92
C ARG S 1590 16.99 -153.32 -23.17
N PRO S 1591 16.73 -152.24 -22.24
CA PRO S 1591 17.80 -151.59 -21.49
C PRO S 1591 18.57 -152.57 -20.60
N ALA S 1610 11.57 -144.93 -15.31
CA ALA S 1610 12.95 -145.36 -15.66
C ALA S 1610 13.04 -146.10 -16.99
N PRO S 1611 14.21 -146.11 -17.66
CA PRO S 1611 14.32 -146.73 -18.99
C PRO S 1611 13.93 -148.22 -19.10
N VAL S 1612 14.39 -149.03 -18.17
CA VAL S 1612 14.05 -150.43 -18.21
C VAL S 1612 12.55 -150.56 -18.04
N GLU S 1613 11.98 -149.82 -17.11
CA GLU S 1613 10.54 -149.85 -16.86
C GLU S 1613 9.78 -149.42 -18.09
N ARG S 1614 10.33 -148.49 -18.84
CA ARG S 1614 9.69 -148.02 -20.05
C ARG S 1614 9.72 -149.02 -21.17
N TYR S 1615 10.84 -149.73 -21.32
CA TYR S 1615 10.85 -150.78 -22.32
C TYR S 1615 9.78 -151.72 -21.88
N ARG S 1616 9.71 -151.94 -20.58
CA ARG S 1616 8.73 -152.85 -20.05
C ARG S 1616 7.34 -152.44 -20.49
N GLN S 1617 6.97 -151.19 -20.30
CA GLN S 1617 5.65 -150.69 -20.67
C GLN S 1617 5.36 -150.74 -22.16
N ILE S 1618 6.35 -150.45 -22.99
CA ILE S 1618 6.11 -150.60 -24.42
C ILE S 1618 5.69 -152.03 -24.65
N LEU S 1619 6.55 -152.92 -24.16
CA LEU S 1619 6.29 -154.33 -24.35
C LEU S 1619 4.88 -154.58 -23.93
N LEU S 1620 4.51 -154.14 -22.73
CA LEU S 1620 3.16 -154.28 -22.22
C LEU S 1620 2.16 -153.89 -23.29
N PRO S 1621 1.87 -152.58 -23.51
CA PRO S 1621 0.92 -152.39 -24.61
C PRO S 1621 0.99 -153.25 -25.89
N ALA S 1622 2.15 -153.41 -26.52
CA ALA S 1622 2.16 -154.16 -27.79
C ALA S 1622 1.69 -155.59 -27.62
N LEU S 1623 2.36 -156.26 -26.72
CA LEU S 1623 2.06 -157.65 -26.55
C LEU S 1623 0.64 -157.79 -26.07
N GLN S 1624 0.14 -156.78 -25.36
CA GLN S 1624 -1.20 -156.79 -24.82
C GLN S 1624 -2.11 -156.97 -25.89
N ILE S 1625 -2.11 -155.95 -26.73
CA ILE S 1625 -3.06 -156.03 -27.80
C ILE S 1625 -2.91 -157.41 -28.43
N CYS S 1626 -1.71 -157.78 -28.91
CA CYS S 1626 -1.66 -159.07 -29.62
C CYS S 1626 -2.35 -160.23 -28.91
N GLN S 1627 -1.84 -160.58 -27.74
CA GLN S 1627 -2.38 -161.75 -27.07
C GLN S 1627 -3.85 -161.65 -26.82
N LEU S 1628 -4.28 -160.57 -26.19
CA LEU S 1628 -5.69 -160.53 -25.83
C LEU S 1628 -6.50 -160.77 -27.07
N ILE S 1629 -6.18 -160.00 -28.10
CA ILE S 1629 -6.94 -160.11 -29.31
C ILE S 1629 -7.08 -161.51 -29.73
N LEU S 1630 -5.94 -162.08 -30.09
CA LEU S 1630 -6.04 -163.37 -30.71
C LEU S 1630 -6.76 -164.37 -29.84
N THR S 1631 -6.45 -164.37 -28.56
CA THR S 1631 -7.07 -165.35 -27.70
C THR S 1631 -8.57 -165.21 -27.78
N SER S 1632 -9.09 -164.08 -27.31
CA SER S 1632 -10.55 -163.81 -27.38
C SER S 1632 -11.01 -163.88 -28.84
N SER S 1633 -10.07 -164.17 -29.76
CA SER S 1633 -10.34 -164.27 -31.21
C SER S 1633 -11.11 -165.56 -31.54
N THR S 1634 -11.80 -165.58 -32.68
CA THR S 1634 -12.62 -166.74 -33.12
C THR S 1634 -11.71 -167.92 -33.52
N ALA S 1635 -12.27 -169.14 -33.43
CA ALA S 1635 -11.54 -170.40 -33.77
C ALA S 1635 -11.13 -170.41 -35.24
N GLN S 1636 -11.98 -169.85 -36.11
CA GLN S 1636 -11.71 -169.82 -37.58
C GLN S 1636 -10.42 -169.05 -37.84
N HIS S 1637 -10.20 -167.94 -37.12
CA HIS S 1637 -8.96 -167.13 -37.30
C HIS S 1637 -7.83 -167.75 -36.47
N LEU S 1638 -7.30 -168.89 -36.95
CA LEU S 1638 -6.20 -169.61 -36.27
C LEU S 1638 -4.84 -168.99 -36.66
N GLN S 1639 -4.77 -168.44 -37.87
CA GLN S 1639 -3.57 -167.82 -38.40
C GLN S 1639 -3.14 -166.79 -37.37
N ALA S 1640 -4.09 -166.27 -36.60
CA ALA S 1640 -3.73 -165.38 -35.50
C ALA S 1640 -2.52 -165.91 -34.74
N ALA S 1641 -2.57 -167.21 -34.50
CA ALA S 1641 -1.47 -167.87 -33.80
C ALA S 1641 -0.19 -167.84 -34.61
N GLY S 1642 -0.31 -168.06 -35.98
CA GLY S 1642 0.82 -167.97 -36.88
C GLY S 1642 1.46 -166.60 -36.90
N GLN S 1643 0.74 -165.53 -36.95
CA GLN S 1643 1.23 -164.15 -37.00
C GLN S 1643 1.89 -163.76 -35.68
N VAL S 1644 1.28 -164.21 -34.55
CA VAL S 1644 1.82 -163.91 -33.24
C VAL S 1644 3.16 -164.63 -33.05
N LEU S 1645 3.20 -165.87 -33.57
CA LEU S 1645 4.44 -166.64 -33.49
C LEU S 1645 5.55 -165.97 -34.30
N GLN S 1646 5.16 -165.39 -35.43
CA GLN S 1646 6.09 -164.61 -36.25
C GLN S 1646 6.64 -163.42 -35.49
N PHE S 1647 5.79 -162.79 -34.70
CA PHE S 1647 6.19 -161.67 -33.85
C PHE S 1647 7.18 -162.12 -32.78
N LEU S 1648 6.95 -163.34 -32.12
CA LEU S 1648 7.81 -163.85 -31.07
C LEU S 1648 9.18 -164.23 -31.64
N VAL S 1649 9.14 -164.75 -32.91
CA VAL S 1649 10.37 -165.20 -33.56
C VAL S 1649 11.17 -164.00 -34.04
N ALA S 1650 10.49 -162.96 -34.55
CA ALA S 1650 11.15 -161.76 -35.04
C ALA S 1650 11.93 -161.07 -33.92
N HIS S 1651 11.56 -161.26 -32.63
CA HIS S 1651 12.21 -160.65 -31.47
C HIS S 1651 12.69 -161.71 -30.50
N SER S 1652 13.26 -162.91 -31.02
CA SER S 1652 13.62 -164.11 -30.27
C SER S 1652 14.66 -163.81 -29.20
N ASP S 1653 15.65 -162.84 -29.48
CA ASP S 1653 16.70 -162.49 -28.52
C ASP S 1653 16.11 -161.87 -27.26
N THR S 1654 15.20 -160.91 -27.49
CA THR S 1654 14.56 -160.19 -26.39
C THR S 1654 13.70 -161.14 -25.57
N ILE S 1655 12.96 -162.03 -26.25
CA ILE S 1655 12.03 -162.97 -25.63
C ILE S 1655 12.81 -163.99 -24.79
N GLN S 1656 13.88 -164.52 -25.32
CA GLN S 1656 14.74 -165.47 -24.60
C GLN S 1656 15.37 -164.82 -23.36
N ALA S 1657 15.74 -163.47 -23.56
CA ALA S 1657 16.30 -162.71 -22.44
C ALA S 1657 15.29 -162.56 -21.31
N ILE S 1658 14.00 -162.36 -21.69
CA ILE S 1658 12.93 -162.20 -20.70
C ILE S 1658 12.66 -163.53 -20.01
N LEU S 1659 12.72 -164.70 -20.73
CA LEU S 1659 12.43 -166.03 -20.22
C LEU S 1659 13.56 -166.51 -19.30
N ARG S 1660 14.85 -165.81 -19.45
CA ARG S 1660 16.01 -166.18 -18.67
C ARG S 1660 16.19 -165.25 -17.46
N SER S 1661 15.41 -164.17 -17.44
CA SER S 1661 15.45 -163.18 -16.34
C SER S 1661 14.92 -163.80 -15.05
N GLN S 1662 15.76 -163.86 -14.01
CA GLN S 1662 15.36 -164.44 -12.70
C GLN S 1662 14.66 -163.36 -11.87
N GLU S 1663 13.42 -163.03 -12.22
CA GLU S 1663 12.72 -161.86 -11.62
C GLU S 1663 11.50 -162.36 -10.83
N GLY S 1664 11.38 -161.93 -9.57
CA GLY S 1664 10.26 -162.33 -8.69
C GLY S 1664 9.06 -161.42 -8.87
N SER S 1665 9.19 -160.37 -9.69
CA SER S 1665 8.09 -159.41 -9.94
C SER S 1665 6.91 -160.13 -10.60
N LEU S 1666 5.69 -159.79 -10.20
CA LEU S 1666 4.46 -160.42 -10.75
C LEU S 1666 4.38 -160.12 -12.25
N GLY S 1667 4.70 -158.89 -12.64
CA GLY S 1667 4.68 -158.49 -14.06
C GLY S 1667 5.38 -159.49 -14.95
N SER S 1668 6.65 -159.81 -14.64
CA SER S 1668 7.41 -160.77 -15.42
C SER S 1668 6.67 -162.08 -15.57
N LEU S 1669 5.92 -162.46 -14.52
CA LEU S 1669 5.13 -163.69 -14.52
C LEU S 1669 3.95 -163.57 -15.48
N GLN S 1670 3.34 -162.40 -15.50
CA GLN S 1670 2.23 -162.17 -16.42
C GLN S 1670 2.68 -162.22 -17.88
N GLU S 1671 3.88 -161.61 -18.09
CA GLU S 1671 4.47 -161.66 -19.42
C GLU S 1671 4.71 -163.09 -19.87
N LEU S 1672 5.19 -163.84 -18.89
CA LEU S 1672 5.52 -165.23 -19.16
C LEU S 1672 4.26 -166.07 -19.38
N ALA S 1673 3.22 -165.76 -18.55
CA ALA S 1673 1.95 -166.47 -18.65
C ALA S 1673 1.31 -166.27 -20.02
N LEU S 1674 1.23 -165.00 -20.48
CA LEU S 1674 0.63 -164.65 -21.76
C LEU S 1674 1.42 -165.25 -22.91
N LEU S 1675 2.77 -165.15 -22.84
CA LEU S 1675 3.65 -165.65 -23.90
C LEU S 1675 3.54 -167.17 -24.02
N THR S 1676 3.55 -167.89 -22.81
CA THR S 1676 3.44 -169.35 -22.82
C THR S 1676 2.08 -169.77 -23.40
N GLY S 1677 1.03 -168.90 -23.15
CA GLY S 1677 -0.28 -169.14 -23.72
C GLY S 1677 -0.30 -169.01 -25.23
N ILE S 1678 0.35 -167.97 -25.76
CA ILE S 1678 0.44 -167.70 -27.20
C ILE S 1678 1.24 -168.80 -27.88
N ILE S 1679 2.36 -169.23 -27.23
CA ILE S 1679 3.24 -170.25 -27.80
C ILE S 1679 2.51 -171.59 -27.86
N SER S 1680 1.67 -171.81 -26.78
CA SER S 1680 0.95 -173.07 -26.68
C SER S 1680 -0.07 -173.21 -27.82
N LYS S 1681 -0.57 -172.11 -28.31
CA LYS S 1681 -1.62 -172.13 -29.33
C LYS S 1681 -1.02 -171.93 -30.72
N ALA S 1682 0.14 -171.19 -30.92
CA ALA S 1682 0.72 -170.77 -32.20
C ALA S 1682 1.68 -171.83 -32.73
N ALA S 1683 2.46 -172.58 -31.81
CA ALA S 1683 3.60 -173.42 -32.13
C ALA S 1683 3.16 -174.85 -32.43
N LEU S 1684 1.98 -175.03 -33.13
CA LEU S 1684 1.51 -176.36 -33.53
C LEU S 1684 2.24 -176.84 -34.77
N PRO S 1685 3.11 -177.93 -34.69
CA PRO S 1685 3.87 -178.53 -35.78
C PRO S 1685 3.09 -178.54 -37.10
N GLY S 1686 1.64 -178.38 -37.13
CA GLY S 1686 0.79 -178.30 -38.31
C GLY S 1686 0.92 -176.96 -39.04
N VAL S 1687 1.39 -175.96 -38.39
CA VAL S 1687 1.57 -174.60 -38.88
C VAL S 1687 2.90 -174.50 -39.63
N LEU S 1688 3.92 -175.38 -39.33
CA LEU S 1688 5.27 -175.35 -39.89
C LEU S 1688 5.33 -176.11 -41.20
N ASN S 1689 4.36 -177.08 -41.38
CA ASN S 1689 4.31 -177.93 -42.55
C ASN S 1689 3.63 -177.23 -43.73
N GLU S 1690 2.59 -176.45 -43.41
CA GLU S 1690 1.81 -175.69 -44.42
C GLU S 1690 2.48 -174.33 -44.65
N LEU S 1691 3.54 -174.05 -43.89
CA LEU S 1691 4.31 -172.78 -44.01
C LEU S 1691 5.48 -172.99 -44.98
N ASP S 1692 5.60 -174.20 -45.53
CA ASP S 1692 6.68 -174.58 -46.47
C ASP S 1692 6.25 -174.29 -47.92
N ILE S 1693 5.04 -173.76 -48.10
CA ILE S 1693 4.55 -173.47 -49.48
C ILE S 1693 5.46 -172.43 -50.16
N GLY S 1694 5.84 -171.36 -49.45
CA GLY S 1694 6.70 -170.34 -50.08
C GLY S 1694 7.99 -170.02 -49.32
N LEU S 1695 8.10 -170.45 -48.06
CA LEU S 1695 9.32 -170.10 -47.28
C LEU S 1695 10.29 -171.28 -47.20
N ASN S 1696 9.79 -172.45 -46.78
CA ASN S 1696 9.82 -173.78 -47.47
C ASN S 1696 10.53 -174.78 -46.57
N ASP S 1697 11.70 -175.28 -46.99
CA ASP S 1697 12.48 -176.25 -46.19
C ASP S 1697 12.95 -175.58 -44.90
N GLY S 1698 13.36 -174.30 -45.01
CA GLY S 1698 13.90 -173.52 -43.89
C GLY S 1698 12.86 -173.07 -42.87
N SER S 1699 11.68 -172.63 -43.31
CA SER S 1699 10.71 -172.13 -42.39
C SER S 1699 10.33 -173.22 -41.39
N MET S 1700 10.49 -174.44 -41.73
CA MET S 1700 10.21 -175.60 -40.90
C MET S 1700 11.28 -175.78 -39.79
N MET S 1701 12.48 -175.57 -40.24
CA MET S 1701 13.60 -175.66 -39.26
C MET S 1701 13.54 -174.55 -38.21
N GLU S 1702 13.15 -173.35 -38.72
CA GLU S 1702 12.98 -172.20 -37.83
C GLU S 1702 11.89 -172.46 -36.86
N LEU S 1703 10.80 -173.13 -37.39
CA LEU S 1703 9.65 -173.46 -36.61
C LEU S 1703 10.02 -174.52 -35.54
N GLN S 1704 10.77 -175.50 -35.95
CA GLN S 1704 11.20 -176.58 -35.04
C GLN S 1704 12.19 -176.04 -33.96
N GLY S 1705 13.00 -175.08 -34.46
CA GLY S 1705 13.95 -174.42 -33.55
C GLY S 1705 13.31 -173.64 -32.45
N HIS S 1706 12.29 -172.84 -32.79
CA HIS S 1706 11.58 -172.04 -31.83
C HIS S 1706 10.86 -172.94 -30.86
N ILE S 1707 10.30 -174.04 -31.39
CA ILE S 1707 9.54 -174.96 -30.58
C ILE S 1707 10.46 -175.67 -29.58
N GLY S 1708 11.64 -176.13 -30.08
CA GLY S 1708 12.63 -176.75 -29.17
C GLY S 1708 13.08 -175.84 -28.02
N ARG S 1709 13.17 -174.54 -28.29
CA ARG S 1709 13.57 -173.54 -27.27
C ARG S 1709 12.48 -173.35 -26.27
N PHE S 1710 11.21 -173.27 -26.78
CA PHE S 1710 10.08 -173.14 -25.93
C PHE S 1710 10.03 -174.32 -24.96
N GLN S 1711 10.40 -175.56 -25.55
CA GLN S 1711 10.36 -176.80 -24.77
C GLN S 1711 11.38 -176.76 -23.60
N ARG S 1712 12.55 -176.36 -23.84
CA ARG S 1712 13.64 -176.31 -22.83
C ARG S 1712 13.39 -175.26 -21.76
N GLN S 1713 12.88 -174.14 -22.21
CA GLN S 1713 12.61 -173.03 -21.29
C GLN S 1713 11.44 -173.39 -20.43
N CYS S 1714 10.45 -174.15 -21.01
CA CYS S 1714 9.32 -174.58 -20.28
C CYS S 1714 9.73 -175.58 -19.19
N LEU S 1715 10.66 -176.53 -19.49
CA LEU S 1715 11.11 -177.55 -18.54
C LEU S 1715 11.95 -176.90 -17.39
N ALA S 1716 12.69 -175.81 -17.68
CA ALA S 1716 13.53 -175.07 -16.70
C ALA S 1716 12.72 -174.39 -15.66
N LEU S 1717 11.44 -174.16 -16.00
CA LEU S 1717 10.53 -173.48 -15.12
C LEU S 1717 10.21 -174.38 -13.94
N LEU S 1718 10.37 -175.81 -14.10
CA LEU S 1718 10.08 -176.77 -13.05
C LEU S 1718 11.10 -176.64 -11.89
N ASN S 1719 12.33 -176.26 -12.17
CA ASN S 1719 13.39 -176.09 -11.14
C ASN S 1719 13.20 -174.80 -10.33
N ARG S 1720 12.57 -173.86 -11.03
CA ARG S 1720 12.40 -172.54 -10.42
C ARG S 1720 11.21 -172.54 -9.52
N PHE S 1721 10.11 -173.13 -10.05
CA PHE S 1721 8.87 -173.02 -9.36
C PHE S 1721 8.56 -174.34 -8.65
N GLY S 1722 9.22 -175.54 -9.04
CA GLY S 1722 9.01 -176.90 -8.55
C GLY S 1722 10.05 -177.33 -7.51
N GLY S 1723 11.21 -176.46 -7.11
CA GLY S 1723 12.33 -176.75 -6.20
C GLY S 1723 12.36 -175.87 -4.94
N SER S 1724 13.35 -175.99 -4.00
CA SER S 1724 13.63 -175.31 -2.72
C SER S 1724 13.64 -173.78 -2.88
N ASP S 1725 13.67 -173.24 -4.17
CA ASP S 1725 13.71 -171.80 -4.49
C ASP S 1725 12.35 -171.17 -4.41
N ARG S 1726 11.24 -171.92 -4.35
CA ARG S 1726 9.88 -171.51 -4.18
C ARG S 1726 9.75 -170.66 -2.90
N LEU S 1727 10.49 -171.08 -1.80
CA LEU S 1727 10.42 -170.47 -0.48
C LEU S 1727 11.16 -169.13 -0.41
N ARG S 1728 12.13 -169.02 -1.29
CA ARG S 1728 12.93 -167.79 -1.33
C ARG S 1728 12.20 -166.70 -2.15
N GLN S 1729 11.40 -167.16 -3.10
CA GLN S 1729 10.66 -166.19 -3.94
C GLN S 1729 9.45 -165.68 -3.25
N LEU S 1730 8.92 -166.48 -2.41
CA LEU S 1730 7.77 -166.13 -1.66
C LEU S 1730 8.18 -165.33 -0.40
N SER S 1731 9.56 -165.57 0.17
CA SER S 1731 10.10 -164.90 1.38
C SER S 1731 10.63 -163.50 1.07
N LEU S 1732 11.20 -163.13 -0.09
CA LEU S 1732 11.75 -161.84 -0.47
C LEU S 1732 10.65 -160.80 -0.71
N GLN S 1733 9.53 -161.25 -0.69
CA GLN S 1733 8.43 -160.31 -0.90
C GLN S 1733 7.76 -160.02 0.41
N ASP S 1734 8.11 -160.80 1.54
CA ASP S 1734 7.62 -160.72 2.88
C ASP S 1734 8.30 -159.57 3.69
N ASP S 1735 9.43 -159.10 3.16
CA ASP S 1735 10.02 -157.92 3.77
C ASP S 1735 8.91 -156.85 3.78
N SER S 1736 7.94 -156.96 2.86
CA SER S 1736 6.79 -156.05 2.82
C SER S 1736 5.56 -156.68 2.18
N SER S 1737 4.70 -157.32 2.97
CA SER S 1737 3.49 -157.92 2.41
C SER S 1737 2.23 -157.18 2.81
N ARG S 1738 1.70 -156.37 1.90
CA ARG S 1738 0.43 -155.72 2.18
C ARG S 1738 -0.65 -156.52 1.50
N LEU S 1739 -1.81 -155.93 1.31
CA LEU S 1739 -2.86 -156.60 0.56
C LEU S 1739 -2.28 -156.73 -0.82
N ASP S 1740 -1.55 -155.71 -1.23
CA ASP S 1740 -0.91 -155.72 -2.52
C ASP S 1740 -0.01 -156.94 -2.65
N GLY S 1741 0.89 -157.15 -1.70
CA GLY S 1741 1.80 -158.28 -1.74
C GLY S 1741 1.08 -159.61 -1.73
N VAL S 1742 0.00 -159.68 -0.95
CA VAL S 1742 -0.79 -160.89 -0.91
C VAL S 1742 -1.30 -161.22 -2.30
N SER S 1743 -1.93 -160.24 -2.95
CA SER S 1743 -2.50 -160.49 -4.26
C SER S 1743 -1.39 -160.78 -5.28
N LYS S 1744 -0.22 -160.20 -5.05
CA LYS S 1744 0.91 -160.42 -5.93
C LYS S 1744 1.30 -161.86 -5.87
N LYS S 1745 1.41 -162.41 -4.68
CA LYS S 1745 1.72 -163.81 -4.51
C LYS S 1745 0.63 -164.69 -5.11
N ASP S 1746 -0.61 -164.21 -4.99
CA ASP S 1746 -1.72 -164.94 -5.56
C ASP S 1746 -1.53 -165.10 -7.04
N ASP S 1747 -1.13 -164.02 -7.69
CA ASP S 1747 -1.04 -164.12 -9.14
C ASP S 1747 0.31 -164.69 -9.55
N MET S 1748 1.21 -164.81 -8.60
CA MET S 1748 2.45 -165.47 -8.87
C MET S 1748 2.05 -166.89 -9.03
N GLU S 1749 1.15 -167.30 -8.14
CA GLU S 1749 0.64 -168.64 -8.26
C GLU S 1749 -0.13 -168.75 -9.56
N LEU S 1750 -0.86 -167.71 -9.92
CA LEU S 1750 -1.58 -167.72 -11.18
C LEU S 1750 -0.65 -168.10 -12.24
N ALA S 1751 0.48 -167.44 -12.28
CA ALA S 1751 1.41 -167.66 -13.33
C ALA S 1751 1.85 -169.07 -13.29
N MET S 1752 2.42 -169.46 -12.16
CA MET S 1752 2.88 -170.82 -12.01
C MET S 1752 1.88 -171.70 -12.69
N GLN S 1753 0.63 -171.46 -12.37
CA GLN S 1753 -0.44 -172.23 -12.93
C GLN S 1753 -0.50 -172.07 -14.38
N GLN S 1754 -0.83 -170.88 -14.84
CA GLN S 1754 -1.03 -170.57 -16.24
C GLN S 1754 0.07 -170.93 -17.12
N ILE S 1755 1.23 -170.40 -16.79
CA ILE S 1755 2.37 -170.59 -17.64
C ILE S 1755 2.41 -172.04 -17.95
N CYS S 1756 2.22 -172.87 -16.95
CA CYS S 1756 2.25 -174.24 -17.40
C CYS S 1756 0.89 -174.92 -17.80
N SER S 1757 -0.29 -174.72 -17.12
CA SER S 1757 -1.46 -175.37 -17.73
C SER S 1757 -1.39 -175.35 -19.24
N ASN S 1758 -1.04 -174.11 -19.75
CA ASN S 1758 -0.95 -173.92 -21.19
C ASN S 1758 0.10 -174.81 -21.79
N VAL S 1759 1.25 -174.90 -21.15
CA VAL S 1759 2.34 -175.69 -21.65
C VAL S 1759 1.94 -177.19 -21.61
N MET S 1760 1.21 -177.60 -20.49
CA MET S 1760 0.74 -178.99 -20.35
C MET S 1760 -0.30 -179.36 -21.43
N GLU S 1761 -1.11 -178.31 -21.70
CA GLU S 1761 -2.10 -178.48 -22.78
C GLU S 1761 -1.41 -178.69 -24.10
N TYR S 1762 -0.45 -177.85 -24.26
CA TYR S 1762 0.34 -177.97 -25.46
C TYR S 1762 0.91 -179.37 -25.56
N CYS S 1763 1.50 -179.99 -24.46
CA CYS S 1763 2.09 -181.32 -24.40
C CYS S 1763 1.05 -182.43 -24.69
N GLN S 1764 -0.11 -182.20 -24.03
CA GLN S 1764 -1.21 -183.16 -24.26
C GLN S 1764 -1.64 -183.20 -25.72
N ALA S 1765 -1.80 -181.98 -26.34
CA ALA S 1765 -2.21 -181.84 -27.74
C ALA S 1765 -1.20 -182.46 -28.66
N LEU S 1766 0.10 -182.29 -28.34
CA LEU S 1766 1.16 -182.83 -29.12
C LEU S 1766 1.15 -184.37 -29.06
N MET S 1767 0.75 -184.91 -27.88
CA MET S 1767 0.71 -186.37 -27.68
C MET S 1767 -0.49 -187.03 -28.39
N ILE S 1768 -1.67 -186.30 -28.39
CA ILE S 1768 -2.91 -186.84 -28.96
C ILE S 1768 -2.83 -186.83 -30.47
N GLN S 1769 -2.19 -185.79 -31.02
CA GLN S 1769 -1.98 -185.68 -32.49
C GLN S 1769 -0.67 -186.40 -32.82
N ASN S 1770 0.42 -185.97 -32.18
CA ASN S 1770 1.78 -186.58 -32.35
C ASN S 1770 1.75 -188.04 -31.84
N SER S 1771 1.00 -188.28 -30.77
CA SER S 1771 0.86 -189.62 -30.13
C SER S 1771 2.21 -190.12 -29.59
N PRO S 1772 3.09 -189.22 -29.10
CA PRO S 1772 4.38 -189.62 -28.49
C PRO S 1772 5.24 -190.57 -29.34
N SER S 1773 5.37 -190.30 -30.64
CA SER S 1773 6.19 -191.14 -31.56
C SER S 1773 5.77 -192.61 -31.45
N PHE S 1774 4.45 -192.86 -31.51
CA PHE S 1774 3.89 -194.24 -31.40
C PHE S 1774 4.41 -195.09 -32.57
N GLN S 1775 4.49 -194.50 -33.77
CA GLN S 1775 4.95 -195.23 -34.97
C GLN S 1775 6.38 -195.73 -34.76
N GLN S 1776 7.24 -194.89 -34.16
CA GLN S 1776 8.65 -195.30 -33.92
C GLN S 1776 8.67 -196.48 -32.94
N THR S 1777 9.46 -197.50 -33.25
CA THR S 1777 9.57 -198.72 -32.39
C THR S 1777 10.80 -198.61 -31.47
N VAL S 1778 11.55 -197.49 -31.58
CA VAL S 1778 12.77 -197.29 -30.75
C VAL S 1778 12.38 -197.21 -29.27
N CYS S 1779 13.15 -197.86 -28.40
CA CYS S 1779 12.89 -197.83 -26.93
C CYS S 1779 12.94 -196.38 -26.45
N LEU S 1780 11.93 -195.94 -25.71
CA LEU S 1780 11.89 -194.53 -25.23
C LEU S 1780 12.84 -194.30 -24.12
N PHE S 1781 13.29 -195.40 -23.45
CA PHE S 1781 14.11 -195.33 -22.29
C PHE S 1781 15.32 -196.18 -22.53
N THR S 1782 16.52 -195.89 -22.08
CA THR S 1782 17.72 -196.65 -22.19
C THR S 1782 17.68 -197.81 -21.15
N LEU S 1808 21.86 -182.95 -29.38
CA LEU S 1808 20.96 -184.06 -29.06
C LEU S 1808 20.33 -183.92 -27.68
N PRO S 1809 19.19 -184.59 -27.46
CA PRO S 1809 18.51 -184.50 -26.17
C PRO S 1809 18.75 -185.68 -25.23
N SER S 1810 18.03 -185.70 -24.11
CA SER S 1810 18.14 -186.81 -23.16
C SER S 1810 16.74 -187.27 -22.77
N LEU S 1811 16.62 -188.49 -22.25
CA LEU S 1811 15.31 -189.03 -21.92
C LEU S 1811 15.10 -189.24 -20.42
N GLY S 1812 16.17 -189.29 -19.63
CA GLY S 1812 16.00 -189.35 -18.18
C GLY S 1812 15.26 -188.07 -17.88
N VAL S 1813 15.46 -187.07 -18.71
CA VAL S 1813 14.73 -185.80 -18.63
C VAL S 1813 13.26 -186.08 -18.33
N VAL S 1814 12.67 -187.20 -18.92
CA VAL S 1814 11.28 -187.60 -18.73
C VAL S 1814 11.07 -188.06 -17.28
N ILE S 1815 12.01 -188.82 -16.78
CA ILE S 1815 11.93 -189.29 -15.40
C ILE S 1815 12.04 -188.12 -14.44
N HIS S 1816 12.90 -187.25 -14.76
CA HIS S 1816 13.07 -186.05 -13.94
C HIS S 1816 11.80 -185.22 -13.93
N LEU S 1817 11.31 -185.07 -15.10
CA LEU S 1817 10.06 -184.34 -15.23
C LEU S 1817 8.95 -185.02 -14.43
N LEU S 1818 8.92 -186.37 -14.49
CA LEU S 1818 7.94 -187.16 -13.74
C LEU S 1818 8.12 -186.96 -12.24
N LYS S 1819 9.35 -187.00 -11.77
CA LYS S 1819 9.65 -186.80 -10.35
C LYS S 1819 9.30 -185.39 -9.90
N GLN S 1820 9.65 -184.51 -10.74
CA GLN S 1820 9.40 -183.11 -10.45
C GLN S 1820 7.90 -182.81 -10.44
N SER S 1821 7.17 -183.28 -11.46
CA SER S 1821 5.74 -183.06 -11.56
C SER S 1821 5.00 -183.73 -10.41
N ALA S 1822 5.50 -184.97 -9.97
CA ALA S 1822 4.90 -185.66 -8.84
C ALA S 1822 5.11 -184.87 -7.54
N ASN S 1823 6.30 -184.22 -7.39
CA ASN S 1823 6.61 -183.39 -6.22
C ASN S 1823 5.81 -182.09 -6.24
N ASN S 1824 5.75 -181.50 -7.39
CA ASN S 1824 5.03 -180.24 -7.56
C ASN S 1824 3.53 -180.42 -7.33
N PHE S 1825 3.01 -181.59 -7.70
CA PHE S 1825 1.59 -181.88 -7.52
C PHE S 1825 1.20 -181.74 -6.06
N PHE S 1826 1.92 -182.31 -5.18
CA PHE S 1826 1.61 -182.27 -3.76
C PHE S 1826 1.74 -180.86 -3.21
N THR S 1827 2.75 -180.11 -3.72
CA THR S 1827 2.94 -178.73 -3.34
C THR S 1827 1.76 -177.88 -3.79
N TYR S 1828 1.36 -178.11 -5.00
CA TYR S 1828 0.25 -177.37 -5.58
C TYR S 1828 -1.06 -177.73 -4.90
N TYR S 1829 -1.21 -178.92 -4.61
CA TYR S 1829 -2.42 -179.42 -3.96
C TYR S 1829 -2.57 -178.82 -2.57
N ASP S 1830 -1.47 -178.73 -1.78
CA ASP S 1830 -1.47 -178.16 -0.44
C ASP S 1830 -1.81 -176.67 -0.47
N ILE S 1831 -1.23 -176.02 -1.42
CA ILE S 1831 -1.46 -174.58 -1.57
C ILE S 1831 -2.89 -174.33 -2.03
N HIS S 1832 -3.36 -175.10 -2.98
CA HIS S 1832 -4.73 -175.01 -3.46
C HIS S 1832 -5.73 -175.19 -2.31
N ARG S 1833 -5.51 -176.18 -1.48
CA ARG S 1833 -6.35 -176.45 -0.31
C ARG S 1833 -6.32 -175.29 0.68
N GLN S 1834 -5.12 -174.68 0.96
CA GLN S 1834 -4.94 -173.53 1.83
C GLN S 1834 -5.65 -172.30 1.28
N SER S 1835 -5.55 -172.10 -0.03
CA SER S 1835 -6.21 -170.94 -0.70
C SER S 1835 -7.74 -171.05 -0.54
N VAL S 1836 -8.27 -172.26 -0.69
CA VAL S 1836 -9.75 -172.50 -0.59
C VAL S 1836 -10.21 -172.11 0.82
N GLY S 1837 -9.46 -172.47 1.85
CA GLY S 1837 -9.85 -172.13 3.23
C GLY S 1837 -9.90 -170.62 3.44
N LYS S 1838 -8.90 -169.91 2.90
CA LYS S 1838 -8.84 -168.43 3.01
C LYS S 1838 -10.06 -167.83 2.29
N LEU S 1839 -10.39 -168.39 1.12
CA LEU S 1839 -11.55 -167.90 0.33
C LEU S 1839 -12.83 -168.10 1.15
N GLN S 1840 -12.96 -169.25 1.81
CA GLN S 1840 -14.15 -169.57 2.64
C GLN S 1840 -14.23 -168.57 3.80
N ASN S 1841 -13.09 -168.25 4.41
CA ASN S 1841 -13.04 -167.29 5.54
C ASN S 1841 -13.51 -165.92 5.02
N VAL S 1842 -13.05 -165.52 3.84
CA VAL S 1842 -13.43 -164.21 3.24
C VAL S 1842 -14.94 -164.20 3.00
N GLU S 1843 -15.48 -165.32 2.51
CA GLU S 1843 -16.92 -165.46 2.21
C GLU S 1843 -17.73 -165.34 3.51
N GLN S 1844 -17.24 -165.92 4.60
CA GLN S 1844 -17.93 -165.88 5.93
C GLN S 1844 -18.35 -164.45 6.26
N LEU S 1845 -17.42 -163.50 6.11
CA LEU S 1845 -17.67 -162.09 6.40
C LEU S 1845 -18.95 -161.61 5.74
N PRO S 1846 -19.89 -161.10 6.55
CA PRO S 1846 -21.20 -160.66 6.01
C PRO S 1846 -21.38 -159.13 5.99
N PRO S 1847 -22.61 -158.66 5.74
CA PRO S 1847 -23.03 -157.30 6.10
C PRO S 1847 -22.85 -157.02 7.57
N ASP S 1848 -22.91 -158.07 8.39
CA ASP S 1848 -22.74 -157.95 9.86
C ASP S 1848 -21.28 -157.54 10.16
N GLU S 1849 -20.35 -158.06 9.36
CA GLU S 1849 -18.90 -157.76 9.54
C GLU S 1849 -18.67 -156.25 9.33
N ILE S 1850 -19.33 -155.67 8.32
CA ILE S 1850 -19.18 -154.21 8.04
C ILE S 1850 -19.70 -153.42 9.25
N LYS S 1851 -20.83 -153.85 9.82
CA LYS S 1851 -21.43 -153.17 11.01
C LYS S 1851 -20.44 -153.27 12.18
N GLU S 1852 -19.81 -154.44 12.35
CA GLU S 1852 -18.84 -154.66 13.44
C GLU S 1852 -17.66 -153.71 13.25
N LEU S 1853 -17.19 -153.56 12.00
CA LEU S 1853 -16.05 -152.66 11.67
C LEU S 1853 -16.45 -151.22 12.00
N CYS S 1854 -17.69 -150.84 11.67
CA CYS S 1854 -18.19 -149.47 11.96
C CYS S 1854 -18.21 -149.25 13.48
N GLN S 1855 -18.63 -150.25 14.23
CA GLN S 1855 -18.69 -150.17 15.71
C GLN S 1855 -17.32 -149.78 16.25
N SER S 1866 -14.78 -145.37 5.05
CA SER S 1866 -16.03 -145.74 5.69
C SER S 1866 -16.12 -147.24 5.90
N THR S 1867 -16.74 -147.62 6.98
CA THR S 1867 -16.81 -149.02 7.29
C THR S 1867 -17.51 -149.72 6.14
N THR S 1868 -18.55 -149.09 5.60
CA THR S 1868 -19.29 -149.67 4.49
C THR S 1868 -18.43 -149.83 3.23
N GLN S 1869 -17.69 -148.79 2.88
CA GLN S 1869 -16.82 -148.86 1.70
C GLN S 1869 -15.56 -149.61 2.05
N LYS S 1870 -15.26 -149.72 3.33
CA LYS S 1870 -14.11 -150.52 3.73
C LYS S 1870 -14.51 -151.88 3.29
N TYR S 1871 -15.78 -152.20 3.52
CA TYR S 1871 -16.29 -153.47 3.11
C TYR S 1871 -16.50 -153.52 1.63
N GLY S 1872 -16.69 -152.38 0.98
CA GLY S 1872 -16.77 -152.41 -0.47
C GLY S 1872 -15.42 -152.89 -0.92
N LEU S 1873 -14.37 -152.23 -0.44
CA LEU S 1873 -13.02 -152.61 -0.81
C LEU S 1873 -12.67 -153.97 -0.25
N ALA S 1874 -13.31 -154.36 0.84
CA ALA S 1874 -12.93 -155.61 1.45
C ALA S 1874 -13.42 -156.67 0.52
N ARG S 1875 -14.62 -156.49 0.01
CA ARG S 1875 -15.22 -157.43 -0.89
C ARG S 1875 -14.37 -157.45 -2.12
N ARG S 1876 -13.90 -156.27 -2.56
CA ARG S 1876 -13.00 -156.24 -3.70
C ARG S 1876 -11.84 -157.17 -3.50
N ARG S 1877 -11.11 -156.95 -2.42
CA ARG S 1877 -9.95 -157.77 -2.15
C ARG S 1877 -10.29 -159.26 -2.07
N LEU S 1878 -11.39 -159.61 -1.42
CA LEU S 1878 -11.72 -161.00 -1.23
C LEU S 1878 -12.18 -161.69 -2.50
N VAL S 1879 -12.75 -160.93 -3.41
CA VAL S 1879 -13.25 -161.51 -4.66
C VAL S 1879 -12.05 -161.60 -5.57
N LYS S 1880 -11.06 -160.75 -5.37
CA LYS S 1880 -9.84 -160.90 -6.14
C LYS S 1880 -9.25 -162.20 -5.65
N LEU S 1881 -9.41 -162.44 -4.35
CA LEU S 1881 -8.91 -163.68 -3.79
C LEU S 1881 -9.62 -164.82 -4.45
N ILE S 1882 -10.93 -164.72 -4.58
CA ILE S 1882 -11.72 -165.77 -5.17
C ILE S 1882 -11.20 -166.05 -6.54
N ASN S 1883 -10.98 -165.01 -7.31
CA ASN S 1883 -10.49 -165.16 -8.66
C ASN S 1883 -9.26 -165.99 -8.62
N SER S 1884 -8.25 -165.49 -7.91
CA SER S 1884 -6.98 -166.19 -7.92
C SER S 1884 -7.13 -167.64 -7.50
N ARG S 1885 -7.95 -167.90 -6.48
CA ARG S 1885 -8.11 -169.26 -5.97
C ARG S 1885 -8.75 -170.20 -6.93
N ALA S 1886 -9.81 -169.75 -7.58
CA ALA S 1886 -10.48 -170.60 -8.54
C ALA S 1886 -9.57 -170.83 -9.72
N LYS S 1887 -8.74 -169.83 -10.00
CA LYS S 1887 -7.82 -169.97 -11.10
C LYS S 1887 -6.90 -171.09 -10.75
N LEU S 1888 -6.37 -171.04 -9.54
CA LEU S 1888 -5.47 -172.06 -9.09
C LEU S 1888 -6.12 -173.42 -9.13
N LEU S 1889 -7.38 -173.46 -8.77
CA LEU S 1889 -8.11 -174.69 -8.75
C LEU S 1889 -8.15 -175.32 -10.10
N SER S 1890 -8.55 -174.54 -11.09
CA SER S 1890 -8.67 -175.11 -12.40
C SER S 1890 -7.31 -175.55 -12.84
N LEU S 1891 -6.33 -174.72 -12.51
CA LEU S 1891 -4.98 -175.01 -12.93
C LEU S 1891 -4.59 -176.37 -12.44
N CYS S 1892 -4.78 -176.66 -11.17
CA CYS S 1892 -4.32 -177.93 -10.62
C CYS S 1892 -5.17 -179.09 -11.04
N SER S 1893 -6.44 -178.85 -11.32
CA SER S 1893 -7.26 -179.92 -11.81
C SER S 1893 -6.61 -180.36 -13.08
N TYR S 1894 -6.34 -179.37 -13.92
CA TYR S 1894 -5.73 -179.69 -15.19
C TYR S 1894 -4.39 -180.35 -14.99
N ILE S 1895 -3.63 -179.89 -14.01
CA ILE S 1895 -2.31 -180.43 -13.78
C ILE S 1895 -2.40 -181.89 -13.51
N ILE S 1896 -3.28 -182.23 -12.60
CA ILE S 1896 -3.42 -183.60 -12.23
C ILE S 1896 -3.77 -184.39 -13.46
N GLU S 1897 -4.79 -183.93 -14.16
CA GLU S 1897 -5.24 -184.67 -15.30
C GLU S 1897 -4.08 -184.97 -16.23
N THR S 1898 -3.30 -183.96 -16.52
CA THR S 1898 -2.22 -184.11 -17.46
C THR S 1898 -1.21 -185.10 -16.98
N CYS S 1899 -0.72 -184.90 -15.77
CA CYS S 1899 0.27 -185.81 -15.22
C CYS S 1899 -0.24 -187.18 -15.50
N LEU S 1900 -1.47 -187.43 -15.07
CA LEU S 1900 -2.01 -188.75 -15.23
C LEU S 1900 -1.94 -189.25 -16.64
N TYR S 1901 -2.69 -188.62 -17.52
CA TYR S 1901 -2.76 -189.12 -18.87
C TYR S 1901 -1.37 -189.43 -19.39
N ILE S 1902 -0.44 -188.52 -19.15
CA ILE S 1902 0.87 -188.73 -19.67
C ILE S 1902 1.46 -189.95 -19.03
N LEU S 1903 1.59 -189.88 -17.72
CA LEU S 1903 2.26 -190.98 -17.09
C LEU S 1903 1.59 -192.28 -17.43
N TRP S 1904 0.29 -192.26 -17.60
CA TRP S 1904 -0.45 -193.46 -17.89
C TRP S 1904 0.04 -194.03 -19.17
N ARG S 1905 -0.08 -193.26 -20.24
CA ARG S 1905 0.29 -193.87 -21.49
C ARG S 1905 1.76 -194.20 -21.44
N HIS S 1906 2.52 -193.43 -20.69
CA HIS S 1906 3.95 -193.65 -20.63
C HIS S 1906 4.24 -195.00 -20.14
N LEU S 1907 3.66 -195.32 -19.01
CA LEU S 1907 3.94 -196.58 -18.40
C LEU S 1907 3.30 -197.69 -19.16
N GLU S 1908 2.21 -197.42 -19.84
CA GLU S 1908 1.60 -198.42 -20.67
C GLU S 1908 2.67 -198.87 -21.60
N TYR S 1909 3.22 -197.90 -22.30
CA TYR S 1909 4.22 -198.24 -23.27
C TYR S 1909 5.39 -198.93 -22.62
N TYR S 1910 5.84 -198.40 -21.50
CA TYR S 1910 7.02 -198.95 -20.86
C TYR S 1910 6.85 -200.40 -20.55
N LEU S 1911 5.71 -200.72 -19.95
CA LEU S 1911 5.43 -202.09 -19.56
C LEU S 1911 6.23 -203.10 -20.30
N LEU S 1912 5.82 -203.38 -21.53
CA LEU S 1912 6.50 -204.35 -22.33
C LEU S 1912 7.98 -204.12 -22.22
N HIS S 1913 8.43 -203.04 -22.85
CA HIS S 1913 9.84 -202.70 -22.81
C HIS S 1913 10.35 -203.06 -21.46
N GLN S 1957 15.46 -201.31 -13.90
CA GLN S 1957 14.92 -199.95 -14.19
C GLN S 1957 13.43 -199.95 -13.88
N ASP S 1958 12.70 -200.88 -14.47
CA ASP S 1958 11.23 -200.95 -14.25
C ASP S 1958 10.99 -201.19 -12.75
N VAL S 1959 11.75 -202.10 -12.14
CA VAL S 1959 11.52 -202.40 -10.70
C VAL S 1959 11.76 -201.13 -9.88
N ASP S 1960 12.86 -200.43 -10.15
CA ASP S 1960 13.18 -199.23 -9.33
C ASP S 1960 12.09 -198.20 -9.52
N THR S 1961 11.67 -198.01 -10.77
CA THR S 1961 10.66 -196.99 -11.08
C THR S 1961 9.37 -197.37 -10.34
N LEU S 1962 9.00 -198.65 -10.40
CA LEU S 1962 7.76 -199.14 -9.78
C LEU S 1962 7.82 -198.91 -8.27
N LEU S 1963 8.96 -199.21 -7.66
CA LEU S 1963 9.08 -199.05 -6.19
C LEU S 1963 8.92 -197.58 -5.83
N ARG S 1964 9.62 -196.71 -6.58
CA ARG S 1964 9.56 -195.26 -6.27
C ARG S 1964 8.13 -194.79 -6.45
N GLU S 1965 7.49 -195.25 -7.53
CA GLU S 1965 6.12 -194.87 -7.91
C GLU S 1965 5.16 -195.33 -6.80
N GLY S 1966 5.29 -196.56 -6.32
CA GLY S 1966 4.37 -197.03 -5.29
C GLY S 1966 4.52 -196.18 -4.05
N ALA S 1967 5.77 -195.90 -3.67
CA ALA S 1967 5.96 -195.11 -2.44
C ALA S 1967 5.31 -193.73 -2.61
N ASN S 1968 5.58 -193.06 -3.72
CA ASN S 1968 5.04 -191.70 -3.91
C ASN S 1968 3.50 -191.75 -3.97
N SER S 1969 2.96 -192.76 -4.67
CA SER S 1969 1.52 -192.92 -4.93
C SER S 1969 0.79 -193.06 -3.60
N PHE S 1970 1.36 -193.83 -2.68
CA PHE S 1970 0.71 -193.95 -1.37
C PHE S 1970 0.67 -192.54 -0.77
N GLY S 1971 1.87 -191.97 -0.66
CA GLY S 1971 2.06 -190.61 -0.13
C GLY S 1971 1.21 -189.59 -0.87
N GLU S 1972 0.51 -190.01 -1.92
CA GLU S 1972 -0.29 -189.04 -2.64
C GLU S 1972 -1.35 -188.67 -1.65
N SER S 1973 -1.26 -189.23 -0.45
CA SER S 1973 -2.20 -188.91 0.60
C SER S 1973 -2.03 -187.50 1.14
N LEU S 1974 -2.66 -186.52 0.51
CA LEU S 1974 -4.08 -186.26 0.56
C LEU S 1974 -4.80 -187.54 0.39
N GLN S 1975 -4.73 -188.11 -0.82
CA GLN S 1975 -5.37 -189.40 -1.15
C GLN S 1975 -6.84 -189.35 -0.72
N LYS S 1976 -7.30 -188.18 -0.27
CA LYS S 1976 -8.64 -187.63 -0.62
C LYS S 1976 -8.43 -186.60 -1.72
N ARG S 1977 -9.14 -186.75 -2.85
CA ARG S 1977 -8.87 -185.97 -4.08
C ARG S 1977 -9.71 -184.68 -4.07
N LEU S 1978 -10.59 -184.54 -3.06
CA LEU S 1978 -11.51 -183.39 -2.82
C LEU S 1978 -12.70 -183.33 -3.79
N LEU S 1979 -13.58 -182.34 -3.56
CA LEU S 1979 -14.81 -182.18 -4.35
C LEU S 1979 -15.51 -180.83 -4.19
N ASP S 1980 -14.78 -179.73 -4.10
CA ASP S 1980 -15.46 -178.42 -4.07
C ASP S 1980 -15.25 -177.79 -5.45
N ILE S 1981 -14.01 -177.50 -5.87
CA ILE S 1981 -13.84 -177.15 -7.28
C ILE S 1981 -14.64 -178.11 -8.15
N GLU S 1982 -14.56 -179.43 -7.91
CA GLU S 1982 -15.31 -180.45 -8.63
C GLU S 1982 -16.81 -180.22 -8.52
N SER S 1983 -17.35 -179.69 -7.32
CA SER S 1983 -18.77 -179.43 -7.08
C SER S 1983 -19.22 -178.17 -7.81
N LEU S 1984 -18.25 -177.30 -8.07
CA LEU S 1984 -18.51 -176.13 -8.88
C LEU S 1984 -18.42 -176.59 -10.33
N TYR S 1985 -17.32 -177.25 -10.70
CA TYR S 1985 -17.16 -177.78 -12.07
C TYR S 1985 -18.18 -178.82 -12.41
N CYS S 1986 -18.16 -179.33 -13.63
CA CYS S 1986 -19.07 -180.42 -13.94
C CYS S 1986 -18.44 -181.72 -13.49
N LYS S 1987 -18.90 -182.82 -14.05
CA LYS S 1987 -18.67 -184.16 -13.47
C LYS S 1987 -17.21 -184.47 -13.14
N VAL S 1988 -16.97 -185.38 -12.21
CA VAL S 1988 -15.60 -185.67 -11.75
C VAL S 1988 -14.69 -186.39 -12.73
N ARG S 1989 -13.91 -185.67 -13.54
CA ARG S 1989 -12.93 -186.31 -14.44
C ARG S 1989 -11.66 -186.43 -13.69
N SER S 1990 -11.79 -186.57 -12.39
CA SER S 1990 -10.65 -186.70 -11.56
C SER S 1990 -10.93 -187.92 -10.82
N ARG S 1991 -12.20 -188.25 -10.76
CA ARG S 1991 -12.61 -189.38 -10.00
C ARG S 1991 -12.12 -190.63 -10.69
N HIS S 1992 -13.08 -191.30 -11.36
CA HIS S 1992 -12.98 -192.57 -12.11
C HIS S 1992 -12.04 -192.45 -13.32
N SER S 1993 -11.96 -191.28 -13.97
CA SER S 1993 -10.97 -191.22 -15.08
C SER S 1993 -9.58 -191.38 -14.45
N PHE S 1994 -9.35 -190.64 -13.35
CA PHE S 1994 -8.12 -190.71 -12.54
C PHE S 1994 -8.04 -192.11 -11.92
N ILE S 1995 -9.18 -192.67 -11.50
CA ILE S 1995 -9.21 -194.02 -10.86
C ILE S 1995 -8.71 -195.07 -11.87
N GLN S 1996 -9.16 -194.96 -13.13
CA GLN S 1996 -8.77 -195.87 -14.25
C GLN S 1996 -7.28 -195.68 -14.51
N ALA S 1997 -6.83 -194.42 -14.44
CA ALA S 1997 -5.39 -194.12 -14.65
C ALA S 1997 -4.60 -194.83 -13.54
N LEU S 1998 -5.09 -194.77 -12.30
CA LEU S 1998 -4.45 -195.43 -11.12
C LEU S 1998 -4.46 -196.95 -11.31
N VAL S 1999 -5.55 -197.52 -11.82
CA VAL S 1999 -5.61 -198.99 -12.03
C VAL S 1999 -4.53 -199.37 -13.04
N ARG S 2000 -4.40 -198.58 -14.12
CA ARG S 2000 -3.39 -198.83 -15.17
C ARG S 2000 -1.97 -198.65 -14.62
N ARG S 2001 -1.77 -197.65 -13.76
CA ARG S 2001 -0.43 -197.24 -13.27
C ARG S 2001 -0.08 -197.80 -11.89
N ILE S 2002 -0.91 -197.55 -10.86
CA ILE S 2002 -0.50 -198.03 -9.50
C ILE S 2002 -0.36 -199.56 -9.56
N ARG S 2003 -1.27 -200.20 -10.27
CA ARG S 2003 -1.33 -201.66 -10.50
C ARG S 2003 -0.10 -202.04 -11.32
N GLY S 2004 0.24 -201.19 -12.29
CA GLY S 2004 1.45 -201.36 -13.11
C GLY S 2004 2.68 -201.29 -12.21
N LEU S 2005 2.68 -200.35 -11.25
CA LEU S 2005 3.79 -200.23 -10.27
C LEU S 2005 3.83 -201.51 -9.44
N LEU S 2006 2.67 -202.02 -9.04
CA LEU S 2006 2.61 -203.27 -8.25
C LEU S 2006 3.23 -204.40 -9.08
N MET T 1 16.52 -116.81 -77.01
CA MET T 1 16.64 -116.89 -78.49
C MET T 1 16.04 -115.62 -79.12
N PHE T 2 16.57 -114.45 -78.75
CA PHE T 2 16.08 -113.15 -79.29
C PHE T 2 16.33 -113.11 -80.80
N VAL T 3 15.35 -112.61 -81.55
CA VAL T 3 15.48 -112.52 -83.04
C VAL T 3 15.38 -111.04 -83.45
N ALA T 4 16.34 -110.56 -84.25
CA ALA T 4 16.36 -109.16 -84.72
C ALA T 4 16.16 -109.14 -86.24
N ARG T 5 15.20 -108.35 -86.71
CA ARG T 5 14.91 -108.26 -88.17
C ARG T 5 15.16 -106.83 -88.66
N SER T 6 16.15 -106.66 -89.56
CA SER T 6 16.56 -105.39 -90.15
C SER T 6 15.41 -104.78 -90.93
N ILE T 7 15.34 -103.45 -90.96
CA ILE T 7 14.45 -102.68 -91.81
C ILE T 7 15.28 -101.62 -92.56
N ALA T 8 14.88 -101.35 -93.81
CA ALA T 8 15.60 -100.33 -94.63
C ALA T 8 15.09 -98.94 -94.23
N ALA T 9 15.72 -98.34 -93.22
CA ALA T 9 15.33 -97.00 -92.73
C ALA T 9 15.55 -95.96 -93.84
N ASP T 10 16.67 -96.08 -94.56
CA ASP T 10 17.06 -95.16 -95.66
C ASP T 10 17.12 -93.72 -95.14
N HIS T 11 17.69 -93.53 -93.94
CA HIS T 11 17.82 -92.19 -93.31
C HIS T 11 18.80 -91.34 -94.12
N LYS T 12 18.53 -90.03 -94.22
CA LYS T 12 19.45 -89.11 -94.95
C LYS T 12 20.76 -89.06 -94.17
N ASP T 13 20.65 -88.94 -92.84
CA ASP T 13 21.81 -88.92 -91.91
C ASP T 13 21.52 -89.94 -90.80
N LEU T 14 22.57 -90.46 -90.14
CA LEU T 14 22.35 -91.48 -89.09
C LEU T 14 21.49 -90.86 -87.98
N ILE T 15 20.48 -91.60 -87.51
CA ILE T 15 19.58 -91.12 -86.42
C ILE T 15 20.27 -91.42 -85.09
N HIS T 16 20.48 -90.39 -84.27
CA HIS T 16 21.21 -90.55 -82.98
C HIS T 16 20.28 -91.10 -81.88
N ASP T 17 18.98 -91.26 -82.16
CA ASP T 17 18.09 -91.74 -81.12
C ASP T 17 16.83 -92.40 -81.68
N VAL T 18 16.27 -93.28 -80.86
CA VAL T 18 14.97 -93.91 -81.08
C VAL T 18 14.22 -93.97 -79.75
N SER T 19 12.97 -93.56 -79.77
CA SER T 19 12.10 -93.56 -78.59
C SER T 19 10.76 -94.20 -78.92
N PHE T 20 10.35 -95.18 -78.12
CA PHE T 20 9.01 -95.75 -78.21
C PHE T 20 8.02 -94.87 -77.45
N ASP T 21 6.77 -94.84 -77.92
CA ASP T 21 5.67 -94.33 -77.12
C ASP T 21 5.40 -95.25 -75.92
N PHE T 22 4.57 -94.77 -74.99
CA PHE T 22 4.23 -95.51 -73.77
C PHE T 22 3.64 -96.90 -74.05
N HIS T 23 2.91 -97.07 -75.16
CA HIS T 23 2.26 -98.32 -75.52
C HIS T 23 3.11 -99.25 -76.38
N GLY T 24 4.29 -98.81 -76.84
CA GLY T 24 5.15 -99.57 -77.76
C GLY T 24 4.52 -99.85 -79.12
N ARG T 25 3.55 -99.03 -79.53
CA ARG T 25 2.86 -99.10 -80.83
C ARG T 25 3.43 -98.09 -81.82
N ARG T 26 4.12 -97.08 -81.32
CA ARG T 26 4.74 -96.03 -82.11
C ARG T 26 6.19 -95.88 -81.68
N MET T 27 7.01 -95.40 -82.60
CA MET T 27 8.36 -94.98 -82.29
C MET T 27 8.70 -93.70 -83.03
N ALA T 28 9.55 -92.89 -82.44
CA ALA T 28 10.12 -91.71 -83.05
C ALA T 28 11.62 -91.93 -83.23
N THR T 29 12.16 -91.51 -84.37
CA THR T 29 13.60 -91.54 -84.67
C THR T 29 14.06 -90.13 -85.02
N CYS T 30 15.31 -89.79 -84.68
CA CYS T 30 15.90 -88.50 -85.02
C CYS T 30 17.33 -88.64 -85.55
N SER T 31 17.76 -87.70 -86.38
CA SER T 31 18.98 -87.85 -87.20
C SER T 31 19.78 -86.55 -87.38
N SER T 32 21.03 -86.70 -87.82
CA SER T 32 21.86 -85.62 -88.35
C SER T 32 21.25 -84.92 -89.58
N ASP T 33 20.29 -85.57 -90.27
CA ASP T 33 19.55 -84.96 -91.39
C ASP T 33 18.55 -83.86 -90.95
N GLN T 34 18.57 -83.50 -89.66
CA GLN T 34 17.78 -82.44 -89.03
C GLN T 34 16.29 -82.79 -88.87
N SER T 35 15.91 -84.05 -89.10
CA SER T 35 14.52 -84.49 -89.09
C SER T 35 14.19 -85.41 -87.92
N VAL T 36 12.90 -85.40 -87.58
CA VAL T 36 12.26 -86.43 -86.77
C VAL T 36 11.29 -87.19 -87.68
N LYS T 37 11.26 -88.51 -87.51
CA LYS T 37 10.29 -89.39 -88.15
C LYS T 37 9.51 -90.14 -87.09
N VAL T 38 8.23 -90.37 -87.37
CA VAL T 38 7.34 -91.18 -86.53
C VAL T 38 6.90 -92.39 -87.33
N TRP T 39 6.90 -93.53 -86.65
CA TRP T 39 6.62 -94.83 -87.22
C TRP T 39 5.53 -95.51 -86.42
N ASP T 40 4.53 -96.02 -87.12
CA ASP T 40 3.45 -96.77 -86.50
C ASP T 40 3.57 -98.26 -86.81
N LYS T 41 3.28 -99.07 -85.80
CA LYS T 41 3.29 -100.52 -85.90
C LYS T 41 1.93 -101.00 -86.40
N SER T 42 1.92 -101.60 -87.58
CA SER T 42 0.76 -102.29 -88.14
C SER T 42 0.43 -103.59 -87.39
N GLU T 43 -0.77 -104.12 -87.61
CA GLU T 43 -1.22 -105.41 -87.07
C GLU T 43 -0.28 -106.57 -87.48
N ASN T 44 0.29 -106.49 -88.68
CA ASN T 44 1.28 -107.46 -89.18
C ASN T 44 2.69 -107.29 -88.58
N VAL T 45 2.84 -106.47 -87.52
CA VAL T 45 4.12 -106.23 -86.82
C VAL T 45 5.17 -105.58 -87.74
N ASN T 46 4.72 -104.87 -88.78
CA ASN T 46 5.58 -104.06 -89.65
C ASN T 46 5.48 -102.59 -89.27
N TRP T 47 6.60 -101.88 -89.37
CA TRP T 47 6.70 -100.45 -89.08
C TRP T 47 6.56 -99.62 -90.35
N HIS T 48 5.75 -98.57 -90.31
CA HIS T 48 5.51 -97.68 -91.45
C HIS T 48 5.74 -96.23 -91.02
N CYS T 49 6.48 -95.45 -91.82
CA CYS T 49 6.71 -94.03 -91.55
C CYS T 49 5.39 -93.27 -91.76
N THR T 50 4.80 -92.73 -90.69
CA THR T 50 3.54 -91.98 -90.75
C THR T 50 3.72 -90.48 -90.68
N ALA T 51 4.87 -90.01 -90.20
CA ALA T 51 5.25 -88.60 -90.28
C ALA T 51 6.76 -88.43 -90.44
N SER T 52 7.17 -87.38 -91.14
CA SER T 52 8.57 -87.02 -91.35
C SER T 52 8.66 -85.52 -91.55
N TRP T 53 9.37 -84.81 -90.68
CA TRP T 53 9.52 -83.35 -90.79
C TRP T 53 10.89 -82.89 -90.32
N LYS T 54 11.36 -81.77 -90.88
CA LYS T 54 12.54 -81.08 -90.38
C LYS T 54 12.16 -80.33 -89.09
N THR T 55 12.89 -80.62 -88.01
CA THR T 55 12.59 -80.12 -86.66
C THR T 55 13.50 -78.95 -86.26
N HIS T 56 14.81 -79.03 -86.49
CA HIS T 56 15.74 -77.99 -85.96
C HIS T 56 16.97 -77.69 -86.81
N SER T 57 17.87 -76.84 -86.33
CA SER T 57 19.14 -76.55 -87.02
C SER T 57 20.29 -76.76 -86.01
N GLY T 58 20.09 -77.71 -85.08
CA GLY T 58 21.01 -77.98 -83.98
C GLY T 58 20.99 -79.45 -83.53
N SER T 59 22.05 -79.93 -82.88
CA SER T 59 22.13 -81.35 -82.48
C SER T 59 21.01 -81.74 -81.50
N VAL T 60 19.96 -82.42 -81.97
CA VAL T 60 18.88 -82.87 -81.08
C VAL T 60 19.50 -83.84 -80.07
N TRP T 61 19.67 -83.43 -78.81
CA TRP T 61 20.32 -84.26 -77.80
C TRP T 61 19.41 -85.32 -77.20
N ARG T 62 18.15 -84.97 -76.96
CA ARG T 62 17.16 -85.85 -76.33
C ARG T 62 15.77 -85.63 -76.92
N VAL T 63 14.97 -86.68 -76.85
CA VAL T 63 13.55 -86.67 -77.19
C VAL T 63 12.77 -87.47 -76.14
N THR T 64 11.58 -87.01 -75.78
CA THR T 64 10.76 -87.67 -74.76
C THR T 64 9.28 -87.55 -75.08
N TRP T 65 8.52 -88.59 -74.76
CA TRP T 65 7.07 -88.63 -74.88
C TRP T 65 6.41 -88.17 -73.58
N ALA T 66 5.34 -87.39 -73.71
CA ALA T 66 4.44 -87.14 -72.59
C ALA T 66 3.61 -88.40 -72.29
N HIS T 67 2.99 -88.42 -71.10
CA HIS T 67 2.00 -89.44 -70.78
C HIS T 67 0.77 -89.29 -71.69
N PRO T 68 0.15 -90.38 -72.17
CA PRO T 68 -0.94 -90.35 -73.16
C PRO T 68 -2.21 -89.59 -72.70
N GLU T 69 -2.35 -89.36 -71.40
CA GLU T 69 -3.41 -88.52 -70.82
C GLU T 69 -3.34 -87.05 -71.28
N PHE T 70 -2.16 -86.60 -71.71
CA PHE T 70 -1.95 -85.27 -72.28
C PHE T 70 -1.96 -85.27 -73.81
N GLY T 71 -2.37 -86.39 -74.43
CA GLY T 71 -2.35 -86.57 -75.88
C GLY T 71 -1.00 -87.03 -76.43
N GLN T 72 -0.86 -86.93 -77.75
CA GLN T 72 0.33 -87.35 -78.49
C GLN T 72 1.35 -86.21 -78.54
N VAL T 73 2.07 -86.04 -77.43
CA VAL T 73 2.99 -84.92 -77.23
C VAL T 73 4.42 -85.42 -77.10
N LEU T 74 5.31 -84.74 -77.84
CA LEU T 74 6.75 -84.95 -77.79
C LEU T 74 7.45 -83.68 -77.31
N ALA T 75 8.56 -83.84 -76.61
CA ALA T 75 9.51 -82.76 -76.36
C ALA T 75 10.90 -83.15 -76.87
N SER T 76 11.62 -82.17 -77.41
CA SER T 76 13.01 -82.32 -77.86
C SER T 76 13.87 -81.20 -77.30
N CYS T 77 15.16 -81.44 -77.11
CA CYS T 77 16.12 -80.42 -76.70
C CYS T 77 17.42 -80.46 -77.52
N SER T 78 18.14 -79.34 -77.56
CA SER T 78 19.16 -79.14 -78.59
C SER T 78 20.36 -78.30 -78.14
N PHE T 79 21.45 -78.46 -78.91
CA PHE T 79 22.62 -77.60 -78.88
C PHE T 79 22.31 -76.13 -79.19
N ASP T 80 21.21 -75.86 -79.89
CA ASP T 80 20.73 -74.51 -80.18
C ASP T 80 20.21 -73.73 -78.95
N ARG T 81 20.32 -74.32 -77.76
CA ARG T 81 19.93 -73.78 -76.44
C ARG T 81 18.43 -73.80 -76.17
N THR T 82 17.64 -74.48 -77.00
CA THR T 82 16.19 -74.53 -76.86
C THR T 82 15.70 -75.93 -76.56
N ALA T 83 14.50 -75.98 -75.96
CA ALA T 83 13.65 -77.16 -75.99
C ALA T 83 12.36 -76.83 -76.74
N ALA T 84 11.80 -77.78 -77.48
CA ALA T 84 10.57 -77.59 -78.23
C ALA T 84 9.54 -78.65 -77.85
N VAL T 85 8.27 -78.25 -77.79
CA VAL T 85 7.13 -79.15 -77.57
C VAL T 85 6.36 -79.28 -78.87
N TRP T 86 5.99 -80.51 -79.20
CA TRP T 86 5.37 -80.92 -80.44
C TRP T 86 4.10 -81.70 -80.13
N GLU T 87 3.05 -81.44 -80.89
CA GLU T 87 1.81 -82.19 -80.81
C GLU T 87 1.52 -82.84 -82.15
N GLU T 88 1.10 -84.11 -82.14
CA GLU T 88 0.77 -84.81 -83.38
C GLU T 88 -0.59 -84.32 -83.90
N ILE T 89 -0.62 -83.23 -84.66
CA ILE T 89 -1.89 -82.79 -85.26
C ILE T 89 -2.16 -83.72 -86.44
N VAL T 90 -3.12 -84.65 -86.29
CA VAL T 90 -3.62 -85.48 -87.39
C VAL T 90 -4.92 -84.85 -87.92
N GLY T 91 -5.27 -85.08 -89.18
CA GLY T 91 -6.49 -84.51 -89.77
C GLY T 91 -7.65 -84.58 -88.79
N GLY T 99 -6.17 -89.02 -92.19
CA GLY T 99 -4.73 -89.35 -92.34
C GLY T 99 -3.95 -88.12 -92.79
N GLN T 100 -3.75 -87.15 -91.88
CA GLN T 100 -2.99 -85.92 -92.19
C GLN T 100 -2.04 -85.56 -91.03
N SER T 101 -1.38 -86.56 -90.44
CA SER T 101 -0.41 -86.30 -89.35
C SER T 101 0.68 -85.33 -89.80
N HIS T 102 1.06 -84.36 -88.95
CA HIS T 102 2.17 -83.43 -89.27
C HIS T 102 2.75 -82.77 -88.00
N TRP T 103 3.24 -83.59 -87.06
CA TRP T 103 3.77 -83.12 -85.75
C TRP T 103 3.98 -81.60 -85.69
N VAL T 104 3.06 -80.85 -85.09
CA VAL T 104 3.13 -79.38 -85.07
C VAL T 104 3.86 -78.77 -83.87
N LYS T 105 4.80 -77.86 -84.10
CA LYS T 105 5.53 -77.20 -83.03
C LYS T 105 4.57 -76.29 -82.27
N ARG T 106 4.35 -76.56 -80.98
CA ARG T 106 3.44 -75.77 -80.13
C ARG T 106 4.16 -74.67 -79.40
N THR T 107 5.36 -74.94 -78.87
CA THR T 107 6.17 -73.93 -78.22
C THR T 107 7.67 -74.18 -78.41
N THR T 108 8.46 -73.14 -78.17
CA THR T 108 9.92 -73.22 -78.02
C THR T 108 10.30 -72.54 -76.71
N LEU T 109 10.89 -73.30 -75.79
CA LEU T 109 11.42 -72.85 -74.52
C LEU T 109 12.84 -72.34 -74.74
N VAL T 110 13.06 -71.05 -74.45
CA VAL T 110 14.27 -70.31 -74.85
C VAL T 110 15.05 -69.73 -73.66
N ASP T 111 14.70 -70.09 -72.43
CA ASP T 111 15.29 -69.53 -71.22
C ASP T 111 16.75 -69.98 -70.98
N ARG T 113 20.68 -70.52 -71.55
CA ARG T 113 21.78 -69.71 -72.12
C ARG T 113 22.83 -70.53 -72.85
N THR T 114 22.79 -71.84 -72.70
CA THR T 114 23.71 -72.82 -73.27
C THR T 114 22.92 -74.01 -73.80
N SER T 115 23.62 -74.98 -74.41
CA SER T 115 23.04 -76.25 -74.85
C SER T 115 22.12 -76.86 -73.80
N VAL T 116 20.90 -77.24 -74.20
CA VAL T 116 19.94 -77.98 -73.36
C VAL T 116 20.24 -79.46 -73.56
N THR T 117 20.87 -80.07 -72.56
CA THR T 117 21.50 -81.38 -72.65
C THR T 117 20.51 -82.53 -72.44
N ASP T 118 19.43 -82.30 -71.69
CA ASP T 118 18.36 -83.29 -71.49
C ASP T 118 17.00 -82.64 -71.21
N VAL T 119 15.94 -83.39 -71.50
CA VAL T 119 14.54 -82.99 -71.36
C VAL T 119 13.68 -84.18 -70.96
N LYS T 120 12.87 -84.05 -69.90
CA LYS T 120 12.00 -85.11 -69.38
C LYS T 120 10.67 -84.55 -68.90
N PHE T 121 9.57 -85.11 -69.38
CA PHE T 121 8.25 -84.87 -68.78
C PHE T 121 8.22 -85.41 -67.35
N ALA T 122 7.53 -84.69 -66.47
CA ALA T 122 7.30 -85.15 -65.11
C ALA T 122 6.26 -86.29 -65.07
N PRO T 123 6.28 -87.13 -64.03
CA PRO T 123 5.18 -88.03 -63.72
C PRO T 123 3.80 -87.36 -63.78
N LYS T 124 2.84 -88.00 -64.45
CA LYS T 124 1.52 -87.43 -64.79
C LYS T 124 0.71 -86.84 -63.62
N HIS T 125 0.91 -87.36 -62.41
CA HIS T 125 0.17 -86.90 -61.23
C HIS T 125 0.62 -85.50 -60.76
N MET T 126 1.73 -84.99 -61.29
CA MET T 126 2.19 -83.62 -61.12
C MET T 126 1.67 -82.67 -62.21
N GLY T 127 0.83 -83.15 -63.13
CA GLY T 127 0.36 -82.37 -64.27
C GLY T 127 1.29 -82.43 -65.48
N LEU T 128 1.03 -81.57 -66.47
CA LEU T 128 1.82 -81.49 -67.69
C LEU T 128 3.03 -80.59 -67.47
N MET T 129 4.04 -81.16 -66.81
CA MET T 129 5.29 -80.49 -66.51
C MET T 129 6.45 -81.06 -67.30
N LEU T 130 7.40 -80.21 -67.67
CA LEU T 130 8.59 -80.55 -68.43
C LEU T 130 9.81 -80.00 -67.72
N ALA T 131 10.76 -80.87 -67.38
CA ALA T 131 12.08 -80.44 -66.90
C ALA T 131 13.07 -80.42 -68.06
N THR T 132 13.89 -79.40 -68.12
CA THR T 132 15.08 -79.33 -68.98
C THR T 132 16.31 -79.11 -68.12
N CYS T 133 17.45 -79.64 -68.54
CA CYS T 133 18.74 -79.26 -67.97
C CYS T 133 19.68 -78.74 -69.04
N SER T 134 20.57 -77.83 -68.65
CA SER T 134 21.54 -77.25 -69.57
C SER T 134 22.96 -77.24 -68.99
N ALA T 135 23.93 -77.14 -69.90
CA ALA T 135 25.35 -77.05 -69.56
C ALA T 135 25.73 -75.82 -68.72
N ASP T 136 24.84 -74.83 -68.60
CA ASP T 136 24.94 -73.69 -67.67
C ASP T 136 24.78 -74.09 -66.19
N GLY T 137 24.47 -75.37 -65.93
CA GLY T 137 24.27 -75.91 -64.60
C GLY T 137 22.94 -75.52 -63.96
N VAL T 138 21.90 -75.30 -64.79
CA VAL T 138 20.54 -75.01 -64.35
C VAL T 138 19.58 -76.09 -64.85
N VAL T 139 18.70 -76.54 -63.95
CA VAL T 139 17.49 -77.29 -64.32
C VAL T 139 16.31 -76.34 -64.30
N ARG T 140 15.52 -76.33 -65.37
CA ARG T 140 14.32 -75.51 -65.50
C ARG T 140 13.10 -76.40 -65.57
N ILE T 141 12.07 -76.05 -64.83
CA ILE T 141 10.82 -76.81 -64.78
C ILE T 141 9.71 -75.89 -65.28
N TYR T 142 9.06 -76.32 -66.35
CA TYR T 142 7.95 -75.62 -66.99
C TYR T 142 6.66 -76.39 -66.76
N GLU T 143 5.54 -75.69 -66.72
CA GLU T 143 4.22 -76.27 -66.64
C GLU T 143 3.31 -75.66 -67.71
N ALA T 144 2.60 -76.52 -68.44
CA ALA T 144 1.52 -76.10 -69.30
C ALA T 144 0.26 -75.88 -68.44
N PRO T 145 -0.23 -74.63 -68.30
CA PRO T 145 -1.39 -74.34 -67.45
C PRO T 145 -2.69 -74.91 -68.03
N ASP T 146 -2.74 -75.15 -69.34
CA ASP T 146 -3.87 -75.76 -70.04
C ASP T 146 -3.36 -76.87 -70.98
N VAL T 147 -3.76 -78.10 -70.70
CA VAL T 147 -3.43 -79.29 -71.50
C VAL T 147 -4.02 -79.20 -72.91
N MET T 148 -5.10 -78.44 -73.10
CA MET T 148 -5.72 -78.21 -74.40
C MET T 148 -5.00 -77.12 -75.21
N ASN T 149 -4.13 -76.33 -74.59
CA ASN T 149 -3.38 -75.25 -75.23
C ASN T 149 -1.87 -75.36 -74.94
N LEU T 150 -1.22 -76.27 -75.65
CA LEU T 150 0.22 -76.55 -75.51
C LEU T 150 1.14 -75.43 -76.02
N GLN T 152 1.34 -72.43 -74.60
CA GLN T 152 1.69 -71.68 -73.41
C GLN T 152 2.35 -72.58 -72.37
N TRP T 153 3.54 -72.19 -71.93
CA TRP T 153 4.30 -72.88 -70.90
C TRP T 153 4.89 -71.83 -69.96
N SER T 154 4.73 -72.07 -68.66
CA SER T 154 5.17 -71.15 -67.61
C SER T 154 6.39 -71.73 -66.90
N LEU T 155 7.45 -70.93 -66.75
CA LEU T 155 8.64 -71.33 -65.98
C LEU T 155 8.30 -71.29 -64.49
N GLN T 156 8.22 -72.46 -63.86
CA GLN T 156 7.86 -72.63 -62.45
C GLN T 156 9.08 -72.58 -61.54
N HIS T 157 10.17 -73.23 -61.95
CA HIS T 157 11.37 -73.36 -61.12
C HIS T 157 12.66 -73.29 -61.93
N GLU T 158 13.67 -72.64 -61.34
CA GLU T 158 15.07 -72.73 -61.74
C GLU T 158 15.89 -73.30 -60.58
N ILE T 159 16.61 -74.39 -60.84
CA ILE T 159 17.45 -75.09 -59.86
C ILE T 159 18.91 -74.94 -60.27
N SER T 160 19.68 -74.19 -59.49
CA SER T 160 21.12 -73.99 -59.76
C SER T 160 21.94 -75.14 -59.18
N CYS T 161 22.45 -76.01 -60.05
CA CYS T 161 23.21 -77.20 -59.69
C CYS T 161 24.69 -76.94 -59.39
N LYS T 162 25.19 -75.78 -59.84
CA LYS T 162 26.59 -75.33 -59.70
C LYS T 162 27.61 -76.19 -60.46
N LEU T 163 27.15 -77.14 -61.26
CA LEU T 163 27.93 -77.99 -62.15
C LEU T 163 27.19 -78.08 -63.50
N SER T 164 27.91 -78.25 -64.60
CA SER T 164 27.30 -78.51 -65.92
C SER T 164 26.33 -79.69 -65.81
N CYS T 165 25.08 -79.52 -66.21
CA CYS T 165 24.10 -80.61 -66.19
C CYS T 165 24.19 -81.38 -67.50
N SER T 166 24.32 -82.71 -67.43
CA SER T 166 24.39 -83.58 -68.62
C SER T 166 23.13 -84.43 -68.82
N CYS T 167 22.41 -84.72 -67.74
CA CYS T 167 21.25 -85.61 -67.73
C CYS T 167 20.37 -85.35 -66.50
N ILE T 168 19.07 -85.66 -66.63
CA ILE T 168 18.08 -85.53 -65.55
C ILE T 168 17.15 -86.74 -65.49
N SER T 169 16.69 -87.05 -64.28
CA SER T 169 15.68 -88.07 -64.06
C SER T 169 14.71 -87.66 -62.96
N TRP T 170 13.42 -87.60 -63.29
CA TRP T 170 12.36 -87.52 -62.29
C TRP T 170 12.26 -88.83 -61.51
N ASN T 171 12.09 -88.75 -60.20
CA ASN T 171 11.67 -89.90 -59.42
C ASN T 171 10.19 -90.22 -59.78
N PRO T 172 9.89 -91.40 -60.34
CA PRO T 172 8.55 -91.75 -60.81
C PRO T 172 7.58 -92.13 -59.69
N SER T 173 8.00 -92.10 -58.42
CA SER T 173 7.16 -92.48 -57.29
C SER T 173 5.91 -91.60 -57.18
N SER T 174 4.73 -92.20 -57.29
CA SER T 174 3.44 -91.54 -57.03
C SER T 174 3.00 -91.55 -55.55
N SER T 175 3.85 -92.06 -54.65
CA SER T 175 3.52 -92.09 -53.23
C SER T 175 3.53 -90.67 -52.66
N ARG T 176 2.40 -90.27 -52.07
CA ARG T 176 2.25 -88.99 -51.35
C ARG T 176 3.20 -88.85 -50.15
N ALA T 177 3.84 -89.94 -49.72
CA ALA T 177 4.85 -89.91 -48.66
C ALA T 177 6.20 -89.35 -49.14
N HIS T 178 6.42 -89.24 -50.44
CA HIS T 178 7.65 -88.70 -51.02
C HIS T 178 7.33 -87.40 -51.75
N SER T 179 8.04 -86.33 -51.40
CA SER T 179 8.01 -85.11 -52.21
C SER T 179 8.53 -85.40 -53.62
N PRO T 180 8.10 -84.63 -54.65
CA PRO T 180 8.71 -84.67 -55.96
C PRO T 180 10.23 -84.56 -55.90
N MET T 181 10.92 -85.47 -56.58
CA MET T 181 12.38 -85.54 -56.59
C MET T 181 12.93 -85.60 -58.01
N ILE T 182 14.08 -84.97 -58.20
CA ILE T 182 14.85 -84.98 -59.45
C ILE T 182 16.29 -85.33 -59.13
N ALA T 183 16.84 -86.27 -59.88
CA ALA T 183 18.27 -86.52 -59.94
C ALA T 183 18.86 -85.76 -61.12
N VAL T 184 20.04 -85.18 -60.94
CA VAL T 184 20.79 -84.43 -61.94
C VAL T 184 22.21 -84.94 -61.98
N GLY T 185 22.88 -84.83 -63.10
CA GLY T 185 24.28 -85.23 -63.13
C GLY T 185 25.28 -84.11 -63.10
N SER T 186 26.45 -84.35 -63.70
CA SER T 186 27.48 -83.32 -63.86
C SER T 186 28.57 -83.85 -64.78
N ASP T 187 28.61 -83.43 -66.03
CA ASP T 187 29.58 -83.99 -66.97
C ASP T 187 30.96 -83.51 -66.64
N ASP T 188 31.09 -82.31 -66.10
CA ASP T 188 32.43 -81.73 -65.91
C ASP T 188 33.50 -82.75 -65.49
N SER T 189 34.61 -82.86 -66.25
CA SER T 189 35.69 -83.77 -65.89
C SER T 189 36.18 -83.53 -64.47
N SER T 190 36.04 -82.30 -63.96
CA SER T 190 36.49 -81.93 -62.59
C SER T 190 37.60 -82.82 -62.08
N PRO T 191 38.85 -82.47 -62.42
CA PRO T 191 39.93 -83.26 -61.86
C PRO T 191 39.68 -83.54 -60.37
N ASN T 192 39.10 -82.60 -59.62
CA ASN T 192 38.90 -82.80 -58.17
C ASN T 192 37.44 -82.85 -57.71
N ILE T 193 36.64 -81.86 -58.05
CA ILE T 193 35.29 -81.82 -57.50
C ILE T 193 34.64 -83.21 -57.67
N MET T 194 34.17 -83.84 -56.58
CA MET T 194 33.47 -85.14 -56.67
C MET T 194 31.94 -84.88 -56.89
N GLY T 195 31.03 -85.48 -56.11
CA GLY T 195 29.58 -85.16 -56.20
C GLY T 195 28.91 -84.88 -57.54
N LYS T 196 29.18 -85.72 -58.55
CA LYS T 196 28.64 -85.36 -59.87
C LYS T 196 27.20 -85.81 -60.10
N VAL T 197 26.57 -86.43 -59.09
CA VAL T 197 25.12 -86.69 -59.06
C VAL T 197 24.53 -85.99 -57.85
N GLN T 198 23.54 -85.13 -58.10
CA GLN T 198 22.83 -84.37 -57.09
C GLN T 198 21.35 -84.69 -57.13
N ILE T 199 20.72 -84.73 -55.96
CA ILE T 199 19.30 -85.01 -55.82
C ILE T 199 18.62 -83.80 -55.21
N TYR T 200 17.56 -83.35 -55.86
CA TYR T 200 16.73 -82.23 -55.45
C TYR T 200 15.36 -82.73 -55.06
N GLU T 201 14.83 -82.20 -53.97
CA GLU T 201 13.51 -82.53 -53.44
C GLU T 201 12.67 -81.24 -53.37
N TYR T 202 11.42 -81.29 -53.81
CA TYR T 202 10.48 -80.19 -53.64
C TYR T 202 10.09 -80.04 -52.18
N ASN T 203 10.32 -78.84 -51.64
CA ASN T 203 9.96 -78.49 -50.27
C ASN T 203 8.67 -77.67 -50.29
N GLU T 204 7.58 -78.27 -49.83
CA GLU T 204 6.24 -77.65 -49.75
C GLU T 204 6.22 -76.35 -48.93
N ASN T 205 7.02 -76.28 -47.86
CA ASN T 205 7.05 -75.11 -46.99
C ASN T 205 7.68 -73.90 -47.68
N THR T 206 8.74 -74.13 -48.47
CA THR T 206 9.45 -73.05 -49.18
C THR T 206 9.00 -72.89 -50.63
N ARG T 207 8.15 -73.81 -51.13
CA ARG T 207 7.71 -73.93 -52.52
C ARG T 207 8.85 -73.91 -53.53
N LYS T 208 9.97 -74.52 -53.15
CA LYS T 208 11.20 -74.56 -53.95
C LYS T 208 11.83 -75.94 -53.88
N TYR T 209 12.51 -76.32 -54.95
CA TYR T 209 13.42 -77.46 -54.92
C TYR T 209 14.66 -77.11 -54.09
N ALA T 210 15.00 -77.99 -53.16
CA ALA T 210 16.19 -77.89 -52.34
C ALA T 210 17.07 -79.13 -52.54
N LYS T 211 18.39 -78.96 -52.49
CA LYS T 211 19.35 -80.06 -52.63
C LYS T 211 19.23 -80.97 -51.41
N ALA T 212 18.78 -82.20 -51.63
CA ALA T 212 18.57 -83.20 -50.60
C ALA T 212 19.80 -84.10 -50.40
N GLU T 213 20.48 -84.46 -51.50
CA GLU T 213 21.59 -85.40 -51.46
C GLU T 213 22.63 -85.08 -52.53
N THR T 214 23.89 -85.48 -52.29
CA THR T 214 24.95 -85.48 -53.30
C THR T 214 25.72 -86.79 -53.20
N LEU T 215 25.70 -87.59 -54.26
CA LEU T 215 26.37 -88.89 -54.27
C LEU T 215 27.89 -88.71 -54.42
N MET T 216 28.55 -88.45 -53.30
CA MET T 216 29.98 -88.12 -53.24
C MET T 216 30.90 -89.20 -53.85
N SER T 217 30.45 -90.46 -53.87
CA SER T 217 31.17 -91.58 -54.49
C SER T 217 31.21 -91.52 -56.02
N VAL T 218 30.38 -90.68 -56.66
CA VAL T 218 30.40 -90.46 -58.11
C VAL T 218 31.28 -89.27 -58.45
N SER T 219 32.76 -89.55 -58.09
CA SER T 219 33.75 -88.54 -58.51
C SER T 219 34.05 -88.58 -60.01
N ASP T 220 33.66 -89.65 -60.72
CA ASP T 220 33.85 -89.78 -62.16
C ASP T 220 32.74 -89.02 -62.92
N PRO T 221 33.00 -88.50 -64.14
CA PRO T 221 31.97 -87.89 -64.98
C PRO T 221 30.77 -88.82 -65.17
N VAL T 222 29.57 -88.27 -65.02
CA VAL T 222 28.30 -88.98 -65.11
C VAL T 222 27.68 -88.75 -66.47
N HIS T 223 27.38 -89.82 -67.19
CA HIS T 223 26.83 -89.76 -68.56
C HIS T 223 25.32 -89.99 -68.61
N ASP T 224 24.80 -90.76 -67.66
CA ASP T 224 23.37 -91.05 -67.55
C ASP T 224 23.01 -91.52 -66.14
N ILE T 225 21.75 -91.29 -65.75
CA ILE T 225 21.19 -91.70 -64.46
C ILE T 225 19.75 -92.14 -64.61
N ALA T 226 19.35 -93.14 -63.82
CA ALA T 226 17.98 -93.64 -63.86
C ALA T 226 17.52 -94.11 -62.48
N PHE T 227 16.48 -93.49 -61.93
CA PHE T 227 15.75 -94.08 -60.80
C PHE T 227 14.99 -95.33 -61.25
N ALA T 228 15.06 -96.38 -60.44
CA ALA T 228 14.24 -97.56 -60.67
C ALA T 228 12.79 -97.30 -60.23
N PRO T 229 11.79 -97.86 -60.94
CA PRO T 229 10.41 -97.92 -60.45
C PRO T 229 10.34 -98.46 -59.02
N ASN T 230 9.73 -97.72 -58.08
CA ASN T 230 9.79 -98.05 -56.65
C ASN T 230 9.00 -99.32 -56.26
N LEU T 231 7.87 -99.61 -56.93
CA LEU T 231 7.02 -100.80 -56.75
C LEU T 231 6.83 -101.27 -55.29
N GLY T 232 6.59 -100.34 -54.37
CA GLY T 232 6.30 -100.63 -52.96
C GLY T 232 7.53 -100.82 -52.06
N ARG T 233 8.76 -100.64 -52.57
CA ARG T 233 9.95 -100.62 -51.71
C ARG T 233 9.94 -99.40 -50.79
N SER T 234 10.50 -99.57 -49.59
CA SER T 234 10.71 -98.49 -48.61
C SER T 234 11.99 -97.68 -48.85
N PHE T 235 12.65 -97.92 -49.98
CA PHE T 235 13.92 -97.31 -50.37
C PHE T 235 13.95 -97.14 -51.88
N HIS T 236 14.69 -96.14 -52.36
CA HIS T 236 14.86 -95.90 -53.78
C HIS T 236 16.09 -96.62 -54.31
N ILE T 237 16.10 -96.92 -55.60
CA ILE T 237 17.26 -97.47 -56.30
C ILE T 237 17.62 -96.52 -57.43
N LEU T 238 18.90 -96.18 -57.56
CA LEU T 238 19.42 -95.30 -58.60
C LEU T 238 20.56 -96.00 -59.34
N ALA T 239 20.46 -96.08 -60.67
CA ALA T 239 21.56 -96.47 -61.53
C ALA T 239 22.31 -95.22 -62.01
N VAL T 240 23.63 -95.31 -62.09
CA VAL T 240 24.51 -94.23 -62.53
C VAL T 240 25.51 -94.80 -63.54
N ALA T 241 25.59 -94.20 -64.72
CA ALA T 241 26.56 -94.51 -65.77
C ALA T 241 27.74 -93.54 -65.68
N THR T 242 28.94 -94.07 -65.45
CA THR T 242 30.19 -93.30 -65.41
C THR T 242 31.27 -94.01 -66.25
N LYS T 243 32.49 -94.18 -65.73
CA LYS T 243 33.46 -95.16 -66.23
C LYS T 243 33.04 -96.61 -65.97
N ASP T 244 32.12 -96.81 -65.05
CA ASP T 244 31.53 -98.08 -64.63
C ASP T 244 30.01 -97.90 -64.44
N VAL T 245 29.31 -99.02 -64.27
CA VAL T 245 27.88 -99.02 -63.89
C VAL T 245 27.82 -99.07 -62.37
N ARG T 246 27.14 -98.11 -61.74
CA ARG T 246 26.88 -98.13 -60.29
C ARG T 246 25.41 -98.21 -59.99
N ILE T 247 25.07 -98.96 -58.95
CA ILE T 247 23.70 -99.07 -58.42
C ILE T 247 23.74 -98.68 -56.95
N PHE T 248 22.92 -97.70 -56.60
CA PHE T 248 22.76 -97.19 -55.24
C PHE T 248 21.39 -97.55 -54.70
N THR T 249 21.32 -97.91 -53.43
CA THR T 249 20.08 -97.86 -52.66
C THR T 249 20.07 -96.63 -51.78
N MET T 250 18.96 -95.90 -51.76
CA MET T 250 18.77 -94.71 -50.93
C MET T 250 17.61 -94.95 -49.97
N LYS T 251 17.90 -95.05 -48.68
CA LYS T 251 16.90 -95.23 -47.62
C LYS T 251 16.60 -93.89 -46.96
N PRO T 252 15.36 -93.37 -47.03
CA PRO T 252 15.01 -92.15 -46.32
C PRO T 252 15.10 -92.38 -44.80
N LEU T 253 15.63 -91.45 -44.03
CA LEU T 253 15.66 -91.62 -42.57
C LEU T 253 14.28 -91.53 -41.85
N ARG T 254 14.25 -91.68 -40.52
CA ARG T 254 13.00 -91.72 -39.72
C ARG T 254 12.37 -90.39 -39.43
N LYS T 255 11.26 -90.36 -38.70
CA LYS T 255 10.53 -89.08 -38.49
C LYS T 255 9.55 -88.95 -37.33
N GLU T 256 9.20 -87.71 -36.93
CA GLU T 256 8.26 -87.44 -35.85
C GLU T 256 7.13 -86.50 -36.33
N LEU T 257 5.87 -86.89 -36.16
CA LEU T 257 4.73 -86.06 -36.57
C LEU T 257 4.60 -84.70 -35.81
N SER T 258 5.39 -84.43 -34.77
CA SER T 258 5.22 -83.18 -33.98
C SER T 258 5.51 -81.96 -34.89
N SER T 259 6.59 -82.02 -35.67
CA SER T 259 6.94 -80.92 -36.59
C SER T 259 7.86 -81.41 -37.69
N SER T 260 7.84 -80.77 -38.87
CA SER T 260 8.78 -81.16 -39.94
C SER T 260 8.90 -80.11 -41.07
N GLY T 261 10.15 -79.73 -41.43
CA GLY T 261 10.34 -78.82 -42.57
C GLY T 261 11.58 -79.09 -43.40
N GLY T 262 12.20 -80.27 -43.30
CA GLY T 262 13.47 -80.51 -43.98
C GLY T 262 13.51 -81.46 -45.15
N VAL T 263 14.68 -81.68 -45.75
CA VAL T 263 14.83 -82.69 -46.83
C VAL T 263 14.92 -84.13 -46.23
N THR T 264 14.78 -84.31 -44.90
CA THR T 264 14.74 -85.68 -44.30
C THR T 264 15.96 -86.47 -44.79
N LYS T 265 17.14 -86.19 -44.24
CA LYS T 265 18.42 -86.81 -44.74
C LYS T 265 18.38 -88.28 -45.15
N PHE T 266 19.34 -88.75 -45.94
CA PHE T 266 19.30 -90.13 -46.52
C PHE T 266 20.46 -91.12 -46.21
N GLU T 267 20.21 -92.44 -46.12
CA GLU T 267 21.29 -93.40 -45.96
C GLU T 267 21.52 -94.08 -47.32
N ASN T 268 22.69 -93.85 -47.91
CA ASN T 268 23.00 -94.28 -49.27
C ASN T 268 24.05 -95.39 -49.25
N HIS T 269 23.78 -96.47 -49.97
CA HIS T 269 24.69 -97.60 -50.10
C HIS T 269 24.92 -97.93 -51.56
N THR T 270 26.18 -98.04 -51.98
CA THR T 270 26.52 -98.66 -53.26
C THR T 270 26.30 -100.16 -53.15
N VAL T 271 25.31 -100.70 -53.83
CA VAL T 271 24.98 -102.14 -53.80
C VAL T 271 25.60 -102.90 -54.97
N ALA T 272 26.00 -102.21 -56.03
CA ALA T 272 26.75 -102.79 -57.12
C ALA T 272 27.63 -101.76 -57.83
N GLN T 273 28.79 -102.22 -58.28
CA GLN T 273 29.70 -101.48 -59.14
C GLN T 273 30.29 -102.45 -60.15
N PHE T 274 30.12 -102.18 -61.43
CA PHE T 274 30.53 -103.07 -62.53
C PHE T 274 31.41 -102.36 -63.53
N ASP T 275 32.65 -102.80 -63.60
CA ASP T 275 33.67 -102.35 -64.55
C ASP T 275 33.71 -103.21 -65.83
N ASN T 276 32.85 -104.23 -65.86
CA ASN T 276 32.78 -105.23 -66.97
C ASN T 276 32.38 -104.58 -68.29
N HIS T 277 32.05 -103.28 -68.28
CA HIS T 277 31.64 -102.60 -69.55
C HIS T 277 32.82 -102.62 -70.53
N ASN T 278 34.03 -102.38 -70.02
CA ASN T 278 35.36 -102.35 -70.72
C ASN T 278 35.57 -101.02 -71.45
N SER T 279 34.63 -100.08 -71.32
CA SER T 279 34.68 -98.74 -71.95
C SER T 279 33.76 -97.79 -71.17
N GLN T 280 33.93 -96.48 -71.33
CA GLN T 280 33.06 -95.52 -70.60
C GLN T 280 31.59 -95.85 -70.89
N VAL T 281 30.92 -96.54 -69.96
CA VAL T 281 29.51 -96.89 -70.10
C VAL T 281 28.76 -95.61 -70.43
N TRP T 282 28.05 -95.59 -71.56
CA TRP T 282 27.38 -94.40 -72.06
C TRP T 282 25.92 -94.30 -71.68
N ARG T 283 25.19 -95.42 -71.64
CA ARG T 283 23.76 -95.42 -71.32
C ARG T 283 23.40 -96.54 -70.37
N VAL T 284 22.37 -96.29 -69.57
CA VAL T 284 21.71 -97.28 -68.72
C VAL T 284 20.19 -97.15 -68.82
N SER T 285 19.49 -98.26 -68.95
CA SER T 285 18.02 -98.24 -69.04
C SER T 285 17.40 -99.45 -68.37
N TRP T 286 16.45 -99.19 -67.48
CA TRP T 286 15.67 -100.24 -66.82
C TRP T 286 14.56 -100.73 -67.73
N ASN T 287 14.26 -102.03 -67.67
CA ASN T 287 12.99 -102.51 -68.18
C ASN T 287 11.81 -101.94 -67.35
N ILE T 288 10.58 -102.08 -67.88
CA ILE T 288 9.37 -101.52 -67.26
C ILE T 288 9.10 -102.03 -65.84
N THR T 289 9.67 -103.17 -65.45
CA THR T 289 9.54 -103.71 -64.08
C THR T 289 10.69 -103.35 -63.15
N GLY T 290 11.73 -102.66 -63.63
CA GLY T 290 12.92 -102.33 -62.84
C GLY T 290 13.68 -103.57 -62.36
N THR T 291 13.57 -104.69 -63.07
CA THR T 291 14.20 -105.98 -62.70
C THR T 291 15.38 -106.36 -63.59
N VAL T 292 15.50 -105.75 -64.77
CA VAL T 292 16.59 -105.95 -65.71
C VAL T 292 17.11 -104.58 -66.11
N LEU T 293 18.42 -104.40 -66.02
CA LEU T 293 19.12 -103.21 -66.48
C LEU T 293 19.80 -103.53 -67.81
N ALA T 294 19.67 -102.66 -68.81
CA ALA T 294 20.51 -102.64 -69.99
C ALA T 294 21.59 -101.56 -69.84
N SER T 295 22.82 -101.83 -70.28
CA SER T 295 23.88 -100.82 -70.40
C SER T 295 24.57 -100.91 -71.76
N SER T 296 25.08 -99.79 -72.26
CA SER T 296 25.92 -99.72 -73.46
C SER T 296 27.24 -99.03 -73.17
N GLY T 297 28.32 -99.42 -73.86
CA GLY T 297 29.65 -98.84 -73.67
C GLY T 297 30.52 -98.84 -74.93
N ASP T 298 31.73 -98.33 -74.81
CA ASP T 298 32.71 -98.24 -75.91
C ASP T 298 33.15 -99.61 -76.46
N ASP T 299 32.92 -100.70 -75.71
CA ASP T 299 33.17 -102.07 -76.18
C ASP T 299 32.23 -102.52 -77.32
N GLY T 300 31.32 -101.65 -77.77
CA GLY T 300 30.41 -101.91 -78.88
C GLY T 300 29.32 -102.91 -78.51
N THR T 301 29.07 -103.13 -77.21
CA THR T 301 28.09 -104.09 -76.73
C THR T 301 26.97 -103.43 -75.94
N VAL T 302 25.80 -104.09 -75.94
CA VAL T 302 24.75 -103.87 -74.94
C VAL T 302 24.74 -105.05 -74.00
N ARG T 303 24.81 -104.81 -72.69
CA ARG T 303 24.79 -105.84 -71.66
C ARG T 303 23.51 -105.78 -70.85
N LEU T 304 23.03 -106.93 -70.42
CA LEU T 304 21.82 -107.07 -69.61
C LEU T 304 22.19 -107.60 -68.23
N TRP T 305 21.70 -106.94 -67.19
CA TRP T 305 22.02 -107.25 -65.79
C TRP T 305 20.75 -107.57 -65.02
N LYS T 306 20.79 -108.58 -64.16
CA LYS T 306 19.65 -109.00 -63.34
C LYS T 306 20.13 -109.58 -62.01
N ALA T 307 19.45 -109.22 -60.92
CA ALA T 307 19.60 -109.87 -59.62
C ALA T 307 18.93 -111.25 -59.60
N ASN T 308 19.59 -112.22 -58.95
CA ASN T 308 18.94 -113.48 -58.58
C ASN T 308 18.14 -113.32 -57.26
N TYR T 309 17.58 -114.42 -56.75
CA TYR T 309 16.80 -114.43 -55.51
C TYR T 309 17.62 -114.13 -54.24
N MET T 310 18.95 -114.12 -54.33
CA MET T 310 19.87 -113.75 -53.24
C MET T 310 20.38 -112.31 -53.40
N ASP T 311 19.71 -111.47 -54.20
CA ASP T 311 20.09 -110.10 -54.54
C ASP T 311 21.48 -109.96 -55.22
N ASN T 312 22.04 -111.08 -55.71
CA ASN T 312 23.30 -111.05 -56.46
C ASN T 312 23.02 -110.71 -57.92
N TRP T 313 23.46 -109.53 -58.34
CA TRP T 313 23.40 -109.09 -59.73
C TRP T 313 24.43 -109.81 -60.60
N LYS T 314 24.01 -110.23 -61.80
CA LYS T 314 24.88 -110.83 -62.81
C LYS T 314 24.55 -110.33 -64.21
N CYS T 315 25.52 -110.43 -65.13
CA CYS T 315 25.24 -110.11 -66.54
C CYS T 315 24.47 -111.31 -67.10
N ILE T 316 23.56 -111.11 -68.05
CA ILE T 316 22.74 -112.19 -68.64
C ILE T 316 22.65 -112.07 -70.19
N GLY T 317 23.61 -111.40 -70.82
CA GLY T 317 23.63 -111.28 -72.30
C GLY T 317 24.65 -110.28 -72.84
N VAL T 318 25.30 -110.55 -73.99
CA VAL T 318 26.28 -109.63 -74.63
C VAL T 318 26.21 -109.74 -76.17
N LEU T 319 26.46 -108.65 -76.92
CA LEU T 319 26.14 -108.54 -78.37
C LEU T 319 27.35 -108.19 -79.27
N LYS T 320 27.16 -108.12 -80.61
CA LYS T 320 28.29 -107.90 -81.55
C LYS T 320 28.04 -106.76 -82.55
N GLY T 321 29.08 -106.35 -83.29
CA GLY T 321 28.94 -105.29 -84.29
C GLY T 321 28.11 -105.80 -85.47
N ASP T 322 28.27 -107.07 -85.83
CA ASP T 322 27.51 -107.66 -86.96
C ASP T 322 26.02 -107.85 -86.60
N GLY T 323 25.66 -107.72 -85.31
CA GLY T 323 24.25 -107.82 -84.88
C GLY T 323 23.93 -109.17 -84.24
N ASN T 324 24.87 -110.11 -84.26
CA ASN T 324 24.63 -111.45 -83.68
C ASN T 324 24.81 -111.39 -82.17
N PRO T 325 23.98 -112.11 -81.40
CA PRO T 325 24.22 -112.15 -79.94
C PRO T 325 25.47 -113.01 -79.69
N VAL T 326 26.29 -112.66 -78.71
CA VAL T 326 27.52 -113.42 -78.42
C VAL T 326 27.14 -114.83 -77.96
N GLY T 327 27.78 -115.86 -78.54
CA GLY T 327 27.48 -117.25 -78.15
C GLY T 327 27.73 -117.47 -76.66
N PHE U 101 -8.25 -119.24 -4.75
CA PHE U 101 -7.68 -120.56 -5.12
C PHE U 101 -7.99 -120.87 -6.58
N LEU U 102 -7.93 -119.85 -7.43
CA LEU U 102 -8.22 -120.01 -8.88
C LEU U 102 -7.16 -120.92 -9.50
N LYS U 103 -5.90 -120.72 -9.09
CA LYS U 103 -4.78 -121.56 -9.59
C LYS U 103 -5.01 -123.00 -9.13
N ASN U 104 -5.49 -123.16 -7.89
CA ASN U 104 -5.79 -124.50 -7.32
C ASN U 104 -6.87 -125.14 -8.18
N GLU U 105 -7.88 -124.37 -8.55
CA GLU U 105 -8.97 -124.90 -9.40
C GLU U 105 -8.38 -125.34 -10.74
N LYS U 106 -7.46 -124.56 -11.32
CA LYS U 106 -6.84 -124.93 -12.63
C LYS U 106 -6.07 -126.23 -12.48
N ASP U 107 -5.35 -126.34 -11.37
CA ASP U 107 -4.55 -127.55 -11.05
C ASP U 107 -5.50 -128.74 -10.92
N ASN U 108 -6.62 -128.52 -10.25
CA ASN U 108 -7.69 -129.52 -10.01
C ASN U 108 -8.23 -129.98 -11.35
N ALA U 109 -8.41 -129.05 -12.29
CA ALA U 109 -8.92 -129.39 -13.63
C ALA U 109 -7.91 -130.33 -14.31
N LEU U 110 -6.63 -129.98 -14.19
CA LEU U 110 -5.58 -130.83 -14.80
C LEU U 110 -5.62 -132.22 -14.14
N LEU U 111 -5.80 -132.25 -12.82
CA LEU U 111 -5.87 -133.49 -12.00
C LEU U 111 -7.04 -134.34 -12.45
N SER U 112 -8.18 -133.71 -12.70
CA SER U 112 -9.41 -134.43 -13.14
C SER U 112 -9.12 -135.07 -14.50
N ALA U 113 -8.43 -134.34 -15.38
CA ALA U 113 -8.09 -134.88 -16.73
C ALA U 113 -7.21 -136.12 -16.57
N ILE U 114 -6.23 -136.02 -15.67
CA ILE U 114 -5.31 -137.17 -15.45
C ILE U 114 -6.12 -138.36 -14.91
N GLU U 115 -7.07 -138.08 -14.01
CA GLU U 115 -7.94 -139.11 -13.39
C GLU U 115 -8.75 -139.79 -14.49
N GLU U 116 -9.26 -139.03 -15.44
CA GLU U 116 -10.04 -139.60 -16.57
C GLU U 116 -9.15 -140.56 -17.38
N SER U 117 -7.92 -140.14 -17.67
CA SER U 117 -7.01 -141.04 -18.44
C SER U 117 -6.76 -142.32 -17.64
N ARG U 118 -6.57 -142.16 -16.32
CA ARG U 118 -6.32 -143.29 -15.39
C ARG U 118 -7.51 -144.24 -15.37
N LYS U 119 -8.73 -143.71 -15.33
CA LYS U 119 -9.96 -144.53 -15.30
C LYS U 119 -10.04 -145.32 -16.61
N ARG U 120 -9.69 -144.67 -17.72
CA ARG U 120 -9.71 -145.37 -19.03
C ARG U 120 -8.73 -146.53 -18.96
N THR U 121 -7.53 -146.29 -18.45
CA THR U 121 -6.52 -147.37 -18.36
C THR U 121 -7.02 -148.48 -17.42
N PHE U 122 -7.69 -148.10 -16.33
CA PHE U 122 -8.22 -149.05 -15.32
C PHE U 122 -9.24 -149.97 -15.97
N VAL U 123 -10.17 -149.39 -16.72
CA VAL U 123 -11.27 -150.15 -17.39
C VAL U 123 -10.70 -151.11 -18.44
N MET U 124 -9.93 -150.59 -19.40
CA MET U 124 -9.39 -151.44 -20.50
C MET U 124 -8.48 -152.55 -19.94
N ALA U 125 -7.60 -152.22 -18.99
CA ALA U 125 -6.68 -153.23 -18.42
C ALA U 125 -7.50 -154.32 -17.72
N GLU U 126 -8.51 -153.91 -16.96
CA GLU U 126 -9.37 -154.89 -16.21
C GLU U 126 -10.07 -155.78 -17.23
N GLU U 127 -10.58 -155.19 -18.31
CA GLU U 127 -11.31 -155.97 -19.36
C GLU U 127 -10.35 -156.99 -19.97
N TYR U 128 -9.12 -156.58 -20.26
CA TYR U 128 -8.12 -157.49 -20.88
C TYR U 128 -7.84 -158.66 -19.93
N HIS U 129 -7.68 -158.35 -18.64
CA HIS U 129 -7.38 -159.42 -17.64
C HIS U 129 -8.57 -160.39 -17.58
N ARG U 130 -9.79 -159.84 -17.60
CA ARG U 130 -11.02 -160.66 -17.53
C ARG U 130 -11.08 -161.57 -18.76
N GLU U 131 -10.74 -161.02 -19.94
CA GLU U 131 -10.76 -161.79 -21.20
C GLU U 131 -9.74 -162.93 -21.10
N SER U 132 -8.55 -162.65 -20.56
CA SER U 132 -7.51 -163.71 -20.43
C SER U 132 -8.02 -164.81 -19.50
N MET U 133 -8.65 -164.42 -18.39
CA MET U 133 -9.17 -165.41 -17.41
C MET U 133 -10.25 -166.26 -18.08
N LEU U 134 -11.11 -165.61 -18.87
CA LEU U 134 -12.22 -166.31 -19.58
C LEU U 134 -11.63 -167.31 -20.57
N VAL U 135 -10.59 -166.91 -21.29
CA VAL U 135 -9.92 -167.80 -22.30
C VAL U 135 -9.35 -169.02 -21.55
N GLU U 136 -8.71 -168.79 -20.40
CA GLU U 136 -8.12 -169.90 -19.63
C GLU U 136 -9.24 -170.85 -19.19
N TRP U 137 -10.37 -170.29 -18.72
CA TRP U 137 -11.52 -171.10 -18.25
C TRP U 137 -12.06 -171.94 -19.42
N GLU U 138 -12.17 -171.32 -20.61
CA GLU U 138 -12.69 -172.01 -21.82
C GLU U 138 -11.75 -173.16 -22.17
N GLN U 139 -10.43 -172.93 -22.10
CA GLN U 139 -9.44 -173.99 -22.42
C GLN U 139 -9.62 -175.14 -21.42
N VAL U 140 -9.80 -174.82 -20.14
CA VAL U 140 -9.97 -175.86 -19.09
C VAL U 140 -11.24 -176.66 -19.40
N LYS U 141 -12.31 -175.97 -19.79
CA LYS U 141 -13.61 -176.63 -20.10
C LYS U 141 -13.42 -177.57 -21.30
N GLN U 142 -12.68 -177.12 -22.31
CA GLN U 142 -12.43 -177.94 -23.52
C GLN U 142 -11.64 -179.19 -23.11
N ARG U 143 -10.65 -179.03 -22.24
CA ARG U 143 -9.83 -180.18 -21.77
C ARG U 143 -10.74 -181.17 -21.03
N VAL U 144 -11.65 -180.65 -20.19
CA VAL U 144 -12.58 -181.51 -19.41
C VAL U 144 -13.48 -182.27 -20.39
N LEU U 145 -13.96 -181.59 -21.43
CA LEU U 145 -14.84 -182.22 -22.45
C LEU U 145 -14.07 -183.35 -23.15
N HIS U 146 -12.80 -183.09 -23.49
CA HIS U 146 -11.97 -184.11 -24.17
C HIS U 146 -11.79 -185.32 -23.24
N THR U 147 -11.57 -185.06 -21.95
CA THR U 147 -11.39 -186.15 -20.95
C THR U 147 -12.69 -186.98 -20.88
N LEU U 148 -13.85 -186.30 -20.89
CA LEU U 148 -15.15 -186.99 -20.84
C LEU U 148 -15.30 -187.86 -22.09
N LEU U 149 -14.91 -187.33 -23.25
CA LEU U 149 -15.00 -188.07 -24.54
C LEU U 149 -14.11 -189.32 -24.45
N ALA U 150 -12.91 -189.18 -23.88
CA ALA U 150 -11.97 -190.32 -23.73
C ALA U 150 -12.68 -191.51 -23.08
N SER V 121 -25.35 -171.28 -45.46
CA SER V 121 -25.90 -171.52 -44.11
C SER V 121 -24.93 -171.12 -42.99
N PHE V 122 -23.62 -171.24 -43.21
CA PHE V 122 -22.63 -170.91 -42.18
C PHE V 122 -22.51 -169.40 -41.96
N THR V 123 -22.69 -168.61 -43.03
CA THR V 123 -22.66 -167.15 -42.96
C THR V 123 -23.90 -166.57 -42.26
N GLU V 124 -25.09 -167.11 -42.51
CA GLU V 124 -26.33 -166.68 -41.83
C GLU V 124 -26.33 -167.04 -40.33
N ASP V 125 -25.83 -168.23 -39.97
CA ASP V 125 -25.70 -168.66 -38.57
C ASP V 125 -24.71 -167.78 -37.77
N ILE V 126 -23.60 -167.38 -38.42
CA ILE V 126 -22.61 -166.49 -37.80
C ILE V 126 -23.19 -165.09 -37.61
N THR V 127 -23.92 -164.56 -38.59
CA THR V 127 -24.54 -163.23 -38.47
C THR V 127 -25.58 -163.21 -37.37
N LEU V 128 -26.47 -164.20 -37.29
CA LEU V 128 -27.48 -164.26 -36.22
C LEU V 128 -26.83 -164.40 -34.83
N SER V 129 -25.86 -165.30 -34.67
CA SER V 129 -25.11 -165.44 -33.40
C SER V 129 -24.39 -164.14 -33.00
N ALA V 130 -23.87 -163.39 -33.99
CA ALA V 130 -23.19 -162.12 -33.75
C ALA V 130 -24.17 -160.97 -33.44
N VAL V 131 -25.36 -160.97 -34.02
CA VAL V 131 -26.44 -160.02 -33.72
C VAL V 131 -26.98 -160.26 -32.31
N MET V 132 -27.25 -161.51 -31.92
CA MET V 132 -27.70 -161.84 -30.56
C MET V 132 -26.67 -161.48 -29.48
N LEU V 133 -25.37 -161.54 -29.80
CA LEU V 133 -24.31 -161.08 -28.90
C LEU V 133 -24.34 -159.55 -28.64
N GLN V 134 -25.04 -158.77 -29.47
CA GLN V 134 -25.24 -157.32 -29.27
C GLN V 134 -26.47 -157.00 -28.39
N GLU V 135 -27.38 -157.96 -28.19
CA GLU V 135 -28.56 -157.77 -27.35
C GLU V 135 -28.20 -157.85 -25.85
N GLU V 136 -28.91 -157.07 -25.03
CA GLU V 136 -28.66 -157.02 -23.58
C GLU V 136 -28.94 -158.36 -22.89
N ASP V 137 -29.86 -159.17 -23.44
CA ASP V 137 -30.13 -160.55 -23.03
C ASP V 137 -30.39 -161.47 -24.24
N PRO V 138 -29.36 -162.19 -24.72
CA PRO V 138 -29.48 -163.13 -25.83
C PRO V 138 -30.48 -164.26 -25.57
N GLY V 139 -30.70 -164.63 -24.29
CA GLY V 139 -31.63 -165.70 -23.94
C GLY V 139 -33.07 -165.26 -24.15
N GLU V 140 -33.43 -164.08 -23.64
CA GLU V 140 -34.77 -163.53 -23.76
C GLU V 140 -35.13 -163.25 -25.23
N ALA V 141 -34.22 -162.68 -26.01
CA ALA V 141 -34.44 -162.47 -27.43
C ALA V 141 -34.58 -163.79 -28.22
N ALA V 142 -33.88 -164.86 -27.83
CA ALA V 142 -34.01 -166.18 -28.47
C ALA V 142 -35.38 -166.77 -28.17
N THR V 143 -35.93 -166.54 -26.97
CA THR V 143 -37.30 -166.97 -26.64
C THR V 143 -38.35 -166.18 -27.41
N MET V 144 -38.15 -164.87 -27.58
CA MET V 144 -39.07 -163.97 -28.25
C MET V 144 -39.15 -164.25 -29.76
N SER V 145 -38.02 -164.56 -30.41
CA SER V 145 -37.96 -164.85 -31.84
C SER V 145 -38.77 -166.09 -32.24
N MET V 146 -38.99 -167.01 -31.31
CA MET V 146 -39.77 -168.23 -31.53
C MET V 146 -41.30 -168.01 -31.53
N TYR V 147 -41.80 -166.89 -31.00
CA TYR V 147 -43.26 -166.66 -30.89
C TYR V 147 -43.98 -166.74 -32.25
N PRO V 148 -43.51 -166.04 -33.32
CA PRO V 148 -44.10 -166.18 -34.65
C PRO V 148 -43.96 -167.60 -35.22
N ASP V 149 -42.83 -168.29 -34.97
CA ASP V 149 -42.60 -169.65 -35.49
C ASP V 149 -43.59 -170.66 -34.88
N PHE V 150 -43.92 -170.50 -33.60
CA PHE V 150 -44.92 -171.32 -32.91
C PHE V 150 -46.33 -171.11 -33.48
N LEU V 151 -46.71 -169.85 -33.69
CA LEU V 151 -48.00 -169.54 -34.30
C LEU V 151 -48.07 -170.07 -35.74
N LYS V 152 -47.04 -169.81 -36.54
CA LYS V 152 -46.94 -170.31 -37.92
C LYS V 152 -47.06 -171.82 -37.98
N SER V 153 -46.31 -172.54 -37.12
CA SER V 153 -46.38 -174.00 -37.08
C SER V 153 -47.78 -174.48 -36.71
N PHE V 154 -48.47 -173.81 -35.77
CA PHE V 154 -49.85 -174.13 -35.42
C PHE V 154 -50.81 -173.95 -36.61
N LEU V 155 -50.67 -172.87 -37.36
CA LEU V 155 -51.53 -172.56 -38.50
C LEU V 155 -51.27 -173.48 -39.72
N GLU V 156 -50.00 -173.48 -40.10
CA GLU V 156 -49.62 -174.08 -41.39
C GLU V 156 -50.38 -175.26 -41.97
N HIS V 157 -50.04 -176.46 -41.47
CA HIS V 157 -50.61 -177.75 -41.93
C HIS V 157 -52.07 -177.95 -41.49
N PRO V 158 -52.76 -178.99 -42.02
CA PRO V 158 -54.17 -179.23 -41.69
C PRO V 158 -54.43 -179.72 -40.25
N SER V 159 -55.67 -179.51 -39.79
CA SER V 159 -56.15 -179.91 -38.44
C SER V 159 -56.11 -181.43 -38.28
N SER V 160 -56.37 -182.16 -39.37
CA SER V 160 -56.42 -183.65 -39.35
C SER V 160 -55.08 -184.25 -38.90
N ALA V 161 -53.95 -183.65 -39.27
CA ALA V 161 -52.64 -184.18 -38.84
C ALA V 161 -51.82 -183.08 -38.17
N VAL V 162 -52.28 -182.64 -37.00
CA VAL V 162 -51.59 -181.58 -36.18
C VAL V 162 -50.24 -182.12 -35.69
N PHE V 163 -50.23 -183.40 -35.30
CA PHE V 163 -49.07 -184.16 -34.75
C PHE V 163 -47.74 -183.70 -35.39
N GLU V 164 -47.63 -183.79 -36.71
CA GLU V 164 -46.42 -183.37 -37.42
C GLU V 164 -46.07 -181.93 -37.01
N LEU V 165 -47.08 -181.08 -36.83
CA LEU V 165 -46.93 -179.75 -36.24
C LEU V 165 -46.29 -179.79 -34.83
N ILE V 166 -46.79 -180.64 -33.93
CA ILE V 166 -46.21 -180.75 -32.57
C ILE V 166 -44.77 -181.27 -32.63
N GLU V 167 -44.48 -182.26 -33.48
CA GLU V 167 -43.12 -182.76 -33.68
C GLU V 167 -42.19 -181.64 -34.17
N GLN V 168 -42.69 -180.70 -35.00
CA GLN V 168 -41.94 -179.54 -35.43
C GLN V 168 -41.76 -178.48 -34.33
N TYR V 169 -42.75 -178.28 -33.45
CA TYR V 169 -42.57 -177.46 -32.24
C TYR V 169 -41.50 -178.03 -31.31
N GLU V 170 -41.52 -179.34 -31.07
CA GLU V 170 -40.49 -180.03 -30.31
C GLU V 170 -39.10 -179.82 -30.93
N ALA V 171 -38.98 -179.99 -32.26
CA ALA V 171 -37.73 -179.78 -32.98
C ALA V 171 -37.20 -178.34 -32.88
N THR V 172 -38.08 -177.34 -32.98
CA THR V 172 -37.74 -175.93 -32.81
C THR V 172 -37.23 -175.64 -31.40
N CYS V 173 -37.91 -176.14 -30.36
CA CYS V 173 -37.43 -176.05 -28.97
C CYS V 173 -36.06 -176.73 -28.81
N ASN V 174 -35.90 -177.95 -29.34
CA ASN V 174 -34.65 -178.70 -29.23
C ASN V 174 -33.46 -177.98 -29.89
N THR V 175 -33.69 -177.29 -31.00
CA THR V 175 -32.66 -176.49 -31.69
C THR V 175 -32.14 -175.38 -30.79
N GLN V 176 -33.05 -174.60 -30.15
CA GLN V 176 -32.65 -173.53 -29.24
C GLN V 176 -32.07 -174.06 -27.92
N ILE V 177 -32.60 -175.15 -27.38
CA ILE V 177 -32.04 -175.84 -26.21
C ILE V 177 -30.59 -176.27 -26.48
N THR V 178 -30.30 -176.82 -27.66
CA THR V 178 -28.95 -177.24 -28.03
C THR V 178 -27.99 -176.05 -28.10
N LEU V 179 -28.43 -174.93 -28.66
CA LEU V 179 -27.68 -173.68 -28.70
C LEU V 179 -27.39 -173.16 -27.28
N LEU V 180 -28.43 -173.04 -26.44
CA LEU V 180 -28.30 -172.56 -25.06
C LEU V 180 -27.43 -173.48 -24.20
N LYS V 181 -27.53 -174.80 -24.36
CA LYS V 181 -26.61 -175.76 -23.70
C LYS V 181 -25.15 -175.50 -24.09
N LYS V 182 -24.86 -175.21 -25.36
CA LYS V 182 -23.49 -174.86 -25.82
C LYS V 182 -23.02 -173.56 -25.16
N ILE V 183 -23.89 -172.56 -25.03
CA ILE V 183 -23.58 -171.26 -24.38
C ILE V 183 -23.29 -171.47 -22.89
N VAL V 184 -24.20 -172.11 -22.15
CA VAL V 184 -24.05 -172.36 -20.71
C VAL V 184 -22.78 -173.19 -20.40
N LYS V 185 -22.44 -174.20 -21.22
CA LYS V 185 -21.21 -174.99 -21.05
C LYS V 185 -19.91 -174.20 -21.27
N ARG V 186 -19.93 -173.15 -22.10
CA ARG V 186 -18.74 -172.31 -22.37
C ARG V 186 -18.48 -171.27 -21.29
N VAL V 187 -19.46 -171.00 -20.42
CA VAL V 187 -19.36 -169.99 -19.36
C VAL V 187 -18.58 -170.56 -18.17
N THR V 188 -17.60 -169.80 -17.68
CA THR V 188 -16.88 -170.13 -16.43
C THR V 188 -17.85 -170.17 -15.24
N PRO V 189 -17.86 -171.25 -14.43
CA PRO V 189 -18.70 -171.34 -13.23
C PRO V 189 -18.51 -170.11 -12.31
N GLY V 190 -19.60 -169.42 -11.95
CA GLY V 190 -19.59 -168.29 -11.00
C GLY V 190 -20.05 -166.92 -11.54
N GLN V 191 -20.29 -166.78 -12.85
CA GLN V 191 -20.91 -165.57 -13.40
C GLN V 191 -22.42 -165.58 -13.15
N GLN V 192 -22.91 -164.79 -12.17
CA GLN V 192 -24.36 -164.62 -11.90
C GLN V 192 -25.16 -164.20 -13.15
N LYS V 193 -24.51 -163.59 -14.15
CA LYS V 193 -25.11 -163.16 -15.42
C LYS V 193 -25.87 -164.27 -16.17
N PHE V 194 -25.48 -165.52 -16.01
CA PHE V 194 -26.10 -166.64 -16.75
C PHE V 194 -27.14 -167.43 -15.95
N SER V 195 -27.46 -167.00 -14.72
CA SER V 195 -28.51 -167.66 -13.93
C SER V 195 -29.87 -167.58 -14.61
N LYS V 196 -30.22 -166.41 -15.18
CA LYS V 196 -31.48 -166.23 -15.92
C LYS V 196 -31.50 -167.11 -17.18
N THR V 197 -30.41 -167.15 -17.94
CA THR V 197 -30.26 -168.02 -19.11
C THR V 197 -30.38 -169.50 -18.77
N ALA V 198 -29.83 -169.95 -17.63
CA ALA V 198 -29.97 -171.33 -17.17
C ALA V 198 -31.42 -171.66 -16.78
N SER V 199 -32.13 -170.72 -16.13
CA SER V 199 -33.56 -170.87 -15.84
C SER V 199 -34.40 -170.94 -17.11
N ILE V 200 -34.13 -170.08 -18.11
CA ILE V 200 -34.83 -170.12 -19.40
C ILE V 200 -34.52 -171.41 -20.17
N LEU V 201 -33.28 -171.90 -20.13
CA LEU V 201 -32.92 -173.20 -20.70
C LEU V 201 -33.77 -174.32 -20.09
N TRP V 202 -33.91 -174.35 -18.76
CA TRP V 202 -34.76 -175.33 -18.10
C TRP V 202 -36.23 -175.19 -18.52
N LEU V 203 -36.77 -173.97 -18.57
CA LEU V 203 -38.15 -173.74 -19.01
C LEU V 203 -38.40 -174.15 -20.47
N LEU V 204 -37.45 -173.90 -21.38
CA LEU V 204 -37.54 -174.37 -22.76
C LEU V 204 -37.47 -175.90 -22.86
N GLN V 205 -36.65 -176.55 -22.01
CA GLN V 205 -36.66 -178.01 -21.90
C GLN V 205 -38.03 -178.51 -21.43
N GLN V 206 -38.64 -177.84 -20.44
CA GLN V 206 -39.99 -178.17 -19.98
C GLN V 206 -41.03 -177.98 -21.09
N GLU V 207 -40.92 -176.93 -21.90
CA GLU V 207 -41.78 -176.73 -23.06
C GLU V 207 -41.66 -177.88 -24.08
N MET V 208 -40.42 -178.22 -24.46
CA MET V 208 -40.12 -179.31 -25.40
C MET V 208 -40.73 -180.64 -24.94
N VAL V 209 -40.52 -181.01 -23.68
CA VAL V 209 -41.04 -182.30 -23.17
C VAL V 209 -42.55 -182.25 -22.98
N THR V 210 -43.14 -181.07 -22.75
CA THR V 210 -44.61 -180.91 -22.69
C THR V 210 -45.23 -181.13 -24.06
N TRP V 211 -44.63 -180.62 -25.15
CA TRP V 211 -45.07 -180.93 -26.51
C TRP V 211 -44.99 -182.42 -26.81
N ARG V 212 -43.90 -183.08 -26.42
CA ARG V 212 -43.76 -184.55 -26.55
C ARG V 212 -44.84 -185.31 -25.80
N LEU V 213 -45.19 -184.88 -24.58
CA LEU V 213 -46.28 -185.46 -23.78
C LEU V 213 -47.64 -185.30 -24.47
N ILE V 214 -47.94 -184.09 -24.97
CA ILE V 214 -49.17 -183.78 -25.69
C ILE V 214 -49.28 -184.69 -26.93
N ALA V 215 -48.21 -184.80 -27.72
CA ALA V 215 -48.18 -185.68 -28.90
C ALA V 215 -48.46 -187.14 -28.53
N ALA V 216 -47.87 -187.67 -27.46
CA ALA V 216 -48.07 -189.05 -27.03
C ALA V 216 -49.52 -189.31 -26.58
N LEU V 217 -50.05 -188.48 -25.66
CA LEU V 217 -51.37 -188.71 -25.06
C LEU V 217 -52.52 -188.40 -26.02
N TYR V 218 -52.47 -187.28 -26.75
CA TYR V 218 -53.56 -186.94 -27.67
C TYR V 218 -53.59 -187.82 -28.91
N ARG V 219 -52.45 -188.34 -29.38
CA ARG V 219 -52.42 -189.34 -30.46
C ARG V 219 -53.15 -190.61 -30.03
N ASP V 220 -52.78 -191.09 -28.83
CA ASP V 220 -53.27 -192.34 -28.17
C ASP V 220 -54.74 -192.22 -27.78
N ARG V 221 -55.15 -191.14 -27.10
CA ARG V 221 -56.58 -190.96 -26.74
C ARG V 221 -57.38 -190.84 -28.04
N ILE V 222 -56.84 -190.06 -28.99
CA ILE V 222 -57.44 -189.87 -30.34
C ILE V 222 -57.44 -191.24 -31.04
N GLN V 223 -56.36 -192.01 -30.90
CA GLN V 223 -56.30 -193.35 -31.54
C GLN V 223 -57.44 -194.19 -30.97
N SER V 224 -57.65 -194.22 -29.66
CA SER V 224 -58.74 -195.08 -29.14
C SER V 224 -60.08 -194.59 -29.70
N ALA V 225 -60.28 -193.28 -29.70
CA ALA V 225 -61.58 -192.70 -30.16
C ALA V 225 -61.85 -193.05 -31.63
N LEU V 226 -60.82 -193.01 -32.48
CA LEU V 226 -61.04 -193.24 -33.94
C LEU V 226 -60.50 -194.60 -34.42
N GLU V 227 -60.17 -195.52 -33.51
CA GLU V 227 -59.58 -196.79 -34.00
C GLU V 227 -60.06 -198.01 -33.21
N GLU V 228 -60.29 -197.94 -31.88
CA GLU V 228 -60.92 -199.18 -31.37
C GLU V 228 -62.26 -199.46 -32.07
N GLU V 229 -62.22 -199.83 -33.35
CA GLU V 229 -63.46 -200.15 -34.11
C GLU V 229 -63.65 -201.67 -34.18
N ASN V 230 -62.58 -202.40 -34.50
CA ASN V 230 -62.61 -203.88 -34.64
C ASN V 230 -62.63 -204.58 -33.27
N MET V 231 -63.16 -205.81 -33.21
CA MET V 231 -63.22 -206.60 -31.95
C MET V 231 -63.37 -208.09 -32.30
N PHE V 232 -63.07 -209.00 -31.36
CA PHE V 232 -64.06 -209.59 -30.42
C PHE V 232 -63.84 -211.10 -30.25
N GLU V 233 -63.50 -211.49 -29.02
CA GLU V 233 -63.24 -212.91 -28.61
C GLU V 233 -63.08 -212.93 -27.08
N ILE V 234 -63.88 -213.74 -26.38
CA ILE V 234 -63.79 -213.79 -24.89
C ILE V 234 -63.09 -215.10 -24.48
N ALA V 235 -61.96 -214.95 -23.76
CA ALA V 235 -61.09 -216.01 -23.18
C ALA V 235 -60.23 -216.70 -24.24
N ALA V 236 -59.45 -217.71 -23.83
CA ALA V 236 -58.60 -218.47 -24.77
C ALA V 236 -58.43 -219.92 -24.27
N PRO V 237 -58.22 -220.91 -25.16
CA PRO V 237 -58.01 -222.29 -24.70
C PRO V 237 -56.73 -222.40 -23.87
N ASN V 238 -55.67 -221.72 -24.31
CA ASN V 238 -54.35 -221.73 -23.63
C ASN V 238 -54.43 -220.93 -22.33
N ALA V 239 -53.57 -221.27 -21.36
CA ALA V 239 -53.31 -220.44 -20.15
C ALA V 239 -52.10 -219.54 -20.40
N SER V 240 -51.56 -219.55 -21.62
CA SER V 240 -50.38 -218.75 -21.98
C SER V 240 -50.66 -217.25 -21.78
N GLU V 241 -49.68 -216.53 -21.22
CA GLU V 241 -49.81 -215.07 -20.95
C GLU V 241 -50.05 -214.31 -22.26
N LYS V 242 -49.19 -214.54 -23.26
CA LYS V 242 -49.28 -213.84 -24.56
C LYS V 242 -50.70 -213.82 -25.12
N THR V 243 -51.38 -214.96 -25.10
CA THR V 243 -52.76 -215.09 -25.61
C THR V 243 -53.76 -214.29 -24.75
N ILE V 244 -53.57 -214.29 -23.42
CA ILE V 244 -54.41 -213.51 -22.49
C ILE V 244 -54.27 -212.03 -22.79
N VAL V 245 -53.04 -211.54 -22.92
CA VAL V 245 -52.77 -210.12 -23.20
C VAL V 245 -53.25 -209.72 -24.59
N ASP V 246 -53.04 -210.54 -25.62
CA ASP V 246 -53.55 -210.27 -26.97
C ASP V 246 -55.09 -210.12 -26.96
N LYS V 247 -55.77 -210.96 -26.20
CA LYS V 247 -57.23 -210.86 -25.99
C LYS V 247 -57.64 -209.62 -25.20
N LEU V 248 -56.85 -209.28 -24.17
CA LEU V 248 -57.16 -208.13 -23.28
C LEU V 248 -56.39 -206.88 -23.75
N PHE V 249 -55.66 -206.98 -24.86
CA PHE V 249 -54.90 -205.81 -25.36
C PHE V 249 -55.88 -204.69 -25.71
N GLN V 250 -56.98 -205.04 -26.37
CA GLN V 250 -58.04 -204.06 -26.74
C GLN V 250 -58.67 -203.49 -25.46
N ARG V 251 -58.91 -204.37 -24.48
CA ARG V 251 -60.15 -204.34 -23.65
C ARG V 251 -59.96 -203.40 -22.46
N ASP V 252 -58.75 -202.87 -22.26
CA ASP V 252 -58.50 -201.95 -21.12
C ASP V 252 -58.24 -200.53 -21.64
N THR V 253 -59.03 -199.56 -21.19
CA THR V 253 -58.89 -198.15 -21.61
C THR V 253 -57.97 -197.41 -20.61
N LEU V 254 -57.55 -198.11 -19.55
CA LEU V 254 -56.67 -197.51 -18.51
C LEU V 254 -55.23 -198.04 -18.70
N VAL V 255 -55.08 -199.36 -18.65
CA VAL V 255 -53.81 -199.97 -18.81
C VAL V 255 -53.01 -199.49 -19.96
N ARG V 256 -53.53 -199.65 -21.16
CA ARG V 256 -52.69 -199.37 -22.32
C ARG V 256 -52.04 -198.03 -22.10
N GLN V 257 -52.84 -197.10 -21.64
CA GLN V 257 -52.39 -195.72 -21.46
C GLN V 257 -51.31 -195.61 -20.38
N SER V 258 -51.40 -196.40 -19.31
CA SER V 258 -50.36 -196.45 -18.28
C SER V 258 -49.02 -196.93 -18.83
N GLN V 259 -49.01 -197.93 -19.71
CA GLN V 259 -47.78 -198.38 -20.39
C GLN V 259 -47.24 -197.30 -21.34
N LEU V 260 -48.10 -196.53 -22.02
CA LEU V 260 -47.64 -195.39 -22.84
C LEU V 260 -46.95 -194.31 -21.98
N VAL V 261 -47.44 -194.05 -20.77
CA VAL V 261 -46.77 -193.15 -19.81
C VAL V 261 -45.42 -193.71 -19.38
N VAL V 262 -45.32 -195.02 -19.13
CA VAL V 262 -44.04 -195.69 -18.84
C VAL V 262 -43.07 -195.55 -20.01
N ASP V 263 -43.50 -195.88 -21.23
CA ASP V 263 -42.69 -195.79 -22.45
C ASP V 263 -42.21 -194.35 -22.70
N TRP V 264 -43.09 -193.37 -22.46
CA TRP V 264 -42.76 -191.95 -22.55
C TRP V 264 -41.68 -191.57 -21.53
N LEU V 265 -41.83 -191.92 -20.25
CA LEU V 265 -40.83 -191.63 -19.22
C LEU V 265 -39.51 -192.36 -19.45
N GLU V 266 -39.55 -193.59 -19.96
CA GLU V 266 -38.36 -194.35 -20.37
C GLU V 266 -37.67 -193.67 -21.57
N SER V 267 -38.42 -193.07 -22.49
CA SER V 267 -37.85 -192.29 -23.60
C SER V 267 -37.12 -191.02 -23.14
N ILE V 268 -37.64 -190.33 -22.11
CA ILE V 268 -36.98 -189.15 -21.54
C ILE V 268 -35.63 -189.56 -20.93
N ALA V 269 -35.64 -190.60 -20.10
CA ALA V 269 -34.41 -191.12 -19.50
C ALA V 269 -33.41 -191.60 -20.57
N LYS V 270 -33.88 -192.15 -21.69
CA LYS V 270 -33.04 -192.52 -22.82
C LYS V 270 -32.38 -191.29 -23.47
N ASP V 271 -33.12 -190.20 -23.66
CA ASP V 271 -32.58 -188.95 -24.20
C ASP V 271 -31.50 -188.33 -23.29
N GLU V 272 -31.72 -188.60 -21.98
CA GLU V 272 -30.87 -188.06 -20.92
C GLU V 272 -29.67 -188.90 -20.75
N VAL V 273 -28.73 -188.76 -21.66
CA VAL V 273 -27.50 -189.48 -21.54
C VAL V 273 -26.80 -188.69 -20.45
N GLY V 274 -26.84 -189.18 -19.22
CA GLY V 274 -25.66 -189.13 -18.37
C GLY V 274 -24.68 -189.97 -19.19
N ASP V 275 -23.48 -189.50 -19.51
CA ASP V 275 -22.58 -190.24 -20.45
C ASP V 275 -21.13 -190.57 -20.00
N PHE V 276 -20.87 -190.81 -18.72
CA PHE V 276 -19.50 -191.23 -18.29
C PHE V 276 -19.26 -192.67 -18.80
N SER V 277 -20.35 -193.33 -19.21
CA SER V 277 -20.44 -194.72 -19.76
C SER V 277 -19.16 -195.23 -20.43
N ASP V 278 -18.70 -194.60 -21.53
CA ASP V 278 -17.47 -195.03 -22.24
C ASP V 278 -16.23 -194.87 -21.34
N ASN V 279 -16.14 -193.73 -20.64
CA ASN V 279 -15.03 -193.45 -19.67
C ASN V 279 -15.19 -194.39 -18.47
N ILE V 280 -16.43 -194.78 -18.11
CA ILE V 280 -16.76 -195.75 -17.02
C ILE V 280 -16.19 -197.11 -17.43
N GLU V 281 -16.30 -197.44 -18.71
CA GLU V 281 -15.68 -198.67 -19.29
C GLU V 281 -14.16 -198.49 -19.13
N TYR V 282 -13.64 -197.29 -19.40
CA TYR V 282 -12.19 -197.03 -19.17
C TYR V 282 -11.86 -197.20 -17.67
N TYR V 283 -12.78 -196.75 -16.80
CA TYR V 283 -12.69 -196.75 -15.32
C TYR V 283 -12.52 -198.19 -14.83
N ALA V 284 -13.22 -199.14 -15.45
CA ALA V 284 -13.00 -200.53 -15.00
C ALA V 284 -12.95 -201.41 -16.23
N LYS V 285 -11.78 -201.65 -16.84
CA LYS V 285 -11.90 -202.46 -18.08
C LYS V 285 -12.31 -203.91 -17.77
N SER V 286 -13.06 -204.59 -18.65
CA SER V 286 -13.46 -206.01 -18.42
C SER V 286 -12.16 -206.69 -18.11
N VAL V 287 -11.89 -207.08 -16.86
CA VAL V 287 -10.54 -207.60 -16.54
C VAL V 287 -10.22 -208.37 -15.26
N TYR V 288 -9.16 -209.17 -15.32
CA TYR V 288 -8.63 -209.88 -14.09
C TYR V 288 -8.18 -209.15 -12.76
N TRP V 289 -7.08 -209.54 -12.09
CA TRP V 289 -6.68 -208.97 -10.77
C TRP V 289 -5.12 -208.71 -10.58
N GLU V 290 -4.24 -209.71 -10.41
CA GLU V 290 -2.76 -209.48 -10.13
C GLU V 290 -2.60 -208.91 -8.66
N ASN V 291 -3.59 -209.24 -7.84
CA ASN V 291 -4.39 -208.46 -6.87
C ASN V 291 -4.92 -209.34 -5.75
N THR V 292 -6.16 -209.83 -5.81
CA THR V 292 -6.60 -210.79 -4.82
C THR V 292 -5.48 -211.80 -4.96
N LEU V 293 -4.96 -211.96 -6.18
CA LEU V 293 -3.90 -212.93 -6.49
C LEU V 293 -2.66 -212.73 -5.61
N HIS V 294 -2.23 -211.49 -5.40
CA HIS V 294 -1.10 -211.16 -4.56
C HIS V 294 -1.35 -211.60 -3.10
N THR V 295 -2.51 -211.27 -2.54
CA THR V 295 -2.89 -211.65 -1.18
C THR V 295 -2.99 -213.17 -1.00
N LEU V 296 -3.52 -213.90 -1.98
CA LEU V 296 -3.57 -215.36 -1.96
C LEU V 296 -2.18 -215.99 -1.98
N LYS V 297 -1.27 -215.47 -2.83
CA LYS V 297 0.13 -215.90 -2.87
C LYS V 297 0.86 -215.60 -1.56
N GLN V 298 0.60 -214.46 -0.94
CA GLN V 298 1.21 -214.08 0.33
C GLN V 298 0.72 -214.93 1.50
N ARG V 299 -0.57 -215.30 1.55
CA ARG V 299 -1.12 -216.23 2.55
C ARG V 299 -0.50 -217.63 2.47
N SER V 300 -0.25 -218.09 1.24
CA SER V 300 0.33 -219.45 1.02
C SER V 300 1.74 -219.53 1.61
N MET V 301 2.69 -218.79 1.01
CA MET V 301 4.11 -218.82 1.47
C MET V 301 4.23 -218.30 2.91
N LEU V 302 3.55 -217.19 3.24
CA LEU V 302 3.63 -216.61 4.60
C LEU V 302 2.23 -216.51 5.20
N SER V 303 2.04 -217.04 6.42
CA SER V 303 0.73 -216.99 7.11
C SER V 303 0.57 -215.65 7.85
N LEU V 304 0.34 -214.57 7.09
CA LEU V 304 0.31 -213.20 7.68
C LEU V 304 -0.84 -213.10 8.68
N GLY V 305 -0.60 -212.46 9.82
CA GLY V 305 -1.62 -212.29 10.88
C GLY V 305 -2.71 -211.31 10.47
N SER V 306 -3.90 -211.46 11.05
CA SER V 306 -5.06 -210.57 10.76
C SER V 306 -5.39 -210.56 9.26
N SER V 307 -5.33 -211.73 8.61
CA SER V 307 -5.63 -211.84 7.17
C SER V 307 -7.10 -211.47 6.91
N ARG V 308 -7.36 -210.71 5.84
CA ARG V 308 -8.74 -210.25 5.53
C ARG V 308 -9.61 -211.47 5.23
N PRO V 309 -10.87 -211.53 5.72
CA PRO V 309 -11.73 -212.68 5.44
C PRO V 309 -12.54 -212.47 4.16
N LEU V 310 -11.92 -212.72 3.00
CA LEU V 310 -12.59 -212.54 1.70
C LEU V 310 -13.31 -213.84 1.35
N VAL V 311 -14.25 -213.77 0.41
CA VAL V 311 -14.91 -214.97 -0.14
C VAL V 311 -13.89 -216.03 -0.60
N SER V 312 -14.18 -217.32 -0.39
CA SER V 312 -13.33 -218.42 -0.83
C SER V 312 -13.71 -219.01 -2.19
N GLU V 313 -14.87 -218.65 -2.72
CA GLU V 313 -15.43 -219.14 -3.99
C GLU V 313 -15.83 -217.94 -4.86
N LEU V 314 -15.91 -218.13 -6.18
CA LEU V 314 -16.17 -217.06 -7.16
C LEU V 314 -17.51 -217.22 -7.90
N ASP V 315 -18.41 -218.06 -7.39
CA ASP V 315 -19.77 -218.10 -7.89
C ASP V 315 -20.56 -216.83 -7.48
N PRO V 316 -21.59 -216.43 -8.24
CA PRO V 316 -22.27 -215.14 -8.06
C PRO V 316 -22.87 -214.88 -6.68
N ASP V 317 -23.30 -215.93 -5.96
CA ASP V 317 -23.91 -215.82 -4.63
C ASP V 317 -22.92 -216.04 -3.48
N ALA V 318 -21.63 -216.29 -3.76
CA ALA V 318 -20.60 -216.51 -2.75
C ALA V 318 -20.53 -215.39 -1.68
N PRO V 319 -20.59 -214.07 -2.01
CA PRO V 319 -20.55 -213.01 -1.00
C PRO V 319 -21.69 -213.10 0.02
N ILE V 320 -22.88 -213.48 -0.44
CA ILE V 320 -24.09 -213.56 0.37
C ILE V 320 -24.10 -214.87 1.16
N ARG V 321 -23.87 -216.01 0.48
CA ARG V 321 -23.84 -217.34 1.08
C ARG V 321 -22.79 -217.46 2.17
N GLN V 322 -21.58 -216.95 1.92
CA GLN V 322 -20.47 -217.01 2.86
C GLN V 322 -20.46 -215.85 3.86
N LYS V 323 -21.27 -214.80 3.62
CA LYS V 323 -21.26 -213.54 4.40
C LYS V 323 -19.87 -212.92 4.48
N LEU V 324 -19.11 -213.04 3.40
CA LEU V 324 -17.76 -212.52 3.27
C LEU V 324 -17.69 -211.52 2.11
N PRO V 325 -16.87 -210.47 2.22
CA PRO V 325 -16.75 -209.46 1.19
C PRO V 325 -15.84 -209.92 0.03
N LEU V 326 -16.06 -209.30 -1.13
CA LEU V 326 -15.10 -209.25 -2.23
C LEU V 326 -13.94 -208.30 -1.90
N ASP V 327 -12.90 -208.33 -2.75
CA ASP V 327 -11.91 -207.26 -2.79
C ASP V 327 -12.59 -205.89 -2.97
N ASP V 328 -12.04 -204.83 -2.39
CA ASP V 328 -12.68 -203.52 -2.39
C ASP V 328 -12.81 -202.93 -3.81
N LEU V 329 -11.87 -203.21 -4.71
CA LEU V 329 -11.96 -202.78 -6.12
C LEU V 329 -13.07 -203.52 -6.86
N ASP V 330 -13.15 -204.85 -6.70
CA ASP V 330 -14.18 -205.65 -7.35
C ASP V 330 -15.58 -205.28 -6.84
N ARG V 331 -15.69 -205.02 -5.53
CA ARG V 331 -16.92 -204.54 -4.91
C ARG V 331 -17.35 -203.18 -5.46
N GLU V 332 -16.41 -202.26 -5.67
CA GLU V 332 -16.71 -200.96 -6.26
C GLU V 332 -17.15 -201.09 -7.72
N ASP V 333 -16.50 -201.96 -8.50
CA ASP V 333 -16.86 -202.25 -9.89
C ASP V 333 -18.25 -202.88 -10.00
N ASP V 334 -18.61 -203.81 -9.10
CA ASP V 334 -19.96 -204.38 -9.03
C ASP V 334 -21.01 -203.30 -8.69
N ILE V 335 -20.76 -202.43 -7.71
CA ILE V 335 -21.69 -201.34 -7.36
C ILE V 335 -21.88 -200.39 -8.56
N ARG V 336 -20.79 -200.07 -9.26
CA ARG V 336 -20.83 -199.19 -10.43
C ARG V 336 -21.61 -199.84 -11.58
N LEU V 337 -21.37 -201.13 -11.86
CA LEU V 337 -22.12 -201.91 -12.84
C LEU V 337 -23.61 -201.94 -12.48
N LEU V 338 -23.97 -202.24 -11.24
CA LEU V 338 -25.36 -202.29 -10.80
C LEU V 338 -26.08 -200.94 -10.94
N LYS V 339 -25.41 -199.83 -10.61
CA LYS V 339 -25.95 -198.49 -10.84
C LYS V 339 -26.26 -198.27 -12.33
N TYR V 340 -25.35 -198.64 -13.23
CA TYR V 340 -25.57 -198.52 -14.67
C TYR V 340 -26.69 -199.43 -15.19
N LEU V 341 -26.77 -200.67 -14.70
CA LEU V 341 -27.84 -201.59 -15.06
C LEU V 341 -29.21 -201.02 -14.64
N PHE V 342 -29.30 -200.46 -13.43
CA PHE V 342 -30.51 -199.78 -12.97
C PHE V 342 -30.85 -198.58 -13.87
N THR V 343 -29.88 -197.72 -14.21
CA THR V 343 -30.09 -196.60 -15.13
C THR V 343 -30.61 -197.05 -16.50
N LEU V 344 -30.06 -198.12 -17.08
CA LEU V 344 -30.53 -198.67 -18.36
C LEU V 344 -31.95 -199.22 -18.24
N ILE V 345 -32.29 -199.90 -17.15
CA ILE V 345 -33.65 -200.41 -16.90
C ILE V 345 -34.64 -199.25 -16.70
N ARG V 346 -34.27 -198.21 -15.94
CA ARG V 346 -35.06 -196.99 -15.75
C ARG V 346 -35.32 -196.22 -17.06
N ALA V 347 -34.44 -196.37 -18.04
CA ALA V 347 -34.58 -195.83 -19.39
C ALA V 347 -35.30 -196.78 -20.38
N GLY V 348 -35.88 -197.88 -19.90
CA GLY V 348 -36.54 -198.88 -20.76
C GLY V 348 -35.59 -199.72 -21.63
N MET V 349 -34.27 -199.56 -21.48
CA MET V 349 -33.23 -200.20 -22.29
C MET V 349 -32.78 -201.54 -21.69
N THR V 350 -33.73 -202.41 -21.37
CA THR V 350 -33.48 -203.72 -20.74
C THR V 350 -32.58 -204.63 -21.60
N ASP V 351 -32.65 -204.50 -22.93
CA ASP V 351 -31.77 -205.24 -23.85
C ASP V 351 -30.32 -204.74 -23.80
N GLU V 352 -30.11 -203.44 -23.63
CA GLU V 352 -28.77 -202.88 -23.43
C GLU V 352 -28.20 -203.31 -22.08
N ALA V 353 -29.02 -203.34 -21.03
CA ALA V 353 -28.64 -203.86 -19.72
C ALA V 353 -28.16 -205.33 -19.82
N GLN V 354 -28.89 -206.18 -20.55
CA GLN V 354 -28.48 -207.57 -20.80
C GLN V 354 -27.17 -207.67 -21.60
N ARG V 355 -27.00 -206.84 -22.65
CA ARG V 355 -25.75 -206.79 -23.42
C ARG V 355 -24.58 -206.35 -22.54
N LEU V 356 -24.78 -205.35 -21.68
CA LEU V 356 -23.78 -204.88 -20.72
C LEU V 356 -23.39 -206.00 -19.75
N CYS V 357 -24.35 -206.70 -19.13
CA CYS V 357 -24.08 -207.86 -18.29
C CYS V 357 -23.21 -208.91 -19.01
N LYS V 358 -23.55 -209.28 -20.26
CA LYS V 358 -22.77 -210.26 -21.05
C LYS V 358 -21.35 -209.77 -21.33
N ARG V 359 -21.18 -208.49 -21.69
CA ARG V 359 -19.86 -207.89 -21.95
C ARG V 359 -18.98 -207.83 -20.70
N CYS V 360 -19.55 -207.53 -19.54
CA CYS V 360 -18.83 -207.49 -18.27
C CYS V 360 -18.46 -208.88 -17.71
N GLY V 361 -18.86 -209.97 -18.38
CA GLY V 361 -18.61 -211.35 -17.95
C GLY V 361 -19.69 -211.94 -17.03
N GLN V 362 -20.81 -211.23 -16.85
CA GLN V 362 -21.90 -211.62 -15.96
C GLN V 362 -23.14 -212.06 -16.76
N ALA V 363 -22.94 -212.99 -17.70
CA ALA V 363 -24.01 -213.53 -18.54
C ALA V 363 -25.14 -214.19 -17.72
N TRP V 364 -24.83 -214.70 -16.53
CA TRP V 364 -25.81 -215.21 -15.58
C TRP V 364 -26.81 -214.11 -15.18
N ARG V 365 -26.35 -212.89 -14.91
CA ARG V 365 -27.23 -211.77 -14.54
C ARG V 365 -28.09 -211.36 -15.71
N ALA V 366 -27.54 -211.35 -16.93
CA ALA V 366 -28.32 -211.11 -18.15
C ALA V 366 -29.51 -212.07 -18.24
N ALA V 367 -29.32 -213.36 -17.94
CA ALA V 367 -30.40 -214.34 -17.92
C ALA V 367 -31.45 -214.04 -16.82
N THR V 368 -31.05 -213.53 -15.64
CA THR V 368 -32.00 -213.14 -14.59
C THR V 368 -32.92 -211.99 -15.01
N LEU V 369 -32.47 -211.11 -15.92
CA LEU V 369 -33.26 -210.00 -16.45
C LEU V 369 -34.28 -210.43 -17.52
N GLU V 370 -34.29 -211.72 -17.85
CA GLU V 370 -35.23 -212.27 -18.87
C GLU V 370 -36.24 -213.22 -18.19
N GLY V 371 -36.27 -213.20 -16.85
CA GLY V 371 -37.17 -214.07 -16.06
C GLY V 371 -38.64 -213.80 -16.31
N TRP V 372 -39.04 -212.53 -16.43
CA TRP V 372 -40.47 -212.16 -16.62
C TRP V 372 -40.86 -212.26 -18.11
N LYS V 373 -41.08 -213.47 -18.62
CA LYS V 373 -41.47 -213.68 -20.03
C LYS V 373 -42.78 -214.47 -20.09
N LEU V 374 -43.76 -213.98 -20.86
CA LEU V 374 -45.07 -214.66 -21.02
C LEU V 374 -44.83 -215.98 -21.79
N TYR V 375 -45.59 -217.03 -21.48
CA TYR V 375 -45.36 -218.31 -22.15
C TYR V 375 -46.06 -218.35 -23.52
N HIS V 376 -45.30 -218.72 -24.54
CA HIS V 376 -45.81 -218.91 -25.90
C HIS V 376 -45.06 -220.04 -26.61
N ASP V 377 -45.82 -221.01 -27.09
CA ASP V 377 -45.32 -222.04 -27.99
C ASP V 377 -46.05 -221.93 -29.34
N ALA V 378 -45.36 -221.31 -30.31
CA ALA V 378 -45.86 -221.13 -31.67
C ALA V 378 -46.08 -222.47 -32.41
N ASN V 379 -45.53 -223.58 -31.92
CA ASN V 379 -45.64 -224.88 -32.57
C ASN V 379 -46.96 -225.61 -32.23
N ILE V 380 -47.72 -225.17 -31.22
CA ILE V 380 -48.96 -225.82 -30.78
C ILE V 380 -50.02 -225.87 -31.90
N ASN V 381 -50.05 -224.86 -32.77
CA ASN V 381 -51.04 -224.75 -33.85
C ASN V 381 -50.55 -225.32 -35.21
N GLY V 382 -49.39 -225.97 -35.27
CA GLY V 382 -48.93 -226.71 -36.46
C GLY V 382 -48.32 -225.88 -37.59
N GLY V 383 -47.29 -225.08 -37.30
CA GLY V 383 -46.54 -224.32 -38.31
C GLY V 383 -45.66 -225.18 -39.24
N THR V 384 -45.34 -224.67 -40.44
CA THR V 384 -44.43 -225.33 -41.41
C THR V 384 -42.97 -225.35 -40.96
N GLU V 385 -42.56 -224.37 -40.14
CA GLU V 385 -41.21 -224.27 -39.58
C GLU V 385 -41.28 -224.28 -38.05
N LEU V 386 -40.39 -225.05 -37.42
CA LEU V 386 -40.29 -225.10 -35.95
C LEU V 386 -39.73 -223.78 -35.42
N GLN V 387 -40.50 -223.10 -34.58
CA GLN V 387 -40.11 -221.86 -33.92
C GLN V 387 -39.73 -222.11 -32.46
N ALA V 388 -38.86 -221.26 -31.91
CA ALA V 388 -38.36 -221.44 -30.56
C ALA V 388 -39.40 -221.00 -29.51
N VAL V 389 -39.63 -221.83 -28.50
CA VAL V 389 -40.57 -221.54 -27.39
C VAL V 389 -40.12 -220.29 -26.62
N GLU V 390 -41.07 -219.39 -26.34
CA GLU V 390 -40.85 -218.11 -25.67
C GLU V 390 -41.44 -218.08 -24.26
N GLY V 391 -40.87 -217.23 -23.41
CA GLY V 391 -41.37 -216.98 -22.06
C GLY V 391 -41.05 -218.07 -21.05
N ASN V 392 -41.10 -217.17 -20.12
CA ASN V 392 -40.74 -218.01 -18.99
C ASN V 392 -42.00 -218.66 -18.38
N PRO V 393 -42.20 -219.97 -18.54
CA PRO V 393 -43.34 -220.67 -17.94
C PRO V 393 -43.29 -220.72 -16.40
N TYR V 394 -42.14 -220.43 -15.79
CA TYR V 394 -41.93 -220.40 -14.34
C TYR V 394 -41.79 -218.97 -13.80
N ARG V 395 -42.50 -218.02 -14.43
CA ARG V 395 -42.52 -216.60 -14.06
C ARG V 395 -42.83 -216.34 -12.59
N CYS V 396 -43.84 -217.01 -12.05
CA CYS V 396 -44.26 -216.83 -10.66
C CYS V 396 -43.11 -217.16 -9.67
N VAL V 397 -42.37 -218.25 -9.92
CA VAL V 397 -41.20 -218.63 -9.12
C VAL V 397 -40.10 -217.58 -9.27
N TRP V 398 -39.80 -217.19 -10.51
CA TRP V 398 -38.80 -216.15 -10.78
C TRP V 398 -39.14 -214.83 -10.07
N LYS V 399 -40.39 -214.38 -10.14
CA LYS V 399 -40.89 -213.14 -9.54
C LYS V 399 -40.80 -213.20 -8.00
N THR V 400 -41.15 -214.34 -7.41
CA THR V 400 -40.98 -214.59 -5.97
C THR V 400 -39.52 -214.52 -5.55
N CYS V 401 -38.59 -215.08 -6.34
CA CYS V 401 -37.16 -214.97 -6.09
C CYS V 401 -36.67 -213.52 -6.17
N CYS V 402 -37.07 -212.78 -7.22
CA CYS V 402 -36.74 -211.37 -7.36
C CYS V 402 -37.26 -210.53 -6.18
N TRP V 403 -38.47 -210.80 -5.70
CA TRP V 403 -39.02 -210.13 -4.53
C TRP V 403 -38.17 -210.36 -3.27
N ARG V 404 -37.79 -211.62 -3.00
CA ARG V 404 -36.93 -211.96 -1.86
C ARG V 404 -35.55 -211.32 -1.96
N MET V 405 -34.97 -211.28 -3.15
CA MET V 405 -33.69 -210.59 -3.40
C MET V 405 -33.80 -209.08 -3.16
N ALA V 406 -34.93 -208.47 -3.51
CA ALA V 406 -35.16 -207.04 -3.27
C ALA V 406 -35.27 -206.69 -1.78
N GLU V 407 -35.79 -207.59 -0.96
CA GLU V 407 -35.95 -207.40 0.50
C GLU V 407 -34.69 -207.72 1.31
N ASP V 408 -33.77 -208.51 0.75
CA ASP V 408 -32.55 -208.90 1.44
C ASP V 408 -31.54 -207.76 1.44
N GLU V 409 -31.29 -207.19 2.63
CA GLU V 409 -30.37 -206.08 2.85
C GLU V 409 -28.89 -206.43 2.61
N GLN V 410 -28.55 -207.72 2.45
CA GLN V 410 -27.21 -208.14 2.04
C GLN V 410 -26.88 -207.72 0.59
N PHE V 411 -27.90 -207.53 -0.25
CA PHE V 411 -27.74 -207.02 -1.61
C PHE V 411 -27.56 -205.51 -1.64
N ASN V 412 -26.85 -205.03 -2.65
CA ASN V 412 -26.70 -203.60 -2.88
C ASN V 412 -28.05 -202.94 -3.21
N LYS V 413 -28.23 -201.67 -2.82
CA LYS V 413 -29.46 -200.90 -3.07
C LYS V 413 -29.91 -200.89 -4.54
N TYR V 414 -28.99 -200.84 -5.50
CA TYR V 414 -29.33 -200.85 -6.93
C TYR V 414 -29.70 -202.26 -7.42
N GLU V 415 -29.08 -203.31 -6.89
CA GLU V 415 -29.48 -204.69 -7.20
C GLU V 415 -30.87 -204.98 -6.67
N ARG V 416 -31.15 -204.55 -5.44
CA ARG V 416 -32.49 -204.60 -4.85
C ARG V 416 -33.50 -203.83 -5.71
N ALA V 417 -33.15 -202.63 -6.16
CA ALA V 417 -34.02 -201.83 -7.02
C ALA V 417 -34.27 -202.45 -8.40
N ILE V 418 -33.27 -203.08 -9.03
CA ILE V 418 -33.43 -203.82 -10.29
C ILE V 418 -34.48 -204.92 -10.13
N TYR V 419 -34.33 -205.77 -9.12
CA TYR V 419 -35.25 -206.87 -8.90
C TYR V 419 -36.60 -206.40 -8.35
N ALA V 420 -36.65 -205.29 -7.61
CA ALA V 420 -37.87 -204.62 -7.19
C ALA V 420 -38.69 -204.11 -8.39
N THR V 421 -38.04 -203.44 -9.34
CA THR V 421 -38.65 -202.97 -10.60
C THR V 421 -39.25 -204.14 -11.39
N LEU V 422 -38.52 -205.26 -11.44
CA LEU V 422 -38.88 -206.44 -12.22
C LEU V 422 -39.93 -207.34 -11.55
N SER V 423 -40.19 -207.14 -10.25
CA SER V 423 -41.14 -207.96 -9.48
C SER V 423 -42.35 -207.19 -8.92
N GLY V 424 -42.40 -205.87 -9.11
CA GLY V 424 -43.48 -205.02 -8.58
C GLY V 424 -43.31 -204.64 -7.11
N ASN V 425 -42.09 -204.65 -6.56
CA ASN V 425 -41.85 -204.30 -5.15
C ASN V 425 -41.60 -202.80 -4.97
N LEU V 426 -42.67 -201.99 -4.87
CA LEU V 426 -42.57 -200.54 -4.74
C LEU V 426 -41.71 -200.10 -3.53
N LYS V 427 -41.89 -200.74 -2.38
CA LYS V 427 -41.19 -200.40 -1.14
C LYS V 427 -39.67 -200.47 -1.28
N GLN V 428 -39.17 -201.45 -2.03
CA GLN V 428 -37.73 -201.64 -2.25
C GLN V 428 -37.19 -200.85 -3.45
N LEU V 429 -38.08 -200.35 -4.32
CA LEU V 429 -37.72 -199.50 -5.45
C LEU V 429 -37.56 -198.03 -5.04
N LEU V 430 -38.50 -197.49 -4.25
CA LEU V 430 -38.51 -196.09 -3.81
C LEU V 430 -37.18 -195.57 -3.21
N PRO V 431 -36.38 -196.34 -2.45
CA PRO V 431 -35.13 -195.85 -1.86
C PRO V 431 -34.08 -195.35 -2.86
N VAL V 432 -34.14 -195.74 -4.14
CA VAL V 432 -33.20 -195.26 -5.17
C VAL V 432 -33.81 -194.21 -6.11
N CYS V 433 -35.11 -193.94 -6.01
CA CYS V 433 -35.79 -192.91 -6.79
C CYS V 433 -35.54 -191.53 -6.15
N GLU V 434 -34.85 -190.62 -6.82
CA GLU V 434 -34.45 -189.34 -6.20
C GLU V 434 -35.23 -188.13 -6.73
N SER V 435 -35.72 -188.18 -7.97
CA SER V 435 -36.53 -187.11 -8.58
C SER V 435 -38.03 -187.42 -8.57
N TRP V 436 -38.81 -186.42 -8.94
CA TRP V 436 -40.23 -186.55 -9.21
C TRP V 436 -40.48 -187.60 -10.30
N GLU V 437 -39.78 -187.53 -11.43
CA GLU V 437 -39.93 -188.48 -12.54
C GLU V 437 -39.64 -189.93 -12.12
N ASP V 438 -38.61 -190.14 -11.30
CA ASP V 438 -38.29 -191.47 -10.77
C ASP V 438 -39.37 -192.01 -9.84
N THR V 439 -39.96 -191.13 -9.03
CA THR V 439 -40.99 -191.51 -8.06
C THR V 439 -42.29 -191.83 -8.79
N VAL V 440 -42.74 -190.96 -9.70
CA VAL V 440 -43.91 -191.24 -10.57
C VAL V 440 -43.68 -192.54 -11.35
N TRP V 441 -42.50 -192.73 -11.95
CA TRP V 441 -42.17 -193.94 -12.71
C TRP V 441 -42.27 -195.18 -11.84
N ALA V 442 -41.73 -195.16 -10.62
CA ALA V 442 -41.80 -196.30 -9.72
C ALA V 442 -43.25 -196.70 -9.40
N HIS V 443 -44.11 -195.72 -9.09
CA HIS V 443 -45.52 -195.99 -8.81
C HIS V 443 -46.24 -196.55 -10.04
N PHE V 444 -46.12 -195.90 -11.20
CA PHE V 444 -46.78 -196.34 -12.43
C PHE V 444 -46.25 -197.70 -12.92
N LYS V 445 -44.94 -197.95 -12.82
CA LYS V 445 -44.33 -199.23 -13.21
C LYS V 445 -44.85 -200.39 -12.38
N VAL V 446 -44.92 -200.20 -11.06
CA VAL V 446 -45.44 -201.22 -10.14
C VAL V 446 -46.94 -201.39 -10.30
N MET V 447 -47.69 -200.30 -10.50
CA MET V 447 -49.12 -200.35 -10.79
C MET V 447 -49.41 -201.20 -12.03
N VAL V 448 -48.72 -200.96 -13.15
CA VAL V 448 -48.90 -201.74 -14.38
C VAL V 448 -48.55 -203.21 -14.15
N ASP V 449 -47.43 -203.52 -13.49
CA ASP V 449 -47.07 -204.90 -13.17
C ASP V 449 -48.16 -205.58 -12.33
N SER V 450 -48.65 -204.89 -11.29
CA SER V 450 -49.71 -205.35 -10.38
C SER V 450 -51.00 -205.70 -11.12
N LEU V 451 -51.49 -204.77 -11.95
CA LEU V 451 -52.72 -204.96 -12.73
C LEU V 451 -52.58 -206.11 -13.76
N VAL V 452 -51.43 -206.19 -14.44
CA VAL V 452 -51.14 -207.26 -15.42
C VAL V 452 -51.15 -208.64 -14.77
N GLU V 453 -50.50 -208.79 -13.63
CA GLU V 453 -50.44 -210.08 -12.93
C GLU V 453 -51.77 -210.46 -12.28
N GLN V 454 -52.55 -209.49 -11.79
CA GLN V 454 -53.91 -209.73 -11.31
C GLN V 454 -54.79 -210.32 -12.42
N GLU V 455 -54.72 -209.78 -13.64
CA GLU V 455 -55.46 -210.31 -14.80
C GLU V 455 -54.98 -211.72 -15.21
N ILE V 456 -53.67 -211.95 -15.23
CA ILE V 456 -53.10 -213.29 -15.55
C ILE V 456 -53.61 -214.32 -14.54
N ARG V 457 -53.58 -214.00 -13.24
CA ARG V 457 -54.06 -214.89 -12.16
C ARG V 457 -55.55 -215.13 -12.22
N ALA V 458 -56.34 -214.13 -12.58
CA ALA V 458 -57.78 -214.26 -12.74
C ALA V 458 -58.15 -215.14 -13.96
N SER V 459 -57.18 -215.23 -14.87
CA SER V 459 -57.36 -216.12 -16.02
C SER V 459 -57.08 -217.56 -15.64
N ILE V 460 -56.51 -217.82 -14.47
CA ILE V 460 -56.11 -219.20 -14.10
C ILE V 460 -57.29 -220.09 -13.67
N ILE V 461 -57.16 -221.42 -13.81
CA ILE V 461 -58.19 -222.37 -13.38
C ILE V 461 -57.69 -223.23 -12.20
N SER V 462 -56.42 -223.65 -12.20
CA SER V 462 -55.91 -224.56 -11.14
C SER V 462 -54.41 -224.34 -10.86
N PHE V 463 -53.55 -225.38 -10.96
CA PHE V 463 -52.07 -225.23 -10.83
C PHE V 463 -51.54 -225.03 -9.40
N ASN V 464 -50.22 -225.04 -9.23
CA ASN V 464 -49.59 -224.87 -7.89
C ASN V 464 -49.44 -223.36 -7.59
N GLU V 465 -48.42 -222.91 -6.82
CA GLU V 465 -48.29 -221.47 -6.42
C GLU V 465 -46.86 -220.95 -6.19
N ALA V 466 -46.46 -219.79 -6.76
CA ALA V 466 -45.14 -219.18 -6.47
C ALA V 466 -45.33 -218.24 -5.29
N ASN V 467 -46.58 -217.86 -4.96
CA ASN V 467 -46.86 -216.90 -3.86
C ASN V 467 -48.16 -217.15 -2.99
N GLU V 468 -48.17 -216.69 -1.72
CA GLU V 468 -49.39 -216.35 -0.89
C GLU V 468 -49.20 -215.05 -0.07
N LEU V 469 -49.25 -213.89 -0.73
CA LEU V 469 -49.02 -212.61 -0.04
C LEU V 469 -50.16 -212.27 0.88
N PRO V 470 -49.90 -211.65 2.04
CA PRO V 470 -50.95 -211.13 2.92
C PRO V 470 -52.12 -210.49 2.14
N ARG V 471 -53.31 -210.47 2.76
CA ARG V 471 -54.55 -209.99 2.13
C ARG V 471 -54.50 -208.52 1.74
N GLU V 472 -53.74 -207.73 2.49
CA GLU V 472 -53.47 -206.31 2.24
C GLU V 472 -52.91 -206.09 0.82
N TYR V 473 -52.26 -207.10 0.25
CA TYR V 473 -51.73 -207.08 -1.11
C TYR V 473 -52.81 -207.22 -2.19
N LEU V 474 -53.90 -207.91 -1.85
CA LEU V 474 -55.03 -208.10 -2.81
C LEU V 474 -56.15 -207.13 -2.45
N GLU V 475 -56.25 -206.77 -1.17
CA GLU V 475 -57.30 -205.83 -0.67
C GLU V 475 -57.07 -204.44 -1.30
N ALA V 476 -55.82 -204.01 -1.41
CA ALA V 476 -55.47 -202.68 -1.94
C ALA V 476 -55.91 -202.55 -3.40
N ASN V 477 -56.49 -201.40 -3.76
CA ASN V 477 -56.97 -201.12 -5.14
C ASN V 477 -56.26 -199.85 -5.65
N TRP V 478 -55.72 -199.91 -6.87
CA TRP V 478 -54.76 -198.86 -7.35
C TRP V 478 -55.45 -197.95 -8.37
N THR V 479 -55.40 -196.63 -8.14
CA THR V 479 -56.02 -195.64 -9.06
C THR V 479 -55.03 -194.50 -9.33
N LEU V 480 -55.21 -193.80 -10.46
CA LEU V 480 -54.32 -192.67 -10.84
C LEU V 480 -54.17 -191.70 -9.66
N ASP V 481 -55.28 -191.15 -9.17
CA ASP V 481 -55.28 -190.21 -8.05
C ASP V 481 -54.42 -190.71 -6.88
N SER V 482 -54.55 -192.00 -6.51
CA SER V 482 -53.77 -192.57 -5.40
C SER V 482 -52.25 -192.45 -5.60
N VAL V 483 -51.78 -192.50 -6.85
CA VAL V 483 -50.35 -192.29 -7.15
C VAL V 483 -49.91 -190.88 -6.76
N PHE V 484 -50.70 -189.86 -7.14
CA PHE V 484 -50.35 -188.47 -6.84
C PHE V 484 -50.61 -188.08 -5.38
N GLU V 485 -51.55 -188.73 -4.70
CA GLU V 485 -51.73 -188.61 -3.24
C GLU V 485 -50.51 -189.14 -2.48
N GLU V 486 -49.96 -190.30 -2.88
CA GLU V 486 -48.72 -190.85 -2.31
C GLU V 486 -47.51 -189.94 -2.57
N LEU V 487 -47.44 -189.31 -3.75
CA LEU V 487 -46.40 -188.32 -4.03
C LEU V 487 -46.49 -187.09 -3.11
N GLN V 488 -47.69 -186.65 -2.74
CA GLN V 488 -47.88 -185.56 -1.77
C GLN V 488 -47.52 -185.99 -0.34
N ALA V 489 -47.65 -187.28 -0.03
CA ALA V 489 -47.33 -187.86 1.28
C ALA V 489 -45.84 -188.25 1.44
N THR V 490 -45.02 -188.10 0.40
CA THR V 490 -43.60 -188.48 0.44
C THR V 490 -42.79 -187.63 1.44
N ASP V 491 -41.75 -188.21 2.02
CA ASP V 491 -40.80 -187.54 2.92
C ASP V 491 -39.62 -186.89 2.17
N LYS V 492 -39.52 -187.12 0.86
CA LYS V 492 -38.44 -186.60 0.01
C LYS V 492 -38.66 -185.14 -0.36
N LYS V 493 -37.85 -184.26 0.25
CA LYS V 493 -37.90 -182.80 0.02
C LYS V 493 -37.84 -182.40 -1.45
N ARG V 494 -36.90 -182.99 -2.21
CA ARG V 494 -36.73 -182.70 -3.64
C ARG V 494 -38.00 -182.99 -4.45
N VAL V 495 -38.62 -184.15 -4.20
CA VAL V 495 -39.87 -184.54 -4.87
C VAL V 495 -41.00 -183.59 -4.51
N LEU V 496 -41.11 -183.18 -3.23
CA LEU V 496 -42.11 -182.20 -2.79
C LEU V 496 -41.92 -180.80 -3.40
N GLU V 497 -40.66 -180.41 -3.65
CA GLU V 497 -40.31 -179.15 -4.31
C GLU V 497 -40.66 -179.23 -5.81
N GLU V 498 -40.20 -180.28 -6.52
CA GLU V 498 -40.51 -180.51 -7.94
C GLU V 498 -42.02 -180.67 -8.16
N ASN V 499 -42.76 -181.31 -7.24
CA ASN V 499 -44.21 -181.47 -7.35
C ASN V 499 -45.00 -180.15 -7.36
N ARG V 500 -44.38 -179.02 -6.99
CA ARG V 500 -44.98 -177.66 -7.04
C ARG V 500 -44.62 -176.90 -8.31
N GLU V 501 -43.76 -177.43 -9.15
CA GLU V 501 -43.38 -176.81 -10.41
C GLU V 501 -44.54 -176.87 -11.42
N HIS V 502 -44.77 -175.77 -12.12
CA HIS V 502 -45.92 -175.59 -13.01
C HIS V 502 -46.07 -176.74 -14.02
N TYR V 503 -44.98 -177.19 -14.65
CA TYR V 503 -45.04 -178.29 -15.63
C TYR V 503 -45.42 -179.63 -15.01
N HIS V 504 -44.95 -179.95 -13.80
CA HIS V 504 -45.32 -181.19 -13.13
C HIS V 504 -46.79 -181.16 -12.68
N ILE V 505 -47.31 -180.00 -12.29
CA ILE V 505 -48.75 -179.80 -12.04
C ILE V 505 -49.55 -180.05 -13.33
N ILE V 506 -49.14 -179.45 -14.46
CA ILE V 506 -49.77 -179.68 -15.77
C ILE V 506 -49.74 -181.15 -16.14
N GLN V 507 -48.59 -181.82 -16.03
CA GLN V 507 -48.41 -183.24 -16.34
C GLN V 507 -49.34 -184.11 -15.49
N LYS V 508 -49.46 -183.82 -14.18
CA LYS V 508 -50.43 -184.50 -13.29
C LYS V 508 -51.84 -184.40 -13.84
N PHE V 509 -52.34 -183.19 -14.12
CA PHE V 509 -53.71 -183.00 -14.61
C PHE V 509 -53.93 -183.61 -16.02
N VAL V 510 -52.92 -183.57 -16.89
CA VAL V 510 -52.94 -184.25 -18.19
C VAL V 510 -53.06 -185.77 -18.03
N ILE V 511 -52.30 -186.37 -17.11
CA ILE V 511 -52.36 -187.80 -16.77
C ILE V 511 -53.75 -188.16 -16.22
N LEU V 512 -54.27 -187.37 -15.27
CA LEU V 512 -55.58 -187.56 -14.66
C LEU V 512 -56.77 -187.31 -15.61
N ALA V 513 -56.51 -186.72 -16.78
CA ALA V 513 -57.55 -186.27 -17.72
C ALA V 513 -58.51 -185.21 -17.12
N ASP V 514 -58.05 -184.46 -16.12
CA ASP V 514 -58.85 -183.43 -15.43
C ASP V 514 -58.52 -182.04 -15.98
N VAL V 515 -59.18 -181.69 -17.09
CA VAL V 515 -59.02 -180.38 -17.74
C VAL V 515 -59.61 -179.28 -16.87
N ASP V 516 -60.72 -179.51 -16.18
CA ASP V 516 -61.36 -178.51 -15.31
C ASP V 516 -60.47 -178.10 -14.15
N GLY V 517 -59.82 -179.07 -13.49
CA GLY V 517 -58.85 -178.83 -12.43
C GLY V 517 -57.60 -178.10 -12.93
N LEU V 518 -57.12 -178.44 -14.14
CA LEU V 518 -56.03 -177.69 -14.78
C LEU V 518 -56.40 -176.22 -15.02
N MET V 519 -57.63 -175.94 -15.44
CA MET V 519 -58.10 -174.58 -15.65
C MET V 519 -58.21 -173.79 -14.33
N ASP V 520 -58.49 -174.45 -13.20
CA ASP V 520 -58.47 -173.79 -11.87
C ASP V 520 -57.05 -173.38 -11.48
N GLU V 521 -56.05 -174.24 -11.71
CA GLU V 521 -54.65 -173.90 -11.49
C GLU V 521 -54.22 -172.71 -12.35
N PHE V 522 -54.61 -172.68 -13.63
CA PHE V 522 -54.33 -171.54 -14.51
C PHE V 522 -54.95 -170.25 -13.99
N SER V 523 -56.20 -170.30 -13.51
CA SER V 523 -56.87 -169.16 -12.88
C SER V 523 -56.14 -168.68 -11.63
N GLU V 524 -55.71 -169.60 -10.76
CA GLU V 524 -54.93 -169.27 -9.57
C GLU V 524 -53.61 -168.60 -9.93
N TRP V 525 -52.86 -169.15 -10.88
CA TRP V 525 -51.56 -168.61 -11.31
C TRP V 525 -51.69 -167.21 -11.92
N LEU V 526 -52.74 -166.97 -12.72
CA LEU V 526 -53.04 -165.64 -13.26
C LEU V 526 -53.43 -164.64 -12.15
N SER V 527 -54.12 -165.09 -11.10
CA SER V 527 -54.54 -164.25 -9.97
C SER V 527 -53.39 -163.88 -9.03
N ASN V 528 -52.44 -164.81 -8.81
CA ASN V 528 -51.30 -164.62 -7.92
C ASN V 528 -50.23 -163.66 -8.46
N GLY V 529 -50.30 -163.31 -9.74
CA GLY V 529 -49.56 -162.19 -10.33
C GLY V 529 -49.14 -162.46 -11.78
N LYS V 530 -49.88 -161.88 -12.73
CA LYS V 530 -49.65 -161.99 -14.17
C LYS V 530 -48.20 -161.75 -14.62
N ASN V 531 -47.49 -160.85 -13.94
CA ASN V 531 -46.11 -160.49 -14.26
C ASN V 531 -45.06 -161.51 -13.77
N LEU V 532 -45.45 -162.45 -12.88
CA LEU V 532 -44.55 -163.48 -12.36
C LEU V 532 -44.49 -164.71 -13.30
N LEU V 533 -45.47 -164.88 -14.18
CA LEU V 533 -45.48 -165.98 -15.14
C LEU V 533 -44.43 -165.76 -16.22
N LEU V 534 -43.62 -166.79 -16.43
CA LEU V 534 -42.57 -166.79 -17.45
C LEU V 534 -43.21 -166.84 -18.84
N GLY V 535 -42.64 -166.12 -19.81
CA GLY V 535 -43.23 -165.99 -21.15
C GLY V 535 -43.44 -167.32 -21.89
N HIS V 536 -42.48 -168.25 -21.76
CA HIS V 536 -42.62 -169.60 -22.33
C HIS V 536 -43.73 -170.44 -21.69
N LEU V 537 -43.98 -170.26 -20.38
CA LEU V 537 -45.11 -170.91 -19.72
C LEU V 537 -46.43 -170.35 -20.24
N LEU V 538 -46.54 -169.03 -20.40
CA LEU V 538 -47.73 -168.40 -21.01
C LEU V 538 -47.97 -168.84 -22.45
N ARG V 539 -46.89 -168.98 -23.25
CA ARG V 539 -46.96 -169.57 -24.59
C ARG V 539 -47.49 -171.00 -24.50
N PHE V 540 -46.88 -171.85 -23.68
CA PHE V 540 -47.31 -173.23 -23.51
C PHE V 540 -48.79 -173.32 -23.13
N MET V 541 -49.22 -172.56 -22.12
CA MET V 541 -50.63 -172.48 -21.69
C MET V 541 -51.53 -172.09 -22.87
N THR V 542 -51.17 -171.04 -23.62
CA THR V 542 -51.94 -170.59 -24.78
C THR V 542 -52.08 -171.70 -25.83
N HIS V 543 -50.98 -172.34 -26.23
CA HIS V 543 -51.01 -173.40 -27.24
C HIS V 543 -51.70 -174.67 -26.74
N LEU V 544 -51.64 -174.97 -25.45
CA LEU V 544 -52.39 -176.07 -24.85
C LEU V 544 -53.90 -175.80 -24.91
N LEU V 545 -54.33 -174.57 -24.65
CA LEU V 545 -55.74 -174.19 -24.80
C LEU V 545 -56.21 -174.25 -26.25
N LEU V 546 -55.39 -173.79 -27.21
CA LEU V 546 -55.68 -173.92 -28.64
C LEU V 546 -55.76 -175.39 -29.08
N PHE V 547 -54.90 -176.25 -28.52
CA PHE V 547 -54.96 -177.69 -28.71
C PHE V 547 -56.27 -178.29 -28.17
N PHE V 548 -56.65 -177.97 -26.93
CA PHE V 548 -57.93 -178.42 -26.37
C PHE V 548 -59.13 -177.90 -27.17
N ARG V 549 -59.09 -176.65 -27.63
CA ARG V 549 -60.13 -176.07 -28.51
C ARG V 549 -60.24 -176.85 -29.82
N THR V 550 -59.13 -177.27 -30.42
CA THR V 550 -59.11 -178.09 -31.65
C THR V 550 -59.73 -179.46 -31.43
N LEU V 551 -59.80 -179.83 -30.17
CA LEU V 551 -60.49 -181.05 -29.80
C LEU V 551 -61.90 -180.72 -29.32
N GLY V 552 -62.32 -179.48 -29.60
CA GLY V 552 -63.68 -179.03 -29.26
C GLY V 552 -63.87 -178.92 -27.76
N LEU V 553 -62.79 -179.07 -26.99
CA LEU V 553 -62.89 -178.96 -25.51
C LEU V 553 -62.63 -177.51 -25.12
N GLN V 554 -63.68 -176.81 -24.69
CA GLN V 554 -63.59 -175.39 -24.26
C GLN V 554 -64.50 -175.21 -23.05
N ALA V 555 -64.21 -174.21 -22.20
CA ALA V 555 -65.02 -173.97 -20.98
C ALA V 555 -64.76 -172.56 -20.45
N LYS V 556 -65.82 -171.93 -19.94
CA LYS V 556 -65.77 -170.58 -19.29
C LYS V 556 -65.33 -169.50 -20.30
N GLU V 557 -64.40 -169.86 -21.17
CA GLU V 557 -63.87 -169.11 -22.31
C GLU V 557 -63.40 -167.69 -21.93
N GLU V 558 -64.10 -166.98 -21.07
CA GLU V 558 -63.68 -165.62 -20.63
C GLU V 558 -62.21 -165.64 -20.32
N VAL V 559 -61.83 -166.69 -19.70
CA VAL V 559 -60.44 -166.90 -19.27
C VAL V 559 -59.55 -167.18 -20.47
N SER V 560 -60.02 -167.99 -21.43
CA SER V 560 -59.29 -168.26 -22.68
C SER V 560 -58.99 -166.97 -23.45
N VAL V 561 -59.99 -166.10 -23.57
CA VAL V 561 -59.86 -164.77 -24.18
C VAL V 561 -58.85 -163.91 -23.41
N GLU V 562 -58.86 -163.94 -22.08
CA GLU V 562 -57.94 -163.13 -21.27
C GLU V 562 -56.48 -163.63 -21.32
N VAL V 563 -56.26 -164.94 -21.42
CA VAL V 563 -54.94 -165.53 -21.69
C VAL V 563 -54.42 -165.06 -23.05
N LEU V 564 -55.24 -165.21 -24.11
CA LEU V 564 -54.88 -164.77 -25.46
C LEU V 564 -54.55 -163.28 -25.49
N LYS V 565 -55.38 -162.43 -24.88
CA LYS V 565 -55.15 -160.99 -24.74
C LYS V 565 -53.82 -160.66 -24.09
N THR V 566 -53.53 -161.33 -22.98
CA THR V 566 -52.30 -161.10 -22.21
C THR V 566 -51.07 -161.53 -23.02
N TYR V 567 -51.17 -162.65 -23.75
CA TYR V 567 -50.09 -163.11 -24.63
C TYR V 567 -49.90 -162.18 -25.84
N ILE V 568 -50.97 -161.74 -26.49
CA ILE V 568 -50.92 -160.75 -27.58
C ILE V 568 -50.26 -159.45 -27.11
N GLN V 569 -50.65 -158.93 -25.93
CA GLN V 569 -50.03 -157.73 -25.36
C GLN V 569 -48.53 -157.94 -25.10
N ARG V 570 -48.13 -159.13 -24.64
CA ARG V 570 -46.71 -159.49 -24.47
C ARG V 570 -45.97 -159.47 -25.80
N LEU V 571 -46.51 -160.09 -26.85
CA LEU V 571 -45.93 -160.09 -28.20
C LEU V 571 -45.79 -158.68 -28.79
N ILE V 572 -46.77 -157.80 -28.55
CA ILE V 572 -46.72 -156.38 -28.93
C ILE V 572 -45.54 -155.70 -28.23
N ASN V 573 -45.41 -155.87 -26.91
CA ASN V 573 -44.34 -155.26 -26.12
C ASN V 573 -42.95 -155.76 -26.56
N GLU V 574 -42.85 -157.03 -26.96
CA GLU V 574 -41.61 -157.67 -27.45
C GLU V 574 -41.38 -157.48 -28.96
N LYS V 575 -42.24 -156.71 -29.65
CA LYS V 575 -42.16 -156.40 -31.09
C LYS V 575 -42.16 -157.64 -32.01
N GLN V 576 -42.83 -158.71 -31.61
CA GLN V 576 -42.98 -159.95 -32.41
C GLN V 576 -44.12 -159.82 -33.43
N ILE V 577 -43.98 -158.88 -34.37
CA ILE V 577 -45.04 -158.46 -35.31
C ILE V 577 -45.63 -159.63 -36.10
N GLU V 578 -44.78 -160.52 -36.60
CA GLU V 578 -45.14 -161.66 -37.45
C GLU V 578 -46.10 -162.66 -36.76
N LEU V 579 -46.17 -162.64 -35.43
CA LEU V 579 -46.96 -163.62 -34.66
C LEU V 579 -48.35 -163.10 -34.28
N ILE V 580 -48.56 -161.78 -34.25
CA ILE V 580 -49.71 -161.15 -33.59
C ILE V 580 -51.02 -161.47 -34.32
N ALA V 581 -51.04 -161.36 -35.66
CA ALA V 581 -52.26 -161.50 -36.46
C ALA V 581 -52.95 -162.87 -36.23
N PHE V 582 -52.16 -163.93 -36.15
CA PHE V 582 -52.68 -165.28 -35.92
C PHE V 582 -53.32 -165.43 -34.54
N TYR V 583 -52.63 -164.93 -33.51
CA TYR V 583 -53.21 -164.97 -32.13
C TYR V 583 -54.38 -163.98 -32.08
N VAL V 584 -54.33 -162.98 -32.98
CA VAL V 584 -55.39 -161.94 -33.11
C VAL V 584 -56.69 -162.63 -33.55
N SER V 585 -56.58 -163.62 -34.45
CA SER V 585 -57.73 -164.37 -34.99
C SER V 585 -58.48 -165.10 -33.87
N HIS V 586 -57.74 -165.62 -32.88
CA HIS V 586 -58.37 -166.34 -31.73
C HIS V 586 -59.30 -165.39 -30.97
N LEU V 587 -58.87 -164.13 -30.79
CA LEU V 587 -59.69 -163.11 -30.10
C LEU V 587 -60.90 -162.73 -30.98
N PRO V 588 -62.06 -162.36 -30.40
CA PRO V 588 -63.23 -162.03 -31.23
C PRO V 588 -63.22 -160.60 -31.79
N GLN V 589 -63.42 -160.50 -33.11
CA GLN V 589 -63.49 -159.28 -33.96
C GLN V 589 -63.01 -158.01 -33.26
N GLU V 590 -63.87 -157.42 -32.42
CA GLU V 590 -63.63 -156.16 -31.65
C GLU V 590 -62.18 -156.09 -31.14
N LEU V 591 -61.76 -157.05 -30.31
CA LEU V 591 -60.42 -157.04 -29.76
C LEU V 591 -59.36 -156.91 -30.86
N ALA V 592 -59.58 -157.53 -32.02
CA ALA V 592 -58.71 -157.42 -33.18
C ALA V 592 -58.64 -155.97 -33.66
N ILE V 593 -59.81 -155.31 -33.80
CA ILE V 593 -59.91 -153.90 -34.21
C ILE V 593 -59.21 -153.00 -33.20
N SER V 594 -59.54 -153.12 -31.91
CA SER V 594 -58.98 -152.26 -30.87
C SER V 594 -57.47 -152.43 -30.71
N GLN V 595 -56.94 -153.66 -30.74
CA GLN V 595 -55.50 -153.90 -30.60
C GLN V 595 -54.70 -153.49 -31.83
N TYR V 596 -55.20 -153.80 -33.04
CA TYR V 596 -54.52 -153.35 -34.25
C TYR V 596 -54.52 -151.83 -34.34
N ALA V 597 -55.62 -151.17 -33.94
CA ALA V 597 -55.67 -149.71 -33.89
C ALA V 597 -54.60 -149.12 -32.94
N VAL V 598 -54.50 -149.63 -31.71
CA VAL V 598 -53.46 -149.20 -30.76
C VAL V 598 -52.05 -149.45 -31.29
N PHE V 599 -51.83 -150.53 -32.05
CA PHE V 599 -50.57 -150.79 -32.73
C PHE V 599 -50.27 -149.72 -33.80
N LEU V 600 -51.21 -149.43 -34.70
CA LEU V 600 -51.06 -148.46 -35.78
C LEU V 600 -50.85 -147.03 -35.28
N GLU V 601 -51.35 -146.68 -34.09
CA GLU V 601 -51.10 -145.37 -33.46
C GLU V 601 -49.61 -145.10 -33.23
N ASN V 602 -48.78 -146.14 -33.09
CA ASN V 602 -47.34 -146.00 -32.88
C ASN V 602 -46.55 -145.92 -34.20
N ILE V 603 -47.21 -146.04 -35.36
CA ILE V 603 -46.56 -146.02 -36.68
C ILE V 603 -46.65 -144.62 -37.30
N THR V 604 -45.50 -143.99 -37.44
CA THR V 604 -45.37 -142.65 -38.03
C THR V 604 -44.92 -142.66 -39.49
N ASP V 605 -44.22 -143.71 -39.92
CA ASP V 605 -43.62 -143.78 -41.26
C ASP V 605 -44.66 -144.15 -42.33
N PRO V 606 -44.84 -143.34 -43.40
CA PRO V 606 -45.90 -143.56 -44.39
C PRO V 606 -45.77 -144.89 -45.16
N ASP V 607 -44.55 -145.34 -45.48
CA ASP V 607 -44.32 -146.60 -46.18
C ASP V 607 -44.72 -147.79 -45.29
N GLN V 608 -44.36 -147.75 -44.00
CA GLN V 608 -44.81 -148.72 -43.01
C GLN V 608 -46.32 -148.70 -42.80
N ARG V 609 -46.96 -147.51 -42.82
CA ARG V 609 -48.42 -147.40 -42.70
C ARG V 609 -49.11 -148.17 -43.83
N GLN V 610 -48.72 -147.91 -45.07
CA GLN V 610 -49.27 -148.60 -46.23
C GLN V 610 -49.04 -150.12 -46.11
N ARG V 611 -47.83 -150.55 -45.76
CA ARG V 611 -47.52 -151.97 -45.58
C ARG V 611 -48.39 -152.64 -44.52
N CYS V 612 -48.68 -151.96 -43.41
CA CYS V 612 -49.55 -152.51 -42.37
C CYS V 612 -51.00 -152.67 -42.86
N LEU V 613 -51.53 -151.73 -43.64
CA LEU V 613 -52.88 -151.86 -44.21
C LEU V 613 -52.96 -153.02 -45.22
N GLU V 614 -51.92 -153.21 -46.03
CA GLU V 614 -51.81 -154.36 -46.94
C GLU V 614 -51.83 -155.68 -46.16
N LEU V 615 -51.00 -155.80 -45.10
CA LEU V 615 -50.96 -156.97 -44.23
C LEU V 615 -52.30 -157.23 -43.52
N ALA V 616 -52.96 -156.17 -43.04
CA ALA V 616 -54.27 -156.29 -42.40
C ALA V 616 -55.32 -156.84 -43.39
N LYS V 617 -55.30 -156.36 -44.63
CA LYS V 617 -56.18 -156.83 -45.71
C LYS V 617 -55.90 -158.29 -46.08
N GLU V 618 -54.64 -158.67 -46.21
CA GLU V 618 -54.21 -160.06 -46.48
C GLU V 618 -54.64 -161.01 -45.36
N ALA V 619 -54.79 -160.43 -44.18
CA ALA V 619 -55.36 -161.20 -43.09
C ALA V 619 -56.87 -160.97 -43.27
N GLY V 620 -57.48 -160.08 -42.49
CA GLY V 620 -58.92 -159.85 -42.57
C GLY V 620 -59.51 -159.19 -41.32
N LEU V 621 -59.35 -157.87 -41.21
CA LEU V 621 -60.15 -157.02 -40.31
C LEU V 621 -60.85 -155.90 -41.07
N ASP V 622 -61.83 -155.23 -40.44
CA ASP V 622 -62.59 -154.14 -41.10
C ASP V 622 -61.86 -152.83 -40.88
N VAL V 623 -60.91 -152.53 -41.75
CA VAL V 623 -60.12 -151.32 -41.59
C VAL V 623 -61.04 -150.15 -41.46
N ALA V 624 -62.18 -150.24 -42.11
CA ALA V 624 -63.03 -149.06 -42.21
C ALA V 624 -63.72 -148.74 -40.88
N SER V 625 -64.32 -149.74 -40.25
CA SER V 625 -64.93 -149.59 -38.92
C SER V 625 -63.90 -149.32 -37.83
N ILE V 626 -62.70 -149.90 -37.94
CA ILE V 626 -61.59 -149.68 -37.01
C ILE V 626 -61.16 -148.20 -37.02
N THR V 627 -60.78 -147.65 -38.17
CA THR V 627 -60.28 -146.26 -38.24
C THR V 627 -61.35 -145.25 -37.84
N LYS V 628 -62.61 -145.51 -38.19
CA LYS V 628 -63.76 -144.73 -37.68
C LYS V 628 -63.83 -144.76 -36.16
N THR V 629 -63.73 -145.95 -35.55
CA THR V 629 -63.78 -146.13 -34.10
C THR V 629 -62.62 -145.42 -33.39
N VAL V 630 -61.40 -145.46 -33.95
CA VAL V 630 -60.23 -144.73 -33.40
C VAL V 630 -60.50 -143.22 -33.30
N VAL V 631 -61.08 -142.66 -34.35
CA VAL V 631 -61.39 -141.22 -34.43
C VAL V 631 -62.52 -140.85 -33.47
N GLU V 632 -63.55 -141.68 -33.39
CA GLU V 632 -64.65 -141.47 -32.44
C GLU V 632 -64.19 -141.58 -30.97
N ASN V 633 -63.35 -142.56 -30.63
CA ASN V 633 -62.81 -142.71 -29.29
C ASN V 633 -61.99 -141.48 -28.90
N THR V 634 -61.14 -140.99 -29.82
CA THR V 634 -60.34 -139.78 -29.60
C THR V 634 -61.23 -138.54 -29.44
N ARG V 635 -62.34 -138.44 -30.19
CA ARG V 635 -63.34 -137.35 -30.03
C ARG V 635 -64.12 -137.42 -28.70
N LYS V 636 -64.38 -138.62 -28.19
CA LYS V 636 -65.19 -138.89 -26.98
C LYS V 636 -64.39 -138.76 -25.68
N LYS V 637 -63.06 -138.81 -25.71
CA LYS V 637 -62.20 -138.61 -24.53
C LYS V 637 -62.44 -137.25 -23.85
N ASP V 638 -62.87 -136.24 -24.61
CA ASP V 638 -63.21 -134.91 -24.09
C ASP V 638 -64.70 -134.78 -23.75
N ALA V 639 -65.01 -134.70 -22.45
CA ALA V 639 -66.31 -134.26 -21.94
C ALA V 639 -66.49 -132.72 -21.94
N GLY V 640 -65.74 -132.01 -22.77
CA GLY V 640 -65.85 -130.55 -22.89
C GLY V 640 -67.21 -130.14 -23.45
N GLU V 641 -68.09 -129.61 -22.58
CA GLU V 641 -69.40 -129.09 -22.99
C GLU V 641 -69.26 -127.90 -23.95
N PHE V 642 -70.14 -127.83 -24.95
CA PHE V 642 -70.36 -126.65 -25.79
C PHE V 642 -70.99 -125.52 -24.93
N ALA V 643 -70.18 -124.79 -24.16
CA ALA V 643 -70.66 -123.64 -23.39
C ALA V 643 -70.80 -122.38 -24.27
N HIS V 644 -71.93 -121.67 -24.13
CA HIS V 644 -72.15 -120.36 -24.74
C HIS V 644 -71.20 -119.32 -24.14
N HIS V 645 -70.83 -118.31 -24.95
CA HIS V 645 -69.87 -117.22 -24.65
C HIS V 645 -69.91 -116.57 -23.27
N ASP V 646 -71.06 -116.55 -22.59
CA ASP V 646 -71.23 -115.81 -21.35
C ASP V 646 -70.50 -116.45 -20.15
N PHE V 647 -70.02 -117.70 -20.28
CA PHE V 647 -69.42 -118.43 -19.15
C PHE V 647 -68.07 -119.12 -19.43
N ALA V 648 -67.55 -119.10 -20.66
CA ALA V 648 -66.22 -119.64 -20.95
C ALA V 648 -65.15 -118.55 -20.73
N PRO V 649 -64.19 -118.73 -19.80
CA PRO V 649 -63.05 -117.83 -19.65
C PRO V 649 -62.32 -117.67 -20.99
N ALA V 650 -61.45 -116.66 -21.10
CA ALA V 650 -60.51 -116.54 -22.21
C ALA V 650 -59.67 -117.83 -22.34
N LEU V 651 -60.19 -118.81 -23.06
CA LEU V 651 -59.53 -120.07 -23.38
C LEU V 651 -58.27 -119.71 -24.15
N ASP V 652 -57.18 -120.39 -23.83
CA ASP V 652 -55.95 -120.31 -24.60
C ASP V 652 -56.29 -120.61 -26.07
N SER V 653 -56.05 -119.63 -26.94
CA SER V 653 -56.27 -119.77 -28.39
C SER V 653 -55.21 -120.67 -29.05
N GLY V 654 -54.18 -121.07 -28.31
CA GLY V 654 -53.17 -122.02 -28.77
C GLY V 654 -53.71 -123.44 -28.96
N THR V 655 -53.12 -124.16 -29.91
CA THR V 655 -53.33 -125.59 -30.12
C THR V 655 -52.64 -126.37 -29.00
N SER V 656 -53.40 -126.95 -28.07
CA SER V 656 -52.87 -127.82 -27.01
C SER V 656 -52.39 -129.17 -27.55
N GLU V 657 -51.69 -129.96 -26.74
CA GLU V 657 -51.33 -131.35 -27.10
C GLU V 657 -52.56 -132.24 -27.34
N GLU V 658 -53.64 -132.01 -26.59
CA GLU V 658 -54.92 -132.69 -26.77
C GLU V 658 -55.59 -132.28 -28.09
N ASP V 659 -55.51 -131.00 -28.47
CA ASP V 659 -55.97 -130.55 -29.78
C ASP V 659 -55.13 -131.17 -30.91
N ARG V 660 -53.81 -131.27 -30.72
CA ARG V 660 -52.87 -131.91 -31.66
C ARG V 660 -53.25 -133.36 -31.92
N ALA V 661 -53.56 -134.12 -30.87
CA ALA V 661 -54.03 -135.50 -31.00
C ALA V 661 -55.33 -135.61 -31.83
N LYS V 662 -56.28 -134.67 -31.67
CA LYS V 662 -57.51 -134.63 -32.49
C LYS V 662 -57.24 -134.22 -33.93
N ILE V 663 -56.23 -133.41 -34.20
CA ILE V 663 -55.83 -133.06 -35.56
C ILE V 663 -55.21 -134.29 -36.24
N ASP V 664 -54.28 -134.96 -35.57
CA ASP V 664 -53.51 -136.07 -36.14
C ASP V 664 -54.29 -137.38 -36.26
N VAL V 665 -55.43 -137.53 -35.55
CA VAL V 665 -56.27 -138.73 -35.67
C VAL V 665 -56.97 -138.81 -37.03
N ILE V 666 -57.19 -137.68 -37.70
CA ILE V 666 -57.84 -137.64 -39.03
C ILE V 666 -57.00 -138.36 -40.08
N ASP V 667 -55.68 -138.42 -39.92
CA ASP V 667 -54.78 -139.12 -40.85
C ASP V 667 -55.20 -140.58 -41.07
N TRP V 668 -55.74 -141.25 -40.04
CA TRP V 668 -56.25 -142.61 -40.13
C TRP V 668 -57.30 -142.81 -41.22
N LEU V 669 -58.23 -141.85 -41.37
CA LEU V 669 -59.30 -141.90 -42.37
C LEU V 669 -58.86 -141.36 -43.74
N VAL V 670 -57.74 -140.64 -43.78
CA VAL V 670 -57.21 -140.06 -45.02
C VAL V 670 -56.33 -141.05 -45.78
N PHE V 671 -55.82 -142.10 -45.15
CA PHE V 671 -55.03 -143.15 -45.81
C PHE V 671 -55.78 -143.86 -46.93
N ASP V 672 -57.05 -144.20 -46.72
CA ASP V 672 -57.88 -144.89 -47.71
C ASP V 672 -58.84 -143.91 -48.40
N PRO V 673 -58.72 -143.66 -49.82
CA PRO V 673 -59.46 -142.77 -51.05
C PRO V 673 -60.96 -142.91 -50.82
N ALA V 674 -61.40 -144.14 -50.52
CA ALA V 674 -62.82 -144.47 -50.25
C ALA V 674 -63.33 -143.83 -48.95
N GLN V 675 -62.54 -143.90 -47.88
CA GLN V 675 -62.98 -143.39 -46.54
C GLN V 675 -63.25 -141.88 -46.62
N ARG V 676 -63.17 -141.33 -47.83
CA ARG V 676 -63.35 -139.90 -48.13
C ARG V 676 -64.48 -139.24 -47.34
N ALA V 677 -65.59 -139.95 -47.11
CA ALA V 677 -66.70 -139.46 -46.29
C ALA V 677 -66.28 -139.23 -44.82
N GLU V 678 -65.56 -140.19 -44.22
CA GLU V 678 -65.01 -140.04 -42.87
C GLU V 678 -63.91 -138.99 -42.80
N ALA V 679 -63.02 -138.92 -43.79
CA ALA V 679 -62.00 -137.87 -43.90
C ALA V 679 -62.64 -136.47 -43.87
N LEU V 680 -63.75 -136.30 -44.58
CA LEU V 680 -64.51 -135.05 -44.60
C LEU V 680 -65.12 -134.72 -43.24
N LYS V 681 -65.79 -135.68 -42.60
CA LYS V 681 -66.39 -135.50 -41.27
C LYS V 681 -65.36 -135.13 -40.20
N GLN V 682 -64.24 -135.85 -40.18
CA GLN V 682 -63.18 -135.64 -39.20
C GLN V 682 -62.41 -134.32 -39.46
N SER V 683 -62.11 -134.00 -40.71
CA SER V 683 -61.47 -132.72 -41.06
C SER V 683 -62.37 -131.53 -40.72
N ASN V 684 -63.67 -131.61 -40.99
CA ASN V 684 -64.64 -130.60 -40.57
C ASN V 684 -64.62 -130.39 -39.05
N ALA V 685 -64.63 -131.47 -38.27
CA ALA V 685 -64.56 -131.38 -36.81
C ALA V 685 -63.28 -130.70 -36.30
N ILE V 686 -62.12 -130.94 -36.94
CA ILE V 686 -60.86 -130.26 -36.60
C ILE V 686 -60.91 -128.80 -37.02
N MET V 687 -61.38 -128.50 -38.23
CA MET V 687 -61.54 -127.13 -38.73
C MET V 687 -62.47 -126.32 -37.84
N ARG V 688 -63.57 -126.89 -37.33
CA ARG V 688 -64.45 -126.22 -36.35
C ARG V 688 -63.68 -125.70 -35.13
N LYS V 689 -62.82 -126.54 -34.54
CA LYS V 689 -61.97 -126.16 -33.39
C LYS V 689 -60.99 -125.04 -33.78
N PHE V 690 -60.32 -125.14 -34.92
CA PHE V 690 -59.37 -124.12 -35.37
C PHE V 690 -60.03 -122.77 -35.70
N LEU V 691 -61.19 -122.80 -36.35
CA LEU V 691 -61.98 -121.60 -36.65
C LEU V 691 -62.45 -120.91 -35.36
N ALA V 692 -62.93 -121.66 -34.37
CA ALA V 692 -63.31 -121.13 -33.06
C ALA V 692 -62.13 -120.46 -32.34
N SER V 693 -60.92 -121.01 -32.54
CA SER V 693 -59.68 -120.51 -31.93
C SER V 693 -58.97 -119.43 -32.76
N LYS V 694 -59.57 -118.97 -33.87
CA LYS V 694 -58.97 -118.02 -34.83
C LYS V 694 -57.64 -118.47 -35.44
N LYS V 695 -57.39 -119.78 -35.53
CA LYS V 695 -56.21 -120.36 -36.19
C LYS V 695 -56.53 -120.64 -37.67
N HIS V 696 -56.77 -119.57 -38.43
CA HIS V 696 -57.20 -119.70 -39.84
C HIS V 696 -56.17 -120.42 -40.72
N GLU V 697 -54.88 -120.21 -40.49
CA GLU V 697 -53.83 -120.91 -41.26
C GLU V 697 -53.85 -122.42 -40.98
N ALA V 698 -53.98 -122.85 -39.72
CA ALA V 698 -54.15 -124.26 -39.40
C ALA V 698 -55.41 -124.87 -40.05
N ALA V 699 -56.53 -124.15 -40.05
CA ALA V 699 -57.75 -124.59 -40.74
C ALA V 699 -57.56 -124.74 -42.26
N LYS V 700 -56.81 -123.83 -42.90
CA LYS V 700 -56.44 -123.96 -44.33
C LYS V 700 -55.56 -125.15 -44.59
N GLU V 701 -54.61 -125.43 -43.71
CA GLU V 701 -53.74 -126.60 -43.84
C GLU V 701 -54.55 -127.90 -43.77
N VAL V 702 -55.51 -128.02 -42.83
CA VAL V 702 -56.45 -129.16 -42.79
C VAL V 702 -57.28 -129.23 -44.08
N PHE V 703 -57.82 -128.11 -44.53
CA PHE V 703 -58.62 -128.05 -45.75
C PHE V 703 -57.82 -128.55 -46.97
N ALA V 704 -56.54 -128.16 -47.06
CA ALA V 704 -55.66 -128.56 -48.15
C ALA V 704 -55.26 -130.06 -48.13
N LYS V 705 -55.29 -130.66 -46.93
CA LYS V 705 -54.78 -132.04 -46.70
C LYS V 705 -55.80 -133.14 -47.01
N ILE V 706 -57.09 -132.91 -46.75
CA ILE V 706 -58.07 -134.03 -46.95
C ILE V 706 -58.05 -134.47 -48.42
N PRO V 707 -58.12 -133.54 -49.40
CA PRO V 707 -57.44 -133.66 -50.71
C PRO V 707 -57.37 -132.27 -51.37
N GLN V 708 -56.56 -132.14 -52.43
CA GLN V 708 -56.46 -130.85 -53.16
C GLN V 708 -57.82 -130.52 -53.76
N ASP V 709 -58.51 -131.53 -54.32
CA ASP V 709 -59.86 -131.38 -54.93
C ASP V 709 -60.86 -132.15 -54.08
N SER V 710 -60.55 -132.28 -52.79
CA SER V 710 -61.33 -133.01 -51.78
C SER V 710 -62.84 -132.92 -51.97
N ILE V 711 -63.36 -131.74 -52.35
CA ILE V 711 -64.79 -131.57 -52.61
C ILE V 711 -65.20 -132.39 -53.84
N ALA V 712 -64.43 -132.31 -54.93
CA ALA V 712 -64.72 -133.06 -56.15
C ALA V 712 -64.64 -134.58 -55.91
N GLU V 713 -63.67 -135.02 -55.10
CA GLU V 713 -63.49 -136.40 -54.71
C GLU V 713 -64.69 -136.93 -53.89
N ILE V 714 -65.23 -136.14 -52.94
CA ILE V 714 -66.44 -136.50 -52.18
C ILE V 714 -67.63 -136.74 -53.12
N TYR V 715 -67.84 -135.84 -54.08
CA TYR V 715 -68.90 -136.02 -55.08
C TYR V 715 -68.66 -137.25 -55.97
N SER V 716 -67.43 -137.44 -56.46
CA SER V 716 -67.07 -138.58 -57.31
C SER V 716 -67.33 -139.92 -56.60
N GLN V 717 -66.94 -140.04 -55.33
CA GLN V 717 -67.15 -141.26 -54.54
C GLN V 717 -68.61 -141.56 -54.28
N TRP V 718 -69.42 -140.52 -54.07
CA TRP V 718 -70.86 -140.68 -53.89
C TRP V 718 -71.54 -141.14 -55.19
N GLU V 719 -71.16 -140.56 -56.33
CA GLU V 719 -71.65 -140.98 -57.65
C GLU V 719 -71.24 -142.44 -57.98
N GLU V 720 -69.99 -142.78 -57.68
CA GLU V 720 -69.47 -144.14 -57.93
C GLU V 720 -70.26 -145.14 -57.09
N GLN V 721 -71.10 -144.64 -56.18
CA GLN V 721 -71.94 -145.50 -55.30
C GLN V 721 -73.22 -145.92 -56.04
N ALA V 722 -73.49 -145.29 -57.19
CA ALA V 722 -74.68 -145.59 -58.02
C ALA V 722 -75.97 -145.46 -57.18
N MET V 723 -76.07 -144.40 -56.38
CA MET V 723 -77.26 -144.19 -55.52
C MET V 723 -78.02 -142.95 -55.99
N ASP V 724 -79.32 -143.11 -56.26
CA ASP V 724 -80.20 -142.00 -56.72
C ASP V 724 -80.31 -140.93 -55.62
N SER V 725 -80.33 -141.35 -54.36
CA SER V 725 -80.46 -140.44 -53.19
C SER V 725 -79.20 -139.59 -53.02
N ALA V 726 -79.36 -138.40 -52.43
CA ALA V 726 -78.26 -137.43 -52.20
C ALA V 726 -77.34 -137.91 -51.07
N LEU V 727 -76.12 -137.37 -51.02
CA LEU V 727 -75.11 -137.74 -50.00
C LEU V 727 -75.64 -137.40 -48.61
N PRO V 728 -75.40 -138.25 -47.58
CA PRO V 728 -75.89 -138.02 -46.21
C PRO V 728 -75.79 -136.57 -45.70
N ALA V 729 -76.88 -136.11 -45.07
CA ALA V 729 -76.98 -134.76 -44.51
C ALA V 729 -75.74 -134.35 -43.71
N GLU V 730 -75.08 -135.30 -43.03
CA GLU V 730 -73.82 -135.07 -42.34
C GLU V 730 -72.71 -134.59 -43.27
N ASP V 731 -72.53 -135.27 -44.40
CA ASP V 731 -71.44 -134.99 -45.34
C ASP V 731 -71.71 -133.71 -46.12
N ASP V 732 -72.96 -133.45 -46.51
CA ASP V 732 -73.37 -132.20 -47.16
C ASP V 732 -73.16 -130.98 -46.23
N ASN V 733 -73.58 -131.09 -44.97
CA ASN V 733 -73.34 -130.07 -43.96
C ASN V 733 -71.84 -129.89 -43.65
N ALA V 734 -71.04 -130.97 -43.67
CA ALA V 734 -69.59 -130.89 -43.50
C ALA V 734 -68.90 -130.19 -44.69
N ILE V 735 -69.33 -130.46 -45.92
CA ILE V 735 -68.86 -129.75 -47.12
C ILE V 735 -69.20 -128.27 -47.01
N ARG V 736 -70.43 -127.94 -46.64
CA ARG V 736 -70.86 -126.56 -46.44
C ARG V 736 -70.05 -125.85 -45.36
N GLU V 737 -69.82 -126.50 -44.21
CA GLU V 737 -68.99 -126.00 -43.12
C GLU V 737 -67.56 -125.72 -43.60
N HIS V 738 -66.97 -126.63 -44.38
CA HIS V 738 -65.64 -126.46 -44.95
C HIS V 738 -65.57 -125.25 -45.91
N LEU V 739 -66.59 -125.06 -46.75
CA LEU V 739 -66.68 -123.89 -47.64
C LEU V 739 -66.86 -122.58 -46.87
N CYS V 740 -67.61 -122.60 -45.75
CA CYS V 740 -67.71 -121.46 -44.85
C CYS V 740 -66.34 -121.10 -44.27
N ILE V 741 -65.60 -122.09 -43.76
CA ILE V 741 -64.26 -121.89 -43.20
C ILE V 741 -63.30 -121.37 -44.27
N ARG V 742 -63.33 -121.91 -45.50
CA ARG V 742 -62.55 -121.42 -46.63
C ARG V 742 -62.79 -119.92 -46.88
N ALA V 743 -64.04 -119.52 -47.06
CA ALA V 743 -64.40 -118.13 -47.32
C ALA V 743 -63.88 -117.20 -46.21
N TYR V 744 -63.97 -117.65 -44.95
CA TYR V 744 -63.45 -116.90 -43.81
C TYR V 744 -61.93 -116.78 -43.81
N LEU V 745 -61.20 -117.88 -44.04
CA LEU V 745 -59.73 -117.87 -44.09
C LEU V 745 -59.20 -117.01 -45.24
N GLU V 746 -59.79 -117.12 -46.44
CA GLU V 746 -59.44 -116.29 -47.60
C GLU V 746 -59.69 -114.79 -47.30
N SER V 747 -60.81 -114.45 -46.64
CA SER V 747 -61.11 -113.06 -46.26
C SER V 747 -60.11 -112.49 -45.26
N HIS V 748 -59.63 -113.31 -44.32
CA HIS V 748 -58.64 -112.91 -43.33
C HIS V 748 -57.25 -112.74 -43.95
N GLU V 749 -56.88 -113.61 -44.90
CA GLU V 749 -55.64 -113.51 -45.66
C GLU V 749 -55.61 -112.24 -46.52
N ALA V 750 -56.66 -112.00 -47.31
CA ALA V 750 -56.79 -110.80 -48.11
C ALA V 750 -56.72 -109.54 -47.21
N PHE V 751 -57.40 -109.54 -46.05
CA PHE V 751 -57.34 -108.41 -45.11
C PHE V 751 -55.92 -108.20 -44.58
N ASN V 752 -55.19 -109.25 -44.24
CA ASN V 752 -53.82 -109.15 -43.76
C ASN V 752 -52.87 -108.63 -44.83
N GLU V 753 -53.02 -109.05 -46.09
CA GLU V 753 -52.25 -108.52 -47.22
C GLU V 753 -52.54 -107.03 -47.43
N TRP V 754 -53.81 -106.66 -47.46
CA TRP V 754 -54.25 -105.25 -47.51
C TRP V 754 -53.71 -104.43 -46.34
N PHE V 755 -53.77 -104.97 -45.12
CA PHE V 755 -53.32 -104.29 -43.91
C PHE V 755 -51.80 -104.09 -43.89
N LYS V 756 -51.03 -105.06 -44.41
CA LYS V 756 -49.58 -104.89 -44.58
C LYS V 756 -49.29 -103.78 -45.60
N HIS V 757 -49.97 -103.80 -46.75
CA HIS V 757 -49.74 -102.86 -47.84
C HIS V 757 -50.13 -101.41 -47.50
N ILE V 758 -51.26 -101.19 -46.82
CA ILE V 758 -51.71 -99.85 -46.41
C ILE V 758 -50.76 -99.19 -45.40
N ASN V 759 -50.09 -100.00 -44.57
CA ASN V 759 -49.14 -99.53 -43.56
C ASN V 759 -47.71 -99.35 -44.11
N SER V 760 -47.47 -99.65 -45.39
CA SER V 760 -46.18 -99.43 -46.06
C SER V 760 -46.26 -98.41 -47.21
N PRO V 761 -46.73 -97.17 -46.98
CA PRO V 761 -46.77 -96.16 -48.03
C PRO V 761 -45.35 -95.71 -48.44
N PRO V 762 -45.12 -95.35 -49.71
CA PRO V 762 -43.87 -94.74 -50.14
C PRO V 762 -43.56 -93.47 -49.33
N GLN V 763 -42.30 -93.29 -48.95
CA GLN V 763 -41.88 -92.11 -48.17
C GLN V 763 -41.68 -90.92 -49.10
N LYS V 764 -42.38 -89.82 -48.80
CA LYS V 764 -42.21 -88.56 -49.51
C LYS V 764 -40.79 -88.02 -49.24
N PRO V 765 -39.98 -87.75 -50.29
CA PRO V 765 -38.66 -87.18 -50.12
C PRO V 765 -38.72 -85.82 -49.40
N THR V 766 -37.81 -85.62 -48.45
CA THR V 766 -37.66 -84.35 -47.71
C THR V 766 -36.37 -83.65 -48.14
N LEU V 767 -36.46 -82.37 -48.48
CA LEU V 767 -35.30 -81.56 -48.87
C LEU V 767 -34.61 -80.98 -47.63
N VAL V 768 -33.33 -81.31 -47.39
CA VAL V 768 -32.54 -80.71 -46.31
C VAL V 768 -32.19 -79.26 -46.69
N GLY V 769 -32.42 -78.32 -45.76
CA GLY V 769 -32.49 -76.87 -46.03
C GLY V 769 -31.25 -76.16 -46.61
N GLN V 770 -30.12 -76.85 -46.78
CA GLN V 770 -28.92 -76.32 -47.43
C GLN V 770 -28.32 -77.29 -48.47
N ALA V 771 -29.19 -77.84 -49.33
CA ALA V 771 -28.79 -78.80 -50.34
C ALA V 771 -27.97 -78.19 -51.49
N SER V 772 -26.84 -78.80 -51.87
CA SER V 772 -26.04 -78.42 -53.05
C SER V 772 -26.83 -78.56 -54.36
N PHE V 773 -26.38 -77.95 -55.47
CA PHE V 773 -27.06 -78.06 -56.78
C PHE V 773 -27.27 -79.53 -57.20
N THR V 774 -26.27 -80.38 -56.99
CA THR V 774 -26.33 -81.83 -57.20
C THR V 774 -27.38 -82.51 -56.31
N GLU V 775 -27.57 -82.03 -55.08
CA GLU V 775 -28.60 -82.56 -54.17
C GLU V 775 -30.02 -82.12 -54.54
N LYS V 776 -30.21 -80.92 -55.11
CA LYS V 776 -31.50 -80.47 -55.62
C LYS V 776 -31.95 -81.28 -56.85
N VAL V 777 -31.03 -81.53 -57.78
CA VAL V 777 -31.31 -82.42 -58.93
C VAL V 777 -31.60 -83.85 -58.46
N ALA V 778 -30.82 -84.35 -57.49
CA ALA V 778 -31.10 -85.64 -56.87
C ALA V 778 -32.47 -85.66 -56.16
N HIS V 779 -32.91 -84.55 -55.53
CA HIS V 779 -34.24 -84.44 -54.93
C HIS V 779 -35.35 -84.47 -55.98
N GLU V 780 -35.24 -83.73 -57.08
CA GLU V 780 -36.25 -83.76 -58.15
C GLU V 780 -36.38 -85.19 -58.74
N HIS V 781 -35.25 -85.88 -58.94
CA HIS V 781 -35.26 -87.29 -59.33
C HIS V 781 -35.91 -88.19 -58.28
N LYS V 782 -35.69 -87.93 -56.97
CA LYS V 782 -36.36 -88.66 -55.88
C LYS V 782 -37.87 -88.36 -55.83
N GLU V 783 -38.30 -87.14 -56.11
CA GLU V 783 -39.71 -86.72 -56.08
C GLU V 783 -40.49 -87.34 -57.25
N LYS V 784 -39.94 -87.30 -58.46
CA LYS V 784 -40.50 -88.02 -59.62
C LYS V 784 -40.59 -89.53 -59.38
N LYS V 785 -39.56 -90.11 -58.76
CA LYS V 785 -39.58 -91.52 -58.36
C LYS V 785 -40.69 -91.78 -57.34
N TYR V 786 -40.84 -90.91 -56.33
CA TYR V 786 -41.90 -91.02 -55.33
C TYR V 786 -43.31 -90.94 -55.92
N GLU V 787 -43.58 -90.02 -56.84
CA GLU V 787 -44.89 -89.91 -57.49
C GLU V 787 -45.24 -91.19 -58.26
N MET V 788 -44.27 -91.76 -58.98
CA MET V 788 -44.43 -93.03 -59.69
C MET V 788 -44.67 -94.19 -58.71
N ASP V 789 -43.84 -94.32 -57.68
CA ASP V 789 -43.96 -95.36 -56.66
C ASP V 789 -45.30 -95.24 -55.88
N PHE V 790 -45.77 -94.01 -55.60
CA PHE V 790 -47.07 -93.73 -54.98
C PHE V 790 -48.24 -94.10 -55.87
N GLY V 791 -48.17 -93.82 -57.17
CA GLY V 791 -49.19 -94.23 -58.14
C GLY V 791 -49.33 -95.75 -58.20
N ILE V 792 -48.22 -96.49 -58.25
CA ILE V 792 -48.20 -97.96 -58.21
C ILE V 792 -48.78 -98.48 -56.88
N TRP V 793 -48.30 -97.93 -55.75
CA TRP V 793 -48.80 -98.32 -54.42
C TRP V 793 -50.32 -98.11 -54.28
N LYS V 794 -50.84 -96.96 -54.75
CA LYS V 794 -52.26 -96.65 -54.70
C LYS V 794 -53.09 -97.59 -55.60
N GLY V 795 -52.62 -97.88 -56.81
CA GLY V 795 -53.26 -98.85 -57.70
C GLY V 795 -53.34 -100.25 -57.10
N HIS V 796 -52.24 -100.71 -56.47
CA HIS V 796 -52.23 -101.99 -55.74
C HIS V 796 -53.17 -101.96 -54.52
N LEU V 797 -53.22 -100.86 -53.77
CA LEU V 797 -54.11 -100.71 -52.63
C LEU V 797 -55.59 -100.82 -53.05
N ASP V 798 -55.97 -100.19 -54.17
CA ASP V 798 -57.35 -100.23 -54.66
C ASP V 798 -57.73 -101.64 -55.13
N ALA V 799 -56.81 -102.37 -55.78
CA ALA V 799 -57.02 -103.77 -56.15
C ALA V 799 -57.21 -104.68 -54.91
N LEU V 800 -56.31 -104.58 -53.92
CA LEU V 800 -56.42 -105.30 -52.65
C LEU V 800 -57.70 -104.95 -51.89
N THR V 801 -58.11 -103.68 -51.92
CA THR V 801 -59.37 -103.23 -51.29
C THR V 801 -60.58 -103.89 -51.93
N SER V 802 -60.59 -104.01 -53.27
CA SER V 802 -61.66 -104.69 -53.99
C SER V 802 -61.71 -106.18 -53.65
N ASP V 803 -60.56 -106.83 -53.61
CA ASP V 803 -60.45 -108.26 -53.27
C ASP V 803 -60.91 -108.53 -51.82
N VAL V 804 -60.42 -107.77 -50.83
CA VAL V 804 -60.87 -107.88 -49.43
C VAL V 804 -62.37 -107.69 -49.28
N LYS V 805 -62.92 -106.70 -49.99
CA LYS V 805 -64.35 -106.40 -49.99
C LYS V 805 -65.15 -107.60 -50.52
N GLU V 806 -64.73 -108.16 -51.65
CA GLU V 806 -65.36 -109.35 -52.24
C GLU V 806 -65.29 -110.54 -51.29
N LYS V 807 -64.11 -110.86 -50.75
CA LYS V 807 -63.91 -111.99 -49.84
C LYS V 807 -64.70 -111.86 -48.54
N ILE V 808 -64.74 -110.67 -47.93
CA ILE V 808 -65.56 -110.46 -46.72
C ILE V 808 -67.06 -110.55 -47.06
N TYR V 809 -67.50 -110.05 -48.21
CA TYR V 809 -68.89 -110.22 -48.63
C TYR V 809 -69.25 -111.70 -48.86
N ASN V 810 -68.34 -112.53 -49.39
CA ASN V 810 -68.58 -113.97 -49.52
C ASN V 810 -68.85 -114.64 -48.17
N VAL V 811 -68.29 -114.12 -47.07
CA VAL V 811 -68.59 -114.57 -45.70
C VAL V 811 -69.92 -114.00 -45.20
N LEU V 812 -70.13 -112.69 -45.27
CA LEU V 812 -71.31 -112.02 -44.71
C LEU V 812 -72.60 -112.36 -45.46
N LEU V 813 -72.49 -112.64 -46.77
CA LEU V 813 -73.60 -112.93 -47.68
C LEU V 813 -73.59 -114.39 -48.15
N PHE V 814 -72.97 -115.30 -47.38
CA PHE V 814 -72.89 -116.72 -47.72
C PHE V 814 -74.29 -117.30 -48.00
N VAL V 815 -74.43 -118.05 -49.08
CA VAL V 815 -75.73 -118.45 -49.65
C VAL V 815 -76.55 -119.37 -48.72
N ASP V 816 -77.86 -119.46 -48.94
CA ASP V 816 -78.79 -120.43 -48.33
C ASP V 816 -78.77 -120.46 -46.79
N GLY V 817 -79.15 -119.36 -46.14
CA GLY V 817 -79.32 -119.28 -44.67
C GLY V 817 -78.11 -118.76 -43.89
N GLY V 818 -76.97 -118.55 -44.56
CA GLY V 818 -75.82 -117.84 -44.01
C GLY V 818 -74.67 -118.71 -43.54
N TRP V 819 -73.58 -118.06 -43.17
CA TRP V 819 -72.30 -118.67 -42.84
C TRP V 819 -72.35 -119.56 -41.58
N MET V 820 -71.88 -120.81 -41.63
CA MET V 820 -71.93 -121.78 -40.52
C MET V 820 -73.36 -122.04 -40.01
N VAL V 821 -74.29 -122.29 -40.92
CA VAL V 821 -75.67 -122.75 -40.63
C VAL V 821 -75.92 -123.99 -41.48
N ASP V 822 -76.37 -125.08 -40.87
CA ASP V 822 -76.74 -126.30 -41.58
C ASP V 822 -78.01 -126.06 -42.41
N VAL V 823 -78.05 -126.64 -43.61
CA VAL V 823 -79.21 -126.57 -44.50
C VAL V 823 -80.04 -127.85 -44.42
N ARG V 824 -79.36 -128.98 -44.17
CA ARG V 824 -79.95 -130.30 -44.06
C ARG V 824 -80.13 -130.66 -42.58
N GLU V 825 -81.37 -130.76 -42.13
CA GLU V 825 -81.74 -131.07 -40.74
C GLU V 825 -82.08 -132.56 -40.56
N ASP V 826 -82.00 -133.37 -41.62
CA ASP V 826 -82.31 -134.81 -41.62
C ASP V 826 -81.20 -135.70 -41.05
N THR V 827 -80.34 -135.14 -40.20
CA THR V 827 -79.27 -135.86 -39.49
C THR V 827 -79.47 -135.80 -37.97
N GLU V 828 -78.79 -136.68 -37.22
CA GLU V 828 -78.77 -136.61 -35.77
C GLU V 828 -78.14 -135.30 -35.29
N GLU V 829 -78.77 -134.66 -34.30
CA GLU V 829 -78.26 -133.42 -33.71
C GLU V 829 -76.98 -133.70 -32.90
N ASP V 830 -75.85 -133.14 -33.32
CA ASP V 830 -74.64 -133.03 -32.49
C ASP V 830 -74.70 -131.69 -31.72
N PRO V 831 -75.10 -131.71 -30.43
CA PRO V 831 -75.27 -130.47 -29.65
C PRO V 831 -73.96 -129.73 -29.43
N GLU V 832 -72.83 -130.46 -29.37
CA GLU V 832 -71.51 -129.84 -29.22
C GLU V 832 -71.17 -129.08 -30.49
N ARG V 833 -71.36 -129.70 -31.67
CA ARG V 833 -71.13 -129.04 -32.96
C ARG V 833 -72.03 -127.84 -33.16
N SER V 834 -73.33 -127.97 -32.98
CA SER V 834 -74.27 -126.86 -33.17
C SER V 834 -73.95 -125.69 -32.23
N HIS V 835 -73.55 -125.97 -30.98
CA HIS V 835 -73.11 -124.95 -30.04
C HIS V 835 -71.86 -124.21 -30.52
N GLN V 836 -70.83 -124.95 -30.97
CA GLN V 836 -69.60 -124.38 -31.49
C GLN V 836 -69.85 -123.52 -32.74
N MET V 837 -70.74 -123.93 -33.64
CA MET V 837 -71.11 -123.15 -34.82
C MET V 837 -71.77 -121.81 -34.45
N VAL V 838 -72.70 -121.82 -33.48
CA VAL V 838 -73.34 -120.59 -32.97
C VAL V 838 -72.32 -119.64 -32.33
N LEU V 839 -71.36 -120.18 -31.56
CA LEU V 839 -70.29 -119.38 -30.97
C LEU V 839 -69.39 -118.76 -32.04
N LEU V 840 -68.99 -119.54 -33.04
CA LEU V 840 -68.18 -119.04 -34.15
C LEU V 840 -68.91 -117.96 -34.95
N ARG V 841 -70.23 -118.09 -35.16
CA ARG V 841 -71.01 -117.03 -35.80
C ARG V 841 -71.00 -115.73 -35.01
N ARG V 842 -71.17 -115.80 -33.68
CA ARG V 842 -71.10 -114.63 -32.78
C ARG V 842 -69.71 -114.02 -32.72
N LEU V 843 -68.68 -114.83 -32.97
CA LEU V 843 -67.30 -114.41 -32.99
C LEU V 843 -66.89 -113.76 -34.33
N CYS V 844 -67.05 -114.51 -35.41
CA CYS V 844 -66.44 -114.23 -36.71
C CYS V 844 -67.23 -113.18 -37.50
N LEU V 845 -68.57 -113.21 -37.46
CA LEU V 845 -69.39 -112.34 -38.32
C LEU V 845 -69.34 -110.86 -37.87
N PRO V 846 -69.45 -110.50 -36.57
CA PRO V 846 -69.22 -109.12 -36.13
C PRO V 846 -67.82 -108.65 -36.47
N MET V 847 -66.80 -109.49 -36.25
CA MET V 847 -65.42 -109.18 -36.59
C MET V 847 -65.25 -108.86 -38.07
N MET V 848 -65.78 -109.70 -38.97
CA MET V 848 -65.74 -109.46 -40.42
C MET V 848 -66.42 -108.15 -40.82
N CYS V 849 -67.56 -107.82 -40.22
CA CYS V 849 -68.23 -106.55 -40.44
C CYS V 849 -67.36 -105.35 -40.02
N PHE V 850 -66.68 -105.43 -38.87
CA PHE V 850 -65.77 -104.39 -38.41
C PHE V 850 -64.51 -104.26 -39.27
N LEU V 851 -63.95 -105.37 -39.75
CA LEU V 851 -62.81 -105.35 -40.66
C LEU V 851 -63.20 -104.71 -41.99
N LEU V 852 -64.35 -105.07 -42.55
CA LEU V 852 -64.85 -104.46 -43.78
C LEU V 852 -65.14 -102.97 -43.62
N HIS V 853 -65.77 -102.55 -42.51
CA HIS V 853 -65.92 -101.12 -42.18
C HIS V 853 -64.57 -100.41 -42.16
N THR V 854 -63.57 -100.99 -41.51
CA THR V 854 -62.23 -100.42 -41.41
C THR V 854 -61.57 -100.25 -42.78
N VAL V 855 -61.67 -101.27 -43.64
CA VAL V 855 -61.16 -101.24 -45.02
C VAL V 855 -61.83 -100.13 -45.82
N LEU V 856 -63.16 -100.09 -45.82
CA LEU V 856 -63.94 -99.11 -46.57
C LEU V 856 -63.73 -97.68 -46.05
N HIS V 857 -63.64 -97.50 -44.73
CA HIS V 857 -63.42 -96.19 -44.11
C HIS V 857 -62.02 -95.64 -44.43
N ASN V 858 -60.97 -96.46 -44.28
CA ASN V 858 -59.59 -96.05 -44.56
C ASN V 858 -59.34 -95.78 -46.05
N THR V 859 -60.10 -96.44 -46.93
CA THR V 859 -60.04 -96.23 -48.39
C THR V 859 -61.02 -95.18 -48.89
N LYS V 860 -61.70 -94.45 -47.97
CA LYS V 860 -62.64 -93.36 -48.22
C LYS V 860 -63.91 -93.76 -48.98
N GLN V 861 -64.27 -95.05 -48.97
CA GLN V 861 -65.53 -95.57 -49.52
C GLN V 861 -66.67 -95.43 -48.49
N TYR V 862 -66.90 -94.22 -47.98
CA TYR V 862 -67.81 -93.99 -46.84
C TYR V 862 -69.26 -94.36 -47.13
N LYS V 863 -69.72 -94.21 -48.38
CA LYS V 863 -71.05 -94.66 -48.81
C LYS V 863 -71.23 -96.17 -48.65
N ASP V 864 -70.20 -96.94 -48.99
CA ASP V 864 -70.23 -98.40 -48.84
C ASP V 864 -70.15 -98.81 -47.36
N CYS V 865 -69.52 -98.01 -46.49
CA CYS V 865 -69.60 -98.24 -45.04
C CYS V 865 -71.06 -98.25 -44.56
N LEU V 866 -71.90 -97.32 -45.05
CA LEU V 866 -73.30 -97.21 -44.63
C LEU V 866 -74.15 -98.37 -45.13
N ARG V 867 -73.84 -98.93 -46.31
CA ARG V 867 -74.50 -100.14 -46.84
C ARG V 867 -74.32 -101.36 -45.93
N LEU V 868 -73.32 -101.37 -45.05
CA LEU V 868 -73.18 -102.44 -44.05
C LEU V 868 -74.38 -102.49 -43.10
N ALA V 869 -75.08 -101.37 -42.84
CA ALA V 869 -76.30 -101.36 -42.04
C ALA V 869 -77.42 -102.17 -42.71
N ASP V 870 -77.58 -102.03 -44.03
CA ASP V 870 -78.56 -102.79 -44.82
C ASP V 870 -78.23 -104.29 -44.81
N ILE V 871 -76.94 -104.63 -44.90
CA ILE V 871 -76.47 -106.02 -44.87
C ILE V 871 -76.70 -106.66 -43.49
N VAL V 872 -76.34 -105.94 -42.41
CA VAL V 872 -76.51 -106.45 -41.04
C VAL V 872 -77.98 -106.61 -40.67
N SER V 873 -78.84 -105.69 -41.14
CA SER V 873 -80.29 -105.74 -40.91
C SER V 873 -81.06 -106.66 -41.86
N SER V 874 -80.40 -107.22 -42.88
CA SER V 874 -81.04 -108.12 -43.86
C SER V 874 -81.62 -109.37 -43.21
N GLU V 875 -82.89 -109.65 -43.50
CA GLU V 875 -83.60 -110.85 -43.05
C GLU V 875 -83.11 -112.14 -43.75
N ASN V 876 -82.37 -112.01 -44.85
CA ASN V 876 -81.85 -113.18 -45.58
C ASN V 876 -80.78 -113.92 -44.77
N GLN V 877 -79.88 -113.17 -44.14
CA GLN V 877 -78.75 -113.71 -43.38
C GLN V 877 -78.90 -113.55 -41.86
N LYS V 878 -79.85 -112.71 -41.43
CA LYS V 878 -80.17 -112.42 -40.02
C LYS V 878 -78.93 -112.10 -39.19
N LEU V 879 -77.97 -111.37 -39.76
CA LEU V 879 -76.70 -111.07 -39.12
C LEU V 879 -76.93 -110.29 -37.81
N TYR V 880 -77.96 -109.45 -37.71
CA TYR V 880 -78.32 -108.74 -36.48
C TYR V 880 -78.52 -109.64 -35.24
N THR V 881 -78.80 -110.94 -35.41
CA THR V 881 -78.99 -111.89 -34.31
C THR V 881 -77.69 -112.36 -33.65
N VAL V 882 -76.56 -112.24 -34.35
CA VAL V 882 -75.26 -112.71 -33.85
C VAL V 882 -74.45 -111.60 -33.16
N PHE V 883 -74.83 -110.34 -33.35
CA PHE V 883 -74.19 -109.21 -32.69
C PHE V 883 -74.65 -109.08 -31.24
N SER V 884 -73.69 -108.89 -30.33
CA SER V 884 -73.98 -108.43 -28.98
C SER V 884 -74.45 -106.97 -28.98
N LYS V 885 -75.09 -106.54 -27.87
CA LYS V 885 -75.54 -105.15 -27.70
C LYS V 885 -74.38 -104.14 -27.75
N THR V 886 -73.20 -104.53 -27.26
CA THR V 886 -71.99 -103.71 -27.28
C THR V 886 -71.43 -103.58 -28.69
N GLU V 887 -71.34 -104.68 -29.43
CA GLU V 887 -70.91 -104.67 -30.83
C GLU V 887 -71.85 -103.87 -31.72
N MET V 888 -73.17 -104.03 -31.55
CA MET V 888 -74.14 -103.24 -32.32
C MET V 888 -74.00 -101.73 -32.05
N ARG V 889 -73.75 -101.33 -30.80
CA ARG V 889 -73.46 -99.93 -30.45
C ARG V 889 -72.17 -99.44 -31.12
N ASN V 890 -71.12 -100.24 -31.10
CA ASN V 890 -69.84 -99.92 -31.71
C ASN V 890 -69.96 -99.80 -33.24
N LEU V 891 -70.74 -100.67 -33.88
CA LEU V 891 -71.03 -100.59 -35.31
C LEU V 891 -71.73 -99.27 -35.65
N LEU V 892 -72.80 -98.92 -34.93
CA LEU V 892 -73.51 -97.66 -35.13
C LEU V 892 -72.62 -96.42 -34.92
N GLN V 893 -71.69 -96.47 -33.95
CA GLN V 893 -70.71 -95.40 -33.75
C GLN V 893 -69.77 -95.28 -34.94
N LYS V 894 -69.23 -96.40 -35.45
CA LYS V 894 -68.38 -96.45 -36.64
C LYS V 894 -69.10 -95.98 -37.91
N LEU V 895 -70.37 -96.33 -38.07
CA LEU V 895 -71.20 -95.85 -39.17
C LEU V 895 -71.43 -94.34 -39.09
N ARG V 896 -71.68 -93.81 -37.89
CA ARG V 896 -71.77 -92.36 -37.65
C ARG V 896 -70.47 -91.65 -38.02
N GLU V 897 -69.31 -92.19 -37.67
CA GLU V 897 -68.01 -91.63 -38.05
C GLU V 897 -67.85 -91.55 -39.58
N SER V 898 -68.21 -92.59 -40.32
CA SER V 898 -68.22 -92.57 -41.80
C SER V 898 -69.24 -91.56 -42.37
N SER V 899 -70.40 -91.41 -41.73
CA SER V 899 -71.42 -90.43 -42.14
C SER V 899 -70.96 -88.98 -41.95
N LEU V 900 -70.22 -88.69 -40.87
CA LEU V 900 -69.61 -87.37 -40.67
C LEU V 900 -68.58 -87.05 -41.76
N MET V 901 -67.77 -88.03 -42.19
CA MET V 901 -66.82 -87.84 -43.29
C MET V 901 -67.51 -87.57 -44.63
N LEU V 902 -68.71 -88.09 -44.87
CA LEU V 902 -69.51 -87.75 -46.06
C LEU V 902 -69.98 -86.30 -46.04
N LEU V 903 -70.38 -85.78 -44.88
CA LEU V 903 -70.76 -84.38 -44.71
C LEU V 903 -69.58 -83.44 -44.97
N ASP V 904 -68.37 -83.80 -44.53
CA ASP V 904 -67.14 -83.04 -44.84
C ASP V 904 -66.83 -83.01 -46.35
N LEU V 905 -67.29 -84.01 -47.11
CA LEU V 905 -67.21 -84.07 -48.57
C LEU V 905 -68.38 -83.36 -49.28
N GLN V 906 -69.23 -82.60 -48.55
CA GLN V 906 -70.40 -81.90 -49.08
C GLN V 906 -71.48 -82.83 -49.67
N LEU V 907 -71.53 -84.09 -49.22
CA LEU V 907 -72.59 -85.05 -49.54
C LEU V 907 -73.60 -85.11 -48.38
N ASP V 908 -74.78 -85.65 -48.64
CA ASP V 908 -75.75 -85.94 -47.57
C ASP V 908 -75.22 -87.05 -46.62
N PRO V 909 -75.85 -87.25 -45.44
CA PRO V 909 -75.42 -88.26 -44.48
C PRO V 909 -75.38 -89.71 -45.02
N LEU V 910 -75.98 -89.98 -46.19
CA LEU V 910 -76.07 -91.29 -46.85
C LEU V 910 -75.19 -91.39 -48.11
N GLY V 911 -74.47 -90.32 -48.47
CA GLY V 911 -73.56 -90.27 -49.62
C GLY V 911 -74.25 -90.02 -50.96
N TYR V 912 -75.35 -89.26 -50.93
CA TYR V 912 -76.11 -88.94 -52.16
C TYR V 912 -75.95 -87.46 -52.52
N GLU V 913 -76.43 -87.07 -53.70
CA GLU V 913 -76.35 -85.66 -54.18
C GLU V 913 -77.19 -84.78 -53.25
N ILE V 914 -76.69 -83.57 -52.95
CA ILE V 914 -77.41 -82.62 -52.06
C ILE V 914 -77.91 -81.44 -52.91
N GLN V 915 -79.21 -81.15 -52.82
CA GLN V 915 -79.83 -80.05 -53.61
C GLN V 915 -80.36 -78.98 -52.65
N SER V 916 -79.99 -77.71 -52.88
CA SER V 916 -80.43 -76.59 -52.02
C SER V 916 -81.73 -75.98 -52.57
N GLU W 69 -83.17 -33.52 34.60
CA GLU W 69 -83.62 -32.81 35.83
C GLU W 69 -82.84 -31.52 35.99
N THR W 70 -82.90 -30.88 37.17
CA THR W 70 -82.03 -29.80 37.61
C THR W 70 -80.73 -30.43 38.06
N VAL W 71 -79.62 -29.67 38.11
CA VAL W 71 -78.31 -30.23 38.38
C VAL W 71 -78.07 -30.44 39.88
N ASN W 72 -78.26 -29.38 40.70
CA ASN W 72 -77.88 -29.39 42.09
C ASN W 72 -79.04 -29.53 43.08
N TYR W 73 -80.30 -29.59 42.59
CA TYR W 73 -81.47 -29.48 43.44
C TYR W 73 -82.39 -30.67 43.22
N ASN W 74 -83.24 -31.04 44.20
CA ASN W 74 -84.41 -31.86 43.96
C ASN W 74 -85.55 -30.86 43.92
N VAL W 75 -86.42 -30.97 42.90
CA VAL W 75 -87.62 -30.17 42.81
C VAL W 75 -88.77 -31.15 42.85
N GLN W 76 -89.49 -31.24 43.99
CA GLN W 76 -90.51 -32.27 44.15
C GLN W 76 -91.63 -31.77 45.01
N LEU W 77 -92.79 -32.47 44.89
CA LEU W 77 -94.01 -32.29 45.67
C LEU W 77 -93.78 -32.07 47.15
N PHE W 78 -94.33 -30.95 47.65
CA PHE W 78 -94.18 -30.55 49.02
C PHE W 78 -95.53 -30.69 49.66
N GLY W 79 -95.57 -31.45 50.77
CA GLY W 79 -96.81 -31.75 51.45
C GLY W 79 -97.59 -32.84 50.78
N SER W 80 -98.78 -33.05 51.33
CA SER W 80 -99.71 -34.07 50.88
C SER W 80 -100.54 -33.64 49.69
N SER W 81 -101.38 -34.55 49.18
CA SER W 81 -102.32 -34.26 48.10
C SER W 81 -103.17 -33.03 48.29
N LEU W 82 -103.25 -32.18 47.26
CA LEU W 82 -103.95 -30.92 47.41
C LEU W 82 -105.45 -31.09 47.65
N PRO W 83 -106.11 -30.21 48.39
CA PRO W 83 -107.57 -30.22 48.51
C PRO W 83 -108.32 -30.33 47.18
N VAL W 84 -109.49 -31.01 47.15
CA VAL W 84 -110.27 -31.24 45.93
C VAL W 84 -110.62 -29.95 45.18
N LYS W 85 -111.02 -28.91 45.92
CA LYS W 85 -111.31 -27.56 45.46
C LYS W 85 -110.13 -26.89 44.75
N VAL W 86 -108.90 -27.06 45.27
CA VAL W 86 -107.68 -26.56 44.67
C VAL W 86 -107.37 -27.31 43.40
N MET W 87 -107.54 -28.65 43.41
CA MET W 87 -107.35 -29.47 42.23
C MET W 87 -108.29 -29.13 41.07
N GLU W 88 -109.59 -28.90 41.34
CA GLU W 88 -110.57 -28.44 40.36
C GLU W 88 -110.24 -27.09 39.76
N ALA W 89 -109.85 -26.12 40.60
CA ALA W 89 -109.44 -24.80 40.15
C ALA W 89 -108.24 -24.84 39.20
N LEU W 90 -107.22 -25.66 39.51
CA LEU W 90 -106.08 -25.89 38.66
C LEU W 90 -106.33 -26.68 37.38
N SER W 91 -107.10 -27.79 37.46
CA SER W 91 -107.43 -28.62 36.31
C SER W 91 -108.36 -27.92 35.33
N ASN W 92 -109.34 -27.15 35.87
CA ASN W 92 -110.23 -26.28 35.12
C ASN W 92 -109.57 -25.02 34.54
N ALA W 93 -108.63 -24.38 35.27
CA ALA W 93 -107.97 -23.17 34.84
C ALA W 93 -107.24 -23.28 33.51
N SER W 94 -107.50 -22.31 32.63
CA SER W 94 -106.89 -22.24 31.33
C SER W 94 -105.67 -21.32 31.45
N ALA W 95 -104.73 -21.36 30.48
CA ALA W 95 -103.58 -20.43 30.45
C ALA W 95 -103.95 -18.95 30.23
N ASP W 96 -105.19 -18.63 29.76
CA ASP W 96 -105.78 -17.30 29.77
C ASP W 96 -106.01 -16.79 31.20
N GLU W 97 -106.45 -17.69 32.10
CA GLU W 97 -106.79 -17.38 33.48
C GLU W 97 -105.58 -16.91 34.29
N PRO W 98 -105.70 -15.82 35.04
CA PRO W 98 -104.68 -15.36 35.98
C PRO W 98 -105.00 -15.96 37.33
N MET W 99 -104.13 -16.86 37.81
CA MET W 99 -104.23 -17.35 39.15
C MET W 99 -103.11 -16.67 39.87
N ALA W 100 -103.31 -16.44 41.17
CA ALA W 100 -102.28 -15.94 42.03
C ALA W 100 -102.47 -16.66 43.34
N ALA W 101 -101.39 -16.79 44.12
CA ALA W 101 -101.43 -17.53 45.36
C ALA W 101 -100.61 -16.82 46.40
N CYS W 102 -101.10 -16.77 47.64
CA CYS W 102 -100.36 -16.25 48.77
C CYS W 102 -100.01 -17.46 49.61
N ILE W 103 -98.71 -17.81 49.67
CA ILE W 103 -98.18 -18.84 50.53
C ILE W 103 -97.73 -18.11 51.75
N HIS W 104 -98.44 -18.31 52.88
CA HIS W 104 -98.17 -17.60 54.09
C HIS W 104 -97.21 -18.36 54.98
N GLU W 105 -96.34 -17.61 55.70
CA GLU W 105 -95.34 -18.12 56.64
C GLU W 105 -95.90 -18.98 57.78
N GLY W 106 -97.18 -18.77 58.12
CA GLY W 106 -97.90 -19.55 59.11
C GLY W 106 -98.35 -20.94 58.65
N GLY W 107 -98.08 -21.32 57.38
CA GLY W 107 -98.38 -22.68 56.93
C GLY W 107 -99.73 -22.83 56.27
N TRP W 108 -100.32 -21.72 55.81
CA TRP W 108 -101.58 -21.69 55.11
C TRP W 108 -101.37 -21.09 53.73
N ALA W 109 -102.10 -21.58 52.71
CA ALA W 109 -101.99 -21.12 51.35
C ALA W 109 -103.33 -20.68 50.86
N TRP W 110 -103.35 -19.55 50.15
CA TRP W 110 -104.55 -18.87 49.72
C TRP W 110 -104.46 -18.74 48.21
N LEU W 111 -105.37 -19.39 47.47
CA LEU W 111 -105.44 -19.34 46.02
C LEU W 111 -106.57 -18.39 45.65
N ALA W 112 -106.26 -17.33 44.87
CA ALA W 112 -107.25 -16.42 44.32
C ALA W 112 -107.54 -16.93 42.92
N CYS W 113 -108.74 -17.52 42.69
CA CYS W 113 -109.11 -18.15 41.46
C CYS W 113 -110.48 -17.64 41.06
N ASN W 114 -110.56 -16.91 39.93
CA ASN W 114 -111.76 -16.20 39.53
C ASN W 114 -112.32 -15.31 40.63
N ASP W 115 -113.61 -15.50 41.02
CA ASP W 115 -114.30 -14.76 42.07
C ASP W 115 -114.32 -15.49 43.41
N ARG W 116 -113.51 -16.56 43.62
CA ARG W 116 -113.35 -17.08 44.95
C ARG W 116 -111.92 -17.23 45.37
N LEU W 117 -111.80 -17.30 46.70
CA LEU W 117 -110.60 -17.42 47.44
C LEU W 117 -110.65 -18.82 48.03
N ILE W 118 -109.64 -19.67 47.81
CA ILE W 118 -109.60 -21.00 48.39
C ILE W 118 -108.39 -21.09 49.27
N ILE W 119 -108.65 -21.40 50.56
CA ILE W 119 -107.67 -21.29 51.61
C ILE W 119 -107.58 -22.57 52.28
N TRP W 120 -106.35 -23.04 52.41
CA TRP W 120 -106.14 -24.32 52.97
C TRP W 120 -104.90 -24.30 53.78
N LYS W 121 -104.85 -25.17 54.79
CA LYS W 121 -103.65 -25.39 55.55
C LYS W 121 -102.74 -26.26 54.71
N ILE W 122 -101.47 -25.86 54.52
CA ILE W 122 -100.47 -26.70 53.89
C ILE W 122 -100.30 -27.97 54.70
N SER W 123 -100.70 -29.09 54.07
CA SER W 123 -100.83 -30.35 54.74
C SER W 123 -99.52 -31.09 54.71
N HIS W 124 -98.66 -30.83 55.72
CA HIS W 124 -97.41 -31.56 55.92
C HIS W 124 -97.67 -33.03 56.26
N SER W 125 -98.76 -33.25 57.00
CA SER W 125 -99.32 -34.57 57.27
C SER W 125 -100.49 -34.83 56.34
N SER W 126 -100.62 -36.09 55.91
CA SER W 126 -101.62 -36.63 55.00
C SER W 126 -102.96 -36.91 55.62
N SER W 127 -103.03 -36.90 56.96
CA SER W 127 -104.22 -37.29 57.72
C SER W 127 -105.44 -36.40 57.49
N ALA W 128 -106.59 -37.02 57.15
CA ALA W 128 -107.81 -36.31 56.77
C ALA W 128 -108.51 -35.55 57.90
N LYS W 129 -108.33 -35.94 59.18
CA LYS W 129 -108.92 -35.18 60.28
C LYS W 129 -108.18 -33.88 60.59
N LEU W 130 -106.95 -33.71 60.03
CA LEU W 130 -106.15 -32.51 60.15
C LEU W 130 -106.32 -31.62 58.92
N MET W 131 -107.10 -32.09 57.93
CA MET W 131 -107.35 -31.40 56.67
C MET W 131 -108.25 -30.19 56.84
N VAL W 132 -107.80 -29.00 56.41
CA VAL W 132 -108.63 -27.81 56.41
C VAL W 132 -108.53 -27.18 55.05
N CYS W 133 -109.69 -26.98 54.37
CA CYS W 133 -109.80 -26.16 53.17
C CYS W 133 -111.15 -25.46 53.17
N LYS W 134 -111.16 -24.12 53.10
CA LYS W 134 -112.34 -23.31 53.10
C LYS W 134 -112.33 -22.46 51.86
N GLU W 135 -113.53 -22.11 51.36
CA GLU W 135 -113.66 -21.34 50.14
C GLU W 135 -114.49 -20.14 50.49
N LEU W 136 -114.00 -18.93 50.19
CA LEU W 136 -114.64 -17.70 50.60
C LEU W 136 -115.10 -16.92 49.39
N PRO W 137 -116.20 -16.17 49.49
CA PRO W 137 -116.72 -15.43 48.34
C PRO W 137 -116.14 -14.02 48.32
N LEU W 138 -115.40 -13.66 47.25
CA LEU W 138 -114.76 -12.37 47.19
C LEU W 138 -115.76 -11.20 47.11
N PRO W 139 -115.51 -10.01 47.67
CA PRO W 139 -116.23 -8.78 47.31
C PRO W 139 -116.12 -8.43 45.82
N LEU W 140 -117.24 -8.26 45.08
CA LEU W 140 -117.28 -7.79 43.69
C LEU W 140 -116.29 -6.69 43.31
N SER W 141 -115.62 -6.84 42.14
CA SER W 141 -114.67 -5.88 41.63
C SER W 141 -114.77 -6.02 40.12
N ASP W 142 -114.44 -4.96 39.36
CA ASP W 142 -114.31 -5.03 37.91
C ASP W 142 -112.89 -5.44 37.52
N SER W 143 -111.92 -5.32 38.45
CA SER W 143 -110.57 -5.77 38.20
C SER W 143 -110.42 -7.17 38.78
N GLU W 144 -109.42 -7.94 38.29
CA GLU W 144 -108.99 -9.19 38.86
C GLU W 144 -108.61 -9.05 40.33
N TRP W 145 -109.08 -10.00 41.15
CA TRP W 145 -108.64 -10.09 42.52
C TRP W 145 -107.20 -10.59 42.57
N SER W 146 -106.43 -10.15 43.58
CA SER W 146 -105.03 -10.51 43.65
C SER W 146 -104.79 -11.14 44.97
N ALA W 147 -103.93 -12.18 45.05
CA ALA W 147 -103.50 -12.80 46.29
C ALA W 147 -102.52 -11.90 47.08
N ASP W 148 -101.96 -10.84 46.44
CA ASP W 148 -101.23 -9.76 47.08
C ASP W 148 -102.10 -8.89 47.98
N LEU W 149 -103.41 -8.83 47.70
CA LEU W 149 -104.40 -8.00 48.39
C LEU W 149 -105.17 -8.83 49.33
N VAL W 150 -104.48 -9.85 49.77
CA VAL W 150 -105.15 -10.88 50.47
C VAL W 150 -104.21 -11.44 51.53
N ASP W 151 -104.65 -11.49 52.81
CA ASP W 151 -103.72 -11.76 53.90
C ASP W 151 -104.41 -12.49 55.09
N ILE W 152 -103.61 -13.30 55.84
CA ILE W 152 -104.08 -14.11 56.94
C ILE W 152 -103.62 -13.57 58.28
N CYS W 153 -104.50 -13.58 59.29
CA CYS W 153 -104.09 -13.26 60.64
C CYS W 153 -104.41 -14.41 61.55
N ALA W 154 -103.47 -14.78 62.42
CA ALA W 154 -103.63 -15.89 63.34
C ALA W 154 -103.65 -15.37 64.77
N GLN W 155 -104.56 -15.92 65.61
CA GLN W 155 -104.68 -15.65 67.04
C GLN W 155 -103.35 -15.87 67.76
N THR W 156 -102.72 -14.77 68.25
CA THR W 156 -101.43 -14.81 68.95
C THR W 156 -100.28 -15.18 68.01
N GLY W 157 -100.52 -15.18 66.68
CA GLY W 157 -99.53 -15.62 65.69
C GLY W 157 -99.38 -17.12 65.55
N ASP W 158 -100.23 -17.93 66.24
CA ASP W 158 -100.11 -19.38 66.27
C ASP W 158 -101.12 -19.97 65.26
N PRO W 159 -100.71 -20.80 64.29
CA PRO W 159 -101.60 -21.46 63.35
C PRO W 159 -101.98 -22.82 63.87
N ALA W 160 -103.25 -22.89 64.27
CA ALA W 160 -103.85 -23.95 65.02
C ALA W 160 -105.33 -24.03 64.62
N ALA W 161 -105.59 -24.57 63.40
CA ALA W 161 -106.92 -24.83 62.86
C ALA W 161 -107.67 -23.60 62.37
N ALA W 162 -108.89 -23.82 61.85
CA ALA W 162 -109.77 -22.79 61.33
C ALA W 162 -110.22 -21.72 62.34
N GLN W 163 -110.50 -21.97 63.62
CA GLN W 163 -110.87 -20.87 64.50
C GLN W 163 -109.76 -19.83 64.72
N SER W 164 -108.47 -20.25 64.71
CA SER W 164 -107.36 -19.33 64.95
C SER W 164 -107.13 -18.32 63.85
N VAL W 165 -107.72 -18.55 62.67
CA VAL W 165 -107.41 -17.83 61.47
C VAL W 165 -108.50 -16.83 61.11
N ALA W 166 -108.12 -15.53 61.03
CA ALA W 166 -108.89 -14.42 60.51
C ALA W 166 -108.37 -14.00 59.15
N LEU W 167 -109.23 -13.34 58.35
CA LEU W 167 -108.94 -13.08 56.96
C LEU W 167 -109.38 -11.75 56.49
N MET W 168 -108.49 -11.06 55.77
CA MET W 168 -108.91 -9.88 55.08
C MET W 168 -108.61 -9.99 53.60
N ALA W 169 -109.43 -9.29 52.81
CA ALA W 169 -109.25 -9.11 51.40
C ALA W 169 -109.48 -7.66 51.08
N ALA W 170 -108.73 -7.16 50.08
CA ALA W 170 -108.96 -5.85 49.48
C ALA W 170 -109.08 -5.96 47.98
N THR W 171 -109.77 -4.99 47.35
CA THR W 171 -109.87 -4.86 45.91
C THR W 171 -108.90 -3.76 45.46
N PRO W 172 -108.49 -3.62 44.20
CA PRO W 172 -107.70 -2.47 43.75
C PRO W 172 -108.26 -1.06 44.01
N GLU W 173 -109.60 -0.87 44.05
CA GLU W 173 -110.25 0.40 44.39
C GLU W 173 -110.35 0.65 45.89
N GLY W 174 -110.16 -0.38 46.75
CA GLY W 174 -110.15 -0.16 48.20
C GLY W 174 -111.32 -0.71 48.97
N SER W 175 -112.11 -1.64 48.39
CA SER W 175 -113.18 -2.31 49.11
C SER W 175 -112.57 -3.39 49.95
N SER W 176 -112.95 -3.45 51.23
CA SER W 176 -112.36 -4.35 52.19
C SER W 176 -113.42 -5.31 52.66
N ARG W 177 -113.06 -6.61 52.79
CA ARG W 177 -113.92 -7.62 53.36
C ARG W 177 -113.10 -8.43 54.36
N TYR W 178 -113.61 -8.52 55.61
CA TYR W 178 -112.92 -9.11 56.74
C TYR W 178 -113.77 -10.21 57.38
N TRP W 179 -113.23 -11.43 57.48
CA TRP W 179 -113.80 -12.56 58.18
C TRP W 179 -113.07 -12.67 59.52
N PRO W 180 -113.68 -12.54 60.70
CA PRO W 180 -113.01 -12.75 61.98
C PRO W 180 -112.47 -14.15 62.17
N ASN W 181 -113.13 -15.17 61.57
CA ASN W 181 -112.78 -16.57 61.69
C ASN W 181 -113.05 -17.21 60.36
N ILE W 182 -112.11 -18.00 59.81
CA ILE W 182 -112.26 -18.79 58.57
C ILE W 182 -113.18 -19.99 58.76
N LEU W 183 -113.47 -20.34 60.03
CA LEU W 183 -114.50 -21.28 60.41
C LEU W 183 -115.88 -20.83 59.94
N HIS W 184 -116.18 -19.52 60.08
CA HIS W 184 -117.46 -18.94 59.71
C HIS W 184 -117.37 -18.21 58.37
N GLU W 185 -117.55 -18.90 57.22
CA GLU W 185 -117.30 -18.37 55.89
C GLU W 185 -118.35 -17.37 55.36
N GLY W 186 -119.58 -17.41 55.92
CA GLY W 186 -120.66 -16.46 55.67
C GLY W 186 -120.63 -15.26 56.57
N THR W 187 -119.67 -15.23 57.53
CA THR W 187 -119.65 -14.20 58.56
C THR W 187 -118.47 -13.30 58.32
N TYR W 188 -118.75 -12.07 57.86
CA TYR W 188 -117.74 -11.09 57.56
C TYR W 188 -118.30 -9.71 57.78
N ILE W 189 -117.42 -8.69 57.81
CA ILE W 189 -117.77 -7.29 57.86
C ILE W 189 -117.05 -6.62 56.73
N GLU W 190 -117.51 -5.41 56.37
CA GLU W 190 -117.05 -4.73 55.18
C GLU W 190 -116.68 -3.30 55.47
N SER W 191 -115.85 -2.70 54.60
CA SER W 191 -115.49 -1.30 54.70
C SER W 191 -114.93 -0.83 53.39
N TYR W 192 -114.57 0.47 53.29
CA TYR W 192 -113.89 0.96 52.12
C TYR W 192 -112.84 1.99 52.53
N THR W 193 -111.73 2.03 51.78
CA THR W 193 -110.62 2.97 51.87
C THR W 193 -110.88 3.99 50.77
N GLU W 194 -109.90 4.19 49.88
CA GLU W 194 -110.06 4.79 48.56
C GLU W 194 -108.72 4.94 47.86
N PHE W 195 -108.68 4.61 46.56
CA PHE W 195 -107.52 4.62 45.69
C PHE W 195 -107.87 5.19 44.33
N GLY W 196 -106.85 5.55 43.50
CA GLY W 196 -107.10 5.85 42.09
C GLY W 196 -107.35 4.58 41.36
N SER W 197 -108.03 4.64 40.20
CA SER W 197 -108.07 3.54 39.24
C SER W 197 -106.66 3.28 38.68
N SER W 198 -106.23 2.00 38.68
CA SER W 198 -104.96 1.44 38.20
C SER W 198 -104.01 1.07 39.33
N LEU W 199 -104.30 1.47 40.59
CA LEU W 199 -103.44 1.21 41.74
C LEU W 199 -103.19 -0.29 42.01
N CYS W 200 -101.92 -0.73 41.86
CA CYS W 200 -101.45 -2.00 42.42
C CYS W 200 -101.15 -1.78 43.88
N ALA W 201 -101.92 -2.46 44.73
CA ALA W 201 -101.84 -2.36 46.16
C ALA W 201 -101.43 -3.72 46.74
N PHE W 202 -100.96 -3.72 48.00
CA PHE W 202 -100.69 -4.93 48.77
C PHE W 202 -101.48 -4.82 50.07
N VAL W 203 -101.88 -5.97 50.64
CA VAL W 203 -102.47 -6.05 51.97
C VAL W 203 -101.58 -6.93 52.80
N THR W 204 -101.21 -6.47 54.00
CA THR W 204 -100.24 -7.20 54.80
C THR W 204 -100.70 -7.29 56.23
N ALA W 205 -100.85 -8.52 56.76
CA ALA W 205 -101.08 -8.77 58.17
C ALA W 205 -99.93 -8.30 59.05
N VAL W 206 -100.22 -7.47 60.06
CA VAL W 206 -99.24 -6.88 60.97
C VAL W 206 -99.69 -7.16 62.41
N LYS W 207 -98.90 -6.77 63.44
CA LYS W 207 -99.27 -7.01 64.82
C LYS W 207 -100.54 -6.37 65.34
N GLY W 208 -101.15 -7.05 66.33
CA GLY W 208 -102.34 -6.58 67.03
C GLY W 208 -103.63 -6.93 66.34
N ASN W 209 -103.57 -7.97 65.49
CA ASN W 209 -104.64 -8.50 64.66
C ASN W 209 -105.09 -7.55 63.58
N SER W 210 -104.14 -6.75 63.05
CA SER W 210 -104.41 -5.68 62.13
C SER W 210 -103.59 -5.80 60.88
N PHE W 211 -103.84 -4.86 59.96
CA PHE W 211 -103.48 -5.02 58.59
C PHE W 211 -102.98 -3.67 58.10
N ILE W 212 -102.07 -3.65 57.12
CA ILE W 212 -101.71 -2.43 56.41
C ILE W 212 -102.06 -2.65 54.97
N LEU W 213 -102.87 -1.73 54.43
CA LEU W 213 -103.20 -1.64 53.03
C LEU W 213 -102.32 -0.58 52.43
N SER W 214 -101.61 -0.91 51.34
CA SER W 214 -100.55 -0.08 50.78
C SER W 214 -100.83 0.26 49.33
N SER W 215 -100.93 1.55 48.97
CA SER W 215 -101.25 1.96 47.60
C SER W 215 -100.10 1.88 46.58
N GLU W 216 -100.37 1.94 45.24
CA GLU W 216 -99.31 2.13 44.24
C GLU W 216 -98.56 3.44 44.41
N LYS W 217 -99.26 4.47 44.93
CA LYS W 217 -98.68 5.77 45.21
C LYS W 217 -98.09 5.79 46.63
N ASN W 218 -98.02 4.65 47.33
CA ASN W 218 -97.45 4.50 48.66
C ASN W 218 -98.18 5.26 49.77
N GLN W 219 -99.50 5.40 49.65
CA GLN W 219 -100.35 5.70 50.78
C GLN W 219 -100.49 4.43 51.58
N LEU W 220 -100.12 4.47 52.88
CA LEU W 220 -100.19 3.31 53.74
C LEU W 220 -101.27 3.55 54.77
N VAL W 221 -102.23 2.61 54.86
CA VAL W 221 -103.37 2.73 55.75
C VAL W 221 -103.41 1.54 56.68
N ARG W 222 -103.43 1.78 58.01
CA ARG W 222 -103.64 0.78 59.02
C ARG W 222 -105.13 0.43 59.07
N LEU W 223 -105.47 -0.87 59.12
CA LEU W 223 -106.83 -1.34 59.23
C LEU W 223 -106.95 -2.27 60.43
N THR W 224 -107.80 -1.89 61.40
CA THR W 224 -107.93 -2.58 62.68
C THR W 224 -109.39 -2.95 62.89
N PRO W 225 -109.78 -4.22 62.76
CA PRO W 225 -111.09 -4.71 63.19
C PRO W 225 -111.39 -4.47 64.66
N ASP W 226 -112.55 -3.86 64.97
CA ASP W 226 -113.04 -3.70 66.31
C ASP W 226 -114.05 -4.84 66.57
N ALA W 227 -114.26 -5.23 67.86
CA ALA W 227 -115.19 -6.25 68.30
C ALA W 227 -116.65 -5.89 68.00
N SER W 228 -116.97 -4.58 67.80
CA SER W 228 -118.28 -4.14 67.31
C SER W 228 -118.67 -4.68 65.94
N GLY W 229 -117.66 -4.93 65.07
CA GLY W 229 -117.80 -5.24 63.66
C GLY W 229 -117.32 -4.12 62.77
N LYS W 230 -117.00 -2.94 63.34
CA LYS W 230 -116.34 -1.85 62.64
C LYS W 230 -114.92 -2.16 62.26
N MET W 231 -114.42 -1.49 61.22
CA MET W 231 -113.02 -1.52 60.87
C MET W 231 -112.51 -0.10 61.01
N ASN W 232 -111.66 0.13 62.04
CA ASN W 232 -110.98 1.40 62.25
C ASN W 232 -109.92 1.57 61.18
N GLN W 233 -109.67 2.80 60.71
CA GLN W 233 -108.61 3.02 59.76
C GLN W 233 -107.96 4.35 60.00
N ARG W 234 -106.63 4.42 59.74
CA ARG W 234 -105.90 5.66 59.76
C ARG W 234 -104.69 5.55 58.85
N VAL W 235 -104.26 6.68 58.28
CA VAL W 235 -103.04 6.80 57.49
C VAL W 235 -101.81 6.69 58.38
N LEU W 236 -100.72 6.02 57.91
CA LEU W 236 -99.47 6.00 58.65
C LEU W 236 -98.83 7.39 58.78
N PRO W 237 -98.11 7.73 59.85
CA PRO W 237 -97.36 8.98 59.93
C PRO W 237 -96.39 9.16 58.78
N GLN W 238 -96.48 10.29 58.03
CA GLN W 238 -95.68 10.57 56.85
C GLN W 238 -95.88 9.55 55.71
N GLY W 239 -97.07 8.90 55.68
CA GLY W 239 -97.41 7.83 54.76
C GLY W 239 -98.67 8.14 54.02
N GLN W 240 -98.86 9.44 53.70
CA GLN W 240 -99.99 9.99 52.97
C GLN W 240 -99.95 9.63 51.49
N GLY W 241 -98.75 9.23 51.01
CA GLY W 241 -98.45 8.67 49.70
C GLY W 241 -97.87 9.66 48.76
N MET W 242 -98.50 10.82 48.72
CA MET W 242 -98.00 11.95 47.98
C MET W 242 -97.09 12.75 48.87
N GLU W 262 -90.78 10.98 43.11
CA GLU W 262 -91.64 9.91 42.69
C GLU W 262 -91.70 8.92 43.84
N SER W 263 -92.91 8.71 44.43
CA SER W 263 -93.11 7.81 45.57
C SER W 263 -93.87 6.55 45.20
N THR W 264 -93.89 6.17 43.91
CA THR W 264 -94.45 4.91 43.39
C THR W 264 -93.92 3.71 44.15
N LEU W 265 -94.80 2.79 44.59
CA LEU W 265 -94.50 1.67 45.46
C LEU W 265 -94.12 0.40 44.72
N CYS W 266 -93.02 -0.25 45.14
CA CYS W 266 -92.57 -1.51 44.59
C CYS W 266 -92.93 -2.66 45.48
N SER W 267 -92.63 -2.55 46.79
CA SER W 267 -92.99 -3.63 47.67
C SER W 267 -93.02 -3.15 49.08
N VAL W 268 -93.50 -4.02 49.99
CA VAL W 268 -93.57 -3.77 51.40
C VAL W 268 -93.08 -4.98 52.11
N LEU W 269 -92.58 -4.81 53.35
CA LEU W 269 -92.02 -5.89 54.13
C LEU W 269 -92.46 -5.72 55.57
N TRP W 270 -92.94 -6.81 56.19
CA TRP W 270 -93.32 -6.84 57.58
C TRP W 270 -92.34 -7.74 58.32
N ASP W 271 -91.53 -7.15 59.20
CA ASP W 271 -90.43 -7.92 59.84
C ASP W 271 -90.83 -8.46 61.22
N LYS W 272 -89.82 -8.97 61.95
CA LYS W 272 -89.96 -9.52 63.32
C LYS W 272 -90.16 -8.37 64.31
N GLY W 273 -90.71 -8.64 65.49
CA GLY W 273 -91.00 -7.52 66.41
C GLY W 273 -92.05 -6.64 65.75
N ASP W 274 -91.75 -5.36 65.54
CA ASP W 274 -92.79 -4.49 64.92
C ASP W 274 -92.18 -3.55 63.86
N CYS W 275 -91.55 -4.07 62.80
CA CYS W 275 -91.08 -3.15 61.79
C CYS W 275 -91.68 -3.37 60.42
N PHE W 276 -92.27 -2.32 59.86
CA PHE W 276 -92.91 -2.35 58.56
C PHE W 276 -92.12 -1.42 57.67
N TYR W 277 -91.70 -1.93 56.50
CA TYR W 277 -90.88 -1.21 55.53
C TYR W 277 -91.65 -1.08 54.25
N THR W 278 -91.41 0.02 53.54
CA THR W 278 -91.87 0.21 52.17
C THR W 278 -90.68 0.49 51.32
N LEU W 279 -90.70 -0.09 50.10
CA LEU W 279 -89.72 0.19 49.08
C LEU W 279 -90.47 0.90 47.97
N THR W 280 -90.02 2.12 47.64
CA THR W 280 -90.57 2.94 46.57
C THR W 280 -89.52 3.04 45.47
N ASP W 281 -89.80 3.74 44.35
CA ASP W 281 -88.87 3.89 43.24
C ASP W 281 -87.63 4.73 43.58
N SER W 282 -87.72 5.56 44.63
CA SER W 282 -86.62 6.38 45.10
C SER W 282 -86.05 5.96 46.47
N SER W 283 -86.87 5.41 47.38
CA SER W 283 -86.44 5.26 48.76
C SER W 283 -87.07 4.12 49.54
N ILE W 284 -86.45 3.80 50.70
CA ILE W 284 -86.94 2.84 51.68
C ILE W 284 -87.41 3.68 52.83
N ASN W 285 -88.62 3.41 53.34
CA ASN W 285 -89.14 3.99 54.55
C ASN W 285 -89.40 2.84 55.50
N LYS W 286 -89.27 3.08 56.82
CA LYS W 286 -89.49 2.12 57.87
C LYS W 286 -90.32 2.77 58.98
N TRP W 287 -91.30 2.01 59.51
CA TRP W 287 -92.14 2.34 60.65
C TRP W 287 -91.90 1.27 61.72
N ASP W 288 -91.94 1.69 63.00
CA ASP W 288 -91.98 0.85 64.19
C ASP W 288 -93.44 0.86 64.64
N LEU W 289 -94.07 -0.31 64.87
CA LEU W 289 -95.48 -0.44 65.14
C LEU W 289 -95.67 -0.82 66.59
N ASP W 290 -96.87 -0.57 67.13
CA ASP W 290 -97.40 -1.36 68.21
C ASP W 290 -98.72 -1.97 67.70
N ASP W 291 -99.63 -2.40 68.60
CA ASP W 291 -100.91 -2.98 68.26
C ASP W 291 -101.92 -1.99 67.64
N THR W 292 -101.74 -0.65 67.80
CA THR W 292 -102.71 0.35 67.29
C THR W 292 -102.09 1.56 66.60
N SER W 293 -100.74 1.71 66.61
CA SER W 293 -100.10 2.84 66.00
C SER W 293 -98.77 2.50 65.40
N GLU W 294 -98.13 3.51 64.80
CA GLU W 294 -96.90 3.40 64.09
C GLU W 294 -96.15 4.67 64.38
N SER W 295 -94.82 4.57 64.43
CA SER W 295 -93.95 5.72 64.49
C SER W 295 -92.99 5.61 63.33
N GLN W 296 -92.91 6.67 62.49
CA GLN W 296 -91.98 6.77 61.38
C GLN W 296 -90.55 6.78 61.89
N VAL W 297 -89.71 5.84 61.43
CA VAL W 297 -88.35 5.70 61.90
C VAL W 297 -87.40 6.47 60.99
N LEU W 298 -87.50 6.24 59.65
CA LEU W 298 -86.65 6.88 58.68
C LEU W 298 -87.14 6.72 57.27
N ASN W 299 -86.67 7.60 56.37
CA ASN W 299 -86.75 7.42 54.94
C ASN W 299 -85.31 7.58 54.43
N TRP W 300 -84.80 6.59 53.68
CA TRP W 300 -83.47 6.60 53.09
C TRP W 300 -83.53 6.69 51.59
N ASP W 301 -82.97 7.77 51.02
CA ASP W 301 -82.72 7.96 49.61
C ASP W 301 -81.68 6.93 49.13
N MET W 302 -82.16 5.72 48.80
CA MET W 302 -81.32 4.60 48.42
C MET W 302 -80.87 4.73 47.00
N SER W 303 -81.60 5.54 46.22
CA SER W 303 -81.17 5.99 44.91
C SER W 303 -79.91 6.83 45.03
N ARG W 304 -79.80 7.79 45.96
CA ARG W 304 -78.53 8.45 46.21
C ARG W 304 -77.43 7.53 46.74
N VAL W 305 -77.75 6.67 47.74
CA VAL W 305 -76.78 5.79 48.39
C VAL W 305 -76.20 4.70 47.48
N LEU W 306 -77.05 3.93 46.75
CA LEU W 306 -76.61 2.67 46.15
C LEU W 306 -76.24 2.77 44.68
N ARG W 307 -76.54 3.90 44.02
CA ARG W 307 -76.45 4.08 42.59
C ARG W 307 -75.10 3.80 41.98
N GLU W 308 -74.05 4.40 42.60
CA GLU W 308 -72.65 4.19 42.24
C GLU W 308 -72.27 2.73 42.47
N TYR W 309 -72.65 2.14 43.62
CA TYR W 309 -72.32 0.77 43.97
C TYR W 309 -72.92 -0.25 43.01
N ILE W 310 -74.18 -0.02 42.56
CA ILE W 310 -74.81 -0.80 41.51
C ILE W 310 -74.18 -0.63 40.14
N SER W 311 -73.94 0.63 39.70
CA SER W 311 -73.35 0.89 38.40
C SER W 311 -71.88 0.45 38.30
N ASP W 312 -71.05 0.69 39.35
CA ASP W 312 -69.68 0.20 39.54
C ASP W 312 -69.60 -1.33 39.49
N ALA W 313 -70.53 -2.05 40.16
CA ALA W 313 -70.49 -3.50 40.16
C ALA W 313 -70.78 -4.16 38.80
N ILE W 314 -71.46 -3.44 37.89
CA ILE W 314 -71.79 -3.91 36.55
C ILE W 314 -70.79 -3.36 35.54
N TRP W 315 -70.73 -2.02 35.35
CA TRP W 315 -70.00 -1.41 34.27
C TRP W 315 -68.69 -0.77 34.75
N ILE W 328 -77.34 5.25 33.12
CA ILE W 328 -77.85 4.02 33.73
C ILE W 328 -79.21 4.18 34.36
N ASN W 329 -80.17 3.33 33.95
CA ASN W 329 -81.47 3.23 34.57
C ASN W 329 -81.40 2.18 35.65
N ILE W 330 -81.89 2.47 36.87
CA ILE W 330 -81.99 1.51 37.97
C ILE W 330 -83.43 1.52 38.45
N ASN W 331 -84.05 0.33 38.59
CA ASN W 331 -85.36 0.16 39.20
C ASN W 331 -85.22 -0.79 40.38
N TYR W 332 -85.79 -0.42 41.53
CA TYR W 332 -85.78 -1.21 42.74
C TYR W 332 -87.08 -2.00 42.76
N LEU W 333 -87.06 -3.34 42.97
CA LEU W 333 -88.25 -4.15 42.70
C LEU W 333 -88.78 -4.92 43.88
N SER W 334 -87.91 -5.31 44.83
CA SER W 334 -88.38 -6.13 45.93
C SER W 334 -87.42 -5.98 47.06
N LEU W 335 -87.92 -6.24 48.29
CA LEU W 335 -87.23 -6.00 49.52
C LEU W 335 -87.58 -7.17 50.39
N ASN W 336 -86.54 -7.81 50.93
CA ASN W 336 -86.65 -8.89 51.86
C ASN W 336 -85.53 -8.66 52.85
N GLN W 337 -85.37 -9.55 53.83
CA GLN W 337 -84.30 -9.47 54.76
C GLN W 337 -83.78 -10.85 55.10
N ASN W 338 -82.56 -10.87 55.64
CA ASN W 338 -81.91 -12.03 56.15
C ASN W 338 -81.05 -11.54 57.33
N CYS W 339 -80.15 -12.38 57.86
CA CYS W 339 -79.21 -12.07 58.93
C CYS W 339 -78.24 -10.94 58.65
N ASP W 340 -77.79 -10.82 57.39
CA ASP W 340 -76.96 -9.77 56.84
C ASP W 340 -77.69 -8.40 56.85
N GLY W 341 -79.03 -8.41 56.99
CA GLY W 341 -79.86 -7.21 57.06
C GLY W 341 -80.86 -7.20 55.94
N LEU W 342 -81.06 -6.04 55.30
CA LEU W 342 -82.05 -5.89 54.25
C LEU W 342 -81.47 -6.31 52.92
N VAL W 343 -82.25 -7.01 52.10
CA VAL W 343 -81.85 -7.53 50.81
C VAL W 343 -82.77 -6.91 49.78
N ILE W 344 -82.22 -6.11 48.85
CA ILE W 344 -82.98 -5.36 47.86
C ILE W 344 -82.68 -5.95 46.50
N LEU W 345 -83.74 -6.26 45.72
CA LEU W 345 -83.61 -6.69 44.35
C LEU W 345 -83.73 -5.47 43.46
N SER W 346 -82.71 -5.24 42.62
CA SER W 346 -82.63 -4.10 41.74
C SER W 346 -82.33 -4.54 40.34
N ALA W 347 -83.02 -3.94 39.34
CA ALA W 347 -82.73 -4.15 37.94
C ALA W 347 -82.06 -2.92 37.37
N ALA W 348 -80.95 -3.08 36.64
CA ALA W 348 -80.20 -1.98 36.06
C ALA W 348 -79.91 -2.24 34.59
N TRP W 349 -79.96 -1.20 33.74
CA TRP W 349 -79.64 -1.34 32.33
C TRP W 349 -79.19 0.00 31.76
N HIS W 350 -78.45 -0.05 30.63
CA HIS W 350 -78.03 1.12 29.89
C HIS W 350 -78.60 1.01 28.47
N PRO W 351 -79.42 1.92 27.95
CA PRO W 351 -80.02 1.80 26.60
C PRO W 351 -79.04 1.63 25.46
N GLY W 352 -77.89 2.31 25.58
CA GLY W 352 -76.87 2.40 24.55
C GLY W 352 -75.87 1.28 24.55
N ASP W 353 -76.08 0.28 25.42
CA ASP W 353 -75.22 -0.94 25.41
C ASP W 353 -75.35 -1.58 24.03
N ASN W 354 -74.23 -2.03 23.44
CA ASN W 354 -74.24 -2.59 22.05
C ASN W 354 -75.16 -3.82 21.96
N PRO W 355 -75.14 -4.75 22.93
CA PRO W 355 -76.34 -5.56 23.21
C PRO W 355 -76.87 -5.07 24.56
N CYS W 356 -78.14 -4.64 24.63
CA CYS W 356 -78.62 -4.12 25.91
C CYS W 356 -79.26 -5.23 26.70
N GLN W 357 -78.64 -5.61 27.84
CA GLN W 357 -79.14 -6.59 28.77
C GLN W 357 -79.62 -5.92 30.04
N ILE W 358 -80.49 -6.59 30.81
CA ILE W 358 -80.93 -6.13 32.12
C ILE W 358 -80.17 -6.89 33.17
N TYR W 359 -79.43 -6.20 34.04
CA TYR W 359 -78.67 -6.84 35.09
C TYR W 359 -79.48 -6.80 36.36
N TYR W 360 -79.76 -7.97 36.97
CA TYR W 360 -80.47 -8.05 38.22
C TYR W 360 -79.45 -8.18 39.32
N THR W 361 -79.54 -7.34 40.36
CA THR W 361 -78.61 -7.37 41.47
C THR W 361 -79.32 -7.58 42.77
N LEU W 362 -78.62 -8.24 43.69
CA LEU W 362 -79.01 -8.30 45.08
C LEU W 362 -78.08 -7.41 45.85
N VAL W 363 -78.67 -6.42 46.52
CA VAL W 363 -77.96 -5.43 47.30
C VAL W 363 -78.27 -5.69 48.76
N THR W 364 -77.25 -5.96 49.59
CA THR W 364 -77.44 -6.14 51.03
C THR W 364 -76.86 -4.99 51.80
N VAL W 365 -77.68 -4.43 52.73
CA VAL W 365 -77.28 -3.33 53.57
C VAL W 365 -77.77 -3.63 54.97
N LYS W 366 -77.09 -3.07 55.98
CA LYS W 366 -77.49 -3.19 57.36
C LYS W 366 -78.56 -2.15 57.70
N ASP W 367 -79.61 -2.53 58.46
CA ASP W 367 -80.54 -1.61 59.08
C ASP W 367 -80.11 -1.57 60.54
N GLU W 368 -79.29 -0.55 60.89
CA GLU W 368 -78.82 -0.37 62.24
C GLU W 368 -79.07 1.07 62.64
N GLY W 369 -80.11 1.29 63.45
CA GLY W 369 -80.49 2.62 63.90
C GLY W 369 -81.24 3.36 62.83
N TYR W 370 -80.95 4.64 62.59
CA TYR W 370 -81.70 5.39 61.61
C TYR W 370 -80.90 5.79 60.39
N ASN W 371 -79.69 5.24 60.17
CA ASN W 371 -78.85 5.71 59.10
C ASN W 371 -78.29 4.50 58.43
N ILE W 372 -77.89 4.68 57.16
CA ILE W 372 -77.23 3.68 56.38
C ILE W 372 -75.76 3.60 56.75
N SER W 373 -75.19 2.38 56.76
CA SER W 373 -73.76 2.13 56.91
C SER W 373 -73.03 2.32 55.61
N ASP W 374 -71.69 2.40 55.66
CA ASP W 374 -70.83 2.59 54.51
C ASP W 374 -70.67 1.31 53.66
N GLU W 375 -70.97 0.17 54.31
CA GLU W 375 -70.85 -1.17 53.80
C GLU W 375 -72.13 -1.60 53.08
N ILE W 376 -72.03 -1.62 51.74
CA ILE W 376 -73.04 -2.05 50.80
C ILE W 376 -72.37 -3.18 50.07
N THR W 377 -73.03 -4.35 49.90
CA THR W 377 -72.55 -5.36 48.99
C THR W 377 -73.48 -5.36 47.81
N VAL W 378 -72.94 -5.47 46.58
CA VAL W 378 -73.75 -5.64 45.39
C VAL W 378 -73.33 -6.93 44.77
N GLU W 379 -74.30 -7.84 44.57
CA GLU W 379 -74.09 -9.13 43.97
C GLU W 379 -74.92 -9.20 42.71
N VAL W 380 -74.25 -9.38 41.54
CA VAL W 380 -74.90 -9.44 40.23
C VAL W 380 -75.27 -10.87 39.89
N THR W 381 -76.56 -11.13 39.66
CA THR W 381 -77.08 -12.48 39.48
C THR W 381 -76.78 -13.04 38.08
N GLN W 382 -77.03 -14.35 37.88
CA GLN W 382 -77.04 -14.97 36.56
C GLN W 382 -78.20 -14.49 35.71
N PHE W 383 -79.26 -13.95 36.33
CA PHE W 383 -80.44 -13.62 35.56
C PHE W 383 -80.12 -12.31 34.84
N ASN W 384 -79.99 -12.42 33.50
CA ASN W 384 -79.49 -11.34 32.70
C ASN W 384 -80.19 -11.35 31.33
N PRO W 385 -81.51 -11.24 31.25
CA PRO W 385 -82.21 -11.23 29.97
C PRO W 385 -81.95 -9.96 29.19
N VAL W 386 -82.22 -10.04 27.87
CA VAL W 386 -82.22 -8.91 26.93
C VAL W 386 -83.21 -7.84 27.39
N PHE W 387 -82.88 -6.54 27.31
CA PHE W 387 -83.88 -5.51 27.50
C PHE W 387 -84.91 -5.55 26.37
N GLN W 388 -86.20 -5.54 26.77
CA GLN W 388 -87.32 -5.51 25.87
C GLN W 388 -88.09 -4.24 26.12
N ALA W 389 -88.76 -4.16 27.29
CA ALA W 389 -89.51 -3.00 27.65
C ALA W 389 -89.48 -2.91 29.15
N ARG W 390 -89.56 -1.69 29.72
CA ARG W 390 -89.56 -1.43 31.15
C ARG W 390 -90.74 -2.07 31.86
N GLY W 391 -91.92 -2.12 31.20
CA GLY W 391 -93.10 -2.79 31.73
C GLY W 391 -92.98 -4.30 31.81
N MET W 392 -91.98 -4.90 31.11
CA MET W 392 -91.72 -6.33 31.10
C MET W 392 -90.60 -6.71 32.07
N GLN W 393 -90.06 -5.73 32.82
CA GLN W 393 -89.11 -6.01 33.89
C GLN W 393 -89.77 -6.52 35.15
N LEU W 394 -90.11 -7.80 35.16
CA LEU W 394 -90.84 -8.41 36.24
C LEU W 394 -89.96 -9.48 36.82
N CYS W 395 -89.87 -9.51 38.15
CA CYS W 395 -89.00 -10.39 38.90
C CYS W 395 -89.23 -10.10 40.36
N GLN W 396 -89.38 -11.18 41.15
CA GLN W 396 -89.64 -11.11 42.56
C GLN W 396 -88.64 -11.94 43.31
N LEU W 397 -88.59 -11.69 44.63
CA LEU W 397 -87.56 -12.18 45.52
C LEU W 397 -88.17 -12.96 46.67
N VAL W 398 -87.62 -14.16 46.96
CA VAL W 398 -87.92 -14.99 48.14
C VAL W 398 -86.61 -15.30 48.85
N VAL W 399 -86.62 -15.21 50.20
CA VAL W 399 -85.50 -15.53 51.08
C VAL W 399 -86.09 -16.47 52.15
N PRO W 400 -85.97 -17.79 52.04
CA PRO W 400 -86.67 -18.70 52.94
C PRO W 400 -85.86 -18.93 54.17
N ASN W 401 -84.52 -18.94 54.02
CA ASN W 401 -83.58 -19.20 55.07
C ASN W 401 -82.94 -17.86 55.40
N PHE W 402 -83.19 -17.36 56.63
CA PHE W 402 -82.62 -16.14 57.17
C PHE W 402 -81.08 -16.15 57.32
N SER W 403 -80.41 -17.34 57.42
CA SER W 403 -79.00 -17.43 57.78
C SER W 403 -78.04 -18.13 56.80
N SER W 404 -78.55 -18.89 55.80
CA SER W 404 -77.74 -19.21 54.62
C SER W 404 -77.94 -18.04 53.69
N GLN W 405 -76.90 -17.57 52.96
CA GLN W 405 -76.98 -16.27 52.29
C GLN W 405 -77.67 -16.43 50.92
N ALA W 406 -78.80 -17.16 50.85
CA ALA W 406 -79.41 -17.66 49.63
C ALA W 406 -80.77 -17.04 49.35
N CYS W 407 -80.93 -16.62 48.09
CA CYS W 407 -82.10 -15.91 47.64
C CYS W 407 -82.57 -16.53 46.38
N TYR W 408 -83.88 -16.44 46.13
CA TYR W 408 -84.49 -17.10 45.00
C TYR W 408 -85.17 -16.02 44.23
N LEU W 409 -84.68 -15.74 43.00
CA LEU W 409 -85.32 -14.80 42.12
C LEU W 409 -86.37 -15.56 41.35
N TYR W 410 -87.53 -14.93 41.10
CA TYR W 410 -88.53 -15.59 40.31
C TYR W 410 -89.29 -14.69 39.39
N THR W 411 -89.65 -15.26 38.24
CA THR W 411 -90.62 -14.68 37.31
C THR W 411 -91.71 -15.70 37.17
N GLN W 412 -92.47 -15.70 36.05
CA GLN W 412 -93.51 -16.67 35.84
C GLN W 412 -93.02 -17.99 35.22
N GLU W 413 -91.78 -18.04 34.68
CA GLU W 413 -91.31 -19.20 33.93
C GLU W 413 -90.07 -19.85 34.52
N MET W 414 -89.40 -19.21 35.48
CA MET W 414 -88.20 -19.81 36.03
C MET W 414 -87.80 -19.16 37.34
N ILE W 415 -87.05 -19.96 38.11
CA ILE W 415 -86.53 -19.66 39.41
C ILE W 415 -85.03 -19.61 39.28
N PHE W 416 -84.36 -18.58 39.80
CA PHE W 416 -82.92 -18.53 39.88
C PHE W 416 -82.53 -18.58 41.35
N ALA W 417 -81.81 -19.66 41.74
CA ALA W 417 -81.16 -19.78 43.01
C ALA W 417 -79.92 -18.93 42.95
N CYS W 418 -79.86 -17.94 43.84
CA CYS W 418 -78.86 -16.91 43.82
C CYS W 418 -78.30 -16.78 45.21
N SER W 419 -77.19 -16.07 45.26
CA SER W 419 -76.43 -15.86 46.46
C SER W 419 -76.55 -14.38 46.85
N THR W 420 -76.29 -14.07 48.12
CA THR W 420 -76.16 -12.72 48.65
C THR W 420 -74.88 -12.64 49.44
N GLY W 421 -74.53 -11.40 49.84
CA GLY W 421 -73.48 -11.18 50.83
C GLY W 421 -72.10 -11.54 50.38
N THR W 422 -71.31 -12.18 51.25
CA THR W 422 -70.00 -12.72 50.89
C THR W 422 -70.05 -13.90 49.94
N GLY W 423 -71.16 -14.66 50.03
CA GLY W 423 -71.33 -15.90 49.30
C GLY W 423 -70.74 -17.12 49.99
N ARG W 424 -70.22 -16.98 51.22
CA ARG W 424 -69.58 -18.06 51.96
C ARG W 424 -70.43 -19.28 52.29
N SER W 425 -71.71 -19.09 52.70
CA SER W 425 -72.59 -20.20 53.05
C SER W 425 -73.63 -20.44 51.97
N THR W 426 -73.42 -19.89 50.76
CA THR W 426 -74.43 -19.93 49.72
C THR W 426 -74.51 -21.23 49.00
N LEU W 427 -75.74 -21.55 48.58
CA LEU W 427 -75.99 -22.72 47.80
C LEU W 427 -75.57 -22.52 46.33
N PRO W 428 -75.26 -23.54 45.53
CA PRO W 428 -74.89 -23.41 44.11
C PRO W 428 -75.81 -22.54 43.28
N GLN W 429 -75.29 -21.60 42.47
CA GLN W 429 -76.17 -20.81 41.64
C GLN W 429 -76.74 -21.57 40.45
N GLU W 430 -78.08 -21.62 40.33
CA GLU W 430 -78.72 -22.40 39.29
C GLU W 430 -80.04 -21.80 38.89
N LYS W 431 -80.38 -21.95 37.61
CA LYS W 431 -81.64 -21.59 37.03
C LYS W 431 -82.51 -22.84 36.92
N ILE W 432 -83.71 -22.79 37.50
CA ILE W 432 -84.62 -23.92 37.53
C ILE W 432 -85.83 -23.58 36.65
N PRO W 433 -86.10 -24.28 35.55
CA PRO W 433 -87.15 -23.90 34.61
C PRO W 433 -88.50 -24.52 34.97
N PHE W 434 -89.56 -23.71 34.92
CA PHE W 434 -90.94 -24.09 35.17
C PHE W 434 -91.78 -23.56 34.01
N GLU W 435 -91.17 -23.51 32.80
CA GLU W 435 -91.73 -22.91 31.61
C GLU W 435 -92.38 -23.93 30.68
N ALA W 436 -92.15 -25.25 30.92
CA ALA W 436 -92.39 -26.25 29.91
C ALA W 436 -93.80 -26.82 29.92
N GLN W 437 -94.51 -26.79 28.75
CA GLN W 437 -95.76 -27.52 28.53
C GLN W 437 -96.97 -26.91 29.22
N GLY W 438 -97.07 -25.57 29.19
CA GLY W 438 -98.13 -24.77 29.80
C GLY W 438 -97.87 -24.54 31.25
N ASP W 439 -96.74 -25.06 31.76
CA ASP W 439 -96.29 -24.84 33.10
C ASP W 439 -95.90 -23.40 33.40
N ASN W 440 -96.02 -23.01 34.69
CA ASN W 440 -95.80 -21.63 35.08
C ASN W 440 -95.64 -21.55 36.59
N ILE W 441 -94.88 -20.56 37.09
CA ILE W 441 -94.74 -20.19 38.48
C ILE W 441 -95.83 -19.21 38.86
N VAL W 442 -96.84 -19.72 39.60
CA VAL W 442 -97.97 -18.93 40.01
C VAL W 442 -97.65 -18.17 41.30
N GLY W 443 -96.68 -18.64 42.08
CA GLY W 443 -96.35 -17.99 43.33
C GLY W 443 -95.25 -18.72 44.02
N ALA W 444 -94.72 -18.13 45.07
CA ALA W 444 -93.62 -18.70 45.79
C ALA W 444 -93.65 -18.21 47.21
N GLY W 445 -93.00 -18.97 48.10
CA GLY W 445 -92.89 -18.56 49.49
C GLY W 445 -91.94 -19.46 50.20
N SER W 446 -92.24 -19.72 51.47
CA SER W 446 -91.41 -20.55 52.31
C SER W 446 -92.33 -21.27 53.25
N CYS W 447 -92.03 -22.53 53.59
CA CYS W 447 -92.70 -23.24 54.67
C CYS W 447 -91.56 -23.84 55.45
N GLU W 448 -91.43 -23.53 56.75
CA GLU W 448 -90.38 -24.04 57.63
C GLU W 448 -88.94 -23.75 57.18
N GLY W 449 -88.70 -22.62 56.46
CA GLY W 449 -87.38 -22.31 55.91
C GLY W 449 -87.05 -23.01 54.61
N TRP W 450 -88.01 -23.77 54.01
CA TRP W 450 -87.84 -24.47 52.76
C TRP W 450 -88.35 -23.59 51.64
N PRO W 451 -87.63 -23.28 50.55
CA PRO W 451 -88.19 -22.62 49.37
C PRO W 451 -89.37 -23.35 48.74
N VAL W 452 -90.55 -22.71 48.65
CA VAL W 452 -91.77 -23.31 48.15
C VAL W 452 -92.16 -22.60 46.89
N PHE W 453 -92.45 -23.36 45.81
CA PHE W 453 -92.99 -22.84 44.58
C PHE W 453 -94.33 -23.44 44.34
N PHE W 454 -95.28 -22.62 43.86
CA PHE W 454 -96.58 -23.09 43.46
C PHE W 454 -96.62 -23.00 41.96
N ILE W 455 -96.70 -24.18 41.36
CA ILE W 455 -96.50 -24.38 39.94
C ILE W 455 -97.79 -24.84 39.31
N ARG W 456 -98.08 -24.33 38.10
CA ARG W 456 -99.31 -24.59 37.37
C ARG W 456 -99.56 -26.07 37.07
N LYS W 457 -98.50 -26.82 36.66
CA LYS W 457 -98.59 -28.24 36.42
C LYS W 457 -98.54 -29.18 37.62
N SER W 458 -97.84 -28.78 38.70
CA SER W 458 -97.42 -29.71 39.74
C SER W 458 -97.76 -29.28 41.15
N GLY W 459 -98.49 -28.18 41.33
CA GLY W 459 -98.85 -27.70 42.67
C GLY W 459 -97.69 -27.18 43.49
N MET W 460 -97.75 -27.38 44.83
CA MET W 460 -96.67 -26.99 45.70
C MET W 460 -95.45 -27.87 45.55
N LEU W 461 -94.28 -27.25 45.40
CA LEU W 461 -93.07 -27.98 45.19
C LEU W 461 -91.99 -27.31 45.98
N THR W 462 -91.05 -28.08 46.55
CA THR W 462 -89.92 -27.50 47.28
C THR W 462 -88.69 -27.63 46.42
N VAL W 463 -87.71 -26.74 46.65
CA VAL W 463 -86.39 -26.77 46.04
C VAL W 463 -85.39 -27.03 47.12
N VAL W 464 -84.81 -28.23 47.11
CA VAL W 464 -83.90 -28.62 48.15
C VAL W 464 -82.62 -29.04 47.49
N ALA W 465 -81.47 -28.60 48.06
CA ALA W 465 -80.16 -29.03 47.61
C ALA W 465 -79.98 -30.53 47.66
N ARG W 466 -79.20 -31.12 46.73
CA ARG W 466 -78.95 -32.54 46.78
C ARG W 466 -77.85 -32.94 47.78
N LYS W 505 -97.36 -22.57 -5.79
CA LYS W 505 -97.41 -21.33 -6.64
C LYS W 505 -96.09 -20.57 -6.55
N THR W 506 -95.98 -19.42 -7.24
CA THR W 506 -94.78 -18.58 -7.29
C THR W 506 -94.38 -18.04 -5.93
N LYS W 507 -95.36 -17.77 -5.05
CA LYS W 507 -95.14 -17.35 -3.68
C LYS W 507 -94.43 -18.39 -2.81
N HIS W 508 -94.69 -19.70 -3.03
CA HIS W 508 -94.06 -20.76 -2.28
C HIS W 508 -92.62 -20.99 -2.66
N LEU W 509 -92.35 -21.01 -3.97
CA LEU W 509 -90.99 -21.11 -4.45
C LEU W 509 -90.19 -19.90 -3.99
N LYS W 510 -90.75 -18.70 -4.03
CA LYS W 510 -90.08 -17.51 -3.56
C LYS W 510 -90.03 -17.38 -2.05
N ALA W 511 -90.57 -18.34 -1.29
CA ALA W 511 -90.40 -18.38 0.15
C ALA W 511 -89.35 -19.41 0.53
N ALA W 512 -89.25 -20.52 -0.22
CA ALA W 512 -88.15 -21.43 -0.04
C ALA W 512 -86.84 -20.80 -0.49
N PHE W 513 -86.86 -20.00 -1.56
CA PHE W 513 -85.66 -19.38 -2.07
C PHE W 513 -85.12 -18.36 -1.03
N LEU W 514 -86.03 -17.73 -0.26
CA LEU W 514 -85.67 -16.89 0.86
C LEU W 514 -85.28 -17.65 2.15
N ARG W 515 -85.63 -18.93 2.29
CA ARG W 515 -85.16 -19.72 3.41
C ARG W 515 -83.82 -20.34 3.13
N TYR W 516 -83.47 -20.66 1.86
CA TYR W 516 -82.11 -20.99 1.48
C TYR W 516 -81.20 -19.80 1.70
N CYS W 517 -81.67 -18.55 1.51
CA CYS W 517 -80.82 -17.39 1.77
C CYS W 517 -80.33 -17.31 3.19
N ARG W 518 -81.19 -17.63 4.16
CA ARG W 518 -80.83 -17.69 5.55
C ARG W 518 -80.07 -18.94 5.95
N LYS W 519 -80.12 -20.04 5.17
CA LYS W 519 -79.47 -21.32 5.46
C LYS W 519 -77.96 -21.28 5.41
N ASP W 520 -77.39 -20.38 4.62
CA ASP W 520 -75.97 -20.10 4.61
C ASP W 520 -75.51 -19.49 5.94
N ILE W 521 -76.36 -18.66 6.58
CA ILE W 521 -76.03 -17.99 7.82
C ILE W 521 -76.37 -18.80 9.06
N LEU W 522 -77.63 -19.27 9.22
CA LEU W 522 -78.07 -20.02 10.38
C LEU W 522 -79.22 -20.94 10.00
N GLY W 523 -79.49 -21.98 10.79
CA GLY W 523 -80.50 -22.96 10.40
C GLY W 523 -81.80 -22.85 11.14
N ALA W 524 -81.83 -22.32 12.37
CA ALA W 524 -83.02 -22.39 13.22
C ALA W 524 -84.29 -21.80 12.61
N GLN W 525 -84.24 -20.57 12.05
CA GLN W 525 -85.37 -19.99 11.34
C GLN W 525 -85.77 -20.78 10.09
N SER W 526 -84.80 -21.30 9.33
CA SER W 526 -85.14 -21.96 8.09
C SER W 526 -85.71 -23.37 8.29
N MET W 527 -85.42 -23.96 9.46
CA MET W 527 -85.98 -25.20 9.93
C MET W 527 -87.40 -25.04 10.44
N VAL W 528 -87.83 -23.82 10.80
CA VAL W 528 -89.22 -23.61 11.17
C VAL W 528 -90.06 -23.27 9.96
N ASP W 529 -89.43 -22.80 8.86
CA ASP W 529 -90.08 -22.56 7.57
C ASP W 529 -90.02 -23.81 6.70
N SER W 530 -89.41 -24.89 7.20
CA SER W 530 -89.61 -26.23 6.67
C SER W 530 -90.58 -27.01 7.52
N LEU W 531 -90.67 -26.73 8.83
CA LEU W 531 -91.69 -27.27 9.70
C LEU W 531 -93.08 -26.69 9.42
N PHE W 532 -93.15 -25.38 9.07
CA PHE W 532 -94.36 -24.77 8.55
C PHE W 532 -94.67 -25.24 7.13
N SER W 533 -93.69 -25.86 6.45
CA SER W 533 -93.92 -26.53 5.18
C SER W 533 -94.31 -27.98 5.37
N ASP W 534 -94.68 -28.38 6.62
CA ASP W 534 -95.49 -29.55 6.87
C ASP W 534 -96.94 -29.10 7.15
N SER W 535 -97.24 -27.79 6.90
CA SER W 535 -98.58 -27.29 6.64
C SER W 535 -98.78 -27.30 5.13
N ASP W 536 -98.10 -28.23 4.44
CA ASP W 536 -98.18 -28.51 3.04
C ASP W 536 -99.50 -29.17 2.64
N MET W 537 -99.50 -29.81 1.47
CA MET W 537 -100.60 -30.61 1.00
C MET W 537 -100.53 -32.06 1.48
N GLU W 538 -99.37 -32.74 1.30
CA GLU W 538 -99.14 -34.15 1.58
C GLU W 538 -99.87 -35.22 0.70
N PRO W 539 -100.45 -35.04 -0.52
CA PRO W 539 -100.76 -36.20 -1.37
C PRO W 539 -99.64 -36.43 -2.37
N ASP W 540 -98.88 -37.51 -2.15
CA ASP W 540 -97.70 -37.96 -2.90
C ASP W 540 -97.68 -37.70 -4.41
N ASP W 541 -98.76 -38.10 -5.13
CA ASP W 541 -98.76 -38.25 -6.57
C ASP W 541 -98.61 -36.99 -7.41
N GLU W 542 -98.94 -35.78 -6.90
CA GLU W 542 -98.70 -34.58 -7.70
C GLU W 542 -98.44 -33.31 -6.90
N LEU W 543 -98.81 -33.23 -5.61
CA LEU W 543 -98.52 -32.04 -4.81
C LEU W 543 -97.14 -32.12 -4.21
N ASP W 544 -96.60 -33.34 -4.00
CA ASP W 544 -95.20 -33.50 -3.68
C ASP W 544 -94.37 -33.34 -4.95
N LEU W 545 -95.03 -33.46 -6.11
CA LEU W 545 -94.49 -33.09 -7.38
C LEU W 545 -94.73 -31.61 -7.68
N ALA W 546 -95.30 -30.86 -6.72
CA ALA W 546 -95.48 -29.42 -6.75
C ALA W 546 -94.49 -28.68 -5.86
N VAL W 547 -93.78 -29.38 -4.97
CA VAL W 547 -92.61 -28.85 -4.27
C VAL W 547 -91.38 -29.36 -4.96
N ASN W 548 -91.55 -30.36 -5.84
CA ASN W 548 -90.56 -30.81 -6.78
C ASN W 548 -90.25 -29.80 -7.85
N GLN W 549 -91.32 -29.18 -8.40
CA GLN W 549 -91.21 -28.20 -9.44
C GLN W 549 -90.76 -26.87 -8.83
N ILE W 550 -90.56 -26.84 -7.51
CA ILE W 550 -89.97 -25.74 -6.78
C ILE W 550 -88.49 -25.96 -6.57
N SER W 551 -88.08 -27.15 -6.07
CA SER W 551 -86.68 -27.49 -5.92
C SER W 551 -85.97 -27.58 -7.24
N VAL W 552 -86.64 -28.07 -8.29
CA VAL W 552 -86.17 -27.98 -9.66
C VAL W 552 -86.06 -26.55 -10.22
N ASP W 553 -87.01 -25.64 -9.94
CA ASP W 553 -86.98 -24.29 -10.45
C ASP W 553 -85.86 -23.45 -9.81
N LEU W 554 -85.40 -23.83 -8.60
CA LEU W 554 -84.24 -23.20 -7.98
C LEU W 554 -82.90 -23.79 -8.41
N ILE W 555 -82.86 -25.08 -8.77
CA ILE W 555 -81.69 -25.67 -9.39
C ILE W 555 -81.57 -25.25 -10.82
N ASP W 556 -82.53 -24.50 -11.40
CA ASP W 556 -82.40 -23.91 -12.71
C ASP W 556 -82.04 -22.44 -12.60
N ASP W 557 -82.29 -21.81 -11.44
CA ASP W 557 -81.86 -20.44 -11.19
C ASP W 557 -80.46 -20.41 -10.56
N TYR W 558 -79.96 -21.49 -9.90
CA TYR W 558 -78.58 -21.51 -9.43
C TYR W 558 -77.53 -21.73 -10.55
N PRO W 559 -77.78 -22.50 -11.63
CA PRO W 559 -77.02 -22.53 -12.88
C PRO W 559 -77.22 -21.34 -13.79
N ALA W 560 -78.35 -20.61 -13.69
CA ALA W 560 -78.54 -19.40 -14.48
C ALA W 560 -77.65 -18.22 -14.09
N SER W 561 -78.10 -16.98 -14.32
CA SER W 561 -77.47 -15.77 -13.79
C SER W 561 -77.38 -15.73 -12.27
N ASP W 562 -77.19 -14.55 -11.64
CA ASP W 562 -77.47 -14.36 -10.22
C ASP W 562 -78.84 -14.97 -9.79
N PRO W 563 -78.83 -15.99 -8.94
CA PRO W 563 -80.03 -16.72 -8.58
C PRO W 563 -80.99 -15.88 -7.75
N ARG W 564 -82.30 -15.93 -8.00
CA ARG W 564 -83.30 -15.10 -7.32
C ARG W 564 -83.46 -15.27 -5.80
N TRP W 565 -82.71 -16.17 -5.14
CA TRP W 565 -82.58 -16.28 -3.69
C TRP W 565 -81.71 -15.17 -3.09
N ALA W 566 -80.73 -14.70 -3.91
CA ALA W 566 -79.81 -13.64 -3.59
C ALA W 566 -80.52 -12.32 -3.44
N GLU W 567 -79.91 -11.39 -2.66
CA GLU W 567 -80.34 -10.01 -2.42
C GLU W 567 -80.30 -9.80 -0.92
N SER W 568 -81.20 -10.49 -0.19
CA SER W 568 -81.31 -10.46 1.26
C SER W 568 -80.05 -10.91 1.98
N VAL W 569 -79.48 -12.05 1.52
CA VAL W 569 -78.22 -12.54 2.01
C VAL W 569 -77.25 -12.40 0.86
N PRO W 570 -76.13 -11.68 1.01
CA PRO W 570 -75.25 -11.46 -0.12
C PRO W 570 -74.09 -12.42 0.06
N GLU W 571 -74.41 -13.72 -0.09
CA GLU W 571 -73.48 -14.83 -0.05
C GLU W 571 -72.65 -14.88 -1.34
N GLU W 572 -72.30 -16.08 -1.82
CA GLU W 572 -71.60 -16.31 -3.08
C GLU W 572 -72.57 -16.26 -4.25
N ALA W 573 -73.85 -15.98 -3.95
CA ALA W 573 -74.89 -15.76 -4.91
C ALA W 573 -74.75 -14.46 -5.66
N ALA W 574 -74.37 -13.37 -4.96
CA ALA W 574 -74.30 -11.98 -5.41
C ALA W 574 -74.22 -11.68 -6.89
N GLY W 575 -74.96 -10.64 -7.35
CA GLY W 575 -75.01 -10.19 -8.74
C GLY W 575 -73.69 -9.76 -9.29
N PHE W 576 -72.86 -10.77 -9.61
CA PHE W 576 -71.56 -10.64 -10.20
C PHE W 576 -71.67 -9.96 -11.53
N SER W 577 -70.79 -8.98 -11.77
CA SER W 577 -70.84 -8.19 -12.97
C SER W 577 -70.74 -9.04 -14.24
N ASN W 578 -71.66 -8.80 -15.17
CA ASN W 578 -71.74 -9.50 -16.44
C ASN W 578 -70.89 -8.77 -17.47
N THR W 579 -70.22 -7.68 -17.04
CA THR W 579 -69.21 -6.99 -17.83
C THR W 579 -67.84 -7.37 -17.32
N SER W 580 -67.75 -8.29 -16.32
CA SER W 580 -66.49 -8.83 -15.85
C SER W 580 -65.88 -9.81 -16.86
N LEU W 581 -64.57 -10.05 -16.75
CA LEU W 581 -63.90 -11.08 -17.52
C LEU W 581 -63.78 -12.32 -16.66
N ILE W 582 -64.24 -12.22 -15.41
CA ILE W 582 -64.29 -13.32 -14.47
C ILE W 582 -65.49 -14.17 -14.77
N LEU W 583 -65.43 -14.91 -15.87
CA LEU W 583 -66.49 -15.82 -16.23
C LEU W 583 -66.20 -17.17 -15.62
N LEU W 584 -64.98 -17.75 -15.75
CA LEU W 584 -64.75 -19.06 -15.16
C LEU W 584 -64.83 -19.14 -13.64
N HIS W 585 -64.12 -18.25 -12.89
CA HIS W 585 -64.21 -18.22 -11.42
C HIS W 585 -65.62 -17.93 -10.95
N GLN W 586 -66.40 -17.13 -11.72
CA GLN W 586 -67.78 -16.83 -11.39
C GLN W 586 -68.68 -18.05 -11.51
N LEU W 587 -68.36 -18.99 -12.40
CA LEU W 587 -69.11 -20.21 -12.58
C LEU W 587 -68.65 -21.34 -11.69
N GLU W 588 -67.39 -21.31 -11.19
CA GLU W 588 -66.92 -22.15 -10.09
C GLU W 588 -67.68 -21.85 -8.79
N ASP W 589 -67.87 -20.56 -8.47
CA ASP W 589 -68.73 -20.06 -7.40
C ASP W 589 -70.16 -20.59 -7.51
N LYS W 590 -70.66 -20.87 -8.72
CA LYS W 590 -72.01 -21.38 -8.90
C LYS W 590 -72.11 -22.90 -8.81
N MET W 591 -71.01 -23.64 -8.96
CA MET W 591 -70.98 -25.07 -8.65
C MET W 591 -70.83 -25.27 -7.17
N LYS W 592 -70.17 -24.33 -6.46
CA LYS W 592 -70.19 -24.30 -5.02
C LYS W 592 -71.53 -23.87 -4.45
N ALA W 593 -72.16 -22.83 -5.02
CA ALA W 593 -73.51 -22.43 -4.65
C ALA W 593 -74.55 -23.52 -4.86
N HIS W 594 -74.43 -24.30 -5.96
CA HIS W 594 -75.30 -25.44 -6.19
C HIS W 594 -74.91 -26.65 -5.32
N SER W 595 -73.72 -26.64 -4.70
CA SER W 595 -73.26 -27.68 -3.78
C SER W 595 -73.75 -27.43 -2.36
N PHE W 596 -73.66 -26.18 -1.85
CA PHE W 596 -74.27 -25.85 -0.58
C PHE W 596 -75.79 -25.85 -0.68
N PHE W 597 -76.33 -25.61 -1.88
CA PHE W 597 -77.73 -25.82 -2.14
C PHE W 597 -78.18 -27.27 -2.01
N VAL W 598 -77.41 -28.28 -2.44
CA VAL W 598 -77.82 -29.67 -2.28
C VAL W 598 -77.71 -30.12 -0.83
N ASP W 599 -76.71 -29.60 -0.09
CA ASP W 599 -76.56 -29.79 1.34
C ASP W 599 -77.66 -29.16 2.20
N PHE W 600 -78.18 -27.98 1.81
CA PHE W 600 -79.22 -27.29 2.54
C PHE W 600 -80.61 -27.72 2.10
N LEU W 601 -80.64 -28.70 1.19
CA LEU W 601 -81.76 -29.58 0.99
C LEU W 601 -81.59 -30.83 1.86
N HIS W 602 -80.45 -31.54 1.80
CA HIS W 602 -80.22 -32.78 2.54
C HIS W 602 -80.45 -32.68 4.05
N GLN W 603 -80.01 -31.59 4.70
CA GLN W 603 -80.29 -31.35 6.10
C GLN W 603 -81.70 -30.95 6.47
N VAL W 604 -82.32 -30.11 5.65
CA VAL W 604 -83.72 -29.66 5.93
C VAL W 604 -84.56 -29.61 4.66
N GLY W 605 -84.81 -30.75 4.00
CA GLY W 605 -85.65 -30.73 2.78
C GLY W 605 -85.45 -31.92 1.86
N LEU W 606 -85.91 -31.76 0.61
CA LEU W 606 -85.82 -32.71 -0.54
C LEU W 606 -85.63 -34.17 -0.13
N PHE W 607 -86.36 -34.64 0.89
CA PHE W 607 -86.28 -36.08 1.27
C PHE W 607 -87.48 -36.82 0.65
N SER W 608 -87.85 -36.41 -0.56
CA SER W 608 -88.98 -36.94 -1.33
C SER W 608 -88.99 -36.44 -2.77
N ARG W 609 -90.16 -35.98 -3.28
CA ARG W 609 -90.44 -35.29 -4.53
C ARG W 609 -89.65 -35.60 -5.79
N LEU W 610 -90.26 -36.25 -6.81
CA LEU W 610 -89.55 -36.78 -7.96
C LEU W 610 -90.34 -36.70 -9.31
N SER W 611 -90.43 -35.52 -10.00
CA SER W 611 -91.20 -35.33 -11.27
C SER W 611 -90.39 -35.35 -12.55
N THR W 612 -89.35 -36.18 -12.72
CA THR W 612 -88.57 -36.16 -13.96
C THR W 612 -89.32 -36.54 -15.18
N CYS W 613 -90.06 -37.65 -15.09
CA CYS W 613 -90.95 -38.14 -16.12
C CYS W 613 -90.27 -38.29 -17.48
N GLN W 614 -90.66 -37.45 -18.45
CA GLN W 614 -90.10 -37.43 -19.78
C GLN W 614 -89.68 -36.03 -20.17
N THR W 615 -88.39 -35.83 -20.56
CA THR W 615 -87.87 -34.55 -20.99
C THR W 615 -86.99 -34.77 -22.20
N LYS W 616 -87.28 -34.17 -23.36
CA LYS W 616 -86.43 -34.22 -24.56
C LYS W 616 -86.03 -35.63 -25.05
N GLY W 617 -86.98 -36.60 -24.97
CA GLY W 617 -86.72 -38.00 -25.33
C GLY W 617 -86.05 -38.81 -24.25
N MET W 618 -85.76 -38.21 -23.09
CA MET W 618 -85.12 -38.89 -22.00
C MET W 618 -86.13 -39.22 -20.94
N LEU W 619 -86.09 -40.49 -20.47
CA LEU W 619 -86.88 -40.94 -19.34
C LEU W 619 -85.92 -41.06 -18.20
N VAL W 620 -86.38 -40.69 -17.02
CA VAL W 620 -85.55 -40.51 -15.87
C VAL W 620 -86.39 -40.98 -14.70
N ALA W 621 -85.86 -41.80 -13.80
CA ALA W 621 -86.63 -42.32 -12.67
C ALA W 621 -87.13 -41.29 -11.66
N THR W 622 -86.28 -40.31 -11.27
CA THR W 622 -86.51 -39.49 -10.07
C THR W 622 -86.02 -38.05 -10.27
N ARG W 623 -86.72 -36.96 -9.79
CA ARG W 623 -86.27 -35.53 -9.87
C ARG W 623 -84.90 -35.30 -9.36
N LEU W 624 -84.49 -36.06 -8.37
CA LEU W 624 -83.14 -36.02 -7.87
C LEU W 624 -82.05 -36.36 -8.90
N LEU W 625 -82.38 -37.10 -9.98
CA LEU W 625 -81.53 -37.18 -11.17
C LEU W 625 -81.36 -35.84 -11.88
N LEU W 626 -82.35 -34.92 -11.83
CA LEU W 626 -82.19 -33.56 -12.36
C LEU W 626 -81.22 -32.69 -11.57
N SER W 627 -81.04 -32.91 -10.24
CA SER W 627 -79.95 -32.21 -9.52
C SER W 627 -78.61 -32.70 -10.00
N GLU W 628 -78.41 -34.03 -10.05
CA GLU W 628 -77.23 -34.66 -10.62
C GLU W 628 -76.99 -34.24 -12.09
N HIS W 629 -78.04 -34.18 -12.92
CA HIS W 629 -77.97 -33.72 -14.30
C HIS W 629 -77.61 -32.24 -14.45
N ALA W 630 -78.12 -31.35 -13.60
CA ALA W 630 -77.71 -29.94 -13.61
C ALA W 630 -76.30 -29.74 -13.06
N GLU W 631 -75.84 -30.58 -12.10
CA GLU W 631 -74.45 -30.65 -11.69
C GLU W 631 -73.49 -31.15 -12.78
N LYS W 632 -73.83 -32.24 -13.52
CA LYS W 632 -72.97 -32.75 -14.58
C LYS W 632 -72.81 -31.74 -15.71
N LEU W 633 -73.89 -31.00 -16.00
CA LEU W 633 -73.90 -29.97 -17.00
C LEU W 633 -73.55 -28.62 -16.41
N SER W 634 -73.07 -28.55 -15.15
CA SER W 634 -72.31 -27.40 -14.68
C SER W 634 -70.83 -27.74 -14.55
N ALA W 635 -70.45 -29.02 -14.65
CA ALA W 635 -69.07 -29.42 -14.83
C ALA W 635 -68.66 -29.36 -16.30
N ALA W 636 -69.60 -29.61 -17.21
CA ALA W 636 -69.41 -29.46 -18.64
C ALA W 636 -69.06 -28.05 -19.08
N ILE W 637 -69.74 -27.06 -18.47
CA ILE W 637 -69.55 -25.65 -18.71
C ILE W 637 -68.19 -25.16 -18.28
N VAL W 638 -67.68 -25.56 -17.10
CA VAL W 638 -66.37 -25.16 -16.62
C VAL W 638 -65.27 -25.80 -17.44
N LEU W 639 -65.52 -26.99 -18.01
CA LEU W 639 -64.59 -27.66 -18.89
C LEU W 639 -64.40 -26.93 -20.23
N LYS W 640 -65.49 -26.42 -20.83
CA LYS W 640 -65.38 -25.66 -22.08
C LYS W 640 -65.17 -24.16 -21.86
N ASN W 641 -65.17 -23.73 -20.60
CA ASN W 641 -64.66 -22.43 -20.20
C ASN W 641 -63.15 -22.51 -19.97
N HIS W 642 -62.64 -23.66 -19.47
CA HIS W 642 -61.20 -23.94 -19.36
C HIS W 642 -60.52 -24.01 -20.72
N HIS W 643 -61.21 -24.59 -21.72
CA HIS W 643 -60.76 -24.56 -23.10
C HIS W 643 -61.40 -23.45 -23.91
N ALA W 644 -60.76 -22.28 -23.99
CA ALA W 644 -61.24 -21.18 -24.79
C ALA W 644 -60.23 -20.83 -25.87
N LYS W 645 -60.58 -21.07 -27.13
CA LYS W 645 -59.72 -20.75 -28.26
C LYS W 645 -60.62 -20.28 -29.38
N LEU W 646 -60.06 -19.53 -30.36
CA LEU W 646 -60.82 -18.94 -31.44
C LEU W 646 -61.73 -19.90 -32.23
N PRO W 647 -61.39 -21.13 -32.68
CA PRO W 647 -62.36 -22.02 -33.31
C PRO W 647 -63.60 -22.32 -32.48
N VAL W 648 -63.44 -22.64 -31.17
CA VAL W 648 -64.58 -22.98 -30.33
C VAL W 648 -65.47 -21.78 -30.02
N LEU W 649 -64.87 -20.60 -29.78
CA LEU W 649 -65.59 -19.36 -29.57
C LEU W 649 -66.31 -18.86 -30.84
N VAL W 650 -65.82 -19.20 -32.04
CA VAL W 650 -66.55 -18.96 -33.26
C VAL W 650 -67.74 -19.89 -33.41
N ASN W 651 -67.56 -21.20 -33.18
CA ASN W 651 -68.60 -22.20 -33.20
C ASN W 651 -69.70 -21.90 -32.16
N SER W 652 -69.32 -21.38 -30.98
CA SER W 652 -70.26 -20.83 -30.02
C SER W 652 -71.06 -19.64 -30.50
N ALA W 653 -70.43 -18.57 -31.03
CA ALA W 653 -71.11 -17.38 -31.51
C ALA W 653 -72.14 -17.68 -32.60
N ILE W 654 -71.84 -18.64 -33.51
CA ILE W 654 -72.80 -19.16 -34.48
C ILE W 654 -73.99 -19.85 -33.84
N GLN W 655 -73.78 -20.73 -32.85
CA GLN W 655 -74.83 -21.44 -32.11
C GLN W 655 -75.78 -20.51 -31.41
N LEU W 656 -75.27 -19.53 -30.67
CA LEU W 656 -76.02 -18.58 -29.88
C LEU W 656 -76.88 -17.66 -30.73
N ALA W 657 -76.35 -17.23 -31.89
CA ALA W 657 -77.06 -16.44 -32.88
C ALA W 657 -78.12 -17.21 -33.66
N LEU W 658 -77.99 -18.54 -33.76
CA LEU W 658 -79.04 -19.39 -34.31
C LEU W 658 -80.21 -19.59 -33.37
N ASP W 659 -79.96 -19.82 -32.06
CA ASP W 659 -81.02 -19.94 -31.07
C ASP W 659 -81.81 -18.64 -30.88
N LYS W 660 -81.12 -17.47 -30.81
CA LYS W 660 -81.77 -16.17 -30.76
C LYS W 660 -80.79 -15.03 -31.03
N ARG W 661 -81.26 -13.77 -31.08
CA ARG W 661 -80.36 -12.65 -31.15
C ARG W 661 -79.70 -12.31 -29.82
N MET W 662 -78.54 -11.63 -29.88
CA MET W 662 -77.80 -11.23 -28.71
C MET W 662 -77.88 -9.73 -28.55
N CYS W 663 -77.92 -9.26 -27.29
CA CYS W 663 -77.77 -7.86 -26.98
C CYS W 663 -76.38 -7.37 -27.34
N THR W 664 -76.28 -6.22 -28.03
CA THR W 664 -75.01 -5.68 -28.51
C THR W 664 -74.53 -4.52 -27.67
N VAL W 665 -75.00 -4.45 -26.40
CA VAL W 665 -74.49 -3.53 -25.40
C VAL W 665 -73.29 -4.23 -24.74
N THR W 670 -70.57 -14.89 -26.48
CA THR W 670 -71.70 -13.96 -26.47
C THR W 670 -72.55 -13.95 -25.22
N ALA W 671 -72.81 -15.09 -24.58
CA ALA W 671 -73.20 -15.11 -23.17
C ALA W 671 -72.97 -16.52 -22.73
N ALA W 672 -73.14 -16.86 -21.43
CA ALA W 672 -73.01 -18.25 -21.06
C ALA W 672 -73.95 -18.76 -20.01
N ASP W 673 -74.41 -17.95 -19.05
CA ASP W 673 -75.28 -18.36 -17.95
C ASP W 673 -76.57 -19.08 -18.39
N VAL W 674 -77.10 -18.74 -19.57
CA VAL W 674 -78.28 -19.40 -20.11
C VAL W 674 -77.95 -20.57 -21.02
N TYR W 675 -76.68 -20.72 -21.42
CA TYR W 675 -76.19 -21.75 -22.32
C TYR W 675 -75.44 -22.77 -21.50
N PHE W 676 -75.70 -22.77 -20.19
CA PHE W 676 -75.19 -23.71 -19.22
C PHE W 676 -76.33 -24.54 -18.71
N ARG W 677 -77.46 -23.89 -18.39
CA ARG W 677 -78.75 -24.54 -18.23
C ARG W 677 -79.11 -25.30 -19.51
N GLU W 678 -78.69 -24.75 -20.68
CA GLU W 678 -78.75 -25.46 -21.95
C GLU W 678 -77.42 -25.51 -22.71
N VAL W 679 -76.37 -26.15 -22.13
CA VAL W 679 -75.10 -26.39 -22.82
C VAL W 679 -75.18 -27.54 -23.81
N SER W 680 -76.20 -28.40 -23.70
CA SER W 680 -76.42 -29.55 -24.57
C SER W 680 -76.61 -29.18 -26.03
N GLN W 681 -77.13 -27.97 -26.26
CA GLN W 681 -77.32 -27.39 -27.57
C GLN W 681 -76.03 -26.91 -28.21
N MET W 682 -75.00 -26.60 -27.41
CA MET W 682 -73.73 -26.07 -27.90
C MET W 682 -72.77 -27.18 -28.27
N GLU W 683 -73.32 -28.39 -28.34
CA GLU W 683 -72.62 -29.55 -28.77
C GLU W 683 -73.17 -30.11 -30.05
N ILE W 684 -74.48 -29.89 -30.32
CA ILE W 684 -75.11 -30.30 -31.58
C ILE W 684 -74.80 -29.27 -32.65
N ILE W 685 -74.34 -28.07 -32.25
CA ILE W 685 -74.03 -27.00 -33.19
C ILE W 685 -72.53 -26.80 -33.37
N PHE W 686 -71.66 -27.25 -32.44
CA PHE W 686 -70.22 -27.10 -32.63
C PHE W 686 -69.72 -28.32 -33.38
N GLU W 687 -70.68 -29.18 -33.76
CA GLU W 687 -70.60 -30.26 -34.72
C GLU W 687 -71.05 -29.79 -36.10
N CYS W 688 -72.18 -29.07 -36.22
CA CYS W 688 -72.61 -28.47 -37.48
C CYS W 688 -71.68 -27.37 -37.98
N LEU W 689 -70.81 -26.87 -37.10
CA LEU W 689 -69.77 -25.93 -37.44
C LEU W 689 -68.44 -26.61 -37.59
N VAL W 690 -68.34 -27.93 -37.33
CA VAL W 690 -67.19 -28.70 -37.74
C VAL W 690 -67.46 -29.25 -39.12
N ASP W 691 -68.74 -29.45 -39.53
CA ASP W 691 -69.18 -29.89 -40.84
C ASP W 691 -69.17 -28.80 -41.90
N LYS W 692 -69.49 -27.56 -41.54
CA LYS W 692 -69.37 -26.45 -42.47
C LYS W 692 -67.98 -25.89 -42.54
N GLU W 693 -67.20 -26.07 -41.47
CA GLU W 693 -65.76 -26.01 -41.57
C GLU W 693 -65.29 -27.16 -42.41
N GLU W 694 -65.71 -28.44 -42.24
CA GLU W 694 -65.39 -29.59 -43.09
C GLU W 694 -65.68 -29.47 -44.58
N ALA W 695 -66.75 -28.79 -44.99
CA ALA W 695 -67.04 -28.51 -46.39
C ALA W 695 -65.95 -27.68 -47.08
N ASP W 696 -65.32 -26.78 -46.30
CA ASP W 696 -64.20 -25.97 -46.71
C ASP W 696 -62.85 -26.55 -46.22
N LEU W 697 -62.82 -27.78 -45.63
CA LEU W 697 -61.59 -28.48 -45.22
C LEU W 697 -60.76 -28.93 -46.40
N GLU W 698 -61.40 -28.96 -47.58
CA GLU W 698 -60.77 -29.39 -48.85
C GLU W 698 -60.04 -30.72 -48.62
N SER W 699 -60.35 -31.38 -47.49
CA SER W 699 -59.70 -32.64 -47.05
C SER W 699 -60.35 -33.85 -47.70
N THR W 700 -60.28 -33.90 -49.04
CA THR W 700 -60.81 -35.02 -49.86
C THR W 700 -59.58 -35.85 -50.25
N SER W 701 -58.53 -35.14 -50.69
CA SER W 701 -57.22 -35.72 -51.06
C SER W 701 -56.35 -35.87 -49.79
N ILE W 702 -55.28 -36.65 -49.89
CA ILE W 702 -54.32 -36.90 -48.75
C ILE W 702 -53.51 -35.65 -48.40
N ASP W 703 -53.36 -34.71 -49.36
CA ASP W 703 -52.54 -33.49 -49.17
C ASP W 703 -53.08 -32.63 -48.01
N SER W 704 -54.41 -32.48 -47.89
CA SER W 704 -54.99 -31.65 -46.80
C SER W 704 -54.61 -32.25 -45.45
N VAL W 705 -54.26 -31.40 -44.47
CA VAL W 705 -53.85 -31.92 -43.12
C VAL W 705 -54.32 -30.98 -42.01
N GLU W 706 -53.98 -29.69 -42.08
CA GLU W 706 -54.33 -28.73 -41.04
C GLU W 706 -55.80 -28.78 -40.75
N TRP W 707 -56.56 -29.07 -41.80
CA TRP W 707 -57.97 -29.17 -41.77
C TRP W 707 -58.48 -30.50 -41.17
N ALA W 708 -57.66 -31.56 -41.17
CA ALA W 708 -57.96 -32.78 -40.41
C ALA W 708 -57.42 -32.70 -38.99
N ASN W 709 -56.73 -31.59 -38.65
CA ASN W 709 -56.30 -31.35 -37.29
C ASN W 709 -57.34 -30.55 -36.51
N ILE W 710 -58.17 -29.75 -37.19
CA ILE W 710 -59.22 -28.98 -36.54
C ILE W 710 -60.45 -29.82 -36.23
N VAL W 711 -60.70 -30.87 -37.04
CA VAL W 711 -61.79 -31.81 -36.80
C VAL W 711 -61.50 -32.67 -35.58
N VAL W 712 -60.20 -32.90 -35.28
CA VAL W 712 -59.76 -33.63 -34.11
C VAL W 712 -59.77 -32.78 -32.85
N ASN W 713 -59.43 -31.48 -32.93
CA ASN W 713 -59.51 -30.54 -31.81
C ASN W 713 -60.90 -30.38 -31.23
N VAL W 714 -61.96 -30.44 -32.06
CA VAL W 714 -63.33 -30.50 -31.57
C VAL W 714 -63.66 -31.87 -30.95
N ASN W 715 -63.19 -32.98 -31.57
CA ASN W 715 -63.36 -34.34 -31.05
C ASN W 715 -62.75 -34.52 -29.68
N THR W 716 -61.58 -33.91 -29.39
CA THR W 716 -60.98 -33.92 -28.07
C THR W 716 -61.80 -33.20 -27.01
N ILE W 717 -62.35 -32.00 -27.30
CA ILE W 717 -63.17 -31.23 -26.37
C ILE W 717 -64.55 -31.80 -26.08
N LEU W 718 -65.29 -32.31 -27.10
CA LEU W 718 -66.55 -32.98 -26.83
C LEU W 718 -66.32 -34.25 -26.02
N LYS W 719 -65.18 -34.92 -26.25
CA LYS W 719 -64.77 -36.06 -25.47
C LYS W 719 -64.44 -35.80 -24.01
N ASP W 720 -63.57 -34.82 -23.69
CA ASP W 720 -63.21 -34.56 -22.31
C ASP W 720 -64.34 -33.91 -21.53
N MET W 721 -65.24 -33.17 -22.21
CA MET W 721 -66.56 -32.85 -21.68
C MET W 721 -67.42 -34.04 -21.30
N LEU W 722 -67.40 -35.14 -22.05
CA LEU W 722 -68.09 -36.34 -21.59
C LEU W 722 -67.32 -37.06 -20.48
N HIS W 723 -65.98 -36.95 -20.41
CA HIS W 723 -65.15 -37.42 -19.30
C HIS W 723 -65.51 -36.73 -17.98
N VAL W 724 -65.77 -35.41 -18.01
CA VAL W 724 -66.16 -34.61 -16.87
C VAL W 724 -67.54 -34.92 -16.34
N ALA W 725 -68.50 -35.28 -17.20
CA ALA W 725 -69.81 -35.67 -16.73
C ALA W 725 -69.75 -37.02 -16.02
N CYS W 726 -68.86 -37.91 -16.47
CA CYS W 726 -68.62 -39.21 -15.86
C CYS W 726 -67.98 -39.16 -14.49
N GLN W 727 -66.91 -38.36 -14.31
CA GLN W 727 -66.22 -38.30 -13.03
C GLN W 727 -67.00 -37.52 -11.99
N TYR W 728 -67.99 -36.72 -12.41
CA TYR W 728 -68.86 -36.03 -11.49
C TYR W 728 -70.04 -36.92 -11.12
N ARG W 729 -70.12 -38.13 -11.72
CA ARG W 729 -71.03 -39.17 -11.33
C ARG W 729 -70.31 -40.30 -10.61
N GLN W 730 -69.00 -40.14 -10.43
CA GLN W 730 -68.21 -40.95 -9.52
C GLN W 730 -68.14 -40.27 -8.17
N SER W 731 -68.17 -38.93 -8.14
CA SER W 731 -68.26 -38.13 -6.93
C SER W 731 -69.68 -38.04 -6.40
N LYS W 732 -70.33 -39.20 -6.19
CA LYS W 732 -71.62 -39.32 -5.56
C LYS W 732 -71.62 -38.94 -4.07
N ASN W 733 -72.81 -38.99 -3.42
CA ASN W 733 -72.97 -38.71 -2.01
C ASN W 733 -73.77 -39.81 -1.32
N SER W 734 -74.56 -40.58 -2.10
CA SER W 734 -75.31 -41.73 -1.62
C SER W 734 -74.43 -42.82 -1.05
N LEU W 735 -74.81 -43.41 0.09
CA LEU W 735 -74.04 -44.44 0.74
C LEU W 735 -74.47 -45.81 0.23
N TYR W 736 -75.42 -45.86 -0.72
CA TYR W 736 -75.84 -47.08 -1.39
C TYR W 736 -75.50 -47.01 -2.88
N LYS W 737 -75.63 -45.82 -3.49
CA LYS W 737 -75.37 -45.65 -4.92
C LYS W 737 -73.93 -45.28 -5.12
N ASN W 738 -73.08 -46.27 -5.46
CA ASN W 738 -71.66 -46.09 -5.66
C ASN W 738 -70.97 -45.76 -4.34
N GLU W 739 -70.84 -46.74 -3.42
CA GLU W 739 -70.26 -46.58 -2.09
C GLU W 739 -68.83 -45.98 -2.11
N SER W 740 -68.02 -46.36 -3.12
CA SER W 740 -66.71 -45.76 -3.40
C SER W 740 -66.81 -44.26 -3.67
N GLY W 741 -65.92 -43.42 -3.07
CA GLY W 741 -66.06 -41.96 -3.14
C GLY W 741 -66.85 -41.39 -1.99
N ILE W 742 -67.31 -42.25 -1.06
CA ILE W 742 -68.12 -41.87 0.07
C ILE W 742 -67.33 -42.12 1.36
N GLN W 743 -67.84 -42.99 2.26
CA GLN W 743 -67.18 -43.37 3.50
C GLN W 743 -66.40 -44.66 3.27
N GLU W 744 -66.40 -45.13 2.00
CA GLU W 744 -65.78 -46.36 1.56
C GLU W 744 -64.67 -46.04 0.57
N PRO W 745 -63.66 -46.90 0.37
CA PRO W 745 -62.50 -46.61 -0.47
C PRO W 745 -62.79 -46.12 -1.88
N GLU W 746 -62.21 -44.97 -2.29
CA GLU W 746 -62.38 -44.40 -3.60
C GLU W 746 -61.32 -44.85 -4.61
N HIS W 747 -60.55 -45.88 -4.23
CA HIS W 747 -59.47 -46.46 -5.03
C HIS W 747 -60.00 -47.32 -6.17
N VAL W 748 -61.30 -47.63 -6.15
CA VAL W 748 -61.97 -48.44 -7.15
C VAL W 748 -63.23 -47.69 -7.57
N PRO W 749 -63.31 -46.96 -8.67
CA PRO W 749 -64.53 -46.25 -9.00
C PRO W 749 -65.60 -47.20 -9.49
N TRP W 750 -66.88 -46.82 -9.32
CA TRP W 750 -67.99 -47.57 -9.87
C TRP W 750 -68.17 -47.24 -11.32
N THR W 751 -69.01 -48.03 -12.04
CA THR W 751 -69.39 -47.85 -13.45
C THR W 751 -69.17 -46.45 -14.00
N ALA W 752 -68.31 -46.29 -15.03
CA ALA W 752 -67.80 -44.97 -15.41
C ALA W 752 -68.78 -44.19 -16.27
N SER W 753 -70.03 -44.66 -16.32
CA SER W 753 -71.19 -44.04 -16.90
C SER W 753 -71.56 -42.76 -16.20
N SER W 754 -72.10 -41.79 -16.95
CA SER W 754 -72.63 -40.60 -16.34
C SER W 754 -74.06 -40.79 -15.86
N GLY W 755 -74.68 -41.98 -16.08
CA GLY W 755 -76.10 -42.21 -15.76
C GLY W 755 -77.01 -41.30 -16.55
N THR W 756 -76.53 -40.90 -17.73
CA THR W 756 -77.28 -40.15 -18.72
C THR W 756 -78.36 -41.03 -19.29
N ALA W 757 -79.48 -40.44 -19.71
CA ALA W 757 -80.68 -41.17 -20.07
C ALA W 757 -80.80 -41.45 -21.57
N GLY W 758 -79.76 -41.07 -22.35
CA GLY W 758 -79.64 -41.28 -23.79
C GLY W 758 -80.50 -40.35 -24.62
N ILE W 759 -80.12 -39.06 -24.65
CA ILE W 759 -80.76 -37.97 -25.37
C ILE W 759 -80.80 -38.22 -26.87
N ARG W 760 -81.86 -37.86 -27.57
CA ARG W 760 -81.97 -38.22 -28.98
C ARG W 760 -81.39 -37.16 -29.91
N SER W 761 -80.73 -36.14 -29.34
CA SER W 761 -79.95 -35.17 -30.08
C SER W 761 -78.49 -35.21 -29.66
N VAL W 762 -78.20 -35.40 -28.35
CA VAL W 762 -76.87 -35.66 -27.83
C VAL W 762 -76.31 -36.98 -28.37
N VAL W 763 -77.10 -38.06 -28.40
CA VAL W 763 -76.67 -39.32 -29.01
C VAL W 763 -76.46 -39.22 -30.52
N THR W 764 -77.35 -38.51 -31.24
CA THR W 764 -77.23 -38.32 -32.69
C THR W 764 -75.97 -37.58 -33.09
N ARG W 765 -75.54 -36.52 -32.36
CA ARG W 765 -74.28 -35.86 -32.65
C ARG W 765 -73.04 -36.72 -32.33
N GLN W 766 -73.16 -37.76 -31.48
CA GLN W 766 -72.09 -38.71 -31.25
C GLN W 766 -72.00 -39.76 -32.36
N HIS W 767 -73.15 -40.26 -32.85
CA HIS W 767 -73.19 -41.15 -33.99
C HIS W 767 -72.98 -40.42 -35.32
N GLY W 768 -72.97 -39.07 -35.31
CA GLY W 768 -72.52 -38.27 -36.43
C GLY W 768 -71.03 -38.18 -36.51
N ILE W 769 -70.37 -37.90 -35.37
CA ILE W 769 -68.92 -37.70 -35.35
C ILE W 769 -68.14 -38.99 -35.37
N ILE W 770 -68.76 -40.15 -35.07
CA ILE W 770 -68.19 -41.44 -35.44
C ILE W 770 -68.08 -41.62 -36.92
N LEU W 771 -69.06 -41.12 -37.71
CA LEU W 771 -69.09 -41.41 -39.13
C LEU W 771 -68.21 -40.40 -39.84
N LYS W 772 -67.64 -39.47 -39.06
CA LYS W 772 -66.38 -38.83 -39.40
C LYS W 772 -65.21 -39.73 -39.03
N VAL W 773 -65.31 -41.02 -39.40
CA VAL W 773 -64.26 -42.01 -39.55
C VAL W 773 -63.89 -42.03 -41.02
N TYR W 774 -64.60 -41.21 -41.84
CA TYR W 774 -64.22 -40.81 -43.17
C TYR W 774 -62.82 -40.15 -43.23
N PRO W 775 -62.34 -39.28 -42.31
CA PRO W 775 -60.95 -38.86 -42.25
C PRO W 775 -59.90 -39.93 -42.12
N GLN W 776 -60.13 -41.07 -41.41
CA GLN W 776 -59.08 -42.05 -41.18
C GLN W 776 -58.73 -42.83 -42.44
N ALA W 777 -59.57 -42.69 -43.48
CA ALA W 777 -59.26 -43.10 -44.83
C ALA W 777 -58.05 -42.38 -45.45
N ASP W 778 -57.91 -41.06 -45.18
CA ASP W 778 -56.83 -40.22 -45.70
C ASP W 778 -56.18 -39.41 -44.57
N SER W 779 -55.14 -39.96 -43.93
CA SER W 779 -54.55 -39.36 -42.73
C SER W 779 -53.28 -40.08 -42.37
N GLY W 780 -52.28 -39.37 -41.80
CA GLY W 780 -51.05 -40.00 -41.32
C GLY W 780 -51.26 -40.98 -40.18
N LEU W 781 -50.45 -42.06 -40.13
CA LEU W 781 -50.70 -43.22 -39.27
C LEU W 781 -50.92 -42.94 -37.79
N ARG W 782 -50.10 -42.10 -37.15
CA ARG W 782 -50.33 -41.81 -35.73
C ARG W 782 -51.62 -41.04 -35.48
N THR W 783 -51.99 -40.12 -36.38
CA THR W 783 -53.20 -39.32 -36.29
C THR W 783 -54.46 -40.17 -36.35
N ILE W 784 -54.52 -41.19 -37.24
CA ILE W 784 -55.67 -42.08 -37.33
C ILE W 784 -55.88 -42.91 -36.07
N LEU W 785 -54.83 -43.15 -35.27
CA LEU W 785 -54.95 -43.85 -34.01
C LEU W 785 -55.45 -42.99 -32.85
N ILE W 786 -55.02 -41.73 -32.75
CA ILE W 786 -55.45 -40.83 -31.68
C ILE W 786 -56.92 -40.47 -31.77
N GLU W 787 -57.47 -40.29 -32.99
CA GLU W 787 -58.89 -40.09 -33.21
C GLU W 787 -59.67 -41.37 -33.04
N GLN W 788 -59.05 -42.54 -33.28
CA GLN W 788 -59.64 -43.83 -33.03
C GLN W 788 -59.74 -44.19 -31.55
N LEU W 789 -58.68 -43.94 -30.76
CA LEU W 789 -58.71 -43.99 -29.31
C LEU W 789 -59.71 -42.98 -28.76
N ALA W 790 -59.80 -41.77 -29.36
CA ALA W 790 -60.84 -40.81 -29.05
C ALA W 790 -62.28 -41.24 -29.32
N ALA W 791 -62.60 -41.79 -30.50
CA ALA W 791 -63.95 -42.23 -30.82
C ALA W 791 -64.31 -43.50 -30.05
N LEU W 792 -63.30 -44.32 -29.70
CA LEU W 792 -63.46 -45.36 -28.71
C LEU W 792 -63.79 -44.79 -27.31
N LEU W 793 -63.02 -43.83 -26.80
CA LEU W 793 -63.30 -43.17 -25.53
C LEU W 793 -64.71 -42.58 -25.45
N ASN W 794 -65.24 -41.94 -26.51
CA ASN W 794 -66.62 -41.47 -26.56
C ASN W 794 -67.70 -42.54 -26.56
N TYR W 795 -67.55 -43.60 -27.37
CA TYR W 795 -68.55 -44.65 -27.51
C TYR W 795 -68.69 -45.49 -26.25
N LEU W 796 -67.65 -45.48 -25.43
CA LEU W 796 -67.60 -46.18 -24.18
C LEU W 796 -68.21 -45.34 -23.06
N LEU W 797 -68.80 -44.19 -23.41
CA LEU W 797 -69.65 -43.42 -22.53
C LEU W 797 -71.10 -43.59 -22.97
N ASP W 798 -71.38 -43.65 -24.29
CA ASP W 798 -72.71 -43.94 -24.83
C ASP W 798 -73.23 -45.34 -24.45
N ASP W 799 -72.40 -46.40 -24.61
CA ASP W 799 -72.79 -47.75 -24.25
C ASP W 799 -72.93 -47.93 -22.73
N TYR W 800 -72.28 -47.02 -21.97
CA TYR W 800 -72.34 -47.02 -20.53
C TYR W 800 -73.62 -46.38 -20.00
N VAL W 801 -74.14 -45.35 -20.67
CA VAL W 801 -75.38 -44.71 -20.27
C VAL W 801 -76.61 -45.49 -20.65
N THR W 802 -76.56 -46.26 -21.75
CA THR W 802 -77.61 -47.21 -22.11
C THR W 802 -77.67 -48.39 -21.16
N GLN W 803 -76.50 -48.90 -20.72
CA GLN W 803 -76.41 -49.93 -19.69
C GLN W 803 -76.97 -49.51 -18.34
N LEU W 804 -76.65 -48.28 -17.88
CA LEU W 804 -77.17 -47.77 -16.62
C LEU W 804 -78.68 -47.56 -16.67
N LYS W 805 -79.23 -47.02 -17.76
CA LYS W 805 -80.67 -46.91 -17.94
C LYS W 805 -81.43 -48.23 -18.03
N SER W 806 -80.87 -49.25 -18.71
CA SER W 806 -81.49 -50.58 -18.80
C SER W 806 -81.54 -51.32 -17.47
N ILE W 807 -80.50 -51.17 -16.64
CA ILE W 807 -80.43 -51.72 -15.29
C ILE W 807 -81.57 -51.23 -14.39
N ASP W 808 -81.98 -49.96 -14.52
CA ASP W 808 -83.03 -49.35 -13.73
C ASP W 808 -84.45 -49.81 -14.07
N LYS W 809 -84.68 -50.48 -15.21
CA LYS W 809 -85.99 -50.95 -15.60
C LYS W 809 -86.57 -52.03 -14.71
N LEU W 810 -87.84 -51.88 -14.30
CA LEU W 810 -88.55 -52.87 -13.51
C LEU W 810 -89.12 -53.99 -14.38
N ALA W 811 -89.51 -55.12 -13.76
CA ALA W 811 -90.00 -56.31 -14.45
C ALA W 811 -91.25 -56.15 -15.29
N ASN W 812 -92.24 -55.36 -14.84
CA ASN W 812 -93.41 -55.09 -15.66
C ASN W 812 -93.13 -53.95 -16.62
N GLU W 813 -93.83 -53.96 -17.78
CA GLU W 813 -93.55 -53.14 -18.94
C GLU W 813 -92.32 -53.64 -19.70
N GLU W 814 -91.93 -54.92 -19.46
CA GLU W 814 -90.76 -55.58 -20.03
C GLU W 814 -90.67 -55.53 -21.54
N ARG W 815 -91.82 -55.51 -22.24
CA ARG W 815 -91.85 -55.34 -23.68
C ARG W 815 -91.10 -54.08 -24.15
N TYR W 816 -91.20 -52.96 -23.43
CA TYR W 816 -90.40 -51.78 -23.73
C TYR W 816 -88.93 -51.96 -23.37
N ASN W 817 -88.63 -52.74 -22.31
CA ASN W 817 -87.26 -53.02 -21.89
C ASN W 817 -86.52 -53.93 -22.86
N ILE W 818 -87.18 -54.93 -23.47
CA ILE W 818 -86.53 -55.84 -24.40
C ILE W 818 -86.37 -55.24 -25.79
N LEU W 819 -87.19 -54.22 -26.13
CA LEU W 819 -87.05 -53.47 -27.36
C LEU W 819 -85.94 -52.42 -27.29
N GLU W 820 -85.72 -51.80 -26.10
CA GLU W 820 -84.57 -50.94 -25.88
C GLU W 820 -83.24 -51.74 -25.89
N MET W 821 -83.25 -53.03 -25.47
CA MET W 821 -82.09 -53.91 -25.58
C MET W 821 -81.67 -54.19 -27.00
N GLU W 822 -82.62 -54.56 -27.89
CA GLU W 822 -82.36 -54.74 -29.31
C GLU W 822 -81.82 -53.49 -29.96
N TYR W 823 -82.31 -52.32 -29.57
CA TYR W 823 -81.80 -51.04 -30.05
C TYR W 823 -80.33 -50.75 -29.65
N ALA W 824 -79.92 -51.02 -28.41
CA ALA W 824 -78.52 -50.93 -28.02
C ALA W 824 -77.66 -52.03 -28.62
N GLN W 825 -78.18 -53.26 -28.73
CA GLN W 825 -77.47 -54.38 -29.34
C GLN W 825 -77.27 -54.25 -30.84
N LYS W 826 -78.13 -53.52 -31.55
CA LYS W 826 -77.91 -53.19 -32.95
C LYS W 826 -77.07 -51.94 -33.09
N ARG W 827 -76.56 -51.38 -31.99
CA ARG W 827 -75.65 -50.25 -32.05
C ARG W 827 -74.30 -50.63 -31.56
N SER W 828 -74.18 -51.48 -30.54
CA SER W 828 -72.90 -52.15 -30.31
C SER W 828 -72.51 -52.96 -31.55
N GLU W 829 -73.47 -53.65 -32.21
CA GLU W 829 -73.32 -54.17 -33.57
C GLU W 829 -73.13 -53.16 -34.73
N LEU W 830 -73.24 -51.83 -34.55
CA LEU W 830 -72.86 -50.88 -35.60
C LEU W 830 -71.58 -50.17 -35.24
N LEU W 831 -71.20 -50.22 -33.96
CA LEU W 831 -69.96 -49.71 -33.47
C LEU W 831 -68.86 -50.74 -33.75
N SER W 832 -69.23 -52.02 -33.92
CA SER W 832 -68.34 -53.11 -34.30
C SER W 832 -67.96 -53.12 -35.76
N PRO W 833 -68.75 -53.12 -36.87
CA PRO W 833 -68.25 -53.03 -38.22
C PRO W 833 -67.35 -51.84 -38.49
N LEU W 834 -67.61 -50.71 -37.79
CA LEU W 834 -66.76 -49.54 -37.76
C LEU W 834 -65.37 -49.81 -37.21
N LEU W 835 -65.24 -50.66 -36.17
CA LEU W 835 -63.94 -51.06 -35.64
C LEU W 835 -63.44 -52.40 -36.19
N ILE W 836 -64.14 -53.04 -37.15
CA ILE W 836 -63.65 -54.20 -37.90
C ILE W 836 -62.54 -53.79 -38.90
N LEU W 837 -62.58 -52.56 -39.41
CA LEU W 837 -61.46 -52.00 -40.16
C LEU W 837 -60.37 -51.41 -39.26
N GLY W 838 -60.76 -50.92 -38.06
CA GLY W 838 -59.86 -50.35 -37.08
C GLY W 838 -58.98 -51.36 -36.36
N GLN W 839 -58.18 -50.87 -35.40
CA GLN W 839 -57.30 -51.70 -34.61
C GLN W 839 -58.00 -52.58 -33.60
N TYR W 840 -57.64 -53.88 -33.54
CA TYR W 840 -58.33 -54.83 -32.68
C TYR W 840 -57.70 -54.88 -31.30
N ALA W 841 -56.64 -54.07 -31.10
CA ALA W 841 -56.08 -53.78 -29.79
C ALA W 841 -57.05 -52.97 -28.92
N TRP W 842 -58.02 -52.30 -29.57
CA TRP W 842 -59.09 -51.59 -28.92
C TRP W 842 -60.36 -52.41 -28.80
N ALA W 843 -60.45 -53.54 -29.54
CA ALA W 843 -61.57 -54.45 -29.47
C ALA W 843 -61.68 -55.14 -28.13
N SER W 844 -60.52 -55.52 -27.54
CA SER W 844 -60.45 -56.07 -26.20
C SER W 844 -61.02 -55.13 -25.16
N ASN W 845 -60.65 -53.83 -25.25
CA ASN W 845 -61.29 -52.81 -24.47
C ASN W 845 -62.76 -52.62 -24.82
N LEU W 846 -63.23 -52.40 -26.06
CA LEU W 846 -64.66 -52.22 -26.37
C LEU W 846 -65.55 -53.37 -25.89
N ALA W 847 -65.09 -54.62 -26.07
CA ALA W 847 -65.75 -55.82 -25.57
C ALA W 847 -65.93 -55.84 -24.05
N GLU W 848 -64.94 -55.35 -23.29
CA GLU W 848 -65.00 -55.25 -21.84
C GLU W 848 -65.81 -54.04 -21.37
N LYS W 849 -66.02 -53.06 -22.25
CA LYS W 849 -66.63 -51.82 -21.85
C LYS W 849 -68.15 -51.98 -21.83
N TYR W 850 -68.75 -52.42 -22.96
CA TYR W 850 -70.05 -53.06 -22.88
C TYR W 850 -69.81 -54.54 -22.63
N CYS W 851 -69.43 -54.76 -21.36
CA CYS W 851 -69.02 -56.01 -20.65
C CYS W 851 -70.23 -56.90 -20.35
N ASP W 852 -69.96 -58.09 -19.77
CA ASP W 852 -71.01 -59.13 -19.62
C ASP W 852 -71.53 -59.28 -21.06
N PHE W 853 -70.61 -58.98 -21.97
CA PHE W 853 -70.76 -58.92 -23.45
C PHE W 853 -71.00 -60.29 -24.06
N ASP W 854 -72.22 -60.58 -24.49
CA ASP W 854 -72.37 -61.84 -25.22
C ASP W 854 -72.33 -61.65 -26.73
N ILE W 855 -72.95 -60.56 -27.19
CA ILE W 855 -73.04 -60.27 -28.61
C ILE W 855 -71.72 -60.05 -29.33
N LEU W 856 -70.77 -59.37 -28.70
CA LEU W 856 -69.48 -59.13 -29.38
C LEU W 856 -68.57 -60.31 -29.30
N VAL W 857 -68.27 -60.81 -28.09
CA VAL W 857 -67.24 -61.83 -27.88
C VAL W 857 -67.64 -63.13 -28.54
N GLN W 858 -68.93 -63.49 -28.41
CA GLN W 858 -69.57 -64.59 -29.09
C GLN W 858 -69.57 -64.50 -30.62
N ILE W 859 -69.54 -63.30 -31.25
CA ILE W 859 -69.42 -63.22 -32.71
C ILE W 859 -67.99 -63.16 -33.15
N CYS W 860 -67.05 -62.82 -32.24
CA CYS W 860 -65.61 -62.90 -32.45
C CYS W 860 -65.12 -64.34 -32.42
N GLU W 861 -65.67 -65.17 -31.51
CA GLU W 861 -65.43 -66.60 -31.40
C GLU W 861 -66.03 -67.39 -32.55
N MET W 862 -66.90 -66.74 -33.34
CA MET W 862 -67.58 -67.36 -34.45
C MET W 862 -67.01 -66.99 -35.80
N THR W 863 -66.31 -65.85 -35.89
CA THR W 863 -65.66 -65.46 -37.14
C THR W 863 -64.34 -66.15 -37.28
N ASP W 864 -63.78 -66.63 -36.17
CA ASP W 864 -62.56 -67.38 -36.18
C ASP W 864 -62.82 -68.88 -36.06
N ASN W 865 -61.72 -69.59 -35.80
CA ASN W 865 -61.68 -71.01 -35.68
C ASN W 865 -61.49 -71.35 -34.20
N GLN W 866 -61.97 -70.51 -33.29
CA GLN W 866 -61.80 -70.72 -31.87
C GLN W 866 -63.07 -71.06 -31.16
N SER W 867 -63.58 -72.27 -31.35
CA SER W 867 -64.67 -72.65 -30.47
C SER W 867 -64.10 -73.24 -29.19
N ARG W 868 -62.81 -73.29 -28.98
CA ARG W 868 -62.08 -73.39 -27.76
C ARG W 868 -62.26 -72.15 -26.92
N LEU W 869 -62.33 -70.96 -27.55
CA LEU W 869 -62.80 -69.75 -26.89
C LEU W 869 -64.29 -69.77 -26.51
N GLN W 870 -65.26 -70.17 -27.37
CA GLN W 870 -66.66 -70.20 -26.94
C GLN W 870 -66.98 -71.27 -25.90
N ARG W 871 -66.15 -72.34 -25.82
CA ARG W 871 -66.10 -73.29 -24.72
C ARG W 871 -65.53 -72.69 -23.45
N TYR W 872 -64.45 -71.89 -23.55
CA TYR W 872 -63.85 -71.17 -22.45
C TYR W 872 -64.74 -70.04 -21.94
N MET W 873 -65.50 -69.38 -22.84
CA MET W 873 -66.56 -68.46 -22.51
C MET W 873 -67.71 -69.10 -21.76
N THR W 874 -68.20 -70.28 -22.20
CA THR W 874 -69.27 -70.99 -21.48
C THR W 874 -68.80 -71.69 -20.23
N LEU W 875 -67.50 -72.03 -20.13
CA LEU W 875 -66.90 -72.59 -18.93
C LEU W 875 -66.91 -71.64 -17.74
N PHE W 876 -66.60 -70.35 -17.97
CA PHE W 876 -66.62 -69.35 -16.93
C PHE W 876 -67.74 -68.34 -17.14
N ALA W 877 -69.00 -68.77 -16.92
CA ALA W 877 -70.11 -67.90 -17.16
C ALA W 877 -71.33 -68.27 -16.34
N GLU W 878 -72.23 -67.30 -16.17
CA GLU W 878 -73.52 -67.48 -15.56
C GLU W 878 -74.55 -67.46 -16.67
N GLN W 879 -75.11 -68.64 -17.01
CA GLN W 879 -76.15 -68.81 -18.02
C GLN W 879 -75.77 -68.58 -19.49
N ASN W 880 -74.46 -68.52 -19.86
CA ASN W 880 -74.05 -68.24 -21.24
C ASN W 880 -74.40 -69.37 -22.21
N PHE W 881 -74.68 -70.58 -21.71
CA PHE W 881 -75.22 -71.66 -22.52
C PHE W 881 -76.62 -71.35 -23.07
N SER W 882 -77.52 -70.80 -22.22
CA SER W 882 -78.87 -70.48 -22.66
C SER W 882 -78.88 -69.26 -23.54
N ASP W 883 -77.87 -68.38 -23.38
CA ASP W 883 -77.62 -67.29 -24.30
C ASP W 883 -77.00 -67.71 -25.63
N PHE W 884 -75.92 -68.51 -25.66
CA PHE W 884 -75.23 -68.90 -26.90
C PHE W 884 -76.12 -69.67 -27.87
N LEU W 885 -76.99 -70.57 -27.38
CA LEU W 885 -77.97 -71.23 -28.24
C LEU W 885 -79.03 -70.30 -28.81
N PHE W 886 -79.57 -69.37 -27.99
CA PHE W 886 -80.53 -68.41 -28.47
C PHE W 886 -79.89 -67.32 -29.33
N ARG W 887 -78.63 -67.02 -29.03
CA ARG W 887 -77.86 -66.00 -29.78
C ARG W 887 -77.23 -66.68 -31.00
N TRP W 888 -76.53 -67.79 -30.78
CA TRP W 888 -75.88 -68.56 -31.88
C TRP W 888 -76.96 -69.07 -32.85
N TYR W 889 -78.08 -69.57 -32.31
CA TYR W 889 -79.19 -70.10 -33.14
C TYR W 889 -79.78 -68.98 -34.01
N LEU W 890 -79.94 -67.79 -33.42
CA LEU W 890 -80.47 -66.61 -34.16
C LEU W 890 -79.49 -66.24 -35.27
N GLU W 891 -78.19 -66.30 -34.97
CA GLU W 891 -77.11 -65.93 -35.93
C GLU W 891 -76.65 -67.16 -36.73
N LYS W 892 -77.28 -68.31 -36.51
CA LYS W 892 -76.86 -69.55 -37.22
C LYS W 892 -77.01 -69.33 -38.74
N GLY W 893 -75.99 -69.75 -39.50
CA GLY W 893 -75.95 -69.61 -40.97
C GLY W 893 -75.31 -68.30 -41.40
N LYS W 894 -75.01 -67.42 -40.43
CA LYS W 894 -74.34 -66.12 -40.72
C LYS W 894 -72.98 -66.10 -40.02
N ARG W 895 -72.97 -66.39 -38.71
CA ARG W 895 -71.73 -66.41 -37.90
C ARG W 895 -71.61 -67.77 -37.22
N GLY W 896 -70.45 -68.43 -37.33
CA GLY W 896 -70.22 -69.75 -36.72
C GLY W 896 -70.75 -70.90 -37.56
N LYS W 897 -71.23 -70.59 -38.77
CA LYS W 897 -71.78 -71.64 -39.68
C LYS W 897 -70.66 -72.61 -40.05
N LEU W 898 -70.96 -73.91 -40.08
CA LEU W 898 -69.95 -74.95 -40.43
C LEU W 898 -69.57 -74.80 -41.90
N LEU W 899 -70.08 -73.77 -42.57
CA LEU W 899 -69.79 -73.54 -43.97
C LEU W 899 -69.18 -72.17 -44.16
N SER W 900 -69.35 -71.25 -43.19
CA SER W 900 -68.71 -69.94 -43.20
C SER W 900 -67.31 -70.02 -42.65
N GLN W 901 -67.14 -70.82 -41.59
CA GLN W 901 -65.85 -71.17 -41.07
C GLN W 901 -65.15 -72.18 -41.98
N PRO W 902 -63.84 -72.18 -42.12
CA PRO W 902 -63.15 -73.22 -42.87
C PRO W 902 -63.02 -74.44 -41.98
N ALA W 903 -64.15 -75.13 -41.74
CA ALA W 903 -64.29 -76.31 -40.95
C ALA W 903 -63.59 -77.54 -41.54
N SER W 904 -62.30 -77.69 -41.20
CA SER W 904 -61.46 -78.83 -41.54
C SER W 904 -60.10 -78.74 -40.85
N GLN W 905 -59.83 -77.59 -40.22
CA GLN W 905 -58.55 -77.30 -39.62
C GLN W 905 -58.73 -77.11 -38.12
N HIS W 906 -58.09 -76.04 -37.56
CA HIS W 906 -58.52 -75.44 -36.32
C HIS W 906 -59.97 -74.99 -36.37
N GLY W 907 -60.53 -74.76 -37.58
CA GLY W 907 -61.95 -74.48 -37.76
C GLY W 907 -62.79 -75.72 -37.65
N GLN W 908 -62.20 -76.92 -37.58
CA GLN W 908 -62.92 -78.13 -37.19
C GLN W 908 -62.79 -78.44 -35.71
N LEU W 909 -61.79 -77.84 -35.08
CA LEU W 909 -61.76 -77.68 -33.70
C LEU W 909 -62.85 -76.68 -33.26
N ALA W 910 -63.09 -75.53 -34.14
CA ALA W 910 -64.31 -74.69 -33.99
C ALA W 910 -65.61 -75.44 -34.26
N ALA W 911 -65.63 -76.28 -35.30
CA ALA W 911 -66.76 -77.11 -35.59
C ALA W 911 -67.14 -78.11 -34.51
N PHE W 912 -66.20 -78.56 -33.66
CA PHE W 912 -66.45 -79.50 -32.58
C PHE W 912 -67.43 -79.00 -31.51
N LEU W 913 -67.33 -77.70 -31.13
CA LEU W 913 -68.25 -77.05 -30.19
C LEU W 913 -69.36 -76.32 -30.88
N GLN W 914 -69.23 -75.97 -32.16
CA GLN W 914 -70.34 -75.38 -32.90
C GLN W 914 -71.26 -76.46 -33.45
N ALA W 915 -70.79 -77.72 -33.41
CA ALA W 915 -71.61 -78.89 -33.60
C ALA W 915 -72.48 -79.17 -32.39
N HIS W 916 -72.26 -78.44 -31.30
CA HIS W 916 -73.15 -78.65 -30.17
C HIS W 916 -74.52 -78.33 -30.77
N LEU W 919 -79.93 -82.33 -29.35
CA LEU W 919 -78.64 -82.89 -29.78
C LEU W 919 -78.50 -84.40 -29.52
N SER W 920 -79.64 -84.94 -29.07
CA SER W 920 -79.91 -86.33 -28.63
C SER W 920 -79.57 -87.36 -29.71
N TRP W 921 -79.56 -87.00 -31.00
CA TRP W 921 -79.16 -88.05 -31.97
C TRP W 921 -77.71 -88.41 -31.65
N LEU W 922 -76.87 -87.37 -31.49
CA LEU W 922 -75.45 -87.51 -31.13
C LEU W 922 -75.37 -88.16 -29.74
N HIS W 923 -76.35 -87.78 -28.91
CA HIS W 923 -76.55 -88.30 -27.54
C HIS W 923 -76.35 -89.81 -27.60
N GLU W 924 -76.94 -90.50 -28.58
CA GLU W 924 -76.72 -91.97 -28.63
C GLU W 924 -75.21 -92.26 -28.83
N LEU W 925 -74.55 -91.56 -29.75
CA LEU W 925 -73.12 -91.87 -29.99
C LEU W 925 -72.28 -91.61 -28.74
N ASN W 926 -72.59 -90.55 -27.98
CA ASN W 926 -71.75 -90.19 -26.81
C ASN W 926 -72.37 -90.61 -25.48
N SER W 927 -73.43 -91.44 -25.50
CA SER W 927 -74.11 -91.79 -24.22
C SER W 927 -74.94 -93.08 -24.37
N GLN W 928 -74.97 -93.68 -25.56
CA GLN W 928 -75.55 -95.02 -25.73
C GLN W 928 -77.06 -95.08 -25.47
N GLU W 929 -77.75 -94.00 -25.82
CA GLU W 929 -79.20 -93.95 -25.68
C GLU W 929 -79.80 -94.55 -26.94
N PHE W 930 -79.80 -95.87 -27.02
CA PHE W 930 -80.31 -96.58 -28.18
C PHE W 930 -81.79 -96.33 -28.44
N GLU W 931 -82.59 -96.31 -27.37
CA GLU W 931 -84.01 -96.10 -27.50
C GLU W 931 -84.37 -94.75 -28.16
N LYS W 932 -83.66 -93.68 -27.78
CA LYS W 932 -83.78 -92.37 -28.39
C LYS W 932 -83.35 -92.34 -29.85
N ALA W 933 -82.21 -93.00 -30.16
CA ALA W 933 -81.73 -93.15 -31.53
C ALA W 933 -82.73 -93.84 -32.44
N HIS W 934 -83.37 -94.92 -31.97
CA HIS W 934 -84.46 -95.60 -32.68
C HIS W 934 -85.63 -94.68 -33.03
N ARG W 935 -86.09 -93.84 -32.08
CA ARG W 935 -87.19 -92.92 -32.36
C ARG W 935 -86.87 -91.90 -33.45
N THR W 936 -85.68 -91.28 -33.42
CA THR W 936 -85.26 -90.35 -34.46
C THR W 936 -84.94 -91.00 -35.79
N LEU W 937 -84.29 -92.18 -35.80
CA LEU W 937 -84.04 -92.95 -37.00
C LEU W 937 -85.31 -93.34 -37.75
N GLN W 938 -86.36 -93.80 -37.03
CA GLN W 938 -87.66 -94.02 -37.61
C GLN W 938 -88.33 -92.76 -38.15
N THR W 939 -88.26 -91.64 -37.41
CA THR W 939 -88.80 -90.35 -37.85
C THR W 939 -88.17 -89.85 -39.14
N LEU W 940 -86.83 -89.95 -39.27
CA LEU W 940 -86.12 -89.66 -40.49
C LEU W 940 -86.51 -90.59 -41.64
N ALA W 941 -86.69 -91.90 -41.37
CA ALA W 941 -87.16 -92.86 -42.34
C ALA W 941 -88.54 -92.54 -42.93
N ASN W 942 -89.46 -92.00 -42.11
CA ASN W 942 -90.79 -91.59 -42.53
C ASN W 942 -90.82 -90.36 -43.43
N MET W 943 -90.03 -89.31 -43.09
CA MET W 943 -89.94 -88.09 -43.90
C MET W 943 -89.18 -88.30 -45.20
N GLU W 944 -88.37 -89.37 -45.27
CA GLU W 944 -87.60 -89.72 -46.44
C GLU W 944 -88.45 -90.04 -47.66
N THR W 945 -88.29 -89.21 -48.70
CA THR W 945 -89.02 -89.35 -49.96
C THR W 945 -88.07 -89.27 -51.13
N ARG W 946 -86.92 -88.60 -50.95
CA ARG W 946 -85.99 -88.30 -52.01
C ARG W 946 -85.23 -89.51 -52.52
N TYR W 947 -84.80 -90.41 -51.61
CA TYR W 947 -83.99 -91.54 -52.00
C TYR W 947 -84.48 -92.83 -51.37
N PHE W 948 -84.88 -93.82 -52.21
CA PHE W 948 -85.35 -95.12 -51.76
C PHE W 948 -84.30 -95.88 -50.96
N CYS W 949 -83.05 -95.91 -51.45
CA CYS W 949 -81.95 -96.59 -50.82
C CYS W 949 -81.68 -96.09 -49.41
N LYS W 950 -81.81 -94.77 -49.18
CA LYS W 950 -81.66 -94.15 -47.89
C LYS W 950 -82.80 -94.46 -46.93
N LYS W 951 -84.05 -94.49 -47.41
CA LYS W 951 -85.21 -94.87 -46.60
C LYS W 951 -85.11 -96.29 -46.07
N LYS W 952 -84.62 -97.21 -46.93
CA LYS W 952 -84.31 -98.57 -46.53
C LYS W 952 -83.20 -98.67 -45.48
N THR W 953 -82.10 -97.91 -45.66
CA THR W 953 -80.99 -97.86 -44.71
C THR W 953 -81.39 -97.33 -43.34
N LEU W 954 -82.15 -96.22 -43.28
CA LEU W 954 -82.60 -95.64 -42.01
C LEU W 954 -83.47 -96.56 -41.19
N LEU W 955 -84.42 -97.28 -41.83
CA LEU W 955 -85.21 -98.27 -41.16
C LEU W 955 -84.39 -99.44 -40.62
N GLY W 956 -83.45 -99.97 -41.42
CA GLY W 956 -82.47 -100.95 -40.96
C GLY W 956 -81.69 -100.52 -39.74
N LEU W 957 -81.14 -99.29 -39.75
CA LEU W 957 -80.46 -98.71 -38.61
C LEU W 957 -81.37 -98.51 -37.40
N SER W 958 -82.61 -98.03 -37.61
CA SER W 958 -83.63 -97.87 -36.59
C SER W 958 -83.94 -99.17 -35.89
N LYS W 959 -84.18 -100.22 -36.68
CA LYS W 959 -84.40 -101.57 -36.21
C LYS W 959 -83.23 -102.16 -35.45
N LEU W 960 -81.99 -102.02 -35.96
CA LEU W 960 -80.79 -102.43 -35.24
C LEU W 960 -80.59 -101.67 -33.94
N ALA W 961 -80.86 -100.34 -33.91
CA ALA W 961 -80.84 -99.55 -32.71
C ALA W 961 -81.85 -100.00 -31.64
N ALA W 962 -83.11 -100.31 -32.03
CA ALA W 962 -84.13 -100.86 -31.16
C ALA W 962 -83.85 -102.28 -30.66
N LEU W 963 -83.31 -103.17 -31.52
CA LEU W 963 -82.93 -104.51 -31.12
C LEU W 963 -81.75 -104.51 -30.15
N ALA W 964 -80.84 -103.52 -30.26
CA ALA W 964 -79.70 -103.40 -29.37
C ALA W 964 -80.01 -102.55 -28.15
N SER W 965 -81.22 -101.98 -28.06
CA SER W 965 -81.67 -101.23 -26.90
C SER W 965 -82.31 -102.08 -25.84
N ASP W 966 -82.65 -101.43 -24.72
CA ASP W 966 -83.08 -102.02 -23.48
C ASP W 966 -84.59 -101.98 -23.27
N PHE W 967 -85.37 -101.95 -24.37
CA PHE W 967 -86.81 -102.12 -24.33
C PHE W 967 -87.23 -103.42 -23.66
N GLN W 968 -88.30 -103.39 -22.85
CA GLN W 968 -88.93 -104.59 -22.35
C GLN W 968 -89.45 -105.43 -23.49
N GLU W 969 -89.51 -106.77 -23.35
CA GLU W 969 -89.85 -107.67 -24.45
C GLU W 969 -91.17 -107.31 -25.13
N ASP W 970 -92.20 -106.91 -24.35
CA ASP W 970 -93.44 -106.32 -24.84
C ASP W 970 -93.28 -105.07 -25.72
N VAL W 971 -92.53 -104.05 -25.27
CA VAL W 971 -92.24 -102.84 -26.01
C VAL W 971 -91.43 -103.16 -27.26
N LEU W 972 -90.43 -104.05 -27.13
CA LEU W 972 -89.61 -104.49 -28.26
C LEU W 972 -90.43 -105.17 -29.34
N GLN W 973 -91.37 -106.06 -28.94
CA GLN W 973 -92.34 -106.67 -29.83
C GLN W 973 -93.21 -105.67 -30.56
N GLU W 974 -93.75 -104.64 -29.87
CA GLU W 974 -94.48 -103.56 -30.53
C GLU W 974 -93.66 -102.78 -31.55
N LYS W 975 -92.41 -102.39 -31.20
CA LYS W 975 -91.53 -101.71 -32.12
C LYS W 975 -91.22 -102.56 -33.34
N VAL W 976 -90.83 -103.84 -33.21
CA VAL W 976 -90.55 -104.70 -34.35
C VAL W 976 -91.79 -105.06 -35.19
N GLU W 977 -93.01 -105.03 -34.62
CA GLU W 977 -94.24 -105.22 -35.37
C GLU W 977 -94.66 -104.02 -36.21
N GLU W 978 -94.63 -102.79 -35.65
CA GLU W 978 -94.86 -101.55 -36.38
C GLU W 978 -93.80 -101.35 -37.48
N ILE W 979 -92.55 -101.74 -37.21
CA ILE W 979 -91.48 -101.82 -38.18
C ILE W 979 -91.74 -102.83 -39.29
N ALA W 980 -92.27 -104.03 -38.97
CA ALA W 980 -92.56 -105.09 -39.93
C ALA W 980 -93.54 -104.63 -41.01
N GLU W 981 -94.53 -103.81 -40.64
CA GLU W 981 -95.39 -103.09 -41.56
C GLU W 981 -94.64 -102.19 -42.54
N GLN W 982 -93.70 -101.35 -42.04
CA GLN W 982 -92.88 -100.51 -42.88
C GLN W 982 -92.01 -101.31 -43.85
N GLU W 983 -91.38 -102.40 -43.38
CA GLU W 983 -90.66 -103.34 -44.22
C GLU W 983 -91.60 -103.97 -45.26
N HIS W 984 -92.86 -104.29 -44.90
CA HIS W 984 -93.87 -104.87 -45.80
C HIS W 984 -94.23 -104.01 -47.01
N PHE W 985 -94.55 -102.70 -46.82
CA PHE W 985 -94.76 -101.76 -47.92
C PHE W 985 -93.52 -101.53 -48.77
N LEU W 986 -92.34 -101.36 -48.13
CA LEU W 986 -91.10 -101.14 -48.87
C LEU W 986 -90.75 -102.31 -49.76
N LEU W 987 -90.96 -103.55 -49.26
CA LEU W 987 -90.71 -104.77 -50.00
C LEU W 987 -91.41 -104.84 -51.35
N HIS W 988 -92.58 -104.18 -51.50
CA HIS W 988 -93.14 -103.96 -52.81
C HIS W 988 -92.23 -103.18 -53.75
N GLN W 989 -91.77 -101.95 -53.46
CA GLN W 989 -90.82 -101.26 -54.33
C GLN W 989 -89.48 -102.01 -54.52
N GLU W 990 -89.02 -102.74 -53.50
CA GLU W 990 -87.86 -103.62 -53.58
C GLU W 990 -87.95 -104.72 -54.63
N THR W 991 -89.16 -105.32 -54.84
CA THR W 991 -89.32 -106.47 -55.72
C THR W 991 -89.64 -106.09 -57.16
N LEU W 992 -89.45 -104.81 -57.55
CA LEU W 992 -89.72 -104.35 -58.91
C LEU W 992 -88.89 -105.10 -59.99
N PRO W 993 -89.50 -105.60 -61.08
CA PRO W 993 -88.81 -106.50 -62.00
C PRO W 993 -87.69 -105.83 -62.76
N LYS W 994 -86.57 -106.53 -63.00
CA LYS W 994 -85.40 -105.91 -63.59
C LYS W 994 -85.50 -105.77 -65.10
N LYS W 995 -86.62 -106.22 -65.69
CA LYS W 995 -86.94 -105.91 -67.07
C LYS W 995 -87.44 -104.51 -67.23
N LEU W 996 -88.39 -104.11 -66.36
CA LEU W 996 -89.01 -102.83 -66.49
C LEU W 996 -88.14 -101.69 -66.01
N LEU W 997 -87.21 -101.95 -65.09
CA LEU W 997 -86.38 -100.88 -64.58
C LEU W 997 -85.29 -100.45 -65.57
N GLU W 998 -84.93 -101.31 -66.54
CA GLU W 998 -84.03 -100.95 -67.62
C GLU W 998 -84.81 -100.36 -68.80
N GLU W 999 -86.05 -100.87 -69.06
CA GLU W 999 -86.99 -100.32 -70.03
C GLU W 999 -87.41 -98.89 -69.74
N LYS W 1000 -87.74 -98.57 -68.48
CA LYS W 1000 -88.11 -97.23 -68.09
C LYS W 1000 -86.88 -96.42 -67.76
N GLN W 1001 -85.69 -96.99 -67.98
CA GLN W 1001 -84.40 -96.33 -67.86
C GLN W 1001 -84.17 -95.74 -66.47
N LEU W 1002 -84.50 -96.53 -65.43
CA LEU W 1002 -84.50 -96.06 -64.07
C LEU W 1002 -83.21 -96.37 -63.38
N ASP W 1003 -82.69 -95.41 -62.60
CA ASP W 1003 -81.58 -95.64 -61.70
C ASP W 1003 -81.88 -96.72 -60.67
N LEU W 1004 -80.91 -97.62 -60.43
CA LEU W 1004 -81.11 -98.77 -59.54
C LEU W 1004 -81.43 -98.40 -58.10
N ASN W 1005 -80.61 -97.51 -57.50
CA ASN W 1005 -80.77 -97.11 -56.11
C ASN W 1005 -81.06 -95.64 -55.99
N ALA W 1006 -80.71 -94.83 -57.00
CA ALA W 1006 -80.79 -93.38 -56.93
C ALA W 1006 -82.17 -92.88 -57.35
N MET W 1007 -83.17 -93.70 -57.03
CA MET W 1007 -84.61 -93.47 -57.36
C MET W 1007 -85.65 -94.07 -56.38
N PRO W 1008 -86.91 -93.63 -56.49
CA PRO W 1008 -88.19 -93.90 -55.77
C PRO W 1008 -88.91 -95.27 -55.90
N VAL W 1009 -89.72 -95.59 -54.87
CA VAL W 1009 -90.52 -96.83 -54.74
C VAL W 1009 -91.99 -96.84 -55.24
N LEU W 1010 -92.75 -97.88 -54.83
CA LEU W 1010 -93.92 -98.43 -55.56
C LEU W 1010 -95.14 -98.82 -54.67
N ALA W 1011 -96.30 -99.02 -55.32
CA ALA W 1011 -97.58 -99.38 -54.65
C ALA W 1011 -98.22 -100.65 -55.25
N PRO W 1012 -99.18 -101.31 -54.53
CA PRO W 1012 -99.65 -102.54 -55.14
C PRO W 1012 -100.16 -102.34 -56.53
N PHE W 1013 -100.83 -101.21 -56.84
CA PHE W 1013 -101.23 -100.87 -58.19
C PHE W 1013 -100.06 -100.86 -59.15
N GLN W 1014 -98.96 -100.14 -58.82
CA GLN W 1014 -97.80 -100.11 -59.68
C GLN W 1014 -97.20 -101.48 -59.82
N LEU W 1015 -97.00 -102.23 -58.73
CA LEU W 1015 -96.50 -103.59 -58.81
C LEU W 1015 -97.35 -104.52 -59.66
N ILE W 1016 -98.67 -104.58 -59.43
CA ILE W 1016 -99.61 -105.38 -60.22
C ILE W 1016 -99.50 -105.06 -61.70
N GLN W 1017 -99.55 -103.76 -62.06
CA GLN W 1017 -99.44 -103.29 -63.42
C GLN W 1017 -98.08 -103.58 -64.06
N LEU W 1018 -96.98 -103.47 -63.30
CA LEU W 1018 -95.66 -103.80 -63.77
C LEU W 1018 -95.42 -105.30 -63.95
N TYR W 1019 -96.00 -106.17 -63.08
CA TYR W 1019 -95.93 -107.63 -63.20
C TYR W 1019 -96.56 -108.14 -64.50
N VAL W 1020 -97.54 -107.39 -65.04
CA VAL W 1020 -98.34 -107.81 -66.17
C VAL W 1020 -98.06 -107.03 -67.44
N CYS W 1021 -97.11 -106.06 -67.41
CA CYS W 1021 -96.68 -105.30 -68.57
C CYS W 1021 -96.17 -106.19 -69.68
N GLU W 1022 -96.40 -105.81 -70.95
CA GLU W 1022 -96.01 -106.50 -72.17
C GLU W 1022 -94.52 -106.75 -72.17
N GLU W 1023 -93.76 -105.78 -71.65
CA GLU W 1023 -92.36 -105.76 -71.30
C GLU W 1023 -91.89 -106.92 -70.41
N ASN W 1024 -92.73 -107.40 -69.43
CA ASN W 1024 -92.45 -108.62 -68.68
C ASN W 1024 -92.66 -109.84 -69.56
N LYS W 1025 -91.63 -110.21 -70.34
CA LYS W 1025 -91.73 -111.22 -71.38
C LYS W 1025 -91.88 -112.64 -70.90
N ARG W 1026 -91.15 -113.06 -69.86
CA ARG W 1026 -91.14 -114.44 -69.41
C ARG W 1026 -92.17 -114.69 -68.32
N ALA W 1027 -93.16 -113.79 -68.20
CA ALA W 1027 -94.21 -113.82 -67.22
C ALA W 1027 -94.95 -115.14 -67.15
N ASN W 1028 -94.78 -115.86 -66.03
CA ASN W 1028 -95.30 -117.19 -65.84
C ASN W 1028 -96.39 -117.20 -64.78
N GLU W 1029 -96.78 -118.38 -64.28
CA GLU W 1029 -97.85 -118.53 -63.32
C GLU W 1029 -97.65 -117.75 -62.04
N ASN W 1030 -96.41 -117.69 -61.55
CA ASN W 1030 -96.04 -117.02 -60.33
C ASN W 1030 -96.19 -115.51 -60.41
N ASP W 1031 -95.86 -114.90 -61.54
CA ASP W 1031 -95.97 -113.46 -61.74
C ASP W 1031 -97.43 -112.99 -61.70
N PHE W 1032 -98.36 -113.73 -62.35
CA PHE W 1032 -99.77 -113.46 -62.25
C PHE W 1032 -100.39 -113.81 -60.91
N MET W 1033 -99.98 -114.93 -60.28
CA MET W 1033 -100.43 -115.28 -58.94
C MET W 1033 -100.10 -114.20 -57.93
N LYS W 1034 -98.85 -113.68 -57.97
CA LYS W 1034 -98.44 -112.57 -57.13
C LYS W 1034 -99.05 -111.24 -57.53
N ALA W 1035 -99.58 -111.10 -58.76
CA ALA W 1035 -100.30 -109.93 -59.17
C ALA W 1035 -101.79 -110.02 -58.83
N LEU W 1036 -102.23 -111.18 -58.32
CA LEU W 1036 -103.55 -111.35 -57.72
C LEU W 1036 -103.46 -111.43 -56.21
N ASP W 1037 -102.26 -111.70 -55.65
CA ASP W 1037 -102.00 -111.56 -54.22
C ASP W 1037 -101.92 -110.11 -53.78
N LEU W 1038 -101.61 -109.17 -54.70
CA LEU W 1038 -101.39 -107.80 -54.35
C LEU W 1038 -102.67 -106.97 -54.35
N LEU W 1039 -103.84 -107.64 -54.44
CA LEU W 1039 -105.12 -106.96 -54.42
C LEU W 1039 -105.64 -106.67 -53.02
N GLU W 1040 -105.09 -107.27 -51.94
CA GLU W 1040 -105.55 -107.00 -50.59
C GLU W 1040 -104.74 -105.90 -49.92
N TYR W 1041 -103.85 -105.27 -50.70
CA TYR W 1041 -102.94 -104.26 -50.22
C TYR W 1041 -103.36 -102.89 -50.71
N ILE W 1042 -104.53 -102.81 -51.36
CA ILE W 1042 -105.04 -101.62 -52.03
C ILE W 1042 -105.38 -100.38 -51.17
N GLY W 1043 -106.47 -100.40 -50.36
CA GLY W 1043 -107.06 -99.17 -49.79
C GLY W 1043 -108.08 -98.55 -50.73
N ASP W 1044 -109.33 -98.43 -50.26
CA ASP W 1044 -110.46 -97.91 -51.03
C ASP W 1044 -110.80 -98.69 -52.30
N ASP W 1045 -111.05 -100.00 -52.13
CA ASP W 1045 -111.35 -100.99 -53.15
C ASP W 1045 -112.45 -100.61 -54.14
N SER W 1046 -113.55 -100.01 -53.68
CA SER W 1046 -114.60 -99.56 -54.58
C SER W 1046 -114.30 -98.28 -55.32
N GLU W 1047 -113.35 -97.46 -54.84
CA GLU W 1047 -112.89 -96.25 -55.50
C GLU W 1047 -111.91 -96.49 -56.64
N VAL W 1048 -110.94 -97.40 -56.42
CA VAL W 1048 -109.83 -97.57 -57.36
C VAL W 1048 -110.07 -98.69 -58.37
N ASP W 1049 -111.29 -99.26 -58.39
CA ASP W 1049 -111.70 -100.36 -59.23
C ASP W 1049 -111.03 -101.73 -59.00
N VAL W 1050 -111.45 -102.50 -57.97
CA VAL W 1050 -110.93 -103.87 -57.78
C VAL W 1050 -111.21 -104.82 -58.95
N GLU W 1051 -112.46 -104.87 -59.45
CA GLU W 1051 -112.83 -105.96 -60.33
C GLU W 1051 -112.56 -105.65 -61.79
N GLU W 1052 -112.25 -104.39 -62.10
CA GLU W 1052 -111.66 -104.01 -63.37
C GLU W 1052 -110.27 -104.58 -63.59
N LEU W 1053 -109.39 -104.45 -62.58
CA LEU W 1053 -108.05 -105.03 -62.59
C LEU W 1053 -108.03 -106.52 -62.57
N LYS W 1054 -109.00 -107.12 -61.83
CA LYS W 1054 -109.22 -108.53 -61.78
C LYS W 1054 -109.45 -109.10 -63.18
N LEU W 1055 -110.18 -108.37 -64.05
CA LEU W 1055 -110.26 -108.67 -65.45
C LEU W 1055 -109.04 -108.35 -66.29
N GLU W 1056 -108.42 -107.15 -66.14
CA GLU W 1056 -107.28 -106.72 -66.95
C GLU W 1056 -106.17 -107.76 -66.97
N ILE W 1057 -105.86 -108.30 -65.78
CA ILE W 1057 -104.88 -109.32 -65.58
C ILE W 1057 -105.26 -110.68 -66.13
N LEU W 1058 -106.50 -111.16 -65.92
CA LEU W 1058 -106.92 -112.46 -66.43
C LEU W 1058 -107.05 -112.48 -67.95
N CYS W 1059 -107.18 -111.30 -68.58
CA CYS W 1059 -107.18 -111.11 -70.02
C CYS W 1059 -105.78 -111.07 -70.62
N LYS W 1060 -104.79 -110.40 -69.98
CA LYS W 1060 -103.41 -110.51 -70.42
C LYS W 1060 -102.81 -111.85 -70.08
N ALA W 1061 -103.38 -112.55 -69.10
CA ALA W 1061 -103.14 -113.95 -68.82
C ALA W 1061 -103.59 -114.87 -69.93
N ILE W 1062 -104.31 -114.39 -70.95
CA ILE W 1062 -104.71 -115.20 -72.09
C ILE W 1062 -103.99 -114.72 -73.35
N LYS W 1063 -103.67 -113.42 -73.42
CA LYS W 1063 -102.91 -112.85 -74.52
C LYS W 1063 -101.52 -113.45 -74.63
N ARG W 1064 -100.87 -113.69 -73.47
CA ARG W 1064 -99.59 -114.36 -73.42
C ARG W 1064 -99.65 -115.83 -73.71
N ASP W 1065 -100.81 -116.43 -73.51
CA ASP W 1065 -100.99 -117.83 -73.78
C ASP W 1065 -100.90 -118.13 -75.27
N GLU W 1066 -101.58 -117.33 -76.13
CA GLU W 1066 -101.44 -117.33 -77.60
C GLU W 1066 -102.42 -118.19 -78.44
N TRP W 1067 -103.78 -118.13 -78.25
CA TRP W 1067 -104.65 -119.22 -78.75
C TRP W 1067 -104.62 -119.48 -80.23
N SER W 1068 -104.17 -120.72 -80.55
CA SER W 1068 -103.70 -121.14 -81.84
C SER W 1068 -104.48 -122.37 -82.23
N ALA W 1069 -104.12 -123.01 -83.35
CA ALA W 1069 -104.76 -124.21 -83.80
C ALA W 1069 -103.75 -125.03 -84.53
N THR W 1070 -103.80 -126.36 -84.36
CA THR W 1070 -102.85 -127.26 -85.00
C THR W 1070 -103.70 -128.23 -85.76
N ASP W 1071 -103.53 -128.27 -87.10
CA ASP W 1071 -104.23 -129.14 -88.02
C ASP W 1071 -105.75 -129.16 -87.91
N GLY W 1072 -106.36 -127.96 -87.75
CA GLY W 1072 -107.82 -127.82 -87.65
C GLY W 1072 -108.40 -128.15 -86.31
N LYS W 1073 -107.55 -128.34 -85.29
CA LYS W 1073 -107.97 -128.67 -83.94
C LYS W 1073 -107.52 -127.60 -82.97
N ASP W 1074 -108.33 -127.37 -81.91
CA ASP W 1074 -108.05 -126.43 -80.85
C ASP W 1074 -106.69 -126.66 -80.19
N ASP W 1075 -105.93 -125.58 -79.97
CA ASP W 1075 -104.65 -125.63 -79.30
C ASP W 1075 -104.80 -124.94 -77.95
N PRO W 1076 -104.79 -125.66 -76.81
CA PRO W 1076 -104.98 -125.04 -75.52
C PRO W 1076 -103.69 -124.41 -75.07
N ILE W 1077 -103.61 -123.12 -75.32
CA ILE W 1077 -102.52 -122.29 -74.91
C ILE W 1077 -102.65 -121.85 -73.51
N GLU W 1078 -103.84 -122.06 -72.95
CA GLU W 1078 -104.23 -121.59 -71.67
C GLU W 1078 -103.52 -122.27 -70.54
N ALA W 1079 -102.42 -122.99 -70.80
CA ALA W 1079 -101.48 -123.59 -69.90
C ALA W 1079 -101.11 -122.72 -68.68
N THR W 1080 -100.96 -121.39 -68.87
CA THR W 1080 -100.84 -120.46 -67.73
C THR W 1080 -102.16 -120.18 -67.05
N LYS W 1081 -103.26 -119.90 -67.78
CA LYS W 1081 -104.60 -119.79 -67.20
C LYS W 1081 -105.04 -121.05 -66.43
N ASP W 1082 -104.80 -122.24 -67.00
CA ASP W 1082 -104.85 -123.54 -66.41
C ASP W 1082 -104.09 -123.60 -65.12
N SER W 1083 -102.79 -123.32 -65.16
CA SER W 1083 -101.98 -123.38 -63.96
C SER W 1083 -102.40 -122.41 -62.88
N ILE W 1084 -102.75 -121.14 -63.18
CA ILE W 1084 -103.23 -120.19 -62.17
C ILE W 1084 -104.49 -120.66 -61.47
N PHE W 1085 -105.42 -121.34 -62.16
CA PHE W 1085 -106.63 -121.86 -61.53
C PHE W 1085 -106.36 -123.15 -60.75
N VAL W 1086 -105.24 -123.84 -61.03
CA VAL W 1086 -104.71 -124.92 -60.19
C VAL W 1086 -104.01 -124.35 -58.96
N LYS W 1087 -103.53 -123.09 -58.98
CA LYS W 1087 -102.81 -122.47 -57.88
C LYS W 1087 -103.69 -121.70 -56.90
N VAL W 1088 -104.94 -121.33 -57.25
CA VAL W 1088 -105.84 -120.64 -56.34
C VAL W 1088 -106.28 -121.53 -55.18
N LEU W 1089 -106.50 -122.82 -55.46
CA LEU W 1089 -106.96 -123.77 -54.46
C LEU W 1089 -105.78 -124.33 -53.66
N GLN W 1090 -105.77 -124.10 -52.35
CA GLN W 1090 -104.71 -124.56 -51.46
C GLN W 1090 -105.18 -125.80 -50.70
N ASN W 1091 -106.15 -126.53 -51.30
CA ASN W 1091 -106.84 -127.66 -50.69
C ASN W 1091 -107.58 -127.23 -49.42
N LEU W 1092 -108.37 -126.14 -49.49
CA LEU W 1092 -108.96 -125.52 -48.32
C LEU W 1092 -110.22 -126.26 -47.86
N LEU W 1093 -110.58 -127.35 -48.55
CA LEU W 1093 -111.56 -128.34 -48.15
C LEU W 1093 -111.19 -128.99 -46.81
N ASN W 1094 -109.90 -129.33 -46.62
CA ASN W 1094 -109.41 -129.89 -45.36
C ASN W 1094 -108.91 -128.79 -44.42
N LYS W 1095 -108.98 -127.52 -44.86
CA LYS W 1095 -108.64 -126.39 -44.00
C LYS W 1095 -109.91 -125.81 -43.40
N GLY W 1096 -111.09 -126.35 -43.74
CA GLY W 1096 -112.36 -125.91 -43.19
C GLY W 1096 -112.87 -124.62 -43.79
N ILE W 1097 -112.32 -124.23 -44.95
CA ILE W 1097 -112.73 -123.04 -45.67
C ILE W 1097 -113.77 -123.48 -46.69
N GLU W 1098 -114.74 -122.60 -47.00
CA GLU W 1098 -115.71 -122.82 -48.06
C GLU W 1098 -115.04 -122.74 -49.44
N LEU W 1099 -114.20 -123.72 -49.80
CA LEU W 1099 -113.57 -123.80 -51.11
C LEU W 1099 -114.58 -124.14 -52.19
N LYS W 1100 -115.56 -125.00 -51.85
CA LYS W 1100 -116.68 -125.30 -52.70
C LYS W 1100 -117.51 -124.05 -52.97
N GLY W 1101 -117.54 -123.57 -54.24
CA GLY W 1101 -118.19 -122.31 -54.57
C GLY W 1101 -117.40 -121.07 -54.28
N TYR W 1102 -116.06 -121.09 -54.39
CA TYR W 1102 -115.24 -119.94 -54.05
C TYR W 1102 -114.36 -119.47 -55.19
N LEU W 1103 -114.68 -119.88 -56.44
CA LEU W 1103 -114.13 -119.22 -57.60
C LEU W 1103 -115.11 -118.21 -58.25
N PRO W 1104 -116.23 -117.65 -57.72
CA PRO W 1104 -116.96 -116.62 -58.42
C PRO W 1104 -116.27 -115.26 -58.29
N LYS W 1105 -114.93 -115.24 -58.14
CA LYS W 1105 -114.14 -114.04 -58.26
C LYS W 1105 -114.05 -113.63 -59.72
N ALA W 1106 -113.70 -114.57 -60.61
CA ALA W 1106 -113.58 -114.34 -62.03
C ALA W 1106 -114.93 -114.07 -62.70
N GLU W 1107 -114.93 -113.17 -63.70
CA GLU W 1107 -116.12 -112.92 -64.49
C GLU W 1107 -116.19 -113.80 -65.73
N THR W 1108 -117.31 -113.71 -66.48
CA THR W 1108 -117.50 -114.55 -67.67
C THR W 1108 -118.00 -113.75 -68.83
N LEU W 1109 -119.28 -113.31 -68.87
CA LEU W 1109 -119.82 -112.54 -70.00
C LEU W 1109 -119.10 -111.20 -70.15
N LEU W 1110 -118.82 -110.56 -69.00
CA LEU W 1110 -117.95 -109.41 -68.87
C LEU W 1110 -116.53 -109.63 -69.37
N GLN W 1111 -116.04 -110.87 -69.41
CA GLN W 1111 -114.74 -111.17 -69.96
C GLN W 1111 -114.69 -111.06 -71.47
N SER W 1112 -115.71 -111.57 -72.18
CA SER W 1112 -115.68 -111.55 -73.63
C SER W 1112 -115.90 -110.16 -74.19
N GLU W 1113 -116.43 -109.23 -73.36
CA GLU W 1113 -116.36 -107.80 -73.61
C GLU W 1113 -114.94 -107.27 -73.79
N GLU W 1114 -114.01 -107.56 -72.86
CA GLU W 1114 -112.60 -107.26 -73.01
C GLU W 1114 -111.89 -108.03 -74.12
N LEU W 1115 -112.24 -109.30 -74.34
CA LEU W 1115 -111.72 -110.08 -75.45
C LEU W 1115 -112.05 -109.49 -76.83
N ASN W 1116 -113.26 -108.92 -77.00
CA ASN W 1116 -113.64 -108.17 -78.18
C ASN W 1116 -112.76 -106.96 -78.41
N SER W 1117 -112.42 -106.18 -77.36
CA SER W 1117 -111.50 -105.04 -77.45
C SER W 1117 -110.12 -105.41 -77.95
N LEU W 1118 -109.59 -106.58 -77.53
CA LEU W 1118 -108.31 -107.07 -77.99
C LEU W 1118 -108.33 -107.73 -79.37
N LYS W 1119 -109.54 -108.04 -79.89
CA LYS W 1119 -109.78 -108.65 -81.19
C LYS W 1119 -109.54 -110.16 -81.19
N THR W 1120 -109.58 -110.79 -80.00
CA THR W 1120 -109.11 -112.16 -79.83
C THR W 1120 -110.22 -113.13 -79.51
N ASN W 1121 -111.48 -112.68 -79.50
CA ASN W 1121 -112.65 -113.49 -79.15
C ASN W 1121 -112.78 -114.75 -80.01
N SER W 1122 -112.63 -114.62 -81.34
CA SER W 1122 -112.69 -115.73 -82.28
C SER W 1122 -111.68 -116.81 -82.03
N TYR W 1123 -110.46 -116.48 -81.60
CA TYR W 1123 -109.49 -117.49 -81.27
C TYR W 1123 -109.82 -118.24 -79.98
N PHE W 1124 -110.04 -117.53 -78.86
CA PHE W 1124 -109.98 -118.21 -77.57
C PHE W 1124 -111.33 -118.66 -76.99
N GLU W 1125 -112.46 -118.24 -77.58
CA GLU W 1125 -113.77 -118.46 -76.97
C GLU W 1125 -114.24 -119.91 -77.03
N PHE W 1126 -113.59 -120.74 -77.87
CA PHE W 1126 -113.76 -122.18 -77.89
C PHE W 1126 -113.29 -122.87 -76.60
N SER W 1127 -112.08 -122.55 -76.09
CA SER W 1127 -111.56 -123.21 -74.90
C SER W 1127 -111.71 -122.38 -73.66
N LEU W 1128 -112.08 -121.08 -73.77
CA LEU W 1128 -112.45 -120.30 -72.60
C LEU W 1128 -113.65 -120.88 -71.86
N LYS W 1129 -114.73 -121.14 -72.61
CA LYS W 1129 -115.89 -121.85 -72.11
C LYS W 1129 -115.59 -123.30 -71.79
N ALA W 1130 -114.84 -124.04 -72.64
CA ALA W 1130 -114.54 -125.44 -72.39
C ALA W 1130 -113.82 -125.67 -71.04
N ASN W 1131 -112.80 -124.86 -70.74
CA ASN W 1131 -112.10 -124.88 -69.47
C ASN W 1131 -112.99 -124.35 -68.35
N TYR W 1132 -113.81 -123.29 -68.56
CA TYR W 1132 -114.87 -122.91 -67.63
C TYR W 1132 -115.97 -123.93 -67.36
N GLU W 1133 -115.97 -125.14 -67.98
CA GLU W 1133 -116.85 -126.23 -67.57
C GLU W 1133 -116.18 -127.12 -66.54
N CYS W 1134 -114.88 -127.42 -66.71
CA CYS W 1134 -114.10 -128.19 -65.75
C CYS W 1134 -113.52 -127.29 -64.69
N TYR W 1135 -113.95 -126.02 -64.65
CA TYR W 1135 -113.77 -125.12 -63.53
C TYR W 1135 -115.04 -124.96 -62.71
N MET W 1136 -116.18 -125.49 -63.19
CA MET W 1136 -117.40 -125.59 -62.40
C MET W 1136 -117.50 -126.96 -61.76
N LYS W 1137 -116.70 -127.92 -62.23
CA LYS W 1137 -116.53 -129.22 -61.60
C LYS W 1137 -115.41 -129.23 -60.58
N MET W 1138 -114.38 -128.38 -60.77
CA MET W 1138 -113.28 -128.20 -59.82
C MET W 1138 -113.75 -127.50 -58.54
N GLU X 69 181.09 228.14 184.56
CA GLU X 69 180.87 228.46 185.99
C GLU X 69 182.19 228.84 186.65
N THR X 70 182.26 228.89 187.99
CA THR X 70 183.46 228.97 188.78
C THR X 70 184.06 227.58 188.84
N VAL X 71 185.35 227.42 189.15
CA VAL X 71 186.02 226.13 189.08
C VAL X 71 185.77 225.30 190.33
N ASN X 72 186.05 225.85 191.52
CA ASN X 72 186.05 225.11 192.77
C ASN X 72 184.84 225.34 193.67
N TYR X 73 183.91 226.23 193.27
CA TYR X 73 182.86 226.72 194.17
C TYR X 73 181.50 226.50 193.52
N ASN X 74 180.41 226.40 194.29
CA ASN X 74 179.06 226.61 193.81
C ASN X 74 178.73 228.03 194.25
N VAL X 75 178.18 228.85 193.33
CA VAL X 75 177.71 230.17 193.66
C VAL X 75 176.23 230.16 193.36
N GLN X 76 175.36 230.11 194.39
CA GLN X 76 173.94 229.92 194.17
C GLN X 76 173.14 230.65 195.22
N LEU X 77 171.85 230.90 194.90
CA LEU X 77 170.82 231.48 195.74
C LEU X 77 170.81 230.95 197.15
N PHE X 78 170.90 231.88 198.12
CA PHE X 78 170.96 231.58 199.52
C PHE X 78 169.68 232.04 200.11
N GLY X 79 168.98 231.13 200.81
CA GLY X 79 167.67 231.42 201.37
C GLY X 79 166.58 231.37 200.35
N SER X 80 165.39 231.73 200.82
CA SER X 80 164.17 231.73 200.05
C SER X 80 164.01 232.97 199.20
N SER X 81 162.93 233.03 198.41
CA SER X 81 162.58 234.20 197.60
C SER X 81 162.56 235.51 198.35
N LEU X 82 163.19 236.55 197.78
CA LEU X 82 163.33 237.81 198.48
C LEU X 82 161.99 238.49 198.72
N PRO X 83 161.80 239.24 199.80
CA PRO X 83 160.62 240.08 199.98
C PRO X 83 160.23 240.94 198.77
N VAL X 84 158.93 241.19 198.53
CA VAL X 84 158.43 241.94 197.38
C VAL X 84 159.05 243.34 197.26
N LYS X 85 159.15 244.04 198.40
CA LYS X 85 159.79 245.33 198.57
C LYS X 85 161.27 245.36 198.14
N VAL X 86 162.04 244.31 198.47
CA VAL X 86 163.43 244.15 198.06
C VAL X 86 163.51 243.90 196.57
N MET X 87 162.61 243.04 196.03
CA MET X 87 162.55 242.78 194.60
C MET X 87 162.24 244.02 193.76
N GLU X 88 161.28 244.87 194.17
CA GLU X 88 160.97 246.15 193.54
C GLU X 88 162.13 247.12 193.55
N ALA X 89 162.82 247.27 194.69
CA ALA X 89 163.97 248.12 194.81
C ALA X 89 165.10 247.72 193.87
N LEU X 90 165.38 246.41 193.74
CA LEU X 90 166.35 245.86 192.81
C LEU X 90 165.97 245.94 191.33
N SER X 91 164.71 245.59 190.98
CA SER X 91 164.22 245.62 189.61
C SER X 91 164.08 247.03 189.07
N ASN X 92 163.63 247.97 189.93
CA ASN X 92 163.58 249.40 189.69
C ASN X 92 164.93 250.11 189.66
N ALA X 93 165.90 249.72 190.53
CA ALA X 93 167.20 250.34 190.60
C ALA X 93 168.00 250.31 189.32
N SER X 94 168.53 251.48 188.94
CA SER X 94 169.33 251.63 187.76
C SER X 94 170.80 251.51 188.18
N ALA X 95 171.73 251.27 187.24
CA ALA X 95 173.16 251.24 187.53
C ALA X 95 173.77 252.60 187.97
N ASP X 96 173.07 253.74 187.76
CA ASP X 96 173.35 255.04 188.36
C ASP X 96 173.15 255.02 189.88
N GLU X 97 172.10 254.31 190.34
CA GLU X 97 171.71 254.23 191.73
C GLU X 97 172.77 253.52 192.61
N PRO X 98 173.14 254.09 193.76
CA PRO X 98 174.00 253.45 194.72
C PRO X 98 173.12 252.72 195.72
N MET X 99 173.21 251.38 195.73
CA MET X 99 172.56 250.61 196.73
C MET X 99 173.69 250.14 197.60
N ALA X 100 173.39 249.95 198.89
CA ALA X 100 174.31 249.36 199.81
C ALA X 100 173.47 248.48 200.71
N ALA X 101 174.09 247.46 201.30
CA ALA X 101 173.37 246.51 202.10
C ALA X 101 174.21 246.13 203.30
N CYS X 102 173.58 246.00 204.48
CA CYS X 102 174.23 245.51 205.68
C CYS X 102 173.63 244.12 205.90
N ILE X 103 174.47 243.08 205.73
CA ILE X 103 174.12 241.71 206.05
C ILE X 103 174.64 241.50 207.44
N HIS X 104 173.72 241.38 208.41
CA HIS X 104 174.06 241.27 209.80
C HIS X 104 174.22 239.82 210.23
N GLU X 105 175.19 239.56 211.13
CA GLU X 105 175.49 238.25 211.71
C GLU X 105 174.32 237.57 212.42
N GLY X 106 173.34 238.37 212.89
CA GLY X 106 172.12 237.88 213.50
C GLY X 106 171.07 237.34 212.53
N GLY X 107 171.32 237.38 211.20
CA GLY X 107 170.42 236.76 210.24
C GLY X 107 169.39 237.71 209.66
N TRP X 108 169.65 239.02 209.74
CA TRP X 108 168.82 240.06 209.19
C TRP X 108 169.63 240.87 208.19
N ALA X 109 168.98 241.34 207.11
CA ALA X 109 169.62 242.09 206.06
C ALA X 109 168.90 243.40 205.88
N TRP X 110 169.69 244.47 205.72
CA TRP X 110 169.20 245.83 205.68
C TRP X 110 169.67 246.43 204.36
N LEU X 111 168.73 246.80 203.46
CA LEU X 111 169.01 247.41 202.17
C LEU X 111 168.74 248.89 202.32
N ALA X 112 169.75 249.74 202.04
CA ALA X 112 169.59 251.17 201.99
C ALA X 112 169.37 251.51 200.51
N CYS X 113 168.14 251.91 200.15
CA CYS X 113 167.74 252.14 198.77
C CYS X 113 167.03 253.47 198.71
N ASN X 114 167.62 254.45 198.00
CA ASN X 114 167.14 255.83 198.00
C ASN X 114 166.97 256.39 199.41
N ASP X 115 165.77 256.89 199.76
CA ASP X 115 165.42 257.44 201.06
C ASP X 115 164.69 256.45 201.98
N ARG X 116 164.69 255.12 201.66
CA ARG X 116 164.24 254.17 202.64
C ARG X 116 165.21 253.04 202.88
N LEU X 117 164.97 252.44 204.04
CA LEU X 117 165.70 251.35 204.59
C LEU X 117 164.74 250.17 204.54
N ILE X 118 165.11 249.04 203.91
CA ILE X 118 164.27 247.86 203.88
C ILE X 118 164.98 246.75 204.58
N ILE X 119 164.34 246.21 205.61
CA ILE X 119 164.95 245.31 206.55
C ILE X 119 164.15 244.10 206.62
N TRP X 120 164.83 242.98 206.47
CA TRP X 120 164.15 241.74 206.43
C TRP X 120 164.99 240.71 207.10
N LYS X 121 164.31 239.70 207.64
CA LYS X 121 164.97 238.53 208.16
C LYS X 121 165.37 237.67 206.98
N ILE X 122 166.66 237.26 206.91
CA ILE X 122 167.12 236.30 205.92
C ILE X 122 166.36 235.00 206.11
N SER X 123 165.53 234.69 205.09
CA SER X 123 164.58 233.62 205.17
C SER X 123 165.21 232.31 204.76
N HIS X 124 165.82 231.61 205.73
CA HIS X 124 166.36 230.26 205.52
C HIS X 124 165.24 229.27 205.23
N SER X 125 164.09 229.49 205.87
CA SER X 125 162.85 228.79 205.60
C SER X 125 161.96 229.66 204.72
N SER X 126 161.23 229.01 203.79
CA SER X 126 160.32 229.56 202.81
C SER X 126 158.96 229.95 203.33
N SER X 127 158.63 229.50 204.56
CA SER X 127 157.32 229.66 205.15
C SER X 127 156.88 231.10 205.39
N ALA X 128 155.69 231.51 204.88
CA ALA X 128 155.21 232.87 204.92
C ALA X 128 154.84 233.41 206.30
N LYS X 129 154.49 232.56 207.28
CA LYS X 129 154.23 233.04 208.64
C LYS X 129 155.49 233.40 209.41
N LEU X 130 156.68 232.99 208.90
CA LEU X 130 157.96 233.31 209.48
C LEU X 130 158.60 234.49 208.75
N MET X 131 157.92 235.00 207.69
CA MET X 131 158.39 236.10 206.88
C MET X 131 158.31 237.44 207.59
N VAL X 132 159.45 238.16 207.67
CA VAL X 132 159.47 239.52 208.22
C VAL X 132 160.19 240.40 207.24
N CYS X 133 159.53 241.49 206.79
CA CYS X 133 160.16 242.57 206.06
C CYS X 133 159.48 243.89 206.42
N LYS X 134 160.25 244.86 206.92
CA LYS X 134 159.77 246.15 207.34
C LYS X 134 160.52 247.20 206.57
N GLU X 135 159.88 248.36 206.33
CA GLU X 135 160.47 249.43 205.57
C GLU X 135 160.42 250.65 206.44
N LEU X 136 161.56 251.32 206.64
CA LEU X 136 161.66 252.43 207.56
C LEU X 136 161.99 253.71 206.84
N PRO X 137 161.52 254.87 207.30
CA PRO X 137 161.78 256.13 206.61
C PRO X 137 163.05 256.77 207.15
N LEU X 138 164.06 256.98 206.28
CA LEU X 138 165.32 257.54 206.73
C LEU X 138 165.21 259.00 207.22
N PRO X 139 165.97 259.46 208.20
CA PRO X 139 166.16 260.91 208.44
C PRO X 139 166.76 261.63 207.23
N LEU X 140 166.13 262.71 206.70
CA LEU X 140 166.66 263.58 205.64
C LEU X 140 168.16 263.89 205.70
N SER X 141 168.84 263.81 204.54
CA SER X 141 170.27 264.10 204.42
C SER X 141 170.43 264.61 203.00
N ASP X 142 171.45 265.45 202.74
CA ASP X 142 171.82 265.85 201.39
C ASP X 142 172.79 264.87 200.79
N SER X 143 173.43 264.02 201.62
CA SER X 143 174.30 262.97 201.12
C SER X 143 173.51 261.69 201.05
N GLU X 144 173.97 260.72 200.23
CA GLU X 144 173.48 259.36 200.19
C GLU X 144 173.55 258.69 201.55
N TRP X 145 172.46 258.00 201.93
CA TRP X 145 172.47 257.16 203.10
C TRP X 145 173.32 255.93 202.86
N SER X 146 173.97 255.39 203.91
CA SER X 146 174.87 254.27 203.72
C SER X 146 174.42 253.19 204.65
N ALA X 147 174.49 251.91 204.23
CA ALA X 147 174.22 250.76 205.07
C ALA X 147 175.33 250.51 206.11
N ASP X 148 176.52 251.15 205.93
CA ASP X 148 177.59 251.24 206.93
C ASP X 148 177.20 252.05 208.17
N LEU X 149 176.24 252.99 208.01
CA LEU X 149 175.79 253.92 209.04
C LEU X 149 174.51 253.45 209.59
N VAL X 150 174.37 252.16 209.52
CA VAL X 150 173.10 251.57 209.76
C VAL X 150 173.32 250.21 210.43
N ASP X 151 172.66 249.97 211.58
CA ASP X 151 173.02 248.81 212.41
C ASP X 151 171.80 248.28 213.22
N ILE X 152 171.81 246.96 213.51
CA ILE X 152 170.75 246.25 214.20
C ILE X 152 171.14 245.87 215.60
N CYS X 153 170.22 246.02 216.56
CA CYS X 153 170.44 245.51 217.90
C CYS X 153 169.34 244.54 218.25
N ALA X 154 169.70 243.40 218.83
CA ALA X 154 168.75 242.38 219.21
C ALA X 154 168.72 242.23 220.72
N GLN X 155 167.51 242.08 221.31
CA GLN X 155 167.25 241.80 222.71
C GLN X 155 168.04 240.59 223.20
N THR X 156 169.06 240.81 224.07
CA THR X 156 169.91 239.74 224.61
C THR X 156 170.82 239.13 223.53
N GLY X 157 170.91 239.77 222.34
CA GLY X 157 171.66 239.22 221.20
C GLY X 157 170.95 238.12 220.44
N ASP X 158 169.68 237.80 220.78
CA ASP X 158 168.93 236.70 220.18
C ASP X 158 168.01 237.27 219.08
N PRO X 159 168.08 236.79 217.83
CA PRO X 159 167.19 237.20 216.75
C PRO X 159 166.01 236.28 216.68
N ALA X 160 164.87 236.86 217.09
CA ALA X 160 163.62 236.19 217.35
C ALA X 160 162.49 237.17 217.03
N ALA X 161 162.24 237.40 215.73
CA ALA X 161 161.16 238.21 215.21
C ALA X 161 161.35 239.72 215.32
N ALA X 162 160.37 240.49 214.82
CA ALA X 162 160.36 241.93 214.85
C ALA X 162 160.41 242.59 216.24
N GLN X 163 159.76 242.11 217.31
CA GLN X 163 159.91 242.79 218.60
C GLN X 163 161.34 242.77 219.17
N SER X 164 162.12 241.70 218.91
CA SER X 164 163.49 241.59 219.44
C SER X 164 164.47 242.57 218.85
N VAL X 165 164.11 243.21 217.73
CA VAL X 165 165.03 243.96 216.92
C VAL X 165 164.81 245.47 217.09
N ALA X 166 165.87 246.18 217.54
CA ALA X 166 165.99 247.62 217.58
C ALA X 166 166.94 248.11 216.50
N LEU X 167 166.80 249.39 216.10
CA LEU X 167 167.47 249.91 214.94
C LEU X 167 167.97 251.29 215.09
N MET X 168 169.22 251.51 214.68
CA MET X 168 169.71 252.85 214.57
C MET X 168 170.20 253.14 213.18
N ALA X 169 170.11 254.41 212.80
CA ALA X 169 170.66 254.95 211.59
C ALA X 169 171.37 256.23 211.91
N ALA X 170 172.46 256.51 211.18
CA ALA X 170 173.15 257.78 211.21
C ALA X 170 173.32 258.34 209.81
N THR X 171 173.45 259.67 209.68
CA THR X 171 173.74 260.36 208.44
C THR X 171 175.24 260.70 208.44
N PRO X 172 175.91 261.03 207.34
CA PRO X 172 177.29 261.53 207.37
C PRO X 172 177.59 262.77 208.22
N GLU X 173 176.63 263.70 208.42
CA GLU X 173 176.75 264.87 209.30
C GLU X 173 176.51 264.55 210.77
N GLY X 174 175.89 263.39 211.11
CA GLY X 174 175.71 263.01 212.51
C GLY X 174 174.30 263.04 213.04
N SER X 175 173.27 263.07 212.18
CA SER X 175 171.89 262.97 212.61
C SER X 175 171.57 261.54 212.88
N SER X 176 170.97 261.25 214.03
CA SER X 176 170.73 259.90 214.49
C SER X 176 169.24 259.69 214.58
N ARG X 177 168.76 258.51 214.12
CA ARG X 177 167.38 258.10 214.27
C ARG X 177 167.36 256.67 214.78
N TYR X 178 166.64 256.44 215.90
CA TYR X 178 166.60 255.21 216.64
C TYR X 178 165.18 254.71 216.81
N TRP X 179 164.89 253.47 216.36
CA TRP X 179 163.64 252.76 216.54
C TRP X 179 163.88 251.76 217.67
N PRO X 180 163.22 251.78 218.83
CA PRO X 180 163.35 250.75 219.86
C PRO X 180 162.95 249.37 219.41
N ASN X 181 161.98 249.27 218.47
CA ASN X 181 161.43 248.02 217.98
C ASN X 181 161.13 248.22 216.51
N ILE X 182 161.55 247.29 215.62
CA ILE X 182 161.24 247.29 214.19
C ILE X 182 159.79 246.92 213.91
N LEU X 183 159.10 246.39 214.93
CA LEU X 183 157.66 246.20 214.93
C LEU X 183 156.92 247.53 214.78
N HIS X 184 157.40 248.58 215.48
CA HIS X 184 156.78 249.90 215.45
C HIS X 184 157.56 250.86 214.55
N GLU X 185 157.26 250.90 213.24
CA GLU X 185 158.05 251.61 212.23
C GLU X 185 157.89 253.15 212.23
N GLY X 186 156.77 253.66 212.81
CA GLY X 186 156.51 255.07 213.02
C GLY X 186 157.02 255.58 214.35
N THR X 187 157.60 254.67 215.17
CA THR X 187 157.99 254.99 216.54
C THR X 187 159.49 255.02 216.65
N TYR X 188 160.05 256.22 216.75
CA TYR X 188 161.47 256.41 216.83
C TYR X 188 161.77 257.64 217.66
N ILE X 189 163.04 257.81 218.06
CA ILE X 189 163.55 259.00 218.71
C ILE X 189 164.75 259.46 217.92
N GLU X 190 165.15 260.73 218.13
CA GLU X 190 166.15 261.36 217.31
C GLU X 190 167.20 262.04 218.17
N SER X 191 168.38 262.30 217.57
CA SER X 191 169.44 263.03 218.24
C SER X 191 170.43 263.51 217.21
N TYR X 192 171.47 264.24 217.64
CA TYR X 192 172.55 264.61 216.75
C TYR X 192 173.87 264.56 217.50
N THR X 193 174.94 264.19 216.76
CA THR X 193 176.34 264.15 217.18
C THR X 193 176.94 265.43 216.63
N GLU X 194 178.02 265.31 215.85
CA GLU X 194 178.52 266.32 214.91
C GLU X 194 179.82 265.87 214.27
N PHE X 195 179.94 266.09 212.95
CA PHE X 195 181.05 265.72 212.10
C PHE X 195 181.39 266.83 211.12
N GLY X 196 182.57 266.77 210.46
CA GLY X 196 182.85 267.66 209.34
C GLY X 196 182.09 267.18 208.14
N SER X 197 181.81 268.06 207.16
CA SER X 197 181.37 267.66 205.84
C SER X 197 182.45 266.83 205.13
N SER X 198 182.07 265.68 204.57
CA SER X 198 182.87 264.68 203.83
C SER X 198 183.17 263.43 204.64
N LEU X 199 182.91 263.43 205.97
CA LEU X 199 183.20 262.30 206.83
C LEU X 199 182.48 260.99 206.44
N CYS X 200 183.28 259.96 206.04
CA CYS X 200 182.81 258.58 205.98
C CYS X 200 182.87 258.01 207.39
N ALA X 201 181.67 257.68 207.92
CA ALA X 201 181.50 257.18 209.24
C ALA X 201 180.92 255.76 209.18
N PHE X 202 181.03 255.01 210.29
CA PHE X 202 180.40 253.72 210.46
C PHE X 202 179.56 253.79 211.72
N VAL X 203 178.46 253.00 211.79
CA VAL X 203 177.67 252.82 212.99
C VAL X 203 177.70 251.35 213.32
N THR X 204 178.01 251.01 214.57
CA THR X 204 178.19 249.62 214.94
C THR X 204 177.47 249.29 216.21
N ALA X 205 176.55 248.32 216.18
CA ALA X 205 175.92 247.78 217.36
C ALA X 205 176.91 247.08 218.30
N VAL X 206 176.94 247.48 219.58
CA VAL X 206 177.85 246.96 220.59
C VAL X 206 177.03 246.50 221.80
N LYS X 207 177.66 245.93 222.85
CA LYS X 207 176.94 245.47 224.03
C LYS X 207 176.20 246.50 224.84
N GLY X 208 175.11 246.02 225.49
CA GLY X 208 174.28 246.82 226.39
C GLY X 208 173.19 247.60 225.69
N ASN X 209 172.84 247.14 224.48
CA ASN X 209 171.86 247.72 223.58
C ASN X 209 172.27 249.06 223.02
N SER X 210 173.59 249.24 222.82
CA SER X 210 174.19 250.50 222.45
C SER X 210 175.03 250.38 221.22
N PHE X 211 175.56 251.54 220.81
CA PHE X 211 176.06 251.71 219.48
C PHE X 211 177.31 252.55 219.57
N ILE X 212 178.25 252.37 218.63
CA ILE X 212 179.38 253.27 218.49
C ILE X 212 179.29 253.86 217.10
N LEU X 213 179.29 255.20 217.06
CA LEU X 213 179.37 255.98 215.85
C LEU X 213 180.80 256.42 215.70
N SER X 214 181.41 256.15 214.53
CA SER X 214 182.84 256.32 214.32
C SER X 214 183.13 257.26 213.16
N SER X 215 183.85 258.36 213.38
CA SER X 215 184.12 259.35 212.33
C SER X 215 185.21 258.98 211.31
N GLU X 216 185.31 259.67 210.14
CA GLU X 216 186.46 259.53 209.25
C GLU X 216 187.77 259.95 209.90
N LYS X 217 187.70 260.90 210.86
CA LYS X 217 188.82 261.37 211.62
C LYS X 217 189.01 260.51 212.88
N ASN X 218 188.27 259.40 213.02
CA ASN X 218 188.36 258.47 214.14
C ASN X 218 187.98 259.03 215.50
N GLN X 219 187.03 259.98 215.53
CA GLN X 219 186.29 260.28 216.73
C GLN X 219 185.27 259.17 216.93
N LEU X 220 185.32 258.50 218.10
CA LEU X 220 184.43 257.40 218.39
C LEU X 220 183.48 257.84 219.48
N VAL X 221 182.17 257.73 219.24
CA VAL X 221 181.14 258.18 220.15
C VAL X 221 180.24 257.01 220.50
N ARG X 222 180.09 256.71 221.81
CA ARG X 222 179.12 255.76 222.32
C ARG X 222 177.74 256.38 222.30
N LEU X 223 176.71 255.65 221.81
CA LEU X 223 175.33 256.10 221.80
C LEU X 223 174.46 255.08 222.50
N THR X 224 173.79 255.50 223.60
CA THR X 224 173.03 254.62 224.47
C THR X 224 171.61 255.16 224.59
N PRO X 225 170.60 254.55 223.96
CA PRO X 225 169.20 254.84 224.23
C PRO X 225 168.78 254.65 225.68
N ASP X 226 168.14 255.66 226.28
CA ASP X 226 167.56 255.58 227.59
C ASP X 226 166.06 255.28 227.40
N ALA X 227 165.40 254.66 228.41
CA ALA X 227 163.98 254.34 228.43
C ALA X 227 163.09 255.59 228.41
N SER X 228 163.62 256.77 228.79
CA SER X 228 162.94 258.05 228.62
C SER X 228 162.60 258.42 227.17
N GLY X 229 163.45 257.95 226.23
CA GLY X 229 163.46 258.34 224.82
C GLY X 229 164.67 259.16 224.46
N LYS X 230 165.47 259.59 225.46
CA LYS X 230 166.77 260.23 225.24
C LYS X 230 167.81 259.28 224.68
N MET X 231 168.80 259.84 223.99
CA MET X 231 169.96 259.10 223.59
C MET X 231 171.14 259.75 224.27
N ASN X 232 171.74 259.03 225.25
CA ASN X 232 172.95 259.43 225.93
C ASN X 232 174.12 259.30 224.97
N GLN X 233 175.12 260.20 225.05
CA GLN X 233 176.29 260.07 224.22
C GLN X 233 177.52 260.52 224.95
N ARG X 234 178.66 259.86 224.67
CA ARG X 234 179.95 260.29 225.17
C ARG X 234 181.03 259.82 224.23
N VAL X 235 182.15 260.57 224.16
CA VAL X 235 183.35 260.21 223.43
C VAL X 235 184.07 259.06 224.11
N LEU X 236 184.66 258.11 223.35
CA LEU X 236 185.48 257.07 223.93
C LEU X 236 186.76 257.62 224.59
N PRO X 237 187.29 257.03 225.67
CA PRO X 237 188.58 257.42 226.22
C PRO X 237 189.71 257.40 225.19
N GLN X 238 190.44 258.52 224.99
CA GLN X 238 191.48 258.67 223.98
C GLN X 238 190.98 258.49 222.55
N GLY X 239 189.68 258.76 222.32
CA GLY X 239 189.00 258.55 221.06
C GLY X 239 188.32 259.79 220.58
N GLN X 240 188.98 260.94 220.86
CA GLN X 240 188.55 262.29 220.51
C GLN X 240 188.68 262.56 219.00
N GLY X 241 189.51 261.72 218.34
CA GLY X 241 189.71 261.64 216.89
C GLY X 241 190.93 262.33 216.42
N MET X 242 191.10 263.55 216.91
CA MET X 242 192.29 264.32 216.68
C MET X 242 193.29 264.00 217.77
N GLU X 262 198.52 261.06 211.44
CA GLU X 262 197.32 260.97 210.65
C GLU X 262 196.46 259.89 211.29
N SER X 263 195.25 260.26 211.80
CA SER X 263 194.34 259.32 212.47
C SER X 263 193.09 259.03 211.66
N THR X 264 193.14 259.24 210.32
CA THR X 264 192.09 258.89 209.35
C THR X 264 191.67 257.43 209.52
N LEU X 265 190.35 257.16 209.57
CA LEU X 265 189.77 255.87 209.87
C LEU X 265 189.51 255.01 208.64
N CYS X 266 189.93 253.72 208.68
CA CYS X 266 189.68 252.77 207.63
C CYS X 266 188.55 251.84 207.97
N SER X 267 188.58 251.26 209.18
CA SER X 267 187.50 250.38 209.55
C SER X 267 187.45 250.22 211.03
N VAL X 268 186.37 249.57 211.50
CA VAL X 268 186.16 249.27 212.91
C VAL X 268 185.71 247.85 213.01
N LEU X 269 185.95 247.22 214.18
CA LEU X 269 185.61 245.83 214.39
C LEU X 269 185.05 245.69 215.79
N TRP X 270 183.92 244.98 215.93
CA TRP X 270 183.30 244.67 217.19
C TRP X 270 183.41 243.17 217.43
N ASP X 271 184.22 242.77 218.42
CA ASP X 271 184.50 241.33 218.61
C ASP X 271 183.60 240.68 219.66
N LYS X 272 183.95 239.44 220.04
CA LYS X 272 183.24 238.62 221.06
C LYS X 272 183.52 239.20 222.45
N GLY X 273 182.68 238.90 223.43
CA GLY X 273 182.89 239.54 224.75
C GLY X 273 182.70 241.03 224.59
N ASP X 274 183.71 241.84 224.93
CA ASP X 274 183.51 243.31 224.79
C ASP X 274 184.74 244.00 224.19
N CYS X 275 185.17 243.63 222.97
CA CYS X 275 186.29 244.38 222.42
C CYS X 275 185.98 245.08 221.12
N PHE X 276 186.22 246.40 221.10
CA PHE X 276 185.97 247.24 219.95
C PHE X 276 187.32 247.74 219.47
N TYR X 277 187.63 247.56 218.18
CA TYR X 277 188.88 247.93 217.56
C TYR X 277 188.61 248.95 216.49
N THR X 278 189.57 249.85 216.30
CA THR X 278 189.61 250.76 215.18
C THR X 278 190.90 250.57 214.44
N LEU X 279 190.81 250.60 213.11
CA LEU X 279 191.96 250.60 212.24
C LEU X 279 192.01 251.96 211.58
N THR X 280 193.13 252.68 211.77
CA THR X 280 193.39 253.98 211.18
C THR X 280 194.51 253.81 210.16
N ASP X 281 194.92 254.90 209.46
CA ASP X 281 195.97 254.85 208.47
C ASP X 281 197.37 254.57 209.05
N SER X 282 197.56 254.82 210.36
CA SER X 282 198.79 254.56 211.07
C SER X 282 198.72 253.42 212.09
N SER X 283 197.55 253.20 212.74
CA SER X 283 197.52 252.32 213.89
C SER X 283 196.21 251.60 214.15
N ILE X 284 196.27 250.59 215.03
CA ILE X 284 195.14 249.84 215.54
C ILE X 284 194.99 250.30 216.97
N ASN X 285 193.76 250.63 217.39
CA ASN X 285 193.42 250.92 218.76
C ASN X 285 192.36 249.91 219.15
N LYS X 286 192.32 249.51 220.43
CA LYS X 286 191.37 248.58 220.99
C LYS X 286 190.84 249.14 222.32
N TRP X 287 189.52 249.00 222.54
CA TRP X 287 188.80 249.31 223.76
C TRP X 287 188.16 248.02 224.27
N ASP X 288 188.10 247.86 225.60
CA ASP X 288 187.34 246.85 226.33
C ASP X 288 186.09 247.58 226.83
N LEU X 289 184.88 247.05 226.58
CA LEU X 289 183.61 247.71 226.86
C LEU X 289 182.94 247.02 228.02
N ASP X 290 182.03 247.72 228.69
CA ASP X 290 180.93 247.09 229.37
C ASP X 290 179.63 247.63 228.72
N ASP X 291 178.48 247.55 229.41
CA ASP X 291 177.19 248.04 228.93
C ASP X 291 177.09 249.59 228.85
N THR X 292 177.95 250.37 229.56
CA THR X 292 177.87 251.84 229.56
C THR X 292 179.20 252.57 229.41
N SER X 293 180.34 251.86 229.41
CA SER X 293 181.64 252.50 229.29
C SER X 293 182.62 251.66 228.52
N GLU X 294 183.83 252.22 228.38
CA GLU X 294 184.89 251.67 227.61
C GLU X 294 186.16 252.01 228.36
N SER X 295 187.14 251.12 228.28
CA SER X 295 188.47 251.38 228.76
C SER X 295 189.43 251.15 227.61
N GLN X 296 190.27 252.17 227.29
CA GLN X 296 191.30 252.09 226.28
C GLN X 296 192.33 251.04 226.66
N VAL X 297 192.56 250.03 225.80
CA VAL X 297 193.47 248.94 226.08
C VAL X 297 194.86 249.25 225.52
N LEU X 298 194.92 249.64 224.23
CA LEU X 298 196.17 249.94 223.57
C LEU X 298 195.99 250.64 222.25
N ASN X 299 197.06 251.30 221.78
CA ASN X 299 197.19 251.76 220.41
C ASN X 299 198.54 251.18 219.93
N TRP X 300 198.55 250.45 218.81
CA TRP X 300 199.74 249.89 218.19
C TRP X 300 200.05 250.53 216.87
N ASP X 301 201.23 251.16 216.79
CA ASP X 301 201.84 251.67 215.57
C ASP X 301 202.18 250.49 214.64
N MET X 302 201.17 250.04 213.86
CA MET X 302 201.28 248.88 213.01
C MET X 302 202.02 249.22 211.74
N SER X 303 202.06 250.54 211.42
CA SER X 303 202.94 251.07 210.40
C SER X 303 204.40 250.86 210.78
N ARG X 304 204.84 251.13 212.02
CA ARG X 304 206.17 250.73 212.45
C ARG X 304 206.40 249.23 212.48
N VAL X 305 205.45 248.44 213.04
CA VAL X 305 205.58 247.00 213.21
C VAL X 305 205.61 246.21 211.89
N LEU X 306 204.65 246.45 210.95
CA LEU X 306 204.42 245.52 209.85
C LEU X 306 205.08 245.91 208.55
N ARG X 307 205.62 247.13 208.44
CA ARG X 307 206.10 247.72 207.21
C ARG X 307 207.15 246.94 206.47
N GLU X 308 208.20 246.50 207.21
CA GLU X 308 209.26 245.64 206.72
C GLU X 308 208.69 244.30 206.29
N TYR X 309 207.81 243.68 207.11
CA TYR X 309 207.22 242.38 206.82
C TYR X 309 206.36 242.38 205.56
N ILE X 310 205.58 243.47 205.33
CA ILE X 310 204.86 243.68 204.08
C ILE X 310 205.76 243.92 202.88
N SER X 311 206.75 244.83 203.00
CA SER X 311 207.65 245.14 201.89
C SER X 311 208.58 243.99 201.53
N ASP X 312 209.16 243.26 202.53
CA ASP X 312 209.93 242.03 202.41
C ASP X 312 209.13 240.90 201.73
N ALA X 313 207.84 240.70 202.08
CA ALA X 313 207.05 239.66 201.47
C ALA X 313 206.73 239.87 199.99
N ILE X 314 206.80 241.14 199.50
CA ILE X 314 206.54 241.49 198.11
C ILE X 314 207.87 241.65 197.37
N TRP X 315 208.71 242.62 197.76
CA TRP X 315 209.87 243.01 196.99
C TRP X 315 211.17 242.50 197.62
N ILE X 328 208.07 252.58 199.18
CA ILE X 328 206.84 251.80 199.24
C ILE X 328 205.70 252.49 199.98
N ASN X 329 204.54 252.62 199.30
CA ASN X 329 203.33 253.11 199.91
C ASN X 329 202.55 251.93 200.42
N ILE X 330 202.08 251.98 201.68
CA ILE X 330 201.22 250.95 202.28
C ILE X 330 199.97 251.66 202.80
N ASN X 331 198.77 251.14 202.46
CA ASN X 331 197.51 251.58 203.03
C ASN X 331 196.83 250.39 203.69
N TYR X 332 196.34 250.57 204.91
CA TYR X 332 195.65 249.56 205.68
C TYR X 332 194.16 249.78 205.45
N LEU X 333 193.37 248.75 205.06
CA LEU X 333 192.03 248.99 204.55
C LEU X 333 190.91 248.33 205.32
N SER X 334 191.18 247.19 205.97
CA SER X 334 190.11 246.48 206.65
C SER X 334 190.71 245.59 207.68
N LEU X 335 189.91 245.25 208.71
CA LEU X 335 190.33 244.56 209.88
C LEU X 335 189.20 243.61 210.20
N ASN X 336 189.55 242.34 210.36
CA ASN X 336 188.65 241.30 210.76
C ASN X 336 189.46 240.41 211.68
N GLN X 337 188.87 239.34 212.18
CA GLN X 337 189.58 238.40 213.00
C GLN X 337 189.14 236.99 212.70
N ASN X 338 189.98 236.04 213.10
CA ASN X 338 189.73 234.63 213.03
C ASN X 338 190.44 234.03 214.25
N CYS X 339 190.56 232.69 214.33
CA CYS X 339 191.26 231.95 215.37
C CYS X 339 192.73 232.27 215.54
N ASP X 340 193.43 232.55 214.42
CA ASP X 340 194.82 232.99 214.32
C ASP X 340 195.00 234.39 214.94
N GLY X 341 193.90 235.16 215.15
CA GLY X 341 193.90 236.47 215.77
C GLY X 341 193.36 237.50 214.81
N LEU X 342 193.99 238.67 214.73
CA LEU X 342 193.51 239.76 213.90
C LEU X 342 194.02 239.61 212.50
N VAL X 343 193.17 239.87 211.50
CA VAL X 343 193.47 239.76 210.09
C VAL X 343 193.31 241.12 209.47
N ILE X 344 194.40 241.70 208.94
CA ILE X 344 194.43 243.05 208.39
C ILE X 344 194.61 242.95 206.90
N LEU X 345 193.77 243.67 206.13
CA LEU X 345 193.92 243.78 204.71
C LEU X 345 194.70 245.05 204.42
N SER X 346 195.82 244.90 203.69
CA SER X 346 196.72 245.98 203.38
C SER X 346 197.01 246.01 201.89
N ALA X 347 197.01 247.21 201.28
CA ALA X 347 197.41 247.41 199.91
C ALA X 347 198.77 248.08 199.88
N ALA X 348 199.72 247.57 199.09
CA ALA X 348 201.06 248.12 198.98
C ALA X 348 201.46 248.29 197.52
N TRP X 349 202.19 249.37 197.19
CA TRP X 349 202.67 249.60 195.84
C TRP X 349 203.91 250.48 195.85
N HIS X 350 204.70 250.41 194.78
CA HIS X 350 205.86 251.26 194.57
C HIS X 350 205.64 252.05 193.27
N PRO X 351 205.61 253.39 193.23
CA PRO X 351 205.35 254.16 192.00
C PRO X 351 206.28 253.87 190.84
N GLY X 352 207.56 253.61 191.16
CA GLY X 352 208.64 253.44 190.21
C GLY X 352 208.79 252.04 189.67
N ASP X 353 207.88 251.14 190.06
CA ASP X 353 207.87 249.76 189.48
C ASP X 353 207.69 249.90 187.96
N ASN X 354 208.45 249.12 187.17
CA ASN X 354 208.42 249.23 185.69
C ASN X 354 207.01 248.96 185.14
N PRO X 355 206.29 247.92 185.62
CA PRO X 355 204.83 247.98 185.61
C PRO X 355 204.39 248.16 187.08
N CYS X 356 203.61 249.20 187.38
CA CYS X 356 203.26 249.38 188.79
C CYS X 356 201.94 248.69 189.08
N GLN X 357 201.99 247.64 189.92
CA GLN X 357 200.82 246.89 190.37
C GLN X 357 200.57 247.19 191.84
N ILE X 358 199.32 246.95 192.30
CA ILE X 358 198.97 247.07 193.70
C ILE X 358 198.91 245.68 194.28
N TYR X 359 199.70 245.40 195.33
CA TYR X 359 199.72 244.11 195.95
C TYR X 359 198.83 244.16 197.18
N TYR X 360 197.82 243.27 197.25
CA TYR X 360 196.92 243.19 198.40
C TYR X 360 197.45 242.07 199.27
N THR X 361 197.62 242.34 200.57
CA THR X 361 198.12 241.35 201.50
C THR X 361 197.15 241.15 202.64
N LEU X 362 197.15 239.91 203.16
CA LEU X 362 196.50 239.60 204.40
C LEU X 362 197.59 239.38 205.42
N VAL X 363 197.53 240.19 206.49
CA VAL X 363 198.49 240.18 207.57
C VAL X 363 197.79 239.64 208.79
N THR X 364 198.28 238.53 209.38
CA THR X 364 197.72 237.99 210.61
C THR X 364 198.66 238.17 211.76
N VAL X 365 198.15 238.71 212.89
CA VAL X 365 198.90 238.95 214.09
C VAL X 365 198.04 238.51 215.25
N LYS X 366 198.69 238.13 216.36
CA LYS X 366 198.01 237.78 217.59
C LYS X 366 197.67 239.03 218.40
N ASP X 367 196.46 239.11 218.99
CA ASP X 367 196.11 240.10 219.99
C ASP X 367 196.18 239.33 221.30
N GLU X 368 197.33 239.42 222.01
CA GLU X 368 197.52 238.78 223.27
C GLU X 368 198.06 239.80 224.25
N GLY X 369 197.18 240.27 225.14
CA GLY X 369 197.54 241.28 226.13
C GLY X 369 197.58 242.66 225.52
N TYR X 370 198.61 243.47 225.83
CA TYR X 370 198.64 244.82 225.29
C TYR X 370 199.77 245.06 224.30
N ASN X 371 200.46 244.02 223.81
CA ASN X 371 201.61 244.24 223.00
C ASN X 371 201.52 243.29 221.83
N ILE X 372 202.21 243.65 220.75
CA ILE X 372 202.33 242.84 219.58
C ILE X 372 203.38 241.75 219.79
N SER X 373 203.13 240.55 219.24
CA SER X 373 204.10 239.45 219.20
C SER X 373 205.06 239.63 218.05
N ASP X 374 206.16 238.85 218.06
CA ASP X 374 207.20 238.89 217.04
C ASP X 374 206.77 238.20 215.73
N GLU X 375 205.75 237.33 215.85
CA GLU X 375 205.18 236.49 214.82
C GLU X 375 204.08 237.24 214.06
N ILE X 376 204.43 237.66 212.84
CA ILE X 376 203.58 238.31 211.86
C ILE X 376 203.63 237.38 210.68
N THR X 377 202.48 237.01 210.09
CA THR X 377 202.48 236.34 208.80
C THR X 377 202.00 237.34 207.79
N VAL X 378 202.63 237.38 206.60
CA VAL X 378 202.13 238.19 205.51
C VAL X 378 201.87 237.25 204.37
N GLU X 379 200.62 237.27 203.86
CA GLU X 379 200.17 236.44 202.77
C GLU X 379 199.75 237.38 201.63
N VAL X 380 200.42 237.27 200.48
CA VAL X 380 200.15 238.10 199.30
C VAL X 380 199.11 237.43 198.41
N THR X 381 197.99 238.12 198.16
CA THR X 381 196.85 237.55 197.46
C THR X 381 197.06 237.48 195.95
N GLN X 382 196.17 236.77 195.23
CA GLN X 382 196.08 236.83 193.77
C GLN X 382 195.61 238.18 193.28
N PHE X 383 194.95 238.99 194.13
CA PHE X 383 194.37 240.20 193.65
C PHE X 383 195.50 241.20 193.51
N ASN X 384 195.84 241.54 192.26
CA ASN X 384 197.02 242.30 191.96
C ASN X 384 196.75 243.21 190.76
N PRO X 385 195.77 244.13 190.80
CA PRO X 385 195.50 245.02 189.70
C PRO X 385 196.58 246.06 189.49
N VAL X 386 196.61 246.65 188.30
CA VAL X 386 197.45 247.78 187.92
C VAL X 386 197.17 248.98 188.84
N PHE X 387 198.19 249.73 189.29
CA PHE X 387 197.94 251.00 189.97
C PHE X 387 197.34 252.00 188.99
N GLN X 388 196.23 252.64 189.43
CA GLN X 388 195.55 253.66 188.69
C GLN X 388 195.60 254.94 189.50
N ALA X 389 194.87 254.97 190.62
CA ALA X 389 194.87 256.11 191.49
C ALA X 389 194.61 255.59 192.88
N ARG X 390 195.13 256.30 193.91
CA ARG X 390 194.98 255.96 195.32
C ARG X 390 193.52 255.96 195.77
N GLY X 391 192.70 256.88 195.22
CA GLY X 391 191.26 256.92 195.48
C GLY X 391 190.47 255.74 194.91
N MET X 392 191.08 254.98 193.97
CA MET X 392 190.48 253.81 193.34
C MET X 392 190.96 252.51 193.99
N GLN X 393 191.78 252.59 195.05
CA GLN X 393 192.15 251.44 195.85
C GLN X 393 191.07 251.01 196.81
N LEU X 394 190.06 250.32 196.30
CA LEU X 394 188.91 249.92 197.06
C LEU X 394 188.88 248.42 197.08
N CYS X 395 188.65 247.85 198.27
CA CYS X 395 188.69 246.43 198.53
C CYS X 395 188.34 246.23 199.99
N GLN X 396 187.45 245.27 200.25
CA GLN X 396 186.98 244.96 201.58
C GLN X 396 187.16 243.49 201.85
N LEU X 397 187.06 243.15 203.15
CA LEU X 397 187.40 241.86 203.67
C LEU X 397 186.24 241.24 204.43
N VAL X 398 185.92 239.97 204.16
CA VAL X 398 184.97 239.12 204.89
C VAL X 398 185.68 237.86 205.34
N VAL X 399 185.45 237.42 206.60
CA VAL X 399 185.95 236.19 207.18
C VAL X 399 184.74 235.51 207.79
N PRO X 400 184.11 234.53 207.13
CA PRO X 400 182.85 233.98 207.61
C PRO X 400 183.10 232.87 208.57
N ASN X 401 184.18 232.11 208.36
CA ASN X 401 184.56 230.98 209.14
C ASN X 401 185.77 231.41 209.96
N PHE X 402 185.59 231.46 211.30
CA PHE X 402 186.61 231.79 212.28
C PHE X 402 187.80 230.79 212.31
N SER X 403 187.64 229.51 211.87
CA SER X 403 188.63 228.45 212.06
C SER X 403 189.20 227.75 210.83
N SER X 404 188.59 227.89 209.63
CA SER X 404 189.30 227.62 208.38
C SER X 404 190.00 228.90 208.04
N GLN X 405 191.24 228.88 207.52
CA GLN X 405 192.05 230.08 207.47
C GLN X 405 191.71 230.90 206.20
N ALA X 406 190.41 231.08 205.89
CA ALA X 406 189.90 231.55 204.62
C ALA X 406 189.24 232.91 204.70
N CYS X 407 189.61 233.76 203.74
CA CYS X 407 189.18 235.14 203.71
C CYS X 407 188.72 235.46 202.33
N TYR X 408 187.78 236.39 202.24
CA TYR X 408 187.17 236.71 200.97
C TYR X 408 187.40 238.17 200.76
N LEU X 409 188.21 238.52 199.74
CA LEU X 409 188.42 239.91 199.37
C LEU X 409 187.32 240.29 198.42
N TYR X 410 186.80 241.52 198.52
CA TYR X 410 185.81 241.94 197.59
C TYR X 410 185.90 243.38 197.17
N THR X 411 185.53 243.63 195.92
CA THR X 411 185.30 244.96 195.38
C THR X 411 183.87 244.94 194.88
N GLN X 412 183.51 245.81 193.93
CA GLN X 412 182.17 245.84 193.37
C GLN X 412 181.94 244.83 192.24
N GLU X 413 183.02 244.25 191.65
CA GLU X 413 182.90 243.43 190.46
C GLU X 413 183.38 242.00 190.65
N MET X 414 184.08 241.69 191.76
CA MET X 414 184.58 240.35 191.94
C MET X 414 184.98 240.08 193.37
N ILE X 415 184.97 238.78 193.67
CA ILE X 415 185.28 238.19 194.95
C ILE X 415 186.52 237.37 194.76
N PHE X 416 187.52 237.51 195.63
CA PHE X 416 188.68 236.64 195.64
C PHE X 416 188.66 235.83 196.91
N ALA X 417 188.54 234.49 196.78
CA ALA X 417 188.71 233.54 197.83
C ALA X 417 190.18 233.42 198.06
N CYS X 418 190.61 233.75 199.28
CA CYS X 418 191.99 233.88 199.64
C CYS X 418 192.22 233.12 200.91
N SER X 419 193.50 232.93 201.19
CA SER X 419 193.97 232.19 202.32
C SER X 419 194.63 233.16 203.30
N THR X 420 194.74 232.76 204.57
CA THR X 420 195.50 233.44 205.61
C THR X 420 196.39 232.43 206.29
N GLY X 421 197.30 232.94 207.16
CA GLY X 421 198.05 232.11 208.08
C GLY X 421 199.04 231.19 207.44
N THR X 422 199.11 229.92 207.91
CA THR X 422 199.92 228.90 207.27
C THR X 422 199.41 228.45 205.92
N GLY X 423 198.08 228.55 205.75
CA GLY X 423 197.40 228.03 204.58
C GLY X 423 197.03 226.56 204.65
N ARG X 424 197.25 225.89 205.79
CA ARG X 424 196.99 224.48 205.97
C ARG X 424 195.55 224.00 205.81
N SER X 425 194.56 224.75 206.33
CA SER X 425 193.15 224.37 206.24
C SER X 425 192.42 225.24 205.22
N THR X 426 193.16 225.94 204.35
CA THR X 426 192.56 226.91 203.44
C THR X 426 191.91 226.30 202.26
N LEU X 427 190.83 226.97 201.81
CA LEU X 427 190.14 226.58 200.61
C LEU X 427 190.90 227.01 199.36
N PRO X 428 190.72 226.39 198.18
CA PRO X 428 191.40 226.79 196.94
C PRO X 428 191.34 228.27 196.61
N GLN X 429 192.45 228.91 196.23
CA GLN X 429 192.38 230.31 195.86
C GLN X 429 191.74 230.55 194.51
N GLU X 430 190.68 231.36 194.45
CA GLU X 430 189.95 231.58 193.22
C GLU X 430 189.33 232.96 193.19
N LYS X 431 189.23 233.52 191.98
CA LYS X 431 188.56 234.76 191.69
C LYS X 431 187.19 234.45 191.12
N ILE X 432 186.14 234.98 191.72
CA ILE X 432 184.77 234.72 191.34
C ILE X 432 184.20 236.02 190.75
N PRO X 433 183.81 236.09 189.49
CA PRO X 433 183.38 237.33 188.86
C PRO X 433 181.88 237.59 189.00
N PHE X 434 181.51 238.83 189.35
CA PHE X 434 180.16 239.29 189.51
C PHE X 434 180.03 240.60 188.73
N GLU X 435 180.80 240.71 187.62
CA GLU X 435 180.95 241.90 186.82
C GLU X 435 180.04 241.92 185.59
N ALA X 436 179.43 240.76 185.24
CA ALA X 436 178.87 240.57 183.92
C ALA X 436 177.43 241.02 183.77
N GLN X 437 177.14 241.89 182.78
CA GLN X 437 175.78 242.22 182.34
C GLN X 437 175.01 243.12 183.29
N GLY X 438 175.70 244.15 183.83
CA GLY X 438 175.18 245.12 184.78
C GLY X 438 175.22 244.60 186.18
N ASP X 439 175.70 243.36 186.35
CA ASP X 439 175.91 242.74 187.63
C ASP X 439 176.96 243.42 188.49
N ASN X 440 176.83 243.29 189.82
CA ASN X 440 177.70 244.00 190.73
C ASN X 440 177.55 243.39 192.14
N ILE X 441 178.61 243.46 192.96
CA ILE X 441 178.64 243.12 194.37
C ILE X 441 178.24 244.33 195.19
N VAL X 442 177.00 244.31 195.70
CA VAL X 442 176.46 245.39 196.47
C VAL X 442 176.87 245.26 197.94
N GLY X 443 177.22 244.05 198.39
CA GLY X 443 177.59 243.86 199.78
C GLY X 443 177.89 242.43 200.02
N ALA X 444 178.44 242.14 201.21
CA ALA X 444 178.83 240.81 201.54
C ALA X 444 178.79 240.64 203.04
N GLY X 445 178.67 239.40 203.49
CA GLY X 445 178.71 239.10 204.90
C GLY X 445 178.79 237.63 205.12
N SER X 446 178.13 237.16 206.17
CA SER X 446 178.15 235.76 206.54
C SER X 446 176.81 235.46 207.14
N CYS X 447 176.25 234.27 206.90
CA CYS X 447 175.10 233.77 207.62
C CYS X 447 175.49 232.37 208.00
N GLU X 448 175.51 232.03 209.31
CA GLU X 448 175.85 230.72 209.82
C GLU X 448 177.26 230.21 209.45
N GLY X 449 178.24 231.13 209.26
CA GLY X 449 179.58 230.76 208.81
C GLY X 449 179.73 230.55 207.32
N TRP X 450 178.66 230.80 206.53
CA TRP X 450 178.65 230.66 205.08
C TRP X 450 179.00 232.02 204.46
N PRO X 451 179.98 232.20 203.57
CA PRO X 451 180.16 233.43 202.81
C PRO X 451 178.94 233.86 202.01
N VAL X 452 178.38 235.06 202.26
CA VAL X 452 177.18 235.55 201.62
C VAL X 452 177.53 236.77 200.81
N PHE X 453 177.10 236.80 199.53
CA PHE X 453 177.23 237.95 198.68
C PHE X 453 175.87 238.42 198.28
N PHE X 454 175.69 239.74 198.25
CA PHE X 454 174.48 240.35 197.76
C PHE X 454 174.81 240.99 196.45
N ILE X 455 174.21 240.42 195.41
CA ILE X 455 174.54 240.68 194.04
C ILE X 455 173.40 241.36 193.35
N ARG X 456 173.71 242.35 192.48
CA ARG X 456 172.74 243.18 191.78
C ARG X 456 171.78 242.39 190.90
N LYS X 457 172.27 241.38 190.15
CA LYS X 457 171.44 240.51 189.34
C LYS X 457 170.69 239.37 190.03
N SER X 458 171.25 238.83 191.15
CA SER X 458 170.83 237.55 191.67
C SER X 458 170.51 237.52 193.14
N GLY X 459 170.52 238.69 193.81
CA GLY X 459 170.22 238.75 195.24
C GLY X 459 171.26 238.11 196.14
N MET X 460 170.81 237.52 197.27
CA MET X 460 171.70 236.82 198.16
C MET X 460 172.21 235.52 197.58
N LEU X 461 173.53 235.30 197.62
CA LEU X 461 174.12 234.13 197.06
C LEU X 461 175.19 233.66 197.99
N THR X 462 175.38 232.34 198.14
CA THR X 462 176.45 231.80 198.97
C THR X 462 177.54 231.29 198.06
N VAL X 463 178.78 231.23 198.59
CA VAL X 463 179.93 230.64 197.95
C VAL X 463 180.36 229.45 198.76
N VAL X 464 180.12 228.26 198.21
CA VAL X 464 180.41 227.05 198.92
C VAL X 464 181.33 226.23 198.09
N ALA X 465 182.38 225.63 198.70
CA ALA X 465 183.28 224.71 198.05
C ALA X 465 182.55 223.51 197.45
N ARG X 466 183.03 222.97 196.31
CA ARG X 466 182.41 221.78 195.75
C ARG X 466 182.85 220.48 196.42
N LYS X 505 184.58 259.33 153.45
CA LYS X 505 185.43 260.54 153.21
C LYS X 505 186.89 260.25 153.53
N THR X 506 187.79 261.26 153.37
CA THR X 506 189.22 261.14 153.62
C THR X 506 189.56 260.77 155.05
N LYS X 507 188.76 261.23 156.02
CA LYS X 507 188.87 260.89 157.43
C LYS X 507 188.67 259.41 157.73
N HIS X 508 187.76 258.72 156.99
CA HIS X 508 187.50 257.31 157.20
C HIS X 508 188.59 256.42 156.67
N LEU X 509 189.08 256.72 155.45
CA LEU X 509 190.20 256.02 154.89
C LEU X 509 191.42 256.21 155.77
N LYS X 510 191.67 257.42 156.28
CA LYS X 510 192.77 257.69 157.16
C LYS X 510 192.58 257.19 158.58
N ALA X 511 191.44 256.56 158.90
CA ALA X 511 191.24 255.90 160.17
C ALA X 511 191.41 254.40 160.02
N ALA X 512 191.01 253.82 158.87
CA ALA X 512 191.35 252.45 158.59
C ALA X 512 192.83 252.26 158.35
N PHE X 513 193.51 253.24 157.74
CA PHE X 513 194.92 253.14 157.47
C PHE X 513 195.70 253.17 158.80
N LEU X 514 195.17 253.87 159.82
CA LEU X 514 195.70 253.83 161.16
C LEU X 514 195.31 252.59 161.99
N ARG X 515 194.27 251.83 161.60
CA ARG X 515 193.96 250.57 162.26
C ARG X 515 194.73 249.43 161.66
N TYR X 516 195.09 249.47 160.35
CA TYR X 516 196.07 248.56 159.78
C TYR X 516 197.42 248.76 160.44
N CYS X 517 197.80 250.00 160.81
CA CYS X 517 199.08 250.21 161.49
C CYS X 517 199.22 249.45 162.79
N ARG X 518 198.14 249.40 163.58
CA ARG X 518 198.11 248.62 164.78
C ARG X 518 197.90 247.13 164.58
N LYS X 519 197.41 246.67 163.41
CA LYS X 519 197.14 245.27 163.11
C LYS X 519 198.37 244.41 162.97
N ASP X 520 199.51 244.98 162.61
CA ASP X 520 200.79 244.33 162.64
C ASP X 520 201.23 243.98 164.07
N ILE X 521 200.88 244.85 165.04
CA ILE X 521 201.27 244.67 166.44
C ILE X 521 200.27 243.85 167.24
N LEU X 522 198.96 244.22 167.24
CA LEU X 522 197.95 243.52 168.02
C LEU X 522 196.60 243.71 167.34
N GLY X 523 195.62 242.84 167.64
CA GLY X 523 194.34 242.91 166.95
C GLY X 523 193.21 243.50 167.73
N ALA X 524 193.23 243.45 169.08
CA ALA X 524 192.06 243.79 169.87
C ALA X 524 191.50 245.20 169.65
N GLN X 525 192.37 246.24 169.66
CA GLN X 525 191.97 247.60 169.33
C GLN X 525 191.46 247.74 167.89
N SER X 526 192.09 247.07 166.93
CA SER X 526 191.70 247.26 165.55
C SER X 526 190.43 246.53 165.16
N MET X 527 190.06 245.51 165.96
CA MET X 527 188.80 244.80 165.89
C MET X 527 187.66 245.58 166.50
N VAL X 528 187.93 246.58 167.38
CA VAL X 528 186.87 247.43 167.88
C VAL X 528 186.65 248.63 166.97
N ASP X 529 187.65 248.98 166.15
CA ASP X 529 187.55 250.01 165.12
C ASP X 529 187.08 249.41 163.80
N SER X 530 186.83 248.10 163.75
CA SER X 530 186.02 247.47 162.73
C SER X 530 184.64 247.19 163.23
N LEU X 531 184.44 246.96 164.53
CA LEU X 531 183.14 246.87 165.16
C LEU X 531 182.43 248.23 165.24
N PHE X 532 183.19 249.32 165.47
CA PHE X 532 182.69 250.68 165.33
C PHE X 532 182.48 251.05 163.86
N SER X 533 183.04 250.27 162.93
CA SER X 533 182.76 250.41 161.51
C SER X 533 181.58 249.55 161.11
N ASP X 534 180.79 249.02 162.08
CA ASP X 534 179.43 248.60 161.86
C ASP X 534 178.47 249.69 162.40
N SER X 535 179.03 250.89 162.73
CA SER X 535 178.30 252.15 162.78
C SER X 535 178.45 252.82 161.42
N ASP X 536 178.61 251.99 160.38
CA ASP X 536 178.68 252.37 158.99
C ASP X 536 177.34 252.85 158.44
N MET X 537 177.23 252.82 157.10
CA MET X 537 176.00 253.10 156.41
C MET X 537 175.14 251.85 156.22
N GLU X 538 175.71 250.73 155.71
CA GLU X 538 175.03 249.49 155.35
C GLU X 538 174.02 249.51 154.14
N PRO X 539 173.93 250.42 153.15
CA PRO X 539 173.21 250.11 151.92
C PRO X 539 174.17 249.65 150.85
N ASP X 540 174.12 248.33 150.54
CA ASP X 540 174.96 247.58 149.61
C ASP X 540 175.44 248.31 148.34
N ASP X 541 174.52 248.94 147.60
CA ASP X 541 174.73 249.38 146.23
C ASP X 541 175.75 250.48 145.99
N GLU X 542 176.06 251.35 146.98
CA GLU X 542 177.10 252.34 146.75
C GLU X 542 177.86 252.79 148.00
N LEU X 543 177.34 252.60 149.22
CA LEU X 543 178.07 252.97 150.42
C LEU X 543 179.01 251.85 150.84
N ASP X 544 178.69 250.60 150.49
CA ASP X 544 179.65 249.52 150.62
C ASP X 544 180.66 249.60 149.50
N LEU X 545 180.31 250.34 148.44
CA LEU X 545 181.24 250.73 147.41
C LEU X 545 181.95 252.03 147.78
N ALA X 546 181.71 252.57 149.00
CA ALA X 546 182.40 253.69 149.58
C ALA X 546 183.41 253.30 150.65
N VAL X 547 183.39 252.04 151.11
CA VAL X 547 184.48 251.46 151.90
C VAL X 547 185.30 250.60 150.99
N ASN X 548 184.79 250.32 149.78
CA ASN X 548 185.53 249.75 148.67
C ASN X 548 186.57 250.69 148.12
N GLN X 549 186.18 251.96 147.94
CA GLN X 549 187.06 252.97 147.41
C GLN X 549 188.04 253.41 148.49
N ILE X 550 187.93 252.83 149.69
CA ILE X 550 188.88 252.99 150.78
C ILE X 550 189.88 251.85 150.80
N SER X 551 189.42 250.59 150.72
CA SER X 551 190.31 249.45 150.62
C SER X 551 191.11 249.44 149.35
N VAL X 552 190.51 249.89 148.23
CA VAL X 552 191.23 250.16 147.00
C VAL X 552 192.25 251.32 147.09
N ASP X 553 191.94 252.42 147.79
CA ASP X 553 192.85 253.56 147.89
C ASP X 553 194.08 253.23 148.75
N LEU X 554 193.99 252.24 149.67
CA LEU X 554 195.13 251.76 150.41
C LEU X 554 195.95 250.70 149.71
N ILE X 555 195.32 249.89 148.83
CA ILE X 555 196.05 249.00 147.96
C ILE X 555 196.69 249.74 146.83
N ASP X 556 196.47 251.06 146.67
CA ASP X 556 197.20 251.89 145.73
C ASP X 556 198.30 252.67 146.43
N ASP X 557 198.21 252.85 147.75
CA ASP X 557 199.26 253.46 148.53
C ASP X 557 200.25 252.40 149.03
N TYR X 558 199.91 251.10 149.15
CA TYR X 558 200.90 250.07 149.48
C TYR X 558 201.85 249.70 148.31
N PRO X 559 201.43 249.70 147.03
CA PRO X 559 202.29 249.69 145.84
C PRO X 559 202.99 250.99 145.53
N ALA X 560 202.50 252.15 146.00
CA ALA X 560 203.19 253.41 145.79
C ALA X 560 204.48 253.55 146.59
N SER X 561 204.89 254.78 146.93
CA SER X 561 205.97 255.07 147.88
C SER X 561 205.73 254.49 149.27
N ASP X 562 206.43 254.97 150.33
CA ASP X 562 206.01 254.75 151.71
C ASP X 562 204.49 254.99 151.92
N PRO X 563 203.73 253.95 152.27
CA PRO X 563 202.29 254.03 152.36
C PRO X 563 201.83 254.89 153.51
N ARG X 564 200.79 255.74 153.35
CA ARG X 564 200.34 256.68 154.37
C ARG X 564 199.78 256.09 155.69
N TRP X 565 199.73 254.75 155.85
CA TRP X 565 199.47 254.07 157.12
C TRP X 565 200.67 254.10 158.07
N ALA X 566 201.88 254.15 157.48
CA ALA X 566 203.15 254.23 158.16
C ALA X 566 203.30 255.53 158.89
N GLU X 567 204.15 255.54 159.96
CA GLU X 567 204.55 256.69 160.78
C GLU X 567 204.38 256.26 162.22
N SER X 568 203.12 256.03 162.64
CA SER X 568 202.74 255.60 163.98
C SER X 568 203.33 254.26 164.36
N VAL X 569 203.23 253.28 163.43
CA VAL X 569 203.85 251.98 163.60
C VAL X 569 204.95 251.92 162.56
N PRO X 570 206.21 251.71 162.93
CA PRO X 570 207.27 251.74 161.95
C PRO X 570 207.61 250.30 161.63
N GLU X 571 206.66 249.63 160.97
CA GLU X 571 206.76 248.27 160.48
C GLU X 571 207.66 248.21 159.24
N GLU X 572 207.35 247.32 158.28
CA GLU X 572 208.05 247.20 157.01
C GLU X 572 207.55 248.25 156.02
N ALA X 573 206.64 249.12 156.49
CA ALA X 573 206.13 250.25 155.78
C ALA X 573 207.14 251.37 155.64
N ALA X 574 207.92 251.64 156.70
CA ALA X 574 208.86 252.76 156.88
C ALA X 574 209.41 253.46 155.67
N GLY X 575 209.51 254.81 155.73
CA GLY X 575 210.02 255.67 154.66
C GLY X 575 211.43 255.38 154.26
N PHE X 576 211.59 254.28 153.50
CA PHE X 576 212.81 253.81 152.95
C PHE X 576 213.40 254.85 152.03
N SER X 577 214.70 255.09 152.17
CA SER X 577 215.36 256.13 151.42
C SER X 577 215.24 255.94 149.92
N ASN X 578 214.83 257.01 149.22
CA ASN X 578 214.64 257.01 147.79
C ASN X 578 215.95 257.40 147.11
N THR X 579 217.01 257.60 147.91
CA THR X 579 218.37 257.77 147.44
C THR X 579 219.15 256.49 147.66
N SER X 580 218.48 255.42 148.17
CA SER X 580 219.08 254.11 148.28
C SER X 580 219.21 253.42 146.93
N LEU X 581 220.10 252.42 146.85
CA LEU X 581 220.21 251.57 145.68
C LEU X 581 219.42 250.30 145.93
N ILE X 582 218.84 250.19 147.13
CA ILE X 582 217.98 249.09 147.51
C ILE X 582 216.60 249.33 146.97
N LEU X 583 216.47 249.18 145.65
CA LEU X 583 215.19 249.31 145.00
C LEU X 583 214.51 247.94 144.98
N LEU X 584 215.18 246.86 144.54
CA LEU X 584 214.50 245.57 144.50
C LEU X 584 214.07 245.00 145.86
N HIS X 585 214.97 244.92 146.86
CA HIS X 585 214.61 244.46 148.20
C HIS X 585 213.55 245.35 148.84
N GLN X 586 213.55 246.67 148.53
CA GLN X 586 212.55 247.59 149.03
C GLN X 586 211.17 247.31 148.47
N LEU X 587 211.09 246.78 147.24
CA LEU X 587 209.83 246.44 146.62
C LEU X 587 209.36 245.02 146.93
N GLU X 588 210.27 244.11 147.31
CA GLU X 588 209.93 242.83 147.93
C GLU X 588 209.22 243.01 149.27
N ASP X 589 209.74 243.93 150.11
CA ASP X 589 209.12 244.40 151.34
C ASP X 589 207.71 244.93 151.11
N LYS X 590 207.40 245.49 149.92
CA LYS X 590 206.08 246.01 149.63
C LYS X 590 205.12 244.96 149.08
N MET X 591 205.61 243.82 148.55
CA MET X 591 204.75 242.69 148.24
C MET X 591 204.44 241.90 149.49
N LYS X 592 205.35 241.91 150.49
CA LYS X 592 205.05 241.41 151.80
C LYS X 592 204.10 242.31 152.59
N ALA X 593 204.31 243.64 152.54
CA ALA X 593 203.39 244.61 153.12
C ALA X 593 201.99 244.54 152.53
N HIS X 594 201.87 244.32 151.21
CA HIS X 594 200.58 244.11 150.57
C HIS X 594 200.02 242.71 150.82
N SER X 595 200.84 241.77 151.32
CA SER X 595 200.42 240.42 151.69
C SER X 595 199.88 240.37 153.11
N PHE X 596 200.54 241.00 154.09
CA PHE X 596 199.97 241.14 155.42
C PHE X 596 198.79 242.10 155.41
N PHE X 597 198.75 243.04 154.46
CA PHE X 597 197.57 243.84 154.23
C PHE X 597 196.36 243.03 153.75
N VAL X 598 196.50 242.01 152.89
CA VAL X 598 195.34 241.21 152.48
C VAL X 598 194.88 240.29 153.59
N ASP X 599 195.80 239.79 154.43
CA ASP X 599 195.51 239.03 155.64
C ASP X 599 194.81 239.83 156.73
N PHE X 600 195.15 241.12 156.90
CA PHE X 600 194.56 241.97 157.93
C PHE X 600 193.31 242.66 157.43
N LEU X 601 192.92 242.32 156.19
CA LEU X 601 191.56 242.44 155.71
C LEU X 601 190.81 241.15 155.96
N HIS X 602 191.32 239.98 155.54
CA HIS X 602 190.65 238.68 155.68
C HIS X 602 190.20 238.34 157.10
N GLN X 603 191.03 238.61 158.12
CA GLN X 603 190.65 238.43 159.50
C GLN X 603 189.68 239.43 160.09
N VAL X 604 189.84 240.71 159.74
CA VAL X 604 188.91 241.75 160.27
C VAL X 604 188.55 242.77 159.18
N GLY X 605 187.84 242.35 158.12
CA GLY X 605 187.44 243.33 157.09
C GLY X 605 187.13 242.71 155.73
N LEU X 606 187.11 243.56 154.70
CA LEU X 606 186.89 243.25 153.25
C LEU X 606 186.12 241.95 152.99
N PHE X 607 185.06 241.68 153.76
CA PHE X 607 184.23 240.48 153.49
C PHE X 607 182.98 240.90 152.70
N SER X 608 183.18 241.87 151.80
CA SER X 608 182.14 242.45 150.94
C SER X 608 182.73 243.34 149.85
N ARG X 609 182.16 244.57 149.65
CA ARG X 609 182.59 245.69 148.83
C ARG X 609 183.32 245.46 147.51
N LEU X 610 182.67 245.74 146.35
CA LEU X 610 183.19 245.36 145.04
C LEU X 610 182.89 246.39 143.91
N SER X 611 183.63 247.54 143.78
CA SER X 611 183.40 248.60 142.76
C SER X 611 184.30 248.56 141.53
N THR X 612 184.70 247.41 140.97
CA THR X 612 185.59 247.42 139.82
C THR X 612 185.03 248.05 138.59
N CYS X 613 183.80 247.68 138.26
CA CYS X 613 183.04 248.25 137.17
C CYS X 613 183.77 248.22 135.83
N GLN X 614 184.15 249.41 135.32
CA GLN X 614 184.89 249.58 134.10
C GLN X 614 186.10 250.47 134.31
N THR X 615 187.31 249.97 133.97
CA THR X 615 188.56 250.72 134.09
C THR X 615 189.37 250.48 132.84
N LYS X 616 189.74 251.51 132.07
CA LYS X 616 190.64 251.40 130.91
C LYS X 616 190.25 250.34 129.85
N GLY X 617 188.94 250.20 129.56
CA GLY X 617 188.42 249.19 128.64
C GLY X 617 188.26 247.81 129.23
N MET X 618 188.58 247.64 130.51
CA MET X 618 188.49 246.37 131.17
C MET X 618 187.27 246.34 132.07
N LEU X 619 186.47 245.25 131.95
CA LEU X 619 185.35 245.00 132.83
C LEU X 619 185.81 243.92 133.75
N VAL X 620 185.40 244.02 135.01
CA VAL X 620 185.91 243.21 136.08
C VAL X 620 184.73 242.96 136.98
N ALA X 621 184.50 241.73 137.42
CA ALA X 621 183.36 241.42 138.26
C ALA X 621 183.33 242.07 139.65
N THR X 622 184.47 242.12 140.37
CA THR X 622 184.50 242.38 141.80
C THR X 622 185.76 243.20 142.21
N ARG X 623 185.71 244.20 143.14
CA ARG X 623 186.89 244.96 143.64
C ARG X 623 188.02 244.11 144.12
N LEU X 624 187.70 242.97 144.67
CA LEU X 624 188.69 242.00 145.07
C LEU X 624 189.59 241.48 143.92
N LEU X 625 189.13 241.55 142.64
CA LEU X 625 190.02 241.41 141.49
C LEU X 625 191.06 242.53 141.40
N LEU X 626 190.80 243.75 141.89
CA LEU X 626 191.80 244.81 141.97
C LEU X 626 192.90 244.55 143.00
N SER X 627 192.63 243.80 144.10
CA SER X 627 193.74 243.37 144.97
C SER X 627 194.63 242.39 144.26
N GLU X 628 194.05 241.35 143.65
CA GLU X 628 194.75 240.40 142.79
C GLU X 628 195.48 241.09 141.63
N HIS X 629 194.85 242.08 140.96
CA HIS X 629 195.47 242.87 139.91
C HIS X 629 196.63 243.76 140.37
N ALA X 630 196.55 244.38 141.55
CA ALA X 630 197.67 245.13 142.10
C ALA X 630 198.80 244.21 142.60
N GLU X 631 198.48 242.99 143.09
CA GLU X 631 199.46 241.94 143.36
C GLU X 631 200.17 241.42 142.09
N LYS X 632 199.44 241.12 140.99
CA LYS X 632 200.06 240.63 139.76
C LYS X 632 201.00 241.67 139.15
N LEU X 633 200.61 242.96 139.27
CA LEU X 633 201.42 244.05 138.80
C LEU X 633 202.33 244.57 139.88
N SER X 634 202.48 243.87 141.02
CA SER X 634 203.64 244.06 141.88
C SER X 634 204.59 242.88 141.77
N ALA X 635 204.20 241.78 141.11
CA ALA X 635 205.10 240.73 140.70
C ALA X 635 205.78 241.06 139.37
N ALA X 636 205.08 241.80 138.50
CA ALA X 636 205.63 242.31 137.25
C ALA X 636 206.79 243.26 137.43
N ILE X 637 206.69 244.15 138.44
CA ILE X 637 207.69 245.11 138.81
C ILE X 637 208.96 244.48 139.31
N VAL X 638 208.88 243.46 140.18
CA VAL X 638 210.05 242.77 140.70
C VAL X 638 210.73 241.97 139.62
N LEU X 639 209.97 241.47 138.63
CA LEU X 639 210.53 240.77 137.50
C LEU X 639 211.38 241.66 136.60
N LYS X 640 210.93 242.91 136.32
CA LYS X 640 211.71 243.83 135.51
C LYS X 640 212.68 244.68 136.32
N ASN X 641 212.66 244.52 137.65
CA ASN X 641 213.72 244.99 138.51
C ASN X 641 214.83 243.94 138.60
N HIS X 642 214.48 242.63 138.54
CA HIS X 642 215.43 241.52 138.44
C HIS X 642 216.22 241.57 137.15
N HIS X 643 215.56 241.94 136.04
CA HIS X 643 216.23 242.20 134.77
C HIS X 643 216.52 243.66 134.53
N ALA X 644 217.71 244.13 134.92
CA ALA X 644 218.13 245.49 134.70
C ALA X 644 219.36 245.53 133.80
N LYS X 645 219.21 246.05 132.57
CA LYS X 645 220.31 246.17 131.64
C LYS X 645 220.10 247.45 130.87
N LEU X 646 221.18 247.99 130.27
CA LEU X 646 221.14 249.28 129.58
C LEU X 646 220.05 249.44 128.52
N PRO X 647 219.71 248.54 127.58
CA PRO X 647 218.56 248.72 126.69
C PRO X 647 217.23 248.95 127.40
N VAL X 648 216.90 248.15 128.42
CA VAL X 648 215.62 248.28 129.12
C VAL X 648 215.54 249.55 129.95
N LEU X 649 216.63 249.93 130.63
CA LEU X 649 216.71 251.17 131.38
C LEU X 649 216.69 252.43 130.50
N VAL X 650 217.15 252.32 129.23
CA VAL X 650 216.96 253.39 128.27
C VAL X 650 215.51 253.51 127.82
N ASN X 651 214.87 252.38 127.47
CA ASN X 651 213.48 252.33 127.09
C ASN X 651 212.56 252.81 128.21
N SER X 652 212.90 252.51 129.48
CA SER X 652 212.26 253.12 130.63
C SER X 652 212.40 254.62 130.76
N ALA X 653 213.62 255.18 130.69
CA ALA X 653 213.86 256.62 130.78
C ALA X 653 213.11 257.43 129.73
N ILE X 654 212.99 256.90 128.49
CA ILE X 654 212.14 257.48 127.46
C ILE X 654 210.66 257.47 127.82
N GLN X 655 210.11 256.34 128.34
CA GLN X 655 208.73 256.21 128.76
C GLN X 655 208.35 257.20 129.85
N LEU X 656 209.16 257.30 130.90
CA LEU X 656 208.93 258.13 132.06
C LEU X 656 208.94 259.61 131.72
N ALA X 657 209.86 260.03 130.82
CA ALA X 657 209.96 261.38 130.30
C ALA X 657 208.84 261.76 129.33
N LEU X 658 208.20 260.78 128.68
CA LEU X 658 207.01 261.01 127.89
C LEU X 658 205.77 261.24 128.72
N ASP X 659 205.55 260.44 129.79
CA ASP X 659 204.44 260.62 130.71
C ASP X 659 204.51 261.96 131.47
N LYS X 660 205.71 262.34 131.98
CA LYS X 660 205.91 263.63 132.62
C LYS X 660 207.40 263.94 132.79
N ARG X 661 207.75 265.14 133.30
CA ARG X 661 209.13 265.42 133.66
C ARG X 661 209.55 264.76 134.97
N MET X 662 210.87 264.56 135.13
CA MET X 662 211.44 263.98 136.31
C MET X 662 212.20 265.02 137.09
N CYS X 663 212.17 264.92 138.43
CA CYS X 663 213.02 265.71 139.30
C CYS X 663 214.48 265.34 139.10
N THR X 664 215.35 266.35 138.95
CA THR X 664 216.77 266.14 138.65
C THR X 664 217.63 266.36 139.89
N VAL X 665 217.04 266.23 141.09
CA VAL X 665 217.75 266.20 142.35
C VAL X 665 218.16 264.74 142.59
N THR X 670 214.64 256.20 136.35
CA THR X 670 214.27 257.54 136.82
C THR X 670 213.34 257.60 138.01
N ALA X 671 212.34 256.71 138.14
CA ALA X 671 211.72 256.41 139.41
C ALA X 671 211.00 255.11 139.22
N ALA X 672 210.40 254.51 140.25
CA ALA X 672 209.65 253.31 140.00
C ALA X 672 208.38 253.12 140.78
N ASP X 673 208.27 253.62 142.03
CA ASP X 673 207.11 253.45 142.90
C ASP X 673 205.77 253.87 142.27
N VAL X 674 205.80 254.88 141.38
CA VAL X 674 204.60 255.32 140.69
C VAL X 674 204.39 254.63 139.35
N TYR X 675 205.39 253.90 138.85
CA TYR X 675 205.39 253.21 137.57
C TYR X 675 205.23 251.73 137.84
N PHE X 676 204.75 251.41 139.04
CA PHE X 676 204.41 250.08 139.49
C PHE X 676 202.93 249.99 139.67
N ARG X 677 202.33 251.02 140.30
CA ARG X 677 200.91 251.27 140.25
C ARG X 677 200.46 251.42 138.79
N GLU X 678 201.35 251.99 137.95
CA GLU X 678 201.17 251.99 136.51
C GLU X 678 202.36 251.44 135.71
N VAL X 679 202.70 250.14 135.89
CA VAL X 679 203.73 249.45 135.09
C VAL X 679 203.23 249.06 133.72
N SER X 680 201.90 249.03 133.53
CA SER X 680 201.25 248.66 132.27
C SER X 680 201.61 249.58 131.11
N GLN X 681 201.95 250.83 131.45
CA GLN X 681 202.39 251.84 130.52
C GLN X 681 203.83 251.62 130.06
N MET X 682 204.67 250.93 130.86
CA MET X 682 206.07 250.73 130.55
C MET X 682 206.28 249.50 129.70
N GLU X 683 205.18 249.00 129.16
CA GLU X 683 205.16 247.91 128.24
C GLU X 683 204.68 248.33 126.87
N ILE X 684 203.82 249.37 126.81
CA ILE X 684 203.36 249.91 125.53
C ILE X 684 204.42 250.86 124.98
N ILE X 685 205.38 251.28 125.82
CA ILE X 685 206.43 252.20 125.39
C ILE X 685 207.78 251.50 125.23
N PHE X 686 208.01 250.31 125.83
CA PHE X 686 209.29 249.63 125.63
C PHE X 686 209.15 248.73 124.41
N GLU X 687 207.97 248.85 123.76
CA GLU X 687 207.63 248.38 122.44
C GLU X 687 207.83 249.49 121.41
N CYS X 688 207.36 250.73 121.67
CA CYS X 688 207.63 251.89 120.81
C CYS X 688 209.11 252.27 120.76
N LEU X 689 209.88 251.78 121.72
CA LEU X 689 211.33 251.95 121.75
C LEU X 689 212.03 250.72 121.24
N VAL X 690 211.29 249.63 120.92
CA VAL X 690 211.86 248.54 120.15
C VAL X 690 211.63 248.83 118.68
N ASP X 691 210.58 249.61 118.32
CA ASP X 691 210.27 250.04 116.96
C ASP X 691 211.12 251.20 116.46
N LYS X 692 211.49 252.13 117.34
CA LYS X 692 212.41 253.19 116.95
C LYS X 692 213.85 252.77 117.04
N GLU X 693 214.15 251.77 117.88
CA GLU X 693 215.33 250.99 117.74
C GLU X 693 215.25 250.21 116.46
N GLU X 694 214.14 249.49 116.11
CA GLU X 694 213.93 248.80 114.84
C GLU X 694 214.08 249.60 113.55
N ALA X 695 213.71 250.89 113.53
CA ALA X 695 213.92 251.78 112.40
C ALA X 695 215.41 251.95 112.06
N ASP X 696 216.26 251.92 113.10
CA ASP X 696 217.70 251.97 113.00
C ASP X 696 218.34 250.56 113.13
N LEU X 697 217.53 249.46 113.13
CA LEU X 697 218.03 248.07 113.15
C LEU X 697 218.69 247.69 111.84
N GLU X 698 218.38 248.43 110.75
CA GLU X 698 218.88 248.23 109.39
C GLU X 698 218.68 246.80 108.88
N SER X 699 217.57 246.17 109.31
CA SER X 699 217.24 244.77 109.02
C SER X 699 216.44 244.65 107.76
N THR X 700 216.93 245.30 106.70
CA THR X 700 216.40 245.33 105.34
C THR X 700 216.37 243.96 104.69
N SER X 701 217.40 243.15 104.95
CA SER X 701 217.52 241.78 104.49
C SER X 701 218.46 241.13 105.46
N ILE X 702 219.10 240.02 105.08
CA ILE X 702 220.03 239.20 105.82
C ILE X 702 221.25 239.84 106.50
N ASP X 703 221.56 241.13 106.24
CA ASP X 703 222.74 241.80 106.76
C ASP X 703 222.78 241.98 108.27
N SER X 704 221.69 242.54 108.83
CA SER X 704 221.49 242.76 110.24
C SER X 704 221.35 241.49 111.05
N VAL X 705 222.07 241.41 112.20
CA VAL X 705 222.02 240.22 113.04
C VAL X 705 221.83 240.61 114.50
N GLU X 706 222.72 241.47 115.03
CA GLU X 706 222.77 241.97 116.38
C GLU X 706 221.51 242.71 116.72
N TRP X 707 220.97 243.36 115.70
CA TRP X 707 219.78 244.13 115.77
C TRP X 707 218.50 243.28 115.77
N ALA X 708 218.53 242.03 115.29
CA ALA X 708 217.44 241.07 115.48
C ALA X 708 217.63 240.28 116.76
N ASN X 709 218.73 240.51 117.50
CA ASN X 709 218.92 239.92 118.80
C ASN X 709 218.38 240.84 119.91
N ILE X 710 218.33 242.15 119.68
CA ILE X 710 217.78 243.09 120.65
C ILE X 710 216.27 243.12 120.64
N VAL X 711 215.64 242.83 119.49
CA VAL X 711 214.20 242.74 119.38
C VAL X 711 213.67 241.50 120.10
N VAL X 712 214.50 240.45 120.20
CA VAL X 712 214.20 239.23 120.92
C VAL X 712 214.41 239.38 122.42
N ASN X 713 215.44 240.12 122.88
CA ASN X 713 215.68 240.42 124.29
C ASN X 713 214.53 241.16 124.97
N VAL X 714 213.83 242.07 124.25
CA VAL X 714 212.60 242.66 124.75
C VAL X 714 211.43 241.67 124.76
N ASN X 715 211.30 240.83 123.70
CA ASN X 715 210.29 239.79 123.62
C ASN X 715 210.38 238.77 124.75
N THR X 716 211.59 238.40 125.19
CA THR X 716 211.79 237.54 126.34
C THR X 716 211.32 238.15 127.66
N ILE X 717 211.62 239.44 127.92
CA ILE X 717 211.21 240.14 129.14
C ILE X 717 209.72 240.45 129.25
N LEU X 718 209.07 240.92 128.15
CA LEU X 718 207.63 241.11 128.19
C LEU X 718 206.91 239.78 128.38
N LYS X 719 207.49 238.70 127.82
CA LYS X 719 207.00 237.36 128.02
C LYS X 719 207.10 236.80 129.43
N ASP X 720 208.29 236.86 130.08
CA ASP X 720 208.43 236.32 131.42
C ASP X 720 207.73 237.17 132.47
N MET X 721 207.58 238.48 132.22
CA MET X 721 206.61 239.31 132.91
C MET X 721 205.16 238.86 132.80
N LEU X 722 204.71 238.33 131.66
CA LEU X 722 203.39 237.73 131.62
C LEU X 722 203.35 236.35 132.28
N HIS X 723 204.47 235.60 132.29
CA HIS X 723 204.63 234.35 133.06
C HIS X 723 204.45 234.57 134.57
N VAL X 724 204.99 235.68 135.10
CA VAL X 724 204.90 236.05 136.50
C VAL X 724 203.52 236.47 136.93
N ALA X 725 202.73 237.12 136.06
CA ALA X 725 201.36 237.46 136.40
C ALA X 725 200.50 236.21 136.48
N CYS X 726 200.79 235.21 135.63
CA CYS X 726 200.12 233.92 135.62
C CYS X 726 200.36 233.05 136.84
N GLN X 727 201.63 232.91 137.28
CA GLN X 727 201.94 232.06 138.43
C GLN X 727 201.55 232.70 139.74
N TYR X 728 201.30 234.02 139.75
CA TYR X 728 200.80 234.70 140.93
C TYR X 728 199.29 234.64 140.96
N ARG X 729 198.66 234.07 139.92
CA ARG X 729 197.26 233.73 139.88
C ARG X 729 197.05 232.24 140.01
N GLN X 730 198.14 231.48 140.18
CA GLN X 730 198.10 230.10 140.61
C GLN X 730 198.27 230.04 142.11
N SER X 731 199.00 231.00 142.70
CA SER X 731 199.12 231.17 144.15
C SER X 731 197.93 231.90 144.75
N LYS X 732 196.72 231.40 144.47
CA LYS X 732 195.48 231.85 145.08
C LYS X 732 195.38 231.58 146.58
N ASN X 733 194.27 232.02 147.22
CA ASN X 733 194.00 231.80 148.64
C ASN X 733 192.60 231.25 148.84
N SER X 734 191.70 231.46 147.85
CA SER X 734 190.34 230.93 147.86
C SER X 734 190.31 229.41 147.86
N LEU X 735 189.43 228.81 148.66
CA LEU X 735 189.33 227.37 148.77
C LEU X 735 188.31 226.85 147.76
N TYR X 736 187.72 227.75 146.93
CA TYR X 736 186.84 227.38 145.84
C TYR X 736 187.46 227.78 144.50
N LYS X 737 188.17 228.92 144.45
CA LYS X 737 188.77 229.41 143.22
C LYS X 737 190.17 228.88 143.11
N ASN X 738 190.35 227.79 142.33
CA ASN X 738 191.62 227.14 142.14
C ASN X 738 192.08 226.47 143.44
N GLU X 739 191.44 225.35 143.84
CA GLU X 739 191.71 224.62 145.08
C GLU X 739 193.19 224.18 145.23
N SER X 740 193.83 223.80 144.11
CA SER X 740 195.27 223.55 144.04
C SER X 740 196.10 224.77 144.43
N GLY X 741 197.15 224.60 145.27
CA GLY X 741 197.89 225.73 145.82
C GLY X 741 197.34 226.19 147.16
N ILE X 742 196.30 225.53 147.66
CA ILE X 742 195.62 225.87 148.90
C ILE X 742 195.84 224.74 149.91
N GLN X 743 194.75 224.10 150.39
CA GLN X 743 194.80 222.98 151.30
C GLN X 743 194.73 221.68 150.51
N GLU X 744 194.73 221.81 149.17
CA GLU X 744 194.62 220.73 148.22
C GLU X 744 195.89 220.66 147.38
N PRO X 745 196.25 219.51 146.78
CA PRO X 745 197.51 219.32 146.07
C PRO X 745 197.87 220.36 145.03
N GLU X 746 199.06 220.97 145.11
CA GLU X 746 199.53 221.97 144.16
C GLU X 746 200.32 221.39 143.01
N HIS X 747 200.28 220.04 142.86
CA HIS X 747 200.97 219.28 141.84
C HIS X 747 200.31 219.41 140.47
N VAL X 748 199.10 219.96 140.43
CA VAL X 748 198.31 220.16 139.23
C VAL X 748 197.82 221.60 139.24
N PRO X 749 198.41 222.59 138.56
CA PRO X 749 197.92 223.95 138.63
C PRO X 749 196.63 224.10 137.85
N TRP X 750 195.79 225.07 138.25
CA TRP X 750 194.59 225.42 137.49
C TRP X 750 194.95 226.30 136.33
N THR X 751 193.98 226.51 135.40
CA THR X 751 194.07 227.38 134.22
C THR X 751 195.17 228.44 134.31
N ALA X 752 196.16 228.42 133.39
CA ALA X 752 197.39 229.18 133.55
C ALA X 752 197.24 230.64 133.17
N SER X 753 195.99 231.08 132.99
CA SER X 753 195.55 232.43 132.80
C SER X 753 195.83 233.30 134.00
N SER X 754 196.11 234.59 133.75
CA SER X 754 196.25 235.53 134.84
C SER X 754 194.89 236.08 135.29
N GLY X 755 193.77 235.69 134.62
CA GLY X 755 192.44 236.27 134.89
C GLY X 755 192.41 237.75 134.62
N THR X 756 193.26 238.18 133.68
CA THR X 756 193.31 239.53 133.15
C THR X 756 192.06 239.77 132.34
N ALA X 757 191.59 241.01 132.27
CA ALA X 757 190.31 241.36 131.71
C ALA X 757 190.38 241.79 130.23
N GLY X 758 191.58 241.71 129.63
CA GLY X 758 191.86 242.04 128.23
C GLY X 758 191.89 243.51 127.92
N ILE X 759 192.92 244.19 128.42
CA ILE X 759 193.18 245.62 128.26
C ILE X 759 193.32 246.02 126.80
N ARG X 760 192.84 247.17 126.38
CA ARG X 760 192.84 247.50 124.96
C ARG X 760 194.10 248.25 124.53
N SER X 761 195.09 248.36 125.43
CA SER X 761 196.43 248.85 125.13
C SER X 761 197.47 247.78 125.40
N VAL X 762 197.32 247.01 126.49
CA VAL X 762 198.12 245.81 126.78
C VAL X 762 197.93 244.74 125.71
N VAL X 763 196.69 244.46 125.26
CA VAL X 763 196.44 243.54 124.16
C VAL X 763 196.99 244.04 122.82
N THR X 764 196.83 245.34 122.52
CA THR X 764 197.34 245.95 121.28
C THR X 764 198.86 245.86 121.15
N ARG X 765 199.64 246.07 122.23
CA ARG X 765 201.08 245.88 122.18
C ARG X 765 201.51 244.42 122.03
N GLN X 766 200.64 243.44 122.37
CA GLN X 766 200.91 242.03 122.11
C GLN X 766 200.62 241.65 120.66
N HIS X 767 199.52 242.16 120.08
CA HIS X 767 199.23 241.98 118.66
C HIS X 767 200.09 242.86 117.76
N GLY X 768 200.86 243.81 118.34
CA GLY X 768 201.91 244.52 117.63
C GLY X 768 203.17 243.70 117.51
N ILE X 769 203.61 243.09 118.62
CA ILE X 769 204.87 242.34 118.64
C ILE X 769 204.76 240.96 118.02
N ILE X 770 203.54 240.41 117.86
CA ILE X 770 203.35 239.29 116.94
C ILE X 770 203.65 239.65 115.51
N LEU X 771 203.31 240.88 115.06
CA LEU X 771 203.43 241.21 113.66
C LEU X 771 204.85 241.66 113.39
N LYS X 772 205.67 241.69 114.45
CA LYS X 772 207.10 241.51 114.35
C LYS X 772 207.45 240.02 114.23
N VAL X 773 206.71 239.31 113.36
CA VAL X 773 207.00 238.03 112.74
C VAL X 773 207.61 238.34 111.37
N TYR X 774 207.68 239.64 111.02
CA TYR X 774 208.50 240.19 109.96
C TYR X 774 210.00 239.83 110.11
N PRO X 775 210.67 239.81 111.27
CA PRO X 775 212.02 239.25 111.42
C PRO X 775 212.20 237.81 111.03
N GLN X 776 211.22 236.89 111.22
CA GLN X 776 211.46 235.47 110.94
C GLN X 776 211.57 235.17 109.45
N ALA X 777 211.19 236.16 108.62
CA ALA X 777 211.49 236.19 107.21
C ALA X 777 212.99 236.19 106.89
N ASP X 778 213.80 236.94 107.67
CA ASP X 778 215.24 237.07 107.49
C ASP X 778 215.97 236.84 108.81
N SER X 779 216.36 235.59 109.09
CA SER X 779 216.92 235.22 110.40
C SER X 779 217.43 233.80 110.35
N GLY X 780 218.51 233.48 111.11
CA GLY X 780 219.04 232.12 111.20
C GLY X 780 218.07 231.14 111.82
N LEU X 781 218.09 229.87 111.38
CA LEU X 781 217.05 228.88 111.67
C LEU X 781 216.72 228.68 113.15
N ARG X 782 217.71 228.54 114.04
CA ARG X 782 217.39 228.35 115.45
C ARG X 782 216.75 229.58 116.09
N THR X 783 217.18 230.79 115.68
CA THR X 783 216.64 232.05 116.17
C THR X 783 215.17 232.24 115.84
N ILE X 784 214.73 231.88 114.61
CA ILE X 784 213.34 231.97 114.21
C ILE X 784 212.42 231.05 115.01
N LEU X 785 212.95 229.96 115.58
CA LEU X 785 212.19 229.06 116.43
C LEU X 785 212.04 229.55 117.86
N ILE X 786 213.07 230.15 118.47
CA ILE X 786 213.02 230.65 119.83
C ILE X 786 212.07 231.83 120.00
N GLU X 787 212.00 232.73 119.00
CA GLU X 787 211.03 233.80 118.97
C GLU X 787 209.64 233.31 118.63
N GLN X 788 209.52 232.20 117.88
CA GLN X 788 208.26 231.55 117.61
C GLN X 788 207.67 230.81 118.79
N LEU X 789 208.50 230.06 119.55
CA LEU X 789 208.13 229.51 120.85
C LEU X 789 207.80 230.63 121.83
N ALA X 790 208.53 231.76 121.79
CA ALA X 790 208.19 232.94 122.55
C ALA X 790 206.85 233.61 122.21
N ALA X 791 206.54 233.86 120.92
CA ALA X 791 205.29 234.46 120.54
C ALA X 791 204.12 233.51 120.72
N LEU X 792 204.37 232.18 120.63
CA LEU X 792 203.45 231.19 121.10
C LEU X 792 203.20 231.27 122.61
N LEU X 793 204.26 231.31 123.44
CA LEU X 793 204.14 231.47 124.90
C LEU X 793 203.35 232.70 125.30
N ASN X 794 203.51 233.87 124.63
CA ASN X 794 202.69 235.06 124.87
C ASN X 794 201.22 234.95 124.47
N TYR X 795 200.91 234.40 123.29
CA TYR X 795 199.56 234.31 122.78
C TYR X 795 198.69 233.35 123.57
N LEU X 796 199.35 232.43 124.26
CA LEU X 796 198.74 231.43 125.10
C LEU X 796 198.49 231.98 126.50
N LEU X 797 198.74 233.29 126.71
CA LEU X 797 198.32 234.02 127.88
C LEU X 797 197.17 234.94 127.50
N ASP X 798 197.19 235.55 126.30
CA ASP X 798 196.08 236.34 125.77
C ASP X 798 194.79 235.52 125.54
N ASP X 799 194.88 234.34 124.91
CA ASP X 799 193.73 233.48 124.68
C ASP X 799 193.20 232.88 126.00
N TYR X 800 194.06 232.84 127.02
CA TYR X 800 193.70 232.36 128.33
C TYR X 800 192.95 233.38 129.16
N VAL X 801 193.26 234.68 129.01
CA VAL X 801 192.56 235.73 129.72
C VAL X 801 191.21 236.07 129.12
N THR X 802 191.04 235.90 127.79
CA THR X 802 189.74 235.99 127.13
C THR X 802 188.83 234.83 127.49
N GLN X 803 189.37 233.60 127.62
CA GLN X 803 188.65 232.45 128.11
C GLN X 803 188.15 232.59 129.54
N LEU X 804 189.00 233.08 130.46
CA LEU X 804 188.62 233.31 131.85
C LEU X 804 187.54 234.38 131.97
N LYS X 805 187.65 235.49 131.24
CA LYS X 805 186.60 236.51 131.22
C LYS X 805 185.27 236.07 130.62
N SER X 806 185.27 235.26 129.54
CA SER X 806 184.05 234.73 128.95
C SER X 806 183.30 233.75 129.84
N ILE X 807 184.04 232.92 130.58
CA ILE X 807 183.50 232.00 131.58
C ILE X 807 182.67 232.69 132.66
N ASP X 808 183.10 233.89 133.11
CA ASP X 808 182.45 234.66 134.15
C ASP X 808 181.12 235.32 133.72
N LYS X 809 180.81 235.40 132.42
CA LYS X 809 179.58 236.01 131.95
C LYS X 809 178.31 235.25 132.34
N LEU X 810 177.30 235.99 132.85
CA LEU X 810 176.01 235.42 133.18
C LEU X 810 175.10 235.30 131.95
N ALA X 811 174.01 234.51 132.07
CA ALA X 811 173.10 234.21 130.98
C ALA X 811 172.37 235.39 130.36
N ASN X 812 171.93 236.38 131.15
CA ASN X 812 171.34 237.58 130.60
C ASN X 812 172.42 238.57 130.19
N GLU X 813 172.09 239.40 129.17
CA GLU X 813 173.04 240.25 128.46
C GLU X 813 173.89 239.44 127.49
N GLU X 814 173.42 238.21 127.14
CA GLU X 814 174.10 237.24 126.27
C GLU X 814 174.52 237.78 124.93
N ARG X 815 173.76 238.75 124.36
CA ARG X 815 174.15 239.41 123.13
C ARG X 815 175.55 240.02 123.19
N TYR X 816 175.96 240.61 124.32
CA TYR X 816 177.33 241.08 124.50
C TYR X 816 178.31 239.92 124.68
N ASN X 817 177.88 238.80 125.28
CA ASN X 817 178.72 237.62 125.47
C ASN X 817 179.01 236.89 124.16
N ILE X 818 178.05 236.80 123.22
CA ILE X 818 178.24 236.11 121.96
C ILE X 818 179.00 236.95 120.94
N LEU X 819 179.00 238.29 121.12
CA LEU X 819 179.80 239.19 120.31
C LEU X 819 181.27 239.24 120.75
N GLU X 820 181.54 239.11 122.07
CA GLU X 820 182.90 238.93 122.56
C GLU X 820 183.49 237.58 122.14
N MET X 821 182.67 236.51 121.98
CA MET X 821 183.11 235.23 121.45
C MET X 821 183.59 235.31 120.01
N GLU X 822 182.82 235.94 119.10
CA GLU X 822 183.23 236.17 117.73
C GLU X 822 184.50 236.98 117.63
N TYR X 823 184.69 237.96 118.51
CA TYR X 823 185.92 238.73 118.59
C TYR X 823 187.17 237.91 118.98
N ALA X 824 187.08 237.01 119.97
CA ALA X 824 188.16 236.08 120.28
C ALA X 824 188.35 235.01 119.21
N GLN X 825 187.26 234.49 118.63
CA GLN X 825 187.31 233.49 117.56
C GLN X 825 187.87 234.01 116.26
N LYS X 826 187.75 235.32 115.97
CA LYS X 826 188.41 235.93 114.82
C LYS X 826 189.81 236.36 115.17
N ARG X 827 190.31 236.04 116.38
CA ARG X 827 191.68 236.31 116.74
C ARG X 827 192.44 235.05 116.94
N SER X 828 191.84 234.00 117.50
CA SER X 828 192.43 232.67 117.35
C SER X 828 192.54 232.32 115.87
N GLU X 829 191.52 232.66 115.03
CA GLU X 829 191.63 232.70 113.58
C GLU X 829 192.61 233.72 112.94
N LEU X 830 193.23 234.66 113.67
CA LEU X 830 194.30 235.49 113.09
C LEU X 830 195.64 235.10 113.65
N LEU X 831 195.65 234.36 114.76
CA LEU X 831 196.82 233.77 115.34
C LEU X 831 197.17 232.49 114.59
N SER X 832 196.18 231.88 113.92
CA SER X 832 196.34 230.72 113.07
C SER X 832 196.95 231.02 111.72
N PRO X 833 196.56 231.90 110.76
CA PRO X 833 197.30 232.16 109.54
C PRO X 833 198.75 232.56 109.76
N LEU X 834 199.03 233.25 110.87
CA LEU X 834 200.37 233.55 111.35
C LEU X 834 201.20 232.31 111.64
N LEU X 835 200.60 231.26 112.22
CA LEU X 835 201.29 230.00 112.46
C LEU X 835 201.05 228.95 111.36
N ILE X 836 200.34 229.28 110.27
CA ILE X 836 200.22 228.43 109.07
C ILE X 836 201.54 228.41 108.27
N LEU X 837 202.33 229.51 108.33
CA LEU X 837 203.69 229.50 107.82
C LEU X 837 204.70 228.92 108.81
N GLY X 838 204.41 229.08 110.13
CA GLY X 838 205.25 228.56 111.21
C GLY X 838 205.22 227.06 111.38
N GLN X 839 205.94 226.56 112.40
CA GLN X 839 206.00 225.15 112.72
C GLN X 839 204.72 224.58 113.31
N TYR X 840 204.26 223.43 112.79
CA TYR X 840 202.99 222.85 113.22
C TYR X 840 203.17 221.93 114.40
N ALA X 841 204.43 221.79 114.87
CA ALA X 841 204.77 221.17 116.14
C ALA X 841 204.27 222.01 117.32
N TRP X 842 204.01 223.31 117.07
CA TRP X 842 203.43 224.22 118.03
C TRP X 842 201.93 224.36 117.87
N ALA X 843 201.36 223.89 116.74
CA ALA X 843 199.94 223.89 116.47
C ALA X 843 199.19 222.98 117.39
N SER X 844 199.77 221.80 117.71
CA SER X 844 199.22 220.87 118.69
C SER X 844 199.08 221.50 120.06
N ASN X 845 200.13 222.22 120.50
CA ASN X 845 200.05 223.05 121.68
C ASN X 845 199.05 224.20 121.52
N LEU X 846 199.08 225.09 120.51
CA LEU X 846 198.10 226.19 120.40
C LEU X 846 196.64 225.75 120.41
N ALA X 847 196.33 224.65 119.69
CA ALA X 847 195.02 224.01 119.67
C ALA X 847 194.54 223.54 121.04
N GLU X 848 195.45 223.01 121.88
CA GLU X 848 195.15 222.59 123.24
C GLU X 848 195.09 223.76 124.23
N LYS X 849 195.67 224.91 123.86
CA LYS X 849 195.80 226.01 124.78
C LYS X 849 194.50 226.80 124.81
N TYR X 850 194.01 227.27 123.65
CA TYR X 850 192.59 227.58 123.52
C TYR X 850 191.89 226.29 123.12
N CYS X 851 191.81 225.43 124.15
CA CYS X 851 191.27 224.04 124.24
C CYS X 851 189.74 224.03 124.21
N ASP X 852 189.16 222.82 124.22
CA ASP X 852 187.70 222.66 123.98
C ASP X 852 187.50 223.40 122.65
N PHE X 853 188.60 223.39 121.89
CA PHE X 853 188.83 224.07 120.59
C PHE X 853 187.97 223.46 119.47
N ASP X 854 186.93 224.16 119.03
CA ASP X 854 186.26 223.62 117.85
C ASP X 854 186.72 224.29 116.56
N ILE X 855 186.94 225.60 116.64
CA ILE X 855 187.34 226.39 115.48
C ILE X 855 188.67 226.01 114.84
N LEU X 856 189.67 225.69 115.64
CA LEU X 856 190.98 225.33 115.06
C LEU X 856 191.02 223.91 114.57
N VAL X 857 190.71 222.93 115.45
CA VAL X 857 190.91 221.52 115.13
C VAL X 857 189.99 221.08 114.02
N GLN X 858 188.74 221.55 114.07
CA GLN X 858 187.75 221.42 113.02
C GLN X 858 188.12 222.03 111.67
N ILE X 859 188.95 223.11 111.61
CA ILE X 859 189.40 223.63 110.32
C ILE X 859 190.68 222.98 109.86
N CYS X 860 191.42 222.31 110.77
CA CYS X 860 192.56 221.46 110.46
C CYS X 860 192.13 220.13 109.85
N GLU X 861 191.02 219.55 110.36
CA GLU X 861 190.38 218.35 109.84
C GLU X 861 189.70 218.58 108.49
N MET X 862 189.54 219.85 108.11
CA MET X 862 188.88 220.24 106.89
C MET X 862 189.84 220.65 105.79
N THR X 863 191.06 221.06 106.15
CA THR X 863 192.06 221.40 105.14
C THR X 863 192.75 220.17 104.64
N ASP X 864 192.69 219.09 105.42
CA ASP X 864 193.23 217.82 105.02
C ASP X 864 192.15 216.88 104.52
N ASN X 865 192.57 215.62 104.37
CA ASN X 865 191.76 214.54 103.89
C ASN X 865 191.41 213.64 105.07
N GLN X 866 191.31 214.19 106.28
CA GLN X 866 191.02 213.42 107.46
C GLN X 866 189.67 213.69 108.05
N SER X 867 188.62 213.20 107.39
CA SER X 867 187.36 213.26 108.09
C SER X 867 187.19 212.03 108.97
N ARG X 868 188.15 211.15 109.05
CA ARG X 868 188.41 210.18 110.08
C ARG X 868 188.80 210.87 111.38
N LEU X 869 189.55 211.97 111.30
CA LEU X 869 189.72 212.87 112.43
C LEU X 869 188.45 213.62 112.86
N GLN X 870 187.63 214.23 111.99
CA GLN X 870 186.41 214.90 112.43
C GLN X 870 185.33 213.95 112.95
N ARG X 871 185.36 212.67 112.52
CA ARG X 871 184.63 211.56 113.12
C ARG X 871 185.17 211.17 114.48
N TYR X 872 186.49 211.12 114.66
CA TYR X 872 187.14 210.86 115.93
C TYR X 872 186.97 212.02 116.91
N MET X 873 186.94 213.27 116.42
CA MET X 873 186.55 214.44 117.17
C MET X 873 185.11 214.40 117.65
N THR X 874 184.13 214.03 116.78
CA THR X 874 182.73 213.92 117.20
C THR X 874 182.44 212.67 118.01
N LEU X 875 183.26 211.60 117.89
CA LEU X 875 183.16 210.40 118.70
C LEU X 875 183.44 210.64 120.17
N PHE X 876 184.46 211.46 120.49
CA PHE X 876 184.81 211.80 121.85
C PHE X 876 184.53 213.26 122.15
N ALA X 877 183.25 213.62 122.25
CA ALA X 877 182.89 215.01 122.46
C ALA X 877 181.55 215.18 123.12
N GLU X 878 181.35 216.36 123.74
CA GLU X 878 180.09 216.77 124.30
C GLU X 878 179.53 217.82 123.35
N GLN X 879 178.48 217.45 122.58
CA GLN X 879 177.77 218.33 121.66
C GLN X 879 178.52 218.79 120.40
N ASN X 880 179.66 218.19 120.02
CA ASN X 880 180.44 218.65 118.86
C ASN X 880 179.73 218.42 117.53
N PHE X 881 178.71 217.55 117.48
CA PHE X 881 177.83 217.41 116.34
C PHE X 881 177.02 218.67 116.06
N SER X 882 176.44 219.30 117.10
CA SER X 882 175.63 220.50 116.92
C SER X 882 176.52 221.69 116.63
N ASP X 883 177.78 221.64 117.09
CA ASP X 883 178.79 222.60 116.70
C ASP X 883 179.33 222.43 115.29
N PHE X 884 179.74 221.21 114.86
CA PHE X 884 180.32 220.98 113.53
C PHE X 884 179.38 221.32 112.38
N LEU X 885 178.08 221.03 112.49
CA LEU X 885 177.11 221.48 111.50
C LEU X 885 176.92 222.98 111.44
N PHE X 886 176.84 223.66 112.60
CA PHE X 886 176.73 225.11 112.63
C PHE X 886 178.03 225.81 112.28
N ARG X 887 179.18 225.15 112.48
CA ARG X 887 180.47 225.60 112.01
C ARG X 887 180.63 225.42 110.51
N TRP X 888 180.01 224.39 109.91
CA TRP X 888 179.95 224.19 108.48
C TRP X 888 179.15 225.26 107.75
N TYR X 889 177.92 225.56 108.24
CA TYR X 889 177.05 226.55 107.64
C TYR X 889 177.58 227.99 107.70
N LEU X 890 178.19 228.42 108.83
CA LEU X 890 178.87 229.70 108.93
C LEU X 890 180.04 229.81 107.95
N GLU X 891 180.74 228.68 107.77
CA GLU X 891 181.82 228.54 106.84
C GLU X 891 181.34 228.15 105.45
N LYS X 892 180.15 228.66 105.02
CA LYS X 892 179.61 228.51 103.68
C LYS X 892 180.58 228.95 102.61
N GLY X 893 181.12 227.97 101.85
CA GLY X 893 182.12 228.20 100.82
C GLY X 893 183.52 228.37 101.34
N LYS X 894 183.73 228.22 102.66
CA LYS X 894 185.00 228.43 103.31
C LYS X 894 185.59 227.10 103.78
N ARG X 895 184.77 226.25 104.42
CA ARG X 895 185.19 225.00 104.99
C ARG X 895 184.03 224.06 104.81
N GLY X 896 184.29 222.77 104.55
CA GLY X 896 183.24 221.78 104.35
C GLY X 896 182.92 221.48 102.93
N LYS X 897 183.59 222.17 102.02
CA LYS X 897 183.56 221.87 100.61
C LYS X 897 184.29 220.58 100.26
N LEU X 898 183.75 219.83 99.29
CA LEU X 898 184.38 218.64 98.75
C LEU X 898 185.09 218.94 97.45
N LEU X 899 184.98 220.20 97.00
CA LEU X 899 185.64 220.70 95.81
C LEU X 899 186.95 221.37 96.16
N SER X 900 187.12 221.78 97.44
CA SER X 900 188.38 222.31 97.95
C SER X 900 189.32 221.21 98.32
N GLN X 901 188.79 220.15 98.94
CA GLN X 901 189.49 218.92 99.20
C GLN X 901 189.68 218.13 97.90
N PRO X 902 190.75 217.39 97.69
CA PRO X 902 190.86 216.51 96.54
C PRO X 902 190.08 215.23 96.83
N ALA X 903 188.75 215.36 96.81
CA ALA X 903 187.80 214.31 97.05
C ALA X 903 187.77 213.23 95.96
N SER X 904 188.65 212.22 96.13
CA SER X 904 188.74 211.04 95.28
C SER X 904 189.72 210.03 95.86
N GLN X 905 190.45 210.44 96.89
CA GLN X 905 191.51 209.65 97.49
C GLN X 905 191.16 209.35 98.94
N HIS X 906 192.15 209.51 99.85
CA HIS X 906 191.89 209.74 101.26
C HIS X 906 191.01 210.95 101.49
N GLY X 907 190.95 211.89 100.53
CA GLY X 907 190.02 213.01 100.56
C GLY X 907 188.63 212.61 100.19
N GLN X 908 188.40 211.37 99.72
CA GLN X 908 187.06 210.81 99.61
C GLN X 908 186.67 209.97 100.79
N LEU X 909 187.67 209.56 101.57
CA LEU X 909 187.49 209.15 102.88
C LEU X 909 187.09 210.35 103.77
N ALA X 910 187.75 211.63 103.47
CA ALA X 910 187.22 212.90 104.03
C ALA X 910 185.82 213.25 103.54
N ALA X 911 185.55 213.05 102.25
CA ALA X 911 184.23 213.27 101.71
C ALA X 911 183.14 212.38 102.28
N PHE X 912 183.46 211.18 102.81
CA PHE X 912 182.49 210.27 103.40
C PHE X 912 181.77 210.83 104.65
N LEU X 913 182.50 211.55 105.52
CA LEU X 913 181.95 212.21 106.71
C LEU X 913 181.62 213.65 106.46
N GLN X 914 182.19 214.29 105.43
CA GLN X 914 181.80 215.65 105.08
C GLN X 914 180.58 215.65 104.18
N ALA X 915 180.22 214.46 103.66
CA ALA X 915 178.95 214.19 103.04
C ALA X 915 177.85 214.07 104.07
N HIS X 916 178.20 214.06 105.35
CA HIS X 916 177.13 214.04 106.33
C HIS X 916 176.36 215.31 106.02
N LEU X 919 169.48 215.22 105.95
CA LEU X 919 170.28 214.20 105.25
C LEU X 919 169.48 212.96 104.83
N SER X 920 168.17 213.11 105.07
CA SER X 920 167.07 212.12 104.90
C SER X 920 166.99 211.58 103.48
N TRP X 921 167.46 212.31 102.47
CA TRP X 921 167.40 211.68 101.11
C TRP X 921 168.28 210.43 101.17
N LEU X 922 169.49 210.61 101.70
CA LEU X 922 170.48 209.50 101.88
C LEU X 922 169.88 208.50 102.87
N HIS X 923 169.14 209.04 103.83
CA HIS X 923 168.39 208.29 104.87
C HIS X 923 167.69 207.13 104.16
N GLU X 924 167.05 207.36 103.02
CA GLU X 924 166.41 206.20 102.35
C GLU X 924 167.47 205.16 101.95
N LEU X 925 168.59 205.59 101.36
CA LEU X 925 169.62 204.60 100.93
C LEU X 925 170.15 203.82 102.14
N ASN X 926 170.36 204.48 103.28
CA ASN X 926 170.98 203.79 104.45
C ASN X 926 169.97 203.38 105.51
N SER X 927 168.66 203.43 105.22
CA SER X 927 167.64 203.13 106.24
C SER X 927 166.28 202.78 105.63
N GLN X 928 166.16 202.81 104.30
CA GLN X 928 164.98 202.28 103.62
C GLN X 928 163.69 203.04 103.91
N GLU X 929 163.83 204.36 104.09
CA GLU X 929 162.68 205.21 104.33
C GLU X 929 162.13 205.62 102.96
N PHE X 930 161.39 204.71 102.34
CA PHE X 930 160.83 204.95 101.02
C PHE X 930 159.84 206.11 100.98
N GLU X 931 159.01 206.22 102.01
CA GLU X 931 158.01 207.27 102.06
C GLU X 931 158.63 208.68 102.05
N LYS X 932 159.73 208.86 102.80
CA LYS X 932 160.51 210.10 102.81
C LYS X 932 161.18 210.39 101.49
N ALA X 933 161.77 209.35 100.85
CA ALA X 933 162.36 209.46 99.53
C ALA X 933 161.37 209.91 98.46
N HIS X 934 160.14 209.35 98.47
CA HIS X 934 159.04 209.80 97.62
C HIS X 934 158.70 211.28 97.75
N ARG X 935 158.61 211.81 98.99
CA ARG X 935 158.33 213.22 99.18
C ARG X 935 159.39 214.15 98.61
N THR X 936 160.69 213.87 98.84
CA THR X 936 161.78 214.65 98.26
C THR X 936 161.93 214.49 96.76
N LEU X 937 161.78 213.27 96.21
CA LEU X 937 161.81 213.02 94.78
C LEU X 937 160.73 213.78 94.03
N GLN X 938 159.48 213.81 94.55
CA GLN X 938 158.44 214.67 94.00
C GLN X 938 158.73 216.16 94.09
N THR X 939 159.27 216.64 95.22
CA THR X 939 159.67 218.03 95.41
C THR X 939 160.73 218.48 94.41
N LEU X 940 161.75 217.66 94.16
CA LEU X 940 162.76 217.89 93.13
C LEU X 940 162.16 217.89 91.73
N ALA X 941 161.23 216.97 91.43
CA ALA X 941 160.50 216.93 90.17
C ALA X 941 159.72 218.20 89.86
N ASN X 942 159.11 218.83 90.88
CA ASN X 942 158.38 220.08 90.75
C ASN X 942 159.25 221.30 90.47
N MET X 943 160.40 221.45 91.17
CA MET X 943 161.33 222.56 90.94
C MET X 943 162.09 222.42 89.63
N GLU X 944 162.15 221.20 89.07
CA GLU X 944 162.81 220.92 87.82
C GLU X 944 162.20 221.66 86.62
N THR X 945 163.03 222.54 86.02
CA THR X 945 162.64 223.34 84.87
C THR X 945 163.69 223.26 83.79
N ARG X 946 164.94 222.97 84.16
CA ARG X 946 166.07 223.01 83.28
C ARG X 946 166.09 221.88 82.25
N TYR X 947 165.73 220.65 82.68
CA TYR X 947 165.82 219.50 81.80
C TYR X 947 164.56 218.66 81.85
N PHE X 948 163.86 218.51 80.71
CA PHE X 948 162.66 217.71 80.60
C PHE X 948 162.88 216.23 80.93
N CYS X 949 163.97 215.65 80.41
CA CYS X 949 164.32 214.26 80.63
C CYS X 949 164.53 213.93 82.10
N LYS X 950 165.12 214.86 82.86
CA LYS X 950 165.32 214.74 84.28
C LYS X 950 164.03 214.84 85.09
N LYS X 951 163.12 215.77 84.73
CA LYS X 951 161.81 215.90 85.36
C LYS X 951 160.98 214.63 85.23
N LYS X 952 161.01 214.01 84.04
CA LYS X 952 160.41 212.71 83.82
C LYS X 952 161.02 211.59 84.66
N THR X 953 162.36 211.52 84.74
CA THR X 953 163.07 210.54 85.57
C THR X 953 162.77 210.65 87.05
N LEU X 954 162.78 211.88 87.62
CA LEU X 954 162.48 212.08 89.04
C LEU X 954 161.09 211.66 89.44
N LEU X 955 160.07 211.96 88.61
CA LEU X 955 158.72 211.48 88.86
C LEU X 955 158.60 209.97 88.81
N GLY X 956 159.22 209.32 87.80
CA GLY X 956 159.35 207.87 87.75
C GLY X 956 159.94 207.25 88.99
N LEU X 957 161.09 207.79 89.46
CA LEU X 957 161.71 207.38 90.70
C LEU X 957 160.85 207.61 91.93
N SER X 958 160.18 208.78 92.01
CA SER X 958 159.24 209.14 93.07
C SER X 958 158.11 208.13 93.18
N LYS X 959 157.49 207.83 92.02
CA LYS X 959 156.44 206.84 91.91
C LYS X 959 156.88 205.43 92.27
N LEU X 960 158.05 204.97 91.79
CA LEU X 960 158.61 203.69 92.20
C LEU X 960 158.95 203.63 93.69
N ALA X 961 159.48 204.72 94.28
CA ALA X 961 159.68 204.84 95.72
C ALA X 961 158.40 204.74 96.54
N ALA X 962 157.31 205.41 96.14
CA ALA X 962 156.00 205.32 96.75
C ALA X 962 155.31 203.96 96.60
N LEU X 963 155.41 203.33 95.41
CA LEU X 963 154.87 202.00 95.19
C LEU X 963 155.59 200.93 95.99
N ALA X 964 156.90 201.12 96.25
CA ALA X 964 157.69 200.20 97.04
C ALA X 964 157.66 200.53 98.52
N SER X 965 157.01 201.63 98.91
CA SER X 965 156.84 202.01 100.30
C SER X 965 155.62 201.40 100.96
N ASP X 966 155.48 201.64 102.25
CA ASP X 966 154.54 201.04 103.16
C ASP X 966 153.32 201.89 103.45
N PHE X 967 152.96 202.80 102.52
CA PHE X 967 151.70 203.54 102.57
C PHE X 967 150.48 202.62 102.65
N GLN X 968 149.48 202.99 103.47
CA GLN X 968 148.18 202.33 103.45
C GLN X 968 147.53 202.48 102.08
N GLU X 969 146.70 201.51 101.65
CA GLU X 969 146.15 201.48 100.30
C GLU X 969 145.46 202.79 99.91
N ASP X 970 144.70 203.41 100.85
CA ASP X 970 144.15 204.75 100.73
C ASP X 970 145.17 205.87 100.45
N VAL X 971 146.26 205.96 101.25
CA VAL X 971 147.33 206.93 101.06
C VAL X 971 148.05 206.66 99.75
N LEU X 972 148.32 205.39 99.43
CA LEU X 972 148.95 205.00 98.18
C LEU X 972 148.14 205.41 96.97
N GLN X 973 146.81 205.20 97.00
CA GLN X 973 145.89 205.67 96.00
C GLN X 973 145.91 207.18 95.81
N GLU X 974 145.93 207.98 96.91
CA GLU X 974 146.10 209.43 96.80
C GLU X 974 147.41 209.86 96.15
N LYS X 975 148.55 209.25 96.56
CA LYS X 975 149.83 209.54 95.96
C LYS X 975 149.85 209.20 94.49
N VAL X 976 149.41 208.02 94.04
CA VAL X 976 149.39 207.67 92.64
C VAL X 976 148.37 208.46 91.80
N GLU X 977 147.30 209.01 92.40
CA GLU X 977 146.36 209.90 91.71
C GLU X 977 146.89 211.30 91.48
N GLU X 978 147.49 211.95 92.50
CA GLU X 978 148.18 213.23 92.37
C GLU X 978 149.37 213.15 91.40
N ILE X 979 150.09 212.00 91.41
CA ILE X 979 151.09 211.67 90.42
C ILE X 979 150.55 211.51 89.01
N ALA X 980 149.38 210.87 88.83
CA ALA X 980 148.75 210.66 87.54
C ALA X 980 148.45 211.96 86.81
N GLU X 981 148.06 213.00 87.55
CA GLU X 981 147.97 214.37 87.07
C GLU X 981 149.29 214.92 86.51
N GLN X 982 150.41 214.76 87.26
CA GLN X 982 151.72 215.16 86.81
C GLN X 982 152.17 214.44 85.55
N GLU X 983 151.94 213.11 85.48
CA GLU X 983 152.15 212.32 84.28
C GLU X 983 151.28 212.82 83.12
N HIS X 984 150.01 213.23 83.39
CA HIS X 984 149.08 213.75 82.39
C HIS X 984 149.54 215.03 81.69
N PHE X 985 149.98 216.08 82.42
CA PHE X 985 150.58 217.28 81.84
C PHE X 985 151.89 217.00 81.09
N LEU X 986 152.77 216.16 81.66
CA LEU X 986 154.04 215.85 81.03
C LEU X 986 153.85 215.14 79.70
N LEU X 987 152.87 214.21 79.63
CA LEU X 987 152.52 213.46 78.44
C LEU X 987 152.22 214.34 77.24
N HIS X 988 151.70 215.56 77.45
CA HIS X 988 151.66 216.54 76.38
C HIS X 988 153.03 216.89 75.80
N GLN X 989 154.03 217.37 76.56
CA GLN X 989 155.36 217.61 76.01
C GLN X 989 156.03 216.35 75.44
N GLU X 990 155.77 215.16 76.03
CA GLU X 990 156.22 213.87 75.52
C GLU X 990 155.73 213.54 74.11
N THR X 991 154.49 213.92 73.75
CA THR X 991 153.88 213.54 72.47
C THR X 991 154.15 214.52 71.35
N LEU X 992 155.11 215.47 71.52
CA LEU X 992 155.45 216.45 70.51
C LEU X 992 155.90 215.81 69.16
N PRO X 993 155.37 216.23 68.00
CA PRO X 993 155.61 215.52 66.75
C PRO X 993 157.03 215.59 66.26
N LYS X 994 157.57 214.51 65.69
CA LYS X 994 158.99 214.46 65.34
C LYS X 994 159.30 215.18 64.05
N LYS X 995 158.29 215.77 63.38
CA LYS X 995 158.50 216.67 62.28
C LYS X 995 158.93 218.03 62.76
N LEU X 996 158.22 218.56 63.77
CA LEU X 996 158.48 219.89 64.23
C LEU X 996 159.72 220.00 65.11
N LEU X 997 160.11 218.91 65.77
CA LEU X 997 161.28 218.97 66.62
C LEU X 997 162.59 218.99 65.85
N GLU X 998 162.60 218.51 64.59
CA GLU X 998 163.76 218.63 63.71
C GLU X 998 163.71 219.95 62.92
N GLU X 999 162.50 220.42 62.55
CA GLU X 999 162.26 221.74 61.96
C GLU X 999 162.68 222.91 62.85
N LYS X 1000 162.33 222.86 64.15
CA LYS X 1000 162.72 223.90 65.09
C LYS X 1000 164.09 223.62 65.66
N GLN X 1001 164.77 222.56 65.14
CA GLN X 1001 166.13 222.20 65.46
C GLN X 1001 166.35 221.98 66.94
N LEU X 1002 165.43 221.23 67.57
CA LEU X 1002 165.40 221.07 69.01
C LEU X 1002 166.11 219.81 69.42
N ASP X 1003 166.90 219.89 70.50
CA ASP X 1003 167.46 218.72 71.15
C ASP X 1003 166.40 217.77 71.66
N LEU X 1004 166.60 216.44 71.43
CA LEU X 1004 165.60 215.44 71.76
C LEU X 1004 165.25 215.36 73.25
N ASN X 1005 166.28 215.26 74.11
CA ASN X 1005 166.08 215.13 75.54
C ASN X 1005 166.66 216.31 76.29
N ALA X 1006 167.62 217.03 75.70
CA ALA X 1006 168.36 218.08 76.37
C ALA X 1006 167.64 219.43 76.29
N MET X 1007 166.31 219.34 76.29
CA MET X 1007 165.37 220.48 76.17
C MET X 1007 163.99 220.32 76.87
N PRO X 1008 163.26 221.45 77.03
CA PRO X 1008 161.94 221.76 77.65
C PRO X 1008 160.61 221.28 77.00
N VAL X 1009 159.57 221.16 77.84
CA VAL X 1009 158.20 220.72 77.48
C VAL X 1009 157.12 221.78 77.11
N LEU X 1010 155.86 221.34 77.09
CA LEU X 1010 154.77 221.93 76.27
C LEU X 1010 153.39 222.07 76.98
N ALA X 1011 152.48 222.87 76.39
CA ALA X 1011 151.13 223.13 76.91
C ALA X 1011 150.02 222.84 75.87
N PRO X 1012 148.74 222.69 76.31
CA PRO X 1012 147.77 222.34 75.26
C PRO X 1012 147.79 223.29 74.11
N PHE X 1013 147.96 224.61 74.35
CA PHE X 1013 148.13 225.60 73.30
C PHE X 1013 149.27 225.25 72.36
N GLN X 1014 150.47 224.98 72.91
CA GLN X 1014 151.59 224.61 72.06
C GLN X 1014 151.33 223.32 71.32
N LEU X 1015 150.82 222.28 71.98
CA LEU X 1015 150.47 221.04 71.31
C LEU X 1015 149.45 221.21 70.20
N ILE X 1016 148.31 221.88 70.46
CA ILE X 1016 147.27 222.17 69.47
C ILE X 1016 147.87 222.87 68.26
N GLN X 1017 148.64 223.96 68.48
CA GLN X 1017 149.29 224.73 67.44
C GLN X 1017 150.34 223.94 66.66
N LEU X 1018 151.11 223.06 67.32
CA LEU X 1018 152.07 222.22 66.68
C LEU X 1018 151.45 221.07 65.87
N TYR X 1019 150.31 220.50 66.33
CA TYR X 1019 149.56 219.46 65.60
C TYR X 1019 149.04 219.96 64.25
N VAL X 1020 148.81 221.27 64.14
CA VAL X 1020 148.16 221.88 62.99
C VAL X 1020 149.10 222.73 62.15
N CYS X 1021 150.41 222.83 62.52
CA CYS X 1021 151.42 223.54 61.77
C CYS X 1021 151.56 223.01 60.36
N GLU X 1022 151.87 223.89 59.38
CA GLU X 1022 152.04 223.62 57.97
C GLU X 1022 153.08 222.53 57.77
N GLU X 1023 154.12 222.57 58.60
CA GLU X 1023 155.17 221.60 58.85
C GLU X 1023 154.69 220.18 59.15
N ASN X 1024 153.56 219.99 59.86
CA ASN X 1024 152.93 218.68 60.02
C ASN X 1024 152.25 218.27 58.71
N LYS X 1025 153.03 217.67 57.80
CA LYS X 1025 152.60 217.39 56.44
C LYS X 1025 151.55 216.31 56.28
N ARG X 1026 151.68 215.18 57.01
CA ARG X 1026 150.81 214.03 56.83
C ARG X 1026 149.63 214.08 57.78
N ALA X 1027 149.32 215.27 58.32
CA ALA X 1027 148.25 215.53 59.26
C ALA X 1027 146.90 215.02 58.80
N ASN X 1028 146.39 213.99 59.51
CA ASN X 1028 145.18 213.29 59.15
C ASN X 1028 144.08 213.55 60.17
N GLU X 1029 143.00 212.77 60.15
CA GLU X 1029 141.86 212.95 61.02
C GLU X 1029 142.19 212.91 62.50
N ASN X 1030 143.12 212.02 62.89
CA ASN X 1030 143.52 211.84 64.26
C ASN X 1030 144.27 213.02 64.83
N ASP X 1031 145.14 213.67 64.04
CA ASP X 1031 145.89 214.83 64.47
C ASP X 1031 144.99 216.01 64.80
N PHE X 1032 143.99 216.29 63.94
CA PHE X 1032 142.98 217.31 64.24
C PHE X 1032 142.02 216.94 65.34
N MET X 1033 141.57 215.67 65.42
CA MET X 1033 140.72 215.20 66.51
C MET X 1033 141.40 215.39 67.85
N LYS X 1034 142.69 215.02 67.96
CA LYS X 1034 143.46 215.24 69.16
C LYS X 1034 143.82 216.70 69.41
N ALA X 1035 143.74 217.57 68.37
CA ALA X 1035 143.92 218.99 68.54
C ALA X 1035 142.61 219.69 68.89
N LEU X 1036 141.49 218.95 68.90
CA LEU X 1036 140.23 219.41 69.45
C LEU X 1036 139.93 218.74 70.77
N ASP X 1037 140.62 217.62 71.10
CA ASP X 1037 140.59 217.04 72.43
C ASP X 1037 141.38 217.86 73.44
N LEU X 1038 142.36 218.66 72.98
CA LEU X 1038 143.24 219.38 73.87
C LEU X 1038 142.70 220.73 74.29
N LEU X 1039 141.41 220.99 74.00
CA LEU X 1039 140.77 222.23 74.38
C LEU X 1039 140.23 222.25 75.80
N GLU X 1040 140.10 221.10 76.49
CA GLU X 1040 139.59 221.06 77.86
C GLU X 1040 140.73 221.10 78.87
N TYR X 1041 141.95 221.30 78.38
CA TYR X 1041 143.14 221.29 79.19
C TYR X 1041 143.70 222.69 79.34
N ILE X 1042 142.95 223.70 78.87
CA ILE X 1042 143.36 225.10 78.78
C ILE X 1042 143.62 225.86 80.11
N GLY X 1043 142.56 226.21 80.89
CA GLY X 1043 142.68 227.22 81.96
C GLY X 1043 142.42 228.62 81.43
N ASP X 1044 141.38 229.29 81.98
CA ASP X 1044 140.95 230.62 81.57
C ASP X 1044 140.50 230.75 80.12
N ASP X 1045 139.52 229.91 79.73
CA ASP X 1045 138.94 229.76 78.42
C ASP X 1045 138.49 231.05 77.74
N SER X 1046 137.86 231.98 78.48
CA SER X 1046 137.47 233.26 77.91
C SER X 1046 138.60 234.26 77.76
N GLU X 1047 139.72 234.08 78.48
CA GLU X 1047 140.91 234.91 78.37
C GLU X 1047 141.78 234.57 77.18
N VAL X 1048 142.01 233.26 76.93
CA VAL X 1048 142.98 232.81 75.94
C VAL X 1048 142.37 232.54 74.57
N ASP X 1049 141.09 232.88 74.40
CA ASP X 1049 140.30 232.66 73.20
C ASP X 1049 140.02 231.20 72.79
N VAL X 1050 139.03 230.53 73.42
CA VAL X 1050 138.62 229.18 72.99
C VAL X 1050 138.12 229.11 71.55
N GLU X 1051 137.19 230.01 71.15
CA GLU X 1051 136.47 229.79 69.91
C GLU X 1051 137.16 230.38 68.70
N GLU X 1052 138.19 231.19 68.93
CA GLU X 1052 139.14 231.59 67.91
C GLU X 1052 139.97 230.41 67.38
N LEU X 1053 140.54 229.60 68.30
CA LEU X 1053 141.28 228.40 67.97
C LEU X 1053 140.43 227.32 67.35
N LYS X 1054 139.17 227.21 67.84
CA LYS X 1054 138.17 226.32 67.29
C LYS X 1054 137.97 226.58 65.80
N LEU X 1055 137.99 227.85 65.38
CA LEU X 1055 138.05 228.20 63.97
C LEU X 1055 139.38 228.01 63.28
N GLU X 1056 140.51 228.41 63.89
CA GLU X 1056 141.84 228.34 63.26
C GLU X 1056 142.14 226.94 62.74
N ILE X 1057 141.84 225.93 63.57
CA ILE X 1057 141.98 224.53 63.28
C ILE X 1057 141.04 224.02 62.22
N LEU X 1058 139.73 224.35 62.28
CA LEU X 1058 138.76 223.87 61.30
C LEU X 1058 138.97 224.49 59.92
N CYS X 1059 139.67 225.64 59.85
CA CYS X 1059 140.09 226.30 58.64
C CYS X 1059 141.35 225.71 58.03
N LYS X 1060 142.37 225.35 58.83
CA LYS X 1060 143.51 224.60 58.30
C LYS X 1060 143.15 223.16 58.01
N ALA X 1061 142.09 222.65 58.64
CA ALA X 1061 141.42 221.41 58.28
C ALA X 1061 140.77 221.43 56.92
N ILE X 1062 140.70 222.59 56.25
CA ILE X 1062 140.16 222.68 54.90
C ILE X 1062 141.26 223.05 53.91
N LYS X 1063 142.28 223.80 54.38
CA LYS X 1063 143.44 224.15 53.57
C LYS X 1063 144.22 222.93 53.14
N ARG X 1064 144.36 221.94 54.05
CA ARG X 1064 144.99 220.68 53.73
C ARG X 1064 144.16 219.77 52.85
N ASP X 1065 142.85 219.98 52.85
CA ASP X 1065 141.98 219.21 52.04
C ASP X 1065 142.19 219.48 50.55
N GLU X 1066 142.29 220.77 50.15
CA GLU X 1066 142.72 221.23 48.81
C GLU X 1066 141.63 221.53 47.75
N TRP X 1067 140.54 222.32 48.02
CA TRP X 1067 139.33 222.26 47.17
C TRP X 1067 139.52 222.59 45.72
N SER X 1068 139.25 221.57 44.89
CA SER X 1068 139.66 221.46 43.51
C SER X 1068 138.42 221.20 42.68
N ALA X 1069 138.58 220.95 41.38
CA ALA X 1069 137.48 220.66 40.51
C ALA X 1069 137.98 219.72 39.44
N THR X 1070 137.14 218.76 39.03
CA THR X 1070 137.52 217.79 38.02
C THR X 1070 136.46 217.89 36.97
N ASP X 1071 136.85 218.26 35.74
CA ASP X 1071 136.01 218.41 34.58
C ASP X 1071 134.75 219.26 34.77
N GLY X 1072 134.91 220.42 35.44
CA GLY X 1072 133.82 221.37 35.68
C GLY X 1072 132.89 220.99 36.80
N LYS X 1073 133.24 219.96 37.58
CA LYS X 1073 132.43 219.48 38.68
C LYS X 1073 133.18 219.62 40.00
N ASP X 1074 132.44 219.87 41.09
CA ASP X 1074 132.99 219.98 42.43
C ASP X 1074 133.80 218.76 42.85
N ASP X 1075 134.96 218.99 43.46
CA ASP X 1075 135.81 217.92 43.97
C ASP X 1075 135.78 218.01 45.50
N PRO X 1076 135.15 217.07 46.22
CA PRO X 1076 135.08 217.15 47.66
C PRO X 1076 136.37 216.66 48.26
N ILE X 1077 137.22 217.61 48.57
CA ILE X 1077 138.47 217.38 49.23
C ILE X 1077 138.32 217.25 50.69
N GLU X 1078 137.14 217.62 51.17
CA GLU X 1078 136.82 217.71 52.56
C GLU X 1078 136.76 216.39 53.25
N ALA X 1079 137.28 215.32 52.65
CA ALA X 1079 137.50 213.99 53.16
C ALA X 1079 138.03 213.94 54.60
N THR X 1080 138.94 214.86 54.99
CA THR X 1080 139.33 215.02 56.39
C THR X 1080 138.29 215.77 57.21
N LYS X 1081 137.72 216.89 56.73
CA LYS X 1081 136.59 217.56 57.39
C LYS X 1081 135.37 216.66 57.57
N ASP X 1082 135.02 215.88 56.55
CA ASP X 1082 134.11 214.77 56.53
C ASP X 1082 134.40 213.80 57.64
N SER X 1083 135.61 213.22 57.63
CA SER X 1083 135.97 212.25 58.65
C SER X 1083 135.94 212.79 60.06
N ILE X 1084 136.45 214.01 60.34
CA ILE X 1084 136.40 214.60 61.68
C ILE X 1084 134.98 214.78 62.19
N PHE X 1085 134.00 215.11 61.33
CA PHE X 1085 132.61 215.24 61.76
C PHE X 1085 131.93 213.88 61.91
N VAL X 1086 132.48 212.82 61.30
CA VAL X 1086 132.12 211.43 61.57
C VAL X 1086 132.73 210.94 62.89
N LYS X 1087 133.84 211.56 63.36
CA LYS X 1087 134.53 211.16 64.58
C LYS X 1087 134.06 211.88 65.85
N VAL X 1088 133.35 213.02 65.75
CA VAL X 1088 132.83 213.72 66.93
C VAL X 1088 131.73 212.92 67.63
N LEU X 1089 130.87 212.24 66.85
CA LEU X 1089 129.77 211.49 67.38
C LEU X 1089 130.21 210.09 67.80
N GLN X 1090 130.08 209.75 69.09
CA GLN X 1090 130.46 208.46 69.63
C GLN X 1090 129.22 207.59 69.82
N ASN X 1091 128.17 207.88 69.03
CA ASN X 1091 126.85 207.28 69.15
C ASN X 1091 126.24 207.56 70.52
N LEU X 1092 126.24 208.83 70.96
CA LEU X 1092 125.88 209.21 72.31
C LEU X 1092 124.36 209.26 72.50
N LEU X 1093 123.60 208.97 71.44
CA LEU X 1093 122.16 208.70 71.44
C LEU X 1093 121.82 207.53 72.35
N ASN X 1094 122.61 206.44 72.32
CA ASN X 1094 122.41 205.29 73.19
C ASN X 1094 123.24 205.42 74.47
N LYS X 1095 124.00 206.52 74.62
CA LYS X 1095 124.72 206.80 75.84
C LYS X 1095 123.91 207.75 76.71
N GLY X 1096 122.74 208.21 76.23
CA GLY X 1096 121.85 209.08 77.00
C GLY X 1096 122.31 210.52 77.02
N ILE X 1097 123.22 210.90 76.11
CA ILE X 1097 123.72 212.25 75.98
C ILE X 1097 122.86 212.94 74.94
N GLU X 1098 122.65 214.26 75.08
CA GLU X 1098 122.00 215.08 74.09
C GLU X 1098 122.85 215.24 72.83
N LEU X 1099 123.05 214.18 72.05
CA LEU X 1099 123.78 214.22 70.79
C LEU X 1099 123.02 214.98 69.72
N LYS X 1100 121.69 214.84 69.73
CA LYS X 1100 120.78 215.62 68.91
C LYS X 1100 120.90 217.11 69.23
N GLY X 1101 121.43 217.93 68.30
CA GLY X 1101 121.69 219.34 68.55
C GLY X 1101 122.96 219.63 69.30
N TYR X 1102 124.03 218.85 69.11
CA TYR X 1102 125.26 219.04 69.86
C TYR X 1102 126.48 219.26 68.96
N LEU X 1103 126.26 219.62 67.69
CA LEU X 1103 127.32 220.20 66.88
C LEU X 1103 127.24 221.72 66.77
N PRO X 1104 126.56 222.61 67.56
CA PRO X 1104 126.73 224.04 67.39
C PRO X 1104 128.01 224.53 68.04
N LYS X 1105 129.05 223.68 68.11
CA LYS X 1105 130.39 224.10 68.45
C LYS X 1105 131.01 224.88 67.30
N ALA X 1106 130.94 224.32 66.08
CA ALA X 1106 131.46 224.94 64.88
C ALA X 1106 130.69 226.18 64.48
N GLU X 1107 131.41 227.20 63.95
CA GLU X 1107 130.77 228.38 63.40
C GLU X 1107 130.48 228.26 61.92
N THR X 1108 129.80 229.27 61.34
CA THR X 1108 129.43 229.22 59.92
C THR X 1108 129.73 230.53 59.24
N LEU X 1109 128.97 231.63 59.48
CA LEU X 1109 129.22 232.90 58.80
C LEU X 1109 130.58 233.47 59.19
N LEU X 1110 130.92 233.33 60.48
CA LEU X 1110 132.23 233.59 61.04
C LEU X 1110 133.35 232.76 60.40
N GLN X 1111 133.04 231.59 59.82
CA GLN X 1111 134.03 230.81 59.12
C GLN X 1111 134.45 231.41 57.79
N SER X 1112 133.49 231.92 56.99
CA SER X 1112 133.84 232.47 55.68
C SER X 1112 134.58 233.78 55.78
N GLU X 1113 134.51 234.44 56.95
CA GLU X 1113 135.43 235.50 57.32
C GLU X 1113 136.90 235.09 57.30
N GLU X 1114 137.26 233.98 57.96
CA GLU X 1114 138.60 233.39 57.87
C GLU X 1114 138.96 232.83 56.50
N LEU X 1115 138.00 232.22 55.79
CA LEU X 1115 138.21 231.77 54.42
C LEU X 1115 138.57 232.90 53.45
N ASN X 1116 137.96 234.09 53.60
CA ASN X 1116 138.35 235.28 52.86
C ASN X 1116 139.79 235.70 53.12
N SER X 1117 140.27 235.65 54.37
CA SER X 1117 141.67 235.93 54.72
C SER X 1117 142.67 235.02 54.03
N LEU X 1118 142.33 233.74 53.88
CA LEU X 1118 143.17 232.77 53.18
C LEU X 1118 143.07 232.83 51.67
N LYS X 1119 142.05 233.53 51.13
CA LYS X 1119 141.78 233.73 49.71
C LYS X 1119 141.11 232.51 49.07
N THR X 1120 140.48 231.66 49.87
CA THR X 1120 140.03 230.34 49.43
C THR X 1120 138.53 230.19 49.37
N ASN X 1121 137.77 231.28 49.64
CA ASN X 1121 136.31 231.28 49.69
C ASN X 1121 135.68 230.78 48.39
N SER X 1122 136.16 231.28 47.23
CA SER X 1122 135.68 230.87 45.92
C SER X 1122 135.81 229.41 45.62
N TYR X 1123 136.88 228.75 46.09
CA TYR X 1123 137.01 227.32 45.91
C TYR X 1123 136.04 226.53 46.78
N PHE X 1124 136.04 226.74 48.10
CA PHE X 1124 135.42 225.75 48.97
C PHE X 1124 133.98 226.04 49.39
N GLU X 1125 133.43 227.24 49.10
CA GLU X 1125 132.14 227.64 49.64
C GLU X 1125 130.95 226.92 49.00
N PHE X 1126 131.18 226.25 47.86
CA PHE X 1126 130.22 225.35 47.24
C PHE X 1126 129.94 224.10 48.09
N SER X 1127 130.97 223.41 48.61
CA SER X 1127 130.76 222.19 49.38
C SER X 1127 130.84 222.41 50.86
N LEU X 1128 131.31 223.59 51.33
CA LEU X 1128 131.22 223.92 52.74
C LEU X 1128 129.78 223.98 53.23
N LYS X 1129 128.93 224.73 52.51
CA LYS X 1129 127.50 224.73 52.73
C LYS X 1129 126.84 223.42 52.40
N ALA X 1130 127.20 222.75 51.28
CA ALA X 1130 126.59 221.48 50.90
C ALA X 1130 126.75 220.39 51.98
N ASN X 1131 127.95 220.23 52.53
CA ASN X 1131 128.22 219.33 53.62
C ASN X 1131 127.58 219.82 54.92
N TYR X 1132 127.58 221.14 55.22
CA TYR X 1132 126.76 221.72 56.29
C TYR X 1132 125.25 221.56 56.16
N GLU X 1133 124.69 220.94 55.10
CA GLU X 1133 123.29 220.54 55.06
C GLU X 1133 123.08 219.13 55.59
N CYS X 1134 123.99 218.20 55.23
CA CYS X 1134 123.96 216.83 55.72
C CYS X 1134 124.72 216.72 57.03
N TYR X 1135 125.09 217.86 57.62
CA TYR X 1135 125.50 217.98 59.00
C TYR X 1135 124.41 218.57 59.89
N MET X 1136 123.31 219.05 59.30
CA MET X 1136 122.11 219.43 60.04
C MET X 1136 121.11 218.28 60.06
N LYS X 1137 121.31 217.29 59.18
CA LYS X 1137 120.57 216.04 59.18
C LYS X 1137 121.24 214.98 60.04
N MET X 1138 122.58 215.02 60.16
CA MET X 1138 123.35 214.14 61.04
C MET X 1138 123.12 214.44 62.52
N GLU Y 69 -139.85 -78.89 -26.94
CA GLU Y 69 -140.30 -79.38 -25.60
C GLU Y 69 -140.73 -78.22 -24.75
N THR Y 70 -140.88 -78.41 -23.43
CA THR Y 70 -141.04 -77.39 -22.40
C THR Y 70 -139.65 -76.84 -22.12
N VAL Y 71 -139.52 -75.63 -21.54
CA VAL Y 71 -138.23 -74.98 -21.38
C VAL Y 71 -137.48 -75.48 -20.15
N ASN Y 72 -138.15 -75.44 -18.97
CA ASN Y 72 -137.50 -75.71 -17.70
C ASN Y 72 -137.81 -77.07 -17.07
N TYR Y 73 -138.65 -77.89 -17.71
CA TYR Y 73 -139.20 -79.08 -17.09
C TYR Y 73 -138.94 -80.29 -17.98
N ASN Y 74 -138.90 -81.51 -17.43
CA ASN Y 74 -139.06 -82.74 -18.20
C ASN Y 74 -140.51 -83.13 -17.94
N VAL Y 75 -141.26 -83.47 -19.00
CA VAL Y 75 -142.60 -83.99 -18.88
C VAL Y 75 -142.55 -85.37 -19.47
N GLN Y 76 -142.59 -86.43 -18.64
CA GLN Y 76 -142.38 -87.78 -19.12
C GLN Y 76 -143.19 -88.76 -18.30
N LEU Y 77 -143.41 -89.96 -18.90
CA LEU Y 77 -144.05 -91.13 -18.33
C LEU Y 77 -143.63 -91.42 -16.90
N PHE Y 78 -144.65 -91.51 -16.02
CA PHE Y 78 -144.44 -91.74 -14.62
C PHE Y 78 -144.96 -93.12 -14.33
N GLY Y 79 -144.10 -93.95 -13.72
CA GLY Y 79 -144.44 -95.33 -13.46
C GLY Y 79 -144.30 -96.21 -14.66
N SER Y 80 -144.69 -97.46 -14.46
CA SER Y 80 -144.63 -98.50 -15.47
C SER Y 80 -145.80 -98.47 -16.43
N SER Y 81 -145.80 -99.38 -17.42
CA SER Y 81 -146.90 -99.53 -18.36
C SER Y 81 -148.26 -99.68 -17.74
N LEU Y 82 -149.26 -98.93 -18.25
CA LEU Y 82 -150.57 -98.92 -17.63
C LEU Y 82 -151.27 -100.28 -17.73
N PRO Y 83 -152.10 -100.67 -16.76
CA PRO Y 83 -152.94 -101.85 -16.90
C PRO Y 83 -153.71 -101.97 -18.21
N VAL Y 84 -153.93 -103.20 -18.72
CA VAL Y 84 -154.59 -103.45 -20.01
C VAL Y 84 -155.97 -102.80 -20.12
N LYS Y 85 -156.76 -102.91 -19.03
CA LYS Y 85 -158.07 -102.30 -18.84
C LYS Y 85 -158.07 -100.78 -18.97
N VAL Y 86 -157.03 -100.10 -18.41
CA VAL Y 86 -156.85 -98.66 -18.53
C VAL Y 86 -156.49 -98.28 -19.94
N MET Y 87 -155.59 -99.07 -20.59
CA MET Y 87 -155.22 -98.85 -21.96
C MET Y 87 -156.38 -98.96 -22.94
N GLU Y 88 -157.26 -99.98 -22.81
CA GLU Y 88 -158.49 -100.13 -23.58
C GLU Y 88 -159.46 -99.00 -23.43
N ALA Y 89 -159.70 -98.54 -22.18
CA ALA Y 89 -160.56 -97.42 -21.90
C ALA Y 89 -160.08 -96.12 -22.56
N LEU Y 90 -158.76 -95.84 -22.53
CA LEU Y 90 -158.16 -94.72 -23.21
C LEU Y 90 -158.11 -94.80 -24.73
N SER Y 91 -157.73 -95.97 -25.29
CA SER Y 91 -157.65 -96.18 -26.73
C SER Y 91 -159.02 -96.18 -27.39
N ASN Y 92 -160.02 -96.78 -26.71
CA ASN Y 92 -161.43 -96.77 -27.08
C ASN Y 92 -162.13 -95.42 -26.89
N ALA Y 93 -161.82 -94.67 -25.82
CA ALA Y 93 -162.44 -93.38 -25.54
C ALA Y 93 -162.31 -92.36 -26.63
N SER Y 94 -163.44 -91.74 -26.98
CA SER Y 94 -163.51 -90.72 -27.99
C SER Y 94 -163.42 -89.37 -27.28
N ALA Y 95 -163.11 -88.26 -27.99
CA ALA Y 95 -163.11 -86.92 -27.42
C ALA Y 95 -164.49 -86.40 -26.96
N ASP Y 96 -165.62 -87.02 -27.41
CA ASP Y 96 -166.96 -86.85 -26.87
C ASP Y 96 -167.06 -87.35 -25.43
N GLU Y 97 -166.39 -88.48 -25.12
CA GLU Y 97 -166.41 -89.14 -23.83
C GLU Y 97 -165.79 -88.29 -22.71
N PRO Y 98 -166.45 -88.15 -21.56
CA PRO Y 98 -165.88 -87.50 -20.39
C PRO Y 98 -165.23 -88.56 -19.55
N MET Y 99 -163.90 -88.51 -19.42
CA MET Y 99 -163.21 -89.36 -18.50
C MET Y 99 -162.82 -88.43 -17.38
N ALA Y 100 -162.72 -88.98 -16.18
CA ALA Y 100 -162.21 -88.27 -15.04
C ALA Y 100 -161.40 -89.28 -14.26
N ALA Y 101 -160.42 -88.81 -13.48
CA ALA Y 101 -159.54 -89.69 -12.77
C ALA Y 101 -159.26 -89.11 -11.41
N CYS Y 102 -159.23 -89.96 -10.36
CA CYS Y 102 -158.83 -89.57 -9.04
C CYS Y 102 -157.47 -90.22 -8.83
N ILE Y 103 -156.41 -89.39 -8.74
CA ILE Y 103 -155.07 -89.80 -8.39
C ILE Y 103 -154.98 -89.58 -6.92
N HIS Y 104 -154.93 -90.68 -6.15
CA HIS Y 104 -154.93 -90.60 -4.71
C HIS Y 104 -153.53 -90.56 -4.15
N GLU Y 105 -153.33 -89.80 -3.06
CA GLU Y 105 -152.08 -89.64 -2.31
C GLU Y 105 -151.45 -90.92 -1.81
N GLY Y 106 -152.28 -91.97 -1.62
CA GLY Y 106 -151.84 -93.31 -1.23
C GLY Y 106 -151.23 -94.14 -2.33
N GLY Y 107 -151.15 -93.62 -3.58
CA GLY Y 107 -150.46 -94.34 -4.65
C GLY Y 107 -151.36 -95.21 -5.50
N TRP Y 108 -152.67 -94.95 -5.47
CA TRP Y 108 -153.66 -95.65 -6.25
C TRP Y 108 -154.39 -94.64 -7.13
N ALA Y 109 -154.77 -95.06 -8.36
CA ALA Y 109 -155.45 -94.21 -9.31
C ALA Y 109 -156.74 -94.86 -9.74
N TRP Y 110 -157.80 -94.04 -9.81
CA TRP Y 110 -159.14 -94.49 -10.05
C TRP Y 110 -159.63 -93.76 -11.29
N LEU Y 111 -159.93 -94.50 -12.38
CA LEU Y 111 -160.44 -93.96 -13.64
C LEU Y 111 -161.92 -94.23 -13.67
N ALA Y 112 -162.75 -93.18 -13.80
CA ALA Y 112 -164.17 -93.30 -14.01
C ALA Y 112 -164.39 -93.22 -15.52
N CYS Y 113 -164.76 -94.35 -16.15
CA CYS Y 113 -164.88 -94.46 -17.58
C CYS Y 113 -166.20 -95.13 -17.89
N ASN Y 114 -167.12 -94.40 -18.53
CA ASN Y 114 -168.49 -94.84 -18.74
C ASN Y 114 -169.17 -95.29 -17.45
N ASP Y 115 -169.69 -96.53 -17.37
CA ASP Y 115 -170.35 -97.12 -16.23
C ASP Y 115 -169.42 -98.02 -15.40
N ARG Y 116 -168.08 -97.98 -15.60
CA ARG Y 116 -167.20 -98.63 -14.67
C ARG Y 116 -166.10 -97.75 -14.16
N LEU Y 117 -165.59 -98.21 -13.02
CA LEU Y 117 -164.55 -97.63 -12.25
C LEU Y 117 -163.37 -98.57 -12.40
N ILE Y 118 -162.19 -98.10 -12.85
CA ILE Y 118 -161.02 -98.94 -12.96
C ILE Y 118 -159.96 -98.39 -12.05
N ILE Y 119 -159.50 -99.24 -11.12
CA ILE Y 119 -158.69 -98.84 -10.02
C ILE Y 119 -157.48 -99.65 -10.01
N TRP Y 120 -156.36 -98.97 -9.94
CA TRP Y 120 -155.12 -99.64 -10.01
C TRP Y 120 -154.14 -98.97 -9.12
N LYS Y 121 -153.17 -99.76 -8.64
CA LYS Y 121 -152.05 -99.23 -7.91
C LYS Y 121 -151.11 -98.61 -8.91
N ILE Y 122 -150.68 -97.35 -8.70
CA ILE Y 122 -149.65 -96.72 -9.50
C ILE Y 122 -148.37 -97.51 -9.37
N SER Y 123 -147.97 -98.12 -10.50
CA SER Y 123 -146.91 -99.09 -10.52
C SER Y 123 -145.60 -98.41 -10.70
N HIS Y 124 -144.96 -98.01 -9.57
CA HIS Y 124 -143.61 -97.47 -9.57
C HIS Y 124 -142.58 -98.51 -9.99
N SER Y 125 -142.86 -99.77 -9.62
CA SER Y 125 -142.14 -100.94 -10.08
C SER Y 125 -142.93 -101.62 -11.18
N SER Y 126 -142.21 -102.16 -12.18
CA SER Y 126 -142.68 -102.84 -13.37
C SER Y 126 -143.11 -104.27 -13.16
N SER Y 127 -142.76 -104.85 -12.00
CA SER Y 127 -142.96 -106.26 -11.68
C SER Y 127 -144.42 -106.70 -11.66
N ALA Y 128 -144.77 -107.77 -12.41
CA ALA Y 128 -146.14 -108.23 -12.58
C ALA Y 128 -146.79 -108.86 -11.36
N LYS Y 129 -146.02 -109.40 -10.39
CA LYS Y 129 -146.60 -109.93 -9.16
C LYS Y 129 -147.01 -108.85 -8.18
N LEU Y 130 -146.57 -107.58 -8.41
CA LEU Y 130 -146.95 -106.43 -7.62
C LEU Y 130 -148.06 -105.64 -8.30
N MET Y 131 -148.48 -106.09 -9.50
CA MET Y 131 -149.51 -105.46 -10.29
C MET Y 131 -150.91 -105.66 -9.72
N VAL Y 132 -151.64 -104.55 -9.46
CA VAL Y 132 -153.02 -104.63 -9.03
C VAL Y 132 -153.84 -103.70 -9.90
N CYS Y 133 -154.88 -104.25 -10.58
CA CYS Y 133 -155.90 -103.48 -11.25
C CYS Y 133 -157.24 -104.20 -11.12
N LYS Y 134 -158.26 -103.52 -10.55
CA LYS Y 134 -159.57 -104.06 -10.34
C LYS Y 134 -160.57 -103.15 -11.03
N GLU Y 135 -161.69 -103.73 -11.48
CA GLU Y 135 -162.70 -102.98 -12.19
C GLU Y 135 -163.99 -103.19 -11.45
N LEU Y 136 -164.68 -102.10 -11.07
CA LEU Y 136 -165.85 -102.16 -10.23
C LEU Y 136 -167.08 -101.68 -10.98
N PRO Y 137 -168.26 -102.21 -10.71
CA PRO Y 137 -169.46 -101.81 -11.43
C PRO Y 137 -170.15 -100.67 -10.71
N LEU Y 138 -170.29 -99.49 -11.36
CA LEU Y 138 -170.88 -98.34 -10.72
C LEU Y 138 -172.37 -98.53 -10.38
N PRO Y 139 -172.93 -97.98 -9.30
CA PRO Y 139 -174.38 -97.81 -9.14
C PRO Y 139 -175.00 -96.98 -10.26
N LEU Y 140 -176.04 -97.47 -10.99
CA LEU Y 140 -176.82 -96.73 -11.98
C LEU Y 140 -177.15 -95.27 -11.66
N SER Y 141 -176.98 -94.37 -12.64
CA SER Y 141 -177.26 -92.95 -12.50
C SER Y 141 -177.66 -92.50 -13.88
N ASP Y 142 -178.47 -91.43 -14.01
CA ASP Y 142 -178.77 -90.80 -15.28
C ASP Y 142 -177.73 -89.73 -15.60
N SER Y 143 -176.97 -89.29 -14.59
CA SER Y 143 -175.88 -88.35 -14.82
C SER Y 143 -174.59 -89.12 -14.95
N GLU Y 144 -173.57 -88.52 -15.59
CA GLU Y 144 -172.21 -89.02 -15.61
C GLU Y 144 -171.64 -89.23 -14.23
N TRP Y 145 -170.98 -90.39 -14.01
CA TRP Y 145 -170.24 -90.62 -12.80
C TRP Y 145 -168.99 -89.76 -12.77
N SER Y 146 -168.54 -89.34 -11.58
CA SER Y 146 -167.41 -88.43 -11.49
C SER Y 146 -166.40 -89.07 -10.59
N ALA Y 147 -165.10 -88.94 -10.89
CA ALA Y 147 -164.01 -89.39 -10.03
C ALA Y 147 -163.85 -88.50 -8.78
N ASP Y 148 -164.49 -87.31 -8.76
CA ASP Y 148 -164.66 -86.45 -7.59
C ASP Y 148 -165.56 -87.07 -6.52
N LEU Y 149 -166.47 -87.96 -6.93
CA LEU Y 149 -167.48 -88.60 -6.09
C LEU Y 149 -167.06 -89.97 -5.78
N VAL Y 150 -165.76 -90.11 -5.77
CA VAL Y 150 -165.20 -91.40 -5.74
C VAL Y 150 -163.90 -91.34 -4.94
N ASP Y 151 -163.74 -92.22 -3.93
CA ASP Y 151 -162.66 -92.05 -2.96
C ASP Y 151 -162.19 -93.41 -2.37
N ILE Y 152 -160.89 -93.48 -1.97
CA ILE Y 152 -160.23 -94.66 -1.47
C ILE Y 152 -159.97 -94.57 0.02
N CYS Y 153 -160.19 -95.66 0.76
CA CYS Y 153 -159.79 -95.71 2.14
C CYS Y 153 -158.86 -96.88 2.36
N ALA Y 154 -157.76 -96.66 3.08
CA ALA Y 154 -156.77 -97.68 3.34
C ALA Y 154 -156.74 -98.01 4.82
N GLN Y 155 -156.64 -99.32 5.15
CA GLN Y 155 -156.47 -99.84 6.51
C GLN Y 155 -155.30 -99.19 7.24
N THR Y 156 -155.59 -98.36 8.27
CA THR Y 156 -154.56 -97.66 9.05
C THR Y 156 -153.88 -96.55 8.24
N GLY Y 157 -154.42 -96.21 7.03
CA GLY Y 157 -153.79 -95.27 6.11
C GLY Y 157 -152.62 -95.82 5.32
N ASP Y 158 -152.33 -97.14 5.41
CA ASP Y 158 -151.18 -97.77 4.77
C ASP Y 158 -151.66 -98.45 3.46
N PRO Y 159 -151.08 -98.13 2.29
CA PRO Y 159 -151.42 -98.78 1.03
C PRO Y 159 -150.48 -99.95 0.80
N ALA Y 160 -151.08 -101.13 0.92
CA ALA Y 160 -150.44 -102.41 0.97
C ALA Y 160 -151.39 -103.45 0.37
N ALA Y 161 -151.52 -103.43 -0.97
CA ALA Y 161 -152.28 -104.37 -1.76
C ALA Y 161 -153.78 -104.18 -1.73
N ALA Y 162 -154.52 -105.04 -2.47
CA ALA Y 162 -155.96 -105.04 -2.56
C ALA Y 162 -156.74 -105.26 -1.25
N GLN Y 163 -156.33 -106.12 -0.29
CA GLN Y 163 -157.12 -106.21 0.93
C GLN Y 163 -157.14 -104.92 1.79
N SER Y 164 -156.06 -104.11 1.78
CA SER Y 164 -155.99 -102.89 2.57
C SER Y 164 -156.92 -101.79 2.12
N VAL Y 165 -157.46 -101.91 0.89
CA VAL Y 165 -158.15 -100.84 0.23
C VAL Y 165 -159.68 -101.07 0.24
N ALA Y 166 -160.42 -100.12 0.82
CA ALA Y 166 -161.86 -99.99 0.79
C ALA Y 166 -162.27 -98.83 -0.11
N LEU Y 167 -163.51 -98.87 -0.64
CA LEU Y 167 -163.94 -97.98 -1.68
C LEU Y 167 -165.32 -97.50 -1.53
N MET Y 168 -165.51 -96.18 -1.71
CA MET Y 168 -166.84 -95.68 -1.81
C MET Y 168 -167.01 -94.90 -3.10
N ALA Y 169 -168.26 -94.90 -3.59
CA ALA Y 169 -168.69 -94.11 -4.70
C ALA Y 169 -170.01 -93.46 -4.35
N ALA Y 170 -170.23 -92.24 -4.86
CA ALA Y 170 -171.51 -91.55 -4.79
C ALA Y 170 -171.95 -91.11 -6.18
N THR Y 171 -173.26 -90.94 -6.38
CA THR Y 171 -173.85 -90.39 -7.59
C THR Y 171 -174.20 -88.92 -7.31
N PRO Y 172 -174.44 -88.03 -8.28
CA PRO Y 172 -174.94 -86.68 -8.02
C PRO Y 172 -176.24 -86.54 -7.21
N GLU Y 173 -177.19 -87.51 -7.29
CA GLU Y 173 -178.41 -87.54 -6.49
C GLU Y 173 -178.22 -88.09 -5.08
N GLY Y 174 -177.09 -88.77 -4.78
CA GLY Y 174 -176.82 -89.24 -3.43
C GLY Y 174 -176.89 -90.72 -3.19
N SER Y 175 -176.85 -91.56 -4.24
CA SER Y 175 -176.79 -93.01 -4.08
C SER Y 175 -175.37 -93.38 -3.77
N SER Y 176 -175.18 -94.21 -2.74
CA SER Y 176 -173.87 -94.56 -2.24
C SER Y 176 -173.66 -96.04 -2.44
N ARG Y 177 -172.46 -96.42 -2.88
CA ARG Y 177 -172.05 -97.82 -2.98
C ARG Y 177 -170.67 -97.97 -2.37
N TYR Y 178 -170.53 -98.90 -1.41
CA TYR Y 178 -169.35 -99.09 -0.60
C TYR Y 178 -168.86 -100.53 -0.68
N TRP Y 179 -167.60 -100.74 -1.08
CA TRP Y 179 -166.91 -102.01 -1.09
C TRP Y 179 -166.00 -102.01 0.13
N PRO Y 180 -166.11 -102.90 1.13
CA PRO Y 180 -165.16 -102.97 2.24
C PRO Y 180 -163.73 -103.30 1.82
N ASN Y 181 -163.56 -104.07 0.72
CA ASN Y 181 -162.27 -104.52 0.24
C ASN Y 181 -162.36 -104.52 -1.28
N ILE Y 182 -161.37 -103.94 -1.99
CA ILE Y 182 -161.25 -103.96 -3.46
C ILE Y 182 -160.86 -105.33 -3.98
N LEU Y 183 -160.40 -106.23 -3.08
CA LEU Y 183 -160.22 -107.64 -3.35
C LEU Y 183 -161.53 -108.32 -3.75
N HIS Y 184 -162.63 -107.97 -3.05
CA HIS Y 184 -163.95 -108.54 -3.30
C HIS Y 184 -164.84 -107.59 -4.11
N GLU Y 185 -164.76 -107.62 -5.45
CA GLU Y 185 -165.40 -106.66 -6.33
C GLU Y 185 -166.93 -106.78 -6.48
N GLY Y 186 -167.47 -107.98 -6.18
CA GLY Y 186 -168.91 -108.26 -6.14
C GLY Y 186 -169.51 -108.02 -4.77
N THR Y 187 -168.68 -107.63 -3.79
CA THR Y 187 -169.11 -107.52 -2.40
C THR Y 187 -169.14 -106.06 -2.00
N TYR Y 188 -170.35 -105.52 -1.88
CA TYR Y 188 -170.55 -104.13 -1.53
C TYR Y 188 -171.85 -104.00 -0.76
N ILE Y 189 -172.05 -102.83 -0.13
CA ILE Y 189 -173.30 -102.44 0.52
C ILE Y 189 -173.69 -101.11 -0.05
N GLU Y 190 -174.97 -100.74 0.14
CA GLU Y 190 -175.54 -99.59 -0.52
C GLU Y 190 -176.30 -98.72 0.48
N SER Y 191 -176.49 -97.44 0.11
CA SER Y 191 -177.28 -96.52 0.92
C SER Y 191 -177.68 -95.34 0.08
N TYR Y 192 -178.45 -94.39 0.65
CA TYR Y 192 -178.74 -93.16 -0.04
C TYR Y 192 -178.74 -92.00 0.97
N THR Y 193 -178.32 -90.82 0.49
CA THR Y 193 -178.33 -89.53 1.18
C THR Y 193 -179.55 -88.82 0.66
N GLU Y 194 -179.38 -87.59 0.12
CA GLU Y 194 -180.31 -86.92 -0.78
C GLU Y 194 -179.81 -85.52 -1.11
N PHE Y 195 -179.93 -85.14 -2.40
CA PHE Y 195 -179.50 -83.89 -2.97
C PHE Y 195 -180.53 -83.35 -3.95
N GLY Y 196 -180.42 -82.06 -4.36
CA GLY Y 196 -181.22 -81.54 -5.45
C GLY Y 196 -180.64 -82.07 -6.75
N SER Y 197 -181.45 -82.12 -7.82
CA SER Y 197 -180.93 -82.31 -9.17
C SER Y 197 -180.06 -81.10 -9.59
N SER Y 198 -178.86 -81.38 -10.12
CA SER Y 198 -177.81 -80.46 -10.60
C SER Y 198 -176.62 -80.36 -9.66
N LEU Y 199 -176.74 -80.88 -8.41
CA LEU Y 199 -175.69 -80.78 -7.42
C LEU Y 199 -174.34 -81.42 -7.84
N CYS Y 200 -173.29 -80.58 -7.99
CA CYS Y 200 -171.90 -81.03 -8.03
C CYS Y 200 -171.45 -81.27 -6.61
N ALA Y 201 -171.16 -82.54 -6.30
CA ALA Y 201 -170.77 -82.99 -5.00
C ALA Y 201 -169.35 -83.56 -5.07
N PHE Y 202 -168.68 -83.69 -3.90
CA PHE Y 202 -167.40 -84.36 -3.76
C PHE Y 202 -167.58 -85.44 -2.70
N VAL Y 203 -166.79 -86.52 -2.80
CA VAL Y 203 -166.70 -87.55 -1.77
C VAL Y 203 -165.26 -87.60 -1.34
N THR Y 204 -165.02 -87.56 -0.01
CA THR Y 204 -163.67 -87.47 0.48
C THR Y 204 -163.45 -88.44 1.62
N ALA Y 205 -162.47 -89.35 1.46
CA ALA Y 205 -162.02 -90.21 2.55
C ALA Y 205 -161.40 -89.44 3.71
N VAL Y 206 -161.89 -89.66 4.95
CA VAL Y 206 -161.46 -88.97 6.15
C VAL Y 206 -161.10 -90.02 7.21
N LYS Y 207 -160.62 -89.61 8.40
CA LYS Y 207 -160.24 -90.57 9.44
C LYS Y 207 -161.34 -91.44 10.00
N GLY Y 208 -160.90 -92.64 10.46
CA GLY Y 208 -161.77 -93.63 11.11
C GLY Y 208 -162.50 -94.54 10.15
N ASN Y 209 -161.94 -94.66 8.93
CA ASN Y 209 -162.44 -95.43 7.81
C ASN Y 209 -163.74 -94.89 7.24
N SER Y 210 -163.90 -93.55 7.29
CA SER Y 210 -165.14 -92.89 6.95
C SER Y 210 -164.92 -91.82 5.92
N PHE Y 211 -166.04 -91.20 5.54
CA PHE Y 211 -166.11 -90.44 4.33
C PHE Y 211 -166.95 -89.22 4.61
N ILE Y 212 -166.70 -88.11 3.89
CA ILE Y 212 -167.59 -86.96 3.90
C ILE Y 212 -168.06 -86.77 2.49
N LEU Y 213 -169.40 -86.74 2.35
CA LEU Y 213 -170.08 -86.41 1.11
C LEU Y 213 -170.52 -84.97 1.21
N SER Y 214 -170.16 -84.15 0.23
CA SER Y 214 -170.31 -82.70 0.28
C SER Y 214 -171.15 -82.17 -0.86
N SER Y 215 -172.28 -81.49 -0.58
CA SER Y 215 -173.18 -81.01 -1.64
C SER Y 215 -172.73 -79.76 -2.39
N GLU Y 216 -173.32 -79.41 -3.56
CA GLU Y 216 -173.12 -78.10 -4.19
C GLU Y 216 -173.58 -76.95 -3.33
N LYS Y 217 -174.60 -77.19 -2.48
CA LYS Y 217 -175.13 -76.22 -1.55
C LYS Y 217 -174.38 -76.31 -0.22
N ASN Y 218 -173.29 -77.10 -0.13
CA ASN Y 218 -172.44 -77.23 1.04
C ASN Y 218 -173.11 -77.87 2.26
N GLN Y 219 -174.05 -78.79 2.02
CA GLN Y 219 -174.46 -79.74 3.03
C GLN Y 219 -173.37 -80.80 3.11
N LEU Y 220 -172.78 -80.99 4.30
CA LEU Y 220 -171.72 -81.94 4.49
C LEU Y 220 -172.24 -83.08 5.35
N VAL Y 221 -172.10 -84.32 4.84
CA VAL Y 221 -172.62 -85.51 5.51
C VAL Y 221 -171.48 -86.48 5.76
N ARG Y 222 -171.28 -86.89 7.03
CA ARG Y 222 -170.37 -87.95 7.41
C ARG Y 222 -170.99 -89.29 7.06
N LEU Y 223 -170.22 -90.21 6.44
CA LEU Y 223 -170.67 -91.55 6.11
C LEU Y 223 -169.70 -92.56 6.70
N THR Y 224 -170.20 -93.43 7.61
CA THR Y 224 -169.40 -94.36 8.38
C THR Y 224 -169.93 -95.76 8.16
N PRO Y 225 -169.28 -96.65 7.40
CA PRO Y 225 -169.58 -98.07 7.35
C PRO Y 225 -169.51 -98.77 8.70
N ASP Y 226 -170.57 -99.50 9.08
CA ASP Y 226 -170.59 -100.33 10.26
C ASP Y 226 -170.27 -101.77 9.80
N ALA Y 227 -169.73 -102.62 10.70
CA ALA Y 227 -169.41 -104.03 10.47
C ALA Y 227 -170.64 -104.88 10.16
N SER Y 228 -171.85 -104.41 10.55
CA SER Y 228 -173.13 -105.03 10.15
C SER Y 228 -173.37 -105.06 8.65
N GLY Y 229 -172.83 -104.05 7.93
CA GLY Y 229 -173.11 -103.76 6.52
C GLY Y 229 -173.91 -102.48 6.34
N LYS Y 230 -174.41 -101.89 7.45
CA LYS Y 230 -175.04 -100.57 7.45
C LYS Y 230 -174.05 -99.46 7.18
N MET Y 231 -174.56 -98.33 6.66
CA MET Y 231 -173.80 -97.13 6.55
C MET Y 231 -174.49 -96.09 7.40
N ASN Y 232 -173.85 -95.72 8.54
CA ASN Y 232 -174.31 -94.66 9.41
C ASN Y 232 -174.10 -93.33 8.72
N GLN Y 233 -175.01 -92.35 8.93
CA GLN Y 233 -174.81 -91.04 8.37
C GLN Y 233 -175.32 -89.98 9.29
N ARG Y 234 -174.65 -88.82 9.29
CA ARG Y 234 -175.12 -87.65 10.01
C ARG Y 234 -174.58 -86.40 9.33
N VAL Y 235 -175.32 -85.28 9.44
CA VAL Y 235 -174.91 -83.95 8.99
C VAL Y 235 -173.81 -83.41 9.88
N LEU Y 236 -172.81 -82.69 9.33
CA LEU Y 236 -171.82 -82.02 10.14
C LEU Y 236 -172.41 -80.89 11.01
N PRO Y 237 -171.92 -80.59 12.20
CA PRO Y 237 -172.35 -79.42 12.97
C PRO Y 237 -172.25 -78.12 12.19
N GLN Y 238 -173.36 -77.36 12.06
CA GLN Y 238 -173.44 -76.13 11.27
C GLN Y 238 -173.14 -76.34 9.78
N GLY Y 239 -173.38 -77.56 9.28
CA GLY Y 239 -173.07 -77.99 7.92
C GLY Y 239 -174.28 -78.53 7.23
N GLN Y 240 -175.45 -77.92 7.54
CA GLN Y 240 -176.76 -78.26 7.01
C GLN Y 240 -176.91 -77.82 5.54
N GLY Y 241 -176.03 -76.90 5.12
CA GLY Y 241 -175.82 -76.40 3.76
C GLY Y 241 -176.48 -75.11 3.49
N MET Y 242 -177.74 -75.02 3.91
CA MET Y 242 -178.48 -73.79 3.86
C MET Y 242 -178.26 -73.05 5.16
N LEU Y 243 -179.38 -72.56 5.70
CA LEU Y 243 -179.44 -71.88 6.94
C LEU Y 243 -179.64 -72.81 8.15
N SER Y 244 -178.78 -72.75 9.17
CA SER Y 244 -178.60 -73.57 10.39
C SER Y 244 -178.93 -72.70 11.59
N GLY Y 245 -180.08 -72.91 12.29
CA GLY Y 245 -180.55 -72.06 13.39
C GLY Y 245 -180.99 -70.68 13.01
N ILE Y 246 -181.22 -70.50 11.71
CA ILE Y 246 -181.74 -69.31 11.07
C ILE Y 246 -183.08 -69.73 10.59
N GLY Y 247 -183.95 -68.72 10.47
CA GLY Y 247 -185.31 -68.81 10.02
C GLY Y 247 -185.41 -67.97 8.79
N ARG Y 248 -186.64 -67.71 8.38
CA ARG Y 248 -186.94 -67.29 7.04
C ARG Y 248 -187.25 -65.79 6.96
N ARG Y 249 -186.33 -64.91 7.43
CA ARG Y 249 -186.49 -63.46 7.40
C ARG Y 249 -185.31 -62.81 6.69
N VAL Y 250 -185.28 -61.46 6.61
CA VAL Y 250 -184.25 -60.63 5.95
C VAL Y 250 -183.13 -60.14 6.84
N SER Y 251 -183.44 -59.62 8.03
CA SER Y 251 -182.50 -59.24 9.05
C SER Y 251 -183.35 -59.43 10.28
N THR Y 252 -182.95 -60.34 11.20
CA THR Y 252 -183.59 -60.69 12.49
C THR Y 252 -183.03 -62.03 12.92
N LEU Y 253 -182.77 -62.93 11.95
CA LEU Y 253 -182.25 -64.26 12.20
C LEU Y 253 -180.80 -64.34 11.83
N PHE Y 254 -180.19 -63.18 11.66
CA PHE Y 254 -178.78 -63.00 11.49
C PHE Y 254 -178.05 -63.55 12.71
N GLY Y 255 -177.39 -64.70 12.54
CA GLY Y 255 -176.73 -65.38 13.64
C GLY Y 255 -175.48 -66.00 13.13
N ILE Y 256 -175.43 -67.35 13.08
CA ILE Y 256 -174.25 -68.04 12.58
C ILE Y 256 -174.14 -68.01 11.06
N LEU Y 257 -175.25 -67.61 10.41
CA LEU Y 257 -175.40 -67.52 8.99
C LEU Y 257 -176.36 -66.37 8.75
N SER Y 258 -176.45 -65.83 7.50
CA SER Y 258 -177.23 -64.64 7.18
C SER Y 258 -178.26 -65.01 6.13
N PRO Y 259 -179.44 -64.40 6.05
CA PRO Y 259 -180.41 -64.75 5.00
C PRO Y 259 -179.97 -64.53 3.57
N ALA Y 260 -179.19 -63.46 3.32
CA ALA Y 260 -178.70 -63.11 2.01
C ALA Y 260 -177.37 -63.82 1.69
N VAL Y 261 -177.03 -64.88 2.46
CA VAL Y 261 -175.86 -65.72 2.24
C VAL Y 261 -175.96 -66.57 0.98
N GLU Y 262 -174.84 -66.70 0.24
CA GLU Y 262 -174.69 -67.73 -0.76
C GLU Y 262 -173.66 -68.72 -0.24
N SER Y 263 -174.06 -69.98 -0.01
CA SER Y 263 -173.19 -71.03 0.55
C SER Y 263 -172.82 -72.08 -0.49
N THR Y 264 -172.93 -71.77 -1.80
CA THR Y 264 -172.48 -72.61 -2.92
C THR Y 264 -171.05 -73.08 -2.72
N LEU Y 265 -170.78 -74.38 -2.91
CA LEU Y 265 -169.51 -75.03 -2.63
C LEU Y 265 -168.56 -75.05 -3.82
N CYS Y 266 -167.29 -74.67 -3.59
CA CYS Y 266 -166.25 -74.72 -4.61
C CYS Y 266 -165.35 -75.90 -4.42
N SER Y 267 -164.87 -76.13 -3.18
CA SER Y 267 -164.02 -77.27 -2.97
C SER Y 267 -163.98 -77.62 -1.52
N VAL Y 268 -163.36 -78.77 -1.22
CA VAL Y 268 -163.18 -79.26 0.11
C VAL Y 268 -161.76 -79.74 0.24
N LEU Y 269 -161.23 -79.76 1.47
CA LEU Y 269 -159.85 -80.14 1.72
C LEU Y 269 -159.83 -80.98 2.99
N TRP Y 270 -159.12 -82.13 2.95
CA TRP Y 270 -158.92 -82.98 4.10
C TRP Y 270 -157.44 -82.94 4.46
N ASP Y 271 -157.13 -82.36 5.62
CA ASP Y 271 -155.69 -82.14 5.97
C ASP Y 271 -155.14 -83.24 6.86
N LYS Y 272 -153.93 -82.99 7.41
CA LYS Y 272 -153.21 -83.90 8.32
C LYS Y 272 -153.89 -83.89 9.70
N GLY Y 273 -153.66 -84.91 10.51
CA GLY Y 273 -154.39 -84.95 11.79
C GLY Y 273 -155.87 -85.10 11.49
N ASP Y 274 -156.71 -84.17 11.95
CA ASP Y 274 -158.16 -84.31 11.66
C ASP Y 274 -158.81 -82.97 11.27
N CYS Y 275 -158.35 -82.32 10.19
CA CYS Y 275 -159.05 -81.10 9.83
C CYS Y 275 -159.64 -81.13 8.44
N PHE Y 276 -160.95 -80.88 8.35
CA PHE Y 276 -161.70 -80.88 7.12
C PHE Y 276 -162.17 -79.46 6.88
N TYR Y 277 -161.89 -78.91 5.69
CA TYR Y 277 -162.21 -77.55 5.32
C TYR Y 277 -163.15 -77.59 4.14
N THR Y 278 -164.03 -76.59 4.08
CA THR Y 278 -164.85 -76.31 2.92
C THR Y 278 -164.60 -74.92 2.47
N LEU Y 279 -164.53 -74.72 1.14
CA LEU Y 279 -164.45 -73.43 0.52
C LEU Y 279 -165.76 -73.23 -0.22
N THR Y 280 -166.50 -72.16 0.13
CA THR Y 280 -167.75 -71.78 -0.50
C THR Y 280 -167.50 -70.48 -1.25
N ASP Y 281 -168.53 -69.92 -1.93
CA ASP Y 281 -168.40 -68.68 -2.69
C ASP Y 281 -168.18 -67.44 -1.83
N SER Y 282 -168.53 -67.52 -0.53
CA SER Y 282 -168.33 -66.44 0.43
C SER Y 282 -167.27 -66.74 1.50
N SER Y 283 -167.09 -68.01 1.92
CA SER Y 283 -166.31 -68.29 3.11
C SER Y 283 -165.62 -69.64 3.16
N ILE Y 284 -164.66 -69.77 4.11
CA ILE Y 284 -163.96 -70.99 4.44
C ILE Y 284 -164.53 -71.40 5.77
N ASN Y 285 -164.90 -72.69 5.90
CA ASN Y 285 -165.30 -73.29 7.16
C ASN Y 285 -164.32 -74.43 7.40
N LYS Y 286 -164.02 -74.73 8.68
CA LYS Y 286 -163.13 -75.78 9.11
C LYS Y 286 -163.79 -76.55 10.26
N TRP Y 287 -163.67 -77.90 10.23
CA TRP Y 287 -164.08 -78.84 11.24
C TRP Y 287 -162.84 -79.58 11.71
N ASP Y 288 -162.77 -79.91 13.01
CA ASP Y 288 -161.83 -80.81 13.65
C ASP Y 288 -162.59 -82.13 13.84
N LEU Y 289 -162.03 -83.27 13.39
CA LEU Y 289 -162.71 -84.56 13.36
C LEU Y 289 -162.11 -85.46 14.42
N ASP Y 290 -162.87 -86.48 14.83
CA ASP Y 290 -162.29 -87.70 15.32
C ASP Y 290 -162.77 -88.84 14.39
N ASP Y 291 -162.75 -90.10 14.84
CA ASP Y 291 -163.20 -91.26 14.08
C ASP Y 291 -164.73 -91.32 13.86
N THR Y 292 -165.57 -90.60 14.66
CA THR Y 292 -167.04 -90.67 14.54
C THR Y 292 -167.76 -89.33 14.59
N SER Y 293 -167.05 -88.21 14.87
CA SER Y 293 -167.68 -86.91 14.96
C SER Y 293 -166.79 -85.82 14.48
N GLU Y 294 -167.34 -84.60 14.53
CA GLU Y 294 -166.73 -83.40 14.05
C GLU Y 294 -167.12 -82.31 15.00
N SER Y 295 -166.23 -81.34 15.18
CA SER Y 295 -166.54 -80.13 15.91
C SER Y 295 -166.21 -78.97 15.00
N GLN Y 296 -167.20 -78.07 14.77
CA GLN Y 296 -167.05 -76.85 13.99
C GLN Y 296 -166.03 -75.93 14.65
N VAL Y 297 -164.97 -75.54 13.93
CA VAL Y 297 -163.90 -74.72 14.47
C VAL Y 297 -164.16 -73.26 14.18
N LEU Y 298 -164.46 -72.93 12.91
CA LEU Y 298 -164.69 -71.57 12.48
C LEU Y 298 -165.30 -71.47 11.10
N ASN Y 299 -165.93 -70.32 10.79
CA ASN Y 299 -166.26 -69.92 9.45
C ASN Y 299 -165.66 -68.50 9.31
N TRP Y 300 -164.85 -68.29 8.26
CA TRP Y 300 -164.23 -67.01 7.94
C TRP Y 300 -164.77 -66.43 6.67
N ASP Y 301 -165.39 -65.25 6.77
CA ASP Y 301 -165.81 -64.40 5.67
C ASP Y 301 -164.57 -63.90 4.92
N MET Y 302 -164.05 -64.74 3.99
CA MET Y 302 -162.82 -64.47 3.27
C MET Y 302 -163.07 -63.49 2.15
N SER Y 303 -164.35 -63.37 1.74
CA SER Y 303 -164.80 -62.29 0.88
C SER Y 303 -164.62 -60.95 1.56
N ARG Y 304 -165.00 -60.77 2.84
CA ARG Y 304 -164.64 -59.55 3.56
C ARG Y 304 -163.14 -59.35 3.74
N VAL Y 305 -162.40 -60.39 4.17
CA VAL Y 305 -160.97 -60.33 4.46
C VAL Y 305 -160.09 -60.05 3.24
N LEU Y 306 -160.25 -60.79 2.12
CA LEU Y 306 -159.23 -60.82 1.07
C LEU Y 306 -159.51 -59.91 -0.11
N ARG Y 307 -160.72 -59.34 -0.19
CA ARG Y 307 -161.22 -58.61 -1.35
C ARG Y 307 -160.38 -57.46 -1.80
N GLU Y 308 -160.01 -56.59 -0.83
CA GLU Y 308 -159.12 -55.45 -1.03
C GLU Y 308 -157.74 -55.95 -1.46
N TYR Y 309 -157.18 -56.98 -0.79
CA TYR Y 309 -155.86 -57.52 -1.09
C TYR Y 309 -155.77 -58.10 -2.49
N ILE Y 310 -156.82 -58.80 -2.95
CA ILE Y 310 -156.93 -59.27 -4.33
C ILE Y 310 -157.10 -58.14 -5.34
N SER Y 311 -158.01 -57.17 -5.10
CA SER Y 311 -158.23 -56.07 -6.02
C SER Y 311 -157.04 -55.11 -6.10
N ASP Y 312 -156.40 -54.75 -4.96
CA ASP Y 312 -155.17 -53.98 -4.82
C ASP Y 312 -154.01 -54.65 -5.56
N ALA Y 313 -153.82 -55.99 -5.46
CA ALA Y 313 -152.72 -56.66 -6.14
C ALA Y 313 -152.83 -56.67 -7.67
N ILE Y 314 -154.04 -56.49 -8.22
CA ILE Y 314 -154.28 -56.45 -9.66
C ILE Y 314 -154.39 -55.01 -10.13
N TRP Y 315 -155.39 -54.24 -9.65
CA TRP Y 315 -155.72 -52.94 -10.21
C TRP Y 315 -155.27 -51.81 -9.30
N GLY Y 316 -154.55 -52.08 -8.20
CA GLY Y 316 -154.22 -51.11 -7.14
C GLY Y 316 -153.46 -49.87 -7.54
N SER Y 317 -152.65 -50.00 -8.60
CA SER Y 317 -151.79 -48.92 -9.08
C SER Y 317 -152.38 -48.21 -10.27
N GLU Y 318 -153.59 -48.61 -10.72
CA GLU Y 318 -154.33 -47.89 -11.74
C GLU Y 318 -154.78 -46.53 -11.23
N SER Y 319 -154.84 -45.52 -12.12
CA SER Y 319 -155.22 -44.15 -11.77
C SER Y 319 -156.62 -44.02 -11.17
N ASP Y 320 -157.56 -44.84 -11.66
CA ASP Y 320 -158.96 -44.95 -11.31
C ASP Y 320 -159.25 -46.17 -10.42
N TYR Y 321 -158.27 -46.68 -9.62
CA TYR Y 321 -158.45 -47.85 -8.75
C TYR Y 321 -159.71 -47.80 -7.85
N ASP Y 322 -160.03 -46.65 -7.23
CA ASP Y 322 -161.23 -46.46 -6.41
C ASP Y 322 -162.53 -46.70 -7.17
N ASP Y 323 -162.68 -46.16 -8.40
CA ASP Y 323 -163.83 -46.39 -9.26
C ASP Y 323 -163.92 -47.84 -9.74
N ILE Y 324 -162.76 -48.41 -10.18
CA ILE Y 324 -162.63 -49.79 -10.64
C ILE Y 324 -163.05 -50.80 -9.57
N LYS Y 325 -162.55 -50.64 -8.32
CA LYS Y 325 -162.60 -51.71 -7.33
C LYS Y 325 -163.98 -52.16 -6.86
N ALA Y 326 -165.00 -51.27 -6.88
CA ALA Y 326 -166.35 -51.60 -6.48
C ALA Y 326 -167.12 -52.43 -7.51
N GLY Y 327 -166.61 -52.52 -8.76
CA GLY Y 327 -167.15 -53.36 -9.82
C GLY Y 327 -166.44 -54.68 -10.02
N ILE Y 328 -165.44 -55.02 -9.17
CA ILE Y 328 -164.64 -56.25 -9.30
C ILE Y 328 -165.40 -57.49 -8.87
N ASN Y 329 -165.47 -58.50 -9.76
CA ASN Y 329 -166.02 -59.80 -9.45
C ASN Y 329 -164.86 -60.67 -9.00
N ILE Y 330 -165.02 -61.40 -7.88
CA ILE Y 330 -164.05 -62.37 -7.39
C ILE Y 330 -164.78 -63.69 -7.18
N ASN Y 331 -164.23 -64.80 -7.71
CA ASN Y 331 -164.72 -66.15 -7.46
C ASN Y 331 -163.59 -66.95 -6.86
N TYR Y 332 -163.86 -67.68 -5.76
CA TYR Y 332 -162.91 -68.53 -5.08
C TYR Y 332 -163.10 -69.94 -5.61
N LEU Y 333 -162.05 -70.65 -6.06
CA LEU Y 333 -162.24 -71.86 -6.86
C LEU Y 333 -161.64 -73.12 -6.26
N SER Y 334 -160.55 -73.00 -5.49
CA SER Y 334 -159.91 -74.19 -4.99
C SER Y 334 -159.10 -73.81 -3.78
N LEU Y 335 -158.85 -74.81 -2.92
CA LEU Y 335 -158.24 -74.65 -1.64
C LEU Y 335 -157.32 -75.82 -1.47
N ASN Y 336 -156.08 -75.52 -1.14
CA ASN Y 336 -155.07 -76.50 -0.87
C ASN Y 336 -154.26 -75.92 0.27
N GLN Y 337 -153.21 -76.61 0.73
CA GLN Y 337 -152.35 -76.09 1.73
C GLN Y 337 -150.92 -76.48 1.46
N ASN Y 338 -150.01 -75.74 2.10
CA ASN Y 338 -148.60 -76.00 2.10
C ASN Y 338 -148.10 -75.54 3.47
N CYS Y 339 -146.76 -75.47 3.67
CA CYS Y 339 -146.11 -75.00 4.90
C CYS Y 339 -146.45 -73.58 5.33
N ASP Y 340 -146.64 -72.68 4.35
CA ASP Y 340 -147.08 -71.30 4.49
C ASP Y 340 -148.52 -71.21 5.04
N GLY Y 341 -149.30 -72.32 4.96
CA GLY Y 341 -150.66 -72.42 5.46
C GLY Y 341 -151.59 -72.76 4.33
N LEU Y 342 -152.77 -72.10 4.28
CA LEU Y 342 -153.79 -72.40 3.31
C LEU Y 342 -153.52 -71.62 2.05
N VAL Y 343 -153.72 -72.26 0.88
CA VAL Y 343 -153.48 -71.67 -0.43
C VAL Y 343 -154.80 -71.68 -1.18
N ILE Y 344 -155.33 -70.51 -1.52
CA ILE Y 344 -156.63 -70.35 -2.15
C ILE Y 344 -156.43 -69.87 -3.58
N LEU Y 345 -157.06 -70.54 -4.55
CA LEU Y 345 -157.08 -70.11 -5.92
C LEU Y 345 -158.31 -69.27 -6.14
N SER Y 346 -158.10 -68.03 -6.61
CA SER Y 346 -159.16 -67.07 -6.83
C SER Y 346 -159.08 -66.49 -8.22
N ALA Y 347 -160.23 -66.36 -8.91
CA ALA Y 347 -160.31 -65.68 -10.19
C ALA Y 347 -160.99 -64.33 -9.99
N ALA Y 348 -160.40 -63.25 -10.54
CA ALA Y 348 -160.96 -61.91 -10.42
C ALA Y 348 -161.01 -61.23 -11.78
N TRP Y 349 -162.06 -60.43 -12.04
CA TRP Y 349 -162.19 -59.69 -13.28
C TRP Y 349 -163.07 -58.46 -13.09
N HIS Y 350 -162.93 -57.47 -13.98
CA HIS Y 350 -163.75 -56.29 -14.02
C HIS Y 350 -164.43 -56.23 -15.39
N PRO Y 351 -165.76 -56.23 -15.55
CA PRO Y 351 -166.44 -56.22 -16.85
C PRO Y 351 -166.05 -55.10 -17.78
N GLY Y 352 -165.83 -53.91 -17.19
CA GLY Y 352 -165.58 -52.66 -17.90
C GLY Y 352 -164.14 -52.43 -18.28
N ASP Y 353 -163.25 -53.33 -17.86
CA ASP Y 353 -161.79 -53.24 -18.16
C ASP Y 353 -161.59 -53.13 -19.68
N ASN Y 354 -160.62 -52.30 -20.10
CA ASN Y 354 -160.34 -52.09 -21.55
C ASN Y 354 -159.93 -53.42 -22.17
N PRO Y 355 -159.11 -54.26 -21.50
CA PRO Y 355 -159.15 -55.70 -21.76
C PRO Y 355 -159.81 -56.41 -20.57
N CYS Y 356 -160.92 -57.12 -20.83
CA CYS Y 356 -161.66 -57.85 -19.77
C CYS Y 356 -161.01 -59.21 -19.51
N GLN Y 357 -159.75 -59.20 -19.05
CA GLN Y 357 -159.05 -60.44 -18.79
C GLN Y 357 -159.46 -60.99 -17.43
N ILE Y 358 -159.27 -62.30 -17.20
CA ILE Y 358 -159.49 -62.93 -15.90
C ILE Y 358 -158.15 -63.12 -15.24
N TYR Y 359 -157.96 -62.55 -14.05
CA TYR Y 359 -156.71 -62.68 -13.33
C TYR Y 359 -156.86 -63.80 -12.33
N TYR Y 360 -155.97 -64.81 -12.37
CA TYR Y 360 -155.99 -65.91 -11.44
C TYR Y 360 -154.94 -65.59 -10.38
N THR Y 361 -155.31 -65.68 -9.10
CA THR Y 361 -154.41 -65.39 -8.01
C THR Y 361 -154.28 -66.56 -7.09
N LEU Y 362 -153.10 -66.69 -6.48
CA LEU Y 362 -152.88 -67.58 -5.37
C LEU Y 362 -152.75 -66.72 -4.13
N VAL Y 363 -153.64 -66.97 -3.18
CA VAL Y 363 -153.72 -66.24 -1.93
C VAL Y 363 -153.27 -67.18 -0.83
N THR Y 364 -152.21 -66.84 -0.08
CA THR Y 364 -151.77 -67.64 1.06
C THR Y 364 -152.04 -66.93 2.36
N VAL Y 365 -152.67 -67.67 3.30
CA VAL Y 365 -153.00 -67.16 4.62
C VAL Y 365 -152.65 -68.24 5.62
N LYS Y 366 -152.36 -67.83 6.86
CA LYS Y 366 -152.11 -68.75 7.95
C LYS Y 366 -153.42 -69.22 8.58
N ASP Y 367 -153.55 -70.52 8.91
CA ASP Y 367 -154.62 -71.06 9.74
C ASP Y 367 -153.96 -71.26 11.10
N GLU Y 368 -154.09 -70.27 12.00
CA GLU Y 368 -153.55 -70.34 13.33
C GLU Y 368 -154.65 -70.00 14.30
N GLY Y 369 -155.19 -71.03 14.97
CA GLY Y 369 -156.27 -70.85 15.93
C GLY Y 369 -157.59 -70.67 15.23
N TYR Y 370 -158.43 -69.73 15.67
CA TYR Y 370 -159.74 -69.56 15.06
C TYR Y 370 -159.90 -68.26 14.29
N ASN Y 371 -158.83 -67.51 14.03
CA ASN Y 371 -158.99 -66.20 13.44
C ASN Y 371 -157.95 -66.07 12.37
N ILE Y 372 -158.22 -65.18 11.42
CA ILE Y 372 -157.33 -64.84 10.36
C ILE Y 372 -156.26 -63.87 10.87
N SER Y 373 -155.01 -64.01 10.37
CA SER Y 373 -153.91 -63.07 10.61
C SER Y 373 -154.00 -61.90 9.67
N ASP Y 374 -153.24 -60.83 9.94
CA ASP Y 374 -153.20 -59.63 9.16
C ASP Y 374 -152.40 -59.78 7.86
N GLU Y 375 -151.55 -60.82 7.83
CA GLU Y 375 -150.63 -61.18 6.77
C GLU Y 375 -151.30 -62.11 5.76
N ILE Y 376 -151.63 -61.51 4.60
CA ILE Y 376 -152.20 -62.14 3.43
C ILE Y 376 -151.18 -61.87 2.35
N THR Y 377 -150.77 -62.88 1.57
CA THR Y 377 -149.98 -62.63 0.37
C THR Y 377 -150.91 -62.89 -0.79
N VAL Y 378 -150.86 -62.04 -1.84
CA VAL Y 378 -151.58 -62.30 -3.07
C VAL Y 378 -150.55 -62.34 -4.16
N GLU Y 379 -150.52 -63.46 -4.89
CA GLU Y 379 -149.62 -63.70 -5.99
C GLU Y 379 -150.45 -63.87 -7.25
N VAL Y 380 -150.26 -62.98 -8.25
CA VAL Y 380 -151.00 -63.00 -9.50
C VAL Y 380 -150.26 -63.85 -10.53
N THR Y 381 -150.92 -64.90 -11.05
CA THR Y 381 -150.28 -65.88 -11.92
C THR Y 381 -150.11 -65.37 -13.35
N GLN Y 382 -149.34 -66.12 -14.18
CA GLN Y 382 -149.28 -65.91 -15.63
C GLN Y 382 -150.58 -66.24 -16.31
N PHE Y 383 -151.45 -67.06 -15.67
CA PHE Y 383 -152.63 -67.52 -16.35
C PHE Y 383 -153.61 -66.36 -16.33
N ASN Y 384 -153.85 -65.78 -17.51
CA ASN Y 384 -154.59 -64.54 -17.64
C ASN Y 384 -155.41 -64.57 -18.92
N PRO Y 385 -156.32 -65.52 -19.16
CA PRO Y 385 -157.12 -65.56 -20.36
C PRO Y 385 -158.14 -64.43 -20.42
N VAL Y 386 -158.64 -64.16 -21.64
CA VAL Y 386 -159.74 -63.25 -21.92
C VAL Y 386 -161.00 -63.70 -21.17
N PHE Y 387 -161.79 -62.76 -20.58
CA PHE Y 387 -163.11 -63.13 -20.08
C PHE Y 387 -164.03 -63.52 -21.23
N GLN Y 388 -164.69 -64.67 -21.07
CA GLN Y 388 -165.66 -65.18 -22.00
C GLN Y 388 -167.00 -65.28 -21.30
N ALA Y 389 -167.11 -66.21 -20.36
CA ALA Y 389 -168.31 -66.38 -19.59
C ALA Y 389 -167.91 -66.91 -18.24
N ARG Y 390 -168.71 -66.59 -17.19
CA ARG Y 390 -168.47 -67.04 -15.82
C ARG Y 390 -168.50 -68.54 -15.68
N GLY Y 391 -169.37 -69.23 -16.45
CA GLY Y 391 -169.43 -70.69 -16.47
C GLY Y 391 -168.21 -71.36 -17.10
N MET Y 392 -167.37 -70.60 -17.84
CA MET Y 392 -166.16 -71.07 -18.48
C MET Y 392 -164.92 -70.76 -17.65
N GLN Y 393 -165.09 -70.16 -16.46
CA GLN Y 393 -164.00 -69.97 -15.51
C GLN Y 393 -163.65 -71.23 -14.75
N LEU Y 394 -162.91 -72.13 -15.41
CA LEU Y 394 -162.58 -73.40 -14.85
C LEU Y 394 -161.07 -73.47 -14.73
N CYS Y 395 -160.61 -73.94 -13.56
CA CYS Y 395 -159.21 -73.97 -13.20
C CYS Y 395 -159.12 -74.59 -11.83
N GLN Y 396 -158.18 -75.53 -11.67
CA GLN Y 396 -157.99 -76.26 -10.45
C GLN Y 396 -156.54 -76.17 -10.03
N LEU Y 397 -156.31 -76.53 -8.76
CA LEU Y 397 -155.06 -76.31 -8.07
C LEU Y 397 -154.51 -77.62 -7.51
N VAL Y 398 -153.20 -77.89 -7.75
CA VAL Y 398 -152.43 -78.98 -7.16
C VAL Y 398 -151.20 -78.38 -6.49
N VAL Y 399 -150.87 -78.88 -5.27
CA VAL Y 399 -149.69 -78.50 -4.49
C VAL Y 399 -149.03 -79.84 -4.10
N PRO Y 400 -148.02 -80.33 -4.78
CA PRO Y 400 -147.50 -81.67 -4.54
C PRO Y 400 -146.47 -81.63 -3.44
N ASN Y 401 -145.71 -80.52 -3.39
CA ASN Y 401 -144.64 -80.34 -2.46
C ASN Y 401 -145.14 -79.32 -1.45
N PHE Y 402 -145.29 -79.75 -0.18
CA PHE Y 402 -145.69 -78.93 0.96
C PHE Y 402 -144.71 -77.80 1.30
N SER Y 403 -143.40 -77.88 0.93
CA SER Y 403 -142.36 -76.97 1.40
C SER Y 403 -141.57 -76.17 0.36
N SER Y 404 -141.60 -76.54 -0.94
CA SER Y 404 -141.23 -75.61 -2.00
C SER Y 404 -142.50 -74.82 -2.29
N GLN Y 405 -142.42 -73.50 -2.55
CA GLN Y 405 -143.63 -72.68 -2.52
C GLN Y 405 -144.33 -72.74 -3.90
N ALA Y 406 -144.50 -73.96 -4.47
CA ALA Y 406 -144.86 -74.20 -5.85
C ALA Y 406 -146.22 -74.85 -6.01
N CYS Y 407 -147.00 -74.27 -6.94
CA CYS Y 407 -148.36 -74.67 -7.16
C CYS Y 407 -148.57 -74.84 -8.62
N TYR Y 408 -149.50 -75.73 -8.98
CA TYR Y 408 -149.70 -76.08 -10.37
C TYR Y 408 -151.16 -75.78 -10.64
N LEU Y 409 -151.43 -74.79 -11.50
CA LEU Y 409 -152.78 -74.49 -11.92
C LEU Y 409 -153.08 -75.37 -13.10
N TYR Y 410 -154.31 -75.88 -13.20
CA TYR Y 410 -154.66 -76.67 -14.35
C TYR Y 410 -156.06 -76.48 -14.84
N THR Y 411 -156.21 -76.57 -16.16
CA THR Y 411 -157.48 -76.68 -16.84
C THR Y 411 -157.44 -77.98 -17.60
N GLN Y 412 -158.23 -78.14 -18.68
CA GLN Y 412 -158.21 -79.33 -19.48
C GLN Y 412 -157.11 -79.34 -20.56
N GLU Y 413 -156.48 -78.19 -20.87
CA GLU Y 413 -155.57 -78.08 -22.00
C GLU Y 413 -154.17 -77.66 -21.62
N MET Y 414 -153.95 -77.19 -20.37
CA MET Y 414 -152.62 -76.77 -19.99
C MET Y 414 -152.47 -76.66 -18.49
N ILE Y 415 -151.20 -76.75 -18.09
CA ILE Y 415 -150.71 -76.71 -16.74
C ILE Y 415 -149.87 -75.46 -16.62
N PHE Y 416 -150.08 -74.66 -15.57
CA PHE Y 416 -149.23 -73.53 -15.27
C PHE Y 416 -148.51 -73.82 -13.97
N ALA Y 417 -147.17 -73.94 -14.02
CA ALA Y 417 -146.31 -73.99 -12.87
C ALA Y 417 -146.20 -72.58 -12.35
N CYS Y 418 -146.64 -72.40 -11.09
CA CYS Y 418 -146.79 -71.12 -10.48
C CYS Y 418 -146.14 -71.17 -9.13
N SER Y 419 -145.98 -69.98 -8.58
CA SER Y 419 -145.32 -69.75 -7.33
C SER Y 419 -146.38 -69.28 -6.33
N THR Y 420 -146.07 -69.42 -5.03
CA THR Y 420 -146.83 -68.88 -3.91
C THR Y 420 -145.89 -68.15 -2.99
N GLY Y 421 -146.47 -67.43 -2.01
CA GLY Y 421 -145.71 -66.90 -0.89
C GLY Y 421 -144.75 -65.81 -1.24
N THR Y 422 -143.53 -65.85 -0.67
CA THR Y 422 -142.44 -64.93 -1.06
C THR Y 422 -141.90 -65.17 -2.44
N GLY Y 423 -141.97 -66.44 -2.88
CA GLY Y 423 -141.36 -66.90 -4.13
C GLY Y 423 -139.90 -67.29 -4.01
N ARG Y 424 -139.33 -67.30 -2.79
CA ARG Y 424 -137.93 -67.61 -2.57
C ARG Y 424 -137.44 -69.00 -2.97
N SER Y 425 -138.23 -70.07 -2.72
CA SER Y 425 -137.84 -71.42 -3.07
C SER Y 425 -138.63 -71.94 -4.27
N THR Y 426 -139.26 -71.03 -5.03
CA THR Y 426 -140.14 -71.43 -6.11
C THR Y 426 -139.44 -71.84 -7.35
N LEU Y 427 -140.07 -72.78 -8.05
CA LEU Y 427 -139.59 -73.24 -9.33
C LEU Y 427 -139.93 -72.23 -10.45
N PRO Y 428 -139.21 -72.17 -11.58
CA PRO Y 428 -139.52 -71.27 -12.68
C PRO Y 428 -140.96 -71.24 -13.14
N GLN Y 429 -141.57 -70.06 -13.34
CA GLN Y 429 -142.94 -70.03 -13.81
C GLN Y 429 -143.07 -70.39 -15.29
N GLU Y 430 -143.87 -71.41 -15.62
CA GLU Y 430 -144.00 -71.88 -16.98
C GLU Y 430 -145.36 -72.47 -17.24
N LYS Y 431 -145.84 -72.31 -18.48
CA LYS Y 431 -147.03 -72.89 -19.00
C LYS Y 431 -146.68 -74.13 -19.81
N ILE Y 432 -147.26 -75.27 -19.46
CA ILE Y 432 -146.97 -76.54 -20.10
C ILE Y 432 -148.21 -76.97 -20.87
N PRO Y 433 -148.18 -77.09 -22.20
CA PRO Y 433 -149.37 -77.37 -22.99
C PRO Y 433 -149.63 -78.85 -23.19
N PHE Y 434 -150.89 -79.27 -22.99
CA PHE Y 434 -151.36 -80.63 -23.16
C PHE Y 434 -152.60 -80.58 -24.04
N GLU Y 435 -152.63 -79.60 -24.98
CA GLU Y 435 -153.76 -79.29 -25.82
C GLU Y 435 -153.68 -79.92 -27.21
N ALA Y 436 -152.50 -80.47 -27.58
CA ALA Y 436 -152.20 -80.75 -28.97
C ALA Y 436 -152.63 -82.14 -29.44
N GLN Y 437 -153.41 -82.21 -30.54
CA GLN Y 437 -153.70 -83.46 -31.26
C GLN Y 437 -154.69 -84.40 -30.56
N GLY Y 438 -155.75 -83.79 -29.98
CA GLY Y 438 -156.80 -84.48 -29.22
C GLY Y 438 -156.39 -84.73 -27.81
N ASP Y 439 -155.17 -84.31 -27.45
CA ASP Y 439 -154.65 -84.37 -26.11
C ASP Y 439 -155.40 -83.49 -25.11
N ASN Y 440 -155.37 -83.90 -23.82
CA ASN Y 440 -156.15 -83.22 -22.81
C ASN Y 440 -155.66 -83.65 -21.43
N ILE Y 441 -155.79 -82.77 -20.42
CA ILE Y 441 -155.56 -83.03 -19.00
C ILE Y 441 -156.83 -83.56 -18.38
N VAL Y 442 -156.85 -84.88 -18.12
CA VAL Y 442 -157.99 -85.54 -17.57
C VAL Y 442 -157.98 -85.44 -16.05
N GLY Y 443 -156.80 -85.21 -15.44
CA GLY Y 443 -156.73 -85.13 -14.01
C GLY Y 443 -155.32 -84.90 -13.59
N ALA Y 444 -155.12 -84.61 -12.29
CA ALA Y 444 -153.82 -84.30 -11.79
C ALA Y 444 -153.78 -84.65 -10.33
N GLY Y 445 -152.56 -84.86 -9.80
CA GLY Y 445 -152.39 -85.12 -8.39
C GLY Y 445 -150.94 -85.10 -8.05
N SER Y 446 -150.55 -85.96 -7.11
CA SER Y 446 -149.18 -86.04 -6.64
C SER Y 446 -148.93 -87.47 -6.30
N CYS Y 447 -147.72 -87.99 -6.56
CA CYS Y 447 -147.29 -89.27 -6.05
C CYS Y 447 -145.91 -88.97 -5.49
N GLU Y 448 -145.68 -89.23 -4.19
CA GLU Y 448 -144.42 -89.01 -3.51
C GLU Y 448 -143.88 -87.57 -3.56
N GLY Y 449 -144.79 -86.55 -3.60
CA GLY Y 449 -144.38 -85.15 -3.75
C GLY Y 449 -144.06 -84.71 -5.16
N TRP Y 450 -144.25 -85.60 -6.17
CA TRP Y 450 -144.00 -85.32 -7.57
C TRP Y 450 -145.29 -84.84 -8.22
N PRO Y 451 -145.41 -83.70 -8.91
CA PRO Y 451 -146.58 -83.36 -9.70
C PRO Y 451 -146.94 -84.39 -10.77
N VAL Y 452 -148.16 -84.96 -10.72
CA VAL Y 452 -148.59 -86.02 -11.62
C VAL Y 452 -149.74 -85.48 -12.44
N PHE Y 453 -149.67 -85.66 -13.77
CA PHE Y 453 -150.74 -85.34 -14.69
C PHE Y 453 -151.18 -86.58 -15.38
N PHE Y 454 -152.49 -86.74 -15.55
CA PHE Y 454 -153.06 -87.82 -16.31
C PHE Y 454 -153.59 -87.23 -17.57
N ILE Y 455 -152.94 -87.62 -18.68
CA ILE Y 455 -153.09 -87.00 -19.96
C ILE Y 455 -153.73 -87.99 -20.92
N ARG Y 456 -154.64 -87.49 -21.78
CA ARG Y 456 -155.41 -88.29 -22.72
C ARG Y 456 -154.54 -89.07 -23.71
N LYS Y 457 -153.48 -88.46 -24.26
CA LYS Y 457 -152.56 -89.12 -25.16
C LYS Y 457 -151.47 -90.00 -24.54
N SER Y 458 -151.02 -89.69 -23.31
CA SER Y 458 -149.77 -90.22 -22.78
C SER Y 458 -149.87 -90.83 -21.40
N GLY Y 459 -151.08 -90.93 -20.83
CA GLY Y 459 -151.26 -91.51 -19.51
C GLY Y 459 -150.69 -90.69 -18.37
N MET Y 460 -150.19 -91.35 -17.31
CA MET Y 460 -149.57 -90.66 -16.20
C MET Y 460 -148.23 -90.08 -16.57
N LEU Y 461 -148.01 -88.80 -16.24
CA LEU Y 461 -146.80 -88.12 -16.59
C LEU Y 461 -146.41 -87.26 -15.42
N THR Y 462 -145.11 -87.13 -15.15
CA THR Y 462 -144.64 -86.24 -14.07
C THR Y 462 -144.05 -85.00 -14.71
N VAL Y 463 -144.05 -83.90 -13.95
CA VAL Y 463 -143.41 -82.64 -14.28
C VAL Y 463 -142.28 -82.41 -13.33
N VAL Y 464 -141.07 -82.54 -13.81
CA VAL Y 464 -139.92 -82.42 -12.96
C VAL Y 464 -139.02 -81.36 -13.53
N ALA Y 465 -138.48 -80.47 -12.66
CA ALA Y 465 -137.51 -79.48 -13.06
C ALA Y 465 -136.27 -80.08 -13.71
N ARG Y 466 -135.64 -79.39 -14.67
CA ARG Y 466 -134.41 -79.91 -15.25
C ARG Y 466 -133.17 -79.63 -14.41
N LYS Y 505 -147.08 -137.64 -76.65
CA LYS Y 505 -146.53 -136.62 -77.59
C LYS Y 505 -145.31 -135.94 -77.01
N THR Y 506 -144.71 -134.97 -77.75
CA THR Y 506 -143.52 -134.24 -77.33
C THR Y 506 -143.71 -133.43 -76.06
N LYS Y 507 -144.93 -132.91 -75.84
CA LYS Y 507 -145.33 -132.21 -74.63
C LYS Y 507 -145.28 -133.06 -73.37
N HIS Y 508 -145.60 -134.37 -73.46
CA HIS Y 508 -145.57 -135.28 -72.32
C HIS Y 508 -144.19 -135.67 -71.90
N LEU Y 509 -143.33 -135.99 -72.88
CA LEU Y 509 -141.93 -136.27 -72.62
C LEU Y 509 -141.27 -135.03 -72.02
N LYS Y 510 -141.57 -133.85 -72.54
CA LYS Y 510 -141.02 -132.62 -72.02
C LYS Y 510 -141.65 -132.15 -70.72
N ALA Y 511 -142.63 -132.88 -70.17
CA ALA Y 511 -143.16 -132.62 -68.85
C ALA Y 511 -142.59 -133.58 -67.84
N ALA Y 512 -142.33 -134.85 -68.24
CA ALA Y 512 -141.59 -135.74 -67.39
C ALA Y 512 -140.15 -135.31 -67.24
N PHE Y 513 -139.53 -134.75 -68.28
CA PHE Y 513 -138.16 -134.33 -68.24
C PHE Y 513 -138.02 -133.15 -67.28
N LEU Y 514 -139.07 -132.31 -67.17
CA LEU Y 514 -139.15 -131.26 -66.17
C LEU Y 514 -139.53 -131.73 -64.75
N ARG Y 515 -140.11 -132.92 -64.58
CA ARG Y 515 -140.35 -133.47 -63.26
C ARG Y 515 -139.15 -134.22 -62.74
N TYR Y 516 -138.30 -134.83 -63.59
CA TYR Y 516 -136.98 -135.30 -63.20
C TYR Y 516 -136.12 -134.15 -62.75
N CYS Y 517 -136.23 -132.95 -63.37
CA CYS Y 517 -135.44 -131.80 -62.92
C CYS Y 517 -135.67 -131.43 -61.48
N ARG Y 518 -136.92 -131.48 -61.04
CA ARG Y 518 -137.28 -131.24 -59.65
C ARG Y 518 -137.00 -132.42 -58.72
N LYS Y 519 -136.84 -133.66 -59.24
CA LYS Y 519 -136.62 -134.87 -58.44
C LYS Y 519 -135.28 -134.93 -57.76
N ASP Y 520 -134.27 -134.26 -58.29
CA ASP Y 520 -132.98 -134.07 -57.66
C ASP Y 520 -133.10 -133.20 -56.40
N ILE Y 521 -134.02 -132.22 -56.41
CA ILE Y 521 -134.21 -131.29 -55.30
C ILE Y 521 -135.23 -131.79 -54.27
N LEU Y 522 -136.46 -132.15 -54.68
CA LEU Y 522 -137.50 -132.59 -53.77
C LEU Y 522 -138.46 -133.50 -54.52
N GLY Y 523 -139.23 -134.33 -53.79
CA GLY Y 523 -140.09 -135.31 -54.45
C GLY Y 523 -141.54 -134.97 -54.49
N ALA Y 524 -142.07 -134.16 -53.54
CA ALA Y 524 -143.51 -133.99 -53.39
C ALA Y 524 -144.24 -133.49 -54.63
N GLN Y 525 -143.73 -132.42 -55.28
CA GLN Y 525 -144.28 -131.94 -56.55
C GLN Y 525 -144.18 -132.97 -57.68
N SER Y 526 -143.07 -133.70 -57.77
CA SER Y 526 -142.89 -134.61 -58.88
C SER Y 526 -143.68 -135.90 -58.75
N MET Y 527 -144.07 -136.23 -57.50
CA MET Y 527 -144.97 -137.31 -57.17
C MET Y 527 -146.42 -136.95 -57.46
N VAL Y 528 -146.79 -135.66 -57.57
CA VAL Y 528 -148.14 -135.30 -57.98
C VAL Y 528 -148.24 -135.19 -59.49
N ASP Y 529 -147.10 -135.01 -60.19
CA ASP Y 529 -147.03 -135.03 -61.65
C ASP Y 529 -146.75 -136.46 -62.16
N SER Y 530 -146.62 -137.43 -61.25
CA SER Y 530 -146.77 -138.84 -61.57
C SER Y 530 -148.12 -139.35 -61.19
N LEU Y 531 -148.77 -138.78 -60.17
CA LEU Y 531 -150.16 -139.05 -59.83
C LEU Y 531 -151.14 -138.47 -60.85
N PHE Y 532 -150.83 -137.28 -61.41
CA PHE Y 532 -151.55 -136.73 -62.55
C PHE Y 532 -151.22 -137.49 -63.83
N SER Y 533 -150.15 -138.30 -63.82
CA SER Y 533 -149.85 -139.22 -64.92
C SER Y 533 -150.52 -140.56 -64.69
N ASP Y 534 -151.47 -140.66 -63.74
CA ASP Y 534 -152.49 -141.70 -63.74
C ASP Y 534 -153.81 -141.12 -64.27
N SER Y 535 -153.75 -139.90 -64.85
CA SER Y 535 -154.71 -139.39 -65.84
C SER Y 535 -154.19 -139.73 -67.21
N ASP Y 536 -153.41 -140.82 -67.30
CA ASP Y 536 -152.86 -141.40 -68.50
C ASP Y 536 -153.93 -142.06 -69.37
N MET Y 537 -153.48 -142.95 -70.27
CA MET Y 537 -154.35 -143.77 -71.07
C MET Y 537 -154.73 -145.08 -70.39
N GLU Y 538 -153.74 -145.84 -69.86
CA GLU Y 538 -153.90 -147.17 -69.26
C GLU Y 538 -154.29 -148.36 -70.20
N PRO Y 539 -154.19 -148.44 -71.55
CA PRO Y 539 -154.24 -149.72 -72.23
C PRO Y 539 -152.83 -150.23 -72.49
N ASP Y 540 -152.44 -151.29 -71.76
CA ASP Y 540 -151.14 -151.95 -71.75
C ASP Y 540 -150.37 -152.03 -73.07
N ASP Y 541 -151.02 -152.53 -74.14
CA ASP Y 541 -150.38 -153.00 -75.35
C ASP Y 541 -149.66 -151.96 -76.20
N GLU Y 542 -150.00 -150.66 -76.12
CA GLU Y 542 -149.23 -149.68 -76.89
C GLU Y 542 -149.17 -148.28 -76.30
N LEU Y 543 -150.10 -147.90 -75.40
CA LEU Y 543 -150.03 -146.58 -74.77
C LEU Y 543 -149.11 -146.59 -73.56
N ASP Y 544 -148.94 -147.76 -72.92
CA ASP Y 544 -147.90 -147.93 -71.93
C ASP Y 544 -146.56 -148.10 -72.63
N LEU Y 545 -146.62 -148.43 -73.93
CA LEU Y 545 -145.48 -148.39 -74.81
C LEU Y 545 -145.32 -147.00 -75.44
N ALA Y 546 -146.16 -146.02 -75.03
CA ALA Y 546 -146.06 -144.62 -75.38
C ALA Y 546 -145.52 -143.75 -74.26
N VAL Y 547 -145.41 -144.28 -73.03
CA VAL Y 547 -144.64 -143.67 -71.95
C VAL Y 547 -143.33 -144.39 -71.84
N ASN Y 548 -143.22 -145.56 -72.51
CA ASN Y 548 -141.99 -146.26 -72.76
C ASN Y 548 -141.07 -145.52 -73.69
N GLN Y 549 -141.64 -145.00 -74.78
CA GLN Y 549 -140.91 -144.27 -75.78
C GLN Y 549 -140.59 -142.87 -75.28
N ILE Y 550 -141.03 -142.55 -74.05
CA ILE Y 550 -140.69 -141.35 -73.32
C ILE Y 550 -139.53 -141.60 -72.37
N SER Y 551 -139.60 -142.66 -71.55
CA SER Y 551 -138.51 -143.04 -70.66
C SER Y 551 -137.28 -143.45 -71.43
N VAL Y 552 -137.45 -144.12 -72.59
CA VAL Y 552 -136.38 -144.38 -73.53
C VAL Y 552 -135.80 -143.12 -74.20
N ASP Y 553 -136.62 -142.13 -74.58
CA ASP Y 553 -136.13 -140.93 -75.23
C ASP Y 553 -135.34 -140.03 -74.27
N LEU Y 554 -135.56 -140.15 -72.95
CA LEU Y 554 -134.74 -139.47 -71.96
C LEU Y 554 -133.47 -140.19 -71.57
N ILE Y 555 -133.48 -141.54 -71.63
CA ILE Y 555 -132.25 -142.32 -71.48
C ILE Y 555 -131.41 -142.23 -72.71
N ASP Y 556 -131.86 -141.59 -73.81
CA ASP Y 556 -131.03 -141.31 -74.97
C ASP Y 556 -130.54 -139.87 -74.95
N ASP Y 557 -131.21 -138.98 -74.19
CA ASP Y 557 -130.74 -137.63 -74.00
C ASP Y 557 -129.82 -137.53 -72.77
N TYR Y 558 -129.85 -138.45 -71.78
CA TYR Y 558 -128.88 -138.45 -70.70
C TYR Y 558 -127.47 -138.96 -71.11
N PRO Y 559 -127.31 -139.94 -72.02
CA PRO Y 559 -126.07 -140.30 -72.71
C PRO Y 559 -125.64 -139.33 -73.78
N ALA Y 560 -126.54 -138.53 -74.37
CA ALA Y 560 -126.14 -137.53 -75.35
C ALA Y 560 -125.38 -136.35 -74.76
N SER Y 561 -125.47 -135.16 -75.40
CA SER Y 561 -124.96 -133.90 -74.85
C SER Y 561 -125.61 -133.52 -73.52
N ASP Y 562 -125.54 -132.23 -73.07
CA ASP Y 562 -126.43 -131.72 -72.03
C ASP Y 562 -127.91 -132.15 -72.24
N PRO Y 563 -128.47 -132.95 -71.34
CA PRO Y 563 -129.80 -133.50 -71.50
C PRO Y 563 -130.89 -132.45 -71.40
N ARG Y 564 -131.92 -132.50 -72.25
CA ARG Y 564 -132.97 -131.49 -72.30
C ARG Y 564 -133.86 -131.30 -71.05
N TRP Y 565 -133.64 -132.08 -69.96
CA TRP Y 565 -134.23 -131.85 -68.64
C TRP Y 565 -133.58 -130.69 -67.89
N ALA Y 566 -132.28 -130.47 -68.20
CA ALA Y 566 -131.47 -129.41 -67.64
C ALA Y 566 -131.93 -128.06 -68.07
N GLU Y 567 -131.63 -127.00 -67.27
CA GLU Y 567 -131.91 -125.59 -67.52
C GLU Y 567 -132.53 -125.04 -66.25
N SER Y 568 -133.76 -125.52 -65.95
CA SER Y 568 -134.55 -125.15 -64.78
C SER Y 568 -133.86 -125.50 -63.47
N VAL Y 569 -133.33 -126.74 -63.39
CA VAL Y 569 -132.54 -127.18 -62.26
C VAL Y 569 -131.14 -127.34 -62.80
N PRO Y 570 -130.13 -126.67 -62.24
CA PRO Y 570 -128.79 -126.76 -62.80
C PRO Y 570 -128.02 -127.72 -61.92
N GLU Y 571 -128.42 -129.00 -61.99
CA GLU Y 571 -127.80 -130.12 -61.31
C GLU Y 571 -126.50 -130.50 -61.99
N GLU Y 572 -126.15 -131.80 -62.03
CA GLU Y 572 -124.99 -132.34 -62.71
C GLU Y 572 -125.27 -132.51 -64.21
N ALA Y 573 -126.48 -132.09 -64.63
CA ALA Y 573 -126.90 -132.04 -66.00
C ALA Y 573 -126.23 -130.94 -66.79
N ALA Y 574 -126.06 -129.75 -66.19
CA ALA Y 574 -125.56 -128.49 -66.77
C ALA Y 574 -124.75 -128.54 -68.04
N GLY Y 575 -125.07 -127.63 -68.97
CA GLY Y 575 -124.43 -127.51 -70.30
C GLY Y 575 -122.93 -127.75 -70.30
N PHE Y 576 -122.51 -129.01 -70.32
CA PHE Y 576 -121.07 -129.38 -70.35
C PHE Y 576 -120.49 -129.00 -71.72
N SER Y 577 -119.28 -128.44 -71.75
CA SER Y 577 -118.63 -128.03 -73.02
C SER Y 577 -118.23 -129.27 -73.83
N ASN Y 578 -118.59 -129.29 -75.12
CA ASN Y 578 -118.25 -130.39 -76.05
C ASN Y 578 -116.72 -130.48 -76.22
N THR Y 579 -116.07 -129.31 -76.30
CA THR Y 579 -114.60 -129.19 -76.53
C THR Y 579 -113.85 -129.14 -75.19
N SER Y 580 -114.55 -129.35 -74.07
CA SER Y 580 -113.90 -129.27 -72.74
C SER Y 580 -112.73 -130.29 -72.67
N LEU Y 581 -111.60 -129.85 -72.14
CA LEU Y 581 -110.38 -130.70 -72.02
C LEU Y 581 -110.70 -131.89 -71.11
N ILE Y 582 -111.44 -131.65 -70.02
CA ILE Y 582 -111.82 -132.74 -69.06
C ILE Y 582 -113.09 -133.42 -69.60
N LEU Y 583 -112.95 -134.19 -70.68
CA LEU Y 583 -114.10 -134.91 -71.29
C LEU Y 583 -114.49 -136.09 -70.41
N LEU Y 584 -113.52 -136.93 -70.05
CA LEU Y 584 -113.79 -138.10 -69.21
C LEU Y 584 -114.58 -137.82 -67.93
N HIS Y 585 -114.18 -136.84 -67.10
CA HIS Y 585 -114.94 -136.47 -65.89
C HIS Y 585 -116.35 -136.00 -66.23
N GLN Y 586 -116.54 -135.35 -67.40
CA GLN Y 586 -117.84 -134.92 -67.86
C GLN Y 586 -118.76 -136.08 -68.19
N LEU Y 587 -118.21 -137.21 -68.64
CA LEU Y 587 -118.97 -138.40 -68.96
C LEU Y 587 -119.17 -139.33 -67.76
N GLU Y 588 -118.32 -139.25 -66.73
CA GLU Y 588 -118.55 -139.85 -65.42
C GLU Y 588 -119.77 -139.23 -64.73
N ASP Y 589 -119.87 -137.88 -64.78
CA ASP Y 589 -121.03 -137.13 -64.36
C ASP Y 589 -122.32 -137.57 -65.07
N LYS Y 590 -122.23 -138.09 -66.31
CA LYS Y 590 -123.40 -138.55 -67.03
C LYS Y 590 -123.77 -140.00 -66.75
N MET Y 591 -122.85 -140.83 -66.22
CA MET Y 591 -123.20 -142.14 -65.70
C MET Y 591 -123.80 -142.02 -64.32
N LYS Y 592 -123.42 -140.98 -63.55
CA LYS Y 592 -124.10 -140.63 -62.33
C LYS Y 592 -125.47 -140.01 -62.57
N ALA Y 593 -125.59 -139.10 -63.55
CA ALA Y 593 -126.87 -138.54 -63.97
C ALA Y 593 -127.84 -139.60 -64.48
N HIS Y 594 -127.34 -140.61 -65.22
CA HIS Y 594 -128.16 -141.73 -65.64
C HIS Y 594 -128.42 -142.73 -64.51
N SER Y 595 -127.68 -142.64 -63.40
CA SER Y 595 -127.88 -143.47 -62.21
C SER Y 595 -128.92 -142.88 -61.28
N PHE Y 596 -128.89 -141.56 -61.00
CA PHE Y 596 -129.98 -140.93 -60.27
C PHE Y 596 -131.24 -140.85 -61.11
N PHE Y 597 -131.12 -140.87 -62.44
CA PHE Y 597 -132.25 -141.05 -63.32
C PHE Y 597 -132.93 -142.41 -63.19
N VAL Y 598 -132.21 -143.53 -63.00
CA VAL Y 598 -132.85 -144.82 -62.84
C VAL Y 598 -133.51 -144.95 -61.46
N ASP Y 599 -132.91 -144.32 -60.43
CA ASP Y 599 -133.48 -144.21 -59.10
C ASP Y 599 -134.75 -143.35 -59.02
N PHE Y 600 -134.82 -142.25 -59.80
CA PHE Y 600 -135.96 -141.35 -59.81
C PHE Y 600 -137.03 -141.80 -60.79
N LEU Y 601 -136.78 -142.96 -61.43
CA LEU Y 601 -137.80 -143.80 -61.99
C LEU Y 601 -138.26 -144.81 -60.96
N HIS Y 602 -137.34 -145.59 -60.33
CA HIS Y 602 -137.68 -146.65 -59.37
C HIS Y 602 -138.58 -146.20 -58.21
N GLN Y 603 -138.33 -145.01 -57.63
CA GLN Y 603 -139.20 -144.46 -56.61
C GLN Y 603 -140.53 -143.90 -57.06
N VAL Y 604 -140.51 -143.11 -58.13
CA VAL Y 604 -141.73 -142.48 -58.69
C VAL Y 604 -142.52 -143.51 -59.51
N GLY Y 605 -142.78 -144.68 -58.94
CA GLY Y 605 -143.55 -145.73 -59.64
C GLY Y 605 -142.89 -146.13 -60.95
N LEU Y 606 -143.67 -146.09 -62.05
CA LEU Y 606 -143.17 -146.38 -63.43
C LEU Y 606 -142.55 -147.77 -63.50
N PHE Y 607 -143.17 -148.76 -62.84
CA PHE Y 607 -142.68 -150.17 -62.85
C PHE Y 607 -143.46 -150.95 -63.91
N SER Y 608 -143.43 -150.46 -65.16
CA SER Y 608 -144.14 -151.09 -66.28
C SER Y 608 -143.39 -150.92 -67.59
N ARG Y 609 -144.09 -150.53 -68.69
CA ARG Y 609 -143.64 -150.12 -70.01
C ARG Y 609 -142.41 -150.74 -70.64
N LEU Y 610 -142.58 -151.57 -71.71
CA LEU Y 610 -141.49 -152.38 -72.25
C LEU Y 610 -141.54 -152.56 -73.81
N SER Y 611 -141.11 -151.56 -74.64
CA SER Y 611 -141.15 -151.61 -76.13
C SER Y 611 -139.85 -151.97 -76.82
N THR Y 612 -139.00 -152.87 -76.32
CA THR Y 612 -137.73 -153.16 -76.99
C THR Y 612 -137.86 -153.77 -78.35
N CYS Y 613 -138.73 -154.79 -78.45
CA CYS Y 613 -139.10 -155.45 -79.68
C CYS Y 613 -137.89 -155.95 -80.49
N GLN Y 614 -137.63 -155.33 -81.65
CA GLN Y 614 -136.52 -155.63 -82.51
C GLN Y 614 -135.76 -154.37 -82.87
N THR Y 615 -134.44 -154.34 -82.60
CA THR Y 615 -133.57 -153.21 -82.93
C THR Y 615 -132.28 -153.76 -83.49
N LYS Y 616 -131.88 -153.41 -84.73
CA LYS Y 616 -130.60 -153.77 -85.33
C LYS Y 616 -130.24 -155.27 -85.31
N GLY Y 617 -131.25 -156.16 -85.55
CA GLY Y 617 -131.08 -157.61 -85.49
C GLY Y 617 -131.13 -158.20 -84.10
N MET Y 618 -131.33 -157.36 -83.07
CA MET Y 618 -131.38 -157.81 -81.71
C MET Y 618 -132.83 -157.85 -81.24
N LEU Y 619 -133.20 -158.98 -80.60
CA LEU Y 619 -134.48 -159.12 -79.95
C LEU Y 619 -134.20 -159.03 -78.49
N VAL Y 620 -135.10 -158.38 -77.77
CA VAL Y 620 -134.89 -158.00 -76.41
C VAL Y 620 -136.24 -158.15 -75.75
N ALA Y 621 -136.33 -158.78 -74.58
CA ALA Y 621 -137.61 -158.99 -73.91
C ALA Y 621 -138.36 -157.73 -73.46
N THR Y 622 -137.66 -156.73 -72.87
CA THR Y 622 -138.28 -155.67 -72.10
C THR Y 622 -137.54 -154.31 -72.29
N ARG Y 623 -138.21 -153.12 -72.39
CA ARG Y 623 -137.56 -151.79 -72.48
C ARG Y 623 -136.57 -151.51 -71.42
N LEU Y 624 -136.79 -152.04 -70.23
CA LEU Y 624 -135.85 -151.97 -69.16
C LEU Y 624 -134.47 -152.59 -69.44
N LEU Y 625 -134.36 -153.54 -70.41
CA LEU Y 625 -133.08 -153.92 -70.98
C LEU Y 625 -132.39 -152.78 -71.73
N LEU Y 626 -133.13 -151.82 -72.34
CA LEU Y 626 -132.53 -150.64 -72.94
C LEU Y 626 -131.93 -149.66 -71.94
N SER Y 627 -132.42 -149.58 -70.67
CA SER Y 627 -131.71 -148.81 -69.65
C SER Y 627 -130.39 -149.46 -69.30
N GLU Y 628 -130.40 -150.77 -69.03
CA GLU Y 628 -129.20 -151.58 -68.82
C GLU Y 628 -128.25 -151.52 -70.03
N HIS Y 629 -128.75 -151.59 -71.27
CA HIS Y 629 -127.98 -151.44 -72.49
C HIS Y 629 -127.36 -150.06 -72.69
N ALA Y 630 -128.07 -148.97 -72.37
CA ALA Y 630 -127.49 -147.64 -72.41
C ALA Y 630 -126.48 -147.39 -71.29
N GLU Y 631 -126.67 -148.01 -70.09
CA GLU Y 631 -125.67 -148.08 -69.04
C GLU Y 631 -124.40 -148.85 -69.44
N LYS Y 632 -124.52 -150.05 -70.03
CA LYS Y 632 -123.35 -150.85 -70.44
C LYS Y 632 -122.53 -150.12 -71.49
N LEU Y 633 -123.21 -149.40 -72.40
CA LEU Y 633 -122.58 -148.62 -73.43
C LEU Y 633 -122.35 -147.20 -72.98
N SER Y 634 -122.51 -146.89 -71.68
CA SER Y 634 -121.89 -145.69 -71.10
C SER Y 634 -120.73 -146.06 -70.21
N ALA Y 635 -120.54 -147.36 -69.90
CA ALA Y 635 -119.33 -147.87 -69.30
C ALA Y 635 -118.26 -148.15 -70.36
N ALA Y 636 -118.70 -148.55 -71.56
CA ALA Y 636 -117.83 -148.74 -72.71
C ALA Y 636 -117.09 -147.48 -73.15
N ILE Y 637 -117.82 -146.35 -73.14
CA ILE Y 637 -117.34 -145.03 -73.48
C ILE Y 637 -116.26 -144.54 -72.53
N VAL Y 638 -116.45 -144.69 -71.21
CA VAL Y 638 -115.47 -144.28 -70.22
C VAL Y 638 -114.23 -145.14 -70.28
N LEU Y 639 -114.37 -146.42 -70.67
CA LEU Y 639 -113.24 -147.30 -70.86
C LEU Y 639 -112.35 -146.90 -72.03
N LYS Y 640 -112.93 -146.48 -73.17
CA LYS Y 640 -112.13 -146.03 -74.31
C LYS Y 640 -111.81 -144.54 -74.27
N ASN Y 641 -112.34 -143.83 -73.26
CA ASN Y 641 -111.87 -142.51 -72.89
C ASN Y 641 -110.68 -142.62 -71.94
N HIS Y 642 -110.65 -143.65 -71.07
CA HIS Y 642 -109.51 -143.98 -70.22
C HIS Y 642 -108.29 -144.38 -71.04
N HIS Y 643 -108.49 -145.13 -72.13
CA HIS Y 643 -107.46 -145.44 -73.09
C HIS Y 643 -107.46 -144.51 -74.30
N ALA Y 644 -106.68 -143.43 -74.23
CA ALA Y 644 -106.55 -142.51 -75.34
C ALA Y 644 -105.12 -142.46 -75.83
N LYS Y 645 -104.86 -142.95 -77.05
CA LYS Y 645 -103.54 -142.94 -77.65
C LYS Y 645 -103.72 -142.68 -79.12
N LEU Y 646 -102.65 -142.22 -79.81
CA LEU Y 646 -102.71 -141.84 -81.20
C LEU Y 646 -103.29 -142.89 -82.16
N PRO Y 647 -102.98 -144.21 -82.17
CA PRO Y 647 -103.66 -145.16 -83.04
C PRO Y 647 -105.17 -145.20 -82.88
N VAL Y 648 -105.70 -145.23 -81.64
CA VAL Y 648 -107.14 -145.31 -81.42
C VAL Y 648 -107.86 -144.03 -81.79
N LEU Y 649 -107.27 -142.86 -81.49
CA LEU Y 649 -107.80 -141.57 -81.88
C LEU Y 649 -107.76 -141.33 -83.39
N VAL Y 650 -106.82 -141.95 -84.12
CA VAL Y 650 -106.85 -141.95 -85.57
C VAL Y 650 -107.95 -142.83 -86.13
N ASN Y 651 -108.11 -144.05 -85.61
CA ASN Y 651 -109.18 -144.97 -85.99
C ASN Y 651 -110.55 -144.39 -85.69
N SER Y 652 -110.70 -143.65 -84.57
CA SER Y 652 -111.88 -142.84 -84.31
C SER Y 652 -112.17 -141.74 -85.31
N ALA Y 653 -111.20 -140.87 -85.64
CA ALA Y 653 -111.38 -139.78 -86.59
C ALA Y 653 -111.81 -140.26 -87.97
N ILE Y 654 -111.27 -141.41 -88.43
CA ILE Y 654 -111.74 -142.07 -89.64
C ILE Y 654 -113.18 -142.54 -89.57
N GLN Y 655 -113.60 -143.19 -88.47
CA GLN Y 655 -114.97 -143.66 -88.24
C GLN Y 655 -115.98 -142.53 -88.27
N LEU Y 656 -115.72 -141.45 -87.53
CA LEU Y 656 -116.60 -140.30 -87.40
C LEU Y 656 -116.81 -139.57 -88.70
N ALA Y 657 -115.74 -139.42 -89.51
CA ALA Y 657 -115.76 -138.84 -90.83
C ALA Y 657 -116.43 -139.70 -91.90
N LEU Y 658 -116.49 -141.04 -91.70
CA LEU Y 658 -117.28 -141.93 -92.53
C LEU Y 658 -118.77 -141.84 -92.27
N ASP Y 659 -119.20 -141.79 -90.99
CA ASP Y 659 -120.60 -141.63 -90.64
C ASP Y 659 -121.16 -140.27 -91.09
N LYS Y 660 -120.42 -139.16 -90.89
CA LYS Y 660 -120.81 -137.84 -91.38
C LYS Y 660 -119.65 -136.86 -91.32
N ARG Y 661 -119.85 -135.62 -91.82
CA ARG Y 661 -118.84 -134.58 -91.62
C ARG Y 661 -118.86 -133.99 -90.21
N MET Y 662 -117.71 -133.42 -89.81
CA MET Y 662 -117.55 -132.80 -88.52
C MET Y 662 -117.46 -131.30 -88.67
N THR Y 670 -112.89 -136.25 -82.44
CA THR Y 670 -113.72 -135.29 -83.15
C THR Y 670 -115.05 -134.95 -82.49
N ALA Y 671 -115.76 -135.89 -81.88
CA ALA Y 671 -116.76 -135.58 -80.88
C ALA Y 671 -116.99 -136.87 -80.14
N ALA Y 672 -117.80 -136.90 -79.07
CA ALA Y 672 -118.07 -138.18 -78.45
C ALA Y 672 -119.46 -138.39 -77.92
N ASP Y 673 -120.19 -137.36 -77.46
CA ASP Y 673 -121.53 -137.47 -76.89
C ASP Y 673 -122.55 -138.20 -77.77
N VAL Y 674 -122.40 -138.10 -79.10
CA VAL Y 674 -123.28 -138.80 -80.02
C VAL Y 674 -122.75 -140.16 -80.45
N TYR Y 675 -121.48 -140.46 -80.15
CA TYR Y 675 -120.80 -141.69 -80.49
C TYR Y 675 -120.69 -142.55 -79.25
N PHE Y 676 -121.53 -142.24 -78.25
CA PHE Y 676 -121.69 -142.97 -77.02
C PHE Y 676 -123.05 -143.60 -77.00
N ARG Y 677 -124.07 -142.83 -77.40
CA ARG Y 677 -125.37 -143.35 -77.78
C ARG Y 677 -125.20 -144.36 -78.92
N GLU Y 678 -124.20 -144.12 -79.81
CA GLU Y 678 -123.78 -145.08 -80.81
C GLU Y 678 -122.28 -145.37 -80.79
N VAL Y 679 -121.73 -145.93 -79.68
CA VAL Y 679 -120.34 -146.38 -79.60
C VAL Y 679 -120.11 -147.72 -80.29
N SER Y 680 -121.20 -148.47 -80.55
CA SER Y 680 -121.16 -149.78 -81.21
C SER Y 680 -120.58 -149.73 -82.61
N GLN Y 681 -120.73 -148.57 -83.28
CA GLN Y 681 -120.20 -148.29 -84.58
C GLN Y 681 -118.69 -148.04 -84.57
N MET Y 682 -118.13 -147.61 -83.42
CA MET Y 682 -116.71 -147.28 -83.33
C MET Y 682 -115.88 -148.50 -82.98
N GLU Y 683 -116.52 -149.66 -83.10
CA GLU Y 683 -115.89 -150.93 -82.93
C GLU Y 683 -115.86 -151.72 -84.20
N ILE Y 684 -116.84 -151.50 -85.11
CA ILE Y 684 -116.84 -152.14 -86.42
C ILE Y 684 -115.92 -151.40 -87.37
N ILE Y 685 -115.51 -150.16 -87.00
CA ILE Y 685 -114.63 -149.35 -87.83
C ILE Y 685 -113.22 -149.28 -87.28
N PHE Y 686 -112.98 -149.56 -85.97
CA PHE Y 686 -111.60 -149.53 -85.47
C PHE Y 686 -111.01 -150.91 -85.65
N GLU Y 687 -111.80 -151.78 -86.30
CA GLU Y 687 -111.45 -153.05 -86.89
C GLU Y 687 -111.12 -152.88 -88.37
N CYS Y 688 -111.94 -152.15 -89.15
CA CYS Y 688 -111.62 -151.82 -90.55
C CYS Y 688 -110.40 -150.93 -90.70
N LEU Y 689 -109.98 -150.27 -89.61
CA LEU Y 689 -108.77 -149.49 -89.54
C LEU Y 689 -107.65 -150.26 -88.91
N VAL Y 690 -107.90 -151.49 -88.41
CA VAL Y 690 -106.82 -152.40 -88.07
C VAL Y 690 -106.49 -153.22 -89.28
N ASP Y 691 -107.45 -153.43 -90.22
CA ASP Y 691 -107.28 -154.14 -91.48
C ASP Y 691 -106.60 -153.32 -92.57
N LYS Y 692 -106.87 -152.00 -92.63
CA LYS Y 692 -106.14 -151.15 -93.56
C LYS Y 692 -104.82 -150.69 -93.02
N GLU Y 693 -104.66 -150.67 -91.70
CA GLU Y 693 -103.37 -150.72 -91.08
C GLU Y 693 -102.74 -152.05 -91.38
N GLU Y 694 -103.39 -153.23 -91.22
CA GLU Y 694 -102.89 -154.56 -91.59
C GLU Y 694 -102.42 -154.76 -93.04
N ALA Y 695 -103.05 -154.12 -94.03
CA ALA Y 695 -102.61 -154.15 -95.41
C ALA Y 695 -101.20 -153.56 -95.60
N ASP Y 696 -100.87 -152.55 -94.77
CA ASP Y 696 -99.58 -151.90 -94.71
C ASP Y 696 -98.73 -152.44 -93.54
N LEU Y 697 -99.18 -153.51 -92.82
CA LEU Y 697 -98.41 -154.16 -91.74
C LEU Y 697 -97.20 -154.91 -92.27
N GLU Y 698 -97.20 -155.24 -93.57
CA GLU Y 698 -96.16 -155.97 -94.28
C GLU Y 698 -95.79 -157.29 -93.61
N SER Y 699 -96.78 -157.95 -92.97
CA SER Y 699 -96.62 -159.17 -92.19
C SER Y 699 -96.77 -160.39 -93.05
N THR Y 700 -96.06 -160.39 -94.19
CA THR Y 700 -95.98 -161.46 -95.17
C THR Y 700 -95.40 -162.75 -94.61
N SER Y 701 -94.40 -162.63 -93.73
CA SER Y 701 -93.79 -163.74 -93.02
C SER Y 701 -93.20 -163.11 -91.78
N ILE Y 702 -92.21 -163.77 -91.16
CA ILE Y 702 -91.51 -163.40 -89.95
C ILE Y 702 -90.86 -162.01 -89.83
N ASP Y 703 -90.80 -161.20 -90.90
CA ASP Y 703 -90.13 -159.91 -90.92
C ASP Y 703 -90.76 -158.85 -90.02
N SER Y 704 -92.08 -158.66 -90.17
CA SER Y 704 -92.90 -157.73 -89.42
C SER Y 704 -93.05 -158.10 -87.95
N VAL Y 705 -92.87 -157.13 -87.03
CA VAL Y 705 -92.97 -157.39 -85.61
C VAL Y 705 -93.82 -156.33 -84.94
N GLU Y 706 -93.46 -155.04 -85.11
CA GLU Y 706 -94.10 -153.87 -84.56
C GLU Y 706 -95.52 -153.78 -85.02
N TRP Y 707 -95.74 -154.25 -86.24
CA TRP Y 707 -97.00 -154.25 -86.89
C TRP Y 707 -97.92 -155.38 -86.41
N ALA Y 708 -97.38 -156.46 -85.82
CA ALA Y 708 -98.18 -157.46 -85.12
C ALA Y 708 -98.36 -157.10 -83.65
N ASN Y 709 -97.76 -155.99 -83.20
CA ASN Y 709 -97.99 -155.47 -81.86
C ASN Y 709 -99.13 -154.46 -81.85
N ILE Y 710 -99.40 -153.78 -82.98
CA ILE Y 710 -100.51 -152.83 -83.07
C ILE Y 710 -101.85 -153.51 -83.27
N VAL Y 711 -101.85 -154.71 -83.91
CA VAL Y 711 -103.05 -155.50 -84.08
C VAL Y 711 -103.51 -156.08 -82.75
N VAL Y 712 -102.57 -156.31 -81.82
CA VAL Y 712 -102.84 -156.79 -80.48
C VAL Y 712 -103.31 -155.67 -79.54
N ASN Y 713 -102.76 -154.44 -79.67
CA ASN Y 713 -103.21 -153.27 -78.91
C ASN Y 713 -104.68 -152.92 -79.13
N VAL Y 714 -105.21 -153.09 -80.35
CA VAL Y 714 -106.65 -152.99 -80.59
C VAL Y 714 -107.44 -154.15 -79.98
N ASN Y 715 -106.92 -155.40 -80.11
CA ASN Y 715 -107.52 -156.58 -79.51
C ASN Y 715 -107.66 -156.50 -78.00
N THR Y 716 -106.68 -155.91 -77.29
CA THR Y 716 -106.78 -155.65 -75.86
C THR Y 716 -107.87 -154.66 -75.49
N ILE Y 717 -108.03 -153.55 -76.21
CA ILE Y 717 -109.06 -152.53 -75.95
C ILE Y 717 -110.49 -152.96 -76.28
N LEU Y 718 -110.73 -153.63 -77.42
CA LEU Y 718 -112.06 -154.16 -77.70
C LEU Y 718 -112.44 -155.22 -76.68
N LYS Y 719 -111.44 -155.98 -76.20
CA LYS Y 719 -111.63 -156.94 -75.15
C LYS Y 719 -111.98 -156.38 -73.78
N ASP Y 720 -111.22 -155.40 -73.25
CA ASP Y 720 -111.52 -154.86 -71.94
C ASP Y 720 -112.77 -153.99 -71.93
N MET Y 721 -113.13 -153.38 -73.08
CA MET Y 721 -114.46 -152.87 -73.33
C MET Y 721 -115.58 -153.90 -73.24
N LEU Y 722 -115.38 -155.14 -73.67
CA LEU Y 722 -116.37 -156.16 -73.41
C LEU Y 722 -116.35 -156.66 -71.97
N HIS Y 723 -115.18 -156.61 -71.27
CA HIS Y 723 -115.07 -156.86 -69.83
C HIS Y 723 -115.89 -155.87 -69.00
N VAL Y 724 -115.90 -154.59 -69.38
CA VAL Y 724 -116.65 -153.52 -68.72
C VAL Y 724 -118.14 -153.63 -68.91
N ALA Y 725 -118.63 -154.13 -70.05
CA ALA Y 725 -120.05 -154.33 -70.23
C ALA Y 725 -120.55 -155.49 -69.37
N CYS Y 726 -119.70 -156.51 -69.16
CA CYS Y 726 -119.98 -157.64 -68.30
C CYS Y 726 -120.06 -157.33 -66.82
N GLN Y 727 -119.08 -156.58 -66.28
CA GLN Y 727 -119.08 -156.26 -64.86
C GLN Y 727 -120.12 -155.23 -64.48
N TYR Y 728 -120.66 -154.49 -65.47
CA TYR Y 728 -121.74 -153.56 -65.22
C TYR Y 728 -123.07 -154.29 -65.33
N ARG Y 729 -123.05 -155.58 -65.69
CA ARG Y 729 -124.20 -156.47 -65.62
C ARG Y 729 -124.07 -157.43 -64.46
N GLN Y 730 -123.00 -157.31 -63.68
CA GLN Y 730 -122.87 -157.94 -62.39
C GLN Y 730 -123.33 -156.98 -61.32
N SER Y 731 -123.16 -155.67 -61.54
CA SER Y 731 -123.68 -154.62 -60.67
C SER Y 731 -125.16 -154.33 -60.94
N LYS Y 732 -126.00 -155.39 -60.89
CA LYS Y 732 -127.44 -155.29 -60.96
C LYS Y 732 -128.07 -154.58 -59.76
N ASN Y 733 -129.42 -154.43 -59.77
CA ASN Y 733 -130.19 -153.81 -58.69
C ASN Y 733 -131.37 -154.70 -58.31
N SER Y 734 -131.81 -155.58 -59.23
CA SER Y 734 -132.88 -156.55 -59.00
C SER Y 734 -132.54 -157.54 -57.89
N LEU Y 735 -133.50 -157.83 -57.01
CA LEU Y 735 -133.29 -158.73 -55.90
C LEU Y 735 -133.64 -160.15 -56.32
N TYR Y 736 -134.03 -160.36 -57.59
CA TYR Y 736 -134.27 -161.67 -58.15
C TYR Y 736 -133.27 -161.95 -59.28
N LYS Y 737 -132.90 -160.93 -60.07
CA LYS Y 737 -131.99 -161.10 -61.19
C LYS Y 737 -130.58 -160.86 -60.72
N ASN Y 738 -129.84 -161.95 -60.42
CA ASN Y 738 -128.49 -161.89 -59.92
C ASN Y 738 -128.46 -161.32 -58.51
N GLU Y 739 -128.92 -162.08 -57.49
CA GLU Y 739 -129.01 -161.64 -56.10
C GLU Y 739 -127.67 -161.15 -55.51
N SER Y 740 -126.55 -161.79 -55.91
CA SER Y 740 -125.19 -161.33 -55.60
C SER Y 740 -124.91 -159.92 -56.14
N GLY Y 741 -124.30 -159.03 -55.33
CA GLY Y 741 -124.15 -157.62 -55.71
C GLY Y 741 -125.29 -156.76 -55.21
N ILE Y 742 -126.26 -157.37 -54.50
CA ILE Y 742 -127.44 -156.70 -54.00
C ILE Y 742 -127.41 -156.70 -52.47
N GLN Y 743 -128.39 -157.31 -51.79
CA GLN Y 743 -128.45 -157.44 -50.36
C GLN Y 743 -127.88 -158.79 -49.96
N GLU Y 744 -127.36 -159.53 -50.95
CA GLU Y 744 -126.81 -160.86 -50.81
C GLU Y 744 -125.33 -160.83 -51.17
N PRO Y 745 -124.49 -161.77 -50.70
CA PRO Y 745 -123.04 -161.74 -50.90
C PRO Y 745 -122.55 -161.56 -52.33
N GLU Y 746 -121.68 -160.56 -52.58
CA GLU Y 746 -121.12 -160.29 -53.90
C GLU Y 746 -119.79 -161.00 -54.15
N HIS Y 747 -119.47 -161.97 -53.27
CA HIS Y 747 -118.25 -162.77 -53.33
C HIS Y 747 -118.30 -163.85 -54.41
N VAL Y 748 -119.49 -164.07 -54.98
CA VAL Y 748 -119.73 -165.04 -56.03
C VAL Y 748 -120.50 -164.34 -57.12
N PRO Y 749 -119.95 -163.86 -58.23
CA PRO Y 749 -120.73 -163.18 -59.24
C PRO Y 749 -121.59 -164.16 -60.03
N TRP Y 750 -122.73 -163.68 -60.56
CA TRP Y 750 -123.56 -164.48 -61.46
C TRP Y 750 -122.97 -164.47 -62.84
N THR Y 751 -123.49 -165.35 -63.73
CA THR Y 751 -123.14 -165.48 -65.16
C THR Y 751 -122.46 -164.25 -65.75
N ALA Y 752 -121.21 -164.37 -66.24
CA ALA Y 752 -120.38 -163.21 -66.54
C ALA Y 752 -120.71 -162.58 -67.88
N SER Y 753 -121.85 -162.98 -68.46
CA SER Y 753 -122.48 -162.44 -69.63
C SER Y 753 -122.93 -161.02 -69.44
N SER Y 754 -122.89 -160.22 -70.50
CA SER Y 754 -123.45 -158.89 -70.45
C SER Y 754 -124.95 -158.89 -70.70
N GLY Y 755 -125.57 -160.06 -70.99
CA GLY Y 755 -126.99 -160.15 -71.39
C GLY Y 755 -127.27 -159.38 -72.66
N THR Y 756 -126.24 -159.28 -73.50
CA THR Y 756 -126.31 -158.73 -74.84
C THR Y 756 -127.12 -159.65 -75.70
N ALA Y 757 -127.80 -159.12 -76.72
CA ALA Y 757 -128.78 -159.84 -77.50
C ALA Y 757 -128.23 -160.45 -78.79
N GLY Y 758 -126.90 -160.31 -79.00
CA GLY Y 758 -126.17 -160.83 -80.15
C GLY Y 758 -126.37 -160.07 -81.43
N ILE Y 759 -125.83 -158.84 -81.48
CA ILE Y 759 -125.87 -157.91 -82.60
C ILE Y 759 -125.25 -158.50 -83.86
N ARG Y 760 -125.78 -158.24 -85.05
CA ARG Y 760 -125.28 -158.89 -86.23
C ARG Y 760 -124.17 -158.11 -86.93
N SER Y 761 -123.70 -157.02 -86.28
CA SER Y 761 -122.51 -156.28 -86.70
C SER Y 761 -121.45 -156.31 -85.61
N VAL Y 762 -121.85 -156.21 -84.33
CA VAL Y 762 -120.97 -156.42 -83.18
C VAL Y 762 -120.44 -157.86 -83.14
N VAL Y 763 -121.28 -158.87 -83.37
CA VAL Y 763 -120.82 -160.26 -83.47
C VAL Y 763 -119.91 -160.51 -84.67
N THR Y 764 -120.24 -159.94 -85.84
CA THR Y 764 -119.42 -160.08 -87.06
C THR Y 764 -118.03 -159.51 -86.91
N ARG Y 765 -117.84 -158.36 -86.25
CA ARG Y 765 -116.50 -157.84 -85.98
C ARG Y 765 -115.70 -158.67 -84.97
N GLN Y 766 -116.37 -159.48 -84.12
CA GLN Y 766 -115.69 -160.42 -83.23
C GLN Y 766 -115.25 -161.69 -83.96
N HIS Y 767 -116.11 -162.22 -84.86
CA HIS Y 767 -115.74 -163.35 -85.70
C HIS Y 767 -114.82 -162.94 -86.86
N GLY Y 768 -114.62 -161.63 -87.07
CA GLY Y 768 -113.57 -161.12 -87.96
C GLY Y 768 -112.22 -161.14 -87.29
N ILE Y 769 -112.13 -160.64 -86.04
CA ILE Y 769 -110.86 -160.53 -85.35
C ILE Y 769 -110.38 -161.83 -84.76
N ILE Y 770 -111.24 -162.86 -84.62
CA ILE Y 770 -110.76 -164.22 -84.42
C ILE Y 770 -110.00 -164.73 -85.62
N LEU Y 771 -110.41 -164.38 -86.87
CA LEU Y 771 -109.81 -164.97 -88.03
C LEU Y 771 -108.56 -164.19 -88.38
N LYS Y 772 -108.27 -163.15 -87.59
CA LYS Y 772 -106.93 -162.67 -87.37
C LYS Y 772 -106.22 -163.52 -86.32
N VAL Y 773 -106.34 -164.85 -86.48
CA VAL Y 773 -105.52 -165.91 -85.92
C VAL Y 773 -104.50 -166.28 -86.99
N TYR Y 774 -104.61 -165.63 -88.18
CA TYR Y 774 -103.58 -165.56 -89.19
C TYR Y 774 -102.24 -165.00 -88.67
N PRO Y 775 -102.12 -163.99 -87.79
CA PRO Y 775 -100.87 -163.62 -87.13
C PRO Y 775 -100.19 -164.71 -86.32
N GLN Y 776 -100.91 -165.63 -85.63
CA GLN Y 776 -100.24 -166.59 -84.75
C GLN Y 776 -99.47 -167.65 -85.53
N ALA Y 777 -99.69 -167.71 -86.85
CA ALA Y 777 -98.86 -168.43 -87.79
C ALA Y 777 -97.40 -167.92 -87.84
N ASP Y 778 -97.20 -166.59 -87.76
CA ASP Y 778 -95.90 -165.95 -87.82
C ASP Y 778 -95.73 -164.94 -86.67
N SER Y 779 -95.21 -165.39 -85.52
CA SER Y 779 -95.16 -164.57 -84.32
C SER Y 779 -94.34 -165.27 -83.25
N GLY Y 780 -93.63 -164.50 -82.40
CA GLY Y 780 -92.89 -165.06 -81.27
C GLY Y 780 -93.75 -165.76 -80.24
N LEU Y 781 -93.24 -166.84 -79.61
CA LEU Y 781 -94.04 -167.76 -78.81
C LEU Y 781 -94.88 -167.14 -77.69
N ARG Y 782 -94.34 -166.22 -76.88
CA ARG Y 782 -95.16 -165.62 -75.84
C ARG Y 782 -96.29 -164.74 -76.38
N THR Y 783 -96.04 -164.03 -77.49
CA THR Y 783 -97.01 -163.17 -78.15
C THR Y 783 -98.22 -163.93 -78.68
N ILE Y 784 -98.01 -165.12 -79.29
CA ILE Y 784 -99.10 -165.96 -79.78
C ILE Y 784 -100.00 -166.47 -78.67
N LEU Y 785 -99.51 -166.57 -77.43
CA LEU Y 785 -100.30 -166.98 -76.29
C LEU Y 785 -101.15 -165.86 -75.71
N ILE Y 786 -100.63 -164.61 -75.63
CA ILE Y 786 -101.36 -163.48 -75.07
C ILE Y 786 -102.55 -163.06 -75.93
N GLU Y 787 -102.41 -163.13 -77.27
CA GLU Y 787 -103.51 -162.91 -78.18
C GLU Y 787 -104.48 -164.09 -78.21
N GLN Y 788 -104.00 -165.30 -77.91
CA GLN Y 788 -104.85 -166.48 -77.76
C GLN Y 788 -105.67 -166.50 -76.49
N LEU Y 789 -105.08 -166.13 -75.34
CA LEU Y 789 -105.81 -165.84 -74.11
C LEU Y 789 -106.77 -164.69 -74.31
N ALA Y 790 -106.38 -163.64 -75.06
CA ALA Y 790 -107.28 -162.58 -75.47
C ALA Y 790 -108.47 -162.98 -76.34
N ALA Y 791 -108.28 -163.75 -77.41
CA ALA Y 791 -109.37 -164.20 -78.26
C ALA Y 791 -110.24 -165.22 -77.58
N LEU Y 792 -109.67 -166.00 -76.64
CA LEU Y 792 -110.44 -166.79 -75.69
C LEU Y 792 -111.28 -165.92 -74.77
N LEU Y 793 -110.70 -164.89 -74.12
CA LEU Y 793 -111.44 -163.94 -73.28
C LEU Y 793 -112.61 -163.28 -74.00
N ASN Y 794 -112.47 -162.87 -75.27
CA ASN Y 794 -113.56 -162.35 -76.07
C ASN Y 794 -114.67 -163.33 -76.43
N TYR Y 795 -114.33 -164.56 -76.86
CA TYR Y 795 -115.30 -165.56 -77.29
C TYR Y 795 -116.15 -166.08 -76.16
N LEU Y 796 -115.63 -165.94 -74.94
CA LEU Y 796 -116.27 -166.35 -73.73
C LEU Y 796 -117.19 -165.25 -73.21
N LEU Y 797 -117.38 -164.17 -73.99
CA LEU Y 797 -118.41 -163.18 -73.79
C LEU Y 797 -119.49 -163.37 -74.84
N ASP Y 798 -119.11 -163.70 -76.10
CA ASP Y 798 -120.07 -164.04 -77.16
C ASP Y 798 -120.91 -165.28 -76.87
N ASP Y 799 -120.28 -166.39 -76.41
CA ASP Y 799 -121.00 -167.61 -76.07
C ASP Y 799 -121.86 -167.43 -74.81
N TYR Y 800 -121.51 -166.42 -73.99
CA TYR Y 800 -122.25 -166.09 -72.80
C TYR Y 800 -123.50 -165.28 -73.08
N VAL Y 801 -123.48 -164.40 -74.09
CA VAL Y 801 -124.64 -163.62 -74.45
C VAL Y 801 -125.66 -164.40 -75.27
N THR Y 802 -125.22 -165.40 -76.05
CA THR Y 802 -126.11 -166.35 -76.70
C THR Y 802 -126.79 -167.28 -75.72
N GLN Y 803 -126.07 -167.74 -74.69
CA GLN Y 803 -126.63 -168.51 -73.59
C GLN Y 803 -127.68 -167.77 -72.78
N LEU Y 804 -127.43 -166.49 -72.43
CA LEU Y 804 -128.39 -165.68 -71.71
C LEU Y 804 -129.65 -165.41 -72.52
N LYS Y 805 -129.53 -165.10 -73.82
CA LYS Y 805 -130.67 -164.96 -74.70
C LYS Y 805 -131.50 -166.22 -74.93
N SER Y 806 -130.86 -167.40 -75.06
CA SER Y 806 -131.57 -168.66 -75.22
C SER Y 806 -132.35 -169.08 -73.99
N ILE Y 807 -131.81 -168.82 -72.79
CA ILE Y 807 -132.47 -169.05 -71.50
C ILE Y 807 -133.80 -168.32 -71.38
N ASP Y 808 -133.90 -167.08 -71.91
CA ASP Y 808 -135.09 -166.26 -71.85
C ASP Y 808 -136.24 -166.70 -72.76
N LYS Y 809 -136.00 -167.60 -73.73
CA LYS Y 809 -137.03 -168.07 -74.63
C LYS Y 809 -138.13 -168.90 -73.97
N LEU Y 810 -139.40 -168.58 -74.28
CA LEU Y 810 -140.54 -169.34 -73.78
C LEU Y 810 -140.80 -170.59 -74.62
N ALA Y 811 -141.61 -171.53 -74.09
CA ALA Y 811 -141.90 -172.81 -74.71
C ALA Y 811 -142.57 -172.78 -76.08
N ASN Y 812 -143.52 -171.85 -76.31
CA ASN Y 812 -144.10 -171.71 -77.63
C ASN Y 812 -143.23 -170.83 -78.51
N GLU Y 813 -143.29 -171.08 -79.84
CA GLU Y 813 -142.38 -170.54 -80.83
C GLU Y 813 -141.03 -171.26 -80.79
N GLU Y 814 -141.01 -172.48 -80.19
CA GLU Y 814 -139.82 -173.31 -79.98
C GLU Y 814 -139.03 -173.60 -81.22
N ARG Y 815 -139.70 -173.67 -82.41
CA ARG Y 815 -139.01 -173.83 -83.67
C ARG Y 815 -137.95 -172.75 -83.92
N TYR Y 816 -138.19 -171.50 -83.54
CA TYR Y 816 -137.17 -170.46 -83.61
C TYR Y 816 -136.10 -170.64 -82.54
N ASN Y 817 -136.45 -171.17 -81.36
CA ASN Y 817 -135.51 -171.43 -80.27
C ASN Y 817 -134.55 -172.57 -80.59
N ILE Y 818 -134.99 -173.63 -81.27
CA ILE Y 818 -134.13 -174.77 -81.59
C ILE Y 818 -133.26 -174.51 -82.80
N LEU Y 819 -133.64 -173.55 -83.67
CA LEU Y 819 -132.83 -173.10 -84.78
C LEU Y 819 -131.73 -172.13 -84.33
N GLU Y 820 -131.99 -171.27 -83.33
CA GLU Y 820 -130.96 -170.43 -82.72
C GLU Y 820 -129.94 -171.29 -81.94
N MET Y 821 -130.35 -172.45 -81.36
CA MET Y 821 -129.43 -173.40 -80.74
C MET Y 821 -128.43 -174.01 -81.70
N GLU Y 822 -128.90 -174.52 -82.86
CA GLU Y 822 -128.03 -175.04 -83.91
C GLU Y 822 -127.05 -173.99 -84.42
N TYR Y 823 -127.50 -172.73 -84.53
CA TYR Y 823 -126.62 -171.63 -84.89
C TYR Y 823 -125.50 -171.34 -83.89
N ALA Y 824 -125.76 -171.33 -82.57
CA ALA Y 824 -124.71 -171.24 -81.57
C ALA Y 824 -123.85 -172.49 -81.48
N GLN Y 825 -124.44 -173.69 -81.62
CA GLN Y 825 -123.73 -174.95 -81.59
C GLN Y 825 -122.81 -175.17 -82.79
N LYS Y 826 -123.11 -174.57 -83.95
CA LYS Y 826 -122.22 -174.58 -85.10
C LYS Y 826 -121.22 -173.43 -85.02
N ARG Y 827 -121.22 -172.66 -83.92
CA ARG Y 827 -120.22 -171.63 -83.72
C ARG Y 827 -119.33 -171.97 -82.57
N SER Y 828 -119.83 -172.57 -81.49
CA SER Y 828 -118.94 -173.25 -80.57
C SER Y 828 -118.15 -174.33 -81.30
N GLU Y 829 -118.77 -175.10 -82.21
CA GLU Y 829 -118.09 -175.91 -83.21
C GLU Y 829 -117.23 -175.20 -84.27
N LEU Y 830 -117.19 -173.86 -84.40
CA LEU Y 830 -116.22 -173.19 -85.27
C LEU Y 830 -115.17 -172.49 -84.45
N LEU Y 831 -115.45 -172.27 -83.17
CA LEU Y 831 -114.52 -171.74 -82.22
C LEU Y 831 -113.59 -172.86 -81.75
N SER Y 832 -114.05 -174.13 -81.86
CA SER Y 832 -113.26 -175.31 -81.56
C SER Y 832 -112.25 -175.68 -82.63
N PRO Y 833 -112.41 -175.89 -83.95
CA PRO Y 833 -111.32 -176.12 -84.88
C PRO Y 833 -110.23 -175.07 -84.87
N LEU Y 834 -110.60 -173.81 -84.59
CA LEU Y 834 -109.70 -172.71 -84.34
C LEU Y 834 -108.79 -172.93 -83.14
N LEU Y 835 -109.30 -173.52 -82.05
CA LEU Y 835 -108.48 -173.86 -80.89
C LEU Y 835 -107.99 -175.31 -80.88
N ILE Y 836 -108.25 -176.11 -81.94
CA ILE Y 836 -107.66 -177.44 -82.15
C ILE Y 836 -106.17 -177.33 -82.52
N LEU Y 837 -105.76 -176.24 -83.19
CA LEU Y 837 -104.35 -175.92 -83.37
C LEU Y 837 -103.74 -175.21 -82.17
N GLY Y 838 -104.56 -174.44 -81.43
CA GLY Y 838 -104.15 -173.72 -80.23
C GLY Y 838 -103.89 -174.58 -79.02
N GLN Y 839 -103.55 -173.94 -77.89
CA GLN Y 839 -103.29 -174.62 -76.63
C GLN Y 839 -104.52 -175.21 -75.96
N TYR Y 840 -104.43 -176.48 -75.53
CA TYR Y 840 -105.58 -177.17 -74.97
C TYR Y 840 -105.69 -176.93 -73.47
N ALA Y 841 -104.74 -176.16 -72.91
CA ALA Y 841 -104.82 -175.62 -71.57
C ALA Y 841 -105.94 -174.59 -71.44
N TRP Y 842 -106.38 -174.04 -72.59
CA TRP Y 842 -107.50 -173.14 -72.68
C TRP Y 842 -108.79 -173.84 -73.05
N ALA Y 843 -108.70 -175.09 -73.54
CA ALA Y 843 -109.85 -175.91 -73.88
C ALA Y 843 -110.67 -176.28 -72.67
N SER Y 844 -110.02 -176.57 -71.54
CA SER Y 844 -110.66 -176.81 -70.27
C SER Y 844 -111.50 -175.63 -69.81
N ASN Y 845 -110.94 -174.42 -69.93
CA ASN Y 845 -111.70 -173.21 -69.75
C ASN Y 845 -112.78 -173.01 -70.80
N LEU Y 846 -112.56 -173.06 -72.13
CA LEU Y 846 -113.64 -172.87 -73.12
C LEU Y 846 -114.82 -173.83 -72.96
N ALA Y 847 -114.54 -175.12 -72.68
CA ALA Y 847 -115.52 -176.14 -72.37
C ALA Y 847 -116.40 -175.82 -71.16
N GLU Y 848 -115.81 -175.22 -70.10
CA GLU Y 848 -116.54 -174.79 -68.91
C GLU Y 848 -117.26 -173.47 -69.12
N LYS Y 849 -116.88 -172.69 -70.13
CA LYS Y 849 -117.41 -171.36 -70.32
C LYS Y 849 -118.76 -171.44 -71.02
N TYR Y 850 -118.84 -172.09 -72.19
CA TYR Y 850 -120.09 -172.62 -72.66
C TYR Y 850 -120.23 -174.01 -72.08
N CYS Y 851 -120.52 -174.08 -70.74
CA CYS Y 851 -120.47 -175.24 -69.85
C CYS Y 851 -121.29 -176.47 -70.24
N ASP Y 852 -120.90 -177.03 -71.36
CA ASP Y 852 -121.19 -178.31 -71.88
C ASP Y 852 -120.10 -178.42 -72.92
N PHE Y 853 -120.45 -178.09 -74.19
CA PHE Y 853 -119.62 -178.12 -75.38
C PHE Y 853 -118.61 -179.25 -75.40
N ASP Y 854 -119.15 -180.43 -75.16
CA ASP Y 854 -118.47 -181.64 -74.80
C ASP Y 854 -117.66 -182.20 -75.96
N ILE Y 855 -118.25 -182.19 -77.18
CA ILE Y 855 -117.67 -182.67 -78.42
C ILE Y 855 -116.28 -182.13 -78.76
N LEU Y 856 -115.91 -180.90 -78.30
CA LEU Y 856 -114.53 -180.39 -78.37
C LEU Y 856 -113.66 -181.00 -77.29
N VAL Y 857 -114.06 -180.88 -76.01
CA VAL Y 857 -113.20 -181.25 -74.90
C VAL Y 857 -112.92 -182.74 -74.88
N GLN Y 858 -113.97 -183.53 -75.19
CA GLN Y 858 -113.89 -184.96 -75.42
C GLN Y 858 -113.01 -185.39 -76.59
N ILE Y 859 -112.81 -184.57 -77.64
CA ILE Y 859 -111.88 -184.94 -78.72
C ILE Y 859 -110.47 -184.43 -78.43
N CYS Y 860 -110.33 -183.47 -77.52
CA CYS Y 860 -109.06 -183.00 -76.98
C CYS Y 860 -108.45 -184.00 -76.01
N GLU Y 861 -109.30 -184.64 -75.18
CA GLU Y 861 -108.93 -185.71 -74.26
C GLU Y 861 -108.60 -187.02 -74.98
N MET Y 862 -108.94 -187.08 -76.27
CA MET Y 862 -108.73 -188.25 -77.09
C MET Y 862 -107.55 -188.15 -78.02
N THR Y 863 -107.10 -186.92 -78.34
CA THR Y 863 -105.92 -186.73 -79.17
C THR Y 863 -104.68 -186.82 -78.35
N ASP Y 864 -104.82 -186.62 -77.03
CA ASP Y 864 -103.73 -186.75 -76.11
C ASP Y 864 -103.76 -188.09 -75.38
N ASN Y 865 -102.93 -188.16 -74.34
CA ASN Y 865 -102.74 -189.30 -73.51
C ASN Y 865 -103.39 -189.03 -72.17
N GLN Y 866 -104.46 -188.21 -72.13
CA GLN Y 866 -105.12 -187.86 -70.91
C GLN Y 866 -106.50 -188.42 -70.77
N SER Y 867 -106.59 -189.73 -70.53
CA SER Y 867 -107.91 -190.22 -70.17
C SER Y 867 -108.12 -190.06 -68.67
N ARG Y 868 -107.21 -189.50 -67.93
CA ARG Y 868 -107.34 -188.88 -66.64
C ARG Y 868 -108.17 -187.61 -66.73
N LEU Y 869 -108.05 -186.85 -67.84
CA LEU Y 869 -108.99 -185.81 -68.17
C LEU Y 869 -110.39 -186.31 -68.54
N GLN Y 870 -110.60 -187.33 -69.39
CA GLN Y 870 -111.96 -187.81 -69.69
C GLN Y 870 -112.66 -188.50 -68.52
N ARG Y 871 -111.87 -189.04 -67.55
CA ARG Y 871 -112.34 -189.46 -66.24
C ARG Y 871 -112.72 -188.29 -65.35
N TYR Y 872 -111.92 -187.20 -65.35
CA TYR Y 872 -112.22 -185.97 -64.64
C TYR Y 872 -113.40 -185.23 -65.23
N MET Y 873 -113.57 -185.28 -66.57
CA MET Y 873 -114.76 -184.81 -67.26
C MET Y 873 -116.01 -185.60 -66.88
N THR Y 874 -115.96 -186.95 -66.84
CA THR Y 874 -117.11 -187.75 -66.43
C THR Y 874 -117.38 -187.74 -64.94
N LEU Y 875 -116.34 -187.46 -64.11
CA LEU Y 875 -116.48 -187.29 -62.67
C LEU Y 875 -117.34 -186.09 -62.28
N PHE Y 876 -117.12 -184.99 -62.96
CA PHE Y 876 -117.88 -183.76 -62.69
C PHE Y 876 -118.98 -183.55 -63.72
N ALA Y 877 -119.84 -184.55 -63.88
CA ALA Y 877 -120.94 -184.47 -64.84
C ALA Y 877 -122.04 -185.47 -64.49
N GLU Y 878 -123.28 -185.01 -64.55
CA GLU Y 878 -124.43 -185.86 -64.24
C GLU Y 878 -124.59 -186.96 -65.28
N GLN Y 879 -124.77 -188.19 -64.81
CA GLN Y 879 -124.92 -189.36 -65.67
C GLN Y 879 -123.83 -189.42 -66.75
N ASN Y 880 -122.58 -189.29 -66.32
CA ASN Y 880 -121.44 -189.34 -67.24
C ASN Y 880 -121.27 -190.73 -67.82
N PHE Y 881 -121.66 -191.74 -67.06
CA PHE Y 881 -121.54 -193.12 -67.50
C PHE Y 881 -122.47 -193.46 -68.66
N SER Y 882 -123.76 -193.03 -68.61
CA SER Y 882 -124.71 -193.30 -69.67
C SER Y 882 -124.42 -192.45 -70.88
N ASP Y 883 -123.78 -191.29 -70.68
CA ASP Y 883 -123.26 -190.48 -71.76
C ASP Y 883 -121.98 -191.03 -72.40
N PHE Y 884 -120.93 -191.41 -71.63
CA PHE Y 884 -119.66 -191.88 -72.17
C PHE Y 884 -119.78 -193.15 -73.00
N LEU Y 885 -120.64 -194.11 -72.62
CA LEU Y 885 -120.93 -195.26 -73.46
C LEU Y 885 -121.64 -194.93 -74.75
N PHE Y 886 -122.66 -194.04 -74.71
CA PHE Y 886 -123.36 -193.63 -75.91
C PHE Y 886 -122.53 -192.68 -76.77
N ARG Y 887 -121.58 -191.95 -76.17
CA ARG Y 887 -120.59 -191.17 -76.89
C ARG Y 887 -119.53 -192.04 -77.54
N TRP Y 888 -119.18 -193.19 -76.94
CA TRP Y 888 -118.30 -194.19 -77.53
C TRP Y 888 -118.88 -194.86 -78.77
N TYR Y 889 -120.14 -195.33 -78.70
CA TYR Y 889 -120.82 -195.99 -79.79
C TYR Y 889 -121.09 -195.09 -81.02
N LEU Y 890 -121.50 -193.83 -80.82
CA LEU Y 890 -121.61 -192.84 -81.90
C LEU Y 890 -120.27 -192.58 -82.57
N GLU Y 891 -119.20 -192.56 -81.76
CA GLU Y 891 -117.85 -192.41 -82.20
C GLU Y 891 -117.21 -193.75 -82.57
N LYS Y 892 -118.01 -194.68 -83.16
CA LYS Y 892 -117.54 -195.95 -83.71
C LYS Y 892 -116.42 -195.76 -84.71
N GLY Y 893 -115.20 -196.17 -84.31
CA GLY Y 893 -114.00 -196.02 -85.10
C GLY Y 893 -113.39 -194.64 -85.07
N LYS Y 894 -113.95 -193.74 -84.25
CA LYS Y 894 -113.53 -192.35 -84.16
C LYS Y 894 -112.84 -192.08 -82.83
N ARG Y 895 -113.43 -192.57 -81.73
CA ARG Y 895 -112.95 -192.33 -80.38
C ARG Y 895 -113.28 -193.58 -79.61
N GLY Y 896 -112.39 -193.99 -78.67
CA GLY Y 896 -112.60 -195.19 -77.87
C GLY Y 896 -111.88 -196.39 -78.37
N LYS Y 897 -111.16 -196.25 -79.47
CA LYS Y 897 -110.24 -197.23 -79.95
C LYS Y 897 -108.98 -197.36 -79.09
N LEU Y 898 -108.59 -198.63 -79.08
CA LEU Y 898 -107.46 -199.34 -78.47
C LEU Y 898 -106.20 -199.02 -79.25
N LEU Y 899 -106.45 -199.01 -80.55
CA LEU Y 899 -105.49 -199.11 -81.63
C LEU Y 899 -105.07 -197.71 -82.10
N SER Y 900 -105.86 -196.68 -81.77
CA SER Y 900 -105.51 -195.29 -82.03
C SER Y 900 -104.60 -194.75 -80.96
N GLN Y 901 -104.90 -195.11 -79.71
CA GLN Y 901 -104.05 -194.86 -78.58
C GLN Y 901 -102.84 -195.79 -78.61
N PRO Y 902 -101.65 -195.40 -78.16
CA PRO Y 902 -100.54 -196.32 -78.03
C PRO Y 902 -100.72 -197.13 -76.75
N SER Y 904 -100.03 -199.56 -74.56
CA SER Y 904 -98.95 -200.45 -74.13
C SER Y 904 -99.47 -201.59 -73.28
N GLN Y 905 -100.40 -201.27 -72.37
CA GLN Y 905 -100.97 -202.25 -71.45
C GLN Y 905 -102.48 -202.31 -71.43
N HIS Y 906 -103.04 -201.99 -70.26
CA HIS Y 906 -104.48 -202.00 -69.99
C HIS Y 906 -105.30 -201.04 -70.85
N GLY Y 907 -104.75 -199.87 -71.16
CA GLY Y 907 -105.47 -198.87 -71.92
C GLY Y 907 -105.91 -199.37 -73.28
N GLN Y 908 -105.05 -200.14 -73.96
CA GLN Y 908 -105.41 -200.69 -75.27
C GLN Y 908 -106.58 -201.65 -75.13
N LEU Y 909 -106.55 -202.46 -74.08
CA LEU Y 909 -107.60 -203.44 -73.79
C LEU Y 909 -108.94 -202.75 -73.49
N ALA Y 910 -108.85 -201.60 -72.81
CA ALA Y 910 -110.04 -200.84 -72.41
C ALA Y 910 -110.89 -200.38 -73.59
N ALA Y 911 -110.26 -200.00 -74.70
CA ALA Y 911 -110.99 -199.52 -75.87
C ALA Y 911 -111.93 -200.61 -76.41
N PHE Y 912 -111.47 -201.85 -76.43
CA PHE Y 912 -112.28 -202.96 -76.90
C PHE Y 912 -113.50 -203.17 -76.00
N LEU Y 913 -113.28 -203.01 -74.71
CA LEU Y 913 -114.33 -203.17 -73.69
C LEU Y 913 -115.45 -202.15 -73.86
N GLN Y 914 -115.08 -200.94 -74.26
CA GLN Y 914 -116.05 -199.85 -74.43
C GLN Y 914 -117.13 -200.16 -75.47
N ALA Y 915 -116.75 -200.82 -76.55
CA ALA Y 915 -117.71 -201.15 -77.61
C ALA Y 915 -118.79 -202.08 -77.04
N HIS Y 916 -120.03 -201.84 -77.47
CA HIS Y 916 -121.16 -202.63 -76.98
C HIS Y 916 -121.85 -203.45 -78.08
N SER Y 920 -118.97 -208.36 -84.28
CA SER Y 920 -119.29 -208.40 -82.88
C SER Y 920 -118.58 -209.49 -82.14
N TRP Y 921 -118.62 -210.73 -82.67
CA TRP Y 921 -118.00 -211.88 -82.04
C TRP Y 921 -116.51 -211.70 -81.77
N LEU Y 922 -115.80 -210.94 -82.62
CA LEU Y 922 -114.41 -210.63 -82.42
C LEU Y 922 -114.15 -209.78 -81.19
N HIS Y 923 -114.90 -208.68 -80.98
CA HIS Y 923 -114.66 -207.89 -79.78
C HIS Y 923 -115.23 -208.56 -78.55
N GLU Y 924 -116.24 -209.43 -78.71
CA GLU Y 924 -116.77 -210.31 -77.68
C GLU Y 924 -115.79 -211.40 -77.20
N LEU Y 925 -115.04 -212.10 -78.08
CA LEU Y 925 -113.95 -212.99 -77.67
C LEU Y 925 -112.86 -212.23 -76.92
N ASN Y 926 -112.48 -211.03 -77.43
CA ASN Y 926 -111.52 -210.13 -76.80
C ASN Y 926 -111.91 -209.65 -75.41
N SER Y 927 -113.21 -209.35 -75.19
CA SER Y 927 -113.73 -208.85 -73.91
C SER Y 927 -113.98 -209.95 -72.91
N GLN Y 928 -113.87 -211.22 -73.35
CA GLN Y 928 -114.03 -212.44 -72.59
C GLN Y 928 -115.50 -212.82 -72.46
N GLU Y 929 -116.34 -212.24 -73.32
CA GLU Y 929 -117.78 -212.41 -73.35
C GLU Y 929 -118.17 -213.57 -74.27
N PHE Y 930 -117.72 -214.79 -73.93
CA PHE Y 930 -117.87 -216.00 -74.74
C PHE Y 930 -119.30 -216.40 -75.03
N GLU Y 931 -120.20 -216.30 -74.02
CA GLU Y 931 -121.61 -216.56 -74.19
C GLU Y 931 -122.29 -215.65 -75.22
N LYS Y 932 -121.93 -214.34 -75.20
CA LYS Y 932 -122.37 -213.37 -76.18
C LYS Y 932 -121.85 -213.65 -77.58
N ALA Y 933 -120.55 -214.02 -77.69
CA ALA Y 933 -119.95 -214.41 -78.95
C ALA Y 933 -120.63 -215.61 -79.61
N HIS Y 934 -120.99 -216.64 -78.81
CA HIS Y 934 -121.78 -217.77 -79.26
C HIS Y 934 -123.13 -217.40 -79.87
N ARG Y 935 -123.88 -216.48 -79.22
CA ARG Y 935 -125.16 -216.05 -79.76
C ARG Y 935 -125.06 -215.34 -81.11
N THR Y 936 -124.10 -214.42 -81.28
CA THR Y 936 -123.88 -213.76 -82.57
C THR Y 936 -123.28 -214.66 -83.63
N LEU Y 937 -122.33 -215.55 -83.28
CA LEU Y 937 -121.77 -216.53 -84.21
C LEU Y 937 -122.82 -217.48 -84.77
N GLN Y 938 -123.75 -217.98 -83.93
CA GLN Y 938 -124.90 -218.73 -84.41
C GLN Y 938 -125.85 -217.94 -85.29
N THR Y 939 -126.15 -216.68 -84.93
CA THR Y 939 -127.00 -215.80 -85.74
C THR Y 939 -126.44 -215.55 -87.12
N LEU Y 940 -125.12 -215.28 -87.24
CA LEU Y 940 -124.43 -215.19 -88.52
C LEU Y 940 -124.44 -216.48 -89.31
N ALA Y 941 -124.26 -217.64 -88.65
CA ALA Y 941 -124.37 -218.94 -89.28
C ALA Y 941 -125.73 -219.22 -89.91
N ASN Y 942 -126.83 -218.76 -89.28
CA ASN Y 942 -128.19 -218.89 -89.79
C ASN Y 942 -128.49 -218.05 -91.02
N MET Y 943 -128.06 -216.76 -91.05
CA MET Y 943 -128.25 -215.87 -92.18
C MET Y 943 -127.36 -216.23 -93.36
N GLU Y 944 -126.29 -216.99 -93.11
CA GLU Y 944 -125.36 -217.42 -94.14
C GLU Y 944 -125.98 -218.33 -95.18
N THR Y 945 -125.99 -217.84 -96.43
CA THR Y 945 -126.54 -218.55 -97.58
C THR Y 945 -125.57 -218.55 -98.73
N ARG Y 946 -124.67 -217.55 -98.77
CA ARG Y 946 -123.78 -217.33 -99.89
C ARG Y 946 -122.68 -218.36 -100.01
N TYR Y 947 -122.09 -218.77 -98.87
CA TYR Y 947 -120.96 -219.68 -98.90
C TYR Y 947 -121.12 -220.82 -97.91
N PHE Y 948 -121.16 -222.07 -98.40
CA PHE Y 948 -121.28 -223.25 -97.57
C PHE Y 948 -120.12 -223.42 -96.58
N CYS Y 949 -118.88 -223.22 -97.06
CA CYS Y 949 -117.69 -223.33 -96.26
C CYS Y 949 -117.67 -222.39 -95.07
N LYS Y 950 -118.18 -221.16 -95.27
CA LYS Y 950 -118.32 -220.16 -94.22
C LYS Y 950 -119.39 -220.49 -93.20
N LYS Y 951 -120.56 -221.02 -93.63
CA LYS Y 951 -121.61 -221.46 -92.74
C LYS Y 951 -121.15 -222.57 -91.79
N LYS Y 952 -120.37 -223.52 -92.33
CA LYS Y 952 -119.72 -224.55 -91.55
C LYS Y 952 -118.72 -224.00 -90.53
N THR Y 953 -117.85 -223.05 -90.94
CA THR Y 953 -116.88 -222.39 -90.07
C THR Y 953 -117.52 -221.62 -88.93
N LEU Y 954 -118.57 -220.82 -89.19
CA LEU Y 954 -119.24 -220.04 -88.16
C LEU Y 954 -119.89 -220.89 -87.09
N LEU Y 955 -120.55 -222.01 -87.47
CA LEU Y 955 -121.08 -222.95 -86.50
C LEU Y 955 -120.02 -223.61 -85.65
N GLY Y 956 -118.90 -224.05 -86.26
CA GLY Y 956 -117.72 -224.53 -85.54
C GLY Y 956 -117.19 -223.55 -84.51
N LEU Y 957 -117.01 -222.28 -84.91
CA LEU Y 957 -116.63 -221.20 -84.02
C LEU Y 957 -117.64 -220.93 -82.91
N SER Y 958 -118.95 -220.92 -83.24
CA SER Y 958 -120.05 -220.75 -82.31
C SER Y 958 -120.03 -221.82 -81.23
N LYS Y 959 -119.89 -223.09 -81.66
CA LYS Y 959 -119.77 -224.24 -80.79
C LYS Y 959 -118.54 -224.21 -79.90
N LEU Y 960 -117.35 -223.88 -80.45
CA LEU Y 960 -116.15 -223.69 -79.66
C LEU Y 960 -116.26 -222.54 -78.65
N ALA Y 961 -116.90 -221.42 -79.03
CA ALA Y 961 -117.21 -220.33 -78.12
C ALA Y 961 -118.13 -220.71 -76.97
N ALA Y 962 -119.21 -221.47 -77.22
CA ALA Y 962 -120.10 -222.02 -76.20
C ALA Y 962 -119.48 -223.07 -75.30
N LEU Y 963 -118.65 -223.98 -75.85
CA LEU Y 963 -117.93 -224.97 -75.07
C LEU Y 963 -116.88 -224.35 -74.16
N ALA Y 964 -116.28 -223.23 -74.58
CA ALA Y 964 -115.29 -222.51 -73.78
C ALA Y 964 -115.92 -221.46 -72.88
N SER Y 965 -117.25 -221.27 -72.95
CA SER Y 965 -117.97 -220.38 -72.08
C SER Y 965 -118.43 -221.02 -70.79
N ASP Y 966 -119.03 -220.20 -69.92
CA ASP Y 966 -119.36 -220.50 -68.56
C ASP Y 966 -120.84 -220.82 -68.36
N PHE Y 967 -121.51 -221.35 -69.40
CA PHE Y 967 -122.85 -221.91 -69.29
C PHE Y 967 -122.93 -223.02 -68.26
N GLN Y 968 -124.03 -223.05 -67.48
CA GLN Y 968 -124.33 -224.20 -66.62
C GLN Y 968 -124.51 -225.45 -67.45
N GLU Y 969 -124.20 -226.64 -66.91
CA GLU Y 969 -124.19 -227.88 -67.67
C GLU Y 969 -125.50 -228.14 -68.41
N ASP Y 970 -126.65 -227.84 -67.78
CA ASP Y 970 -127.97 -227.81 -68.41
C ASP Y 970 -128.11 -226.90 -69.63
N VAL Y 971 -127.70 -225.61 -69.51
CA VAL Y 971 -127.71 -224.65 -70.62
C VAL Y 971 -126.75 -225.08 -71.71
N LEU Y 972 -125.55 -225.55 -71.33
CA LEU Y 972 -124.57 -226.05 -72.28
C LEU Y 972 -125.08 -227.22 -73.08
N GLN Y 973 -125.74 -228.19 -72.42
CA GLN Y 973 -126.42 -229.30 -73.07
C GLN Y 973 -127.49 -228.85 -74.05
N GLU Y 974 -128.34 -227.87 -73.71
CA GLU Y 974 -129.30 -227.30 -74.66
C GLU Y 974 -128.65 -226.65 -75.88
N LYS Y 975 -127.59 -225.83 -75.68
CA LYS Y 975 -126.87 -225.23 -76.78
C LYS Y 975 -126.24 -226.27 -77.68
N VAL Y 976 -125.52 -227.28 -77.16
CA VAL Y 976 -124.92 -228.32 -78.00
C VAL Y 976 -125.94 -229.25 -78.67
N GLU Y 977 -127.17 -229.42 -78.12
CA GLU Y 977 -128.24 -230.17 -78.75
C GLU Y 977 -128.90 -229.46 -79.93
N GLU Y 978 -129.26 -228.16 -79.75
CA GLU Y 978 -129.77 -227.32 -80.84
C GLU Y 978 -128.73 -227.15 -81.96
N ILE Y 979 -127.44 -227.07 -81.59
CA ILE Y 979 -126.32 -227.10 -82.51
C ILE Y 979 -126.19 -228.44 -83.25
N ALA Y 980 -126.39 -229.59 -82.58
CA ALA Y 980 -126.30 -230.91 -83.16
C ALA Y 980 -127.28 -231.11 -84.31
N GLU Y 981 -128.48 -230.53 -84.20
CA GLU Y 981 -129.44 -230.41 -85.29
C GLU Y 981 -128.91 -229.66 -86.51
N GLN Y 982 -128.27 -228.48 -86.30
CA GLN Y 982 -127.65 -227.72 -87.37
C GLN Y 982 -126.52 -228.48 -88.06
N GLU Y 983 -125.66 -229.15 -87.28
CA GLU Y 983 -124.65 -230.05 -87.80
C GLU Y 983 -125.28 -231.20 -88.58
N HIS Y 984 -126.43 -231.76 -88.13
CA HIS Y 984 -127.14 -232.84 -88.80
C HIS Y 984 -127.64 -232.51 -90.20
N PHE Y 985 -128.33 -231.37 -90.42
CA PHE Y 985 -128.72 -230.91 -91.75
C PHE Y 985 -127.52 -230.58 -92.65
N LEU Y 986 -126.49 -229.90 -92.11
CA LEU Y 986 -125.32 -229.55 -92.89
C LEU Y 986 -124.58 -230.78 -93.39
N LEU Y 987 -124.47 -231.83 -92.54
CA LEU Y 987 -123.84 -233.09 -92.86
C LEU Y 987 -124.38 -233.74 -94.12
N HIS Y 988 -125.67 -233.53 -94.44
CA HIS Y 988 -126.17 -233.88 -95.76
C HIS Y 988 -125.44 -233.19 -96.90
N GLN Y 989 -125.37 -231.86 -97.00
CA GLN Y 989 -124.59 -231.21 -98.07
C GLN Y 989 -123.09 -231.54 -98.03
N GLU Y 990 -122.51 -231.78 -96.84
CA GLU Y 990 -121.15 -232.27 -96.66
C GLU Y 990 -120.85 -233.61 -97.31
N THR Y 991 -121.82 -234.56 -97.32
CA THR Y 991 -121.59 -235.92 -97.81
C THR Y 991 -121.88 -236.09 -99.28
N LEU Y 992 -122.04 -234.99 -100.05
CA LEU Y 992 -122.31 -235.05 -101.48
C LEU Y 992 -121.23 -235.81 -102.29
N PRO Y 993 -121.58 -236.77 -103.17
CA PRO Y 993 -120.59 -237.65 -103.77
C PRO Y 993 -119.66 -236.96 -104.72
N LYS Y 994 -118.37 -237.34 -104.75
CA LYS Y 994 -117.37 -236.61 -105.51
C LYS Y 994 -117.40 -236.95 -106.99
N LYS Y 995 -118.30 -237.86 -107.40
CA LYS Y 995 -118.58 -238.09 -108.81
C LYS Y 995 -119.45 -237.00 -109.39
N LEU Y 996 -120.54 -236.66 -108.67
CA LEU Y 996 -121.48 -235.71 -109.18
C LEU Y 996 -121.00 -234.27 -109.07
N LEU Y 997 -120.10 -233.97 -108.13
CA LEU Y 997 -119.65 -232.61 -107.98
C LEU Y 997 -118.65 -232.19 -109.08
N GLU Y 998 -117.98 -233.15 -109.73
CA GLU Y 998 -117.15 -232.89 -110.89
C GLU Y 998 -117.96 -232.94 -112.19
N GLU Y 999 -118.97 -233.83 -112.25
CA GLU Y 999 -119.96 -233.90 -113.34
C GLU Y 999 -120.79 -232.63 -113.49
N LYS Y 1000 -121.29 -232.07 -112.38
CA LYS Y 1000 -122.06 -230.83 -112.42
C LYS Y 1000 -121.13 -229.64 -112.38
N GLN Y 1001 -119.81 -229.88 -112.43
CA GLN Y 1001 -118.78 -228.87 -112.52
C GLN Y 1001 -118.83 -227.86 -111.39
N LEU Y 1002 -119.00 -228.36 -110.16
CA LEU Y 1002 -119.24 -227.53 -109.01
C LEU Y 1002 -117.97 -227.22 -108.26
N ASP Y 1003 -117.80 -225.96 -107.82
CA ASP Y 1003 -116.75 -225.58 -106.92
C ASP Y 1003 -116.81 -226.34 -105.60
N LEU Y 1004 -115.66 -226.83 -105.10
CA LEU Y 1004 -115.59 -227.66 -103.90
C LEU Y 1004 -116.11 -226.98 -102.64
N ASN Y 1005 -115.62 -225.76 -102.36
CA ASN Y 1005 -115.99 -225.04 -101.15
C ASN Y 1005 -116.70 -223.75 -101.48
N ALA Y 1006 -116.50 -223.20 -102.70
CA ALA Y 1006 -117.00 -221.90 -103.09
C ALA Y 1006 -118.42 -221.96 -103.61
N MET Y 1007 -119.24 -222.85 -103.02
CA MET Y 1007 -120.58 -223.14 -103.46
C MET Y 1007 -121.57 -222.70 -102.39
N PRO Y 1008 -122.80 -222.34 -102.72
CA PRO Y 1008 -123.75 -221.78 -101.76
C PRO Y 1008 -124.27 -222.81 -100.78
N VAL Y 1009 -124.95 -222.31 -99.73
CA VAL Y 1009 -125.70 -223.14 -98.81
C VAL Y 1009 -126.95 -223.63 -99.50
N LEU Y 1010 -126.98 -224.93 -99.86
CA LEU Y 1010 -128.11 -225.51 -100.56
C LEU Y 1010 -129.26 -225.83 -99.62
N ALA Y 1011 -130.48 -225.80 -100.18
CA ALA Y 1011 -131.69 -226.06 -99.45
C ALA Y 1011 -132.12 -227.51 -99.62
N PRO Y 1012 -133.00 -228.11 -98.81
CA PRO Y 1012 -133.30 -229.55 -98.86
C PRO Y 1012 -133.83 -229.97 -100.20
N PHE Y 1013 -134.67 -229.16 -100.86
CA PHE Y 1013 -135.13 -229.41 -102.22
C PHE Y 1013 -133.97 -229.61 -103.19
N GLN Y 1014 -133.02 -228.67 -103.22
CA GLN Y 1014 -131.87 -228.81 -104.09
C GLN Y 1014 -131.05 -230.04 -103.74
N LEU Y 1015 -130.75 -230.26 -102.46
CA LEU Y 1015 -130.04 -231.46 -102.06
C LEU Y 1015 -130.72 -232.75 -102.43
N ILE Y 1016 -132.03 -232.92 -102.11
CA ILE Y 1016 -132.83 -234.08 -102.47
C ILE Y 1016 -132.77 -234.34 -103.96
N GLN Y 1017 -133.03 -233.31 -104.79
CA GLN Y 1017 -132.99 -233.38 -106.23
C GLN Y 1017 -131.62 -233.70 -106.79
N LEU Y 1018 -130.54 -233.17 -106.20
CA LEU Y 1018 -129.18 -233.44 -106.60
C LEU Y 1018 -128.71 -234.85 -106.21
N TYR Y 1019 -129.15 -235.40 -105.04
CA TYR Y 1019 -128.86 -236.75 -104.61
C TYR Y 1019 -129.40 -237.81 -105.56
N VAL Y 1020 -130.48 -237.48 -106.28
CA VAL Y 1020 -131.23 -238.41 -107.11
C VAL Y 1020 -131.06 -238.15 -108.59
N CYS Y 1021 -130.28 -237.13 -108.99
CA CYS Y 1021 -129.98 -236.82 -110.39
C CYS Y 1021 -129.34 -237.99 -111.10
N GLU Y 1022 -129.63 -238.16 -112.41
CA GLU Y 1022 -129.15 -239.20 -113.29
C GLU Y 1022 -127.63 -239.24 -113.29
N GLU Y 1023 -127.03 -238.03 -113.23
CA GLU Y 1023 -125.65 -237.67 -113.00
C GLU Y 1023 -125.01 -238.31 -111.77
N ASN Y 1024 -125.75 -238.50 -110.64
CA ASN Y 1024 -125.28 -239.27 -109.50
C ASN Y 1024 -125.30 -240.77 -109.84
N LYS Y 1025 -124.22 -241.25 -110.48
CA LYS Y 1025 -124.16 -242.58 -111.04
C LYS Y 1025 -124.10 -243.72 -110.05
N ARG Y 1026 -123.31 -243.58 -108.96
CA ARG Y 1026 -123.07 -244.68 -108.03
C ARG Y 1026 -124.03 -244.62 -106.86
N ALA Y 1027 -125.16 -243.90 -107.04
CA ALA Y 1027 -126.20 -243.70 -106.06
C ALA Y 1027 -126.73 -244.99 -105.44
N ASN Y 1028 -126.44 -245.18 -104.15
CA ASN Y 1028 -126.73 -246.39 -103.43
C ASN Y 1028 -127.80 -246.16 -102.38
N GLU Y 1029 -128.00 -247.09 -101.44
CA GLU Y 1029 -129.03 -247.01 -100.42
C GLU Y 1029 -128.95 -245.77 -99.56
N ASN Y 1030 -127.73 -245.35 -99.21
CA ASN Y 1030 -127.48 -244.21 -98.37
C ASN Y 1030 -127.86 -242.90 -98.99
N ASP Y 1031 -127.63 -242.72 -100.30
CA ASP Y 1031 -127.97 -241.51 -101.02
C ASP Y 1031 -129.49 -241.28 -101.07
N PHE Y 1032 -130.28 -242.33 -101.33
CA PHE Y 1032 -131.73 -242.25 -101.25
C PHE Y 1032 -132.26 -242.14 -99.85
N MET Y 1033 -131.68 -242.85 -98.86
CA MET Y 1033 -132.07 -242.73 -97.46
C MET Y 1033 -131.91 -241.29 -96.96
N LYS Y 1034 -130.76 -240.66 -97.27
CA LYS Y 1034 -130.52 -239.28 -96.96
C LYS Y 1034 -131.34 -238.30 -97.79
N ALA Y 1035 -131.88 -238.72 -98.94
CA ALA Y 1035 -132.80 -237.91 -99.73
C ALA Y 1035 -134.24 -238.10 -99.28
N LEU Y 1036 -134.50 -239.00 -98.33
CA LEU Y 1036 -135.76 -239.12 -97.64
C LEU Y 1036 -135.65 -238.60 -96.21
N ASP Y 1037 -134.43 -238.45 -95.67
CA ASP Y 1037 -134.19 -237.74 -94.42
C ASP Y 1037 -134.34 -236.24 -94.58
N LEU Y 1038 -134.18 -235.70 -95.81
CA LEU Y 1038 -134.18 -234.27 -96.02
C LEU Y 1038 -135.57 -233.71 -96.25
N LEU Y 1039 -136.62 -234.51 -96.00
CA LEU Y 1039 -137.99 -234.08 -96.16
C LEU Y 1039 -138.56 -233.33 -94.95
N GLU Y 1040 -137.90 -233.39 -93.77
CA GLU Y 1040 -138.40 -232.69 -92.58
C GLU Y 1040 -137.76 -231.31 -92.44
N TYR Y 1041 -136.99 -230.91 -93.46
CA TYR Y 1041 -136.26 -229.67 -93.46
C TYR Y 1041 -136.89 -228.67 -94.42
N ILE Y 1042 -138.05 -229.01 -94.95
CA ILE Y 1042 -138.75 -228.26 -96.01
C ILE Y 1042 -139.27 -226.86 -95.66
N GLY Y 1043 -140.35 -226.71 -94.83
CA GLY Y 1043 -141.11 -225.46 -94.75
C GLY Y 1043 -142.22 -225.40 -95.78
N ASP Y 1044 -143.49 -225.30 -95.31
CA ASP Y 1044 -144.68 -225.28 -96.14
C ASP Y 1044 -144.90 -226.53 -96.99
N ASP Y 1045 -144.94 -227.70 -96.32
CA ASP Y 1045 -145.08 -229.03 -96.86
C ASP Y 1045 -146.23 -229.23 -97.85
N SER Y 1046 -147.42 -228.66 -97.59
CA SER Y 1046 -148.52 -228.76 -98.52
C SER Y 1046 -148.43 -227.83 -99.72
N GLU Y 1047 -147.62 -226.75 -99.64
CA GLU Y 1047 -147.36 -225.84 -100.74
C GLU Y 1047 -146.36 -226.38 -101.76
N VAL Y 1048 -145.26 -226.97 -101.28
CA VAL Y 1048 -144.14 -227.33 -102.15
C VAL Y 1048 -144.20 -228.78 -102.65
N ASP Y 1049 -145.31 -229.47 -102.36
CA ASP Y 1049 -145.55 -230.87 -102.68
C ASP Y 1049 -144.68 -231.92 -102.00
N VAL Y 1050 -144.96 -232.30 -100.73
CA VAL Y 1050 -144.23 -233.38 -100.06
C VAL Y 1050 -144.36 -234.74 -100.76
N GLU Y 1051 -145.59 -235.16 -101.12
CA GLU Y 1051 -145.79 -236.55 -101.49
C GLU Y 1051 -145.58 -236.80 -102.97
N GLU Y 1052 -145.47 -235.72 -103.76
CA GLU Y 1052 -144.96 -235.79 -105.12
C GLU Y 1052 -143.49 -236.19 -105.19
N LEU Y 1053 -142.63 -235.55 -104.37
CA LEU Y 1053 -141.21 -235.89 -104.26
C LEU Y 1053 -140.97 -237.24 -103.66
N LYS Y 1054 -141.82 -237.63 -102.69
CA LYS Y 1054 -141.82 -238.95 -102.09
C LYS Y 1054 -141.97 -240.03 -103.15
N LEU Y 1055 -142.81 -239.80 -104.17
CA LEU Y 1055 -142.85 -240.64 -105.35
C LEU Y 1055 -141.70 -240.50 -106.33
N GLU Y 1056 -141.27 -239.26 -106.68
CA GLU Y 1056 -140.22 -239.02 -107.67
C GLU Y 1056 -138.95 -239.81 -107.36
N ILE Y 1057 -138.56 -239.78 -106.08
CA ILE Y 1057 -137.43 -240.50 -105.56
C ILE Y 1057 -137.59 -242.01 -105.54
N LEU Y 1058 -138.74 -242.55 -105.08
CA LEU Y 1058 -138.95 -243.98 -105.02
C LEU Y 1058 -139.08 -244.61 -106.40
N CYS Y 1059 -139.40 -243.80 -107.42
CA CYS Y 1059 -139.44 -244.18 -108.84
C CYS Y 1059 -138.06 -244.17 -109.49
N LYS Y 1060 -137.19 -243.17 -109.22
CA LYS Y 1060 -135.81 -243.23 -109.68
C LYS Y 1060 -135.00 -244.25 -108.89
N ALA Y 1061 -135.46 -244.59 -107.67
CA ALA Y 1061 -134.99 -245.72 -106.90
C ALA Y 1061 -135.29 -247.07 -107.53
N ILE Y 1062 -136.09 -247.11 -108.63
CA ILE Y 1062 -136.37 -248.34 -109.34
C ILE Y 1062 -135.74 -248.30 -110.72
N LYS Y 1063 -135.63 -247.10 -111.31
CA LYS Y 1063 -134.96 -246.90 -112.59
C LYS Y 1063 -133.50 -247.29 -112.55
N ARG Y 1064 -132.82 -246.96 -111.44
CA ARG Y 1064 -131.44 -247.38 -111.23
C ARG Y 1064 -131.27 -248.83 -110.91
N ASP Y 1065 -132.33 -249.47 -110.44
CA ASP Y 1065 -132.29 -250.86 -110.13
C ASP Y 1065 -132.16 -251.71 -111.40
N GLU Y 1066 -132.95 -251.42 -112.46
CA GLU Y 1066 -132.82 -251.95 -113.83
C GLU Y 1066 -133.66 -253.20 -114.20
N TRP Y 1067 -135.00 -253.27 -113.97
CA TRP Y 1067 -135.70 -254.59 -113.96
C TRP Y 1067 -135.63 -255.39 -115.21
N SER Y 1068 -134.99 -256.56 -115.07
CA SER Y 1068 -134.47 -257.38 -116.13
C SER Y 1068 -135.04 -258.78 -115.97
N ALA Y 1069 -134.59 -259.74 -116.78
CA ALA Y 1069 -135.05 -261.09 -116.69
C ALA Y 1069 -133.91 -261.98 -117.12
N THR Y 1070 -133.76 -263.14 -116.46
CA THR Y 1070 -132.68 -264.06 -116.77
C THR Y 1070 -133.37 -265.36 -117.04
N ASP Y 1071 -133.20 -265.88 -118.27
CA ASP Y 1071 -133.76 -267.14 -118.76
C ASP Y 1071 -135.25 -267.34 -118.53
N GLY Y 1072 -136.05 -266.27 -118.80
CA GLY Y 1072 -137.51 -266.31 -118.68
C GLY Y 1072 -138.03 -266.17 -117.28
N LYS Y 1073 -137.15 -265.84 -116.31
CA LYS Y 1073 -137.51 -265.68 -114.92
C LYS Y 1073 -137.23 -264.26 -114.46
N ASP Y 1074 -138.05 -263.76 -113.52
CA ASP Y 1074 -137.92 -262.44 -112.92
C ASP Y 1074 -136.54 -262.21 -112.31
N ASP Y 1075 -135.96 -261.02 -112.57
CA ASP Y 1075 -134.69 -260.64 -112.02
C ASP Y 1075 -134.95 -259.51 -111.01
N PRO Y 1076 -134.82 -259.72 -109.69
CA PRO Y 1076 -135.10 -258.68 -108.74
C PRO Y 1076 -133.92 -257.75 -108.64
N ILE Y 1077 -134.04 -256.66 -109.37
CA ILE Y 1077 -133.09 -255.59 -109.38
C ILE Y 1077 -133.28 -254.66 -108.24
N GLU Y 1078 -134.43 -254.81 -107.57
CA GLU Y 1078 -134.88 -253.94 -106.55
C GLU Y 1078 -134.07 -254.02 -105.28
N ALA Y 1079 -132.87 -254.62 -105.33
CA ALA Y 1079 -131.84 -254.68 -104.33
C ALA Y 1079 -131.61 -253.36 -103.57
N THR Y 1080 -131.66 -252.20 -104.25
CA THR Y 1080 -131.69 -250.90 -103.57
C THR Y 1080 -133.04 -250.57 -102.96
N LYS Y 1081 -134.18 -250.77 -103.66
CA LYS Y 1081 -135.51 -250.62 -103.08
C LYS Y 1081 -135.74 -251.53 -101.86
N ASP Y 1082 -135.32 -252.80 -101.96
CA ASP Y 1082 -135.16 -253.77 -100.91
C ASP Y 1082 -134.40 -253.21 -99.75
N SER Y 1083 -133.15 -252.78 -99.97
CA SER Y 1083 -132.34 -252.26 -98.90
C SER Y 1083 -132.92 -251.03 -98.25
N ILE Y 1084 -133.46 -250.04 -98.98
CA ILE Y 1084 -134.07 -248.86 -98.39
C ILE Y 1084 -135.25 -249.18 -97.48
N PHE Y 1085 -136.06 -250.21 -97.80
CA PHE Y 1085 -137.16 -250.61 -96.94
C PHE Y 1085 -136.70 -251.44 -95.74
N VAL Y 1086 -135.48 -252.02 -95.81
CA VAL Y 1086 -134.78 -252.60 -94.67
C VAL Y 1086 -134.17 -251.50 -93.78
N LYS Y 1087 -133.90 -250.29 -94.32
CA LYS Y 1087 -133.28 -249.20 -93.59
C LYS Y 1087 -134.27 -248.25 -92.92
N VAL Y 1088 -135.56 -248.23 -93.31
CA VAL Y 1088 -136.56 -247.38 -92.67
C VAL Y 1088 -136.85 -247.81 -91.23
N LEU Y 1089 -136.86 -249.12 -90.97
CA LEU Y 1089 -137.16 -249.66 -89.67
C LEU Y 1089 -135.92 -249.69 -88.80
N GLN Y 1090 -135.92 -248.96 -87.67
CA GLN Y 1090 -134.81 -248.90 -86.74
C GLN Y 1090 -135.08 -249.80 -85.55
N ASN Y 1091 -135.91 -250.84 -85.76
CA ASN Y 1091 -136.42 -251.73 -84.72
C ASN Y 1091 -137.21 -250.95 -83.66
N LEU Y 1092 -138.16 -250.09 -84.09
CA LEU Y 1092 -138.85 -249.17 -83.22
C LEU Y 1092 -139.96 -249.84 -82.42
N LEU Y 1093 -140.16 -251.16 -82.63
CA LEU Y 1093 -140.96 -252.05 -81.81
C LEU Y 1093 -140.49 -252.07 -80.35
N ASN Y 1094 -139.15 -252.10 -80.13
CA ASN Y 1094 -138.59 -252.06 -78.79
C ASN Y 1094 -138.26 -250.63 -78.38
N LYS Y 1095 -138.53 -249.65 -79.25
CA LYS Y 1095 -138.37 -248.24 -78.92
C LYS Y 1095 -139.71 -247.66 -78.50
N GLY Y 1096 -140.79 -248.47 -78.53
CA GLY Y 1096 -142.12 -248.04 -78.11
C GLY Y 1096 -142.83 -247.17 -79.12
N ILE Y 1097 -142.35 -247.17 -80.38
CA ILE Y 1097 -142.95 -246.43 -81.46
C ILE Y 1097 -143.90 -247.36 -82.18
N GLU Y 1098 -145.00 -246.83 -82.74
CA GLU Y 1098 -145.92 -247.57 -83.57
C GLU Y 1098 -145.30 -247.94 -84.91
N LEU Y 1099 -144.29 -248.86 -84.93
CA LEU Y 1099 -143.67 -249.34 -86.15
C LEU Y 1099 -144.62 -250.21 -86.95
N LYS Y 1100 -145.45 -251.01 -86.23
CA LYS Y 1100 -146.52 -251.77 -86.83
C LYS Y 1100 -147.53 -250.85 -87.52
N GLY Y 1101 -147.64 -250.91 -88.85
CA GLY Y 1101 -148.48 -249.99 -89.61
C GLY Y 1101 -147.91 -248.63 -89.85
N TYR Y 1102 -146.58 -248.50 -90.05
CA TYR Y 1102 -145.95 -247.21 -90.22
C TYR Y 1102 -145.15 -247.09 -91.51
N LEU Y 1103 -145.40 -247.99 -92.48
CA LEU Y 1103 -144.98 -247.76 -93.84
C LEU Y 1103 -146.10 -247.24 -94.75
N PRO Y 1104 -147.29 -246.68 -94.40
CA PRO Y 1104 -148.18 -246.12 -95.41
C PRO Y 1104 -147.71 -244.73 -95.85
N LYS Y 1105 -146.40 -244.45 -95.79
CA LYS Y 1105 -145.80 -243.31 -96.43
C LYS Y 1105 -145.79 -243.47 -97.93
N ALA Y 1106 -145.29 -244.63 -98.41
CA ALA Y 1106 -145.23 -244.95 -99.82
C ALA Y 1106 -146.59 -245.16 -100.46
N GLU Y 1107 -146.75 -244.72 -101.71
CA GLU Y 1107 -147.96 -244.98 -102.47
C GLU Y 1107 -147.89 -246.26 -103.27
N THR Y 1108 -149.01 -246.65 -103.92
CA THR Y 1108 -149.07 -247.90 -104.68
C THR Y 1108 -149.70 -247.68 -106.04
N LEU Y 1109 -151.03 -247.47 -106.15
CA LEU Y 1109 -151.69 -247.30 -107.44
C LEU Y 1109 -151.19 -246.03 -108.14
N LEU Y 1110 -151.01 -244.96 -107.34
CA LEU Y 1110 -150.34 -243.73 -107.72
C LEU Y 1110 -148.90 -243.92 -108.19
N GLN Y 1111 -148.22 -245.01 -107.78
CA GLN Y 1111 -146.89 -245.29 -108.27
C GLN Y 1111 -146.86 -245.76 -109.70
N SER Y 1112 -147.80 -246.65 -110.10
CA SER Y 1112 -147.79 -247.20 -111.44
C SER Y 1112 -148.22 -246.18 -112.48
N GLU Y 1113 -148.88 -245.09 -112.04
CA GLU Y 1113 -149.05 -243.89 -112.81
C GLU Y 1113 -147.72 -243.26 -113.27
N GLU Y 1114 -146.75 -243.03 -112.36
CA GLU Y 1114 -145.39 -242.61 -112.70
C GLU Y 1114 -144.60 -243.63 -113.49
N LEU Y 1115 -144.73 -244.94 -113.17
CA LEU Y 1115 -144.10 -246.01 -113.95
C LEU Y 1115 -144.53 -246.04 -115.40
N ASN Y 1116 -145.82 -245.76 -115.70
CA ASN Y 1116 -146.31 -245.59 -117.06
C ASN Y 1116 -145.62 -244.43 -117.80
N SER Y 1117 -145.41 -243.28 -117.14
CA SER Y 1117 -144.69 -242.15 -117.71
C SER Y 1117 -143.27 -242.48 -118.13
N LEU Y 1118 -142.56 -243.30 -117.34
CA LEU Y 1118 -141.22 -243.74 -117.65
C LEU Y 1118 -141.14 -244.88 -118.66
N LYS Y 1119 -142.29 -245.54 -118.96
CA LYS Y 1119 -142.44 -246.63 -119.91
C LYS Y 1119 -141.97 -247.96 -119.35
N THR Y 1120 -141.89 -248.09 -118.00
CA THR Y 1120 -141.22 -249.21 -117.35
C THR Y 1120 -142.15 -250.13 -116.61
N ASN Y 1121 -143.48 -249.90 -116.70
CA ASN Y 1121 -144.50 -250.66 -115.99
C ASN Y 1121 -144.43 -252.16 -116.29
N SER Y 1122 -144.31 -252.53 -117.58
CA SER Y 1122 -144.21 -253.92 -118.02
C SER Y 1122 -143.03 -254.67 -117.44
N TYR Y 1123 -141.88 -254.02 -117.25
CA TYR Y 1123 -140.76 -254.68 -116.62
C TYR Y 1123 -140.96 -254.90 -115.13
N PHE Y 1124 -141.28 -253.86 -114.34
CA PHE Y 1124 -141.11 -253.98 -112.91
C PHE Y 1124 -142.37 -254.35 -112.12
N GLU Y 1125 -143.56 -254.36 -112.74
CA GLU Y 1125 -144.81 -254.50 -112.01
C GLU Y 1125 -145.05 -255.92 -111.49
N PHE Y 1126 -144.28 -256.91 -111.98
CA PHE Y 1126 -144.23 -258.24 -111.44
C PHE Y 1126 -143.65 -258.31 -110.02
N SER Y 1127 -142.50 -257.66 -109.75
CA SER Y 1127 -141.87 -257.73 -108.43
C SER Y 1127 -142.16 -256.50 -107.60
N LEU Y 1128 -142.71 -255.41 -108.17
CA LEU Y 1128 -143.20 -254.32 -107.36
C LEU Y 1128 -144.29 -254.72 -106.39
N LYS Y 1129 -145.33 -255.41 -106.92
CA LYS Y 1129 -146.35 -256.02 -106.10
C LYS Y 1129 -145.83 -257.18 -105.27
N ALA Y 1130 -144.99 -258.06 -105.82
CA ALA Y 1130 -144.46 -259.20 -105.07
C ALA Y 1130 -143.70 -258.79 -103.79
N ASN Y 1131 -142.82 -257.80 -103.89
CA ASN Y 1131 -142.13 -257.22 -102.76
C ASN Y 1131 -143.08 -256.43 -101.86
N TYR Y 1132 -144.05 -255.66 -102.41
CA TYR Y 1132 -145.17 -255.10 -101.64
C TYR Y 1132 -146.09 -256.10 -100.93
N GLU Y 1133 -145.90 -257.43 -101.03
CA GLU Y 1133 -146.58 -258.39 -100.18
C GLU Y 1133 -145.80 -258.71 -98.92
N CYS Y 1134 -144.46 -258.86 -99.06
CA CYS Y 1134 -143.57 -259.09 -97.93
C CYS Y 1134 -143.12 -257.76 -97.33
N TYR Y 1135 -143.76 -256.66 -97.75
CA TYR Y 1135 -143.71 -255.38 -97.08
C TYR Y 1135 -144.99 -255.09 -96.30
N MET Y 1136 -146.03 -255.93 -96.47
CA MET Y 1136 -147.23 -255.89 -95.62
C MET Y 1136 -147.11 -256.90 -94.50
N LYS Y 1137 -146.15 -257.84 -94.63
CA LYS Y 1137 -145.78 -258.76 -93.56
C LYS Y 1137 -144.67 -258.21 -92.68
N MET Y 1138 -143.78 -257.37 -93.25
CA MET Y 1138 -142.73 -256.68 -92.51
C MET Y 1138 -143.29 -255.61 -91.57
N MET Z 1 -102.22 22.02 -8.42
CA MET Z 1 -102.86 23.10 -7.66
C MET Z 1 -104.11 22.64 -6.87
N GLN Z 2 -104.63 21.42 -7.05
CA GLN Z 2 -105.97 21.12 -6.55
C GLN Z 2 -106.09 20.91 -5.02
N ASN Z 3 -105.03 20.54 -4.29
CA ASN Z 3 -105.05 20.41 -2.82
C ASN Z 3 -103.70 20.88 -2.23
N LEU Z 4 -103.50 22.18 -1.98
CA LEU Z 4 -102.41 22.58 -1.09
C LEU Z 4 -102.84 22.27 0.35
N GLU Z 5 -102.04 21.52 1.07
CA GLU Z 5 -102.32 21.10 2.45
C GLU Z 5 -101.22 21.64 3.37
N ALA Z 6 -101.63 22.15 4.53
CA ALA Z 6 -100.72 22.53 5.59
C ALA Z 6 -100.10 21.27 6.23
N GLN Z 7 -98.80 21.34 6.56
CA GLN Z 7 -98.08 20.27 7.24
C GLN Z 7 -97.77 20.71 8.66
N VAL Z 8 -98.23 19.95 9.65
CA VAL Z 8 -97.96 20.24 11.06
C VAL Z 8 -96.47 19.96 11.34
N THR Z 9 -95.77 20.94 11.92
CA THR Z 9 -94.31 20.89 12.12
C THR Z 9 -93.90 20.51 13.54
N GLY Z 10 -94.84 20.51 14.49
CA GLY Z 10 -94.59 20.13 15.88
C GLY Z 10 -95.84 19.57 16.56
N SER Z 11 -95.68 19.03 17.76
CA SER Z 11 -96.81 18.63 18.60
C SER Z 11 -97.57 19.87 19.12
N LEU Z 12 -98.78 19.65 19.66
CA LEU Z 12 -99.51 20.68 20.39
C LEU Z 12 -98.66 21.20 21.57
N VAL Z 13 -98.40 22.50 21.60
CA VAL Z 13 -97.72 23.18 22.70
C VAL Z 13 -98.79 23.66 23.67
N ALA Z 14 -99.08 22.85 24.68
CA ALA Z 14 -100.13 23.15 25.65
C ALA Z 14 -99.78 24.38 26.50
N PHE Z 15 -100.78 25.21 26.79
CA PHE Z 15 -100.64 26.27 27.79
C PHE Z 15 -100.40 25.67 29.18
N PRO Z 16 -99.71 26.39 30.07
CA PRO Z 16 -99.56 25.99 31.46
C PRO Z 16 -100.92 25.70 32.11
N ASP Z 17 -100.99 24.68 32.97
CA ASP Z 17 -102.22 24.28 33.68
C ASP Z 17 -102.91 25.45 34.40
N VAL Z 18 -102.12 26.41 34.91
CA VAL Z 18 -102.64 27.61 35.58
C VAL Z 18 -103.44 28.50 34.63
N THR Z 19 -102.98 28.68 33.39
CA THR Z 19 -103.68 29.45 32.36
C THR Z 19 -104.96 28.74 31.95
N GLN Z 20 -104.90 27.42 31.74
CA GLN Z 20 -106.10 26.65 31.41
C GLN Z 20 -107.16 26.67 32.52
N LYS Z 21 -106.73 26.56 33.80
CA LYS Z 21 -107.65 26.66 34.95
C LYS Z 21 -108.27 28.04 35.05
N ALA Z 22 -107.46 29.10 34.95
CA ALA Z 22 -107.94 30.48 35.02
C ALA Z 22 -108.99 30.80 33.94
N LEU Z 23 -108.80 30.29 32.71
CA LEU Z 23 -109.76 30.49 31.63
C LEU Z 23 -111.06 29.67 31.81
N LYS Z 24 -110.99 28.52 32.50
CA LYS Z 24 -112.14 27.63 32.78
C LYS Z 24 -112.96 28.05 33.99
N GLU Z 25 -112.38 28.74 34.98
CA GLU Z 25 -113.09 29.18 36.18
C GLU Z 25 -114.33 30.02 35.85
N ASP Z 26 -114.27 30.83 34.78
CA ASP Z 26 -115.37 31.69 34.35
C ASP Z 26 -116.33 31.06 33.31
N GLU Z 27 -116.05 29.86 32.79
CA GLU Z 27 -117.06 29.10 32.00
C GLU Z 27 -118.30 28.74 32.85
N ILE Z 28 -118.18 28.82 34.18
CA ILE Z 28 -119.29 28.63 35.13
C ILE Z 28 -120.32 29.77 35.00
N ASN Z 29 -119.90 30.97 34.57
CA ASN Z 29 -120.82 32.01 34.13
C ASN Z 29 -121.17 31.74 32.66
N LEU Z 30 -122.36 31.18 32.42
CA LEU Z 30 -122.88 30.75 31.11
C LEU Z 30 -122.78 31.79 29.97
N ASP Z 31 -122.55 33.07 30.29
CA ASP Z 31 -122.45 34.17 29.33
C ASP Z 31 -120.98 34.52 28.93
N SER Z 32 -119.97 33.94 29.59
CA SER Z 32 -118.54 34.23 29.33
C SER Z 32 -118.03 33.49 28.11
N VAL Z 33 -117.75 34.22 27.02
CA VAL Z 33 -117.15 33.66 25.80
C VAL Z 33 -115.63 33.81 25.85
N LEU Z 34 -114.91 32.69 25.79
CA LEU Z 34 -113.46 32.70 25.62
C LEU Z 34 -113.07 33.31 24.26
N ARG Z 35 -112.19 34.29 24.28
CA ARG Z 35 -111.64 34.98 23.12
C ARG Z 35 -110.12 34.85 23.12
N GLY Z 36 -109.51 34.88 21.95
CA GLY Z 36 -108.06 34.98 21.85
C GLY Z 36 -107.64 35.53 20.49
N LYS Z 37 -106.51 36.24 20.47
CA LYS Z 37 -105.88 36.77 19.25
C LYS Z 37 -104.37 36.84 19.41
N PHE Z 38 -103.67 36.78 18.28
CA PHE Z 38 -102.29 37.20 18.23
C PHE Z 38 -102.19 38.73 18.25
N SER Z 39 -101.13 39.23 18.88
CA SER Z 39 -100.82 40.65 18.79
C SER Z 39 -100.14 40.98 17.45
N THR Z 40 -100.49 42.11 16.86
CA THR Z 40 -99.94 42.59 15.58
C THR Z 40 -98.57 43.28 15.74
N GLY Z 41 -98.06 43.45 16.95
CA GLY Z 41 -96.78 44.10 17.19
C GLY Z 41 -95.58 43.17 17.07
N ARG Z 42 -94.38 43.74 17.22
CA ARG Z 42 -93.11 43.02 17.08
C ARG Z 42 -92.78 42.12 18.28
N THR Z 43 -93.60 42.14 19.33
CA THR Z 43 -93.29 41.51 20.62
C THR Z 43 -93.73 40.04 20.72
N SER Z 44 -94.19 39.41 19.64
CA SER Z 44 -94.50 37.97 19.59
C SER Z 44 -95.42 37.51 20.73
N LEU Z 45 -96.50 38.25 20.98
CA LEU Z 45 -97.47 37.97 22.05
C LEU Z 45 -98.78 37.39 21.49
N ALA Z 46 -99.43 36.54 22.26
CA ALA Z 46 -100.83 36.16 22.11
C ALA Z 46 -101.58 36.48 23.40
N TRP Z 47 -102.85 36.83 23.32
CA TRP Z 47 -103.69 37.05 24.50
C TRP Z 47 -104.96 36.21 24.41
N LEU Z 48 -105.42 35.75 25.57
CA LEU Z 48 -106.70 35.07 25.75
C LEU Z 48 -107.48 35.79 26.84
N ALA Z 49 -108.79 35.90 26.67
CA ALA Z 49 -109.65 36.55 27.65
C ALA Z 49 -110.97 35.78 27.82
N CYS Z 50 -111.40 35.57 29.06
CA CYS Z 50 -112.66 34.94 29.41
C CYS Z 50 -113.29 35.72 30.56
N GLY Z 51 -114.41 36.39 30.32
CA GLY Z 51 -115.01 37.30 31.31
C GLY Z 51 -114.01 38.38 31.78
N PRO Z 52 -113.74 38.51 33.09
CA PRO Z 52 -112.73 39.44 33.65
C PRO Z 52 -111.28 38.96 33.54
N GLN Z 53 -111.03 37.70 33.17
CA GLN Z 53 -109.69 37.13 33.13
C GLN Z 53 -108.99 37.47 31.82
N LEU Z 54 -107.74 37.95 31.90
CA LEU Z 54 -106.82 38.17 30.78
C LEU Z 54 -105.53 37.37 31.00
N GLU Z 55 -105.17 36.58 30.01
CA GLU Z 55 -103.96 35.76 29.96
C GLU Z 55 -103.11 36.17 28.76
N ILE Z 56 -101.82 36.41 28.95
CA ILE Z 56 -100.88 36.80 27.90
C ILE Z 56 -99.82 35.72 27.80
N THR Z 57 -99.69 35.14 26.61
CA THR Z 57 -98.76 34.04 26.33
C THR Z 57 -97.78 34.42 25.23
N ASN Z 58 -96.64 33.73 25.20
CA ASN Z 58 -95.69 33.81 24.10
C ASN Z 58 -96.30 33.15 22.85
N SER Z 59 -96.37 33.86 21.73
CA SER Z 59 -96.96 33.37 20.46
C SER Z 59 -96.23 32.20 19.82
N VAL Z 60 -95.02 31.86 20.30
CA VAL Z 60 -94.22 30.73 19.83
C VAL Z 60 -94.18 29.61 20.87
N THR Z 61 -93.85 29.90 22.13
CA THR Z 61 -93.66 28.86 23.16
C THR Z 61 -94.92 28.51 23.95
N GLY Z 62 -95.99 29.32 23.87
CA GLY Z 62 -97.20 29.15 24.67
C GLY Z 62 -97.03 29.43 26.17
N GLU Z 63 -95.82 29.84 26.61
CA GLU Z 63 -95.55 30.16 28.00
C GLU Z 63 -96.34 31.39 28.44
N ARG Z 64 -96.86 31.36 29.67
CA ARG Z 64 -97.56 32.49 30.28
C ARG Z 64 -96.55 33.59 30.62
N ILE Z 65 -96.69 34.74 29.96
CA ILE Z 65 -95.86 35.94 30.19
C ILE Z 65 -96.45 36.79 31.30
N SER Z 66 -97.77 36.97 31.28
CA SER Z 66 -98.46 37.88 32.19
C SER Z 66 -99.95 37.51 32.27
N ALA Z 67 -100.61 37.89 33.35
CA ALA Z 67 -102.04 37.66 33.52
C ALA Z 67 -102.64 38.65 34.52
N TYR Z 68 -103.94 38.89 34.38
CA TYR Z 68 -104.67 39.82 35.22
C TYR Z 68 -106.15 39.45 35.30
N HIS Z 69 -106.74 39.69 36.47
CA HIS Z 69 -108.17 39.54 36.70
C HIS Z 69 -108.75 40.91 37.02
N PHE Z 70 -109.55 41.47 36.11
CA PHE Z 70 -110.09 42.81 36.26
C PHE Z 70 -111.23 42.85 37.28
N SER Z 71 -111.22 43.85 38.16
CA SER Z 71 -112.31 44.08 39.13
C SER Z 71 -113.28 45.14 38.61
N GLY Z 72 -114.58 44.96 38.87
CA GLY Z 72 -115.62 45.93 38.47
C GLY Z 72 -116.16 46.72 39.67
N LEU Z 73 -116.79 47.86 39.41
CA LEU Z 73 -117.44 48.67 40.46
C LEU Z 73 -118.72 48.01 41.02
N THR Z 74 -119.36 47.15 40.22
CA THR Z 74 -120.58 46.43 40.59
C THR Z 74 -120.29 44.98 41.01
N GLU Z 75 -121.26 44.30 41.65
CA GLU Z 75 -121.12 42.87 42.00
C GLU Z 75 -120.91 41.95 40.77
N ARG Z 76 -121.19 42.45 39.56
CA ARG Z 76 -120.93 41.71 38.32
C ARG Z 76 -119.51 42.02 37.82
N PRO Z 77 -118.69 41.00 37.53
CA PRO Z 77 -117.35 41.22 37.02
C PRO Z 77 -117.39 41.87 35.64
N PRO Z 78 -116.39 42.72 35.30
CA PRO Z 78 -116.26 43.31 33.99
C PRO Z 78 -115.95 42.23 32.94
N VAL Z 79 -116.29 42.50 31.69
CA VAL Z 79 -115.93 41.61 30.57
C VAL Z 79 -114.88 42.29 29.70
N VAL Z 80 -113.77 41.60 29.45
CA VAL Z 80 -112.72 42.05 28.51
C VAL Z 80 -113.25 41.90 27.08
N VAL Z 81 -113.55 43.03 26.43
CA VAL Z 81 -114.16 43.04 25.09
C VAL Z 81 -113.14 43.33 24.00
N ALA Z 82 -112.22 44.25 24.23
CA ALA Z 82 -111.24 44.70 23.25
C ALA Z 82 -109.83 44.73 23.85
N VAL Z 83 -108.84 44.24 23.11
CA VAL Z 83 -107.43 44.21 23.53
C VAL Z 83 -106.55 44.60 22.35
N LYS Z 84 -105.65 45.57 22.53
CA LYS Z 84 -104.66 45.98 21.52
C LYS Z 84 -103.30 46.22 22.15
N GLU Z 85 -102.23 45.75 21.50
CA GLU Z 85 -100.88 46.07 21.94
C GLU Z 85 -100.58 47.56 21.79
N PHE Z 86 -99.90 48.09 22.80
CA PHE Z 86 -99.49 49.48 22.85
C PHE Z 86 -98.11 49.57 23.50
N THR Z 87 -97.15 50.14 22.79
CA THR Z 87 -95.79 50.33 23.28
C THR Z 87 -95.53 51.82 23.48
N TRP Z 88 -95.12 52.25 24.68
CA TRP Z 88 -94.88 53.67 24.99
C TRP Z 88 -93.66 53.81 25.89
N GLN Z 89 -92.85 54.87 25.73
CA GLN Z 89 -91.71 55.17 26.61
C GLN Z 89 -90.77 53.96 26.90
N LYS Z 90 -90.54 53.08 25.92
CA LYS Z 90 -89.79 51.81 26.03
C LYS Z 90 -90.44 50.72 26.89
N LYS Z 91 -91.71 50.90 27.28
CA LYS Z 91 -92.57 49.89 27.90
C LYS Z 91 -93.45 49.23 26.85
N THR Z 92 -93.85 48.00 27.14
CA THR Z 92 -94.78 47.21 26.33
C THR Z 92 -96.00 46.91 27.18
N GLY Z 93 -97.18 47.16 26.63
CA GLY Z 93 -98.43 46.88 27.31
C GLY Z 93 -99.59 46.68 26.36
N LEU Z 94 -100.79 46.65 26.92
CA LEU Z 94 -102.04 46.47 26.21
C LEU Z 94 -103.02 47.59 26.57
N LEU Z 95 -103.76 48.10 25.59
CA LEU Z 95 -105.00 48.84 25.78
C LEU Z 95 -106.14 47.82 25.88
N VAL Z 96 -106.87 47.84 26.99
CA VAL Z 96 -107.93 46.89 27.31
C VAL Z 96 -109.24 47.64 27.50
N GLY Z 97 -110.27 47.28 26.74
CA GLY Z 97 -111.64 47.79 26.90
C GLY Z 97 -112.47 46.82 27.73
N LEU Z 98 -112.91 47.27 28.89
CA LEU Z 98 -113.77 46.53 29.82
C LEU Z 98 -115.21 47.01 29.69
N VAL Z 99 -116.17 46.08 29.58
CA VAL Z 99 -117.60 46.40 29.64
C VAL Z 99 -118.14 45.99 31.00
N GLU Z 100 -118.78 46.94 31.67
CA GLU Z 100 -119.46 46.76 32.95
C GLU Z 100 -120.99 46.90 32.78
N ALA Z 101 -121.76 46.56 33.81
CA ALA Z 101 -123.22 46.68 33.78
C ALA Z 101 -123.71 48.12 33.54
N GLU Z 102 -122.98 49.13 34.02
CA GLU Z 102 -123.36 50.55 33.96
C GLU Z 102 -122.47 51.40 33.04
N GLY Z 103 -121.54 50.80 32.29
CA GLY Z 103 -120.63 51.55 31.42
C GLY Z 103 -119.46 50.74 30.87
N SER Z 104 -118.34 51.40 30.65
CA SER Z 104 -117.10 50.76 30.21
C SER Z 104 -115.88 51.53 30.70
N VAL Z 105 -114.76 50.83 30.80
CA VAL Z 105 -113.48 51.40 31.21
C VAL Z 105 -112.42 51.05 30.17
N LEU Z 106 -111.64 52.04 29.75
CA LEU Z 106 -110.42 51.83 28.98
C LEU Z 106 -109.24 51.76 29.95
N CYS Z 107 -108.55 50.63 30.00
CA CYS Z 107 -107.37 50.41 30.81
C CYS Z 107 -106.11 50.38 29.94
N LEU Z 108 -105.03 50.95 30.46
CA LEU Z 108 -103.67 50.77 29.96
C LEU Z 108 -102.96 49.78 30.89
N TYR Z 109 -102.69 48.57 30.40
CA TYR Z 109 -102.07 47.48 31.13
C TYR Z 109 -100.58 47.37 30.78
N ASP Z 110 -99.69 47.52 31.75
CA ASP Z 110 -98.23 47.37 31.57
C ASP Z 110 -97.85 45.91 31.80
N ILE Z 111 -97.41 45.22 30.74
CA ILE Z 111 -97.05 43.79 30.77
C ILE Z 111 -95.83 43.58 31.67
N GLY Z 112 -94.89 44.51 31.68
CA GLY Z 112 -93.63 44.38 32.42
C GLY Z 112 -93.82 44.30 33.94
N ILE Z 113 -94.89 44.91 34.46
CA ILE Z 113 -95.27 44.84 35.89
C ILE Z 113 -96.57 44.08 36.13
N SER Z 114 -97.22 43.61 35.08
CA SER Z 114 -98.52 42.92 35.09
C SER Z 114 -99.62 43.67 35.86
N LYS Z 115 -99.73 44.99 35.62
CA LYS Z 115 -100.74 45.85 36.29
C LYS Z 115 -101.31 46.92 35.35
N VAL Z 116 -102.54 47.35 35.65
CA VAL Z 116 -103.12 48.56 35.07
C VAL Z 116 -102.37 49.79 35.62
N VAL Z 117 -101.97 50.69 34.73
CA VAL Z 117 -101.26 51.93 35.07
C VAL Z 117 -102.12 53.17 34.86
N LYS Z 118 -103.10 53.12 33.97
CA LYS Z 118 -104.09 54.18 33.73
C LYS Z 118 -105.44 53.55 33.41
N ALA Z 119 -106.52 54.17 33.84
CA ALA Z 119 -107.87 53.76 33.51
C ALA Z 119 -108.76 54.98 33.28
N VAL Z 120 -109.68 54.89 32.33
CA VAL Z 120 -110.59 55.99 31.93
C VAL Z 120 -112.00 55.48 31.72
N VAL Z 121 -112.98 56.11 32.34
CA VAL Z 121 -114.41 55.78 32.18
C VAL Z 121 -114.92 56.27 30.82
N LEU Z 122 -115.60 55.39 30.08
CA LEU Z 122 -116.09 55.65 28.74
C LEU Z 122 -117.61 55.89 28.71
N PRO Z 123 -118.11 56.80 27.86
CA PRO Z 123 -119.55 57.04 27.71
C PRO Z 123 -120.17 56.00 26.75
N GLY Z 124 -120.55 54.85 27.30
CA GLY Z 124 -121.21 53.75 26.57
C GLY Z 124 -120.39 52.47 26.52
N SER Z 125 -120.97 51.39 25.98
CA SER Z 125 -120.30 50.08 25.96
C SER Z 125 -119.23 50.03 24.86
N VAL Z 126 -117.97 49.82 25.25
CA VAL Z 126 -116.85 49.74 24.30
C VAL Z 126 -116.95 48.51 23.42
N THR Z 127 -116.73 48.67 22.12
CA THR Z 127 -116.73 47.56 21.15
C THR Z 127 -115.36 47.31 20.53
N ALA Z 128 -114.59 48.37 20.27
CA ALA Z 128 -113.21 48.26 19.80
C ALA Z 128 -112.36 49.44 20.28
N VAL Z 129 -111.05 49.19 20.36
CA VAL Z 129 -110.02 50.19 20.69
C VAL Z 129 -108.93 50.11 19.64
N GLU Z 130 -108.32 51.25 19.30
CA GLU Z 130 -107.22 51.29 18.34
C GLU Z 130 -106.24 52.43 18.70
N PRO Z 131 -104.95 52.15 18.93
CA PRO Z 131 -103.96 53.18 19.16
C PRO Z 131 -103.65 53.94 17.86
N ILE Z 132 -103.61 55.27 17.92
CA ILE Z 132 -103.22 56.13 16.79
C ILE Z 132 -101.75 56.54 16.90
N ILE Z 133 -101.33 56.96 18.09
CA ILE Z 133 -99.94 57.35 18.35
C ILE Z 133 -99.58 57.08 19.81
N ASN Z 134 -98.33 56.71 20.07
CA ASN Z 134 -97.84 56.29 21.39
C ASN Z 134 -97.02 57.34 22.16
N HIS Z 135 -96.92 58.55 21.61
CA HIS Z 135 -96.22 59.67 22.22
C HIS Z 135 -96.94 60.97 21.85
N GLY Z 136 -96.60 62.05 22.54
CA GLY Z 136 -97.12 63.39 22.26
C GLY Z 136 -96.06 64.38 21.84
N GLY Z 137 -96.47 65.65 21.78
CA GLY Z 137 -95.58 66.79 21.62
C GLY Z 137 -95.39 67.28 20.18
N ALA Z 138 -94.73 68.43 20.06
CA ALA Z 138 -94.45 69.11 18.80
C ALA Z 138 -93.25 68.47 18.05
N SER Z 139 -93.25 67.16 17.89
CA SER Z 139 -92.23 66.43 17.14
C SER Z 139 -92.54 66.40 15.64
N ALA Z 140 -91.53 66.03 14.83
CA ALA Z 140 -91.71 65.73 13.41
C ALA Z 140 -92.64 64.52 13.21
N SER Z 141 -92.58 63.54 14.11
CA SER Z 141 -93.41 62.33 14.06
C SER Z 141 -94.90 62.60 14.26
N THR Z 142 -95.32 63.67 14.94
CA THR Z 142 -96.75 63.99 15.12
C THR Z 142 -97.31 64.95 14.06
N GLN Z 143 -96.49 65.42 13.10
CA GLN Z 143 -96.90 66.44 12.13
C GLN Z 143 -98.03 65.99 11.21
N HIS Z 144 -98.23 64.69 11.02
CA HIS Z 144 -99.33 64.15 10.22
C HIS Z 144 -100.69 64.23 10.92
N LEU Z 145 -100.74 64.46 12.24
CA LEU Z 145 -101.99 64.58 12.97
C LEU Z 145 -102.54 66.02 12.94
N HIS Z 146 -103.82 66.16 13.24
CA HIS Z 146 -104.46 67.47 13.44
C HIS Z 146 -103.78 68.23 14.58
N GLN Z 147 -103.65 69.56 14.46
CA GLN Z 147 -102.96 70.41 15.45
C GLN Z 147 -103.48 70.21 16.87
N SER Z 148 -104.76 69.89 17.02
CA SER Z 148 -105.42 69.52 18.27
C SER Z 148 -104.83 68.29 18.95
N LEU Z 149 -104.64 67.20 18.20
CA LEU Z 149 -104.15 65.92 18.71
C LEU Z 149 -102.67 65.97 19.05
N ARG Z 150 -101.91 66.89 18.44
CA ARG Z 150 -100.47 67.08 18.74
C ARG Z 150 -100.21 67.57 20.16
N TRP Z 151 -101.23 68.11 20.83
CA TRP Z 151 -101.17 68.49 22.24
C TRP Z 151 -101.47 67.34 23.21
N PHE Z 152 -101.97 66.20 22.70
CA PHE Z 152 -102.20 65.00 23.51
C PHE Z 152 -100.92 64.20 23.64
N PHE Z 153 -100.83 63.36 24.67
CA PHE Z 153 -99.67 62.50 24.93
C PHE Z 153 -100.11 61.04 24.90
N GLY Z 154 -100.03 60.46 23.71
CA GLY Z 154 -100.65 59.18 23.39
C GLY Z 154 -102.12 59.37 23.02
N VAL Z 155 -102.52 58.94 21.82
CA VAL Z 155 -103.90 59.07 21.35
C VAL Z 155 -104.44 57.70 21.00
N THR Z 156 -105.60 57.37 21.56
CA THR Z 156 -106.32 56.13 21.28
C THR Z 156 -107.72 56.44 20.78
N ALA Z 157 -108.13 55.79 19.70
CA ALA Z 157 -109.50 55.80 19.23
C ALA Z 157 -110.29 54.71 19.96
N VAL Z 158 -111.47 55.06 20.46
CA VAL Z 158 -112.41 54.17 21.13
C VAL Z 158 -113.78 54.31 20.50
N VAL Z 159 -114.43 53.18 20.27
CA VAL Z 159 -115.77 53.14 19.68
C VAL Z 159 -116.75 52.36 20.55
N THR Z 160 -118.03 52.71 20.43
CA THR Z 160 -119.09 52.13 21.26
C THR Z 160 -120.19 51.45 20.45
N ASP Z 161 -121.00 50.67 21.15
CA ASP Z 161 -122.21 49.99 20.68
C ASP Z 161 -123.29 50.92 20.11
N VAL Z 162 -123.32 52.19 20.53
CA VAL Z 162 -124.24 53.22 20.00
C VAL Z 162 -123.65 54.10 18.89
N GLY Z 163 -122.43 53.82 18.43
CA GLY Z 163 -121.83 54.51 17.29
C GLY Z 163 -120.93 55.70 17.63
N HIS Z 164 -120.53 55.88 18.90
CA HIS Z 164 -119.54 56.90 19.23
C HIS Z 164 -118.19 56.55 18.60
N VAL Z 165 -117.48 57.58 18.13
CA VAL Z 165 -116.06 57.51 17.76
C VAL Z 165 -115.33 58.59 18.56
N LEU Z 166 -114.54 58.16 19.54
CA LEU Z 166 -113.89 59.01 20.54
C LEU Z 166 -112.37 58.94 20.37
N LEU Z 167 -111.69 60.07 20.41
CA LEU Z 167 -110.23 60.17 20.44
C LEU Z 167 -109.79 60.63 21.82
N ILE Z 168 -109.18 59.73 22.58
CA ILE Z 168 -108.84 59.93 23.99
C ILE Z 168 -107.35 60.26 24.12
N ASP Z 169 -107.04 61.30 24.89
CA ASP Z 169 -105.69 61.57 25.38
C ASP Z 169 -105.33 60.58 26.49
N LEU Z 170 -104.25 59.82 26.33
CA LEU Z 170 -103.78 58.86 27.35
C LEU Z 170 -102.97 59.53 28.46
N CYS Z 171 -102.63 60.82 28.33
CA CYS Z 171 -101.85 61.58 29.31
C CYS Z 171 -100.55 60.86 29.74
N LEU Z 172 -99.80 60.30 28.78
CA LEU Z 172 -98.58 59.54 29.04
C LEU Z 172 -97.42 60.39 29.61
N ASP Z 173 -97.52 61.71 29.56
CA ASP Z 173 -96.61 62.66 30.21
C ASP Z 173 -96.80 62.72 31.73
N GLU Z 174 -97.96 62.32 32.25
CA GLU Z 174 -98.23 62.29 33.69
C GLU Z 174 -97.67 61.01 34.33
N VAL Z 175 -96.44 61.10 34.84
CA VAL Z 175 -95.75 59.98 35.49
C VAL Z 175 -96.29 59.69 36.90
N SER Z 176 -96.99 60.64 37.53
CA SER Z 176 -97.44 60.55 38.92
C SER Z 176 -98.76 59.82 39.13
N SER Z 177 -99.49 59.49 38.06
CA SER Z 177 -100.79 58.81 38.14
C SER Z 177 -100.59 57.30 37.89
N ASN Z 178 -100.58 56.49 38.93
CA ASN Z 178 -100.84 55.06 38.81
C ASN Z 178 -102.29 54.83 39.21
N GLN Z 179 -103.14 54.56 38.22
CA GLN Z 179 -104.56 54.28 38.40
C GLN Z 179 -104.82 52.82 38.05
N ASP Z 180 -105.62 52.15 38.87
CA ASP Z 180 -106.20 50.85 38.54
C ASP Z 180 -107.57 51.03 37.89
N GLU Z 181 -108.21 49.93 37.48
CA GLU Z 181 -109.52 49.95 36.85
C GLU Z 181 -110.65 50.46 37.76
N LEU Z 182 -110.46 50.43 39.09
CA LEU Z 182 -111.45 50.89 40.08
C LEU Z 182 -111.34 52.40 40.36
N ASP Z 183 -110.15 52.97 40.26
CA ASP Z 183 -109.86 54.42 40.36
C ASP Z 183 -109.72 55.07 38.96
N ALA Z 184 -110.62 54.69 38.05
CA ALA Z 184 -110.63 55.20 36.68
C ALA Z 184 -110.99 56.69 36.62
N SER Z 185 -110.25 57.44 35.80
CA SER Z 185 -110.49 58.86 35.58
C SER Z 185 -111.75 59.10 34.75
N ASP Z 186 -112.47 60.20 35.03
CA ASP Z 186 -113.55 60.66 34.16
C ASP Z 186 -113.01 61.20 32.82
N LEU Z 187 -113.88 61.22 31.80
CA LEU Z 187 -113.59 61.74 30.48
C LEU Z 187 -114.27 63.10 30.24
N GLU Z 188 -113.50 64.12 29.84
CA GLU Z 188 -114.03 65.39 29.35
C GLU Z 188 -114.25 65.32 27.83
N VAL Z 189 -115.49 64.99 27.43
CA VAL Z 189 -115.86 64.81 26.03
C VAL Z 189 -116.17 66.14 25.37
N MET Z 190 -115.43 66.47 24.31
CA MET Z 190 -115.65 67.66 23.50
C MET Z 190 -116.22 67.30 22.14
N SER Z 191 -117.45 67.76 21.88
CA SER Z 191 -118.15 67.55 20.60
C SER Z 191 -117.71 68.50 19.49
N VAL Z 192 -117.03 69.60 19.83
CA VAL Z 192 -116.53 70.60 18.88
C VAL Z 192 -115.03 70.74 19.05
N ILE Z 193 -114.27 70.64 17.95
CA ILE Z 193 -112.80 70.76 17.94
C ILE Z 193 -112.40 72.17 18.43
N PRO Z 194 -111.82 72.33 19.64
CA PRO Z 194 -111.53 73.64 20.19
C PRO Z 194 -110.23 74.23 19.64
N THR Z 195 -110.15 75.57 19.61
CA THR Z 195 -108.92 76.30 19.23
C THR Z 195 -107.90 76.39 20.37
N LYS Z 196 -108.32 76.25 21.63
CA LYS Z 196 -107.49 76.46 22.84
C LYS Z 196 -107.25 75.17 23.64
N ILE Z 197 -106.93 74.08 22.95
CA ILE Z 197 -106.72 72.76 23.55
C ILE Z 197 -105.69 72.73 24.70
N PRO Z 198 -104.54 73.43 24.64
CA PRO Z 198 -103.57 73.37 25.74
C PRO Z 198 -104.16 73.77 27.10
N LYS Z 199 -105.01 74.80 27.13
CA LYS Z 199 -105.64 75.29 28.36
C LYS Z 199 -106.72 74.32 28.88
N LEU Z 200 -107.45 73.70 27.95
CA LEU Z 200 -108.49 72.73 28.28
C LEU Z 200 -107.86 71.44 28.80
N ARG Z 201 -106.80 70.97 28.15
CA ARG Z 201 -106.02 69.81 28.60
C ARG Z 201 -105.46 70.04 30.00
N GLU Z 202 -104.82 71.19 30.24
CA GLU Z 202 -104.29 71.51 31.56
C GLU Z 202 -105.38 71.62 32.65
N ALA Z 203 -106.59 72.08 32.28
CA ALA Z 203 -107.74 72.07 33.17
C ALA Z 203 -108.24 70.65 33.47
N ALA Z 204 -108.42 69.82 32.45
CA ALA Z 204 -108.84 68.43 32.55
C ALA Z 204 -107.87 67.61 33.41
N THR Z 205 -106.57 67.66 33.11
CA THR Z 205 -105.50 67.03 33.90
C THR Z 205 -105.54 67.46 35.37
N ARG Z 206 -105.75 68.75 35.66
CA ARG Z 206 -105.83 69.25 37.04
C ARG Z 206 -107.04 68.69 37.80
N GLU Z 207 -108.12 68.42 37.09
CA GLU Z 207 -109.34 67.78 37.63
C GLU Z 207 -109.27 66.25 37.64
N ARG Z 208 -108.11 65.64 37.31
CA ARG Z 208 -107.94 64.19 37.11
C ARG Z 208 -108.88 63.62 36.05
N ARG Z 209 -109.03 64.35 34.95
CA ARG Z 209 -109.84 63.94 33.79
C ARG Z 209 -108.97 63.81 32.56
N HIS Z 210 -109.35 62.89 31.69
CA HIS Z 210 -108.75 62.75 30.38
C HIS Z 210 -109.54 63.55 29.36
N LEU Z 211 -108.85 64.22 28.45
CA LEU Z 211 -109.49 64.99 27.39
C LEU Z 211 -109.87 64.08 26.22
N CYS Z 212 -111.08 64.24 25.68
CA CYS Z 212 -111.56 63.45 24.55
C CYS Z 212 -112.15 64.32 23.44
N LEU Z 213 -111.77 64.04 22.19
CA LEU Z 213 -112.43 64.61 21.00
C LEU Z 213 -113.43 63.61 20.44
N GLN Z 214 -114.69 64.02 20.32
CA GLN Z 214 -115.72 63.21 19.70
C GLN Z 214 -115.77 63.48 18.19
N LEU Z 215 -115.43 62.47 17.38
CA LEU Z 215 -115.52 62.54 15.91
C LEU Z 215 -116.95 62.28 15.42
N ALA Z 216 -117.60 61.26 15.95
CA ALA Z 216 -118.96 60.86 15.58
C ALA Z 216 -119.92 60.93 16.79
N ALA Z 217 -121.08 61.55 16.56
CA ALA Z 217 -122.22 61.50 17.46
C ALA Z 217 -122.83 60.09 17.48
N PRO Z 218 -123.48 59.67 18.58
CA PRO Z 218 -124.13 58.38 18.65
C PRO Z 218 -125.26 58.32 17.61
N THR Z 219 -125.14 57.41 16.65
CA THR Z 219 -126.14 57.20 15.60
C THR Z 219 -127.15 56.10 15.95
N GLY Z 220 -126.87 55.32 17.01
CA GLY Z 220 -127.65 54.14 17.38
C GLY Z 220 -127.20 52.86 16.66
N THR Z 221 -126.21 52.94 15.77
CA THR Z 221 -125.62 51.77 15.09
C THR Z 221 -124.30 51.40 15.76
N THR Z 222 -124.13 50.13 16.10
CA THR Z 222 -122.89 49.60 16.66
C THR Z 222 -121.73 49.69 15.67
N VAL Z 223 -120.59 50.16 16.15
CA VAL Z 223 -119.32 50.02 15.42
C VAL Z 223 -118.76 48.64 15.71
N SER Z 224 -118.60 47.83 14.66
CA SER Z 224 -118.14 46.44 14.72
C SER Z 224 -116.64 46.29 14.48
N CYS Z 225 -116.00 47.23 13.77
CA CYS Z 225 -114.55 47.21 13.60
C CYS Z 225 -113.92 48.61 13.59
N LEU Z 226 -112.69 48.70 14.08
CA LEU Z 226 -111.90 49.92 14.14
C LEU Z 226 -110.44 49.61 13.77
N SER Z 227 -109.85 50.39 12.86
CA SER Z 227 -108.42 50.26 12.55
C SER Z 227 -107.83 51.58 12.05
N TYR Z 228 -106.60 51.89 12.47
CA TYR Z 228 -105.86 53.07 12.03
C TYR Z 228 -104.83 52.70 10.97
N ILE Z 229 -104.97 53.30 9.79
CA ILE Z 229 -104.11 53.03 8.64
C ILE Z 229 -103.04 54.13 8.57
N SER Z 230 -101.84 53.83 9.09
CA SER Z 230 -100.72 54.78 9.17
C SER Z 230 -100.29 55.35 7.81
N ARG Z 231 -100.37 54.55 6.74
CA ARG Z 231 -99.98 54.95 5.36
C ARG Z 231 -100.92 55.96 4.73
N THR Z 232 -102.20 55.97 5.08
CA THR Z 232 -103.18 56.95 4.54
C THR Z 232 -103.59 57.98 5.59
N ASN Z 233 -103.13 57.81 6.83
CA ASN Z 233 -103.50 58.63 7.98
C ASN Z 233 -105.02 58.69 8.20
N GLN Z 234 -105.69 57.57 7.94
CA GLN Z 234 -107.14 57.42 8.06
C GLN Z 234 -107.51 56.40 9.13
N LEU Z 235 -108.52 56.72 9.92
CA LEU Z 235 -109.19 55.81 10.85
C LEU Z 235 -110.38 55.17 10.13
N ALA Z 236 -110.29 53.87 9.90
CA ALA Z 236 -111.30 53.03 9.29
C ALA Z 236 -112.30 52.55 10.36
N VAL Z 237 -113.58 52.87 10.17
CA VAL Z 237 -114.67 52.56 11.10
C VAL Z 237 -115.75 51.78 10.34
N GLY Z 238 -115.95 50.53 10.71
CA GLY Z 238 -116.97 49.65 10.14
C GLY Z 238 -118.14 49.46 11.10
N TYR Z 239 -119.36 49.47 10.57
CA TYR Z 239 -120.60 49.43 11.32
C TYR Z 239 -121.32 48.09 11.16
N SER Z 240 -122.16 47.76 12.15
CA SER Z 240 -122.94 46.52 12.17
C SER Z 240 -124.01 46.44 11.07
N ASP Z 241 -124.39 47.57 10.47
CA ASP Z 241 -125.33 47.67 9.35
C ASP Z 241 -124.65 47.62 7.97
N GLY Z 242 -123.35 47.30 7.93
CA GLY Z 242 -122.55 47.18 6.72
C GLY Z 242 -122.04 48.51 6.15
N TYR Z 243 -122.27 49.62 6.84
CA TYR Z 243 -121.61 50.88 6.49
C TYR Z 243 -120.13 50.84 6.88
N PHE Z 244 -119.34 51.60 6.13
CA PHE Z 244 -117.91 51.76 6.33
C PHE Z 244 -117.55 53.23 6.16
N SER Z 245 -116.71 53.77 7.04
CA SER Z 245 -116.25 55.15 6.96
C SER Z 245 -114.75 55.30 7.17
N LEU Z 246 -114.17 56.30 6.49
CA LEU Z 246 -112.76 56.68 6.63
C LEU Z 246 -112.70 58.10 7.19
N TRP Z 247 -112.01 58.27 8.31
CA TRP Z 247 -111.81 59.56 8.97
C TRP Z 247 -110.35 59.97 8.86
N ASN Z 248 -110.10 61.14 8.29
CA ASN Z 248 -108.77 61.67 8.11
C ASN Z 248 -108.25 62.29 9.41
N MET Z 249 -107.16 61.77 9.96
CA MET Z 249 -106.65 62.21 11.26
C MET Z 249 -105.91 63.56 11.19
N LYS Z 250 -105.58 64.05 9.98
CA LYS Z 250 -105.02 65.39 9.76
C LYS Z 250 -106.09 66.47 9.82
N THR Z 251 -107.26 66.22 9.22
CA THR Z 251 -108.36 67.19 9.10
C THR Z 251 -109.48 66.96 10.12
N LEU Z 252 -109.51 65.79 10.76
CA LEU Z 252 -110.59 65.27 11.61
C LEU Z 252 -111.94 65.26 10.90
N ARG Z 253 -111.93 65.03 9.58
CA ARG Z 253 -113.14 64.95 8.74
C ARG Z 253 -113.34 63.53 8.24
N ARG Z 254 -114.61 63.17 8.03
CA ARG Z 254 -114.99 61.93 7.37
C ARG Z 254 -114.82 62.11 5.85
N ASP Z 255 -113.78 61.51 5.30
CA ASP Z 255 -113.45 61.57 3.86
C ASP Z 255 -114.34 60.63 3.04
N TYR Z 256 -114.78 59.51 3.62
CA TYR Z 256 -115.60 58.51 2.94
C TYR Z 256 -116.64 57.88 3.88
N HIS Z 257 -117.82 57.55 3.35
CA HIS Z 257 -118.88 56.83 4.05
C HIS Z 257 -119.81 56.14 3.05
N VAL Z 258 -119.84 54.79 3.02
CA VAL Z 258 -120.67 54.00 2.10
C VAL Z 258 -121.17 52.74 2.77
N GLN Z 259 -122.24 52.14 2.27
CA GLN Z 259 -122.60 50.75 2.55
C GLN Z 259 -121.87 49.83 1.56
N ILE Z 260 -121.15 48.83 2.07
CA ILE Z 260 -120.43 47.85 1.25
C ILE Z 260 -121.43 46.96 0.49
N GLU Z 261 -121.05 46.44 -0.68
CA GLU Z 261 -121.95 45.69 -1.57
C GLU Z 261 -122.63 44.46 -0.93
N GLY Z 262 -122.03 43.82 0.08
CA GLY Z 262 -122.65 42.70 0.80
C GLY Z 262 -123.87 43.09 1.65
N GLY Z 263 -124.22 44.37 1.70
CA GLY Z 263 -125.48 44.85 2.27
C GLY Z 263 -125.40 45.03 3.78
N ARG Z 264 -126.48 44.69 4.50
CA ARG Z 264 -126.61 44.90 5.96
C ARG Z 264 -125.95 43.80 6.79
N VAL Z 265 -124.68 43.51 6.49
CA VAL Z 265 -123.86 42.55 7.23
C VAL Z 265 -122.75 43.32 7.97
N PRO Z 266 -122.47 43.03 9.25
CA PRO Z 266 -121.44 43.74 10.01
C PRO Z 266 -120.07 43.68 9.36
N VAL Z 267 -119.37 44.83 9.32
CA VAL Z 267 -117.97 44.88 8.90
C VAL Z 267 -117.08 44.48 10.09
N CYS Z 268 -116.44 43.32 10.04
CA CYS Z 268 -115.75 42.73 11.19
C CYS Z 268 -114.23 42.95 11.18
N ALA Z 269 -113.61 43.13 10.02
CA ALA Z 269 -112.17 43.31 9.89
C ALA Z 269 -111.81 44.15 8.67
N VAL Z 270 -110.64 44.77 8.73
CA VAL Z 270 -110.03 45.47 7.59
C VAL Z 270 -108.56 45.12 7.45
N ALA Z 271 -108.05 45.15 6.21
CA ALA Z 271 -106.64 44.87 5.92
C ALA Z 271 -106.14 45.74 4.77
N PHE Z 272 -105.07 46.50 5.01
CA PHE Z 272 -104.52 47.46 4.05
C PHE Z 272 -103.44 46.82 3.17
N GLN Z 273 -103.47 47.04 1.86
CA GLN Z 273 -102.44 46.63 0.91
C GLN Z 273 -101.97 47.79 0.03
N GLU Z 274 -100.66 47.86 -0.22
CA GLU Z 274 -100.06 48.78 -1.18
C GLU Z 274 -99.49 48.00 -2.39
N PRO Z 275 -99.84 48.39 -3.64
CA PRO Z 275 -99.29 47.74 -4.83
C PRO Z 275 -97.83 48.16 -5.08
N GLU Z 276 -97.06 47.29 -5.75
CA GLU Z 276 -95.67 47.61 -6.15
C GLU Z 276 -95.65 48.76 -7.16
N ASN Z 277 -96.58 48.79 -8.11
CA ASN Z 277 -96.62 49.80 -9.15
C ASN Z 277 -98.06 50.16 -9.52
N ASP Z 278 -98.52 51.33 -9.06
CA ASP Z 278 -99.76 51.96 -9.51
C ASP Z 278 -99.47 53.36 -10.09
N PRO Z 279 -100.01 53.70 -11.28
CA PRO Z 279 -99.75 54.98 -11.93
C PRO Z 279 -100.45 56.19 -11.31
N ARG Z 280 -101.37 56.01 -10.35
CA ARG Z 280 -102.22 57.06 -9.77
C ARG Z 280 -102.24 57.05 -8.24
N ASN Z 281 -101.16 56.59 -7.60
CA ASN Z 281 -101.05 56.53 -6.14
C ASN Z 281 -102.24 55.79 -5.47
N CYS Z 282 -102.73 54.71 -6.09
CA CYS Z 282 -103.77 53.90 -5.48
C CYS Z 282 -103.19 52.96 -4.42
N CYS Z 283 -103.89 52.83 -3.31
CA CYS Z 283 -103.72 51.74 -2.36
C CYS Z 283 -105.07 51.06 -2.13
N TYR Z 284 -105.05 49.97 -1.36
CA TYR Z 284 -106.20 49.09 -1.22
C TYR Z 284 -106.53 48.81 0.23
N LEU Z 285 -107.80 48.67 0.51
CA LEU Z 285 -108.31 48.30 1.81
C LEU Z 285 -109.35 47.21 1.65
N TRP Z 286 -109.05 46.03 2.19
CA TRP Z 286 -110.04 44.98 2.38
C TRP Z 286 -110.98 45.38 3.50
N ALA Z 287 -112.28 45.19 3.29
CA ALA Z 287 -113.32 45.21 4.29
C ALA Z 287 -114.02 43.85 4.28
N VAL Z 288 -114.05 43.19 5.43
CA VAL Z 288 -114.64 41.85 5.58
C VAL Z 288 -115.99 41.97 6.25
N GLN Z 289 -117.02 41.42 5.64
CA GLN Z 289 -118.35 41.33 6.24
C GLN Z 289 -118.60 39.92 6.77
N SER Z 290 -119.07 39.81 8.01
CA SER Z 290 -119.37 38.54 8.67
C SER Z 290 -120.44 38.74 9.74
N SER Z 291 -121.38 37.80 9.86
CA SER Z 291 -122.33 37.77 10.97
C SER Z 291 -121.74 37.06 12.19
N GLU Z 292 -121.98 37.59 13.41
CA GLU Z 292 -121.55 36.94 14.67
C GLU Z 292 -122.33 35.66 14.97
N SER Z 293 -123.60 35.58 14.54
CA SER Z 293 -124.46 34.41 14.74
C SER Z 293 -124.10 33.21 13.85
N GLY Z 294 -123.02 33.32 13.09
CA GLY Z 294 -122.74 32.46 11.96
C GLY Z 294 -123.56 32.84 10.73
N GLY Z 295 -122.95 32.76 9.56
CA GLY Z 295 -123.62 33.11 8.30
C GLY Z 295 -122.66 33.32 7.14
N ASP Z 296 -123.01 34.27 6.27
CA ASP Z 296 -122.25 34.59 5.08
C ASP Z 296 -121.02 35.45 5.42
N VAL Z 297 -119.85 35.03 4.92
CA VAL Z 297 -118.60 35.79 4.99
C VAL Z 297 -118.23 36.23 3.58
N SER Z 298 -118.06 37.55 3.39
CA SER Z 298 -117.69 38.15 2.12
C SER Z 298 -116.50 39.11 2.29
N LEU Z 299 -115.59 39.10 1.31
CA LEU Z 299 -114.40 39.95 1.27
C LEU Z 299 -114.59 41.01 0.19
N HIS Z 300 -114.39 42.28 0.54
CA HIS Z 300 -114.58 43.42 -0.36
C HIS Z 300 -113.30 44.25 -0.44
N LEU Z 301 -112.76 44.42 -1.65
CA LEU Z 301 -111.53 45.19 -1.90
C LEU Z 301 -111.88 46.61 -2.33
N LEU Z 302 -111.61 47.58 -1.47
CA LEU Z 302 -111.78 48.99 -1.76
C LEU Z 302 -110.48 49.55 -2.35
N GLN Z 303 -110.57 50.23 -3.49
CA GLN Z 303 -109.47 51.00 -4.08
C GLN Z 303 -109.56 52.44 -3.59
N LEU Z 304 -108.51 52.93 -2.94
CA LEU Z 304 -108.39 54.31 -2.50
C LEU Z 304 -107.37 55.01 -3.40
N ALA Z 305 -107.81 56.03 -4.14
CA ALA Z 305 -106.93 56.84 -4.99
C ALA Z 305 -106.62 58.19 -4.33
N PHE Z 306 -105.35 58.56 -4.32
CA PHE Z 306 -104.87 59.77 -3.67
C PHE Z 306 -104.17 60.67 -4.69
N SER Z 307 -104.33 61.99 -4.54
CA SER Z 307 -103.70 62.94 -5.46
C SER Z 307 -102.21 63.14 -5.19
N ASP Z 308 -101.73 62.88 -3.97
CA ASP Z 308 -100.34 63.11 -3.57
C ASP Z 308 -99.79 61.99 -2.68
N ARG Z 309 -98.46 61.83 -2.68
CA ARG Z 309 -97.70 60.84 -1.93
C ARG Z 309 -96.47 61.51 -1.33
N LYS Z 310 -96.48 61.74 -0.01
CA LYS Z 310 -95.43 62.44 0.72
C LYS Z 310 -94.51 61.48 1.46
N CYS Z 311 -93.21 61.68 1.34
CA CYS Z 311 -92.24 61.02 2.20
C CYS Z 311 -92.11 61.81 3.51
N LEU Z 312 -92.46 61.19 4.63
CA LEU Z 312 -92.25 61.74 5.95
C LEU Z 312 -90.76 61.75 6.28
N ALA Z 313 -90.35 62.57 7.26
CA ALA Z 313 -88.98 62.59 7.75
C ALA Z 313 -88.49 61.22 8.27
N SER Z 314 -89.42 60.31 8.62
CA SER Z 314 -89.13 58.92 9.00
C SER Z 314 -88.79 58.01 7.81
N GLY Z 315 -88.83 58.50 6.57
CA GLY Z 315 -88.71 57.70 5.34
C GLY Z 315 -89.98 56.93 4.96
N GLN Z 316 -91.00 56.93 5.84
CA GLN Z 316 -92.30 56.34 5.54
C GLN Z 316 -93.09 57.22 4.59
N ILE Z 317 -93.90 56.59 3.77
CA ILE Z 317 -94.66 57.25 2.73
C ILE Z 317 -96.10 57.35 3.19
N MET Z 318 -96.65 58.54 3.04
CA MET Z 318 -98.00 58.89 3.43
C MET Z 318 -98.78 59.36 2.21
N TYR Z 319 -99.91 58.73 1.98
CA TYR Z 319 -100.87 59.13 0.96
C TYR Z 319 -101.75 60.25 1.51
N GLU Z 320 -101.89 61.34 0.75
CA GLU Z 320 -102.69 62.50 1.14
C GLU Z 320 -103.71 62.85 0.07
N LEU Z 321 -104.80 63.51 0.49
CA LEU Z 321 -105.86 64.03 -0.38
C LEU Z 321 -106.55 62.91 -1.18
N LEU Z 322 -107.40 62.13 -0.50
CA LEU Z 322 -108.24 61.10 -1.11
C LEU Z 322 -109.13 61.71 -2.20
N GLU Z 323 -108.99 61.24 -3.43
CA GLU Z 323 -109.81 61.68 -4.57
C GLU Z 323 -111.12 60.90 -4.66
N TYR Z 324 -111.02 59.57 -4.56
CA TYR Z 324 -112.16 58.67 -4.56
C TYR Z 324 -111.83 57.35 -3.84
N CYS Z 325 -112.87 56.65 -3.42
CA CYS Z 325 -112.81 55.29 -2.89
C CYS Z 325 -113.93 54.48 -3.55
N GLU Z 326 -113.61 53.36 -4.18
CA GLU Z 326 -114.57 52.51 -4.89
C GLU Z 326 -114.28 51.03 -4.64
N GLU Z 327 -115.33 50.21 -4.56
CA GLU Z 327 -115.18 48.75 -4.49
C GLU Z 327 -114.76 48.19 -5.86
N ARG Z 328 -113.72 47.34 -5.86
CA ARG Z 328 -113.08 46.84 -7.08
C ARG Z 328 -113.00 45.32 -7.16
N TYR Z 329 -113.19 44.61 -6.06
CA TYR Z 329 -113.26 43.15 -6.05
C TYR Z 329 -114.13 42.66 -4.91
N SER Z 330 -114.97 41.67 -5.18
CA SER Z 330 -115.78 40.98 -4.17
C SER Z 330 -115.59 39.47 -4.24
N LEU Z 331 -115.55 38.82 -3.07
CA LEU Z 331 -115.43 37.37 -2.95
C LEU Z 331 -116.27 36.84 -1.79
N ASP Z 332 -117.31 36.08 -2.13
CA ASP Z 332 -118.13 35.37 -1.15
C ASP Z 332 -117.49 34.02 -0.77
N LEU Z 333 -117.09 33.88 0.49
CA LEU Z 333 -116.49 32.64 0.99
C LEU Z 333 -117.56 31.60 1.33
N SER Z 334 -118.73 32.04 1.79
CA SER Z 334 -119.84 31.13 2.16
C SER Z 334 -120.57 30.54 0.95
N GLY Z 335 -120.58 31.23 -0.21
CA GLY Z 335 -121.30 30.81 -1.42
C GLY Z 335 -120.52 29.87 -2.36
N SER Z 336 -119.23 29.64 -2.12
CA SER Z 336 -118.34 28.97 -3.07
C SER Z 336 -118.41 27.43 -2.98
N THR Z 337 -119.21 26.79 -3.84
CA THR Z 337 -119.13 25.43 -4.45
C THR Z 337 -118.75 24.19 -3.62
N LEU Z 338 -118.49 24.31 -2.32
CA LEU Z 338 -118.16 23.19 -1.44
C LEU Z 338 -119.41 22.45 -0.95
N SER Z 339 -120.61 23.06 -1.04
CA SER Z 339 -121.87 22.42 -0.68
C SER Z 339 -122.55 21.77 -1.88
N LEU Z 340 -122.29 20.47 -2.08
CA LEU Z 340 -123.18 19.59 -2.82
C LEU Z 340 -124.44 19.37 -1.95
N ARG Z 341 -125.55 20.06 -2.28
CA ARG Z 341 -126.86 20.16 -1.57
C ARG Z 341 -126.91 21.24 -0.50
N GLY Z 342 -128.02 21.98 -0.46
CA GLY Z 342 -128.33 23.13 0.41
C GLY Z 342 -128.36 22.85 1.91
N GLN Z 343 -127.25 22.37 2.45
CA GLN Z 343 -126.97 22.34 3.89
C GLN Z 343 -126.59 23.74 4.36
N SER Z 344 -127.13 24.15 5.51
CA SER Z 344 -126.74 25.41 6.16
C SER Z 344 -125.32 25.27 6.68
N ASN Z 345 -124.39 25.98 6.06
CA ASN Z 345 -123.02 26.10 6.53
C ASN Z 345 -122.92 27.32 7.44
N ASN Z 346 -122.25 27.17 8.57
CA ASN Z 346 -121.84 28.30 9.40
C ASN Z 346 -120.37 28.60 9.08
N THR Z 347 -120.10 29.75 8.47
CA THR Z 347 -118.74 30.20 8.16
C THR Z 347 -118.34 31.31 9.12
N LYS Z 348 -117.13 31.20 9.68
CA LYS Z 348 -116.56 32.18 10.61
C LYS Z 348 -115.17 32.62 10.13
N LEU Z 349 -114.92 33.92 10.12
CA LEU Z 349 -113.57 34.46 9.93
C LEU Z 349 -112.72 34.19 11.19
N LEU Z 350 -111.55 33.59 11.02
CA LEU Z 350 -110.58 33.37 12.09
C LEU Z 350 -109.60 34.53 12.18
N GLY Z 351 -109.01 34.94 11.06
CA GLY Z 351 -107.95 35.96 11.03
C GLY Z 351 -107.87 36.69 9.69
N CYS Z 352 -107.33 37.90 9.74
CA CYS Z 352 -107.10 38.77 8.60
C CYS Z 352 -105.78 39.51 8.82
N GLN Z 353 -104.77 39.23 8.00
CA GLN Z 353 -103.42 39.78 8.13
C GLN Z 353 -102.93 40.30 6.78
N THR Z 354 -102.14 41.38 6.79
CA THR Z 354 -101.39 41.80 5.60
C THR Z 354 -99.91 41.67 5.86
N ILE Z 355 -99.18 41.14 4.87
CA ILE Z 355 -97.73 40.98 4.91
C ILE Z 355 -97.14 41.75 3.72
N GLU Z 356 -96.30 42.73 4.01
CA GLU Z 356 -95.63 43.56 3.01
C GLU Z 356 -94.11 43.46 3.14
N LYS Z 357 -93.42 43.20 2.02
CA LYS Z 357 -91.96 43.21 1.95
C LYS Z 357 -91.49 44.37 1.10
N PHE Z 358 -90.56 45.15 1.65
CA PHE Z 358 -89.93 46.27 0.96
C PHE Z 358 -88.54 45.85 0.51
N PRO Z 374 -93.92 48.45 -1.51
CA PRO Z 374 -93.52 47.06 -1.25
C PRO Z 374 -93.43 46.27 -2.57
N ASP Z 375 -92.43 45.39 -2.70
CA ASP Z 375 -92.31 44.50 -3.87
C ASP Z 375 -93.27 43.31 -3.78
N THR Z 376 -93.65 42.95 -2.55
CA THR Z 376 -94.58 41.89 -2.23
C THR Z 376 -95.59 42.45 -1.24
N SER Z 377 -96.86 42.47 -1.61
CA SER Z 377 -97.97 42.79 -0.70
C SER Z 377 -99.03 41.71 -0.82
N VAL Z 378 -99.25 40.96 0.26
CA VAL Z 378 -100.21 39.86 0.31
C VAL Z 378 -101.15 40.01 1.50
N SER Z 379 -102.42 39.70 1.32
CA SER Z 379 -103.40 39.60 2.40
C SER Z 379 -103.76 38.14 2.62
N VAL Z 380 -103.70 37.73 3.88
CA VAL Z 380 -104.02 36.39 4.35
C VAL Z 380 -105.36 36.42 5.06
N PHE Z 381 -106.29 35.60 4.59
CA PHE Z 381 -107.60 35.40 5.20
C PHE Z 381 -107.67 33.96 5.69
N SER Z 382 -108.02 33.75 6.96
CA SER Z 382 -108.29 32.42 7.50
C SER Z 382 -109.74 32.33 7.94
N TRP Z 383 -110.40 31.23 7.59
CA TRP Z 383 -111.81 31.02 7.91
C TRP Z 383 -112.11 29.55 8.20
N GLN Z 384 -113.15 29.34 8.99
CA GLN Z 384 -113.66 28.04 9.40
C GLN Z 384 -115.05 27.85 8.82
N VAL Z 385 -115.33 26.66 8.29
CA VAL Z 385 -116.64 26.25 7.77
C VAL Z 385 -117.14 25.07 8.60
N ASN Z 386 -118.24 25.27 9.30
CA ASN Z 386 -118.97 24.24 10.03
C ASN Z 386 -120.21 23.85 9.25
N THR Z 387 -120.19 22.67 8.64
CA THR Z 387 -121.36 22.09 7.98
C THR Z 387 -122.21 21.36 9.02
N TYR Z 388 -123.50 21.66 9.10
CA TYR Z 388 -124.40 20.98 10.02
C TYR Z 388 -124.37 19.45 9.81
N GLY Z 389 -124.07 18.69 10.88
CA GLY Z 389 -123.99 17.23 10.87
C GLY Z 389 -122.59 16.64 10.65
N GLN Z 390 -121.59 17.44 10.25
CA GLN Z 390 -120.18 17.01 10.32
C GLN Z 390 -119.57 17.50 11.65
N GLY Z 391 -119.07 16.57 12.46
CA GLY Z 391 -118.50 16.91 13.77
C GLY Z 391 -117.18 17.68 13.70
N LYS Z 392 -116.43 17.56 12.59
CA LYS Z 392 -115.14 18.25 12.39
C LYS Z 392 -115.32 19.49 11.51
N PRO Z 393 -114.84 20.68 11.94
CA PRO Z 393 -114.86 21.87 11.09
C PRO Z 393 -113.81 21.79 9.98
N SER Z 394 -114.08 22.39 8.82
CA SER Z 394 -113.07 22.58 7.77
C SER Z 394 -112.44 23.96 7.91
N VAL Z 395 -111.11 24.03 8.05
CA VAL Z 395 -110.37 25.29 8.20
C VAL Z 395 -109.54 25.55 6.96
N TYR Z 396 -109.59 26.79 6.48
CA TYR Z 396 -108.92 27.22 5.26
C TYR Z 396 -108.10 28.48 5.49
N LEU Z 397 -107.00 28.58 4.74
CA LEU Z 397 -106.14 29.75 4.68
C LEU Z 397 -106.00 30.18 3.21
N GLY Z 398 -106.39 31.41 2.91
CA GLY Z 398 -106.32 32.01 1.59
C GLY Z 398 -105.33 33.17 1.54
N VAL Z 399 -104.49 33.24 0.51
CA VAL Z 399 -103.51 34.32 0.31
C VAL Z 399 -103.81 35.02 -1.01
N PHE Z 400 -104.16 36.31 -0.93
CA PHE Z 400 -104.38 37.20 -2.07
C PHE Z 400 -103.14 38.06 -2.31
N ASP Z 401 -102.62 38.06 -3.55
CA ASP Z 401 -101.47 38.86 -3.96
C ASP Z 401 -101.94 40.01 -4.86
N ILE Z 402 -101.82 41.26 -4.36
CA ILE Z 402 -102.31 42.44 -5.05
C ILE Z 402 -101.58 42.65 -6.38
N ASN Z 403 -100.27 42.38 -6.43
CA ASN Z 403 -99.46 42.56 -7.63
C ASN Z 403 -99.84 41.55 -8.73
N ARG Z 404 -100.19 40.31 -8.34
CA ARG Z 404 -100.74 39.33 -9.28
C ARG Z 404 -102.16 39.65 -9.73
N TRP Z 405 -102.97 40.27 -8.87
CA TRP Z 405 -104.29 40.75 -9.25
C TRP Z 405 -104.21 41.90 -10.27
N TYR Z 406 -103.27 42.83 -10.10
CA TYR Z 406 -102.92 43.84 -11.11
C TYR Z 406 -102.56 43.19 -12.44
N GLN Z 407 -101.68 42.20 -12.42
CA GLN Z 407 -101.25 41.50 -13.62
C GLN Z 407 -102.39 40.74 -14.31
N ALA Z 408 -103.30 40.16 -13.53
CA ALA Z 408 -104.53 39.52 -14.00
C ALA Z 408 -105.57 40.49 -14.60
N GLN Z 409 -105.23 41.78 -14.70
CA GLN Z 409 -106.05 42.87 -15.24
C GLN Z 409 -107.21 43.27 -14.31
N MET Z 410 -106.98 43.28 -13.00
CA MET Z 410 -107.93 43.74 -11.99
C MET Z 410 -109.35 43.20 -12.18
N PRO Z 411 -109.55 41.85 -12.22
CA PRO Z 411 -110.89 41.29 -12.27
C PRO Z 411 -111.69 41.78 -11.05
N ASP Z 412 -113.00 41.96 -11.22
CA ASP Z 412 -113.94 42.42 -10.19
C ASP Z 412 -114.51 41.28 -9.32
N SER Z 413 -114.44 40.05 -9.82
CA SER Z 413 -114.85 38.83 -9.11
C SER Z 413 -114.15 37.62 -9.73
N LEU Z 414 -114.34 36.44 -9.14
CA LEU Z 414 -113.94 35.19 -9.80
C LEU Z 414 -114.75 35.01 -11.08
N ARG Z 415 -114.08 34.82 -12.22
CA ARG Z 415 -114.75 34.60 -13.51
C ARG Z 415 -115.53 33.29 -13.47
N SER Z 416 -116.66 33.20 -14.17
CA SER Z 416 -117.45 31.96 -14.25
C SER Z 416 -116.58 30.76 -14.68
N GLY Z 417 -116.56 29.71 -13.86
CA GLY Z 417 -115.75 28.51 -14.07
C GLY Z 417 -114.33 28.56 -13.49
N GLN Z 418 -113.88 29.71 -12.99
CA GLN Z 418 -112.70 29.80 -12.14
C GLN Z 418 -113.07 29.46 -10.69
N PHE Z 419 -112.28 28.60 -10.08
CA PHE Z 419 -112.37 28.27 -8.66
C PHE Z 419 -111.16 28.88 -7.96
N LEU Z 420 -111.28 29.14 -6.64
CA LEU Z 420 -110.14 29.61 -5.82
C LEU Z 420 -108.90 28.72 -5.98
N ARG Z 421 -109.10 27.41 -6.17
CA ARG Z 421 -108.03 26.42 -6.39
C ARG Z 421 -107.21 26.62 -7.66
N ASN Z 422 -107.68 27.42 -8.63
CA ASN Z 422 -107.01 27.65 -9.91
C ASN Z 422 -106.91 29.16 -10.25
N CYS Z 423 -106.76 29.99 -9.23
CA CYS Z 423 -106.64 31.43 -9.38
C CYS Z 423 -105.16 31.85 -9.48
N SER Z 424 -104.83 32.78 -10.39
CA SER Z 424 -103.45 33.27 -10.58
C SER Z 424 -103.01 34.30 -9.53
N TYR Z 425 -103.96 34.87 -8.79
CA TYR Z 425 -103.75 35.93 -7.80
C TYR Z 425 -104.29 35.57 -6.40
N PHE Z 426 -104.86 34.39 -6.24
CA PHE Z 426 -105.31 33.86 -4.96
C PHE Z 426 -104.84 32.42 -4.79
N ALA Z 427 -104.24 32.09 -3.65
CA ALA Z 427 -103.85 30.73 -3.29
C ALA Z 427 -104.60 30.27 -2.05
N PHE Z 428 -104.76 28.97 -1.90
CA PHE Z 428 -105.67 28.36 -0.94
C PHE Z 428 -105.03 27.10 -0.36
N TRP Z 429 -104.95 27.01 0.97
CA TRP Z 429 -104.46 25.86 1.73
C TRP Z 429 -105.56 25.29 2.63
N SER Z 430 -105.67 23.96 2.65
CA SER Z 430 -106.47 23.22 3.63
C SER Z 430 -105.67 22.99 4.91
N LEU Z 431 -106.28 23.27 6.06
CA LEU Z 431 -105.72 23.03 7.39
C LEU Z 431 -106.30 21.77 8.04
N GLU Z 432 -106.81 20.83 7.24
CA GLU Z 432 -107.38 19.56 7.74
C GLU Z 432 -106.38 18.77 8.61
N ALA Z 433 -105.09 18.80 8.28
CA ALA Z 433 -104.04 18.20 9.11
C ALA Z 433 -103.97 18.79 10.53
N VAL Z 434 -104.20 20.10 10.68
CA VAL Z 434 -104.26 20.79 11.97
C VAL Z 434 -105.51 20.38 12.72
N VAL Z 435 -106.68 20.38 12.05
CA VAL Z 435 -107.97 19.99 12.64
C VAL Z 435 -107.97 18.53 13.13
N ASN Z 436 -107.29 17.63 12.41
CA ASN Z 436 -107.20 16.23 12.79
C ASN Z 436 -106.42 15.99 14.09
N ILE Z 437 -105.52 16.90 14.46
CA ILE Z 437 -104.80 16.88 15.74
C ILE Z 437 -105.61 17.60 16.84
N THR Z 438 -106.40 18.60 16.46
CA THR Z 438 -107.11 19.52 17.36
C THR Z 438 -108.62 19.25 17.39
N THR Z 439 -109.03 17.98 17.48
CA THR Z 439 -110.43 17.58 17.27
C THR Z 439 -111.43 18.14 18.29
N GLN Z 440 -110.96 18.53 19.49
CA GLN Z 440 -111.77 19.10 20.56
C GLN Z 440 -111.49 20.59 20.82
N ASP Z 441 -110.47 21.15 20.18
CA ASP Z 441 -110.01 22.51 20.47
C ASP Z 441 -110.66 23.53 19.54
N ILE Z 442 -110.89 24.73 20.06
CA ILE Z 442 -111.43 25.87 19.32
C ILE Z 442 -110.26 26.68 18.79
N ILE Z 443 -110.20 26.85 17.46
CA ILE Z 443 -109.21 27.74 16.83
C ILE Z 443 -109.72 29.18 16.93
N PHE Z 444 -108.92 30.03 17.57
CA PHE Z 444 -109.24 31.45 17.75
C PHE Z 444 -108.67 32.34 16.66
N ASP Z 445 -107.40 32.10 16.29
CA ASP Z 445 -106.67 32.95 15.36
C ASP Z 445 -105.55 32.18 14.70
N ILE Z 446 -105.08 32.68 13.55
CA ILE Z 446 -103.96 32.10 12.82
C ILE Z 446 -103.01 33.23 12.42
N LEU Z 447 -101.76 33.13 12.89
CA LEU Z 447 -100.70 34.08 12.56
C LEU Z 447 -99.76 33.47 11.52
N VAL Z 448 -99.58 34.16 10.40
CA VAL Z 448 -98.52 33.84 9.43
C VAL Z 448 -97.26 34.64 9.76
N HIS Z 449 -96.13 33.96 9.90
CA HIS Z 449 -94.86 34.58 10.24
C HIS Z 449 -94.27 35.33 9.05
N GLU Z 450 -94.26 36.67 9.08
CA GLU Z 450 -93.85 37.52 7.96
C GLU Z 450 -92.46 37.19 7.40
N ARG Z 451 -91.52 36.83 8.29
CA ARG Z 451 -90.14 36.49 7.91
C ARG Z 451 -90.04 35.21 7.09
N PRO Z 470 -99.41 33.05 -6.27
CA PRO Z 470 -99.28 32.95 -4.82
C PRO Z 470 -99.24 31.50 -4.30
N SER Z 471 -99.66 30.53 -5.11
CA SER Z 471 -99.57 29.10 -4.80
C SER Z 471 -98.14 28.59 -4.67
N THR Z 472 -97.14 29.38 -5.08
CA THR Z 472 -95.71 29.07 -4.95
C THR Z 472 -95.08 29.60 -3.66
N TYR Z 473 -95.79 30.45 -2.89
CA TYR Z 473 -95.29 30.92 -1.61
C TYR Z 473 -95.17 29.77 -0.61
N ASN Z 474 -94.12 29.84 0.19
CA ASN Z 474 -93.92 29.01 1.38
C ASN Z 474 -93.92 29.94 2.59
N PHE Z 475 -94.55 29.54 3.67
CA PHE Z 475 -94.53 30.27 4.94
C PHE Z 475 -94.89 29.33 6.09
N ASP Z 476 -94.44 29.70 7.27
CA ASP Z 476 -94.77 29.06 8.53
C ASP Z 476 -95.84 29.88 9.24
N ALA Z 477 -96.69 29.19 9.99
CA ALA Z 477 -97.80 29.80 10.71
C ALA Z 477 -98.07 29.08 12.03
N THR Z 478 -98.73 29.78 12.94
CA THR Z 478 -99.15 29.27 14.25
C THR Z 478 -100.66 29.45 14.41
N CYS Z 479 -101.38 28.40 14.82
CA CYS Z 479 -102.76 28.52 15.26
C CYS Z 479 -102.81 28.72 16.78
N LEU Z 480 -103.66 29.64 17.22
CA LEU Z 480 -104.02 29.85 18.62
C LEU Z 480 -105.26 29.02 18.96
N LEU Z 481 -105.15 28.15 19.96
CA LEU Z 481 -106.22 27.27 20.45
C LEU Z 481 -106.62 27.68 21.87
N ASN Z 482 -107.68 27.09 22.40
CA ASN Z 482 -108.03 27.17 23.84
C ASN Z 482 -107.08 26.38 24.73
N SER Z 483 -106.49 25.29 24.22
CA SER Z 483 -105.57 24.42 24.95
C SER Z 483 -104.10 24.85 24.85
N GLY Z 484 -103.73 25.60 23.81
CA GLY Z 484 -102.33 25.88 23.50
C GLY Z 484 -102.09 26.47 22.10
N LEU Z 485 -100.93 26.16 21.53
CA LEU Z 485 -100.49 26.57 20.20
C LEU Z 485 -100.15 25.36 19.34
N ILE Z 486 -100.35 25.46 18.03
CA ILE Z 486 -99.87 24.47 17.07
C ILE Z 486 -99.19 25.15 15.89
N HIS Z 487 -97.97 24.70 15.58
CA HIS Z 487 -97.17 25.22 14.48
C HIS Z 487 -97.33 24.34 13.24
N PHE Z 488 -97.41 24.99 12.09
CA PHE Z 488 -97.51 24.31 10.80
C PHE Z 488 -96.82 25.12 9.70
N ALA Z 489 -96.41 24.42 8.65
CA ALA Z 489 -95.82 24.99 7.46
C ALA Z 489 -96.76 24.82 6.26
N CYS Z 490 -96.99 25.91 5.54
CA CYS Z 490 -97.66 25.91 4.25
C CYS Z 490 -96.59 25.87 3.16
N THR Z 491 -96.44 24.71 2.53
CA THR Z 491 -95.54 24.57 1.37
C THR Z 491 -96.25 25.00 0.08
N GLY Z 492 -95.51 25.67 -0.79
CA GLY Z 492 -95.97 26.06 -2.11
C GLY Z 492 -95.99 24.87 -3.07
N PHE Z 493 -96.81 24.97 -4.10
CA PHE Z 493 -97.04 23.92 -5.09
C PHE Z 493 -95.75 23.41 -5.77
N GLN Z 539 -88.62 7.62 -18.96
CA GLN Z 539 -88.14 7.64 -17.57
C GLN Z 539 -86.67 8.06 -17.47
N GLU Z 540 -85.84 7.71 -18.45
CA GLU Z 540 -84.44 8.15 -18.51
C GLU Z 540 -84.31 9.66 -18.72
N GLU Z 541 -85.12 10.27 -19.59
CA GLU Z 541 -85.13 11.73 -19.80
C GLU Z 541 -85.63 12.48 -18.57
N GLN Z 542 -86.65 11.95 -17.89
CA GLN Z 542 -87.13 12.50 -16.62
C GLN Z 542 -86.03 12.43 -15.54
N LEU Z 543 -85.31 11.30 -15.46
CA LEU Z 543 -84.18 11.16 -14.54
C LEU Z 543 -83.04 12.13 -14.89
N GLN Z 544 -82.68 12.29 -16.16
CA GLN Z 544 -81.67 13.27 -16.59
C GLN Z 544 -82.04 14.70 -16.21
N ALA Z 545 -83.33 15.05 -16.27
CA ALA Z 545 -83.82 16.35 -15.85
C ALA Z 545 -83.69 16.56 -14.33
N ILE Z 546 -83.99 15.53 -13.53
CA ILE Z 546 -83.81 15.55 -12.06
C ILE Z 546 -82.32 15.64 -11.70
N LEU Z 547 -81.46 14.84 -12.34
CA LEU Z 547 -80.01 14.87 -12.12
C LEU Z 547 -79.41 16.23 -12.52
N ALA Z 548 -79.87 16.80 -13.63
CA ALA Z 548 -79.50 18.16 -14.04
C ALA Z 548 -79.92 19.16 -12.96
N ALA Z 549 -81.18 19.16 -12.53
CA ALA Z 549 -81.64 20.05 -11.46
C ALA Z 549 -80.80 19.91 -10.18
N ALA Z 550 -80.41 18.70 -9.78
CA ALA Z 550 -79.56 18.48 -8.60
C ALA Z 550 -78.13 19.06 -8.76
N VAL Z 551 -77.52 18.96 -9.95
CA VAL Z 551 -76.23 19.60 -10.24
C VAL Z 551 -76.37 21.12 -10.34
N GLU Z 552 -77.51 21.60 -10.85
CA GLU Z 552 -77.74 23.02 -11.08
C GLU Z 552 -78.05 23.78 -9.78
N THR Z 553 -78.72 23.13 -8.82
CA THR Z 553 -78.99 23.68 -7.47
C THR Z 553 -77.91 23.35 -6.44
N SER Z 554 -76.78 22.77 -6.85
CA SER Z 554 -75.71 22.29 -5.95
C SER Z 554 -76.17 21.31 -4.86
N SER Z 555 -77.26 20.56 -5.12
CA SER Z 555 -77.79 19.54 -4.21
C SER Z 555 -77.01 18.22 -4.31
N LEU Z 556 -75.68 18.29 -4.21
CA LEU Z 556 -74.75 17.17 -4.37
C LEU Z 556 -74.98 16.06 -3.34
N GLY Z 557 -75.52 16.41 -2.17
CA GLY Z 557 -75.91 15.45 -1.14
C GLY Z 557 -76.92 14.41 -1.64
N LEU Z 558 -77.81 14.78 -2.56
CA LEU Z 558 -78.74 13.83 -3.19
C LEU Z 558 -77.99 12.82 -4.06
N LEU Z 559 -77.12 13.31 -4.95
CA LEU Z 559 -76.39 12.47 -5.90
C LEU Z 559 -75.40 11.54 -5.19
N THR Z 560 -74.61 12.09 -4.27
CA THR Z 560 -73.65 11.31 -3.47
C THR Z 560 -74.35 10.25 -2.61
N SER Z 561 -75.50 10.56 -2.01
CA SER Z 561 -76.29 9.57 -1.27
C SER Z 561 -76.85 8.47 -2.18
N CYS Z 562 -77.33 8.81 -3.38
CA CYS Z 562 -77.80 7.82 -4.36
C CYS Z 562 -76.66 6.91 -4.81
N ILE Z 563 -75.49 7.47 -5.13
CA ILE Z 563 -74.29 6.71 -5.53
C ILE Z 563 -73.87 5.75 -4.41
N LYS Z 564 -73.72 6.24 -3.18
CA LYS Z 564 -73.34 5.41 -2.01
C LYS Z 564 -74.30 4.24 -1.78
N ARG Z 565 -75.62 4.47 -1.94
CA ARG Z 565 -76.63 3.41 -1.77
C ARG Z 565 -76.63 2.41 -2.93
N TRP Z 566 -76.60 2.87 -4.18
CA TRP Z 566 -76.52 1.95 -5.32
C TRP Z 566 -75.21 1.16 -5.36
N THR Z 567 -74.13 1.66 -4.77
CA THR Z 567 -72.90 0.86 -4.58
C THR Z 567 -73.01 -0.15 -3.44
N ALA Z 568 -73.88 0.06 -2.46
CA ALA Z 568 -74.13 -0.88 -1.36
C ALA Z 568 -75.19 -1.94 -1.69
N GLU Z 569 -76.20 -1.58 -2.51
CA GLU Z 569 -77.24 -2.48 -2.99
C GLU Z 569 -76.72 -3.26 -4.21
N GLU Z 570 -76.22 -4.48 -4.00
CA GLU Z 570 -75.72 -5.42 -5.04
C GLU Z 570 -76.80 -5.92 -6.03
N GLN Z 571 -77.85 -5.15 -6.28
CA GLN Z 571 -78.90 -5.48 -7.23
C GLN Z 571 -78.44 -5.18 -8.67
N PRO Z 572 -78.81 -5.99 -9.67
CA PRO Z 572 -78.39 -5.79 -11.07
C PRO Z 572 -78.88 -4.45 -11.67
N ARG Z 573 -80.00 -3.90 -11.15
CA ARG Z 573 -80.51 -2.58 -11.54
C ARG Z 573 -79.62 -1.43 -11.05
N SER Z 574 -78.94 -1.59 -9.90
CA SER Z 574 -78.04 -0.57 -9.33
C SER Z 574 -76.82 -0.35 -10.22
N ALA Z 575 -76.24 -1.42 -10.78
CA ALA Z 575 -75.10 -1.31 -11.69
C ALA Z 575 -75.45 -0.54 -12.98
N ALA Z 576 -76.66 -0.77 -13.53
CA ALA Z 576 -77.14 -0.03 -14.69
C ALA Z 576 -77.33 1.46 -14.38
N ASN Z 577 -77.90 1.78 -13.21
CA ASN Z 577 -78.07 3.16 -12.74
C ASN Z 577 -76.72 3.87 -12.53
N LEU Z 578 -75.75 3.22 -11.89
CA LEU Z 578 -74.40 3.79 -11.69
C LEU Z 578 -73.70 4.08 -13.03
N ARG Z 579 -73.78 3.14 -13.99
CA ARG Z 579 -73.23 3.34 -15.33
C ARG Z 579 -73.90 4.51 -16.05
N PHE Z 580 -75.23 4.58 -16.00
CA PHE Z 580 -75.98 5.67 -16.60
C PHE Z 580 -75.57 7.03 -16.03
N VAL Z 581 -75.48 7.14 -14.69
CA VAL Z 581 -75.07 8.40 -14.03
C VAL Z 581 -73.63 8.77 -14.38
N LEU Z 582 -72.70 7.82 -14.48
CA LEU Z 582 -71.32 8.09 -14.88
C LEU Z 582 -71.21 8.58 -16.34
N GLU Z 583 -71.88 7.90 -17.27
CA GLU Z 583 -71.93 8.29 -18.68
C GLU Z 583 -72.61 9.66 -18.86
N TRP Z 584 -73.70 9.90 -18.12
CA TRP Z 584 -74.39 11.19 -18.07
C TRP Z 584 -73.50 12.31 -17.53
N THR Z 585 -72.79 12.06 -16.43
CA THR Z 585 -71.87 13.03 -15.80
C THR Z 585 -70.81 13.46 -16.81
N TRP Z 586 -70.18 12.51 -17.51
CA TRP Z 586 -69.16 12.82 -18.52
C TRP Z 586 -69.73 13.56 -19.74
N LYS Z 587 -70.93 13.19 -20.19
CA LYS Z 587 -71.65 13.90 -21.25
C LYS Z 587 -71.95 15.34 -20.86
N LYS Z 588 -72.37 15.59 -19.60
CA LYS Z 588 -72.63 16.93 -19.08
C LYS Z 588 -71.33 17.75 -19.00
N VAL Z 589 -70.20 17.18 -18.56
CA VAL Z 589 -68.89 17.86 -18.58
C VAL Z 589 -68.52 18.31 -19.99
N THR Z 590 -68.71 17.44 -20.99
CA THR Z 590 -68.42 17.75 -22.40
C THR Z 590 -69.29 18.90 -22.93
N LEU Z 591 -70.59 18.88 -22.63
CA LEU Z 591 -71.52 19.95 -23.03
C LEU Z 591 -71.21 21.28 -22.33
N THR Z 592 -70.90 21.25 -21.02
CA THR Z 592 -70.51 22.45 -20.26
C THR Z 592 -69.22 23.07 -20.82
N LYS Z 593 -68.24 22.26 -21.24
CA LYS Z 593 -67.02 22.74 -21.91
C LYS Z 593 -67.30 23.43 -23.24
N GLN Z 594 -68.16 22.86 -24.09
CA GLN Z 594 -68.54 23.48 -25.35
C GLN Z 594 -69.19 24.84 -25.15
N GLU Z 595 -70.07 24.97 -24.15
CA GLU Z 595 -70.69 26.25 -23.81
C GLU Z 595 -69.68 27.23 -23.22
N PHE Z 596 -68.81 26.77 -22.32
CA PHE Z 596 -67.75 27.59 -21.74
C PHE Z 596 -66.79 28.14 -22.81
N ASP Z 597 -66.37 27.32 -23.77
CA ASP Z 597 -65.55 27.74 -24.91
C ASP Z 597 -66.26 28.78 -25.78
N ARG Z 598 -67.56 28.60 -26.02
CA ARG Z 598 -68.39 29.54 -26.79
C ARG Z 598 -68.45 30.93 -26.12
N LEU Z 599 -68.51 30.96 -24.80
CA LEU Z 599 -68.49 32.20 -24.01
C LEU Z 599 -67.08 32.81 -24.00
N CYS Z 600 -66.05 32.01 -23.75
CA CYS Z 600 -64.65 32.43 -23.70
C CYS Z 600 -64.13 32.96 -25.03
N PHE Z 601 -64.57 32.41 -26.17
CA PHE Z 601 -64.16 32.87 -27.50
C PHE Z 601 -64.36 34.38 -27.69
N ARG Z 602 -65.46 34.93 -27.18
CA ARG Z 602 -65.77 36.38 -27.27
C ARG Z 602 -64.90 37.24 -26.35
N LEU Z 603 -64.32 36.66 -25.28
CA LEU Z 603 -63.46 37.38 -24.34
C LEU Z 603 -62.06 37.63 -24.92
N PHE Z 604 -61.61 36.76 -25.82
CA PHE Z 604 -60.24 36.77 -26.35
C PHE Z 604 -60.14 37.27 -27.81
N ASP Z 605 -61.20 37.20 -28.62
CA ASP Z 605 -61.15 37.59 -30.04
C ASP Z 605 -61.15 39.12 -30.28
N GLY Z 606 -61.26 39.91 -29.22
CA GLY Z 606 -61.36 41.37 -29.25
C GLY Z 606 -62.70 41.90 -29.77
N SER Z 607 -63.73 41.04 -29.91
CA SER Z 607 -65.09 41.47 -30.32
C SER Z 607 -65.89 42.10 -29.18
N CYS Z 608 -65.50 41.80 -27.94
CA CYS Z 608 -66.17 42.24 -26.72
C CYS Z 608 -65.38 43.37 -26.06
N ASN Z 609 -65.98 44.55 -25.88
CA ASN Z 609 -65.38 45.66 -25.13
C ASN Z 609 -65.80 45.67 -23.65
N PHE Z 610 -66.96 45.09 -23.35
CA PHE Z 610 -67.53 45.03 -22.01
C PHE Z 610 -68.19 43.67 -21.80
N ILE Z 611 -68.00 43.06 -20.64
CA ILE Z 611 -68.68 41.82 -20.27
C ILE Z 611 -70.07 42.22 -19.78
N ASP Z 612 -71.13 41.74 -20.47
CA ASP Z 612 -72.48 41.91 -19.94
C ASP Z 612 -72.64 41.09 -18.64
N PRO Z 613 -73.42 41.56 -17.65
CA PRO Z 613 -73.63 40.81 -16.40
C PRO Z 613 -74.13 39.37 -16.65
N HIS Z 614 -74.85 39.18 -17.75
CA HIS Z 614 -75.34 37.88 -18.20
C HIS Z 614 -74.21 36.91 -18.57
N THR Z 615 -73.24 37.29 -19.42
CA THR Z 615 -72.11 36.41 -19.76
C THR Z 615 -71.28 36.11 -18.52
N LEU Z 616 -71.08 37.08 -17.62
CA LEU Z 616 -70.38 36.84 -16.36
C LEU Z 616 -71.11 35.78 -15.50
N GLN Z 617 -72.43 35.86 -15.40
CA GLN Z 617 -73.25 34.87 -14.70
C GLN Z 617 -73.21 33.50 -15.40
N SER Z 618 -73.25 33.44 -16.74
CA SER Z 618 -73.11 32.17 -17.47
C SER Z 618 -71.74 31.53 -17.23
N LEU Z 619 -70.66 32.31 -17.17
CA LEU Z 619 -69.33 31.80 -16.82
C LEU Z 619 -69.28 31.27 -15.39
N GLN Z 620 -69.90 31.98 -14.43
CA GLN Z 620 -70.04 31.50 -13.04
C GLN Z 620 -70.81 30.19 -12.97
N GLN Z 621 -71.89 30.05 -13.74
CA GLN Z 621 -72.71 28.85 -13.84
C GLN Z 621 -71.90 27.67 -14.42
N CYS Z 622 -71.11 27.90 -15.47
CA CYS Z 622 -70.19 26.88 -16.01
C CYS Z 622 -69.16 26.44 -14.97
N HIS Z 623 -68.53 27.38 -14.25
CA HIS Z 623 -67.59 27.08 -13.17
C HIS Z 623 -68.26 26.23 -12.06
N LEU Z 624 -69.45 26.62 -11.61
CA LEU Z 624 -70.22 25.87 -10.62
C LEU Z 624 -70.52 24.44 -11.10
N TYR Z 625 -70.90 24.28 -12.37
CA TYR Z 625 -71.16 22.96 -12.94
C TYR Z 625 -69.90 22.10 -13.00
N PHE Z 626 -68.74 22.63 -13.39
CA PHE Z 626 -67.50 21.87 -13.36
C PHE Z 626 -67.12 21.43 -11.93
N SER Z 627 -67.27 22.31 -10.95
CA SER Z 627 -67.03 21.99 -9.54
C SER Z 627 -67.98 20.87 -9.04
N ASN Z 628 -69.28 21.04 -9.29
CA ASN Z 628 -70.31 20.08 -8.91
C ASN Z 628 -70.10 18.71 -9.57
N LEU Z 629 -69.74 18.67 -10.85
CA LEU Z 629 -69.43 17.43 -11.58
C LEU Z 629 -68.12 16.79 -11.10
N THR Z 630 -67.11 17.59 -10.72
CA THR Z 630 -65.87 17.09 -10.10
C THR Z 630 -66.16 16.41 -8.77
N ALA Z 631 -67.05 16.97 -7.93
CA ALA Z 631 -67.46 16.36 -6.67
C ALA Z 631 -68.19 15.01 -6.88
N VAL Z 632 -69.05 14.91 -7.91
CA VAL Z 632 -69.70 13.64 -8.29
C VAL Z 632 -68.66 12.59 -8.73
N LEU Z 633 -67.68 12.96 -9.55
CA LEU Z 633 -66.60 12.06 -9.98
C LEU Z 633 -65.71 11.63 -8.81
N ASN Z 634 -65.39 12.53 -7.88
CA ASN Z 634 -64.67 12.20 -6.64
C ASN Z 634 -65.46 11.20 -5.79
N CYS Z 635 -66.80 11.33 -5.71
CA CYS Z 635 -67.64 10.37 -5.03
C CYS Z 635 -67.58 8.98 -5.69
N PHE Z 636 -67.61 8.90 -7.03
CA PHE Z 636 -67.38 7.64 -7.73
C PHE Z 636 -66.02 7.03 -7.40
N ILE Z 637 -64.94 7.83 -7.39
CA ILE Z 637 -63.59 7.35 -7.03
C ILE Z 637 -63.54 6.81 -5.60
N ALA Z 638 -64.19 7.49 -4.65
CA ALA Z 638 -64.20 7.08 -3.25
C ALA Z 638 -65.00 5.79 -3.01
N GLN Z 639 -66.09 5.56 -3.75
CA GLN Z 639 -66.95 4.36 -3.61
C GLN Z 639 -66.51 3.19 -4.50
N ALA Z 640 -65.70 3.44 -5.52
CA ALA Z 640 -65.19 2.46 -6.48
C ALA Z 640 -64.14 1.49 -5.89
N LYS Z 641 -64.54 0.59 -5.00
CA LYS Z 641 -63.64 -0.46 -4.46
C LYS Z 641 -63.38 -1.60 -5.46
N GLU Z 642 -64.33 -1.89 -6.36
CA GLU Z 642 -64.27 -3.00 -7.31
C GLU Z 642 -64.39 -2.53 -8.78
N VAL Z 643 -63.50 -1.65 -9.22
CA VAL Z 643 -63.44 -1.21 -10.62
C VAL Z 643 -62.32 -1.93 -11.35
N THR Z 644 -62.56 -2.31 -12.61
CA THR Z 644 -61.51 -2.85 -13.48
C THR Z 644 -60.31 -1.89 -13.55
N GLN Z 645 -59.09 -2.40 -13.74
CA GLN Z 645 -57.91 -1.55 -13.83
C GLN Z 645 -58.06 -0.44 -14.90
N GLN Z 646 -58.68 -0.78 -16.05
CA GLN Z 646 -59.00 0.19 -17.08
C GLN Z 646 -60.02 1.24 -16.61
N GLY Z 647 -61.10 0.81 -15.95
CA GLY Z 647 -62.12 1.73 -15.44
C GLY Z 647 -61.57 2.69 -14.37
N ALA Z 648 -60.62 2.25 -13.54
CA ALA Z 648 -59.97 3.10 -12.55
C ALA Z 648 -59.09 4.17 -13.20
N VAL Z 649 -58.33 3.81 -14.25
CA VAL Z 649 -57.53 4.76 -15.04
C VAL Z 649 -58.45 5.75 -15.76
N ASP Z 650 -59.50 5.27 -16.42
CA ASP Z 650 -60.46 6.11 -17.13
C ASP Z 650 -61.16 7.10 -16.18
N LEU Z 651 -61.57 6.65 -14.99
CA LEU Z 651 -62.21 7.52 -13.99
C LEU Z 651 -61.24 8.56 -13.43
N THR Z 652 -59.99 8.18 -13.18
CA THR Z 652 -58.92 9.10 -12.72
C THR Z 652 -58.61 10.15 -13.80
N ASN Z 653 -58.57 9.75 -15.08
CA ASN Z 653 -58.38 10.67 -16.19
C ASN Z 653 -59.54 11.66 -16.30
N LYS Z 654 -60.79 11.18 -16.24
CA LYS Z 654 -62.00 12.04 -16.25
C LYS Z 654 -62.01 13.04 -15.09
N GLN Z 655 -61.61 12.61 -13.90
CA GLN Z 655 -61.51 13.49 -12.73
C GLN Z 655 -60.40 14.53 -12.91
N SER Z 656 -59.23 14.14 -13.40
CA SER Z 656 -58.12 15.05 -13.66
C SER Z 656 -58.51 16.14 -14.67
N VAL Z 657 -59.15 15.76 -15.78
CA VAL Z 657 -59.65 16.69 -16.80
C VAL Z 657 -60.68 17.66 -16.22
N THR Z 658 -61.69 17.16 -15.49
CA THR Z 658 -62.75 18.02 -14.94
C THR Z 658 -62.19 18.99 -13.87
N ARG Z 659 -61.20 18.56 -13.08
CA ARG Z 659 -60.50 19.39 -12.11
C ARG Z 659 -59.72 20.52 -12.78
N LEU Z 660 -58.98 20.22 -13.85
CA LEU Z 660 -58.26 21.23 -14.64
C LEU Z 660 -59.21 22.25 -15.29
N LEU Z 661 -60.36 21.78 -15.81
CA LEU Z 661 -61.41 22.67 -16.35
C LEU Z 661 -62.02 23.57 -15.27
N THR Z 662 -62.24 23.04 -14.06
CA THR Z 662 -62.72 23.82 -12.91
C THR Z 662 -61.74 24.92 -12.55
N LEU Z 663 -60.45 24.58 -12.44
CA LEU Z 663 -59.38 25.54 -12.14
C LEU Z 663 -59.26 26.61 -13.23
N TYR Z 664 -59.26 26.22 -14.50
CA TYR Z 664 -59.24 27.16 -15.64
C TYR Z 664 -60.44 28.11 -15.62
N ALA Z 665 -61.66 27.60 -15.40
CA ALA Z 665 -62.87 28.40 -15.33
C ALA Z 665 -62.84 29.41 -14.16
N SER Z 666 -62.31 29.00 -13.00
CA SER Z 666 -62.13 29.87 -11.83
C SER Z 666 -61.17 31.02 -12.13
N VAL Z 667 -60.01 30.73 -12.75
CA VAL Z 667 -59.03 31.77 -13.10
C VAL Z 667 -59.57 32.70 -14.19
N VAL Z 668 -60.22 32.20 -15.24
CA VAL Z 668 -60.85 33.04 -16.28
C VAL Z 668 -61.90 33.97 -15.66
N LEU Z 669 -62.74 33.45 -14.76
CA LEU Z 669 -63.74 34.23 -14.05
C LEU Z 669 -63.10 35.32 -13.16
N TRP Z 670 -62.00 35.01 -12.48
CA TRP Z 670 -61.25 35.99 -11.69
C TRP Z 670 -60.67 37.09 -12.60
N PHE Z 671 -60.06 36.76 -13.74
CA PHE Z 671 -59.58 37.76 -14.71
C PHE Z 671 -60.71 38.66 -15.24
N CYS Z 672 -61.93 38.13 -15.40
CA CYS Z 672 -63.11 38.93 -15.77
C CYS Z 672 -63.52 39.90 -14.65
N ARG Z 673 -63.58 39.41 -13.38
CA ARG Z 673 -63.95 40.22 -12.21
C ARG Z 673 -62.91 41.31 -11.90
N SER Z 674 -61.62 41.01 -12.08
CA SER Z 674 -60.52 41.96 -11.89
C SER Z 674 -60.40 43.00 -13.02
N PHE Z 691 -53.57 48.57 -18.12
CA PHE Z 691 -53.50 48.00 -19.46
C PHE Z 691 -52.20 47.22 -19.67
N TYR Z 692 -52.29 46.05 -20.30
CA TYR Z 692 -51.12 45.23 -20.60
C TYR Z 692 -50.42 45.71 -21.87
N ASN Z 693 -49.32 46.46 -21.72
CA ASN Z 693 -48.49 46.88 -22.85
C ASN Z 693 -47.42 45.84 -23.21
N TYR Z 694 -47.81 44.88 -24.05
CA TYR Z 694 -46.90 43.83 -24.52
C TYR Z 694 -45.57 44.39 -25.06
N GLN Z 695 -45.61 45.47 -25.87
CA GLN Z 695 -44.42 45.99 -26.54
C GLN Z 695 -43.40 46.57 -25.55
N VAL Z 696 -43.86 47.31 -24.55
CA VAL Z 696 -43.00 47.94 -23.54
C VAL Z 696 -42.32 46.87 -22.68
N ILE Z 697 -43.10 45.91 -22.17
CA ILE Z 697 -42.57 44.84 -21.31
C ILE Z 697 -41.66 43.91 -22.13
N GLN Z 698 -42.03 43.55 -23.36
CA GLN Z 698 -41.18 42.74 -24.24
C GLN Z 698 -39.85 43.42 -24.55
N GLN Z 699 -39.84 44.73 -24.84
CA GLN Z 699 -38.61 45.49 -25.07
C GLN Z 699 -37.73 45.49 -23.82
N TYR Z 700 -38.31 45.77 -22.65
CA TYR Z 700 -37.60 45.74 -21.37
C TYR Z 700 -36.90 44.39 -21.13
N TYR Z 701 -37.64 43.28 -21.20
CA TYR Z 701 -37.08 41.94 -20.98
C TYR Z 701 -36.09 41.53 -22.07
N SER Z 702 -36.29 41.97 -23.32
CA SER Z 702 -35.31 41.74 -24.40
C SER Z 702 -34.00 42.48 -24.14
N ASP Z 703 -34.06 43.69 -23.60
CA ASP Z 703 -32.88 44.49 -23.27
C ASP Z 703 -32.18 43.99 -22.01
N GLN Z 704 -32.93 43.52 -20.99
CA GLN Z 704 -32.34 42.87 -19.82
C GLN Z 704 -31.60 41.58 -20.18
N ARG Z 705 -32.19 40.71 -21.03
CA ARG Z 705 -31.49 39.50 -21.52
C ARG Z 705 -30.20 39.85 -22.27
N LYS Z 706 -30.24 40.83 -23.17
CA LYS Z 706 -29.03 41.33 -23.87
C LYS Z 706 -28.00 41.93 -22.89
N LYS Z 707 -28.44 42.64 -21.86
CA LYS Z 707 -27.56 43.22 -20.83
C LYS Z 707 -26.87 42.11 -20.04
N LEU Z 708 -27.61 41.10 -19.62
CA LEU Z 708 -27.10 39.94 -18.89
C LEU Z 708 -26.09 39.16 -19.74
N GLU Z 709 -26.39 38.88 -21.01
CA GLU Z 709 -25.46 38.23 -21.95
C GLU Z 709 -24.13 39.00 -22.12
N ARG Z 710 -24.20 40.35 -22.19
CA ARG Z 710 -22.99 41.20 -22.28
C ARG Z 710 -22.17 41.18 -20.99
N LEU Z 711 -22.83 41.19 -19.84
CA LEU Z 711 -22.17 41.20 -18.52
C LEU Z 711 -21.55 39.86 -18.17
N ALA Z 712 -22.21 38.75 -18.52
CA ALA Z 712 -21.72 37.40 -18.28
C ALA Z 712 -20.37 37.13 -18.97
N ARG Z 713 -20.10 37.77 -20.12
CA ARG Z 713 -18.86 37.60 -20.93
C ARG Z 713 -18.50 36.13 -21.19
N GLY Z 714 -19.48 35.24 -21.21
CA GLY Z 714 -19.30 33.79 -21.30
C GLY Z 714 -18.61 33.13 -20.10
N LYS Z 715 -18.40 33.84 -18.99
CA LYS Z 715 -17.83 33.28 -17.74
C LYS Z 715 -18.86 32.49 -16.93
N TRP Z 716 -20.12 32.91 -17.01
CA TRP Z 716 -21.24 32.37 -16.24
C TRP Z 716 -22.32 31.84 -17.19
N ASP Z 717 -23.11 30.89 -16.72
CA ASP Z 717 -24.20 30.25 -17.48
C ASP Z 717 -25.51 31.05 -17.35
N THR Z 718 -25.40 32.36 -17.12
CA THR Z 718 -26.48 33.33 -16.93
C THR Z 718 -27.11 33.73 -18.26
N SER Z 719 -27.59 32.74 -19.00
CA SER Z 719 -28.35 32.99 -20.23
C SER Z 719 -29.84 33.29 -19.96
N SER Z 720 -30.30 33.19 -18.71
CA SER Z 720 -31.71 33.32 -18.36
C SER Z 720 -31.95 34.23 -17.14
N LEU Z 721 -33.04 34.99 -17.20
CA LEU Z 721 -33.58 35.73 -16.06
C LEU Z 721 -34.27 34.76 -15.08
N MET Z 722 -34.62 35.21 -13.87
CA MET Z 722 -35.30 34.35 -12.90
C MET Z 722 -36.65 33.84 -13.43
N ILE Z 723 -37.40 34.70 -14.13
CA ILE Z 723 -38.65 34.32 -14.78
C ILE Z 723 -38.44 33.27 -15.89
N ASP Z 724 -37.35 33.36 -16.63
CA ASP Z 724 -37.02 32.37 -17.66
C ASP Z 724 -36.71 31.01 -17.02
N GLY Z 725 -36.06 31.00 -15.84
CA GLY Z 725 -35.85 29.81 -15.03
C GLY Z 725 -37.16 29.20 -14.51
N LEU Z 726 -38.10 30.04 -14.05
CA LEU Z 726 -39.45 29.59 -13.64
C LEU Z 726 -40.21 28.95 -14.80
N ILE Z 727 -40.17 29.55 -15.99
CA ILE Z 727 -40.84 29.02 -17.18
C ILE Z 727 -40.20 27.70 -17.64
N ASN Z 728 -38.86 27.61 -17.58
CA ASN Z 728 -38.14 26.41 -17.98
C ASN Z 728 -38.47 25.18 -17.11
N GLN Z 729 -39.04 25.36 -15.91
CA GLN Z 729 -39.56 24.25 -15.10
C GLN Z 729 -40.72 23.51 -15.77
N PHE Z 730 -41.46 24.18 -16.65
CA PHE Z 730 -42.56 23.58 -17.41
C PHE Z 730 -42.08 22.94 -18.71
N GLY Z 731 -40.77 22.97 -18.99
CA GLY Z 731 -40.15 22.51 -20.22
C GLY Z 731 -40.65 23.29 -21.45
N ASP Z 732 -40.62 22.64 -22.61
CA ASP Z 732 -40.98 23.27 -23.90
C ASP Z 732 -42.49 23.58 -24.04
N ARG Z 733 -43.33 23.19 -23.07
CA ARG Z 733 -44.79 23.30 -23.16
C ARG Z 733 -45.27 24.75 -23.20
N ILE Z 734 -44.74 25.59 -22.30
CA ILE Z 734 -45.08 27.03 -22.28
C ILE Z 734 -44.53 27.71 -23.54
N GLN Z 735 -43.33 27.34 -23.98
CA GLN Z 735 -42.75 27.89 -25.20
C GLN Z 735 -43.62 27.58 -26.44
N GLN Z 736 -44.16 26.36 -26.53
CA GLN Z 736 -45.12 25.97 -27.58
C GLN Z 736 -46.44 26.74 -27.45
N LEU Z 737 -46.97 26.89 -26.24
CA LEU Z 737 -48.21 27.63 -25.99
C LEU Z 737 -48.08 29.11 -26.38
N TRP Z 738 -47.00 29.76 -25.97
CA TRP Z 738 -46.77 31.19 -26.20
C TRP Z 738 -46.23 31.50 -27.60
N SER Z 739 -45.89 30.49 -28.40
CA SER Z 739 -45.58 30.66 -29.82
C SER Z 739 -46.79 30.42 -30.74
N ARG Z 740 -47.92 29.99 -30.18
CA ARG Z 740 -49.16 29.72 -30.93
C ARG Z 740 -49.80 30.99 -31.49
N ASP Z 741 -49.74 32.09 -30.74
CA ASP Z 741 -50.44 33.33 -31.07
C ASP Z 741 -49.55 34.29 -31.88
N ASP Z 742 -50.16 35.10 -32.75
CA ASP Z 742 -49.44 36.09 -33.57
C ASP Z 742 -48.61 37.03 -32.68
N ASN Z 743 -47.33 37.19 -33.00
CA ASN Z 743 -46.27 37.90 -32.24
C ASN Z 743 -45.67 37.15 -31.04
N GLY Z 744 -46.04 35.90 -30.81
CA GLY Z 744 -45.45 35.04 -29.78
C GLY Z 744 -43.96 34.76 -29.98
N THR Z 745 -43.13 35.17 -29.03
CA THR Z 745 -41.68 34.83 -29.02
C THR Z 745 -41.38 33.49 -28.37
N GLY Z 746 -42.39 32.84 -27.76
CA GLY Z 746 -42.20 31.67 -26.90
C GLY Z 746 -41.46 31.96 -25.59
N LYS Z 747 -41.15 33.23 -25.29
CA LYS Z 747 -40.47 33.68 -24.06
C LYS Z 747 -41.34 34.69 -23.32
N TYR Z 748 -40.99 34.98 -22.06
CA TYR Z 748 -41.65 36.03 -21.29
C TYR Z 748 -41.36 37.43 -21.87
N PRO Z 749 -42.35 38.33 -21.95
CA PRO Z 749 -43.74 38.19 -21.47
C PRO Z 749 -44.65 37.51 -22.53
N PRO Z 750 -45.81 36.93 -22.13
CA PRO Z 750 -46.75 36.29 -23.04
C PRO Z 750 -47.32 37.26 -24.08
N ALA Z 751 -47.59 36.82 -25.32
CA ALA Z 751 -48.02 37.70 -26.42
C ALA Z 751 -49.31 38.49 -26.13
N ASN Z 752 -50.21 37.90 -25.37
CA ASN Z 752 -51.51 38.45 -24.98
C ASN Z 752 -51.96 37.79 -23.65
N LEU Z 753 -53.04 38.30 -23.06
CA LEU Z 753 -53.59 37.75 -21.81
C LEU Z 753 -54.15 36.33 -21.98
N HIS Z 754 -54.62 35.97 -23.17
CA HIS Z 754 -55.13 34.62 -23.46
C HIS Z 754 -54.02 33.55 -23.29
N ALA Z 755 -52.83 33.80 -23.85
CA ALA Z 755 -51.66 32.93 -23.73
C ALA Z 755 -51.16 32.78 -22.27
N LEU Z 756 -51.32 33.81 -21.43
CA LEU Z 756 -51.06 33.72 -19.99
C LEU Z 756 -52.07 32.80 -19.31
N LEU Z 757 -53.36 33.02 -19.56
CA LEU Z 757 -54.44 32.28 -18.89
C LEU Z 757 -54.43 30.81 -19.30
N ASP Z 758 -54.07 30.49 -20.55
CA ASP Z 758 -53.96 29.11 -21.02
C ASP Z 758 -52.90 28.28 -20.26
N VAL Z 759 -51.96 28.91 -19.54
CA VAL Z 759 -51.04 28.20 -18.63
C VAL Z 759 -51.80 27.43 -17.55
N TYR Z 760 -52.99 27.90 -17.14
CA TYR Z 760 -53.82 27.20 -16.16
C TYR Z 760 -54.41 25.89 -16.67
N LEU Z 761 -54.52 25.71 -18.00
CA LEU Z 761 -55.01 24.48 -18.63
C LEU Z 761 -53.93 23.40 -18.78
N LEU Z 762 -52.66 23.69 -18.46
CA LEU Z 762 -51.57 22.72 -18.52
C LEU Z 762 -51.72 21.61 -17.46
N GLU Z 763 -51.68 20.36 -17.90
CA GLU Z 763 -51.70 19.17 -17.05
C GLU Z 763 -50.37 18.91 -16.34
N ASN Z 764 -50.44 18.28 -15.16
CA ASN Z 764 -49.28 17.86 -14.35
C ASN Z 764 -48.34 19.00 -13.93
N ALA Z 765 -48.81 20.24 -13.98
CA ALA Z 765 -48.14 21.40 -13.43
C ALA Z 765 -48.73 21.75 -12.06
N ASP Z 766 -47.85 22.05 -11.11
CA ASP Z 766 -48.24 22.51 -9.78
C ASP Z 766 -49.00 23.84 -9.86
N GLU Z 767 -50.10 23.95 -9.11
CA GLU Z 767 -50.96 25.14 -9.14
C GLU Z 767 -50.19 26.36 -8.65
N MET Z 768 -49.35 26.19 -7.63
CA MET Z 768 -48.54 27.28 -7.08
C MET Z 768 -47.53 27.81 -8.09
N SER Z 769 -46.93 26.95 -8.90
CA SER Z 769 -46.05 27.39 -10.00
C SER Z 769 -46.81 28.18 -11.07
N LYS Z 770 -48.08 27.84 -11.36
CA LYS Z 770 -48.92 28.63 -12.28
C LYS Z 770 -49.25 30.00 -11.69
N HIS Z 771 -49.68 30.04 -10.43
CA HIS Z 771 -49.88 31.30 -9.69
C HIS Z 771 -48.60 32.13 -9.61
N ALA Z 772 -47.43 31.50 -9.52
CA ALA Z 772 -46.15 32.22 -9.49
C ALA Z 772 -45.87 33.00 -10.77
N ILE Z 773 -46.14 32.42 -11.95
CA ILE Z 773 -46.03 33.13 -13.23
C ILE Z 773 -47.03 34.28 -13.31
N THR Z 774 -48.28 34.06 -12.89
CA THR Z 774 -49.33 35.09 -12.88
C THR Z 774 -49.00 36.24 -11.94
N ILE Z 775 -48.52 35.96 -10.72
CA ILE Z 775 -48.08 36.98 -9.76
C ILE Z 775 -46.92 37.80 -10.32
N TYR Z 776 -45.91 37.13 -10.88
CA TYR Z 776 -44.79 37.82 -11.51
C TYR Z 776 -45.26 38.77 -12.62
N PHE Z 777 -46.25 38.33 -13.42
CA PHE Z 777 -46.89 39.15 -14.45
C PHE Z 777 -47.70 40.33 -13.90
N LEU Z 778 -48.45 40.13 -12.82
CA LEU Z 778 -49.22 41.20 -12.17
C LEU Z 778 -48.30 42.27 -11.57
N LEU Z 779 -47.13 41.88 -11.05
CA LEU Z 779 -46.11 42.83 -10.56
C LEU Z 779 -45.59 43.72 -11.69
N ASP Z 780 -45.35 43.19 -12.90
CA ASP Z 780 -44.95 44.00 -14.07
C ASP Z 780 -46.02 45.02 -14.47
N ILE Z 781 -47.30 44.65 -14.37
CA ILE Z 781 -48.42 45.55 -14.66
C ILE Z 781 -48.50 46.63 -13.60
N MET Z 782 -48.45 46.28 -12.32
CA MET Z 782 -48.48 47.26 -11.23
C MET Z 782 -47.32 48.26 -11.32
N TYR Z 783 -46.11 47.78 -11.63
CA TYR Z 783 -44.94 48.65 -11.81
C TYR Z 783 -45.10 49.62 -12.98
N SER Z 784 -45.86 49.25 -14.01
CA SER Z 784 -46.17 50.12 -15.15
C SER Z 784 -47.18 51.23 -14.80
N PHE Z 785 -47.89 51.14 -13.67
CA PHE Z 785 -48.91 52.12 -13.22
C PHE Z 785 -48.76 52.49 -11.74
N PRO Z 786 -47.78 53.32 -11.36
CA PRO Z 786 -47.57 53.70 -9.95
C PRO Z 786 -48.66 54.61 -9.37
N ASP Z 787 -49.49 55.26 -10.21
CA ASP Z 787 -50.33 56.40 -9.80
C ASP Z 787 -51.72 56.02 -9.22
N LYS Z 788 -52.04 54.73 -9.03
CA LYS Z 788 -53.32 54.31 -8.42
C LYS Z 788 -53.11 53.24 -7.33
N PRO Z 789 -53.14 53.62 -6.04
CA PRO Z 789 -52.87 52.70 -4.93
C PRO Z 789 -53.96 51.63 -4.71
N ASP Z 790 -55.20 51.85 -5.14
CA ASP Z 790 -56.32 50.94 -4.83
C ASP Z 790 -56.65 49.99 -5.98
N SER Z 791 -55.62 49.35 -6.55
CA SER Z 791 -55.86 48.42 -7.65
C SER Z 791 -56.40 47.08 -7.12
N SER Z 792 -57.55 46.65 -7.64
CA SER Z 792 -58.14 45.32 -7.42
C SER Z 792 -57.17 44.16 -7.69
N ILE Z 793 -56.03 44.43 -8.33
CA ILE Z 793 -54.95 43.48 -8.60
C ILE Z 793 -54.34 42.92 -7.31
N GLU Z 794 -54.28 43.71 -6.23
CA GLU Z 794 -53.73 43.27 -4.93
C GLU Z 794 -54.55 42.14 -4.29
N SER Z 795 -55.80 41.95 -4.70
CA SER Z 795 -56.67 40.88 -4.20
C SER Z 795 -56.29 39.47 -4.70
N PHE Z 796 -55.43 39.34 -5.72
CA PHE Z 796 -55.12 38.04 -6.35
C PHE Z 796 -54.64 36.99 -5.34
N PRO Z 797 -53.65 37.28 -4.46
CA PRO Z 797 -53.13 36.26 -3.57
C PRO Z 797 -54.17 35.82 -2.53
N THR Z 798 -55.02 36.74 -2.05
CA THR Z 798 -56.14 36.44 -1.14
C THR Z 798 -57.20 35.60 -1.84
N ALA Z 799 -57.55 35.93 -3.09
CA ALA Z 799 -58.59 35.24 -3.87
C ALA Z 799 -58.23 33.78 -4.21
N PHE Z 800 -56.94 33.45 -4.34
CA PHE Z 800 -56.45 32.11 -4.69
C PHE Z 800 -55.65 31.44 -3.56
N PHE Z 801 -55.77 31.93 -2.32
CA PHE Z 801 -55.11 31.38 -1.12
C PHE Z 801 -53.60 31.15 -1.29
N VAL Z 802 -52.92 32.09 -1.95
CA VAL Z 802 -51.48 31.97 -2.19
C VAL Z 802 -50.73 32.27 -0.89
N PRO Z 803 -49.85 31.36 -0.41
CA PRO Z 803 -49.08 31.57 0.80
C PRO Z 803 -48.21 32.82 0.72
N GLY Z 804 -48.22 33.64 1.78
CA GLY Z 804 -47.35 34.82 1.92
C GLY Z 804 -45.85 34.53 1.72
N SER Z 805 -45.46 33.28 1.94
CA SER Z 805 -44.12 32.77 1.71
C SER Z 805 -43.72 32.75 0.24
N LEU Z 806 -44.63 32.34 -0.64
CA LEU Z 806 -44.39 32.26 -2.08
C LEU Z 806 -44.43 33.66 -2.71
N ILE Z 807 -45.36 34.48 -2.26
CA ILE Z 807 -45.50 35.91 -2.59
C ILE Z 807 -44.15 36.63 -2.45
N LYS Z 808 -43.54 36.57 -1.25
CA LYS Z 808 -42.23 37.20 -0.98
C LYS Z 808 -41.11 36.64 -1.84
N LEU Z 809 -41.11 35.34 -2.10
CA LEU Z 809 -40.12 34.70 -2.96
C LEU Z 809 -40.20 35.22 -4.40
N ILE Z 810 -41.42 35.30 -4.97
CA ILE Z 810 -41.63 35.80 -6.33
C ILE Z 810 -41.31 37.29 -6.43
N GLN Z 811 -41.71 38.09 -5.44
CA GLN Z 811 -41.29 39.50 -5.35
C GLN Z 811 -39.77 39.62 -5.36
N GLY Z 812 -39.07 38.78 -4.60
CA GLY Z 812 -37.62 38.71 -4.59
C GLY Z 812 -37.02 38.39 -5.97
N PHE Z 813 -37.60 37.45 -6.71
CA PHE Z 813 -37.17 37.14 -8.09
C PHE Z 813 -37.46 38.26 -9.07
N TRP Z 814 -38.63 38.90 -8.94
CA TRP Z 814 -39.01 40.04 -9.76
C TRP Z 814 -38.07 41.22 -9.55
N LEU Z 815 -37.74 41.56 -8.30
CA LEU Z 815 -36.76 42.59 -7.95
C LEU Z 815 -35.36 42.29 -8.48
N LEU Z 816 -34.95 41.01 -8.50
CA LEU Z 816 -33.65 40.58 -9.02
C LEU Z 816 -33.54 40.88 -10.53
N ASP Z 817 -34.57 40.53 -11.30
CA ASP Z 817 -34.64 40.81 -12.74
C ASP Z 817 -34.81 42.33 -13.03
N HIS Z 818 -35.28 43.09 -12.04
CA HIS Z 818 -35.42 44.56 -12.10
C HIS Z 818 -34.19 45.35 -11.62
N ASN Z 819 -33.07 44.68 -11.33
CA ASN Z 819 -31.82 45.28 -10.87
C ASN Z 819 -31.89 45.90 -9.45
N ASP Z 820 -32.88 45.55 -8.63
CA ASP Z 820 -32.95 45.94 -7.21
C ASP Z 820 -32.47 44.79 -6.31
N TYR Z 821 -31.15 44.62 -6.27
CA TYR Z 821 -30.52 43.46 -5.63
C TYR Z 821 -30.63 43.47 -4.11
N GLN Z 822 -30.67 44.65 -3.49
CA GLN Z 822 -30.76 44.79 -2.03
C GLN Z 822 -32.14 44.32 -1.56
N ASN Z 823 -33.21 44.91 -2.10
CA ASN Z 823 -34.57 44.54 -1.73
C ASN Z 823 -34.91 43.12 -2.20
N SER Z 824 -34.37 42.68 -3.35
CA SER Z 824 -34.49 41.29 -3.80
C SER Z 824 -33.96 40.31 -2.75
N VAL Z 825 -32.75 40.51 -2.26
CA VAL Z 825 -32.15 39.65 -1.23
C VAL Z 825 -32.92 39.77 0.09
N ASP Z 826 -33.40 40.95 0.46
CA ASP Z 826 -34.23 41.12 1.68
C ASP Z 826 -35.56 40.36 1.61
N CYS Z 827 -36.23 40.34 0.44
CA CYS Z 827 -37.42 39.53 0.20
C CYS Z 827 -37.11 38.02 0.22
N ILE Z 828 -36.04 37.58 -0.44
CA ILE Z 828 -35.67 36.15 -0.52
C ILE Z 828 -35.22 35.62 0.84
N LEU Z 829 -34.49 36.42 1.63
CA LEU Z 829 -33.99 36.06 2.96
C LEU Z 829 -35.04 36.24 4.07
N ASN Z 830 -36.24 36.73 3.75
CA ASN Z 830 -37.30 36.87 4.74
C ASN Z 830 -37.63 35.51 5.38
N PRO Z 831 -37.75 35.40 6.71
CA PRO Z 831 -38.04 34.13 7.39
C PRO Z 831 -39.33 33.47 6.91
N ALA Z 832 -40.29 34.27 6.45
CA ALA Z 832 -41.54 33.77 5.92
C ALA Z 832 -41.40 33.20 4.50
N MET Z 837 -34.17 26.72 -5.28
CA MET Z 837 -33.85 25.52 -6.05
C MET Z 837 -32.34 25.44 -6.37
N SER Z 838 -31.83 24.24 -6.68
CA SER Z 838 -30.41 24.01 -6.98
C SER Z 838 -29.86 24.90 -8.10
N TRP Z 839 -30.58 25.02 -9.22
CA TRP Z 839 -30.18 25.86 -10.34
C TRP Z 839 -30.19 27.36 -9.99
N GLN Z 840 -31.10 27.79 -9.11
CA GLN Z 840 -31.22 29.18 -8.67
C GLN Z 840 -29.99 29.59 -7.84
N HIS Z 841 -29.47 28.69 -6.99
CA HIS Z 841 -28.25 28.97 -6.22
C HIS Z 841 -27.07 29.32 -7.12
N SER Z 842 -26.80 28.51 -8.15
CA SER Z 842 -25.71 28.75 -9.09
C SER Z 842 -25.90 30.07 -9.83
N GLN Z 843 -27.11 30.36 -10.31
CA GLN Z 843 -27.39 31.56 -11.08
C GLN Z 843 -27.32 32.84 -10.25
N ILE Z 844 -27.80 32.83 -9.00
CA ILE Z 844 -27.67 33.96 -8.06
C ILE Z 844 -26.19 34.26 -7.81
N ILE Z 845 -25.38 33.23 -7.51
CA ILE Z 845 -23.96 33.40 -7.22
C ILE Z 845 -23.20 33.89 -8.45
N GLU Z 846 -23.45 33.29 -9.63
CA GLU Z 846 -22.81 33.72 -10.88
C GLU Z 846 -23.20 35.16 -11.25
N ASN Z 847 -24.47 35.57 -11.07
CA ASN Z 847 -24.94 36.93 -11.32
C ASN Z 847 -24.23 37.94 -10.40
N LEU Z 848 -24.20 37.69 -9.09
CA LEU Z 848 -23.50 38.54 -8.12
C LEU Z 848 -21.99 38.67 -8.42
N LEU Z 849 -21.33 37.58 -8.84
CA LEU Z 849 -19.93 37.60 -9.25
C LEU Z 849 -19.70 38.38 -10.57
N CYS Z 850 -20.60 38.23 -11.55
CA CYS Z 850 -20.52 38.96 -12.83
C CYS Z 850 -20.57 40.48 -12.64
N HIS Z 851 -21.37 40.95 -11.66
CA HIS Z 851 -21.51 42.36 -11.34
C HIS Z 851 -20.45 42.90 -10.38
N GLY Z 852 -19.57 42.03 -9.86
CA GLY Z 852 -18.44 42.43 -9.00
C GLY Z 852 -18.75 42.49 -7.50
N ASP Z 853 -19.98 42.18 -7.07
CA ASP Z 853 -20.40 42.19 -5.67
C ASP Z 853 -20.10 40.86 -4.97
N SER Z 854 -18.81 40.53 -4.90
CA SER Z 854 -18.31 39.31 -4.24
C SER Z 854 -18.73 39.20 -2.77
N ARG Z 855 -18.90 40.34 -2.08
CA ARG Z 855 -19.33 40.39 -0.67
C ARG Z 855 -20.74 39.85 -0.48
N GLN Z 856 -21.68 40.19 -1.36
CA GLN Z 856 -23.05 39.68 -1.31
C GLN Z 856 -23.09 38.20 -1.69
N ALA Z 857 -22.28 37.78 -2.67
CA ALA Z 857 -22.13 36.36 -3.01
C ALA Z 857 -21.62 35.53 -1.81
N LEU Z 858 -20.65 36.05 -1.05
CA LEU Z 858 -20.17 35.40 0.17
C LEU Z 858 -21.25 35.35 1.25
N ARG Z 859 -21.95 36.46 1.48
CA ARG Z 859 -23.06 36.53 2.44
C ARG Z 859 -24.13 35.49 2.11
N TYR Z 860 -24.52 35.39 0.85
CA TYR Z 860 -25.47 34.39 0.38
C TYR Z 860 -24.97 32.97 0.64
N LEU Z 861 -23.72 32.66 0.28
CA LEU Z 861 -23.12 31.34 0.47
C LEU Z 861 -22.99 30.95 1.95
N GLN Z 862 -22.67 31.89 2.83
CA GLN Z 862 -22.52 31.65 4.27
C GLN Z 862 -23.87 31.39 4.97
N VAL Z 863 -24.94 32.08 4.55
CA VAL Z 863 -26.27 31.95 5.15
C VAL Z 863 -27.01 30.74 4.59
N MET Z 864 -27.10 30.59 3.26
CA MET Z 864 -27.86 29.50 2.63
C MET Z 864 -27.12 28.16 2.62
N LYS Z 865 -25.78 28.17 2.62
CA LYS Z 865 -24.92 26.97 2.55
C LYS Z 865 -25.36 25.96 1.47
N PRO Z 866 -25.45 26.36 0.18
CA PRO Z 866 -25.87 25.47 -0.88
C PRO Z 866 -24.90 24.28 -1.04
N VAL Z 867 -25.43 23.09 -1.26
CA VAL Z 867 -24.63 21.86 -1.43
C VAL Z 867 -24.00 21.86 -2.82
N ALA Z 868 -22.68 21.97 -2.90
CA ALA Z 868 -21.94 21.85 -4.16
C ALA Z 868 -21.78 20.36 -4.54
N THR Z 869 -22.62 19.90 -5.47
CA THR Z 869 -22.62 18.52 -5.99
C THR Z 869 -21.76 18.37 -7.25
N THR Z 870 -21.69 19.41 -8.08
CA THR Z 870 -20.97 19.37 -9.36
C THR Z 870 -19.60 20.06 -9.28
N SER Z 871 -18.62 19.61 -10.08
CA SER Z 871 -17.30 20.26 -10.16
C SER Z 871 -17.41 21.77 -10.52
N LYS Z 872 -18.44 22.14 -11.31
CA LYS Z 872 -18.75 23.53 -11.67
C LYS Z 872 -19.18 24.34 -10.43
N GLU Z 873 -20.09 23.82 -9.61
CA GLU Z 873 -20.51 24.46 -8.35
C GLU Z 873 -19.36 24.62 -7.36
N VAL Z 874 -18.50 23.59 -7.21
CA VAL Z 874 -17.34 23.71 -6.32
C VAL Z 874 -16.36 24.79 -6.81
N LYS Z 875 -16.07 24.85 -8.12
CA LYS Z 875 -15.24 25.93 -8.71
C LYS Z 875 -15.88 27.31 -8.52
N LEU Z 876 -17.20 27.41 -8.62
CA LEU Z 876 -17.95 28.64 -8.37
C LEU Z 876 -17.77 29.11 -6.92
N HIS Z 877 -18.00 28.21 -5.95
CA HIS Z 877 -17.83 28.50 -4.52
C HIS Z 877 -16.38 28.87 -4.17
N MET Z 878 -15.38 28.16 -4.73
CA MET Z 878 -13.97 28.54 -4.59
C MET Z 878 -13.73 29.97 -5.09
N THR Z 879 -14.33 30.35 -6.22
CA THR Z 879 -14.14 31.69 -6.78
C THR Z 879 -14.74 32.78 -5.89
N VAL Z 880 -15.91 32.54 -5.29
CA VAL Z 880 -16.50 33.46 -4.29
C VAL Z 880 -15.57 33.66 -3.10
N LEU Z 881 -15.03 32.57 -2.55
CA LEU Z 881 -14.13 32.62 -1.39
C LEU Z 881 -12.83 33.36 -1.73
N LEU Z 882 -12.23 33.06 -2.88
CA LEU Z 882 -11.02 33.74 -3.35
C LEU Z 882 -11.25 35.23 -3.63
N ALA Z 883 -12.39 35.60 -4.23
CA ALA Z 883 -12.73 37.00 -4.50
C ALA Z 883 -12.90 37.82 -3.20
N ASN Z 884 -13.19 37.19 -2.07
CA ASN Z 884 -13.28 37.81 -0.75
C ASN Z 884 -12.00 37.63 0.10
N ARG Z 885 -10.89 37.16 -0.49
CA ARG Z 885 -9.61 36.88 0.17
C ARG Z 885 -9.66 35.78 1.26
N SER Z 886 -10.68 34.92 1.25
CA SER Z 886 -10.80 33.77 2.15
C SER Z 886 -10.03 32.55 1.60
N ILE Z 887 -8.72 32.69 1.44
CA ILE Z 887 -7.88 31.67 0.79
C ILE Z 887 -7.87 30.35 1.56
N LEU Z 888 -7.78 30.39 2.88
CA LEU Z 888 -7.77 29.18 3.72
C LEU Z 888 -9.06 28.37 3.57
N GLU Z 889 -10.21 29.04 3.51
CA GLU Z 889 -11.50 28.38 3.30
C GLU Z 889 -11.60 27.80 1.89
N ALA Z 890 -11.16 28.54 0.87
CA ALA Z 890 -11.12 28.05 -0.51
C ALA Z 890 -10.19 26.81 -0.62
N TRP Z 891 -9.04 26.85 0.04
CA TRP Z 891 -8.06 25.77 0.09
C TRP Z 891 -8.63 24.52 0.77
N ASN Z 892 -9.32 24.69 1.89
CA ASN Z 892 -9.99 23.60 2.59
C ASN Z 892 -11.14 23.01 1.76
N LEU Z 893 -11.91 23.85 1.07
CA LEU Z 893 -12.98 23.41 0.17
C LEU Z 893 -12.43 22.56 -0.98
N GLN Z 894 -11.30 22.98 -1.55
CA GLN Z 894 -10.59 22.19 -2.57
C GLN Z 894 -10.18 20.83 -2.03
N ARG Z 895 -9.57 20.75 -0.84
CA ARG Z 895 -9.18 19.48 -0.23
C ARG Z 895 -10.37 18.58 0.08
N LEU Z 896 -11.48 19.14 0.55
CA LEU Z 896 -12.71 18.41 0.88
C LEU Z 896 -13.37 17.76 -0.35
N HIS Z 897 -13.39 18.46 -1.49
CA HIS Z 897 -14.00 17.97 -2.73
C HIS Z 897 -13.00 17.31 -3.70
N ASN Z 902 -11.64 14.40 -7.61
CA ASN Z 902 -11.72 15.85 -7.89
C ASN Z 902 -10.55 16.66 -7.30
N VAL Z 903 -9.66 16.05 -6.50
CA VAL Z 903 -8.55 16.76 -5.85
C VAL Z 903 -7.64 17.49 -6.84
N GLU Z 904 -7.30 16.87 -7.97
CA GLU Z 904 -6.46 17.51 -8.99
C GLU Z 904 -7.17 18.71 -9.64
N GLU Z 905 -8.48 18.60 -9.91
CA GLU Z 905 -9.25 19.69 -10.49
C GLU Z 905 -9.40 20.87 -9.52
N LEU Z 906 -9.64 20.60 -8.24
CA LEU Z 906 -9.81 21.64 -7.22
C LEU Z 906 -8.48 22.35 -6.94
N LEU Z 907 -7.37 21.59 -6.85
CA LEU Z 907 -6.04 22.17 -6.68
C LEU Z 907 -5.62 22.99 -7.90
N LYS Z 908 -5.89 22.48 -9.11
CA LYS Z 908 -5.65 23.23 -10.35
C LYS Z 908 -6.42 24.56 -10.34
N HIS Z 909 -7.72 24.53 -10.02
CA HIS Z 909 -8.55 25.73 -9.93
C HIS Z 909 -8.02 26.72 -8.88
N MET Z 910 -7.68 26.23 -7.68
CA MET Z 910 -7.08 27.03 -6.61
C MET Z 910 -5.79 27.73 -7.08
N TYR Z 911 -4.89 27.01 -7.71
CA TYR Z 911 -3.59 27.54 -8.15
C TYR Z 911 -3.73 28.51 -9.33
N GLU Z 912 -4.61 28.22 -10.29
CA GLU Z 912 -4.93 29.11 -11.41
C GLU Z 912 -5.54 30.42 -10.91
N MET Z 913 -6.53 30.36 -10.02
CA MET Z 913 -7.17 31.56 -9.46
C MET Z 913 -6.22 32.36 -8.56
N CYS Z 914 -5.39 31.71 -7.74
CA CYS Z 914 -4.36 32.40 -6.96
C CYS Z 914 -3.32 33.09 -7.85
N GLN Z 915 -2.98 32.50 -9.00
CA GLN Z 915 -2.09 33.14 -9.97
C GLN Z 915 -2.75 34.34 -10.65
N GLU Z 916 -4.02 34.20 -11.09
CA GLU Z 916 -4.78 35.28 -11.71
C GLU Z 916 -4.99 36.47 -10.76
N MET Z 917 -5.23 36.21 -9.48
CA MET Z 917 -5.49 37.22 -8.45
C MET Z 917 -4.23 37.76 -7.75
N GLY Z 918 -3.03 37.26 -8.10
CA GLY Z 918 -1.76 37.68 -7.50
C GLY Z 918 -1.52 37.18 -6.05
N LEU Z 919 -2.21 36.12 -5.63
CA LEU Z 919 -2.17 35.55 -4.27
C LEU Z 919 -1.16 34.42 -4.10
N ILE Z 920 -0.34 34.15 -5.12
CA ILE Z 920 0.60 33.02 -5.11
C ILE Z 920 1.64 33.13 -3.97
N GLU Z 921 2.09 34.33 -3.61
CA GLU Z 921 3.04 34.53 -2.51
C GLU Z 921 2.43 34.19 -1.14
N GLU Z 922 1.14 34.43 -0.97
CA GLU Z 922 0.41 34.08 0.25
C GLU Z 922 0.09 32.58 0.28
N LEU Z 923 -0.22 31.98 -0.88
CA LEU Z 923 -0.37 30.53 -1.02
C LEU Z 923 0.91 29.78 -0.61
N LEU Z 924 2.10 30.26 -1.02
CA LEU Z 924 3.38 29.63 -0.69
C LEU Z 924 3.69 29.58 0.83
N LYS Z 925 3.02 30.42 1.63
CA LYS Z 925 3.13 30.43 3.10
C LYS Z 925 2.33 29.30 3.77
N LEU Z 926 1.42 28.63 3.06
CA LEU Z 926 0.60 27.55 3.59
C LEU Z 926 1.38 26.26 3.81
N THR Z 927 0.83 25.35 4.63
CA THR Z 927 1.36 24.01 4.83
C THR Z 927 0.78 23.05 3.79
N PHE Z 928 1.66 22.48 2.95
CA PHE Z 928 1.28 21.53 1.90
C PHE Z 928 1.52 20.09 2.37
N THR Z 929 0.65 19.18 1.95
CA THR Z 929 0.93 17.73 1.97
C THR Z 929 1.86 17.35 0.81
N ASP Z 930 2.52 16.19 0.87
CA ASP Z 930 3.44 15.75 -0.20
C ASP Z 930 2.74 15.70 -1.57
N PHE Z 931 1.46 15.33 -1.60
CA PHE Z 931 0.65 15.30 -2.82
C PHE Z 931 0.36 16.72 -3.36
N GLU Z 932 -0.15 17.62 -2.51
CA GLU Z 932 -0.42 19.02 -2.87
C GLU Z 932 0.86 19.73 -3.33
N GLN Z 933 1.98 19.45 -2.64
CA GLN Z 933 3.30 19.98 -2.98
C GLN Z 933 3.77 19.46 -4.33
N GLY Z 934 3.68 18.16 -4.60
CA GLY Z 934 4.01 17.59 -5.91
C GLY Z 934 3.22 18.22 -7.06
N TYR Z 935 1.93 18.48 -6.84
CA TYR Z 935 1.07 19.12 -7.83
C TYR Z 935 1.43 20.60 -8.03
N LEU Z 936 1.73 21.34 -6.95
CA LEU Z 936 2.21 22.73 -7.03
C LEU Z 936 3.52 22.84 -7.81
N HIS Z 937 4.45 21.91 -7.60
CA HIS Z 937 5.71 21.88 -8.33
C HIS Z 937 5.47 21.67 -9.83
N LYS Z 938 4.58 20.72 -10.19
CA LYS Z 938 4.18 20.48 -11.58
C LYS Z 938 3.56 21.73 -12.19
N PHE Z 939 2.63 22.37 -11.49
CA PHE Z 939 1.94 23.58 -11.94
C PHE Z 939 2.90 24.76 -12.16
N LEU Z 940 3.75 25.08 -11.18
CA LEU Z 940 4.70 26.20 -11.29
C LEU Z 940 5.80 25.97 -12.33
N GLN Z 941 6.16 24.71 -12.62
CA GLN Z 941 7.11 24.40 -13.69
C GLN Z 941 6.52 24.62 -15.07
N THR Z 942 5.23 24.30 -15.27
CA THR Z 942 4.54 24.44 -16.57
C THR Z 942 4.12 25.87 -16.88
N THR Z 943 3.83 26.69 -15.86
CA THR Z 943 3.12 27.97 -16.07
C THR Z 943 4.06 29.18 -16.10
N GLY Z 944 5.04 29.17 -17.02
CA GLY Z 944 5.88 30.32 -17.36
C GLY Z 944 7.12 30.57 -16.47
N VAL Z 945 8.04 31.41 -16.95
CA VAL Z 945 9.35 31.68 -16.31
C VAL Z 945 9.20 32.34 -14.93
N GLN Z 946 8.22 33.23 -14.76
CA GLN Z 946 7.96 33.91 -13.49
C GLN Z 946 7.59 32.91 -12.38
N ASN Z 947 6.86 31.85 -12.73
CA ASN Z 947 6.49 30.81 -11.79
C ASN Z 947 7.66 29.89 -11.42
N GLN Z 948 8.66 29.75 -12.31
CA GLN Z 948 9.91 29.06 -11.97
C GLN Z 948 10.76 29.89 -10.98
N GLU Z 949 10.72 31.22 -11.05
CA GLU Z 949 11.32 32.07 -10.01
C GLU Z 949 10.58 31.94 -8.67
N LEU Z 950 9.24 31.86 -8.67
CA LEU Z 950 8.45 31.61 -7.46
C LEU Z 950 8.72 30.22 -6.87
N LEU Z 951 8.86 29.20 -7.71
CA LEU Z 951 9.25 27.86 -7.29
C LEU Z 951 10.65 27.84 -6.65
N LEU Z 952 11.57 28.64 -7.20
CA LEU Z 952 12.89 28.84 -6.61
C LEU Z 952 12.79 29.43 -5.19
N VAL Z 953 11.97 30.47 -5.02
CA VAL Z 953 11.71 31.09 -3.71
C VAL Z 953 11.10 30.07 -2.74
N HIS Z 954 10.14 29.27 -3.19
CA HIS Z 954 9.55 28.19 -2.40
C HIS Z 954 10.59 27.15 -1.94
N HIS Z 955 11.47 26.70 -2.84
CA HIS Z 955 12.55 25.78 -2.49
C HIS Z 955 13.51 26.38 -1.45
N LEU Z 956 13.84 27.67 -1.57
CA LEU Z 956 14.68 28.36 -0.59
C LEU Z 956 13.99 28.49 0.77
N GLN Z 957 12.71 28.86 0.80
CA GLN Z 957 11.91 28.95 2.03
C GLN Z 957 11.78 27.60 2.75
N ARG Z 958 11.74 26.48 2.00
CA ARG Z 958 11.66 25.12 2.52
C ARG Z 958 13.03 24.47 2.80
N ALA Z 959 14.13 25.22 2.71
CA ALA Z 959 15.52 24.74 2.86
C ALA Z 959 15.94 23.64 1.86
N ASN Z 960 15.26 23.53 0.72
CA ASN Z 960 15.57 22.61 -0.38
C ASN Z 960 16.61 23.22 -1.33
N TYR Z 961 17.81 23.46 -0.83
CA TYR Z 961 18.86 24.18 -1.55
C TYR Z 961 19.35 23.48 -2.83
N ILE Z 962 19.36 22.13 -2.84
CA ILE Z 962 19.80 21.35 -4.01
C ILE Z 962 18.86 21.58 -5.19
N SER Z 963 17.55 21.43 -4.97
CA SER Z 963 16.52 21.68 -5.98
C SER Z 963 16.53 23.12 -6.45
N ALA Z 964 16.70 24.09 -5.53
CA ALA Z 964 16.84 25.51 -5.88
C ALA Z 964 18.06 25.76 -6.80
N LEU Z 965 19.22 25.17 -6.49
CA LEU Z 965 20.42 25.32 -7.31
C LEU Z 965 20.29 24.65 -8.69
N GLN Z 966 19.70 23.45 -8.76
CA GLN Z 966 19.44 22.74 -10.01
C GLN Z 966 18.45 23.50 -10.90
N LEU Z 967 17.37 24.04 -10.31
CA LEU Z 967 16.41 24.87 -11.03
C LEU Z 967 17.07 26.15 -11.57
N ASN Z 968 17.93 26.78 -10.77
CA ASN Z 968 18.67 27.96 -11.23
C ASN Z 968 19.68 27.66 -12.33
N GLN Z 969 20.31 26.49 -12.31
CA GLN Z 969 21.14 26.06 -13.43
C GLN Z 969 20.32 25.85 -14.70
N SER Z 970 19.13 25.26 -14.59
CA SER Z 970 18.18 25.11 -15.69
C SER Z 970 17.75 26.49 -16.26
N LEU Z 971 17.40 27.43 -15.38
CA LEU Z 971 17.09 28.81 -15.75
C LEU Z 971 18.31 29.53 -16.35
N LYS Z 972 19.52 29.33 -15.82
CA LYS Z 972 20.77 29.87 -16.39
C LYS Z 972 20.99 29.37 -17.82
N THR Z 973 20.67 28.10 -18.12
CA THR Z 973 20.80 27.56 -19.48
C THR Z 973 19.73 28.05 -20.45
N ASN Z 974 18.52 28.33 -19.98
CA ASN Z 974 17.41 28.76 -20.84
C ASN Z 974 17.43 30.28 -21.16
N HIS Z 975 18.09 31.11 -20.34
CA HIS Z 975 18.13 32.57 -20.50
C HIS Z 975 19.36 33.14 -21.23
N LEU Z 976 20.15 32.32 -21.92
CA LEU Z 976 21.35 32.79 -22.63
C LEU Z 976 21.04 33.78 -23.80
N ASN Z 977 19.77 33.94 -24.20
CA ASN Z 977 19.36 34.76 -25.35
C ASN Z 977 18.35 35.88 -25.06
N ASP Z 978 18.08 36.09 -23.76
CA ASP Z 978 17.05 37.00 -23.21
C ASP Z 978 17.56 38.44 -23.20
N CYS Z 979 17.03 39.32 -24.06
CA CYS Z 979 17.42 40.74 -24.14
C CYS Z 979 17.03 41.45 -22.84
N ASP Z 980 15.84 41.13 -22.30
CA ASP Z 980 14.98 42.13 -21.60
C ASP Z 980 15.80 42.64 -20.43
N ARG Z 981 15.86 43.96 -20.22
CA ARG Z 981 16.73 44.59 -19.20
C ARG Z 981 16.28 44.19 -17.79
N ARG Z 982 14.97 44.19 -17.55
CA ARG Z 982 14.49 43.91 -16.18
C ARG Z 982 14.67 42.44 -15.79
N LEU Z 983 14.40 41.52 -16.72
CA LEU Z 983 14.62 40.08 -16.51
C LEU Z 983 16.12 39.75 -16.42
N ARG Z 984 16.98 40.48 -17.14
CA ARG Z 984 18.43 40.35 -17.04
C ARG Z 984 18.99 40.80 -15.70
N GLU Z 985 18.50 41.91 -15.15
CA GLU Z 985 18.90 42.40 -13.82
C GLU Z 985 18.45 41.42 -12.72
N ARG Z 986 17.20 40.92 -12.79
CA ARG Z 986 16.67 39.90 -11.86
C ARG Z 986 17.45 38.59 -11.92
N SER Z 987 17.73 38.08 -13.12
CA SER Z 987 18.54 36.87 -13.29
C SER Z 987 19.98 37.05 -12.82
N GLY Z 988 20.57 38.24 -13.01
CA GLY Z 988 21.88 38.60 -12.44
C GLY Z 988 21.90 38.55 -10.91
N ALA Z 989 20.90 39.15 -10.25
CA ALA Z 989 20.75 39.12 -8.80
C ALA Z 989 20.53 37.68 -8.28
N ARG Z 990 19.62 36.92 -8.91
CA ARG Z 990 19.35 35.51 -8.59
C ARG Z 990 20.62 34.67 -8.67
N ASN Z 991 21.38 34.84 -9.75
CA ASN Z 991 22.63 34.13 -9.97
C ASN Z 991 23.66 34.50 -8.89
N ALA Z 992 23.79 35.78 -8.54
CA ALA Z 992 24.71 36.23 -7.50
C ALA Z 992 24.38 35.64 -6.11
N ILE Z 993 23.10 35.64 -5.74
CA ILE Z 993 22.63 35.07 -4.46
C ILE Z 993 22.96 33.57 -4.40
N LEU Z 994 22.60 32.83 -5.44
CA LEU Z 994 22.83 31.39 -5.46
C LEU Z 994 24.30 31.01 -5.60
N ASP Z 995 25.10 31.83 -6.28
CA ASP Z 995 26.54 31.64 -6.34
C ASP Z 995 27.17 31.89 -4.95
N GLN Z 996 26.61 32.79 -4.13
CA GLN Z 996 27.01 32.93 -2.71
C GLN Z 996 26.62 31.70 -1.89
N TYR Z 997 25.38 31.19 -2.01
CA TYR Z 997 24.98 29.94 -1.35
C TYR Z 997 25.86 28.76 -1.81
N GLY Z 998 26.14 28.65 -3.11
CA GLY Z 998 27.01 27.63 -3.68
C GLY Z 998 28.42 27.65 -3.08
N LYS Z 999 28.97 28.82 -2.75
CA LYS Z 999 30.29 28.94 -2.09
C LYS Z 999 30.28 28.43 -0.64
N ILE Z 1000 29.16 28.57 0.07
CA ILE Z 1000 29.01 28.16 1.47
C ILE Z 1000 28.85 26.63 1.59
N LEU Z 1001 28.34 25.96 0.56
CA LEU Z 1001 28.11 24.52 0.59
C LEU Z 1001 29.42 23.72 0.71
N PRO Z 1002 29.44 22.61 1.48
CA PRO Z 1002 30.51 21.61 1.48
C PRO Z 1002 30.87 21.16 0.07
N ARG Z 1003 32.14 20.83 -0.14
CA ARG Z 1003 32.68 20.45 -1.46
C ARG Z 1003 31.85 19.34 -2.13
N VAL Z 1004 31.39 18.35 -1.37
CA VAL Z 1004 30.54 17.24 -1.86
C VAL Z 1004 29.20 17.75 -2.40
N GLN Z 1005 28.51 18.64 -1.68
CA GLN Z 1005 27.24 19.20 -2.11
C GLN Z 1005 27.40 20.13 -3.31
N ARG Z 1006 28.52 20.85 -3.40
CA ARG Z 1006 28.91 21.59 -4.60
C ARG Z 1006 29.10 20.67 -5.80
N THR Z 1007 29.78 19.54 -5.63
CA THR Z 1007 29.97 18.56 -6.69
C THR Z 1007 28.62 18.02 -7.17
N LEU Z 1008 27.75 17.60 -6.24
CA LEU Z 1008 26.39 17.12 -6.55
C LEU Z 1008 25.51 18.17 -7.24
N ALA Z 1009 25.68 19.45 -6.90
CA ALA Z 1009 24.97 20.55 -7.54
C ALA Z 1009 25.53 20.90 -8.94
N SER Z 1010 26.83 20.68 -9.18
CA SER Z 1010 27.50 20.96 -10.47
C SER Z 1010 27.50 19.77 -11.44
N GLU Z 1011 27.37 18.55 -10.93
CA GLU Z 1011 27.11 17.39 -11.75
C GLU Z 1011 25.68 17.51 -12.26
N ARG Z 1012 25.55 17.99 -13.52
CA ARG Z 1012 24.55 17.36 -14.38
C ARG Z 1012 24.82 15.89 -14.23
N MET AA 1 -168.45 -40.19 -66.80
CA MET AA 1 -168.97 -39.10 -65.96
C MET AA 1 -170.06 -39.53 -64.99
N GLN AA 2 -170.60 -40.76 -65.06
CA GLN AA 2 -171.85 -41.06 -64.33
C GLN AA 2 -171.71 -41.25 -62.81
N ASN AA 3 -170.55 -41.60 -62.24
CA ASN AA 3 -170.33 -41.71 -60.80
C ASN AA 3 -168.91 -41.23 -60.44
N LEU AA 4 -168.68 -39.92 -60.23
CA LEU AA 4 -167.45 -39.51 -59.55
C LEU AA 4 -167.65 -39.79 -58.06
N GLU AA 5 -166.74 -40.53 -57.46
CA GLU AA 5 -166.79 -40.93 -56.05
C GLU AA 5 -165.57 -40.38 -55.32
N ALA AA 6 -165.79 -39.84 -54.12
CA ALA AA 6 -164.71 -39.45 -53.22
C ALA AA 6 -163.99 -40.69 -52.67
N GLN AA 7 -162.66 -40.62 -52.56
CA GLN AA 7 -161.84 -41.68 -51.98
C GLN AA 7 -161.30 -41.22 -50.64
N VAL AA 8 -161.60 -41.95 -49.58
CA VAL AA 8 -161.09 -41.65 -48.23
C VAL AA 8 -159.58 -41.92 -48.19
N THR AA 9 -158.80 -40.93 -47.76
CA THR AA 9 -157.33 -40.98 -47.79
C THR AA 9 -156.70 -41.33 -46.45
N GLY AA 10 -157.46 -41.32 -45.35
CA GLY AA 10 -157.00 -41.67 -44.01
C GLY AA 10 -158.12 -42.22 -43.15
N SER AA 11 -157.76 -42.75 -41.97
CA SER AA 11 -158.75 -43.12 -40.95
C SER AA 11 -159.42 -41.88 -40.33
N LEU AA 12 -160.52 -42.09 -39.62
CA LEU AA 12 -161.13 -41.05 -38.78
C LEU AA 12 -160.11 -40.52 -37.77
N VAL AA 13 -159.85 -39.22 -37.79
CA VAL AA 13 -159.00 -38.52 -36.83
C VAL AA 13 -159.91 -38.02 -35.71
N ALA AA 14 -160.02 -38.81 -34.65
CA ALA AA 14 -160.90 -38.49 -33.53
C ALA AA 14 -160.43 -37.25 -32.78
N PHE AA 15 -161.37 -36.40 -32.34
CA PHE AA 15 -161.07 -35.34 -31.39
C PHE AA 15 -160.61 -35.91 -30.05
N PRO AA 16 -159.78 -35.18 -29.30
CA PRO AA 16 -159.42 -35.57 -27.94
C PRO AA 16 -160.65 -35.83 -27.07
N ASP AA 17 -160.57 -36.84 -26.20
CA ASP AA 17 -161.67 -37.23 -25.30
C ASP AA 17 -162.24 -36.05 -24.49
N VAL AA 18 -161.38 -35.09 -24.13
CA VAL AA 18 -161.80 -33.86 -23.41
C VAL AA 18 -162.74 -32.99 -24.23
N THR AA 19 -162.48 -32.84 -25.53
CA THR AA 19 -163.34 -32.08 -26.44
C THR AA 19 -164.67 -32.81 -26.64
N GLN AA 20 -164.65 -34.13 -26.82
CA GLN AA 20 -165.88 -34.90 -26.94
C GLN AA 20 -166.74 -34.86 -25.68
N LYS AA 21 -166.12 -34.95 -24.49
CA LYS AA 21 -166.83 -34.83 -23.21
C LYS AA 21 -167.43 -33.44 -23.02
N ALA AA 22 -166.65 -32.39 -23.28
CA ALA AA 22 -167.12 -31.00 -23.15
C ALA AA 22 -168.33 -30.70 -24.05
N LEU AA 23 -168.34 -31.23 -25.28
CA LEU AA 23 -169.47 -31.06 -26.20
C LEU AA 23 -170.72 -31.87 -25.80
N LYS AA 24 -170.54 -33.02 -25.11
CA LYS AA 24 -171.62 -33.90 -24.64
C LYS AA 24 -172.25 -33.46 -23.32
N GLU AA 25 -171.51 -32.74 -22.46
CA GLU AA 25 -172.01 -32.29 -21.15
C GLU AA 25 -173.30 -31.45 -21.29
N ASP AA 26 -173.41 -30.66 -22.37
CA ASP AA 26 -174.57 -29.81 -22.63
C ASP AA 26 -175.68 -30.45 -23.49
N GLU AA 27 -175.49 -31.67 -24.04
CA GLU AA 27 -176.61 -32.44 -24.64
C GLU AA 27 -177.69 -32.79 -23.60
N ILE AA 28 -177.36 -32.68 -22.30
CA ILE AA 28 -178.30 -32.85 -21.19
C ILE AA 28 -179.35 -31.73 -21.17
N ASN AA 29 -179.00 -30.53 -21.67
CA ASN AA 29 -179.98 -29.49 -21.98
C ASN AA 29 -180.57 -29.78 -23.37
N LEU AA 30 -181.77 -30.36 -23.40
CA LEU AA 30 -182.50 -30.81 -24.61
C LEU AA 30 -182.59 -29.78 -25.77
N ASP AA 31 -182.31 -28.50 -25.51
CA ASP AA 31 -182.36 -27.41 -26.49
C ASP AA 31 -180.99 -27.07 -27.12
N SER AA 32 -179.88 -27.64 -26.63
CA SER AA 32 -178.53 -27.35 -27.12
C SER AA 32 -178.20 -28.12 -28.40
N VAL AA 33 -178.11 -27.40 -29.52
CA VAL AA 33 -177.72 -27.99 -30.82
C VAL AA 33 -176.21 -27.84 -31.02
N LEU AA 34 -175.49 -28.94 -31.18
CA LEU AA 34 -174.09 -28.95 -31.57
C LEU AA 34 -173.93 -28.37 -32.99
N ARG AA 35 -173.06 -27.37 -33.13
CA ARG AA 35 -172.70 -26.71 -34.38
C ARG AA 35 -171.20 -26.83 -34.61
N GLY AA 36 -170.79 -26.83 -35.87
CA GLY AA 36 -169.37 -26.73 -36.21
C GLY AA 36 -169.18 -26.19 -37.62
N LYS AA 37 -168.07 -25.49 -37.83
CA LYS AA 37 -167.64 -24.98 -39.15
C LYS AA 37 -166.13 -24.91 -39.24
N PHE AA 38 -165.63 -24.98 -40.46
CA PHE AA 38 -164.26 -24.56 -40.74
C PHE AA 38 -164.17 -23.05 -40.76
N SER AA 39 -163.03 -22.52 -40.33
CA SER AA 39 -162.74 -21.10 -40.49
C SER AA 39 -162.29 -20.81 -41.91
N THR AA 40 -162.73 -19.68 -42.47
CA THR AA 40 -162.39 -19.22 -43.82
C THR AA 40 -161.02 -18.53 -43.90
N GLY AA 41 -160.32 -18.34 -42.78
CA GLY AA 41 -159.02 -17.69 -42.76
C GLY AA 41 -157.85 -18.63 -43.06
N ARG AA 42 -156.64 -18.04 -43.12
CA ARG AA 42 -155.40 -18.77 -43.45
C ARG AA 42 -154.89 -19.66 -42.31
N THR AA 43 -155.53 -19.61 -41.13
CA THR AA 43 -155.01 -20.23 -39.90
C THR AA 43 -155.42 -21.68 -39.70
N SER AA 44 -156.05 -22.32 -40.69
CA SER AA 44 -156.36 -23.77 -40.67
C SER AA 44 -157.08 -24.22 -39.39
N LEU AA 45 -158.11 -23.48 -38.96
CA LEU AA 45 -158.90 -23.74 -37.76
C LEU AA 45 -160.28 -24.32 -38.10
N ALA AA 46 -160.79 -25.17 -37.21
CA ALA AA 46 -162.20 -25.54 -37.13
C ALA AA 46 -162.73 -25.19 -35.73
N TRP AA 47 -164.00 -24.86 -35.62
CA TRP AA 47 -164.64 -24.62 -34.33
C TRP AA 47 -165.90 -25.46 -34.20
N LEU AA 48 -166.17 -25.90 -32.98
CA LEU AA 48 -167.40 -26.58 -32.56
C LEU AA 48 -168.00 -25.84 -31.38
N ALA AA 49 -169.31 -25.73 -31.34
CA ALA AA 49 -170.02 -25.07 -30.25
C ALA AA 49 -171.29 -25.83 -29.87
N CYS AA 50 -171.51 -26.02 -28.56
CA CYS AA 50 -172.70 -26.65 -28.00
C CYS AA 50 -173.13 -25.84 -26.77
N GLY AA 51 -174.29 -25.18 -26.84
CA GLY AA 51 -174.72 -24.26 -25.78
C GLY AA 51 -173.66 -23.16 -25.51
N PRO AA 52 -173.17 -23.01 -24.25
CA PRO AA 52 -172.10 -22.08 -23.88
C PRO AA 52 -170.69 -22.56 -24.21
N GLN AA 53 -170.50 -23.82 -24.59
CA GLN AA 53 -169.18 -24.39 -24.85
C GLN AA 53 -168.69 -24.06 -26.27
N LEU AA 54 -167.45 -23.59 -26.38
CA LEU AA 54 -166.72 -23.39 -27.64
C LEU AA 54 -165.42 -24.18 -27.62
N GLU AA 55 -165.21 -24.99 -28.65
CA GLU AA 55 -164.02 -25.82 -28.87
C GLU AA 55 -163.39 -25.42 -30.21
N ILE AA 56 -162.07 -25.18 -30.22
CA ILE AA 56 -161.32 -24.81 -31.42
C ILE AA 56 -160.29 -25.89 -31.67
N THR AA 57 -160.34 -26.50 -32.85
CA THR AA 57 -159.47 -27.59 -33.26
C THR AA 57 -158.68 -27.23 -34.51
N ASN AA 58 -157.56 -27.93 -34.72
CA ASN AA 58 -156.81 -27.85 -35.95
C ASN AA 58 -157.61 -28.55 -37.07
N SER AA 59 -157.86 -27.85 -38.19
CA SER AA 59 -158.64 -28.36 -39.33
C SER AA 59 -158.02 -29.54 -40.07
N VAL AA 60 -156.75 -29.87 -39.78
CA VAL AA 60 -156.03 -31.01 -40.35
C VAL AA 60 -155.83 -32.11 -39.31
N THR AA 61 -155.30 -31.80 -38.13
CA THR AA 61 -154.94 -32.83 -37.13
C THR AA 61 -156.06 -33.16 -36.15
N GLY AA 62 -157.11 -32.35 -36.06
CA GLY AA 62 -158.19 -32.52 -35.07
C GLY AA 62 -157.77 -32.20 -33.63
N GLU AA 63 -156.52 -31.79 -33.40
CA GLU AA 63 -156.03 -31.45 -32.07
C GLU AA 63 -156.74 -30.20 -31.52
N ARG AA 64 -157.04 -30.21 -30.23
CA ARG AA 64 -157.65 -29.07 -29.53
C ARG AA 64 -156.60 -27.97 -29.38
N ILE AA 65 -156.85 -26.82 -30.02
CA ILE AA 65 -155.99 -25.63 -29.95
C ILE AA 65 -156.41 -24.76 -28.77
N SER AA 66 -157.71 -24.58 -28.58
CA SER AA 66 -158.26 -23.65 -27.59
C SER AA 66 -159.70 -24.03 -27.27
N ALA AA 67 -160.18 -23.63 -26.10
CA ALA AA 67 -161.56 -23.85 -25.70
C ALA AA 67 -161.99 -22.85 -24.64
N TYR AA 68 -163.30 -22.61 -24.57
CA TYR AA 68 -163.89 -21.67 -23.63
C TYR AA 68 -165.33 -22.03 -23.31
N HIS AA 69 -165.74 -21.78 -22.06
CA HIS AA 69 -167.12 -21.92 -21.61
C HIS AA 69 -167.64 -20.54 -21.22
N PHE AA 70 -168.57 -20.01 -22.00
CA PHE AA 70 -169.09 -18.65 -21.78
C PHE AA 70 -170.04 -18.60 -20.60
N SER AA 71 -169.89 -17.59 -19.75
CA SER AA 71 -170.81 -17.35 -18.62
C SER AA 71 -171.86 -16.29 -18.99
N GLY AA 72 -173.10 -16.46 -18.52
CA GLY AA 72 -174.19 -15.51 -18.76
C GLY AA 72 -174.53 -14.70 -17.50
N LEU AA 73 -175.20 -13.56 -17.68
CA LEU AA 73 -175.68 -12.73 -16.56
C LEU AA 73 -176.84 -13.38 -15.79
N THR AA 74 -177.59 -14.26 -16.45
CA THR AA 74 -178.74 -14.98 -15.88
C THR AA 74 -178.38 -16.41 -15.49
N GLU AA 75 -179.23 -17.09 -14.70
CA GLU AA 75 -179.04 -18.51 -14.35
C GLU AA 75 -179.03 -19.44 -15.57
N ARG AA 76 -179.51 -18.98 -16.74
CA ARG AA 76 -179.44 -19.73 -17.99
C ARG AA 76 -178.13 -19.43 -18.72
N PRO AA 77 -177.36 -20.45 -19.11
CA PRO AA 77 -176.12 -20.24 -19.84
C PRO AA 77 -176.39 -19.61 -21.21
N PRO AA 78 -175.45 -18.77 -21.71
CA PRO AA 78 -175.54 -18.20 -23.04
C PRO AA 78 -175.40 -19.29 -24.10
N VAL AA 79 -175.93 -19.06 -25.30
CA VAL AA 79 -175.75 -19.95 -26.45
C VAL AA 79 -174.86 -19.28 -27.47
N VAL AA 80 -173.80 -19.98 -27.89
CA VAL AA 80 -172.93 -19.55 -28.99
C VAL AA 80 -173.67 -19.72 -30.32
N VAL AA 81 -174.08 -18.61 -30.93
CA VAL AA 81 -174.90 -18.63 -32.16
C VAL AA 81 -174.07 -18.36 -33.40
N ALA AA 82 -173.12 -17.42 -33.33
CA ALA AA 82 -172.31 -17.00 -34.48
C ALA AA 82 -170.83 -16.95 -34.11
N VAL AA 83 -169.96 -17.46 -34.98
CA VAL AA 83 -168.51 -17.46 -34.79
C VAL AA 83 -167.83 -17.11 -36.11
N LYS AA 84 -166.92 -16.13 -36.10
CA LYS AA 84 -166.10 -15.74 -37.26
C LYS AA 84 -164.65 -15.49 -36.86
N GLU AA 85 -163.71 -15.96 -37.65
CA GLU AA 85 -162.30 -15.63 -37.44
C GLU AA 85 -162.04 -14.15 -37.67
N PHE AA 86 -161.21 -13.60 -36.80
CA PHE AA 86 -160.80 -12.22 -36.83
C PHE AA 86 -159.33 -12.12 -36.41
N THR AA 87 -158.49 -11.56 -37.28
CA THR AA 87 -157.07 -11.35 -37.01
C THR AA 87 -156.80 -9.86 -36.88
N TRP AA 88 -156.20 -9.41 -35.78
CA TRP AA 88 -155.91 -7.99 -35.53
C TRP AA 88 -154.56 -7.84 -34.84
N GLN AA 89 -153.80 -6.78 -35.14
CA GLN AA 89 -152.53 -6.47 -34.46
C GLN AA 89 -151.55 -7.66 -34.31
N LYS AA 90 -151.48 -8.56 -35.31
CA LYS AA 90 -150.72 -9.83 -35.29
C LYS AA 90 -151.23 -10.91 -34.33
N LYS AA 91 -152.41 -10.72 -33.74
CA LYS AA 91 -153.16 -11.71 -32.98
C LYS AA 91 -154.19 -12.40 -33.86
N THR AA 92 -154.53 -13.62 -33.48
CA THR AA 92 -155.58 -14.42 -34.12
C THR AA 92 -156.65 -14.72 -33.08
N GLY AA 93 -157.90 -14.47 -33.43
CA GLY AA 93 -159.02 -14.73 -32.56
C GLY AA 93 -160.32 -14.95 -33.30
N LEU AA 94 -161.42 -14.97 -32.56
CA LEU AA 94 -162.77 -15.17 -33.06
C LEU AA 94 -163.68 -14.04 -32.56
N LEU AA 95 -164.56 -13.55 -33.42
CA LEU AA 95 -165.76 -12.81 -33.04
C LEU AA 95 -166.87 -13.83 -32.75
N VAL AA 96 -167.41 -13.78 -31.54
CA VAL AA 96 -168.41 -14.73 -31.03
C VAL AA 96 -169.67 -13.98 -30.64
N GLY AA 97 -170.80 -14.34 -31.22
CA GLY AA 97 -172.13 -13.84 -30.85
C GLY AA 97 -172.82 -14.80 -29.89
N LEU AA 98 -173.06 -14.33 -28.68
CA LEU AA 98 -173.76 -15.05 -27.61
C LEU AA 98 -175.20 -14.58 -27.52
N VAL AA 99 -176.16 -15.50 -27.46
CA VAL AA 99 -177.57 -15.19 -27.17
C VAL AA 99 -177.88 -15.56 -25.73
N GLU AA 100 -178.41 -14.61 -24.98
CA GLU AA 100 -178.88 -14.78 -23.60
C GLU AA 100 -180.41 -14.62 -23.53
N ALA AA 101 -181.00 -14.94 -22.38
CA ALA AA 101 -182.45 -14.84 -22.18
C ALA AA 101 -182.98 -13.40 -22.35
N GLU AA 102 -182.18 -12.39 -22.02
CA GLU AA 102 -182.57 -10.96 -22.04
C GLU AA 102 -181.84 -10.13 -23.11
N GLY AA 103 -181.05 -10.75 -23.99
CA GLY AA 103 -180.29 -10.01 -25.01
C GLY AA 103 -179.22 -10.82 -25.72
N SER AA 104 -178.15 -10.17 -26.14
CA SER AA 104 -176.99 -10.82 -26.75
C SER AA 104 -175.72 -10.04 -26.48
N VAL AA 105 -174.59 -10.73 -26.55
CA VAL AA 105 -173.26 -10.16 -26.36
C VAL AA 105 -172.39 -10.53 -27.56
N LEU AA 106 -171.69 -9.54 -28.12
CA LEU AA 106 -170.60 -9.76 -29.07
C LEU AA 106 -169.28 -9.82 -28.30
N CYS AA 107 -168.59 -10.95 -28.34
CA CYS AA 107 -167.30 -11.16 -27.72
C CYS AA 107 -166.19 -11.19 -28.79
N LEU AA 108 -165.04 -10.61 -28.47
CA LEU AA 108 -163.78 -10.81 -29.17
C LEU AA 108 -162.93 -11.77 -28.34
N TYR AA 109 -162.74 -12.99 -28.85
CA TYR AA 109 -162.00 -14.07 -28.21
C TYR AA 109 -160.59 -14.19 -28.79
N ASP AA 110 -159.56 -14.03 -27.98
CA ASP AA 110 -158.15 -14.18 -28.40
C ASP AA 110 -157.73 -15.64 -28.20
N ILE AA 111 -157.47 -16.34 -29.32
CA ILE AA 111 -157.11 -17.77 -29.31
C ILE AA 111 -155.75 -17.98 -28.62
N GLY AA 112 -154.81 -17.03 -28.78
CA GLY AA 112 -153.46 -17.16 -28.24
C GLY AA 112 -153.41 -17.21 -26.71
N ILE AA 113 -154.37 -16.59 -26.04
CA ILE AA 113 -154.51 -16.63 -24.57
C ILE AA 113 -155.76 -17.39 -24.10
N SER AA 114 -156.58 -17.88 -25.04
CA SER AA 114 -157.85 -18.57 -24.80
C SER AA 114 -158.82 -17.81 -23.89
N LYS AA 115 -158.97 -16.49 -24.12
CA LYS AA 115 -159.86 -15.61 -23.31
C LYS AA 115 -160.58 -14.57 -24.16
N VAL AA 116 -161.74 -14.14 -23.67
CA VAL AA 116 -162.41 -12.93 -24.17
C VAL AA 116 -161.59 -11.70 -23.77
N VAL AA 117 -161.35 -10.80 -24.73
CA VAL AA 117 -160.58 -9.56 -24.53
C VAL AA 117 -161.46 -8.32 -24.62
N LYS AA 118 -162.58 -8.40 -25.34
CA LYS AA 118 -163.60 -7.34 -25.43
C LYS AA 118 -164.97 -7.98 -25.53
N ALA AA 119 -165.98 -7.34 -24.93
CA ALA AA 119 -167.36 -7.76 -25.04
C ALA AA 119 -168.29 -6.54 -25.13
N VAL AA 120 -169.35 -6.65 -25.93
CA VAL AA 120 -170.30 -5.55 -26.20
C VAL AA 120 -171.74 -6.08 -26.17
N VAL AA 121 -172.61 -5.42 -25.40
CA VAL AA 121 -174.04 -5.76 -25.33
C VAL AA 121 -174.76 -5.29 -26.60
N LEU AA 122 -175.55 -6.18 -27.20
CA LEU AA 122 -176.26 -5.95 -28.45
C LEU AA 122 -177.76 -5.71 -28.23
N PRO AA 123 -178.39 -4.81 -29.00
CA PRO AA 123 -179.83 -4.57 -28.94
C PRO AA 123 -180.60 -5.62 -29.76
N GLY AA 124 -180.89 -6.78 -29.15
CA GLY AA 124 -181.65 -7.88 -29.74
C GLY AA 124 -180.84 -9.18 -29.89
N SER AA 125 -181.49 -10.26 -30.31
CA SER AA 125 -180.84 -11.56 -30.42
C SER AA 125 -179.96 -11.64 -31.68
N VAL AA 126 -178.66 -11.83 -31.50
CA VAL AA 126 -177.70 -11.92 -32.60
C VAL AA 126 -177.94 -13.17 -33.44
N THR AA 127 -177.92 -13.03 -34.77
CA THR AA 127 -178.08 -14.16 -35.71
C THR AA 127 -176.83 -14.42 -36.53
N ALA AA 128 -176.11 -13.37 -36.93
CA ALA AA 128 -174.83 -13.48 -37.61
C ALA AA 128 -173.91 -12.30 -37.30
N VAL AA 129 -172.61 -12.54 -37.43
CA VAL AA 129 -171.54 -11.54 -37.27
C VAL AA 129 -170.63 -11.63 -38.49
N GLU AA 130 -170.09 -10.51 -38.94
CA GLU AA 130 -169.15 -10.47 -40.06
C GLU AA 130 -168.14 -9.33 -39.89
N PRO AA 131 -166.83 -9.62 -39.86
CA PRO AA 131 -165.81 -8.57 -39.82
C PRO AA 131 -165.71 -7.84 -41.16
N ILE AA 132 -165.66 -6.50 -41.13
CA ILE AA 132 -165.47 -5.66 -42.32
C ILE AA 132 -164.01 -5.25 -42.46
N ILE AA 133 -163.40 -4.81 -41.36
CA ILE AA 133 -161.98 -4.41 -41.32
C ILE AA 133 -161.39 -4.66 -39.94
N ASN AA 134 -160.12 -5.03 -39.88
CA ASN AA 134 -159.42 -5.43 -38.66
C ASN AA 134 -158.50 -4.36 -38.05
N HIS AA 135 -158.49 -3.17 -38.62
CA HIS AA 135 -157.71 -2.03 -38.14
C HIS AA 135 -158.48 -0.74 -38.42
N GLY AA 136 -158.03 0.35 -37.82
CA GLY AA 136 -158.59 1.68 -38.02
C GLY AA 136 -157.62 2.67 -38.63
N GLY AA 137 -158.03 3.93 -38.65
CA GLY AA 137 -157.18 5.08 -38.96
C GLY AA 137 -157.23 5.54 -40.42
N ALA AA 138 -156.60 6.69 -40.66
CA ALA AA 138 -156.53 7.34 -41.96
C ALA AA 138 -155.47 6.70 -42.89
N SER AA 139 -155.48 5.38 -43.02
CA SER AA 139 -154.60 4.64 -43.92
C SER AA 139 -155.14 4.58 -45.35
N ALA AA 140 -154.27 4.20 -46.30
CA ALA AA 140 -154.68 3.87 -47.67
C ALA AA 140 -155.64 2.66 -47.69
N SER AA 141 -155.42 1.70 -46.80
CA SER AA 141 -156.24 0.49 -46.69
C SER AA 141 -157.68 0.77 -46.26
N THR AA 142 -157.99 1.84 -45.54
CA THR AA 142 -159.38 2.18 -45.14
C THR AA 142 -160.10 3.11 -46.10
N GLN AA 143 -159.44 3.55 -47.19
CA GLN AA 143 -160.01 4.56 -48.11
C GLN AA 143 -161.28 4.10 -48.82
N HIS AA 144 -161.51 2.80 -48.96
CA HIS AA 144 -162.71 2.25 -49.57
C HIS AA 144 -163.94 2.34 -48.65
N LEU AA 145 -163.78 2.57 -47.35
CA LEU AA 145 -164.90 2.72 -46.42
C LEU AA 145 -165.45 4.16 -46.39
N HIS AA 146 -166.67 4.31 -45.88
CA HIS AA 146 -167.26 5.62 -45.62
C HIS AA 146 -166.40 6.40 -44.61
N GLN AA 147 -166.32 7.73 -44.77
CA GLN AA 147 -165.47 8.58 -43.92
C GLN AA 147 -165.75 8.42 -42.42
N SER AA 148 -166.99 8.10 -42.07
CA SER AA 148 -167.44 7.75 -40.73
C SER AA 148 -166.74 6.52 -40.13
N LEU AA 149 -166.68 5.44 -40.89
CA LEU AA 149 -166.12 4.16 -40.44
C LEU AA 149 -164.59 4.21 -40.34
N ARG AA 150 -163.94 5.12 -41.08
CA ARG AA 150 -162.49 5.32 -41.02
C ARG AA 150 -161.99 5.83 -39.66
N TRP AA 151 -162.89 6.38 -38.85
CA TRP AA 151 -162.61 6.78 -37.47
C TRP AA 151 -162.74 5.65 -36.46
N PHE AA 152 -163.31 4.50 -36.85
CA PHE AA 152 -163.42 3.31 -35.99
C PHE AA 152 -162.12 2.51 -36.06
N PHE AA 153 -161.86 1.70 -35.04
CA PHE AA 153 -160.68 0.85 -34.97
C PHE AA 153 -161.11 -0.62 -34.90
N GLY AA 154 -161.22 -1.22 -36.08
CA GLY AA 154 -161.88 -2.50 -36.28
C GLY AA 154 -163.39 -2.31 -36.40
N VAL AA 155 -163.98 -2.77 -37.52
CA VAL AA 155 -165.42 -2.65 -37.77
C VAL AA 155 -166.00 -4.02 -38.00
N THR AA 156 -167.05 -4.35 -37.25
CA THR AA 156 -167.81 -5.59 -37.39
C THR AA 156 -169.27 -5.28 -37.67
N ALA AA 157 -169.85 -5.95 -38.66
CA ALA AA 157 -171.27 -5.96 -38.90
C ALA AA 157 -171.94 -7.03 -38.03
N VAL AA 158 -173.03 -6.68 -37.36
CA VAL AA 158 -173.84 -7.56 -36.52
C VAL AA 158 -175.29 -7.43 -36.93
N VAL AA 159 -175.97 -8.56 -37.04
CA VAL AA 159 -177.39 -8.62 -37.40
C VAL AA 159 -178.21 -9.37 -36.38
N THR AA 160 -179.50 -9.02 -36.28
CA THR AA 160 -180.41 -9.58 -35.28
C THR AA 160 -181.62 -10.29 -35.91
N ASP AA 161 -182.30 -11.06 -35.06
CA ASP AA 161 -183.57 -11.75 -35.33
C ASP AA 161 -184.73 -10.82 -35.73
N VAL AA 162 -184.70 -9.55 -35.33
CA VAL AA 162 -185.69 -8.52 -35.72
C VAL AA 162 -185.30 -7.66 -36.93
N GLY AA 163 -184.16 -7.95 -37.57
CA GLY AA 163 -183.76 -7.27 -38.80
C GLY AA 163 -182.82 -6.08 -38.64
N HIS AA 164 -182.23 -5.88 -37.45
CA HIS AA 164 -181.19 -4.86 -37.30
C HIS AA 164 -179.96 -5.21 -38.13
N VAL AA 165 -179.34 -4.19 -38.73
CA VAL AA 165 -177.99 -4.27 -39.31
C VAL AA 165 -177.15 -3.18 -38.66
N LEU AA 166 -176.21 -3.59 -37.83
CA LEU AA 166 -175.41 -2.73 -36.95
C LEU AA 166 -173.95 -2.80 -37.36
N LEU AA 167 -173.27 -1.66 -37.45
CA LEU AA 167 -171.81 -1.57 -37.66
C LEU AA 167 -171.17 -1.09 -36.37
N ILE AA 168 -170.44 -1.97 -35.71
CA ILE AA 168 -169.87 -1.74 -34.37
C ILE AA 168 -168.38 -1.41 -34.49
N ASP AA 169 -167.95 -0.36 -33.79
CA ASP AA 169 -166.54 -0.08 -33.54
C ASP AA 169 -166.00 -1.05 -32.48
N LEU AA 170 -164.97 -1.83 -32.80
CA LEU AA 170 -164.35 -2.75 -31.86
C LEU AA 170 -163.36 -2.06 -30.90
N CYS AA 171 -163.05 -0.78 -31.11
CA CYS AA 171 -162.12 -0.01 -30.27
C CYS AA 171 -160.77 -0.72 -30.04
N LEU AA 172 -160.18 -1.28 -31.10
CA LEU AA 172 -158.92 -2.05 -31.03
C LEU AA 172 -157.70 -1.20 -30.68
N ASP AA 173 -157.81 0.13 -30.73
CA ASP AA 173 -156.82 1.09 -30.26
C ASP AA 173 -156.74 1.18 -28.72
N GLU AA 174 -157.81 0.78 -28.01
CA GLU AA 174 -157.84 0.78 -26.55
C GLU AA 174 -157.19 -0.49 -25.99
N VAL AA 175 -155.89 -0.39 -25.68
CA VAL AA 175 -155.10 -1.51 -25.14
C VAL AA 175 -155.40 -1.77 -23.64
N SER AA 176 -156.00 -0.80 -22.94
CA SER AA 176 -156.21 -0.88 -21.48
C SER AA 176 -157.49 -1.61 -21.05
N SER AA 177 -158.38 -1.95 -21.99
CA SER AA 177 -159.64 -2.64 -21.69
C SER AA 177 -159.49 -4.14 -21.94
N ASN AA 178 -159.31 -4.93 -20.89
CA ASN AA 178 -159.57 -6.38 -20.96
C ASN AA 178 -160.94 -6.59 -20.33
N GLN AA 179 -161.94 -6.87 -21.16
CA GLN AA 179 -163.31 -7.15 -20.75
C GLN AA 179 -163.62 -8.62 -21.03
N ASP AA 180 -164.28 -9.28 -20.09
CA ASP AA 180 -164.89 -10.58 -20.29
C ASP AA 180 -166.36 -10.41 -20.72
N GLU AA 181 -167.05 -11.52 -21.00
CA GLU AA 181 -168.45 -11.52 -21.41
C GLU AA 181 -169.42 -10.98 -20.33
N LEU AA 182 -169.02 -10.99 -19.06
CA LEU AA 182 -169.83 -10.53 -17.93
C LEU AA 182 -169.69 -9.01 -17.69
N ASP AA 183 -168.52 -8.43 -17.99
CA ASP AA 183 -168.23 -6.98 -17.97
C ASP AA 183 -168.31 -6.36 -19.38
N ALA AA 184 -169.34 -6.75 -20.13
CA ALA AA 184 -169.58 -6.27 -21.49
C ALA AA 184 -169.96 -4.78 -21.52
N SER AA 185 -169.36 -4.04 -22.45
CA SER AA 185 -169.63 -2.62 -22.66
C SER AA 185 -171.02 -2.39 -23.28
N ASP AA 186 -171.68 -1.30 -22.91
CA ASP AA 186 -172.89 -0.85 -23.59
C ASP AA 186 -172.56 -0.33 -25.02
N LEU AA 187 -173.58 -0.32 -25.87
CA LEU AA 187 -173.52 0.17 -27.24
C LEU AA 187 -174.23 1.53 -27.39
N GLU AA 188 -173.54 2.54 -27.92
CA GLU AA 188 -174.16 3.80 -28.33
C GLU AA 188 -174.61 3.70 -29.79
N VAL AA 189 -175.89 3.37 -29.99
CA VAL AA 189 -176.49 3.17 -31.31
C VAL AA 189 -176.91 4.49 -31.94
N MET AA 190 -176.34 4.80 -33.10
CA MET AA 190 -176.69 5.98 -33.89
C MET AA 190 -177.48 5.59 -35.14
N SER AA 191 -178.74 6.04 -35.20
CA SER AA 191 -179.64 5.82 -36.34
C SER AA 191 -179.38 6.76 -37.53
N VAL AA 192 -178.65 7.86 -37.32
CA VAL AA 192 -178.31 8.84 -38.36
C VAL AA 192 -176.80 8.98 -38.43
N ILE AA 193 -176.23 8.86 -39.64
CA ILE AA 193 -174.79 8.99 -39.88
C ILE AA 193 -174.32 10.40 -39.49
N PRO AA 194 -173.55 10.58 -38.40
CA PRO AA 194 -173.18 11.90 -37.91
C PRO AA 194 -171.98 12.48 -38.68
N THR AA 195 -171.92 13.82 -38.75
CA THR AA 195 -170.76 14.53 -39.32
C THR AA 195 -169.57 14.66 -38.36
N LYS AA 196 -169.79 14.54 -37.05
CA LYS AA 196 -168.77 14.77 -35.99
C LYS AA 196 -168.39 13.49 -35.23
N ILE AA 197 -168.20 12.39 -35.94
CA ILE AA 197 -167.88 11.07 -35.35
C ILE AA 197 -166.68 11.07 -34.40
N PRO AA 198 -165.56 11.76 -34.64
CA PRO AA 198 -164.43 11.72 -33.71
C PRO AA 198 -164.79 12.14 -32.29
N LYS AA 199 -165.63 13.18 -32.14
CA LYS AA 199 -166.05 13.68 -30.82
C LYS AA 199 -167.03 12.72 -30.13
N LEU AA 200 -167.90 12.09 -30.91
CA LEU AA 200 -168.87 11.13 -30.41
C LEU AA 200 -168.16 9.85 -29.98
N ARG AA 201 -167.22 9.35 -30.78
CA ARG AA 201 -166.37 8.21 -30.45
C ARG AA 201 -165.59 8.46 -29.15
N GLU AA 202 -164.94 9.61 -29.03
CA GLU AA 202 -164.19 9.97 -27.82
C GLU AA 202 -165.10 10.09 -26.58
N ALA AA 203 -166.35 10.53 -26.75
CA ALA AA 203 -167.34 10.54 -25.69
C ALA AA 203 -167.77 9.13 -25.29
N ALA AA 204 -168.12 8.29 -26.26
CA ALA AA 204 -168.51 6.89 -26.06
C ALA AA 204 -167.41 6.09 -25.35
N THR AA 205 -166.18 6.14 -25.86
CA THR AA 205 -165.00 5.52 -25.26
C THR AA 205 -164.80 5.97 -23.80
N ARG AA 206 -164.97 7.27 -23.50
CA ARG AA 206 -164.82 7.79 -22.13
C ARG AA 206 -165.90 7.25 -21.18
N GLU AA 207 -167.09 6.96 -21.69
CA GLU AA 207 -168.19 6.33 -20.96
C GLU AA 207 -168.12 4.80 -20.94
N ARG AA 208 -167.03 4.19 -21.45
CA ARG AA 208 -166.88 2.73 -21.64
C ARG AA 208 -167.99 2.15 -22.52
N ARG AA 209 -168.31 2.85 -23.60
CA ARG AA 209 -169.29 2.43 -24.61
C ARG AA 209 -168.63 2.28 -25.96
N HIS AA 210 -169.14 1.34 -26.74
CA HIS AA 210 -168.76 1.17 -28.13
C HIS AA 210 -169.72 1.97 -29.02
N LEU AA 211 -169.17 2.62 -30.05
CA LEU AA 211 -169.98 3.37 -31.00
C LEU AA 211 -170.54 2.44 -32.07
N CYS AA 212 -171.82 2.59 -32.42
CA CYS AA 212 -172.47 1.78 -33.43
C CYS AA 212 -173.24 2.63 -34.45
N LEU AA 213 -173.07 2.34 -35.74
CA LEU AA 213 -173.91 2.89 -36.82
C LEU AA 213 -174.99 1.88 -37.21
N GLN AA 214 -176.24 2.28 -37.12
CA GLN AA 214 -177.36 1.46 -37.55
C GLN AA 214 -177.65 1.70 -39.04
N LEU AA 215 -177.44 0.68 -39.88
CA LEU AA 215 -177.78 0.72 -41.31
C LEU AA 215 -179.26 0.47 -41.57
N ALA AA 216 -179.82 -0.56 -40.91
CA ALA AA 216 -181.21 -0.96 -41.06
C ALA AA 216 -181.97 -0.87 -39.72
N ALA AA 217 -183.15 -0.26 -39.76
CA ALA AA 217 -184.13 -0.29 -38.69
C ALA AA 217 -184.72 -1.70 -38.55
N PRO AA 218 -185.19 -2.09 -37.34
CA PRO AA 218 -185.81 -3.39 -37.15
C PRO AA 218 -187.09 -3.46 -37.99
N THR AA 219 -187.13 -4.40 -38.94
CA THR AA 219 -188.29 -4.63 -39.83
C THR AA 219 -189.22 -5.71 -39.29
N GLY AA 220 -188.79 -6.47 -38.28
CA GLY AA 220 -189.48 -7.65 -37.77
C GLY AA 220 -189.15 -8.94 -38.53
N THR AA 221 -188.33 -8.87 -39.58
CA THR AA 221 -187.84 -10.05 -40.31
C THR AA 221 -186.42 -10.41 -39.87
N THR AA 222 -186.20 -11.67 -39.54
CA THR AA 222 -184.88 -12.21 -39.18
C THR AA 222 -183.91 -12.13 -40.34
N VAL AA 223 -182.69 -11.65 -40.06
CA VAL AA 223 -181.57 -11.80 -40.98
C VAL AA 223 -180.96 -13.18 -40.78
N SER AA 224 -180.98 -14.00 -41.82
CA SER AA 224 -180.50 -15.39 -41.80
C SER AA 224 -179.06 -15.54 -42.28
N CYS AA 225 -178.55 -14.62 -43.10
CA CYS AA 225 -177.14 -14.64 -43.50
C CYS AA 225 -176.53 -13.24 -43.63
N LEU AA 226 -175.23 -13.14 -43.34
CA LEU AA 226 -174.44 -11.92 -43.43
C LEU AA 226 -173.07 -12.23 -44.02
N SER AA 227 -172.63 -11.48 -45.03
CA SER AA 227 -171.27 -11.60 -45.57
C SER AA 227 -170.76 -10.29 -46.18
N TYR AA 228 -169.49 -9.97 -45.97
CA TYR AA 228 -168.84 -8.80 -46.53
C TYR AA 228 -167.99 -9.19 -47.75
N ILE AA 229 -168.32 -8.62 -48.91
CA ILE AA 229 -167.65 -8.90 -50.17
C ILE AA 229 -166.61 -7.81 -50.42
N SER AA 230 -165.35 -8.10 -50.11
CA SER AA 230 -164.23 -7.14 -50.22
C SER AA 230 -164.02 -6.59 -51.64
N ARG AA 231 -164.28 -7.40 -52.68
CA ARG AA 231 -164.11 -7.03 -54.09
C ARG AA 231 -165.14 -6.03 -54.59
N THR AA 232 -166.35 -6.02 -54.05
CA THR AA 232 -167.41 -5.05 -54.42
C THR AA 232 -167.64 -4.00 -53.35
N ASN AA 233 -166.99 -4.15 -52.18
CA ASN AA 233 -167.17 -3.31 -51.01
C ASN AA 233 -168.65 -3.25 -50.55
N GLN AA 234 -169.34 -4.38 -50.67
CA GLN AA 234 -170.75 -4.51 -50.33
C GLN AA 234 -170.94 -5.52 -49.19
N LEU AA 235 -171.81 -5.18 -48.26
CA LEU AA 235 -172.32 -6.08 -47.22
C LEU AA 235 -173.62 -6.74 -47.73
N ALA AA 236 -173.55 -8.05 -47.95
CA ALA AA 236 -174.65 -8.89 -48.36
C ALA AA 236 -175.45 -9.35 -47.14
N VAL AA 237 -176.75 -9.04 -47.14
CA VAL AA 237 -177.68 -9.33 -46.04
C VAL AA 237 -178.87 -10.11 -46.59
N GLY AA 238 -179.00 -11.37 -46.18
CA GLY AA 238 -180.10 -12.25 -46.56
C GLY AA 238 -181.11 -12.44 -45.43
N TYR AA 239 -182.38 -12.43 -45.76
CA TYR AA 239 -183.49 -12.45 -44.81
C TYR AA 239 -184.21 -13.80 -44.83
N SER AA 240 -184.90 -14.12 -43.72
CA SER AA 240 -185.66 -15.35 -43.56
C SER AA 240 -186.88 -15.46 -44.46
N ASP AA 241 -187.36 -14.34 -45.01
CA ASP AA 241 -188.47 -14.26 -45.97
C ASP AA 241 -188.02 -14.33 -47.44
N GLY AA 242 -186.74 -14.65 -47.68
CA GLY AA 242 -186.15 -14.78 -49.01
C GLY AA 242 -185.74 -13.46 -49.67
N TYR AA 243 -185.86 -12.34 -48.97
CA TYR AA 243 -185.26 -11.10 -49.44
C TYR AA 243 -183.75 -11.12 -49.29
N PHE AA 244 -183.08 -10.37 -50.17
CA PHE AA 244 -181.65 -10.21 -50.20
C PHE AA 244 -181.32 -8.74 -50.46
N SER AA 245 -180.35 -8.19 -49.73
CA SER AA 245 -179.91 -6.80 -49.90
C SER AA 245 -178.40 -6.64 -49.94
N LEU AA 246 -177.94 -5.67 -50.73
CA LEU AA 246 -176.54 -5.28 -50.82
C LEU AA 246 -176.38 -3.85 -50.31
N TRP AA 247 -175.52 -3.67 -49.31
CA TRP AA 247 -175.22 -2.38 -48.71
C TRP AA 247 -173.81 -1.96 -49.06
N ASN AA 248 -173.65 -0.80 -49.68
CA ASN AA 248 -172.36 -0.28 -50.08
C ASN AA 248 -171.64 0.37 -48.90
N MET AA 249 -170.48 -0.14 -48.52
CA MET AA 249 -169.76 0.33 -47.33
C MET AA 249 -169.05 1.67 -47.55
N LYS AA 250 -168.92 2.14 -48.79
CA LYS AA 250 -168.41 3.48 -49.11
C LYS AA 250 -169.46 4.56 -48.90
N THR AA 251 -170.70 4.30 -49.31
CA THR AA 251 -171.81 5.27 -49.26
C THR AA 251 -172.75 5.05 -48.07
N LEU AA 252 -172.68 3.89 -47.41
CA LEU AA 252 -173.60 3.38 -46.39
C LEU AA 252 -175.06 3.36 -46.88
N ARG AA 253 -175.27 3.12 -48.19
CA ARG AA 253 -176.58 3.02 -48.81
C ARG AA 253 -176.86 1.60 -49.25
N ARG AA 254 -178.14 1.23 -49.25
CA ARG AA 254 -178.62 -0.02 -49.82
C ARG AA 254 -178.69 0.13 -51.35
N ASP AA 255 -177.76 -0.49 -52.05
CA ASP AA 255 -177.67 -0.44 -53.52
C ASP AA 255 -178.67 -1.39 -54.17
N TYR AA 256 -179.01 -2.51 -53.50
CA TYR AA 256 -179.93 -3.53 -54.03
C TYR AA 256 -180.80 -4.13 -52.93
N HIS AA 257 -182.05 -4.47 -53.27
CA HIS AA 257 -182.98 -5.19 -52.39
C HIS AA 257 -184.07 -5.89 -53.22
N VAL AA 258 -184.09 -7.23 -53.22
CA VAL AA 258 -185.05 -8.04 -53.98
C VAL AA 258 -185.43 -9.29 -53.21
N GLN AA 259 -186.58 -9.90 -53.52
CA GLN AA 259 -186.88 -11.29 -53.16
C GLN AA 259 -186.32 -12.22 -54.24
N ILE AA 260 -185.52 -13.21 -53.84
CA ILE AA 260 -184.94 -14.21 -54.75
C ILE AA 260 -186.04 -15.11 -55.32
N GLU AA 261 -185.85 -15.65 -56.54
CA GLU AA 261 -186.89 -16.41 -57.25
C GLU AA 261 -187.45 -17.62 -56.49
N GLY AA 262 -186.68 -18.25 -55.58
CA GLY AA 262 -187.18 -19.36 -54.75
C GLY AA 262 -188.26 -18.96 -53.73
N GLY AA 263 -188.60 -17.67 -53.64
CA GLY AA 263 -189.75 -17.19 -52.87
C GLY AA 263 -189.43 -16.98 -51.40
N ARG AA 264 -190.38 -17.31 -50.51
CA ARG AA 264 -190.27 -17.07 -49.06
C ARG AA 264 -189.48 -18.16 -48.34
N VAL AA 265 -188.28 -18.45 -48.82
CA VAL AA 265 -187.34 -19.41 -48.21
C VAL AA 265 -186.13 -18.62 -47.68
N PRO AA 266 -185.64 -18.89 -46.45
CA PRO AA 266 -184.51 -18.17 -45.87
C PRO AA 266 -183.26 -18.24 -46.73
N VAL AA 267 -182.59 -17.10 -46.91
CA VAL AA 267 -181.26 -17.05 -47.55
C VAL AA 267 -180.21 -17.43 -46.51
N CYS AA 268 -179.57 -18.59 -46.66
CA CYS AA 268 -178.71 -19.16 -45.61
C CYS AA 268 -177.20 -18.94 -45.87
N ALA AA 269 -176.79 -18.78 -47.12
CA ALA AA 269 -175.38 -18.60 -47.48
C ALA AA 269 -175.23 -17.78 -48.76
N VAL AA 270 -174.06 -17.15 -48.90
CA VAL AA 270 -173.65 -16.48 -50.13
C VAL AA 270 -172.21 -16.82 -50.51
N ALA AA 271 -171.91 -16.82 -51.80
CA ALA AA 271 -170.57 -17.11 -52.32
C ALA AA 271 -170.27 -16.25 -53.55
N PHE AA 272 -169.17 -15.49 -53.49
CA PHE AA 272 -168.78 -14.54 -54.54
C PHE AA 272 -167.85 -15.20 -55.57
N GLN AA 273 -168.10 -15.00 -56.87
CA GLN AA 273 -167.23 -15.43 -57.97
C GLN AA 273 -166.91 -14.28 -58.92
N GLU AA 274 -165.67 -14.22 -59.38
CA GLU AA 274 -165.22 -13.31 -60.44
C GLU AA 274 -164.85 -14.11 -61.71
N PRO AA 275 -165.39 -13.74 -62.90
CA PRO AA 275 -165.05 -14.41 -64.15
C PRO AA 275 -163.66 -13.99 -64.64
N GLU AA 276 -162.99 -14.88 -65.41
CA GLU AA 276 -161.69 -14.57 -66.03
C GLU AA 276 -161.84 -13.43 -67.05
N ASN AA 277 -162.91 -13.42 -67.83
CA ASN AA 277 -163.11 -12.43 -68.88
C ASN AA 277 -164.60 -12.07 -69.02
N ASP AA 278 -164.98 -10.89 -68.51
CA ASP AA 278 -166.28 -10.27 -68.77
C ASP AA 278 -166.10 -8.88 -69.41
N PRO AA 279 -166.82 -8.56 -70.50
CA PRO AA 279 -166.66 -7.29 -71.21
C PRO AA 279 -167.26 -6.07 -70.50
N ARG AA 280 -168.01 -6.24 -69.40
CA ARG AA 280 -168.77 -5.17 -68.71
C ARG AA 280 -168.54 -5.17 -67.20
N ASN AA 281 -167.38 -5.62 -66.73
CA ASN AA 281 -167.03 -5.66 -65.31
C ASN AA 281 -168.09 -6.38 -64.45
N CYS AA 282 -168.67 -7.46 -64.95
CA CYS AA 282 -169.60 -8.26 -64.17
C CYS AA 282 -168.85 -9.19 -63.22
N CYS AA 283 -169.36 -9.30 -61.99
CA CYS AA 283 -169.04 -10.37 -61.07
C CYS AA 283 -170.32 -11.06 -60.61
N TYR AA 284 -170.19 -12.12 -59.84
CA TYR AA 284 -171.29 -13.01 -59.50
C TYR AA 284 -171.37 -13.25 -58.01
N LEU AA 285 -172.60 -13.40 -57.53
CA LEU AA 285 -172.88 -13.74 -56.16
C LEU AA 285 -173.94 -14.84 -56.12
N TRP AA 286 -173.55 -16.00 -55.62
CA TRP AA 286 -174.49 -17.05 -55.26
C TRP AA 286 -175.24 -16.64 -54.00
N ALA AA 287 -176.56 -16.83 -54.02
CA ALA AA 287 -177.41 -16.79 -52.85
C ALA AA 287 -178.12 -18.15 -52.73
N VAL AA 288 -177.96 -18.80 -51.57
CA VAL AA 288 -178.51 -20.13 -51.32
C VAL AA 288 -179.72 -20.00 -50.43
N GLN AA 289 -180.86 -20.56 -50.86
CA GLN AA 289 -182.07 -20.64 -50.06
C GLN AA 289 -182.22 -22.04 -49.48
N SER AA 290 -182.48 -22.13 -48.16
CA SER AA 290 -182.67 -23.39 -47.45
C SER AA 290 -183.56 -23.17 -46.22
N SER AA 291 -184.46 -24.12 -45.94
CA SER AA 291 -185.22 -24.13 -44.68
C SER AA 291 -184.45 -24.82 -43.56
N GLU AA 292 -184.47 -24.27 -42.35
CA GLU AA 292 -183.86 -24.89 -41.15
C GLU AA 292 -184.57 -26.17 -40.71
N SER AA 293 -185.89 -26.25 -40.92
CA SER AA 293 -186.71 -27.41 -40.57
C SER AA 293 -186.49 -28.63 -41.49
N GLY AA 294 -185.54 -28.54 -42.41
CA GLY AA 294 -185.45 -29.41 -43.55
C GLY AA 294 -186.46 -29.06 -44.65
N GLY AA 295 -186.04 -29.15 -45.90
CA GLY AA 295 -186.91 -28.82 -47.04
C GLY AA 295 -186.14 -28.63 -48.34
N ASP AA 296 -186.64 -27.70 -49.15
CA ASP AA 296 -186.08 -27.39 -50.46
C ASP AA 296 -184.81 -26.54 -50.34
N VAL AA 297 -183.73 -26.96 -51.01
CA VAL AA 297 -182.48 -26.20 -51.16
C VAL AA 297 -182.35 -25.77 -52.61
N SER AA 298 -182.22 -24.47 -52.85
CA SER AA 298 -182.06 -23.89 -54.18
C SER AA 298 -180.87 -22.92 -54.21
N LEU AA 299 -180.12 -22.95 -55.32
CA LEU AA 299 -178.96 -22.11 -55.58
C LEU AA 299 -179.31 -21.06 -56.62
N HIS AA 300 -179.08 -19.79 -56.33
CA HIS AA 300 -179.41 -18.66 -57.21
C HIS AA 300 -178.17 -17.83 -57.51
N LEU AA 301 -177.82 -17.67 -58.79
CA LEU AA 301 -176.66 -16.92 -59.25
C LEU AA 301 -177.07 -15.51 -59.64
N LEU AA 302 -176.67 -14.52 -58.85
CA LEU AA 302 -176.88 -13.11 -59.13
C LEU AA 302 -175.70 -12.55 -59.93
N GLN AA 303 -175.97 -11.91 -61.06
CA GLN AA 303 -174.99 -11.15 -61.83
C GLN AA 303 -175.01 -9.69 -61.35
N LEU AA 304 -173.86 -9.20 -60.89
CA LEU AA 304 -173.66 -7.81 -60.50
C LEU AA 304 -172.81 -7.11 -61.57
N ALA AA 305 -173.37 -6.11 -62.23
CA ALA AA 305 -172.65 -5.32 -63.23
C ALA AA 305 -172.24 -3.97 -62.66
N PHE AA 306 -170.98 -3.59 -62.84
CA PHE AA 306 -170.40 -2.36 -62.31
C PHE AA 306 -169.88 -1.48 -63.44
N SER AA 307 -170.02 -0.17 -63.28
CA SER AA 307 -169.55 0.78 -64.31
C SER AA 307 -168.02 0.98 -64.29
N ASP AA 308 -167.36 0.73 -63.16
CA ASP AA 308 -165.93 0.98 -62.98
C ASP AA 308 -165.23 -0.13 -62.17
N ARG AA 309 -163.93 -0.29 -62.40
CA ARG AA 309 -163.05 -1.28 -61.77
C ARG AA 309 -161.74 -0.58 -61.37
N LYS AA 310 -161.55 -0.34 -60.08
CA LYS AA 310 -160.39 0.38 -59.54
C LYS AA 310 -159.36 -0.57 -58.94
N CYS AA 311 -158.09 -0.37 -59.28
CA CYS AA 311 -157.00 -1.02 -58.57
C CYS AA 311 -156.67 -0.21 -57.32
N LEU AA 312 -156.83 -0.81 -56.14
CA LEU AA 312 -156.41 -0.23 -54.87
C LEU AA 312 -154.88 -0.22 -54.79
N ALA AA 313 -154.33 0.62 -53.90
CA ALA AA 313 -152.89 0.64 -53.64
C ALA AA 313 -152.32 -0.72 -53.18
N SER AA 314 -153.17 -1.61 -52.67
CA SER AA 314 -152.82 -3.00 -52.33
C SER AA 314 -152.68 -3.94 -53.54
N GLY AA 315 -152.93 -3.46 -54.77
CA GLY AA 315 -152.99 -4.29 -55.98
C GLY AA 315 -154.32 -5.06 -56.13
N GLN AA 316 -155.18 -5.04 -55.12
CA GLN AA 316 -156.51 -5.64 -55.18
C GLN AA 316 -157.45 -4.77 -56.00
N ILE AA 317 -158.37 -5.42 -56.69
CA ILE AA 317 -159.29 -4.77 -57.59
C ILE AA 317 -160.64 -4.67 -56.92
N MET AA 318 -161.21 -3.48 -56.98
CA MET AA 318 -162.47 -3.13 -56.39
C MET AA 318 -163.44 -2.68 -57.48
N TYR AA 319 -164.60 -3.31 -57.52
CA TYR AA 319 -165.71 -2.93 -58.37
C TYR AA 319 -166.49 -1.80 -57.71
N GLU AA 320 -166.76 -0.72 -58.45
CA GLU AA 320 -167.49 0.44 -57.95
C GLU AA 320 -168.67 0.78 -58.86
N LEU AA 321 -169.68 1.45 -58.27
CA LEU AA 321 -170.86 1.95 -58.97
C LEU AA 321 -171.68 0.82 -59.64
N LEU AA 322 -172.39 0.04 -58.81
CA LEU AA 322 -173.32 -0.99 -59.25
C LEU AA 322 -174.38 -0.39 -60.19
N GLU AA 323 -174.44 -0.89 -61.43
CA GLU AA 323 -175.44 -0.46 -62.43
C GLU AA 323 -176.73 -1.25 -62.30
N TYR AA 324 -176.61 -2.58 -62.19
CA TYR AA 324 -177.74 -3.49 -61.99
C TYR AA 324 -177.29 -4.79 -61.31
N CYS AA 325 -178.25 -5.49 -60.71
CA CYS AA 325 -178.10 -6.84 -60.19
C CYS AA 325 -179.32 -7.65 -60.64
N GLU AA 326 -179.09 -8.79 -61.29
CA GLU AA 326 -180.15 -9.65 -61.83
C GLU AA 326 -179.82 -11.13 -61.60
N GLU AA 327 -180.84 -11.95 -61.35
CA GLU AA 327 -180.69 -13.40 -61.27
C GLU AA 327 -180.47 -13.97 -62.69
N ARG AA 328 -179.45 -14.82 -62.84
CA ARG AA 328 -179.03 -15.35 -64.14
C ARG AA 328 -178.95 -16.87 -64.20
N TYR AA 329 -178.95 -17.56 -63.07
CA TYR AA 329 -179.01 -19.01 -63.03
C TYR AA 329 -179.69 -19.50 -61.76
N SER AA 330 -180.57 -20.49 -61.87
CA SER AA 330 -181.19 -21.16 -60.74
C SER AA 330 -181.02 -22.67 -60.81
N LEU AA 331 -180.80 -23.30 -59.65
CA LEU AA 331 -180.65 -24.75 -59.53
C LEU AA 331 -181.29 -25.26 -58.24
N ASP AA 332 -182.36 -26.03 -58.39
CA ASP AA 332 -183.02 -26.72 -57.29
C ASP AA 332 -182.33 -28.06 -57.00
N LEU AA 333 -181.72 -28.19 -55.82
CA LEU AA 333 -181.04 -29.42 -55.39
C LEU AA 333 -182.05 -30.45 -54.86
N SER AA 334 -183.13 -30.01 -54.23
CA SER AA 334 -184.16 -30.90 -53.68
C SER AA 334 -185.07 -31.52 -54.75
N GLY AA 335 -185.27 -30.85 -55.89
CA GLY AA 335 -186.17 -31.29 -56.96
C GLY AA 335 -185.55 -32.24 -58.00
N SER AA 336 -184.24 -32.47 -57.97
CA SER AA 336 -183.52 -33.16 -59.04
C SER AA 336 -183.56 -34.68 -58.91
N THR AA 337 -184.49 -35.34 -59.62
CA THR AA 337 -184.51 -36.71 -60.22
C THR AA 337 -183.99 -37.94 -59.43
N LEU AA 338 -183.53 -37.80 -58.20
CA LEU AA 338 -183.05 -38.91 -57.36
C LEU AA 338 -184.22 -39.64 -56.67
N SER AA 339 -185.40 -39.03 -56.58
CA SER AA 339 -186.59 -39.67 -56.01
C SER AA 339 -187.46 -40.34 -57.08
N LEU AA 340 -187.22 -41.63 -57.29
CA LEU AA 340 -188.23 -42.53 -57.86
C LEU AA 340 -189.33 -42.74 -56.80
N ARG AA 341 -190.48 -42.05 -56.96
CA ARG AA 341 -191.65 -41.94 -56.05
C ARG AA 341 -191.54 -40.84 -55.00
N GLY AA 342 -192.63 -40.09 -54.80
CA GLY AA 342 -192.80 -38.93 -53.91
C GLY AA 342 -192.59 -39.19 -52.41
N GLN AA 343 -191.40 -39.66 -52.04
CA GLN AA 343 -190.89 -39.67 -50.68
C GLN AA 343 -190.45 -38.26 -50.30
N SER AA 344 -190.79 -37.83 -49.08
CA SER AA 344 -190.31 -36.57 -48.53
C SER AA 344 -188.82 -36.70 -48.23
N ASN AA 345 -188.01 -35.98 -49.01
CA ASN AA 345 -186.58 -35.87 -48.76
C ASN AA 345 -186.33 -34.63 -47.90
N ASN AA 346 -185.49 -34.76 -46.89
CA ASN AA 346 -184.97 -33.62 -46.16
C ASN AA 346 -183.56 -33.33 -46.71
N THR AA 347 -183.40 -32.19 -47.38
CA THR AA 347 -182.12 -31.75 -47.92
C THR AA 347 -181.56 -30.62 -47.06
N LYS AA 348 -180.27 -30.71 -46.70
CA LYS AA 348 -179.57 -29.72 -45.88
C LYS AA 348 -178.28 -29.29 -46.59
N LEU AA 349 -178.02 -27.98 -46.66
CA LEU AA 349 -176.73 -27.45 -47.07
C LEU AA 349 -175.69 -27.69 -45.96
N LEU AA 350 -174.56 -28.30 -46.31
CA LEU AA 350 -173.43 -28.50 -45.40
C LEU AA 350 -172.44 -27.34 -45.49
N GLY AA 351 -172.05 -26.94 -46.70
CA GLY AA 351 -171.02 -25.93 -46.92
C GLY AA 351 -171.15 -25.23 -48.26
N CYS AA 352 -170.61 -24.01 -48.32
CA CYS AA 352 -170.57 -23.16 -49.49
C CYS AA 352 -169.24 -22.42 -49.50
N GLN AA 353 -168.38 -22.70 -50.47
CA GLN AA 353 -167.02 -22.16 -50.56
C GLN AA 353 -166.75 -21.66 -51.98
N THR AA 354 -165.98 -20.59 -52.12
CA THR AA 354 -165.43 -20.18 -53.42
C THR AA 354 -163.93 -20.31 -53.40
N ILE AA 355 -163.36 -20.84 -54.48
CA ILE AA 355 -161.92 -21.01 -54.69
C ILE AA 355 -161.55 -20.26 -55.96
N GLU AA 356 -160.66 -19.27 -55.83
CA GLU AA 356 -160.17 -18.46 -56.94
C GLU AA 356 -158.64 -18.55 -57.05
N LYS AA 357 -158.14 -18.84 -58.26
CA LYS AA 357 -156.71 -18.83 -58.57
C LYS AA 357 -156.39 -17.67 -59.50
N PHE AA 358 -155.39 -16.89 -59.12
CA PHE AA 358 -154.88 -15.78 -59.92
C PHE AA 358 -153.58 -16.21 -60.58
N PRO AA 374 -159.21 -13.65 -61.75
CA PRO AA 374 -158.77 -15.03 -61.54
C PRO AA 374 -158.90 -15.84 -62.84
N ASP AA 375 -157.92 -16.72 -63.13
CA ASP AA 375 -158.00 -17.63 -64.27
C ASP AA 375 -158.93 -18.83 -64.01
N THR AA 376 -159.10 -19.15 -62.74
CA THR AA 376 -159.97 -20.22 -62.25
C THR AA 376 -160.81 -19.65 -61.12
N SER AA 377 -162.13 -19.62 -61.28
CA SER AA 377 -163.06 -19.29 -60.20
C SER AA 377 -164.14 -20.37 -60.15
N VAL AA 378 -164.17 -21.10 -59.03
CA VAL AA 378 -165.11 -22.20 -58.80
C VAL AA 378 -165.84 -22.03 -57.47
N SER AA 379 -167.14 -22.35 -57.46
CA SER AA 379 -167.92 -22.44 -56.23
C SER AA 379 -168.24 -23.89 -55.92
N VAL AA 380 -167.97 -24.28 -54.68
CA VAL AA 380 -168.21 -25.61 -54.14
C VAL AA 380 -169.42 -25.57 -53.23
N PHE AA 381 -170.41 -26.40 -53.52
CA PHE AA 381 -171.59 -26.59 -52.71
C PHE AA 381 -171.59 -28.02 -52.19
N SER AA 382 -171.73 -28.21 -50.88
CA SER AA 382 -171.90 -29.52 -50.28
C SER AA 382 -173.27 -29.62 -49.62
N TRP AA 383 -173.97 -30.72 -49.84
CA TRP AA 383 -175.31 -30.92 -49.29
C TRP AA 383 -175.56 -32.39 -48.94
N GLN AA 384 -176.45 -32.57 -47.98
CA GLN AA 384 -176.88 -33.87 -47.47
C GLN AA 384 -178.35 -34.08 -47.82
N VAL AA 385 -178.70 -35.27 -48.27
CA VAL AA 385 -180.08 -35.69 -48.57
C VAL AA 385 -180.44 -36.86 -47.65
N ASN AA 386 -181.43 -36.65 -46.79
CA ASN AA 386 -182.01 -37.66 -45.92
C ASN AA 386 -183.37 -38.07 -46.50
N THR AA 387 -183.44 -39.26 -47.08
CA THR AA 387 -184.70 -39.86 -47.53
C THR AA 387 -185.36 -40.57 -46.36
N TYR AA 388 -186.63 -40.26 -46.08
CA TYR AA 388 -187.38 -40.93 -45.01
C TYR AA 388 -187.37 -42.46 -45.20
N GLY AA 389 -186.90 -43.19 -44.18
CA GLY AA 389 -186.82 -44.66 -44.19
C GLY AA 389 -185.46 -45.25 -44.62
N GLN AA 390 -184.54 -44.47 -45.18
CA GLN AA 390 -183.14 -44.89 -45.34
C GLN AA 390 -182.34 -44.38 -44.14
N GLY AA 391 -181.70 -45.29 -43.40
CA GLY AA 391 -180.92 -44.93 -42.20
C GLY AA 391 -179.64 -44.16 -42.49
N LYS AA 392 -179.08 -44.30 -43.70
CA LYS AA 392 -177.84 -43.62 -44.12
C LYS AA 392 -178.16 -42.38 -44.98
N PRO AA 393 -177.63 -41.19 -44.66
CA PRO AA 393 -177.78 -40.02 -45.51
C PRO AA 393 -176.92 -40.11 -46.78
N SER AA 394 -177.38 -39.53 -47.88
CA SER AA 394 -176.55 -39.36 -49.09
C SER AA 394 -175.91 -37.98 -49.07
N VAL AA 395 -174.58 -37.92 -49.16
CA VAL AA 395 -173.83 -36.64 -49.14
C VAL AA 395 -173.20 -36.41 -50.50
N TYR AA 396 -173.33 -35.17 -50.99
CA TYR AA 396 -172.87 -34.76 -52.31
C TYR AA 396 -172.03 -33.51 -52.23
N LEU AA 397 -171.06 -33.41 -53.15
CA LEU AA 397 -170.23 -32.24 -53.37
C LEU AA 397 -170.33 -31.83 -54.84
N GLY AA 398 -170.77 -30.61 -55.10
CA GLY AA 398 -170.91 -30.04 -56.43
C GLY AA 398 -169.95 -28.87 -56.65
N VAL AA 399 -169.29 -28.83 -57.81
CA VAL AA 399 -168.35 -27.75 -58.19
C VAL AA 399 -168.87 -27.06 -59.45
N PHE AA 400 -169.20 -25.78 -59.32
CA PHE AA 400 -169.61 -24.91 -60.43
C PHE AA 400 -168.41 -24.06 -60.89
N ASP AA 401 -168.10 -24.08 -62.19
CA ASP AA 401 -167.03 -23.28 -62.80
C ASP AA 401 -167.65 -22.14 -63.63
N ILE AA 402 -167.45 -20.89 -63.17
CA ILE AA 402 -168.06 -19.71 -63.81
C ILE AA 402 -167.54 -19.52 -65.23
N ASN AA 403 -166.27 -19.80 -65.49
CA ASN AA 403 -165.65 -19.63 -66.80
C ASN AA 403 -166.20 -20.66 -67.81
N ARG AA 404 -166.48 -21.90 -67.35
CA ARG AA 404 -167.17 -22.90 -68.17
C ARG AA 404 -168.64 -22.58 -68.39
N TRP AA 405 -169.31 -21.94 -67.42
CA TRP AA 405 -170.69 -21.48 -67.59
C TRP AA 405 -170.78 -20.34 -68.63
N TYR AA 406 -169.81 -19.40 -68.63
CA TYR AA 406 -169.63 -18.42 -69.70
C TYR AA 406 -169.49 -19.08 -71.06
N GLN AA 407 -168.61 -20.08 -71.16
CA GLN AA 407 -168.38 -20.81 -72.41
C GLN AA 407 -169.62 -21.57 -72.89
N ALA AA 408 -170.40 -22.14 -71.96
CA ALA AA 408 -171.68 -22.79 -72.22
C ALA AA 408 -172.80 -21.83 -72.65
N GLN AA 409 -172.48 -20.54 -72.83
CA GLN AA 409 -173.38 -19.45 -73.25
C GLN AA 409 -174.38 -19.05 -72.16
N MET AA 410 -173.94 -19.01 -70.90
CA MET AA 410 -174.71 -18.52 -69.75
C MET AA 410 -176.15 -19.08 -69.71
N PRO AA 411 -176.35 -20.42 -69.71
CA PRO AA 411 -177.67 -20.99 -69.52
C PRO AA 411 -178.27 -20.48 -68.19
N ASP AA 412 -179.59 -20.30 -68.15
CA ASP AA 412 -180.36 -19.83 -66.99
C ASP AA 412 -180.78 -20.95 -66.03
N SER AA 413 -180.78 -22.19 -66.51
CA SER AA 413 -181.06 -23.39 -65.72
C SER AA 413 -180.47 -24.61 -66.43
N LEU AA 414 -180.57 -25.79 -65.80
CA LEU AA 414 -180.27 -27.04 -66.49
C LEU AA 414 -181.29 -27.25 -67.63
N ARG AA 415 -180.80 -27.45 -68.86
CA ARG AA 415 -181.68 -27.70 -70.02
C ARG AA 415 -182.42 -29.01 -69.83
N SER AA 416 -183.66 -29.11 -70.34
CA SER AA 416 -184.44 -30.34 -70.26
C SER AA 416 -183.67 -31.55 -70.81
N GLY AA 417 -183.50 -32.60 -69.99
CA GLY AA 417 -182.73 -33.80 -70.31
C GLY AA 417 -181.24 -33.73 -69.97
N GLN AA 418 -180.71 -32.57 -69.55
CA GLN AA 418 -179.41 -32.47 -68.90
C GLN AA 418 -179.55 -32.79 -67.42
N PHE AA 419 -178.66 -33.63 -66.93
CA PHE AA 419 -178.52 -33.94 -65.51
C PHE AA 419 -177.21 -33.33 -65.01
N LEU AA 420 -177.13 -33.04 -63.71
CA LEU AA 420 -175.88 -32.55 -63.09
C LEU AA 420 -174.67 -33.45 -63.42
N ARG AA 421 -174.90 -34.76 -63.57
CA ARG AA 421 -173.87 -35.77 -63.94
C ARG AA 421 -173.26 -35.58 -65.33
N ASN AA 422 -173.89 -34.79 -66.21
CA ASN AA 422 -173.42 -34.57 -67.59
C ASN AA 422 -173.40 -33.08 -67.97
N CYS AA 423 -173.08 -32.23 -67.00
CA CYS AA 423 -172.99 -30.80 -67.19
C CYS AA 423 -171.54 -30.38 -67.54
N SER AA 424 -171.37 -29.46 -68.49
CA SER AA 424 -170.04 -28.98 -68.92
C SER AA 424 -169.45 -27.93 -67.97
N TYR AA 425 -170.26 -27.34 -67.10
CA TYR AA 425 -169.90 -26.27 -66.18
C TYR AA 425 -170.19 -26.60 -64.70
N PHE AA 426 -170.74 -27.79 -64.43
CA PHE AA 426 -170.97 -28.29 -63.08
C PHE AA 426 -170.48 -29.73 -62.97
N ALA AA 427 -169.70 -30.04 -61.94
CA ALA AA 427 -169.25 -31.39 -61.62
C ALA AA 427 -169.80 -31.83 -60.26
N PHE AA 428 -169.93 -33.14 -60.08
CA PHE AA 428 -170.67 -33.72 -58.97
C PHE AA 428 -169.95 -34.97 -58.47
N TRP AA 429 -169.65 -35.04 -57.18
CA TRP AA 429 -169.03 -36.18 -56.50
C TRP AA 429 -169.97 -36.74 -55.41
N SER AA 430 -170.07 -38.07 -55.35
CA SER AA 430 -170.71 -38.79 -54.25
C SER AA 430 -169.71 -39.00 -53.11
N LEU AA 431 -170.14 -38.69 -51.88
CA LEU AA 431 -169.35 -38.92 -50.66
C LEU AA 431 -169.83 -40.17 -49.90
N GLU AA 432 -170.45 -41.12 -50.58
CA GLU AA 432 -170.92 -42.38 -49.98
C GLU AA 432 -169.81 -43.16 -49.28
N ALA AA 433 -168.58 -43.13 -49.80
CA ALA AA 433 -167.42 -43.73 -49.15
C ALA AA 433 -167.12 -43.11 -47.77
N VAL AA 434 -167.32 -41.80 -47.61
CA VAL AA 434 -167.17 -41.08 -46.33
C VAL AA 434 -168.30 -41.48 -45.38
N VAL AA 435 -169.54 -41.49 -45.86
CA VAL AA 435 -170.72 -41.88 -45.06
C VAL AA 435 -170.63 -43.32 -44.56
N ASN AA 436 -170.09 -44.23 -45.36
CA ASN AA 436 -169.93 -45.63 -44.97
C ASN AA 436 -168.95 -45.85 -43.82
N ILE AA 437 -168.01 -44.93 -43.61
CA ILE AA 437 -167.08 -44.93 -42.46
C ILE AA 437 -167.70 -44.20 -41.26
N THR AA 438 -168.56 -43.20 -41.52
CA THR AA 438 -169.12 -42.26 -40.54
C THR AA 438 -170.61 -42.52 -40.26
N THR AA 439 -170.98 -43.79 -40.08
CA THR AA 439 -172.40 -44.20 -40.06
C THR AA 439 -173.22 -43.62 -38.90
N GLN AA 440 -172.57 -43.21 -37.81
CA GLN AA 440 -173.21 -42.63 -36.61
C GLN AA 440 -172.88 -41.14 -36.42
N ASP AA 441 -171.97 -40.58 -37.24
CA ASP AA 441 -171.48 -39.22 -37.05
C ASP AA 441 -172.28 -38.22 -37.89
N ILE AA 442 -172.42 -37.01 -37.34
CA ILE AA 442 -173.08 -35.88 -38.01
C ILE AA 442 -172.02 -35.08 -38.74
N ILE AA 443 -172.17 -34.93 -40.06
CA ILE AA 443 -171.31 -34.05 -40.86
C ILE AA 443 -171.79 -32.61 -40.69
N PHE AA 444 -170.90 -31.74 -40.21
CA PHE AA 444 -171.19 -30.33 -40.00
C PHE AA 444 -170.80 -29.46 -41.18
N ASP AA 445 -169.62 -29.70 -41.74
CA ASP AA 445 -169.05 -28.86 -42.79
C ASP AA 445 -168.03 -29.65 -43.62
N ILE AA 446 -167.76 -29.16 -44.82
CA ILE AA 446 -166.77 -29.75 -45.73
C ILE AA 446 -165.90 -28.64 -46.28
N LEU AA 447 -164.60 -28.73 -46.03
CA LEU AA 447 -163.60 -27.78 -46.53
C LEU AA 447 -162.83 -28.41 -47.70
N VAL AA 448 -162.84 -27.73 -48.85
CA VAL AA 448 -161.96 -28.08 -49.98
C VAL AA 448 -160.67 -27.26 -49.86
N HIS AA 449 -159.53 -27.95 -49.91
CA HIS AA 449 -158.21 -27.32 -49.77
C HIS AA 449 -157.84 -26.59 -51.06
N GLU AA 450 -157.82 -25.26 -51.05
CA GLU AA 450 -157.60 -24.41 -52.24
C GLU AA 450 -156.31 -24.76 -53.01
N ARG AA 451 -155.23 -25.09 -52.29
CA ARG AA 451 -153.93 -25.44 -52.88
C ARG AA 451 -153.97 -26.75 -53.67
N PRO AA 470 -165.36 -29.13 -65.31
CA PRO AA 470 -164.99 -29.20 -63.90
C PRO AA 470 -164.87 -30.63 -63.37
N SER AA 471 -165.41 -31.62 -64.09
CA SER AA 471 -165.27 -33.05 -63.77
C SER AA 471 -163.83 -33.56 -63.87
N THR AA 472 -162.91 -32.77 -64.44
CA THR AA 472 -161.48 -33.08 -64.54
C THR AA 472 -160.65 -32.52 -63.39
N TYR AA 473 -161.23 -31.67 -62.53
CA TYR AA 473 -160.55 -31.17 -61.34
C TYR AA 473 -160.26 -32.31 -60.36
N ASN AA 474 -159.09 -32.23 -59.73
CA ASN AA 474 -158.71 -33.03 -58.58
C ASN AA 474 -158.51 -32.08 -57.40
N PHE AA 475 -158.96 -32.47 -56.22
CA PHE AA 475 -158.74 -31.72 -54.99
C PHE AA 475 -158.90 -32.64 -53.79
N ASP AA 476 -158.26 -32.25 -52.69
CA ASP AA 476 -158.38 -32.87 -51.38
C ASP AA 476 -159.34 -32.04 -50.53
N ALA AA 477 -160.05 -32.71 -49.64
CA ALA AA 477 -161.03 -32.09 -48.76
C ALA AA 477 -161.08 -32.79 -47.39
N THR AA 478 -161.59 -32.07 -46.40
CA THR AA 478 -161.79 -32.57 -45.04
C THR AA 478 -163.25 -32.38 -44.65
N CYS AA 479 -163.89 -33.42 -44.12
CA CYS AA 479 -165.20 -33.29 -43.45
C CYS AA 479 -164.99 -33.07 -41.95
N LEU AA 480 -165.77 -32.14 -41.39
CA LEU AA 480 -165.90 -31.91 -39.95
C LEU AA 480 -167.06 -32.74 -39.41
N LEU AA 481 -166.78 -33.58 -38.42
CA LEU AA 481 -167.76 -34.46 -37.76
C LEU AA 481 -167.92 -34.03 -36.29
N ASN AA 482 -168.89 -34.60 -35.58
CA ASN AA 482 -169.00 -34.50 -34.12
C ASN AA 482 -167.91 -35.29 -33.38
N SER AA 483 -167.42 -36.37 -33.96
CA SER AA 483 -166.39 -37.23 -33.36
C SER AA 483 -164.96 -36.81 -33.72
N GLY AA 484 -164.76 -36.06 -34.81
CA GLY AA 484 -163.43 -35.79 -35.35
C GLY AA 484 -163.42 -35.22 -36.77
N LEU AA 485 -162.36 -35.55 -37.52
CA LEU AA 485 -162.15 -35.17 -38.91
C LEU AA 485 -161.94 -36.40 -39.80
N ILE AA 486 -162.35 -36.30 -41.06
CA ILE AA 486 -162.03 -37.31 -42.08
C ILE AA 486 -161.54 -36.65 -43.35
N HIS AA 487 -160.40 -37.11 -43.84
CA HIS AA 487 -159.78 -36.61 -45.07
C HIS AA 487 -160.14 -37.50 -46.25
N PHE AA 488 -160.41 -36.88 -47.39
CA PHE AA 488 -160.72 -37.58 -48.63
C PHE AA 488 -160.20 -36.79 -49.84
N ALA AA 489 -159.98 -37.50 -50.93
CA ALA AA 489 -159.58 -36.95 -52.22
C ALA AA 489 -160.70 -37.14 -53.24
N CYS AA 490 -161.05 -36.07 -53.94
CA CYS AA 490 -161.92 -36.09 -55.09
C CYS AA 490 -161.05 -36.15 -56.35
N THR AA 491 -160.98 -37.32 -56.97
CA THR AA 491 -160.29 -37.47 -58.25
C THR AA 491 -161.19 -37.07 -59.41
N GLY AA 492 -160.60 -36.41 -60.41
CA GLY AA 492 -161.27 -36.04 -61.65
C GLY AA 492 -161.44 -37.25 -62.57
N PHE AA 493 -162.42 -37.17 -63.47
CA PHE AA 493 -162.81 -38.23 -64.38
C PHE AA 493 -161.64 -38.75 -65.25
N GLN AA 539 -156.63 -54.28 -79.26
CA GLN AA 539 -155.93 -54.25 -77.97
C GLN AA 539 -154.46 -53.82 -78.10
N GLU AA 540 -153.80 -54.18 -79.21
CA GLU AA 540 -152.43 -53.73 -79.50
C GLU AA 540 -152.35 -52.22 -79.72
N GLU AA 541 -153.30 -51.62 -80.45
CA GLU AA 541 -153.34 -50.16 -80.66
C GLU AA 541 -153.63 -49.41 -79.37
N GLN AA 542 -154.53 -49.94 -78.53
CA GLN AA 542 -154.80 -49.39 -77.20
C GLN AA 542 -153.53 -49.45 -76.33
N LEU AA 543 -152.81 -50.57 -76.35
CA LEU AA 543 -151.55 -50.71 -75.63
C LEU AA 543 -150.48 -49.74 -76.15
N GLN AA 544 -150.33 -49.58 -77.47
CA GLN AA 544 -149.40 -48.60 -78.05
C GLN AA 544 -149.72 -47.17 -77.62
N ALA AA 545 -151.00 -46.82 -77.48
CA ALA AA 545 -151.41 -45.51 -76.99
C ALA AA 545 -151.04 -45.31 -75.52
N ILE AA 546 -151.21 -46.33 -74.66
CA ILE AA 546 -150.79 -46.31 -73.25
C ILE AA 546 -149.26 -46.21 -73.13
N LEU AA 547 -148.51 -47.01 -73.91
CA LEU AA 547 -147.04 -46.98 -73.93
C LEU AA 547 -146.52 -45.62 -74.41
N ALA AA 548 -147.16 -45.04 -75.44
CA ALA AA 548 -146.86 -43.70 -75.91
C ALA AA 548 -147.11 -42.69 -74.78
N ALA AA 549 -148.29 -42.70 -74.14
CA ALA AA 549 -148.57 -41.81 -73.02
C ALA AA 549 -147.53 -41.93 -71.88
N ALA AA 550 -147.07 -43.14 -71.56
CA ALA AA 550 -146.06 -43.35 -70.54
C ALA AA 550 -144.67 -42.78 -70.91
N VAL AA 551 -144.27 -42.88 -72.19
CA VAL AA 551 -143.03 -42.23 -72.70
C VAL AA 551 -143.19 -40.71 -72.76
N GLU AA 552 -144.38 -40.24 -73.09
CA GLU AA 552 -144.67 -38.82 -73.28
C GLU AA 552 -144.77 -38.05 -71.95
N THR AA 553 -145.26 -38.70 -70.89
CA THR AA 553 -145.32 -38.15 -69.52
C THR AA 553 -144.09 -38.48 -68.67
N SER AA 554 -143.03 -39.05 -69.26
CA SER AA 554 -141.83 -39.52 -68.55
C SER AA 554 -142.11 -40.51 -67.40
N SER AA 555 -143.22 -41.25 -67.47
CA SER AA 555 -143.59 -42.28 -66.49
C SER AA 555 -142.84 -43.60 -66.72
N LEU AA 556 -141.50 -43.52 -66.83
CA LEU AA 556 -140.62 -44.64 -67.13
C LEU AA 556 -140.67 -45.74 -66.08
N GLY AA 557 -141.02 -45.40 -64.83
CA GLY AA 557 -141.23 -46.35 -63.76
C GLY AA 557 -142.30 -47.39 -64.08
N LEU AA 558 -143.33 -47.03 -64.86
CA LEU AA 558 -144.35 -47.98 -65.31
C LEU AA 558 -143.74 -49.00 -66.28
N LEU AA 559 -143.03 -48.52 -67.31
CA LEU AA 559 -142.46 -49.34 -68.37
C LEU AA 559 -141.37 -50.27 -67.83
N THR AA 560 -140.45 -49.73 -67.04
CA THR AA 560 -139.36 -50.50 -66.41
C THR AA 560 -139.90 -51.55 -65.44
N SER AA 561 -140.96 -51.25 -64.67
CA SER AA 561 -141.60 -52.25 -63.80
C SER AA 561 -142.30 -53.34 -64.61
N CYS AA 562 -142.97 -53.00 -65.72
CA CYS AA 562 -143.59 -54.00 -66.59
C CYS AA 562 -142.53 -54.91 -67.24
N ILE AA 563 -141.43 -54.34 -67.74
CA ILE AA 563 -140.31 -55.11 -68.32
C ILE AA 563 -139.72 -56.05 -67.30
N LYS AA 564 -139.36 -55.56 -66.09
CA LYS AA 564 -138.80 -56.38 -65.00
C LYS AA 564 -139.70 -57.56 -64.61
N ARG AA 565 -141.03 -57.34 -64.56
CA ARG AA 565 -141.99 -58.40 -64.23
C ARG AA 565 -142.17 -59.40 -65.37
N TRP AA 566 -142.35 -58.95 -66.61
CA TRP AA 566 -142.45 -59.86 -67.75
C TRP AA 566 -141.17 -60.66 -67.99
N THR AA 567 -140.01 -60.15 -67.58
CA THR AA 567 -138.76 -60.94 -67.59
C THR AA 567 -138.68 -61.96 -66.45
N ALA AA 568 -139.40 -61.74 -65.33
CA ALA AA 568 -139.45 -62.68 -64.21
C ALA AA 568 -140.55 -63.74 -64.37
N GLU AA 569 -141.67 -63.39 -65.00
CA GLU AA 569 -142.77 -64.29 -65.31
C GLU AA 569 -142.46 -65.07 -66.60
N GLU AA 570 -141.94 -66.29 -66.48
CA GLU AA 570 -141.60 -67.22 -67.58
C GLU AA 570 -142.83 -67.74 -68.39
N GLN AA 571 -143.91 -66.98 -68.46
CA GLN AA 571 -145.09 -67.31 -69.23
C GLN AA 571 -144.88 -67.00 -70.72
N PRO AA 572 -145.40 -67.83 -71.65
CA PRO AA 572 -145.21 -67.63 -73.10
C PRO AA 572 -145.80 -66.29 -73.60
N ARG AA 573 -146.81 -65.74 -72.91
CA ARG AA 573 -147.39 -64.43 -73.23
C ARG AA 573 -146.43 -63.27 -72.88
N SER AA 574 -145.58 -63.43 -71.86
CA SER AA 574 -144.61 -62.41 -71.44
C SER AA 574 -143.54 -62.18 -72.52
N ALA AA 575 -143.06 -63.24 -73.17
CA ALA AA 575 -142.09 -63.15 -74.25
C ALA AA 575 -142.64 -62.39 -75.47
N ALA AA 576 -143.91 -62.60 -75.82
CA ALA AA 576 -144.59 -61.87 -76.89
C ALA AA 576 -144.72 -60.38 -76.55
N ASN AA 577 -145.09 -60.06 -75.31
CA ASN AA 577 -145.20 -58.68 -74.82
C ASN AA 577 -143.84 -57.97 -74.83
N LEU AA 578 -142.76 -58.61 -74.36
CA LEU AA 578 -141.40 -58.05 -74.38
C LEU AA 578 -140.93 -57.76 -75.80
N ARG AA 579 -141.17 -58.69 -76.74
CA ARG AA 579 -140.84 -58.50 -78.16
C ARG AA 579 -141.62 -57.34 -78.76
N PHE AA 580 -142.92 -57.27 -78.51
CA PHE AA 580 -143.77 -56.18 -78.97
C PHE AA 580 -143.27 -54.81 -78.48
N VAL AA 581 -142.96 -54.69 -77.18
CA VAL AA 581 -142.46 -53.45 -76.59
C VAL AA 581 -141.10 -53.06 -77.17
N LEU AA 582 -140.20 -54.02 -77.42
CA LEU AA 582 -138.90 -53.74 -78.03
C LEU AA 582 -139.03 -53.26 -79.49
N GLU AA 583 -139.84 -53.94 -80.30
CA GLU AA 583 -140.12 -53.56 -81.69
C GLU AA 583 -140.83 -52.19 -81.75
N TRP AA 584 -141.78 -51.95 -80.85
CA TRP AA 584 -142.45 -50.66 -80.71
C TRP AA 584 -141.49 -49.54 -80.31
N THR AA 585 -140.61 -49.78 -79.33
CA THR AA 585 -139.60 -48.80 -78.87
C THR AA 585 -138.73 -48.37 -80.03
N TRP AA 586 -138.21 -49.32 -80.82
CA TRP AA 586 -137.37 -49.03 -81.98
C TRP AA 586 -138.13 -48.28 -83.10
N LYS AA 587 -139.38 -48.66 -83.35
CA LYS AA 587 -140.27 -47.95 -84.28
C LYS AA 587 -140.51 -46.51 -83.84
N LYS AA 588 -140.72 -46.27 -82.54
CA LYS AA 588 -140.90 -44.92 -81.99
C LYS AA 588 -139.61 -44.10 -82.12
N VAL AA 589 -138.42 -44.66 -81.87
CA VAL AA 589 -137.13 -43.98 -82.11
C VAL AA 589 -137.00 -43.52 -83.56
N THR AA 590 -137.35 -44.40 -84.51
CA THR AA 590 -137.28 -44.09 -85.95
C THR AA 590 -138.23 -42.96 -86.34
N LEU AA 591 -139.47 -42.97 -85.83
CA LEU AA 591 -140.45 -41.91 -86.08
C LEU AA 591 -140.04 -40.58 -85.43
N THR AA 592 -139.52 -40.60 -84.20
CA THR AA 592 -139.02 -39.40 -83.51
C THR AA 592 -137.84 -38.78 -84.27
N LYS AA 593 -136.94 -39.59 -84.85
CA LYS AA 593 -135.85 -39.10 -85.71
C LYS AA 593 -136.34 -38.41 -86.97
N GLN AA 594 -137.32 -38.99 -87.66
CA GLN AA 594 -137.90 -38.38 -88.86
C GLN AA 594 -138.52 -37.01 -88.56
N GLU AA 595 -139.22 -36.89 -87.43
CA GLU AA 595 -139.78 -35.62 -87.00
C GLU AA 595 -138.69 -34.62 -86.58
N PHE AA 596 -137.68 -35.08 -85.83
CA PHE AA 596 -136.55 -34.26 -85.43
C PHE AA 596 -135.78 -33.70 -86.64
N ASP AA 597 -135.52 -34.52 -87.67
CA ASP AA 597 -134.88 -34.10 -88.91
C ASP AA 597 -135.73 -33.08 -89.67
N ARG AA 598 -137.06 -33.26 -89.69
CA ARG AA 598 -138.01 -32.32 -90.32
C ARG AA 598 -137.96 -30.93 -89.65
N LEU AA 599 -137.81 -30.89 -88.33
CA LEU AA 599 -137.66 -29.65 -87.57
C LEU AA 599 -136.27 -29.03 -87.79
N CYS AA 600 -135.21 -29.84 -87.71
CA CYS AA 600 -133.82 -29.41 -87.88
C CYS AA 600 -133.53 -28.88 -89.28
N PHE AA 601 -134.14 -29.44 -90.33
CA PHE AA 601 -133.95 -28.98 -91.71
C PHE AA 601 -134.18 -27.47 -91.87
N ARG AA 602 -135.20 -26.92 -91.19
CA ARG AA 602 -135.51 -25.48 -91.23
C ARG AA 602 -134.51 -24.61 -90.47
N LEU AA 603 -133.77 -25.18 -89.51
CA LEU AA 603 -132.77 -24.46 -88.71
C LEU AA 603 -131.49 -24.20 -89.52
N PHE AA 604 -131.18 -25.08 -90.48
CA PHE AA 604 -129.92 -25.06 -91.22
C PHE AA 604 -130.05 -24.57 -92.68
N ASP AA 605 -131.24 -24.65 -93.30
CA ASP AA 605 -131.41 -24.26 -94.72
C ASP AA 605 -131.46 -22.74 -94.97
N GLY AA 606 -131.40 -21.93 -93.89
CA GLY AA 606 -131.51 -20.48 -93.91
C GLY AA 606 -132.92 -19.96 -94.21
N SER AA 607 -133.95 -20.81 -94.18
CA SER AA 607 -135.35 -20.40 -94.37
C SER AA 607 -135.97 -19.77 -93.11
N CYS AA 608 -135.38 -20.05 -91.94
CA CYS AA 608 -135.85 -19.62 -90.65
C CYS AA 608 -134.96 -18.48 -90.11
N ASN AA 609 -135.53 -17.30 -89.85
CA ASN AA 609 -134.82 -16.18 -89.21
C ASN AA 609 -135.00 -16.17 -87.68
N PHE AA 610 -136.08 -16.75 -87.19
CA PHE AA 610 -136.44 -16.81 -85.78
C PHE AA 610 -137.05 -18.17 -85.46
N ILE AA 611 -136.66 -18.77 -84.35
CA ILE AA 611 -137.28 -20.02 -83.88
C ILE AA 611 -138.58 -19.62 -83.17
N ASP AA 612 -139.73 -20.10 -83.66
CA ASP AA 612 -140.98 -19.94 -82.93
C ASP AA 612 -140.91 -20.77 -81.62
N PRO AA 613 -141.53 -20.29 -80.51
CA PRO AA 613 -141.54 -21.04 -79.25
C PRO AA 613 -142.06 -22.47 -79.41
N HIS AA 614 -142.96 -22.67 -80.38
CA HIS AA 614 -143.50 -23.98 -80.74
C HIS AA 614 -142.45 -24.94 -81.28
N THR AA 615 -141.62 -24.56 -82.27
CA THR AA 615 -140.56 -25.44 -82.79
C THR AA 615 -139.54 -25.74 -81.71
N LEU AA 616 -139.21 -24.76 -80.85
CA LEU AA 616 -138.31 -25.00 -79.72
C LEU AA 616 -138.88 -26.05 -78.74
N GLN AA 617 -140.17 -25.97 -78.44
CA GLN AA 617 -140.87 -26.97 -77.62
C GLN AA 617 -140.94 -28.34 -78.30
N SER AA 618 -141.19 -28.40 -79.61
CA SER AA 618 -141.17 -29.67 -80.36
C SER AA 618 -139.77 -30.31 -80.35
N LEU AA 619 -138.70 -29.53 -80.47
CA LEU AA 619 -137.32 -30.03 -80.34
C LEU AA 619 -137.04 -30.56 -78.93
N GLN AA 620 -137.50 -29.86 -77.88
CA GLN AA 620 -137.42 -30.32 -76.49
C GLN AA 620 -138.17 -31.64 -76.29
N GLN AA 621 -139.35 -31.77 -76.88
CA GLN AA 621 -140.16 -32.99 -76.84
C GLN AA 621 -139.47 -34.15 -77.54
N CYS AA 622 -138.85 -33.93 -78.71
CA CYS AA 622 -138.04 -34.95 -79.38
C CYS AA 622 -136.83 -35.39 -78.52
N HIS AA 623 -136.11 -34.44 -77.91
CA HIS AA 623 -135.01 -34.73 -76.99
C HIS AA 623 -135.47 -35.59 -75.80
N LEU AA 624 -136.58 -35.20 -75.15
CA LEU AA 624 -137.19 -35.95 -74.06
C LEU AA 624 -137.55 -37.38 -74.48
N TYR AA 625 -138.12 -37.54 -75.67
CA TYR AA 625 -138.48 -38.86 -76.19
C TYR AA 625 -137.24 -39.73 -76.45
N PHE AA 626 -136.17 -39.19 -77.02
CA PHE AA 626 -134.92 -39.95 -77.19
C PHE AA 626 -134.32 -40.38 -75.85
N SER AA 627 -134.31 -39.50 -74.85
CA SER AA 627 -133.85 -39.81 -73.49
C SER AA 627 -134.70 -40.92 -72.85
N ASN AA 628 -136.02 -40.77 -72.88
CA ASN AA 628 -136.97 -41.74 -72.33
C ASN AA 628 -136.87 -43.11 -73.03
N LEU AA 629 -136.72 -43.15 -74.35
CA LEU AA 629 -136.53 -44.39 -75.11
C LEU AA 629 -135.16 -45.02 -74.84
N THR AA 630 -134.11 -44.22 -74.63
CA THR AA 630 -132.78 -44.70 -74.23
C THR AA 630 -132.84 -45.39 -72.86
N ALA AA 631 -133.58 -44.83 -71.90
CA ALA AA 631 -133.79 -45.44 -70.58
C ALA AA 631 -134.54 -46.79 -70.67
N VAL AA 632 -135.55 -46.90 -71.55
CA VAL AA 632 -136.25 -48.17 -71.81
C VAL AA 632 -135.29 -49.21 -72.40
N LEU AA 633 -134.46 -48.84 -73.38
CA LEU AA 633 -133.46 -49.74 -73.97
C LEU AA 633 -132.39 -50.17 -72.95
N ASN AA 634 -131.93 -49.25 -72.09
CA ASN AA 634 -131.02 -49.58 -70.99
C ASN AA 634 -131.65 -50.58 -70.01
N CYS AA 635 -132.96 -50.45 -69.73
CA CYS AA 635 -133.68 -51.43 -68.91
C CYS AA 635 -133.72 -52.81 -69.57
N PHE AA 636 -133.96 -52.89 -70.89
CA PHE AA 636 -133.85 -54.15 -71.61
C PHE AA 636 -132.45 -54.76 -71.50
N ILE AA 637 -131.38 -53.96 -71.68
CA ILE AA 637 -130.00 -54.44 -71.55
C ILE AA 637 -129.72 -54.97 -70.14
N ALA AA 638 -130.20 -54.29 -69.09
CA ALA AA 638 -129.99 -54.70 -67.71
C ALA AA 638 -130.74 -55.99 -67.33
N GLN AA 639 -131.93 -56.22 -67.89
CA GLN AA 639 -132.74 -57.41 -67.61
C GLN AA 639 -132.46 -58.60 -68.55
N ALA AA 640 -131.81 -58.35 -69.69
CA ALA AA 640 -131.47 -59.32 -70.73
C ALA AA 640 -130.33 -60.29 -70.31
N LYS AA 641 -130.58 -61.19 -69.36
CA LYS AA 641 -129.61 -62.23 -68.97
C LYS AA 641 -129.50 -63.38 -70.00
N GLU AA 642 -130.59 -63.67 -70.73
CA GLU AA 642 -130.68 -64.79 -71.69
C GLU AA 642 -131.03 -64.33 -73.11
N VAL AA 643 -130.22 -63.44 -73.69
CA VAL AA 643 -130.40 -63.01 -75.08
C VAL AA 643 -129.41 -63.74 -75.98
N THR AA 644 -129.85 -64.11 -77.18
CA THR AA 644 -128.95 -64.65 -78.21
C THR AA 644 -127.79 -63.68 -78.48
N GLN AA 645 -126.62 -64.20 -78.86
CA GLN AA 645 -125.46 -63.34 -79.15
C GLN AA 645 -125.79 -62.23 -80.18
N GLN AA 646 -126.58 -62.58 -81.21
CA GLN AA 646 -127.07 -61.61 -82.18
C GLN AA 646 -127.99 -60.57 -81.55
N GLY AA 647 -128.96 -61.00 -80.72
CA GLY AA 647 -129.88 -60.07 -80.05
C GLY AA 647 -129.19 -59.11 -79.09
N ALA AA 648 -128.10 -59.54 -78.43
CA ALA AA 648 -127.30 -58.69 -77.55
C ALA AA 648 -126.54 -57.61 -78.35
N VAL AA 649 -125.97 -57.98 -79.51
CA VAL AA 649 -125.31 -57.04 -80.42
C VAL AA 649 -126.33 -56.05 -80.98
N ASP AA 650 -127.47 -56.53 -81.46
CA ASP AA 650 -128.54 -55.70 -82.01
C ASP AA 650 -129.07 -54.70 -80.97
N LEU AA 651 -129.29 -55.15 -79.72
CA LEU AA 651 -129.76 -54.29 -78.63
C LEU AA 651 -128.71 -53.24 -78.24
N THR AA 652 -127.44 -53.62 -78.19
CA THR AA 652 -126.33 -52.69 -77.92
C THR AA 652 -126.19 -51.65 -79.02
N ASN AA 653 -126.35 -52.04 -80.29
CA ASN AA 653 -126.34 -51.12 -81.43
C ASN AA 653 -127.52 -50.14 -81.36
N LYS AA 654 -128.74 -50.62 -81.08
CA LYS AA 654 -129.94 -49.78 -80.91
C LYS AA 654 -129.76 -48.77 -79.77
N GLN AA 655 -129.17 -49.19 -78.65
CA GLN AA 655 -128.88 -48.31 -77.52
C GLN AA 655 -127.83 -47.26 -77.87
N SER AA 656 -126.74 -47.66 -78.54
CA SER AA 656 -125.69 -46.74 -78.99
C SER AA 656 -126.24 -45.65 -79.92
N VAL AA 657 -127.06 -46.04 -80.91
CA VAL AA 657 -127.72 -45.11 -81.84
C VAL AA 657 -128.64 -44.14 -81.10
N THR AA 658 -129.51 -44.64 -80.22
CA THR AA 658 -130.48 -43.79 -79.50
C THR AA 658 -129.76 -42.82 -78.55
N ARG AA 659 -128.66 -43.25 -77.93
CA ARG AA 659 -127.81 -42.40 -77.07
C ARG AA 659 -127.15 -41.28 -77.87
N LEU AA 660 -126.59 -41.57 -79.04
CA LEU AA 660 -126.01 -40.56 -79.94
C LEU AA 660 -127.06 -39.56 -80.43
N LEU AA 661 -128.27 -40.02 -80.76
CA LEU AA 661 -129.39 -39.14 -81.12
C LEU AA 661 -129.83 -38.23 -79.96
N THR AA 662 -129.86 -38.77 -78.73
CA THR AA 662 -130.15 -37.98 -77.52
C THR AA 662 -129.12 -36.87 -77.33
N LEU AA 663 -127.83 -37.21 -77.43
CA LEU AA 663 -126.73 -36.24 -77.31
C LEU AA 663 -126.80 -35.17 -78.41
N TYR AA 664 -127.00 -35.57 -79.66
CA TYR AA 664 -127.16 -34.64 -80.79
C TYR AA 664 -128.35 -33.69 -80.57
N ALA AA 665 -129.51 -34.21 -80.17
CA ALA AA 665 -130.69 -33.40 -79.90
C ALA AA 665 -130.48 -32.40 -78.75
N SER AA 666 -129.76 -32.81 -77.69
CA SER AA 666 -129.40 -31.93 -76.57
C SER AA 666 -128.51 -30.76 -77.02
N VAL AA 667 -127.46 -31.06 -77.82
CA VAL AA 667 -126.55 -30.02 -78.34
C VAL AA 667 -127.27 -29.09 -79.31
N VAL AA 668 -128.08 -29.61 -80.25
CA VAL AA 668 -128.88 -28.77 -81.17
C VAL AA 668 -129.81 -27.84 -80.39
N LEU AA 669 -130.49 -28.36 -79.36
CA LEU AA 669 -131.37 -27.57 -78.51
C LEU AA 669 -130.60 -26.48 -77.75
N TRP AA 670 -129.41 -26.79 -77.24
CA TRP AA 670 -128.53 -25.80 -76.60
C TRP AA 670 -128.12 -24.70 -77.57
N PHE AA 671 -127.70 -25.03 -78.81
CA PHE AA 671 -127.38 -24.04 -79.83
C PHE AA 671 -128.58 -23.14 -80.19
N CYS AA 672 -129.81 -23.67 -80.14
CA CYS AA 672 -131.04 -22.88 -80.31
C CYS AA 672 -131.27 -21.92 -79.14
N ARG AA 673 -131.12 -22.38 -77.89
CA ARG AA 673 -131.30 -21.58 -76.68
C ARG AA 673 -130.23 -20.49 -76.54
N SER AA 674 -128.99 -20.78 -76.92
CA SER AA 674 -127.87 -19.83 -76.92
C SER AA 674 -127.94 -18.79 -78.06
N GLY AA 675 -128.98 -18.84 -78.90
CA GLY AA 675 -129.19 -17.91 -80.00
C GLY AA 675 -128.26 -18.09 -81.20
N MET AA 676 -127.50 -19.19 -81.26
CA MET AA 676 -126.58 -19.51 -82.36
C MET AA 676 -127.29 -20.09 -83.60
N LEU AA 677 -128.40 -20.79 -83.39
CA LEU AA 677 -129.32 -21.22 -84.45
C LEU AA 677 -130.58 -20.35 -84.42
N PRO AA 678 -131.21 -20.06 -85.58
CA PRO AA 678 -130.94 -20.61 -86.92
C PRO AA 678 -129.70 -20.01 -87.61
N ASP AA 679 -129.09 -20.76 -88.54
CA ASP AA 679 -127.93 -20.32 -89.32
C ASP AA 679 -128.35 -19.26 -90.38
N SER AA 680 -128.39 -17.98 -89.98
CA SER AA 680 -128.77 -16.86 -90.87
C SER AA 680 -127.53 -16.16 -91.44
N SER AA 681 -127.50 -15.95 -92.75
CA SER AA 681 -126.39 -15.28 -93.47
C SER AA 681 -126.55 -13.77 -93.60
N ASP AA 682 -127.64 -13.19 -93.10
CA ASP AA 682 -128.00 -11.79 -93.39
C ASP AA 682 -127.28 -10.80 -92.46
N GLU AA 683 -126.41 -9.96 -93.05
CA GLU AA 683 -125.68 -8.85 -92.41
C GLU AA 683 -126.58 -7.82 -91.70
N THR AA 684 -127.84 -7.74 -92.10
CA THR AA 684 -128.72 -6.62 -91.73
C THR AA 684 -129.48 -6.77 -90.41
N VAL AA 685 -129.58 -7.98 -89.83
CA VAL AA 685 -130.33 -8.24 -88.58
C VAL AA 685 -129.38 -8.43 -87.37
N GLN AA 686 -128.08 -8.20 -87.57
CA GLN AA 686 -126.99 -8.79 -86.77
C GLN AA 686 -126.62 -8.09 -85.46
N LEU AA 687 -127.26 -6.99 -85.06
CA LEU AA 687 -126.75 -6.18 -83.94
C LEU AA 687 -126.89 -6.85 -82.56
N THR AA 688 -127.63 -7.96 -82.44
CA THR AA 688 -127.89 -8.56 -81.12
C THR AA 688 -127.32 -9.96 -80.87
N ARG AA 689 -127.03 -10.78 -81.88
CA ARG AA 689 -126.65 -12.21 -81.70
C ARG AA 689 -125.21 -12.53 -82.14
N PRO AA 690 -124.52 -13.49 -81.47
CA PRO AA 690 -123.26 -14.02 -81.94
C PRO AA 690 -123.48 -14.74 -83.29
N PHE AA 691 -122.70 -14.39 -84.31
CA PHE AA 691 -122.84 -14.97 -85.65
C PHE AA 691 -121.56 -15.71 -86.06
N TYR AA 692 -121.71 -16.89 -86.66
CA TYR AA 692 -120.58 -17.68 -87.14
C TYR AA 692 -120.11 -17.17 -88.52
N ASN AA 693 -119.03 -16.39 -88.56
CA ASN AA 693 -118.42 -15.95 -89.81
C ASN AA 693 -117.39 -16.97 -90.33
N TYR AA 694 -117.87 -17.95 -91.09
CA TYR AA 694 -117.01 -18.97 -91.70
C TYR AA 694 -115.82 -18.37 -92.46
N GLN AA 695 -116.03 -17.31 -93.25
CA GLN AA 695 -114.98 -16.76 -94.12
C GLN AA 695 -113.84 -16.14 -93.31
N VAL AA 696 -114.16 -15.39 -92.25
CA VAL AA 696 -113.15 -14.73 -91.39
C VAL AA 696 -112.32 -15.78 -90.66
N ILE AA 697 -112.96 -16.75 -90.02
CA ILE AA 697 -112.27 -17.79 -89.26
C ILE AA 697 -111.47 -18.70 -90.20
N GLN AA 698 -112.03 -19.08 -91.36
CA GLN AA 698 -111.31 -19.87 -92.36
C GLN AA 698 -110.06 -19.15 -92.89
N GLN AA 699 -110.15 -17.85 -93.18
CA GLN AA 699 -109.01 -17.05 -93.62
C GLN AA 699 -107.92 -17.01 -92.53
N TYR AA 700 -108.31 -16.74 -91.28
CA TYR AA 700 -107.40 -16.73 -90.14
C TYR AA 700 -106.63 -18.06 -90.01
N TYR AA 701 -107.34 -19.19 -89.94
CA TYR AA 701 -106.70 -20.51 -89.82
C TYR AA 701 -105.89 -20.91 -91.06
N SER AA 702 -106.29 -20.47 -92.25
CA SER AA 702 -105.51 -20.69 -93.48
C SER AA 702 -104.19 -19.91 -93.45
N ASP AA 703 -104.21 -18.69 -92.92
CA ASP AA 703 -103.02 -17.85 -92.79
C ASP AA 703 -102.11 -18.32 -91.64
N GLN AA 704 -102.66 -18.80 -90.53
CA GLN AA 704 -101.87 -19.42 -89.46
C GLN AA 704 -101.15 -20.69 -89.94
N ARG AA 705 -101.85 -21.58 -90.67
CA ARG AA 705 -101.20 -22.78 -91.26
C ARG AA 705 -100.07 -22.39 -92.21
N LYS AA 706 -100.28 -21.42 -93.10
CA LYS AA 706 -99.21 -20.89 -93.98
C LYS AA 706 -98.07 -20.25 -93.21
N LYS AA 707 -98.36 -19.54 -92.11
CA LYS AA 707 -97.34 -18.92 -91.25
C LYS AA 707 -96.48 -20.00 -90.58
N LEU AA 708 -97.12 -21.05 -90.04
CA LEU AA 708 -96.45 -22.17 -89.39
C LEU AA 708 -95.57 -22.93 -90.39
N GLU AA 709 -96.06 -23.22 -91.60
CA GLU AA 709 -95.27 -23.86 -92.67
C GLU AA 709 -94.02 -23.04 -93.06
N ARG AA 710 -94.14 -21.70 -93.14
CA ARG AA 710 -93.00 -20.81 -93.42
C ARG AA 710 -91.98 -20.79 -92.28
N LEU AA 711 -92.43 -20.79 -91.03
CA LEU AA 711 -91.57 -20.74 -89.84
C LEU AA 711 -90.85 -22.07 -89.60
N ALA AA 712 -91.53 -23.20 -89.83
CA ALA AA 712 -90.97 -24.53 -89.66
C ALA AA 712 -89.74 -24.76 -90.57
N ARG AA 713 -89.67 -24.12 -91.75
CA ARG AA 713 -88.58 -24.26 -92.75
C ARG AA 713 -88.22 -25.72 -93.07
N GLY AA 714 -89.17 -26.65 -92.91
CA GLY AA 714 -88.95 -28.09 -93.04
C GLY AA 714 -88.06 -28.72 -91.96
N LYS AA 715 -87.69 -27.98 -90.90
CA LYS AA 715 -86.90 -28.52 -89.76
C LYS AA 715 -87.76 -29.33 -88.79
N TRP AA 716 -89.03 -28.96 -88.67
CA TRP AA 716 -89.98 -29.52 -87.72
C TRP AA 716 -91.19 -30.09 -88.47
N ASP AA 717 -91.85 -31.07 -87.86
CA ASP AA 717 -93.03 -31.73 -88.44
C ASP AA 717 -94.34 -30.98 -88.10
N THR AA 718 -94.22 -29.66 -87.90
CA THR AA 718 -95.30 -28.74 -87.53
C THR AA 718 -96.15 -28.37 -88.75
N SER AA 719 -96.71 -29.38 -89.40
CA SER AA 719 -97.68 -29.17 -90.48
C SER AA 719 -99.11 -28.92 -89.98
N SER AA 720 -99.35 -29.01 -88.67
CA SER AA 720 -100.69 -28.93 -88.08
C SER AA 720 -100.75 -28.02 -86.85
N LEU AA 721 -101.85 -27.29 -86.74
CA LEU AA 721 -102.24 -26.56 -85.52
C LEU AA 721 -102.72 -27.54 -84.43
N MET AA 722 -102.88 -27.09 -83.19
CA MET AA 722 -103.36 -27.97 -82.11
C MET AA 722 -104.76 -28.51 -82.41
N ILE AA 723 -105.65 -27.69 -82.97
CA ILE AA 723 -106.97 -28.12 -83.42
C ILE AA 723 -106.92 -29.17 -84.53
N ASP AA 724 -105.96 -29.06 -85.45
CA ASP AA 724 -105.77 -30.04 -86.52
C ASP AA 724 -105.31 -31.39 -85.92
N GLY AA 725 -104.48 -31.36 -84.87
CA GLY AA 725 -104.10 -32.53 -84.10
C GLY AA 725 -105.28 -33.18 -83.37
N LEU AA 726 -106.17 -32.37 -82.77
CA LEU AA 726 -107.41 -32.86 -82.13
C LEU AA 726 -108.33 -33.54 -83.15
N ILE AA 727 -108.52 -32.94 -84.34
CA ILE AA 727 -109.35 -33.50 -85.40
C ILE AA 727 -108.75 -34.80 -85.94
N ASN AA 728 -107.43 -34.85 -86.11
CA ASN AA 728 -106.73 -36.03 -86.62
C ASN AA 728 -106.88 -37.27 -85.71
N GLN AA 729 -107.24 -37.09 -84.42
CA GLN AA 729 -107.60 -38.20 -83.54
C GLN AA 729 -108.82 -38.99 -84.00
N PHE AA 730 -109.72 -38.36 -84.75
CA PHE AA 730 -110.90 -38.99 -85.32
C PHE AA 730 -110.63 -39.65 -86.68
N GLY AA 731 -109.38 -39.57 -87.17
CA GLY AA 731 -108.95 -40.02 -88.49
C GLY AA 731 -109.67 -39.27 -89.62
N ASP AA 732 -109.82 -39.93 -90.77
CA ASP AA 732 -110.40 -39.33 -91.98
C ASP AA 732 -111.92 -39.06 -91.87
N ARG AA 733 -112.58 -39.47 -90.78
CA ARG AA 733 -114.05 -39.41 -90.62
C ARG AA 733 -114.56 -37.98 -90.58
N ILE AA 734 -113.92 -37.11 -89.80
CA ILE AA 734 -114.30 -35.69 -89.73
C ILE AA 734 -113.99 -34.99 -91.05
N GLN AA 735 -112.87 -35.33 -91.69
CA GLN AA 735 -112.51 -34.78 -92.99
C GLN AA 735 -113.57 -35.13 -94.06
N GLN AA 736 -114.08 -36.37 -94.07
CA GLN AA 736 -115.18 -36.79 -94.94
C GLN AA 736 -116.49 -36.06 -94.60
N LEU AA 737 -116.82 -35.92 -93.31
CA LEU AA 737 -118.02 -35.22 -92.86
C LEU AA 737 -118.01 -33.74 -93.28
N TRP AA 738 -116.90 -33.05 -93.05
CA TRP AA 738 -116.75 -31.62 -93.33
C TRP AA 738 -116.46 -31.30 -94.80
N SER AA 739 -116.22 -32.30 -95.64
CA SER AA 739 -116.15 -32.14 -97.10
C SER AA 739 -117.48 -32.43 -97.80
N ARG AA 740 -118.51 -32.89 -97.06
CA ARG AA 740 -119.84 -33.20 -97.60
C ARG AA 740 -120.61 -31.96 -98.05
N ASP AA 741 -120.45 -30.85 -97.32
CA ASP AA 741 -121.24 -29.65 -97.53
C ASP AA 741 -120.53 -28.66 -98.48
N ASP AA 742 -121.30 -27.87 -99.24
CA ASP AA 742 -120.76 -26.88 -100.17
C ASP AA 742 -119.83 -25.90 -99.44
N ASN AA 743 -118.61 -25.70 -99.96
CA ASN AA 743 -117.48 -24.94 -99.40
C ASN AA 743 -116.65 -25.67 -98.31
N GLY AA 744 -116.94 -26.93 -98.02
CA GLY AA 744 -116.17 -27.76 -97.10
C GLY AA 744 -114.73 -28.00 -97.53
N THR AA 745 -113.75 -27.54 -96.73
CA THR AA 745 -112.33 -27.84 -96.97
C THR AA 745 -111.88 -29.18 -96.37
N GLY AA 746 -112.74 -29.84 -95.59
CA GLY AA 746 -112.38 -31.00 -94.77
C GLY AA 746 -111.44 -30.67 -93.60
N LYS AA 747 -111.13 -29.39 -93.36
CA LYS AA 747 -110.28 -28.90 -92.26
C LYS AA 747 -111.04 -27.92 -91.39
N TYR AA 748 -110.50 -27.61 -90.21
CA TYR AA 748 -111.05 -26.57 -89.34
C TYR AA 748 -110.92 -25.16 -89.98
N PRO AA 749 -111.93 -24.29 -89.89
CA PRO AA 749 -113.22 -24.48 -89.20
C PRO AA 749 -114.28 -25.19 -90.07
N PRO AA 750 -115.32 -25.81 -89.49
CA PRO AA 750 -116.39 -26.50 -90.24
C PRO AA 750 -117.15 -25.54 -91.17
N ALA AA 751 -117.61 -26.01 -92.34
CA ALA AA 751 -118.24 -25.15 -93.36
C ALA AA 751 -119.49 -24.39 -92.87
N ASN AA 752 -120.24 -25.01 -91.96
CA ASN AA 752 -121.46 -24.50 -91.37
C ASN AA 752 -121.66 -25.16 -89.98
N LEU AA 753 -122.65 -24.68 -89.22
CA LEU AA 753 -122.96 -25.24 -87.90
C LEU AA 753 -123.50 -26.68 -87.97
N HIS AA 754 -124.15 -27.07 -89.07
CA HIS AA 754 -124.65 -28.43 -89.26
C HIS AA 754 -123.50 -29.45 -89.28
N ALA AA 755 -122.43 -29.18 -90.02
CA ALA AA 755 -121.23 -30.01 -90.09
C ALA AA 755 -120.49 -30.13 -88.74
N LEU AA 756 -120.55 -29.09 -87.89
CA LEU AA 756 -120.04 -29.17 -86.51
C LEU AA 756 -120.90 -30.11 -85.66
N LEU AA 757 -122.22 -29.93 -85.70
CA LEU AA 757 -123.14 -30.70 -84.86
C LEU AA 757 -123.16 -32.19 -85.26
N ASP AA 758 -122.99 -32.49 -86.54
CA ASP AA 758 -122.92 -33.87 -87.03
C ASP AA 758 -121.73 -34.67 -86.44
N VAL AA 759 -120.70 -34.00 -85.89
CA VAL AA 759 -119.62 -34.67 -85.14
C VAL AA 759 -120.17 -35.46 -83.95
N TYR AA 760 -121.28 -35.02 -83.36
CA TYR AA 760 -121.93 -35.73 -82.25
C TYR AA 760 -122.54 -37.07 -82.65
N LEU AA 761 -122.86 -37.27 -83.93
CA LEU AA 761 -123.41 -38.51 -84.47
C LEU AA 761 -122.33 -39.56 -84.79
N LEU AA 762 -121.04 -39.22 -84.68
CA LEU AA 762 -119.94 -40.18 -84.93
C LEU AA 762 -119.87 -41.26 -83.85
N GLU AA 763 -119.87 -42.52 -84.30
CA GLU AA 763 -119.71 -43.70 -83.44
C GLU AA 763 -118.27 -43.91 -82.95
N ASN AA 764 -118.12 -44.52 -81.78
CA ASN AA 764 -116.83 -44.90 -81.17
C ASN AA 764 -115.87 -43.74 -80.91
N ALA AA 765 -116.39 -42.51 -80.89
CA ALA AA 765 -115.67 -41.32 -80.46
C ALA AA 765 -116.04 -40.97 -79.02
N ASP AA 766 -115.02 -40.64 -78.23
CA ASP AA 766 -115.20 -40.18 -76.85
C ASP AA 766 -116.02 -38.88 -76.81
N GLU AA 767 -116.98 -38.80 -75.89
CA GLU AA 767 -117.87 -37.63 -75.78
C GLU AA 767 -117.07 -36.39 -75.43
N MET AA 768 -116.06 -36.51 -74.56
CA MET AA 768 -115.22 -35.40 -74.15
C MET AA 768 -114.41 -34.84 -75.33
N SER AA 769 -113.92 -35.70 -76.23
CA SER AA 769 -113.26 -35.24 -77.45
C SER AA 769 -114.20 -34.48 -78.39
N LYS AA 770 -115.49 -34.86 -78.46
CA LYS AA 770 -116.50 -34.12 -79.23
C LYS AA 770 -116.77 -32.75 -78.61
N HIS AA 771 -116.99 -32.70 -77.29
CA HIS AA 771 -117.11 -31.45 -76.54
C HIS AA 771 -115.86 -30.57 -76.67
N ALA AA 772 -114.67 -31.16 -76.78
CA ALA AA 772 -113.43 -30.41 -76.95
C ALA AA 772 -113.39 -29.62 -78.27
N ILE AA 773 -113.83 -30.22 -79.37
CA ILE AA 773 -113.95 -29.53 -80.67
C ILE AA 773 -114.99 -28.41 -80.58
N THR AA 774 -116.14 -28.67 -79.95
CA THR AA 774 -117.22 -27.67 -79.79
C THR AA 774 -116.76 -26.50 -78.91
N ILE AA 775 -116.09 -26.76 -77.80
CA ILE AA 775 -115.54 -25.71 -76.92
C ILE AA 775 -114.51 -24.86 -77.67
N TYR AA 776 -113.58 -25.50 -78.38
CA TYR AA 776 -112.60 -24.79 -79.19
C TYR AA 776 -113.29 -23.86 -80.21
N PHE AA 777 -114.37 -24.34 -80.84
CA PHE AA 777 -115.21 -23.55 -81.75
C PHE AA 777 -115.95 -22.39 -81.08
N LEU AA 778 -116.51 -22.61 -79.89
CA LEU AA 778 -117.19 -21.56 -79.13
C LEU AA 778 -116.22 -20.45 -78.70
N LEU AA 779 -114.97 -20.80 -78.37
CA LEU AA 779 -113.92 -19.81 -78.06
C LEU AA 779 -113.61 -18.90 -79.26
N ASP AA 780 -113.56 -19.44 -80.49
CA ASP AA 780 -113.39 -18.64 -81.71
C ASP AA 780 -114.55 -17.66 -81.93
N ILE AA 781 -115.78 -18.07 -81.63
CA ILE AA 781 -116.95 -17.21 -81.74
C ILE AA 781 -116.91 -16.11 -80.68
N MET AA 782 -116.62 -16.46 -79.42
CA MET AA 782 -116.51 -15.46 -78.34
C MET AA 782 -115.41 -14.43 -78.63
N TYR AA 783 -114.25 -14.87 -79.13
CA TYR AA 783 -113.16 -13.97 -79.50
C TYR AA 783 -113.54 -13.01 -80.65
N SER AA 784 -114.45 -13.43 -81.52
CA SER AA 784 -114.98 -12.58 -82.60
C SER AA 784 -115.94 -11.49 -82.10
N PHE AA 785 -116.46 -11.58 -80.87
CA PHE AA 785 -117.42 -10.65 -80.26
C PHE AA 785 -117.05 -10.25 -78.82
N PRO AA 786 -116.03 -9.39 -78.61
CA PRO AA 786 -115.61 -8.99 -77.27
C PRO AA 786 -116.63 -8.10 -76.52
N ASP AA 787 -117.60 -7.49 -77.22
CA ASP AA 787 -118.40 -6.39 -76.67
C ASP AA 787 -119.66 -6.79 -75.87
N LYS AA 788 -119.90 -8.09 -75.62
CA LYS AA 788 -121.05 -8.55 -74.80
C LYS AA 788 -120.63 -9.60 -73.77
N PRO AA 789 -120.46 -9.21 -72.48
CA PRO AA 789 -119.98 -10.10 -71.44
C PRO AA 789 -120.98 -11.21 -71.03
N ASP AA 790 -122.28 -11.03 -71.25
CA ASP AA 790 -123.31 -11.97 -70.75
C ASP AA 790 -123.79 -12.94 -71.84
N SER AA 791 -122.86 -13.56 -72.57
CA SER AA 791 -123.24 -14.51 -73.61
C SER AA 791 -123.63 -15.85 -72.99
N SER AA 792 -124.84 -16.33 -73.30
CA SER AA 792 -125.34 -17.67 -72.99
C SER AA 792 -124.39 -18.81 -73.41
N ILE AA 793 -123.39 -18.51 -74.23
CA ILE AA 793 -122.33 -19.43 -74.68
C ILE AA 793 -121.50 -19.95 -73.50
N GLU AA 794 -121.29 -19.15 -72.45
CA GLU AA 794 -120.52 -19.56 -71.26
C GLU AA 794 -121.17 -20.71 -70.48
N SER AA 795 -122.47 -20.95 -70.68
CA SER AA 795 -123.22 -22.04 -70.04
C SER AA 795 -122.88 -23.44 -70.59
N PHE AA 796 -122.20 -23.55 -71.75
CA PHE AA 796 -121.95 -24.85 -72.40
C PHE AA 796 -121.27 -25.87 -71.49
N PRO AA 797 -120.16 -25.54 -70.78
CA PRO AA 797 -119.47 -26.54 -69.98
C PRO AA 797 -120.31 -27.00 -68.78
N THR AA 798 -121.09 -26.10 -68.17
CA THR AA 798 -122.04 -26.42 -67.09
C THR AA 798 -123.18 -27.30 -67.61
N ALA AA 799 -123.73 -27.00 -68.78
CA ALA AA 799 -124.86 -27.73 -69.37
C ALA AA 799 -124.52 -29.18 -69.76
N PHE AA 800 -123.25 -29.47 -70.10
CA PHE AA 800 -122.79 -30.81 -70.51
C PHE AA 800 -121.78 -31.43 -69.54
N PHE AA 801 -121.72 -30.93 -68.29
CA PHE AA 801 -120.86 -31.46 -67.21
C PHE AA 801 -119.39 -31.63 -67.63
N VAL AA 802 -118.86 -30.68 -68.41
CA VAL AA 802 -117.47 -30.75 -68.87
C VAL AA 802 -116.52 -30.42 -67.72
N PRO AA 803 -115.56 -31.30 -67.38
CA PRO AA 803 -114.60 -31.05 -66.31
C PRO AA 803 -113.80 -29.76 -66.55
N GLY AA 804 -113.65 -28.94 -65.50
CA GLY AA 804 -112.82 -27.73 -65.51
C GLY AA 804 -111.37 -27.98 -65.96
N SER AA 805 -110.90 -29.22 -65.79
CA SER AA 805 -109.60 -29.69 -66.24
C SER AA 805 -109.44 -29.70 -67.77
N LEU AA 806 -110.47 -30.15 -68.47
CA LEU AA 806 -110.48 -30.24 -69.93
C LEU AA 806 -110.66 -28.85 -70.55
N ILE AA 807 -111.53 -28.04 -69.96
CA ILE AA 807 -111.77 -26.64 -70.27
C ILE AA 807 -110.44 -25.87 -70.36
N LYS AA 808 -109.64 -25.89 -69.28
CA LYS AA 808 -108.33 -25.22 -69.23
C LYS AA 808 -107.34 -25.75 -70.25
N LEU AA 809 -107.35 -27.06 -70.50
CA LEU AA 809 -106.49 -27.67 -71.51
C LEU AA 809 -106.83 -27.17 -72.92
N ILE AA 810 -108.12 -27.13 -73.28
CA ILE AA 810 -108.57 -26.65 -74.60
C ILE AA 810 -108.32 -25.15 -74.75
N GLN AA 811 -108.57 -24.35 -73.71
CA GLN AA 811 -108.19 -22.93 -73.70
C GLN AA 811 -106.70 -22.76 -73.96
N GLY AA 812 -105.86 -23.58 -73.32
CA GLY AA 812 -104.43 -23.60 -73.55
C GLY AA 812 -104.05 -23.90 -75.00
N PHE AA 813 -104.71 -24.88 -75.65
CA PHE AA 813 -104.50 -25.19 -77.06
C PHE AA 813 -104.99 -24.08 -78.00
N TRP AA 814 -106.14 -23.48 -77.68
CA TRP AA 814 -106.70 -22.37 -78.42
C TRP AA 814 -105.77 -21.14 -78.38
N LEU AA 815 -105.25 -20.80 -77.20
CA LEU AA 815 -104.27 -19.72 -77.01
C LEU AA 815 -102.96 -19.98 -77.77
N LEU AA 816 -102.52 -21.26 -77.86
CA LEU AA 816 -101.31 -21.64 -78.59
C LEU AA 816 -101.46 -21.34 -80.09
N ASP AA 817 -102.59 -21.75 -80.68
CA ASP AA 817 -102.90 -21.49 -82.08
C ASP AA 817 -103.16 -19.98 -82.35
N HIS AA 818 -103.49 -19.21 -81.31
CA HIS AA 818 -103.69 -17.75 -81.35
C HIS AA 818 -102.42 -16.92 -81.07
N ASN AA 819 -101.25 -17.55 -80.98
CA ASN AA 819 -99.95 -16.91 -80.72
C ASN AA 819 -99.82 -16.27 -79.32
N ASP AA 820 -100.65 -16.65 -78.34
CA ASP AA 820 -100.50 -16.25 -76.93
C ASP AA 820 -99.83 -17.37 -76.12
N TYR AA 821 -98.52 -17.50 -76.31
CA TYR AA 821 -97.76 -18.64 -75.77
C TYR AA 821 -97.62 -18.61 -74.24
N GLN AA 822 -97.59 -17.43 -73.64
CA GLN AA 822 -97.45 -17.29 -72.19
C GLN AA 822 -98.71 -17.79 -71.48
N ASN AA 823 -99.88 -17.23 -71.84
CA ASN AA 823 -101.15 -17.64 -71.25
C ASN AA 823 -101.52 -19.08 -71.66
N SER AA 824 -101.15 -19.51 -72.88
CA SER AA 824 -101.29 -20.90 -73.31
C SER AA 824 -100.58 -21.86 -72.35
N VAL AA 825 -99.30 -21.61 -72.07
CA VAL AA 825 -98.52 -22.45 -71.15
C VAL AA 825 -99.06 -22.35 -69.72
N ASP AA 826 -99.52 -21.17 -69.27
CA ASP AA 826 -100.13 -21.01 -67.94
C ASP AA 826 -101.44 -21.82 -67.79
N CYS AA 827 -102.27 -21.87 -68.83
CA CYS AA 827 -103.47 -22.73 -68.87
C CYS AA 827 -103.11 -24.22 -68.89
N ILE AA 828 -102.15 -24.64 -69.72
CA ILE AA 828 -101.76 -26.05 -69.84
C ILE AA 828 -101.06 -26.56 -68.57
N LEU AA 829 -100.24 -25.72 -67.93
CA LEU AA 829 -99.53 -26.06 -66.69
C LEU AA 829 -100.38 -25.89 -65.43
N ASN AA 830 -101.63 -25.46 -65.55
CA ASN AA 830 -102.51 -25.33 -64.39
C ASN AA 830 -102.69 -26.70 -63.70
N PRO AA 831 -102.58 -26.80 -62.36
CA PRO AA 831 -102.72 -28.07 -61.64
C PRO AA 831 -104.04 -28.78 -61.90
N ALA AA 832 -105.10 -28.02 -62.20
CA ALA AA 832 -106.39 -28.56 -62.52
C ALA AA 832 -106.47 -29.13 -63.95
N MET AA 837 -100.79 -35.42 -74.73
CA MET AA 837 -100.59 -36.64 -75.53
C MET AA 837 -99.17 -36.73 -76.09
N SER AA 838 -98.70 -37.93 -76.46
CA SER AA 838 -97.35 -38.16 -76.97
C SER AA 838 -96.98 -37.29 -78.17
N TRP AA 839 -97.88 -37.19 -79.16
CA TRP AA 839 -97.66 -36.37 -80.36
C TRP AA 839 -97.63 -34.86 -80.03
N GLN AA 840 -98.39 -34.42 -79.02
CA GLN AA 840 -98.43 -33.02 -78.60
C GLN AA 840 -97.09 -32.60 -77.98
N HIS AA 841 -96.43 -33.48 -77.21
CA HIS AA 841 -95.11 -33.19 -76.65
C HIS AA 841 -94.09 -32.86 -77.75
N SER AA 842 -93.99 -33.69 -78.78
CA SER AA 842 -93.06 -33.46 -79.89
C SER AA 842 -93.37 -32.15 -80.61
N GLN AA 843 -94.65 -31.88 -80.90
CA GLN AA 843 -95.05 -30.69 -81.63
C GLN AA 843 -94.85 -29.39 -80.84
N ILE AA 844 -95.12 -29.38 -79.53
CA ILE AA 844 -94.85 -28.23 -78.65
C ILE AA 844 -93.35 -27.92 -78.63
N ILE AA 845 -92.50 -28.95 -78.46
CA ILE AA 845 -91.04 -28.78 -78.40
C ILE AA 845 -90.49 -28.31 -79.76
N GLU AA 846 -90.93 -28.92 -80.87
CA GLU AA 846 -90.50 -28.52 -82.20
C GLU AA 846 -90.95 -27.09 -82.54
N ASN AA 847 -92.17 -26.68 -82.15
CA ASN AA 847 -92.68 -25.31 -82.36
C ASN AA 847 -91.83 -24.29 -81.57
N LEU AA 848 -91.60 -24.52 -80.27
CA LEU AA 848 -90.75 -23.65 -79.45
C LEU AA 848 -89.31 -23.53 -79.99
N LEU AA 849 -88.74 -24.63 -80.49
CA LEU AA 849 -87.41 -24.61 -81.13
C LEU AA 849 -87.40 -23.86 -82.48
N CYS AA 850 -88.44 -24.01 -83.30
CA CYS AA 850 -88.56 -23.30 -84.59
C CYS AA 850 -88.60 -21.79 -84.41
N HIS AA 851 -89.23 -21.31 -83.33
CA HIS AA 851 -89.32 -19.89 -83.02
C HIS AA 851 -88.11 -19.33 -82.24
N GLY AA 852 -87.16 -20.18 -81.85
CA GLY AA 852 -85.91 -19.78 -81.20
C GLY AA 852 -85.98 -19.69 -79.67
N ASP AA 853 -87.12 -19.99 -79.04
CA ASP AA 853 -87.31 -19.96 -77.59
C ASP AA 853 -86.90 -21.28 -76.93
N SER AA 854 -85.60 -21.61 -77.06
CA SER AA 854 -85.01 -22.82 -76.47
C SER AA 854 -85.18 -22.90 -74.96
N ARG AA 855 -85.24 -21.75 -74.26
CA ARG AA 855 -85.45 -21.68 -72.80
C ARG AA 855 -86.81 -22.22 -72.37
N GLN AA 856 -87.88 -21.89 -73.11
CA GLN AA 856 -89.22 -22.40 -72.82
C GLN AA 856 -89.31 -23.89 -73.16
N ALA AA 857 -88.66 -24.33 -74.25
CA ALA AA 857 -88.58 -25.75 -74.59
C ALA AA 857 -87.87 -26.57 -73.48
N LEU AA 858 -86.80 -26.03 -72.89
CA LEU AA 858 -86.12 -26.65 -71.75
C LEU AA 858 -87.01 -26.69 -70.51
N ARG AA 859 -87.67 -25.57 -70.19
CA ARG AA 859 -88.61 -25.48 -69.07
C ARG AA 859 -89.72 -26.53 -69.20
N TYR AA 860 -90.31 -26.64 -70.38
CA TYR AA 860 -91.31 -27.66 -70.68
C TYR AA 860 -90.78 -29.09 -70.48
N LEU AA 861 -89.60 -29.39 -71.02
CA LEU AA 861 -88.97 -30.71 -70.92
C LEU AA 861 -88.61 -31.08 -69.47
N GLN AA 862 -88.15 -30.12 -68.66
CA GLN AA 862 -87.78 -30.33 -67.27
C GLN AA 862 -88.99 -30.59 -66.36
N VAL AA 863 -90.11 -29.90 -66.61
CA VAL AA 863 -91.33 -30.02 -65.80
C VAL AA 863 -92.14 -31.24 -66.21
N MET AA 864 -92.44 -31.42 -67.50
CA MET AA 864 -93.30 -32.51 -67.98
C MET AA 864 -92.57 -33.86 -68.11
N LYS AA 865 -91.24 -33.84 -68.31
CA LYS AA 865 -90.40 -35.05 -68.50
C LYS AA 865 -91.01 -36.08 -69.48
N PRO AA 866 -91.30 -35.69 -70.74
CA PRO AA 866 -91.88 -36.61 -71.72
C PRO AA 866 -90.95 -37.79 -72.00
N VAL AA 867 -91.51 -39.00 -72.11
CA VAL AA 867 -90.75 -40.22 -72.39
C VAL AA 867 -90.36 -40.24 -73.86
N ALA AA 868 -89.06 -40.14 -74.16
CA ALA AA 868 -88.53 -40.28 -75.52
C ALA AA 868 -88.42 -41.77 -75.90
N THR AA 869 -89.40 -42.25 -76.67
CA THR AA 869 -89.48 -43.64 -77.16
C THR AA 869 -88.84 -43.80 -78.53
N THR AA 870 -88.91 -42.78 -79.39
CA THR AA 870 -88.40 -42.84 -80.77
C THR AA 870 -87.04 -42.15 -80.91
N SER AA 871 -86.21 -42.61 -81.85
CA SER AA 871 -84.90 -41.96 -82.16
C SER AA 871 -85.08 -40.47 -82.52
N LYS AA 872 -86.22 -40.11 -83.14
CA LYS AA 872 -86.59 -38.72 -83.47
C LYS AA 872 -86.81 -37.89 -82.19
N GLU AA 873 -87.58 -38.40 -81.22
CA GLU AA 873 -87.80 -37.74 -79.92
C GLU AA 873 -86.50 -37.57 -79.13
N VAL AA 874 -85.62 -38.58 -79.12
CA VAL AA 874 -84.33 -38.46 -78.42
C VAL AA 874 -83.46 -37.38 -79.08
N LYS AA 875 -83.38 -37.34 -80.42
CA LYS AA 875 -82.67 -36.28 -81.16
C LYS AA 875 -83.26 -34.89 -80.89
N LEU AA 876 -84.59 -34.79 -80.78
CA LEU AA 876 -85.28 -33.56 -80.43
C LEU AA 876 -84.88 -33.07 -79.03
N HIS AA 877 -84.95 -33.94 -78.02
CA HIS AA 877 -84.55 -33.63 -76.65
C HIS AA 877 -83.06 -33.25 -76.54
N MET AA 878 -82.17 -33.97 -77.24
CA MET AA 878 -80.75 -33.59 -77.33
C MET AA 878 -80.59 -32.18 -77.90
N THR AA 879 -81.37 -31.80 -78.91
CA THR AA 879 -81.28 -30.48 -79.52
C THR AA 879 -81.73 -29.38 -78.56
N VAL AA 880 -82.79 -29.60 -77.77
CA VAL AA 880 -83.22 -28.67 -76.71
C VAL AA 880 -82.10 -28.44 -75.69
N LEU AA 881 -81.48 -29.53 -75.22
CA LEU AA 881 -80.41 -29.46 -74.22
C LEU AA 881 -79.17 -28.73 -74.77
N LEU AA 882 -78.77 -29.04 -76.00
CA LEU AA 882 -77.64 -28.38 -76.68
C LEU AA 882 -77.93 -26.89 -76.94
N ALA AA 883 -79.15 -26.53 -77.36
CA ALA AA 883 -79.53 -25.13 -77.58
C ALA AA 883 -79.50 -24.28 -76.29
N ASN AA 884 -79.60 -24.91 -75.12
CA ASN AA 884 -79.48 -24.26 -73.80
C ASN AA 884 -78.08 -24.43 -73.17
N ARG AA 885 -77.08 -24.91 -73.93
CA ARG AA 885 -75.70 -25.17 -73.47
C ARG AA 885 -75.58 -26.24 -72.38
N SER AA 886 -76.58 -27.10 -72.20
CA SER AA 886 -76.56 -28.25 -71.29
C SER AA 886 -75.88 -29.48 -71.93
N ILE AA 887 -74.61 -29.34 -72.30
CA ILE AA 887 -73.87 -30.37 -73.06
C ILE AA 887 -73.74 -31.68 -72.29
N LEU AA 888 -73.45 -31.62 -70.99
CA LEU AA 888 -73.30 -32.81 -70.15
C LEU AA 888 -74.59 -33.63 -70.07
N GLU AA 889 -75.74 -32.96 -69.96
CA GLU AA 889 -77.05 -33.62 -69.95
C GLU AA 889 -77.37 -34.23 -71.31
N ALA AA 890 -77.10 -33.51 -72.40
CA ALA AA 890 -77.28 -34.02 -73.75
C ALA AA 890 -76.38 -35.25 -74.00
N TRP AA 891 -75.13 -35.20 -73.54
CA TRP AA 891 -74.16 -36.28 -73.63
C TRP AA 891 -74.61 -37.53 -72.84
N ASN AA 892 -75.11 -37.33 -71.62
CA ASN AA 892 -75.64 -38.41 -70.81
C ASN AA 892 -76.91 -39.01 -71.44
N LEU AA 893 -77.79 -38.19 -72.00
CA LEU AA 893 -78.99 -38.64 -72.71
C LEU AA 893 -78.63 -39.51 -73.92
N GLN AA 894 -77.60 -39.10 -74.68
CA GLN AA 894 -77.07 -39.90 -75.78
C GLN AA 894 -76.58 -41.27 -75.29
N ARG AA 895 -75.78 -41.32 -74.21
CA ARG AA 895 -75.29 -42.58 -73.66
C ARG AA 895 -76.43 -43.48 -73.15
N LEU AA 896 -77.45 -42.90 -72.51
CA LEU AA 896 -78.60 -43.63 -71.98
C LEU AA 896 -79.43 -44.30 -73.07
N HIS AA 897 -79.65 -43.62 -74.20
CA HIS AA 897 -80.45 -44.13 -75.32
C HIS AA 897 -79.62 -44.81 -76.43
N ASN AA 902 -78.84 -48.21 -80.17
CA ASN AA 902 -79.00 -46.78 -80.49
C ASN AA 902 -77.78 -45.92 -80.11
N VAL AA 903 -76.78 -46.46 -79.40
CA VAL AA 903 -75.61 -45.70 -78.93
C VAL AA 903 -74.86 -44.99 -80.07
N GLU AA 904 -74.65 -45.66 -81.21
CA GLU AA 904 -73.97 -45.06 -82.36
C GLU AA 904 -74.79 -43.91 -82.97
N GLU AA 905 -76.12 -44.06 -83.05
CA GLU AA 905 -77.00 -43.02 -83.57
C GLU AA 905 -77.06 -41.79 -82.66
N LEU AA 906 -77.12 -42.01 -81.34
CA LEU AA 906 -77.18 -40.93 -80.36
C LEU AA 906 -75.84 -40.17 -80.29
N LEU AA 907 -74.71 -40.90 -80.31
CA LEU AA 907 -73.38 -40.29 -80.34
C LEU AA 907 -73.14 -39.52 -81.65
N LYS AA 908 -73.57 -40.09 -82.79
CA LYS AA 908 -73.52 -39.40 -84.08
C LYS AA 908 -74.30 -38.09 -84.02
N HIS AA 909 -75.55 -38.13 -83.53
CA HIS AA 909 -76.39 -36.93 -83.39
C HIS AA 909 -75.76 -35.89 -82.46
N MET AA 910 -75.25 -36.31 -81.30
CA MET AA 910 -74.53 -35.45 -80.35
C MET AA 910 -73.33 -34.74 -81.02
N TYR AA 911 -72.50 -35.48 -81.74
CA TYR AA 911 -71.29 -34.94 -82.37
C TYR AA 911 -71.61 -34.03 -83.56
N GLU AA 912 -72.61 -34.39 -84.38
CA GLU AA 912 -73.09 -33.55 -85.50
C GLU AA 912 -73.67 -32.24 -84.97
N MET AA 913 -74.53 -32.27 -83.95
CA MET AA 913 -75.13 -31.07 -83.37
C MET AA 913 -74.08 -30.21 -82.64
N CYS AA 914 -73.14 -30.80 -81.91
CA CYS AA 914 -72.03 -30.05 -81.30
C CYS AA 914 -71.14 -29.38 -82.36
N GLN AA 915 -70.94 -30.01 -83.52
CA GLN AA 915 -70.19 -29.41 -84.63
C GLN AA 915 -70.99 -28.26 -85.27
N GLU AA 916 -72.29 -28.45 -85.52
CA GLU AA 916 -73.15 -27.40 -86.09
C GLU AA 916 -73.27 -26.17 -85.17
N MET AA 917 -73.34 -26.38 -83.85
CA MET AA 917 -73.49 -25.32 -82.85
C MET AA 917 -72.15 -24.73 -82.35
N GLY AA 918 -71.00 -25.23 -82.84
CA GLY AA 918 -69.67 -24.74 -82.43
C GLY AA 918 -69.24 -25.16 -81.01
N LEU AA 919 -69.83 -26.22 -80.45
CA LEU AA 919 -69.61 -26.72 -79.08
C LEU AA 919 -68.54 -27.83 -79.00
N ILE AA 920 -67.86 -28.13 -80.10
CA ILE AA 920 -66.89 -29.23 -80.16
C ILE AA 920 -65.72 -29.05 -79.17
N GLU AA 921 -65.26 -27.82 -78.93
CA GLU AA 921 -64.17 -27.55 -77.97
C GLU AA 921 -64.59 -27.84 -76.53
N GLU AA 922 -65.85 -27.61 -76.20
CA GLU AA 922 -66.42 -27.92 -74.89
C GLU AA 922 -66.68 -29.43 -74.74
N LEU AA 923 -67.11 -30.09 -75.82
CA LEU AA 923 -67.25 -31.54 -75.87
C LEU AA 923 -65.91 -32.24 -75.60
N LEU AA 924 -64.80 -31.75 -76.18
CA LEU AA 924 -63.46 -32.35 -76.00
C LEU AA 924 -62.96 -32.32 -74.53
N LYS AA 925 -63.54 -31.45 -73.69
CA LYS AA 925 -63.24 -31.37 -72.25
C LYS AA 925 -63.91 -32.48 -71.42
N LEU AA 926 -64.90 -33.20 -71.98
CA LEU AA 926 -65.61 -34.27 -71.30
C LEU AA 926 -64.76 -35.53 -71.12
N THR AA 927 -65.18 -36.41 -70.20
CA THR AA 927 -64.59 -37.74 -70.00
C THR AA 927 -65.26 -38.75 -70.93
N PHE AA 928 -64.50 -39.34 -71.84
CA PHE AA 928 -64.98 -40.35 -72.78
C PHE AA 928 -64.65 -41.76 -72.28
N THR AA 929 -65.54 -42.72 -72.55
CA THR AA 929 -65.23 -44.15 -72.51
C THR AA 929 -64.44 -44.56 -73.75
N ASP AA 930 -63.75 -45.70 -73.73
CA ASP AA 930 -62.97 -46.19 -74.89
C ASP AA 930 -63.83 -46.31 -76.17
N PHE AA 931 -65.09 -46.71 -76.01
CA PHE AA 931 -66.07 -46.81 -77.10
C PHE AA 931 -66.46 -45.44 -77.66
N GLU AA 932 -66.87 -44.51 -76.79
CA GLU AA 932 -67.23 -43.13 -77.18
C GLU AA 932 -66.04 -42.41 -77.83
N GLN AA 933 -64.83 -42.64 -77.29
CA GLN AA 933 -63.58 -42.10 -77.81
C GLN AA 933 -63.28 -42.67 -79.20
N GLY AA 934 -63.37 -43.99 -79.39
CA GLY AA 934 -63.19 -44.62 -80.70
C GLY AA 934 -64.15 -44.06 -81.76
N TYR AA 935 -65.41 -43.81 -81.39
CA TYR AA 935 -66.40 -43.23 -82.29
C TYR AA 935 -66.12 -41.75 -82.60
N LEU AA 936 -65.70 -40.96 -81.60
CA LEU AA 936 -65.28 -39.57 -81.80
C LEU AA 936 -64.09 -39.47 -82.76
N HIS AA 937 -63.10 -40.37 -82.64
CA HIS AA 937 -61.94 -40.41 -83.53
C HIS AA 937 -62.37 -40.70 -84.97
N LYS AA 938 -63.29 -41.67 -85.16
CA LYS AA 938 -63.85 -41.99 -86.47
C LYS AA 938 -64.59 -40.79 -87.06
N PHE AA 939 -65.44 -40.14 -86.26
CA PHE AA 939 -66.21 -38.96 -86.67
C PHE AA 939 -65.30 -37.78 -87.07
N LEU AA 940 -64.35 -37.39 -86.22
CA LEU AA 940 -63.46 -36.25 -86.51
C LEU AA 940 -62.50 -36.52 -87.68
N GLN AA 941 -62.14 -37.77 -87.95
CA GLN AA 941 -61.33 -38.13 -89.13
C GLN AA 941 -62.11 -37.98 -90.44
N THR AA 942 -63.40 -38.33 -90.44
CA THR AA 942 -64.26 -38.27 -91.63
C THR AA 942 -64.75 -36.87 -91.95
N THR AA 943 -64.94 -36.01 -90.95
CA THR AA 943 -65.70 -34.77 -91.12
C THR AA 943 -64.81 -33.53 -91.34
N GLY AA 944 -63.96 -33.57 -92.38
CA GLY AA 944 -63.20 -32.41 -92.87
C GLY AA 944 -61.86 -32.10 -92.16
N VAL AA 945 -61.04 -31.26 -92.81
CA VAL AA 945 -59.66 -30.93 -92.35
C VAL AA 945 -59.65 -30.21 -90.99
N GLN AA 946 -60.62 -29.33 -90.75
CA GLN AA 946 -60.72 -28.59 -89.48
C GLN AA 946 -60.92 -29.55 -88.28
N ASN AA 947 -61.66 -30.64 -88.48
CA ASN AA 947 -61.88 -31.65 -87.45
C ASN AA 947 -60.63 -32.52 -87.21
N GLN AA 948 -59.76 -32.68 -88.21
CA GLN AA 948 -58.46 -33.32 -88.01
C GLN AA 948 -57.52 -32.44 -87.18
N GLU AA 949 -57.60 -31.10 -87.30
CA GLU AA 949 -56.89 -30.19 -86.39
C GLU AA 949 -57.44 -30.27 -84.96
N LEU AA 950 -58.77 -30.38 -84.79
CA LEU AA 950 -59.39 -30.59 -83.46
C LEU AA 950 -59.00 -31.94 -82.84
N LEU AA 951 -58.95 -33.00 -83.65
CA LEU AA 951 -58.47 -34.31 -83.23
C LEU AA 951 -57.00 -34.26 -82.80
N LEU AA 952 -56.17 -33.47 -83.48
CA LEU AA 952 -54.80 -33.23 -83.09
C LEU AA 952 -54.73 -32.56 -81.70
N VAL AA 953 -55.54 -31.54 -81.46
CA VAL AA 953 -55.65 -30.86 -80.16
C VAL AA 953 -56.09 -31.84 -79.08
N HIS AA 954 -57.08 -32.69 -79.36
CA HIS AA 954 -57.53 -33.73 -78.44
C HIS AA 954 -56.42 -34.73 -78.08
N HIS AA 955 -55.66 -35.20 -79.07
CA HIS AA 955 -54.51 -36.08 -78.82
C HIS AA 955 -53.44 -35.42 -77.95
N LEU AA 956 -53.16 -34.12 -78.17
CA LEU AA 956 -52.21 -33.37 -77.35
C LEU AA 956 -52.73 -33.19 -75.91
N GLN AA 957 -54.00 -32.84 -75.73
CA GLN AA 957 -54.64 -32.71 -74.41
C GLN AA 957 -54.64 -34.03 -73.62
N ARG AA 958 -54.75 -35.18 -74.30
CA ARG AA 958 -54.71 -36.53 -73.71
C ARG AA 958 -53.30 -37.13 -73.59
N ALA AA 959 -52.24 -36.35 -73.86
CA ALA AA 959 -50.84 -36.80 -73.87
C ALA AA 959 -50.52 -37.94 -74.86
N ASN AA 960 -51.35 -38.12 -75.90
CA ASN AA 960 -51.15 -39.09 -76.99
C ASN AA 960 -50.27 -38.50 -78.11
N TYR AA 961 -49.02 -38.21 -77.77
CA TYR AA 961 -48.09 -37.50 -78.66
C TYR AA 961 -47.76 -38.26 -79.95
N ILE AA 962 -47.70 -39.60 -79.91
CA ILE AA 962 -47.40 -40.43 -81.09
C ILE AA 962 -48.50 -40.28 -82.14
N SER AA 963 -49.77 -40.45 -81.74
CA SER AA 963 -50.92 -40.27 -82.62
C SER AA 963 -51.02 -38.83 -83.15
N ALA AA 964 -50.75 -37.83 -82.31
CA ALA AA 964 -50.70 -36.43 -82.73
C ALA AA 964 -49.62 -36.19 -83.82
N LEU AA 965 -48.42 -36.75 -83.64
CA LEU AA 965 -47.33 -36.62 -84.62
C LEU AA 965 -47.62 -37.35 -85.93
N GLN AA 966 -48.18 -38.56 -85.86
CA GLN AA 966 -48.58 -39.34 -87.04
C GLN AA 966 -49.71 -38.64 -87.83
N LEU AA 967 -50.71 -38.10 -87.13
CA LEU AA 967 -51.79 -37.32 -87.74
C LEU AA 967 -51.24 -36.06 -88.42
N ASN AA 968 -50.30 -35.37 -87.79
CA ASN AA 968 -49.66 -34.20 -88.39
C ASN AA 968 -48.79 -34.53 -89.59
N GLN AA 969 -48.13 -35.69 -89.61
CA GLN AA 969 -47.44 -36.16 -90.81
C GLN AA 969 -48.42 -36.44 -91.94
N SER AA 970 -49.56 -37.06 -91.65
CA SER AA 970 -50.66 -37.26 -92.61
C SER AA 970 -51.19 -35.94 -93.18
N LEU AA 971 -51.44 -34.96 -92.30
CA LEU AA 971 -51.84 -33.61 -92.69
C LEU AA 971 -50.73 -32.90 -93.48
N LYS AA 972 -49.46 -33.03 -93.10
CA LYS AA 972 -48.30 -32.49 -93.86
C LYS AA 972 -48.26 -33.06 -95.28
N THR AA 973 -48.58 -34.34 -95.48
CA THR AA 973 -48.61 -34.96 -96.82
C THR AA 973 -49.81 -34.54 -97.66
N ASN AA 974 -50.97 -34.26 -97.05
CA ASN AA 974 -52.18 -33.89 -97.78
C ASN AA 974 -52.25 -32.41 -98.16
N HIS AA 975 -51.51 -31.52 -97.47
CA HIS AA 975 -51.53 -30.06 -97.69
C HIS AA 975 -50.43 -29.51 -98.61
N LEU AA 976 -49.71 -30.34 -99.37
CA LEU AA 976 -48.64 -29.87 -100.25
C LEU AA 976 -49.11 -28.95 -101.40
N ASN AA 977 -50.43 -28.83 -101.65
CA ASN AA 977 -51.01 -28.09 -102.77
C ASN AA 977 -52.01 -26.97 -102.40
N ASP AA 978 -52.05 -26.47 -101.15
CA ASP AA 978 -53.04 -25.45 -100.75
C ASP AA 978 -52.67 -24.01 -101.18
N CYS AA 979 -53.57 -23.39 -101.96
CA CYS AA 979 -53.46 -22.01 -102.47
C CYS AA 979 -53.77 -20.94 -101.42
N ASP AA 980 -54.38 -21.28 -100.27
CA ASP AA 980 -54.84 -20.31 -99.29
C ASP AA 980 -53.75 -19.93 -98.27
N ARG AA 981 -53.43 -18.64 -98.18
CA ARG AA 981 -52.39 -18.11 -97.29
C ARG AA 981 -52.72 -18.36 -95.81
N ARG AA 982 -54.00 -18.25 -95.41
CA ARG AA 982 -54.41 -18.42 -94.01
C ARG AA 982 -54.23 -19.87 -93.54
N LEU AA 983 -54.56 -20.84 -94.39
CA LEU AA 983 -54.34 -22.28 -94.11
C LEU AA 983 -52.84 -22.62 -94.07
N ARG AA 984 -52.02 -21.95 -94.88
CA ARG AA 984 -50.56 -22.09 -94.84
C ARG AA 984 -49.92 -21.56 -93.54
N GLU AA 985 -50.38 -20.42 -93.05
CA GLU AA 985 -49.91 -19.85 -91.77
C GLU AA 985 -50.33 -20.75 -90.59
N ARG AA 986 -51.58 -21.24 -90.58
CA ARG AA 986 -52.08 -22.19 -89.56
C ARG AA 986 -51.31 -23.52 -89.58
N SER AA 987 -51.09 -24.11 -90.76
CA SER AA 987 -50.31 -25.34 -90.89
C SER AA 987 -48.84 -25.14 -90.49
N GLY AA 988 -48.25 -23.98 -90.78
CA GLY AA 988 -46.91 -23.60 -90.31
C GLY AA 988 -46.82 -23.55 -88.78
N ALA AA 989 -47.77 -22.90 -88.12
CA ALA AA 989 -47.85 -22.85 -86.66
C ALA AA 989 -48.07 -24.24 -86.03
N ARG AA 990 -49.01 -25.02 -86.57
CA ARG AA 990 -49.28 -26.41 -86.15
C ARG AA 990 -48.02 -27.27 -86.24
N ASN AA 991 -47.32 -27.19 -87.36
CA ASN AA 991 -46.08 -27.92 -87.60
C ASN AA 991 -45.01 -27.50 -86.60
N ALA AA 992 -44.84 -26.20 -86.33
CA ALA AA 992 -43.86 -25.71 -85.37
C ALA AA 992 -44.14 -26.20 -83.93
N ILE AA 993 -45.40 -26.15 -83.49
CA ILE AA 993 -45.81 -26.64 -82.16
C ILE AA 993 -45.51 -28.14 -82.02
N LEU AA 994 -45.92 -28.94 -82.99
CA LEU AA 994 -45.70 -30.38 -82.94
C LEU AA 994 -44.24 -30.78 -83.13
N ASP AA 995 -43.47 -30.02 -83.90
CA ASP AA 995 -42.04 -30.24 -84.01
C ASP AA 995 -41.33 -29.92 -82.67
N GLN AA 996 -41.84 -28.95 -81.88
CA GLN AA 996 -41.39 -28.73 -80.50
C GLN AA 996 -41.75 -29.91 -79.58
N TYR AA 997 -42.99 -30.40 -79.61
CA TYR AA 997 -43.37 -31.60 -78.86
C TYR AA 997 -42.53 -32.83 -79.28
N GLY AA 998 -42.31 -33.01 -80.58
CA GLY AA 998 -41.48 -34.08 -81.13
C GLY AA 998 -40.05 -34.05 -80.60
N LYS AA 999 -39.47 -32.86 -80.36
CA LYS AA 999 -38.12 -32.72 -79.77
C LYS AA 999 -38.06 -33.14 -78.30
N ILE AA 1000 -39.15 -32.93 -77.55
CA ILE AA 1000 -39.23 -33.27 -76.13
C ILE AA 1000 -39.40 -34.78 -75.90
N LEU AA 1001 -39.98 -35.50 -76.87
CA LEU AA 1001 -40.21 -36.95 -76.72
C LEU AA 1001 -38.91 -37.75 -76.62
N PRO AA 1002 -38.85 -38.80 -75.78
CA PRO AA 1002 -37.81 -39.81 -75.77
C PRO AA 1002 -37.51 -40.35 -77.18
N ARG AA 1003 -36.25 -40.72 -77.43
CA ARG AA 1003 -35.79 -41.19 -78.74
C ARG AA 1003 -36.65 -42.32 -79.30
N VAL AA 1004 -37.09 -43.26 -78.46
CA VAL AA 1004 -37.98 -44.38 -78.83
C VAL AA 1004 -39.34 -43.90 -79.34
N GLN AA 1005 -39.97 -42.96 -78.65
CA GLN AA 1005 -41.28 -42.40 -79.05
C GLN AA 1005 -41.16 -41.55 -80.31
N ARG AA 1006 -40.03 -40.85 -80.50
CA ARG AA 1006 -39.69 -40.19 -81.76
C ARG AA 1006 -39.57 -41.19 -82.91
N THR AA 1007 -38.89 -42.31 -82.69
CA THR AA 1007 -38.76 -43.36 -83.71
C THR AA 1007 -40.14 -43.92 -84.08
N LEU AA 1008 -40.98 -44.26 -83.09
CA LEU AA 1008 -42.36 -44.74 -83.31
C LEU AA 1008 -43.25 -43.71 -84.01
N ALA AA 1009 -43.04 -42.42 -83.76
CA ALA AA 1009 -43.78 -41.35 -84.44
C ALA AA 1009 -43.28 -41.10 -85.88
N SER AA 1010 -42.01 -41.35 -86.18
CA SER AA 1010 -41.39 -41.17 -87.51
C SER AA 1010 -41.45 -42.40 -88.41
N GLU AA 1011 -41.56 -43.59 -87.81
CA GLU AA 1011 -41.88 -44.80 -88.54
C GLU AA 1011 -43.32 -44.69 -89.00
N ARG AA 1012 -43.52 -44.29 -90.27
CA ARG AA 1012 -44.56 -44.95 -91.04
C ARG AA 1012 -44.31 -46.43 -90.81
#